data_7B0U
#
_entry.id   7B0U
#
_cell.length_a   1.00
_cell.length_b   1.00
_cell.length_c   1.00
_cell.angle_alpha   90.00
_cell.angle_beta   90.00
_cell.angle_gamma   90.00
#
_symmetry.space_group_name_H-M   'P 1'
#
loop_
_entity.id
_entity.type
_entity.pdbx_description
1 polymer 'RsbR protein'
2 polymer 'RsbR protein'
3 polymer 'RsbS protein'
4 polymer 'RsbR protein'
5 polymer 'RsbR protein'
#
loop_
_entity_poly.entity_id
_entity_poly.type
_entity_poly.pdbx_seq_one_letter_code
_entity_poly.pdbx_strand_id
1 'polypeptide(L)'
;MYKDFANFIRTNKKDLLNNWMNEMEKQSDPLINDIAKEPMYEETSIEFVDLIVSNITENGSKFNEKLDDFAEKVVHLGWP
IHFVTTGLRVFGLLVYTAMRDEDLFLKREEKPEDDAYYRFETWLSSMYNKVVTAYADTWEKTVSIQKSALQELSAPLLPI
FEKISVMPLIGTIDTERAKLIIENLLIGVVKNRSEVVLIDITGVPVVDTMVAHHIIQASEAVRLVGCQAMLVGIRPEIAQ
TIVNLGIELDQIITTNTMKKGMERALALTNREIVEKEG
;
A,C,G,Q,K,R,V,d,e,g,k,s,t,v,z,7
2 'polypeptide(L)'
;MYKDFANFIRTNKKDLLNNWMNEMEKQSDPLINDIAKEPMYEETSIEFVDLIVSNITENGSKFNEKLDDFAEKVVHLGWP
IHFVTTGLRVFGLLVYTAMRDEDLFLKREEKPEDDAYYRFETWLSSMYNKVVTAYADTWEKTVSIQKSALQELSAPLLPI
FEKISVMPLIGTIDTERAKLIIENLLIGVVKNRSEVVLIDITGVPVVDTMVAHHIIQASEAVRLVGCQAMLVGIRPEIAQ
(TPO)IVNLGIELDQIITTNTMKKGMERALALTNREIVEKEG
;
B,D,H,J,L,S,W,Y,f,h,l,n,u,w,0,2
3 'polypeptide(L)'
;MGIPILKLGECLLISIQSELDDHTAVEFQEDLLAKIHETSARGVVIDITSIDFIDSFIAKILGDVVSMSKLMGAKVVVTG
IQPAVAITLIELGITFSGVLSAMDLESGLEKLKQELGE
;
E,F,I,N,O,T,U,X,a,b,i,j,m,p,q,x,y,1,4,5
4 'polypeptide(L)'
;MYKDFANFIRTNKKDLLNNWMNEMEKQSDPLINDIAKEPMYEETSIEFVDLIVSNITENGSKFNEKLDDFAEKVVHLGWP
IHFVTTGLRVFGLLVYTAMRDEDLFLKREEKPEDDAYYRFETWLSSMYNKVVTAYADTWEKTVSIQKSALQELSAPLLPI
FEKISVMPLIGTID(TPO)ERAKLIIENLLIGVVKNRSEVVLIDITGVPVVDTMVAHHIIQASEAVRLVGCQAMLVGIRP
EIAQ(TPO)IVNLGIELDQIITTNTMKKGMERALALTNREIVEKEG
;
M,Z,o,3
5 'polypeptide(L)'
;MYKDFANFIRTNKKDLLNNWMNEMEKQSDPLINDIAKEPMYEETSIEFVDLIVSNITENGSKFNEKLDDFAEKVVHLGWP
IHFVTTGLRVFGLLVYTAMRDEDLFLKREEKPEDDAYYRFETWLSSMYNKVVTAYADTWEKTVSIQKSALQELSAPLLPI
FEKISVMPLIGTID(TPO)ERAKLIIENLLIGVVKNRSEVVLIDITGVPVVDTMVAHHIIQASEAVRLVGCQAMLVGIRP
EIAQTIVNLGIELDQIITTNTMKKGMERALALTNREIVEKEG
;
P,c,r,6
#
# COMPACT_ATOMS: atom_id res chain seq x y z
N MET A 1 24.77 -68.51 -101.61
CA MET A 1 25.92 -68.67 -102.49
C MET A 1 26.75 -67.40 -102.54
N TYR A 2 27.68 -67.27 -101.60
CA TYR A 2 28.53 -66.09 -101.51
C TYR A 2 30.01 -66.38 -101.73
N LYS A 3 30.37 -67.62 -102.06
CA LYS A 3 31.79 -67.97 -102.24
C LYS A 3 32.39 -67.20 -103.40
N ASP A 4 31.88 -67.43 -104.61
CA ASP A 4 32.36 -66.67 -105.76
C ASP A 4 32.04 -65.20 -105.62
N PHE A 5 30.96 -64.87 -104.91
CA PHE A 5 30.68 -63.47 -104.58
C PHE A 5 31.81 -62.88 -103.73
N ALA A 6 32.28 -63.63 -102.73
CA ALA A 6 33.41 -63.17 -101.93
C ALA A 6 34.67 -63.02 -102.77
N ASN A 7 34.91 -63.99 -103.68
CA ASN A 7 36.08 -63.90 -104.54
C ASN A 7 36.03 -62.68 -105.45
N PHE A 8 34.84 -62.36 -105.97
CA PHE A 8 34.71 -61.18 -106.82
C PHE A 8 34.83 -59.89 -106.02
N ILE A 9 34.35 -59.89 -104.77
CA ILE A 9 34.52 -58.71 -103.92
C ILE A 9 35.99 -58.52 -103.55
N ARG A 10 36.75 -59.61 -103.49
CA ARG A 10 38.18 -59.51 -103.24
C ARG A 10 38.88 -58.65 -104.29
N THR A 11 38.32 -58.58 -105.50
CA THR A 11 38.82 -57.68 -106.54
C THR A 11 38.04 -56.37 -106.59
N ASN A 12 36.76 -56.39 -106.24
CA ASN A 12 35.94 -55.18 -106.23
C ASN A 12 36.29 -54.23 -105.08
N LYS A 13 37.13 -54.66 -104.13
CA LYS A 13 37.54 -53.75 -103.07
C LYS A 13 38.26 -52.53 -103.63
N LYS A 14 39.13 -52.73 -104.62
CA LYS A 14 39.81 -51.60 -105.25
C LYS A 14 38.82 -50.70 -105.99
N ASP A 15 37.82 -51.29 -106.65
CA ASP A 15 36.80 -50.49 -107.30
C ASP A 15 36.01 -49.66 -106.29
N LEU A 16 35.71 -50.25 -105.14
CA LEU A 16 35.02 -49.51 -104.09
C LEU A 16 35.89 -48.38 -103.54
N LEU A 17 37.19 -48.61 -103.42
CA LEU A 17 38.08 -47.55 -102.96
C LEU A 17 38.14 -46.41 -103.97
N ASN A 18 38.23 -46.73 -105.26
CA ASN A 18 38.19 -45.70 -106.29
C ASN A 18 36.85 -44.98 -106.28
N ASN A 19 35.78 -45.69 -105.96
CA ASN A 19 34.47 -45.08 -105.82
C ASN A 19 34.45 -44.08 -104.67
N TRP A 20 35.09 -44.44 -103.54
CA TRP A 20 35.20 -43.52 -102.43
C TRP A 20 35.97 -42.27 -102.82
N MET A 21 37.08 -42.44 -103.57
CA MET A 21 37.82 -41.27 -104.05
C MET A 21 36.97 -40.41 -104.98
N ASN A 22 36.15 -41.04 -105.83
CA ASN A 22 35.27 -40.27 -106.71
C ASN A 22 34.22 -39.51 -105.91
N GLU A 23 33.65 -40.14 -104.88
CA GLU A 23 32.65 -39.48 -104.04
C GLU A 23 33.26 -38.43 -103.13
N MET A 24 34.59 -38.45 -102.96
CA MET A 24 35.27 -37.42 -102.19
C MET A 24 35.00 -36.02 -102.71
N GLU A 25 34.74 -35.88 -104.02
CA GLU A 25 34.77 -34.58 -104.67
C GLU A 25 33.42 -33.85 -104.67
N LYS A 26 32.32 -34.53 -104.38
CA LYS A 26 31.01 -33.94 -104.63
C LYS A 26 30.49 -33.12 -103.46
N GLN A 27 30.31 -33.74 -102.29
CA GLN A 27 29.63 -33.11 -101.16
C GLN A 27 30.56 -33.02 -99.96
N SER A 28 30.67 -31.82 -99.39
CA SER A 28 31.38 -31.57 -98.14
C SER A 28 32.79 -32.16 -98.15
N ASP A 29 33.53 -31.87 -99.22
CA ASP A 29 34.87 -32.42 -99.37
C ASP A 29 35.79 -32.02 -98.22
N PRO A 30 35.91 -30.74 -97.83
CA PRO A 30 36.80 -30.43 -96.69
C PRO A 30 36.38 -31.09 -95.39
N LEU A 31 35.07 -31.13 -95.10
CA LEU A 31 34.60 -31.70 -93.85
C LEU A 31 34.94 -33.18 -93.76
N ILE A 32 34.62 -33.93 -94.82
CA ILE A 32 34.89 -35.36 -94.82
C ILE A 32 36.39 -35.64 -94.83
N ASN A 33 37.15 -34.84 -95.58
CA ASN A 33 38.59 -35.01 -95.60
C ASN A 33 39.22 -34.71 -94.24
N ASP A 34 38.59 -33.84 -93.45
CA ASP A 34 39.11 -33.54 -92.13
C ASP A 34 38.74 -34.61 -91.10
N ILE A 35 37.48 -35.03 -91.10
CA ILE A 35 37.02 -35.98 -90.08
C ILE A 35 37.66 -37.36 -90.29
N ALA A 36 37.83 -37.78 -91.54
CA ALA A 36 38.35 -39.11 -91.85
C ALA A 36 39.26 -39.02 -93.07
N LYS A 37 40.52 -39.41 -92.89
CA LYS A 37 41.47 -39.40 -93.99
C LYS A 37 41.27 -40.64 -94.87
N GLU A 38 41.98 -40.66 -96.00
CA GLU A 38 41.81 -41.73 -96.98
C GLU A 38 42.17 -43.12 -96.45
N PRO A 39 43.33 -43.35 -95.83
CA PRO A 39 43.72 -44.74 -95.52
C PRO A 39 42.81 -45.45 -94.53
N MET A 40 42.53 -44.84 -93.38
CA MET A 40 41.71 -45.52 -92.38
C MET A 40 40.27 -45.65 -92.85
N TYR A 41 39.76 -44.67 -93.60
CA TYR A 41 38.43 -44.80 -94.17
C TYR A 41 38.38 -45.95 -95.16
N GLU A 42 39.40 -46.08 -96.00
CA GLU A 42 39.45 -47.18 -96.96
C GLU A 42 39.50 -48.54 -96.26
N GLU A 43 40.32 -48.65 -95.21
CA GLU A 43 40.44 -49.93 -94.52
C GLU A 43 39.16 -50.28 -93.78
N THR A 44 38.50 -49.28 -93.16
CA THR A 44 37.22 -49.53 -92.52
C THR A 44 36.17 -49.95 -93.55
N SER A 45 36.16 -49.30 -94.71
CA SER A 45 35.19 -49.66 -95.75
C SER A 45 35.40 -51.08 -96.24
N ILE A 46 36.66 -51.46 -96.51
CA ILE A 46 36.91 -52.80 -97.02
C ILE A 46 36.62 -53.84 -95.94
N GLU A 47 36.89 -53.52 -94.67
CA GLU A 47 36.55 -54.44 -93.59
C GLU A 47 35.03 -54.60 -93.48
N PHE A 48 34.28 -53.52 -93.68
CA PHE A 48 32.83 -53.60 -93.59
C PHE A 48 32.25 -54.38 -94.77
N VAL A 49 32.82 -54.23 -95.97
CA VAL A 49 32.23 -54.84 -97.15
C VAL A 49 32.74 -56.25 -97.45
N ASP A 50 33.86 -56.66 -96.86
CA ASP A 50 34.42 -57.97 -97.14
C ASP A 50 34.00 -59.03 -96.14
N LEU A 51 33.21 -58.67 -95.13
CA LEU A 51 32.75 -59.62 -94.12
C LEU A 51 31.37 -60.19 -94.42
N ILE A 52 30.46 -59.38 -94.98
CA ILE A 52 29.14 -59.88 -95.34
C ILE A 52 29.26 -60.92 -96.46
N VAL A 53 30.21 -60.71 -97.38
CA VAL A 53 30.40 -61.63 -98.48
C VAL A 53 30.97 -62.97 -98.03
N SER A 54 31.50 -63.03 -96.80
CA SER A 54 32.05 -64.28 -96.26
C SER A 54 31.01 -65.10 -95.51
N ASN A 55 29.87 -64.52 -95.16
CA ASN A 55 28.81 -65.27 -94.49
C ASN A 55 28.13 -66.21 -95.47
N ILE A 56 27.57 -67.30 -94.94
CA ILE A 56 26.93 -68.32 -95.78
C ILE A 56 25.47 -67.90 -95.90
N THR A 57 25.23 -66.93 -96.78
CA THR A 57 23.91 -66.64 -97.35
C THR A 57 22.91 -66.13 -96.32
N GLU A 58 23.26 -66.14 -95.04
CA GLU A 58 22.28 -65.80 -94.00
C GLU A 58 22.64 -64.53 -93.24
N ASN A 59 23.77 -64.50 -92.53
CA ASN A 59 24.16 -63.37 -91.70
C ASN A 59 25.48 -63.68 -91.03
N GLY A 60 26.01 -62.69 -90.33
CA GLY A 60 27.14 -62.88 -89.42
C GLY A 60 26.91 -62.16 -88.12
N SER A 61 26.89 -62.91 -87.00
CA SER A 61 26.59 -62.29 -85.71
C SER A 61 27.65 -61.25 -85.34
N LYS A 62 28.93 -61.63 -85.40
CA LYS A 62 29.99 -60.66 -85.21
C LYS A 62 29.93 -59.57 -86.28
N PHE A 63 29.62 -59.96 -87.52
CA PHE A 63 29.41 -58.95 -88.55
C PHE A 63 28.18 -58.12 -88.29
N ASN A 64 27.14 -58.70 -87.66
CA ASN A 64 25.97 -57.89 -87.32
C ASN A 64 26.32 -56.81 -86.31
N GLU A 65 27.10 -57.17 -85.27
CA GLU A 65 27.53 -56.18 -84.30
C GLU A 65 28.44 -55.13 -84.96
N LYS A 66 29.36 -55.57 -85.80
CA LYS A 66 30.23 -54.62 -86.52
C LYS A 66 29.43 -53.73 -87.46
N LEU A 67 28.34 -54.24 -88.03
CA LEU A 67 27.51 -53.43 -88.92
C LEU A 67 26.74 -52.39 -88.12
N ASP A 68 26.22 -52.76 -86.95
CA ASP A 68 25.62 -51.76 -86.07
C ASP A 68 26.64 -50.68 -85.70
N ASP A 69 27.86 -51.11 -85.35
CA ASP A 69 28.90 -50.15 -85.00
C ASP A 69 29.24 -49.24 -86.16
N PHE A 70 29.35 -49.80 -87.37
CA PHE A 70 29.67 -48.98 -88.54
C PHE A 70 28.56 -47.99 -88.84
N ALA A 71 27.30 -48.43 -88.73
CA ALA A 71 26.18 -47.53 -88.98
C ALA A 71 26.17 -46.37 -87.98
N GLU A 72 26.32 -46.67 -86.69
CA GLU A 72 26.32 -45.59 -85.71
C GLU A 72 27.54 -44.70 -85.88
N LYS A 73 28.69 -45.28 -86.24
CA LYS A 73 29.91 -44.49 -86.42
C LYS A 73 29.77 -43.54 -87.60
N VAL A 74 29.21 -44.00 -88.72
CA VAL A 74 29.04 -43.10 -89.86
C VAL A 74 27.98 -42.05 -89.56
N VAL A 75 26.92 -42.42 -88.84
CA VAL A 75 25.88 -41.46 -88.52
C VAL A 75 26.43 -40.35 -87.63
N HIS A 76 27.21 -40.70 -86.61
CA HIS A 76 27.74 -39.72 -85.68
C HIS A 76 29.06 -39.10 -86.14
N LEU A 77 29.63 -39.58 -87.23
CA LEU A 77 30.94 -39.12 -87.69
C LEU A 77 30.86 -38.00 -88.71
N GLY A 78 29.76 -37.90 -89.44
CA GLY A 78 29.65 -36.92 -90.51
C GLY A 78 29.08 -37.53 -91.78
N TRP A 79 28.54 -38.75 -91.67
CA TRP A 79 27.93 -39.46 -92.78
C TRP A 79 26.53 -39.90 -92.37
N PRO A 80 25.57 -38.97 -92.34
CA PRO A 80 24.19 -39.35 -91.99
C PRO A 80 23.54 -40.22 -93.05
N ILE A 81 22.26 -40.55 -92.85
CA ILE A 81 21.57 -41.47 -93.77
C ILE A 81 21.59 -40.92 -95.19
N HIS A 82 21.61 -39.59 -95.34
CA HIS A 82 21.76 -39.00 -96.66
C HIS A 82 23.11 -39.37 -97.28
N PHE A 83 24.18 -39.28 -96.47
CA PHE A 83 25.50 -39.61 -97.00
C PHE A 83 25.66 -41.10 -97.24
N VAL A 84 25.05 -41.94 -96.39
CA VAL A 84 25.08 -43.37 -96.63
C VAL A 84 24.30 -43.72 -97.89
N THR A 85 23.20 -43.01 -98.15
CA THR A 85 22.45 -43.23 -99.39
C THR A 85 23.25 -42.80 -100.62
N THR A 86 23.95 -41.68 -100.53
CA THR A 86 24.85 -41.29 -101.61
C THR A 86 25.94 -42.35 -101.81
N GLY A 87 26.44 -42.90 -100.72
CA GLY A 87 27.40 -43.99 -100.81
C GLY A 87 26.83 -45.21 -101.51
N LEU A 88 25.58 -45.56 -101.21
CA LEU A 88 24.92 -46.66 -101.90
C LEU A 88 24.77 -46.38 -103.39
N ARG A 89 24.39 -45.16 -103.74
CA ARG A 89 24.24 -44.80 -105.15
C ARG A 89 25.57 -44.89 -105.89
N VAL A 90 26.64 -44.37 -105.29
CA VAL A 90 27.94 -44.43 -105.95
C VAL A 90 28.48 -45.84 -105.97
N PHE A 91 28.15 -46.66 -104.96
CA PHE A 91 28.42 -48.09 -105.03
C PHE A 91 27.79 -48.70 -106.27
N GLY A 92 26.49 -48.44 -106.46
CA GLY A 92 25.82 -48.97 -107.64
C GLY A 92 26.49 -48.51 -108.92
N LEU A 93 26.79 -47.21 -109.02
CA LEU A 93 27.39 -46.67 -110.24
C LEU A 93 28.73 -47.33 -110.54
N LEU A 94 29.65 -47.33 -109.57
CA LEU A 94 31.00 -47.79 -109.85
C LEU A 94 31.07 -49.31 -109.98
N VAL A 95 30.27 -50.04 -109.20
CA VAL A 95 30.21 -51.49 -109.38
C VAL A 95 29.62 -51.83 -110.75
N TYR A 96 28.60 -51.08 -111.19
CA TYR A 96 28.05 -51.28 -112.52
C TYR A 96 29.10 -51.07 -113.60
N THR A 97 29.85 -49.97 -113.50
CA THR A 97 30.89 -49.71 -114.49
C THR A 97 31.96 -50.79 -114.47
N ALA A 98 32.38 -51.22 -113.27
CA ALA A 98 33.42 -52.23 -113.17
C ALA A 98 32.97 -53.56 -113.77
N MET A 99 31.74 -54.00 -113.45
CA MET A 99 31.26 -55.26 -113.98
C MET A 99 30.90 -55.19 -115.45
N ARG A 100 30.67 -53.99 -115.98
CA ARG A 100 30.70 -53.81 -117.43
C ARG A 100 32.12 -54.01 -117.96
N ASP A 101 33.11 -53.53 -117.22
CA ASP A 101 34.51 -53.65 -117.66
C ASP A 101 35.10 -55.02 -117.29
N GLU A 102 35.08 -55.36 -116.00
CA GLU A 102 35.71 -56.60 -115.55
C GLU A 102 35.01 -57.83 -116.13
N ASP A 103 33.68 -57.83 -116.14
CA ASP A 103 32.88 -58.93 -116.66
C ASP A 103 33.24 -60.25 -115.98
N LEU A 104 33.32 -60.22 -114.65
CA LEU A 104 33.58 -61.38 -113.81
C LEU A 104 32.38 -61.58 -112.91
N PHE A 105 31.41 -62.37 -113.36
CA PHE A 105 30.15 -62.54 -112.64
C PHE A 105 30.17 -63.82 -111.82
N LEU A 106 29.03 -64.16 -111.23
CA LEU A 106 28.96 -65.29 -110.30
C LEU A 106 29.13 -66.61 -111.02
N LYS A 107 28.21 -66.92 -111.95
CA LYS A 107 28.25 -68.19 -112.66
C LYS A 107 29.26 -68.10 -113.80
N ARG A 108 30.33 -68.88 -113.71
CA ARG A 108 31.39 -68.83 -114.71
C ARG A 108 30.88 -69.32 -116.06
N GLU A 109 31.18 -68.58 -117.11
CA GLU A 109 30.77 -68.90 -118.46
C GLU A 109 31.53 -68.00 -119.42
N GLU A 110 31.40 -68.29 -120.72
CA GLU A 110 31.97 -67.41 -121.73
C GLU A 110 31.32 -66.04 -121.67
N LYS A 111 30.00 -65.99 -121.45
CA LYS A 111 29.29 -64.74 -121.23
C LYS A 111 28.17 -65.00 -120.22
N PRO A 112 28.34 -64.57 -118.97
CA PRO A 112 27.28 -64.78 -117.98
C PRO A 112 26.05 -63.94 -118.28
N GLU A 113 24.90 -64.45 -117.84
CA GLU A 113 23.62 -63.81 -118.13
C GLU A 113 23.33 -62.75 -117.06
N ASP A 114 22.12 -62.18 -117.09
CA ASP A 114 21.75 -61.07 -116.23
C ASP A 114 21.17 -61.50 -114.89
N ASP A 115 20.96 -62.81 -114.67
CA ASP A 115 20.40 -63.26 -113.40
C ASP A 115 21.33 -62.91 -112.24
N ALA A 116 22.60 -63.31 -112.34
CA ALA A 116 23.58 -62.89 -111.34
C ALA A 116 23.80 -61.39 -111.39
N TYR A 117 23.68 -60.79 -112.57
CA TYR A 117 23.84 -59.35 -112.72
C TYR A 117 22.88 -58.59 -111.81
N TYR A 118 21.64 -59.06 -111.69
CA TYR A 118 20.72 -58.44 -110.75
C TYR A 118 20.77 -59.05 -109.34
N ARG A 119 21.28 -60.28 -109.21
CA ARG A 119 21.49 -60.83 -107.87
C ARG A 119 22.50 -59.99 -107.10
N PHE A 120 23.51 -59.43 -107.79
CA PHE A 120 24.41 -58.48 -107.16
C PHE A 120 23.64 -57.31 -106.54
N GLU A 121 22.72 -56.73 -107.31
CA GLU A 121 21.95 -55.59 -106.82
C GLU A 121 21.04 -56.00 -105.66
N THR A 122 20.45 -57.19 -105.73
CA THR A 122 19.62 -57.65 -104.63
C THR A 122 20.42 -57.81 -103.34
N TRP A 123 21.63 -58.36 -103.45
CA TRP A 123 22.47 -58.51 -102.26
C TRP A 123 22.91 -57.15 -101.72
N LEU A 124 23.21 -56.19 -102.60
CA LEU A 124 23.55 -54.85 -102.15
C LEU A 124 22.37 -54.20 -101.43
N SER A 125 21.17 -54.39 -101.97
CA SER A 125 19.97 -53.84 -101.33
C SER A 125 19.73 -54.46 -99.96
N SER A 126 19.98 -55.77 -99.84
CA SER A 126 19.85 -56.43 -98.54
C SER A 126 20.87 -55.89 -97.55
N MET A 127 22.10 -55.66 -98.01
CA MET A 127 23.12 -55.09 -97.13
C MET A 127 22.71 -53.69 -96.66
N TYR A 128 22.19 -52.87 -97.57
CA TYR A 128 21.73 -51.54 -97.16
C TYR A 128 20.53 -51.62 -96.23
N ASN A 129 19.66 -52.63 -96.42
CA ASN A 129 18.57 -52.86 -95.48
C ASN A 129 19.10 -53.15 -94.09
N LYS A 130 20.13 -54.01 -94.00
CA LYS A 130 20.74 -54.29 -92.70
C LYS A 130 21.33 -53.02 -92.09
N VAL A 131 22.00 -52.20 -92.91
CA VAL A 131 22.63 -50.97 -92.40
C VAL A 131 21.56 -50.02 -91.84
N VAL A 132 20.49 -49.81 -92.59
CA VAL A 132 19.46 -48.87 -92.13
C VAL A 132 18.70 -49.43 -90.93
N THR A 133 18.52 -50.76 -90.86
CA THR A 133 17.92 -51.35 -89.68
C THR A 133 18.80 -51.13 -88.46
N ALA A 134 20.12 -51.24 -88.63
CA ALA A 134 21.03 -50.94 -87.54
C ALA A 134 20.94 -49.48 -87.13
N TYR A 135 20.79 -48.58 -88.11
CA TYR A 135 20.72 -47.16 -87.79
C TYR A 135 19.45 -46.82 -87.01
N ALA A 136 18.30 -47.35 -87.43
CA ALA A 136 17.02 -46.80 -86.99
C ALA A 136 16.68 -47.17 -85.54
N ASP A 137 17.06 -48.38 -85.11
CA ASP A 137 16.54 -48.90 -83.84
C ASP A 137 17.01 -48.07 -82.66
N THR A 138 18.32 -47.85 -82.54
CA THR A 138 18.85 -47.09 -81.40
C THR A 138 18.38 -45.64 -81.44
N TRP A 139 18.23 -45.07 -82.64
CA TRP A 139 17.72 -43.72 -82.76
C TRP A 139 16.30 -43.62 -82.21
N GLU A 140 15.44 -44.58 -82.56
CA GLU A 140 14.08 -44.59 -82.04
C GLU A 140 14.09 -44.81 -80.52
N LYS A 141 14.97 -45.69 -80.03
CA LYS A 141 15.02 -45.95 -78.60
C LYS A 141 15.43 -44.70 -77.82
N THR A 142 16.44 -43.98 -78.30
CA THR A 142 16.86 -42.78 -77.59
C THR A 142 15.81 -41.69 -77.69
N VAL A 143 15.10 -41.58 -78.82
CA VAL A 143 13.99 -40.62 -78.89
C VAL A 143 12.92 -40.97 -77.87
N SER A 144 12.60 -42.27 -77.74
CA SER A 144 11.55 -42.69 -76.81
C SER A 144 11.95 -42.40 -75.37
N ILE A 145 13.18 -42.76 -74.99
CA ILE A 145 13.61 -42.52 -73.61
C ILE A 145 13.71 -41.04 -73.31
N GLN A 146 14.10 -40.23 -74.30
CA GLN A 146 14.20 -38.79 -74.08
C GLN A 146 12.82 -38.16 -73.96
N LYS A 147 11.85 -38.65 -74.74
CA LYS A 147 10.47 -38.24 -74.56
C LYS A 147 9.95 -38.63 -73.18
N SER A 148 10.33 -39.81 -72.70
CA SER A 148 9.95 -40.20 -71.34
C SER A 148 10.55 -39.26 -70.30
N ALA A 149 11.80 -38.85 -70.51
CA ALA A 149 12.43 -37.91 -69.60
C ALA A 149 11.69 -36.57 -69.57
N LEU A 150 11.31 -36.08 -70.76
CA LEU A 150 10.49 -34.86 -70.81
C LEU A 150 9.12 -35.07 -70.18
N GLN A 151 8.59 -36.29 -70.25
CA GLN A 151 7.32 -36.58 -69.60
C GLN A 151 7.44 -36.48 -68.08
N GLU A 152 8.51 -37.06 -67.52
CA GLU A 152 8.65 -37.05 -66.06
C GLU A 152 9.08 -35.70 -65.51
N LEU A 153 9.74 -34.88 -66.33
CA LEU A 153 10.21 -33.55 -65.92
C LEU A 153 9.15 -32.48 -66.12
N SER A 154 7.88 -32.85 -66.27
CA SER A 154 6.86 -31.88 -66.65
C SER A 154 6.36 -31.07 -65.47
N ALA A 155 5.75 -31.73 -64.49
CA ALA A 155 5.10 -31.07 -63.36
C ALA A 155 5.59 -31.70 -62.06
N PRO A 156 6.76 -31.30 -61.59
CA PRO A 156 7.31 -31.87 -60.35
C PRO A 156 6.67 -31.22 -59.12
N LEU A 157 5.82 -31.98 -58.43
CA LEU A 157 5.23 -31.53 -57.19
C LEU A 157 6.13 -31.81 -55.99
N LEU A 158 7.33 -32.36 -56.23
CA LEU A 158 8.24 -32.69 -55.15
C LEU A 158 8.55 -31.52 -54.21
N PRO A 159 8.79 -30.28 -54.68
CA PRO A 159 8.98 -29.18 -53.74
C PRO A 159 7.80 -29.04 -52.79
N ILE A 160 8.03 -29.26 -51.51
CA ILE A 160 6.98 -29.35 -50.51
C ILE A 160 7.42 -28.59 -49.26
N PHE A 161 6.50 -27.85 -48.67
CA PHE A 161 6.66 -27.22 -47.36
C PHE A 161 5.68 -27.86 -46.39
N GLU A 162 5.71 -27.40 -45.14
CA GLU A 162 4.84 -27.95 -44.11
C GLU A 162 3.38 -27.67 -44.46
N LYS A 163 2.66 -28.71 -44.89
CA LYS A 163 1.26 -28.62 -45.32
C LYS A 163 1.08 -27.67 -46.50
N ILE A 164 2.15 -27.35 -47.21
CA ILE A 164 2.12 -26.47 -48.36
C ILE A 164 2.82 -27.19 -49.51
N SER A 165 2.32 -26.98 -50.73
CA SER A 165 2.91 -27.58 -51.92
C SER A 165 3.12 -26.51 -52.98
N VAL A 166 4.07 -26.79 -53.88
CA VAL A 166 4.36 -25.89 -55.00
C VAL A 166 4.78 -26.74 -56.19
N MET A 167 4.26 -26.39 -57.37
CA MET A 167 4.47 -27.15 -58.60
C MET A 167 5.11 -26.23 -59.63
N PRO A 168 6.44 -26.16 -59.70
CA PRO A 168 7.09 -25.29 -60.68
C PRO A 168 7.05 -25.92 -62.06
N LEU A 169 6.70 -25.11 -63.06
CA LEU A 169 6.78 -25.51 -64.46
C LEU A 169 7.36 -24.34 -65.24
N ILE A 170 8.39 -24.62 -66.05
CA ILE A 170 9.10 -23.55 -66.75
C ILE A 170 9.20 -23.76 -68.25
N GLY A 171 9.09 -24.98 -68.77
CA GLY A 171 9.14 -25.17 -70.21
C GLY A 171 7.83 -24.85 -70.87
N THR A 172 7.90 -24.44 -72.13
CA THR A 172 6.70 -24.14 -72.90
C THR A 172 5.81 -25.38 -72.99
N ILE A 173 4.53 -25.19 -72.72
CA ILE A 173 3.60 -26.30 -72.56
C ILE A 173 2.64 -26.37 -73.73
N ASP A 174 2.18 -27.58 -74.03
CA ASP A 174 1.23 -27.85 -75.10
C ASP A 174 0.01 -28.57 -74.53
N THR A 175 -0.90 -28.95 -75.42
CA THR A 175 -2.17 -29.53 -74.99
C THR A 175 -1.96 -30.83 -74.24
N GLU A 176 -1.18 -31.76 -74.82
CA GLU A 176 -0.90 -33.00 -74.11
C GLU A 176 -0.07 -32.74 -72.86
N ARG A 177 0.85 -31.79 -72.93
CA ARG A 177 1.60 -31.42 -71.73
C ARG A 177 0.68 -30.78 -70.70
N ALA A 178 -0.30 -29.99 -71.14
CA ALA A 178 -1.27 -29.43 -70.20
C ALA A 178 -2.08 -30.53 -69.51
N LYS A 179 -2.49 -31.55 -70.26
CA LYS A 179 -3.20 -32.67 -69.67
C LYS A 179 -2.32 -33.41 -68.66
N LEU A 180 -1.05 -33.61 -69.01
CA LEU A 180 -0.13 -34.25 -68.08
C LEU A 180 0.03 -33.43 -66.81
N ILE A 181 0.13 -32.10 -66.95
CA ILE A 181 0.30 -31.24 -65.78
C ILE A 181 -0.94 -31.30 -64.89
N ILE A 182 -2.12 -31.21 -65.48
CA ILE A 182 -3.34 -31.24 -64.66
C ILE A 182 -3.47 -32.58 -63.95
N GLU A 183 -3.20 -33.68 -64.68
CA GLU A 183 -3.31 -35.00 -64.07
C GLU A 183 -2.32 -35.16 -62.92
N ASN A 184 -1.06 -34.78 -63.15
CA ASN A 184 -0.05 -34.92 -62.11
C ASN A 184 -0.36 -34.03 -60.92
N LEU A 185 -0.81 -32.80 -61.17
CA LEU A 185 -1.15 -31.90 -60.07
C LEU A 185 -2.25 -32.49 -59.21
N LEU A 186 -3.34 -32.95 -59.83
CA LEU A 186 -4.45 -33.49 -59.06
C LEU A 186 -4.02 -34.74 -58.29
N ILE A 187 -3.33 -35.67 -58.97
CA ILE A 187 -2.94 -36.92 -58.33
C ILE A 187 -2.01 -36.65 -57.16
N GLY A 188 -1.02 -35.78 -57.36
CA GLY A 188 -0.11 -35.47 -56.27
C GLY A 188 -0.78 -34.79 -55.10
N VAL A 189 -1.62 -33.78 -55.39
CA VAL A 189 -2.25 -33.05 -54.30
C VAL A 189 -3.18 -33.95 -53.51
N VAL A 190 -3.76 -34.96 -54.17
CA VAL A 190 -4.52 -35.96 -53.41
C VAL A 190 -3.59 -36.84 -52.59
N LYS A 191 -2.46 -37.24 -53.19
CA LYS A 191 -1.57 -38.19 -52.53
C LYS A 191 -0.87 -37.58 -51.32
N ASN A 192 -0.45 -36.32 -51.42
CA ASN A 192 0.32 -35.69 -50.35
C ASN A 192 -0.44 -34.49 -49.79
N ARG A 193 -1.70 -34.73 -49.42
CA ARG A 193 -2.69 -33.69 -49.15
C ARG A 193 -2.11 -32.48 -48.43
N SER A 194 -2.27 -31.31 -49.05
CA SER A 194 -1.79 -30.05 -48.50
C SER A 194 -2.85 -28.99 -48.75
N GLU A 195 -2.84 -27.96 -47.90
CA GLU A 195 -3.95 -27.01 -47.91
C GLU A 195 -3.93 -26.11 -49.15
N VAL A 196 -2.74 -25.66 -49.57
CA VAL A 196 -2.65 -24.76 -50.72
C VAL A 196 -1.63 -25.30 -51.70
N VAL A 197 -1.73 -24.84 -52.94
CA VAL A 197 -0.84 -25.24 -54.02
C VAL A 197 -0.40 -24.00 -54.78
N LEU A 198 0.90 -23.84 -54.97
CA LEU A 198 1.46 -22.72 -55.72
C LEU A 198 1.88 -23.22 -57.10
N ILE A 199 1.41 -22.53 -58.14
CA ILE A 199 1.80 -22.84 -59.50
C ILE A 199 2.74 -21.74 -59.98
N ASP A 200 3.97 -22.12 -60.33
CA ASP A 200 4.98 -21.18 -60.80
C ASP A 200 4.86 -21.06 -62.32
N ILE A 201 3.92 -20.22 -62.75
CA ILE A 201 3.77 -19.97 -64.18
C ILE A 201 4.99 -19.27 -64.74
N THR A 202 5.70 -18.51 -63.91
CA THR A 202 6.91 -17.82 -64.37
C THR A 202 7.89 -18.83 -64.96
N GLY A 203 8.36 -18.54 -66.17
CA GLY A 203 9.24 -19.45 -66.86
C GLY A 203 8.77 -19.76 -68.27
N VAL A 204 7.46 -19.86 -68.47
CA VAL A 204 6.88 -20.14 -69.78
C VAL A 204 6.73 -18.80 -70.51
N PRO A 205 7.29 -18.65 -71.70
CA PRO A 205 7.17 -17.38 -72.43
C PRO A 205 5.74 -17.07 -72.84
N VAL A 206 5.13 -17.97 -73.60
CA VAL A 206 3.79 -17.78 -74.15
C VAL A 206 3.04 -19.09 -74.04
N VAL A 207 1.75 -19.02 -73.71
CA VAL A 207 0.89 -20.18 -73.66
C VAL A 207 -0.30 -19.96 -74.58
N ASP A 208 -0.83 -21.05 -75.10
CA ASP A 208 -2.00 -20.97 -75.96
C ASP A 208 -3.25 -20.67 -75.15
N THR A 209 -4.27 -20.14 -75.82
CA THR A 209 -5.52 -19.80 -75.15
C THR A 209 -6.19 -21.04 -74.55
N MET A 210 -6.17 -22.15 -75.28
CA MET A 210 -6.76 -23.38 -74.75
C MET A 210 -5.94 -23.89 -73.56
N VAL A 211 -4.62 -23.73 -73.61
CA VAL A 211 -3.79 -24.14 -72.48
C VAL A 211 -4.10 -23.30 -71.26
N ALA A 212 -4.28 -21.99 -71.44
CA ALA A 212 -4.65 -21.13 -70.33
C ALA A 212 -6.02 -21.51 -69.78
N HIS A 213 -6.96 -21.84 -70.66
CA HIS A 213 -8.27 -22.30 -70.20
C HIS A 213 -8.14 -23.56 -69.38
N HIS A 214 -7.32 -24.51 -69.81
CA HIS A 214 -7.12 -25.74 -69.04
C HIS A 214 -6.42 -25.46 -67.72
N ILE A 215 -5.53 -24.47 -67.67
CA ILE A 215 -4.92 -24.09 -66.40
C ILE A 215 -5.97 -23.54 -65.44
N ILE A 216 -6.86 -22.70 -65.95
CA ILE A 216 -7.94 -22.18 -65.11
C ILE A 216 -8.85 -23.32 -64.64
N GLN A 217 -9.14 -24.28 -65.52
CA GLN A 217 -9.93 -25.43 -65.11
C GLN A 217 -9.22 -26.24 -64.04
N ALA A 218 -7.89 -26.38 -64.15
CA ALA A 218 -7.12 -27.06 -63.12
C ALA A 218 -7.22 -26.32 -61.79
N SER A 219 -7.15 -24.99 -61.84
CA SER A 219 -7.31 -24.21 -60.61
C SER A 219 -8.68 -24.45 -59.99
N GLU A 220 -9.72 -24.44 -60.81
CA GLU A 220 -11.07 -24.69 -60.31
C GLU A 220 -11.18 -26.09 -59.71
N ALA A 221 -10.62 -27.08 -60.38
CA ALA A 221 -10.72 -28.46 -59.89
C ALA A 221 -9.98 -28.63 -58.58
N VAL A 222 -8.77 -28.08 -58.47
CA VAL A 222 -8.02 -28.25 -57.22
C VAL A 222 -8.66 -27.43 -56.11
N ARG A 223 -9.35 -26.33 -56.44
CA ARG A 223 -10.15 -25.67 -55.43
C ARG A 223 -11.31 -26.56 -54.99
N LEU A 224 -11.92 -27.27 -55.94
CA LEU A 224 -13.03 -28.16 -55.63
C LEU A 224 -12.58 -29.31 -54.74
N VAL A 225 -11.35 -29.78 -54.92
CA VAL A 225 -10.81 -30.79 -54.01
C VAL A 225 -10.63 -30.21 -52.62
N GLY A 226 -10.37 -28.91 -52.53
CA GLY A 226 -10.18 -28.26 -51.24
C GLY A 226 -8.81 -27.65 -51.06
N CYS A 227 -8.20 -27.21 -52.16
CA CYS A 227 -6.87 -26.61 -52.14
C CYS A 227 -6.88 -25.35 -52.98
N GLN A 228 -6.49 -24.23 -52.38
CA GLN A 228 -6.43 -22.97 -53.11
C GLN A 228 -5.33 -23.02 -54.17
N ALA A 229 -5.67 -22.62 -55.39
CA ALA A 229 -4.73 -22.63 -56.50
C ALA A 229 -4.14 -21.23 -56.63
N MET A 230 -3.22 -20.91 -55.73
CA MET A 230 -2.62 -19.58 -55.68
C MET A 230 -1.59 -19.49 -56.79
N LEU A 231 -2.06 -19.15 -57.99
CA LEU A 231 -1.18 -18.98 -59.13
C LEU A 231 -0.16 -17.88 -58.84
N VAL A 232 1.09 -18.11 -59.24
CA VAL A 232 2.20 -17.24 -58.86
C VAL A 232 2.94 -16.77 -60.11
N GLY A 233 3.21 -15.47 -60.17
CA GLY A 233 4.14 -14.92 -61.14
C GLY A 233 3.74 -15.06 -62.59
N ILE A 234 2.49 -14.73 -62.91
CA ILE A 234 2.05 -14.77 -64.29
C ILE A 234 2.69 -13.62 -65.07
N ARG A 235 3.13 -13.92 -66.28
CA ARG A 235 3.73 -12.94 -67.17
C ARG A 235 2.64 -12.05 -67.78
N PRO A 236 2.98 -10.81 -68.16
CA PRO A 236 1.96 -9.95 -68.78
C PRO A 236 1.34 -10.51 -70.05
N GLU A 237 2.10 -11.24 -70.87
CA GLU A 237 1.52 -11.79 -72.09
C GLU A 237 0.47 -12.85 -71.78
N ILE A 238 0.78 -13.76 -70.85
CA ILE A 238 -0.20 -14.77 -70.46
C ILE A 238 -1.39 -14.12 -69.78
N ALA A 239 -1.15 -13.06 -69.01
CA ALA A 239 -2.26 -12.33 -68.40
C ALA A 239 -3.19 -11.75 -69.47
N GLN A 240 -2.61 -11.17 -70.51
CA GLN A 240 -3.41 -10.62 -71.60
C GLN A 240 -4.18 -11.72 -72.32
N THR A 241 -3.55 -12.87 -72.54
CA THR A 241 -4.24 -13.98 -73.20
C THR A 241 -5.41 -14.48 -72.35
N ILE A 242 -5.19 -14.60 -71.03
CA ILE A 242 -6.25 -15.05 -70.14
C ILE A 242 -7.40 -14.04 -70.13
N VAL A 243 -7.08 -12.74 -70.10
CA VAL A 243 -8.12 -11.72 -70.13
C VAL A 243 -8.93 -11.81 -71.41
N ASN A 244 -8.24 -11.93 -72.55
CA ASN A 244 -8.95 -12.08 -73.82
C ASN A 244 -9.73 -13.38 -73.90
N LEU A 245 -9.38 -14.39 -73.09
CA LEU A 245 -10.15 -15.62 -73.07
C LEU A 245 -11.59 -15.37 -72.65
N GLY A 246 -11.82 -14.37 -71.78
CA GLY A 246 -13.15 -14.02 -71.35
C GLY A 246 -13.71 -14.86 -70.21
N ILE A 247 -12.94 -15.82 -69.69
CA ILE A 247 -13.42 -16.61 -68.57
C ILE A 247 -13.38 -15.76 -67.29
N GLU A 248 -14.17 -16.16 -66.31
CA GLU A 248 -14.31 -15.38 -65.09
C GLU A 248 -13.08 -15.57 -64.23
N LEU A 249 -12.60 -14.49 -63.61
CA LEU A 249 -11.25 -14.44 -63.05
C LEU A 249 -11.24 -13.86 -61.64
N ASP A 250 -12.12 -14.34 -60.76
CA ASP A 250 -12.06 -13.91 -59.36
C ASP A 250 -11.49 -14.97 -58.42
N GLN A 251 -11.77 -16.25 -58.67
CA GLN A 251 -11.37 -17.29 -57.73
C GLN A 251 -9.87 -17.52 -57.72
N ILE A 252 -9.17 -17.17 -58.79
CA ILE A 252 -7.73 -17.40 -58.87
C ILE A 252 -7.01 -16.30 -58.10
N ILE A 253 -6.16 -16.71 -57.16
CA ILE A 253 -5.38 -15.79 -56.34
C ILE A 253 -3.97 -15.72 -56.92
N THR A 254 -3.51 -14.50 -57.19
CA THR A 254 -2.26 -14.31 -57.91
C THR A 254 -1.31 -13.40 -57.14
N THR A 255 -0.02 -13.73 -57.19
CA THR A 255 1.04 -12.89 -56.67
C THR A 255 2.18 -12.89 -57.69
N ASN A 256 2.90 -11.77 -57.77
CA ASN A 256 3.92 -11.61 -58.79
C ASN A 256 5.24 -12.29 -58.45
N THR A 257 5.47 -12.68 -57.21
CA THR A 257 6.70 -13.35 -56.82
C THR A 257 6.39 -14.54 -55.94
N MET A 258 7.31 -15.51 -55.93
CA MET A 258 7.10 -16.70 -55.12
C MET A 258 7.19 -16.37 -53.63
N LYS A 259 8.00 -15.41 -53.23
CA LYS A 259 8.06 -15.02 -51.82
C LYS A 259 6.72 -14.46 -51.35
N LYS A 260 6.12 -13.59 -52.15
CA LYS A 260 4.82 -13.03 -51.78
C LYS A 260 3.75 -14.11 -51.74
N GLY A 261 3.75 -15.01 -52.72
CA GLY A 261 2.80 -16.11 -52.71
C GLY A 261 2.96 -16.99 -51.49
N MET A 262 4.21 -17.29 -51.13
CA MET A 262 4.46 -18.13 -49.95
C MET A 262 4.00 -17.45 -48.67
N GLU A 263 4.28 -16.15 -48.53
CA GLU A 263 3.86 -15.47 -47.31
C GLU A 263 2.34 -15.36 -47.24
N ARG A 264 1.68 -15.16 -48.38
CA ARG A 264 0.23 -15.09 -48.36
C ARG A 264 -0.38 -16.45 -48.06
N ALA A 265 0.23 -17.53 -48.56
CA ALA A 265 -0.22 -18.87 -48.22
C ALA A 265 -0.05 -19.14 -46.73
N LEU A 266 1.08 -18.72 -46.16
CA LEU A 266 1.26 -18.84 -44.72
C LEU A 266 0.25 -17.98 -43.96
N ALA A 267 -0.19 -16.88 -44.56
CA ALA A 267 -1.26 -16.09 -43.96
C ALA A 267 -2.56 -16.86 -43.97
N LEU A 268 -2.85 -17.60 -45.04
CA LEU A 268 -4.09 -18.35 -45.11
C LEU A 268 -4.15 -19.41 -44.00
N THR A 269 -3.06 -20.13 -43.79
CA THR A 269 -2.94 -21.05 -42.67
C THR A 269 -2.38 -20.26 -41.50
N ASN A 270 -3.28 -19.69 -40.70
CA ASN A 270 -2.95 -18.56 -39.83
C ASN A 270 -1.77 -18.87 -38.91
N ARG A 271 -1.83 -20.01 -38.21
CA ARG A 271 -0.79 -20.34 -37.24
C ARG A 271 0.42 -21.04 -37.87
N GLU A 272 0.40 -21.27 -39.18
CA GLU A 272 1.58 -21.80 -39.86
C GLU A 272 2.67 -20.76 -40.04
N ILE A 273 2.33 -19.46 -39.91
CA ILE A 273 3.29 -18.40 -40.16
C ILE A 273 4.43 -18.41 -39.14
N VAL A 274 4.22 -18.99 -37.97
CA VAL A 274 5.27 -19.06 -36.96
C VAL A 274 6.03 -20.37 -37.08
N MET B 1 17.27 -37.04 -118.81
CA MET B 1 15.98 -36.74 -119.43
C MET B 1 14.86 -37.58 -118.81
N TYR B 2 13.64 -37.05 -118.82
CA TYR B 2 12.53 -37.68 -118.13
C TYR B 2 11.28 -37.94 -118.98
N LYS B 3 11.22 -37.43 -120.22
CA LYS B 3 10.01 -37.58 -121.01
C LYS B 3 9.72 -39.04 -121.32
N ASP B 4 10.70 -39.75 -121.88
CA ASP B 4 10.52 -41.17 -122.11
C ASP B 4 10.52 -41.94 -120.79
N PHE B 5 11.20 -41.41 -119.77
CA PHE B 5 11.08 -41.98 -118.43
C PHE B 5 9.63 -41.96 -117.97
N ALA B 6 8.95 -40.82 -118.14
CA ALA B 6 7.54 -40.72 -117.77
C ALA B 6 6.67 -41.61 -118.66
N ASN B 7 7.02 -41.73 -119.94
CA ASN B 7 6.28 -42.61 -120.82
C ASN B 7 6.36 -44.06 -120.34
N PHE B 8 7.53 -44.48 -119.87
CA PHE B 8 7.66 -45.81 -119.28
C PHE B 8 6.94 -45.91 -117.93
N ILE B 9 6.95 -44.82 -117.14
CA ILE B 9 6.23 -44.82 -115.87
C ILE B 9 4.73 -44.95 -116.10
N ARG B 10 4.25 -44.58 -117.29
CA ARG B 10 2.83 -44.75 -117.60
C ARG B 10 2.37 -46.19 -117.45
N THR B 11 3.28 -47.16 -117.59
CA THR B 11 3.01 -48.55 -117.24
C THR B 11 3.73 -49.00 -115.98
N ASN B 12 4.83 -48.34 -115.61
CA ASN B 12 5.48 -48.64 -114.35
C ASN B 12 4.59 -48.35 -113.15
N LYS B 13 3.54 -47.54 -113.32
CA LYS B 13 2.58 -47.35 -112.24
C LYS B 13 1.87 -48.66 -111.90
N LYS B 14 1.35 -49.35 -112.91
CA LYS B 14 0.75 -50.66 -112.69
C LYS B 14 1.81 -51.67 -112.26
N ASP B 15 3.02 -51.57 -112.83
CA ASP B 15 4.10 -52.47 -112.43
C ASP B 15 4.40 -52.32 -110.93
N LEU B 16 4.45 -51.09 -110.44
CA LEU B 16 4.71 -50.84 -109.03
C LEU B 16 3.50 -51.14 -108.14
N LEU B 17 2.28 -51.09 -108.68
CA LEU B 17 1.14 -51.58 -107.92
C LEU B 17 1.24 -53.09 -107.71
N ASN B 18 1.57 -53.82 -108.77
CA ASN B 18 1.92 -55.23 -108.64
C ASN B 18 3.05 -55.43 -107.65
N ASN B 19 4.01 -54.52 -107.65
CA ASN B 19 5.12 -54.59 -106.70
C ASN B 19 4.65 -54.42 -105.27
N TRP B 20 3.79 -53.43 -105.03
CA TRP B 20 3.28 -53.17 -103.68
C TRP B 20 2.49 -54.37 -103.15
N MET B 21 1.65 -54.97 -104.00
CA MET B 21 0.97 -56.16 -103.54
C MET B 21 1.90 -57.38 -103.49
N ASN B 22 3.05 -57.32 -104.16
CA ASN B 22 4.08 -58.35 -103.97
C ASN B 22 4.76 -58.22 -102.61
N GLU B 23 5.15 -57.00 -102.24
CA GLU B 23 5.80 -56.75 -100.96
C GLU B 23 4.84 -56.85 -99.78
N MET B 24 3.53 -56.97 -100.06
CA MET B 24 2.51 -57.01 -99.04
C MET B 24 2.61 -58.24 -98.14
N GLU B 25 3.39 -59.24 -98.53
CA GLU B 25 3.45 -60.50 -97.81
C GLU B 25 4.54 -60.53 -96.74
N LYS B 26 5.70 -59.93 -97.02
CA LYS B 26 6.88 -60.16 -96.18
C LYS B 26 6.79 -59.42 -94.85
N GLN B 27 6.71 -58.09 -94.90
CA GLN B 27 6.91 -57.25 -93.73
C GLN B 27 5.59 -56.66 -93.25
N SER B 28 5.19 -57.04 -92.04
CA SER B 28 4.06 -56.44 -91.32
C SER B 28 2.81 -56.34 -92.19
N ASP B 29 2.30 -57.50 -92.59
CA ASP B 29 1.06 -57.53 -93.37
C ASP B 29 -0.16 -56.98 -92.61
N PRO B 30 -0.43 -57.32 -91.33
CA PRO B 30 -1.73 -56.93 -90.75
C PRO B 30 -1.86 -55.43 -90.55
N LEU B 31 -0.82 -54.80 -90.00
CA LEU B 31 -0.87 -53.36 -89.77
C LEU B 31 -1.03 -52.59 -91.07
N ILE B 32 -0.19 -52.90 -92.07
CA ILE B 32 -0.26 -52.21 -93.35
C ILE B 32 -1.62 -52.45 -94.01
N ASN B 33 -2.16 -53.65 -93.87
CA ASN B 33 -3.47 -53.93 -94.45
C ASN B 33 -4.59 -53.15 -93.77
N ASP B 34 -4.51 -53.01 -92.45
CA ASP B 34 -5.61 -52.44 -91.69
C ASP B 34 -5.56 -50.91 -91.64
N ILE B 35 -4.48 -50.33 -91.11
CA ILE B 35 -4.45 -48.90 -90.90
C ILE B 35 -4.40 -48.16 -92.23
N ALA B 36 -3.77 -48.75 -93.25
CA ALA B 36 -3.65 -48.14 -94.57
C ALA B 36 -4.46 -48.97 -95.56
N LYS B 37 -5.62 -48.44 -95.97
CA LYS B 37 -6.42 -49.12 -96.97
C LYS B 37 -5.68 -49.16 -98.30
N GLU B 38 -5.82 -50.29 -98.99
CA GLU B 38 -5.02 -50.53 -100.20
C GLU B 38 -5.24 -49.49 -101.28
N PRO B 39 -6.48 -49.11 -101.65
CA PRO B 39 -6.63 -48.11 -102.73
C PRO B 39 -5.97 -46.78 -102.43
N MET B 40 -6.04 -46.30 -101.18
CA MET B 40 -5.43 -45.03 -100.84
C MET B 40 -3.92 -45.09 -100.98
N TYR B 41 -3.30 -46.16 -100.47
CA TYR B 41 -1.86 -46.31 -100.61
C TYR B 41 -1.47 -46.42 -102.08
N GLU B 42 -2.26 -47.17 -102.87
CA GLU B 42 -1.96 -47.33 -104.28
C GLU B 42 -2.01 -46.00 -105.02
N GLU B 43 -3.05 -45.20 -104.77
CA GLU B 43 -3.16 -43.92 -105.47
C GLU B 43 -2.09 -42.95 -105.02
N THR B 44 -1.77 -42.93 -103.72
CA THR B 44 -0.68 -42.07 -103.26
C THR B 44 0.64 -42.48 -103.90
N SER B 45 0.92 -43.77 -103.97
CA SER B 45 2.16 -44.25 -104.57
C SER B 45 2.24 -43.93 -106.05
N ILE B 46 1.13 -44.10 -106.78
CA ILE B 46 1.18 -43.83 -108.21
C ILE B 46 1.33 -42.34 -108.46
N GLU B 47 0.67 -41.48 -107.66
CA GLU B 47 0.91 -40.05 -107.78
C GLU B 47 2.36 -39.71 -107.52
N PHE B 48 2.93 -40.31 -106.47
CA PHE B 48 4.32 -40.04 -106.10
C PHE B 48 5.29 -40.45 -107.19
N VAL B 49 5.05 -41.62 -107.82
CA VAL B 49 5.97 -42.12 -108.84
C VAL B 49 5.68 -41.55 -110.23
N ASP B 50 4.53 -40.91 -110.44
CA ASP B 50 4.24 -40.29 -111.72
C ASP B 50 4.63 -38.82 -111.77
N LEU B 51 4.49 -38.09 -110.67
CA LEU B 51 4.76 -36.65 -110.70
C LEU B 51 6.24 -36.33 -110.52
N ILE B 52 7.10 -37.33 -110.30
CA ILE B 52 8.53 -37.07 -110.15
C ILE B 52 9.15 -36.64 -111.48
N VAL B 53 8.71 -37.24 -112.58
CA VAL B 53 9.35 -37.03 -113.88
C VAL B 53 8.43 -36.27 -114.81
N SER B 54 7.59 -35.41 -114.24
CA SER B 54 6.69 -34.57 -115.03
C SER B 54 7.32 -33.27 -115.48
N ASN B 55 8.57 -33.02 -115.11
CA ASN B 55 9.27 -31.77 -115.42
C ASN B 55 10.57 -32.06 -116.16
N ILE B 56 11.26 -30.99 -116.56
CA ILE B 56 12.46 -31.12 -117.41
C ILE B 56 13.65 -31.26 -116.47
N THR B 57 13.88 -32.51 -116.03
CA THR B 57 15.09 -32.90 -115.29
C THR B 57 15.35 -31.96 -114.11
N GLU B 58 14.30 -31.66 -113.36
CA GLU B 58 14.40 -30.78 -112.20
C GLU B 58 13.41 -31.26 -111.15
N ASN B 59 13.20 -30.42 -110.13
CA ASN B 59 12.22 -30.67 -109.10
C ASN B 59 11.20 -29.53 -109.12
N GLY B 60 9.92 -29.89 -109.23
CA GLY B 60 8.89 -28.87 -109.34
C GLY B 60 8.72 -28.08 -108.07
N SER B 61 8.19 -26.86 -108.24
CA SER B 61 7.93 -26.00 -107.10
C SER B 61 6.88 -26.61 -106.17
N LYS B 62 5.77 -27.08 -106.74
CA LYS B 62 4.79 -27.80 -105.94
C LYS B 62 5.29 -29.19 -105.57
N PHE B 63 6.02 -29.84 -106.47
CA PHE B 63 6.46 -31.20 -106.21
C PHE B 63 7.53 -31.28 -105.15
N ASN B 64 8.26 -30.21 -104.88
CA ASN B 64 9.20 -30.22 -103.76
C ASN B 64 8.44 -30.37 -102.44
N GLU B 65 7.40 -29.55 -102.25
CA GLU B 65 6.58 -29.65 -101.06
C GLU B 65 5.87 -31.00 -100.99
N LYS B 66 5.35 -31.47 -102.13
CA LYS B 66 4.69 -32.77 -102.15
C LYS B 66 5.67 -33.90 -101.82
N LEU B 67 6.90 -33.78 -102.31
CA LEU B 67 7.95 -34.76 -102.01
C LEU B 67 8.24 -34.80 -100.52
N ASP B 68 8.42 -33.63 -99.92
CA ASP B 68 8.68 -33.59 -98.48
C ASP B 68 7.49 -34.15 -97.69
N ASP B 69 6.27 -33.81 -98.11
CA ASP B 69 5.08 -34.31 -97.42
C ASP B 69 4.99 -35.82 -97.50
N PHE B 70 5.21 -36.38 -98.70
CA PHE B 70 5.15 -37.84 -98.86
C PHE B 70 6.26 -38.52 -98.08
N ALA B 71 7.46 -37.94 -98.07
CA ALA B 71 8.56 -38.52 -97.34
C ALA B 71 8.26 -38.58 -95.84
N GLU B 72 7.84 -37.45 -95.27
CA GLU B 72 7.50 -37.45 -93.85
C GLU B 72 6.30 -38.34 -93.55
N LYS B 73 5.35 -38.44 -94.49
CA LYS B 73 4.19 -39.29 -94.31
C LYS B 73 4.59 -40.76 -94.23
N VAL B 74 5.48 -41.20 -95.13
CA VAL B 74 5.90 -42.59 -95.09
C VAL B 74 6.83 -42.83 -93.89
N VAL B 75 7.57 -41.81 -93.46
CA VAL B 75 8.42 -41.97 -92.28
C VAL B 75 7.58 -42.18 -91.03
N HIS B 76 6.53 -41.38 -90.86
CA HIS B 76 5.74 -41.39 -89.65
C HIS B 76 4.43 -42.17 -89.80
N LEU B 77 4.28 -42.94 -90.87
CA LEU B 77 3.07 -43.72 -91.10
C LEU B 77 3.25 -45.20 -90.79
N GLY B 78 4.48 -45.70 -90.76
CA GLY B 78 4.71 -47.12 -90.56
C GLY B 78 5.61 -47.72 -91.60
N TRP B 79 6.37 -46.86 -92.29
CA TRP B 79 7.34 -47.28 -93.30
C TRP B 79 8.70 -46.70 -92.91
N PRO B 80 9.39 -47.33 -91.96
CA PRO B 80 10.72 -46.83 -91.56
C PRO B 80 11.75 -46.96 -92.67
N ILE B 81 12.98 -46.52 -92.41
CA ILE B 81 14.00 -46.52 -93.44
C ILE B 81 14.27 -47.94 -93.94
N HIS B 82 14.13 -48.94 -93.07
CA HIS B 82 14.21 -50.32 -93.52
C HIS B 82 13.09 -50.65 -94.50
N PHE B 83 11.88 -50.17 -94.23
CA PHE B 83 10.78 -50.40 -95.15
C PHE B 83 11.00 -49.68 -96.46
N VAL B 84 11.56 -48.47 -96.43
CA VAL B 84 11.83 -47.75 -97.67
C VAL B 84 12.91 -48.46 -98.47
N THR B 85 13.91 -49.03 -97.79
CA THR B 85 14.95 -49.77 -98.51
C THR B 85 14.38 -51.06 -99.11
N THR B 86 13.50 -51.75 -98.39
CA THR B 86 12.82 -52.90 -98.97
C THR B 86 11.97 -52.48 -100.17
N GLY B 87 11.34 -51.30 -100.08
CA GLY B 87 10.60 -50.78 -101.21
C GLY B 87 11.49 -50.52 -102.41
N LEU B 88 12.69 -49.99 -102.17
CA LEU B 88 13.65 -49.81 -103.26
C LEU B 88 14.04 -51.15 -103.87
N ARG B 89 14.27 -52.16 -103.03
CA ARG B 89 14.65 -53.47 -103.54
C ARG B 89 13.55 -54.08 -104.40
N VAL B 90 12.30 -53.99 -103.94
CA VAL B 90 11.20 -54.57 -104.70
C VAL B 90 10.90 -53.72 -105.93
N PHE B 91 11.12 -52.40 -105.85
CA PHE B 91 11.11 -51.55 -107.04
C PHE B 91 12.06 -52.09 -108.09
N GLY B 92 13.31 -52.35 -107.68
CA GLY B 92 14.27 -52.91 -108.60
C GLY B 92 13.80 -54.22 -109.20
N LEU B 93 13.30 -55.11 -108.34
CA LEU B 93 12.85 -56.42 -108.82
C LEU B 93 11.77 -56.29 -109.89
N LEU B 94 10.69 -55.56 -109.57
CA LEU B 94 9.55 -55.52 -110.48
C LEU B 94 9.84 -54.69 -111.72
N VAL B 95 10.53 -53.56 -111.57
CA VAL B 95 10.90 -52.76 -112.74
C VAL B 95 11.82 -53.57 -113.64
N TYR B 96 12.79 -54.29 -113.05
CA TYR B 96 13.70 -55.11 -113.85
C TYR B 96 12.94 -56.20 -114.61
N THR B 97 11.99 -56.87 -113.97
CA THR B 97 11.19 -57.86 -114.68
C THR B 97 10.40 -57.23 -115.82
N ALA B 98 9.76 -56.09 -115.57
CA ALA B 98 8.93 -55.46 -116.59
C ALA B 98 9.77 -55.00 -117.78
N MET B 99 10.93 -54.39 -117.51
CA MET B 99 11.77 -53.87 -118.59
C MET B 99 12.60 -54.97 -119.26
N ARG B 100 12.71 -56.15 -118.62
CA ARG B 100 13.06 -57.35 -119.38
C ARG B 100 11.95 -57.73 -120.34
N ASP B 101 10.70 -57.65 -119.89
CA ASP B 101 9.58 -58.02 -120.76
C ASP B 101 9.21 -56.89 -121.70
N GLU B 102 8.86 -55.73 -121.14
CA GLU B 102 8.36 -54.63 -121.97
C GLU B 102 9.47 -53.98 -122.79
N ASP B 103 10.65 -53.81 -122.19
CA ASP B 103 11.84 -53.26 -122.86
C ASP B 103 11.56 -51.86 -123.42
N LEU B 104 11.30 -50.93 -122.51
CA LEU B 104 11.12 -49.51 -122.84
C LEU B 104 12.07 -48.71 -121.97
N PHE B 105 13.11 -48.14 -122.59
CA PHE B 105 14.17 -47.43 -121.88
C PHE B 105 14.12 -45.94 -122.21
N LEU B 106 15.14 -45.21 -121.74
CA LEU B 106 15.17 -43.77 -121.91
C LEU B 106 15.23 -43.38 -123.39
N LYS B 107 16.02 -44.09 -124.17
CA LYS B 107 16.19 -43.78 -125.59
C LYS B 107 15.40 -44.76 -126.44
N ARG B 108 14.64 -44.24 -127.39
CA ARG B 108 13.86 -45.07 -128.31
C ARG B 108 14.83 -45.78 -129.24
N GLU B 109 15.05 -47.07 -129.00
CA GLU B 109 15.99 -47.85 -129.78
C GLU B 109 15.57 -49.30 -129.77
N GLU B 110 16.08 -50.06 -130.74
CA GLU B 110 15.75 -51.48 -130.83
C GLU B 110 16.25 -52.23 -129.60
N LYS B 111 17.46 -51.92 -129.14
CA LYS B 111 18.02 -52.55 -127.94
C LYS B 111 19.04 -51.60 -127.30
N PRO B 112 18.57 -50.66 -126.49
CA PRO B 112 19.50 -49.74 -125.82
C PRO B 112 20.42 -50.49 -124.86
N GLU B 113 21.62 -49.95 -124.71
CA GLU B 113 22.66 -50.59 -123.91
C GLU B 113 22.43 -50.34 -122.43
N ASP B 114 23.43 -50.65 -121.60
CA ASP B 114 23.30 -50.56 -120.16
C ASP B 114 23.32 -49.14 -119.62
N ASP B 115 23.64 -48.15 -120.45
CA ASP B 115 23.75 -46.77 -120.00
C ASP B 115 22.44 -46.28 -119.40
N ALA B 116 21.38 -46.17 -120.21
CA ALA B 116 20.07 -45.79 -119.67
C ALA B 116 19.48 -46.90 -118.81
N TYR B 117 19.78 -48.15 -119.16
CA TYR B 117 19.42 -49.32 -118.38
C TYR B 117 19.67 -49.09 -116.88
N TYR B 118 20.81 -48.47 -116.54
CA TYR B 118 21.10 -48.13 -115.16
C TYR B 118 20.92 -46.66 -114.83
N ARG B 119 20.77 -45.78 -115.83
CA ARG B 119 20.40 -44.40 -115.53
C ARG B 119 19.01 -44.34 -114.89
N PHE B 120 18.15 -45.30 -115.24
CA PHE B 120 16.90 -45.48 -114.51
C PHE B 120 17.17 -45.58 -113.00
N GLU B 121 18.09 -46.46 -112.63
CA GLU B 121 18.42 -46.65 -111.22
C GLU B 121 19.14 -45.44 -110.65
N THR B 122 19.89 -44.70 -111.47
CA THR B 122 20.52 -43.48 -110.99
C THR B 122 19.47 -42.47 -110.55
N TRP B 123 18.44 -42.28 -111.37
CA TRP B 123 17.37 -41.36 -111.01
C TRP B 123 16.59 -41.87 -109.79
N LEU B 124 16.35 -43.18 -109.74
CA LEU B 124 15.69 -43.75 -108.56
C LEU B 124 16.51 -43.53 -107.30
N SER B 125 17.84 -43.66 -107.40
CA SER B 125 18.71 -43.46 -106.25
C SER B 125 18.77 -41.99 -105.85
N SER B 126 18.71 -41.07 -106.81
CA SER B 126 18.60 -39.65 -106.46
C SER B 126 17.30 -39.38 -105.72
N MET B 127 16.21 -40.00 -106.17
CA MET B 127 14.94 -39.87 -105.45
C MET B 127 15.05 -40.42 -104.03
N TYR B 128 15.71 -41.57 -103.87
CA TYR B 128 15.88 -42.14 -102.54
C TYR B 128 16.79 -41.27 -101.67
N ASN B 129 17.77 -40.61 -102.29
CA ASN B 129 18.59 -39.62 -101.58
C ASN B 129 17.73 -38.48 -101.05
N LYS B 130 16.83 -37.96 -101.88
CA LYS B 130 15.93 -36.92 -101.41
C LYS B 130 15.03 -37.44 -100.28
N VAL B 131 14.58 -38.69 -100.39
CA VAL B 131 13.73 -39.27 -99.37
C VAL B 131 14.46 -39.33 -98.03
N VAL B 132 15.70 -39.81 -98.04
CA VAL B 132 16.44 -39.91 -96.78
C VAL B 132 16.84 -38.53 -96.27
N THR B 133 17.06 -37.57 -97.17
CA THR B 133 17.33 -36.20 -96.72
C THR B 133 16.14 -35.63 -95.96
N ALA B 134 14.93 -35.84 -96.50
CA ALA B 134 13.73 -35.39 -95.78
C ALA B 134 13.52 -36.20 -94.50
N TYR B 135 13.95 -37.46 -94.49
CA TYR B 135 13.94 -38.25 -93.27
C TYR B 135 14.81 -37.61 -92.19
N ALA B 136 16.00 -37.14 -92.57
CA ALA B 136 16.98 -36.69 -91.59
C ALA B 136 16.73 -35.26 -91.13
N ASP B 137 16.33 -34.37 -92.03
CA ASP B 137 16.32 -32.95 -91.72
C ASP B 137 15.38 -32.62 -90.55
N THR B 138 14.08 -32.86 -90.73
CA THR B 138 13.11 -32.49 -89.72
C THR B 138 13.31 -33.29 -88.43
N TRP B 139 13.75 -34.54 -88.53
CA TRP B 139 14.00 -35.32 -87.33
C TRP B 139 15.16 -34.73 -86.52
N GLU B 140 16.23 -34.31 -87.20
CA GLU B 140 17.31 -33.65 -86.48
C GLU B 140 16.86 -32.33 -85.87
N LYS B 141 16.00 -31.58 -86.59
CA LYS B 141 15.50 -30.31 -86.06
C LYS B 141 14.71 -30.53 -84.78
N THR B 142 13.79 -31.50 -84.79
CA THR B 142 12.99 -31.75 -83.60
C THR B 142 13.84 -32.34 -82.48
N VAL B 143 14.86 -33.14 -82.82
CA VAL B 143 15.77 -33.65 -81.79
C VAL B 143 16.52 -32.49 -81.14
N SER B 144 16.94 -31.50 -81.94
CA SER B 144 17.65 -30.36 -81.38
C SER B 144 16.75 -29.53 -80.48
N ILE B 145 15.53 -29.22 -80.93
CA ILE B 145 14.64 -28.41 -80.10
C ILE B 145 14.25 -29.16 -78.82
N GLN B 146 14.10 -30.48 -78.91
CA GLN B 146 13.73 -31.28 -77.76
C GLN B 146 14.90 -31.46 -76.79
N LYS B 147 16.14 -31.49 -77.31
CA LYS B 147 17.32 -31.39 -76.47
C LYS B 147 17.37 -30.04 -75.75
N SER B 148 17.01 -28.97 -76.45
CA SER B 148 16.96 -27.66 -75.79
C SER B 148 15.90 -27.66 -74.67
N ALA B 149 14.77 -28.31 -74.92
CA ALA B 149 13.73 -28.42 -73.90
C ALA B 149 14.23 -29.19 -72.69
N LEU B 150 14.99 -30.27 -72.92
CA LEU B 150 15.61 -30.98 -71.80
C LEU B 150 16.61 -30.10 -71.09
N GLN B 151 17.35 -29.28 -71.84
CA GLN B 151 18.36 -28.39 -71.25
C GLN B 151 17.73 -27.40 -70.30
N GLU B 152 16.61 -26.77 -70.72
CA GLU B 152 16.02 -25.74 -69.88
C GLU B 152 15.36 -26.32 -68.63
N LEU B 153 14.82 -27.53 -68.72
CA LEU B 153 14.16 -28.17 -67.59
C LEU B 153 15.14 -28.94 -66.69
N SER B 154 16.43 -28.59 -66.73
CA SER B 154 17.41 -29.36 -65.98
C SER B 154 17.48 -28.93 -64.52
N ALA B 155 17.85 -27.67 -64.26
CA ALA B 155 18.08 -27.18 -62.90
C ALA B 155 17.29 -25.89 -62.69
N PRO B 156 16.00 -25.99 -62.45
CA PRO B 156 15.19 -24.78 -62.20
C PRO B 156 15.36 -24.31 -60.77
N LEU B 157 16.10 -23.21 -60.60
CA LEU B 157 16.24 -22.58 -59.29
C LEU B 157 15.09 -21.63 -59.00
N LEU B 158 14.18 -21.43 -59.95
CA LEU B 158 13.03 -20.54 -59.83
C LEU B 158 12.23 -20.76 -58.54
N PRO B 159 12.15 -22.00 -58.00
CA PRO B 159 11.62 -22.12 -56.64
C PRO B 159 12.48 -21.36 -55.65
N ILE B 160 11.90 -20.33 -55.03
CA ILE B 160 12.62 -19.45 -54.11
C ILE B 160 11.76 -19.24 -52.87
N PHE B 161 12.43 -18.87 -51.78
CA PHE B 161 11.77 -18.34 -50.59
C PHE B 161 12.43 -17.01 -50.27
N GLU B 162 12.12 -16.41 -49.12
CA GLU B 162 12.78 -15.17 -48.75
C GLU B 162 14.22 -15.48 -48.36
N LYS B 163 15.16 -15.13 -49.24
CA LYS B 163 16.59 -15.37 -49.04
C LYS B 163 16.92 -16.85 -48.91
N ILE B 164 16.05 -17.73 -49.39
CA ILE B 164 16.28 -19.18 -49.35
C ILE B 164 15.88 -19.75 -50.69
N SER B 165 16.81 -20.38 -51.39
CA SER B 165 16.54 -21.00 -52.67
C SER B 165 16.43 -22.50 -52.51
N VAL B 166 15.89 -23.15 -53.55
CA VAL B 166 15.78 -24.61 -53.58
C VAL B 166 15.80 -25.05 -55.03
N MET B 167 16.58 -26.10 -55.32
CA MET B 167 16.86 -26.54 -56.68
C MET B 167 16.41 -27.98 -56.84
N PRO B 168 15.19 -28.23 -57.30
CA PRO B 168 14.72 -29.61 -57.47
C PRO B 168 15.28 -30.23 -58.74
N LEU B 169 15.77 -31.46 -58.62
CA LEU B 169 16.20 -32.25 -59.76
C LEU B 169 15.61 -33.65 -59.63
N ILE B 170 15.05 -34.16 -60.73
CA ILE B 170 14.36 -35.44 -60.70
C ILE B 170 14.80 -36.40 -61.79
N GLY B 171 15.35 -35.94 -62.91
CA GLY B 171 15.79 -36.86 -63.94
C GLY B 171 17.13 -37.50 -63.61
N THR B 172 17.37 -38.66 -64.22
CA THR B 172 18.66 -39.33 -64.05
C THR B 172 19.77 -38.46 -64.63
N ILE B 173 20.85 -38.31 -63.87
CA ILE B 173 21.88 -37.31 -64.15
C ILE B 173 23.10 -38.01 -64.70
N ASP B 174 23.59 -37.53 -65.85
CA ASP B 174 24.86 -37.92 -66.41
C ASP B 174 25.84 -36.76 -66.25
N THR B 175 27.04 -36.92 -66.82
CA THR B 175 28.07 -35.90 -66.64
C THR B 175 27.67 -34.59 -67.31
N GLU B 176 26.96 -34.65 -68.44
CA GLU B 176 26.50 -33.44 -69.09
C GLU B 176 25.46 -32.73 -68.24
N ARG B 177 24.47 -33.49 -67.75
CA ARG B 177 23.50 -32.90 -66.84
C ARG B 177 24.16 -32.47 -65.53
N ALA B 178 25.23 -33.16 -65.12
CA ALA B 178 25.97 -32.72 -63.94
C ALA B 178 26.57 -31.33 -64.16
N LYS B 179 27.21 -31.13 -65.30
CA LYS B 179 27.76 -29.82 -65.62
C LYS B 179 26.66 -28.76 -65.70
N LEU B 180 25.53 -29.13 -66.30
CA LEU B 180 24.38 -28.23 -66.33
C LEU B 180 23.98 -27.82 -64.91
N ILE B 181 23.91 -28.80 -64.01
CA ILE B 181 23.54 -28.52 -62.63
C ILE B 181 24.54 -27.55 -62.01
N ILE B 182 25.83 -27.80 -62.21
CA ILE B 182 26.85 -26.96 -61.58
C ILE B 182 26.72 -25.51 -62.06
N GLU B 183 26.70 -25.32 -63.38
CA GLU B 183 26.65 -23.96 -63.90
C GLU B 183 25.35 -23.26 -63.50
N ASN B 184 24.21 -23.94 -63.64
CA ASN B 184 22.95 -23.31 -63.30
C ASN B 184 22.89 -22.95 -61.83
N LEU B 185 23.34 -23.85 -60.95
CA LEU B 185 23.29 -23.58 -59.52
C LEU B 185 24.18 -22.40 -59.15
N LEU B 186 25.40 -22.37 -59.67
CA LEU B 186 26.29 -21.25 -59.33
C LEU B 186 25.75 -19.94 -59.88
N ILE B 187 25.28 -19.91 -61.12
CA ILE B 187 24.75 -18.68 -61.69
C ILE B 187 23.53 -18.21 -60.89
N GLY B 188 22.65 -19.14 -60.53
CA GLY B 188 21.48 -18.76 -59.77
C GLY B 188 21.80 -18.25 -58.38
N VAL B 189 22.75 -18.90 -57.69
CA VAL B 189 23.09 -18.44 -56.35
C VAL B 189 23.79 -17.09 -56.41
N VAL B 190 24.51 -16.81 -57.51
CA VAL B 190 25.09 -15.49 -57.68
C VAL B 190 23.99 -14.45 -57.91
N LYS B 191 23.04 -14.77 -58.78
CA LYS B 191 22.04 -13.77 -59.17
C LYS B 191 21.06 -13.49 -58.04
N ASN B 192 20.56 -14.54 -57.39
CA ASN B 192 19.52 -14.38 -56.38
C ASN B 192 20.04 -13.89 -55.05
N ARG B 193 21.37 -13.90 -54.84
CA ARG B 193 21.98 -13.44 -53.60
C ARG B 193 21.36 -14.18 -52.39
N SER B 194 21.15 -15.47 -52.55
CA SER B 194 20.50 -16.29 -51.54
C SER B 194 21.45 -16.55 -50.37
N GLU B 195 20.93 -17.24 -49.36
CA GLU B 195 21.72 -17.61 -48.19
C GLU B 195 21.83 -19.11 -48.00
N VAL B 196 20.77 -19.86 -48.26
CA VAL B 196 20.77 -21.31 -48.14
C VAL B 196 20.18 -21.90 -49.41
N VAL B 197 20.85 -22.91 -49.97
CA VAL B 197 20.40 -23.59 -51.16
C VAL B 197 20.13 -25.05 -50.80
N LEU B 198 18.92 -25.51 -51.08
CA LEU B 198 18.52 -26.89 -50.78
C LEU B 198 18.48 -27.68 -52.09
N ILE B 199 19.52 -28.48 -52.33
CA ILE B 199 19.52 -29.37 -53.48
C ILE B 199 18.61 -30.54 -53.18
N ASP B 200 17.66 -30.80 -54.08
CA ASP B 200 16.69 -31.87 -53.90
C ASP B 200 17.17 -33.08 -54.68
N ILE B 201 17.89 -33.97 -54.00
CA ILE B 201 18.36 -35.19 -54.64
C ILE B 201 17.20 -36.14 -54.92
N THR B 202 16.15 -36.09 -54.10
CA THR B 202 15.00 -36.97 -54.30
C THR B 202 14.43 -36.77 -55.71
N GLY B 203 14.21 -37.88 -56.40
CA GLY B 203 13.74 -37.85 -57.77
C GLY B 203 14.59 -38.69 -58.68
N VAL B 204 15.90 -38.68 -58.46
CA VAL B 204 16.84 -39.46 -59.25
C VAL B 204 17.01 -40.82 -58.58
N PRO B 205 16.78 -41.92 -59.30
CA PRO B 205 16.90 -43.25 -58.68
C PRO B 205 18.33 -43.61 -58.31
N VAL B 206 19.23 -43.56 -59.29
CA VAL B 206 20.62 -43.97 -59.11
C VAL B 206 21.51 -42.88 -59.68
N VAL B 207 22.56 -42.54 -58.95
CA VAL B 207 23.52 -41.50 -59.34
C VAL B 207 24.86 -42.16 -59.57
N ASP B 208 25.46 -41.89 -60.73
CA ASP B 208 26.78 -42.42 -61.03
C ASP B 208 27.82 -41.84 -60.05
N THR B 209 28.88 -42.60 -59.83
CA THR B 209 29.88 -42.20 -58.85
C THR B 209 30.50 -40.85 -59.21
N MET B 210 30.83 -40.65 -60.49
CA MET B 210 31.38 -39.38 -60.93
C MET B 210 30.37 -38.26 -60.75
N VAL B 211 29.10 -38.55 -60.98
CA VAL B 211 28.04 -37.56 -60.77
C VAL B 211 27.96 -37.19 -59.30
N ALA B 212 28.05 -38.17 -58.41
CA ALA B 212 28.06 -37.87 -56.98
C ALA B 212 29.28 -37.04 -56.60
N HIS B 213 30.42 -37.31 -57.22
CA HIS B 213 31.60 -36.49 -56.97
C HIS B 213 31.35 -35.04 -57.35
N HIS B 214 30.77 -34.82 -58.54
CA HIS B 214 30.45 -33.45 -58.94
C HIS B 214 29.42 -32.82 -58.01
N ILE B 215 28.46 -33.59 -57.51
CA ILE B 215 27.50 -33.04 -56.55
C ILE B 215 28.21 -32.60 -55.28
N ILE B 216 29.18 -33.40 -54.81
CA ILE B 216 29.92 -33.04 -53.61
C ILE B 216 30.72 -31.76 -53.83
N GLN B 217 31.40 -31.66 -54.97
CA GLN B 217 32.12 -30.42 -55.27
C GLN B 217 31.17 -29.25 -55.45
N ALA B 218 29.95 -29.49 -55.94
CA ALA B 218 28.96 -28.43 -56.04
C ALA B 218 28.60 -27.91 -54.66
N SER B 219 28.36 -28.81 -53.71
CA SER B 219 28.06 -28.39 -52.35
C SER B 219 29.22 -27.62 -51.75
N GLU B 220 30.45 -28.10 -51.98
CA GLU B 220 31.62 -27.40 -51.43
C GLU B 220 31.77 -26.02 -52.04
N ALA B 221 31.58 -25.90 -53.35
CA ALA B 221 31.70 -24.60 -54.01
C ALA B 221 30.61 -23.64 -53.54
N VAL B 222 29.39 -24.14 -53.37
CA VAL B 222 28.32 -23.29 -52.88
C VAL B 222 28.63 -22.80 -51.48
N ARG B 223 29.17 -23.67 -50.64
CA ARG B 223 29.61 -23.23 -49.31
C ARG B 223 30.72 -22.18 -49.43
N LEU B 224 31.61 -22.36 -50.42
CA LEU B 224 32.74 -21.45 -50.58
C LEU B 224 32.28 -20.07 -51.04
N VAL B 225 31.22 -20.01 -51.85
CA VAL B 225 30.68 -18.71 -52.26
C VAL B 225 30.08 -17.98 -51.07
N GLY B 226 29.58 -18.71 -50.08
CA GLY B 226 29.03 -18.09 -48.90
C GLY B 226 27.58 -18.43 -48.64
N CYS B 227 27.16 -19.63 -49.06
CA CYS B 227 25.81 -20.11 -48.83
C CYS B 227 25.85 -21.57 -48.46
N GLN B 228 25.15 -21.94 -47.39
CA GLN B 228 25.10 -23.33 -46.98
C GLN B 228 24.30 -24.15 -47.99
N ALA B 229 24.69 -25.41 -48.15
CA ALA B 229 24.07 -26.31 -49.12
C ALA B 229 23.42 -27.46 -48.35
N MET B 230 22.10 -27.41 -48.20
CA MET B 230 21.34 -28.49 -47.58
C MET B 230 20.99 -29.53 -48.63
N LEU B 231 21.82 -30.56 -48.74
CA LEU B 231 21.54 -31.65 -49.65
C LEU B 231 20.41 -32.48 -49.07
N VAL B 232 19.17 -32.20 -49.50
CA VAL B 232 17.98 -32.71 -48.84
C VAL B 232 17.36 -33.79 -49.71
N GLY B 233 17.04 -34.92 -49.09
CA GLY B 233 16.28 -35.96 -49.77
C GLY B 233 17.14 -37.05 -50.40
N ILE B 234 18.20 -37.44 -49.69
CA ILE B 234 19.11 -38.46 -50.21
C ILE B 234 18.42 -39.82 -50.22
N ARG B 235 18.80 -40.67 -51.17
CA ARG B 235 18.26 -42.03 -51.26
C ARG B 235 19.31 -43.05 -50.81
N PRO B 236 18.87 -44.22 -50.34
CA PRO B 236 19.85 -45.22 -49.84
C PRO B 236 20.90 -45.65 -50.85
N GLU B 237 20.53 -45.85 -52.12
CA GLU B 237 21.53 -46.25 -53.10
C GLU B 237 22.52 -45.13 -53.37
N ILE B 238 22.03 -43.89 -53.46
CA ILE B 238 22.92 -42.75 -53.66
C ILE B 238 23.83 -42.59 -52.45
N ALA B 239 23.31 -42.85 -51.24
CA ALA B 239 24.16 -42.84 -50.06
C ALA B 239 25.23 -43.92 -50.14
N GLN B 240 24.86 -45.11 -50.59
CA GLN B 240 25.81 -46.18 -50.89
C GLN B 240 26.96 -45.67 -51.72
N TPO B 241 26.62 -45.10 -52.87
CA TPO B 241 27.63 -44.64 -53.82
CB TPO B 241 26.96 -44.25 -55.13
CG2 TPO B 241 27.61 -43.04 -55.80
OG1 TPO B 241 27.04 -45.37 -56.02
P TPO B 241 25.57 -45.61 -56.61
O1P TPO B 241 25.51 -45.02 -58.11
O2P TPO B 241 25.29 -47.07 -56.65
O3P TPO B 241 24.49 -44.87 -55.69
C TPO B 241 28.48 -43.50 -53.27
O TPO B 241 29.69 -43.45 -53.50
N ILE B 242 27.86 -42.60 -52.51
CA ILE B 242 28.57 -41.45 -51.98
C ILE B 242 29.58 -41.88 -50.92
N VAL B 243 29.17 -42.74 -49.99
CA VAL B 243 30.12 -43.22 -48.99
C VAL B 243 31.14 -44.16 -49.62
N ASN B 244 30.78 -44.83 -50.71
CA ASN B 244 31.75 -45.63 -51.44
C ASN B 244 32.82 -44.76 -52.08
N LEU B 245 32.44 -43.55 -52.51
CA LEU B 245 33.42 -42.60 -53.03
C LEU B 245 34.52 -42.32 -52.01
N GLY B 246 34.15 -42.27 -50.72
CA GLY B 246 35.13 -42.12 -49.67
C GLY B 246 35.61 -40.72 -49.40
N ILE B 247 35.03 -39.71 -50.06
CA ILE B 247 35.43 -38.35 -49.78
C ILE B 247 34.94 -37.93 -48.39
N GLU B 248 35.59 -36.90 -47.84
CA GLU B 248 35.19 -36.40 -46.53
C GLU B 248 33.77 -35.87 -46.57
N LEU B 249 32.98 -36.24 -45.56
CA LEU B 249 31.56 -35.90 -45.51
C LEU B 249 31.21 -35.32 -44.15
N ASP B 250 32.06 -34.44 -43.65
CA ASP B 250 31.83 -33.75 -42.39
C ASP B 250 31.46 -32.29 -42.58
N GLN B 251 31.18 -31.87 -43.82
CA GLN B 251 30.89 -30.48 -44.11
C GLN B 251 29.48 -30.24 -44.64
N ILE B 252 28.84 -31.24 -45.24
CA ILE B 252 27.52 -31.08 -45.82
C ILE B 252 26.48 -31.46 -44.78
N ILE B 253 25.36 -30.74 -44.79
CA ILE B 253 24.25 -30.99 -43.88
C ILE B 253 23.07 -31.47 -44.70
N THR B 254 22.56 -32.65 -44.38
CA THR B 254 21.49 -33.27 -45.14
C THR B 254 20.21 -33.33 -44.31
N THR B 255 19.12 -33.62 -44.98
CA THR B 255 17.82 -33.77 -44.33
C THR B 255 16.97 -34.71 -45.18
N ASN B 256 16.22 -35.59 -44.50
CA ASN B 256 15.50 -36.64 -45.22
C ASN B 256 14.33 -36.08 -46.02
N THR B 257 13.60 -35.12 -45.48
CA THR B 257 12.42 -34.58 -46.14
C THR B 257 12.57 -33.09 -46.38
N MET B 258 11.84 -32.59 -47.38
CA MET B 258 11.98 -31.20 -47.79
C MET B 258 11.49 -30.24 -46.71
N LYS B 259 10.42 -30.59 -46.00
CA LYS B 259 9.89 -29.68 -44.99
C LYS B 259 10.86 -29.53 -43.82
N LYS B 260 11.47 -30.63 -43.38
CA LYS B 260 12.46 -30.55 -42.32
C LYS B 260 13.69 -29.80 -42.78
N GLY B 261 14.09 -29.98 -44.04
CA GLY B 261 15.16 -29.17 -44.58
C GLY B 261 14.85 -27.69 -44.58
N MET B 262 13.60 -27.34 -44.91
CA MET B 262 13.18 -25.95 -44.91
C MET B 262 13.22 -25.36 -43.51
N GLU B 263 12.73 -26.11 -42.53
CA GLU B 263 12.77 -25.58 -41.17
C GLU B 263 14.20 -25.50 -40.64
N ARG B 264 15.07 -26.41 -41.06
CA ARG B 264 16.48 -26.29 -40.71
C ARG B 264 17.12 -25.05 -41.32
N ALA B 265 16.81 -24.78 -42.59
CA ALA B 265 17.34 -23.58 -43.23
C ALA B 265 16.82 -22.32 -42.55
N LEU B 266 15.54 -22.32 -42.17
CA LEU B 266 15.02 -21.20 -41.37
C LEU B 266 15.70 -21.11 -40.02
N ALA B 267 16.12 -22.24 -39.46
CA ALA B 267 16.86 -22.22 -38.20
C ALA B 267 18.22 -21.57 -38.39
N LEU B 268 18.87 -21.80 -39.54
CA LEU B 268 20.15 -21.15 -39.79
C LEU B 268 20.02 -19.64 -39.77
N THR B 269 18.99 -19.11 -40.43
CA THR B 269 18.64 -17.69 -40.32
C THR B 269 17.78 -17.53 -39.08
N ASN B 270 18.47 -17.47 -37.93
CA ASN B 270 17.84 -17.68 -36.64
C ASN B 270 16.61 -16.82 -36.42
N ARG B 271 16.65 -15.56 -36.86
CA ARG B 271 15.50 -14.69 -36.70
C ARG B 271 14.37 -15.01 -37.67
N GLU B 272 14.67 -15.73 -38.75
CA GLU B 272 13.68 -15.99 -39.80
C GLU B 272 12.85 -17.24 -39.54
N ILE B 273 12.68 -17.64 -38.28
CA ILE B 273 11.75 -18.71 -37.96
C ILE B 273 10.30 -18.27 -38.09
N VAL B 274 10.05 -16.98 -38.19
CA VAL B 274 8.70 -16.45 -38.32
C VAL B 274 8.40 -16.10 -39.78
N MET C 1 84.86 16.37 -91.92
CA MET C 1 84.69 17.18 -93.13
C MET C 1 83.21 17.45 -93.41
N TYR C 2 82.48 17.80 -92.37
CA TYR C 2 81.03 18.03 -92.50
C TYR C 2 80.70 19.30 -93.27
N LYS C 3 81.68 20.13 -93.61
CA LYS C 3 81.39 21.33 -94.40
C LYS C 3 80.86 20.96 -95.78
N ASP C 4 81.66 20.24 -96.56
CA ASP C 4 81.19 19.78 -97.87
C ASP C 4 80.04 18.80 -97.73
N PHE C 5 79.97 18.08 -96.61
CA PHE C 5 78.83 17.19 -96.38
C PHE C 5 77.53 17.99 -96.29
N ALA C 6 77.56 19.12 -95.58
CA ALA C 6 76.39 19.99 -95.53
C ALA C 6 76.13 20.64 -96.88
N ASN C 7 77.19 21.00 -97.59
CA ASN C 7 77.03 21.57 -98.93
C ASN C 7 76.29 20.61 -99.86
N PHE C 8 76.58 19.32 -99.74
CA PHE C 8 75.91 18.33 -100.59
C PHE C 8 74.54 17.93 -100.03
N ILE C 9 74.35 17.99 -98.71
CA ILE C 9 73.03 17.76 -98.14
C ILE C 9 72.07 18.86 -98.56
N ARG C 10 72.58 20.08 -98.77
CA ARG C 10 71.75 21.17 -99.28
C ARG C 10 71.10 20.83 -100.60
N THR C 11 71.69 19.92 -101.38
CA THR C 11 71.06 19.42 -102.60
C THR C 11 70.35 18.09 -102.40
N ASN C 12 70.86 17.23 -101.51
CA ASN C 12 70.23 15.95 -101.23
C ASN C 12 68.92 16.08 -100.46
N LYS C 13 68.62 17.27 -99.93
CA LYS C 13 67.32 17.49 -99.30
C LYS C 13 66.19 17.28 -100.30
N LYS C 14 66.37 17.75 -101.54
CA LYS C 14 65.36 17.54 -102.57
C LYS C 14 65.22 16.06 -102.90
N ASP C 15 66.33 15.33 -102.94
CA ASP C 15 66.26 13.88 -103.18
C ASP C 15 65.50 13.18 -102.06
N LEU C 16 65.75 13.58 -100.81
CA LEU C 16 65.03 12.98 -99.69
C LEU C 16 63.55 13.36 -99.70
N LEU C 17 63.23 14.57 -100.14
CA LEU C 17 61.82 14.95 -100.26
C LEU C 17 61.14 14.17 -101.37
N ASN C 18 61.84 13.92 -102.47
CA ASN C 18 61.31 13.02 -103.51
C ASN C 18 61.10 11.62 -102.95
N ASN C 19 62.02 11.16 -102.11
CA ASN C 19 61.86 9.87 -101.46
C ASN C 19 60.62 9.82 -100.58
N TRP C 20 60.39 10.88 -99.81
CA TRP C 20 59.19 10.97 -98.99
C TRP C 20 57.94 11.01 -99.85
N MET C 21 57.99 11.74 -100.97
CA MET C 21 56.89 11.75 -101.93
C MET C 21 56.60 10.34 -102.44
N ASN C 22 57.65 9.55 -102.68
CA ASN C 22 57.46 8.19 -103.15
C ASN C 22 56.89 7.28 -102.06
N GLU C 23 57.32 7.47 -100.81
CA GLU C 23 57.02 6.52 -99.75
C GLU C 23 55.59 6.62 -99.24
N MET C 24 54.85 7.69 -99.53
CA MET C 24 53.49 7.78 -99.02
C MET C 24 52.51 6.93 -99.83
N GLU C 25 52.76 6.76 -101.13
CA GLU C 25 51.80 6.05 -101.98
C GLU C 25 51.77 4.54 -101.71
N LYS C 26 52.83 3.98 -101.12
CA LYS C 26 52.85 2.54 -100.90
C LYS C 26 51.84 2.12 -99.83
N GLN C 27 51.65 2.93 -98.79
CA GLN C 27 50.77 2.55 -97.70
C GLN C 27 50.27 3.79 -96.97
N SER C 28 48.96 3.87 -96.78
CA SER C 28 48.31 4.88 -95.94
C SER C 28 48.70 6.31 -96.36
N ASP C 29 48.58 6.59 -97.66
CA ASP C 29 48.87 7.94 -98.15
C ASP C 29 47.93 8.98 -97.55
N PRO C 30 46.59 8.82 -97.60
CA PRO C 30 45.73 9.85 -96.97
C PRO C 30 45.97 10.00 -95.48
N LEU C 31 46.23 8.89 -94.78
CA LEU C 31 46.45 8.96 -93.33
C LEU C 31 47.71 9.77 -93.02
N ILE C 32 48.80 9.48 -93.71
CA ILE C 32 50.05 10.22 -93.47
C ILE C 32 49.89 11.68 -93.87
N ASN C 33 49.26 11.95 -95.01
CA ASN C 33 49.06 13.32 -95.44
C ASN C 33 48.12 14.09 -94.50
N ASP C 34 47.27 13.38 -93.76
CA ASP C 34 46.40 14.04 -92.79
C ASP C 34 47.13 14.33 -91.49
N ILE C 35 47.79 13.31 -90.92
CA ILE C 35 48.45 13.50 -89.64
C ILE C 35 49.65 14.43 -89.79
N ALA C 36 50.35 14.35 -90.92
CA ALA C 36 51.53 15.19 -91.18
C ALA C 36 51.45 15.68 -92.61
N LYS C 37 51.07 16.96 -92.77
CA LYS C 37 50.93 17.54 -94.10
C LYS C 37 52.30 17.68 -94.77
N GLU C 38 52.27 17.86 -96.08
CA GLU C 38 53.50 17.89 -96.87
C GLU C 38 54.47 18.99 -96.45
N PRO C 39 54.05 20.27 -96.31
CA PRO C 39 55.05 21.30 -95.97
C PRO C 39 55.70 21.10 -94.63
N MET C 40 54.92 20.84 -93.58
CA MET C 40 55.48 20.68 -92.24
C MET C 40 56.42 19.49 -92.17
N TYR C 41 55.99 18.35 -92.73
CA TYR C 41 56.83 17.16 -92.70
C TYR C 41 58.10 17.36 -93.52
N GLU C 42 57.99 18.02 -94.67
CA GLU C 42 59.16 18.27 -95.50
C GLU C 42 60.17 19.16 -94.78
N GLU C 43 59.69 20.25 -94.16
CA GLU C 43 60.62 21.15 -93.47
C GLU C 43 61.23 20.46 -92.24
N THR C 44 60.43 19.68 -91.52
CA THR C 44 60.98 18.94 -90.38
C THR C 44 62.05 17.95 -90.83
N SER C 45 61.80 17.23 -91.93
CA SER C 45 62.77 16.25 -92.41
C SER C 45 64.05 16.93 -92.89
N ILE C 46 63.93 18.04 -93.62
CA ILE C 46 65.14 18.70 -94.12
C ILE C 46 65.94 19.30 -92.96
N GLU C 47 65.25 19.87 -91.97
CA GLU C 47 65.96 20.36 -90.79
C GLU C 47 66.67 19.23 -90.06
N PHE C 48 65.99 18.09 -89.90
CA PHE C 48 66.57 16.95 -89.19
C PHE C 48 67.80 16.42 -89.93
N VAL C 49 67.75 16.37 -91.26
CA VAL C 49 68.89 15.85 -92.00
C VAL C 49 69.99 16.89 -92.22
N ASP C 50 69.69 18.17 -92.01
CA ASP C 50 70.68 19.23 -92.24
C ASP C 50 71.37 19.70 -90.96
N LEU C 51 70.74 19.54 -89.79
CA LEU C 51 71.35 20.03 -88.57
C LEU C 51 72.59 19.23 -88.19
N ILE C 52 72.55 17.90 -88.37
CA ILE C 52 73.70 17.06 -88.03
C ILE C 52 74.89 17.39 -88.92
N VAL C 53 74.66 17.56 -90.22
CA VAL C 53 75.73 17.73 -91.18
C VAL C 53 76.34 19.11 -91.04
N SER C 54 75.76 19.94 -90.18
CA SER C 54 76.29 21.27 -89.90
C SER C 54 77.24 21.30 -88.70
N ASN C 55 77.35 20.20 -87.95
CA ASN C 55 78.27 20.15 -86.82
C ASN C 55 79.70 19.99 -87.31
N ILE C 56 80.64 20.24 -86.41
CA ILE C 56 82.07 20.14 -86.75
C ILE C 56 82.50 18.71 -86.46
N THR C 57 82.18 17.83 -87.42
CA THR C 57 82.62 16.42 -87.42
C THR C 57 82.37 15.74 -86.07
N GLU C 58 81.38 16.24 -85.32
CA GLU C 58 81.10 15.75 -83.98
C GLU C 58 79.61 15.83 -83.73
N ASN C 59 79.21 15.59 -82.48
CA ASN C 59 77.82 15.64 -82.07
C ASN C 59 77.44 17.04 -81.62
N GLY C 60 76.14 17.33 -81.68
CA GLY C 60 75.62 18.62 -81.24
C GLY C 60 74.57 18.50 -80.17
N SER C 61 74.76 19.20 -79.05
CA SER C 61 73.79 19.16 -77.96
C SER C 61 72.45 19.72 -78.40
N LYS C 62 72.46 20.86 -79.11
CA LYS C 62 71.22 21.39 -79.67
C LYS C 62 70.63 20.43 -80.69
N PHE C 63 71.49 19.81 -81.51
CA PHE C 63 70.97 18.79 -82.42
C PHE C 63 70.53 17.54 -81.66
N ASN C 64 71.15 17.23 -80.52
CA ASN C 64 70.67 16.11 -79.72
C ASN C 64 69.25 16.36 -79.22
N GLU C 65 68.99 17.58 -78.73
CA GLU C 65 67.64 17.93 -78.32
C GLU C 65 66.68 17.92 -79.50
N LYS C 66 67.13 18.41 -80.66
CA LYS C 66 66.28 18.41 -81.85
C LYS C 66 65.95 16.98 -82.28
N LEU C 67 66.93 16.07 -82.19
CA LEU C 67 66.71 14.69 -82.57
C LEU C 67 65.76 14.00 -81.60
N ASP C 68 65.90 14.29 -80.29
CA ASP C 68 64.93 13.75 -79.33
C ASP C 68 63.53 14.26 -79.62
N ASP C 69 63.41 15.55 -79.95
CA ASP C 69 62.12 16.12 -80.30
C ASP C 69 61.54 15.45 -81.55
N PHE C 70 62.37 15.23 -82.56
CA PHE C 70 61.90 14.57 -83.77
C PHE C 70 61.46 13.14 -83.49
N ALA C 71 62.22 12.42 -82.67
CA ALA C 71 61.86 11.04 -82.34
C ALA C 71 60.54 10.98 -81.60
N GLU C 72 60.35 11.85 -80.60
CA GLU C 72 59.10 11.82 -79.86
C GLU C 72 57.92 12.28 -80.73
N LYS C 73 58.17 13.25 -81.62
CA LYS C 73 57.11 13.69 -82.52
C LYS C 73 56.69 12.58 -83.48
N VAL C 74 57.65 11.83 -84.03
CA VAL C 74 57.27 10.76 -84.95
C VAL C 74 56.66 9.59 -84.19
N VAL C 75 57.04 9.39 -82.92
CA VAL C 75 56.42 8.34 -82.13
C VAL C 75 54.95 8.68 -81.85
N HIS C 76 54.69 9.93 -81.47
CA HIS C 76 53.32 10.32 -81.14
C HIS C 76 52.46 10.49 -82.39
N LEU C 77 53.04 10.93 -83.50
CA LEU C 77 52.29 11.26 -84.70
C LEU C 77 51.80 10.02 -85.45
N GLY C 78 52.42 8.86 -85.24
CA GLY C 78 52.00 7.66 -85.92
C GLY C 78 53.09 6.99 -86.73
N TRP C 79 54.35 7.21 -86.34
CA TRP C 79 55.50 6.63 -87.02
C TRP C 79 56.31 5.83 -86.01
N PRO C 80 55.94 4.57 -85.77
CA PRO C 80 56.72 3.73 -84.85
C PRO C 80 58.04 3.28 -85.47
N ILE C 81 58.76 2.41 -84.76
CA ILE C 81 60.09 2.00 -85.20
C ILE C 81 60.04 1.31 -86.56
N HIS C 82 58.94 0.60 -86.86
CA HIS C 82 58.81 -0.03 -88.16
C HIS C 82 58.75 1.01 -89.27
N PHE C 83 57.97 2.08 -89.09
CA PHE C 83 57.90 3.14 -90.09
C PHE C 83 59.22 3.89 -90.21
N VAL C 84 59.91 4.11 -89.10
CA VAL C 84 61.21 4.77 -89.16
C VAL C 84 62.21 3.90 -89.90
N THR C 85 62.13 2.58 -89.73
CA THR C 85 63.03 1.69 -90.44
C THR C 85 62.72 1.63 -91.93
N THR C 86 61.43 1.65 -92.29
CA THR C 86 61.08 1.74 -93.71
C THR C 86 61.57 3.07 -94.29
N GLY C 87 61.49 4.14 -93.50
CA GLY C 87 62.05 5.41 -93.93
C GLY C 87 63.54 5.33 -94.16
N LEU C 88 64.27 4.65 -93.28
CA LEU C 88 65.70 4.45 -93.48
C LEU C 88 65.98 3.64 -94.75
N ARG C 89 65.18 2.61 -94.99
CA ARG C 89 65.35 1.78 -96.19
C ARG C 89 65.17 2.61 -97.46
N VAL C 90 64.11 3.41 -97.51
CA VAL C 90 63.88 4.23 -98.69
C VAL C 90 64.89 5.37 -98.76
N PHE C 91 65.38 5.85 -97.62
CA PHE C 91 66.52 6.78 -97.61
C PHE C 91 67.70 6.18 -98.35
N GLY C 92 68.07 4.96 -98.00
CA GLY C 92 69.17 4.30 -98.68
C GLY C 92 68.92 4.11 -100.16
N LEU C 93 67.69 3.70 -100.51
CA LEU C 93 67.33 3.52 -101.93
C LEU C 93 67.54 4.80 -102.72
N LEU C 94 66.95 5.90 -102.25
CA LEU C 94 67.03 7.14 -103.01
C LEU C 94 68.40 7.78 -102.93
N VAL C 95 69.15 7.55 -101.85
CA VAL C 95 70.53 8.01 -101.80
C VAL C 95 71.37 7.29 -102.84
N TYR C 96 71.15 5.98 -103.01
CA TYR C 96 71.87 5.27 -104.06
C TYR C 96 71.46 5.76 -105.45
N THR C 97 70.17 6.03 -105.65
CA THR C 97 69.76 6.59 -106.94
C THR C 97 70.43 7.95 -107.18
N ALA C 98 70.52 8.77 -106.13
CA ALA C 98 71.15 10.08 -106.25
C ALA C 98 72.62 9.97 -106.58
N MET C 99 73.35 9.09 -105.89
CA MET C 99 74.79 9.02 -106.17
C MET C 99 75.07 8.34 -107.50
N ARG C 100 74.13 7.52 -108.00
CA ARG C 100 74.19 7.11 -109.39
C ARG C 100 73.99 8.32 -110.32
N ASP C 101 73.06 9.21 -109.97
CA ASP C 101 72.78 10.37 -110.80
C ASP C 101 73.80 11.48 -110.59
N GLU C 102 73.89 12.00 -109.37
CA GLU C 102 74.72 13.17 -109.11
C GLU C 102 76.20 12.87 -109.32
N ASP C 103 76.70 11.79 -108.71
CA ASP C 103 78.09 11.36 -108.87
C ASP C 103 79.07 12.48 -108.51
N LEU C 104 78.80 13.17 -107.40
CA LEU C 104 79.69 14.21 -106.88
C LEU C 104 79.82 13.99 -105.37
N PHE C 105 80.92 13.35 -104.97
CA PHE C 105 81.09 12.90 -103.59
C PHE C 105 81.89 13.92 -102.79
N LEU C 106 82.24 13.54 -101.55
CA LEU C 106 82.90 14.46 -100.64
C LEU C 106 84.28 14.90 -101.15
N LYS C 107 85.20 13.94 -101.26
CA LYS C 107 86.58 14.27 -101.56
C LYS C 107 86.72 14.72 -103.00
N ARG C 108 87.44 15.83 -103.19
CA ARG C 108 87.65 16.37 -104.53
C ARG C 108 88.66 15.52 -105.28
N GLU C 109 88.24 14.97 -106.42
CA GLU C 109 89.09 14.09 -107.21
C GLU C 109 88.62 14.13 -108.65
N GLU C 110 89.48 13.66 -109.55
CA GLU C 110 89.11 13.60 -110.97
C GLU C 110 87.91 12.69 -111.18
N LYS C 111 87.90 11.54 -110.50
CA LYS C 111 86.78 10.61 -110.55
C LYS C 111 86.42 10.21 -109.11
N PRO C 112 85.20 10.46 -108.66
CA PRO C 112 84.82 10.07 -107.30
C PRO C 112 84.90 8.56 -107.12
N GLU C 113 85.29 8.14 -105.91
CA GLU C 113 85.44 6.74 -105.56
C GLU C 113 84.42 6.35 -104.49
N ASP C 114 84.45 5.08 -104.11
CA ASP C 114 83.48 4.54 -103.17
C ASP C 114 83.74 4.94 -101.72
N ASP C 115 84.90 5.54 -101.43
CA ASP C 115 85.21 5.90 -100.04
C ASP C 115 84.22 6.92 -99.49
N ALA C 116 83.99 8.01 -100.24
CA ALA C 116 83.09 9.05 -99.76
C ALA C 116 81.65 8.56 -99.72
N TYR C 117 81.26 7.74 -100.70
CA TYR C 117 79.91 7.16 -100.68
C TYR C 117 79.71 6.29 -99.46
N TYR C 118 80.73 5.48 -99.11
CA TYR C 118 80.57 4.62 -97.94
C TYR C 118 80.63 5.41 -96.65
N ARG C 119 81.36 6.54 -96.63
CA ARG C 119 81.30 7.40 -95.46
C ARG C 119 79.93 8.05 -95.32
N PHE C 120 79.30 8.42 -96.45
CA PHE C 120 77.91 8.81 -96.45
C PHE C 120 77.04 7.74 -95.81
N GLU C 121 77.21 6.49 -96.24
CA GLU C 121 76.38 5.40 -95.72
C GLU C 121 76.61 5.19 -94.23
N THR C 122 77.87 5.22 -93.78
CA THR C 122 78.16 5.00 -92.37
C THR C 122 77.62 6.13 -91.51
N TRP C 123 77.70 7.37 -91.99
CA TRP C 123 77.14 8.48 -91.23
C TRP C 123 75.61 8.41 -91.20
N LEU C 124 74.98 7.95 -92.27
CA LEU C 124 73.53 7.70 -92.22
C LEU C 124 73.19 6.62 -91.21
N SER C 125 74.00 5.56 -91.15
CA SER C 125 73.78 4.50 -90.16
C SER C 125 73.93 5.03 -88.74
N SER C 126 74.94 5.89 -88.51
CA SER C 126 75.10 6.50 -87.20
C SER C 126 73.92 7.40 -86.85
N MET C 127 73.39 8.11 -87.86
CA MET C 127 72.20 8.91 -87.65
C MET C 127 71.02 8.05 -87.23
N TYR C 128 70.83 6.91 -87.89
CA TYR C 128 69.76 6.01 -87.50
C TYR C 128 70.01 5.43 -86.11
N ASN C 129 71.28 5.20 -85.75
CA ASN C 129 71.61 4.75 -84.40
C ASN C 129 71.17 5.78 -83.37
N LYS C 130 71.47 7.06 -83.61
CA LYS C 130 71.06 8.10 -82.69
C LYS C 130 69.54 8.21 -82.62
N VAL C 131 68.87 8.09 -83.77
CA VAL C 131 67.41 8.20 -83.80
C VAL C 131 66.77 7.08 -82.98
N VAL C 132 67.25 5.84 -83.17
CA VAL C 132 66.68 4.73 -82.42
C VAL C 132 67.07 4.81 -80.94
N THR C 133 68.22 5.40 -80.64
CA THR C 133 68.61 5.60 -79.24
C THR C 133 67.64 6.56 -78.54
N ALA C 134 67.28 7.65 -79.21
CA ALA C 134 66.30 8.57 -78.66
C ALA C 134 64.87 8.09 -78.80
N TYR C 135 64.64 7.04 -79.59
CA TYR C 135 63.30 6.51 -79.79
C TYR C 135 62.68 6.01 -78.49
N ALA C 136 63.30 5.01 -77.87
CA ALA C 136 62.65 4.23 -76.82
C ALA C 136 62.96 4.72 -75.41
N ASP C 137 63.69 5.82 -75.25
CA ASP C 137 64.00 6.31 -73.91
C ASP C 137 62.74 6.68 -73.14
N THR C 138 61.89 7.50 -73.75
CA THR C 138 60.65 7.90 -73.09
C THR C 138 59.72 6.72 -72.88
N TRP C 139 59.72 5.77 -73.83
CA TRP C 139 58.91 4.56 -73.67
C TRP C 139 59.36 3.75 -72.47
N GLU C 140 60.67 3.57 -72.30
CA GLU C 140 61.17 2.86 -71.14
C GLU C 140 60.85 3.60 -69.86
N LYS C 141 60.99 4.93 -69.86
CA LYS C 141 60.68 5.71 -68.66
C LYS C 141 59.21 5.57 -68.26
N THR C 142 58.30 5.66 -69.23
CA THR C 142 56.88 5.55 -68.90
C THR C 142 56.51 4.12 -68.51
N VAL C 143 57.16 3.12 -69.11
CA VAL C 143 56.95 1.74 -68.67
C VAL C 143 57.40 1.56 -67.22
N SER C 144 58.55 2.14 -66.86
CA SER C 144 59.05 2.02 -65.50
C SER C 144 58.11 2.71 -64.50
N ILE C 145 57.65 3.92 -64.83
CA ILE C 145 56.76 4.61 -63.90
C ILE C 145 55.41 3.90 -63.80
N GLN C 146 54.93 3.32 -64.91
CA GLN C 146 53.69 2.55 -64.86
C GLN C 146 53.87 1.30 -64.01
N LYS C 147 55.04 0.66 -64.10
CA LYS C 147 55.31 -0.49 -63.24
C LYS C 147 55.34 -0.09 -61.77
N SER C 148 55.93 1.06 -61.46
CA SER C 148 55.92 1.54 -60.09
C SER C 148 54.50 1.80 -59.61
N ALA C 149 53.68 2.41 -60.47
CA ALA C 149 52.28 2.65 -60.11
C ALA C 149 51.52 1.36 -59.88
N LEU C 150 51.77 0.34 -60.73
CA LEU C 150 51.16 -0.96 -60.51
C LEU C 150 51.63 -1.58 -59.20
N GLN C 151 52.90 -1.38 -58.86
CA GLN C 151 53.42 -1.88 -57.59
C GLN C 151 52.70 -1.23 -56.41
N GLU C 152 52.50 0.09 -56.46
CA GLU C 152 51.85 0.76 -55.34
C GLU C 152 50.35 0.49 -55.32
N LEU C 153 49.73 0.30 -56.49
CA LEU C 153 48.29 0.09 -56.59
C LEU C 153 47.86 -1.35 -56.38
N SER C 154 48.80 -2.26 -56.11
CA SER C 154 48.50 -3.68 -56.05
C SER C 154 47.50 -4.02 -54.94
N ALA C 155 47.89 -3.83 -53.69
CA ALA C 155 47.08 -4.22 -52.54
C ALA C 155 46.99 -3.06 -51.57
N PRO C 156 46.05 -2.15 -51.75
CA PRO C 156 45.90 -1.06 -50.80
C PRO C 156 45.18 -1.51 -49.52
N LEU C 157 45.95 -1.71 -48.45
CA LEU C 157 45.37 -2.01 -47.15
C LEU C 157 44.99 -0.74 -46.39
N LEU C 158 45.27 0.42 -46.97
CA LEU C 158 44.96 1.69 -46.33
C LEU C 158 43.53 1.79 -45.81
N PRO C 159 42.49 1.22 -46.47
CA PRO C 159 41.19 1.18 -45.81
C PRO C 159 41.26 0.49 -44.45
N ILE C 160 41.01 1.24 -43.39
CA ILE C 160 41.16 0.78 -42.02
C ILE C 160 39.94 1.19 -41.22
N PHE C 161 39.29 0.22 -40.60
CA PHE C 161 38.23 0.48 -39.62
C PHE C 161 38.77 0.16 -38.23
N GLU C 162 37.95 0.40 -37.22
CA GLU C 162 38.37 0.16 -35.83
C GLU C 162 38.49 -1.34 -35.61
N LYS C 163 39.73 -1.84 -35.67
CA LYS C 163 40.10 -3.25 -35.52
C LYS C 163 39.64 -4.10 -36.70
N ILE C 164 39.18 -3.49 -37.79
CA ILE C 164 38.85 -4.21 -39.02
C ILE C 164 39.60 -3.56 -40.17
N SER C 165 40.23 -4.38 -41.00
CA SER C 165 40.92 -3.90 -42.19
C SER C 165 40.38 -4.63 -43.41
N VAL C 166 40.18 -3.89 -44.49
CA VAL C 166 39.68 -4.44 -45.75
C VAL C 166 40.70 -4.14 -46.85
N MET C 167 41.02 -5.15 -47.64
CA MET C 167 42.07 -5.08 -48.65
C MET C 167 41.46 -5.38 -50.01
N PRO C 168 41.14 -4.37 -50.80
CA PRO C 168 40.51 -4.61 -52.10
C PRO C 168 41.52 -4.85 -53.21
N LEU C 169 41.50 -6.04 -53.81
CA LEU C 169 42.30 -6.34 -54.99
C LEU C 169 41.34 -6.62 -56.14
N ILE C 170 41.55 -5.93 -57.26
CA ILE C 170 40.57 -5.98 -58.35
C ILE C 170 41.25 -6.38 -59.65
N GLY C 171 42.54 -6.06 -59.78
CA GLY C 171 43.23 -6.37 -61.02
C GLY C 171 43.51 -7.86 -61.16
N THR C 172 43.63 -8.30 -62.41
CA THR C 172 43.95 -9.69 -62.69
C THR C 172 45.37 -9.99 -62.20
N ILE C 173 45.50 -10.96 -61.30
CA ILE C 173 46.74 -11.22 -60.59
C ILE C 173 47.36 -12.51 -61.10
N ASP C 174 48.69 -12.51 -61.20
CA ASP C 174 49.47 -13.70 -61.51
C ASP C 174 50.39 -14.00 -60.33
N THR C 175 51.29 -14.98 -60.51
CA THR C 175 52.09 -15.46 -59.39
C THR C 175 53.00 -14.36 -58.83
N GLU C 176 53.61 -13.56 -59.70
CA GLU C 176 54.43 -12.45 -59.21
C GLU C 176 53.57 -11.41 -58.51
N ARG C 177 52.46 -11.02 -59.13
CA ARG C 177 51.56 -10.08 -58.48
C ARG C 177 50.97 -10.68 -57.22
N ALA C 178 50.72 -12.00 -57.20
CA ALA C 178 50.22 -12.63 -55.99
C ALA C 178 51.24 -12.56 -54.86
N LYS C 179 52.52 -12.76 -55.18
CA LYS C 179 53.56 -12.61 -54.17
C LYS C 179 53.62 -11.17 -53.66
N LEU C 180 53.50 -10.21 -54.57
CA LEU C 180 53.44 -8.81 -54.13
C LEU C 180 52.25 -8.57 -53.21
N ILE C 181 51.09 -9.14 -53.56
CA ILE C 181 49.88 -8.96 -52.76
C ILE C 181 50.08 -9.51 -51.36
N ILE C 182 50.61 -10.74 -51.26
CA ILE C 182 50.74 -11.36 -49.94
C ILE C 182 51.79 -10.63 -49.11
N GLU C 183 52.88 -10.19 -49.75
CA GLU C 183 53.89 -9.42 -49.01
C GLU C 183 53.28 -8.14 -48.46
N ASN C 184 52.54 -7.40 -49.31
CA ASN C 184 51.94 -6.15 -48.86
C ASN C 184 50.93 -6.39 -47.74
N LEU C 185 50.09 -7.42 -47.88
CA LEU C 185 49.12 -7.72 -46.85
C LEU C 185 49.78 -8.06 -45.53
N LEU C 186 50.83 -8.89 -45.58
CA LEU C 186 51.51 -9.28 -44.35
C LEU C 186 52.17 -8.08 -43.68
N ILE C 187 52.91 -7.28 -44.44
CA ILE C 187 53.60 -6.14 -43.83
C ILE C 187 52.59 -5.13 -43.31
N GLY C 188 51.47 -4.94 -44.02
CA GLY C 188 50.46 -4.03 -43.53
C GLY C 188 49.82 -4.50 -42.23
N VAL C 189 49.44 -5.78 -42.18
CA VAL C 189 48.80 -6.28 -40.96
C VAL C 189 49.80 -6.30 -39.81
N VAL C 190 51.10 -6.38 -40.11
CA VAL C 190 52.10 -6.21 -39.06
C VAL C 190 52.16 -4.76 -38.60
N LYS C 191 52.07 -3.82 -39.54
CA LYS C 191 52.27 -2.41 -39.20
C LYS C 191 51.13 -1.88 -38.32
N ASN C 192 49.89 -2.13 -38.72
CA ASN C 192 48.74 -1.58 -38.02
C ASN C 192 47.96 -2.68 -37.31
N ARG C 193 47.25 -2.31 -36.26
CA ARG C 193 46.53 -3.29 -35.46
C ARG C 193 45.20 -3.59 -36.15
N SER C 194 44.91 -4.88 -36.34
CA SER C 194 43.68 -5.27 -37.03
C SER C 194 43.34 -6.69 -36.63
N GLU C 195 42.17 -6.87 -36.00
CA GLU C 195 41.80 -8.20 -35.55
C GLU C 195 41.34 -9.08 -36.70
N VAL C 196 40.71 -8.51 -37.73
CA VAL C 196 40.25 -9.29 -38.87
C VAL C 196 40.72 -8.60 -40.15
N VAL C 197 40.78 -9.38 -41.23
CA VAL C 197 41.17 -8.89 -42.54
C VAL C 197 40.09 -9.30 -43.54
N LEU C 198 39.56 -8.32 -44.27
CA LEU C 198 38.49 -8.53 -45.24
C LEU C 198 39.10 -8.47 -46.63
N ILE C 199 39.47 -9.63 -47.17
CA ILE C 199 40.02 -9.69 -48.51
C ILE C 199 38.86 -9.58 -49.51
N ASP C 200 38.92 -8.56 -50.38
CA ASP C 200 37.88 -8.35 -51.38
C ASP C 200 38.36 -8.97 -52.69
N ILE C 201 38.18 -10.29 -52.79
CA ILE C 201 38.58 -11.02 -53.98
C ILE C 201 37.69 -10.73 -55.17
N THR C 202 36.51 -10.15 -54.94
CA THR C 202 35.62 -9.82 -56.05
C THR C 202 36.31 -8.87 -57.02
N GLY C 203 36.23 -9.16 -58.30
CA GLY C 203 36.86 -8.33 -59.31
C GLY C 203 37.74 -9.11 -60.27
N VAL C 204 38.44 -10.12 -59.76
CA VAL C 204 39.31 -10.93 -60.62
C VAL C 204 38.43 -11.88 -61.41
N PRO C 205 38.44 -11.82 -62.74
CA PRO C 205 37.58 -12.70 -63.53
C PRO C 205 37.93 -14.17 -63.36
N VAL C 206 39.17 -14.52 -63.68
CA VAL C 206 39.64 -15.90 -63.57
C VAL C 206 41.04 -15.88 -62.98
N VAL C 207 41.30 -16.79 -62.04
CA VAL C 207 42.61 -16.96 -61.44
C VAL C 207 43.07 -18.38 -61.66
N ASP C 208 44.35 -18.55 -61.95
CA ASP C 208 44.90 -19.88 -62.18
C ASP C 208 45.05 -20.62 -60.86
N THR C 209 45.51 -21.87 -60.93
CA THR C 209 45.66 -22.67 -59.74
C THR C 209 46.73 -22.12 -58.80
N MET C 210 47.83 -21.61 -59.37
CA MET C 210 48.94 -21.14 -58.55
C MET C 210 48.52 -19.91 -57.75
N VAL C 211 47.76 -19.01 -58.38
CA VAL C 211 47.26 -17.83 -57.70
C VAL C 211 46.32 -18.21 -56.57
N ALA C 212 45.43 -19.18 -56.82
CA ALA C 212 44.53 -19.62 -55.76
C ALA C 212 45.30 -20.22 -54.59
N HIS C 213 46.34 -20.98 -54.89
CA HIS C 213 47.19 -21.53 -53.84
C HIS C 213 47.82 -20.41 -53.01
N HIS C 214 48.35 -19.39 -53.68
CA HIS C 214 48.90 -18.24 -52.97
C HIS C 214 47.86 -17.54 -52.12
N ILE C 215 46.65 -17.38 -52.64
CA ILE C 215 45.60 -16.69 -51.88
C ILE C 215 45.25 -17.48 -50.62
N ILE C 216 45.13 -18.80 -50.74
CA ILE C 216 44.80 -19.62 -49.58
C ILE C 216 45.92 -19.56 -48.55
N GLN C 217 47.17 -19.67 -48.99
CA GLN C 217 48.27 -19.57 -48.03
C GLN C 217 48.35 -18.19 -47.40
N ALA C 218 48.03 -17.14 -48.16
CA ALA C 218 48.02 -15.80 -47.59
C ALA C 218 46.97 -15.68 -46.50
N SER C 219 45.76 -16.21 -46.76
CA SER C 219 44.71 -16.17 -45.74
C SER C 219 45.11 -16.96 -44.51
N GLU C 220 45.68 -18.14 -44.70
CA GLU C 220 46.04 -18.97 -43.55
C GLU C 220 47.20 -18.36 -42.78
N ALA C 221 48.13 -17.70 -43.48
CA ALA C 221 49.22 -17.02 -42.79
C ALA C 221 48.72 -15.81 -42.00
N VAL C 222 47.74 -15.09 -42.55
CA VAL C 222 47.11 -14.01 -41.80
C VAL C 222 46.45 -14.57 -40.53
N ARG C 223 45.82 -15.74 -40.64
CA ARG C 223 45.30 -16.40 -39.46
C ARG C 223 46.43 -16.73 -38.48
N LEU C 224 47.56 -17.21 -39.00
CA LEU C 224 48.68 -17.59 -38.15
C LEU C 224 49.35 -16.40 -37.51
N VAL C 225 49.15 -15.19 -38.04
CA VAL C 225 49.67 -14.00 -37.38
C VAL C 225 48.77 -13.58 -36.23
N GLY C 226 47.50 -14.00 -36.25
CA GLY C 226 46.58 -13.69 -35.17
C GLY C 226 45.41 -12.86 -35.64
N CYS C 227 45.03 -13.03 -36.90
CA CYS C 227 44.02 -12.19 -37.53
C CYS C 227 43.14 -13.06 -38.41
N GLN C 228 41.84 -13.10 -38.12
CA GLN C 228 40.91 -13.85 -38.95
C GLN C 228 40.88 -13.26 -40.35
N ALA C 229 40.97 -14.13 -41.35
CA ALA C 229 41.10 -13.72 -42.75
C ALA C 229 39.81 -14.07 -43.47
N MET C 230 38.91 -13.10 -43.58
CA MET C 230 37.68 -13.29 -44.32
C MET C 230 37.94 -13.22 -45.83
N LEU C 231 37.18 -14.01 -46.57
CA LEU C 231 37.28 -14.04 -48.03
C LEU C 231 35.92 -13.64 -48.59
N VAL C 232 35.85 -12.46 -49.19
CA VAL C 232 34.59 -11.80 -49.49
C VAL C 232 34.27 -11.89 -50.97
N GLY C 233 33.08 -12.39 -51.30
CA GLY C 233 32.55 -12.30 -52.64
C GLY C 233 33.34 -13.04 -53.70
N ILE C 234 33.72 -14.28 -53.43
CA ILE C 234 34.44 -15.08 -54.40
C ILE C 234 33.51 -15.48 -55.54
N ARG C 235 33.95 -15.25 -56.77
CA ARG C 235 33.11 -15.53 -57.93
C ARG C 235 33.00 -17.03 -58.17
N PRO C 236 31.92 -17.49 -58.83
CA PRO C 236 31.72 -18.94 -58.98
C PRO C 236 32.86 -19.67 -59.65
N GLU C 237 33.46 -19.08 -60.70
N GLU C 237 33.46 -19.09 -60.70
CA GLU C 237 34.58 -19.73 -61.37
CA GLU C 237 34.58 -19.75 -61.37
C GLU C 237 35.78 -19.85 -60.45
C GLU C 237 35.78 -19.86 -60.44
N ILE C 238 36.05 -18.81 -59.66
CA ILE C 238 37.14 -18.88 -58.70
C ILE C 238 36.87 -19.97 -57.68
N ALA C 239 35.64 -20.07 -57.20
CA ALA C 239 35.29 -21.10 -56.23
C ALA C 239 35.47 -22.49 -56.80
N GLN C 240 35.03 -22.71 -58.04
CA GLN C 240 35.16 -24.04 -58.61
C GLN C 240 36.62 -24.38 -58.88
N THR C 241 37.42 -23.40 -59.29
CA THR C 241 38.85 -23.64 -59.44
C THR C 241 39.50 -23.99 -58.11
N ILE C 242 39.14 -23.27 -57.05
CA ILE C 242 39.74 -23.52 -55.74
C ILE C 242 39.37 -24.90 -55.23
N VAL C 243 38.11 -25.31 -55.40
CA VAL C 243 37.72 -26.64 -54.94
C VAL C 243 38.35 -27.71 -55.81
N ASN C 244 38.56 -27.43 -57.11
CA ASN C 244 39.28 -28.37 -57.96
C ASN C 244 40.74 -28.47 -57.60
N LEU C 245 41.30 -27.46 -56.91
CA LEU C 245 42.66 -27.56 -56.40
C LEU C 245 42.82 -28.76 -55.47
N GLY C 246 41.79 -29.08 -54.69
CA GLY C 246 41.84 -30.20 -53.80
C GLY C 246 42.47 -29.93 -52.45
N ILE C 247 42.93 -28.71 -52.20
CA ILE C 247 43.49 -28.35 -50.90
C ILE C 247 42.34 -28.17 -49.92
N GLU C 248 42.65 -28.09 -48.63
CA GLU C 248 41.62 -27.97 -47.62
C GLU C 248 40.97 -26.58 -47.65
N LEU C 249 39.65 -26.56 -47.60
CA LEU C 249 38.86 -25.34 -47.59
C LEU C 249 37.84 -25.36 -46.46
N ASP C 250 38.30 -25.70 -45.25
CA ASP C 250 37.40 -25.79 -44.10
C ASP C 250 37.76 -24.83 -42.97
N GLN C 251 38.79 -24.00 -43.13
CA GLN C 251 39.23 -23.12 -42.07
C GLN C 251 38.96 -21.65 -42.35
N ILE C 252 38.67 -21.27 -43.59
CA ILE C 252 38.48 -19.86 -43.95
C ILE C 252 36.98 -19.56 -44.00
N ILE C 253 36.61 -18.39 -43.49
CA ILE C 253 35.23 -17.96 -43.46
C ILE C 253 34.97 -17.09 -44.68
N THR C 254 33.91 -17.39 -45.42
CA THR C 254 33.58 -16.72 -46.66
C THR C 254 32.23 -16.03 -46.55
N THR C 255 32.02 -15.03 -47.41
CA THR C 255 30.79 -14.25 -47.40
C THR C 255 30.34 -13.99 -48.84
N ASN C 256 29.04 -13.73 -48.99
CA ASN C 256 28.50 -13.46 -50.31
C ASN C 256 28.92 -12.08 -50.82
N THR C 257 28.87 -11.08 -49.95
CA THR C 257 29.14 -9.70 -50.35
C THR C 257 29.89 -8.99 -49.25
N MET C 258 30.31 -7.75 -49.55
CA MET C 258 31.09 -6.97 -48.61
C MET C 258 30.31 -6.66 -47.35
N LYS C 259 29.02 -6.34 -47.47
CA LYS C 259 28.23 -6.00 -46.29
C LYS C 259 28.14 -7.18 -45.34
N LYS C 260 27.90 -8.38 -45.87
CA LYS C 260 27.85 -9.56 -45.02
C LYS C 260 29.20 -9.84 -44.38
N GLY C 261 30.28 -9.65 -45.14
CA GLY C 261 31.61 -9.80 -44.55
C GLY C 261 31.83 -8.86 -43.39
N MET C 262 31.46 -7.59 -43.56
CA MET C 262 31.66 -6.61 -42.51
C MET C 262 30.81 -6.92 -41.29
N GLU C 263 29.55 -7.33 -41.50
CA GLU C 263 28.69 -7.61 -40.36
C GLU C 263 29.15 -8.84 -39.60
N ARG C 264 29.62 -9.88 -40.30
CA ARG C 264 30.16 -11.02 -39.58
C ARG C 264 31.48 -10.68 -38.89
N ALA C 265 32.29 -9.82 -39.49
CA ALA C 265 33.51 -9.38 -38.82
C ALA C 265 33.18 -8.65 -37.53
N LEU C 266 32.17 -7.78 -37.55
CA LEU C 266 31.70 -7.15 -36.33
C LEU C 266 31.11 -8.17 -35.37
N ALA C 267 30.57 -9.27 -35.90
CA ALA C 267 30.06 -10.32 -35.02
C ALA C 267 31.17 -11.01 -34.26
N LEU C 268 32.31 -11.28 -34.92
CA LEU C 268 33.44 -11.89 -34.22
C LEU C 268 33.94 -11.01 -33.08
N THR C 269 34.07 -9.71 -33.33
CA THR C 269 34.37 -8.74 -32.27
C THR C 269 33.04 -8.13 -31.84
N ASN C 270 32.28 -8.92 -31.06
CA ASN C 270 30.87 -8.62 -30.82
C ASN C 270 30.67 -7.23 -30.25
N ARG C 271 31.57 -6.78 -29.37
CA ARG C 271 31.42 -5.47 -28.76
C ARG C 271 31.58 -4.34 -29.78
N GLU C 272 32.20 -4.60 -30.92
CA GLU C 272 32.40 -3.60 -31.96
C GLU C 272 31.20 -3.52 -32.91
N ILE C 273 30.04 -4.03 -32.50
CA ILE C 273 28.85 -3.93 -33.34
C ILE C 273 28.41 -2.48 -33.48
N VAL C 274 28.63 -1.67 -32.44
CA VAL C 274 28.25 -0.26 -32.49
C VAL C 274 29.40 0.57 -33.04
N MET D 1 66.49 -12.57 -106.38
CA MET D 1 66.85 -13.98 -106.29
C MET D 1 67.38 -14.27 -104.90
N TYR D 2 67.12 -15.50 -104.41
CA TYR D 2 67.47 -15.88 -103.05
C TYR D 2 68.44 -17.05 -102.95
N LYS D 3 68.52 -17.91 -103.96
CA LYS D 3 69.29 -19.15 -103.83
C LYS D 3 70.79 -18.88 -103.84
N ASP D 4 71.29 -18.26 -104.91
CA ASP D 4 72.71 -17.89 -104.95
C ASP D 4 73.05 -16.87 -103.87
N PHE D 5 72.06 -16.09 -103.43
CA PHE D 5 72.28 -15.23 -102.28
C PHE D 5 72.63 -16.06 -101.05
N ALA D 6 71.94 -17.18 -100.85
CA ALA D 6 72.31 -18.10 -99.77
C ALA D 6 73.65 -18.77 -100.04
N ASN D 7 73.94 -19.09 -101.30
CA ASN D 7 75.22 -19.70 -101.64
C ASN D 7 76.38 -18.79 -101.27
N PHE D 8 76.19 -17.47 -101.36
CA PHE D 8 77.21 -16.53 -100.92
C PHE D 8 77.08 -16.18 -99.44
N ILE D 9 75.89 -16.34 -98.86
CA ILE D 9 75.73 -16.28 -97.41
C ILE D 9 76.51 -17.40 -96.74
N ARG D 10 76.79 -18.49 -97.46
CA ARG D 10 77.60 -19.57 -96.89
C ARG D 10 78.98 -19.09 -96.46
N THR D 11 79.47 -17.97 -97.01
CA THR D 11 80.67 -17.30 -96.51
C THR D 11 80.37 -16.00 -95.80
N ASN D 12 79.26 -15.33 -96.13
CA ASN D 12 78.83 -14.19 -95.35
C ASN D 12 78.60 -14.55 -93.88
N LYS D 13 78.31 -15.82 -93.58
CA LYS D 13 78.14 -16.23 -92.20
C LYS D 13 79.45 -16.13 -91.42
N LYS D 14 80.55 -16.60 -92.02
CA LYS D 14 81.86 -16.43 -91.39
C LYS D 14 82.22 -14.95 -91.31
N ASP D 15 81.90 -14.19 -92.37
CA ASP D 15 82.14 -12.76 -92.33
C ASP D 15 81.39 -12.11 -91.16
N LEU D 16 80.14 -12.51 -90.93
CA LEU D 16 79.35 -11.94 -89.86
C LEU D 16 79.80 -12.45 -88.49
N LEU D 17 80.38 -13.64 -88.42
CA LEU D 17 80.97 -14.10 -87.16
C LEU D 17 82.17 -13.22 -86.79
N ASN D 18 83.04 -12.95 -87.76
CA ASN D 18 84.12 -12.00 -87.53
C ASN D 18 83.55 -10.62 -87.17
N ASN D 19 82.43 -10.26 -87.80
CA ASN D 19 81.76 -9.01 -87.47
C ASN D 19 81.29 -8.98 -86.03
N TRP D 20 80.72 -10.08 -85.54
CA TRP D 20 80.29 -10.17 -84.16
C TRP D 20 81.48 -10.00 -83.23
N MET D 21 82.57 -10.70 -83.52
CA MET D 21 83.75 -10.62 -82.66
C MET D 21 84.33 -9.21 -82.63
N ASN D 22 84.30 -8.52 -83.78
CA ASN D 22 84.78 -7.14 -83.82
C ASN D 22 83.83 -6.19 -83.12
N GLU D 23 82.51 -6.36 -83.32
CA GLU D 23 81.53 -5.43 -82.79
C GLU D 23 81.38 -5.52 -81.28
N MET D 24 81.49 -6.73 -80.71
CA MET D 24 81.07 -6.93 -79.34
C MET D 24 81.90 -6.13 -78.34
N GLU D 25 83.06 -5.62 -78.76
CA GLU D 25 83.93 -4.87 -77.86
C GLU D 25 83.27 -3.58 -77.38
N LYS D 26 82.44 -2.95 -78.21
CA LYS D 26 81.98 -1.60 -77.92
C LYS D 26 80.86 -1.57 -76.88
N GLN D 27 79.95 -2.54 -76.90
CA GLN D 27 78.70 -2.46 -76.14
C GLN D 27 78.55 -3.67 -75.22
N SER D 28 78.62 -3.42 -73.91
CA SER D 28 78.20 -4.35 -72.86
C SER D 28 78.75 -5.76 -73.08
N ASP D 29 80.08 -5.85 -73.24
CA ASP D 29 80.71 -7.16 -73.41
C ASP D 29 80.52 -8.06 -72.19
N PRO D 30 80.78 -7.62 -70.94
CA PRO D 30 80.60 -8.54 -69.81
C PRO D 30 79.17 -9.04 -69.65
N LEU D 31 78.17 -8.20 -69.90
CA LEU D 31 76.79 -8.61 -69.67
C LEU D 31 76.38 -9.75 -70.58
N ILE D 32 76.59 -9.59 -71.89
CA ILE D 32 76.22 -10.62 -72.84
C ILE D 32 77.12 -11.84 -72.67
N ASN D 33 78.40 -11.62 -72.40
CA ASN D 33 79.31 -12.73 -72.13
C ASN D 33 78.82 -13.56 -70.93
N ASP D 34 78.24 -12.89 -69.93
CA ASP D 34 77.73 -13.61 -68.76
C ASP D 34 76.45 -14.37 -69.10
N ILE D 35 75.52 -13.74 -69.82
CA ILE D 35 74.21 -14.37 -69.99
C ILE D 35 74.23 -15.40 -71.12
N ALA D 36 74.95 -15.12 -72.21
CA ALA D 36 74.95 -15.99 -73.38
C ALA D 36 76.38 -16.25 -73.83
N LYS D 37 76.72 -17.54 -74.01
CA LYS D 37 78.05 -17.88 -74.47
C LYS D 37 78.20 -17.61 -75.96
N GLU D 38 79.45 -17.42 -76.39
CA GLU D 38 79.73 -17.03 -77.77
C GLU D 38 79.27 -18.06 -78.79
N PRO D 39 79.58 -19.37 -78.66
CA PRO D 39 79.16 -20.31 -79.72
C PRO D 39 77.66 -20.39 -79.94
N MET D 40 76.85 -20.37 -78.87
CA MET D 40 75.40 -20.40 -79.04
C MET D 40 74.89 -19.15 -79.76
N TYR D 41 75.38 -17.97 -79.37
CA TYR D 41 74.98 -16.74 -80.04
C TYR D 41 75.39 -16.78 -81.51
N GLU D 42 76.58 -17.30 -81.80
CA GLU D 42 77.05 -17.35 -83.18
C GLU D 42 76.18 -18.29 -84.00
N GLU D 43 75.83 -19.46 -83.45
CA GLU D 43 75.00 -20.40 -84.21
C GLU D 43 73.59 -19.85 -84.40
N THR D 44 73.05 -19.15 -83.39
CA THR D 44 71.76 -18.50 -83.56
C THR D 44 71.83 -17.44 -84.66
N SER D 45 72.89 -16.65 -84.69
CA SER D 45 73.03 -15.61 -85.71
C SER D 45 73.16 -16.21 -87.11
N ILE D 46 73.95 -17.28 -87.26
CA ILE D 46 74.10 -17.88 -88.58
C ILE D 46 72.80 -18.55 -89.01
N GLU D 47 72.05 -19.12 -88.07
CA GLU D 47 70.72 -19.65 -88.40
C GLU D 47 69.79 -18.53 -88.86
N PHE D 48 69.89 -17.36 -88.22
CA PHE D 48 69.04 -16.23 -88.58
C PHE D 48 69.42 -15.63 -89.92
N VAL D 49 70.70 -15.69 -90.29
CA VAL D 49 71.14 -15.06 -91.54
C VAL D 49 71.22 -16.00 -92.73
N ASP D 50 71.19 -17.32 -92.52
CA ASP D 50 71.39 -18.25 -93.63
C ASP D 50 70.10 -18.78 -94.22
N LEU D 51 69.04 -18.92 -93.42
CA LEU D 51 67.78 -19.47 -93.91
C LEU D 51 66.77 -18.39 -94.29
N ILE D 52 67.18 -17.11 -94.27
CA ILE D 52 66.29 -16.04 -94.71
C ILE D 52 66.01 -16.16 -96.20
N VAL D 53 66.98 -16.60 -96.99
CA VAL D 53 66.85 -16.63 -98.44
C VAL D 53 66.89 -18.07 -98.94
N SER D 54 66.52 -19.02 -98.09
CA SER D 54 66.43 -20.41 -98.53
C SER D 54 65.14 -20.70 -99.28
N ASN D 55 64.15 -19.82 -99.19
CA ASN D 55 62.91 -19.98 -99.93
C ASN D 55 63.10 -19.56 -101.39
N ILE D 56 62.10 -19.83 -102.22
CA ILE D 56 62.22 -19.60 -103.66
C ILE D 56 61.76 -18.17 -103.92
N THR D 57 62.67 -17.22 -103.65
CA THR D 57 62.66 -15.89 -104.24
C THR D 57 61.47 -15.03 -103.80
N GLU D 58 60.50 -15.61 -103.09
CA GLU D 58 59.26 -14.90 -102.80
C GLU D 58 59.07 -14.60 -101.33
N ASN D 59 58.99 -15.61 -100.47
CA ASN D 59 58.72 -15.41 -99.05
C ASN D 59 58.76 -16.77 -98.36
N GLY D 60 58.68 -16.73 -97.03
CA GLY D 60 58.54 -17.93 -96.22
C GLY D 60 57.85 -17.65 -94.90
N SER D 61 56.78 -18.38 -94.60
CA SER D 61 56.05 -18.17 -93.35
C SER D 61 56.80 -18.75 -92.17
N LYS D 62 57.39 -19.94 -92.33
CA LYS D 62 58.10 -20.58 -91.23
C LYS D 62 59.26 -19.72 -90.74
N PHE D 63 60.06 -19.19 -91.67
CA PHE D 63 61.16 -18.34 -91.24
C PHE D 63 60.67 -16.97 -90.78
N ASN D 64 59.51 -16.52 -91.23
CA ASN D 64 58.94 -15.31 -90.66
C ASN D 64 58.62 -15.50 -89.17
N GLU D 65 58.02 -16.65 -88.84
CA GLU D 65 57.76 -16.95 -87.43
C GLU D 65 59.06 -17.12 -86.66
N LYS D 66 60.07 -17.76 -87.28
CA LYS D 66 61.36 -17.92 -86.61
C LYS D 66 62.03 -16.56 -86.39
N LEU D 67 61.87 -15.63 -87.32
CA LEU D 67 62.41 -14.29 -87.15
C LEU D 67 61.70 -13.54 -86.04
N ASP D 68 60.38 -13.71 -85.93
CA ASP D 68 59.66 -13.14 -84.80
C ASP D 68 60.15 -13.71 -83.48
N ASP D 69 60.39 -15.03 -83.45
CA ASP D 69 60.93 -15.66 -82.25
C ASP D 69 62.33 -15.13 -81.93
N PHE D 70 63.16 -14.92 -82.95
CA PHE D 70 64.48 -14.34 -82.73
C PHE D 70 64.37 -12.93 -82.18
N ALA D 71 63.43 -12.14 -82.70
CA ALA D 71 63.24 -10.78 -82.20
C ALA D 71 62.82 -10.78 -80.74
N GLU D 72 61.87 -11.66 -80.38
CA GLU D 72 61.47 -11.71 -78.97
C GLU D 72 62.58 -12.25 -78.10
N LYS D 73 63.40 -13.18 -78.61
CA LYS D 73 64.53 -13.69 -77.85
C LYS D 73 65.56 -12.60 -77.57
N VAL D 74 65.86 -11.77 -78.57
CA VAL D 74 66.82 -10.70 -78.33
C VAL D 74 66.20 -9.57 -77.52
N VAL D 75 64.88 -9.44 -77.51
CA VAL D 75 64.22 -8.50 -76.60
C VAL D 75 64.40 -8.97 -75.17
N HIS D 76 64.14 -10.26 -74.91
CA HIS D 76 64.28 -10.80 -73.56
C HIS D 76 65.74 -10.84 -73.11
N LEU D 77 66.67 -11.07 -74.04
CA LEU D 77 68.07 -11.21 -73.70
C LEU D 77 68.74 -9.88 -73.40
N GLY D 78 68.13 -8.76 -73.79
CA GLY D 78 68.71 -7.46 -73.53
C GLY D 78 69.30 -6.79 -74.75
N TRP D 79 68.60 -6.85 -75.88
CA TRP D 79 69.01 -6.21 -77.12
C TRP D 79 67.88 -5.34 -77.63
N PRO D 80 67.77 -4.11 -77.11
CA PRO D 80 66.73 -3.19 -77.62
C PRO D 80 67.08 -2.65 -79.00
N ILE D 81 66.29 -1.69 -79.49
CA ILE D 81 66.41 -1.23 -80.87
C ILE D 81 67.78 -0.61 -81.13
N HIS D 82 68.36 0.08 -80.14
CA HIS D 82 69.67 0.70 -80.34
C HIS D 82 70.74 -0.36 -80.58
N PHE D 83 70.72 -1.44 -79.81
CA PHE D 83 71.72 -2.49 -79.98
C PHE D 83 71.55 -3.21 -81.33
N VAL D 84 70.30 -3.44 -81.73
CA VAL D 84 70.05 -4.08 -83.02
C VAL D 84 70.50 -3.15 -84.15
N THR D 85 70.34 -1.84 -83.98
CA THR D 85 70.79 -0.91 -85.00
C THR D 85 72.32 -0.87 -85.09
N THR D 86 73.00 -0.94 -83.94
CA THR D 86 74.46 -1.06 -83.97
C THR D 86 74.87 -2.35 -84.66
N GLY D 87 74.15 -3.43 -84.40
CA GLY D 87 74.40 -4.68 -85.11
C GLY D 87 74.22 -4.55 -86.61
N LEU D 88 73.18 -3.82 -87.04
CA LEU D 88 72.98 -3.58 -88.46
C LEU D 88 74.13 -2.76 -89.05
N ARG D 89 74.60 -1.76 -88.31
CA ARG D 89 75.70 -0.92 -88.79
C ARG D 89 76.97 -1.76 -88.99
N VAL D 90 77.28 -2.61 -88.01
CA VAL D 90 78.48 -3.44 -88.17
C VAL D 90 78.26 -4.52 -89.23
N PHE D 91 77.01 -4.98 -89.40
CA PHE D 91 76.68 -5.85 -90.52
C PHE D 91 77.06 -5.20 -91.83
N GLY D 92 76.63 -3.96 -92.03
CA GLY D 92 76.98 -3.24 -93.25
C GLY D 92 78.48 -3.05 -93.40
N LEU D 93 79.15 -2.71 -92.30
CA LEU D 93 80.61 -2.52 -92.36
C LEU D 93 81.31 -3.78 -92.85
N LEU D 94 81.02 -4.91 -92.23
CA LEU D 94 81.73 -6.14 -92.61
C LEU D 94 81.24 -6.71 -93.93
N VAL D 95 80.00 -6.43 -94.33
CA VAL D 95 79.55 -6.81 -95.67
C VAL D 95 80.33 -6.03 -96.73
N TYR D 96 80.53 -4.73 -96.50
CA TYR D 96 81.34 -3.93 -97.41
C TYR D 96 82.78 -4.47 -97.47
N THR D 97 83.36 -4.79 -96.31
CA THR D 97 84.72 -5.32 -96.31
C THR D 97 84.80 -6.66 -97.03
N ALA D 98 83.80 -7.53 -96.82
CA ALA D 98 83.80 -8.83 -97.50
C ALA D 98 83.69 -8.67 -99.01
N MET D 99 82.77 -7.82 -99.47
CA MET D 99 82.65 -7.61 -100.91
C MET D 99 83.89 -6.94 -101.49
N ARG D 100 84.63 -6.17 -100.68
CA ARG D 100 85.96 -5.75 -101.09
C ARG D 100 86.89 -6.94 -101.24
N ASP D 101 86.81 -7.89 -100.30
CA ASP D 101 87.74 -9.03 -100.28
C ASP D 101 87.21 -10.23 -101.06
N GLU D 102 86.04 -10.73 -100.68
CA GLU D 102 85.53 -11.97 -101.29
C GLU D 102 85.27 -11.79 -102.77
N ASP D 103 84.52 -10.75 -103.15
CA ASP D 103 84.28 -10.40 -104.55
C ASP D 103 83.73 -11.58 -105.34
N LEU D 104 82.71 -12.24 -104.78
CA LEU D 104 82.01 -13.35 -105.42
C LEU D 104 80.53 -12.98 -105.44
N PHE D 105 80.10 -12.28 -106.48
CA PHE D 105 78.79 -11.67 -106.52
C PHE D 105 77.76 -12.65 -107.07
N LEU D 106 76.54 -12.16 -107.33
CA LEU D 106 75.41 -13.04 -107.60
C LEU D 106 75.46 -13.64 -109.00
N LYS D 107 75.39 -12.80 -110.02
CA LYS D 107 75.35 -13.27 -111.40
C LYS D 107 76.76 -13.55 -111.93
N ARG D 108 76.85 -14.54 -112.81
CA ARG D 108 78.14 -14.93 -113.37
C ARG D 108 78.61 -13.86 -114.34
N GLU D 109 79.75 -13.24 -114.02
CA GLU D 109 80.30 -12.16 -114.83
C GLU D 109 81.75 -11.94 -114.44
N GLU D 110 82.56 -11.56 -115.43
CA GLU D 110 83.96 -11.25 -115.16
C GLU D 110 84.12 -9.99 -114.32
N LYS D 111 83.11 -9.13 -114.29
CA LYS D 111 83.13 -7.91 -113.48
C LYS D 111 81.70 -7.43 -113.22
N PRO D 112 81.05 -7.94 -112.19
CA PRO D 112 79.67 -7.50 -111.90
C PRO D 112 79.64 -6.03 -111.51
N GLU D 113 78.42 -5.50 -111.43
CA GLU D 113 78.19 -4.07 -111.32
C GLU D 113 77.33 -3.76 -110.08
N ASP D 114 76.88 -2.51 -110.01
CA ASP D 114 76.21 -1.98 -108.82
C ASP D 114 74.87 -2.64 -108.52
N ASP D 115 74.30 -3.38 -109.48
CA ASP D 115 72.97 -3.96 -109.30
C ASP D 115 72.91 -4.84 -108.06
N ALA D 116 73.64 -5.97 -108.07
CA ALA D 116 73.69 -6.81 -106.89
C ALA D 116 74.45 -6.13 -105.76
N TYR D 117 75.43 -5.29 -106.11
CA TYR D 117 76.22 -4.57 -105.11
C TYR D 117 75.35 -3.77 -104.16
N TYR D 118 74.19 -3.28 -104.62
CA TYR D 118 73.26 -2.63 -103.71
C TYR D 118 72.00 -3.44 -103.43
N ARG D 119 71.71 -4.46 -104.25
CA ARG D 119 70.65 -5.39 -103.88
C ARG D 119 70.97 -6.09 -102.56
N PHE D 120 72.26 -6.35 -102.31
CA PHE D 120 72.66 -6.87 -101.01
C PHE D 120 72.20 -5.94 -99.88
N GLU D 121 72.51 -4.65 -100.00
CA GLU D 121 72.14 -3.71 -98.95
C GLU D 121 70.64 -3.56 -98.83
N THR D 122 69.92 -3.57 -99.95
CA THR D 122 68.46 -3.47 -99.90
C THR D 122 67.85 -4.66 -99.18
N TRP D 123 68.34 -5.86 -99.45
CA TRP D 123 67.79 -7.04 -98.79
C TRP D 123 68.19 -7.08 -97.31
N LEU D 124 69.38 -6.58 -96.98
CA LEU D 124 69.75 -6.42 -95.58
C LEU D 124 68.81 -5.44 -94.89
N SER D 125 68.45 -4.34 -95.56
CA SER D 125 67.49 -3.41 -95.00
C SER D 125 66.13 -4.06 -94.82
N SER D 126 65.72 -4.92 -95.75
CA SER D 126 64.44 -5.60 -95.64
C SER D 126 64.42 -6.54 -94.43
N MET D 127 65.49 -7.32 -94.25
CA MET D 127 65.53 -8.23 -93.10
C MET D 127 65.58 -7.45 -91.79
N TYR D 128 66.31 -6.33 -91.76
CA TYR D 128 66.30 -5.49 -90.57
C TYR D 128 64.91 -4.91 -90.31
N ASN D 129 64.20 -4.53 -91.37
CA ASN D 129 62.83 -4.04 -91.22
C ASN D 129 61.93 -5.10 -90.62
N LYS D 130 62.05 -6.34 -91.10
CA LYS D 130 61.24 -7.42 -90.54
C LYS D 130 61.56 -7.62 -89.06
N VAL D 131 62.86 -7.60 -88.71
CA VAL D 131 63.25 -7.80 -87.32
C VAL D 131 62.67 -6.70 -86.43
N VAL D 132 62.80 -5.44 -86.85
CA VAL D 132 62.31 -4.36 -86.02
C VAL D 132 60.79 -4.34 -85.96
N THR D 133 60.11 -4.78 -87.03
CA THR D 133 58.66 -4.88 -86.99
C THR D 133 58.22 -5.94 -85.98
N ALA D 134 58.91 -7.08 -85.95
CA ALA D 134 58.61 -8.09 -84.94
C ALA D 134 59.04 -7.66 -83.55
N TYR D 135 59.95 -6.69 -83.45
CA TYR D 135 60.47 -6.26 -82.15
C TYR D 135 59.38 -5.68 -81.26
N ALA D 136 58.51 -4.84 -81.82
CA ALA D 136 57.61 -4.00 -81.02
C ALA D 136 56.28 -4.66 -80.67
N ASP D 137 56.00 -5.86 -81.18
CA ASP D 137 54.68 -6.46 -80.99
C ASP D 137 54.40 -6.70 -79.51
N THR D 138 55.20 -7.53 -78.86
CA THR D 138 54.97 -7.84 -77.45
C THR D 138 55.11 -6.61 -76.57
N TRP D 139 56.01 -5.69 -76.94
CA TRP D 139 56.17 -4.46 -76.15
C TRP D 139 54.89 -3.64 -76.16
N GLU D 140 54.31 -3.44 -77.35
CA GLU D 140 53.05 -2.69 -77.43
C GLU D 140 51.92 -3.43 -76.73
N LYS D 141 51.89 -4.77 -76.85
CA LYS D 141 50.84 -5.54 -76.21
C LYS D 141 50.90 -5.40 -74.69
N THR D 142 52.10 -5.52 -74.11
CA THR D 142 52.22 -5.42 -72.66
C THR D 142 51.99 -3.99 -72.19
N VAL D 143 52.38 -2.99 -72.99
CA VAL D 143 52.06 -1.61 -72.63
C VAL D 143 50.55 -1.40 -72.62
N SER D 144 49.85 -1.96 -73.61
CA SER D 144 48.40 -1.82 -73.66
C SER D 144 47.73 -2.50 -72.46
N ILE D 145 48.16 -3.71 -72.12
CA ILE D 145 47.52 -4.40 -71.00
C ILE D 145 47.84 -3.71 -69.68
N GLN D 146 49.06 -3.17 -69.54
CA GLN D 146 49.40 -2.41 -68.35
C GLN D 146 48.56 -1.14 -68.26
N LYS D 147 48.34 -0.48 -69.39
CA LYS D 147 47.49 0.71 -69.40
C LYS D 147 46.06 0.35 -69.00
N SER D 148 45.55 -0.78 -69.50
CA SER D 148 44.21 -1.21 -69.12
C SER D 148 44.13 -1.51 -67.63
N ALA D 149 45.15 -2.16 -67.08
CA ALA D 149 45.15 -2.46 -65.64
C ALA D 149 45.19 -1.18 -64.81
N LEU D 150 46.01 -0.21 -65.22
CA LEU D 150 46.06 1.07 -64.52
C LEU D 150 44.72 1.80 -64.62
N GLN D 151 44.08 1.73 -65.78
CA GLN D 151 42.76 2.34 -65.95
C GLN D 151 41.73 1.70 -65.03
N GLU D 152 41.78 0.37 -64.90
CA GLU D 152 40.78 -0.34 -64.12
C GLU D 152 41.00 -0.13 -62.62
N LEU D 153 42.25 -0.12 -62.17
CA LEU D 153 42.56 -0.10 -60.75
C LEU D 153 42.49 1.28 -60.12
N SER D 154 42.35 2.34 -60.93
CA SER D 154 42.48 3.70 -60.40
C SER D 154 41.35 4.05 -59.44
N ALA D 155 40.12 3.67 -59.76
CA ALA D 155 38.94 4.10 -59.01
C ALA D 155 38.11 2.90 -58.59
N PRO D 156 38.57 2.14 -57.59
CA PRO D 156 37.79 1.02 -57.09
C PRO D 156 36.75 1.48 -56.07
N LEU D 157 35.49 1.48 -56.48
CA LEU D 157 34.38 1.71 -55.55
C LEU D 157 33.92 0.42 -54.89
N LEU D 158 34.57 -0.70 -55.21
CA LEU D 158 34.16 -2.00 -54.68
C LEU D 158 34.01 -2.02 -53.17
N PRO D 159 34.89 -1.37 -52.38
CA PRO D 159 34.61 -1.28 -50.94
C PRO D 159 33.23 -0.68 -50.70
N ILE D 160 32.34 -1.48 -50.12
CA ILE D 160 30.95 -1.12 -49.92
C ILE D 160 30.58 -1.45 -48.47
N PHE D 161 29.82 -0.56 -47.85
CA PHE D 161 29.26 -0.80 -46.52
C PHE D 161 27.75 -0.58 -46.61
N GLU D 162 27.05 -1.01 -45.56
CA GLU D 162 25.60 -0.86 -45.50
C GLU D 162 25.23 0.62 -45.53
N LYS D 163 24.71 1.07 -46.68
CA LYS D 163 24.40 2.47 -46.99
C LYS D 163 25.64 3.36 -47.00
N ILE D 164 26.84 2.79 -47.12
CA ILE D 164 28.08 3.56 -47.22
C ILE D 164 28.90 3.01 -48.38
N SER D 165 29.48 3.89 -49.18
CA SER D 165 30.28 3.51 -50.33
C SER D 165 31.61 4.26 -50.29
N VAL D 166 32.60 3.67 -49.64
CA VAL D 166 33.93 4.26 -49.55
C VAL D 166 34.70 3.96 -50.83
N MET D 167 35.42 4.97 -51.32
CA MET D 167 36.18 4.86 -52.58
C MET D 167 37.64 5.17 -52.30
N PRO D 168 38.48 4.15 -52.09
CA PRO D 168 39.90 4.41 -51.79
C PRO D 168 40.70 4.61 -53.07
N LEU D 169 41.38 5.75 -53.15
CA LEU D 169 42.36 6.02 -54.20
C LEU D 169 43.71 6.30 -53.55
N ILE D 170 44.76 5.69 -54.07
CA ILE D 170 46.10 5.84 -53.52
C ILE D 170 47.09 6.37 -54.55
N GLY D 171 47.03 5.88 -55.79
CA GLY D 171 48.02 6.25 -56.77
C GLY D 171 47.97 7.71 -57.15
N THR D 172 49.10 8.19 -57.69
CA THR D 172 49.20 9.58 -58.13
C THR D 172 48.24 9.83 -59.27
N ILE D 173 47.54 10.96 -59.22
CA ILE D 173 46.47 11.28 -60.16
C ILE D 173 46.87 12.46 -61.02
N ASP D 174 46.56 12.38 -62.30
CA ASP D 174 46.73 13.47 -63.26
C ASP D 174 45.39 13.72 -63.96
N THR D 175 45.42 14.54 -65.00
CA THR D 175 44.17 14.98 -65.64
C THR D 175 43.35 13.80 -66.15
N GLU D 176 43.98 12.91 -66.92
CA GLU D 176 43.26 11.74 -67.42
C GLU D 176 42.79 10.85 -66.28
N ARG D 177 43.65 10.64 -65.28
CA ARG D 177 43.25 9.85 -64.13
C ARG D 177 42.15 10.55 -63.33
N ALA D 178 42.18 11.88 -63.25
CA ALA D 178 41.11 12.59 -62.56
C ALA D 178 39.78 12.42 -63.28
N LYS D 179 39.79 12.48 -64.62
CA LYS D 179 38.57 12.22 -65.38
C LYS D 179 38.10 10.79 -65.14
N LEU D 180 39.04 9.84 -65.08
CA LEU D 180 38.69 8.47 -64.76
C LEU D 180 38.00 8.39 -63.40
N ILE D 181 38.56 9.08 -62.40
CA ILE D 181 38.01 9.04 -61.05
C ILE D 181 36.59 9.60 -61.05
N ILE D 182 36.38 10.75 -61.66
CA ILE D 182 35.06 11.36 -61.62
C ILE D 182 34.04 10.48 -62.35
N GLU D 183 34.41 9.97 -63.53
CA GLU D 183 33.49 9.11 -64.27
C GLU D 183 33.12 7.86 -63.48
N ASN D 184 34.14 7.16 -62.97
CA ASN D 184 33.89 5.91 -62.25
C ASN D 184 33.11 6.15 -60.98
N LEU D 185 33.45 7.20 -60.23
CA LEU D 185 32.73 7.49 -58.99
C LEU D 185 31.27 7.82 -59.28
N LEU D 186 31.01 8.63 -60.30
CA LEU D 186 29.62 8.98 -60.60
C LEU D 186 28.82 7.77 -61.04
N ILE D 187 29.39 6.95 -61.94
CA ILE D 187 28.63 5.81 -62.43
C ILE D 187 28.42 4.80 -61.31
N GLY D 188 29.41 4.63 -60.42
CA GLY D 188 29.24 3.70 -59.32
C GLY D 188 28.19 4.17 -58.32
N VAL D 189 28.23 5.46 -57.96
CA VAL D 189 27.25 5.98 -57.02
C VAL D 189 25.86 6.01 -57.63
N VAL D 190 25.77 6.06 -58.96
CA VAL D 190 24.47 5.85 -59.61
C VAL D 190 24.04 4.40 -59.50
N LYS D 191 24.97 3.47 -59.72
CA LYS D 191 24.61 2.05 -59.74
C LYS D 191 24.11 1.58 -58.38
N ASN D 192 24.77 1.97 -57.30
CA ASN D 192 24.40 1.52 -55.97
C ASN D 192 23.74 2.66 -55.19
N ARG D 193 23.06 2.29 -54.11
CA ARG D 193 22.35 3.25 -53.27
C ARG D 193 23.18 3.50 -52.01
N SER D 194 23.51 4.77 -51.77
CA SER D 194 24.32 5.13 -50.63
C SER D 194 24.06 6.59 -50.28
N GLU D 195 24.40 6.95 -49.04
CA GLU D 195 24.19 8.32 -48.56
C GLU D 195 25.48 9.05 -48.25
N VAL D 196 26.56 8.33 -47.94
CA VAL D 196 27.86 8.94 -47.70
C VAL D 196 28.89 8.21 -48.55
N VAL D 197 29.68 8.97 -49.29
CA VAL D 197 30.72 8.43 -50.18
C VAL D 197 32.06 8.90 -49.64
N LEU D 198 32.73 8.05 -48.86
CA LEU D 198 34.01 8.38 -48.28
C LEU D 198 35.07 8.35 -49.37
N ILE D 199 35.56 9.51 -49.78
CA ILE D 199 36.70 9.55 -50.70
C ILE D 199 37.98 9.48 -49.87
N ASP D 200 38.75 8.42 -50.07
CA ASP D 200 39.99 8.20 -49.32
C ASP D 200 41.14 8.78 -50.12
N ILE D 201 41.30 10.10 -50.01
CA ILE D 201 42.38 10.79 -50.72
C ILE D 201 43.75 10.49 -50.15
N THR D 202 43.82 9.85 -48.98
CA THR D 202 45.11 9.52 -48.39
C THR D 202 45.89 8.57 -49.30
N GLY D 203 47.18 8.86 -49.47
CA GLY D 203 48.05 8.07 -50.31
C GLY D 203 48.53 8.77 -51.55
N VAL D 204 47.83 9.81 -52.00
CA VAL D 204 48.31 10.56 -53.17
C VAL D 204 49.49 11.43 -52.76
N PRO D 205 50.63 11.36 -53.46
CA PRO D 205 51.78 12.17 -53.05
C PRO D 205 51.53 13.66 -53.18
N VAL D 206 51.16 14.12 -54.38
CA VAL D 206 50.96 15.55 -54.63
C VAL D 206 49.83 15.70 -55.64
N VAL D 207 49.04 16.75 -55.48
CA VAL D 207 47.90 17.04 -56.34
C VAL D 207 48.10 18.43 -56.94
N ASP D 208 47.98 18.51 -58.26
CA ASP D 208 48.15 19.77 -58.95
C ASP D 208 46.86 20.60 -58.86
N THR D 209 46.87 21.75 -59.54
CA THR D 209 45.71 22.64 -59.50
C THR D 209 44.50 21.99 -60.16
N MET D 210 44.67 21.49 -61.38
CA MET D 210 43.53 20.96 -62.11
C MET D 210 42.98 19.69 -61.47
N VAL D 211 43.87 18.85 -60.93
CA VAL D 211 43.41 17.63 -60.25
C VAL D 211 42.64 17.99 -58.98
N ALA D 212 43.11 18.99 -58.24
CA ALA D 212 42.39 19.41 -57.05
C ALA D 212 41.03 19.98 -57.41
N HIS D 213 40.97 20.78 -58.49
CA HIS D 213 39.69 21.30 -58.93
C HIS D 213 38.75 20.16 -59.33
N HIS D 214 39.28 19.14 -60.00
CA HIS D 214 38.46 18.01 -60.40
C HIS D 214 37.94 17.23 -59.19
N ILE D 215 38.78 17.05 -58.17
CA ILE D 215 38.30 16.31 -57.00
C ILE D 215 37.27 17.13 -56.22
N ILE D 216 37.43 18.46 -56.18
CA ILE D 216 36.42 19.28 -55.54
C ILE D 216 35.10 19.22 -56.30
N GLN D 217 35.16 19.26 -57.62
CA GLN D 217 33.93 19.10 -58.40
C GLN D 217 33.36 17.70 -58.24
N ALA D 218 34.21 16.69 -57.99
CA ALA D 218 33.71 15.36 -57.71
C ALA D 218 32.92 15.34 -56.40
N SER D 219 33.43 16.02 -55.37
CA SER D 219 32.68 16.15 -54.13
C SER D 219 31.37 16.87 -54.37
N GLU D 220 31.40 17.92 -55.19
CA GLU D 220 30.18 18.65 -55.48
C GLU D 220 29.16 17.78 -56.21
N ALA D 221 29.63 16.96 -57.15
CA ALA D 221 28.73 16.05 -57.86
C ALA D 221 28.14 15.01 -56.94
N VAL D 222 28.96 14.45 -56.03
CA VAL D 222 28.44 13.49 -55.07
C VAL D 222 27.36 14.13 -54.22
N ARG D 223 27.58 15.38 -53.79
CA ARG D 223 26.55 16.08 -53.03
C ARG D 223 25.30 16.32 -53.88
N LEU D 224 25.48 16.63 -55.16
CA LEU D 224 24.36 16.97 -56.04
C LEU D 224 23.55 15.74 -56.43
N VAL D 225 24.13 14.54 -56.34
CA VAL D 225 23.41 13.33 -56.69
C VAL D 225 22.81 12.81 -55.38
N GLY D 226 22.94 13.60 -54.32
CA GLY D 226 22.25 13.31 -53.08
C GLY D 226 23.00 12.38 -52.16
N CYS D 227 24.31 12.56 -52.06
CA CYS D 227 25.13 11.75 -51.19
C CYS D 227 26.14 12.65 -50.50
N GLN D 228 26.31 12.48 -49.18
CA GLN D 228 27.31 13.23 -48.47
C GLN D 228 28.71 12.82 -48.93
N ALA D 229 29.58 13.80 -49.11
CA ALA D 229 30.94 13.56 -49.60
C ALA D 229 31.92 13.90 -48.49
N MET D 230 32.62 12.89 -47.99
CA MET D 230 33.61 13.05 -46.93
C MET D 230 34.98 12.84 -47.56
N LEU D 231 35.74 13.92 -47.73
CA LEU D 231 37.08 13.84 -48.27
C LEU D 231 38.03 13.53 -47.11
N VAL D 232 38.46 12.29 -47.01
CA VAL D 232 39.04 11.74 -45.79
C VAL D 232 40.56 11.73 -45.89
N GLY D 233 41.22 12.19 -44.83
CA GLY D 233 42.66 12.03 -44.68
C GLY D 233 43.50 12.76 -45.70
N ILE D 234 43.20 14.04 -45.93
CA ILE D 234 43.95 14.83 -46.90
C ILE D 234 45.32 15.16 -46.30
N ARG D 235 46.37 14.94 -47.09
CA ARG D 235 47.74 15.15 -46.65
C ARG D 235 48.07 16.64 -46.64
N PRO D 236 49.13 17.05 -45.90
CA PRO D 236 49.39 18.49 -45.69
C PRO D 236 49.45 19.33 -46.94
N GLU D 237 50.36 19.01 -47.86
CA GLU D 237 50.56 19.86 -49.03
C GLU D 237 49.32 19.93 -49.90
N ILE D 238 48.55 18.85 -49.97
CA ILE D 238 47.32 18.87 -50.75
C ILE D 238 46.33 19.86 -50.13
N ALA D 239 46.20 19.85 -48.81
CA ALA D 239 45.34 20.83 -48.15
C ALA D 239 45.84 22.25 -48.38
N GLN D 240 47.15 22.43 -48.31
CA GLN D 240 47.79 23.72 -48.54
C GLN D 240 47.48 24.28 -49.93
N TPO D 241 47.55 23.41 -50.92
N TPO D 241 47.54 23.42 -50.94
CA TPO D 241 47.31 23.78 -52.31
CA TPO D 241 47.31 23.87 -52.30
CB TPO D 241 47.84 22.69 -53.25
CB TPO D 241 48.03 22.98 -53.29
CG2 TPO D 241 46.96 22.49 -54.48
CG2 TPO D 241 47.48 21.55 -53.25
OG1 TPO D 241 49.15 23.04 -53.67
OG1 TPO D 241 47.82 23.50 -54.60
P TPO D 241 50.11 21.80 -53.31
P TPO D 241 48.82 24.74 -54.81
O1P TPO D 241 51.32 21.73 -54.36
O1P TPO D 241 48.00 26.12 -54.70
O2P TPO D 241 50.70 21.99 -51.82
O2P TPO D 241 49.99 24.70 -53.71
O3P TPO D 241 49.33 20.54 -53.37
O3P TPO D 241 49.44 24.64 -56.15
C TPO D 241 45.83 24.04 -52.55
C TPO D 241 45.82 23.95 -52.66
O TPO D 241 45.47 24.96 -53.29
O TPO D 241 45.45 24.64 -53.61
N ILE D 242 44.97 23.26 -51.90
CA ILE D 242 43.54 23.40 -52.09
C ILE D 242 43.09 24.72 -51.49
N VAL D 243 43.60 25.04 -50.30
CA VAL D 243 43.22 26.31 -49.68
C VAL D 243 43.81 27.48 -50.45
N ASN D 244 45.03 27.33 -50.97
CA ASN D 244 45.56 28.41 -51.81
C ASN D 244 44.92 28.45 -53.19
N LEU D 245 44.14 27.44 -53.57
CA LEU D 245 43.42 27.52 -54.83
C LEU D 245 42.34 28.60 -54.79
N GLY D 246 41.82 28.89 -53.60
CA GLY D 246 40.84 29.95 -53.45
C GLY D 246 39.40 29.57 -53.75
N ILE D 247 39.16 28.33 -54.15
CA ILE D 247 37.81 27.88 -54.46
C ILE D 247 37.02 27.71 -53.17
N GLU D 248 35.70 27.60 -53.28
CA GLU D 248 34.86 27.43 -52.10
C GLU D 248 35.11 26.07 -51.45
N LEU D 249 35.33 26.08 -50.13
CA LEU D 249 35.64 24.86 -49.40
C LEU D 249 34.69 24.65 -48.23
N ASP D 250 33.53 25.31 -48.23
CA ASP D 250 32.59 25.15 -47.13
C ASP D 250 31.81 23.84 -47.22
N GLN D 251 31.48 23.40 -48.44
CA GLN D 251 30.63 22.23 -48.61
C GLN D 251 31.36 20.92 -48.34
N ILE D 252 32.69 20.91 -48.37
CA ILE D 252 33.46 19.70 -48.15
C ILE D 252 33.74 19.55 -46.66
N ILE D 253 33.43 18.37 -46.12
CA ILE D 253 33.74 18.04 -44.73
C ILE D 253 34.79 16.94 -44.77
N THR D 254 35.92 17.19 -44.11
CA THR D 254 37.06 16.29 -44.17
C THR D 254 37.27 15.62 -42.81
N THR D 255 38.27 14.74 -42.75
CA THR D 255 38.55 13.99 -41.54
C THR D 255 40.00 13.54 -41.58
N ASN D 256 40.61 13.48 -40.40
CA ASN D 256 42.03 13.14 -40.31
C ASN D 256 42.31 11.71 -40.79
N THR D 257 41.50 10.76 -40.37
CA THR D 257 41.73 9.36 -40.68
C THR D 257 40.42 8.69 -41.06
N MET D 258 40.52 7.54 -41.73
CA MET D 258 39.34 6.95 -42.34
C MET D 258 38.44 6.27 -41.32
N LYS D 259 38.98 5.83 -40.19
CA LYS D 259 38.12 5.32 -39.13
C LYS D 259 37.24 6.42 -38.55
N LYS D 260 37.82 7.61 -38.34
CA LYS D 260 37.03 8.73 -37.83
C LYS D 260 36.01 9.19 -38.87
N GLY D 261 36.38 9.21 -40.14
CA GLY D 261 35.42 9.55 -41.18
C GLY D 261 34.29 8.54 -41.24
N MET D 262 34.62 7.25 -41.11
CA MET D 262 33.61 6.21 -41.12
C MET D 262 32.64 6.35 -39.96
N GLU D 263 33.17 6.61 -38.76
CA GLU D 263 32.28 6.76 -37.62
C GLU D 263 31.45 8.04 -37.72
N ARG D 264 32.00 9.11 -38.32
CA ARG D 264 31.19 10.29 -38.57
C ARG D 264 30.06 9.99 -39.55
N ALA D 265 30.36 9.24 -40.61
CA ALA D 265 29.33 8.88 -41.57
C ALA D 265 28.25 8.04 -40.91
N LEU D 266 28.65 7.08 -40.07
CA LEU D 266 27.67 6.30 -39.34
C LEU D 266 26.91 7.15 -38.34
N ALA D 267 27.51 8.25 -37.86
CA ALA D 267 26.79 9.19 -37.02
C ALA D 267 25.72 9.92 -37.82
N LEU D 268 25.99 10.22 -39.10
CA LEU D 268 24.98 10.86 -39.93
C LEU D 268 23.75 9.97 -40.08
N THR D 269 23.96 8.68 -40.31
CA THR D 269 22.86 7.71 -40.36
C THR D 269 22.68 7.16 -38.95
N ASN D 270 21.79 7.82 -38.19
CA ASN D 270 21.79 7.70 -36.73
C ASN D 270 21.68 6.25 -36.25
N ARG D 271 20.77 5.47 -36.84
CA ARG D 271 20.58 4.11 -36.35
C ARG D 271 21.72 3.18 -36.73
N GLU D 272 22.50 3.53 -37.76
CA GLU D 272 23.55 2.63 -38.23
C GLU D 272 24.68 2.52 -37.21
N ILE D 273 25.06 3.64 -36.59
CA ILE D 273 26.19 3.64 -35.68
C ILE D 273 25.87 2.84 -34.41
N VAL D 274 24.60 2.78 -34.03
CA VAL D 274 24.20 2.04 -32.84
C VAL D 274 23.05 1.10 -33.17
N MET E 1 7.37 9.09 -73.32
CA MET E 1 6.70 10.10 -74.13
C MET E 1 5.47 10.64 -73.41
N GLY E 2 4.48 9.77 -73.19
CA GLY E 2 3.25 10.17 -72.55
C GLY E 2 2.71 9.17 -71.55
N ILE E 3 3.59 8.31 -71.03
CA ILE E 3 3.19 7.32 -70.04
C ILE E 3 4.12 7.46 -68.84
N PRO E 4 3.84 8.38 -67.93
CA PRO E 4 4.78 8.67 -66.84
C PRO E 4 4.67 7.74 -65.64
N ILE E 5 5.33 6.58 -65.71
CA ILE E 5 5.37 5.69 -64.56
C ILE E 5 6.12 6.36 -63.41
N LEU E 6 5.50 6.40 -62.24
CA LEU E 6 6.10 6.93 -61.04
C LEU E 6 6.04 5.88 -59.94
N LYS E 7 7.16 5.70 -59.24
CA LYS E 7 7.27 4.69 -58.19
C LYS E 7 7.49 5.38 -56.85
N LEU E 8 6.65 5.06 -55.87
CA LEU E 8 6.79 5.64 -54.54
C LEU E 8 6.05 4.77 -53.53
N GLY E 9 6.65 4.61 -52.36
CA GLY E 9 5.99 3.94 -51.26
C GLY E 9 5.52 2.54 -51.59
N GLU E 10 6.41 1.76 -52.22
CA GLU E 10 6.13 0.39 -52.69
C GLU E 10 4.81 0.32 -53.48
N CYS E 11 4.41 1.44 -54.06
CA CYS E 11 3.24 1.52 -54.93
C CYS E 11 3.68 2.07 -56.29
N LEU E 12 2.70 2.33 -57.15
CA LEU E 12 2.98 2.86 -58.47
C LEU E 12 1.88 3.83 -58.88
N LEU E 13 2.26 4.98 -59.39
CA LEU E 13 1.33 5.98 -59.88
C LEU E 13 1.53 6.15 -61.38
N ILE E 14 0.43 6.21 -62.13
CA ILE E 14 0.49 6.45 -63.55
C ILE E 14 -0.54 7.51 -63.89
N SER E 15 -0.29 8.25 -64.97
CA SER E 15 -1.14 9.36 -65.33
C SER E 15 -1.37 9.38 -66.84
N ILE E 16 -2.54 9.83 -67.25
CA ILE E 16 -2.91 9.93 -68.66
C ILE E 16 -3.07 11.39 -69.02
N GLN E 17 -2.39 11.82 -70.08
CA GLN E 17 -2.50 13.19 -70.58
C GLN E 17 -2.60 13.24 -72.09
N SER E 18 -2.88 12.13 -72.76
CA SER E 18 -2.85 12.05 -74.21
C SER E 18 -4.22 12.24 -74.86
N GLU E 19 -5.26 11.61 -74.33
CA GLU E 19 -6.64 11.79 -74.76
C GLU E 19 -6.90 11.32 -76.20
N LEU E 20 -6.10 10.40 -76.72
CA LEU E 20 -6.38 9.78 -78.02
C LEU E 20 -6.57 8.29 -77.81
N ASP E 21 -7.03 7.60 -78.87
CA ASP E 21 -7.46 6.22 -78.73
C ASP E 21 -6.34 5.21 -78.98
N ASP E 22 -5.77 5.18 -80.18
CA ASP E 22 -4.99 4.01 -80.60
C ASP E 22 -3.65 3.87 -79.88
N HIS E 23 -2.74 4.82 -80.11
CA HIS E 23 -1.41 4.66 -79.54
C HIS E 23 -1.46 4.74 -78.02
N THR E 24 -2.35 5.59 -77.50
CA THR E 24 -2.55 5.62 -76.05
C THR E 24 -2.90 4.24 -75.53
N ALA E 25 -3.89 3.59 -76.14
CA ALA E 25 -4.30 2.27 -75.68
C ALA E 25 -3.15 1.30 -75.71
N VAL E 26 -2.53 1.11 -76.88
CA VAL E 26 -1.54 0.04 -77.02
C VAL E 26 -0.31 0.33 -76.16
N GLU E 27 0.26 1.54 -76.30
CA GLU E 27 1.46 1.87 -75.55
C GLU E 27 1.20 1.88 -74.05
N PHE E 28 0.05 2.41 -73.64
CA PHE E 28 -0.30 2.45 -72.23
C PHE E 28 -0.37 1.05 -71.64
N GLN E 29 -1.11 0.15 -72.29
CA GLN E 29 -1.25 -1.19 -71.74
C GLN E 29 0.10 -1.89 -71.69
N GLU E 30 0.88 -1.83 -72.78
CA GLU E 30 2.14 -2.55 -72.80
C GLU E 30 3.11 -1.98 -71.77
N ASP E 31 3.16 -0.65 -71.64
CA ASP E 31 4.11 -0.03 -70.73
C ASP E 31 3.73 -0.28 -69.28
N LEU E 32 2.45 -0.12 -68.94
CA LEU E 32 2.03 -0.37 -67.57
C LEU E 32 2.25 -1.82 -67.19
N LEU E 33 1.94 -2.76 -68.09
CA LEU E 33 2.17 -4.16 -67.79
C LEU E 33 3.67 -4.43 -67.63
N ALA E 34 4.50 -3.88 -68.51
CA ALA E 34 5.93 -4.11 -68.45
C ALA E 34 6.51 -3.61 -67.14
N LYS E 35 6.08 -2.43 -66.70
CA LYS E 35 6.60 -1.89 -65.45
C LYS E 35 6.07 -2.67 -64.24
N ILE E 36 4.76 -2.95 -64.21
CA ILE E 36 4.22 -3.64 -63.05
C ILE E 36 4.82 -5.03 -62.91
N HIS E 37 5.23 -5.65 -64.03
CA HIS E 37 5.98 -6.89 -63.91
C HIS E 37 7.42 -6.63 -63.49
N GLU E 38 8.05 -5.60 -64.06
CA GLU E 38 9.47 -5.36 -63.81
C GLU E 38 9.71 -4.88 -62.39
N THR E 39 8.92 -3.92 -61.91
CA THR E 39 8.97 -3.50 -60.52
C THR E 39 7.75 -4.07 -59.81
N SER E 40 8.00 -4.81 -58.73
CA SER E 40 6.93 -5.49 -58.00
C SER E 40 6.26 -4.48 -57.08
N ALA E 41 5.10 -3.98 -57.50
CA ALA E 41 4.31 -3.03 -56.72
C ALA E 41 2.94 -3.63 -56.46
N ARG E 42 2.55 -3.68 -55.18
CA ARG E 42 1.28 -4.30 -54.83
C ARG E 42 0.10 -3.49 -55.35
N GLY E 43 0.18 -2.16 -55.27
CA GLY E 43 -0.92 -1.33 -55.73
C GLY E 43 -0.53 -0.32 -56.78
N VAL E 44 -1.20 -0.38 -57.94
CA VAL E 44 -0.98 0.56 -59.04
C VAL E 44 -2.17 1.50 -59.11
N VAL E 45 -1.89 2.79 -59.29
CA VAL E 45 -2.90 3.84 -59.26
C VAL E 45 -2.91 4.54 -60.61
N ILE E 46 -4.10 4.66 -61.21
CA ILE E 46 -4.23 5.17 -62.57
C ILE E 46 -4.96 6.51 -62.53
N ASP E 47 -4.80 7.29 -63.60
CA ASP E 47 -5.35 8.64 -63.72
C ASP E 47 -6.25 8.70 -64.94
N ILE E 48 -7.46 9.25 -64.78
CA ILE E 48 -8.35 9.48 -65.92
C ILE E 48 -8.89 10.91 -65.94
N THR E 49 -8.50 11.76 -64.99
CA THR E 49 -9.08 13.11 -64.90
C THR E 49 -8.95 13.88 -66.21
N SER E 50 -7.78 13.82 -66.84
CA SER E 50 -7.58 14.59 -68.07
C SER E 50 -8.48 14.10 -69.20
N ILE E 51 -8.81 12.82 -69.21
CA ILE E 51 -9.63 12.27 -70.28
C ILE E 51 -11.03 12.85 -70.21
N ASP E 52 -11.54 13.31 -71.36
CA ASP E 52 -12.89 13.85 -71.45
C ASP E 52 -13.69 13.22 -72.59
N PHE E 53 -13.15 12.20 -73.24
CA PHE E 53 -13.89 11.47 -74.27
C PHE E 53 -13.40 10.03 -74.30
N ILE E 54 -14.35 9.10 -74.24
CA ILE E 54 -14.04 7.67 -74.20
C ILE E 54 -15.00 6.94 -75.13
N ASP E 55 -14.45 6.06 -75.97
CA ASP E 55 -15.22 5.17 -76.81
C ASP E 55 -15.10 3.73 -76.28
N SER E 56 -15.66 2.78 -77.03
CA SER E 56 -15.55 1.38 -76.62
C SER E 56 -14.11 0.91 -76.59
N PHE E 57 -13.27 1.42 -77.49
CA PHE E 57 -11.89 0.99 -77.57
C PHE E 57 -11.16 1.23 -76.25
N ILE E 58 -11.06 2.50 -75.85
CA ILE E 58 -10.31 2.83 -74.63
C ILE E 58 -11.00 2.24 -73.41
N ALA E 59 -12.33 2.11 -73.43
CA ALA E 59 -13.04 1.52 -72.31
C ALA E 59 -12.62 0.06 -72.10
N LYS E 60 -12.66 -0.74 -73.16
CA LYS E 60 -12.25 -2.13 -73.03
C LYS E 60 -10.76 -2.24 -72.74
N ILE E 61 -9.95 -1.32 -73.25
CA ILE E 61 -8.52 -1.34 -72.96
C ILE E 61 -8.28 -1.10 -71.47
N LEU E 62 -8.98 -0.12 -70.89
CA LEU E 62 -8.86 0.12 -69.46
C LEU E 62 -9.36 -1.07 -68.65
N GLY E 63 -10.45 -1.70 -69.11
CA GLY E 63 -10.93 -2.89 -68.42
C GLY E 63 -9.90 -4.00 -68.41
N ASP E 64 -9.26 -4.24 -69.57
CA ASP E 64 -8.24 -5.27 -69.65
C ASP E 64 -7.02 -4.92 -68.80
N VAL E 65 -6.64 -3.64 -68.78
CA VAL E 65 -5.50 -3.22 -67.97
C VAL E 65 -5.79 -3.45 -66.50
N VAL E 66 -7.00 -3.09 -66.05
CA VAL E 66 -7.38 -3.33 -64.66
C VAL E 66 -7.39 -4.82 -64.35
N SER E 67 -7.90 -5.63 -65.28
CA SER E 67 -7.93 -7.07 -65.06
C SER E 67 -6.53 -7.63 -64.90
N MET E 68 -5.60 -7.23 -65.76
CA MET E 68 -4.23 -7.73 -65.68
C MET E 68 -3.54 -7.24 -64.42
N SER E 69 -3.71 -5.97 -64.07
CA SER E 69 -3.12 -5.46 -62.84
C SER E 69 -3.64 -6.23 -61.64
N LYS E 70 -4.95 -6.50 -61.60
CA LYS E 70 -5.50 -7.35 -60.56
C LYS E 70 -4.89 -8.74 -60.60
N LEU E 71 -4.55 -9.22 -61.80
CA LEU E 71 -3.82 -10.48 -61.93
C LEU E 71 -2.40 -10.39 -61.42
N MET E 72 -1.89 -9.18 -61.14
CA MET E 72 -0.60 -9.08 -60.49
C MET E 72 -0.58 -8.26 -59.20
N GLY E 73 -1.63 -7.51 -58.88
CA GLY E 73 -1.62 -6.74 -57.65
C GLY E 73 -2.90 -5.95 -57.50
N ALA E 74 -2.99 -5.23 -56.38
CA ALA E 74 -4.16 -4.41 -56.12
C ALA E 74 -4.26 -3.29 -57.15
N LYS E 75 -5.49 -3.00 -57.58
CA LYS E 75 -5.73 -2.03 -58.64
C LYS E 75 -6.81 -1.05 -58.21
N VAL E 76 -6.66 0.19 -58.65
CA VAL E 76 -7.62 1.25 -58.33
C VAL E 76 -7.63 2.26 -59.45
N VAL E 77 -8.81 2.76 -59.78
CA VAL E 77 -8.96 3.91 -60.68
C VAL E 77 -9.20 5.10 -59.76
N VAL E 78 -8.13 5.80 -59.41
CA VAL E 78 -8.20 6.73 -58.28
C VAL E 78 -9.10 7.91 -58.60
N THR E 79 -9.08 8.37 -59.84
CA THR E 79 -9.85 9.55 -60.21
C THR E 79 -11.15 9.13 -60.87
N GLY E 80 -12.24 9.75 -60.43
CA GLY E 80 -13.55 9.43 -60.95
C GLY E 80 -13.65 9.61 -62.44
N ILE E 81 -14.15 8.59 -63.11
CA ILE E 81 -14.42 8.68 -64.53
C ILE E 81 -15.45 9.78 -64.74
N GLN E 82 -15.11 10.75 -65.59
CA GLN E 82 -15.96 11.92 -65.74
C GLN E 82 -17.34 11.52 -66.27
N PRO E 83 -18.38 12.27 -65.90
CA PRO E 83 -19.75 11.86 -66.29
C PRO E 83 -19.93 11.61 -67.78
N ALA E 84 -19.41 12.51 -68.61
CA ALA E 84 -19.53 12.35 -70.06
C ALA E 84 -18.89 11.05 -70.52
N VAL E 85 -17.87 10.58 -69.81
CA VAL E 85 -17.28 9.27 -70.10
C VAL E 85 -17.70 8.21 -69.10
N ALA E 86 -18.22 8.59 -67.92
CA ALA E 86 -18.79 7.60 -67.02
C ALA E 86 -19.99 6.91 -67.64
N ILE E 87 -20.85 7.67 -68.32
CA ILE E 87 -22.00 7.07 -68.98
C ILE E 87 -21.55 6.08 -70.06
N THR E 88 -20.54 6.48 -70.86
CA THR E 88 -20.05 5.58 -71.91
C THR E 88 -19.42 4.33 -71.31
N LEU E 89 -18.70 4.48 -70.21
CA LEU E 89 -18.10 3.32 -69.56
C LEU E 89 -19.16 2.37 -69.04
N ILE E 90 -20.24 2.92 -68.46
CA ILE E 90 -21.25 2.06 -67.86
C ILE E 90 -22.18 1.45 -68.89
N GLU E 91 -22.33 2.06 -70.06
CA GLU E 91 -23.18 1.46 -71.09
C GLU E 91 -22.51 0.25 -71.73
N LEU E 92 -21.21 0.33 -71.99
CA LEU E 92 -20.50 -0.69 -72.74
C LEU E 92 -19.52 -1.50 -71.90
N GLY E 93 -18.61 -0.83 -71.20
CA GLY E 93 -17.67 -1.55 -70.34
C GLY E 93 -18.22 -1.78 -68.96
N ILE E 94 -19.21 -2.67 -68.84
CA ILE E 94 -19.92 -2.88 -67.59
C ILE E 94 -18.99 -3.67 -66.66
N THR E 95 -18.30 -2.95 -65.77
CA THR E 95 -17.40 -3.58 -64.82
C THR E 95 -17.24 -2.63 -63.63
N PHE E 96 -16.98 -3.21 -62.46
CA PHE E 96 -16.74 -2.40 -61.27
C PHE E 96 -15.38 -1.71 -61.33
N SER E 97 -14.43 -2.29 -62.07
CA SER E 97 -13.12 -1.69 -62.31
C SER E 97 -12.39 -1.40 -60.99
N GLY E 98 -12.23 -2.45 -60.19
CA GLY E 98 -11.50 -2.31 -58.94
C GLY E 98 -12.21 -1.36 -57.99
N VAL E 99 -11.42 -0.72 -57.13
CA VAL E 99 -11.93 0.25 -56.19
C VAL E 99 -11.76 1.65 -56.79
N LEU E 100 -12.47 2.61 -56.20
CA LEU E 100 -12.52 3.98 -56.71
C LEU E 100 -12.19 4.94 -55.58
N SER E 101 -11.91 6.21 -55.94
CA SER E 101 -11.51 7.16 -54.91
C SER E 101 -12.09 8.56 -55.10
N ALA E 102 -13.24 8.67 -55.78
CA ALA E 102 -14.03 9.91 -55.80
C ALA E 102 -13.20 11.11 -56.27
N MET E 103 -12.49 10.93 -57.37
CA MET E 103 -11.75 12.00 -58.06
C MET E 103 -10.70 12.65 -57.16
N ASP E 104 -10.23 11.94 -56.14
CA ASP E 104 -9.21 12.44 -55.24
C ASP E 104 -8.05 11.47 -55.24
N LEU E 105 -6.94 11.87 -55.86
CA LEU E 105 -5.78 11.00 -55.96
C LEU E 105 -5.19 10.71 -54.58
N GLU E 106 -5.13 11.73 -53.72
CA GLU E 106 -4.64 11.53 -52.36
C GLU E 106 -5.54 10.56 -51.60
N SER E 107 -6.84 10.60 -51.85
CA SER E 107 -7.74 9.65 -51.21
C SER E 107 -7.41 8.22 -51.62
N GLY E 108 -7.10 8.01 -52.90
CA GLY E 108 -6.72 6.67 -53.34
C GLY E 108 -5.40 6.21 -52.76
N LEU E 109 -4.43 7.13 -52.64
CA LEU E 109 -3.19 6.77 -51.95
C LEU E 109 -3.46 6.38 -50.51
N GLU E 110 -4.34 7.11 -49.82
CA GLU E 110 -4.66 6.74 -48.44
C GLU E 110 -5.32 5.36 -48.39
N LYS E 111 -6.23 5.10 -49.34
CA LYS E 111 -6.92 3.81 -49.36
C LYS E 111 -5.95 2.67 -49.61
N LEU E 112 -5.03 2.83 -50.55
CA LEU E 112 -4.07 1.76 -50.81
C LEU E 112 -3.07 1.63 -49.67
N LYS E 113 -2.70 2.74 -49.03
CA LYS E 113 -1.81 2.66 -47.88
C LYS E 113 -2.45 1.87 -46.74
N GLN E 114 -3.74 2.12 -46.47
CA GLN E 114 -4.39 1.38 -45.40
C GLN E 114 -4.67 -0.06 -45.80
N GLU E 115 -4.92 -0.32 -47.08
CA GLU E 115 -5.16 -1.69 -47.52
C GLU E 115 -3.88 -2.51 -47.60
N LEU E 116 -2.73 -1.88 -47.77
CA LEU E 116 -1.46 -2.57 -47.75
C LEU E 116 -0.83 -2.61 -46.36
N GLY E 117 -1.29 -1.77 -45.44
CA GLY E 117 -0.82 -1.84 -44.07
C GLY E 117 -1.33 -3.04 -43.32
N GLU E 118 -2.42 -3.65 -43.79
CA GLU E 118 -2.95 -4.85 -43.16
C GLU E 118 -2.25 -6.09 -43.68
N MET F 1 0.68 19.01 -71.72
CA MET F 1 0.42 17.84 -72.56
C MET F 1 1.40 16.71 -72.24
N GLY F 2 2.56 17.09 -71.71
CA GLY F 2 3.57 16.10 -71.34
C GLY F 2 4.09 16.31 -69.93
N ILE F 3 3.34 17.05 -69.12
CA ILE F 3 3.76 17.37 -67.76
C ILE F 3 2.63 16.99 -66.81
N PRO F 4 2.60 15.78 -66.30
CA PRO F 4 1.51 15.32 -65.42
C PRO F 4 1.68 15.76 -63.97
N ILE F 5 1.26 16.99 -63.68
CA ILE F 5 1.33 17.47 -62.31
C ILE F 5 0.31 16.73 -61.45
N LEU F 6 0.77 16.17 -60.34
CA LEU F 6 -0.07 15.34 -59.48
C LEU F 6 -0.12 15.93 -58.08
N LYS F 7 -1.23 15.65 -57.38
CA LYS F 7 -1.43 16.10 -56.01
C LYS F 7 -1.62 14.90 -55.10
N LEU F 8 -0.99 14.95 -53.93
CA LEU F 8 -1.18 13.90 -52.92
C LEU F 8 -0.75 14.44 -51.58
N GLY F 9 -1.64 14.35 -50.59
CA GLY F 9 -1.34 14.87 -49.26
C GLY F 9 -1.00 16.35 -49.25
N GLU F 10 -1.64 17.13 -50.11
CA GLU F 10 -1.38 18.56 -50.26
C GLU F 10 0.11 18.79 -50.59
N CYS F 11 0.68 17.85 -51.33
CA CYS F 11 2.00 17.99 -51.94
C CYS F 11 1.83 18.06 -53.46
N LEU F 12 2.93 18.12 -54.17
CA LEU F 12 2.86 18.23 -55.62
C LEU F 12 3.97 17.42 -56.26
N LEU F 13 3.65 16.73 -57.35
CA LEU F 13 4.59 15.87 -58.04
C LEU F 13 4.69 16.31 -59.50
N ILE F 14 5.89 16.20 -60.05
CA ILE F 14 6.14 16.56 -61.44
C ILE F 14 6.80 15.37 -62.12
N SER F 15 6.63 15.27 -63.43
CA SER F 15 7.24 14.21 -64.21
C SER F 15 7.66 14.77 -65.57
N ILE F 16 8.96 14.71 -65.86
CA ILE F 16 9.51 15.19 -67.12
C ILE F 16 10.04 13.99 -67.89
N GLN F 17 9.70 13.92 -69.16
CA GLN F 17 10.06 12.76 -69.98
C GLN F 17 10.90 13.08 -71.21
N SER F 18 10.77 14.27 -71.78
CA SER F 18 11.51 14.62 -72.99
C SER F 18 12.17 15.98 -72.82
N GLU F 19 13.35 16.12 -73.40
CA GLU F 19 14.09 17.37 -73.36
C GLU F 19 13.83 18.18 -74.63
N LEU F 20 13.74 19.49 -74.47
CA LEU F 20 13.50 20.38 -75.61
C LEU F 20 13.93 21.78 -75.22
N ASP F 21 14.10 22.63 -76.23
CA ASP F 21 14.59 23.98 -76.05
C ASP F 21 13.53 24.98 -76.52
N ASP F 22 13.38 26.06 -75.76
CA ASP F 22 12.62 27.24 -76.13
C ASP F 22 11.11 27.00 -76.10
N HIS F 23 10.69 25.74 -75.94
CA HIS F 23 9.28 25.44 -75.78
C HIS F 23 9.00 24.71 -74.48
N THR F 24 9.65 23.57 -74.24
CA THR F 24 9.34 22.76 -73.08
C THR F 24 9.75 23.47 -71.79
N ALA F 25 10.91 24.14 -71.78
CA ALA F 25 11.35 24.81 -70.57
C ALA F 25 10.39 25.91 -70.15
N VAL F 26 10.02 26.78 -71.10
CA VAL F 26 9.16 27.91 -70.75
C VAL F 26 7.75 27.42 -70.41
N GLU F 27 7.20 26.50 -71.21
CA GLU F 27 5.87 25.98 -70.91
C GLU F 27 5.87 25.27 -69.57
N PHE F 28 6.95 24.57 -69.25
CA PHE F 28 7.05 23.85 -67.99
C PHE F 28 7.10 24.78 -66.81
N GLN F 29 7.93 25.82 -66.87
CA GLN F 29 8.00 26.75 -65.75
C GLN F 29 6.65 27.46 -65.57
N GLU F 30 6.03 27.86 -66.67
CA GLU F 30 4.73 28.55 -66.56
C GLU F 30 3.67 27.63 -65.96
N ASP F 31 3.61 26.38 -66.44
CA ASP F 31 2.61 25.45 -65.94
C ASP F 31 2.84 25.12 -64.47
N LEU F 32 4.10 24.88 -64.09
CA LEU F 32 4.39 24.56 -62.69
C LEU F 32 4.02 25.72 -61.79
N LEU F 33 4.36 26.95 -62.19
CA LEU F 33 4.02 28.11 -61.37
C LEU F 33 2.51 28.30 -61.27
N ALA F 34 1.80 28.19 -62.39
CA ALA F 34 0.35 28.33 -62.36
C ALA F 34 -0.26 27.31 -61.42
N LYS F 35 0.19 26.05 -61.53
CA LYS F 35 -0.36 24.99 -60.69
C LYS F 35 -0.08 25.24 -59.22
N ILE F 36 1.19 25.51 -58.87
CA ILE F 36 1.53 25.71 -57.47
C ILE F 36 0.86 26.96 -56.91
N HIS F 37 0.46 27.90 -57.77
CA HIS F 37 -0.24 29.08 -57.29
C HIS F 37 -1.72 28.77 -57.04
N GLU F 38 -2.39 28.13 -58.00
CA GLU F 38 -3.83 27.91 -57.86
C GLU F 38 -4.13 26.97 -56.70
N THR F 39 -3.41 25.86 -56.62
CA THR F 39 -3.53 24.93 -55.50
C THR F 39 -2.33 25.10 -54.57
N SER F 40 -2.61 25.41 -53.31
CA SER F 40 -1.57 25.72 -52.34
C SER F 40 -0.94 24.42 -51.87
N ALA F 41 0.32 24.19 -52.23
CA ALA F 41 1.07 23.04 -51.77
C ALA F 41 2.37 23.53 -51.13
N ARG F 42 2.62 23.11 -49.90
CA ARG F 42 3.81 23.52 -49.17
C ARG F 42 5.02 22.67 -49.49
N GLY F 43 4.88 21.65 -50.33
CA GLY F 43 6.01 20.89 -50.81
C GLY F 43 5.79 20.38 -52.22
N VAL F 44 6.71 20.68 -53.14
CA VAL F 44 6.59 20.28 -54.53
C VAL F 44 7.81 19.47 -54.91
N VAL F 45 7.60 18.43 -55.72
CA VAL F 45 8.62 17.44 -56.05
C VAL F 45 8.77 17.39 -57.56
N ILE F 46 10.02 17.48 -58.04
CA ILE F 46 10.30 17.56 -59.47
C ILE F 46 11.12 16.35 -59.89
N ASP F 47 11.02 16.00 -61.18
CA ASP F 47 11.63 14.78 -61.71
C ASP F 47 12.51 15.09 -62.90
N ILE F 48 13.66 14.44 -62.98
CA ILE F 48 14.62 14.66 -64.07
C ILE F 48 15.12 13.33 -64.64
N THR F 49 14.79 12.22 -63.97
CA THR F 49 15.40 10.92 -64.29
C THR F 49 15.42 10.63 -65.79
N SER F 50 14.31 10.92 -66.48
CA SER F 50 14.22 10.57 -67.89
C SER F 50 15.28 11.29 -68.73
N ILE F 51 15.52 12.57 -68.43
CA ILE F 51 16.42 13.37 -69.25
C ILE F 51 17.86 12.89 -69.06
N ASP F 52 18.64 12.94 -70.14
CA ASP F 52 20.03 12.49 -70.12
C ASP F 52 20.94 13.53 -70.77
N PHE F 53 20.44 14.74 -71.04
CA PHE F 53 21.27 15.76 -71.67
C PHE F 53 20.66 17.13 -71.42
N ILE F 54 21.42 18.01 -70.76
CA ILE F 54 21.01 19.39 -70.48
C ILE F 54 22.13 20.34 -70.86
N ASP F 55 21.78 21.38 -71.61
CA ASP F 55 22.70 22.44 -71.97
C ASP F 55 22.62 23.56 -70.94
N SER F 56 23.20 24.72 -71.26
CA SER F 56 23.18 25.85 -70.33
C SER F 56 21.76 26.36 -70.12
N PHE F 57 20.96 26.41 -71.19
CA PHE F 57 19.66 27.09 -71.11
C PHE F 57 18.71 26.33 -70.20
N ILE F 58 18.58 25.01 -70.38
CA ILE F 58 17.73 24.23 -69.50
C ILE F 58 18.24 24.24 -68.07
N ALA F 59 19.57 24.21 -67.90
CA ALA F 59 20.12 24.25 -66.54
C ALA F 59 19.73 25.54 -65.84
N LYS F 60 19.86 26.67 -66.54
CA LYS F 60 19.46 27.95 -65.96
C LYS F 60 17.96 27.99 -65.69
N ILE F 61 17.17 27.40 -66.59
CA ILE F 61 15.72 27.38 -66.38
C ILE F 61 15.37 26.61 -65.12
N LEU F 62 16.00 25.44 -64.92
CA LEU F 62 15.74 24.66 -63.71
C LEU F 62 16.22 25.37 -62.46
N GLY F 63 17.38 26.02 -62.51
CA GLY F 63 17.82 26.78 -61.36
C GLY F 63 16.86 27.92 -61.01
N ASP F 64 16.40 28.64 -62.03
CA ASP F 64 15.45 29.71 -61.80
C ASP F 64 14.13 29.18 -61.27
N VAL F 65 13.70 28.02 -61.75
CA VAL F 65 12.46 27.42 -61.25
C VAL F 65 12.63 26.98 -59.80
N VAL F 66 13.80 26.47 -59.44
CA VAL F 66 14.05 26.06 -58.07
C VAL F 66 13.95 27.26 -57.14
N SER F 67 14.66 28.33 -57.47
CA SER F 67 14.57 29.55 -56.67
C SER F 67 13.15 30.11 -56.69
N MET F 68 12.48 29.97 -57.83
CA MET F 68 11.12 30.46 -58.00
C MET F 68 10.18 29.81 -57.01
N SER F 69 10.18 28.48 -56.96
CA SER F 69 9.32 27.76 -56.04
C SER F 69 9.75 28.02 -54.60
N LYS F 70 11.06 28.11 -54.35
CA LYS F 70 11.52 28.42 -53.01
C LYS F 70 11.02 29.77 -52.55
N LEU F 71 10.70 30.68 -53.48
CA LEU F 71 10.09 31.94 -53.10
C LEU F 71 8.68 31.79 -52.56
N MET F 72 8.05 30.62 -52.71
CA MET F 72 6.73 30.42 -52.11
C MET F 72 6.51 29.01 -51.58
N GLY F 73 7.53 28.15 -51.53
CA GLY F 73 7.36 26.81 -51.00
C GLY F 73 8.57 25.91 -51.18
N ALA F 74 8.82 25.04 -50.20
CA ALA F 74 9.98 24.16 -50.25
C ALA F 74 9.84 23.17 -51.40
N LYS F 75 10.96 22.86 -52.05
CA LYS F 75 10.96 21.96 -53.19
C LYS F 75 12.16 21.04 -53.11
N VAL F 76 12.18 20.03 -53.97
CA VAL F 76 13.24 19.04 -54.00
C VAL F 76 13.42 18.53 -55.42
N VAL F 77 14.68 18.38 -55.83
CA VAL F 77 15.00 17.69 -57.09
C VAL F 77 15.23 16.24 -56.69
N VAL F 78 14.14 15.46 -56.68
CA VAL F 78 14.17 14.16 -56.03
C VAL F 78 14.91 13.13 -56.87
N THR F 79 14.94 13.32 -58.18
CA THR F 79 15.40 12.26 -59.08
C THR F 79 16.90 12.32 -59.30
N GLY F 80 17.50 11.14 -59.43
CA GLY F 80 18.92 11.03 -59.66
C GLY F 80 19.25 11.83 -60.89
N ILE F 81 20.05 12.88 -60.70
CA ILE F 81 20.59 13.64 -61.82
C ILE F 81 21.80 12.87 -62.35
N GLN F 82 21.69 12.40 -63.60
CA GLN F 82 22.67 11.49 -64.15
C GLN F 82 24.04 12.15 -64.23
N PRO F 83 25.11 11.36 -64.25
CA PRO F 83 26.46 11.94 -64.17
C PRO F 83 26.76 13.00 -65.21
N ALA F 84 26.35 12.81 -66.46
CA ALA F 84 26.63 13.81 -67.49
C ALA F 84 25.85 15.10 -67.21
N VAL F 85 24.54 14.97 -66.97
CA VAL F 85 23.72 16.14 -66.67
C VAL F 85 24.11 16.75 -65.33
N ALA F 86 24.51 15.92 -64.36
CA ALA F 86 24.98 16.47 -63.09
C ALA F 86 26.24 17.31 -63.29
N ILE F 87 27.18 16.80 -64.08
CA ILE F 87 28.41 17.53 -64.34
C ILE F 87 28.13 18.83 -65.06
N THR F 88 27.22 18.80 -66.04
CA THR F 88 26.88 20.03 -66.75
C THR F 88 26.16 21.01 -65.85
N LEU F 89 25.29 20.54 -64.97
CA LEU F 89 24.56 21.45 -64.09
C LEU F 89 25.52 22.10 -63.09
N ILE F 90 26.52 21.35 -62.61
CA ILE F 90 27.55 21.98 -61.79
C ILE F 90 28.36 22.97 -62.60
N GLU F 91 28.74 22.58 -63.82
CA GLU F 91 29.74 23.31 -64.59
C GLU F 91 29.23 24.67 -65.04
N LEU F 92 27.94 24.78 -65.36
CA LEU F 92 27.38 26.03 -65.84
C LEU F 92 26.39 26.66 -64.88
N GLY F 93 25.37 25.93 -64.45
CA GLY F 93 24.40 26.45 -63.51
C GLY F 93 24.77 26.22 -62.05
N ILE F 94 25.72 27.00 -61.54
CA ILE F 94 26.24 26.78 -60.19
C ILE F 94 25.18 27.15 -59.15
N THR F 95 24.52 26.13 -58.60
CA THR F 95 23.52 26.32 -57.56
C THR F 95 23.37 25.01 -56.80
N PHE F 96 23.16 25.10 -55.49
CA PHE F 96 22.95 23.91 -54.67
C PHE F 96 21.59 23.27 -54.90
N SER F 97 20.69 23.94 -55.63
CA SER F 97 19.40 23.38 -56.04
C SER F 97 18.53 22.96 -54.85
N GLY F 98 18.66 23.68 -53.74
CA GLY F 98 17.80 23.39 -52.61
C GLY F 98 18.03 21.99 -52.05
N VAL F 99 17.08 21.57 -51.20
CA VAL F 99 17.13 20.22 -50.65
C VAL F 99 16.92 19.23 -51.79
N LEU F 100 17.76 18.19 -51.84
CA LEU F 100 17.68 17.24 -52.93
C LEU F 100 17.94 15.83 -52.42
N SER F 101 17.27 14.87 -53.03
CA SER F 101 17.44 13.45 -52.74
C SER F 101 18.25 12.77 -53.83
N ALA F 102 17.79 12.85 -55.07
CA ALA F 102 18.51 12.36 -56.25
C ALA F 102 18.88 10.89 -56.14
N MET F 103 18.05 10.10 -55.47
CA MET F 103 18.13 8.65 -55.53
C MET F 103 16.91 8.06 -56.20
N ASP F 104 15.72 8.33 -55.67
CA ASP F 104 14.46 7.90 -56.27
C ASP F 104 13.35 8.73 -55.65
N LEU F 105 12.18 8.68 -56.29
CA LEU F 105 11.08 9.53 -55.85
C LEU F 105 10.64 9.19 -54.43
N GLU F 106 10.71 7.91 -54.05
CA GLU F 106 10.26 7.51 -52.72
C GLU F 106 11.09 8.17 -51.63
N SER F 107 12.42 8.21 -51.81
CA SER F 107 13.28 8.76 -50.77
C SER F 107 13.00 10.23 -50.54
N GLY F 108 12.89 11.00 -51.62
CA GLY F 108 12.59 12.42 -51.49
C GLY F 108 11.20 12.67 -50.94
N LEU F 109 10.23 11.85 -51.34
CA LEU F 109 8.88 11.99 -50.79
C LEU F 109 8.89 11.76 -49.29
N GLU F 110 9.61 10.73 -48.84
CA GLU F 110 9.71 10.47 -47.40
C GLU F 110 10.42 11.62 -46.69
N LYS F 111 11.48 12.15 -47.31
CA LYS F 111 12.20 13.26 -46.69
C LYS F 111 11.31 14.49 -46.53
N LEU F 112 10.54 14.82 -47.56
CA LEU F 112 9.62 15.94 -47.46
C LEU F 112 8.53 15.67 -46.44
N LYS F 113 8.03 14.44 -46.37
CA LYS F 113 7.02 14.11 -45.37
C LYS F 113 7.56 14.32 -43.97
N GLN F 114 8.79 13.86 -43.71
CA GLN F 114 9.36 13.98 -42.37
C GLN F 114 9.80 15.41 -42.08
N GLU F 115 10.07 16.21 -43.10
CA GLU F 115 10.47 17.60 -42.87
C GLU F 115 9.28 18.54 -42.76
N LEU F 116 8.12 18.16 -43.30
CA LEU F 116 6.93 19.00 -43.22
C LEU F 116 5.99 18.58 -42.10
N GLY F 117 6.00 17.30 -41.72
CA GLY F 117 5.19 16.88 -40.57
C GLY F 117 5.64 17.54 -39.28
N GLU F 118 6.95 17.75 -39.13
CA GLU F 118 7.49 18.41 -37.95
C GLU F 118 7.24 19.92 -38.00
N MET G 1 92.16 68.67 -50.40
CA MET G 1 92.42 68.80 -51.82
C MET G 1 91.91 67.58 -52.57
N TYR G 2 90.63 67.62 -52.95
CA TYR G 2 89.99 66.53 -53.68
C TYR G 2 89.78 66.83 -55.15
N LYS G 3 90.10 68.05 -55.59
CA LYS G 3 89.88 68.39 -57.00
C LYS G 3 90.87 67.64 -57.90
N ASP G 4 92.16 67.88 -57.71
CA ASP G 4 93.16 67.12 -58.47
C ASP G 4 93.13 65.65 -58.09
N PHE G 5 92.73 65.34 -56.85
CA PHE G 5 92.52 63.96 -56.46
C PHE G 5 91.43 63.32 -57.33
N ALA G 6 90.33 64.05 -57.55
CA ALA G 6 89.27 63.55 -58.43
C ALA G 6 89.77 63.43 -59.86
N ASN G 7 90.58 64.38 -60.31
CA ASN G 7 91.12 64.32 -61.67
C ASN G 7 92.00 63.09 -61.87
N PHE G 8 92.80 62.75 -60.86
CA PHE G 8 93.67 61.58 -60.96
C PHE G 8 92.89 60.28 -60.79
N ILE G 9 91.82 60.28 -59.99
CA ILE G 9 90.96 59.11 -59.90
C ILE G 9 90.22 58.88 -61.22
N ARG G 10 89.93 59.97 -61.94
CA ARG G 10 89.31 59.84 -63.26
C ARG G 10 90.15 59.00 -64.20
N THR G 11 91.47 59.02 -64.03
CA THR G 11 92.36 58.15 -64.80
C THR G 11 92.61 56.81 -64.10
N ASN G 12 92.62 56.79 -62.77
CA ASN G 12 92.86 55.57 -62.02
C ASN G 12 91.68 54.62 -62.02
N LYS G 13 90.52 55.03 -62.53
CA LYS G 13 89.39 54.12 -62.60
C LYS G 13 89.70 52.91 -63.48
N LYS G 14 90.37 53.13 -64.61
CA LYS G 14 90.78 52.02 -65.47
C LYS G 14 91.78 51.12 -64.76
N ASP G 15 92.71 51.71 -63.99
CA ASP G 15 93.64 50.90 -63.22
C ASP G 15 92.92 50.06 -62.19
N LEU G 16 91.89 50.62 -61.54
CA LEU G 16 91.10 49.86 -60.58
C LEU G 16 90.35 48.72 -61.27
N LEU G 17 89.83 48.97 -62.47
CA LEU G 17 89.15 47.91 -63.21
C LEU G 17 90.12 46.78 -63.58
N ASN G 18 91.33 47.14 -64.03
CA ASN G 18 92.33 46.13 -64.33
C ASN G 18 92.74 45.37 -63.07
N ASN G 19 92.81 46.08 -61.93
CA ASN G 19 93.11 45.43 -60.67
C ASN G 19 92.02 44.43 -60.28
N TRP G 20 90.75 44.81 -60.49
CA TRP G 20 89.66 43.87 -60.25
C TRP G 20 89.77 42.65 -61.16
N MET G 21 90.14 42.87 -62.42
CA MET G 21 90.34 41.76 -63.34
C MET G 21 91.44 40.83 -62.84
N ASN G 22 92.54 41.41 -62.34
CA ASN G 22 93.61 40.59 -61.79
C ASN G 22 93.15 39.84 -60.54
N GLU G 23 92.35 40.49 -59.69
CA GLU G 23 92.00 39.90 -58.40
C GLU G 23 90.91 38.84 -58.52
N MET G 24 90.05 38.89 -59.53
CA MET G 24 89.07 37.81 -59.63
C MET G 24 89.71 36.48 -59.99
N GLU G 25 90.98 36.47 -60.40
CA GLU G 25 91.63 35.23 -60.79
C GLU G 25 92.02 34.36 -59.60
N LYS G 26 92.28 34.97 -58.44
CA LYS G 26 92.85 34.23 -57.31
C LYS G 26 91.78 33.62 -56.41
N GLN G 27 90.88 34.43 -55.86
CA GLN G 27 89.94 33.99 -54.84
C GLN G 27 88.57 33.73 -55.47
N SER G 28 88.13 32.46 -55.40
CA SER G 28 86.80 32.05 -55.81
C SER G 28 86.45 32.59 -57.20
N ASP G 29 87.32 32.30 -58.17
CA ASP G 29 87.11 32.81 -59.53
C ASP G 29 85.77 32.41 -60.12
N PRO G 30 85.36 31.13 -60.10
CA PRO G 30 84.00 30.82 -60.59
C PRO G 30 82.90 31.52 -59.82
N LEU G 31 83.02 31.60 -58.49
CA LEU G 31 82.00 32.26 -57.69
C LEU G 31 81.94 33.76 -58.00
N ILE G 32 83.10 34.41 -58.10
CA ILE G 32 83.13 35.84 -58.42
C ILE G 32 82.55 36.09 -59.81
N ASN G 33 82.89 35.23 -60.77
CA ASN G 33 82.34 35.39 -62.11
C ASN G 33 80.83 35.20 -62.12
N ASP G 34 80.33 34.25 -61.33
CA ASP G 34 78.90 33.97 -61.35
C ASP G 34 78.09 35.05 -60.65
N ILE G 35 78.58 35.54 -59.50
CA ILE G 35 77.78 36.47 -58.70
C ILE G 35 77.65 37.82 -59.41
N ALA G 36 78.70 38.28 -60.08
CA ALA G 36 78.68 39.58 -60.73
C ALA G 36 79.43 39.51 -62.06
N LYS G 37 78.85 40.10 -63.10
CA LYS G 37 79.50 40.19 -64.39
C LYS G 37 80.50 41.34 -64.40
N GLU G 38 81.37 41.33 -65.41
CA GLU G 38 82.41 42.36 -65.50
C GLU G 38 81.85 43.77 -65.66
N PRO G 39 80.92 44.06 -66.59
CA PRO G 39 80.46 45.45 -66.71
C PRO G 39 79.74 45.98 -65.48
N MET G 40 78.88 45.17 -64.86
CA MET G 40 78.17 45.61 -63.67
C MET G 40 79.12 45.87 -62.52
N TYR G 41 80.09 44.97 -62.31
CA TYR G 41 81.06 45.18 -61.24
C TYR G 41 81.92 46.42 -61.52
N GLU G 42 82.32 46.61 -62.77
CA GLU G 42 83.12 47.78 -63.13
C GLU G 42 82.35 49.07 -62.85
N GLU G 43 81.09 49.14 -63.28
CA GLU G 43 80.31 50.35 -63.06
C GLU G 43 80.05 50.59 -61.58
N THR G 44 79.79 49.52 -60.82
CA THR G 44 79.60 49.67 -59.39
C THR G 44 80.85 50.18 -58.71
N SER G 45 82.02 49.62 -59.08
CA SER G 45 83.27 50.06 -58.47
C SER G 45 83.59 51.50 -58.81
N ILE G 46 83.41 51.90 -60.08
CA ILE G 46 83.75 53.27 -60.45
C ILE G 46 82.77 54.25 -59.80
N GLU G 47 81.49 53.89 -59.71
CA GLU G 47 80.53 54.74 -59.01
C GLU G 47 80.85 54.83 -57.52
N PHE G 48 81.39 53.76 -56.94
CA PHE G 48 81.75 53.78 -55.53
C PHE G 48 83.01 54.60 -55.27
N VAL G 49 83.92 54.67 -56.26
CA VAL G 49 85.19 55.36 -56.04
C VAL G 49 85.23 56.77 -56.59
N ASP G 50 84.24 57.19 -57.40
CA ASP G 50 84.29 58.52 -57.99
C ASP G 50 83.41 59.55 -57.29
N LEU G 51 82.43 59.12 -56.49
CA LEU G 51 81.53 60.08 -55.86
C LEU G 51 82.19 60.80 -54.68
N ILE G 52 83.03 60.09 -53.92
CA ILE G 52 83.64 60.70 -52.74
C ILE G 52 84.67 61.75 -53.13
N VAL G 53 85.44 61.49 -54.19
CA VAL G 53 86.47 62.44 -54.61
C VAL G 53 85.87 63.74 -55.13
N SER G 54 84.56 63.79 -55.37
CA SER G 54 83.88 65.01 -55.76
C SER G 54 83.39 65.82 -54.57
N ASN G 55 83.47 65.27 -53.35
CA ASN G 55 83.11 66.00 -52.16
C ASN G 55 84.21 66.97 -51.76
N ILE G 56 83.85 67.99 -50.98
CA ILE G 56 84.81 69.03 -50.59
C ILE G 56 85.45 68.56 -49.29
N THR G 57 86.40 67.64 -49.42
CA THR G 57 87.39 67.29 -48.40
C THR G 57 86.80 66.77 -47.09
N GLU G 58 85.48 66.67 -46.99
CA GLU G 58 84.87 66.26 -45.73
C GLU G 58 84.11 64.95 -45.83
N ASN G 59 83.07 64.89 -46.67
CA ASN G 59 82.20 63.71 -46.77
C ASN G 59 81.13 63.99 -47.80
N GLY G 60 80.34 62.96 -48.11
CA GLY G 60 79.15 63.11 -48.92
C GLY G 60 77.98 62.35 -48.33
N SER G 61 76.91 63.05 -47.98
CA SER G 61 75.75 62.40 -47.37
C SER G 61 75.12 61.38 -48.32
N LYS G 62 74.88 61.80 -49.57
CA LYS G 62 74.42 60.86 -50.58
C LYS G 62 75.47 59.77 -50.81
N PHE G 63 76.75 60.15 -50.84
CA PHE G 63 77.80 59.15 -50.95
C PHE G 63 77.84 58.25 -49.71
N ASN G 64 77.55 58.80 -48.53
CA ASN G 64 77.54 57.96 -47.34
C ASN G 64 76.44 56.91 -47.42
N GLU G 65 75.24 57.31 -47.87
CA GLU G 65 74.16 56.35 -48.04
C GLU G 65 74.51 55.31 -49.11
N LYS G 66 75.09 55.76 -50.23
CA LYS G 66 75.50 54.82 -51.27
C LYS G 66 76.60 53.88 -50.77
N LEU G 67 77.48 54.36 -49.89
CA LEU G 67 78.53 53.52 -49.34
C LEU G 67 77.95 52.48 -48.40
N ASP G 68 76.98 52.87 -47.58
CA ASP G 68 76.29 51.87 -46.75
C ASP G 68 75.61 50.82 -47.61
N ASP G 69 74.93 51.26 -48.68
CA ASP G 69 74.26 50.31 -49.57
C ASP G 69 75.27 49.39 -50.25
N PHE G 70 76.39 49.94 -50.71
CA PHE G 70 77.43 49.11 -51.34
C PHE G 70 78.01 48.11 -50.35
N ALA G 71 78.24 48.55 -49.11
CA ALA G 71 78.80 47.64 -48.10
C ALA G 71 77.85 46.49 -47.82
N GLU G 72 76.55 46.79 -47.61
CA GLU G 72 75.60 45.72 -47.34
C GLU G 72 75.44 44.82 -48.57
N LYS G 73 75.46 45.40 -49.77
CA LYS G 73 75.31 44.60 -50.98
C LYS G 73 76.49 43.65 -51.16
N VAL G 74 77.71 44.13 -50.94
CA VAL G 74 78.87 43.24 -51.10
C VAL G 74 78.93 42.22 -49.99
N VAL G 75 78.49 42.57 -48.78
CA VAL G 75 78.47 41.60 -47.69
C VAL G 75 77.47 40.49 -47.99
N HIS G 76 76.29 40.84 -48.48
CA HIS G 76 75.24 39.86 -48.74
C HIS G 76 75.35 39.20 -50.11
N LEU G 77 76.26 39.66 -50.97
CA LEU G 77 76.36 39.16 -52.33
C LEU G 77 77.49 38.15 -52.52
N GLY G 78 78.46 38.12 -51.62
CA GLY G 78 79.57 37.20 -51.76
C GLY G 78 80.93 37.85 -51.65
N TRP G 79 80.97 39.04 -51.05
CA TRP G 79 82.22 39.79 -50.83
C TRP G 79 82.30 40.13 -49.34
N PRO G 80 82.68 39.16 -48.51
CA PRO G 80 82.77 39.42 -47.07
C PRO G 80 83.90 40.37 -46.71
N ILE G 81 84.08 40.63 -45.41
CA ILE G 81 85.12 41.55 -44.96
C ILE G 81 86.50 41.07 -45.40
N HIS G 82 86.70 39.75 -45.46
CA HIS G 82 87.96 39.21 -45.98
C HIS G 82 88.15 39.58 -47.44
N PHE G 83 87.09 39.45 -48.25
CA PHE G 83 87.19 39.82 -49.65
C PHE G 83 87.41 41.31 -49.83
N VAL G 84 86.76 42.13 -49.01
CA VAL G 84 86.95 43.58 -49.10
C VAL G 84 88.37 43.95 -48.70
N THR G 85 88.95 43.25 -47.71
CA THR G 85 90.33 43.51 -47.33
C THR G 85 91.29 43.11 -48.44
N THR G 86 91.05 41.97 -49.09
CA THR G 86 91.86 41.60 -50.25
C THR G 86 91.73 42.64 -51.35
N GLY G 87 90.51 43.15 -51.56
CA GLY G 87 90.31 44.20 -52.55
C GLY G 87 91.07 45.47 -52.22
N LEU G 88 91.10 45.85 -50.95
CA LEU G 88 91.90 47.01 -50.54
C LEU G 88 93.39 46.77 -50.77
N ARG G 89 93.86 45.56 -50.45
CA ARG G 89 95.27 45.24 -50.66
C ARG G 89 95.65 45.34 -52.14
N VAL G 90 94.82 44.77 -53.01
CA VAL G 90 95.13 44.82 -54.43
C VAL G 90 94.93 46.23 -54.99
N PHE G 91 93.99 47.00 -54.43
CA PHE G 91 93.89 48.42 -54.76
C PHE G 91 95.21 49.13 -54.50
N GLY G 92 95.77 48.94 -53.31
CA GLY G 92 97.04 49.57 -52.99
C GLY G 92 98.15 49.11 -53.91
N LEU G 93 98.23 47.80 -54.17
CA LEU G 93 99.26 47.27 -55.06
C LEU G 93 99.19 47.90 -56.44
N LEU G 94 97.98 47.95 -57.02
CA LEU G 94 97.88 48.46 -58.39
C LEU G 94 97.98 49.97 -58.46
N VAL G 95 97.60 50.69 -57.40
CA VAL G 95 97.86 52.13 -57.37
C VAL G 95 99.36 52.38 -57.28
N TYR G 96 100.08 51.53 -56.55
CA TYR G 96 101.53 51.62 -56.46
C TYR G 96 102.17 51.40 -57.82
N THR G 97 101.71 50.37 -58.54
CA THR G 97 102.21 50.16 -59.89
C THR G 97 101.83 51.32 -60.82
N ALA G 98 100.62 51.87 -60.63
CA ALA G 98 100.16 52.97 -61.46
C ALA G 98 101.05 54.20 -61.30
N MET G 99 101.36 54.57 -60.06
CA MET G 99 102.30 55.67 -59.87
C MET G 99 103.67 55.34 -60.43
N ARG G 100 104.14 54.10 -60.22
CA ARG G 100 105.43 53.73 -60.81
C ARG G 100 105.41 53.82 -62.33
N ASP G 101 104.24 53.80 -62.95
CA ASP G 101 104.10 54.03 -64.38
C ASP G 101 103.62 55.46 -64.69
N GLU G 102 102.51 55.88 -64.08
CA GLU G 102 101.92 57.17 -64.42
C GLU G 102 102.66 58.33 -63.76
N ASP G 103 102.79 58.30 -62.43
CA ASP G 103 103.50 59.33 -61.66
C ASP G 103 102.83 60.71 -61.83
N LEU G 104 101.55 60.77 -61.45
CA LEU G 104 100.77 61.99 -61.51
C LEU G 104 100.10 62.22 -60.15
N PHE G 105 100.54 63.25 -59.43
CA PHE G 105 100.08 63.51 -58.07
C PHE G 105 99.30 64.82 -57.97
N LEU G 106 98.96 65.17 -56.73
CA LEU G 106 98.20 66.38 -56.44
C LEU G 106 98.96 67.63 -56.86
N LYS G 107 100.13 67.85 -56.25
CA LYS G 107 100.94 69.02 -56.55
C LYS G 107 101.74 68.77 -57.82
N ARG G 108 101.47 69.56 -58.86
CA ARG G 108 102.17 69.41 -60.12
C ARG G 108 103.61 69.88 -59.98
N GLU G 109 104.55 69.03 -60.37
CA GLU G 109 105.97 69.34 -60.26
C GLU G 109 106.73 68.31 -61.10
N GLU G 110 108.04 68.53 -61.23
CA GLU G 110 108.87 67.60 -61.99
C GLU G 110 108.84 66.21 -61.37
N LYS G 111 108.94 66.13 -60.05
CA LYS G 111 108.80 64.87 -59.32
C LYS G 111 108.30 65.18 -57.92
N PRO G 112 107.01 64.93 -57.65
CA PRO G 112 106.48 65.21 -56.32
C PRO G 112 107.11 64.31 -55.26
N GLU G 113 107.20 64.85 -54.04
CA GLU G 113 107.85 64.15 -52.94
C GLU G 113 106.85 63.18 -52.29
N ASP G 114 107.22 62.68 -51.11
CA ASP G 114 106.45 61.62 -50.45
C ASP G 114 105.28 62.14 -49.63
N ASP G 115 105.11 63.46 -49.49
CA ASP G 115 104.00 63.98 -48.72
C ASP G 115 102.66 63.61 -49.36
N ALA G 116 102.49 63.93 -50.65
CA ALA G 116 101.29 63.50 -51.36
C ALA G 116 101.26 61.99 -51.52
N TYR G 117 102.44 61.36 -51.63
CA TYR G 117 102.56 59.91 -51.62
C TYR G 117 101.74 59.30 -50.49
N TYR G 118 102.02 59.73 -49.25
CA TYR G 118 101.30 59.15 -48.13
C TYR G 118 99.96 59.82 -47.88
N ARG G 119 99.71 61.00 -48.42
CA ARG G 119 98.36 61.56 -48.36
C ARG G 119 97.39 60.68 -49.15
N PHE G 120 97.84 60.13 -50.27
CA PHE G 120 97.04 59.15 -51.00
C PHE G 120 96.66 57.97 -50.12
N GLU G 121 97.64 57.43 -49.40
CA GLU G 121 97.39 56.25 -48.56
C GLU G 121 96.49 56.60 -47.37
N THR G 122 96.65 57.80 -46.80
CA THR G 122 95.75 58.23 -45.73
C THR G 122 94.32 58.35 -46.22
N TRP G 123 94.13 58.91 -47.43
CA TRP G 123 92.78 59.00 -47.98
C TRP G 123 92.20 57.62 -48.25
N LEU G 124 93.02 56.69 -48.77
CA LEU G 124 92.53 55.32 -48.98
C LEU G 124 92.16 54.67 -47.65
N SER G 125 92.96 54.90 -46.61
CA SER G 125 92.66 54.36 -45.29
C SER G 125 91.35 54.93 -44.76
N SER G 126 91.12 56.23 -44.98
CA SER G 126 89.85 56.83 -44.57
C SER G 126 88.67 56.23 -45.34
N MET G 127 88.86 55.97 -46.63
CA MET G 127 87.81 55.35 -47.43
C MET G 127 87.46 53.97 -46.86
N TYR G 128 88.49 53.17 -46.56
CA TYR G 128 88.25 51.84 -46.02
C TYR G 128 87.69 51.92 -44.60
N ASN G 129 88.05 52.95 -43.84
CA ASN G 129 87.45 53.17 -42.53
C ASN G 129 85.96 53.41 -42.65
N LYS G 130 85.55 54.24 -43.62
CA LYS G 130 84.13 54.44 -43.86
C LYS G 130 83.46 53.15 -44.28
N VAL G 131 84.12 52.36 -45.11
CA VAL G 131 83.56 51.09 -45.57
C VAL G 131 83.31 50.15 -44.40
N VAL G 132 84.33 49.98 -43.53
CA VAL G 132 84.17 49.06 -42.41
C VAL G 132 83.20 49.59 -41.38
N THR G 133 83.13 50.92 -41.21
CA THR G 133 82.13 51.49 -40.33
C THR G 133 80.72 51.19 -40.83
N ALA G 134 80.50 51.33 -42.14
CA ALA G 134 79.20 50.96 -42.71
C ALA G 134 78.94 49.47 -42.52
N TYR G 135 79.97 48.64 -42.67
CA TYR G 135 79.80 47.20 -42.50
C TYR G 135 79.39 46.86 -41.06
N ALA G 136 79.96 47.56 -40.08
CA ALA G 136 79.72 47.25 -38.67
C ALA G 136 78.61 48.09 -38.05
N ASP G 137 77.96 48.98 -38.80
CA ASP G 137 76.91 49.82 -38.23
C ASP G 137 75.72 48.99 -37.79
N THR G 138 75.25 48.07 -38.65
CA THR G 138 73.97 47.41 -38.44
C THR G 138 74.09 45.94 -38.07
N TRP G 139 75.24 45.30 -38.27
CA TRP G 139 75.36 43.89 -37.95
C TRP G 139 75.20 43.65 -36.46
N GLU G 140 75.82 44.51 -35.63
CA GLU G 140 75.62 44.38 -34.19
C GLU G 140 74.18 44.69 -33.80
N LYS G 141 73.50 45.56 -34.56
CA LYS G 141 72.09 45.84 -34.27
C LYS G 141 71.23 44.60 -34.48
N THR G 142 71.41 43.90 -35.60
CA THR G 142 70.63 42.70 -35.83
C THR G 142 71.04 41.58 -34.89
N VAL G 143 72.32 41.55 -34.47
CA VAL G 143 72.71 40.61 -33.42
C VAL G 143 71.96 40.90 -32.13
N SER G 144 71.83 42.19 -31.79
CA SER G 144 71.09 42.55 -30.58
C SER G 144 69.62 42.16 -30.70
N ILE G 145 69.01 42.40 -31.85
CA ILE G 145 67.58 42.09 -31.98
C ILE G 145 67.35 40.58 -31.97
N GLN G 146 68.26 39.80 -32.56
CA GLN G 146 68.09 38.35 -32.50
C GLN G 146 68.35 37.82 -31.10
N LYS G 147 69.27 38.44 -30.35
CA LYS G 147 69.44 38.07 -28.95
C LYS G 147 68.19 38.39 -28.14
N SER G 148 67.58 39.54 -28.41
CA SER G 148 66.32 39.88 -27.74
C SER G 148 65.23 38.88 -28.07
N ALA G 149 65.13 38.48 -29.34
CA ALA G 149 64.15 37.47 -29.73
C ALA G 149 64.42 36.15 -29.04
N LEU G 150 65.69 35.76 -28.92
CA LEU G 150 66.04 34.52 -28.25
C LEU G 150 65.67 34.57 -26.78
N GLN G 151 65.90 35.71 -26.12
CA GLN G 151 65.62 35.78 -24.69
C GLN G 151 64.12 35.91 -24.41
N GLU G 152 63.36 36.55 -25.30
CA GLU G 152 61.92 36.70 -25.07
C GLU G 152 61.17 35.41 -25.33
N LEU G 153 61.71 34.52 -26.16
CA LEU G 153 61.10 33.23 -26.46
C LEU G 153 61.56 32.13 -25.51
N SER G 154 62.15 32.49 -24.38
CA SER G 154 62.76 31.50 -23.50
C SER G 154 61.71 30.75 -22.70
N ALA G 155 60.97 31.46 -21.85
CA ALA G 155 60.01 30.85 -20.92
C ALA G 155 58.66 31.51 -21.08
N PRO G 156 57.88 31.11 -22.08
CA PRO G 156 56.53 31.64 -22.23
C PRO G 156 55.57 30.95 -21.27
N LEU G 157 55.21 31.63 -20.20
CA LEU G 157 54.21 31.13 -19.28
C LEU G 157 52.80 31.44 -19.76
N LEU G 158 52.67 32.21 -20.84
CA LEU G 158 51.37 32.54 -21.39
C LEU G 158 50.44 31.35 -21.58
N PRO G 159 50.93 30.14 -21.91
CA PRO G 159 50.05 28.97 -21.80
C PRO G 159 49.47 28.85 -20.41
N ILE G 160 48.15 29.03 -20.30
CA ILE G 160 47.46 29.10 -19.02
C ILE G 160 46.15 28.35 -19.14
N PHE G 161 45.81 27.60 -18.10
CA PHE G 161 44.53 26.91 -17.96
C PHE G 161 43.83 27.45 -16.72
N GLU G 162 42.63 26.93 -16.44
CA GLU G 162 41.87 27.36 -15.27
C GLU G 162 42.61 26.96 -14.00
N LYS G 163 43.19 27.93 -13.31
CA LYS G 163 43.97 27.74 -12.10
C LYS G 163 45.16 26.81 -12.31
N ILE G 164 45.56 26.62 -13.57
CA ILE G 164 46.71 25.79 -13.94
C ILE G 164 47.61 26.60 -14.84
N SER G 165 48.92 26.48 -14.63
CA SER G 165 49.89 27.15 -15.47
C SER G 165 50.90 26.14 -15.99
N VAL G 166 51.38 26.37 -17.20
CA VAL G 166 52.35 25.49 -17.84
C VAL G 166 53.34 26.33 -18.63
N MET G 167 54.62 25.99 -18.53
CA MET G 167 55.68 26.73 -19.20
C MET G 167 56.51 25.77 -20.04
N PRO G 168 56.37 25.79 -21.36
CA PRO G 168 57.18 24.88 -22.19
C PRO G 168 58.51 25.47 -22.59
N LEU G 169 59.59 24.73 -22.37
CA LEU G 169 60.91 25.13 -22.82
C LEU G 169 61.50 24.02 -23.68
N ILE G 170 62.03 24.38 -24.84
CA ILE G 170 62.50 23.39 -25.81
C ILE G 170 63.92 23.61 -26.28
N GLY G 171 64.44 24.84 -26.26
CA GLY G 171 65.79 25.06 -26.73
C GLY G 171 66.83 24.72 -25.68
N THR G 172 68.03 24.39 -26.16
CA THR G 172 69.13 24.10 -25.25
C THR G 172 69.48 25.34 -24.43
N ILE G 173 69.69 25.13 -23.13
CA ILE G 173 69.84 26.23 -22.19
C ILE G 173 71.21 26.18 -21.53
N ASP G 174 71.74 27.35 -21.22
CA ASP G 174 73.00 27.53 -20.50
C ASP G 174 72.72 28.28 -19.21
N THR G 175 73.79 28.70 -18.53
CA THR G 175 73.63 29.36 -17.24
C THR G 175 72.82 30.65 -17.36
N GLU G 176 73.10 31.46 -18.38
CA GLU G 176 72.29 32.66 -18.59
C GLU G 176 70.86 32.29 -18.94
N ARG G 177 70.67 31.30 -19.81
CA ARG G 177 69.33 30.85 -20.14
C ARG G 177 68.63 30.28 -18.92
N ALA G 178 69.35 29.53 -18.09
CA ALA G 178 68.74 28.98 -16.88
C ALA G 178 68.29 30.10 -15.94
N LYS G 179 69.13 31.12 -15.76
CA LYS G 179 68.74 32.24 -14.92
C LYS G 179 67.52 32.95 -15.48
N LEU G 180 67.49 33.16 -16.80
CA LEU G 180 66.32 33.78 -17.42
C LEU G 180 65.07 32.93 -17.22
N ILE G 181 65.20 31.60 -17.36
CA ILE G 181 64.06 30.72 -17.22
C ILE G 181 63.51 30.80 -15.81
N ILE G 182 64.38 30.68 -14.80
CA ILE G 182 63.90 30.70 -13.43
C ILE G 182 63.29 32.05 -13.09
N GLU G 183 63.92 33.15 -13.54
CA GLU G 183 63.38 34.47 -13.24
C GLU G 183 62.03 34.68 -13.91
N ASN G 184 61.89 34.26 -15.17
CA ASN G 184 60.63 34.42 -15.88
C ASN G 184 59.53 33.57 -15.25
N LEU G 185 59.85 32.33 -14.89
CA LEU G 185 58.86 31.48 -14.25
C LEU G 185 58.41 32.08 -12.91
N LEU G 186 59.37 32.58 -12.12
CA LEU G 186 59.02 33.17 -10.83
C LEU G 186 58.18 34.41 -10.99
N ILE G 187 58.55 35.30 -11.92
CA ILE G 187 57.78 36.53 -12.09
C ILE G 187 56.39 36.22 -12.64
N GLY G 188 56.29 35.23 -13.51
CA GLY G 188 54.97 34.83 -13.99
C GLY G 188 54.10 34.28 -12.89
N VAL G 189 54.65 33.37 -12.07
CA VAL G 189 53.85 32.73 -11.05
C VAL G 189 53.50 33.71 -9.94
N VAL G 190 54.31 34.76 -9.74
CA VAL G 190 53.92 35.78 -8.78
C VAL G 190 52.95 36.77 -9.40
N LYS G 191 52.93 36.89 -10.73
CA LYS G 191 51.98 37.79 -11.37
C LYS G 191 50.57 37.20 -11.39
N ASN G 192 50.40 36.08 -12.08
CA ASN G 192 49.09 35.44 -12.19
C ASN G 192 48.95 34.33 -11.16
N ARG G 193 47.70 34.01 -10.83
CA ARG G 193 47.42 33.00 -9.82
C ARG G 193 47.41 31.62 -10.44
N SER G 194 47.91 30.65 -9.68
CA SER G 194 47.97 29.27 -10.14
C SER G 194 48.09 28.35 -8.93
N GLU G 195 47.82 27.07 -9.15
CA GLU G 195 48.02 26.06 -8.13
C GLU G 195 49.13 25.08 -8.46
N VAL G 196 49.30 24.73 -9.73
CA VAL G 196 50.41 23.90 -10.16
C VAL G 196 51.09 24.57 -11.35
N VAL G 197 52.35 24.23 -11.54
CA VAL G 197 53.13 24.72 -12.67
C VAL G 197 53.82 23.53 -13.32
N LEU G 198 53.58 23.33 -14.61
CA LEU G 198 54.16 22.23 -15.35
C LEU G 198 55.28 22.76 -16.23
N ILE G 199 56.48 22.25 -16.03
CA ILE G 199 57.64 22.63 -16.83
C ILE G 199 57.91 21.51 -17.82
N ASP G 200 57.76 21.82 -19.11
CA ASP G 200 57.96 20.84 -20.17
C ASP G 200 59.44 20.79 -20.48
N ILE G 201 60.14 19.82 -19.87
CA ILE G 201 61.57 19.64 -20.15
C ILE G 201 61.82 18.88 -21.44
N THR G 202 60.79 18.22 -21.99
CA THR G 202 60.96 17.52 -23.25
C THR G 202 61.30 18.49 -24.36
N GLY G 203 62.37 18.19 -25.08
CA GLY G 203 62.82 19.06 -26.14
C GLY G 203 64.28 19.42 -26.00
N VAL G 204 64.75 19.55 -24.76
CA VAL G 204 66.13 19.89 -24.47
C VAL G 204 66.94 18.60 -24.46
N PRO G 205 67.91 18.43 -25.37
CA PRO G 205 68.66 17.17 -25.42
C PRO G 205 69.49 16.88 -24.18
N VAL G 206 70.38 17.80 -23.80
CA VAL G 206 71.30 17.61 -22.68
C VAL G 206 71.41 18.92 -21.92
N VAL G 207 71.47 18.82 -20.60
CA VAL G 207 71.69 19.98 -19.73
C VAL G 207 72.94 19.75 -18.89
N ASP G 208 73.57 20.84 -18.49
CA ASP G 208 74.71 20.77 -17.61
C ASP G 208 74.25 20.47 -16.18
N THR G 209 75.20 19.99 -15.36
CA THR G 209 74.89 19.62 -13.99
C THR G 209 74.40 20.84 -13.20
N MET G 210 75.07 21.97 -13.35
CA MET G 210 74.64 23.18 -12.67
C MET G 210 73.29 23.65 -13.18
N VAL G 211 73.00 23.44 -14.47
CA VAL G 211 71.69 23.80 -15.01
C VAL G 211 70.61 22.97 -14.36
N ALA G 212 70.83 21.66 -14.23
CA ALA G 212 69.84 20.81 -13.58
C ALA G 212 69.68 21.18 -12.11
N HIS G 213 70.78 21.55 -11.45
CA HIS G 213 70.70 22.02 -10.07
C HIS G 213 69.83 23.26 -9.97
N HIS G 214 70.00 24.21 -10.90
CA HIS G 214 69.15 25.39 -10.89
C HIS G 214 67.70 25.05 -11.18
N ILE G 215 67.45 24.04 -12.04
CA ILE G 215 66.08 23.64 -12.30
C ILE G 215 65.43 23.07 -11.05
N ILE G 216 66.16 22.23 -10.32
CA ILE G 216 65.62 21.68 -9.07
C ILE G 216 65.39 22.78 -8.05
N GLN G 217 66.32 23.74 -7.97
CA GLN G 217 66.14 24.85 -7.06
C GLN G 217 64.93 25.68 -7.43
N ALA G 218 64.70 25.89 -8.73
CA ALA G 218 63.52 26.62 -9.18
C ALA G 218 62.24 25.88 -8.82
N SER G 219 62.25 24.56 -8.99
CA SER G 219 61.08 23.77 -8.61
C SER G 219 60.80 23.91 -7.12
N GLU G 220 61.84 23.83 -6.29
CA GLU G 220 61.63 23.98 -4.86
C GLU G 220 61.17 25.39 -4.51
N ALA G 221 61.71 26.40 -5.18
CA ALA G 221 61.31 27.77 -4.89
C ALA G 221 59.85 28.02 -5.25
N VAL G 222 59.41 27.52 -6.41
CA VAL G 222 58.03 27.74 -6.80
C VAL G 222 57.10 26.89 -5.95
N ARG G 223 57.58 25.76 -5.43
CA ARG G 223 56.83 25.06 -4.39
C ARG G 223 56.69 25.95 -3.15
N LEU G 224 57.78 26.62 -2.78
CA LEU G 224 57.74 27.51 -1.63
C LEU G 224 56.73 28.63 -1.82
N VAL G 225 56.69 29.21 -3.02
CA VAL G 225 55.73 30.29 -3.28
C VAL G 225 54.31 29.78 -3.07
N GLY G 226 54.08 28.49 -3.31
CA GLY G 226 52.78 27.89 -3.06
C GLY G 226 52.18 27.21 -4.27
N CYS G 227 53.03 26.78 -5.20
CA CYS G 227 52.59 26.13 -6.42
C CYS G 227 53.44 24.89 -6.66
N GLN G 228 52.79 23.74 -6.79
CA GLN G 228 53.51 22.51 -7.06
C GLN G 228 54.12 22.55 -8.46
N ALA G 229 55.34 22.03 -8.58
CA ALA G 229 56.08 22.02 -9.84
C ALA G 229 56.17 20.58 -10.31
N MET G 230 55.44 20.26 -11.37
CA MET G 230 55.47 18.93 -11.97
C MET G 230 56.37 18.96 -13.20
N LEU G 231 57.63 18.54 -13.02
CA LEU G 231 58.56 18.44 -14.13
C LEU G 231 58.09 17.35 -15.09
N VAL G 232 57.54 17.74 -16.23
CA VAL G 232 56.87 16.81 -17.14
C VAL G 232 57.81 16.50 -18.30
N GLY G 233 58.03 15.21 -18.52
CA GLY G 233 58.74 14.75 -19.69
C GLY G 233 60.24 14.96 -19.65
N ILE G 234 60.90 14.34 -18.68
CA ILE G 234 62.35 14.42 -18.55
C ILE G 234 62.98 13.33 -19.40
N ARG G 235 63.97 13.71 -20.21
CA ARG G 235 64.69 12.74 -21.02
C ARG G 235 65.55 11.85 -20.12
N PRO G 236 65.90 10.65 -20.59
CA PRO G 236 66.75 9.78 -19.76
C PRO G 236 68.09 10.38 -19.41
N GLU G 237 68.70 11.16 -20.30
CA GLU G 237 70.03 11.68 -20.03
C GLU G 237 70.00 12.80 -18.99
N ILE G 238 68.99 13.67 -19.04
CA ILE G 238 68.83 14.66 -17.99
C ILE G 238 68.53 13.97 -16.66
N ALA G 239 67.78 12.86 -16.71
CA ALA G 239 67.59 12.07 -15.50
C ALA G 239 68.92 11.55 -14.97
N GLN G 240 69.81 11.11 -15.86
CA GLN G 240 71.14 10.67 -15.45
C GLN G 240 71.90 11.80 -14.77
N THR G 241 71.88 12.99 -15.38
CA THR G 241 72.60 14.12 -14.81
C THR G 241 72.02 14.50 -13.44
N ILE G 242 70.70 14.50 -13.31
CA ILE G 242 70.06 14.85 -12.05
C ILE G 242 70.42 13.85 -10.97
N VAL G 243 70.40 12.56 -11.30
CA VAL G 243 70.72 11.54 -10.30
C VAL G 243 72.18 11.63 -9.89
N ASN G 244 73.10 11.77 -10.85
CA ASN G 244 74.50 11.93 -10.51
C ASN G 244 74.77 13.23 -9.76
N LEU G 245 73.88 14.21 -9.86
CA LEU G 245 74.00 15.41 -9.03
C LEU G 245 73.92 15.06 -7.55
N GLY G 246 73.10 14.08 -7.19
CA GLY G 246 72.99 13.64 -5.82
C GLY G 246 72.05 14.45 -4.95
N ILE G 247 71.42 15.49 -5.49
CA ILE G 247 70.48 16.28 -4.69
C ILE G 247 69.24 15.45 -4.37
N GLU G 248 68.52 15.88 -3.33
CA GLU G 248 67.35 15.12 -2.88
C GLU G 248 66.20 15.27 -3.87
N LEU G 249 65.51 14.17 -4.14
CA LEU G 249 64.57 14.10 -5.26
C LEU G 249 63.26 13.43 -4.86
N ASP G 250 62.66 13.85 -3.75
CA ASP G 250 61.37 13.27 -3.37
C ASP G 250 60.19 14.18 -3.70
N GLN G 251 60.35 15.50 -3.59
CA GLN G 251 59.23 16.40 -3.78
C GLN G 251 58.81 16.46 -5.24
N ILE G 252 59.78 16.44 -6.15
CA ILE G 252 59.50 16.66 -7.56
C ILE G 252 58.64 15.53 -8.11
N ILE G 253 57.41 15.87 -8.51
CA ILE G 253 56.50 14.94 -9.14
C ILE G 253 56.70 15.04 -10.65
N THR G 254 56.92 13.91 -11.29
CA THR G 254 57.23 13.89 -12.71
C THR G 254 56.32 12.93 -13.46
N THR G 255 55.95 13.32 -14.68
CA THR G 255 55.22 12.46 -15.60
C THR G 255 55.86 12.58 -16.97
N ASN G 256 55.82 11.47 -17.72
CA ASN G 256 56.55 11.41 -18.98
C ASN G 256 55.81 12.08 -20.14
N THR G 257 54.52 12.37 -19.99
CA THR G 257 53.75 12.96 -21.07
C THR G 257 52.98 14.17 -20.55
N MET G 258 52.80 15.17 -21.41
CA MET G 258 52.08 16.37 -21.01
C MET G 258 50.61 16.07 -20.74
N LYS G 259 50.02 15.11 -21.45
CA LYS G 259 48.64 14.73 -21.16
C LYS G 259 48.52 14.15 -19.76
N LYS G 260 49.47 13.29 -19.38
CA LYS G 260 49.45 12.74 -18.02
C LYS G 260 49.72 13.83 -16.99
N GLY G 261 50.56 14.81 -17.32
CA GLY G 261 50.75 15.94 -16.43
C GLY G 261 49.47 16.73 -16.22
N MET G 262 48.73 16.97 -17.30
CA MET G 262 47.46 17.68 -17.20
C MET G 262 46.45 16.90 -16.36
N GLU G 263 46.35 15.58 -16.57
CA GLU G 263 45.39 14.83 -15.78
C GLU G 263 45.81 14.75 -14.31
N ARG G 264 47.11 14.69 -14.04
CA ARG G 264 47.59 14.73 -12.66
C ARG G 264 47.28 16.07 -12.02
N ALA G 265 47.45 17.17 -12.77
CA ALA G 265 47.12 18.48 -12.24
C ALA G 265 45.63 18.58 -11.93
N LEU G 266 44.78 18.08 -12.83
CA LEU G 266 43.36 18.04 -12.56
C LEU G 266 43.01 17.11 -11.41
N ALA G 267 43.87 16.14 -11.13
CA ALA G 267 43.67 15.30 -9.95
C ALA G 267 44.00 16.06 -8.67
N LEU G 268 45.08 16.84 -8.69
CA LEU G 268 45.46 17.60 -7.51
C LEU G 268 44.39 18.62 -7.14
N THR G 269 43.93 19.39 -8.12
CA THR G 269 42.78 20.27 -7.95
C THR G 269 41.54 19.39 -8.13
N ASN G 270 41.05 18.85 -7.01
CA ASN G 270 40.13 17.72 -7.05
C ASN G 270 38.90 17.99 -7.90
N ARG G 271 38.27 19.15 -7.71
CA ARG G 271 37.04 19.45 -8.44
C ARG G 271 37.28 20.03 -9.82
N GLU G 272 38.54 20.23 -10.21
CA GLU G 272 38.82 20.70 -11.57
C GLU G 272 38.74 19.59 -12.60
N ILE G 273 38.67 18.33 -12.18
CA ILE G 273 38.58 17.21 -13.12
C ILE G 273 37.22 17.18 -13.81
N VAL G 274 36.23 17.85 -13.25
CA VAL G 274 34.89 17.88 -13.85
C VAL G 274 34.72 19.16 -14.68
N MET H 1 111.35 36.56 -47.21
CA MET H 1 112.19 36.55 -46.03
C MET H 1 111.63 37.45 -44.94
N TYR H 2 111.69 36.97 -43.69
CA TYR H 2 111.17 37.70 -42.55
C TYR H 2 112.21 38.01 -41.49
N LYS H 3 113.45 37.58 -41.67
CA LYS H 3 114.48 37.83 -40.66
C LYS H 3 114.80 39.32 -40.56
N ASP H 4 115.07 39.97 -41.69
CA ASP H 4 115.34 41.41 -41.67
C ASP H 4 114.10 42.20 -41.28
N PHE H 5 112.92 41.67 -41.60
CA PHE H 5 111.70 42.31 -41.13
C PHE H 5 111.66 42.34 -39.61
N ALA H 6 112.02 41.24 -38.95
CA ALA H 6 112.10 41.23 -37.49
C ALA H 6 113.22 42.14 -36.99
N ASN H 7 114.32 42.21 -37.72
CA ASN H 7 115.41 43.10 -37.34
C ASN H 7 114.95 44.55 -37.32
N PHE H 8 114.15 44.96 -38.30
CA PHE H 8 113.60 46.31 -38.32
C PHE H 8 112.44 46.45 -37.32
N ILE H 9 111.73 45.36 -37.04
CA ILE H 9 110.71 45.38 -35.99
C ILE H 9 111.34 45.62 -34.63
N ARG H 10 112.62 45.28 -34.48
CA ARG H 10 113.32 45.54 -33.21
C ARG H 10 113.28 47.01 -32.81
N THR H 11 113.11 47.92 -33.78
CA THR H 11 112.81 49.33 -33.48
C THR H 11 111.38 49.72 -33.80
N ASN H 12 110.73 48.99 -34.71
CA ASN H 12 109.30 49.23 -34.94
C ASN H 12 108.47 48.97 -33.70
N LYS H 13 108.99 48.21 -32.73
CA LYS H 13 108.25 48.01 -31.48
C LYS H 13 108.09 49.32 -30.73
N LYS H 14 109.19 50.06 -30.56
CA LYS H 14 109.10 51.39 -29.95
C LYS H 14 108.33 52.35 -30.85
N ASP H 15 108.50 52.22 -32.17
CA ASP H 15 107.73 53.07 -33.08
C ASP H 15 106.23 52.86 -32.90
N LEU H 16 105.81 51.60 -32.75
CA LEU H 16 104.39 51.30 -32.55
C LEU H 16 103.93 51.64 -31.14
N LEU H 17 104.82 51.63 -30.16
CA LEU H 17 104.46 52.16 -28.85
C LEU H 17 104.11 53.63 -28.95
N ASN H 18 104.97 54.41 -29.63
CA ASN H 18 104.66 55.81 -29.88
C ASN H 18 103.38 55.95 -30.71
N ASN H 19 103.15 55.02 -31.64
CA ASN H 19 101.94 55.04 -32.45
C ASN H 19 100.69 54.87 -31.60
N TRP H 20 100.69 53.87 -30.71
CA TRP H 20 99.56 53.65 -29.82
C TRP H 20 99.35 54.83 -28.89
N MET H 21 100.45 55.46 -28.46
CA MET H 21 100.31 56.69 -27.68
C MET H 21 99.63 57.78 -28.51
N ASN H 22 99.97 57.88 -29.79
CA ASN H 22 99.36 58.88 -30.65
C ASN H 22 97.88 58.55 -30.92
N GLU H 23 97.56 57.29 -31.14
CA GLU H 23 96.20 56.91 -31.50
C GLU H 23 95.22 57.04 -30.34
N MET H 24 95.70 57.17 -29.10
CA MET H 24 94.82 57.29 -27.95
C MET H 24 94.06 58.61 -27.91
N GLU H 25 94.45 59.59 -28.73
CA GLU H 25 93.82 60.90 -28.68
C GLU H 25 92.43 60.88 -29.30
N LYS H 26 92.27 60.18 -30.42
CA LYS H 26 91.09 60.34 -31.28
C LYS H 26 89.91 59.47 -30.84
N GLN H 27 90.10 58.16 -30.80
CA GLN H 27 88.98 57.23 -30.66
C GLN H 27 88.99 56.56 -29.29
N SER H 28 87.86 56.67 -28.59
CA SER H 28 87.59 55.90 -27.37
C SER H 28 88.72 56.02 -26.34
N ASP H 29 89.13 57.26 -26.07
CA ASP H 29 90.16 57.49 -25.06
C ASP H 29 89.74 57.03 -23.67
N PRO H 30 88.58 57.44 -23.12
CA PRO H 30 88.27 57.01 -21.75
C PRO H 30 87.96 55.53 -21.63
N LEU H 31 87.22 54.97 -22.60
CA LEU H 31 86.86 53.55 -22.53
C LEU H 31 88.10 52.67 -22.55
N ILE H 32 89.01 52.92 -23.49
CA ILE H 32 90.22 52.12 -23.58
C ILE H 32 91.13 52.38 -22.39
N ASN H 33 91.18 53.64 -21.92
CA ASN H 33 92.00 53.96 -20.76
C ASN H 33 91.52 53.23 -19.52
N ASP H 34 90.21 53.03 -19.39
CA ASP H 34 89.67 52.39 -18.20
C ASP H 34 89.73 50.86 -18.29
N ILE H 35 89.16 50.30 -19.37
CA ILE H 35 88.99 48.84 -19.42
C ILE H 35 90.34 48.13 -19.54
N ALA H 36 91.29 48.71 -20.27
CA ALA H 36 92.57 48.06 -20.54
C ALA H 36 93.69 49.01 -20.16
N LYS H 37 94.54 48.59 -19.22
CA LYS H 37 95.72 49.36 -18.88
C LYS H 37 96.68 49.41 -20.07
N GLU H 38 97.39 50.52 -20.20
CA GLU H 38 98.30 50.69 -21.33
C GLU H 38 99.38 49.62 -21.41
N PRO H 39 100.05 49.21 -20.31
CA PRO H 39 101.13 48.21 -20.47
C PRO H 39 100.68 46.90 -21.10
N MET H 40 99.51 46.38 -20.73
CA MET H 40 99.09 45.08 -21.28
C MET H 40 98.76 45.20 -22.76
N TYR H 41 98.07 46.27 -23.16
CA TYR H 41 97.79 46.47 -24.57
C TYR H 41 99.09 46.65 -25.36
N GLU H 42 100.03 47.40 -24.81
CA GLU H 42 101.31 47.62 -25.50
C GLU H 42 102.07 46.30 -25.66
N GLU H 43 102.14 45.49 -24.60
CA GLU H 43 102.89 44.24 -24.71
C GLU H 43 102.21 43.27 -25.66
N THR H 44 100.87 43.20 -25.62
CA THR H 44 100.16 42.34 -26.56
C THR H 44 100.40 42.78 -28.00
N SER H 45 100.34 44.10 -28.25
CA SER H 45 100.55 44.60 -29.60
C SER H 45 101.96 44.33 -30.09
N ILE H 46 102.97 44.55 -29.24
CA ILE H 46 104.34 44.35 -29.69
C ILE H 46 104.61 42.86 -29.92
N GLU H 47 104.05 41.99 -29.07
CA GLU H 47 104.20 40.56 -29.31
C GLU H 47 103.54 40.15 -30.62
N PHE H 48 102.34 40.67 -30.89
CA PHE H 48 101.64 40.33 -32.12
C PHE H 48 102.43 40.80 -33.34
N VAL H 49 103.03 42.00 -33.26
CA VAL H 49 103.72 42.55 -34.43
C VAL H 49 105.16 42.08 -34.57
N ASP H 50 105.73 41.43 -33.54
CA ASP H 50 107.08 40.89 -33.72
C ASP H 50 107.11 39.38 -33.92
N LEU H 51 106.08 38.65 -33.48
CA LEU H 51 106.03 37.21 -33.70
C LEU H 51 105.45 36.85 -35.06
N ILE H 52 104.98 37.83 -35.82
CA ILE H 52 104.45 37.57 -37.16
C ILE H 52 105.58 37.21 -38.13
N VAL H 53 106.71 37.87 -38.02
CA VAL H 53 107.80 37.69 -38.97
C VAL H 53 108.97 36.97 -38.30
N SER H 54 108.66 36.15 -37.31
CA SER H 54 109.66 35.36 -36.62
C SER H 54 109.85 33.98 -37.24
N ASN H 55 109.15 33.67 -38.33
CA ASN H 55 109.25 32.40 -39.01
C ASN H 55 109.85 32.60 -40.40
N ILE H 56 109.91 31.50 -41.16
CA ILE H 56 110.51 31.51 -42.49
C ILE H 56 109.39 31.76 -43.50
N THR H 57 109.17 33.03 -43.81
CA THR H 57 108.20 33.47 -44.82
C THR H 57 106.79 32.95 -44.54
N GLU H 58 106.49 32.67 -43.27
CA GLU H 58 105.21 32.11 -42.88
C GLU H 58 104.93 32.50 -41.43
N ASN H 59 103.89 31.89 -40.86
CA ASN H 59 103.56 32.05 -39.45
C ASN H 59 103.31 30.67 -38.85
N GLY H 60 103.79 30.48 -37.63
CA GLY H 60 103.66 29.18 -36.99
C GLY H 60 102.23 28.86 -36.62
N SER H 61 101.96 27.55 -36.48
CA SER H 61 100.63 27.11 -36.07
C SER H 61 100.28 27.64 -34.69
N LYS H 62 101.23 27.59 -33.76
CA LYS H 62 101.02 28.22 -32.47
C LYS H 62 100.77 29.71 -32.62
N PHE H 63 101.54 30.37 -33.48
CA PHE H 63 101.28 31.79 -33.74
C PHE H 63 100.00 31.99 -34.53
N ASN H 64 99.59 31.01 -35.34
CA ASN H 64 98.29 31.11 -36.00
C ASN H 64 97.17 31.15 -34.97
N GLU H 65 97.24 30.26 -33.98
CA GLU H 65 96.25 30.26 -32.91
C GLU H 65 96.33 31.55 -32.10
N LYS H 66 97.55 32.03 -31.84
CA LYS H 66 97.69 33.29 -31.10
C LYS H 66 97.12 34.46 -31.89
N LEU H 67 97.28 34.45 -33.21
CA LEU H 67 96.71 35.51 -34.04
C LEU H 67 95.20 35.45 -34.03
N ASP H 68 94.62 34.26 -34.10
CA ASP H 68 93.17 34.13 -34.00
C ASP H 68 92.67 34.63 -32.64
N ASP H 69 93.39 34.27 -31.57
CA ASP H 69 93.02 34.73 -30.23
C ASP H 69 93.12 36.25 -30.12
N PHE H 70 94.17 36.83 -30.68
CA PHE H 70 94.31 38.29 -30.67
C PHE H 70 93.18 38.95 -31.43
N ALA H 71 92.83 38.39 -32.60
CA ALA H 71 91.75 38.96 -33.38
C ALA H 71 90.42 38.93 -32.63
N GLU H 72 90.08 37.77 -32.06
CA GLU H 72 88.82 37.68 -31.33
C GLU H 72 88.85 38.54 -30.06
N LYS H 73 90.01 38.64 -29.40
CA LYS H 73 90.13 39.47 -28.21
C LYS H 73 89.93 40.94 -28.52
N VAL H 74 90.54 41.44 -29.60
CA VAL H 74 90.35 42.84 -29.94
C VAL H 74 88.94 43.09 -30.46
N VAL H 75 88.32 42.09 -31.10
CA VAL H 75 86.95 42.25 -31.56
C VAL H 75 85.98 42.37 -30.39
N HIS H 76 86.14 41.50 -29.39
CA HIS H 76 85.20 41.45 -28.27
C HIS H 76 85.65 42.30 -27.09
N LEU H 77 86.77 43.03 -27.21
CA LEU H 77 87.29 43.84 -26.12
C LEU H 77 86.99 45.32 -26.28
N GLY H 78 86.65 45.78 -27.48
CA GLY H 78 86.40 47.18 -27.70
C GLY H 78 87.17 47.77 -28.86
N TRP H 79 87.64 46.91 -29.77
CA TRP H 79 88.33 47.34 -30.98
C TRP H 79 87.63 46.71 -32.18
N PRO H 80 86.53 47.32 -32.65
CA PRO H 80 85.82 46.76 -33.81
C PRO H 80 86.62 46.90 -35.10
N ILE H 81 86.03 46.47 -36.22
CA ILE H 81 86.73 46.49 -37.50
C ILE H 81 87.13 47.90 -37.89
N HIS H 82 86.32 48.89 -37.52
CA HIS H 82 86.71 50.28 -37.75
C HIS H 82 87.94 50.65 -36.93
N PHE H 83 88.00 50.18 -35.68
CA PHE H 83 89.18 50.44 -34.86
C PHE H 83 90.41 49.72 -35.43
N VAL H 84 90.22 48.53 -35.99
CA VAL H 84 91.34 47.84 -36.61
C VAL H 84 91.82 48.58 -37.85
N THR H 85 90.89 49.17 -38.62
CA THR H 85 91.29 49.95 -39.78
C THR H 85 92.01 51.23 -39.37
N THR H 86 91.56 51.88 -38.28
CA THR H 86 92.30 53.02 -37.76
C THR H 86 93.68 52.60 -37.27
N GLY H 87 93.78 51.42 -36.67
CA GLY H 87 95.08 50.91 -36.27
C GLY H 87 96.00 50.68 -37.47
N LEU H 88 95.45 50.16 -38.57
CA LEU H 88 96.23 50.01 -39.79
C LEU H 88 96.68 51.37 -40.32
N ARG H 89 95.79 52.36 -40.29
CA ARG H 89 96.14 53.70 -40.78
C ARG H 89 97.25 54.31 -39.94
N VAL H 90 97.17 54.21 -38.62
CA VAL H 90 98.21 54.77 -37.77
C VAL H 90 99.50 53.95 -37.87
N PHE H 91 99.39 52.64 -38.10
CA PHE H 91 100.55 51.82 -38.45
C PHE H 91 101.26 52.40 -39.66
N GLY H 92 100.50 52.67 -40.72
CA GLY H 92 101.08 53.28 -41.91
C GLY H 92 101.73 54.61 -41.59
N LEU H 93 101.06 55.45 -40.81
CA LEU H 93 101.60 56.75 -40.45
C LEU H 93 102.96 56.62 -39.79
N LEU H 94 103.04 55.82 -38.72
CA LEU H 94 104.27 55.76 -37.95
C LEU H 94 105.37 54.99 -38.67
N VAL H 95 105.03 53.93 -39.41
CA VAL H 95 106.03 53.21 -40.17
C VAL H 95 106.57 54.07 -41.30
N TYR H 96 105.70 54.88 -41.92
CA TYR H 96 106.13 55.82 -42.94
C TYR H 96 107.09 56.86 -42.36
N THR H 97 106.75 57.42 -41.19
CA THR H 97 107.64 58.38 -40.56
C THR H 97 108.99 57.75 -40.19
N ALA H 98 108.95 56.53 -39.66
CA ALA H 98 110.19 55.85 -39.30
C ALA H 98 111.05 55.56 -40.52
N MET H 99 110.43 55.10 -41.61
CA MET H 99 111.17 54.81 -42.83
C MET H 99 111.77 56.09 -43.41
N ARG H 100 111.06 57.20 -43.32
CA ARG H 100 111.65 58.48 -43.74
C ARG H 100 112.79 58.88 -42.82
N ASP H 101 112.72 58.51 -41.54
CA ASP H 101 113.77 58.88 -40.59
C ASP H 101 114.83 57.80 -40.46
N GLU H 102 114.43 56.59 -40.07
CA GLU H 102 115.42 55.54 -39.82
C GLU H 102 116.03 55.03 -41.11
N ASP H 103 115.22 54.83 -42.15
CA ASP H 103 115.68 54.35 -43.45
C ASP H 103 116.40 53.01 -43.32
N LEU H 104 115.66 52.01 -42.85
CA LEU H 104 116.15 50.64 -42.72
C LEU H 104 115.12 49.71 -43.36
N PHE H 105 115.45 49.20 -44.56
CA PHE H 105 114.54 48.37 -45.33
C PHE H 105 115.03 46.93 -45.35
N LEU H 106 114.35 46.08 -46.11
CA LEU H 106 114.67 44.66 -46.14
C LEU H 106 116.09 44.41 -46.68
N LYS H 107 116.32 44.76 -47.94
CA LYS H 107 117.61 44.48 -48.55
C LYS H 107 118.69 45.39 -48.00
N ARG H 108 119.86 44.81 -47.72
CA ARG H 108 121.01 45.57 -47.21
C ARG H 108 121.62 46.35 -48.37
N GLU H 109 121.32 47.65 -48.44
CA GLU H 109 121.80 48.49 -49.51
C GLU H 109 121.82 49.94 -49.01
N GLU H 110 122.49 50.80 -49.78
CA GLU H 110 122.54 52.21 -49.42
C GLU H 110 121.15 52.84 -49.39
N LYS H 111 120.32 52.52 -50.37
CA LYS H 111 118.94 52.97 -50.40
C LYS H 111 118.09 51.98 -51.21
N PRO H 112 117.43 51.04 -50.54
CA PRO H 112 116.52 50.13 -51.25
C PRO H 112 115.38 50.89 -51.91
N GLU H 113 114.95 50.39 -53.07
CA GLU H 113 113.93 51.06 -53.87
C GLU H 113 112.54 50.74 -53.31
N ASP H 114 111.51 51.08 -54.08
CA ASP H 114 110.12 50.95 -53.64
C ASP H 114 109.67 49.51 -53.44
N ASP H 115 110.45 48.53 -53.91
CA ASP H 115 110.03 47.13 -53.86
C ASP H 115 109.76 46.68 -52.43
N ALA H 116 110.79 46.67 -51.58
CA ALA H 116 110.55 46.30 -50.18
C ALA H 116 109.77 47.38 -49.44
N TYR H 117 109.94 48.64 -49.87
CA TYR H 117 109.21 49.76 -49.26
C TYR H 117 107.71 49.54 -49.32
N TYR H 118 107.23 48.80 -50.33
CA TYR H 118 105.82 48.42 -50.35
C TYR H 118 105.58 46.95 -50.02
N ARG H 119 106.62 46.11 -50.04
CA ARG H 119 106.45 44.75 -49.53
C ARG H 119 106.11 44.77 -48.05
N PHE H 120 106.65 45.74 -47.32
CA PHE H 120 106.22 45.97 -45.94
C PHE H 120 104.71 46.13 -45.86
N GLU H 121 104.16 47.01 -46.71
CA GLU H 121 102.72 47.29 -46.66
C GLU H 121 101.90 46.10 -47.17
N THR H 122 102.42 45.35 -48.14
CA THR H 122 101.72 44.14 -48.59
C THR H 122 101.61 43.13 -47.46
N TRP H 123 102.70 42.94 -46.70
CA TRP H 123 102.63 42.03 -45.57
C TRP H 123 101.71 42.54 -44.47
N LEU H 124 101.67 43.87 -44.27
CA LEU H 124 100.70 44.43 -43.33
C LEU H 124 99.27 44.17 -43.80
N SER H 125 99.02 44.30 -45.11
CA SER H 125 97.69 44.04 -45.64
C SER H 125 97.30 42.57 -45.48
N SER H 126 98.27 41.66 -45.66
CA SER H 126 97.99 40.25 -45.43
C SER H 126 97.73 39.97 -43.95
N MET H 127 98.43 40.68 -43.07
CA MET H 127 98.14 40.61 -41.64
C MET H 127 96.70 41.00 -41.38
N TYR H 128 96.26 42.11 -41.97
CA TYR H 128 94.89 42.57 -41.84
C TYR H 128 93.90 41.54 -42.40
N ASN H 129 94.27 40.88 -43.50
CA ASN H 129 93.42 39.85 -44.09
C ASN H 129 93.24 38.68 -43.12
N LYS H 130 94.33 38.24 -42.48
CA LYS H 130 94.21 37.19 -41.48
C LYS H 130 93.33 37.63 -40.32
N VAL H 131 93.49 38.88 -39.88
CA VAL H 131 92.69 39.41 -38.78
C VAL H 131 91.21 39.37 -39.14
N VAL H 132 90.87 39.84 -40.35
CA VAL H 132 89.46 39.89 -40.73
C VAL H 132 88.89 38.50 -40.99
N THR H 133 89.71 37.55 -41.45
CA THR H 133 89.21 36.19 -41.57
C THR H 133 88.85 35.60 -40.21
N ALA H 134 89.72 35.81 -39.21
CA ALA H 134 89.40 35.36 -37.86
C ALA H 134 88.21 36.11 -37.29
N TYR H 135 88.02 37.37 -37.71
CA TYR H 135 86.81 38.11 -37.38
C TYR H 135 85.56 37.41 -37.93
N ALA H 136 85.61 37.04 -39.21
CA ALA H 136 84.39 36.60 -39.89
C ALA H 136 83.97 35.19 -39.47
N ASP H 137 84.93 34.29 -39.29
CA ASP H 137 84.59 32.87 -39.17
C ASP H 137 83.67 32.59 -37.99
N THR H 138 84.15 32.83 -36.77
CA THR H 138 83.37 32.48 -35.59
C THR H 138 82.11 33.31 -35.47
N TRP H 139 82.15 34.56 -35.92
CA TRP H 139 80.94 35.40 -35.88
C TRP H 139 79.85 34.82 -36.77
N GLU H 140 80.20 34.39 -37.98
CA GLU H 140 79.20 33.75 -38.83
C GLU H 140 78.73 32.43 -38.23
N LYS H 141 79.63 31.69 -37.60
CA LYS H 141 79.22 30.44 -36.95
C LYS H 141 78.16 30.69 -35.87
N THR H 142 78.40 31.68 -35.00
CA THR H 142 77.45 31.93 -33.93
C THR H 142 76.15 32.54 -34.47
N VAL H 143 76.23 33.34 -35.53
CA VAL H 143 75.01 33.85 -36.17
C VAL H 143 74.18 32.70 -36.70
N SER H 144 74.82 31.72 -37.34
CA SER H 144 74.10 30.57 -37.87
C SER H 144 73.46 29.74 -36.76
N ILE H 145 74.19 29.51 -35.66
CA ILE H 145 73.60 28.70 -34.60
C ILE H 145 72.45 29.45 -33.94
N GLN H 146 72.56 30.78 -33.81
CA GLN H 146 71.45 31.55 -33.25
C GLN H 146 70.23 31.50 -34.18
N LYS H 147 70.45 31.58 -35.49
CA LYS H 147 69.34 31.47 -36.43
C LYS H 147 68.67 30.10 -36.33
N SER H 148 69.47 29.04 -36.17
CA SER H 148 68.89 27.71 -35.99
C SER H 148 68.07 27.64 -34.70
N ALA H 149 68.57 28.27 -33.64
CA ALA H 149 67.83 28.29 -32.38
C ALA H 149 66.50 29.01 -32.54
N LEU H 150 66.48 30.13 -33.26
CA LEU H 150 65.21 30.80 -33.54
C LEU H 150 64.30 29.92 -34.41
N GLN H 151 64.88 29.17 -35.34
CA GLN H 151 64.07 28.28 -36.17
C GLN H 151 63.39 27.20 -35.33
N GLU H 152 64.11 26.61 -34.38
CA GLU H 152 63.52 25.53 -33.59
C GLU H 152 62.54 26.06 -32.55
N LEU H 153 62.73 27.30 -32.10
CA LEU H 153 61.93 27.88 -31.02
C LEU H 153 60.78 28.74 -31.56
N SER H 154 60.44 28.61 -32.83
CA SER H 154 59.44 29.49 -33.43
C SER H 154 58.03 29.10 -33.03
N ALA H 155 57.60 27.89 -33.43
CA ALA H 155 56.23 27.43 -33.23
C ALA H 155 56.25 26.06 -32.57
N PRO H 156 56.38 26.00 -31.25
CA PRO H 156 56.44 24.71 -30.56
C PRO H 156 55.05 24.13 -30.32
N LEU H 157 54.71 23.09 -31.07
CA LEU H 157 53.46 22.36 -30.84
C LEU H 157 53.58 21.35 -29.72
N LEU H 158 54.76 21.24 -29.11
CA LEU H 158 54.98 20.26 -28.03
C LEU H 158 53.94 20.33 -26.92
N PRO H 159 53.45 21.50 -26.48
CA PRO H 159 52.32 21.50 -25.54
C PRO H 159 51.15 20.74 -26.11
N ILE H 160 50.77 19.65 -25.44
CA ILE H 160 49.74 18.74 -25.91
C ILE H 160 48.84 18.34 -24.74
N PHE H 161 47.54 18.27 -25.01
CA PHE H 161 46.55 17.73 -24.10
C PHE H 161 45.92 16.49 -24.73
N GLU H 162 45.03 15.84 -24.00
CA GLU H 162 44.38 14.62 -24.50
C GLU H 162 43.55 14.94 -25.73
N LYS H 163 44.03 14.53 -26.91
CA LYS H 163 43.35 14.76 -28.18
C LYS H 163 43.15 16.24 -28.49
N ILE H 164 43.90 17.12 -27.83
CA ILE H 164 43.80 18.56 -28.06
C ILE H 164 45.21 19.13 -28.05
N SER H 165 45.59 19.78 -29.14
CA SER H 165 46.90 20.43 -29.24
C SER H 165 46.78 21.91 -28.90
N VAL H 166 47.93 22.53 -28.69
CA VAL H 166 48.00 23.97 -28.46
C VAL H 166 49.39 24.44 -28.88
N MET H 167 49.42 25.56 -29.61
CA MET H 167 50.63 26.01 -30.28
C MET H 167 50.86 27.48 -29.94
N PRO H 168 51.54 27.77 -28.83
CA PRO H 168 51.74 29.15 -28.41
C PRO H 168 52.93 29.77 -29.13
N LEU H 169 52.68 30.92 -29.77
CA LEU H 169 53.73 31.69 -30.42
C LEU H 169 53.69 33.12 -29.91
N ILE H 170 54.87 33.67 -29.62
CA ILE H 170 55.01 35.04 -29.13
C ILE H 170 56.16 35.70 -29.88
N GLY H 171 56.37 36.98 -29.60
CA GLY H 171 57.38 37.75 -30.31
C GLY H 171 56.90 38.16 -31.68
N THR H 172 57.74 38.93 -32.36
CA THR H 172 57.42 39.46 -33.68
C THR H 172 57.79 38.43 -34.74
N ILE H 173 56.85 38.16 -35.64
CA ILE H 173 57.01 37.15 -36.67
C ILE H 173 56.95 37.82 -38.03
N ASP H 174 57.93 37.50 -38.88
CA ASP H 174 57.99 38.01 -40.24
C ASP H 174 57.54 36.92 -41.22
N THR H 175 57.70 37.20 -42.51
CA THR H 175 57.18 36.30 -43.54
C THR H 175 57.87 34.94 -43.48
N GLU H 176 59.20 34.93 -43.33
CA GLU H 176 59.91 33.67 -43.20
C GLU H 176 59.47 32.91 -41.95
N ARG H 177 59.34 33.63 -40.83
CA ARG H 177 58.82 32.99 -39.63
C ARG H 177 57.39 32.52 -39.84
N ALA H 178 56.59 33.26 -40.61
CA ALA H 178 55.22 32.83 -40.88
C ALA H 178 55.20 31.50 -41.63
N LYS H 179 56.04 31.37 -42.66
CA LYS H 179 56.11 30.12 -43.39
C LYS H 179 56.60 28.99 -42.50
N LEU H 180 57.59 29.27 -41.65
CA LEU H 180 58.08 28.24 -40.72
C LEU H 180 56.97 27.80 -39.77
N ILE H 181 56.19 28.76 -39.27
CA ILE H 181 55.10 28.46 -38.35
C ILE H 181 54.05 27.59 -39.04
N ILE H 182 53.67 27.93 -40.27
CA ILE H 182 52.61 27.15 -40.93
C ILE H 182 53.12 25.75 -41.24
N GLU H 183 54.38 25.63 -41.69
CA GLU H 183 54.94 24.31 -41.96
C GLU H 183 54.99 23.47 -40.70
N ASN H 184 55.45 24.06 -39.60
CA ASN H 184 55.55 23.31 -38.36
C ASN H 184 54.17 22.91 -37.85
N LEU H 185 53.19 23.80 -37.95
CA LEU H 185 51.84 23.49 -37.51
C LEU H 185 51.27 22.32 -38.31
N LEU H 186 51.43 22.35 -39.63
CA LEU H 186 50.89 21.27 -40.46
C LEU H 186 51.58 19.94 -40.15
N ILE H 187 52.92 19.95 -40.09
CA ILE H 187 53.62 18.70 -39.84
C ILE H 187 53.32 18.18 -38.44
N GLY H 188 53.14 19.08 -37.47
CA GLY H 188 52.81 18.62 -36.13
C GLY H 188 51.41 18.05 -36.03
N VAL H 189 50.42 18.72 -36.63
CA VAL H 189 49.06 18.22 -36.57
C VAL H 189 48.95 16.91 -37.33
N VAL H 190 49.81 16.69 -38.34
CA VAL H 190 49.86 15.38 -38.97
C VAL H 190 50.53 14.37 -38.06
N LYS H 191 51.59 14.78 -37.36
CA LYS H 191 52.38 13.85 -36.56
C LYS H 191 51.55 13.21 -35.46
N ASN H 192 50.74 14.00 -34.76
CA ASN H 192 49.88 13.49 -33.70
C ASN H 192 48.43 13.88 -33.98
N ARG H 193 47.52 12.97 -33.65
CA ARG H 193 46.10 13.22 -33.87
C ARG H 193 45.58 14.24 -32.85
N SER H 194 44.78 15.19 -33.34
CA SER H 194 44.22 16.22 -32.49
C SER H 194 43.05 16.86 -33.21
N GLU H 195 41.88 16.87 -32.56
CA GLU H 195 40.69 17.45 -33.18
C GLU H 195 40.73 18.97 -33.16
N VAL H 196 41.32 19.58 -32.14
CA VAL H 196 41.32 21.03 -31.98
C VAL H 196 42.76 21.50 -31.84
N VAL H 197 43.13 22.53 -32.60
CA VAL H 197 44.44 23.16 -32.50
C VAL H 197 44.24 24.60 -32.09
N LEU H 198 44.76 24.98 -30.93
CA LEU H 198 44.66 26.34 -30.43
C LEU H 198 46.01 27.02 -30.64
N ILE H 199 46.08 27.94 -31.59
CA ILE H 199 47.29 28.71 -31.83
C ILE H 199 47.13 30.06 -31.14
N ASP H 200 48.09 30.39 -30.28
CA ASP H 200 48.05 31.60 -29.48
C ASP H 200 48.62 32.77 -30.28
N ILE H 201 47.84 33.83 -30.40
CA ILE H 201 48.33 35.04 -31.02
C ILE H 201 48.83 36.05 -29.99
N THR H 202 48.30 35.99 -28.77
CA THR H 202 48.73 36.90 -27.71
C THR H 202 50.23 36.80 -27.50
N GLY H 203 50.93 37.91 -27.71
CA GLY H 203 52.37 37.94 -27.58
C GLY H 203 53.01 38.70 -28.71
N VAL H 204 52.39 38.66 -29.89
CA VAL H 204 52.87 39.39 -31.05
C VAL H 204 52.16 40.75 -31.08
N PRO H 205 52.89 41.86 -31.02
CA PRO H 205 52.24 43.17 -30.99
C PRO H 205 51.53 43.51 -32.29
N VAL H 206 52.26 43.49 -33.39
CA VAL H 206 51.75 43.90 -34.70
C VAL H 206 52.04 42.80 -35.70
N VAL H 207 51.05 42.46 -36.51
CA VAL H 207 51.19 41.45 -37.56
C VAL H 207 50.95 42.11 -38.90
N ASP H 208 51.88 41.91 -39.83
CA ASP H 208 51.75 42.47 -41.16
C ASP H 208 50.56 41.85 -41.90
N THR H 209 50.12 42.55 -42.95
CA THR H 209 49.00 42.03 -43.73
C THR H 209 49.32 40.68 -44.35
N MET H 210 50.52 40.52 -44.88
CA MET H 210 50.89 39.27 -45.53
C MET H 210 50.97 38.15 -44.50
N VAL H 211 51.51 38.43 -43.32
CA VAL H 211 51.62 37.42 -42.27
C VAL H 211 50.24 37.05 -41.74
N ALA H 212 49.35 38.04 -41.60
CA ALA H 212 47.99 37.74 -41.18
C ALA H 212 47.28 36.87 -42.23
N HIS H 213 47.52 37.16 -43.51
CA HIS H 213 46.98 36.32 -44.56
C HIS H 213 47.49 34.89 -44.46
N HIS H 214 48.79 34.73 -44.20
CA HIS H 214 49.33 33.38 -44.00
C HIS H 214 48.68 32.69 -42.80
N ILE H 215 48.44 33.43 -41.72
CA ILE H 215 47.82 32.84 -40.53
C ILE H 215 46.42 32.36 -40.86
N ILE H 216 45.64 33.16 -41.58
CA ILE H 216 44.29 32.76 -41.96
C ILE H 216 44.33 31.55 -42.88
N GLN H 217 45.27 31.54 -43.84
CA GLN H 217 45.41 30.39 -44.71
C GLN H 217 45.76 29.13 -43.92
N ALA H 218 46.64 29.27 -42.93
CA ALA H 218 47.01 28.11 -42.10
C ALA H 218 45.81 27.61 -41.31
N SER H 219 45.01 28.51 -40.76
CA SER H 219 43.83 28.09 -40.01
C SER H 219 42.86 27.35 -40.92
N GLU H 220 42.62 27.88 -42.12
CA GLU H 220 41.70 27.21 -43.03
C GLU H 220 42.25 25.87 -43.50
N ALA H 221 43.57 25.79 -43.71
CA ALA H 221 44.17 24.52 -44.11
C ALA H 221 44.05 23.48 -42.99
N VAL H 222 44.24 23.89 -41.74
CA VAL H 222 44.09 22.97 -40.62
C VAL H 222 42.63 22.52 -40.51
N ARG H 223 41.69 23.43 -40.77
CA ARG H 223 40.29 23.00 -40.86
C ARG H 223 40.11 21.97 -41.96
N LEU H 224 40.76 22.18 -43.10
CA LEU H 224 40.62 21.26 -44.22
C LEU H 224 41.21 19.90 -43.93
N VAL H 225 42.30 19.83 -43.15
CA VAL H 225 42.85 18.53 -42.78
C VAL H 225 41.86 17.78 -41.90
N GLY H 226 41.04 18.49 -41.14
CA GLY H 226 40.04 17.86 -40.32
C GLY H 226 40.17 18.19 -38.85
N CYS H 227 40.76 19.34 -38.56
CA CYS H 227 40.98 19.78 -37.18
C CYS H 227 40.59 21.24 -37.06
N GLN H 228 39.68 21.54 -36.14
CA GLN H 228 39.30 22.93 -35.89
C GLN H 228 40.48 23.70 -35.32
N ALA H 229 40.67 24.92 -35.81
CA ALA H 229 41.77 25.78 -35.38
C ALA H 229 41.18 27.06 -34.80
N MET H 230 40.90 27.04 -33.50
CA MET H 230 40.32 28.22 -32.86
C MET H 230 41.43 29.21 -32.55
N LEU H 231 41.50 30.27 -33.34
CA LEU H 231 42.45 31.35 -33.12
C LEU H 231 42.13 32.03 -31.79
N VAL H 232 43.08 32.02 -30.86
CA VAL H 232 42.83 32.44 -29.48
C VAL H 232 43.69 33.65 -29.17
N GLY H 233 43.12 34.56 -28.37
CA GLY H 233 43.86 35.69 -27.84
C GLY H 233 44.32 36.70 -28.86
N ILE H 234 43.46 37.07 -29.80
CA ILE H 234 43.83 38.07 -30.80
C ILE H 234 43.97 39.43 -30.14
N ARG H 235 44.96 40.20 -30.58
CA ARG H 235 45.08 41.56 -30.09
C ARG H 235 44.24 42.52 -30.94
N PRO H 236 43.78 43.63 -30.35
CA PRO H 236 42.87 44.52 -31.09
C PRO H 236 43.45 45.05 -32.38
N GLU H 237 44.73 45.42 -32.40
CA GLU H 237 45.35 45.91 -33.63
C GLU H 237 45.44 44.81 -34.67
N ILE H 238 45.73 43.58 -34.23
CA ILE H 238 45.78 42.45 -35.16
C ILE H 238 44.40 42.19 -35.76
N ALA H 239 43.36 42.23 -34.93
CA ALA H 239 42.01 42.03 -35.44
C ALA H 239 41.62 43.15 -36.40
N GLN H 240 42.05 44.37 -36.11
CA GLN H 240 41.80 45.50 -36.98
C GLN H 240 42.44 45.27 -38.36
N TPO H 241 43.69 44.80 -38.34
CA TPO H 241 44.41 44.53 -39.59
CB TPO H 241 45.89 44.25 -39.29
CG2 TPO H 241 46.36 42.88 -39.79
OG1 TPO H 241 46.68 45.25 -39.92
P TPO H 241 47.40 46.09 -38.76
O1P TPO H 241 48.77 46.71 -39.32
O2P TPO H 241 46.42 47.28 -38.28
O3P TPO H 241 47.69 45.19 -37.61
C TPO H 241 43.77 43.37 -40.35
O TPO H 241 43.73 43.37 -41.58
N ILE H 242 43.23 42.41 -39.62
CA ILE H 242 42.59 41.25 -40.25
C ILE H 242 41.28 41.65 -40.92
N VAL H 243 40.48 42.49 -40.25
CA VAL H 243 39.24 42.93 -40.88
C VAL H 243 39.53 43.85 -42.06
N ASN H 244 40.56 44.71 -41.95
CA ASN H 244 40.93 45.49 -43.12
C ASN H 244 41.56 44.65 -44.22
N LEU H 245 41.99 43.43 -43.91
CA LEU H 245 42.46 42.54 -44.97
C LEU H 245 41.34 42.21 -45.96
N GLY H 246 40.09 42.21 -45.49
CA GLY H 246 38.94 42.11 -46.36
C GLY H 246 38.47 40.71 -46.66
N ILE H 247 39.16 39.68 -46.19
CA ILE H 247 38.73 38.31 -46.47
C ILE H 247 37.52 37.96 -45.60
N GLU H 248 36.76 36.97 -46.06
CA GLU H 248 35.64 36.45 -45.28
C GLU H 248 36.14 35.83 -43.99
N LEU H 249 35.47 36.15 -42.88
CA LEU H 249 35.94 35.81 -41.55
C LEU H 249 34.82 35.22 -40.71
N ASP H 250 34.09 34.26 -41.29
CA ASP H 250 33.02 33.59 -40.56
C ASP H 250 33.33 32.12 -40.30
N GLN H 251 34.44 31.60 -40.82
CA GLN H 251 34.77 30.20 -40.65
C GLN H 251 35.67 29.92 -39.45
N ILE H 252 36.41 30.92 -38.97
CA ILE H 252 37.33 30.74 -37.86
C ILE H 252 36.58 30.96 -36.56
N ILE H 253 37.06 30.33 -35.50
CA ILE H 253 36.51 30.47 -34.15
C ILE H 253 37.51 31.22 -33.31
N THR H 254 37.06 32.23 -32.59
CA THR H 254 37.94 33.08 -31.82
C THR H 254 37.64 32.99 -30.34
N THR H 255 38.65 33.30 -29.52
CA THR H 255 38.51 33.31 -28.08
C THR H 255 39.50 34.31 -27.51
N ASN H 256 39.10 34.99 -26.44
CA ASN H 256 39.93 36.04 -25.87
C ASN H 256 41.10 35.50 -25.05
N THR H 257 40.92 34.39 -24.36
CA THR H 257 41.95 33.86 -23.46
C THR H 257 42.11 32.36 -23.67
N MET H 258 43.28 31.86 -23.26
CA MET H 258 43.57 30.44 -23.42
C MET H 258 42.63 29.56 -22.61
N LYS H 259 42.28 29.98 -21.39
CA LYS H 259 41.43 29.13 -20.55
C LYS H 259 40.04 28.97 -21.17
N LYS H 260 39.49 30.05 -21.72
CA LYS H 260 38.19 29.95 -22.36
C LYS H 260 38.28 29.19 -23.67
N GLY H 261 39.40 29.31 -24.39
CA GLY H 261 39.61 28.50 -25.58
C GLY H 261 39.65 27.02 -25.25
N MET H 262 40.32 26.66 -24.16
CA MET H 262 40.36 25.27 -23.72
C MET H 262 38.97 24.78 -23.30
N GLU H 263 38.20 25.65 -22.65
CA GLU H 263 36.83 25.30 -22.32
C GLU H 263 36.02 25.04 -23.58
N ARG H 264 36.20 25.88 -24.60
CA ARG H 264 35.50 25.67 -25.87
C ARG H 264 35.93 24.37 -26.53
N ALA H 265 37.23 24.05 -26.45
CA ALA H 265 37.72 22.80 -27.02
C ALA H 265 37.10 21.60 -26.32
N LEU H 266 37.00 21.67 -24.99
CA LEU H 266 36.30 20.62 -24.26
C LEU H 266 34.83 20.57 -24.64
N ALA H 267 34.24 21.72 -24.97
CA ALA H 267 32.85 21.73 -25.43
C ALA H 267 32.70 21.01 -26.76
N LEU H 268 33.61 21.25 -27.70
CA LEU H 268 33.52 20.58 -29.01
C LEU H 268 33.64 19.08 -28.87
N THR H 269 34.59 18.61 -28.07
CA THR H 269 34.68 17.20 -27.72
C THR H 269 33.61 16.94 -26.66
N ASN H 270 32.40 16.63 -27.14
CA ASN H 270 31.20 16.74 -26.30
C ASN H 270 31.24 15.88 -25.05
N ARG H 271 32.08 14.84 -25.03
CA ARG H 271 32.18 13.99 -23.86
C ARG H 271 33.36 14.33 -22.95
N GLU H 272 34.32 15.12 -23.44
CA GLU H 272 35.59 15.31 -22.76
C GLU H 272 35.59 16.50 -21.81
N ILE H 273 34.43 16.84 -21.23
CA ILE H 273 34.43 17.81 -20.13
C ILE H 273 35.12 17.22 -18.91
N VAL H 274 34.95 15.92 -18.69
CA VAL H 274 35.59 15.22 -17.59
C VAL H 274 37.09 15.07 -17.86
N MET I 1 70.50 -8.46 -25.98
CA MET I 1 70.90 -9.86 -26.09
C MET I 1 70.80 -10.58 -24.76
N GLY I 2 70.82 -9.80 -23.67
CA GLY I 2 70.71 -10.38 -22.34
C GLY I 2 69.72 -9.64 -21.48
N ILE I 3 69.05 -8.65 -22.05
CA ILE I 3 68.13 -7.79 -21.30
C ILE I 3 66.73 -7.95 -21.86
N PRO I 4 65.96 -8.94 -21.40
CA PRO I 4 64.65 -9.22 -22.01
C PRO I 4 63.52 -8.35 -21.47
N ILE I 5 63.34 -7.16 -22.04
CA ILE I 5 62.23 -6.30 -21.65
C ILE I 5 60.93 -6.84 -22.24
N LEU I 6 59.90 -6.93 -21.42
CA LEU I 6 58.58 -7.35 -21.86
C LEU I 6 57.57 -6.24 -21.66
N LYS I 7 56.50 -6.26 -22.45
CA LYS I 7 55.44 -5.27 -22.35
C LYS I 7 54.10 -5.96 -22.14
N LEU I 8 53.35 -5.52 -21.15
CA LEU I 8 52.02 -6.07 -20.88
C LEU I 8 51.29 -5.17 -19.90
N GLY I 9 50.02 -4.92 -20.16
CA GLY I 9 49.16 -4.21 -19.21
C GLY I 9 49.67 -2.84 -18.82
N GLU I 10 50.21 -2.08 -19.79
CA GLU I 10 50.76 -0.75 -19.55
C GLU I 10 51.91 -0.82 -18.55
N CYS I 11 52.57 -1.97 -18.46
CA CYS I 11 53.67 -2.19 -17.55
C CYS I 11 54.85 -2.79 -18.30
N LEU I 12 56.00 -2.82 -17.63
CA LEU I 12 57.22 -3.42 -18.15
C LEU I 12 57.81 -4.38 -17.14
N LEU I 13 58.26 -5.53 -17.62
CA LEU I 13 58.86 -6.55 -16.78
C LEU I 13 60.25 -6.88 -17.33
N ILE I 14 61.25 -6.88 -16.45
CA ILE I 14 62.62 -7.18 -16.82
C ILE I 14 63.13 -8.29 -15.91
N SER I 15 63.71 -9.32 -16.50
CA SER I 15 64.35 -10.41 -15.77
C SER I 15 65.85 -10.33 -15.99
N ILE I 16 66.62 -10.33 -14.91
CA ILE I 16 68.07 -10.24 -14.96
C ILE I 16 68.64 -11.64 -14.77
N GLN I 17 69.45 -12.10 -15.73
CA GLN I 17 70.00 -13.45 -15.68
C GLN I 17 71.47 -13.47 -16.07
N SER I 18 72.18 -12.37 -15.87
CA SER I 18 73.56 -12.22 -16.34
C SER I 18 74.60 -12.29 -15.24
N GLU I 19 74.37 -11.64 -14.11
CA GLU I 19 75.25 -11.67 -12.94
C GLU I 19 76.62 -11.08 -13.22
N LEU I 20 76.72 -10.19 -14.21
CA LEU I 20 77.97 -9.52 -14.57
C LEU I 20 77.92 -8.06 -14.14
N ASP I 21 79.09 -7.43 -14.07
CA ASP I 21 79.18 -6.09 -13.50
C ASP I 21 79.09 -4.98 -14.54
N ASP I 22 80.03 -4.91 -15.48
CA ASP I 22 80.13 -3.74 -16.34
C ASP I 22 79.09 -3.73 -17.45
N HIS I 23 79.18 -4.70 -18.36
CA HIS I 23 78.29 -4.72 -19.53
C HIS I 23 76.85 -4.89 -19.11
N THR I 24 76.58 -5.78 -18.15
CA THR I 24 75.22 -5.93 -17.66
C THR I 24 74.65 -4.59 -17.23
N ALA I 25 75.38 -3.89 -16.35
CA ALA I 25 74.86 -2.63 -15.83
C ALA I 25 74.62 -1.63 -16.94
N VAL I 26 75.64 -1.36 -17.77
CA VAL I 26 75.51 -0.27 -18.72
C VAL I 26 74.46 -0.58 -19.77
N GLU I 27 74.53 -1.76 -20.39
CA GLU I 27 73.57 -2.10 -21.44
C GLU I 27 72.15 -2.19 -20.88
N PHE I 28 71.98 -2.88 -19.75
CA PHE I 28 70.66 -3.02 -19.15
C PHE I 28 70.05 -1.65 -18.86
N GLN I 29 70.81 -0.78 -18.18
CA GLN I 29 70.24 0.49 -17.77
C GLN I 29 69.93 1.38 -18.98
N GLU I 30 70.85 1.44 -19.96
CA GLU I 30 70.59 2.29 -21.12
C GLU I 30 69.38 1.79 -21.89
N ASP I 31 69.25 0.46 -22.07
CA ASP I 31 68.14 -0.09 -22.82
C ASP I 31 66.82 0.16 -22.10
N LEU I 32 66.81 0.02 -20.78
CA LEU I 32 65.60 0.35 -20.04
C LEU I 32 65.25 1.82 -20.17
N LEU I 33 66.23 2.72 -20.11
CA LEU I 33 65.94 4.13 -20.28
C LEU I 33 65.32 4.40 -21.64
N ALA I 34 65.93 3.88 -22.70
CA ALA I 34 65.37 4.08 -24.03
C ALA I 34 63.97 3.52 -24.13
N LYS I 35 63.74 2.33 -23.55
CA LYS I 35 62.45 1.68 -23.67
C LYS I 35 61.36 2.46 -22.93
N ILE I 36 61.64 2.85 -21.69
CA ILE I 36 60.67 3.62 -20.91
C ILE I 36 60.46 5.00 -21.51
N HIS I 37 61.44 5.52 -22.23
CA HIS I 37 61.26 6.81 -22.90
C HIS I 37 60.33 6.67 -24.09
N GLU I 38 60.74 5.90 -25.09
CA GLU I 38 59.96 5.86 -26.33
C GLU I 38 58.62 5.15 -26.15
N THR I 39 58.49 4.31 -25.13
CA THR I 39 57.21 3.66 -24.81
C THR I 39 56.76 4.15 -23.44
N SER I 40 55.58 4.76 -23.39
CA SER I 40 55.03 5.26 -22.13
C SER I 40 54.49 4.10 -21.33
N ALA I 41 55.07 3.83 -20.17
CA ALA I 41 54.60 2.82 -19.24
C ALA I 41 54.53 3.42 -17.85
N ARG I 42 53.38 3.24 -17.19
CA ARG I 42 53.22 3.82 -15.86
C ARG I 42 54.06 3.07 -14.83
N GLY I 43 54.22 1.77 -14.99
CA GLY I 43 54.94 0.97 -14.02
C GLY I 43 55.98 0.08 -14.66
N VAL I 44 57.09 -0.10 -13.97
CA VAL I 44 58.17 -0.99 -14.41
C VAL I 44 58.43 -2.01 -13.31
N VAL I 45 58.81 -3.21 -13.73
CA VAL I 45 59.02 -4.34 -12.82
C VAL I 45 60.38 -4.96 -13.14
N ILE I 46 61.21 -5.14 -12.11
CA ILE I 46 62.59 -5.58 -12.27
C ILE I 46 62.81 -6.84 -11.44
N ASP I 47 63.29 -7.89 -12.08
CA ASP I 47 63.48 -9.21 -11.45
C ASP I 47 64.96 -9.42 -11.12
N ILE I 48 65.23 -9.82 -9.89
CA ILE I 48 66.61 -9.99 -9.41
C ILE I 48 66.80 -11.39 -8.80
N THR I 49 65.90 -12.32 -9.11
CA THR I 49 65.99 -13.64 -8.49
C THR I 49 67.29 -14.34 -8.82
N SER I 50 67.68 -14.35 -10.10
CA SER I 50 68.87 -15.10 -10.51
C SER I 50 70.15 -14.52 -9.93
N ILE I 51 70.13 -13.26 -9.49
CA ILE I 51 71.33 -12.60 -9.01
C ILE I 51 71.65 -13.09 -7.60
N ASP I 52 72.92 -13.44 -7.37
CA ASP I 52 73.36 -13.90 -6.07
C ASP I 52 74.60 -13.17 -5.56
N PHE I 53 75.07 -12.15 -6.27
CA PHE I 53 76.26 -11.41 -5.84
C PHE I 53 76.22 -10.01 -6.44
N ILE I 54 76.38 -9.00 -5.59
CA ILE I 54 76.38 -7.60 -6.00
C ILE I 54 77.58 -6.90 -5.40
N ASP I 55 78.25 -6.09 -6.22
CA ASP I 55 79.33 -5.23 -5.78
C ASP I 55 78.83 -3.79 -5.70
N SER I 56 79.74 -2.86 -5.40
CA SER I 56 79.35 -1.46 -5.34
C SER I 56 78.88 -0.95 -6.69
N PHE I 57 79.50 -1.41 -7.77
CA PHE I 57 79.17 -0.91 -9.10
C PHE I 57 77.70 -1.18 -9.44
N ILE I 58 77.27 -2.44 -9.25
CA ILE I 58 75.91 -2.82 -9.61
C ILE I 58 74.89 -2.17 -8.66
N ALA I 59 75.22 -2.07 -7.37
CA ALA I 59 74.30 -1.42 -6.46
C ALA I 59 74.10 0.04 -6.83
N LYS I 60 75.20 0.74 -7.17
CA LYS I 60 75.10 2.10 -7.65
C LYS I 60 74.25 2.17 -8.91
N ILE I 61 74.44 1.22 -9.82
CA ILE I 61 73.69 1.24 -11.07
C ILE I 61 72.20 1.07 -10.82
N LEU I 62 71.83 0.11 -9.95
CA LEU I 62 70.41 -0.10 -9.65
C LEU I 62 69.81 1.10 -8.92
N GLY I 63 70.57 1.73 -8.02
CA GLY I 63 70.07 2.96 -7.42
C GLY I 63 69.80 4.03 -8.46
N ASP I 64 70.73 4.21 -9.40
CA ASP I 64 70.51 5.17 -10.47
C ASP I 64 69.29 4.81 -11.30
N VAL I 65 69.13 3.52 -11.62
CA VAL I 65 68.00 3.07 -12.43
C VAL I 65 66.69 3.35 -11.73
N VAL I 66 66.61 3.07 -10.42
CA VAL I 66 65.34 3.27 -9.73
C VAL I 66 65.03 4.76 -9.61
N SER I 67 66.03 5.59 -9.29
CA SER I 67 65.78 7.02 -9.25
C SER I 67 65.32 7.51 -10.62
N MET I 68 65.93 7.00 -11.68
CA MET I 68 65.62 7.44 -13.04
C MET I 68 64.19 7.08 -13.41
N SER I 69 63.83 5.81 -13.20
CA SER I 69 62.48 5.37 -13.54
C SER I 69 61.45 6.13 -12.72
N LYS I 70 61.70 6.31 -11.42
CA LYS I 70 60.78 7.12 -10.61
C LYS I 70 60.67 8.53 -11.17
N LEU I 71 61.75 9.07 -11.72
CA LEU I 71 61.66 10.33 -12.44
C LEU I 71 60.84 10.21 -13.70
N MET I 72 60.61 9.00 -14.20
CA MET I 72 59.75 8.84 -15.37
C MET I 72 58.49 8.00 -15.14
N GLY I 73 58.44 7.17 -14.10
CA GLY I 73 57.25 6.37 -13.86
C GLY I 73 57.41 5.50 -12.62
N ALA I 74 56.30 4.89 -12.22
CA ALA I 74 56.30 4.06 -11.03
C ALA I 74 57.20 2.84 -11.22
N LYS I 75 57.76 2.35 -10.11
CA LYS I 75 58.78 1.33 -10.16
C LYS I 75 58.67 0.40 -8.95
N VAL I 76 59.13 -0.83 -9.13
CA VAL I 76 59.27 -1.79 -8.04
C VAL I 76 60.45 -2.68 -8.35
N VAL I 77 61.22 -3.02 -7.32
CA VAL I 77 62.23 -4.09 -7.43
C VAL I 77 61.51 -5.36 -7.01
N VAL I 78 60.76 -5.93 -7.96
CA VAL I 78 59.68 -6.86 -7.61
C VAL I 78 60.21 -8.05 -6.83
N THR I 79 61.39 -8.53 -7.18
CA THR I 79 61.92 -9.73 -6.56
C THR I 79 62.88 -9.34 -5.44
N GLY I 80 62.55 -9.77 -4.23
CA GLY I 80 63.43 -9.59 -3.10
C GLY I 80 64.78 -10.19 -3.39
N ILE I 81 65.81 -9.37 -3.25
CA ILE I 81 67.15 -9.82 -3.52
C ILE I 81 67.60 -10.82 -2.46
N GLN I 82 68.66 -11.56 -2.78
CA GLN I 82 69.13 -12.61 -1.89
C GLN I 82 69.65 -12.01 -0.58
N PRO I 83 69.64 -12.79 0.50
CA PRO I 83 70.11 -12.26 1.79
C PRO I 83 71.52 -11.69 1.74
N ALA I 84 72.46 -12.38 1.09
CA ALA I 84 73.78 -11.82 0.89
C ALA I 84 73.71 -10.55 0.05
N VAL I 85 72.89 -10.57 -1.01
CA VAL I 85 72.70 -9.39 -1.82
C VAL I 85 72.05 -8.29 -1.00
N ALA I 86 71.09 -8.65 -0.14
CA ALA I 86 70.42 -7.64 0.68
C ALA I 86 71.38 -6.95 1.62
N ILE I 87 72.21 -7.72 2.33
CA ILE I 87 73.13 -7.10 3.27
C ILE I 87 74.21 -6.30 2.54
N THR I 88 74.67 -6.81 1.39
CA THR I 88 75.66 -6.06 0.62
C THR I 88 75.07 -4.75 0.12
N LEU I 89 73.81 -4.75 -0.29
CA LEU I 89 73.18 -3.53 -0.78
C LEU I 89 72.98 -2.53 0.34
N ILE I 90 72.52 -3.00 1.51
CA ILE I 90 72.26 -2.05 2.59
C ILE I 90 73.58 -1.50 3.15
N GLU I 91 74.65 -2.29 3.13
CA GLU I 91 75.90 -1.82 3.71
C GLU I 91 76.50 -0.65 2.94
N LEU I 92 76.33 -0.63 1.61
CA LEU I 92 76.93 0.42 0.80
C LEU I 92 75.89 1.27 0.08
N GLY I 93 74.92 0.64 -0.57
CA GLY I 93 73.88 1.37 -1.27
C GLY I 93 72.69 1.67 -0.37
N ILE I 94 72.86 2.62 0.55
CA ILE I 94 71.83 2.86 1.56
C ILE I 94 70.67 3.61 0.90
N THR I 95 69.67 2.86 0.44
CA THR I 95 68.49 3.41 -0.21
C THR I 95 67.31 2.52 0.13
N PHE I 96 66.13 3.14 0.24
CA PHE I 96 64.92 2.35 0.39
C PHE I 96 64.51 1.68 -0.92
N SER I 97 65.05 2.16 -2.05
CA SER I 97 64.86 1.51 -3.35
C SER I 97 63.39 1.32 -3.69
N GLY I 98 62.58 2.31 -3.32
CA GLY I 98 61.16 2.21 -3.59
C GLY I 98 60.51 1.10 -2.80
N VAL I 99 59.45 0.54 -3.38
CA VAL I 99 58.66 -0.50 -2.74
C VAL I 99 58.79 -1.78 -3.57
N LEU I 100 58.88 -2.91 -2.88
CA LEU I 100 58.93 -4.20 -3.55
C LEU I 100 57.83 -5.10 -3.01
N SER I 101 57.77 -6.33 -3.52
CA SER I 101 56.65 -7.22 -3.24
C SER I 101 57.11 -8.60 -2.80
N ALA I 102 58.24 -8.68 -2.10
CA ALA I 102 58.71 -9.90 -1.48
C ALA I 102 58.82 -11.05 -2.48
N MET I 103 59.63 -10.80 -3.53
CA MET I 103 60.16 -11.83 -4.42
C MET I 103 59.10 -12.79 -4.95
N ASP I 104 57.85 -12.35 -4.99
CA ASP I 104 56.82 -12.99 -5.80
C ASP I 104 56.50 -12.02 -6.93
N LEU I 105 56.79 -12.44 -8.16
CA LEU I 105 56.65 -11.52 -9.29
C LEU I 105 55.20 -11.12 -9.50
N GLU I 106 54.27 -12.08 -9.37
CA GLU I 106 52.87 -11.73 -9.52
C GLU I 106 52.38 -10.86 -8.37
N SER I 107 53.01 -10.95 -7.20
CA SER I 107 52.68 -10.02 -6.12
C SER I 107 53.00 -8.59 -6.53
N GLY I 108 54.15 -8.37 -7.15
CA GLY I 108 54.46 -7.05 -7.66
C GLY I 108 53.53 -6.64 -8.78
N LEU I 109 53.17 -7.58 -9.65
CA LEU I 109 52.25 -7.26 -10.73
C LEU I 109 50.92 -6.78 -10.18
N GLU I 110 50.38 -7.48 -9.18
CA GLU I 110 49.10 -7.06 -8.61
C GLU I 110 49.23 -5.80 -7.78
N LYS I 111 50.38 -5.57 -7.16
CA LYS I 111 50.60 -4.31 -6.46
C LYS I 111 50.56 -3.13 -7.44
N LEU I 112 51.21 -3.28 -8.59
CA LEU I 112 51.12 -2.25 -9.62
C LEU I 112 49.70 -2.12 -10.15
N LYS I 113 48.99 -3.24 -10.32
CA LYS I 113 47.61 -3.15 -10.79
C LYS I 113 46.74 -2.37 -9.81
N GLN I 114 46.92 -2.61 -8.51
CA GLN I 114 46.09 -1.92 -7.53
C GLN I 114 46.51 -0.47 -7.35
N GLU I 115 47.79 -0.15 -7.57
CA GLU I 115 48.22 1.25 -7.49
C GLU I 115 47.79 2.02 -8.73
N LEU I 116 47.71 1.33 -9.89
CA LEU I 116 47.18 1.92 -11.11
C LEU I 116 45.66 2.00 -11.10
N GLY I 117 44.99 1.18 -10.30
CA GLY I 117 43.53 1.21 -10.28
C GLY I 117 42.97 2.52 -9.73
N GLU I 118 43.63 3.08 -8.74
CA GLU I 118 43.18 4.33 -8.14
C GLU I 118 43.37 5.50 -9.10
N MET J 1 -15.03 100.68 -74.77
CA MET J 1 -16.22 100.80 -73.93
C MET J 1 -17.02 99.51 -73.97
N TYR J 2 -17.93 99.34 -72.99
CA TYR J 2 -18.77 98.15 -72.93
C TYR J 2 -20.26 98.42 -73.12
N LYS J 3 -20.73 99.65 -72.91
CA LYS J 3 -22.17 99.91 -73.00
C LYS J 3 -22.67 99.71 -74.43
N ASP J 4 -22.03 100.36 -75.41
CA ASP J 4 -22.42 100.14 -76.80
C ASP J 4 -22.06 98.72 -77.24
N PHE J 5 -21.03 98.13 -76.62
CA PHE J 5 -20.73 96.74 -76.90
C PHE J 5 -21.92 95.85 -76.55
N ALA J 6 -22.54 96.08 -75.40
CA ALA J 6 -23.76 95.34 -75.05
C ALA J 6 -24.91 95.72 -75.98
N ASN J 7 -24.98 96.99 -76.37
CA ASN J 7 -26.04 97.43 -77.28
C ASN J 7 -25.99 96.70 -78.61
N PHE J 8 -24.78 96.32 -79.06
CA PHE J 8 -24.64 95.54 -80.28
C PHE J 8 -24.65 94.04 -80.03
N ILE J 9 -24.29 93.60 -78.82
CA ILE J 9 -24.50 92.21 -78.42
C ILE J 9 -25.99 91.90 -78.38
N ARG J 10 -26.84 92.90 -78.23
CA ARG J 10 -28.28 92.68 -78.25
C ARG J 10 -28.75 92.06 -79.56
N THR J 11 -27.97 92.19 -80.64
CA THR J 11 -28.21 91.46 -81.88
C THR J 11 -27.17 90.37 -82.14
N ASN J 12 -25.96 90.52 -81.59
CA ASN J 12 -25.01 89.43 -81.64
C ASN J 12 -25.52 88.18 -80.94
N LYS J 13 -26.51 88.32 -80.05
CA LYS J 13 -27.11 87.14 -79.43
C LYS J 13 -27.91 86.33 -80.44
N LYS J 14 -28.68 87.00 -81.30
CA LYS J 14 -29.34 86.31 -82.41
C LYS J 14 -28.31 85.74 -83.38
N ASP J 15 -27.23 86.50 -83.62
CA ASP J 15 -26.16 85.98 -84.45
C ASP J 15 -25.57 84.70 -83.87
N LEU J 16 -25.40 84.65 -82.55
CA LEU J 16 -24.86 83.46 -81.90
C LEU J 16 -25.88 82.33 -81.85
N LEU J 17 -27.18 82.65 -81.83
CA LEU J 17 -28.19 81.60 -81.96
C LEU J 17 -28.08 80.92 -83.32
N ASN J 18 -27.97 81.73 -84.38
CA ASN J 18 -27.71 81.16 -85.69
C ASN J 18 -26.39 80.40 -85.72
N ASN J 19 -25.40 80.88 -84.96
CA ASN J 19 -24.13 80.20 -84.87
C ASN J 19 -24.27 78.83 -84.22
N TRP J 20 -25.06 78.73 -83.15
CA TRP J 20 -25.32 77.44 -82.52
C TRP J 20 -26.03 76.51 -83.50
N MET J 21 -27.03 77.03 -84.21
CA MET J 21 -27.74 76.22 -85.19
C MET J 21 -26.79 75.66 -86.25
N ASN J 22 -25.85 76.49 -86.71
CA ASN J 22 -24.87 76.02 -87.68
C ASN J 22 -23.89 75.02 -87.07
N GLU J 23 -23.40 75.30 -85.86
CA GLU J 23 -22.29 74.55 -85.29
C GLU J 23 -22.71 73.18 -84.77
N MET J 24 -23.89 73.09 -84.13
CA MET J 24 -24.23 71.88 -83.38
C MET J 24 -24.19 70.62 -84.25
N GLU J 25 -24.36 70.77 -85.57
CA GLU J 25 -24.43 69.63 -86.46
C GLU J 25 -23.16 68.79 -86.50
N LYS J 26 -22.01 69.36 -86.08
CA LYS J 26 -20.74 68.67 -86.22
C LYS J 26 -20.34 67.84 -85.01
N GLN J 27 -20.67 68.29 -83.80
CA GLN J 27 -20.15 67.68 -82.57
C GLN J 27 -21.30 67.05 -81.78
N SER J 28 -21.61 65.79 -82.11
CA SER J 28 -22.51 64.94 -81.32
C SER J 28 -23.82 65.64 -80.99
N ASP J 29 -24.55 66.01 -82.03
CA ASP J 29 -25.80 66.71 -81.76
C ASP J 29 -26.95 65.82 -81.21
N PRO J 30 -26.98 64.49 -81.39
CA PRO J 30 -28.02 63.74 -80.68
C PRO J 30 -27.86 63.80 -79.18
N LEU J 31 -26.62 63.62 -78.71
CA LEU J 31 -26.34 63.61 -77.28
C LEU J 31 -26.61 64.97 -76.66
N ILE J 32 -26.11 66.04 -77.29
CA ILE J 32 -26.32 67.39 -76.77
C ILE J 32 -27.80 67.76 -76.82
N ASN J 33 -28.50 67.36 -77.88
CA ASN J 33 -29.94 67.63 -77.96
C ASN J 33 -30.69 66.89 -76.86
N ASP J 34 -30.29 65.66 -76.56
CA ASP J 34 -30.98 64.88 -75.54
C ASP J 34 -30.72 65.41 -74.13
N ILE J 35 -29.45 65.71 -73.82
CA ILE J 35 -29.12 66.07 -72.44
C ILE J 35 -29.52 67.52 -72.15
N ALA J 36 -29.50 68.40 -73.15
CA ALA J 36 -29.85 69.80 -72.97
C ALA J 36 -30.79 70.22 -74.08
N LYS J 37 -31.98 70.66 -73.72
CA LYS J 37 -32.94 71.14 -74.71
C LYS J 37 -32.42 72.44 -75.34
N GLU J 38 -32.79 72.65 -76.60
CA GLU J 38 -32.29 73.80 -77.35
C GLU J 38 -32.63 75.13 -76.70
N PRO J 39 -33.87 75.42 -76.28
CA PRO J 39 -34.13 76.73 -75.66
C PRO J 39 -33.29 77.00 -74.42
N MET J 40 -33.09 75.99 -73.56
CA MET J 40 -32.29 76.19 -72.36
C MET J 40 -30.84 76.53 -72.70
N TYR J 41 -30.25 75.77 -73.62
CA TYR J 41 -28.87 76.05 -74.00
C TYR J 41 -28.74 77.42 -74.66
N GLU J 42 -29.71 77.77 -75.51
CA GLU J 42 -29.66 79.08 -76.18
C GLU J 42 -29.78 80.22 -75.17
N GLU J 43 -30.70 80.11 -74.22
CA GLU J 43 -30.86 81.19 -73.25
C GLU J 43 -29.67 81.26 -72.31
N THR J 44 -29.09 80.12 -71.95
CA THR J 44 -27.86 80.13 -71.15
C THR J 44 -26.72 80.81 -71.90
N SER J 45 -26.57 80.51 -73.19
CA SER J 45 -25.51 81.11 -73.97
C SER J 45 -25.70 82.62 -74.13
N ILE J 46 -26.93 83.06 -74.41
CA ILE J 46 -27.16 84.49 -74.55
C ILE J 46 -26.97 85.20 -73.21
N GLU J 47 -27.35 84.56 -72.10
CA GLU J 47 -27.07 85.12 -70.79
C GLU J 47 -25.58 85.26 -70.54
N PHE J 48 -24.80 84.25 -70.94
CA PHE J 48 -23.36 84.31 -70.77
C PHE J 48 -22.74 85.42 -71.61
N VAL J 49 -23.23 85.60 -72.84
CA VAL J 49 -22.57 86.54 -73.75
C VAL J 49 -23.09 87.97 -73.66
N ASP J 50 -24.26 88.19 -73.06
CA ASP J 50 -24.86 89.52 -73.09
C ASP J 50 -24.57 90.36 -71.85
N LEU J 51 -24.41 89.74 -70.68
CA LEU J 51 -24.23 90.48 -69.44
C LEU J 51 -22.77 90.56 -69.00
N ILE J 52 -21.83 90.14 -69.85
CA ILE J 52 -20.42 90.28 -69.50
C ILE J 52 -19.98 91.72 -69.62
N VAL J 53 -20.46 92.43 -70.63
CA VAL J 53 -20.09 93.82 -70.87
C VAL J 53 -21.17 94.79 -70.40
N SER J 54 -22.04 94.35 -69.49
CA SER J 54 -23.04 95.24 -68.92
C SER J 54 -22.49 96.11 -67.80
N ASN J 55 -21.27 95.83 -67.32
CA ASN J 55 -20.65 96.63 -66.29
C ASN J 55 -20.02 97.89 -66.90
N ILE J 56 -19.46 98.74 -66.05
CA ILE J 56 -18.95 100.04 -66.51
C ILE J 56 -17.49 99.83 -66.90
N THR J 57 -17.30 99.28 -68.11
CA THR J 57 -16.07 99.37 -68.88
C THR J 57 -14.91 98.59 -68.25
N GLU J 58 -15.07 98.08 -67.04
CA GLU J 58 -13.92 97.46 -66.36
C GLU J 58 -14.10 95.97 -66.11
N ASN J 59 -15.12 95.57 -65.34
CA ASN J 59 -15.32 94.18 -64.96
C ASN J 59 -16.55 94.10 -64.05
N GLY J 60 -16.93 92.88 -63.71
CA GLY J 60 -18.00 92.65 -62.76
C GLY J 60 -17.76 91.42 -61.90
N SER J 61 -17.77 91.59 -60.57
CA SER J 61 -17.52 90.46 -59.68
C SER J 61 -18.70 89.49 -59.69
N LYS J 62 -19.93 90.00 -59.66
CA LYS J 62 -21.10 89.13 -59.71
C LYS J 62 -21.12 88.32 -61.01
N PHE J 63 -20.84 88.97 -62.14
CA PHE J 63 -20.77 88.21 -63.38
C PHE J 63 -19.49 87.39 -63.49
N ASN J 64 -18.44 87.72 -62.73
CA ASN J 64 -17.30 86.82 -62.64
C ASN J 64 -17.71 85.50 -62.00
N GLU J 65 -18.46 85.57 -60.90
CA GLU J 65 -18.99 84.37 -60.28
C GLU J 65 -19.96 83.66 -61.22
N LYS J 66 -20.78 84.41 -61.94
CA LYS J 66 -21.70 83.82 -62.91
C LYS J 66 -20.95 83.09 -64.02
N LEU J 67 -19.83 83.66 -64.48
CA LEU J 67 -19.01 83.02 -65.50
C LEU J 67 -18.36 81.76 -64.97
N ASP J 68 -17.91 81.78 -63.71
CA ASP J 68 -17.39 80.56 -63.10
C ASP J 68 -18.46 79.49 -63.03
N ASP J 69 -19.69 79.87 -62.66
CA ASP J 69 -20.79 78.92 -62.61
C ASP J 69 -21.11 78.38 -64.00
N PHE J 70 -21.08 79.23 -65.02
CA PHE J 70 -21.33 78.79 -66.39
C PHE J 70 -20.24 77.80 -66.85
N ALA J 71 -18.98 78.10 -66.51
CA ALA J 71 -17.89 77.20 -66.87
C ALA J 71 -18.05 75.85 -66.19
N GLU J 72 -18.40 75.83 -64.91
CA GLU J 72 -18.58 74.55 -64.25
C GLU J 72 -19.81 73.81 -64.77
N LYS J 73 -20.85 74.56 -65.18
CA LYS J 73 -22.02 73.93 -65.77
C LYS J 73 -21.68 73.27 -67.10
N VAL J 74 -20.90 73.94 -67.95
CA VAL J 74 -20.53 73.33 -69.22
C VAL J 74 -19.51 72.23 -69.03
N VAL J 75 -18.75 72.26 -67.93
CA VAL J 75 -17.90 71.12 -67.58
C VAL J 75 -18.76 69.91 -67.24
N HIS J 76 -19.77 70.11 -66.38
CA HIS J 76 -20.61 69.00 -65.96
C HIS J 76 -21.50 68.49 -67.08
N LEU J 77 -21.87 69.35 -68.02
CA LEU J 77 -22.79 68.96 -69.09
C LEU J 77 -22.13 68.07 -70.13
N GLY J 78 -20.79 68.08 -70.21
CA GLY J 78 -20.09 67.27 -71.18
C GLY J 78 -19.52 68.08 -72.33
N TRP J 79 -18.97 69.24 -72.02
CA TRP J 79 -18.32 70.12 -73.01
C TRP J 79 -16.87 70.31 -72.60
N PRO J 80 -15.96 69.46 -73.09
CA PRO J 80 -14.55 69.62 -72.74
C PRO J 80 -13.93 70.86 -73.36
N ILE J 81 -12.63 71.07 -73.14
CA ILE J 81 -11.96 72.26 -73.65
C ILE J 81 -11.99 72.29 -75.17
N HIS J 82 -11.92 71.12 -75.82
CA HIS J 82 -12.00 71.09 -77.27
C HIS J 82 -13.36 71.58 -77.77
N PHE J 83 -14.44 71.15 -77.12
CA PHE J 83 -15.78 71.56 -77.54
C PHE J 83 -15.98 73.05 -77.32
N VAL J 84 -15.54 73.58 -76.17
CA VAL J 84 -15.65 75.01 -75.91
C VAL J 84 -14.78 75.81 -76.88
N THR J 85 -13.64 75.27 -77.28
CA THR J 85 -12.78 75.98 -78.23
C THR J 85 -13.37 75.99 -79.62
N THR J 86 -14.02 74.89 -80.03
CA THR J 86 -14.76 74.90 -81.29
C THR J 86 -15.91 75.88 -81.21
N GLY J 87 -16.57 75.97 -80.05
CA GLY J 87 -17.58 77.00 -79.86
C GLY J 87 -17.02 78.40 -80.01
N LEU J 88 -15.81 78.63 -79.48
CA LEU J 88 -15.14 79.92 -79.66
C LEU J 88 -14.86 80.19 -81.13
N ARG J 89 -14.39 79.17 -81.86
CA ARG J 89 -14.09 79.34 -83.28
C ARG J 89 -15.34 79.72 -84.06
N VAL J 90 -16.46 79.03 -83.80
CA VAL J 90 -17.69 79.37 -84.52
C VAL J 90 -18.26 80.70 -84.04
N PHE J 91 -18.05 81.05 -82.77
CA PHE J 91 -18.36 82.40 -82.30
C PHE J 91 -17.67 83.43 -83.16
N GLY J 92 -16.35 83.29 -83.32
CA GLY J 92 -15.61 84.23 -84.14
C GLY J 92 -16.08 84.24 -85.58
N LEU J 93 -16.36 83.06 -86.13
CA LEU J 93 -16.82 82.96 -87.51
C LEU J 93 -18.10 83.77 -87.72
N LEU J 94 -19.11 83.53 -86.88
CA LEU J 94 -20.38 84.21 -87.08
C LEU J 94 -20.29 85.68 -86.71
N VAL J 95 -19.47 86.05 -85.73
CA VAL J 95 -19.27 87.47 -85.43
C VAL J 95 -18.65 88.18 -86.61
N TYR J 96 -17.65 87.57 -87.24
CA TYR J 96 -17.02 88.19 -88.41
C TYR J 96 -18.01 88.29 -89.56
N THR J 97 -18.80 87.25 -89.81
CA THR J 97 -19.78 87.30 -90.89
C THR J 97 -20.82 88.39 -90.64
N ALA J 98 -21.34 88.48 -89.41
CA ALA J 98 -22.32 89.51 -89.09
C ALA J 98 -21.70 90.90 -89.20
N MET J 99 -20.46 91.07 -88.74
CA MET J 99 -19.78 92.35 -88.84
C MET J 99 -19.56 92.75 -90.29
N ARG J 100 -19.32 91.78 -91.18
CA ARG J 100 -19.33 92.06 -92.61
C ARG J 100 -20.73 92.46 -93.08
N ASP J 101 -21.76 91.85 -92.49
CA ASP J 101 -23.14 92.07 -92.94
C ASP J 101 -23.83 93.19 -92.17
N GLU J 102 -23.90 93.06 -90.84
CA GLU J 102 -24.66 94.02 -90.05
C GLU J 102 -24.05 95.42 -90.11
N ASP J 103 -22.74 95.52 -89.89
CA ASP J 103 -21.99 96.78 -90.01
C ASP J 103 -22.57 97.86 -89.09
N LEU J 104 -22.51 97.58 -87.78
CA LEU J 104 -22.93 98.53 -86.75
C LEU J 104 -22.00 98.35 -85.55
N PHE J 105 -20.96 99.17 -85.48
CA PHE J 105 -19.89 98.99 -84.51
C PHE J 105 -20.04 99.98 -83.35
N LEU J 106 -19.02 100.04 -82.49
CA LEU J 106 -19.11 100.79 -81.24
C LEU J 106 -19.32 102.27 -81.50
N LYS J 107 -18.32 102.92 -82.09
CA LYS J 107 -18.35 104.37 -82.24
C LYS J 107 -19.22 104.77 -83.42
N ARG J 108 -19.87 105.94 -83.29
CA ARG J 108 -20.73 106.45 -84.35
C ARG J 108 -19.87 106.99 -85.48
N GLU J 109 -19.96 106.35 -86.65
CA GLU J 109 -19.18 106.76 -87.80
C GLU J 109 -19.78 106.13 -89.06
N GLU J 110 -19.82 106.90 -90.14
CA GLU J 110 -20.33 106.39 -91.41
C GLU J 110 -19.40 105.32 -92.00
N LYS J 111 -18.14 105.29 -91.59
CA LYS J 111 -17.18 104.29 -92.09
C LYS J 111 -16.20 103.98 -90.98
N PRO J 112 -16.57 103.09 -90.05
CA PRO J 112 -15.69 102.78 -88.92
C PRO J 112 -14.41 102.11 -89.37
N GLU J 113 -13.37 102.27 -88.56
CA GLU J 113 -12.04 101.76 -88.86
C GLU J 113 -11.74 100.52 -88.01
N ASP J 114 -10.50 100.04 -88.09
CA ASP J 114 -10.13 98.75 -87.54
C ASP J 114 -10.09 98.71 -86.01
N ASP J 115 -10.21 99.86 -85.33
CA ASP J 115 -10.02 99.91 -83.88
C ASP J 115 -11.03 99.02 -83.16
N ALA J 116 -12.31 99.38 -83.20
CA ALA J 116 -13.33 98.53 -82.60
C ALA J 116 -13.49 97.23 -83.38
N TYR J 117 -13.21 97.28 -84.69
CA TYR J 117 -13.26 96.10 -85.55
C TYR J 117 -12.44 94.96 -84.97
N TYR J 118 -11.31 95.27 -84.34
CA TYR J 118 -10.53 94.24 -83.66
C TYR J 118 -10.73 94.23 -82.15
N ARG J 119 -11.14 95.35 -81.54
CA ARG J 119 -11.43 95.32 -80.11
C ARG J 119 -12.54 94.32 -79.79
N PHE J 120 -13.46 94.09 -80.74
CA PHE J 120 -14.44 93.03 -80.58
C PHE J 120 -13.76 91.69 -80.34
N GLU J 121 -12.80 91.33 -81.20
CA GLU J 121 -12.10 90.06 -81.05
C GLU J 121 -11.24 90.04 -79.80
N THR J 122 -10.64 91.17 -79.43
CA THR J 122 -9.87 91.22 -78.19
C THR J 122 -10.75 90.91 -76.98
N TRP J 123 -11.94 91.51 -76.93
CA TRP J 123 -12.84 91.25 -75.81
C TRP J 123 -13.35 89.82 -75.83
N LEU J 124 -13.62 89.28 -77.03
CA LEU J 124 -14.02 87.88 -77.12
C LEU J 124 -12.92 86.96 -76.59
N SER J 125 -11.67 87.26 -76.93
CA SER J 125 -10.55 86.47 -76.42
C SER J 125 -10.43 86.61 -74.91
N SER J 126 -10.69 87.81 -74.37
CA SER J 126 -10.67 87.98 -72.92
C SER J 126 -11.76 87.16 -72.24
N MET J 127 -12.97 87.15 -72.80
CA MET J 127 -14.02 86.32 -72.25
C MET J 127 -13.66 84.84 -72.30
N TYR J 128 -13.04 84.40 -73.40
CA TYR J 128 -12.63 83.00 -73.47
C TYR J 128 -11.49 82.71 -72.49
N ASN J 129 -10.62 83.69 -72.24
CA ASN J 129 -9.60 83.55 -71.20
C ASN J 129 -10.26 83.31 -69.84
N LYS J 130 -11.28 84.11 -69.52
CA LYS J 130 -11.98 83.92 -68.26
C LYS J 130 -12.66 82.55 -68.20
N VAL J 131 -13.25 82.12 -69.31
CA VAL J 131 -13.94 80.83 -69.35
C VAL J 131 -12.96 79.69 -69.10
N VAL J 132 -11.81 79.71 -69.79
CA VAL J 132 -10.83 78.64 -69.59
C VAL J 132 -10.20 78.73 -68.21
N THR J 133 -10.10 79.94 -67.64
CA THR J 133 -9.59 80.08 -66.28
C THR J 133 -10.51 79.40 -65.28
N ALA J 134 -11.83 79.64 -65.41
CA ALA J 134 -12.78 78.98 -64.54
C ALA J 134 -12.99 77.52 -64.90
N TYR J 135 -12.53 77.09 -66.07
CA TYR J 135 -12.68 75.69 -66.49
C TYR J 135 -11.92 74.74 -65.58
N ALA J 136 -10.68 75.08 -65.22
CA ALA J 136 -9.75 74.11 -64.66
C ALA J 136 -9.71 74.06 -63.14
N ASP J 137 -10.40 74.98 -62.45
CA ASP J 137 -10.23 75.09 -61.00
C ASP J 137 -10.69 73.82 -60.28
N THR J 138 -11.98 73.48 -60.42
CA THR J 138 -12.50 72.31 -59.72
C THR J 138 -11.85 71.03 -60.22
N TRP J 139 -11.46 70.98 -61.50
CA TRP J 139 -10.83 69.77 -62.04
C TRP J 139 -9.45 69.56 -61.41
N GLU J 140 -8.68 70.63 -61.27
CA GLU J 140 -7.40 70.52 -60.57
C GLU J 140 -7.62 70.18 -59.09
N LYS J 141 -8.67 70.71 -58.49
CA LYS J 141 -8.96 70.38 -57.10
C LYS J 141 -9.23 68.90 -56.92
N THR J 142 -10.05 68.31 -57.80
CA THR J 142 -10.35 66.89 -57.67
C THR J 142 -9.14 66.03 -58.04
N VAL J 143 -8.30 66.48 -58.97
CA VAL J 143 -7.06 65.76 -59.24
C VAL J 143 -6.16 65.76 -58.01
N SER J 144 -6.06 66.91 -57.34
CA SER J 144 -5.22 67.01 -56.14
C SER J 144 -5.74 66.13 -55.02
N ILE J 145 -7.06 66.12 -54.80
CA ILE J 145 -7.58 65.28 -53.73
C ILE J 145 -7.42 63.80 -54.08
N GLN J 146 -7.53 63.45 -55.36
CA GLN J 146 -7.25 62.07 -55.77
C GLN J 146 -5.79 61.70 -55.51
N LYS J 147 -4.86 62.61 -55.80
CA LYS J 147 -3.46 62.34 -55.53
C LYS J 147 -3.22 62.17 -54.03
N SER J 148 -3.88 62.99 -53.21
CA SER J 148 -3.78 62.81 -51.77
C SER J 148 -4.34 61.46 -51.33
N ALA J 149 -5.42 61.02 -51.98
CA ALA J 149 -6.00 59.72 -51.65
C ALA J 149 -5.03 58.58 -51.96
N LEU J 150 -4.40 58.62 -53.14
CA LEU J 150 -3.37 57.62 -53.45
C LEU J 150 -2.19 57.73 -52.48
N GLN J 151 -1.84 58.95 -52.07
CA GLN J 151 -0.74 59.14 -51.13
C GLN J 151 -1.04 58.43 -49.81
N GLU J 152 -2.25 58.60 -49.28
CA GLU J 152 -2.59 58.04 -47.98
C GLU J 152 -2.83 56.53 -48.08
N LEU J 153 -3.56 56.08 -49.10
CA LEU J 153 -3.97 54.69 -49.20
C LEU J 153 -2.86 53.77 -49.70
N SER J 154 -1.66 54.31 -49.96
CA SER J 154 -0.61 53.50 -50.55
C SER J 154 -0.14 52.40 -49.61
N ALA J 155 0.20 52.77 -48.36
CA ALA J 155 0.84 51.86 -47.41
C ALA J 155 0.11 51.92 -46.08
N PRO J 156 -1.06 51.28 -45.97
CA PRO J 156 -1.78 51.26 -44.70
C PRO J 156 -1.24 50.17 -43.78
N LEU J 157 -0.55 50.58 -42.73
CA LEU J 157 -0.10 49.65 -41.70
C LEU J 157 -1.09 49.53 -40.55
N LEU J 158 -2.23 50.22 -40.66
CA LEU J 158 -3.23 50.22 -39.59
C LEU J 158 -3.62 48.82 -39.11
N PRO J 159 -3.81 47.82 -39.98
CA PRO J 159 -4.03 46.45 -39.46
C PRO J 159 -2.90 46.04 -38.53
N ILE J 160 -3.23 45.82 -37.26
CA ILE J 160 -2.24 45.54 -36.22
C ILE J 160 -2.75 44.42 -35.34
N PHE J 161 -1.87 43.48 -35.01
CA PHE J 161 -2.13 42.45 -34.01
C PHE J 161 -1.01 42.52 -32.98
N GLU J 162 -1.14 41.72 -31.91
CA GLU J 162 -0.14 41.71 -30.85
C GLU J 162 1.22 41.30 -31.39
N LYS J 163 2.18 42.23 -31.37
CA LYS J 163 3.55 41.99 -31.80
C LYS J 163 3.64 41.70 -33.30
N ILE J 164 2.52 41.73 -34.01
CA ILE J 164 2.48 41.49 -35.44
C ILE J 164 1.88 42.72 -36.11
N SER J 165 2.60 43.29 -37.07
CA SER J 165 2.14 44.46 -37.81
C SER J 165 1.93 44.04 -39.25
N VAL J 166 0.76 43.50 -39.55
CA VAL J 166 0.44 43.08 -40.90
C VAL J 166 0.20 44.29 -41.78
N MET J 167 0.73 44.25 -43.00
CA MET J 167 0.66 45.38 -43.92
C MET J 167 0.07 44.97 -45.25
N PRO J 168 -1.17 45.36 -45.55
CA PRO J 168 -1.72 45.10 -46.90
C PRO J 168 -1.02 45.95 -47.95
N LEU J 169 -1.05 45.45 -49.18
CA LEU J 169 -0.43 46.16 -50.30
C LEU J 169 -1.11 45.65 -51.58
N ILE J 170 -2.01 46.44 -52.13
CA ILE J 170 -2.86 45.96 -53.23
C ILE J 170 -2.67 46.80 -54.48
N GLY J 171 -2.29 48.05 -54.33
CA GLY J 171 -2.18 48.94 -55.48
C GLY J 171 -1.01 48.59 -56.38
N THR J 172 -1.11 49.04 -57.62
CA THR J 172 0.00 48.88 -58.56
C THR J 172 1.13 49.82 -58.16
N ILE J 173 2.31 49.27 -57.93
CA ILE J 173 3.41 49.98 -57.29
C ILE J 173 4.44 50.38 -58.32
N ASP J 174 4.82 51.65 -58.30
CA ASP J 174 5.90 52.20 -59.11
C ASP J 174 7.00 52.70 -58.17
N THR J 175 8.01 53.35 -58.74
CA THR J 175 9.16 53.78 -57.95
C THR J 175 8.76 54.75 -56.86
N GLU J 176 7.94 55.75 -57.21
CA GLU J 176 7.49 56.71 -56.20
C GLU J 176 6.62 56.05 -55.15
N ARG J 177 5.71 55.16 -55.58
CA ARG J 177 4.93 54.40 -54.62
C ARG J 177 5.82 53.51 -53.78
N ALA J 178 6.92 53.00 -54.37
CA ALA J 178 7.87 52.22 -53.58
C ALA J 178 8.51 53.07 -52.50
N LYS J 179 8.86 54.32 -52.83
CA LYS J 179 9.39 55.22 -51.80
C LYS J 179 8.37 55.46 -50.71
N LEU J 180 7.12 55.69 -51.09
CA LEU J 180 6.05 55.82 -50.11
C LEU J 180 6.00 54.61 -49.19
N ILE J 181 6.04 53.42 -49.79
CA ILE J 181 5.92 52.18 -49.02
C ILE J 181 7.07 52.04 -48.04
N ILE J 182 8.31 52.26 -48.51
CA ILE J 182 9.46 52.07 -47.62
C ILE J 182 9.43 53.09 -46.49
N GLU J 183 9.13 54.36 -46.81
CA GLU J 183 9.07 55.38 -45.77
C GLU J 183 8.01 55.04 -44.73
N ASN J 184 6.79 54.77 -45.18
CA ASN J 184 5.70 54.50 -44.24
C ASN J 184 5.97 53.24 -43.43
N LEU J 185 6.50 52.20 -44.07
CA LEU J 185 6.78 50.96 -43.37
C LEU J 185 7.84 51.16 -42.29
N LEU J 186 8.91 51.89 -42.62
CA LEU J 186 9.94 52.14 -41.61
C LEU J 186 9.39 52.96 -40.45
N ILE J 187 8.62 54.01 -40.75
CA ILE J 187 8.07 54.84 -39.68
C ILE J 187 7.14 54.02 -38.79
N GLY J 188 6.29 53.18 -39.39
CA GLY J 188 5.40 52.36 -38.60
C GLY J 188 6.14 51.34 -37.76
N VAL J 189 7.13 50.67 -38.33
CA VAL J 189 7.83 49.63 -37.60
C VAL J 189 8.66 50.22 -36.47
N VAL J 190 9.20 51.44 -36.64
CA VAL J 190 9.91 52.04 -35.53
C VAL J 190 8.94 52.59 -34.50
N LYS J 191 7.73 52.98 -34.93
CA LYS J 191 6.75 53.50 -33.99
C LYS J 191 6.04 52.37 -33.25
N ASN J 192 5.51 51.40 -33.99
CA ASN J 192 4.80 50.28 -33.39
C ASN J 192 5.78 49.17 -33.07
N ARG J 193 5.83 48.76 -31.81
CA ARG J 193 6.70 47.66 -31.40
C ARG J 193 6.22 46.37 -32.05
N SER J 194 7.00 45.86 -33.00
CA SER J 194 6.58 44.72 -33.81
C SER J 194 7.66 43.64 -33.78
N GLU J 195 7.27 42.44 -34.17
CA GLU J 195 8.19 41.32 -34.31
C GLU J 195 8.19 40.73 -35.71
N VAL J 196 7.04 40.64 -36.36
CA VAL J 196 6.92 40.17 -37.73
C VAL J 196 6.04 41.15 -38.49
N VAL J 197 6.49 41.55 -39.67
CA VAL J 197 5.76 42.51 -40.51
C VAL J 197 5.43 41.81 -41.81
N LEU J 198 4.23 41.24 -41.90
CA LEU J 198 3.81 40.49 -43.07
C LEU J 198 3.41 41.46 -44.16
N ILE J 199 4.29 41.67 -45.14
CA ILE J 199 3.99 42.53 -46.27
C ILE J 199 3.14 41.73 -47.25
N ASP J 200 1.85 42.09 -47.35
CA ASP J 200 0.92 41.39 -48.23
C ASP J 200 1.13 41.90 -49.65
N ILE J 201 2.11 41.30 -50.33
CA ILE J 201 2.43 41.71 -51.69
C ILE J 201 1.37 41.26 -52.67
N THR J 202 0.50 40.32 -52.28
CA THR J 202 -0.57 39.87 -53.18
C THR J 202 -1.51 41.02 -53.49
N GLY J 203 -1.84 41.17 -54.77
CA GLY J 203 -2.72 42.23 -55.19
C GLY J 203 -2.17 43.03 -56.35
N VAL J 204 -0.86 43.21 -56.38
CA VAL J 204 -0.20 43.92 -57.46
C VAL J 204 0.08 42.93 -58.59
N PRO J 205 -0.40 43.17 -59.81
CA PRO J 205 -0.20 42.21 -60.89
C PRO J 205 1.23 42.11 -61.36
N VAL J 206 1.84 43.26 -61.66
CA VAL J 206 3.20 43.31 -62.19
C VAL J 206 3.99 44.34 -61.41
N VAL J 207 5.26 44.01 -61.14
CA VAL J 207 6.15 44.90 -60.42
C VAL J 207 7.41 45.09 -61.25
N ASP J 208 7.84 46.34 -61.41
CA ASP J 208 9.04 46.63 -62.16
C ASP J 208 10.27 46.12 -61.41
N THR J 209 11.37 45.97 -62.16
CA THR J 209 12.60 45.42 -61.58
C THR J 209 13.10 46.30 -60.44
N MET J 210 13.16 47.61 -60.68
CA MET J 210 13.67 48.53 -59.66
C MET J 210 12.79 48.52 -58.42
N VAL J 211 11.47 48.45 -58.62
CA VAL J 211 10.56 48.47 -57.49
C VAL J 211 10.66 47.17 -56.69
N ALA J 212 10.83 46.04 -57.37
CA ALA J 212 11.06 44.79 -56.66
C ALA J 212 12.36 44.83 -55.87
N HIS J 213 13.40 45.43 -56.46
CA HIS J 213 14.65 45.62 -55.74
C HIS J 213 14.46 46.46 -54.49
N HIS J 214 13.69 47.55 -54.60
CA HIS J 214 13.39 48.37 -53.42
C HIS J 214 12.59 47.60 -52.39
N ILE J 215 11.69 46.72 -52.83
CA ILE J 215 10.92 45.92 -51.86
C ILE J 215 11.84 44.98 -51.10
N ILE J 216 12.77 44.34 -51.81
CA ILE J 216 13.72 43.45 -51.13
C ILE J 216 14.58 44.23 -50.15
N GLN J 217 15.06 45.40 -50.57
CA GLN J 217 15.84 46.22 -49.65
C GLN J 217 15.01 46.70 -48.47
N ALA J 218 13.72 46.94 -48.67
CA ALA J 218 12.83 47.29 -47.57
C ALA J 218 12.74 46.16 -46.56
N SER J 219 12.59 44.93 -47.06
CA SER J 219 12.57 43.78 -46.17
C SER J 219 13.87 43.67 -45.39
N GLU J 220 15.00 43.87 -46.07
CA GLU J 220 16.29 43.79 -45.39
C GLU J 220 16.44 44.88 -44.35
N ALA J 221 15.95 46.08 -44.63
CA ALA J 221 16.01 47.17 -43.66
C ALA J 221 15.16 46.83 -42.43
N VAL J 222 13.97 46.28 -42.65
CA VAL J 222 13.12 45.89 -41.53
C VAL J 222 13.82 44.83 -40.69
N ARG J 223 14.44 43.85 -41.34
CA ARG J 223 15.19 42.85 -40.60
C ARG J 223 16.32 43.49 -39.80
N LEU J 224 16.97 44.51 -40.37
CA LEU J 224 18.07 45.19 -39.69
C LEU J 224 17.59 45.92 -38.45
N VAL J 225 16.42 46.56 -38.51
CA VAL J 225 15.93 47.30 -37.36
C VAL J 225 15.66 46.37 -36.18
N GLY J 226 15.34 45.11 -36.47
CA GLY J 226 15.10 44.16 -35.40
C GLY J 226 13.73 43.50 -35.48
N CYS J 227 13.17 43.42 -36.67
CA CYS J 227 11.86 42.82 -36.90
C CYS J 227 11.92 41.98 -38.16
N GLN J 228 11.56 40.71 -38.06
CA GLN J 228 11.52 39.85 -39.24
C GLN J 228 10.45 40.33 -40.21
N ALA J 229 10.79 40.32 -41.50
CA ALA J 229 9.87 40.74 -42.55
C ALA J 229 9.62 39.55 -43.47
N MET J 230 8.38 39.07 -43.49
CA MET J 230 7.98 37.89 -44.25
C MET J 230 7.12 38.34 -45.42
N LEU J 231 7.65 38.24 -46.63
CA LEU J 231 6.87 38.58 -47.82
C LEU J 231 5.89 37.44 -48.09
N VAL J 232 4.60 37.76 -48.17
CA VAL J 232 3.54 36.77 -48.19
C VAL J 232 2.81 36.83 -49.52
N GLY J 233 2.60 35.67 -50.13
CA GLY J 233 1.74 35.54 -51.29
C GLY J 233 2.24 36.19 -52.56
N ILE J 234 3.51 35.98 -52.90
CA ILE J 234 4.06 36.52 -54.13
C ILE J 234 3.39 35.85 -55.32
N ARG J 235 3.02 36.65 -56.33
CA ARG J 235 2.50 36.14 -57.58
C ARG J 235 3.64 35.69 -58.49
N PRO J 236 3.39 34.75 -59.41
CA PRO J 236 4.48 34.25 -60.26
C PRO J 236 5.21 35.31 -61.06
N GLU J 237 4.52 36.34 -61.54
CA GLU J 237 5.21 37.36 -62.35
C GLU J 237 6.21 38.14 -61.52
N ILE J 238 5.81 38.57 -60.33
CA ILE J 238 6.73 39.30 -59.45
C ILE J 238 7.88 38.39 -59.04
N ALA J 239 7.61 37.11 -58.82
CA ALA J 239 8.68 36.17 -58.51
C ALA J 239 9.65 36.03 -59.68
N GLN J 240 9.12 36.03 -60.90
CA GLN J 240 9.95 36.03 -62.11
C GLN J 240 10.88 37.22 -62.11
N TPO J 241 10.31 38.39 -61.82
CA TPO J 241 11.07 39.64 -61.77
CB TPO J 241 10.15 40.81 -61.50
CG2 TPO J 241 10.90 42.14 -61.64
OG1 TPO J 241 8.96 40.74 -62.30
P TPO J 241 9.11 41.33 -63.81
O1P TPO J 241 8.79 42.91 -63.81
O2P TPO J 241 8.11 40.65 -64.66
O3P TPO J 241 10.56 41.06 -64.47
C TPO J 241 12.17 39.57 -60.72
O TPO J 241 13.30 40.00 -60.94
N ILE J 242 11.83 39.01 -59.57
CA ILE J 242 12.75 38.91 -58.44
C ILE J 242 13.90 37.97 -58.73
N VAL J 243 13.61 36.79 -59.31
CA VAL J 243 14.70 35.88 -59.64
C VAL J 243 15.55 36.45 -60.78
N ASN J 244 14.94 37.16 -61.73
CA ASN J 244 15.71 37.80 -62.77
C ASN J 244 16.53 38.97 -62.23
N LEU J 245 16.18 39.49 -61.06
CA LEU J 245 16.98 40.54 -60.45
C LEU J 245 18.39 40.06 -60.14
N GLY J 246 18.52 38.84 -59.65
CA GLY J 246 19.82 38.24 -59.38
C GLY J 246 20.37 38.49 -57.99
N ILE J 247 19.69 39.28 -57.17
CA ILE J 247 20.15 39.51 -55.81
C ILE J 247 19.98 38.24 -54.99
N GLU J 248 20.67 38.19 -53.85
CA GLU J 248 20.55 37.05 -52.95
C GLU J 248 19.15 36.99 -52.36
N LEU J 249 18.56 35.79 -52.35
CA LEU J 249 17.17 35.60 -51.97
C LEU J 249 17.03 34.57 -50.86
N ASP J 250 17.98 34.54 -49.94
CA ASP J 250 17.84 33.78 -48.70
C ASP J 250 17.35 34.65 -47.56
N GLN J 251 17.19 35.95 -47.81
CA GLN J 251 16.89 36.89 -46.75
C GLN J 251 15.43 36.82 -46.32
N ILE J 252 14.53 36.60 -47.27
CA ILE J 252 13.10 36.73 -47.05
C ILE J 252 12.50 35.35 -46.77
N ILE J 253 11.60 35.29 -45.79
CA ILE J 253 10.92 34.07 -45.40
C ILE J 253 9.48 34.19 -45.87
N THR J 254 9.13 33.48 -46.94
CA THR J 254 7.86 33.71 -47.61
C THR J 254 6.81 32.69 -47.22
N THR J 255 5.58 32.94 -47.67
CA THR J 255 4.44 32.09 -47.39
C THR J 255 3.41 32.25 -48.50
N ASN J 256 2.74 31.15 -48.84
CA ASN J 256 1.79 31.18 -49.94
C ASN J 256 0.56 32.03 -49.62
N THR J 257 0.03 31.90 -48.41
CA THR J 257 -1.23 32.55 -48.05
C THR J 257 -1.08 33.29 -46.73
N MET J 258 -2.03 34.19 -46.47
CA MET J 258 -1.96 35.02 -45.28
C MET J 258 -2.19 34.21 -44.00
N LYS J 259 -3.06 33.20 -44.06
CA LYS J 259 -3.35 32.41 -42.87
C LYS J 259 -2.12 31.65 -42.40
N LYS J 260 -1.42 31.00 -43.34
CA LYS J 260 -0.20 30.28 -42.99
C LYS J 260 0.87 31.25 -42.50
N GLY J 261 0.94 32.43 -43.10
CA GLY J 261 1.87 33.44 -42.62
C GLY J 261 1.60 33.86 -41.19
N MET J 262 0.32 34.11 -40.87
CA MET J 262 -0.05 34.44 -39.50
C MET J 262 0.34 33.33 -38.54
N GLU J 263 -0.01 32.09 -38.88
CA GLU J 263 0.23 31.00 -37.94
C GLU J 263 1.73 30.76 -37.76
N ARG J 264 2.52 30.91 -38.82
CA ARG J 264 3.95 30.67 -38.68
C ARG J 264 4.65 31.82 -37.99
N ALA J 265 4.18 33.06 -38.19
CA ALA J 265 4.70 34.18 -37.42
C ALA J 265 4.40 33.99 -35.93
N LEU J 266 3.20 33.52 -35.62
CA LEU J 266 2.89 33.19 -34.22
C LEU J 266 3.73 32.02 -33.74
N ALA J 267 4.14 31.13 -34.64
CA ALA J 267 5.09 30.10 -34.26
C ALA J 267 6.45 30.68 -33.93
N LEU J 268 6.85 31.75 -34.62
CA LEU J 268 8.13 32.40 -34.30
C LEU J 268 8.13 32.91 -32.87
N THR J 269 7.06 33.58 -32.46
CA THR J 269 6.85 33.94 -31.05
C THR J 269 6.05 32.82 -30.41
N ASN J 270 6.76 31.74 -30.08
CA ASN J 270 6.12 30.45 -29.83
C ASN J 270 5.01 30.53 -28.80
N ARG J 271 5.27 31.18 -27.66
CA ARG J 271 4.28 31.22 -26.60
C ARG J 271 3.12 32.15 -26.91
N GLU J 272 3.19 32.91 -28.00
CA GLU J 272 2.08 33.77 -28.40
C GLU J 272 1.04 33.03 -29.21
N ILE J 273 1.23 31.73 -29.49
CA ILE J 273 0.24 30.97 -30.25
C ILE J 273 -1.08 30.90 -29.51
N VAL J 274 -1.06 31.02 -28.18
CA VAL J 274 -2.28 30.97 -27.39
C VAL J 274 -2.97 32.33 -27.40
N MET K 1 -54.95 -89.11 -70.39
CA MET K 1 -55.09 -90.16 -69.39
C MET K 1 -53.72 -90.56 -68.83
N TYR K 2 -53.68 -90.80 -67.52
CA TYR K 2 -52.42 -90.89 -66.79
C TYR K 2 -52.05 -92.30 -66.34
N LYS K 3 -52.98 -93.25 -66.38
CA LYS K 3 -52.71 -94.58 -65.84
C LYS K 3 -51.75 -95.35 -66.75
N ASP K 4 -52.18 -95.65 -67.98
CA ASP K 4 -51.30 -96.32 -68.91
C ASP K 4 -50.13 -95.45 -69.32
N PHE K 5 -50.25 -94.12 -69.18
CA PHE K 5 -49.09 -93.27 -69.37
C PHE K 5 -47.99 -93.62 -68.38
N ALA K 6 -48.36 -93.85 -67.12
CA ALA K 6 -47.38 -94.34 -66.14
C ALA K 6 -46.98 -95.78 -66.43
N ASN K 7 -47.91 -96.60 -66.93
CA ASN K 7 -47.59 -97.99 -67.25
C ASN K 7 -46.62 -98.10 -68.42
N PHE K 8 -46.45 -97.03 -69.20
CA PHE K 8 -45.40 -96.96 -70.21
C PHE K 8 -44.22 -96.11 -69.74
N ILE K 9 -44.43 -95.23 -68.76
CA ILE K 9 -43.34 -94.54 -68.09
C ILE K 9 -42.47 -95.53 -67.31
N ARG K 10 -43.03 -96.67 -66.91
CA ARG K 10 -42.23 -97.66 -66.20
C ARG K 10 -41.08 -98.18 -67.05
N THR K 11 -41.13 -98.00 -68.37
CA THR K 11 -40.01 -98.25 -69.26
C THR K 11 -39.39 -96.98 -69.83
N ASN K 12 -40.18 -95.91 -69.94
CA ASN K 12 -39.60 -94.62 -70.31
C ASN K 12 -38.62 -94.12 -69.26
N LYS K 13 -38.68 -94.62 -68.03
CA LYS K 13 -37.66 -94.28 -67.04
C LYS K 13 -36.31 -94.85 -67.42
N LYS K 14 -36.27 -96.11 -67.86
CA LYS K 14 -35.02 -96.66 -68.39
C LYS K 14 -34.61 -95.94 -69.67
N ASP K 15 -35.59 -95.56 -70.50
CA ASP K 15 -35.28 -94.76 -71.68
C ASP K 15 -34.59 -93.45 -71.31
N LEU K 16 -35.11 -92.76 -70.30
CA LEU K 16 -34.51 -91.49 -69.87
C LEU K 16 -33.20 -91.71 -69.14
N LEU K 17 -33.00 -92.87 -68.51
CA LEU K 17 -31.68 -93.19 -67.95
C LEU K 17 -30.65 -93.32 -69.06
N ASN K 18 -31.00 -94.03 -70.13
CA ASN K 18 -30.13 -94.06 -71.31
C ASN K 18 -29.94 -92.66 -71.89
N ASN K 19 -30.99 -91.84 -71.82
CA ASN K 19 -30.90 -90.47 -72.29
C ASN K 19 -29.87 -89.68 -71.49
N TRP K 20 -29.88 -89.81 -70.17
CA TRP K 20 -28.89 -89.16 -69.33
C TRP K 20 -27.50 -89.70 -69.63
N MET K 21 -27.40 -91.02 -69.85
CA MET K 21 -26.13 -91.62 -70.24
C MET K 21 -25.57 -90.97 -71.51
N ASN K 22 -26.43 -90.75 -72.50
CA ASN K 22 -25.98 -90.13 -73.74
C ASN K 22 -25.66 -88.65 -73.56
N GLU K 23 -26.44 -87.95 -72.73
CA GLU K 23 -26.31 -86.50 -72.61
C GLU K 23 -25.17 -86.08 -71.69
N MET K 24 -24.71 -86.95 -70.78
CA MET K 24 -23.65 -86.56 -69.86
C MET K 24 -22.37 -86.16 -70.57
N GLU K 25 -22.17 -86.61 -71.81
CA GLU K 25 -20.89 -86.39 -72.49
C GLU K 25 -20.73 -84.95 -72.97
N LYS K 26 -21.82 -84.25 -73.26
CA LYS K 26 -21.72 -82.96 -73.95
C LYS K 26 -21.59 -81.77 -73.01
N GLN K 27 -22.21 -81.80 -71.83
CA GLN K 27 -22.27 -80.63 -70.96
C GLN K 27 -21.59 -80.93 -69.63
N SER K 28 -20.38 -80.42 -69.46
CA SER K 28 -19.67 -80.37 -68.18
C SER K 28 -19.74 -81.72 -67.44
N ASP K 29 -19.20 -82.74 -68.09
CA ASP K 29 -19.19 -84.07 -67.47
C ASP K 29 -18.41 -84.10 -66.17
N PRO K 30 -17.16 -83.60 -66.08
CA PRO K 30 -16.46 -83.65 -64.78
C PRO K 30 -17.18 -82.88 -63.69
N LEU K 31 -17.74 -81.72 -64.01
CA LEU K 31 -18.38 -80.89 -62.98
C LEU K 31 -19.60 -81.59 -62.40
N ILE K 32 -20.49 -82.08 -63.26
CA ILE K 32 -21.70 -82.74 -62.80
C ILE K 32 -21.34 -84.05 -62.10
N ASN K 33 -20.34 -84.76 -62.59
CA ASN K 33 -19.92 -86.00 -61.93
C ASN K 33 -19.39 -85.73 -60.53
N ASP K 34 -18.63 -84.64 -60.37
CA ASP K 34 -18.07 -84.33 -59.05
C ASP K 34 -19.14 -83.84 -58.08
N ILE K 35 -20.03 -82.95 -58.55
CA ILE K 35 -20.98 -82.35 -57.61
C ILE K 35 -22.12 -83.31 -57.28
N ALA K 36 -22.46 -84.22 -58.19
CA ALA K 36 -23.58 -85.14 -57.97
C ALA K 36 -23.21 -86.50 -58.54
N LYS K 37 -23.19 -87.52 -57.68
CA LYS K 37 -22.97 -88.87 -58.14
C LYS K 37 -24.13 -89.34 -59.01
N GLU K 38 -23.81 -90.13 -60.03
CA GLU K 38 -24.79 -90.50 -61.05
C GLU K 38 -26.00 -91.25 -60.51
N PRO K 39 -25.87 -92.25 -59.63
CA PRO K 39 -27.07 -92.99 -59.21
C PRO K 39 -28.14 -92.13 -58.54
N MET K 40 -27.74 -91.18 -57.69
CA MET K 40 -28.76 -90.37 -57.02
C MET K 40 -29.45 -89.43 -58.01
N TYR K 41 -28.69 -88.88 -58.96
CA TYR K 41 -29.31 -88.03 -59.98
C TYR K 41 -30.27 -88.84 -60.84
N GLU K 42 -29.89 -90.07 -61.20
CA GLU K 42 -30.77 -90.91 -62.00
C GLU K 42 -32.05 -91.27 -61.25
N GLU K 43 -31.93 -91.62 -59.97
CA GLU K 43 -33.13 -91.95 -59.21
C GLU K 43 -34.00 -90.73 -58.97
N THR K 44 -33.39 -89.55 -58.77
CA THR K 44 -34.18 -88.33 -58.64
C THR K 44 -34.92 -88.03 -59.94
N SER K 45 -34.26 -88.22 -61.08
CA SER K 45 -34.91 -87.97 -62.36
C SER K 45 -36.08 -88.93 -62.59
N ILE K 46 -35.88 -90.22 -62.28
CA ILE K 46 -36.98 -91.16 -62.47
C ILE K 46 -38.11 -90.89 -61.48
N GLU K 47 -37.79 -90.44 -60.27
CA GLU K 47 -38.83 -90.05 -59.33
C GLU K 47 -39.61 -88.84 -59.83
N PHE K 48 -38.92 -87.89 -60.46
CA PHE K 48 -39.59 -86.72 -61.00
C PHE K 48 -40.47 -87.08 -62.20
N VAL K 49 -40.04 -88.04 -63.02
CA VAL K 49 -40.77 -88.34 -64.26
C VAL K 49 -41.80 -89.46 -64.10
N ASP K 50 -41.79 -90.21 -63.01
CA ASP K 50 -42.66 -91.38 -62.90
C ASP K 50 -43.93 -91.12 -62.11
N LEU K 51 -43.88 -90.34 -61.03
CA LEU K 51 -45.05 -90.11 -60.20
C LEU K 51 -45.85 -88.88 -60.61
N ILE K 52 -45.46 -88.20 -61.70
CA ILE K 52 -46.22 -87.04 -62.16
C ILE K 52 -47.60 -87.47 -62.65
N VAL K 53 -47.68 -88.62 -63.31
CA VAL K 53 -48.94 -89.13 -63.84
C VAL K 53 -49.48 -90.28 -62.99
N SER K 54 -49.03 -90.40 -61.74
CA SER K 54 -49.57 -91.42 -60.85
C SER K 54 -50.92 -91.02 -60.26
N ASN K 55 -51.27 -89.74 -60.31
CA ASN K 55 -52.59 -89.30 -59.91
C ASN K 55 -53.60 -89.60 -61.01
N ILE K 56 -54.88 -89.39 -60.69
CA ILE K 56 -55.96 -89.81 -61.60
C ILE K 56 -56.21 -88.64 -62.55
N THR K 57 -55.34 -88.53 -63.56
CA THR K 57 -55.60 -87.82 -64.80
C THR K 57 -55.78 -86.31 -64.61
N GLU K 58 -55.77 -85.81 -63.37
CA GLU K 58 -56.12 -84.43 -63.13
C GLU K 58 -54.95 -83.58 -62.65
N ASN K 59 -54.35 -83.90 -61.50
CA ASN K 59 -53.28 -83.11 -60.92
C ASN K 59 -52.85 -83.75 -59.61
N GLY K 60 -51.80 -83.20 -59.02
CA GLY K 60 -51.37 -83.58 -57.69
C GLY K 60 -50.68 -82.45 -56.95
N SER K 61 -51.18 -82.11 -55.76
CA SER K 61 -50.58 -81.03 -54.98
C SER K 61 -49.26 -81.46 -54.32
N LYS K 62 -49.25 -82.67 -53.76
CA LYS K 62 -48.02 -83.17 -53.15
C LYS K 62 -46.90 -83.29 -54.19
N PHE K 63 -47.22 -83.81 -55.37
CA PHE K 63 -46.21 -83.85 -56.41
C PHE K 63 -45.92 -82.48 -57.00
N ASN K 64 -46.85 -81.52 -56.88
CA ASN K 64 -46.52 -80.15 -57.24
C ASN K 64 -45.44 -79.59 -56.32
N GLU K 65 -45.58 -79.82 -55.01
CA GLU K 65 -44.53 -79.44 -54.07
C GLU K 65 -43.23 -80.18 -54.36
N LYS K 66 -43.33 -81.46 -54.71
CA LYS K 66 -42.14 -82.23 -55.07
C LYS K 66 -41.45 -81.66 -56.31
N LEU K 67 -42.25 -81.23 -57.30
CA LEU K 67 -41.68 -80.63 -58.50
C LEU K 67 -41.02 -79.29 -58.20
N ASP K 68 -41.63 -78.49 -57.32
CA ASP K 68 -40.99 -77.24 -56.90
C ASP K 68 -39.67 -77.51 -56.17
N ASP K 69 -39.66 -78.54 -55.31
CA ASP K 69 -38.42 -78.92 -54.64
C ASP K 69 -37.37 -79.37 -55.64
N PHE K 70 -37.78 -80.14 -56.65
CA PHE K 70 -36.86 -80.56 -57.70
C PHE K 70 -36.29 -79.36 -58.45
N ALA K 71 -37.15 -78.38 -58.74
CA ALA K 71 -36.70 -77.18 -59.43
C ALA K 71 -35.68 -76.42 -58.60
N GLU K 72 -35.94 -76.24 -57.31
CA GLU K 72 -34.97 -75.54 -56.47
C GLU K 72 -33.69 -76.34 -56.31
N LYS K 73 -33.79 -77.67 -56.27
CA LYS K 73 -32.60 -78.51 -56.15
C LYS K 73 -31.73 -78.42 -57.41
N VAL K 74 -32.35 -78.41 -58.60
CA VAL K 74 -31.56 -78.27 -59.81
C VAL K 74 -31.07 -76.84 -60.00
N VAL K 75 -31.74 -75.86 -59.40
CA VAL K 75 -31.21 -74.50 -59.39
C VAL K 75 -29.93 -74.45 -58.55
N HIS K 76 -29.98 -75.01 -57.35
CA HIS K 76 -28.81 -74.98 -56.47
C HIS K 76 -27.67 -75.85 -56.98
N LEU K 77 -28.00 -76.97 -57.64
CA LEU K 77 -26.96 -77.91 -58.06
C LEU K 77 -26.14 -77.37 -59.23
N GLY K 78 -26.63 -76.34 -59.92
CA GLY K 78 -25.89 -75.77 -61.03
C GLY K 78 -26.46 -76.15 -62.39
N TRP K 79 -27.78 -76.15 -62.50
CA TRP K 79 -28.48 -76.47 -63.74
C TRP K 79 -29.39 -75.31 -64.10
N PRO K 80 -28.89 -74.30 -64.81
CA PRO K 80 -29.74 -73.17 -65.21
C PRO K 80 -30.73 -73.54 -66.29
N ILE K 81 -31.44 -72.55 -66.83
CA ILE K 81 -32.48 -72.82 -67.82
C ILE K 81 -31.89 -73.45 -69.07
N HIS K 82 -30.64 -73.13 -69.41
CA HIS K 82 -30.00 -73.75 -70.56
C HIS K 82 -29.86 -75.26 -70.38
N PHE K 83 -29.40 -75.68 -69.20
CA PHE K 83 -29.22 -77.10 -68.94
C PHE K 83 -30.56 -77.82 -68.91
N VAL K 84 -31.59 -77.20 -68.33
CA VAL K 84 -32.91 -77.82 -68.26
C VAL K 84 -33.50 -77.92 -69.66
N THR K 85 -33.27 -76.93 -70.51
CA THR K 85 -33.73 -76.98 -71.89
C THR K 85 -33.02 -78.09 -72.66
N THR K 86 -31.71 -78.25 -72.46
CA THR K 86 -31.00 -79.37 -73.06
C THR K 86 -31.57 -80.70 -72.57
N GLY K 87 -31.90 -80.76 -71.29
CA GLY K 87 -32.55 -81.96 -70.77
C GLY K 87 -33.88 -82.26 -71.43
N LEU K 88 -34.69 -81.23 -71.66
CA LEU K 88 -35.96 -81.42 -72.35
C LEU K 88 -35.73 -81.89 -73.79
N ARG K 89 -34.75 -81.29 -74.48
CA ARG K 89 -34.46 -81.68 -75.86
C ARG K 89 -34.04 -83.13 -75.94
N VAL K 90 -33.15 -83.56 -75.04
CA VAL K 90 -32.70 -84.95 -75.07
C VAL K 90 -33.81 -85.88 -74.60
N PHE K 91 -34.68 -85.42 -73.70
CA PHE K 91 -35.88 -86.17 -73.35
C PHE K 91 -36.70 -86.48 -74.59
N GLY K 92 -36.99 -85.46 -75.39
CA GLY K 92 -37.73 -85.67 -76.61
C GLY K 92 -37.02 -86.60 -77.58
N LEU K 93 -35.71 -86.41 -77.73
CA LEU K 93 -34.94 -87.25 -78.65
C LEU K 93 -35.03 -88.72 -78.26
N LEU K 94 -34.83 -89.03 -76.98
CA LEU K 94 -34.85 -90.42 -76.56
C LEU K 94 -36.26 -90.98 -76.49
N VAL K 95 -37.28 -90.15 -76.27
CA VAL K 95 -38.65 -90.62 -76.42
C VAL K 95 -38.89 -91.02 -77.87
N TYR K 96 -38.40 -90.22 -78.82
CA TYR K 96 -38.53 -90.55 -80.24
C TYR K 96 -37.86 -91.89 -80.55
N THR K 97 -36.65 -92.08 -80.04
CA THR K 97 -35.94 -93.33 -80.29
C THR K 97 -36.67 -94.51 -79.67
N ALA K 98 -37.17 -94.35 -78.44
CA ALA K 98 -37.86 -95.43 -77.76
C ALA K 98 -39.14 -95.83 -78.49
N MET K 99 -39.93 -94.83 -78.90
CA MET K 99 -41.16 -95.14 -79.63
C MET K 99 -40.86 -95.72 -81.01
N ARG K 100 -39.73 -95.35 -81.62
CA ARG K 100 -39.29 -96.06 -82.81
C ARG K 100 -38.91 -97.49 -82.50
N ASP K 101 -38.45 -97.77 -81.27
CA ASP K 101 -38.03 -99.11 -80.89
C ASP K 101 -39.10 -99.86 -80.09
N GLU K 102 -39.56 -99.27 -78.99
CA GLU K 102 -40.49 -99.98 -78.11
C GLU K 102 -41.84 -100.18 -78.78
N ASP K 103 -42.41 -99.11 -79.34
CA ASP K 103 -43.69 -99.16 -80.08
C ASP K 103 -44.82 -99.71 -79.20
N LEU K 104 -45.14 -98.95 -78.16
CA LEU K 104 -46.25 -99.30 -77.27
C LEU K 104 -46.85 -98.01 -76.73
N PHE K 105 -47.97 -97.58 -77.31
CA PHE K 105 -48.63 -96.33 -76.94
C PHE K 105 -49.75 -96.61 -75.94
N LEU K 106 -50.58 -95.59 -75.69
CA LEU K 106 -51.55 -95.66 -74.61
C LEU K 106 -52.66 -96.67 -74.91
N LYS K 107 -53.43 -96.43 -75.96
CA LYS K 107 -54.61 -97.24 -76.24
C LYS K 107 -54.22 -98.53 -76.94
N ARG K 108 -55.02 -99.57 -76.68
CA ARG K 108 -54.78 -100.89 -77.27
C ARG K 108 -55.25 -100.88 -78.72
N GLU K 109 -54.29 -101.05 -79.64
CA GLU K 109 -54.61 -101.07 -81.06
C GLU K 109 -53.42 -101.66 -81.81
N GLU K 110 -53.70 -102.28 -82.96
CA GLU K 110 -52.63 -102.84 -83.78
C GLU K 110 -51.72 -101.75 -84.32
N LYS K 111 -52.26 -100.54 -84.54
CA LYS K 111 -51.48 -99.42 -85.06
C LYS K 111 -52.08 -98.14 -84.52
N PRO K 112 -51.47 -97.54 -83.50
CA PRO K 112 -52.01 -96.31 -82.91
C PRO K 112 -51.94 -95.14 -83.89
N GLU K 113 -52.56 -94.04 -83.49
CA GLU K 113 -52.69 -92.86 -84.33
C GLU K 113 -51.99 -91.67 -83.67
N ASP K 114 -52.18 -90.49 -84.27
CA ASP K 114 -51.46 -89.29 -83.85
C ASP K 114 -51.92 -88.77 -82.49
N ASP K 115 -53.07 -89.22 -81.99
CA ASP K 115 -53.65 -88.66 -80.78
C ASP K 115 -52.70 -88.79 -79.58
N ALA K 116 -52.44 -90.02 -79.14
CA ALA K 116 -51.48 -90.21 -78.05
C ALA K 116 -50.07 -89.84 -78.50
N TYR K 117 -49.80 -90.00 -79.79
CA TYR K 117 -48.49 -89.67 -80.36
C TYR K 117 -48.07 -88.27 -79.97
N TYR K 118 -49.00 -87.31 -80.05
CA TYR K 118 -48.69 -85.95 -79.63
C TYR K 118 -49.17 -85.62 -78.22
N ARG K 119 -50.08 -86.42 -77.64
CA ARG K 119 -50.40 -86.23 -76.23
C ARG K 119 -49.15 -86.41 -75.38
N PHE K 120 -48.28 -87.33 -75.77
CA PHE K 120 -47.01 -87.50 -75.09
C PHE K 120 -46.22 -86.19 -75.04
N GLU K 121 -46.04 -85.56 -76.21
CA GLU K 121 -45.26 -84.34 -76.27
C GLU K 121 -45.96 -83.18 -75.56
N THR K 122 -47.29 -83.12 -75.63
CA THR K 122 -48.00 -82.08 -74.89
C THR K 122 -47.76 -82.21 -73.39
N TRP K 123 -47.80 -83.45 -72.87
CA TRP K 123 -47.55 -83.64 -71.44
C TRP K 123 -46.09 -83.35 -71.09
N LEU K 124 -45.16 -83.69 -71.99
CA LEU K 124 -43.76 -83.34 -71.77
C LEU K 124 -43.59 -81.83 -71.66
N SER K 125 -44.21 -81.08 -72.58
CA SER K 125 -44.15 -79.63 -72.54
C SER K 125 -44.83 -79.07 -71.30
N SER K 126 -45.91 -79.71 -70.85
CA SER K 126 -46.60 -79.25 -69.65
C SER K 126 -45.73 -79.42 -68.40
N MET K 127 -45.06 -80.57 -68.27
CA MET K 127 -44.21 -80.73 -67.09
C MET K 127 -43.02 -79.78 -67.16
N TYR K 128 -42.49 -79.55 -68.36
CA TYR K 128 -41.43 -78.56 -68.52
C TYR K 128 -41.92 -77.16 -68.15
N ASN K 129 -43.17 -76.84 -68.51
CA ASN K 129 -43.74 -75.55 -68.16
C ASN K 129 -43.84 -75.38 -66.65
N LYS K 130 -44.32 -76.41 -65.96
CA LYS K 130 -44.39 -76.33 -64.50
C LYS K 130 -42.99 -76.22 -63.88
N VAL K 131 -42.02 -76.95 -64.44
CA VAL K 131 -40.66 -76.89 -63.92
C VAL K 131 -40.09 -75.49 -64.07
N VAL K 132 -40.25 -74.88 -65.24
CA VAL K 132 -39.70 -73.53 -65.43
C VAL K 132 -40.49 -72.51 -64.62
N THR K 133 -41.78 -72.77 -64.37
CA THR K 133 -42.55 -71.88 -63.51
C THR K 133 -42.02 -71.91 -62.09
N ALA K 134 -41.70 -73.10 -61.57
CA ALA K 134 -41.12 -73.19 -60.24
C ALA K 134 -39.65 -72.76 -60.21
N TYR K 135 -38.99 -72.71 -61.37
CA TYR K 135 -37.58 -72.39 -61.44
C TYR K 135 -37.29 -70.97 -60.95
N ALA K 136 -38.09 -70.00 -61.37
CA ALA K 136 -37.74 -68.59 -61.23
C ALA K 136 -38.26 -67.95 -59.95
N ASP K 137 -39.02 -68.67 -59.12
CA ASP K 137 -39.62 -68.04 -57.94
C ASP K 137 -38.56 -67.55 -56.97
N THR K 138 -37.62 -68.43 -56.60
CA THR K 138 -36.57 -68.04 -55.67
C THR K 138 -35.67 -66.96 -56.25
N TRP K 139 -35.40 -67.04 -57.55
CA TRP K 139 -34.55 -66.04 -58.18
C TRP K 139 -35.20 -64.67 -58.14
N GLU K 140 -36.49 -64.59 -58.47
CA GLU K 140 -37.19 -63.32 -58.40
C GLU K 140 -37.25 -62.80 -56.97
N LYS K 141 -37.49 -63.68 -56.00
CA LYS K 141 -37.54 -63.25 -54.61
C LYS K 141 -36.20 -62.69 -54.15
N THR K 142 -35.10 -63.38 -54.48
CA THR K 142 -33.80 -62.88 -54.04
C THR K 142 -33.41 -61.60 -54.77
N VAL K 143 -33.80 -61.46 -56.04
CA VAL K 143 -33.56 -60.21 -56.74
C VAL K 143 -34.31 -59.06 -56.07
N SER K 144 -35.58 -59.31 -55.71
CA SER K 144 -36.37 -58.27 -55.06
C SER K 144 -35.80 -57.87 -53.70
N ILE K 145 -35.38 -58.87 -52.91
CA ILE K 145 -34.85 -58.54 -51.58
C ILE K 145 -33.51 -57.83 -51.70
N GLN K 146 -32.67 -58.24 -52.68
CA GLN K 146 -31.42 -57.53 -52.88
C GLN K 146 -31.64 -56.10 -53.33
N LYS K 147 -32.63 -55.88 -54.21
CA LYS K 147 -32.94 -54.51 -54.63
C LYS K 147 -33.44 -53.68 -53.47
N SER K 148 -34.30 -54.25 -52.62
CA SER K 148 -34.79 -53.52 -51.46
C SER K 148 -33.67 -53.18 -50.49
N ALA K 149 -32.76 -54.13 -50.24
CA ALA K 149 -31.63 -53.87 -49.36
C ALA K 149 -30.71 -52.80 -49.94
N LEU K 150 -30.47 -52.85 -51.25
CA LEU K 150 -29.66 -51.84 -51.90
C LEU K 150 -30.31 -50.47 -51.81
N GLN K 151 -31.63 -50.43 -51.94
CA GLN K 151 -32.36 -49.16 -51.82
C GLN K 151 -32.25 -48.59 -50.41
N GLU K 152 -32.42 -49.43 -49.38
CA GLU K 152 -32.37 -48.93 -48.02
C GLU K 152 -30.94 -48.65 -47.55
N LEU K 153 -29.93 -49.20 -48.22
CA LEU K 153 -28.54 -48.98 -47.85
C LEU K 153 -27.89 -47.83 -48.60
N SER K 154 -28.58 -47.24 -49.58
CA SER K 154 -27.91 -46.29 -50.47
C SER K 154 -27.60 -44.96 -49.79
N ALA K 155 -28.56 -44.41 -49.05
CA ALA K 155 -28.44 -43.07 -48.48
C ALA K 155 -28.70 -43.13 -46.98
N PRO K 156 -27.71 -43.56 -46.20
CA PRO K 156 -27.88 -43.61 -44.74
C PRO K 156 -27.69 -42.25 -44.10
N LEU K 157 -28.78 -41.63 -43.68
CA LEU K 157 -28.70 -40.42 -42.87
C LEU K 157 -28.57 -40.73 -41.39
N LEU K 158 -28.57 -42.01 -41.02
CA LEU K 158 -28.45 -42.38 -39.62
C LEU K 158 -27.21 -41.83 -38.94
N PRO K 159 -26.00 -41.84 -39.55
CA PRO K 159 -24.87 -41.20 -38.90
C PRO K 159 -25.14 -39.72 -38.63
N ILE K 160 -25.17 -39.34 -37.36
CA ILE K 160 -25.64 -38.02 -36.95
C ILE K 160 -24.70 -37.46 -35.88
N PHE K 161 -24.28 -36.21 -36.07
CA PHE K 161 -23.51 -35.44 -35.11
C PHE K 161 -24.48 -34.62 -34.27
N GLU K 162 -23.96 -33.84 -33.32
CA GLU K 162 -24.81 -32.91 -32.61
C GLU K 162 -25.16 -31.74 -33.54
N LYS K 163 -26.41 -31.68 -33.98
CA LYS K 163 -26.93 -30.66 -34.89
C LYS K 163 -26.30 -30.72 -36.27
N ILE K 164 -25.50 -31.74 -36.56
CA ILE K 164 -24.88 -31.95 -37.85
C ILE K 164 -25.23 -33.35 -38.33
N SER K 165 -25.52 -33.49 -39.61
CA SER K 165 -25.98 -34.76 -40.19
C SER K 165 -25.07 -35.13 -41.35
N VAL K 166 -24.16 -36.08 -41.12
CA VAL K 166 -23.24 -36.54 -42.16
C VAL K 166 -23.94 -37.57 -43.02
N MET K 167 -23.35 -37.90 -44.17
CA MET K 167 -23.93 -38.86 -45.09
C MET K 167 -22.84 -39.63 -45.81
N PRO K 168 -22.75 -40.96 -45.61
CA PRO K 168 -21.62 -41.72 -46.15
C PRO K 168 -21.51 -41.72 -47.67
N LEU K 169 -22.55 -42.18 -48.37
CA LEU K 169 -22.57 -42.24 -49.83
C LEU K 169 -21.28 -42.86 -50.38
N ILE K 170 -21.12 -44.15 -50.09
CA ILE K 170 -19.88 -44.84 -50.44
C ILE K 170 -19.98 -45.54 -51.79
N GLY K 171 -21.09 -46.22 -52.06
CA GLY K 171 -21.17 -47.04 -53.26
C GLY K 171 -21.43 -46.22 -54.51
N THR K 172 -21.16 -46.85 -55.65
CA THR K 172 -21.46 -46.23 -56.93
C THR K 172 -22.97 -46.06 -57.08
N ILE K 173 -23.36 -44.97 -57.75
CA ILE K 173 -24.76 -44.58 -57.85
C ILE K 173 -25.12 -44.31 -59.30
N ASP K 174 -26.37 -44.56 -59.64
CA ASP K 174 -26.89 -44.26 -60.97
C ASP K 174 -28.06 -43.28 -60.84
N TPO K 175 -28.89 -43.19 -61.87
CA TPO K 175 -29.99 -42.23 -61.89
CB TPO K 175 -30.58 -42.12 -63.32
CG2 TPO K 175 -32.11 -42.28 -63.39
OG1 TPO K 175 -30.19 -40.89 -63.97
P TPO K 175 -30.40 -39.55 -63.08
O1P TPO K 175 -30.69 -38.34 -64.10
O2P TPO K 175 -29.15 -39.24 -62.34
O3P TPO K 175 -31.63 -39.62 -62.05
C TPO K 175 -31.08 -42.59 -60.87
O TPO K 175 -31.59 -41.71 -60.16
N GLU K 176 -31.42 -43.87 -60.78
CA GLU K 176 -32.39 -44.33 -59.79
C GLU K 176 -31.86 -44.08 -58.40
N ARG K 177 -30.60 -44.47 -58.20
CA ARG K 177 -29.95 -44.22 -56.92
C ARG K 177 -29.83 -42.74 -56.65
N ALA K 178 -29.60 -41.92 -57.68
CA ALA K 178 -29.51 -40.48 -57.48
C ALA K 178 -30.84 -39.91 -56.99
N LYS K 179 -31.95 -40.33 -57.61
CA LYS K 179 -33.26 -39.89 -57.13
C LYS K 179 -33.51 -40.36 -55.71
N LEU K 180 -33.13 -41.60 -55.41
CA LEU K 180 -33.30 -42.11 -54.05
C LEU K 180 -32.50 -41.27 -53.05
N ILE K 181 -31.26 -40.91 -53.41
CA ILE K 181 -30.41 -40.14 -52.51
C ILE K 181 -31.00 -38.76 -52.27
N ILE K 182 -31.43 -38.08 -53.34
CA ILE K 182 -31.95 -36.73 -53.15
C ILE K 182 -33.21 -36.76 -52.29
N GLU K 183 -34.11 -37.72 -52.57
CA GLU K 183 -35.33 -37.83 -51.79
C GLU K 183 -35.01 -38.13 -50.33
N ASN K 184 -34.14 -39.11 -50.08
CA ASN K 184 -33.85 -39.52 -48.72
C ASN K 184 -33.15 -38.41 -47.95
N LEU K 185 -32.24 -37.68 -48.60
CA LEU K 185 -31.54 -36.59 -47.92
C LEU K 185 -32.52 -35.50 -47.51
N LEU K 186 -33.42 -35.12 -48.42
CA LEU K 186 -34.42 -34.11 -48.04
C LEU K 186 -35.32 -34.62 -46.92
N ILE K 187 -35.77 -35.87 -46.99
CA ILE K 187 -36.65 -36.38 -45.95
C ILE K 187 -35.92 -36.38 -44.61
N GLY K 188 -34.67 -36.84 -44.59
CA GLY K 188 -33.92 -36.89 -43.35
C GLY K 188 -33.66 -35.52 -42.76
N VAL K 189 -33.33 -34.54 -43.61
CA VAL K 189 -33.12 -33.19 -43.07
C VAL K 189 -34.43 -32.57 -42.62
N VAL K 190 -35.56 -32.97 -43.20
CA VAL K 190 -36.85 -32.50 -42.71
C VAL K 190 -37.13 -33.07 -41.31
N LYS K 191 -36.98 -34.39 -41.15
CA LYS K 191 -37.33 -35.00 -39.88
C LYS K 191 -36.43 -34.54 -38.75
N ASN K 192 -35.13 -34.46 -39.00
CA ASN K 192 -34.15 -34.13 -37.97
C ASN K 192 -33.67 -32.70 -38.14
N ARG K 193 -33.61 -31.98 -37.03
CA ARG K 193 -33.06 -30.62 -37.05
C ARG K 193 -31.54 -30.69 -37.13
N SER K 194 -30.97 -29.96 -38.08
CA SER K 194 -29.53 -29.90 -38.29
C SER K 194 -29.21 -28.60 -39.00
N GLU K 195 -27.91 -28.33 -39.16
CA GLU K 195 -27.49 -27.11 -39.84
C GLU K 195 -26.47 -27.39 -40.93
N VAL K 196 -25.70 -28.47 -40.78
CA VAL K 196 -24.65 -28.82 -41.72
C VAL K 196 -24.86 -30.26 -42.16
N VAL K 197 -24.78 -30.50 -43.47
CA VAL K 197 -24.87 -31.83 -44.04
C VAL K 197 -23.52 -32.13 -44.69
N LEU K 198 -22.81 -33.11 -44.16
CA LEU K 198 -21.50 -33.52 -44.67
C LEU K 198 -21.72 -34.70 -45.62
N ILE K 199 -21.67 -34.43 -46.92
CA ILE K 199 -21.80 -35.47 -47.92
C ILE K 199 -20.41 -35.97 -48.29
N ASP K 200 -20.21 -37.28 -48.22
CA ASP K 200 -18.94 -37.90 -48.57
C ASP K 200 -19.06 -38.48 -49.97
N ILE K 201 -18.59 -37.74 -50.96
CA ILE K 201 -18.55 -38.31 -52.30
C ILE K 201 -17.40 -39.30 -52.43
N THR K 202 -16.47 -39.32 -51.47
CA THR K 202 -15.42 -40.32 -51.46
C THR K 202 -16.02 -41.71 -51.44
N GLY K 203 -15.58 -42.56 -52.37
CA GLY K 203 -16.09 -43.90 -52.45
C GLY K 203 -16.63 -44.27 -53.81
N VAL K 204 -17.29 -43.32 -54.47
CA VAL K 204 -17.81 -43.58 -55.81
C VAL K 204 -16.65 -43.57 -56.80
N PRO K 205 -16.49 -44.63 -57.61
CA PRO K 205 -15.35 -44.67 -58.53
C PRO K 205 -15.40 -43.59 -59.60
N VAL K 206 -16.48 -43.55 -60.37
CA VAL K 206 -16.62 -42.63 -61.50
C VAL K 206 -18.01 -42.04 -61.47
N VAL K 207 -18.10 -40.73 -61.65
CA VAL K 207 -19.37 -40.01 -61.71
C VAL K 207 -19.47 -39.34 -63.07
N ASP K 208 -20.58 -39.59 -63.77
CA ASP K 208 -20.80 -38.95 -65.06
C ASP K 208 -21.33 -37.55 -64.84
N THR K 209 -21.81 -36.91 -65.91
CA THR K 209 -22.26 -35.52 -65.81
C THR K 209 -23.56 -35.43 -65.01
N MET K 210 -24.52 -36.31 -65.31
CA MET K 210 -25.87 -36.08 -64.80
C MET K 210 -25.96 -36.39 -63.31
N VAL K 211 -25.24 -37.41 -62.84
CA VAL K 211 -25.20 -37.71 -61.42
C VAL K 211 -24.56 -36.57 -60.65
N ALA K 212 -23.49 -36.00 -61.20
CA ALA K 212 -22.87 -34.84 -60.56
C ALA K 212 -23.82 -33.65 -60.52
N HIS K 213 -24.62 -33.47 -61.59
CA HIS K 213 -25.61 -32.41 -61.58
C HIS K 213 -26.64 -32.64 -60.49
N HIS K 214 -27.10 -33.88 -60.32
CA HIS K 214 -28.01 -34.18 -59.22
C HIS K 214 -27.37 -33.95 -57.86
N ILE K 215 -26.07 -34.22 -57.72
CA ILE K 215 -25.39 -33.95 -56.46
C ILE K 215 -25.39 -32.46 -56.17
N ILE K 216 -25.07 -31.65 -57.17
CA ILE K 216 -25.11 -30.20 -56.98
C ILE K 216 -26.53 -29.74 -56.66
N GLN K 217 -27.53 -30.37 -57.29
CA GLN K 217 -28.91 -30.05 -56.96
C GLN K 217 -29.24 -30.40 -55.51
N ALA K 218 -28.71 -31.52 -55.03
CA ALA K 218 -28.94 -31.89 -53.63
C ALA K 218 -28.30 -30.86 -52.69
N SER K 219 -27.10 -30.41 -53.01
CA SER K 219 -26.46 -29.37 -52.21
C SER K 219 -27.29 -28.09 -52.20
N GLU K 220 -27.73 -27.66 -53.38
CA GLU K 220 -28.55 -26.45 -53.45
C GLU K 220 -29.88 -26.64 -52.74
N ALA K 221 -30.43 -27.85 -52.76
CA ALA K 221 -31.71 -28.11 -52.11
C ALA K 221 -31.58 -28.04 -50.59
N VAL K 222 -30.53 -28.65 -50.04
CA VAL K 222 -30.36 -28.57 -48.59
C VAL K 222 -30.00 -27.15 -48.18
N ARG K 223 -29.36 -26.38 -49.07
CA ARG K 223 -29.14 -24.98 -48.77
C ARG K 223 -30.46 -24.20 -48.76
N LEU K 224 -31.34 -24.51 -49.73
CA LEU K 224 -32.62 -23.81 -49.85
C LEU K 224 -33.60 -24.25 -48.77
N VAL K 225 -33.38 -25.40 -48.14
CA VAL K 225 -34.06 -25.68 -46.89
C VAL K 225 -33.58 -24.70 -45.82
N GLY K 226 -32.28 -24.46 -45.77
CA GLY K 226 -31.70 -23.57 -44.77
C GLY K 226 -30.58 -24.22 -43.97
N CYS K 227 -29.94 -25.23 -44.55
CA CYS K 227 -28.81 -25.92 -43.93
C CYS K 227 -27.62 -25.89 -44.88
N GLN K 228 -26.46 -25.51 -44.36
CA GLN K 228 -25.27 -25.42 -45.20
C GLN K 228 -24.83 -26.81 -45.65
N ALA K 229 -24.41 -26.90 -46.90
CA ALA K 229 -23.98 -28.15 -47.51
C ALA K 229 -22.46 -28.14 -47.62
N MET K 230 -21.80 -28.78 -46.67
CA MET K 230 -20.34 -28.84 -46.66
C MET K 230 -19.89 -30.16 -47.26
N LEU K 231 -20.00 -30.23 -48.58
CA LEU K 231 -19.66 -31.45 -49.31
C LEU K 231 -18.17 -31.74 -49.19
N VAL K 232 -17.83 -32.98 -48.84
CA VAL K 232 -16.46 -33.34 -48.48
C VAL K 232 -16.07 -34.63 -49.18
N GLY K 233 -14.78 -34.76 -49.48
CA GLY K 233 -14.25 -35.99 -50.02
C GLY K 233 -14.37 -36.11 -51.53
N ILE K 234 -13.77 -35.18 -52.25
CA ILE K 234 -13.86 -35.12 -53.71
C ILE K 234 -12.59 -35.75 -54.28
N ARG K 235 -12.76 -36.61 -55.28
CA ARG K 235 -11.65 -37.28 -55.94
C ARG K 235 -11.29 -36.57 -57.23
N PRO K 236 -10.10 -36.84 -57.80
CA PRO K 236 -9.66 -36.08 -58.98
C PRO K 236 -10.58 -36.16 -60.18
N GLU K 237 -10.86 -37.37 -60.67
CA GLU K 237 -11.64 -37.51 -61.89
C GLU K 237 -13.04 -36.92 -61.73
N ILE K 238 -13.66 -37.14 -60.58
CA ILE K 238 -14.99 -36.60 -60.34
C ILE K 238 -14.95 -35.08 -60.30
N ALA K 239 -13.88 -34.49 -59.76
CA ALA K 239 -13.76 -33.03 -59.77
C ALA K 239 -13.59 -32.53 -61.19
N GLN K 240 -12.81 -33.22 -62.00
CA GLN K 240 -12.64 -32.86 -63.40
C GLN K 240 -13.98 -32.86 -64.10
N TPO K 241 -14.80 -33.87 -63.82
CA TPO K 241 -16.11 -34.00 -64.45
CB TPO K 241 -16.68 -35.40 -64.22
CG2 TPO K 241 -18.12 -35.41 -63.67
OG1 TPO K 241 -16.62 -36.23 -65.41
P TPO K 241 -17.05 -35.48 -66.78
O1P TPO K 241 -15.90 -34.77 -67.38
O2P TPO K 241 -17.51 -36.62 -67.83
O3P TPO K 241 -18.28 -34.45 -66.59
C TPO K 241 -17.08 -32.91 -64.00
O TPO K 241 -17.84 -32.37 -64.80
N ILE K 242 -17.04 -32.59 -62.71
CA ILE K 242 -17.92 -31.56 -62.17
C ILE K 242 -17.57 -30.21 -62.79
N VAL K 243 -16.27 -29.91 -62.84
CA VAL K 243 -15.86 -28.62 -63.40
C VAL K 243 -16.09 -28.58 -64.92
N ASN K 244 -15.98 -29.73 -65.59
CA ASN K 244 -16.31 -29.76 -67.01
C ASN K 244 -17.80 -29.59 -67.26
N LEU K 245 -18.63 -29.98 -66.28
CA LEU K 245 -20.07 -29.76 -66.40
C LEU K 245 -20.41 -28.28 -66.54
N GLY K 246 -19.57 -27.40 -65.99
CA GLY K 246 -19.80 -25.99 -66.08
C GLY K 246 -20.71 -25.42 -65.02
N ILE K 247 -21.24 -26.25 -64.13
CA ILE K 247 -22.11 -25.76 -63.07
C ILE K 247 -21.29 -24.89 -62.11
N GLU K 248 -21.91 -23.83 -61.60
CA GLU K 248 -21.22 -22.95 -60.67
C GLU K 248 -20.86 -23.69 -59.39
N LEU K 249 -19.65 -23.45 -58.89
CA LEU K 249 -19.13 -24.17 -57.74
C LEU K 249 -18.76 -23.24 -56.59
N ASP K 250 -19.19 -21.98 -56.63
CA ASP K 250 -18.86 -21.06 -55.55
C ASP K 250 -19.71 -21.29 -54.31
N GLN K 251 -20.97 -21.71 -54.49
CA GLN K 251 -21.86 -21.88 -53.35
C GLN K 251 -21.52 -23.10 -52.51
N ILE K 252 -20.86 -24.11 -53.09
CA ILE K 252 -20.54 -25.34 -52.39
C ILE K 252 -19.19 -25.18 -51.70
N ILE K 253 -19.16 -25.46 -50.40
CA ILE K 253 -17.94 -25.42 -49.62
C ILE K 253 -17.40 -26.83 -49.51
N THR K 254 -16.15 -27.02 -49.91
CA THR K 254 -15.57 -28.34 -50.06
C THR K 254 -14.46 -28.56 -49.05
N THR K 255 -14.11 -29.83 -48.86
CA THR K 255 -13.00 -30.21 -47.98
C THR K 255 -12.48 -31.56 -48.41
N ASN K 256 -11.19 -31.80 -48.15
CA ASN K 256 -10.55 -33.03 -48.57
C ASN K 256 -11.02 -34.24 -47.76
N THR K 257 -11.15 -34.11 -46.45
CA THR K 257 -11.48 -35.27 -45.61
C THR K 257 -12.48 -34.89 -44.53
N MET K 258 -13.14 -35.91 -43.97
CA MET K 258 -14.23 -35.70 -43.03
C MET K 258 -13.79 -34.94 -41.79
N LYS K 259 -12.62 -35.28 -41.24
CA LYS K 259 -12.19 -34.64 -40.00
C LYS K 259 -12.06 -33.13 -40.19
N LYS K 260 -11.38 -32.71 -41.26
CA LYS K 260 -11.19 -31.29 -41.51
C LYS K 260 -12.50 -30.61 -41.89
N GLY K 261 -13.34 -31.28 -42.69
CA GLY K 261 -14.59 -30.66 -43.09
C GLY K 261 -15.52 -30.43 -41.92
N MET K 262 -15.62 -31.41 -41.03
CA MET K 262 -16.42 -31.25 -39.83
C MET K 262 -15.80 -30.25 -38.87
N GLU K 263 -14.47 -30.17 -38.83
CA GLU K 263 -13.84 -29.12 -38.02
C GLU K 263 -14.24 -27.75 -38.53
N ARG K 264 -14.24 -27.57 -39.85
CA ARG K 264 -14.68 -26.31 -40.44
C ARG K 264 -16.17 -26.06 -40.15
N ALA K 265 -16.97 -27.12 -40.18
CA ALA K 265 -18.39 -26.97 -39.85
C ALA K 265 -18.58 -26.52 -38.40
N LEU K 266 -17.84 -27.13 -37.48
CA LEU K 266 -17.89 -26.71 -36.08
C LEU K 266 -17.37 -25.28 -35.92
N ALA K 267 -16.44 -24.87 -36.78
CA ALA K 267 -16.05 -23.46 -36.80
C ALA K 267 -17.22 -22.59 -37.23
N LEU K 268 -18.01 -23.04 -38.21
CA LEU K 268 -19.15 -22.27 -38.67
C LEU K 268 -20.19 -22.12 -37.56
N THR K 269 -20.49 -23.19 -36.85
CA THR K 269 -21.37 -23.15 -35.68
C THR K 269 -20.46 -23.04 -34.46
N ASN K 270 -20.11 -21.79 -34.12
CA ASN K 270 -19.02 -21.55 -33.18
C ASN K 270 -19.23 -22.27 -31.85
N ARG K 271 -20.45 -22.23 -31.33
CA ARG K 271 -20.72 -22.78 -30.00
C ARG K 271 -20.81 -24.30 -29.99
N GLU K 272 -20.37 -24.98 -31.06
CA GLU K 272 -20.30 -26.44 -31.08
C GLU K 272 -18.87 -26.94 -30.99
N ILE K 273 -17.93 -26.08 -30.58
CA ILE K 273 -16.53 -26.51 -30.48
C ILE K 273 -16.34 -27.55 -29.37
N VAL K 274 -17.27 -27.63 -28.42
CA VAL K 274 -17.17 -28.61 -27.35
C VAL K 274 -18.32 -29.60 -27.45
N MET L 1 -57.08 -23.50 -41.91
CA MET L 1 -57.44 -22.80 -43.14
C MET L 1 -57.62 -21.31 -42.87
N GLY L 2 -58.06 -20.97 -41.66
CA GLY L 2 -58.27 -19.60 -41.28
C GLY L 2 -57.84 -19.29 -39.86
N ILE L 3 -57.11 -20.22 -39.25
CA ILE L 3 -56.62 -20.05 -37.88
C ILE L 3 -55.12 -20.32 -37.91
N PRO L 4 -54.31 -19.34 -38.26
CA PRO L 4 -52.87 -19.58 -38.45
C PRO L 4 -52.05 -19.56 -37.18
N ILE L 5 -51.96 -20.68 -36.47
CA ILE L 5 -51.14 -20.74 -35.27
C ILE L 5 -49.67 -20.64 -35.65
N LEU L 6 -48.92 -19.84 -34.89
CA LEU L 6 -47.48 -19.76 -35.00
C LEU L 6 -46.84 -20.29 -33.72
N LYS L 7 -45.54 -20.55 -33.80
CA LYS L 7 -44.79 -21.11 -32.68
C LYS L 7 -43.40 -20.48 -32.66
N LEU L 8 -43.11 -19.73 -31.59
CA LEU L 8 -41.82 -19.05 -31.50
C LEU L 8 -41.42 -18.88 -30.05
N GLY L 9 -40.15 -19.18 -29.76
CA GLY L 9 -39.62 -18.96 -28.42
C GLY L 9 -40.39 -19.69 -27.34
N GLU L 10 -40.82 -20.92 -27.63
CA GLU L 10 -41.62 -21.75 -26.73
C GLU L 10 -43.00 -21.15 -26.48
N CYS L 11 -43.28 -19.95 -27.00
CA CYS L 11 -44.57 -19.30 -26.87
C CYS L 11 -45.44 -19.70 -28.07
N LEU L 12 -46.57 -19.01 -28.24
CA LEU L 12 -47.47 -19.34 -29.33
C LEU L 12 -48.28 -18.09 -29.67
N LEU L 13 -48.64 -17.96 -30.95
CA LEU L 13 -49.37 -16.79 -31.43
C LEU L 13 -50.46 -17.22 -32.39
N ILE L 14 -51.68 -16.75 -32.17
CA ILE L 14 -52.78 -16.92 -33.11
C ILE L 14 -53.12 -15.55 -33.69
N SER L 15 -53.94 -15.55 -34.73
CA SER L 15 -54.43 -14.30 -35.31
C SER L 15 -55.76 -14.59 -35.99
N ILE L 16 -56.80 -13.85 -35.61
CA ILE L 16 -58.16 -14.07 -36.11
C ILE L 16 -58.52 -12.94 -37.07
N GLN L 17 -58.96 -13.31 -38.27
CA GLN L 17 -59.42 -12.34 -39.24
C GLN L 17 -60.71 -12.74 -39.94
N SER L 18 -61.39 -13.79 -39.46
CA SER L 18 -62.61 -14.29 -40.10
C SER L 18 -63.87 -13.65 -39.52
N GLU L 19 -63.89 -13.42 -38.20
CA GLU L 19 -65.08 -13.09 -37.42
C GLU L 19 -66.43 -13.77 -37.69
N LEU L 20 -66.37 -15.10 -37.82
CA LEU L 20 -67.58 -15.90 -38.05
C LEU L 20 -68.03 -16.43 -36.69
N ASP L 21 -69.18 -17.10 -36.65
CA ASP L 21 -69.83 -17.39 -35.38
C ASP L 21 -69.68 -18.84 -34.93
N ASP L 22 -70.08 -19.83 -35.73
CA ASP L 22 -70.14 -21.21 -35.25
C ASP L 22 -68.91 -22.02 -35.64
N HIS L 23 -68.64 -22.15 -36.94
CA HIS L 23 -67.52 -22.94 -37.40
C HIS L 23 -66.21 -22.41 -36.83
N THR L 24 -66.03 -21.09 -36.90
CA THR L 24 -64.80 -20.50 -36.37
C THR L 24 -64.68 -20.73 -34.86
N ALA L 25 -65.78 -20.58 -34.12
CA ALA L 25 -65.71 -20.78 -32.68
C ALA L 25 -65.28 -22.20 -32.34
N VAL L 26 -65.96 -23.19 -32.92
CA VAL L 26 -65.67 -24.58 -32.59
C VAL L 26 -64.27 -24.95 -33.05
N GLU L 27 -63.93 -24.63 -34.29
CA GLU L 27 -62.62 -24.99 -34.82
C GLU L 27 -61.51 -24.30 -34.05
N PHE L 28 -61.69 -23.01 -33.74
CA PHE L 28 -60.75 -22.29 -32.90
C PHE L 28 -60.53 -22.98 -31.57
N GLN L 29 -61.61 -23.26 -30.85
CA GLN L 29 -61.43 -23.80 -29.51
C GLN L 29 -60.70 -25.14 -29.57
N GLU L 30 -61.19 -26.08 -30.40
CA GLU L 30 -60.56 -27.40 -30.35
C GLU L 30 -59.20 -27.42 -31.02
N ASP L 31 -58.95 -26.58 -32.03
CA ASP L 31 -57.65 -26.53 -32.66
C ASP L 31 -56.61 -25.92 -31.73
N LEU L 32 -56.96 -24.85 -31.02
CA LEU L 32 -56.04 -24.28 -30.06
C LEU L 32 -55.76 -25.28 -28.94
N LEU L 33 -56.79 -26.01 -28.49
CA LEU L 33 -56.56 -27.06 -27.49
C LEU L 33 -55.58 -28.10 -28.02
N ALA L 34 -55.79 -28.59 -29.24
CA ALA L 34 -54.89 -29.60 -29.79
C ALA L 34 -53.47 -29.08 -29.91
N LYS L 35 -53.32 -27.83 -30.36
CA LYS L 35 -51.99 -27.29 -30.59
C LYS L 35 -51.26 -27.09 -29.27
N ILE L 36 -51.94 -26.52 -28.28
CA ILE L 36 -51.30 -26.32 -26.98
C ILE L 36 -51.06 -27.66 -26.29
N HIS L 37 -51.84 -28.68 -26.63
CA HIS L 37 -51.64 -30.00 -26.04
C HIS L 37 -50.41 -30.68 -26.62
N GLU L 38 -50.24 -30.60 -27.95
CA GLU L 38 -49.18 -31.36 -28.59
C GLU L 38 -47.80 -30.80 -28.27
N THR L 39 -47.69 -29.51 -28.00
CA THR L 39 -46.43 -28.89 -27.62
C THR L 39 -46.58 -28.15 -26.30
N SER L 40 -45.56 -28.24 -25.45
CA SER L 40 -45.56 -27.54 -24.17
C SER L 40 -45.22 -26.09 -24.43
N ALA L 41 -46.25 -25.23 -24.50
CA ALA L 41 -46.07 -23.80 -24.72
C ALA L 41 -46.56 -23.06 -23.48
N ARG L 42 -45.68 -22.23 -22.90
CA ARG L 42 -46.01 -21.56 -21.65
C ARG L 42 -47.08 -20.49 -21.87
N GLY L 43 -46.89 -19.64 -22.87
CA GLY L 43 -47.80 -18.53 -23.07
C GLY L 43 -48.41 -18.46 -24.46
N VAL L 44 -49.72 -18.66 -24.55
CA VAL L 44 -50.46 -18.52 -25.79
C VAL L 44 -51.07 -17.13 -25.83
N VAL L 45 -50.91 -16.44 -26.96
CA VAL L 45 -51.34 -15.06 -27.12
C VAL L 45 -52.33 -14.99 -28.27
N ILE L 46 -53.55 -14.60 -27.97
CA ILE L 46 -54.62 -14.53 -28.95
C ILE L 46 -54.67 -13.13 -29.56
N ASP L 47 -55.01 -13.06 -30.84
CA ASP L 47 -55.06 -11.82 -31.60
C ASP L 47 -56.50 -11.59 -32.06
N ILE L 48 -57.15 -10.56 -31.51
CA ILE L 48 -58.55 -10.28 -31.85
C ILE L 48 -58.64 -8.83 -32.31
N THR L 49 -57.55 -8.30 -32.87
CA THR L 49 -57.60 -6.92 -33.38
C THR L 49 -58.59 -6.78 -34.52
N SER L 50 -58.61 -7.75 -35.43
CA SER L 50 -59.42 -7.62 -36.65
C SER L 50 -60.91 -7.63 -36.36
N ILE L 51 -61.35 -8.48 -35.42
CA ILE L 51 -62.77 -8.70 -35.21
C ILE L 51 -63.43 -7.42 -34.73
N ASP L 52 -64.58 -7.09 -35.34
CA ASP L 52 -65.33 -5.89 -34.99
C ASP L 52 -66.79 -6.16 -34.66
N PHE L 53 -67.23 -7.43 -34.67
CA PHE L 53 -68.59 -7.78 -34.31
C PHE L 53 -68.55 -9.00 -33.40
N ILE L 54 -69.19 -8.90 -32.24
CA ILE L 54 -69.21 -9.97 -31.25
C ILE L 54 -70.62 -10.14 -30.72
N ASP L 55 -71.09 -11.38 -30.66
CA ASP L 55 -72.35 -11.73 -30.02
C ASP L 55 -72.07 -12.52 -28.76
N SER L 56 -73.14 -12.98 -28.11
CA SER L 56 -72.99 -13.71 -26.86
C SER L 56 -72.25 -15.03 -27.05
N PHE L 57 -72.52 -15.73 -28.16
CA PHE L 57 -71.91 -17.03 -28.37
C PHE L 57 -70.39 -16.93 -28.49
N ILE L 58 -69.90 -15.96 -29.26
CA ILE L 58 -68.47 -15.81 -29.43
C ILE L 58 -67.81 -15.39 -28.12
N ALA L 59 -68.49 -14.52 -27.36
CA ALA L 59 -67.94 -14.11 -26.07
C ALA L 59 -67.82 -15.30 -25.13
N LYS L 60 -68.85 -16.15 -25.09
CA LYS L 60 -68.79 -17.34 -24.24
C LYS L 60 -67.67 -18.27 -24.69
N ILE L 61 -67.52 -18.46 -26.01
CA ILE L 61 -66.47 -19.32 -26.52
C ILE L 61 -65.10 -18.78 -26.13
N LEU L 62 -64.89 -17.47 -26.27
CA LEU L 62 -63.61 -16.89 -25.93
C LEU L 62 -63.33 -17.01 -24.43
N GLY L 63 -64.34 -16.79 -23.59
CA GLY L 63 -64.15 -16.97 -22.17
C GLY L 63 -63.77 -18.39 -21.80
N ASP L 64 -64.46 -19.36 -22.41
CA ASP L 64 -64.13 -20.76 -22.16
C ASP L 64 -62.71 -21.08 -22.60
N VAL L 65 -62.30 -20.56 -23.76
CA VAL L 65 -60.94 -20.81 -24.24
C VAL L 65 -59.91 -20.21 -23.30
N VAL L 66 -60.16 -19.00 -22.80
CA VAL L 66 -59.22 -18.36 -21.89
C VAL L 66 -59.10 -19.19 -20.61
N SER L 67 -60.23 -19.61 -20.04
CA SER L 67 -60.19 -20.42 -18.84
C SER L 67 -59.46 -21.75 -19.11
N MET L 68 -59.69 -22.32 -20.28
CA MET L 68 -59.10 -23.60 -20.65
C MET L 68 -57.57 -23.49 -20.72
N SER L 69 -57.09 -22.50 -21.46
CA SER L 69 -55.65 -22.30 -21.55
C SER L 69 -55.05 -22.00 -20.18
N LYS L 70 -55.73 -21.17 -19.38
CA LYS L 70 -55.26 -20.93 -18.02
C LYS L 70 -55.18 -22.24 -17.23
N LEU L 71 -56.08 -23.18 -17.51
CA LEU L 71 -55.97 -24.51 -16.94
C LEU L 71 -54.80 -25.29 -17.52
N MET L 72 -54.28 -24.89 -18.69
CA MET L 72 -53.11 -25.54 -19.25
C MET L 72 -51.85 -24.69 -19.21
N GLY L 73 -51.95 -23.37 -19.34
CA GLY L 73 -50.79 -22.50 -19.32
C GLY L 73 -51.15 -21.04 -19.41
N ALA L 74 -50.44 -20.19 -18.66
CA ALA L 74 -50.81 -18.78 -18.56
C ALA L 74 -50.83 -18.13 -19.94
N LYS L 75 -51.85 -17.30 -20.17
CA LYS L 75 -52.10 -16.72 -21.48
C LYS L 75 -52.33 -15.22 -21.36
N VAL L 76 -52.23 -14.54 -22.50
CA VAL L 76 -52.48 -13.11 -22.61
C VAL L 76 -53.18 -12.88 -23.94
N VAL L 77 -54.47 -12.55 -23.90
CA VAL L 77 -55.19 -12.15 -25.11
C VAL L 77 -54.83 -10.70 -25.41
N VAL L 78 -53.77 -10.51 -26.20
CA VAL L 78 -53.08 -9.22 -26.24
C VAL L 78 -53.97 -8.11 -26.77
N THR L 79 -54.74 -8.40 -27.82
CA THR L 79 -55.40 -7.32 -28.55
C THR L 79 -56.55 -6.76 -27.74
N GLY L 80 -56.55 -5.44 -27.59
CA GLY L 80 -57.70 -4.79 -26.98
C GLY L 80 -58.93 -5.04 -27.83
N ILE L 81 -59.91 -5.73 -27.25
CA ILE L 81 -61.17 -5.94 -27.93
C ILE L 81 -61.79 -4.57 -28.23
N GLN L 82 -62.24 -4.39 -29.47
CA GLN L 82 -62.66 -3.08 -29.93
C GLN L 82 -63.80 -2.54 -29.08
N PRO L 83 -63.88 -1.22 -28.90
CA PRO L 83 -64.78 -0.67 -27.87
C PRO L 83 -66.22 -1.14 -27.94
N ALA L 84 -66.82 -1.19 -29.13
CA ALA L 84 -68.18 -1.69 -29.24
C ALA L 84 -68.26 -3.14 -28.81
N VAL L 85 -67.41 -4.00 -29.38
CA VAL L 85 -67.39 -5.38 -28.97
C VAL L 85 -66.76 -5.55 -27.59
N ALA L 86 -65.97 -4.57 -27.12
CA ALA L 86 -65.51 -4.62 -25.73
C ALA L 86 -66.67 -4.52 -24.76
N ILE L 87 -67.54 -3.52 -24.95
CA ILE L 87 -68.68 -3.40 -24.05
C ILE L 87 -69.66 -4.54 -24.27
N THR L 88 -69.77 -5.04 -25.51
CA THR L 88 -70.61 -6.20 -25.76
C THR L 88 -70.11 -7.42 -24.98
N LEU L 89 -68.79 -7.59 -24.91
CA LEU L 89 -68.22 -8.67 -24.11
C LEU L 89 -68.48 -8.44 -22.63
N ILE L 90 -68.31 -7.20 -22.15
CA ILE L 90 -68.38 -6.98 -20.71
C ILE L 90 -69.81 -7.01 -20.18
N GLU L 91 -70.80 -6.71 -21.00
CA GLU L 91 -72.17 -6.66 -20.49
C GLU L 91 -72.64 -8.04 -20.03
N LEU L 92 -72.24 -9.10 -20.72
CA LEU L 92 -72.69 -10.45 -20.40
C LEU L 92 -71.57 -11.38 -20.00
N GLY L 93 -70.39 -11.24 -20.61
CA GLY L 93 -69.25 -12.04 -20.20
C GLY L 93 -68.48 -11.33 -19.10
N ILE L 94 -69.05 -11.31 -17.89
CA ILE L 94 -68.47 -10.54 -16.81
C ILE L 94 -67.34 -11.35 -16.17
N THR L 95 -66.14 -11.24 -16.73
CA THR L 95 -64.95 -11.92 -16.23
C THR L 95 -63.76 -11.02 -16.49
N PHE L 96 -62.68 -11.26 -15.73
CA PHE L 96 -61.45 -10.50 -15.97
C PHE L 96 -60.80 -10.89 -17.28
N SER L 97 -60.98 -12.14 -17.71
CA SER L 97 -60.55 -12.62 -19.02
C SER L 97 -59.05 -12.44 -19.22
N GLY L 98 -58.28 -13.01 -18.30
CA GLY L 98 -56.83 -13.02 -18.44
C GLY L 98 -56.23 -11.62 -18.36
N VAL L 99 -55.09 -11.47 -19.04
CA VAL L 99 -54.32 -10.22 -19.05
C VAL L 99 -54.29 -9.70 -20.47
N LEU L 100 -54.40 -8.38 -20.62
CA LEU L 100 -54.44 -7.77 -21.95
C LEU L 100 -53.38 -6.69 -22.03
N SER L 101 -53.05 -6.27 -23.26
CA SER L 101 -51.89 -5.40 -23.46
C SER L 101 -52.20 -4.30 -24.46
N ALA L 102 -53.37 -3.67 -24.34
CA ALA L 102 -53.68 -2.41 -25.00
C ALA L 102 -53.39 -2.45 -26.51
N MET L 103 -53.83 -3.54 -27.13
CA MET L 103 -53.81 -3.69 -28.59
C MET L 103 -52.40 -3.80 -29.15
N ASP L 104 -51.38 -3.61 -28.31
CA ASP L 104 -50.00 -3.60 -28.76
C ASP L 104 -49.47 -5.03 -28.62
N LEU L 105 -49.46 -5.77 -29.73
CA LEU L 105 -48.99 -7.15 -29.69
C LEU L 105 -47.53 -7.20 -29.29
N GLU L 106 -46.76 -6.15 -29.59
CA GLU L 106 -45.42 -6.03 -29.04
C GLU L 106 -45.45 -5.93 -27.52
N SER L 107 -46.40 -5.14 -26.99
CA SER L 107 -46.52 -5.04 -25.54
C SER L 107 -46.92 -6.37 -24.92
N GLY L 108 -47.82 -7.11 -25.57
CA GLY L 108 -48.18 -8.41 -25.06
C GLY L 108 -47.01 -9.37 -25.06
N LEU L 109 -46.23 -9.38 -26.14
CA LEU L 109 -45.06 -10.25 -26.19
C LEU L 109 -44.05 -9.87 -25.11
N GLU L 110 -43.81 -8.58 -24.90
CA GLU L 110 -42.82 -8.17 -23.91
C GLU L 110 -43.32 -8.47 -22.50
N LYS L 111 -44.62 -8.31 -22.24
CA LYS L 111 -45.17 -8.69 -20.95
C LYS L 111 -45.05 -10.19 -20.72
N LEU L 112 -45.32 -10.99 -21.76
CA LEU L 112 -45.17 -12.43 -21.63
C LEU L 112 -43.73 -12.81 -21.34
N LYS L 113 -42.78 -12.16 -22.04
CA LYS L 113 -41.36 -12.43 -21.80
C LYS L 113 -40.95 -12.03 -20.39
N GLN L 114 -41.45 -10.89 -19.89
CA GLN L 114 -41.05 -10.46 -18.56
C GLN L 114 -41.67 -11.32 -17.47
N GLU L 115 -42.89 -11.82 -17.68
CA GLU L 115 -43.47 -12.72 -16.69
C GLU L 115 -42.88 -14.12 -16.76
N LEU L 116 -42.34 -14.52 -17.91
CA LEU L 116 -41.71 -15.82 -18.03
C LEU L 116 -40.26 -15.82 -17.55
N GLY L 117 -39.56 -14.70 -17.72
CA GLY L 117 -38.15 -14.65 -17.33
C GLY L 117 -37.95 -14.82 -15.84
N GLU L 118 -38.87 -14.29 -15.03
CA GLU L 118 -38.78 -14.40 -13.58
C GLU L 118 -39.00 -15.85 -13.14
N MET M 1 -58.21 -11.82 -45.71
CA MET M 1 -58.90 -13.02 -45.25
C MET M 1 -57.90 -14.16 -45.02
N GLY M 2 -57.00 -14.36 -45.98
CA GLY M 2 -55.96 -15.37 -45.86
C GLY M 2 -54.57 -14.84 -45.65
N ILE M 3 -54.42 -13.57 -45.29
CA ILE M 3 -53.11 -12.94 -45.15
C ILE M 3 -53.00 -12.35 -43.74
N PRO M 4 -52.67 -13.16 -42.75
CA PRO M 4 -52.57 -12.64 -41.38
C PRO M 4 -51.27 -11.90 -41.12
N ILE M 5 -51.23 -10.62 -41.44
CA ILE M 5 -50.04 -9.82 -41.20
C ILE M 5 -49.93 -9.53 -39.71
N LEU M 6 -48.82 -9.95 -39.10
CA LEU M 6 -48.55 -9.68 -37.69
C LEU M 6 -47.29 -8.85 -37.55
N LYS M 7 -47.36 -7.86 -36.66
CA LYS M 7 -46.21 -7.06 -36.29
C LYS M 7 -45.88 -7.34 -34.83
N LEU M 8 -44.65 -7.77 -34.57
CA LEU M 8 -44.18 -8.04 -33.22
C LEU M 8 -42.73 -7.59 -33.10
N GLY M 9 -42.43 -6.90 -32.02
CA GLY M 9 -41.09 -6.33 -31.91
C GLY M 9 -40.83 -5.36 -33.04
N GLU M 10 -39.57 -5.31 -33.47
CA GLU M 10 -39.19 -4.55 -34.65
C GLU M 10 -39.13 -5.43 -35.90
N CYS M 11 -40.20 -6.21 -36.13
CA CYS M 11 -40.18 -7.19 -37.21
C CYS M 11 -41.57 -7.27 -37.82
N LEU M 12 -41.76 -8.27 -38.68
CA LEU M 12 -43.06 -8.56 -39.28
C LEU M 12 -43.13 -10.05 -39.55
N LEU M 13 -44.27 -10.65 -39.23
CA LEU M 13 -44.47 -12.10 -39.37
C LEU M 13 -45.65 -12.38 -40.27
N ILE M 14 -45.52 -13.43 -41.08
CA ILE M 14 -46.56 -13.85 -42.00
C ILE M 14 -46.65 -15.37 -41.97
N SER M 15 -47.87 -15.88 -41.99
CA SER M 15 -48.13 -17.30 -42.15
C SER M 15 -49.03 -17.51 -43.36
N ILE M 16 -48.68 -18.50 -44.19
CA ILE M 16 -49.39 -18.79 -45.43
C ILE M 16 -50.22 -20.04 -45.25
N GLN M 17 -51.52 -19.96 -45.55
CA GLN M 17 -52.41 -21.10 -45.41
C GLN M 17 -53.42 -21.22 -46.55
N SER M 18 -53.19 -20.59 -47.70
CA SER M 18 -54.14 -20.62 -48.81
C SER M 18 -53.80 -21.66 -49.87
N GLU M 19 -52.52 -21.77 -50.23
CA GLU M 19 -52.01 -22.60 -51.33
C GLU M 19 -52.77 -22.46 -52.64
N LEU M 20 -53.58 -21.41 -52.82
CA LEU M 20 -54.21 -21.23 -54.11
C LEU M 20 -53.23 -20.58 -55.08
N ASP M 21 -53.58 -20.62 -56.37
CA ASP M 21 -52.60 -20.35 -57.42
C ASP M 21 -52.50 -18.87 -57.79
N ASP M 22 -53.58 -18.28 -58.27
CA ASP M 22 -53.51 -16.91 -58.80
C ASP M 22 -54.05 -15.86 -57.84
N HIS M 23 -55.32 -16.02 -57.42
CA HIS M 23 -55.97 -14.99 -56.63
C HIS M 23 -55.29 -14.77 -55.29
N THR M 24 -55.02 -15.85 -54.57
CA THR M 24 -54.35 -15.71 -53.28
C THR M 24 -52.94 -15.17 -53.46
N ALA M 25 -52.25 -15.61 -54.52
CA ALA M 25 -50.91 -15.12 -54.78
C ALA M 25 -50.90 -13.61 -54.95
N VAL M 26 -51.77 -13.09 -55.83
CA VAL M 26 -51.76 -11.66 -56.10
C VAL M 26 -52.24 -10.86 -54.89
N GLU M 27 -53.27 -11.36 -54.19
CA GLU M 27 -53.76 -10.61 -53.04
C GLU M 27 -52.71 -10.59 -51.93
N PHE M 28 -52.00 -11.69 -51.73
CA PHE M 28 -50.89 -11.70 -50.78
C PHE M 28 -49.78 -10.75 -51.19
N GLN M 29 -49.43 -10.73 -52.48
CA GLN M 29 -48.45 -9.76 -52.96
C GLN M 29 -48.86 -8.35 -52.57
N GLU M 30 -50.10 -7.97 -52.92
CA GLU M 30 -50.52 -6.59 -52.72
C GLU M 30 -50.64 -6.27 -51.23
N ASP M 31 -51.16 -7.20 -50.44
CA ASP M 31 -51.29 -6.95 -49.01
C ASP M 31 -49.94 -6.82 -48.34
N LEU M 32 -48.99 -7.68 -48.68
CA LEU M 32 -47.66 -7.59 -48.07
C LEU M 32 -46.98 -6.29 -48.47
N LEU M 33 -47.07 -5.90 -49.74
CA LEU M 33 -46.46 -4.64 -50.14
C LEU M 33 -47.10 -3.46 -49.41
N ALA M 34 -48.43 -3.45 -49.32
CA ALA M 34 -49.10 -2.35 -48.65
C ALA M 34 -48.73 -2.29 -47.17
N LYS M 35 -48.62 -3.45 -46.52
CA LYS M 35 -48.29 -3.47 -45.11
C LYS M 35 -46.86 -2.99 -44.88
N ILE M 36 -45.92 -3.48 -45.69
CA ILE M 36 -44.53 -3.09 -45.50
C ILE M 36 -44.32 -1.62 -45.84
N HIS M 37 -45.13 -1.08 -46.75
CA HIS M 37 -45.05 0.35 -47.02
C HIS M 37 -45.69 1.15 -45.89
N GLU M 38 -46.77 0.63 -45.30
CA GLU M 38 -47.45 1.32 -44.22
C GLU M 38 -46.58 1.37 -42.96
N THR M 39 -46.26 0.20 -42.42
CA THR M 39 -45.40 0.11 -41.24
C THR M 39 -43.97 -0.22 -41.67
N SER M 40 -43.01 0.48 -41.08
CA SER M 40 -41.61 0.32 -41.46
C SER M 40 -40.95 -0.67 -40.49
N ALA M 41 -40.82 -1.91 -40.94
CA ALA M 41 -40.13 -2.95 -40.19
C ALA M 41 -38.94 -3.43 -41.00
N ARG M 42 -37.77 -3.46 -40.38
CA ARG M 42 -36.56 -3.83 -41.11
C ARG M 42 -36.60 -5.28 -41.57
N GLY M 43 -37.13 -6.18 -40.74
CA GLY M 43 -37.18 -7.57 -41.12
C GLY M 43 -38.58 -8.12 -41.25
N VAL M 44 -38.86 -8.82 -42.34
CA VAL M 44 -40.14 -9.47 -42.57
C VAL M 44 -39.90 -10.96 -42.70
N VAL M 45 -40.80 -11.75 -42.14
CA VAL M 45 -40.64 -13.19 -42.05
C VAL M 45 -41.85 -13.86 -42.68
N ILE M 46 -41.61 -14.88 -43.50
CA ILE M 46 -42.64 -15.54 -44.28
C ILE M 46 -42.65 -17.02 -43.93
N ASP M 47 -43.85 -17.59 -43.82
CA ASP M 47 -44.03 -19.00 -43.48
C ASP M 47 -44.57 -19.77 -44.69
N ILE M 48 -43.98 -20.94 -44.97
CA ILE M 48 -44.41 -21.78 -46.08
C ILE M 48 -44.68 -23.19 -45.55
N THR M 49 -44.92 -23.32 -44.25
CA THR M 49 -45.10 -24.65 -43.67
C THR M 49 -46.31 -25.37 -44.23
N SER M 50 -47.45 -24.66 -44.34
CA SER M 50 -48.69 -25.33 -44.73
C SER M 50 -48.63 -25.86 -46.15
N ILE M 51 -47.82 -25.25 -47.01
CA ILE M 51 -47.81 -25.59 -48.42
C ILE M 51 -46.97 -26.84 -48.65
N ASP M 52 -47.45 -27.72 -49.54
CA ASP M 52 -46.69 -28.87 -50.00
C ASP M 52 -46.71 -29.04 -51.51
N PHE M 53 -47.29 -28.10 -52.25
CA PHE M 53 -47.34 -28.20 -53.71
C PHE M 53 -47.38 -26.80 -54.30
N ILE M 54 -46.40 -26.49 -55.14
CA ILE M 54 -46.28 -25.18 -55.76
C ILE M 54 -45.90 -25.34 -57.22
N ASP M 55 -46.60 -24.62 -58.10
CA ASP M 55 -46.31 -24.61 -59.52
C ASP M 55 -45.35 -23.46 -59.84
N SER M 56 -45.17 -23.18 -61.14
CA SER M 56 -44.26 -22.12 -61.55
C SER M 56 -44.74 -20.75 -61.09
N PHE M 57 -46.04 -20.49 -61.18
CA PHE M 57 -46.56 -19.16 -60.91
C PHE M 57 -46.26 -18.72 -59.47
N ILE M 58 -46.53 -19.61 -58.51
CA ILE M 58 -46.32 -19.23 -57.11
C ILE M 58 -44.84 -19.09 -56.82
N ALA M 59 -44.00 -19.94 -57.41
CA ALA M 59 -42.56 -19.82 -57.18
C ALA M 59 -42.03 -18.49 -57.70
N LYS M 60 -42.47 -18.10 -58.91
CA LYS M 60 -42.07 -16.81 -59.46
C LYS M 60 -42.59 -15.67 -58.59
N ILE M 61 -43.83 -15.77 -58.12
CA ILE M 61 -44.40 -14.71 -57.30
C ILE M 61 -43.66 -14.62 -55.96
N LEU M 62 -43.23 -15.75 -55.42
CA LEU M 62 -42.51 -15.73 -54.15
C LEU M 62 -41.13 -15.12 -54.31
N GLY M 63 -40.41 -15.48 -55.38
CA GLY M 63 -39.17 -14.79 -55.66
C GLY M 63 -39.37 -13.31 -55.89
N ASP M 64 -40.49 -12.95 -56.53
CA ASP M 64 -40.83 -11.56 -56.72
C ASP M 64 -41.05 -10.86 -55.38
N VAL M 65 -41.71 -11.53 -54.45
CA VAL M 65 -41.89 -10.98 -53.10
C VAL M 65 -40.55 -10.79 -52.41
N VAL M 66 -39.65 -11.77 -52.57
CA VAL M 66 -38.32 -11.65 -51.97
C VAL M 66 -37.64 -10.37 -52.47
N SER M 67 -37.61 -10.18 -53.79
CA SER M 67 -37.02 -8.96 -54.33
C SER M 67 -37.78 -7.72 -53.86
N MET M 68 -39.12 -7.83 -53.86
CA MET M 68 -40.00 -6.74 -53.46
C MET M 68 -39.69 -6.13 -52.10
N SER M 69 -39.76 -6.96 -51.07
CA SER M 69 -39.51 -6.46 -49.73
C SER M 69 -38.04 -6.49 -49.36
N LYS M 70 -37.17 -7.03 -50.22
CA LYS M 70 -35.74 -6.80 -50.04
C LYS M 70 -35.37 -5.39 -50.50
N LEU M 71 -36.12 -4.83 -51.44
CA LEU M 71 -35.91 -3.43 -51.78
C LEU M 71 -36.31 -2.46 -50.68
N MET M 72 -36.73 -2.94 -49.50
CA MET M 72 -37.00 -2.05 -48.38
C MET M 72 -36.55 -2.62 -47.03
N GLY M 73 -35.92 -3.78 -46.99
CA GLY M 73 -35.46 -4.34 -45.73
C GLY M 73 -35.12 -5.80 -45.87
N ALA M 74 -34.25 -6.27 -44.96
CA ALA M 74 -33.85 -7.67 -44.98
C ALA M 74 -35.02 -8.57 -44.63
N LYS M 75 -34.88 -9.85 -44.94
CA LYS M 75 -35.96 -10.80 -44.68
C LYS M 75 -35.39 -12.19 -44.55
N VAL M 76 -36.22 -13.10 -44.03
CA VAL M 76 -35.91 -14.52 -43.97
C VAL M 76 -37.16 -15.30 -44.36
N VAL M 77 -36.98 -16.31 -45.22
CA VAL M 77 -38.04 -17.27 -45.50
C VAL M 77 -37.86 -18.38 -44.47
N VAL M 78 -38.43 -18.17 -43.28
CA VAL M 78 -38.03 -18.95 -42.12
C VAL M 78 -38.36 -20.43 -42.29
N THR M 79 -39.55 -20.72 -42.80
CA THR M 79 -40.02 -22.10 -42.81
C THR M 79 -39.36 -22.87 -43.94
N GLY M 80 -38.85 -24.05 -43.62
CA GLY M 80 -38.18 -24.86 -44.61
C GLY M 80 -39.11 -25.21 -45.75
N ILE M 81 -38.79 -24.67 -46.92
CA ILE M 81 -39.52 -25.04 -48.13
C ILE M 81 -39.44 -26.54 -48.29
N GLN M 82 -40.61 -27.20 -48.28
CA GLN M 82 -40.70 -28.65 -48.25
C GLN M 82 -39.96 -29.25 -49.45
N PRO M 83 -39.50 -30.51 -49.31
CA PRO M 83 -38.66 -31.08 -50.38
C PRO M 83 -39.23 -30.98 -51.78
N ALA M 84 -40.52 -31.29 -51.96
CA ALA M 84 -41.11 -31.19 -53.29
C ALA M 84 -41.13 -29.74 -53.77
N VAL M 85 -41.65 -28.85 -52.94
CA VAL M 85 -41.69 -27.44 -53.32
C VAL M 85 -40.30 -26.83 -53.38
N ALA M 86 -39.36 -27.30 -52.54
CA ALA M 86 -37.99 -26.82 -52.67
C ALA M 86 -37.39 -27.20 -54.02
N ILE M 87 -37.59 -28.45 -54.44
CA ILE M 87 -37.07 -28.89 -55.73
C ILE M 87 -37.70 -28.09 -56.85
N THR M 88 -39.02 -27.88 -56.79
CA THR M 88 -39.68 -27.10 -57.83
C THR M 88 -39.16 -25.66 -57.86
N LEU M 89 -38.90 -25.09 -56.69
CA LEU M 89 -38.38 -23.73 -56.64
C LEU M 89 -36.99 -23.66 -57.25
N ILE M 90 -36.16 -24.68 -57.01
CA ILE M 90 -34.81 -24.68 -57.59
C ILE M 90 -34.89 -24.79 -59.11
N GLU M 91 -35.66 -25.77 -59.60
CA GLU M 91 -35.68 -26.02 -61.04
C GLU M 91 -36.31 -24.88 -61.83
N LEU M 92 -37.14 -24.06 -61.19
CA LEU M 92 -37.82 -22.98 -61.89
C LEU M 92 -37.40 -21.61 -61.36
N GLY M 93 -37.53 -21.36 -60.06
CA GLY M 93 -37.15 -20.09 -59.48
C GLY M 93 -35.70 -20.06 -59.04
N ILE M 94 -34.78 -20.00 -60.01
CA ILE M 94 -33.36 -20.13 -59.72
C ILE M 94 -32.86 -18.87 -59.03
N THR M 95 -32.72 -18.93 -57.71
CA THR M 95 -32.19 -17.82 -56.92
C THR M 95 -31.89 -18.34 -55.52
N PHE M 96 -31.15 -17.54 -54.75
CA PHE M 96 -30.83 -17.87 -53.38
C PHE M 96 -31.96 -17.52 -52.41
N SER M 97 -32.94 -16.72 -52.85
CA SER M 97 -34.16 -16.46 -52.09
C SER M 97 -33.86 -15.84 -50.72
N GLY M 98 -32.89 -14.93 -50.67
CA GLY M 98 -32.62 -14.23 -49.43
C GLY M 98 -32.02 -15.11 -48.36
N VAL M 99 -32.12 -14.64 -47.12
CA VAL M 99 -31.70 -15.39 -45.95
C VAL M 99 -32.79 -16.39 -45.57
N LEU M 100 -32.40 -17.53 -45.03
CA LEU M 100 -33.32 -18.62 -44.72
C LEU M 100 -33.06 -19.16 -43.32
N SER M 101 -34.07 -19.84 -42.77
CA SER M 101 -33.96 -20.31 -41.38
C SER M 101 -34.42 -21.75 -41.13
N ALA M 102 -34.96 -22.45 -42.12
CA ALA M 102 -35.12 -23.91 -42.08
C ALA M 102 -36.00 -24.38 -40.92
N MET M 103 -37.28 -24.03 -41.02
CA MET M 103 -38.43 -24.63 -40.34
C MET M 103 -38.56 -24.23 -38.86
N ASP M 104 -37.61 -23.52 -38.28
CA ASP M 104 -37.72 -23.14 -36.87
C ASP M 104 -37.98 -21.64 -36.83
N LEU M 105 -39.24 -21.26 -36.64
CA LEU M 105 -39.57 -19.85 -36.65
C LEU M 105 -38.94 -19.13 -35.47
N GLU M 106 -38.70 -19.84 -34.37
CA GLU M 106 -37.91 -19.25 -33.29
C GLU M 106 -36.49 -18.98 -33.76
N SER M 107 -35.90 -19.90 -34.54
CA SER M 107 -34.56 -19.68 -35.06
C SER M 107 -34.53 -18.51 -36.01
N GLY M 108 -35.53 -18.39 -36.88
CA GLY M 108 -35.58 -17.25 -37.79
C GLY M 108 -35.74 -15.93 -37.06
N LEU M 109 -36.63 -15.90 -36.06
CA LEU M 109 -36.81 -14.69 -35.29
C LEU M 109 -35.53 -14.32 -34.55
N GLU M 110 -34.84 -15.31 -33.98
CA GLU M 110 -33.58 -15.04 -33.30
C GLU M 110 -32.53 -14.51 -34.26
N LYS M 111 -32.44 -15.11 -35.45
CA LYS M 111 -31.46 -14.65 -36.43
C LYS M 111 -31.75 -13.22 -36.85
N LEU M 112 -33.02 -12.90 -37.11
CA LEU M 112 -33.35 -11.54 -37.51
C LEU M 112 -33.11 -10.56 -36.36
N LYS M 113 -33.40 -10.98 -35.13
CA LYS M 113 -33.14 -10.12 -33.97
C LYS M 113 -31.65 -9.83 -33.83
N GLN M 114 -30.80 -10.84 -34.00
CA GLN M 114 -29.37 -10.60 -33.84
C GLN M 114 -28.80 -9.83 -35.02
N GLU M 115 -29.40 -9.97 -36.20
CA GLU M 115 -28.97 -9.18 -37.35
C GLU M 115 -29.34 -7.72 -37.19
N LEU M 116 -30.52 -7.45 -36.61
CA LEU M 116 -30.93 -6.06 -36.39
C LEU M 116 -30.22 -5.43 -35.21
N GLY M 117 -29.91 -6.20 -34.17
CA GLY M 117 -29.25 -5.64 -33.01
C GLY M 117 -27.85 -5.12 -33.31
N GLU M 118 -27.14 -5.80 -34.21
CA GLU M 118 -25.81 -5.37 -34.61
C GLU M 118 -25.87 -4.32 -35.71
N MET N 1 -75.87 19.39 -97.98
CA MET N 1 -75.48 19.43 -99.38
C MET N 1 -73.96 19.54 -99.52
N TYR N 2 -73.27 18.41 -99.37
CA TYR N 2 -71.83 18.36 -99.51
C TYR N 2 -71.36 17.52 -100.67
N LYS N 3 -72.27 16.96 -101.48
CA LYS N 3 -71.87 16.16 -102.64
C LYS N 3 -71.23 17.04 -103.71
N ASP N 4 -71.96 18.05 -104.17
CA ASP N 4 -71.38 18.99 -105.13
C ASP N 4 -70.24 19.79 -104.53
N PHE N 5 -70.28 20.02 -103.21
CA PHE N 5 -69.15 20.64 -102.53
C PHE N 5 -67.89 19.79 -102.66
N ALA N 6 -68.02 18.48 -102.46
CA ALA N 6 -66.89 17.58 -102.63
C ALA N 6 -66.43 17.55 -104.08
N ASN N 7 -67.38 17.56 -105.01
CA ASN N 7 -67.02 17.57 -106.43
C ASN N 7 -66.22 18.83 -106.79
N PHE N 8 -66.61 19.98 -106.25
CA PHE N 8 -65.89 21.22 -106.53
C PHE N 8 -64.54 21.26 -105.81
N ILE N 9 -64.47 20.71 -104.60
CA ILE N 9 -63.19 20.65 -103.89
C ILE N 9 -62.21 19.74 -104.62
N ARG N 10 -62.69 18.68 -105.26
CA ARG N 10 -61.82 17.79 -106.02
C ARG N 10 -61.09 18.52 -107.14
N THR N 11 -61.61 19.64 -107.60
CA THR N 11 -60.93 20.49 -108.58
C THR N 11 -60.21 21.67 -107.94
N ASN N 12 -60.75 22.22 -106.84
CA ASN N 12 -60.14 23.34 -106.15
C ASN N 12 -58.92 22.95 -105.33
N LYS N 13 -58.64 21.64 -105.18
CA LYS N 13 -57.44 21.22 -104.50
C LYS N 13 -56.19 21.71 -105.22
N LYS N 14 -56.21 21.71 -106.56
CA LYS N 14 -55.08 22.22 -107.31
C LYS N 14 -54.88 23.72 -107.08
N ASP N 15 -55.99 24.47 -106.99
CA ASP N 15 -55.88 25.90 -106.69
C ASP N 15 -55.32 26.11 -105.28
N LEU N 16 -55.73 25.28 -104.33
CA LEU N 16 -55.19 25.39 -102.98
C LEU N 16 -53.70 25.09 -102.96
N LEU N 17 -53.26 24.09 -103.74
CA LEU N 17 -51.83 23.81 -103.83
C LEU N 17 -51.08 24.96 -104.50
N ASN N 18 -51.67 25.56 -105.54
CA ASN N 18 -51.10 26.74 -106.14
C ASN N 18 -50.91 27.85 -105.12
N ASN N 19 -51.92 28.05 -104.28
CA ASN N 19 -51.79 28.96 -103.15
C ASN N 19 -50.63 28.56 -102.25
N TRP N 20 -50.46 27.26 -102.03
CA TRP N 20 -49.43 26.80 -101.11
C TRP N 20 -48.02 27.14 -101.60
N MET N 21 -47.72 26.85 -102.87
CA MET N 21 -46.37 27.29 -103.25
C MET N 21 -46.33 28.77 -103.64
N ASN N 22 -47.47 29.46 -103.67
CA ASN N 22 -47.43 30.91 -103.69
C ASN N 22 -47.00 31.46 -102.33
N GLU N 23 -47.37 30.78 -101.25
CA GLU N 23 -47.17 31.30 -99.90
C GLU N 23 -45.83 30.92 -99.28
N MET N 24 -45.14 29.89 -99.77
CA MET N 24 -43.88 29.52 -99.15
C MET N 24 -42.74 30.46 -99.51
N GLU N 25 -42.89 31.28 -100.54
CA GLU N 25 -41.82 32.18 -100.93
C GLU N 25 -41.68 33.38 -100.01
N LYS N 26 -42.79 33.85 -99.42
CA LYS N 26 -42.76 35.10 -98.68
C LYS N 26 -41.94 35.00 -97.40
N GLN N 27 -42.05 33.89 -96.67
CA GLN N 27 -41.41 33.78 -95.36
C GLN N 27 -40.72 32.43 -95.23
N SER N 28 -39.41 32.47 -94.94
CA SER N 28 -38.62 31.30 -94.58
C SER N 28 -38.82 30.15 -95.57
N ASP N 29 -38.57 30.45 -96.85
CA ASP N 29 -38.79 29.44 -97.88
C ASP N 29 -37.92 28.20 -97.70
N PRO N 30 -36.60 28.29 -97.51
CA PRO N 30 -35.83 27.05 -97.32
C PRO N 30 -36.22 26.27 -96.08
N LEU N 31 -36.48 26.95 -94.96
CA LEU N 31 -36.87 26.25 -93.75
C LEU N 31 -38.21 25.56 -93.91
N ILE N 32 -39.18 26.25 -94.51
CA ILE N 32 -40.50 25.65 -94.72
C ILE N 32 -40.40 24.45 -95.65
N ASN N 33 -39.59 24.57 -96.72
CA ASN N 33 -39.43 23.46 -97.64
C ASN N 33 -38.75 22.28 -96.97
N ASP N 34 -37.78 22.55 -96.08
CA ASP N 34 -37.03 21.46 -95.46
C ASP N 34 -37.85 20.74 -94.41
N ILE N 35 -38.59 21.48 -93.58
CA ILE N 35 -39.36 20.85 -92.50
C ILE N 35 -40.47 19.97 -93.07
N ALA N 36 -41.08 20.38 -94.19
CA ALA N 36 -42.12 19.61 -94.84
C ALA N 36 -41.93 19.72 -96.35
N LYS N 37 -41.66 18.59 -97.00
CA LYS N 37 -41.46 18.60 -98.43
C LYS N 37 -42.78 18.90 -99.15
N GLU N 38 -42.64 19.31 -100.41
CA GLU N 38 -43.82 19.69 -101.20
C GLU N 38 -44.83 18.56 -101.36
N PRO N 39 -44.44 17.33 -101.76
CA PRO N 39 -45.47 16.29 -101.93
C PRO N 39 -46.19 15.93 -100.65
N MET N 40 -45.47 15.77 -99.54
CA MET N 40 -46.12 15.42 -98.27
C MET N 40 -47.06 16.52 -97.82
N TYR N 41 -46.61 17.78 -97.90
CA TYR N 41 -47.46 18.90 -97.49
C TYR N 41 -48.69 18.99 -98.38
N GLU N 42 -48.52 18.80 -99.69
CA GLU N 42 -49.64 18.88 -100.62
C GLU N 42 -50.66 17.78 -100.33
N GLU N 43 -50.19 16.55 -100.13
CA GLU N 43 -51.12 15.44 -99.89
C GLU N 43 -51.82 15.61 -98.55
N THR N 44 -51.11 16.06 -97.53
CA THR N 44 -51.75 16.31 -96.23
C THR N 44 -52.80 17.41 -96.35
N SER N 45 -52.48 18.49 -97.07
CA SER N 45 -53.43 19.59 -97.21
C SER N 45 -54.67 19.16 -97.98
N ILE N 46 -54.49 18.43 -99.08
CA ILE N 46 -55.65 18.02 -99.88
C ILE N 46 -56.50 17.01 -99.10
N GLU N 47 -55.86 16.11 -98.35
CA GLU N 47 -56.62 15.18 -97.53
C GLU N 47 -57.42 15.92 -96.46
N PHE N 48 -56.79 16.91 -95.82
CA PHE N 48 -57.49 17.68 -94.79
C PHE N 48 -58.67 18.44 -95.39
N VAL N 49 -58.51 19.00 -96.59
CA VAL N 49 -59.57 19.82 -97.15
C VAL N 49 -60.65 19.01 -97.84
N ASP N 50 -60.40 17.74 -98.19
CA ASP N 50 -61.45 16.94 -98.80
C ASP N 50 -62.04 15.87 -97.88
N LEU N 51 -61.50 15.69 -96.68
CA LEU N 51 -62.17 14.83 -95.71
C LEU N 51 -63.35 15.51 -95.05
N ILE N 52 -63.29 16.85 -94.88
CA ILE N 52 -64.42 17.58 -94.34
C ILE N 52 -65.60 17.52 -95.30
N VAL N 53 -65.32 17.54 -96.61
CA VAL N 53 -66.39 17.63 -97.62
C VAL N 53 -67.02 16.28 -97.93
N SER N 54 -66.51 15.20 -97.34
CA SER N 54 -67.04 13.86 -97.56
C SER N 54 -68.04 13.44 -96.48
N ASN N 55 -68.30 14.30 -95.50
CA ASN N 55 -69.26 14.01 -94.44
C ASN N 55 -70.64 14.53 -94.83
N ILE N 56 -71.68 13.97 -94.21
CA ILE N 56 -73.06 14.28 -94.60
C ILE N 56 -73.49 15.48 -93.78
N THR N 57 -73.06 16.66 -94.21
CA THR N 57 -73.67 17.95 -93.89
C THR N 57 -73.50 18.34 -92.42
N GLU N 58 -73.00 17.42 -91.58
CA GLU N 58 -72.92 17.71 -90.15
C GLU N 58 -71.48 17.71 -89.64
N ASN N 59 -70.77 16.60 -89.74
CA ASN N 59 -69.43 16.45 -89.15
C ASN N 59 -68.92 15.06 -89.47
N GLY N 60 -67.67 14.81 -89.11
CA GLY N 60 -67.08 13.49 -89.18
C GLY N 60 -66.18 13.18 -88.00
N SER N 61 -66.49 12.09 -87.28
CA SER N 61 -65.66 11.71 -86.15
C SER N 61 -64.26 11.32 -86.60
N LYS N 62 -64.16 10.56 -87.71
CA LYS N 62 -62.85 10.28 -88.28
C LYS N 62 -62.19 11.56 -88.75
N PHE N 63 -62.94 12.48 -89.35
CA PHE N 63 -62.39 13.78 -89.68
C PHE N 63 -62.04 14.58 -88.44
N ASN N 64 -62.77 14.39 -87.34
CA ASN N 64 -62.41 15.06 -86.09
C ASN N 64 -61.04 14.60 -85.61
N GLU N 65 -60.81 13.28 -85.61
CA GLU N 65 -59.51 12.77 -85.22
C GLU N 65 -58.41 13.22 -86.18
N LYS N 66 -58.71 13.22 -87.48
CA LYS N 66 -57.71 13.67 -88.46
C LYS N 66 -57.39 15.14 -88.31
N LEU N 67 -58.40 15.96 -87.98
CA LEU N 67 -58.16 17.39 -87.76
C LEU N 67 -57.33 17.62 -86.50
N ASP N 68 -57.60 16.84 -85.45
CA ASP N 68 -56.77 16.93 -84.25
C ASP N 68 -55.32 16.54 -84.57
N ASP N 69 -55.14 15.49 -85.34
CA ASP N 69 -53.79 15.08 -85.75
C ASP N 69 -53.11 16.16 -86.59
N PHE N 70 -53.86 16.78 -87.50
CA PHE N 70 -53.32 17.86 -88.32
C PHE N 70 -52.90 19.04 -87.46
N ALA N 71 -53.75 19.40 -86.48
CA ALA N 71 -53.43 20.52 -85.61
C ALA N 71 -52.17 20.24 -84.79
N GLU N 72 -52.07 19.05 -84.20
CA GLU N 72 -50.88 18.75 -83.41
C GLU N 72 -49.63 18.66 -84.29
N LYS N 73 -49.79 18.13 -85.52
CA LYS N 73 -48.65 18.05 -86.43
C LYS N 73 -48.16 19.44 -86.84
N VAL N 74 -49.08 20.36 -87.14
CA VAL N 74 -48.64 21.70 -87.52
C VAL N 74 -48.11 22.47 -86.32
N VAL N 75 -48.59 22.14 -85.11
CA VAL N 75 -48.03 22.75 -83.91
C VAL N 75 -46.58 22.31 -83.70
N HIS N 76 -46.33 20.99 -83.81
CA HIS N 76 -45.00 20.47 -83.55
C HIS N 76 -44.04 20.80 -84.69
N LEU N 77 -44.53 20.87 -85.92
CA LEU N 77 -43.66 21.01 -87.08
C LEU N 77 -43.13 22.44 -87.25
N GLY N 78 -43.76 23.42 -86.63
CA GLY N 78 -43.28 24.78 -86.72
C GLY N 78 -44.24 25.74 -87.39
N TRP N 79 -45.54 25.49 -87.23
CA TRP N 79 -46.59 26.33 -87.81
C TRP N 79 -47.52 26.81 -86.70
N PRO N 80 -47.17 27.91 -86.01
CA PRO N 80 -48.02 28.41 -84.93
C PRO N 80 -49.29 29.06 -85.46
N ILE N 81 -50.06 29.69 -84.55
CA ILE N 81 -51.34 30.28 -84.93
C ILE N 81 -51.15 31.37 -85.97
N HIS N 82 -50.03 32.08 -85.93
CA HIS N 82 -49.75 33.11 -86.93
C HIS N 82 -49.66 32.49 -88.32
N PHE N 83 -48.93 31.38 -88.45
CA PHE N 83 -48.82 30.71 -89.74
C PHE N 83 -50.15 30.17 -90.21
N VAL N 84 -50.96 29.62 -89.29
CA VAL N 84 -52.27 29.10 -89.68
C VAL N 84 -53.18 30.23 -90.14
N THR N 85 -53.07 31.41 -89.51
CA THR N 85 -53.89 32.54 -89.92
C THR N 85 -53.45 33.09 -91.28
N THR N 86 -52.14 33.13 -91.52
CA THR N 86 -51.66 33.50 -92.85
C THR N 86 -52.14 32.50 -93.90
N GLY N 87 -52.14 31.21 -93.53
CA GLY N 87 -52.69 30.20 -94.42
C GLY N 87 -54.16 30.42 -94.71
N LEU N 88 -54.93 30.80 -93.69
CA LEU N 88 -56.34 31.12 -93.91
C LEU N 88 -56.51 32.31 -94.85
N ARG N 89 -55.70 33.35 -94.65
CA ARG N 89 -55.82 34.54 -95.49
C ARG N 89 -55.50 34.22 -96.95
N VAL N 90 -54.43 33.46 -97.18
CA VAL N 90 -54.07 33.12 -98.56
C VAL N 90 -55.07 32.11 -99.14
N PHE N 91 -55.63 31.24 -98.31
CA PHE N 91 -56.73 30.39 -98.74
C PHE N 91 -57.87 31.23 -99.28
N GLY N 92 -58.28 32.25 -98.51
CA GLY N 92 -59.35 33.12 -98.98
C GLY N 92 -58.99 33.84 -100.27
N LEU N 93 -57.75 34.32 -100.36
CA LEU N 93 -57.32 35.00 -101.59
C LEU N 93 -57.45 34.10 -102.80
N LEU N 94 -56.90 32.88 -102.72
CA LEU N 94 -56.93 32.01 -103.89
C LEU N 94 -58.30 31.43 -104.16
N VAL N 95 -59.12 31.23 -103.11
CA VAL N 95 -60.51 30.86 -103.34
C VAL N 95 -61.23 31.95 -104.11
N TYR N 96 -60.98 33.22 -103.75
CA TYR N 96 -61.59 34.31 -104.50
C TYR N 96 -61.11 34.32 -105.95
N THR N 97 -59.81 34.12 -106.17
CA THR N 97 -59.29 34.15 -107.54
C THR N 97 -59.89 33.03 -108.39
N ALA N 98 -59.83 31.80 -107.90
CA ALA N 98 -60.41 30.67 -108.64
C ALA N 98 -61.92 30.83 -108.77
N MET N 99 -62.56 31.48 -107.81
CA MET N 99 -64.00 31.71 -107.85
C MET N 99 -64.35 32.68 -108.97
N ARG N 100 -63.52 33.71 -109.15
CA ARG N 100 -63.62 34.57 -110.30
C ARG N 100 -63.38 33.79 -111.60
N ASP N 101 -62.42 32.86 -111.57
CA ASP N 101 -62.06 32.14 -112.79
C ASP N 101 -63.07 31.05 -113.13
N GLU N 102 -63.33 30.14 -112.20
CA GLU N 102 -64.19 29.00 -112.48
C GLU N 102 -65.63 29.43 -112.74
N ASP N 103 -66.20 30.24 -111.82
CA ASP N 103 -67.57 30.74 -111.95
C ASP N 103 -68.57 29.60 -112.11
N LEU N 104 -68.45 28.59 -111.25
CA LEU N 104 -69.37 27.45 -111.24
C LEU N 104 -69.62 27.08 -109.78
N PHE N 105 -70.81 27.42 -109.28
CA PHE N 105 -71.07 27.34 -107.85
C PHE N 105 -71.77 26.02 -107.53
N LEU N 106 -72.25 25.90 -106.28
CA LEU N 106 -73.05 24.75 -105.89
C LEU N 106 -74.36 24.69 -106.67
N LYS N 107 -75.21 25.69 -106.49
CA LYS N 107 -76.56 25.64 -107.02
C LYS N 107 -76.57 25.66 -108.54
N ARG N 108 -77.41 24.82 -109.12
CA ARG N 108 -77.54 24.71 -110.57
C ARG N 108 -78.42 25.85 -111.07
N GLU N 109 -77.83 26.79 -111.81
CA GLU N 109 -78.56 27.93 -112.34
C GLU N 109 -77.87 28.43 -113.59
N GLU N 110 -78.60 29.21 -114.38
CA GLU N 110 -78.04 29.77 -115.60
C GLU N 110 -76.86 30.69 -115.30
N LYS N 111 -77.01 31.55 -114.28
CA LYS N 111 -75.92 32.41 -113.85
C LYS N 111 -75.73 32.22 -112.34
N PRO N 112 -74.51 31.92 -111.90
CA PRO N 112 -74.28 31.70 -110.47
C PRO N 112 -74.50 32.97 -109.65
N GLU N 113 -74.96 32.79 -108.42
CA GLU N 113 -75.27 33.89 -107.51
C GLU N 113 -74.45 33.77 -106.23
N ASP N 114 -74.35 34.90 -105.51
CA ASP N 114 -73.45 35.03 -104.38
C ASP N 114 -73.82 34.12 -103.21
N ASP N 115 -75.00 33.53 -103.20
CA ASP N 115 -75.42 32.69 -102.09
C ASP N 115 -74.47 31.51 -101.89
N ALA N 116 -74.16 30.78 -102.97
CA ALA N 116 -73.30 29.61 -102.86
C ALA N 116 -71.87 30.00 -102.48
N TYR N 117 -71.38 31.11 -103.04
CA TYR N 117 -70.05 31.59 -102.66
C TYR N 117 -69.99 31.95 -101.18
N TYR N 118 -71.05 32.57 -100.65
CA TYR N 118 -70.99 32.94 -99.25
C TYR N 118 -71.19 31.73 -98.35
N ARG N 119 -71.92 30.71 -98.81
CA ARG N 119 -71.96 29.47 -98.06
C ARG N 119 -70.57 28.80 -98.04
N PHE N 120 -69.85 28.89 -99.16
CA PHE N 120 -68.45 28.47 -99.19
C PHE N 120 -67.66 29.18 -98.10
N GLU N 121 -67.77 30.51 -98.05
CA GLU N 121 -67.01 31.29 -97.09
C GLU N 121 -67.38 30.93 -95.65
N THR N 122 -68.68 30.76 -95.37
CA THR N 122 -69.11 30.43 -94.02
C THR N 122 -68.62 29.04 -93.60
N TRP N 123 -68.64 28.07 -94.51
CA TRP N 123 -68.15 26.75 -94.17
C TRP N 123 -66.64 26.73 -94.00
N LEU N 124 -65.92 27.56 -94.78
CA LEU N 124 -64.49 27.73 -94.54
C LEU N 124 -64.22 28.33 -93.17
N SER N 125 -65.03 29.31 -92.78
CA SER N 125 -64.91 29.88 -91.44
C SER N 125 -65.17 28.84 -90.36
N SER N 126 -66.16 27.97 -90.60
CA SER N 126 -66.48 26.92 -89.62
C SER N 126 -65.32 25.92 -89.49
N MET N 127 -64.72 25.52 -90.61
CA MET N 127 -63.60 24.58 -90.53
C MET N 127 -62.39 25.24 -89.88
N TYR N 128 -62.17 26.54 -90.13
CA TYR N 128 -61.12 27.25 -89.41
C TYR N 128 -61.42 27.32 -87.91
N ASN N 129 -62.70 27.48 -87.55
CA ASN N 129 -63.08 27.47 -86.15
C ASN N 129 -62.74 26.13 -85.51
N LYS N 130 -63.05 25.03 -86.20
CA LYS N 130 -62.70 23.72 -85.66
C LYS N 130 -61.20 23.55 -85.53
N VAL N 131 -60.44 24.04 -86.53
CA VAL N 131 -58.98 23.91 -86.48
C VAL N 131 -58.42 24.67 -85.28
N VAL N 132 -58.85 25.92 -85.10
CA VAL N 132 -58.32 26.70 -83.98
C VAL N 132 -58.81 26.15 -82.64
N THR N 133 -60.00 25.53 -82.62
CA THR N 133 -60.46 24.88 -81.40
C THR N 133 -59.57 23.71 -81.02
N ALA N 134 -59.20 22.88 -82.00
CA ALA N 134 -58.30 21.76 -81.74
C ALA N 134 -56.87 22.23 -81.50
N TYR N 135 -56.53 23.45 -81.92
CA TYR N 135 -55.17 23.95 -81.78
C TYR N 135 -54.77 24.07 -80.31
N ALA N 136 -55.67 24.57 -79.46
CA ALA N 136 -55.30 25.02 -78.12
C ALA N 136 -55.67 24.04 -77.01
N ASP N 137 -56.41 22.97 -77.30
CA ASP N 137 -56.83 22.06 -76.23
C ASP N 137 -55.63 21.36 -75.60
N THR N 138 -54.76 20.77 -76.43
CA THR N 138 -53.59 20.09 -75.90
C THR N 138 -52.66 21.06 -75.20
N TRP N 139 -52.52 22.28 -75.74
CA TRP N 139 -51.69 23.29 -75.10
C TRP N 139 -52.22 23.66 -73.72
N GLU N 140 -53.54 23.82 -73.59
CA GLU N 140 -54.13 24.10 -72.29
C GLU N 140 -53.92 22.94 -71.33
N LYS N 141 -54.08 21.71 -71.81
CA LYS N 141 -53.87 20.55 -70.94
C LYS N 141 -52.43 20.47 -70.44
N THR N 142 -51.45 20.69 -71.33
CA THR N 142 -50.06 20.61 -70.91
C THR N 142 -49.68 21.79 -70.04
N VAL N 143 -50.28 22.96 -70.24
CA VAL N 143 -50.06 24.08 -69.34
C VAL N 143 -50.59 23.76 -67.94
N SER N 144 -51.77 23.15 -67.87
CA SER N 144 -52.34 22.77 -66.58
C SER N 144 -51.47 21.75 -65.87
N ILE N 145 -50.99 20.72 -66.59
CA ILE N 145 -50.15 19.72 -65.94
C ILE N 145 -48.81 20.32 -65.53
N GLN N 146 -48.27 21.26 -66.33
CA GLN N 146 -47.03 21.93 -65.96
C GLN N 146 -47.21 22.76 -64.69
N LYS N 147 -48.34 23.47 -64.58
CA LYS N 147 -48.62 24.25 -63.38
C LYS N 147 -48.79 23.34 -62.17
N SER N 148 -49.45 22.18 -62.34
CA SER N 148 -49.57 21.24 -61.24
C SER N 148 -48.20 20.72 -60.80
N ALA N 149 -47.33 20.41 -61.76
CA ALA N 149 -45.97 19.97 -61.42
C ALA N 149 -45.20 21.06 -60.69
N LEU N 150 -45.36 22.32 -61.14
CA LEU N 150 -44.68 23.42 -60.48
C LEU N 150 -45.18 23.61 -59.05
N GLN N 151 -46.49 23.51 -58.84
CA GLN N 151 -47.03 23.74 -57.51
C GLN N 151 -46.69 22.59 -56.56
N GLU N 152 -46.65 21.36 -57.05
CA GLU N 152 -46.26 20.25 -56.19
C GLU N 152 -44.77 20.24 -55.91
N LEU N 153 -43.95 20.79 -56.81
CA LEU N 153 -42.51 20.90 -56.62
C LEU N 153 -42.11 22.22 -55.97
N SER N 154 -43.06 23.10 -55.68
CA SER N 154 -42.72 24.42 -55.16
C SER N 154 -42.05 24.32 -53.80
N ALA N 155 -42.62 23.52 -52.90
CA ALA N 155 -42.17 23.43 -51.51
C ALA N 155 -41.97 21.97 -51.13
N PRO N 156 -40.86 21.36 -51.54
CA PRO N 156 -40.58 20.00 -51.09
C PRO N 156 -40.01 19.99 -49.68
N LEU N 157 -40.84 19.65 -48.70
CA LEU N 157 -40.40 19.47 -47.33
C LEU N 157 -40.02 18.01 -47.06
N LEU N 158 -40.21 17.14 -48.04
CA LEU N 158 -39.95 15.72 -47.87
C LEU N 158 -38.57 15.40 -47.32
N PRO N 159 -37.48 16.12 -47.67
CA PRO N 159 -36.21 15.86 -46.97
C PRO N 159 -36.37 16.05 -45.47
N ILE N 160 -36.23 14.95 -44.73
CA ILE N 160 -36.45 14.93 -43.28
C ILE N 160 -35.35 14.11 -42.63
N PHE N 161 -34.80 14.63 -41.54
CA PHE N 161 -33.95 13.88 -40.63
C PHE N 161 -34.70 13.66 -39.33
N GLU N 162 -34.15 12.81 -38.47
CA GLU N 162 -34.78 12.53 -37.19
C GLU N 162 -34.96 13.81 -36.38
N LYS N 163 -36.20 14.24 -36.21
CA LYS N 163 -36.61 15.37 -35.39
C LYS N 163 -36.12 16.71 -35.95
N ILE N 164 -35.45 16.70 -37.10
CA ILE N 164 -35.04 17.91 -37.81
C ILE N 164 -35.49 17.81 -39.26
N SER N 165 -36.19 18.82 -39.74
CA SER N 165 -36.62 18.89 -41.13
C SER N 165 -35.76 19.88 -41.90
N VAL N 166 -35.98 19.93 -43.21
CA VAL N 166 -35.29 20.87 -44.07
C VAL N 166 -36.15 21.10 -45.31
N MET N 167 -36.22 22.34 -45.74
CA MET N 167 -37.10 22.76 -46.84
C MET N 167 -36.30 23.50 -47.88
N PRO N 168 -35.79 22.81 -48.90
CA PRO N 168 -34.96 23.47 -49.94
C PRO N 168 -35.85 24.11 -50.99
N LEU N 169 -35.69 25.41 -51.19
CA LEU N 169 -36.30 26.14 -52.29
C LEU N 169 -35.20 26.75 -53.13
N ILE N 170 -35.22 26.50 -54.43
CA ILE N 170 -34.12 26.91 -55.29
C ILE N 170 -34.62 27.76 -56.46
N GLY N 171 -35.86 27.55 -56.88
CA GLY N 171 -36.40 28.31 -57.97
C GLY N 171 -36.81 29.70 -57.55
N THR N 172 -36.84 30.60 -58.52
CA THR N 172 -37.34 31.95 -58.24
C THR N 172 -38.80 31.88 -57.82
N ILE N 173 -39.16 32.68 -56.83
CA ILE N 173 -40.45 32.59 -56.17
C ILE N 173 -41.18 33.91 -56.29
N ASP N 174 -42.43 33.85 -56.75
CA ASP N 174 -43.32 35.01 -56.73
C ASP N 174 -44.24 34.87 -55.53
N TPO N 175 -45.29 35.69 -55.46
CA TPO N 175 -46.13 35.69 -54.27
CB TPO N 175 -46.95 36.99 -54.20
CG2 TPO N 175 -48.05 37.04 -55.26
OG1 TPO N 175 -47.53 37.05 -52.89
P TPO N 175 -46.67 38.11 -52.05
O1P TPO N 175 -45.78 39.01 -53.03
O2P TPO N 175 -45.72 37.34 -51.01
O3P TPO N 175 -47.60 38.99 -51.31
C TPO N 175 -47.06 34.47 -54.21
O TPO N 175 -47.39 34.00 -53.11
N GLU N 176 -47.44 33.95 -55.36
CA GLU N 176 -48.23 32.72 -55.41
C GLU N 176 -47.39 31.56 -54.91
N ARG N 177 -46.17 31.46 -55.44
CA ARG N 177 -45.25 30.44 -54.95
C ARG N 177 -44.91 30.66 -53.48
N ALA N 178 -44.87 31.92 -53.04
CA ALA N 178 -44.63 32.19 -51.63
C ALA N 178 -45.76 31.65 -50.75
N LYS N 179 -47.01 31.84 -51.21
CA LYS N 179 -48.14 31.27 -50.47
C LYS N 179 -48.05 29.75 -50.45
N LEU N 180 -47.67 29.15 -51.57
CA LEU N 180 -47.48 27.70 -51.59
C LEU N 180 -46.41 27.28 -50.60
N ILE N 181 -45.30 28.01 -50.55
CA ILE N 181 -44.22 27.71 -49.60
C ILE N 181 -44.74 27.75 -48.19
N ILE N 182 -45.42 28.83 -47.81
CA ILE N 182 -45.83 28.99 -46.42
C ILE N 182 -46.86 27.93 -46.04
N GLU N 183 -47.84 27.67 -46.93
CA GLU N 183 -48.87 26.70 -46.61
C GLU N 183 -48.28 25.30 -46.48
N ASN N 184 -47.44 24.90 -47.44
CA ASN N 184 -46.85 23.57 -47.38
C ASN N 184 -45.96 23.41 -46.17
N LEU N 185 -45.13 24.41 -45.87
CA LEU N 185 -44.25 24.32 -44.71
C LEU N 185 -45.05 24.20 -43.43
N LEU N 186 -46.12 25.00 -43.28
CA LEU N 186 -46.90 24.94 -42.05
C LEU N 186 -47.61 23.60 -41.91
N ILE N 187 -48.26 23.13 -42.97
CA ILE N 187 -49.00 21.87 -42.87
C ILE N 187 -48.05 20.72 -42.61
N GLY N 188 -46.85 20.75 -43.21
CA GLY N 188 -45.87 19.74 -42.92
C GLY N 188 -45.44 19.79 -41.46
N VAL N 189 -44.97 20.94 -41.01
CA VAL N 189 -44.39 21.04 -39.67
C VAL N 189 -45.43 20.72 -38.61
N VAL N 190 -46.71 20.91 -38.91
CA VAL N 190 -47.70 20.50 -37.92
C VAL N 190 -48.03 19.01 -38.06
N LYS N 191 -47.99 18.46 -39.28
CA LYS N 191 -48.37 17.07 -39.48
C LYS N 191 -47.32 16.13 -38.90
N ASN N 192 -46.05 16.35 -39.21
CA ASN N 192 -44.97 15.55 -38.65
C ASN N 192 -44.19 16.37 -37.64
N ARG N 193 -43.79 15.73 -36.55
CA ARG N 193 -43.19 16.44 -35.44
C ARG N 193 -41.73 16.76 -35.73
N SER N 194 -41.38 18.04 -35.61
CA SER N 194 -40.01 18.50 -35.80
C SER N 194 -39.77 19.65 -34.85
N GLU N 195 -38.54 19.75 -34.35
CA GLU N 195 -38.20 20.82 -33.43
C GLU N 195 -37.53 22.01 -34.09
N VAL N 196 -36.80 21.81 -35.17
CA VAL N 196 -36.22 22.91 -35.94
C VAL N 196 -36.50 22.67 -37.41
N VAL N 197 -36.53 23.75 -38.17
CA VAL N 197 -36.78 23.71 -39.61
C VAL N 197 -35.71 24.53 -40.30
N LEU N 198 -35.04 23.92 -41.28
CA LEU N 198 -33.99 24.59 -42.03
C LEU N 198 -34.55 25.04 -43.37
N ILE N 199 -34.72 26.35 -43.53
CA ILE N 199 -35.15 26.91 -44.80
C ILE N 199 -33.91 27.29 -45.60
N ASP N 200 -33.84 26.83 -46.84
CA ASP N 200 -32.66 26.98 -47.69
C ASP N 200 -33.01 28.01 -48.76
N ILE N 201 -32.61 29.26 -48.51
CA ILE N 201 -32.86 30.33 -49.47
C ILE N 201 -31.91 30.26 -50.66
N THR N 202 -30.77 29.59 -50.52
CA THR N 202 -29.80 29.53 -51.60
C THR N 202 -30.43 28.98 -52.87
N GLY N 203 -30.28 29.71 -53.96
CA GLY N 203 -30.89 29.33 -55.22
C GLY N 203 -31.66 30.45 -55.87
N VAL N 204 -32.28 31.31 -55.07
CA VAL N 204 -33.05 32.45 -55.58
C VAL N 204 -32.07 33.60 -55.84
N PRO N 205 -32.01 34.15 -57.05
CA PRO N 205 -31.10 35.27 -57.31
C PRO N 205 -31.51 36.54 -56.58
N VAL N 206 -32.75 36.97 -56.78
CA VAL N 206 -33.28 38.19 -56.19
C VAL N 206 -34.72 37.94 -55.77
N VAL N 207 -35.11 38.48 -54.63
CA VAL N 207 -36.47 38.34 -54.12
C VAL N 207 -37.08 39.72 -53.94
N ASP N 208 -38.39 39.79 -54.10
CA ASP N 208 -39.13 41.03 -53.90
C ASP N 208 -39.27 41.32 -52.41
N THR N 209 -39.57 42.59 -52.10
CA THR N 209 -39.77 42.98 -50.71
C THR N 209 -40.94 42.23 -50.09
N MET N 210 -42.05 42.10 -50.83
CA MET N 210 -43.20 41.37 -50.32
C MET N 210 -42.87 39.90 -50.09
N VAL N 211 -42.11 39.30 -51.00
CA VAL N 211 -41.72 37.90 -50.84
C VAL N 211 -40.85 37.73 -49.61
N ALA N 212 -39.89 38.63 -49.39
CA ALA N 212 -39.06 38.57 -48.21
C ALA N 212 -39.90 38.74 -46.94
N HIS N 213 -40.86 39.64 -46.97
CA HIS N 213 -41.75 39.83 -45.83
C HIS N 213 -42.53 38.56 -45.54
N HIS N 214 -43.04 37.90 -46.59
CA HIS N 214 -43.77 36.65 -46.40
C HIS N 214 -42.86 35.56 -45.84
N ILE N 215 -41.60 35.53 -46.28
CA ILE N 215 -40.66 34.55 -45.73
C ILE N 215 -40.45 34.79 -44.24
N ILE N 216 -40.27 36.05 -43.86
CA ILE N 216 -40.05 36.36 -42.43
C ILE N 216 -41.30 36.01 -41.63
N GLN N 217 -42.48 36.30 -42.18
CA GLN N 217 -43.72 35.94 -41.48
C GLN N 217 -43.85 34.43 -41.35
N ALA N 218 -43.44 33.68 -42.37
CA ALA N 218 -43.46 32.22 -42.26
C ALA N 218 -42.52 31.74 -41.17
N SER N 219 -41.34 32.36 -41.08
CA SER N 219 -40.40 32.00 -40.02
C SER N 219 -40.99 32.26 -38.64
N GLU N 220 -41.63 33.43 -38.47
CA GLU N 220 -42.23 33.75 -37.18
C GLU N 220 -43.38 32.79 -36.86
N ALA N 221 -44.19 32.45 -37.87
CA ALA N 221 -45.31 31.54 -37.65
C ALA N 221 -44.82 30.17 -37.22
N VAL N 222 -43.83 29.62 -37.93
CA VAL N 222 -43.32 28.31 -37.56
C VAL N 222 -42.60 28.37 -36.22
N ARG N 223 -42.08 29.54 -35.84
CA ARG N 223 -41.59 29.70 -34.48
C ARG N 223 -42.73 29.61 -33.47
N LEU N 224 -43.88 30.21 -33.79
CA LEU N 224 -45.01 30.14 -32.87
C LEU N 224 -45.58 28.74 -32.77
N VAL N 225 -45.53 27.95 -33.84
CA VAL N 225 -45.99 26.57 -33.73
C VAL N 225 -45.11 25.79 -32.76
N GLY N 226 -43.89 26.26 -32.53
CA GLY N 226 -43.00 25.63 -31.56
C GLY N 226 -41.75 25.06 -32.20
N CYS N 227 -41.29 25.70 -33.27
CA CYS N 227 -40.17 25.18 -34.05
C CYS N 227 -39.26 26.32 -34.44
N GLN N 228 -38.04 26.32 -33.92
CA GLN N 228 -37.06 27.33 -34.32
C GLN N 228 -36.75 27.20 -35.81
N ALA N 229 -36.72 28.34 -36.50
CA ALA N 229 -36.52 28.38 -37.94
C ALA N 229 -35.14 28.94 -38.21
N MET N 230 -34.22 28.09 -38.65
CA MET N 230 -32.91 28.52 -39.08
C MET N 230 -32.98 28.86 -40.57
N LEU N 231 -32.58 30.07 -40.90
CA LEU N 231 -32.71 30.59 -42.27
C LEU N 231 -31.33 30.49 -42.92
N VAL N 232 -31.13 29.45 -43.72
CA VAL N 232 -29.80 28.99 -44.12
C VAL N 232 -29.46 29.50 -45.51
N GLY N 233 -28.22 29.94 -45.67
CA GLY N 233 -27.65 30.25 -46.97
C GLY N 233 -28.25 31.42 -47.72
N ILE N 234 -28.46 32.53 -47.01
CA ILE N 234 -28.91 33.75 -47.68
C ILE N 234 -27.80 34.27 -48.59
N ARG N 235 -28.18 34.91 -49.68
CA ARG N 235 -27.22 35.54 -50.57
C ARG N 235 -27.16 37.04 -50.30
N PRO N 236 -26.05 37.70 -50.64
CA PRO N 236 -25.87 39.10 -50.21
C PRO N 236 -26.95 40.06 -50.66
N GLU N 237 -27.44 39.93 -51.90
CA GLU N 237 -28.48 40.84 -52.37
C GLU N 237 -29.77 40.66 -51.58
N ILE N 238 -30.15 39.41 -51.34
CA ILE N 238 -31.35 39.13 -50.55
C ILE N 238 -31.17 39.67 -49.13
N ALA N 239 -29.99 39.50 -48.55
CA ALA N 239 -29.74 40.00 -47.21
C ALA N 239 -29.86 41.52 -47.16
N GLN N 240 -29.32 42.20 -48.18
CA GLN N 240 -29.44 43.66 -48.24
C GLN N 240 -30.89 44.09 -48.37
N THR N 241 -31.65 43.43 -49.25
CA THR N 241 -33.06 43.78 -49.40
C THR N 241 -33.82 43.54 -48.10
N ILE N 242 -33.54 42.44 -47.42
CA ILE N 242 -34.24 42.13 -46.17
C ILE N 242 -33.91 43.16 -45.10
N VAL N 243 -32.63 43.50 -44.95
CA VAL N 243 -32.26 44.44 -43.89
C VAL N 243 -32.81 45.83 -44.16
N ASN N 244 -32.82 46.28 -45.41
CA ASN N 244 -33.43 47.59 -45.67
C ASN N 244 -34.93 47.51 -45.92
N LEU N 245 -35.54 46.33 -45.75
CA LEU N 245 -37.00 46.26 -45.76
C LEU N 245 -37.61 47.09 -44.64
N GLY N 246 -36.92 47.21 -43.50
CA GLY N 246 -37.38 47.99 -42.38
C GLY N 246 -37.96 47.17 -41.24
N ILE N 247 -38.36 45.93 -41.51
CA ILE N 247 -38.82 45.05 -40.45
C ILE N 247 -37.63 44.60 -39.62
N GLU N 248 -37.91 44.17 -38.39
CA GLU N 248 -36.83 43.84 -37.45
C GLU N 248 -36.37 42.40 -37.69
N LEU N 249 -35.06 42.20 -37.60
CA LEU N 249 -34.40 40.95 -37.98
C LEU N 249 -33.48 40.44 -36.89
N ASP N 250 -33.99 40.30 -35.66
CA ASP N 250 -33.19 39.72 -34.58
C ASP N 250 -33.72 38.39 -34.07
N GLN N 251 -34.95 38.01 -34.40
CA GLN N 251 -35.55 36.82 -33.82
C GLN N 251 -35.26 35.56 -34.61
N ILE N 252 -34.60 35.67 -35.77
CA ILE N 252 -34.30 34.54 -36.62
C ILE N 252 -32.79 34.31 -36.62
N ILE N 253 -32.40 33.04 -36.59
CA ILE N 253 -30.99 32.64 -36.58
C ILE N 253 -30.63 32.16 -37.97
N THR N 254 -29.52 32.67 -38.51
CA THR N 254 -29.12 32.36 -39.87
C THR N 254 -27.70 31.82 -39.91
N THR N 255 -27.46 30.92 -40.86
CA THR N 255 -26.12 30.38 -41.10
C THR N 255 -25.84 30.42 -42.59
N ASN N 256 -24.57 30.64 -42.93
CA ASN N 256 -24.17 30.83 -44.32
C ASN N 256 -24.13 29.54 -45.11
N THR N 257 -23.97 28.39 -44.44
CA THR N 257 -23.89 27.11 -45.14
C THR N 257 -24.77 26.09 -44.45
N MET N 258 -25.20 25.09 -45.21
CA MET N 258 -26.13 24.10 -44.69
C MET N 258 -25.49 23.21 -43.64
N LYS N 259 -24.21 22.90 -43.78
CA LYS N 259 -23.53 22.07 -42.79
C LYS N 259 -23.51 22.74 -41.42
N LYS N 260 -23.16 24.03 -41.40
CA LYS N 260 -23.18 24.78 -40.14
C LYS N 260 -24.58 24.85 -39.57
N GLY N 261 -25.58 25.06 -40.43
CA GLY N 261 -26.95 25.10 -39.95
C GLY N 261 -27.37 23.79 -39.31
N MET N 262 -27.05 22.68 -39.95
CA MET N 262 -27.42 21.38 -39.41
C MET N 262 -26.70 21.10 -38.09
N GLU N 263 -25.40 21.41 -38.02
CA GLU N 263 -24.68 21.12 -36.78
C GLU N 263 -25.15 22.02 -35.65
N ARG N 264 -25.50 23.27 -35.94
CA ARG N 264 -26.02 24.14 -34.89
C ARG N 264 -27.42 23.74 -34.46
N ALA N 265 -28.24 23.26 -35.40
CA ALA N 265 -29.55 22.74 -35.03
C ALA N 265 -29.41 21.53 -34.12
N LEU N 266 -28.46 20.65 -34.42
CA LEU N 266 -28.18 19.53 -33.51
C LEU N 266 -27.62 20.03 -32.18
N ALA N 267 -26.89 21.14 -32.20
CA ALA N 267 -26.39 21.71 -30.95
C ALA N 267 -27.52 22.21 -30.08
N LEU N 268 -28.54 22.84 -30.67
CA LEU N 268 -29.69 23.30 -29.89
C LEU N 268 -30.39 22.12 -29.22
N THR N 269 -30.59 21.03 -29.96
CA THR N 269 -31.10 19.80 -29.38
C THR N 269 -29.93 18.86 -29.09
N ASN N 270 -29.21 19.21 -28.02
CA ASN N 270 -27.90 18.60 -27.77
C ASN N 270 -27.97 17.08 -27.67
N ARG N 271 -29.10 16.54 -27.22
CA ARG N 271 -29.24 15.09 -27.13
C ARG N 271 -29.31 14.43 -28.50
N GLU N 272 -29.46 15.19 -29.58
CA GLU N 272 -29.53 14.66 -30.93
C GLU N 272 -28.22 14.81 -31.70
N ILE N 273 -27.12 15.07 -30.99
CA ILE N 273 -25.83 15.22 -31.68
C ILE N 273 -25.40 13.91 -32.31
N VAL N 274 -25.69 12.78 -31.66
CA VAL N 274 -25.33 11.48 -32.19
C VAL N 274 -26.37 11.01 -33.21
N MET O 1 -56.25 51.90 -99.45
CA MET O 1 -56.60 53.15 -98.79
C MET O 1 -57.29 52.90 -97.45
N TYR O 2 -57.08 53.81 -96.50
CA TYR O 2 -57.60 53.68 -95.15
C TYR O 2 -58.52 54.82 -94.73
N LYS O 3 -58.61 55.90 -95.51
CA LYS O 3 -59.43 57.04 -95.11
C LYS O 3 -60.92 56.74 -95.32
N ASP O 4 -61.30 56.45 -96.57
CA ASP O 4 -62.70 56.11 -96.84
C ASP O 4 -63.10 54.81 -96.16
N PHE O 5 -62.13 53.92 -95.91
CA PHE O 5 -62.43 52.72 -95.15
C PHE O 5 -62.86 53.09 -93.73
N ALA O 6 -62.19 54.06 -93.11
CA ALA O 6 -62.63 54.55 -91.80
C ALA O 6 -63.97 55.26 -91.91
N ASN O 7 -64.19 56.00 -93.00
CA ASN O 7 -65.46 56.69 -93.20
C ASN O 7 -66.62 55.69 -93.28
N PHE O 8 -66.38 54.49 -93.80
CA PHE O 8 -67.40 53.45 -93.78
C PHE O 8 -67.40 52.65 -92.48
N ILE O 9 -66.26 52.57 -91.80
CA ILE O 9 -66.21 51.98 -90.46
C ILE O 9 -67.06 52.80 -89.49
N ARG O 10 -67.27 54.08 -89.77
CA ARG O 10 -68.11 54.90 -88.92
C ARG O 10 -69.54 54.35 -88.80
N THR O 11 -69.98 53.52 -89.75
CA THR O 11 -71.24 52.78 -89.63
C THR O 11 -71.03 51.28 -89.46
N ASN O 12 -69.91 50.75 -89.95
CA ASN O 12 -69.58 49.36 -89.66
C ASN O 12 -69.42 49.13 -88.16
N LYS O 13 -69.17 50.18 -87.38
CA LYS O 13 -69.12 50.01 -85.92
C LYS O 13 -70.49 49.67 -85.35
N LYS O 14 -71.54 50.36 -85.80
CA LYS O 14 -72.89 50.00 -85.41
C LYS O 14 -73.27 48.62 -85.94
N ASP O 15 -72.83 48.31 -87.17
CA ASP O 15 -73.04 46.97 -87.71
C ASP O 15 -72.40 45.92 -86.81
N LEU O 16 -71.19 46.19 -86.31
CA LEU O 16 -70.51 45.24 -85.44
C LEU O 16 -71.13 45.20 -84.05
N LEU O 17 -71.74 46.29 -83.61
CA LEU O 17 -72.49 46.24 -82.35
C LEU O 17 -73.70 45.33 -82.48
N ASN O 18 -74.42 45.43 -83.60
CA ASN O 18 -75.48 44.45 -83.89
C ASN O 18 -74.90 43.04 -83.96
N ASN O 19 -73.71 42.90 -84.53
CA ASN O 19 -73.06 41.60 -84.58
C ASN O 19 -72.77 41.06 -83.18
N TRP O 20 -72.31 41.93 -82.28
CA TRP O 20 -72.01 41.51 -80.91
C TRP O 20 -73.28 41.08 -80.19
N MET O 21 -74.37 41.84 -80.35
CA MET O 21 -75.61 41.43 -79.68
C MET O 21 -76.19 40.16 -80.30
N ASN O 22 -75.87 39.88 -81.57
CA ASN O 22 -76.29 38.62 -82.16
C ASN O 22 -75.41 37.46 -81.69
N GLU O 23 -74.12 37.70 -81.48
CA GLU O 23 -73.18 36.62 -81.18
C GLU O 23 -73.15 36.28 -79.69
N MET O 24 -73.44 37.25 -78.81
CA MET O 24 -73.33 37.02 -77.38
C MET O 24 -74.29 35.92 -76.91
N GLU O 25 -75.39 35.72 -77.63
CA GLU O 25 -76.38 34.74 -77.20
C GLU O 25 -75.86 33.32 -77.29
N LYS O 26 -75.10 32.99 -78.35
CA LYS O 26 -74.79 31.60 -78.63
C LYS O 26 -73.75 31.02 -77.67
N GLN O 27 -72.80 31.82 -77.22
CA GLN O 27 -71.67 31.31 -76.45
C GLN O 27 -71.56 32.04 -75.12
N SER O 28 -71.64 31.29 -74.02
CA SER O 28 -71.34 31.76 -72.66
C SER O 28 -72.05 33.08 -72.35
N ASP O 29 -73.39 33.03 -72.45
CA ASP O 29 -74.17 34.22 -72.13
C ASP O 29 -73.98 34.69 -70.69
N PRO O 30 -74.16 33.84 -69.66
CA PRO O 30 -73.97 34.34 -68.29
C PRO O 30 -72.55 34.82 -68.01
N LEU O 31 -71.55 34.10 -68.52
CA LEU O 31 -70.16 34.48 -68.27
C LEU O 31 -69.84 35.84 -68.88
N ILE O 32 -70.21 36.03 -70.15
CA ILE O 32 -69.94 37.29 -70.82
C ILE O 32 -70.70 38.43 -70.14
N ASN O 33 -71.96 38.18 -69.76
CA ASN O 33 -72.73 39.22 -69.10
C ASN O 33 -72.13 39.60 -67.75
N ASP O 34 -71.63 38.60 -67.00
CA ASP O 34 -71.12 38.86 -65.66
C ASP O 34 -69.75 39.53 -65.69
N ILE O 35 -68.85 39.10 -66.57
CA ILE O 35 -67.48 39.60 -66.50
C ILE O 35 -67.40 41.07 -66.87
N ALA O 36 -68.14 41.49 -67.90
CA ALA O 36 -68.11 42.87 -68.35
C ALA O 36 -69.49 43.26 -68.86
N LYS O 37 -69.87 44.51 -68.61
CA LYS O 37 -71.16 45.01 -69.06
C LYS O 37 -71.14 45.24 -70.57
N GLU O 38 -72.33 45.23 -71.16
CA GLU O 38 -72.45 45.38 -72.60
C GLU O 38 -71.91 46.71 -73.13
N PRO O 39 -72.25 47.87 -72.55
CA PRO O 39 -71.71 49.12 -73.11
C PRO O 39 -70.19 49.21 -73.12
N MET O 40 -69.53 48.70 -72.08
CA MET O 40 -68.07 48.77 -72.04
C MET O 40 -67.44 47.87 -73.09
N TYR O 41 -67.98 46.67 -73.26
CA TYR O 41 -67.49 45.79 -74.33
C TYR O 41 -67.74 46.40 -75.69
N GLU O 42 -68.89 47.03 -75.89
CA GLU O 42 -69.20 47.67 -77.17
C GLU O 42 -68.23 48.81 -77.46
N GLU O 43 -67.94 49.65 -76.46
CA GLU O 43 -67.03 50.77 -76.70
C GLU O 43 -65.60 50.27 -76.92
N THR O 44 -65.20 49.22 -76.22
CA THR O 44 -63.89 48.62 -76.49
C THR O 44 -63.82 48.09 -77.92
N SER O 45 -64.89 47.45 -78.38
CA SER O 45 -64.90 46.92 -79.75
C SER O 45 -64.84 48.03 -80.78
N ILE O 46 -65.61 49.11 -80.57
CA ILE O 46 -65.58 50.20 -81.54
C ILE O 46 -64.23 50.91 -81.53
N GLU O 47 -63.59 51.01 -80.36
CA GLU O 47 -62.23 51.56 -80.31
C GLU O 47 -61.25 50.66 -81.05
N PHE O 48 -61.43 49.34 -80.94
CA PHE O 48 -60.53 48.41 -81.62
C PHE O 48 -60.74 48.46 -83.14
N VAL O 49 -61.96 48.71 -83.60
CA VAL O 49 -62.25 48.63 -85.03
C VAL O 49 -62.24 49.96 -85.74
N ASP O 50 -62.20 51.09 -85.02
CA ASP O 50 -62.34 52.39 -85.67
C ASP O 50 -61.01 53.06 -85.97
N LEU O 51 -60.01 52.92 -85.08
CA LEU O 51 -58.72 53.58 -85.26
C LEU O 51 -57.68 52.68 -85.93
N ILE O 52 -58.09 51.49 -86.39
CA ILE O 52 -57.16 50.60 -87.08
C ILE O 52 -56.72 51.22 -88.41
N VAL O 53 -57.62 51.91 -89.09
CA VAL O 53 -57.33 52.45 -90.41
C VAL O 53 -57.28 53.97 -90.36
N SER O 54 -56.92 54.51 -89.19
CA SER O 54 -56.77 55.96 -89.04
C SER O 54 -55.39 56.45 -89.47
N ASN O 55 -54.48 55.56 -89.84
CA ASN O 55 -53.17 55.93 -90.33
C ASN O 55 -53.21 56.13 -91.85
N ILE O 56 -52.10 56.60 -92.40
CA ILE O 56 -52.03 56.91 -93.83
C ILE O 56 -51.57 55.63 -94.53
N THR O 57 -52.52 54.71 -94.72
CA THR O 57 -52.44 53.60 -95.67
C THR O 57 -51.27 52.64 -95.45
N GLU O 58 -50.45 52.84 -94.42
CA GLU O 58 -49.28 51.98 -94.22
C GLU O 58 -49.35 51.17 -92.93
N ASN O 59 -49.40 51.82 -91.76
CA ASN O 59 -49.35 51.14 -90.48
C ASN O 59 -49.43 52.19 -89.38
N GLY O 60 -49.52 51.70 -88.14
CA GLY O 60 -49.47 52.56 -86.97
C GLY O 60 -48.86 51.88 -85.78
N SER O 61 -47.82 52.49 -85.19
CA SER O 61 -47.16 51.87 -84.05
C SER O 61 -48.00 52.00 -82.78
N LYS O 62 -48.62 53.15 -82.57
CA LYS O 62 -49.45 53.33 -81.38
C LYS O 62 -50.64 52.38 -81.39
N PHE O 63 -51.30 52.22 -82.54
CA PHE O 63 -52.38 51.26 -82.62
C PHE O 63 -51.88 49.83 -82.61
N ASN O 64 -50.63 49.59 -83.03
CA ASN O 64 -50.05 48.25 -82.85
C ASN O 64 -49.93 47.92 -81.37
N GLU O 65 -49.45 48.87 -80.57
CA GLU O 65 -49.37 48.66 -79.12
C GLU O 65 -50.76 48.51 -78.51
N LYS O 66 -51.73 49.29 -78.99
CA LYS O 66 -53.10 49.14 -78.52
C LYS O 66 -53.68 47.78 -78.89
N LEU O 67 -53.32 47.26 -80.06
CA LEU O 67 -53.79 45.94 -80.46
C LEU O 67 -53.15 44.85 -79.60
N ASP O 68 -51.88 45.01 -79.26
CA ASP O 68 -51.25 44.07 -78.33
C ASP O 68 -51.95 44.11 -76.97
N ASP O 69 -52.28 45.31 -76.49
CA ASP O 69 -53.01 45.46 -75.24
C ASP O 69 -54.37 44.80 -75.32
N PHE O 70 -55.07 44.97 -76.45
CA PHE O 70 -56.37 44.32 -76.63
C PHE O 70 -56.22 42.80 -76.64
N ALA O 71 -55.18 42.29 -77.29
CA ALA O 71 -54.96 40.86 -77.33
C ALA O 71 -54.72 40.29 -75.93
N GLU O 72 -53.88 40.96 -75.14
CA GLU O 72 -53.64 40.46 -73.78
C GLU O 72 -54.88 40.62 -72.91
N LYS O 73 -55.65 41.68 -73.10
CA LYS O 73 -56.88 41.88 -72.34
C LYS O 73 -57.90 40.79 -72.65
N VAL O 74 -58.05 40.42 -73.92
CA VAL O 74 -59.00 39.36 -74.26
C VAL O 74 -58.46 37.97 -73.92
N VAL O 75 -57.13 37.82 -73.83
CA VAL O 75 -56.58 36.56 -73.33
C VAL O 75 -56.92 36.39 -71.84
N HIS O 76 -56.69 37.45 -71.05
CA HIS O 76 -57.01 37.38 -69.63
C HIS O 76 -58.52 37.33 -69.40
N LEU O 77 -59.31 37.92 -70.29
CA LEU O 77 -60.75 38.01 -70.10
C LEU O 77 -61.46 36.68 -70.35
N GLY O 78 -60.83 35.76 -71.09
CA GLY O 78 -61.45 34.49 -71.37
C GLY O 78 -61.93 34.34 -72.80
N TRP O 79 -61.16 34.88 -73.75
CA TRP O 79 -61.49 34.80 -75.17
C TRP O 79 -60.29 34.21 -75.90
N PRO O 80 -60.18 32.88 -75.95
CA PRO O 80 -59.05 32.25 -76.64
C PRO O 80 -59.18 32.36 -78.15
N ILE O 81 -58.28 31.69 -78.88
CA ILE O 81 -58.27 31.80 -80.34
C ILE O 81 -59.59 31.33 -80.94
N HIS O 82 -60.24 30.35 -80.32
CA HIS O 82 -61.53 29.87 -80.83
C HIS O 82 -62.60 30.95 -80.74
N PHE O 83 -62.65 31.67 -79.61
CA PHE O 83 -63.65 32.72 -79.46
C PHE O 83 -63.39 33.88 -80.42
N VAL O 84 -62.12 34.25 -80.61
CA VAL O 84 -61.80 35.30 -81.57
C VAL O 84 -62.11 34.84 -83.00
N THR O 85 -61.94 33.54 -83.28
CA THR O 85 -62.30 33.03 -84.60
C THR O 85 -63.81 33.07 -84.83
N THR O 86 -64.60 32.72 -83.81
CA THR O 86 -66.05 32.89 -83.91
C THR O 86 -66.40 34.36 -84.11
N GLY O 87 -65.68 35.25 -83.41
CA GLY O 87 -65.89 36.68 -83.61
C GLY O 87 -65.60 37.11 -85.03
N LEU O 88 -64.52 36.59 -85.62
CA LEU O 88 -64.20 36.91 -87.01
C LEU O 88 -65.28 36.38 -87.97
N ARG O 89 -65.77 35.17 -87.71
CA ARG O 89 -66.82 34.60 -88.55
C ARG O 89 -68.08 35.45 -88.50
N VAL O 90 -68.50 35.86 -87.31
CA VAL O 90 -69.70 36.69 -87.21
C VAL O 90 -69.42 38.09 -87.74
N PHE O 91 -68.18 38.58 -87.63
CA PHE O 91 -67.79 39.83 -88.28
C PHE O 91 -68.05 39.75 -89.78
N GLY O 92 -67.58 38.68 -90.41
CA GLY O 92 -67.82 38.50 -91.83
C GLY O 92 -69.30 38.39 -92.16
N LEU O 93 -70.05 37.66 -91.33
CA LEU O 93 -71.49 37.52 -91.56
C LEU O 93 -72.18 38.88 -91.56
N LEU O 94 -71.94 39.68 -90.53
CA LEU O 94 -72.63 40.96 -90.44
C LEU O 94 -72.10 41.97 -91.43
N VAL O 95 -70.83 41.86 -91.83
CA VAL O 95 -70.31 42.71 -92.90
C VAL O 95 -71.02 42.38 -94.21
N TYR O 96 -71.24 41.10 -94.48
CA TYR O 96 -71.99 40.71 -95.67
C TYR O 96 -73.42 41.23 -95.62
N THR O 97 -74.07 41.12 -94.46
CA THR O 97 -75.43 41.64 -94.34
C THR O 97 -75.48 43.15 -94.56
N ALA O 98 -74.52 43.88 -93.98
CA ALA O 98 -74.48 45.33 -94.17
C ALA O 98 -74.20 45.69 -95.62
N MET O 99 -73.33 44.93 -96.28
CA MET O 99 -73.09 45.13 -97.71
C MET O 99 -74.38 44.96 -98.50
N ARG O 100 -75.17 43.94 -98.16
CA ARG O 100 -76.46 43.75 -98.81
C ARG O 100 -77.38 44.93 -98.55
N ASP O 101 -77.38 45.45 -97.32
CA ASP O 101 -78.28 46.53 -96.94
C ASP O 101 -77.73 47.92 -97.27
N GLU O 102 -76.57 48.26 -96.70
CA GLU O 102 -76.05 49.61 -96.84
C GLU O 102 -75.67 49.92 -98.28
N ASP O 103 -74.87 49.05 -98.90
CA ASP O 103 -74.45 49.18 -100.29
C ASP O 103 -73.77 50.53 -100.54
N LEU O 104 -72.75 50.82 -99.73
CA LEU O 104 -71.96 52.05 -99.86
C LEU O 104 -70.49 51.65 -99.79
N PHE O 105 -69.86 51.49 -100.96
CA PHE O 105 -68.51 50.98 -101.03
C PHE O 105 -67.51 52.14 -101.02
N LEU O 106 -66.22 51.83 -101.23
CA LEU O 106 -65.18 52.83 -101.10
C LEU O 106 -65.15 53.78 -102.28
N LYS O 107 -64.89 53.26 -103.48
CA LYS O 107 -64.75 54.11 -104.66
C LYS O 107 -66.11 54.56 -105.15
N ARG O 108 -66.18 55.83 -105.55
CA ARG O 108 -67.44 56.41 -106.05
C ARG O 108 -67.72 55.90 -107.45
N GLU O 109 -68.83 55.20 -107.61
CA GLU O 109 -69.24 54.68 -108.92
C GLU O 109 -70.72 54.33 -108.84
N GLU O 110 -71.40 54.44 -109.99
CA GLU O 110 -72.82 54.10 -110.05
C GLU O 110 -73.06 52.64 -109.72
N LYS O 111 -72.06 51.78 -109.96
CA LYS O 111 -72.15 50.36 -109.60
C LYS O 111 -70.74 49.84 -109.39
N PRO O 112 -70.27 49.84 -108.14
CA PRO O 112 -68.90 49.38 -107.86
C PRO O 112 -68.76 47.89 -108.14
N GLU O 113 -67.50 47.46 -108.20
CA GLU O 113 -67.16 46.11 -108.64
C GLU O 113 -66.51 45.35 -107.49
N ASP O 114 -66.01 44.15 -107.81
CA ASP O 114 -65.49 43.22 -106.81
C ASP O 114 -64.22 43.71 -106.12
N ASP O 115 -63.58 44.76 -106.64
CA ASP O 115 -62.31 45.23 -106.10
C ASP O 115 -62.42 45.56 -104.62
N ALA O 116 -63.20 46.58 -104.28
CA ALA O 116 -63.41 46.91 -102.86
C ALA O 116 -64.19 45.83 -102.15
N TYR O 117 -65.10 45.15 -102.86
CA TYR O 117 -65.88 44.08 -102.27
C TYR O 117 -65.00 43.03 -101.62
N TYR O 118 -63.84 42.75 -102.21
CA TYR O 118 -62.91 41.82 -101.59
C TYR O 118 -61.77 42.50 -100.85
N ARG O 119 -61.49 43.77 -101.12
CA ARG O 119 -60.52 44.49 -100.31
C ARG O 119 -60.99 44.61 -98.87
N PHE O 120 -62.32 44.69 -98.67
CA PHE O 120 -62.86 44.64 -97.32
C PHE O 120 -62.45 43.36 -96.60
N GLU O 121 -62.61 42.22 -97.26
CA GLU O 121 -62.25 40.94 -96.65
C GLU O 121 -60.75 40.82 -96.44
N THR O 122 -59.95 41.35 -97.38
CA THR O 122 -58.50 41.31 -97.20
C THR O 122 -58.08 42.13 -95.98
N TRP O 123 -58.68 43.32 -95.79
CA TRP O 123 -58.36 44.12 -94.62
C TRP O 123 -58.83 43.45 -93.34
N LEU O 124 -59.98 42.78 -93.39
CA LEU O 124 -60.44 42.00 -92.24
C LEU O 124 -59.43 40.90 -91.88
N SER O 125 -58.93 40.18 -92.90
CA SER O 125 -57.96 39.13 -92.66
C SER O 125 -56.65 39.70 -92.13
N SER O 126 -56.26 40.89 -92.59
CA SER O 126 -55.04 41.52 -92.10
C SER O 126 -55.19 41.88 -90.62
N MET O 127 -56.34 42.45 -90.23
CA MET O 127 -56.57 42.76 -88.83
C MET O 127 -56.56 41.50 -87.97
N TYR O 128 -57.18 40.42 -88.46
CA TYR O 128 -57.18 39.18 -87.69
C TYR O 128 -55.78 38.59 -87.60
N ASN O 129 -54.98 38.72 -88.65
CA ASN O 129 -53.59 38.25 -88.61
C ASN O 129 -52.79 39.03 -87.57
N LYS O 130 -52.97 40.35 -87.52
CA LYS O 130 -52.28 41.13 -86.50
C LYS O 130 -52.73 40.73 -85.10
N VAL O 131 -54.03 40.50 -84.93
CA VAL O 131 -54.56 40.12 -83.61
C VAL O 131 -53.97 38.79 -83.16
N VAL O 132 -53.95 37.80 -84.05
CA VAL O 132 -53.41 36.49 -83.66
C VAL O 132 -51.89 36.56 -83.48
N THR O 133 -51.22 37.46 -84.21
CA THR O 133 -49.78 37.64 -83.99
C THR O 133 -49.51 38.19 -82.59
N ALA O 134 -50.31 39.15 -82.15
CA ALA O 134 -50.18 39.66 -80.79
C ALA O 134 -50.73 38.71 -79.73
N TYR O 135 -51.54 37.74 -80.14
CA TYR O 135 -52.22 36.85 -79.19
C TYR O 135 -51.24 35.95 -78.44
N ALA O 136 -50.33 35.31 -79.17
CA ALA O 136 -49.57 34.18 -78.63
C ALA O 136 -48.27 34.58 -77.95
N ASP O 137 -47.88 35.86 -77.98
CA ASP O 137 -46.58 36.25 -77.44
C ASP O 137 -46.49 35.98 -75.94
N THR O 138 -47.46 36.47 -75.18
CA THR O 138 -47.43 36.29 -73.73
C THR O 138 -47.55 34.82 -73.35
N TRP O 139 -48.39 34.07 -74.07
CA TRP O 139 -48.53 32.65 -73.79
C TRP O 139 -47.23 31.90 -74.03
N GLU O 140 -46.53 32.21 -75.13
CA GLU O 140 -45.25 31.56 -75.38
C GLU O 140 -44.22 31.95 -74.34
N LYS O 141 -44.21 33.22 -73.92
CA LYS O 141 -43.26 33.66 -72.90
C LYS O 141 -43.50 32.94 -71.57
N THR O 142 -44.77 32.83 -71.16
CA THR O 142 -45.03 32.16 -69.88
C THR O 142 -44.78 30.66 -69.98
N VAL O 143 -45.04 30.05 -71.14
CA VAL O 143 -44.69 28.65 -71.32
C VAL O 143 -43.18 28.46 -71.21
N SER O 144 -42.40 29.36 -71.81
CA SER O 144 -40.95 29.25 -71.73
C SER O 144 -40.45 29.40 -70.30
N ILE O 145 -40.98 30.37 -69.55
CA ILE O 145 -40.50 30.58 -68.19
C ILE O 145 -40.93 29.41 -67.30
N GLN O 146 -42.12 28.86 -67.51
CA GLN O 146 -42.54 27.69 -66.74
C GLN O 146 -41.68 26.48 -67.07
N LYS O 147 -41.32 26.31 -68.34
CA LYS O 147 -40.43 25.22 -68.73
C LYS O 147 -39.06 25.39 -68.07
N SER O 148 -38.54 26.61 -68.03
CA SER O 148 -37.26 26.85 -67.36
C SER O 148 -37.35 26.55 -65.87
N ALA O 149 -38.46 26.96 -65.24
CA ALA O 149 -38.63 26.70 -63.81
C ALA O 149 -38.69 25.20 -63.52
N LEU O 150 -39.42 24.44 -64.34
CA LEU O 150 -39.49 23.00 -64.14
C LEU O 150 -38.15 22.34 -64.47
N GLN O 151 -37.41 22.90 -65.42
CA GLN O 151 -36.08 22.38 -65.74
C GLN O 151 -35.13 22.56 -64.55
N GLU O 152 -35.21 23.70 -63.89
CA GLU O 152 -34.32 23.97 -62.76
C GLU O 152 -34.75 23.23 -61.49
N LEU O 153 -36.06 23.07 -61.28
CA LEU O 153 -36.58 22.54 -60.02
C LEU O 153 -36.54 21.03 -59.92
N SER O 154 -36.26 20.31 -61.01
CA SER O 154 -36.42 18.86 -60.98
C SER O 154 -35.29 18.17 -60.21
N ALA O 155 -34.10 18.75 -60.18
CA ALA O 155 -32.92 18.11 -59.60
C ALA O 155 -32.24 19.04 -58.61
N PRO O 156 -32.83 19.25 -57.44
CA PRO O 156 -32.17 20.04 -56.40
C PRO O 156 -31.20 19.19 -55.61
N LEU O 157 -29.90 19.38 -55.86
CA LEU O 157 -28.86 18.72 -55.08
C LEU O 157 -28.38 19.59 -53.93
N LEU O 158 -28.87 20.83 -53.84
CA LEU O 158 -28.37 21.76 -52.83
C LEU O 158 -28.42 21.22 -51.40
N PRO O 159 -29.46 20.48 -50.97
CA PRO O 159 -29.40 19.88 -49.63
C PRO O 159 -28.14 19.03 -49.47
N ILE O 160 -27.25 19.46 -48.58
CA ILE O 160 -25.92 18.87 -48.45
C ILE O 160 -25.58 18.79 -46.97
N PHE O 161 -25.07 17.64 -46.54
CA PHE O 161 -24.51 17.47 -45.21
C PHE O 161 -23.01 17.23 -45.33
N GLU O 162 -22.33 17.18 -44.20
CA GLU O 162 -20.90 16.88 -44.19
C GLU O 162 -20.65 15.53 -44.85
N LYS O 163 -19.96 15.53 -45.99
CA LYS O 163 -19.63 14.33 -46.76
C LYS O 163 -20.86 13.60 -47.27
N ILE O 164 -22.02 14.25 -47.25
CA ILE O 164 -23.27 13.65 -47.71
C ILE O 164 -23.96 14.63 -48.65
N SER O 165 -24.54 14.11 -49.73
CA SER O 165 -25.26 14.94 -50.69
C SER O 165 -26.61 14.29 -50.95
N VAL O 166 -27.62 14.71 -50.19
CA VAL O 166 -28.97 14.16 -50.35
C VAL O 166 -29.64 14.84 -51.54
N MET O 167 -30.24 14.04 -52.42
CA MET O 167 -30.88 14.55 -53.63
C MET O 167 -32.34 14.13 -53.66
N PRO O 168 -33.26 15.01 -53.32
CA PRO O 168 -34.68 14.66 -53.39
C PRO O 168 -35.31 14.97 -54.74
N LEU O 169 -36.00 14.01 -55.33
CA LEU O 169 -36.81 14.23 -56.51
C LEU O 169 -38.24 13.80 -56.20
N ILE O 170 -39.21 14.62 -56.57
CA ILE O 170 -40.61 14.38 -56.20
C ILE O 170 -41.56 14.41 -57.39
N GLY O 171 -41.19 15.00 -58.52
CA GLY O 171 -42.10 15.06 -59.65
C GLY O 171 -42.16 13.75 -60.43
N THR O 172 -43.13 13.69 -61.34
CA THR O 172 -43.30 12.54 -62.20
C THR O 172 -42.20 12.54 -63.25
N ILE O 173 -41.27 11.60 -63.15
CA ILE O 173 -40.08 11.61 -63.99
C ILE O 173 -40.41 11.01 -65.34
N ASP O 174 -40.25 11.81 -66.39
CA ASP O 174 -40.37 11.37 -67.77
C ASP O 174 -38.97 11.26 -68.38
N THR O 175 -38.91 11.05 -69.71
CA THR O 175 -37.64 10.95 -70.41
C THR O 175 -36.76 12.17 -70.14
N GLU O 176 -37.31 13.37 -70.38
CA GLU O 176 -36.52 14.58 -70.23
C GLU O 176 -36.10 14.76 -68.77
N ARG O 177 -37.01 14.52 -67.84
CA ARG O 177 -36.67 14.66 -66.42
C ARG O 177 -35.63 13.62 -66.00
N ALA O 178 -35.71 12.41 -66.55
CA ALA O 178 -34.71 11.40 -66.21
C ALA O 178 -33.32 11.81 -66.69
N LYS O 179 -33.22 12.29 -67.93
CA LYS O 179 -31.94 12.76 -68.44
C LYS O 179 -31.42 13.94 -67.62
N LEU O 180 -32.33 14.86 -67.27
CA LEU O 180 -31.94 15.99 -66.44
C LEU O 180 -31.43 15.54 -65.08
N ILE O 181 -32.11 14.55 -64.48
CA ILE O 181 -31.71 14.04 -63.18
C ILE O 181 -30.30 13.46 -63.25
N ILE O 182 -30.05 12.59 -64.22
CA ILE O 182 -28.73 11.95 -64.28
C ILE O 182 -27.65 13.00 -64.54
N GLU O 183 -27.91 13.93 -65.46
CA GLU O 183 -26.91 14.96 -65.75
C GLU O 183 -26.60 15.78 -64.51
N ASN O 184 -27.63 16.32 -63.86
CA ASN O 184 -27.39 17.18 -62.69
C ASN O 184 -26.73 16.41 -61.56
N LEU O 185 -27.16 15.17 -61.32
CA LEU O 185 -26.56 14.40 -60.24
C LEU O 185 -25.08 14.17 -60.49
N LEU O 186 -24.71 13.79 -61.72
CA LEU O 186 -23.30 13.56 -62.00
C LEU O 186 -22.49 14.85 -61.87
N ILE O 187 -23.00 15.94 -62.45
CA ILE O 187 -22.24 17.19 -62.39
C ILE O 187 -22.10 17.67 -60.96
N GLY O 188 -23.16 17.52 -60.15
CA GLY O 188 -23.08 17.95 -58.77
C GLY O 188 -22.12 17.12 -57.95
N VAL O 189 -22.14 15.80 -58.11
CA VAL O 189 -21.20 14.97 -57.36
C VAL O 189 -19.78 15.25 -57.82
N VAL O 190 -19.60 15.65 -59.09
CA VAL O 190 -18.28 16.08 -59.55
C VAL O 190 -17.86 17.36 -58.82
N LYS O 191 -18.74 18.37 -58.84
CA LYS O 191 -18.38 19.67 -58.25
C LYS O 191 -18.21 19.55 -56.74
N ASN O 192 -19.19 18.97 -56.06
CA ASN O 192 -19.15 18.82 -54.61
C ASN O 192 -18.74 17.40 -54.28
N ARG O 193 -17.60 17.26 -53.61
CA ARG O 193 -17.12 15.95 -53.23
C ARG O 193 -18.02 15.35 -52.16
N SER O 194 -18.29 14.05 -52.27
CA SER O 194 -19.20 13.37 -51.35
C SER O 194 -18.82 11.89 -51.31
N GLU O 195 -19.50 11.16 -50.43
CA GLU O 195 -19.27 9.73 -50.31
C GLU O 195 -20.58 8.95 -50.43
N VAL O 196 -21.66 9.52 -49.91
CA VAL O 196 -22.98 8.91 -49.97
C VAL O 196 -23.94 9.90 -50.59
N VAL O 197 -24.71 9.46 -51.58
CA VAL O 197 -25.72 10.28 -52.22
C VAL O 197 -27.06 9.59 -52.02
N LEU O 198 -27.95 10.23 -51.26
CA LEU O 198 -29.29 9.72 -51.02
C LEU O 198 -30.21 10.23 -52.12
N ILE O 199 -30.77 9.31 -52.90
CA ILE O 199 -31.77 9.66 -53.90
C ILE O 199 -33.15 9.40 -53.30
N ASP O 200 -33.92 10.45 -53.08
CA ASP O 200 -35.24 10.35 -52.46
C ASP O 200 -36.26 10.07 -53.56
N ILE O 201 -36.63 8.80 -53.71
CA ILE O 201 -37.62 8.43 -54.71
C ILE O 201 -39.04 8.64 -54.20
N THR O 202 -39.23 8.71 -52.88
CA THR O 202 -40.56 8.91 -52.31
C THR O 202 -41.20 10.17 -52.86
N GLY O 203 -42.29 10.01 -53.59
CA GLY O 203 -42.99 11.16 -54.16
C GLY O 203 -43.44 10.95 -55.59
N VAL O 204 -42.71 10.13 -56.34
CA VAL O 204 -43.02 9.92 -57.75
C VAL O 204 -44.20 8.97 -57.89
N PRO O 205 -45.27 9.37 -58.59
CA PRO O 205 -46.45 8.50 -58.69
C PRO O 205 -46.23 7.26 -59.53
N VAL O 206 -45.73 7.41 -60.76
CA VAL O 206 -45.53 6.26 -61.64
C VAL O 206 -44.16 6.38 -62.30
N VAL O 207 -43.39 5.30 -62.25
CA VAL O 207 -42.12 5.20 -62.96
C VAL O 207 -42.24 4.05 -63.94
N ASP O 208 -42.06 4.33 -65.23
CA ASP O 208 -42.15 3.29 -66.24
C ASP O 208 -40.82 2.53 -66.29
N THR O 209 -40.65 1.70 -67.31
CA THR O 209 -39.47 0.84 -67.38
C THR O 209 -38.20 1.66 -67.57
N MET O 210 -38.20 2.57 -68.54
CA MET O 210 -36.95 3.23 -68.92
C MET O 210 -36.49 4.21 -67.85
N VAL O 211 -37.43 4.89 -67.17
CA VAL O 211 -37.05 5.79 -66.09
C VAL O 211 -36.40 5.01 -64.95
N ALA O 212 -36.96 3.86 -64.60
CA ALA O 212 -36.34 3.02 -63.58
C ALA O 212 -34.96 2.54 -64.03
N HIS O 213 -34.84 2.18 -65.32
CA HIS O 213 -33.54 1.75 -65.83
C HIS O 213 -32.51 2.87 -65.72
N HIS O 214 -32.90 4.10 -66.06
CA HIS O 214 -31.97 5.21 -65.97
C HIS O 214 -31.66 5.57 -64.53
N ILE O 215 -32.60 5.37 -63.61
CA ILE O 215 -32.31 5.61 -62.19
C ILE O 215 -31.29 4.60 -61.68
N ILE O 216 -31.46 3.33 -62.06
CA ILE O 216 -30.49 2.32 -61.65
C ILE O 216 -29.13 2.59 -62.28
N GLN O 217 -29.11 3.03 -63.54
CA GLN O 217 -27.85 3.41 -64.16
C GLN O 217 -27.23 4.62 -63.49
N ALA O 218 -28.05 5.55 -63.00
CA ALA O 218 -27.54 6.67 -62.23
C ALA O 218 -26.87 6.19 -60.95
N SER O 219 -27.51 5.24 -60.26
CA SER O 219 -26.91 4.67 -59.06
C SER O 219 -25.58 4.00 -59.38
N GLU O 220 -25.55 3.22 -60.47
CA GLU O 220 -24.31 2.54 -60.83
C GLU O 220 -23.22 3.52 -61.23
N ALA O 221 -23.58 4.58 -61.95
CA ALA O 221 -22.58 5.59 -62.33
C ALA O 221 -22.04 6.31 -61.10
N VAL O 222 -22.91 6.63 -60.15
CA VAL O 222 -22.45 7.28 -58.92
C VAL O 222 -21.52 6.35 -58.16
N ARG O 223 -21.84 5.05 -58.13
CA ARG O 223 -20.92 4.09 -57.53
C ARG O 223 -19.59 4.07 -58.27
N LEU O 224 -19.63 4.17 -59.60
CA LEU O 224 -18.42 4.14 -60.40
C LEU O 224 -17.56 5.38 -60.21
N VAL O 225 -18.17 6.52 -59.89
CA VAL O 225 -17.37 7.69 -59.58
C VAL O 225 -16.63 7.49 -58.25
N GLY O 226 -17.23 6.75 -57.33
CA GLY O 226 -16.59 6.48 -56.05
C GLY O 226 -17.43 6.87 -54.86
N CYS O 227 -18.74 6.93 -55.04
CA CYS O 227 -19.67 7.32 -54.00
C CYS O 227 -20.80 6.32 -53.92
N GLN O 228 -21.08 5.81 -52.72
CA GLN O 228 -22.20 4.90 -52.53
C GLN O 228 -23.51 5.61 -52.80
N ALA O 229 -24.40 4.94 -53.52
CA ALA O 229 -25.71 5.49 -53.88
C ALA O 229 -26.77 4.72 -53.11
N MET O 230 -27.37 5.37 -52.12
CA MET O 230 -28.42 4.78 -51.31
C MET O 230 -29.76 5.26 -51.86
N LEU O 231 -30.43 4.39 -52.62
CA LEU O 231 -31.75 4.70 -53.17
C LEU O 231 -32.76 4.57 -52.04
N VAL O 232 -33.19 5.69 -51.47
CA VAL O 232 -33.95 5.71 -50.24
C VAL O 232 -35.43 5.95 -50.54
N GLY O 233 -36.28 5.31 -49.76
CA GLY O 233 -37.71 5.55 -49.81
C GLY O 233 -38.42 5.13 -51.08
N ILE O 234 -38.08 3.95 -51.60
CA ILE O 234 -38.78 3.44 -52.78
C ILE O 234 -40.16 2.95 -52.37
N ARG O 235 -41.12 3.12 -53.30
CA ARG O 235 -42.54 2.77 -53.05
C ARG O 235 -42.93 1.48 -53.81
N PRO O 236 -43.81 0.57 -53.31
CA PRO O 236 -44.08 -0.74 -53.95
C PRO O 236 -44.38 -0.73 -55.44
N GLU O 237 -45.06 0.30 -55.97
CA GLU O 237 -45.27 0.33 -57.42
C GLU O 237 -43.95 0.47 -58.17
N ILE O 238 -43.07 1.34 -57.68
CA ILE O 238 -41.77 1.50 -58.30
C ILE O 238 -40.96 0.22 -58.17
N ALA O 239 -41.11 -0.48 -57.04
CA ALA O 239 -40.48 -1.78 -56.90
C ALA O 239 -41.03 -2.77 -57.92
N GLN O 240 -42.35 -2.73 -58.14
CA GLN O 240 -42.98 -3.54 -59.17
C GLN O 240 -42.23 -3.36 -60.49
N THR O 241 -42.13 -2.10 -60.92
CA THR O 241 -41.51 -1.81 -62.21
C THR O 241 -40.03 -2.19 -62.22
N ILE O 242 -39.30 -1.88 -61.15
CA ILE O 242 -37.85 -2.10 -61.15
C ILE O 242 -37.53 -3.57 -61.25
N VAL O 243 -38.23 -4.42 -60.49
CA VAL O 243 -37.93 -5.85 -60.58
C VAL O 243 -38.44 -6.41 -61.89
N ASN O 244 -39.57 -5.90 -62.40
CA ASN O 244 -40.07 -6.37 -63.69
C ASN O 244 -39.14 -5.98 -64.82
N LEU O 245 -38.26 -5.00 -64.60
CA LEU O 245 -37.21 -4.71 -65.57
C LEU O 245 -36.27 -5.89 -65.72
N GLY O 246 -36.09 -6.67 -64.65
CA GLY O 246 -35.28 -7.87 -64.71
C GLY O 246 -33.80 -7.69 -64.53
N ILE O 247 -33.34 -6.47 -64.27
CA ILE O 247 -31.91 -6.21 -64.08
C ILE O 247 -31.48 -6.75 -62.72
N GLU O 248 -30.17 -6.85 -62.51
CA GLU O 248 -29.66 -7.26 -61.21
C GLU O 248 -29.94 -6.19 -60.17
N LEU O 249 -30.41 -6.62 -58.99
CA LEU O 249 -30.87 -5.72 -57.94
C LEU O 249 -30.22 -6.07 -56.62
N ASP O 250 -28.90 -6.26 -56.62
CA ASP O 250 -28.14 -6.47 -55.40
C ASP O 250 -27.12 -5.39 -55.12
N GLN O 251 -26.66 -4.66 -56.15
CA GLN O 251 -25.68 -3.61 -55.93
C GLN O 251 -26.29 -2.38 -55.29
N ILE O 252 -27.57 -2.12 -55.52
CA ILE O 252 -28.24 -0.97 -54.94
C ILE O 252 -28.61 -1.27 -53.49
N ILE O 253 -28.28 -0.36 -52.59
CA ILE O 253 -28.57 -0.51 -51.18
C ILE O 253 -29.71 0.45 -50.84
N THR O 254 -30.90 -0.09 -50.61
CA THR O 254 -32.08 0.74 -50.40
C THR O 254 -32.30 1.00 -48.92
N THR O 255 -33.40 1.70 -48.62
CA THR O 255 -33.70 2.12 -47.26
C THR O 255 -35.17 2.53 -47.19
N ASN O 256 -35.80 2.24 -46.05
CA ASN O 256 -37.22 2.56 -45.88
C ASN O 256 -37.47 4.06 -46.01
N THR O 257 -36.72 4.86 -45.26
CA THR O 257 -36.93 6.30 -45.26
C THR O 257 -35.64 7.00 -44.86
N MET O 258 -35.57 8.29 -45.18
CA MET O 258 -34.36 9.06 -44.93
C MET O 258 -33.99 9.10 -43.45
N LYS O 259 -34.96 8.91 -42.56
CA LYS O 259 -34.68 8.91 -41.12
C LYS O 259 -33.56 7.93 -40.78
N LYS O 260 -33.65 6.69 -41.28
CA LYS O 260 -32.60 5.72 -41.02
C LYS O 260 -31.58 5.66 -42.15
N GLY O 261 -31.91 6.18 -43.34
CA GLY O 261 -30.91 6.28 -44.38
C GLY O 261 -29.75 7.17 -43.98
N MET O 262 -30.06 8.30 -43.34
CA MET O 262 -29.01 9.20 -42.87
C MET O 262 -28.09 8.50 -41.87
N GLU O 263 -28.67 7.79 -40.89
CA GLU O 263 -27.83 7.15 -39.89
C GLU O 263 -27.05 5.98 -40.47
N ARG O 264 -27.59 5.29 -41.46
CA ARG O 264 -26.83 4.22 -42.09
C ARG O 264 -25.67 4.78 -42.91
N ALA O 265 -25.91 5.89 -43.61
CA ALA O 265 -24.82 6.56 -44.32
C ALA O 265 -23.74 7.02 -43.36
N LEU O 266 -24.14 7.56 -42.21
CA LEU O 266 -23.18 7.91 -41.17
C LEU O 266 -22.46 6.68 -40.65
N ALA O 267 -23.14 5.54 -40.59
CA ALA O 267 -22.49 4.30 -40.19
C ALA O 267 -21.42 3.89 -41.18
N LEU O 268 -21.64 4.14 -42.47
CA LEU O 268 -20.60 3.86 -43.45
C LEU O 268 -19.36 4.70 -43.20
N THR O 269 -19.55 5.99 -42.89
CA THR O 269 -18.45 6.86 -42.48
C THR O 269 -18.26 6.70 -40.97
N ASN O 270 -17.55 5.63 -40.60
CA ASN O 270 -17.56 5.08 -39.25
C ASN O 270 -17.54 6.12 -38.14
N ARG O 271 -16.59 7.05 -38.19
CA ARG O 271 -16.43 8.01 -37.11
C ARG O 271 -17.20 9.31 -37.32
N GLU O 272 -17.99 9.40 -38.38
CA GLU O 272 -18.78 10.60 -38.64
C GLU O 272 -20.13 10.58 -37.95
N ILE O 273 -20.46 9.51 -37.24
CA ILE O 273 -21.75 9.45 -36.56
C ILE O 273 -21.82 10.48 -35.43
N VAL O 274 -20.67 10.85 -34.86
CA VAL O 274 -20.64 11.85 -33.79
C VAL O 274 -20.66 13.24 -34.38
N MET P 1 99.44 44.06 61.68
CA MET P 1 100.86 43.72 61.73
C MET P 1 101.06 42.24 61.45
N TYR P 2 101.20 41.89 60.17
CA TYR P 2 101.38 40.52 59.75
C TYR P 2 102.71 40.25 59.06
N LYS P 3 103.60 41.26 58.98
CA LYS P 3 104.87 41.06 58.30
C LYS P 3 105.72 40.00 59.00
N ASP P 4 106.10 40.27 60.26
CA ASP P 4 106.85 39.26 61.01
C ASP P 4 106.02 38.01 61.23
N PHE P 5 104.69 38.16 61.30
CA PHE P 5 103.82 37.00 61.34
C PHE P 5 103.99 36.14 60.08
N ALA P 6 104.04 36.79 58.91
CA ALA P 6 104.26 36.06 57.67
C ALA P 6 105.65 35.40 57.67
N ASN P 7 106.65 36.11 58.16
CA ASN P 7 108.00 35.54 58.22
C ASN P 7 108.04 34.31 59.13
N PHE P 8 107.34 34.36 60.26
CA PHE P 8 107.30 33.22 61.16
C PHE P 8 106.51 32.06 60.57
N ILE P 9 105.44 32.37 59.84
CA ILE P 9 104.69 31.31 59.17
C ILE P 9 105.53 30.66 58.06
N ARG P 10 106.43 31.43 57.45
CA ARG P 10 107.34 30.86 56.45
C ARG P 10 108.16 29.70 57.02
N THR P 11 108.40 29.70 58.33
CA THR P 11 109.03 28.57 59.01
C THR P 11 108.04 27.61 59.63
N ASN P 12 106.87 28.11 60.05
CA ASN P 12 105.84 27.26 60.65
C ASN P 12 105.12 26.40 59.62
N LYS P 13 105.37 26.61 58.33
CA LYS P 13 104.76 25.73 57.33
C LYS P 13 105.20 24.28 57.51
N LYS P 14 106.49 24.06 57.81
CA LYS P 14 106.97 22.71 58.07
C LYS P 14 106.33 22.13 59.32
N ASP P 15 106.15 22.95 60.36
CA ASP P 15 105.47 22.48 61.57
C ASP P 15 104.03 22.09 61.27
N LEU P 16 103.34 22.87 60.43
CA LEU P 16 101.99 22.54 60.03
C LEU P 16 101.94 21.24 59.23
N LEU P 17 102.93 21.02 58.36
CA LEU P 17 102.98 19.77 57.61
C LEU P 17 103.19 18.58 58.53
N ASN P 18 104.10 18.71 59.49
CA ASN P 18 104.30 17.64 60.48
C ASN P 18 103.03 17.43 61.30
N ASN P 19 102.30 18.51 61.58
CA ASN P 19 101.02 18.40 62.26
C ASN P 19 100.01 17.60 61.44
N TRP P 20 99.99 17.85 60.12
CA TRP P 20 99.13 17.07 59.24
C TRP P 20 99.50 15.59 59.27
N MET P 21 100.80 15.30 59.24
CA MET P 21 101.23 13.90 59.35
C MET P 21 100.81 13.29 60.69
N ASN P 22 100.90 14.07 61.77
CA ASN P 22 100.47 13.56 63.07
C ASN P 22 98.96 13.28 63.09
N GLU P 23 98.17 14.18 62.50
CA GLU P 23 96.72 14.01 62.45
C GLU P 23 96.31 12.92 61.47
N MET P 24 97.22 12.50 60.59
CA MET P 24 96.94 11.39 59.69
C MET P 24 96.55 10.12 60.43
N GLU P 25 97.04 9.93 61.64
CA GLU P 25 96.97 8.64 62.32
C GLU P 25 95.72 8.43 63.16
N LYS P 26 94.96 9.48 63.47
CA LYS P 26 93.91 9.34 64.48
C LYS P 26 92.57 8.89 63.89
N GLN P 27 92.00 9.66 62.97
CA GLN P 27 90.64 9.44 62.50
C GLN P 27 90.63 9.16 61.00
N SER P 28 89.98 8.07 60.61
CA SER P 28 89.72 7.73 59.21
C SER P 28 90.99 7.80 58.37
N ASP P 29 92.05 7.15 58.86
CA ASP P 29 93.33 7.18 58.16
C ASP P 29 93.24 6.61 56.74
N PRO P 30 92.66 5.43 56.49
CA PRO P 30 92.58 4.96 55.10
C PRO P 30 91.76 5.86 54.19
N LEU P 31 90.63 6.38 54.69
CA LEU P 31 89.77 7.21 53.86
C LEU P 31 90.49 8.49 53.44
N ILE P 32 91.10 9.18 54.40
CA ILE P 32 91.79 10.43 54.09
C ILE P 32 93.01 10.16 53.23
N ASN P 33 93.73 9.07 53.50
CA ASN P 33 94.90 8.73 52.69
C ASN P 33 94.49 8.38 51.25
N ASP P 34 93.28 7.89 51.05
CA ASP P 34 92.82 7.56 49.70
C ASP P 34 92.34 8.81 48.96
N ILE P 35 91.53 9.64 49.63
CA ILE P 35 90.95 10.79 48.94
C ILE P 35 92.01 11.83 48.60
N ALA P 36 92.99 12.02 49.48
CA ALA P 36 94.01 13.04 49.29
C ALA P 36 95.35 12.52 49.79
N LYS P 37 96.33 12.47 48.90
CA LYS P 37 97.66 12.02 49.26
C LYS P 37 98.42 13.14 49.96
N GLU P 38 99.61 12.79 50.47
CA GLU P 38 100.39 13.74 51.25
C GLU P 38 100.85 14.96 50.47
N PRO P 39 101.46 14.84 49.27
CA PRO P 39 102.06 16.04 48.65
C PRO P 39 101.05 17.13 48.28
N MET P 40 99.99 16.78 47.56
CA MET P 40 99.04 17.80 47.13
C MET P 40 98.27 18.38 48.31
N TYR P 41 97.97 17.55 49.31
CA TYR P 41 97.34 18.07 50.53
C TYR P 41 98.26 19.06 51.23
N GLU P 42 99.55 18.73 51.33
CA GLU P 42 100.50 19.64 51.97
C GLU P 42 100.60 20.95 51.22
N GLU P 43 100.67 20.89 49.88
CA GLU P 43 100.82 22.13 49.11
C GLU P 43 99.54 22.96 49.18
N THR P 44 98.37 22.33 49.16
CA THR P 44 97.13 23.07 49.33
C THR P 44 97.06 23.72 50.72
N SER P 45 97.50 22.99 51.74
CA SER P 45 97.46 23.54 53.09
C SER P 45 98.40 24.74 53.23
N ILE P 46 99.62 24.63 52.70
CA ILE P 46 100.55 25.75 52.82
C ILE P 46 100.08 26.93 51.99
N GLU P 47 99.48 26.68 50.83
CA GLU P 47 98.92 27.77 50.04
C GLU P 47 97.78 28.45 50.78
N PHE P 48 96.96 27.68 51.48
CA PHE P 48 95.85 28.27 52.23
C PHE P 48 96.33 29.07 53.43
N VAL P 49 97.38 28.60 54.10
CA VAL P 49 97.81 29.24 55.34
C VAL P 49 98.85 30.34 55.14
N ASP P 50 99.50 30.40 53.98
CA ASP P 50 100.55 31.40 53.75
C ASP P 50 100.03 32.65 53.05
N LEU P 51 98.74 32.70 52.71
CA LEU P 51 98.16 33.85 52.04
C LEU P 51 97.48 34.83 53.00
N ILE P 52 96.83 34.32 54.05
CA ILE P 52 96.23 35.20 55.04
C ILE P 52 97.30 35.99 55.77
N VAL P 53 98.46 35.37 56.00
CA VAL P 53 99.55 36.05 56.71
C VAL P 53 100.17 37.15 55.86
N SER P 54 99.91 37.17 54.55
CA SER P 54 100.44 38.19 53.68
C SER P 54 99.52 39.41 53.55
N ASN P 55 98.26 39.30 53.97
CA ASN P 55 97.35 40.43 53.92
C ASN P 55 97.71 41.44 55.02
N ILE P 56 97.37 42.70 54.76
CA ILE P 56 97.71 43.77 55.71
C ILE P 56 96.54 43.89 56.68
N THR P 57 96.52 42.97 57.64
CA THR P 57 95.75 43.08 58.88
C THR P 57 94.25 43.07 58.66
N GLU P 58 93.78 43.09 57.40
CA GLU P 58 92.35 43.22 57.15
C GLU P 58 91.76 42.01 56.45
N ASN P 59 92.20 41.67 55.25
CA ASN P 59 91.62 40.58 54.48
C ASN P 59 92.36 40.48 53.15
N GLY P 60 92.02 39.45 52.38
CA GLY P 60 92.42 39.34 50.99
C GLY P 60 91.26 38.90 50.12
N SER P 61 90.88 39.71 49.14
CA SER P 61 89.72 39.39 48.32
C SER P 61 89.94 38.10 47.53
N LYS P 62 91.07 38.01 46.82
CA LYS P 62 91.42 36.75 46.18
C LYS P 62 91.59 35.64 47.21
N PHE P 63 92.21 35.97 48.35
CA PHE P 63 92.29 35.00 49.43
C PHE P 63 90.91 34.68 50.00
N ASN P 64 89.98 35.63 50.01
CA ASN P 64 88.64 35.33 50.48
C ASN P 64 87.96 34.31 49.56
N GLU P 65 88.09 34.50 48.24
CA GLU P 65 87.52 33.52 47.31
C GLU P 65 88.20 32.16 47.46
N LYS P 66 89.53 32.16 47.59
CA LYS P 66 90.25 30.90 47.78
C LYS P 66 89.88 30.24 49.11
N LEU P 67 89.56 31.03 50.13
CA LEU P 67 89.15 30.47 51.42
C LEU P 67 87.77 29.85 51.32
N ASP P 68 86.85 30.49 50.60
CA ASP P 68 85.55 29.88 50.33
C ASP P 68 85.73 28.56 49.58
N ASP P 69 86.61 28.57 48.56
CA ASP P 69 86.86 27.37 47.78
C ASP P 69 87.46 26.26 48.64
N PHE P 70 88.42 26.61 49.51
CA PHE P 70 89.04 25.62 50.38
C PHE P 70 88.02 25.04 51.37
N ALA P 71 87.16 25.90 51.93
CA ALA P 71 86.15 25.42 52.87
C ALA P 71 85.20 24.45 52.18
N GLU P 72 84.68 24.82 51.01
CA GLU P 72 83.76 23.93 50.32
C GLU P 72 84.46 22.64 49.87
N LYS P 73 85.73 22.75 49.45
CA LYS P 73 86.47 21.58 49.01
C LYS P 73 86.71 20.60 50.16
N VAL P 74 87.08 21.11 51.34
CA VAL P 74 87.28 20.20 52.47
C VAL P 74 85.95 19.62 52.93
N VAL P 75 84.88 20.42 52.90
CA VAL P 75 83.58 19.91 53.33
C VAL P 75 83.11 18.78 52.42
N HIS P 76 83.24 18.96 51.10
CA HIS P 76 82.77 17.96 50.15
C HIS P 76 83.81 16.88 49.85
N LEU P 77 85.03 17.01 50.37
CA LEU P 77 86.10 16.07 50.06
C LEU P 77 86.24 14.95 51.07
N GLY P 78 85.79 15.15 52.30
CA GLY P 78 85.97 14.16 53.35
C GLY P 78 86.47 14.79 54.64
N TRP P 79 86.42 16.12 54.71
CA TRP P 79 86.83 16.87 55.89
C TRP P 79 85.69 17.80 56.29
N PRO P 80 84.64 17.28 56.91
CA PRO P 80 83.53 18.14 57.35
C PRO P 80 83.94 19.06 58.50
N ILE P 81 82.99 19.84 59.02
CA ILE P 81 83.30 20.82 60.05
C ILE P 81 83.92 20.15 61.27
N HIS P 82 83.56 18.89 61.54
CA HIS P 82 84.22 18.14 62.59
C HIS P 82 85.70 17.96 62.29
N PHE P 83 86.03 17.58 61.05
CA PHE P 83 87.43 17.37 60.69
C PHE P 83 88.19 18.69 60.65
N VAL P 84 87.55 19.76 60.19
CA VAL P 84 88.21 21.07 60.21
C VAL P 84 88.45 21.52 61.65
N THR P 85 87.53 21.21 62.56
CA THR P 85 87.74 21.54 63.97
C THR P 85 88.88 20.73 64.57
N THR P 86 88.97 19.45 64.23
CA THR P 86 90.13 18.65 64.65
C THR P 86 91.41 19.24 64.09
N GLY P 87 91.37 19.71 62.85
CA GLY P 87 92.52 20.39 62.27
C GLY P 87 92.90 21.64 63.02
N LEU P 88 91.91 22.43 63.45
CA LEU P 88 92.19 23.61 64.25
C LEU P 88 92.82 23.23 65.59
N ARG P 89 92.30 22.18 66.23
CA ARG P 89 92.86 21.74 67.51
C ARG P 89 94.32 21.29 67.36
N VAL P 90 94.59 20.50 66.31
CA VAL P 90 95.97 20.03 66.12
C VAL P 90 96.87 21.18 65.67
N PHE P 91 96.34 22.15 64.94
CA PHE P 91 97.08 23.39 64.69
C PHE P 91 97.50 24.02 65.99
N GLY P 92 96.55 24.22 66.91
CA GLY P 92 96.89 24.80 68.19
C GLY P 92 97.95 24.01 68.92
N LEU P 93 97.79 22.69 68.96
CA LEU P 93 98.74 21.84 69.68
C LEU P 93 100.15 21.96 69.11
N LEU P 94 100.29 21.75 67.80
CA LEU P 94 101.63 21.68 67.21
C LEU P 94 102.27 23.06 67.12
N VAL P 95 101.48 24.10 66.85
CA VAL P 95 102.03 25.45 66.87
C VAL P 95 102.48 25.82 68.27
N TYR P 96 101.71 25.43 69.30
CA TYR P 96 102.11 25.65 70.68
C TYR P 96 103.43 24.98 70.98
N THR P 97 103.56 23.71 70.61
CA THR P 97 104.81 22.99 70.87
C THR P 97 105.98 23.63 70.12
N ALA P 98 105.76 24.02 68.87
CA ALA P 98 106.83 24.62 68.09
C ALA P 98 107.29 25.95 68.68
N MET P 99 106.35 26.81 69.05
CA MET P 99 106.72 28.11 69.61
C MET P 99 107.25 27.98 71.04
N ARG P 100 106.95 26.89 71.73
CA ARG P 100 107.73 26.55 72.92
C ARG P 100 109.16 26.19 72.54
N ASP P 101 109.34 25.49 71.42
CA ASP P 101 110.67 25.08 70.98
C ASP P 101 111.38 26.18 70.21
N GLU P 102 110.76 26.65 69.12
CA GLU P 102 111.41 27.64 68.26
C GLU P 102 111.63 28.96 68.98
N ASP P 103 110.63 29.41 69.74
CA ASP P 103 110.71 30.67 70.50
C ASP P 103 111.05 31.86 69.59
N LEU P 104 110.34 31.93 68.46
CA LEU P 104 110.48 33.02 67.50
C LEU P 104 109.12 33.72 67.40
N PHE P 105 108.93 34.74 68.23
CA PHE P 105 107.64 35.41 68.35
C PHE P 105 107.63 36.69 67.51
N LEU P 106 106.56 37.46 67.64
CA LEU P 106 106.37 38.64 66.78
C LEU P 106 107.36 39.74 67.14
N LYS P 107 107.30 40.25 68.37
CA LYS P 107 108.17 41.33 68.80
C LYS P 107 109.54 40.76 69.17
N ARG P 108 110.56 41.14 68.42
CA ARG P 108 111.90 40.62 68.64
C ARG P 108 112.44 41.11 69.98
N GLU P 109 113.01 40.18 70.75
CA GLU P 109 113.57 40.49 72.07
C GLU P 109 114.37 39.28 72.51
N GLU P 110 115.11 39.44 73.61
CA GLU P 110 115.80 38.32 74.21
C GLU P 110 114.80 37.26 74.69
N LYS P 111 113.68 37.71 75.26
CA LYS P 111 112.58 36.81 75.61
C LYS P 111 111.27 37.55 75.39
N PRO P 112 110.54 37.23 74.33
CA PRO P 112 109.26 37.90 74.07
C PRO P 112 108.22 37.51 75.12
N GLU P 113 107.28 38.43 75.35
CA GLU P 113 106.26 38.24 76.36
C GLU P 113 105.07 37.47 75.77
N ASP P 114 103.99 37.36 76.55
CA ASP P 114 102.85 36.55 76.17
C ASP P 114 101.79 37.30 75.36
N ASP P 115 101.97 38.61 75.15
CA ASP P 115 100.99 39.37 74.38
C ASP P 115 100.92 38.85 72.95
N ALA P 116 102.06 38.77 72.27
CA ALA P 116 102.08 38.15 70.94
C ALA P 116 101.77 36.67 71.01
N TYR P 117 102.13 36.02 72.13
CA TYR P 117 101.85 34.60 72.32
C TYR P 117 100.35 34.33 72.19
N TYR P 118 99.51 35.22 72.74
CA TYR P 118 98.07 35.05 72.56
C TYR P 118 97.54 35.76 71.31
N ARG P 119 98.27 36.74 70.78
CA ARG P 119 97.86 37.33 69.50
C ARG P 119 97.89 36.28 68.39
N PHE P 120 98.84 35.35 68.46
CA PHE P 120 98.84 34.21 67.53
C PHE P 120 97.52 33.46 67.60
N GLU P 121 97.05 33.15 68.81
CA GLU P 121 95.80 32.41 68.97
C GLU P 121 94.61 33.23 68.48
N THR P 122 94.62 34.54 68.73
CA THR P 122 93.53 35.38 68.26
C THR P 122 93.47 35.38 66.73
N TRP P 123 94.62 35.48 66.07
CA TRP P 123 94.64 35.45 64.62
C TRP P 123 94.18 34.10 64.08
N LEU P 124 94.59 33.00 64.74
CA LEU P 124 94.13 31.69 64.32
C LEU P 124 92.61 31.56 64.47
N SER P 125 92.06 32.09 65.57
CA SER P 125 90.63 32.06 65.78
C SER P 125 89.90 32.88 64.72
N SER P 126 90.45 34.03 64.35
CA SER P 126 89.85 34.84 63.28
C SER P 126 89.88 34.09 61.95
N MET P 127 90.99 33.40 61.66
CA MET P 127 91.06 32.61 60.43
C MET P 127 90.01 31.50 60.43
N TYR P 128 89.84 30.82 61.56
CA TYR P 128 88.80 29.79 61.63
C TYR P 128 87.40 30.38 61.54
N ASN P 129 87.21 31.58 62.06
CA ASN P 129 85.94 32.28 61.89
C ASN P 129 85.66 32.53 60.41
N LYS P 130 86.66 32.98 59.67
CA LYS P 130 86.49 33.17 58.23
C LYS P 130 86.15 31.86 57.54
N VAL P 131 86.83 30.77 57.92
CA VAL P 131 86.60 29.47 57.29
C VAL P 131 85.16 29.01 57.53
N VAL P 132 84.70 29.10 58.78
CA VAL P 132 83.35 28.62 59.08
C VAL P 132 82.30 29.54 58.46
N THR P 133 82.58 30.84 58.37
CA THR P 133 81.66 31.75 57.67
C THR P 133 81.56 31.37 56.20
N ALA P 134 82.69 31.01 55.58
CA ALA P 134 82.66 30.53 54.21
C ALA P 134 81.86 29.24 54.08
N TYR P 135 81.98 28.35 55.07
CA TYR P 135 81.26 27.09 55.01
C TYR P 135 79.74 27.29 55.12
N ALA P 136 79.30 28.14 56.05
CA ALA P 136 77.90 28.11 56.47
C ALA P 136 76.96 28.73 55.44
N ASP P 137 77.42 29.78 54.74
CA ASP P 137 76.51 30.59 53.94
C ASP P 137 75.89 29.79 52.79
N THR P 138 76.74 29.13 51.98
CA THR P 138 76.23 28.37 50.84
C THR P 138 75.40 27.18 51.29
N TRP P 139 75.77 26.57 52.43
CA TRP P 139 74.98 25.46 52.96
C TRP P 139 73.57 25.92 53.32
N GLU P 140 73.47 27.08 53.98
CA GLU P 140 72.15 27.61 54.31
C GLU P 140 71.38 27.99 53.05
N LYS P 141 72.06 28.56 52.06
CA LYS P 141 71.39 28.94 50.82
C LYS P 141 70.83 27.72 50.10
N THR P 142 71.61 26.65 50.00
CA THR P 142 71.11 25.46 49.32
C THR P 142 69.99 24.79 50.11
N VAL P 143 70.06 24.81 51.45
CA VAL P 143 68.95 24.30 52.24
C VAL P 143 67.69 25.11 51.97
N SER P 144 67.82 26.43 51.89
CA SER P 144 66.65 27.29 51.67
C SER P 144 66.04 27.04 50.30
N ILE P 145 66.88 26.99 49.25
CA ILE P 145 66.34 26.79 47.91
C ILE P 145 65.73 25.40 47.78
N GLN P 146 66.30 24.40 48.45
CA GLN P 146 65.77 23.05 48.38
C GLN P 146 64.44 22.95 49.13
N LYS P 147 64.32 23.66 50.26
CA LYS P 147 63.03 23.76 50.94
C LYS P 147 62.00 24.47 50.06
N SER P 148 62.42 25.49 49.32
CA SER P 148 61.51 26.14 48.38
C SER P 148 61.05 25.17 47.29
N ALA P 149 61.96 24.33 46.80
CA ALA P 149 61.60 23.33 45.80
C ALA P 149 60.57 22.34 46.36
N LEU P 150 60.78 21.88 47.59
CA LEU P 150 59.78 21.02 48.22
C LEU P 150 58.46 21.76 48.46
N GLN P 151 58.53 23.08 48.68
CA GLN P 151 57.31 23.86 48.83
C GLN P 151 56.51 23.89 47.53
N GLU P 152 57.18 24.12 46.40
CA GLU P 152 56.48 24.23 45.13
C GLU P 152 56.02 22.88 44.60
N LEU P 153 56.70 21.80 44.98
CA LEU P 153 56.35 20.45 44.53
C LEU P 153 55.30 19.78 45.40
N SER P 154 54.56 20.56 46.20
CA SER P 154 53.68 19.96 47.21
C SER P 154 52.35 19.51 46.59
N ALA P 155 51.58 20.44 46.07
CA ALA P 155 50.22 20.16 45.58
C ALA P 155 50.07 20.73 44.17
N PRO P 156 50.56 20.02 43.17
CA PRO P 156 50.46 20.50 41.79
C PRO P 156 49.07 20.25 41.21
N LEU P 157 48.31 21.32 41.04
CA LEU P 157 47.00 21.25 40.40
C LEU P 157 47.11 21.33 38.88
N LEU P 158 48.32 21.41 38.35
CA LEU P 158 48.52 21.51 36.91
C LEU P 158 47.82 20.43 36.10
N PRO P 159 47.84 19.13 36.50
CA PRO P 159 47.07 18.14 35.73
C PRO P 159 45.60 18.53 35.63
N ILE P 160 45.13 18.79 34.42
CA ILE P 160 43.80 19.35 34.19
C ILE P 160 43.17 18.64 33.00
N PHE P 161 41.89 18.32 33.13
CA PHE P 161 41.07 17.82 32.04
C PHE P 161 39.99 18.87 31.72
N GLU P 162 39.16 18.57 30.73
CA GLU P 162 38.11 19.49 30.32
C GLU P 162 37.11 19.70 31.44
N LYS P 163 37.18 20.87 32.09
CA LYS P 163 36.34 21.21 33.24
C LYS P 163 36.53 20.26 34.41
N ILE P 164 37.64 19.52 34.42
CA ILE P 164 37.96 18.58 35.49
C ILE P 164 39.37 18.88 35.96
N SER P 165 39.62 18.72 37.26
CA SER P 165 40.94 18.94 37.82
C SER P 165 41.33 17.75 38.70
N VAL P 166 42.63 17.58 38.87
CA VAL P 166 43.17 16.53 39.73
C VAL P 166 44.45 17.04 40.37
N MET P 167 44.61 16.76 41.67
CA MET P 167 45.72 17.27 42.47
C MET P 167 46.47 16.08 43.06
N PRO P 168 47.47 15.55 42.37
CA PRO P 168 48.23 14.41 42.90
C PRO P 168 49.19 14.84 44.00
N LEU P 169 49.20 14.11 45.10
CA LEU P 169 50.18 14.29 46.15
C LEU P 169 50.66 12.92 46.60
N ILE P 170 51.98 12.73 46.65
CA ILE P 170 52.54 11.41 46.94
C ILE P 170 53.54 11.41 48.09
N GLY P 171 54.17 12.53 48.44
CA GLY P 171 55.08 12.52 49.56
C GLY P 171 54.35 12.61 50.89
N THR P 172 54.98 12.05 51.93
CA THR P 172 54.41 12.11 53.26
C THR P 172 54.22 13.55 53.70
N ILE P 173 53.04 13.85 54.23
CA ILE P 173 52.64 15.23 54.49
C ILE P 173 52.60 15.49 55.99
N ASP P 174 52.84 16.74 56.36
CA ASP P 174 52.81 17.20 57.74
C ASP P 174 51.83 18.36 57.87
N THR P 175 51.78 18.93 59.08
CA THR P 175 50.78 19.96 59.38
C THR P 175 50.97 21.18 58.49
N GLU P 176 52.19 21.71 58.42
CA GLU P 176 52.44 22.85 57.55
C GLU P 176 52.26 22.47 56.09
N ARG P 177 52.67 21.24 55.73
CA ARG P 177 52.43 20.77 54.37
C ARG P 177 50.94 20.62 54.11
N ALA P 178 50.18 20.17 55.11
CA ALA P 178 48.72 20.09 54.95
C ALA P 178 48.11 21.46 54.71
N LYS P 179 48.58 22.47 55.46
CA LYS P 179 48.09 23.83 55.25
C LYS P 179 48.44 24.32 53.85
N LEU P 180 49.67 24.03 53.40
CA LEU P 180 50.05 24.43 52.04
C LEU P 180 49.17 23.74 51.01
N ILE P 181 48.87 22.46 51.21
CA ILE P 181 48.04 21.72 50.26
C ILE P 181 46.63 22.30 50.20
N ILE P 182 46.04 22.56 51.38
CA ILE P 182 44.68 23.09 51.38
C ILE P 182 44.64 24.47 50.73
N GLU P 183 45.62 25.33 51.05
CA GLU P 183 45.65 26.66 50.46
C GLU P 183 45.80 26.59 48.94
N ASN P 184 46.76 25.78 48.47
CA ASN P 184 46.99 25.67 47.04
C ASN P 184 45.77 25.09 46.33
N LEU P 185 45.15 24.07 46.92
CA LEU P 185 43.97 23.47 46.32
C LEU P 185 42.85 24.49 46.16
N LEU P 186 42.55 25.23 47.24
CA LEU P 186 41.47 26.21 47.16
C LEU P 186 41.79 27.31 46.16
N ILE P 187 43.00 27.86 46.23
CA ILE P 187 43.36 28.96 45.34
C ILE P 187 43.31 28.53 43.89
N GLY P 188 43.87 27.35 43.59
CA GLY P 188 43.85 26.87 42.22
C GLY P 188 42.44 26.59 41.73
N VAL P 189 41.62 25.91 42.54
CA VAL P 189 40.28 25.55 42.08
C VAL P 189 39.44 26.81 41.86
N VAL P 190 39.73 27.88 42.62
CA VAL P 190 39.08 29.14 42.31
C VAL P 190 39.63 29.74 41.02
N LYS P 191 40.95 29.65 40.82
CA LYS P 191 41.57 30.32 39.68
C LYS P 191 41.20 29.64 38.36
N ASN P 192 41.14 28.30 38.35
CA ASN P 192 40.90 27.58 37.11
C ASN P 192 39.60 26.78 37.22
N ARG P 193 38.52 27.47 37.60
CA ARG P 193 37.27 26.88 38.05
C ARG P 193 36.89 25.63 37.27
N SER P 194 36.72 24.53 37.98
CA SER P 194 36.33 23.24 37.42
C SER P 194 35.31 22.60 38.33
N GLU P 195 34.48 21.73 37.75
CA GLU P 195 33.33 21.21 38.47
C GLU P 195 33.74 20.25 39.58
N VAL P 196 34.70 19.36 39.31
CA VAL P 196 35.10 18.36 40.28
C VAL P 196 36.62 18.42 40.46
N VAL P 197 37.07 17.87 41.59
CA VAL P 197 38.50 17.83 41.92
C VAL P 197 38.82 16.44 42.44
N LEU P 198 39.85 15.82 41.88
CA LEU P 198 40.31 14.50 42.30
C LEU P 198 41.57 14.66 43.14
N ILE P 199 41.57 14.07 44.32
CA ILE P 199 42.74 14.06 45.20
C ILE P 199 43.33 12.66 45.17
N ASP P 200 44.58 12.56 44.73
CA ASP P 200 45.28 11.28 44.65
C ASP P 200 46.01 11.05 45.97
N ILE P 201 45.25 10.54 46.95
CA ILE P 201 45.86 10.21 48.24
C ILE P 201 46.85 9.05 48.08
N THR P 202 46.66 8.20 47.08
CA THR P 202 47.58 7.09 46.86
C THR P 202 48.99 7.62 46.67
N GLY P 203 49.93 7.06 47.44
CA GLY P 203 51.29 7.53 47.41
C GLY P 203 51.85 7.82 48.78
N VAL P 204 51.01 8.35 49.67
CA VAL P 204 51.41 8.65 51.04
C VAL P 204 51.25 7.39 51.88
N PRO P 205 52.29 6.92 52.55
CA PRO P 205 52.17 5.69 53.35
C PRO P 205 51.22 5.85 54.53
N VAL P 206 51.50 6.82 55.40
CA VAL P 206 50.73 7.04 56.62
C VAL P 206 50.56 8.54 56.81
N VAL P 207 49.38 8.95 57.27
CA VAL P 207 49.11 10.34 57.59
C VAL P 207 48.66 10.43 59.04
N ASP P 208 48.92 11.58 59.65
CA ASP P 208 48.51 11.81 61.03
C ASP P 208 47.00 12.06 61.09
N THR P 209 46.44 11.84 62.28
CA THR P 209 45.00 12.03 62.46
C THR P 209 44.59 13.47 62.23
N MET P 210 45.39 14.43 62.68
CA MET P 210 45.08 15.83 62.43
C MET P 210 45.20 16.16 60.95
N VAL P 211 46.17 15.55 60.26
CA VAL P 211 46.30 15.78 58.83
C VAL P 211 45.08 15.23 58.09
N ALA P 212 44.60 14.05 58.49
CA ALA P 212 43.40 13.50 57.88
C ALA P 212 42.18 14.39 58.15
N HIS P 213 42.10 14.92 59.37
CA HIS P 213 41.02 15.84 59.69
C HIS P 213 41.07 17.08 58.80
N HIS P 214 42.28 17.63 58.58
CA HIS P 214 42.40 18.78 57.71
C HIS P 214 42.08 18.43 56.27
N ILE P 215 42.39 17.21 55.84
CA ILE P 215 42.01 16.79 54.48
C ILE P 215 40.49 16.73 54.35
N ILE P 216 39.81 16.22 55.37
CA ILE P 216 38.35 16.19 55.34
C ILE P 216 37.80 17.61 55.33
N GLN P 217 38.41 18.50 56.12
CA GLN P 217 37.98 19.90 56.10
C GLN P 217 38.19 20.54 54.74
N ALA P 218 39.30 20.20 54.07
CA ALA P 218 39.53 20.67 52.72
C ALA P 218 38.46 20.17 51.76
N SER P 219 38.07 18.91 51.91
CA SER P 219 36.99 18.36 51.08
C SER P 219 35.70 19.13 51.31
N GLU P 220 35.37 19.39 52.58
CA GLU P 220 34.16 20.14 52.89
C GLU P 220 34.22 21.55 52.32
N ALA P 221 35.37 22.21 52.44
CA ALA P 221 35.50 23.57 51.95
C ALA P 221 35.37 23.64 50.43
N VAL P 222 36.03 22.72 49.72
CA VAL P 222 35.94 22.75 48.27
C VAL P 222 34.56 22.34 47.79
N ARG P 223 33.85 21.51 48.57
CA ARG P 223 32.44 21.29 48.28
C ARG P 223 31.63 22.56 48.47
N LEU P 224 31.96 23.33 49.51
CA LEU P 224 31.25 24.57 49.78
C LEU P 224 31.49 25.59 48.67
N VAL P 225 32.67 25.58 48.08
CA VAL P 225 32.92 26.43 46.92
C VAL P 225 32.06 25.98 45.74
N GLY P 226 31.76 24.68 45.66
CA GLY P 226 30.95 24.17 44.58
C GLY P 226 31.67 23.15 43.72
N CYS P 227 32.59 22.41 44.33
CA CYS P 227 33.38 21.40 43.63
C CYS P 227 33.42 20.13 44.46
N GLN P 228 32.99 19.01 43.87
CA GLN P 228 33.00 17.74 44.57
C GLN P 228 34.44 17.29 44.82
N ALA P 229 34.74 16.90 46.05
CA ALA P 229 36.08 16.46 46.44
C ALA P 229 36.11 14.94 46.37
N MET P 230 36.18 14.43 45.15
CA MET P 230 36.13 12.99 44.91
C MET P 230 37.51 12.41 45.25
N LEU P 231 37.71 12.12 46.54
CA LEU P 231 38.96 11.53 47.00
C LEU P 231 39.18 10.19 46.31
N VAL P 232 40.42 9.94 45.90
CA VAL P 232 40.75 8.78 45.06
C VAL P 232 41.84 7.96 45.72
N GLY P 233 41.63 6.64 45.76
CA GLY P 233 42.69 5.70 46.09
C GLY P 233 43.25 5.80 47.48
N ILE P 234 42.38 5.90 48.50
CA ILE P 234 42.85 5.93 49.87
C ILE P 234 43.36 4.55 50.28
N ARG P 235 44.48 4.53 50.98
CA ARG P 235 45.10 3.32 51.49
C ARG P 235 44.32 2.81 52.70
N PRO P 236 44.35 1.49 52.95
CA PRO P 236 43.65 0.97 54.14
C PRO P 236 44.08 1.57 55.46
N GLU P 237 45.36 1.90 55.63
CA GLU P 237 45.80 2.47 56.90
C GLU P 237 45.20 3.86 57.11
N ILE P 238 45.24 4.70 56.07
CA ILE P 238 44.63 6.02 56.19
C ILE P 238 43.12 5.90 56.37
N ALA P 239 42.50 4.91 55.73
CA ALA P 239 41.08 4.70 55.93
C ALA P 239 40.78 4.35 57.39
N GLN P 240 41.61 3.49 57.98
CA GLN P 240 41.43 3.14 59.39
C GLN P 240 41.62 4.35 60.29
N THR P 241 42.63 5.17 60.00
CA THR P 241 42.86 6.38 60.79
C THR P 241 41.68 7.34 60.70
N ILE P 242 41.13 7.52 59.49
CA ILE P 242 39.99 8.40 59.32
C ILE P 242 38.77 7.86 60.05
N VAL P 243 38.56 6.54 60.00
CA VAL P 243 37.43 5.94 60.72
C VAL P 243 37.59 6.17 62.21
N ASN P 244 38.79 5.92 62.75
CA ASN P 244 39.01 6.16 64.16
C ASN P 244 38.93 7.63 64.53
N LEU P 245 39.08 8.53 63.55
CA LEU P 245 38.91 9.96 63.84
C LEU P 245 37.50 10.26 64.32
N GLY P 246 36.51 9.52 63.85
CA GLY P 246 35.14 9.70 64.29
C GLY P 246 34.37 10.79 63.58
N ILE P 247 34.99 11.48 62.62
CA ILE P 247 34.26 12.50 61.88
C ILE P 247 33.29 11.84 60.90
N GLU P 248 32.27 12.60 60.50
CA GLU P 248 31.21 12.06 59.67
C GLU P 248 31.72 11.89 58.25
N LEU P 249 31.36 10.79 57.60
CA LEU P 249 32.03 10.35 56.38
C LEU P 249 31.06 9.96 55.28
N ASP P 250 30.07 10.80 55.01
CA ASP P 250 29.17 10.54 53.88
C ASP P 250 29.44 11.43 52.67
N GLN P 251 29.80 12.69 52.89
CA GLN P 251 29.93 13.63 51.79
C GLN P 251 31.14 13.33 50.90
N ILE P 252 32.14 12.64 51.42
CA ILE P 252 33.34 12.35 50.65
C ILE P 252 33.08 11.17 49.73
N ILE P 253 33.33 11.36 48.43
CA ILE P 253 33.14 10.33 47.43
C ILE P 253 34.49 9.70 47.12
N THR P 254 34.58 8.38 47.21
CA THR P 254 35.85 7.69 47.12
C THR P 254 35.81 6.60 46.06
N THR P 255 36.93 6.47 45.34
CA THR P 255 37.15 5.37 44.41
C THR P 255 38.58 4.86 44.60
N ASN P 256 38.76 3.56 44.38
CA ASN P 256 40.06 2.94 44.66
C ASN P 256 41.09 3.17 43.58
N THR P 257 40.69 3.60 42.38
CA THR P 257 41.64 3.82 41.29
C THR P 257 41.32 5.14 40.61
N MET P 258 42.33 5.74 39.98
CA MET P 258 42.13 7.00 39.29
C MET P 258 41.24 6.84 38.07
N LYS P 259 41.30 5.69 37.39
CA LYS P 259 40.42 5.48 36.25
C LYS P 259 38.96 5.47 36.67
N LYS P 260 38.65 4.77 37.77
CA LYS P 260 37.28 4.74 38.26
C LYS P 260 36.83 6.12 38.71
N GLY P 261 37.69 6.86 39.41
CA GLY P 261 37.33 8.21 39.81
C GLY P 261 37.07 9.11 38.62
N MET P 262 37.92 9.00 37.59
CA MET P 262 37.74 9.82 36.40
C MET P 262 36.44 9.48 35.68
N GLU P 263 36.12 8.19 35.55
CA GLU P 263 34.88 7.84 34.86
C GLU P 263 33.66 8.27 35.67
N ARG P 264 33.74 8.19 37.00
CA ARG P 264 32.62 8.62 37.82
C ARG P 264 32.46 10.14 37.75
N ALA P 265 33.57 10.87 37.71
CA ALA P 265 33.49 12.32 37.54
C ALA P 265 32.87 12.67 36.19
N LEU P 266 33.27 11.96 35.13
CA LEU P 266 32.62 12.17 33.83
C LEU P 266 31.15 11.80 33.89
N ALA P 267 30.77 10.85 34.74
CA ALA P 267 29.37 10.55 34.93
C ALA P 267 28.65 11.73 35.59
N LEU P 268 29.30 12.38 36.55
CA LEU P 268 28.67 13.52 37.22
C LEU P 268 28.36 14.64 36.24
N THR P 269 29.31 14.95 35.37
CA THR P 269 29.09 15.91 34.27
C THR P 269 28.57 15.09 33.09
N ASN P 270 27.25 14.96 33.02
CA ASN P 270 26.62 13.90 32.22
C ASN P 270 27.09 13.89 30.78
N ARG P 271 27.05 15.04 30.11
CA ARG P 271 27.40 15.10 28.70
C ARG P 271 28.90 15.26 28.46
N GLU P 272 29.71 15.34 29.51
CA GLU P 272 31.15 15.35 29.34
C GLU P 272 31.71 13.98 28.99
N ILE P 273 30.95 12.91 29.23
CA ILE P 273 31.43 11.56 29.00
C ILE P 273 31.72 11.29 27.53
N VAL P 274 31.10 12.04 26.62
CA VAL P 274 31.34 11.84 25.20
C VAL P 274 32.44 12.79 24.73
N MET Q 1 92.64 15.40 83.48
CA MET Q 1 91.93 15.49 84.74
C MET Q 1 91.03 16.73 84.77
N TYR Q 2 89.93 16.66 85.53
CA TYR Q 2 88.92 17.70 85.52
C TYR Q 2 88.56 18.28 86.89
N LYS Q 3 89.03 17.69 87.99
CA LYS Q 3 88.60 18.16 89.30
C LYS Q 3 89.08 19.59 89.56
N ASP Q 4 90.37 19.84 89.39
CA ASP Q 4 90.86 21.22 89.52
C ASP Q 4 90.39 22.08 88.36
N PHE Q 5 90.14 21.46 87.20
CA PHE Q 5 89.49 22.18 86.11
C PHE Q 5 88.13 22.71 86.55
N ALA Q 6 87.33 21.87 87.20
CA ALA Q 6 86.03 22.30 87.70
C ALA Q 6 86.17 23.33 88.81
N ASN Q 7 87.19 23.17 89.65
CA ASN Q 7 87.45 24.17 90.70
C ASN Q 7 87.74 25.54 90.09
N PHE Q 8 88.49 25.57 89.00
CA PHE Q 8 88.72 26.84 88.30
C PHE Q 8 87.45 27.31 87.59
N ILE Q 9 86.64 26.40 87.06
CA ILE Q 9 85.38 26.79 86.43
C ILE Q 9 84.43 27.40 87.45
N ARG Q 10 84.61 27.09 88.73
CA ARG Q 10 83.78 27.69 89.77
C ARG Q 10 83.85 29.22 89.74
N THR Q 11 84.94 29.79 89.22
CA THR Q 11 85.02 31.22 88.94
C THR Q 11 85.01 31.54 87.46
N ASN Q 12 85.40 30.58 86.60
CA ASN Q 12 85.28 30.78 85.18
C ASN Q 12 83.83 30.94 84.73
N LYS Q 13 82.87 30.53 85.55
CA LYS Q 13 81.47 30.80 85.22
C LYS Q 13 81.20 32.30 85.20
N LYS Q 14 81.61 33.01 86.25
CA LYS Q 14 81.49 34.46 86.25
C LYS Q 14 82.40 35.10 85.20
N ASP Q 15 83.59 34.52 85.00
CA ASP Q 15 84.48 35.02 83.95
C ASP Q 15 83.82 34.95 82.58
N LEU Q 16 83.14 33.84 82.28
CA LEU Q 16 82.46 33.68 81.01
C LEU Q 16 81.16 34.47 80.93
N LEU Q 17 80.53 34.78 82.06
CA LEU Q 17 79.41 35.72 82.02
C LEU Q 17 79.88 37.12 81.63
N ASN Q 18 80.99 37.57 82.24
CA ASN Q 18 81.65 38.78 81.78
C ASN Q 18 82.03 38.68 80.31
N ASN Q 19 82.43 37.49 79.86
CA ASN Q 19 82.76 37.29 78.46
C ASN Q 19 81.53 37.44 77.57
N TRP Q 20 80.40 36.85 77.97
CA TRP Q 20 79.18 36.94 77.18
C TRP Q 20 78.71 38.37 77.06
N MET Q 21 78.76 39.13 78.15
CA MET Q 21 78.39 40.54 78.03
C MET Q 21 79.48 41.35 77.33
N ASN Q 22 80.71 40.83 77.23
CA ASN Q 22 81.72 41.46 76.39
C ASN Q 22 81.42 41.25 74.90
N GLU Q 23 81.09 40.01 74.52
CA GLU Q 23 80.78 39.71 73.13
C GLU Q 23 79.42 40.26 72.70
N MET Q 24 78.64 40.78 73.64
CA MET Q 24 77.30 41.29 73.38
C MET Q 24 77.30 42.51 72.46
N GLU Q 25 78.45 43.12 72.22
CA GLU Q 25 78.54 44.37 71.45
C GLU Q 25 78.76 44.14 69.97
N LYS Q 26 79.57 43.14 69.61
CA LYS Q 26 80.06 43.05 68.23
C LYS Q 26 78.99 42.53 67.28
N GLN Q 27 78.51 41.31 67.51
CA GLN Q 27 77.71 40.58 66.52
C GLN Q 27 76.25 40.54 66.95
N SER Q 28 75.39 41.18 66.15
CA SER Q 28 73.94 41.07 66.25
C SER Q 28 73.45 41.32 67.67
N ASP Q 29 73.70 42.53 68.16
CA ASP Q 29 73.20 42.90 69.49
C ASP Q 29 71.69 42.90 69.63
N PRO Q 30 70.86 43.45 68.69
CA PRO Q 30 69.44 43.60 68.99
C PRO Q 30 68.70 42.27 69.08
N LEU Q 31 68.96 41.39 68.11
CA LEU Q 31 68.30 40.09 68.10
C LEU Q 31 68.65 39.28 69.34
N ILE Q 32 69.94 39.17 69.65
CA ILE Q 32 70.37 38.41 70.82
C ILE Q 32 69.81 39.01 72.09
N ASN Q 33 69.73 40.35 72.16
CA ASN Q 33 69.18 41.00 73.34
C ASN Q 33 67.69 40.72 73.49
N ASP Q 34 66.96 40.71 72.38
CA ASP Q 34 65.49 40.65 72.45
C ASP Q 34 64.98 39.21 72.55
N ILE Q 35 65.30 38.36 71.56
CA ILE Q 35 64.71 37.03 71.54
C ILE Q 35 65.23 36.18 72.69
N ALA Q 36 66.49 36.40 73.10
CA ALA Q 36 67.11 35.65 74.18
C ALA Q 36 67.34 36.59 75.35
N LYS Q 37 66.52 36.44 76.39
CA LYS Q 37 66.71 37.25 77.59
C LYS Q 37 68.04 36.89 78.26
N GLU Q 38 68.72 37.91 78.78
CA GLU Q 38 70.07 37.72 79.29
C GLU Q 38 70.15 36.71 80.42
N PRO Q 39 69.31 36.74 81.46
CA PRO Q 39 69.45 35.75 82.54
C PRO Q 39 69.32 34.31 82.07
N MET Q 40 68.40 34.03 81.14
CA MET Q 40 68.24 32.66 80.66
C MET Q 40 69.47 32.18 79.92
N TYR Q 41 70.02 33.02 79.03
CA TYR Q 41 71.24 32.65 78.32
C TYR Q 41 72.39 32.46 79.29
N GLU Q 42 72.49 33.34 80.29
CA GLU Q 42 73.58 33.24 81.27
C GLU Q 42 73.49 31.93 82.05
N GLU Q 43 72.29 31.57 82.51
CA GLU Q 43 72.17 30.34 83.30
C GLU Q 43 72.38 29.10 82.43
N THR Q 44 71.89 29.12 81.18
CA THR Q 44 72.15 28.00 80.29
C THR Q 44 73.63 27.85 80.02
N SER Q 45 74.34 28.96 79.79
CA SER Q 45 75.77 28.91 79.52
C SER Q 45 76.54 28.42 80.73
N ILE Q 46 76.18 28.88 81.93
CA ILE Q 46 76.94 28.44 83.11
C ILE Q 46 76.68 26.97 83.40
N GLU Q 47 75.44 26.50 83.20
CA GLU Q 47 75.19 25.07 83.33
C GLU Q 47 76.01 24.27 82.33
N PHE Q 48 76.06 24.75 81.07
CA PHE Q 48 76.79 24.07 80.02
C PHE Q 48 78.29 24.00 80.33
N VAL Q 49 78.86 25.09 80.84
CA VAL Q 49 80.29 25.14 81.12
C VAL Q 49 80.67 24.55 82.47
N ASP Q 50 79.69 24.33 83.37
CA ASP Q 50 79.99 23.71 84.65
C ASP Q 50 79.81 22.19 84.63
N LEU Q 51 78.83 21.68 83.89
CA LEU Q 51 78.56 20.25 83.92
C LEU Q 51 79.45 19.45 82.97
N ILE Q 52 80.32 20.12 82.20
CA ILE Q 52 81.22 19.40 81.30
C ILE Q 52 82.29 18.64 82.09
N VAL Q 53 82.78 19.23 83.17
CA VAL Q 53 83.92 18.67 83.89
C VAL Q 53 83.49 18.17 85.27
N SER Q 54 82.24 17.72 85.37
CA SER Q 54 81.72 17.16 86.61
C SER Q 54 82.00 15.68 86.76
N ASN Q 55 82.64 15.05 85.78
CA ASN Q 55 82.91 13.62 85.79
C ASN Q 55 84.41 13.36 85.64
N ILE Q 56 84.78 12.09 85.68
CA ILE Q 56 86.20 11.69 85.69
C ILE Q 56 86.62 11.53 84.23
N THR Q 57 86.97 12.64 83.61
CA THR Q 57 87.59 12.69 82.29
C THR Q 57 86.81 11.85 81.27
N GLU Q 58 85.49 12.02 81.29
CA GLU Q 58 84.62 11.28 80.38
C GLU Q 58 83.44 12.18 80.02
N ASN Q 59 82.43 11.60 79.39
CA ASN Q 59 81.18 12.28 79.07
C ASN Q 59 80.04 11.57 79.79
N GLY Q 60 79.27 12.33 80.56
CA GLY Q 60 78.21 11.73 81.35
C GLY Q 60 77.08 11.19 80.50
N SER Q 61 76.37 10.22 81.07
CA SER Q 61 75.22 9.62 80.36
C SER Q 61 74.14 10.66 80.14
N LYS Q 62 73.79 11.42 81.17
CA LYS Q 62 72.84 12.52 80.99
C LYS Q 62 73.49 13.68 80.25
N PHE Q 63 74.77 13.93 80.51
CA PHE Q 63 75.42 15.09 79.90
C PHE Q 63 75.66 14.90 78.42
N ASN Q 64 75.69 13.67 77.90
CA ASN Q 64 75.76 13.50 76.45
C ASN Q 64 74.50 14.04 75.78
N GLU Q 65 73.33 13.66 76.30
CA GLU Q 65 72.08 14.17 75.78
C GLU Q 65 71.97 15.67 75.98
N LYS Q 66 72.39 16.17 77.14
CA LYS Q 66 72.34 17.61 77.39
C LYS Q 66 73.29 18.36 76.45
N LEU Q 67 74.45 17.76 76.16
CA LEU Q 67 75.40 18.35 75.22
C LEU Q 67 74.80 18.46 73.84
N ASP Q 68 74.18 17.36 73.36
CA ASP Q 68 73.56 17.40 72.05
C ASP Q 68 72.42 18.42 72.01
N ASP Q 69 71.62 18.48 73.07
CA ASP Q 69 70.50 19.42 73.12
C ASP Q 69 71.00 20.86 73.09
N PHE Q 70 72.03 21.17 73.88
CA PHE Q 70 72.58 22.53 73.87
C PHE Q 70 73.21 22.87 72.53
N ALA Q 71 73.91 21.92 71.92
CA ALA Q 71 74.53 22.18 70.63
C ALA Q 71 73.48 22.48 69.57
N GLU Q 72 72.45 21.65 69.46
CA GLU Q 72 71.40 21.92 68.49
C GLU Q 72 70.63 23.20 68.83
N LYS Q 73 70.48 23.50 70.12
CA LYS Q 73 69.80 24.72 70.52
C LYS Q 73 70.57 25.96 70.07
N VAL Q 74 71.89 25.97 70.27
CA VAL Q 74 72.66 27.12 69.83
C VAL Q 74 72.77 27.17 68.31
N VAL Q 75 72.72 26.00 67.65
CA VAL Q 75 72.77 25.99 66.19
C VAL Q 75 71.51 26.61 65.61
N HIS Q 76 70.33 26.23 66.16
CA HIS Q 76 69.05 26.67 65.60
C HIS Q 76 68.43 27.83 66.38
N LEU Q 77 69.19 28.47 67.26
CA LEU Q 77 68.68 29.59 68.04
C LEU Q 77 69.15 30.95 67.52
N GLY Q 78 70.23 30.99 66.75
CA GLY Q 78 70.77 32.25 66.29
C GLY Q 78 72.26 32.38 66.58
N TRP Q 79 72.92 31.25 66.80
CA TRP Q 79 74.36 31.20 67.04
C TRP Q 79 74.96 30.24 66.02
N PRO Q 80 75.16 30.69 64.78
CA PRO Q 80 75.75 29.81 63.77
C PRO Q 80 77.19 29.45 64.09
N ILE Q 81 77.81 28.64 63.22
CA ILE Q 81 79.18 28.18 63.49
C ILE Q 81 80.15 29.35 63.59
N HIS Q 82 79.88 30.43 62.84
CA HIS Q 82 80.69 31.64 63.01
C HIS Q 82 80.52 32.22 64.41
N PHE Q 83 79.28 32.22 64.92
CA PHE Q 83 79.04 32.72 66.28
C PHE Q 83 79.70 31.82 67.31
N VAL Q 84 79.69 30.50 67.09
CA VAL Q 84 80.34 29.60 68.04
C VAL Q 84 81.86 29.79 68.00
N THR Q 85 82.42 30.06 66.83
CA THR Q 85 83.85 30.33 66.74
C THR Q 85 84.22 31.65 67.41
N THR Q 86 83.39 32.68 67.25
CA THR Q 86 83.60 33.92 67.98
C THR Q 86 83.49 33.68 69.48
N GLY Q 87 82.57 32.82 69.89
CA GLY Q 87 82.46 32.45 71.29
C GLY Q 87 83.71 31.78 71.81
N LEU Q 88 84.31 30.90 70.99
CA LEU Q 88 85.58 30.28 71.36
C LEU Q 88 86.68 31.32 71.49
N ARG Q 89 86.73 32.28 70.57
CA ARG Q 89 87.74 33.32 70.62
C ARG Q 89 87.61 34.16 71.88
N VAL Q 90 86.38 34.57 72.20
CA VAL Q 90 86.19 35.40 73.39
C VAL Q 90 86.36 34.57 74.67
N PHE Q 91 86.03 33.27 74.63
CA PHE Q 91 86.40 32.36 75.70
C PHE Q 91 87.89 32.42 75.96
N GLY Q 92 88.68 32.28 74.90
CA GLY Q 92 90.12 32.36 75.05
C GLY Q 92 90.55 33.68 75.65
N LEU Q 93 90.00 34.78 75.13
CA LEU Q 93 90.38 36.10 75.64
C LEU Q 93 90.12 36.24 77.13
N LEU Q 94 88.89 35.96 77.57
CA LEU Q 94 88.53 36.22 78.95
C LEU Q 94 89.16 35.21 79.90
N VAL Q 95 89.20 33.93 79.51
CA VAL Q 95 89.86 32.93 80.35
C VAL Q 95 91.34 33.27 80.48
N TYR Q 96 91.99 33.67 79.37
CA TYR Q 96 93.39 34.04 79.42
C TYR Q 96 93.64 35.21 80.35
N THR Q 97 92.78 36.24 80.28
CA THR Q 97 92.94 37.37 81.21
C THR Q 97 92.77 36.92 82.66
N ALA Q 98 91.75 36.11 82.93
CA ALA Q 98 91.49 35.68 84.30
C ALA Q 98 92.63 34.85 84.86
N MET Q 99 93.14 33.90 84.06
CA MET Q 99 94.19 33.01 84.53
C MET Q 99 95.56 33.67 84.49
N ARG Q 100 95.71 34.81 83.78
CA ARG Q 100 96.81 35.71 84.06
C ARG Q 100 96.65 36.35 85.42
N ASP Q 101 95.43 36.76 85.78
CA ASP Q 101 95.20 37.40 87.07
C ASP Q 101 95.06 36.36 88.19
N GLU Q 102 94.09 35.46 88.05
CA GLU Q 102 93.80 34.52 89.13
C GLU Q 102 94.88 33.44 89.25
N ASP Q 103 95.36 32.93 88.11
CA ASP Q 103 96.44 31.95 88.06
C ASP Q 103 96.07 30.67 88.82
N LEU Q 104 95.04 30.00 88.33
CA LEU Q 104 94.60 28.70 88.86
C LEU Q 104 94.54 27.72 87.70
N PHE Q 105 95.47 26.76 87.68
CA PHE Q 105 95.62 25.82 86.59
C PHE Q 105 95.27 24.41 87.05
N LEU Q 106 95.52 23.43 86.17
CA LEU Q 106 95.13 22.05 86.45
C LEU Q 106 95.88 21.50 87.67
N LYS Q 107 97.16 21.81 87.79
CA LYS Q 107 97.98 21.30 88.89
C LYS Q 107 98.20 22.40 89.92
N ARG Q 108 97.98 22.06 91.18
CA ARG Q 108 98.20 23.00 92.28
C ARG Q 108 99.70 23.23 92.43
N GLU Q 109 100.18 24.39 91.96
CA GLU Q 109 101.59 24.70 91.98
C GLU Q 109 101.77 26.21 92.05
N GLU Q 110 102.96 26.62 92.48
CA GLU Q 110 103.25 28.05 92.57
C GLU Q 110 103.19 28.72 91.20
N LYS Q 111 103.73 28.07 90.17
CA LYS Q 111 103.70 28.59 88.81
C LYS Q 111 103.78 27.43 87.81
N PRO Q 112 102.64 26.80 87.52
CA PRO Q 112 102.64 25.70 86.55
C PRO Q 112 103.06 26.17 85.16
N GLU Q 113 103.69 25.28 84.43
CA GLU Q 113 104.24 25.61 83.12
C GLU Q 113 103.14 25.61 82.06
N ASP Q 114 103.54 25.66 80.79
CA ASP Q 114 102.60 25.79 79.68
C ASP Q 114 101.82 24.51 79.39
N ASP Q 115 102.19 23.38 80.00
CA ASP Q 115 101.53 22.11 79.72
C ASP Q 115 100.04 22.17 80.03
N ALA Q 116 99.67 22.35 81.30
CA ALA Q 116 98.26 22.50 81.64
C ALA Q 116 97.71 23.82 81.14
N TYR Q 117 98.56 24.85 81.11
CA TYR Q 117 98.24 26.15 80.55
C TYR Q 117 97.52 26.02 79.21
N TYR Q 118 97.97 25.09 78.36
CA TYR Q 118 97.29 24.83 77.11
C TYR Q 118 96.46 23.55 77.10
N ARG Q 119 96.61 22.67 78.10
CA ARG Q 119 95.69 21.55 78.21
C ARG Q 119 94.27 22.04 78.48
N PHE Q 120 94.14 23.19 79.14
CA PHE Q 120 92.86 23.87 79.23
C PHE Q 120 92.25 24.04 77.83
N GLU Q 121 93.04 24.59 76.91
CA GLU Q 121 92.55 24.80 75.55
C GLU Q 121 92.36 23.49 74.81
N THR Q 122 93.12 22.45 75.14
CA THR Q 122 92.90 21.14 74.52
C THR Q 122 91.52 20.62 74.87
N TRP Q 123 91.15 20.70 76.14
CA TRP Q 123 89.82 20.25 76.54
C TRP Q 123 88.73 21.13 75.94
N LEU Q 124 88.97 22.44 75.87
CA LEU Q 124 88.01 23.33 75.23
C LEU Q 124 87.83 22.99 73.75
N SER Q 125 88.94 22.64 73.08
CA SER Q 125 88.88 22.28 71.67
C SER Q 125 88.18 20.93 71.46
N SER Q 126 88.36 19.99 72.39
CA SER Q 126 87.60 18.75 72.32
C SER Q 126 86.10 19.02 72.48
N MET Q 127 85.75 19.93 73.40
CA MET Q 127 84.36 20.32 73.54
C MET Q 127 83.82 20.95 72.25
N TYR Q 128 84.62 21.82 71.62
CA TYR Q 128 84.20 22.44 70.36
C TYR Q 128 84.10 21.41 69.24
N ASN Q 129 84.95 20.38 69.26
CA ASN Q 129 84.83 19.26 68.33
C ASN Q 129 83.49 18.55 68.51
N LYS Q 130 83.10 18.29 69.75
CA LYS Q 130 81.80 17.67 69.99
C LYS Q 130 80.67 18.59 69.52
N VAL Q 131 80.83 19.90 69.73
CA VAL Q 131 79.81 20.85 69.30
C VAL Q 131 79.62 20.81 67.79
N VAL Q 132 80.72 20.82 67.04
CA VAL Q 132 80.61 20.81 65.59
C VAL Q 132 80.14 19.43 65.09
N THR Q 133 80.48 18.36 65.81
CA THR Q 133 79.97 17.05 65.45
C THR Q 133 78.45 17.01 65.56
N ALA Q 134 77.90 17.55 66.65
CA ALA Q 134 76.45 17.64 66.79
C ALA Q 134 75.86 18.60 65.77
N TYR Q 135 76.61 19.63 65.38
CA TYR Q 135 76.19 20.51 64.30
C TYR Q 135 76.01 19.73 62.99
N ALA Q 136 76.96 18.84 62.69
CA ALA Q 136 76.99 18.20 61.39
C ALA Q 136 76.04 17.00 61.30
N ASP Q 137 75.94 16.20 62.37
CA ASP Q 137 75.26 14.91 62.27
C ASP Q 137 73.79 15.07 61.89
N THR Q 138 73.00 15.72 62.74
CA THR Q 138 71.57 15.83 62.50
C THR Q 138 71.26 16.62 61.24
N TRP Q 139 72.09 17.64 60.94
CA TRP Q 139 71.88 18.41 59.73
C TRP Q 139 72.09 17.56 58.48
N GLU Q 140 73.12 16.71 58.48
CA GLU Q 140 73.31 15.80 57.36
C GLU Q 140 72.16 14.80 57.26
N LYS Q 141 71.68 14.32 58.41
CA LYS Q 141 70.57 13.37 58.40
C LYS Q 141 69.31 13.98 57.78
N THR Q 142 68.97 15.21 58.20
CA THR Q 142 67.78 15.85 57.64
C THR Q 142 68.00 16.23 56.17
N VAL Q 143 69.23 16.59 55.79
CA VAL Q 143 69.51 16.86 54.38
C VAL Q 143 69.31 15.59 53.55
N SER Q 144 69.73 14.44 54.08
CA SER Q 144 69.56 13.19 53.35
C SER Q 144 68.08 12.81 53.21
N ILE Q 145 67.32 12.91 54.31
CA ILE Q 145 65.90 12.55 54.21
C ILE Q 145 65.15 13.53 53.30
N GLN Q 146 65.54 14.80 53.32
CA GLN Q 146 64.88 15.80 52.48
C GLN Q 146 65.29 15.67 51.01
N LYS Q 147 66.51 15.22 50.75
CA LYS Q 147 66.90 14.81 49.40
C LYS Q 147 66.06 13.62 48.94
N SER Q 148 65.82 12.66 49.82
CA SER Q 148 64.95 11.54 49.47
C SER Q 148 63.54 12.02 49.14
N ALA Q 149 63.04 12.98 49.93
CA ALA Q 149 61.73 13.56 49.65
C ALA Q 149 61.69 14.25 48.29
N LEU Q 150 62.76 14.96 47.94
CA LEU Q 150 62.84 15.54 46.60
C LEU Q 150 62.89 14.44 45.54
N GLN Q 151 63.59 13.34 45.82
CA GLN Q 151 63.71 12.24 44.88
C GLN Q 151 62.34 11.64 44.56
N GLU Q 152 61.53 11.38 45.59
CA GLU Q 152 60.26 10.71 45.36
C GLU Q 152 59.26 11.62 44.65
N LEU Q 153 59.32 12.93 44.89
CA LEU Q 153 58.41 13.88 44.26
C LEU Q 153 58.90 14.36 42.89
N SER Q 154 59.77 13.59 42.24
CA SER Q 154 60.36 14.04 40.98
C SER Q 154 59.43 13.79 39.80
N ALA Q 155 59.13 12.52 39.52
CA ALA Q 155 58.37 12.12 38.33
C ALA Q 155 57.22 11.21 38.74
N PRO Q 156 56.14 11.78 39.26
CA PRO Q 156 54.99 10.96 39.65
C PRO Q 156 54.14 10.61 38.44
N LEU Q 157 54.23 9.36 37.99
CA LEU Q 157 53.37 8.87 36.93
C LEU Q 157 52.01 8.41 37.44
N LEU Q 158 51.80 8.45 38.75
CA LEU Q 158 50.57 8.02 39.39
C LEU Q 158 49.32 8.64 38.76
N PRO Q 159 49.38 9.87 38.23
CA PRO Q 159 48.26 10.33 37.40
C PRO Q 159 48.07 9.44 36.19
N ILE Q 160 46.94 8.74 36.12
CA ILE Q 160 46.66 7.78 35.06
C ILE Q 160 45.24 8.00 34.55
N PHE Q 161 44.99 7.56 33.32
CA PHE Q 161 43.66 7.43 32.77
C PHE Q 161 43.50 5.99 32.29
N GLU Q 162 42.42 5.68 31.59
CA GLU Q 162 42.27 4.33 31.06
C GLU Q 162 43.24 4.16 29.89
N LYS Q 163 44.34 3.42 30.12
CA LYS Q 163 45.38 3.17 29.13
C LYS Q 163 46.07 4.45 28.67
N ILE Q 164 45.98 5.52 29.45
CA ILE Q 164 46.64 6.78 29.13
C ILE Q 164 47.28 7.32 30.40
N SER Q 165 48.60 7.49 30.37
CA SER Q 165 49.32 8.03 31.51
C SER Q 165 49.67 9.49 31.27
N VAL Q 166 50.07 10.16 32.34
CA VAL Q 166 50.51 11.55 32.27
C VAL Q 166 51.49 11.81 33.40
N MET Q 167 52.60 12.48 33.08
CA MET Q 167 53.74 12.64 34.00
C MET Q 167 53.99 14.13 34.21
N PRO Q 168 53.41 14.72 35.25
CA PRO Q 168 53.64 16.14 35.51
C PRO Q 168 54.98 16.39 36.16
N LEU Q 169 55.70 17.39 35.65
CA LEU Q 169 56.94 17.85 36.25
C LEU Q 169 56.90 19.37 36.33
N ILE Q 170 57.27 19.92 37.48
CA ILE Q 170 57.19 21.36 37.70
C ILE Q 170 58.47 21.98 38.24
N GLY Q 171 59.35 21.24 38.90
CA GLY Q 171 60.57 21.83 39.39
C GLY Q 171 61.61 22.00 38.31
N THR Q 172 62.53 22.92 38.53
CA THR Q 172 63.64 23.12 37.61
C THR Q 172 64.49 21.87 37.54
N ILE Q 173 64.83 21.44 36.33
CA ILE Q 173 65.42 20.13 36.09
C ILE Q 173 66.90 20.29 35.78
N ASP Q 174 67.73 19.54 36.49
CA ASP Q 174 69.15 19.41 36.19
C ASP Q 174 69.40 18.01 35.64
N THR Q 175 70.67 17.68 35.41
CA THR Q 175 70.99 16.39 34.79
C THR Q 175 70.62 15.23 35.72
N GLU Q 176 70.74 15.42 37.03
CA GLU Q 176 70.34 14.37 37.96
C GLU Q 176 68.83 14.17 37.93
N ARG Q 177 68.07 15.26 38.00
CA ARG Q 177 66.63 15.15 37.86
C ARG Q 177 66.24 14.68 36.47
N ALA Q 178 67.06 14.99 35.46
CA ALA Q 178 66.79 14.46 34.13
C ALA Q 178 66.88 12.94 34.12
N LYS Q 179 67.95 12.40 34.72
CA LYS Q 179 68.08 10.95 34.81
C LYS Q 179 66.94 10.34 35.61
N LEU Q 180 66.55 11.00 36.70
CA LEU Q 180 65.40 10.55 37.47
C LEU Q 180 64.17 10.46 36.59
N ILE Q 181 63.93 11.51 35.77
CA ILE Q 181 62.78 11.53 34.88
C ILE Q 181 62.85 10.35 33.92
N ILE Q 182 64.02 10.11 33.33
CA ILE Q 182 64.14 9.04 32.34
C ILE Q 182 63.81 7.69 32.96
N GLU Q 183 64.47 7.37 34.08
CA GLU Q 183 64.26 6.05 34.68
C GLU Q 183 62.83 5.89 35.16
N ASN Q 184 62.28 6.91 35.83
CA ASN Q 184 60.92 6.80 36.34
C ASN Q 184 59.92 6.65 35.21
N LEU Q 185 60.08 7.43 34.14
CA LEU Q 185 59.15 7.35 33.02
C LEU Q 185 59.20 5.99 32.35
N LEU Q 186 60.40 5.47 32.09
CA LEU Q 186 60.48 4.17 31.45
C LEU Q 186 59.94 3.06 32.33
N ILE Q 187 60.28 3.07 33.62
CA ILE Q 187 59.77 2.04 34.52
C ILE Q 187 58.25 2.11 34.60
N GLY Q 188 57.70 3.32 34.70
CA GLY Q 188 56.25 3.46 34.79
C GLY Q 188 55.55 3.03 33.52
N VAL Q 189 56.09 3.38 32.35
CA VAL Q 189 55.43 2.98 31.11
C VAL Q 189 55.54 1.47 30.92
N VAL Q 190 56.60 0.85 31.44
CA VAL Q 190 56.67 -0.61 31.40
C VAL Q 190 55.62 -1.23 32.32
N LYS Q 191 55.49 -0.70 33.54
CA LYS Q 191 54.63 -1.32 34.53
C LYS Q 191 53.16 -1.13 34.18
N ASN Q 192 52.77 0.09 33.83
CA ASN Q 192 51.37 0.42 33.60
C ASN Q 192 50.84 -0.07 32.26
N ARG Q 193 51.72 -0.50 31.35
CA ARG Q 193 51.32 -0.99 30.03
C ARG Q 193 50.44 0.03 29.32
N SER Q 194 50.82 1.30 29.43
CA SER Q 194 50.04 2.39 28.87
C SER Q 194 50.18 2.44 27.36
N GLU Q 195 49.47 3.38 26.73
CA GLU Q 195 49.52 3.58 25.29
C GLU Q 195 50.02 4.96 24.90
N VAL Q 196 49.63 6.00 25.64
CA VAL Q 196 50.06 7.37 25.38
C VAL Q 196 50.54 7.98 26.68
N VAL Q 197 51.70 8.62 26.65
CA VAL Q 197 52.26 9.29 27.81
C VAL Q 197 52.37 10.77 27.51
N LEU Q 198 51.77 11.60 28.36
CA LEU Q 198 51.79 13.05 28.18
C LEU Q 198 52.76 13.65 29.19
N ILE Q 199 53.94 14.01 28.71
CA ILE Q 199 54.91 14.70 29.56
C ILE Q 199 54.46 16.16 29.70
N ASP Q 200 54.35 16.62 30.93
CA ASP Q 200 53.88 17.97 31.23
C ASP Q 200 55.09 18.85 31.46
N ILE Q 201 55.56 19.50 30.39
CA ILE Q 201 56.69 20.41 30.51
C ILE Q 201 56.31 21.66 31.29
N THR Q 202 55.03 22.08 31.22
CA THR Q 202 54.59 23.26 31.95
C THR Q 202 54.88 23.13 33.43
N GLY Q 203 55.49 24.16 34.00
CA GLY Q 203 55.89 24.14 35.39
C GLY Q 203 57.35 24.52 35.56
N VAL Q 204 58.20 24.09 34.65
CA VAL Q 204 59.63 24.40 34.68
C VAL Q 204 59.84 25.69 33.89
N PRO Q 205 60.45 26.72 34.48
CA PRO Q 205 60.65 27.99 33.76
C PRO Q 205 61.64 27.87 32.61
N VAL Q 206 62.84 27.39 32.91
CA VAL Q 206 63.94 27.32 31.94
C VAL Q 206 64.56 25.94 32.02
N VAL Q 207 64.80 25.33 30.86
CA VAL Q 207 65.39 24.00 30.76
C VAL Q 207 66.76 24.12 30.12
N ASP Q 208 67.76 23.54 30.76
CA ASP Q 208 69.11 23.53 30.20
C ASP Q 208 69.13 22.75 28.90
N THR Q 209 70.07 23.12 28.02
CA THR Q 209 70.13 22.50 26.70
C THR Q 209 70.34 21.00 26.80
N MET Q 210 71.24 20.56 27.68
CA MET Q 210 71.46 19.14 27.87
C MET Q 210 70.21 18.46 28.42
N VAL Q 211 69.48 19.15 29.30
CA VAL Q 211 68.24 18.60 29.82
C VAL Q 211 67.21 18.45 28.70
N ALA Q 212 67.13 19.43 27.81
CA ALA Q 212 66.22 19.31 26.68
C ALA Q 212 66.63 18.16 25.77
N HIS Q 213 67.93 17.95 25.60
CA HIS Q 213 68.40 16.81 24.83
C HIS Q 213 67.92 15.50 25.44
N HIS Q 214 68.08 15.35 26.76
CA HIS Q 214 67.59 14.16 27.43
C HIS Q 214 66.08 14.01 27.31
N ILE Q 215 65.34 15.12 27.35
CA ILE Q 215 63.90 15.04 27.16
C ILE Q 215 63.55 14.53 25.77
N ILE Q 216 64.29 15.00 24.77
CA ILE Q 216 64.06 14.54 23.40
C ILE Q 216 64.34 13.04 23.29
N GLN Q 217 65.46 12.59 23.84
CA GLN Q 217 65.74 11.16 23.81
C GLN Q 217 64.72 10.36 24.63
N ALA Q 218 64.17 10.97 25.69
CA ALA Q 218 63.11 10.30 26.44
C ALA Q 218 61.88 10.10 25.57
N SER Q 219 61.49 11.13 24.83
CA SER Q 219 60.34 10.99 23.94
C SER Q 219 60.61 9.93 22.87
N GLU Q 220 61.82 9.93 22.31
CA GLU Q 220 62.15 8.95 21.29
C GLU Q 220 62.14 7.53 21.85
N ALA Q 221 62.69 7.34 23.05
CA ALA Q 221 62.70 6.02 23.66
C ALA Q 221 61.30 5.55 24.00
N VAL Q 222 60.45 6.46 24.49
CA VAL Q 222 59.07 6.08 24.80
C VAL Q 222 58.35 5.67 23.52
N ARG Q 223 58.58 6.39 22.42
CA ARG Q 223 58.02 5.97 21.14
C ARG Q 223 58.57 4.61 20.74
N LEU Q 224 59.85 4.35 21.01
CA LEU Q 224 60.47 3.10 20.63
C LEU Q 224 59.90 1.92 21.41
N VAL Q 225 59.55 2.14 22.67
CA VAL Q 225 58.93 1.07 23.46
C VAL Q 225 57.56 0.72 22.91
N GLY Q 226 56.88 1.69 22.30
CA GLY Q 226 55.58 1.42 21.70
C GLY Q 226 54.47 2.28 22.27
N CYS Q 227 54.81 3.49 22.71
CA CYS Q 227 53.81 4.42 23.24
C CYS Q 227 54.15 5.82 22.74
N GLN Q 228 53.15 6.52 22.21
CA GLN Q 228 53.35 7.89 21.77
C GLN Q 228 53.60 8.82 22.95
N ALA Q 229 54.42 9.83 22.73
CA ALA Q 229 54.82 10.78 23.76
C ALA Q 229 54.30 12.16 23.37
N MET Q 230 53.21 12.58 24.01
CA MET Q 230 52.64 13.92 23.79
C MET Q 230 53.34 14.88 24.74
N LEU Q 231 54.38 15.55 24.24
CA LEU Q 231 55.06 16.58 25.03
C LEU Q 231 54.16 17.80 25.10
N VAL Q 232 53.38 17.91 26.17
CA VAL Q 232 52.29 18.88 26.26
C VAL Q 232 52.68 20.01 27.20
N GLY Q 233 52.48 21.24 26.75
CA GLY Q 233 52.66 22.39 27.61
C GLY Q 233 54.02 23.03 27.52
N ILE Q 234 54.57 23.12 26.31
CA ILE Q 234 55.89 23.69 26.11
C ILE Q 234 55.83 25.19 26.35
N ARG Q 235 56.95 25.76 26.82
CA ARG Q 235 57.07 27.19 27.05
C ARG Q 235 57.96 27.84 25.98
N PRO Q 236 57.77 29.13 25.70
CA PRO Q 236 58.56 29.78 24.65
C PRO Q 236 60.07 29.70 24.82
N GLU Q 237 60.58 29.87 26.05
CA GLU Q 237 62.02 29.80 26.25
C GLU Q 237 62.54 28.38 26.04
N ILE Q 238 61.78 27.39 26.52
CA ILE Q 238 62.17 26.00 26.31
C ILE Q 238 62.11 25.67 24.82
N ALA Q 239 61.15 26.22 24.10
CA ALA Q 239 61.11 26.05 22.65
C ALA Q 239 62.33 26.68 21.99
N GLN Q 240 62.71 27.87 22.45
CA GLN Q 240 63.97 28.51 22.04
C GLN Q 240 65.12 27.55 22.12
N TPO Q 241 65.31 26.99 23.31
CA TPO Q 241 66.45 26.12 23.58
CB TPO Q 241 66.55 25.83 25.08
CG2 TPO Q 241 67.00 24.41 25.39
OG1 TPO Q 241 67.49 26.75 25.63
P TPO Q 241 66.81 27.43 26.92
O1P TPO Q 241 67.13 28.87 26.95
O2P TPO Q 241 67.40 26.73 28.25
O3P TPO Q 241 65.22 27.21 26.87
C TPO Q 241 66.39 24.82 22.77
O TPO Q 241 67.41 24.34 22.29
N ILE Q 242 65.19 24.27 22.61
CA ILE Q 242 65.02 23.02 21.88
C ILE Q 242 65.34 23.19 20.41
N VAL Q 243 64.80 24.25 19.78
CA VAL Q 243 65.11 24.46 18.37
C VAL Q 243 66.55 24.92 18.21
N ASN Q 244 67.14 25.56 19.24
CA ASN Q 244 68.55 25.88 19.19
C ASN Q 244 69.40 24.63 19.21
N LEU Q 245 68.95 23.59 19.91
CA LEU Q 245 69.66 22.31 19.89
C LEU Q 245 69.80 21.79 18.47
N GLY Q 246 68.79 22.00 17.64
CA GLY Q 246 68.88 21.65 16.24
C GLY Q 246 68.60 20.20 15.91
N ILE Q 247 68.19 19.39 16.88
CA ILE Q 247 67.86 18.01 16.57
C ILE Q 247 66.57 17.95 15.76
N GLU Q 248 66.39 16.83 15.06
CA GLU Q 248 65.18 16.64 14.26
C GLU Q 248 63.95 16.63 15.16
N LEU Q 249 62.92 17.36 14.74
CA LEU Q 249 61.71 17.54 15.52
C LEU Q 249 60.48 17.27 14.67
N ASP Q 250 60.54 16.20 13.88
CA ASP Q 250 59.41 15.79 13.06
C ASP Q 250 58.75 14.52 13.60
N GLN Q 251 59.09 14.10 14.81
CA GLN Q 251 58.54 12.87 15.36
C GLN Q 251 57.70 13.08 16.61
N ILE Q 252 57.92 14.16 17.35
CA ILE Q 252 57.19 14.41 18.59
C ILE Q 252 55.95 15.24 18.29
N ILE Q 253 54.87 14.95 19.00
CA ILE Q 253 53.61 15.66 18.85
C ILE Q 253 53.35 16.42 20.15
N THR Q 254 53.19 17.74 20.04
CA THR Q 254 53.03 18.60 21.19
C THR Q 254 51.62 19.19 21.22
N THR Q 255 51.28 19.76 22.36
CA THR Q 255 49.99 20.42 22.54
C THR Q 255 50.15 21.49 23.60
N ASN Q 256 49.52 22.64 23.37
CA ASN Q 256 49.73 23.79 24.25
C ASN Q 256 49.12 23.59 25.64
N THR Q 257 47.93 23.00 25.71
CA THR Q 257 47.23 22.83 26.98
C THR Q 257 46.97 21.35 27.25
N MET Q 258 46.81 21.04 28.53
CA MET Q 258 46.66 19.65 28.94
C MET Q 258 45.36 19.04 28.45
N LYS Q 259 44.28 19.81 28.43
CA LYS Q 259 42.99 19.26 27.99
C LYS Q 259 43.01 18.93 26.51
N LYS Q 260 43.60 19.79 25.69
CA LYS Q 260 43.72 19.49 24.27
C LYS Q 260 44.66 18.31 24.03
N GLY Q 261 45.72 18.20 24.83
CA GLY Q 261 46.56 17.02 24.75
C GLY Q 261 45.80 15.75 25.10
N MET Q 262 44.93 15.82 26.11
CA MET Q 262 44.14 14.66 26.49
C MET Q 262 43.18 14.26 25.39
N GLU Q 263 42.52 15.23 24.77
CA GLU Q 263 41.59 14.88 23.69
C GLU Q 263 42.35 14.37 22.47
N ARG Q 264 43.56 14.87 22.22
CA ARG Q 264 44.38 14.31 21.15
C ARG Q 264 44.76 12.87 21.44
N ALA Q 265 45.16 12.58 22.68
CA ALA Q 265 45.50 11.20 23.05
C ALA Q 265 44.29 10.29 22.91
N LEU Q 266 43.11 10.77 23.31
CA LEU Q 266 41.90 9.99 23.09
C LEU Q 266 41.61 9.82 21.61
N ALA Q 267 42.00 10.80 20.79
CA ALA Q 267 41.84 10.66 19.35
C ALA Q 267 42.75 9.56 18.79
N LEU Q 268 43.96 9.43 19.34
CA LEU Q 268 44.84 8.35 18.90
C LEU Q 268 44.21 6.99 19.12
N THR Q 269 43.63 6.78 20.30
CA THR Q 269 42.82 5.59 20.57
C THR Q 269 41.41 5.87 20.05
N ASN Q 270 41.27 5.71 18.73
CA ASN Q 270 40.13 6.27 18.00
C ASN Q 270 38.78 5.91 18.63
N ARG Q 271 38.64 4.68 19.09
CA ARG Q 271 37.37 4.27 19.70
C ARG Q 271 37.19 4.86 21.11
N GLU Q 272 38.26 5.31 21.74
CA GLU Q 272 38.21 5.77 23.13
C GLU Q 272 37.87 7.25 23.24
N ILE Q 273 37.16 7.82 22.26
CA ILE Q 273 36.66 9.18 22.40
C ILE Q 273 35.49 9.26 23.37
N VAL Q 274 34.92 8.11 23.74
CA VAL Q 274 33.79 8.07 24.67
C VAL Q 274 34.26 7.70 26.08
N MET R 1 109.86 -54.71 29.32
CA MET R 1 110.14 -55.54 30.49
C MET R 1 109.09 -55.31 31.59
N TYR R 2 107.83 -55.26 31.18
CA TYR R 2 106.74 -54.99 32.13
C TYR R 2 106.48 -56.14 33.09
N LYS R 3 107.13 -57.30 32.92
CA LYS R 3 106.95 -58.40 33.85
C LYS R 3 107.44 -58.03 35.24
N ASP R 4 108.74 -57.71 35.35
CA ASP R 4 109.28 -57.27 36.63
C ASP R 4 108.68 -55.95 37.07
N PHE R 5 108.24 -55.13 36.11
CA PHE R 5 107.56 -53.89 36.46
C PHE R 5 106.26 -54.17 37.20
N ALA R 6 105.49 -55.15 36.73
CA ALA R 6 104.28 -55.56 37.44
C ALA R 6 104.63 -56.22 38.77
N ASN R 7 105.71 -57.01 38.79
CA ASN R 7 106.13 -57.63 40.05
C ASN R 7 106.43 -56.58 41.12
N PHE R 8 107.03 -55.45 40.71
CA PHE R 8 107.34 -54.40 41.67
C PHE R 8 106.14 -53.50 41.94
N ILE R 9 105.23 -53.35 40.98
CA ILE R 9 104.00 -52.61 41.22
C ILE R 9 103.13 -53.35 42.22
N ARG R 10 103.22 -54.69 42.25
CA ARG R 10 102.51 -55.47 43.24
C ARG R 10 102.87 -55.08 44.67
N THR R 11 104.07 -54.52 44.87
CA THR R 11 104.47 -53.96 46.16
C THR R 11 104.27 -52.46 46.25
N ASN R 12 104.45 -51.74 45.14
CA ASN R 12 104.26 -50.29 45.13
C ASN R 12 102.80 -49.89 45.25
N LYS R 13 101.87 -50.84 45.12
CA LYS R 13 100.47 -50.52 45.36
C LYS R 13 100.24 -50.05 46.79
N LYS R 14 100.92 -50.68 47.76
CA LYS R 14 100.80 -50.25 49.14
C LYS R 14 101.40 -48.85 49.34
N ASP R 15 102.51 -48.56 48.67
CA ASP R 15 103.09 -47.22 48.74
C ASP R 15 102.13 -46.18 48.17
N LEU R 16 101.48 -46.50 47.04
CA LEU R 16 100.51 -45.57 46.47
C LEU R 16 99.28 -45.41 47.35
N LEU R 17 98.86 -46.49 48.03
CA LEU R 17 97.74 -46.37 48.96
C LEU R 17 98.12 -45.52 50.17
N ASN R 18 99.36 -45.65 50.64
CA ASN R 18 99.85 -44.75 51.68
C ASN R 18 99.86 -43.31 51.20
N ASN R 19 100.23 -43.10 49.94
CA ASN R 19 100.20 -41.76 49.36
C ASN R 19 98.79 -41.20 49.34
N TRP R 20 97.82 -42.03 48.95
CA TRP R 20 96.42 -41.60 48.96
C TRP R 20 95.95 -41.30 50.38
N MET R 21 96.37 -42.12 51.34
CA MET R 21 96.08 -41.86 52.76
C MET R 21 96.64 -40.51 53.18
N ASN R 22 97.83 -40.16 52.70
CA ASN R 22 98.43 -38.87 53.03
C ASN R 22 97.69 -37.72 52.36
N GLU R 23 97.25 -37.91 51.12
CA GLU R 23 96.76 -36.79 50.32
C GLU R 23 95.36 -36.32 50.71
N MET R 24 94.60 -37.11 51.49
CA MET R 24 93.26 -36.67 51.84
C MET R 24 93.27 -35.63 52.97
N GLU R 25 94.25 -35.70 53.87
CA GLU R 25 94.25 -34.80 55.03
C GLU R 25 94.59 -33.37 54.65
N LYS R 26 95.25 -33.13 53.51
CA LYS R 26 95.64 -31.77 53.16
C LYS R 26 94.43 -30.91 52.81
N GLN R 27 93.42 -31.49 52.15
CA GLN R 27 92.28 -30.71 51.71
C GLN R 27 91.06 -31.62 51.54
N SER R 28 89.94 -31.22 52.13
CA SER R 28 88.63 -31.85 51.91
C SER R 28 88.67 -33.35 52.20
N ASP R 29 89.21 -33.71 53.36
CA ASP R 29 89.24 -35.12 53.75
C ASP R 29 87.84 -35.71 53.91
N PRO R 30 86.92 -35.11 54.68
CA PRO R 30 85.57 -35.69 54.76
C PRO R 30 84.86 -35.74 53.42
N LEU R 31 85.03 -34.72 52.58
CA LEU R 31 84.36 -34.72 51.28
C LEU R 31 84.85 -35.87 50.40
N ILE R 32 86.16 -36.06 50.32
CA ILE R 32 86.71 -37.14 49.50
C ILE R 32 86.31 -38.49 50.07
N ASN R 33 86.39 -38.65 51.40
CA ASN R 33 86.00 -39.91 52.02
C ASN R 33 84.51 -40.20 51.87
N ASP R 34 83.70 -39.16 51.67
CA ASP R 34 82.27 -39.37 51.44
C ASP R 34 81.98 -39.75 49.99
N ILE R 35 82.50 -38.96 49.04
CA ILE R 35 82.22 -39.23 47.63
C ILE R 35 82.89 -40.52 47.19
N ALA R 36 84.07 -40.81 47.71
CA ALA R 36 84.82 -42.02 47.34
C ALA R 36 85.39 -42.63 48.62
N LYS R 37 84.76 -43.70 49.10
CA LYS R 37 85.20 -44.34 50.33
C LYS R 37 86.56 -45.01 50.12
N GLU R 38 87.21 -45.32 51.25
CA GLU R 38 88.57 -45.86 51.20
C GLU R 38 88.68 -47.17 50.43
N PRO R 39 87.85 -48.20 50.70
CA PRO R 39 88.06 -49.47 49.97
C PRO R 39 87.86 -49.36 48.47
N MET R 40 86.77 -48.74 48.03
CA MET R 40 86.49 -48.63 46.60
C MET R 40 87.57 -47.83 45.88
N TYR R 41 87.96 -46.68 46.45
CA TYR R 41 88.97 -45.86 45.82
C TYR R 41 90.32 -46.57 45.80
N GLU R 42 90.66 -47.29 46.88
CA GLU R 42 91.92 -48.02 46.93
C GLU R 42 91.96 -49.10 45.87
N GLU R 43 90.88 -49.90 45.76
CA GLU R 43 90.88 -50.97 44.77
C GLU R 43 90.88 -50.41 43.35
N THR R 44 90.15 -49.31 43.11
CA THR R 44 90.18 -48.69 41.79
C THR R 44 91.57 -48.20 41.45
N SER R 45 92.25 -47.55 42.40
CA SER R 45 93.59 -47.04 42.15
C SER R 45 94.58 -48.16 41.88
N ILE R 46 94.52 -49.24 42.68
CA ILE R 46 95.48 -50.32 42.48
C ILE R 46 95.23 -51.03 41.15
N GLU R 47 93.95 -51.20 40.78
CA GLU R 47 93.65 -51.79 39.48
C GLU R 47 94.16 -50.89 38.34
N PHE R 48 93.96 -49.57 38.48
CA PHE R 48 94.39 -48.64 37.45
C PHE R 48 95.91 -48.64 37.29
N VAL R 49 96.65 -48.73 38.41
CA VAL R 49 98.10 -48.72 38.32
C VAL R 49 98.67 -50.09 37.99
N ASP R 50 97.90 -51.16 38.13
CA ASP R 50 98.40 -52.50 37.87
C ASP R 50 98.04 -53.05 36.50
N LEU R 51 96.96 -52.55 35.88
CA LEU R 51 96.57 -53.09 34.58
C LEU R 51 97.56 -52.72 33.49
N ILE R 52 98.09 -51.50 33.51
CA ILE R 52 99.05 -51.07 32.49
C ILE R 52 100.33 -51.89 32.58
N VAL R 53 100.83 -52.11 33.80
CA VAL R 53 102.13 -52.74 34.01
C VAL R 53 102.02 -54.23 33.70
N SER R 54 100.81 -54.71 33.41
CA SER R 54 100.59 -56.10 33.03
C SER R 54 100.62 -56.31 31.52
N ASN R 55 100.66 -55.25 30.72
CA ASN R 55 100.74 -55.38 29.28
C ASN R 55 102.14 -55.78 28.85
N ILE R 56 102.25 -56.24 27.61
CA ILE R 56 103.55 -56.69 27.07
C ILE R 56 104.21 -55.46 26.44
N THR R 57 104.81 -54.63 27.29
CA THR R 57 105.63 -53.49 26.89
C THR R 57 104.91 -52.62 25.86
N GLU R 58 103.57 -52.66 25.86
CA GLU R 58 102.78 -51.95 24.86
C GLU R 58 101.49 -51.48 25.51
N ASN R 59 100.57 -50.98 24.69
CA ASN R 59 99.28 -50.51 25.14
C ASN R 59 98.25 -51.64 25.14
N GLY R 60 97.21 -51.46 25.95
CA GLY R 60 96.14 -52.43 26.03
C GLY R 60 94.78 -51.84 25.73
N SER R 61 94.05 -52.44 24.77
CA SER R 61 92.73 -51.94 24.43
C SER R 61 91.77 -52.06 25.61
N LYS R 62 91.79 -53.20 26.30
CA LYS R 62 90.99 -53.33 27.51
C LYS R 62 91.45 -52.33 28.57
N PHE R 63 92.77 -52.15 28.71
CA PHE R 63 93.25 -51.11 29.62
C PHE R 63 92.92 -49.71 29.12
N ASN R 64 92.85 -49.52 27.80
CA ASN R 64 92.43 -48.22 27.29
C ASN R 64 90.99 -47.91 27.70
N GLU R 65 90.10 -48.90 27.58
CA GLU R 65 88.73 -48.72 28.04
C GLU R 65 88.68 -48.50 29.55
N LYS R 66 89.49 -49.25 30.30
CA LYS R 66 89.53 -49.08 31.76
C LYS R 66 90.03 -47.69 32.14
N LEU R 67 91.02 -47.17 31.41
CA LEU R 67 91.54 -45.84 31.70
C LEU R 67 90.52 -44.76 31.35
N ASP R 68 89.79 -44.93 30.25
CA ASP R 68 88.71 -44.00 29.94
C ASP R 68 87.64 -44.03 31.02
N ASP R 69 87.29 -45.22 31.50
CA ASP R 69 86.32 -45.35 32.58
C ASP R 69 86.82 -44.66 33.85
N PHE R 70 88.09 -44.85 34.19
CA PHE R 70 88.65 -44.21 35.37
C PHE R 70 88.65 -42.69 35.23
N ALA R 71 89.01 -42.19 34.05
CA ALA R 71 89.03 -40.74 33.83
C ALA R 71 87.64 -40.15 33.96
N GLU R 72 86.63 -40.79 33.35
CA GLU R 72 85.29 -40.25 33.45
C GLU R 72 84.73 -40.37 34.86
N LYS R 73 85.09 -41.45 35.57
CA LYS R 73 84.65 -41.60 36.95
C LYS R 73 85.26 -40.53 37.85
N VAL R 74 86.54 -40.22 37.67
CA VAL R 74 87.14 -39.19 38.51
C VAL R 74 86.67 -37.81 38.11
N VAL R 75 86.31 -37.61 36.84
CA VAL R 75 85.74 -36.32 36.42
C VAL R 75 84.38 -36.11 37.06
N HIS R 76 83.53 -37.15 37.03
CA HIS R 76 82.19 -37.00 37.58
C HIS R 76 82.19 -36.99 39.10
N LEU R 77 83.10 -37.73 39.72
CA LEU R 77 83.09 -37.91 41.17
C LEU R 77 83.57 -36.68 41.93
N GLY R 78 84.32 -35.78 41.28
CA GLY R 78 84.80 -34.59 41.94
C GLY R 78 86.31 -34.44 41.92
N TRP R 79 86.96 -35.02 40.91
CA TRP R 79 88.41 -34.96 40.76
C TRP R 79 88.73 -34.38 39.39
N PRO R 80 88.74 -33.05 39.26
CA PRO R 80 89.10 -32.44 37.98
C PRO R 80 90.59 -32.55 37.68
N ILE R 81 91.04 -31.90 36.60
CA ILE R 81 92.43 -32.03 36.17
C ILE R 81 93.39 -31.51 37.24
N HIS R 82 92.98 -30.51 38.01
CA HIS R 82 93.83 -30.02 39.09
C HIS R 82 94.05 -31.10 40.15
N PHE R 83 92.99 -31.80 40.54
CA PHE R 83 93.14 -32.86 41.53
C PHE R 83 93.94 -34.04 40.98
N VAL R 84 93.76 -34.36 39.69
CA VAL R 84 94.54 -35.44 39.08
C VAL R 84 96.02 -35.05 39.04
N THR R 85 96.31 -33.77 38.79
CA THR R 85 97.69 -33.32 38.76
C THR R 85 98.31 -33.34 40.15
N THR R 86 97.54 -32.94 41.17
CA THR R 86 98.05 -33.08 42.54
C THR R 86 98.29 -34.54 42.90
N GLY R 87 97.41 -35.42 42.41
CA GLY R 87 97.64 -36.84 42.59
C GLY R 87 98.91 -37.32 41.93
N LEU R 88 99.20 -36.82 40.73
CA LEU R 88 100.46 -37.16 40.07
C LEU R 88 101.66 -36.65 40.86
N ARG R 89 101.55 -35.43 41.39
CA ARG R 89 102.64 -34.86 42.18
C ARG R 89 102.93 -35.70 43.41
N VAL R 90 101.88 -36.09 44.15
CA VAL R 90 102.10 -36.90 45.33
C VAL R 90 102.51 -38.32 44.95
N PHE R 91 102.07 -38.81 43.78
CA PHE R 91 102.60 -40.07 43.24
C PHE R 91 104.11 -40.00 43.12
N GLY R 92 104.61 -38.94 42.48
CA GLY R 92 106.05 -38.79 42.35
C GLY R 92 106.75 -38.70 43.69
N LEU R 93 106.17 -37.93 44.62
CA LEU R 93 106.76 -37.79 45.94
C LEU R 93 106.92 -39.14 46.63
N LEU R 94 105.84 -39.92 46.70
CA LEU R 94 105.89 -41.18 47.42
C LEU R 94 106.66 -42.25 46.65
N VAL R 95 106.69 -42.16 45.32
CA VAL R 95 107.54 -43.06 44.55
C VAL R 95 109.01 -42.81 44.85
N TYR R 96 109.40 -41.53 44.96
CA TYR R 96 110.77 -41.22 45.35
C TYR R 96 111.07 -41.70 46.76
N THR R 97 110.14 -41.52 47.69
CA THR R 97 110.34 -42.05 49.03
C THR R 97 110.52 -43.56 49.00
N ALA R 98 109.71 -44.25 48.17
CA ALA R 98 109.80 -45.70 48.08
C ALA R 98 111.13 -46.15 47.51
N MET R 99 111.60 -45.50 46.44
CA MET R 99 112.86 -45.95 45.83
C MET R 99 114.05 -45.57 46.70
N ARG R 100 113.91 -44.54 47.54
CA ARG R 100 114.88 -44.33 48.61
C ARG R 100 114.83 -45.48 49.61
N ASP R 101 113.64 -45.96 49.93
CA ASP R 101 113.50 -47.04 50.92
C ASP R 101 113.75 -48.41 50.30
N GLU R 102 112.95 -48.77 49.30
CA GLU R 102 113.03 -50.13 48.74
C GLU R 102 114.36 -50.38 48.05
N ASP R 103 114.77 -49.48 47.16
CA ASP R 103 116.05 -49.58 46.45
C ASP R 103 116.19 -50.92 45.72
N LEU R 104 115.13 -51.34 45.05
CA LEU R 104 115.14 -52.57 44.24
C LEU R 104 114.47 -52.23 42.91
N PHE R 105 115.28 -51.98 41.88
CA PHE R 105 114.80 -51.46 40.62
C PHE R 105 114.59 -52.60 39.61
N LEU R 106 114.29 -52.24 38.36
CA LEU R 106 113.95 -53.22 37.34
C LEU R 106 115.12 -54.14 37.03
N LYS R 107 116.21 -53.58 36.50
CA LYS R 107 117.30 -54.40 36.01
C LYS R 107 118.06 -55.04 37.16
N ARG R 108 118.34 -56.34 37.04
CA ARG R 108 119.05 -57.07 38.08
C ARG R 108 120.53 -56.70 38.03
N GLU R 109 121.05 -56.16 39.13
CA GLU R 109 122.43 -55.73 39.20
C GLU R 109 122.87 -55.76 40.65
N GLU R 110 124.20 -55.72 40.85
CA GLU R 110 124.73 -55.70 42.21
C GLU R 110 124.27 -54.45 42.96
N LYS R 111 124.27 -53.30 42.28
CA LYS R 111 123.77 -52.06 42.84
C LYS R 111 122.84 -51.41 41.84
N PRO R 112 121.57 -51.17 42.18
CA PRO R 112 120.67 -50.52 41.23
C PRO R 112 121.14 -49.12 40.87
N GLU R 113 120.90 -48.74 39.62
CA GLU R 113 121.30 -47.44 39.10
C GLU R 113 120.06 -46.61 38.74
N ASP R 114 120.30 -45.39 38.27
CA ASP R 114 119.23 -44.44 37.99
C ASP R 114 118.48 -44.75 36.70
N ASP R 115 118.97 -45.67 35.88
CA ASP R 115 118.30 -45.97 34.60
C ASP R 115 116.90 -46.52 34.84
N ALA R 116 116.78 -47.53 35.69
CA ALA R 116 115.48 -48.14 35.91
C ALA R 116 114.53 -47.19 36.65
N TYR R 117 115.07 -46.39 37.58
CA TYR R 117 114.25 -45.39 38.25
C TYR R 117 113.72 -44.36 37.26
N TYR R 118 114.55 -43.93 36.32
CA TYR R 118 114.08 -42.94 35.37
C TYR R 118 113.12 -43.56 34.35
N ARG R 119 113.27 -44.85 34.05
CA ARG R 119 112.26 -45.51 33.22
C ARG R 119 110.94 -45.61 33.96
N PHE R 120 110.98 -45.88 35.26
CA PHE R 120 109.80 -45.77 36.11
C PHE R 120 109.15 -44.40 35.94
N GLU R 121 109.95 -43.34 36.06
CA GLU R 121 109.41 -41.98 35.99
C GLU R 121 108.81 -41.68 34.61
N THR R 122 109.50 -42.10 33.54
CA THR R 122 109.00 -41.84 32.19
C THR R 122 107.72 -42.61 31.92
N TRP R 123 107.63 -43.85 32.41
CA TRP R 123 106.38 -44.60 32.23
C TRP R 123 105.24 -44.01 33.04
N LEU R 124 105.54 -43.48 34.23
CA LEU R 124 104.51 -42.75 34.97
C LEU R 124 104.05 -41.51 34.22
N SER R 125 105.00 -40.80 33.60
CA SER R 125 104.64 -39.63 32.80
C SER R 125 103.77 -40.02 31.61
N SER R 126 104.10 -41.14 30.95
CA SER R 126 103.27 -41.61 29.84
C SER R 126 101.88 -42.01 30.34
N MET R 127 101.81 -42.61 31.53
CA MET R 127 100.51 -42.92 32.11
C MET R 127 99.69 -41.66 32.35
N TYR R 128 100.32 -40.60 32.87
CA TYR R 128 99.60 -39.34 33.05
C TYR R 128 99.20 -38.75 31.71
N ASN R 129 100.03 -38.92 30.68
CA ASN R 129 99.68 -38.47 29.34
C ASN R 129 98.42 -39.17 28.85
N LYS R 130 98.34 -40.48 29.01
CA LYS R 130 97.14 -41.22 28.61
C LYS R 130 95.93 -40.78 29.42
N VAL R 131 96.12 -40.57 30.73
CA VAL R 131 95.00 -40.16 31.58
C VAL R 131 94.45 -38.81 31.15
N VAL R 132 95.33 -37.85 30.90
CA VAL R 132 94.85 -36.53 30.48
C VAL R 132 94.30 -36.58 29.06
N THR R 133 94.79 -37.50 28.22
CA THR R 133 94.23 -37.66 26.89
C THR R 133 92.78 -38.14 26.97
N ALA R 134 92.51 -39.10 27.85
CA ALA R 134 91.14 -39.57 28.04
C ALA R 134 90.31 -38.64 28.92
N TYR R 135 90.94 -37.66 29.57
CA TYR R 135 90.24 -36.74 30.44
C TYR R 135 89.21 -35.91 29.66
N ALA R 136 89.67 -35.12 28.70
CA ALA R 136 88.86 -34.06 28.11
C ALA R 136 88.14 -34.46 26.83
N ASP R 137 88.21 -35.73 26.41
CA ASP R 137 87.52 -36.15 25.19
C ASP R 137 86.02 -35.97 25.32
N THR R 138 85.43 -36.51 26.39
CA THR R 138 83.99 -36.38 26.59
C THR R 138 83.59 -34.93 26.81
N TRP R 139 84.45 -34.16 27.47
CA TRP R 139 84.16 -32.74 27.67
C TRP R 139 84.10 -31.99 26.35
N GLU R 140 85.06 -32.26 25.45
CA GLU R 140 85.03 -31.64 24.14
C GLU R 140 83.81 -32.08 23.34
N LYS R 141 83.45 -33.36 23.43
CA LYS R 141 82.28 -33.85 22.71
C LYS R 141 81.00 -33.17 23.18
N THR R 142 80.82 -33.05 24.50
CA THR R 142 79.62 -32.42 25.02
C THR R 142 79.61 -30.93 24.75
N VAL R 143 80.78 -30.28 24.76
CA VAL R 143 80.84 -28.87 24.37
C VAL R 143 80.42 -28.69 22.92
N SER R 144 80.89 -29.59 22.04
CA SER R 144 80.54 -29.50 20.63
C SER R 144 79.04 -29.71 20.41
N ILE R 145 78.46 -30.71 21.08
CA ILE R 145 77.03 -30.95 20.89
C ILE R 145 76.21 -29.81 21.49
N GLN R 146 76.67 -29.24 22.61
CA GLN R 146 75.98 -28.08 23.17
C GLN R 146 76.07 -26.88 22.24
N LYS R 147 77.20 -26.70 21.58
CA LYS R 147 77.34 -25.62 20.60
C LYS R 147 76.39 -25.84 19.43
N SER R 148 76.27 -27.08 18.97
CA SER R 148 75.31 -27.38 17.90
C SER R 148 73.88 -27.08 18.33
N ALA R 149 73.53 -27.45 19.57
CA ALA R 149 72.20 -27.16 20.09
C ALA R 149 71.96 -25.66 20.19
N LEU R 150 72.96 -24.90 20.62
CA LEU R 150 72.84 -23.45 20.65
C LEU R 150 72.66 -22.89 19.25
N GLN R 151 73.35 -23.48 18.27
CA GLN R 151 73.21 -23.05 16.89
C GLN R 151 71.78 -23.28 16.39
N GLU R 152 71.20 -24.44 16.70
CA GLU R 152 69.84 -24.71 16.22
C GLU R 152 68.81 -23.94 17.02
N LEU R 153 69.06 -23.69 18.31
CA LEU R 153 68.10 -23.01 19.17
C LEU R 153 68.17 -21.49 19.07
N SER R 154 69.04 -20.94 18.23
CA SER R 154 69.26 -19.50 18.20
C SER R 154 68.01 -18.72 17.82
N ALA R 155 67.52 -18.89 16.58
CA ALA R 155 66.40 -18.12 16.06
C ALA R 155 65.39 -19.07 15.44
N PRO R 156 64.47 -19.61 16.23
CA PRO R 156 63.44 -20.47 15.65
C PRO R 156 62.35 -19.66 14.95
N LEU R 157 62.38 -19.62 13.63
CA LEU R 157 61.33 -18.99 12.86
C LEU R 157 60.18 -19.96 12.59
N LEU R 158 60.31 -21.20 13.04
CA LEU R 158 59.27 -22.21 12.83
C LEU R 158 57.87 -21.76 13.22
N PRO R 159 57.67 -20.94 14.27
CA PRO R 159 56.33 -20.37 14.47
C PRO R 159 55.86 -19.61 13.24
N ILE R 160 54.80 -20.11 12.60
CA ILE R 160 54.31 -19.58 11.34
C ILE R 160 52.80 -19.44 11.41
N PHE R 161 52.29 -18.25 11.16
CA PHE R 161 50.87 -18.02 10.99
C PHE R 161 50.60 -17.75 9.51
N GLU R 162 49.32 -17.58 9.16
CA GLU R 162 48.94 -17.35 7.77
C GLU R 162 49.43 -15.97 7.35
N LYS R 163 50.56 -15.94 6.64
CA LYS R 163 51.24 -14.73 6.17
C LYS R 163 51.87 -13.91 7.29
N ILE R 164 51.92 -14.45 8.50
CA ILE R 164 52.60 -13.80 9.62
C ILE R 164 53.59 -14.79 10.22
N SER R 165 54.82 -14.34 10.44
CA SER R 165 55.84 -15.15 11.09
C SER R 165 56.37 -14.42 12.31
N VAL R 166 56.58 -15.16 13.39
CA VAL R 166 57.11 -14.62 14.64
C VAL R 166 58.38 -15.37 14.99
N MET R 167 59.41 -14.62 15.36
CA MET R 167 60.75 -15.16 15.60
C MET R 167 61.17 -14.83 17.02
N PRO R 168 61.01 -15.75 17.96
CA PRO R 168 61.37 -15.44 19.36
C PRO R 168 62.83 -15.69 19.67
N LEU R 169 63.56 -14.64 20.04
CA LEU R 169 64.92 -14.76 20.52
C LEU R 169 64.95 -14.31 21.98
N ILE R 170 65.49 -15.15 22.86
CA ILE R 170 65.39 -14.89 24.28
C ILE R 170 66.78 -14.89 24.93
N GLY R 171 67.71 -15.64 24.34
CA GLY R 171 69.03 -15.73 24.92
C GLY R 171 69.83 -14.46 24.72
N THR R 172 70.79 -14.23 25.63
CA THR R 172 71.66 -13.07 25.52
C THR R 172 72.55 -13.22 24.30
N ILE R 173 72.47 -12.26 23.38
CA ILE R 173 73.09 -12.38 22.07
C ILE R 173 74.30 -11.44 21.99
N ASP R 174 75.35 -11.91 21.33
CA ASP R 174 76.52 -11.10 21.01
C ASP R 174 76.65 -11.02 19.48
N THR R 175 77.76 -10.42 19.03
CA THR R 175 77.89 -10.13 17.60
C THR R 175 77.88 -11.39 16.75
N GLU R 176 78.56 -12.46 17.20
CA GLU R 176 78.52 -13.72 16.47
C GLU R 176 77.12 -14.32 16.49
N ARG R 177 76.50 -14.36 17.67
CA ARG R 177 75.14 -14.86 17.76
C ARG R 177 74.18 -13.95 16.99
N ALA R 178 74.45 -12.64 16.96
CA ALA R 178 73.60 -11.75 16.18
C ALA R 178 73.70 -12.05 14.69
N LYS R 179 74.92 -12.33 14.20
CA LYS R 179 75.09 -12.71 12.81
C LYS R 179 74.34 -14.02 12.52
N LEU R 180 74.42 -14.98 13.44
CA LEU R 180 73.66 -16.21 13.27
C LEU R 180 72.17 -15.93 13.21
N ILE R 181 71.68 -15.03 14.09
CA ILE R 181 70.27 -14.69 14.14
C ILE R 181 69.82 -14.09 12.82
N ILE R 182 70.58 -13.12 12.30
CA ILE R 182 70.16 -12.44 11.08
C ILE R 182 70.23 -13.39 9.89
N GLU R 183 71.25 -14.25 9.83
CA GLU R 183 71.32 -15.23 8.76
C GLU R 183 70.12 -16.16 8.79
N ASN R 184 69.78 -16.68 9.98
CA ASN R 184 68.65 -17.58 10.10
C ASN R 184 67.35 -16.90 9.72
N LEU R 185 67.15 -15.67 10.19
CA LEU R 185 65.93 -14.94 9.86
C LEU R 185 65.81 -14.70 8.36
N LEU R 186 66.91 -14.30 7.72
CA LEU R 186 66.86 -14.03 6.29
C LEU R 186 66.57 -15.30 5.51
N ILE R 187 67.29 -16.38 5.81
CA ILE R 187 67.07 -17.61 5.04
C ILE R 187 65.67 -18.15 5.29
N GLY R 188 65.15 -18.01 6.51
CA GLY R 188 63.80 -18.46 6.79
C GLY R 188 62.76 -17.67 6.03
N VAL R 189 62.87 -16.33 6.07
CA VAL R 189 61.89 -15.51 5.38
C VAL R 189 62.00 -15.72 3.87
N VAL R 190 63.17 -16.12 3.37
CA VAL R 190 63.26 -16.51 1.97
C VAL R 190 62.55 -17.83 1.73
N LYS R 191 62.70 -18.78 2.64
CA LYS R 191 62.17 -20.12 2.41
C LYS R 191 60.65 -20.13 2.40
N ASN R 192 60.01 -19.50 3.39
CA ASN R 192 58.56 -19.54 3.53
C ASN R 192 57.97 -18.17 3.27
N ARG R 193 56.70 -18.15 2.84
CA ARG R 193 56.05 -16.90 2.49
C ARG R 193 55.55 -16.24 3.77
N SER R 194 55.88 -14.96 3.95
CA SER R 194 55.49 -14.25 5.16
C SER R 194 55.48 -12.77 4.86
N GLU R 195 54.31 -12.13 4.99
CA GLU R 195 54.24 -10.70 4.68
C GLU R 195 54.86 -9.85 5.78
N VAL R 196 54.77 -10.28 7.04
CA VAL R 196 55.34 -9.53 8.16
C VAL R 196 56.16 -10.47 9.01
N VAL R 197 57.09 -9.89 9.77
CA VAL R 197 57.95 -10.62 10.68
C VAL R 197 57.84 -9.99 12.06
N LEU R 198 57.52 -10.79 13.07
CA LEU R 198 57.33 -10.33 14.44
C LEU R 198 58.55 -10.76 15.24
N ILE R 199 59.52 -9.87 15.35
CA ILE R 199 60.72 -10.14 16.14
C ILE R 199 60.38 -9.96 17.61
N ASP R 200 60.55 -11.02 18.40
CA ASP R 200 60.26 -10.98 19.83
C ASP R 200 61.57 -10.70 20.57
N ILE R 201 61.95 -9.42 20.60
CA ILE R 201 63.18 -9.02 21.26
C ILE R 201 63.07 -9.11 22.77
N THR R 202 61.87 -9.22 23.32
CA THR R 202 61.71 -9.34 24.77
C THR R 202 62.44 -10.59 25.27
N GLY R 203 63.22 -10.41 26.34
CA GLY R 203 63.96 -11.51 26.90
C GLY R 203 65.42 -11.21 27.10
N VAL R 204 66.02 -10.45 26.18
CA VAL R 204 67.43 -10.09 26.30
C VAL R 204 67.55 -8.98 27.34
N PRO R 205 68.29 -9.19 28.43
CA PRO R 205 68.38 -8.16 29.47
C PRO R 205 69.05 -6.89 28.98
N VAL R 206 70.28 -7.02 28.50
CA VAL R 206 71.06 -5.89 27.99
C VAL R 206 71.77 -6.33 26.72
N VAL R 207 71.74 -5.47 25.71
CA VAL R 207 72.45 -5.70 24.45
C VAL R 207 73.41 -4.55 24.22
N ASP R 208 74.60 -4.86 23.71
CA ASP R 208 75.59 -3.85 23.44
C ASP R 208 75.22 -3.06 22.19
N THR R 209 76.04 -2.07 21.85
CA THR R 209 75.75 -1.23 20.71
C THR R 209 75.85 -2.01 19.40
N MET R 210 76.81 -2.92 19.30
CA MET R 210 77.02 -3.66 18.06
C MET R 210 75.82 -4.57 17.77
N VAL R 211 75.31 -5.21 18.82
CA VAL R 211 74.13 -6.07 18.68
C VAL R 211 72.92 -5.27 18.24
N ALA R 212 72.72 -4.09 18.83
CA ALA R 212 71.60 -3.24 18.42
C ALA R 212 71.73 -2.82 16.97
N HIS R 213 72.96 -2.51 16.54
CA HIS R 213 73.18 -2.18 15.14
C HIS R 213 72.81 -3.33 14.24
N HIS R 214 73.23 -4.55 14.60
CA HIS R 214 72.85 -5.73 13.83
C HIS R 214 71.34 -5.93 13.80
N ILE R 215 70.67 -5.71 14.93
CA ILE R 215 69.22 -5.91 14.97
C ILE R 215 68.52 -4.92 14.04
N ILE R 216 68.96 -3.66 14.07
CA ILE R 216 68.33 -2.66 13.21
C ILE R 216 68.57 -2.98 11.74
N GLN R 217 69.80 -3.36 11.39
CA GLN R 217 70.06 -3.72 9.99
C GLN R 217 69.28 -4.96 9.59
N ALA R 218 69.11 -5.93 10.50
CA ALA R 218 68.31 -7.10 10.19
C ALA R 218 66.86 -6.73 9.90
N SER R 219 66.29 -5.86 10.74
CA SER R 219 64.92 -5.42 10.50
C SER R 219 64.80 -4.68 9.17
N GLU R 220 65.74 -3.79 8.89
CA GLU R 220 65.64 -3.02 7.65
C GLU R 220 65.88 -3.90 6.43
N ALA R 221 66.73 -4.92 6.55
CA ALA R 221 66.93 -5.85 5.44
C ALA R 221 65.70 -6.71 5.22
N VAL R 222 65.02 -7.11 6.31
CA VAL R 222 63.76 -7.82 6.16
C VAL R 222 62.75 -6.93 5.43
N ARG R 223 62.74 -5.64 5.76
CA ARG R 223 61.90 -4.71 5.00
C ARG R 223 62.31 -4.68 3.52
N LEU R 224 63.61 -4.67 3.26
CA LEU R 224 64.11 -4.61 1.90
C LEU R 224 63.85 -5.90 1.11
N VAL R 225 63.58 -7.01 1.80
CA VAL R 225 63.18 -8.22 1.10
C VAL R 225 61.71 -8.16 0.72
N GLY R 226 60.92 -7.35 1.39
CA GLY R 226 59.51 -7.21 1.07
C GLY R 226 58.61 -7.63 2.21
N CYS R 227 59.10 -7.47 3.44
CA CYS R 227 58.41 -7.97 4.61
C CYS R 227 58.54 -6.96 5.73
N GLN R 228 57.41 -6.45 6.21
CA GLN R 228 57.44 -5.51 7.34
C GLN R 228 58.01 -6.21 8.57
N ALA R 229 58.94 -5.54 9.23
CA ALA R 229 59.68 -6.13 10.35
C ALA R 229 59.23 -5.43 11.64
N MET R 230 58.29 -6.04 12.33
CA MET R 230 57.84 -5.52 13.62
C MET R 230 58.87 -5.84 14.70
N LEU R 231 58.99 -4.93 15.67
CA LEU R 231 59.89 -5.09 16.80
C LEU R 231 59.05 -5.06 18.06
N VAL R 232 58.92 -6.21 18.72
CA VAL R 232 57.91 -6.41 19.76
C VAL R 232 58.55 -6.39 21.13
N GLY R 233 58.01 -5.55 22.01
CA GLY R 233 58.34 -5.59 23.43
C GLY R 233 59.78 -5.29 23.77
N ILE R 234 60.33 -4.23 23.20
CA ILE R 234 61.71 -3.85 23.50
C ILE R 234 61.77 -3.28 24.91
N ARG R 235 62.72 -3.78 25.70
CA ARG R 235 62.85 -3.36 27.09
C ARG R 235 63.41 -1.95 27.18
N PRO R 236 63.13 -1.24 28.28
CA PRO R 236 63.56 0.18 28.35
C PRO R 236 65.06 0.39 28.18
N GLU R 237 65.89 -0.48 28.76
N GLU R 237 65.89 -0.48 28.75
CA GLU R 237 67.33 -0.34 28.62
CA GLU R 237 67.33 -0.31 28.61
C GLU R 237 67.75 -0.53 27.16
C GLU R 237 67.76 -0.53 27.15
N ILE R 238 67.16 -1.51 26.48
CA ILE R 238 67.46 -1.72 25.07
C ILE R 238 67.06 -0.50 24.26
N ALA R 239 65.90 0.07 24.57
CA ALA R 239 65.44 1.26 23.85
C ALA R 239 66.39 2.43 24.06
N GLN R 240 66.82 2.66 25.30
CA GLN R 240 67.70 3.79 25.55
C GLN R 240 69.07 3.58 24.90
N THR R 241 69.56 2.33 24.89
CA THR R 241 70.81 2.05 24.19
C THR R 241 70.67 2.30 22.69
N ILE R 242 69.54 1.87 22.12
CA ILE R 242 69.34 2.04 20.67
C ILE R 242 69.26 3.52 20.32
N VAL R 243 68.54 4.31 21.12
CA VAL R 243 68.46 5.73 20.80
C VAL R 243 69.79 6.42 21.05
N ASN R 244 70.57 5.94 22.02
CA ASN R 244 71.92 6.48 22.21
C ASN R 244 72.85 6.10 21.08
N LEU R 245 72.53 5.05 20.32
CA LEU R 245 73.31 4.73 19.12
C LEU R 245 73.31 5.90 18.14
N GLY R 246 72.21 6.64 18.05
CA GLY R 246 72.14 7.77 17.16
C GLY R 246 71.75 7.45 15.73
N ILE R 247 71.54 6.17 15.40
CA ILE R 247 71.10 5.80 14.06
C ILE R 247 69.63 6.13 13.93
N GLU R 248 69.11 6.09 12.70
CA GLU R 248 67.71 6.44 12.46
C GLU R 248 66.78 5.37 13.02
N LEU R 249 65.74 5.81 13.72
CA LEU R 249 64.71 4.94 14.29
C LEU R 249 63.33 5.44 13.93
N ASP R 250 63.11 5.73 12.66
CA ASP R 250 61.82 6.25 12.20
C ASP R 250 61.12 5.36 11.19
N GLN R 251 61.71 4.22 10.82
CA GLN R 251 61.12 3.36 9.80
C GLN R 251 60.58 2.04 10.34
N ILE R 252 60.92 1.66 11.58
CA ILE R 252 60.50 0.38 12.14
C ILE R 252 59.30 0.61 13.05
N ILE R 253 58.33 -0.30 12.97
CA ILE R 253 57.12 -0.22 13.78
C ILE R 253 57.32 -1.08 15.02
N THR R 254 57.04 -0.51 16.19
CA THR R 254 57.27 -1.16 17.46
C THR R 254 55.95 -1.34 18.20
N THR R 255 55.94 -2.29 19.14
CA THR R 255 54.74 -2.58 19.91
C THR R 255 55.13 -2.83 21.37
N ASN R 256 54.14 -2.64 22.25
CA ASN R 256 54.39 -2.86 23.68
C ASN R 256 54.50 -4.34 24.01
N THR R 257 53.64 -5.17 23.43
CA THR R 257 53.60 -6.59 23.76
C THR R 257 53.28 -7.40 22.52
N MET R 258 53.34 -8.72 22.68
CA MET R 258 53.13 -9.62 21.54
C MET R 258 51.72 -9.50 20.98
N LYS R 259 50.72 -9.36 21.84
CA LYS R 259 49.35 -9.27 21.36
C LYS R 259 49.14 -8.04 20.50
N LYS R 260 49.68 -6.89 20.93
CA LYS R 260 49.56 -5.68 20.14
C LYS R 260 50.32 -5.82 18.82
N GLY R 261 51.49 -6.46 18.85
CA GLY R 261 52.21 -6.69 17.61
C GLY R 261 51.40 -7.53 16.63
N MET R 262 50.79 -8.60 17.13
CA MET R 262 50.00 -9.47 16.26
C MET R 262 48.78 -8.74 15.71
N GLU R 263 48.10 -7.95 16.55
CA GLU R 263 46.89 -7.28 16.06
C GLU R 263 47.25 -6.19 15.05
N ARG R 264 48.35 -5.48 15.24
CA ARG R 264 48.75 -4.51 14.22
C ARG R 264 49.23 -5.21 12.96
N ALA R 265 49.89 -6.36 13.08
CA ALA R 265 50.27 -7.12 11.89
C ALA R 265 49.04 -7.54 11.10
N LEU R 266 47.99 -8.01 11.80
CA LEU R 266 46.74 -8.30 11.12
C LEU R 266 46.11 -7.03 10.55
N ALA R 267 46.37 -5.88 11.17
CA ALA R 267 45.86 -4.62 10.63
C ALA R 267 46.51 -4.28 9.30
N LEU R 268 47.82 -4.51 9.17
CA LEU R 268 48.49 -4.24 7.89
C LEU R 268 47.91 -5.10 6.77
N THR R 269 47.70 -6.39 7.04
CA THR R 269 47.00 -7.28 6.12
C THR R 269 45.55 -7.34 6.58
N ASN R 270 44.81 -6.26 6.29
CA ASN R 270 43.52 -6.03 6.92
C ASN R 270 42.56 -7.21 6.72
N ARG R 271 42.60 -7.82 5.53
CA ARG R 271 41.68 -8.93 5.27
C ARG R 271 41.99 -10.15 6.13
N GLU R 272 43.20 -10.24 6.69
CA GLU R 272 43.57 -11.35 7.54
C GLU R 272 43.19 -11.13 9.00
N ILE R 273 42.26 -10.20 9.27
CA ILE R 273 41.81 -9.99 10.64
C ILE R 273 41.05 -11.19 11.16
N VAL R 274 40.35 -11.92 10.28
CA VAL R 274 39.60 -13.10 10.68
C VAL R 274 40.49 -14.34 10.57
N MET S 1 114.18 -22.99 48.29
CA MET S 1 114.89 -21.79 47.87
C MET S 1 114.60 -21.55 46.39
N TYR S 2 114.56 -20.28 46.00
CA TYR S 2 114.19 -19.89 44.65
C TYR S 2 115.26 -19.12 43.89
N LYS S 3 116.19 -18.45 44.58
CA LYS S 3 117.11 -17.55 43.90
C LYS S 3 118.15 -18.32 43.09
N ASP S 4 118.92 -19.18 43.76
CA ASP S 4 119.88 -20.02 43.04
C ASP S 4 119.17 -20.97 42.08
N PHE S 5 117.92 -21.32 42.36
CA PHE S 5 117.13 -22.06 41.38
C PHE S 5 117.00 -21.27 40.08
N ALA S 6 116.74 -19.96 40.18
CA ALA S 6 116.74 -19.12 38.98
C ALA S 6 118.13 -18.98 38.38
N ASN S 7 119.17 -18.93 39.22
CA ASN S 7 120.53 -18.84 38.71
C ASN S 7 120.88 -20.05 37.85
N PHE S 8 120.33 -21.21 38.17
CA PHE S 8 120.52 -22.40 37.34
C PHE S 8 119.47 -22.52 36.23
N ILE S 9 118.31 -21.88 36.42
CA ILE S 9 117.35 -21.72 35.33
C ILE S 9 117.94 -20.88 34.21
N ARG S 10 118.93 -20.04 34.54
CA ARG S 10 119.60 -19.24 33.49
C ARG S 10 120.23 -20.12 32.41
N THR S 11 120.50 -21.40 32.71
CA THR S 11 120.91 -22.37 31.70
C THR S 11 119.83 -23.41 31.43
N ASN S 12 118.96 -23.68 32.40
CA ASN S 12 117.80 -24.52 32.12
C ASN S 12 116.93 -23.94 31.02
N LYS S 13 116.97 -22.63 30.80
CA LYS S 13 116.20 -22.02 29.71
C LYS S 13 116.72 -22.49 28.36
N LYS S 14 118.05 -22.49 28.17
CA LYS S 14 118.61 -23.03 26.93
C LYS S 14 118.34 -24.52 26.83
N ASP S 15 118.42 -25.23 27.96
CA ASP S 15 118.09 -26.66 27.96
C ASP S 15 116.65 -26.87 27.49
N LEU S 16 115.72 -26.05 27.96
CA LEU S 16 114.32 -26.20 27.59
C LEU S 16 114.06 -25.71 26.16
N LEU S 17 114.87 -24.79 25.64
CA LEU S 17 114.76 -24.44 24.23
C LEU S 17 115.15 -25.62 23.35
N ASN S 18 116.26 -26.28 23.68
CA ASN S 18 116.61 -27.51 23.00
C ASN S 18 115.51 -28.56 23.17
N ASN S 19 114.90 -28.58 24.36
CA ASN S 19 113.78 -29.49 24.61
C ASN S 19 112.60 -29.19 23.69
N TRP S 20 112.28 -27.92 23.50
CA TRP S 20 111.20 -27.54 22.59
C TRP S 20 111.51 -28.00 21.17
N MET S 21 112.74 -27.76 20.72
CA MET S 21 113.11 -28.13 19.37
C MET S 21 113.04 -29.65 19.18
N ASN S 22 113.43 -30.41 20.21
CA ASN S 22 113.35 -31.86 20.13
C ASN S 22 111.90 -32.35 20.20
N GLU S 23 111.08 -31.75 21.06
CA GLU S 23 109.72 -32.22 21.29
C GLU S 23 108.80 -31.92 20.12
N MET S 24 108.98 -30.77 19.47
CA MET S 24 107.96 -30.28 18.55
C MET S 24 107.75 -31.21 17.37
N GLU S 25 108.68 -32.12 17.11
CA GLU S 25 108.57 -33.02 15.97
C GLU S 25 107.35 -33.95 16.09
N LYS S 26 106.99 -34.33 17.31
CA LYS S 26 106.01 -35.40 17.48
C LYS S 26 104.57 -34.94 17.26
N GLN S 27 104.24 -33.71 17.69
CA GLN S 27 102.84 -33.28 17.76
C GLN S 27 102.62 -32.01 16.97
N SER S 28 101.85 -32.12 15.88
CA SER S 28 101.27 -30.98 15.16
C SER S 28 102.29 -29.88 14.87
N ASP S 29 103.40 -30.28 14.25
CA ASP S 29 104.42 -29.29 13.88
C ASP S 29 103.90 -28.25 12.89
N PRO S 30 103.26 -28.61 11.78
CA PRO S 30 102.80 -27.57 10.85
C PRO S 30 101.80 -26.59 11.46
N LEU S 31 100.90 -27.05 12.33
CA LEU S 31 99.87 -26.17 12.88
C LEU S 31 100.49 -25.07 13.72
N ILE S 32 101.31 -25.44 14.70
CA ILE S 32 101.93 -24.45 15.57
C ILE S 32 102.93 -23.61 14.79
N ASN S 33 103.67 -24.22 13.86
CA ASN S 33 104.57 -23.46 13.01
C ASN S 33 103.83 -22.41 12.21
N ASP S 34 102.59 -22.71 11.79
CA ASP S 34 101.80 -21.74 11.05
C ASP S 34 101.29 -20.62 11.96
N ILE S 35 100.77 -20.97 13.14
CA ILE S 35 100.11 -19.95 13.95
C ILE S 35 101.11 -19.12 14.76
N ALA S 36 102.18 -19.75 15.26
CA ALA S 36 103.14 -19.07 16.13
C ALA S 36 104.55 -19.36 15.66
N LYS S 37 105.35 -18.31 15.47
CA LYS S 37 106.73 -18.49 15.06
C LYS S 37 107.59 -18.97 16.23
N GLU S 38 108.70 -19.62 15.88
CA GLU S 38 109.55 -20.22 16.91
C GLU S 38 110.14 -19.22 17.89
N PRO S 39 110.74 -18.09 17.47
CA PRO S 39 111.35 -17.20 18.46
C PRO S 39 110.37 -16.62 19.48
N MET S 40 109.15 -16.26 19.07
CA MET S 40 108.18 -15.74 20.02
C MET S 40 107.76 -16.81 21.02
N TYR S 41 107.51 -18.03 20.56
CA TYR S 41 107.17 -19.11 21.48
C TYR S 41 108.31 -19.39 22.45
N GLU S 42 109.54 -19.35 21.95
CA GLU S 42 110.69 -19.60 22.82
C GLU S 42 110.83 -18.52 23.88
N GLU S 43 110.66 -17.25 23.49
CA GLU S 43 110.78 -16.18 24.47
C GLU S 43 109.64 -16.23 25.49
N THR S 44 108.44 -16.58 25.05
CA THR S 44 107.34 -16.76 25.99
C THR S 44 107.63 -17.89 26.97
N SER S 45 108.19 -18.99 26.47
CA SER S 45 108.50 -20.12 27.35
C SER S 45 109.60 -19.76 28.35
N ILE S 46 110.64 -19.06 27.90
CA ILE S 46 111.70 -18.70 28.84
C ILE S 46 111.20 -17.67 29.86
N GLU S 47 110.31 -16.77 29.45
CA GLU S 47 109.67 -15.86 30.41
C GLU S 47 108.85 -16.64 31.42
N PHE S 48 108.16 -17.69 30.97
CA PHE S 48 107.34 -18.49 31.87
C PHE S 48 108.18 -19.33 32.83
N VAL S 49 109.36 -19.76 32.40
CA VAL S 49 110.18 -20.64 33.24
C VAL S 49 111.23 -19.91 34.07
N ASP S 50 111.55 -18.66 33.76
CA ASP S 50 112.64 -17.98 34.45
C ASP S 50 112.19 -17.10 35.61
N LEU S 51 110.99 -16.52 35.55
CA LEU S 51 110.51 -15.63 36.59
C LEU S 51 109.59 -16.33 37.59
N ILE S 52 109.44 -17.65 37.48
CA ILE S 52 108.65 -18.39 38.46
C ILE S 52 109.33 -18.36 39.83
N VAL S 53 110.65 -18.37 39.87
CA VAL S 53 111.38 -18.45 41.13
C VAL S 53 112.19 -17.18 41.37
N SER S 54 111.76 -16.08 40.78
CA SER S 54 112.41 -14.80 41.03
C SER S 54 111.96 -14.16 42.34
N ASN S 55 110.87 -14.63 42.92
CA ASN S 55 110.41 -14.14 44.21
C ASN S 55 111.23 -14.76 45.33
N ILE S 56 111.04 -14.25 46.54
CA ILE S 56 111.87 -14.68 47.69
C ILE S 56 111.17 -15.88 48.32
N THR S 57 111.38 -17.04 47.69
CA THR S 57 111.25 -18.34 48.33
C THR S 57 109.81 -18.69 48.74
N GLU S 58 108.88 -17.73 48.63
CA GLU S 58 107.54 -17.94 49.18
C GLU S 58 106.45 -18.00 48.12
N ASN S 59 106.27 -16.92 47.34
CA ASN S 59 105.20 -16.85 46.35
C ASN S 59 105.31 -15.52 45.61
N GLY S 60 104.48 -15.39 44.57
CA GLY S 60 104.34 -14.13 43.86
C GLY S 60 102.98 -14.02 43.20
N SER S 61 102.26 -12.93 43.48
CA SER S 61 100.94 -12.74 42.88
C SER S 61 101.03 -12.33 41.42
N LYS S 62 101.98 -11.44 41.10
CA LYS S 62 102.11 -10.96 39.72
C LYS S 62 102.41 -12.10 38.76
N PHE S 63 103.35 -12.98 39.13
CA PHE S 63 103.64 -14.10 38.25
C PHE S 63 102.55 -15.17 38.30
N ASN S 64 101.76 -15.23 39.38
CA ASN S 64 100.59 -16.09 39.37
C ASN S 64 99.59 -15.64 38.31
N GLU S 65 99.34 -14.34 38.25
CA GLU S 65 98.47 -13.80 37.20
C GLU S 65 99.07 -14.01 35.81
N LYS S 66 100.39 -13.82 35.69
CA LYS S 66 101.04 -14.06 34.40
C LYS S 66 100.95 -15.52 33.98
N LEU S 67 101.03 -16.44 34.95
CA LEU S 67 100.89 -17.86 34.66
C LEU S 67 99.46 -18.18 34.23
N ASP S 68 98.47 -17.56 34.86
CA ASP S 68 97.09 -17.72 34.41
C ASP S 68 96.92 -17.20 32.98
N ASP S 69 97.54 -16.06 32.68
CA ASP S 69 97.49 -15.53 31.32
C ASP S 69 98.16 -16.47 30.34
N PHE S 70 99.29 -17.06 30.72
CA PHE S 70 99.96 -18.03 29.86
C PHE S 70 99.08 -19.25 29.62
N ALA S 71 98.40 -19.73 30.67
CA ALA S 71 97.51 -20.87 30.52
C ALA S 71 96.37 -20.56 29.56
N GLU S 72 95.75 -19.38 29.70
CA GLU S 72 94.68 -19.03 28.78
C GLU S 72 95.20 -18.81 27.36
N LYS S 73 96.43 -18.29 27.22
CA LYS S 73 97.02 -18.11 25.90
C LYS S 73 97.26 -19.44 25.22
N VAL S 74 97.77 -20.45 25.96
CA VAL S 74 98.00 -21.75 25.35
C VAL S 74 96.68 -22.50 25.15
N VAL S 75 95.64 -22.16 25.91
CA VAL S 75 94.31 -22.70 25.63
C VAL S 75 93.79 -22.17 24.30
N HIS S 76 93.89 -20.85 24.11
CA HIS S 76 93.43 -20.25 22.86
C HIS S 76 94.28 -20.66 21.67
N LEU S 77 95.58 -20.87 21.88
CA LEU S 77 96.49 -21.19 20.80
C LEU S 77 96.36 -22.63 20.32
N GLY S 78 95.74 -23.50 21.11
CA GLY S 78 95.59 -24.89 20.71
C GLY S 78 96.48 -25.86 21.45
N TRP S 79 96.62 -25.67 22.76
CA TRP S 79 97.41 -26.56 23.61
C TRP S 79 96.54 -27.03 24.77
N PRO S 80 95.73 -28.08 24.55
CA PRO S 80 94.94 -28.65 25.65
C PRO S 80 95.79 -29.41 26.64
N ILE S 81 95.14 -30.09 27.59
CA ILE S 81 95.84 -30.72 28.70
C ILE S 81 96.81 -31.79 28.22
N HIS S 82 96.45 -32.53 27.16
CA HIS S 82 97.33 -33.57 26.64
C HIS S 82 98.64 -32.99 26.12
N PHE S 83 98.57 -31.88 25.38
CA PHE S 83 99.78 -31.27 24.85
C PHE S 83 100.63 -30.69 25.96
N VAL S 84 100.01 -30.08 26.98
CA VAL S 84 100.76 -29.56 28.10
C VAL S 84 101.43 -30.69 28.88
N THR S 85 100.76 -31.85 28.97
CA THR S 85 101.36 -32.99 29.65
C THR S 85 102.53 -33.55 28.87
N THR S 86 102.42 -33.61 27.54
CA THR S 86 103.58 -33.99 26.74
C THR S 86 104.73 -33.01 26.92
N GLY S 87 104.41 -31.72 27.00
CA GLY S 87 105.42 -30.73 27.29
C GLY S 87 106.09 -30.96 28.64
N LEU S 88 105.30 -31.32 29.65
CA LEU S 88 105.87 -31.63 30.96
C LEU S 88 106.78 -32.86 30.89
N ARG S 89 106.37 -33.87 30.12
CA ARG S 89 107.18 -35.07 29.99
C ARG S 89 108.52 -34.76 29.34
N VAL S 90 108.51 -33.97 28.27
CA VAL S 90 109.78 -33.61 27.64
C VAL S 90 110.59 -32.67 28.52
N PHE S 91 109.90 -31.82 29.30
CA PHE S 91 110.59 -31.01 30.31
C PHE S 91 111.39 -31.89 31.24
N GLY S 92 110.75 -32.93 31.78
CA GLY S 92 111.45 -33.85 32.67
C GLY S 92 112.60 -34.56 31.97
N LEU S 93 112.37 -34.99 30.73
CA LEU S 93 113.42 -35.67 29.98
C LEU S 93 114.67 -34.80 29.85
N LEU S 94 114.49 -33.57 29.37
CA LEU S 94 115.65 -32.72 29.14
C LEU S 94 116.23 -32.17 30.44
N VAL S 95 115.42 -32.04 31.50
CA VAL S 95 115.98 -31.68 32.81
C VAL S 95 116.89 -32.79 33.33
N TYR S 96 116.46 -34.05 33.16
CA TYR S 96 117.31 -35.17 33.53
C TYR S 96 118.60 -35.18 32.72
N THR S 97 118.49 -34.95 31.40
CA THR S 97 119.71 -34.93 30.58
C THR S 97 120.63 -33.78 30.99
N ALA S 98 120.07 -32.61 31.28
CA ALA S 98 120.88 -31.47 31.69
C ALA S 98 121.59 -31.75 33.00
N MET S 99 120.88 -32.28 33.99
CA MET S 99 121.53 -32.59 35.27
C MET S 99 122.55 -33.71 35.12
N ARG S 100 122.39 -34.58 34.12
CA ARG S 100 123.47 -35.47 33.75
C ARG S 100 124.67 -34.70 33.21
N ASP S 101 124.41 -33.68 32.39
CA ASP S 101 125.49 -32.95 31.72
C ASP S 101 125.94 -31.73 32.53
N GLU S 102 125.02 -30.81 32.82
CA GLU S 102 125.40 -29.56 33.46
C GLU S 102 125.99 -29.80 34.86
N ASP S 103 125.28 -30.55 35.70
CA ASP S 103 125.77 -30.95 37.01
C ASP S 103 126.21 -29.74 37.85
N LEU S 104 125.35 -28.73 37.88
CA LEU S 104 125.56 -27.52 38.68
C LEU S 104 124.34 -27.34 39.57
N PHE S 105 124.36 -27.97 40.73
CA PHE S 105 123.18 -28.08 41.58
C PHE S 105 123.06 -26.88 42.50
N LEU S 106 122.13 -26.95 43.46
CA LEU S 106 121.73 -25.76 44.21
C LEU S 106 122.76 -25.38 45.27
N LYS S 107 123.00 -26.25 46.25
CA LYS S 107 123.90 -25.95 47.33
C LYS S 107 125.36 -26.23 46.94
N ARG S 108 126.26 -25.44 47.50
CA ARG S 108 127.68 -25.59 47.20
C ARG S 108 128.22 -26.85 47.84
N GLU S 109 128.67 -27.78 47.01
CA GLU S 109 129.17 -29.07 47.48
C GLU S 109 129.96 -29.74 46.37
N GLU S 110 131.00 -30.48 46.76
CA GLU S 110 131.80 -31.23 45.80
C GLU S 110 131.00 -32.36 45.15
N LYS S 111 129.93 -32.82 45.79
CA LYS S 111 129.07 -33.86 45.25
C LYS S 111 127.70 -33.80 45.89
N PRO S 112 126.79 -32.97 45.36
CA PRO S 112 125.44 -32.87 45.96
C PRO S 112 124.69 -34.19 45.81
N GLU S 113 123.55 -34.26 46.50
CA GLU S 113 122.82 -35.50 46.69
C GLU S 113 121.37 -35.36 46.20
N ASP S 114 120.56 -36.35 46.53
CA ASP S 114 119.21 -36.48 45.99
C ASP S 114 118.26 -35.38 46.43
N ASP S 115 118.63 -34.60 47.45
CA ASP S 115 117.73 -33.58 47.99
C ASP S 115 117.28 -32.60 46.91
N ALA S 116 118.22 -31.80 46.39
CA ALA S 116 117.89 -30.90 45.29
C ALA S 116 117.59 -31.67 44.01
N TYR S 117 118.23 -32.83 43.85
CA TYR S 117 118.02 -33.67 42.67
C TYR S 117 116.55 -34.00 42.45
N TYR S 118 115.77 -34.13 43.54
CA TYR S 118 114.34 -34.30 43.40
C TYR S 118 113.52 -33.08 43.79
N ARG S 119 114.11 -32.11 44.50
CA ARG S 119 113.41 -30.85 44.69
C ARG S 119 113.16 -30.15 43.36
N PHE S 120 114.07 -30.32 42.40
CA PHE S 120 113.82 -29.85 41.05
C PHE S 120 112.53 -30.42 40.49
N GLU S 121 112.37 -31.75 40.55
CA GLU S 121 111.18 -32.39 40.00
C GLU S 121 109.94 -31.98 40.77
N THR S 122 110.04 -31.85 42.10
CA THR S 122 108.87 -31.44 42.88
C THR S 122 108.42 -30.04 42.50
N TRP S 123 109.36 -29.11 42.32
CA TRP S 123 108.98 -27.76 41.95
C TRP S 123 108.46 -27.69 40.52
N LEU S 124 109.00 -28.54 39.63
CA LEU S 124 108.43 -28.66 38.29
C LEU S 124 106.99 -29.17 38.36
N SER S 125 106.73 -30.14 39.24
CA SER S 125 105.37 -30.62 39.43
C SER S 125 104.47 -29.53 39.96
N SER S 126 104.98 -28.70 40.87
CA SER S 126 104.19 -27.60 41.41
C SER S 126 103.82 -26.58 40.35
N MET S 127 104.79 -26.20 39.50
CA MET S 127 104.49 -25.25 38.44
C MET S 127 103.51 -25.84 37.43
N TYR S 128 103.66 -27.13 37.11
CA TYR S 128 102.69 -27.78 36.23
C TYR S 128 101.31 -27.82 36.87
N ASN S 129 101.24 -28.04 38.18
CA ASN S 129 99.96 -28.01 38.89
C ASN S 129 99.31 -26.64 38.79
N LYS S 130 100.09 -25.58 38.97
CA LYS S 130 99.55 -24.23 38.84
C LYS S 130 99.03 -23.99 37.44
N VAL S 131 99.79 -24.42 36.43
CA VAL S 131 99.37 -24.21 35.03
C VAL S 131 98.06 -24.94 34.76
N VAL S 132 97.96 -26.20 35.17
CA VAL S 132 96.74 -26.96 34.88
C VAL S 132 95.56 -26.44 35.70
N THR S 133 95.81 -25.92 36.90
CA THR S 133 94.73 -25.31 37.68
C THR S 133 94.20 -24.06 36.99
N ALA S 134 95.09 -23.23 36.44
CA ALA S 134 94.65 -22.07 35.67
C ALA S 134 94.04 -22.46 34.33
N TYR S 135 94.33 -23.68 33.85
CA TYR S 135 93.84 -24.11 32.54
C TYR S 135 92.32 -24.18 32.49
N ALA S 136 91.69 -24.73 33.53
CA ALA S 136 90.28 -25.11 33.47
C ALA S 136 89.31 -24.00 33.86
N ASP S 137 89.80 -22.84 34.31
CA ASP S 137 88.91 -21.81 34.83
C ASP S 137 87.94 -21.32 33.75
N THR S 138 88.47 -20.75 32.67
CA THR S 138 87.61 -20.22 31.61
C THR S 138 86.79 -21.32 30.96
N TRP S 139 87.35 -22.53 30.84
CA TRP S 139 86.62 -23.64 30.24
C TRP S 139 85.38 -23.97 31.07
N GLU S 140 85.53 -24.09 32.39
CA GLU S 140 84.39 -24.37 33.25
C GLU S 140 83.40 -23.21 33.23
N LYS S 141 83.90 -21.97 33.20
CA LYS S 141 83.00 -20.81 33.18
C LYS S 141 82.15 -20.79 31.91
N THR S 142 82.78 -21.03 30.76
CA THR S 142 82.02 -21.01 29.51
C THR S 142 81.08 -22.21 29.41
N VAL S 143 81.48 -23.37 29.95
CA VAL S 143 80.56 -24.50 29.99
C VAL S 143 79.35 -24.18 30.86
N SER S 144 79.58 -23.52 32.00
CA SER S 144 78.47 -23.15 32.88
C SER S 144 77.52 -22.16 32.20
N ILE S 145 78.07 -21.14 31.55
CA ILE S 145 77.20 -20.15 30.91
C ILE S 145 76.46 -20.76 29.72
N GLN S 146 77.11 -21.67 28.99
CA GLN S 146 76.43 -22.36 27.90
C GLN S 146 75.31 -23.25 28.44
N LYS S 147 75.55 -23.92 29.56
CA LYS S 147 74.50 -24.72 30.19
C LYS S 147 73.33 -23.86 30.61
N SER S 148 73.62 -22.68 31.19
CA SER S 148 72.55 -21.78 31.59
C SER S 148 71.74 -21.30 30.37
N ALA S 149 72.43 -20.98 29.28
CA ALA S 149 71.72 -20.56 28.07
C ALA S 149 70.85 -21.67 27.52
N LEU S 150 71.36 -22.90 27.48
CA LEU S 150 70.55 -24.04 27.03
C LEU S 150 69.36 -24.27 27.94
N GLN S 151 69.56 -24.10 29.25
CA GLN S 151 68.45 -24.24 30.19
C GLN S 151 67.39 -23.19 29.95
N GLU S 152 67.81 -21.95 29.68
CA GLU S 152 66.85 -20.86 29.51
C GLU S 152 66.10 -20.96 28.19
N LEU S 153 66.80 -21.35 27.12
CA LEU S 153 66.22 -21.31 25.78
C LEU S 153 65.34 -22.51 25.46
N SER S 154 65.32 -23.54 26.32
CA SER S 154 64.65 -24.79 25.96
C SER S 154 63.13 -24.63 25.85
N ALA S 155 62.53 -23.88 26.76
CA ALA S 155 61.07 -23.79 26.85
C ALA S 155 60.63 -22.33 26.85
N PRO S 156 60.67 -21.68 25.69
CA PRO S 156 60.17 -20.31 25.59
C PRO S 156 58.67 -20.27 25.39
N LEU S 157 57.95 -19.87 26.45
CA LEU S 157 56.52 -19.60 26.34
C LEU S 157 56.25 -18.17 25.91
N LEU S 158 57.29 -17.38 25.69
CA LEU S 158 57.14 -15.98 25.34
C LEU S 158 56.19 -15.75 24.17
N PRO S 159 56.17 -16.55 23.11
CA PRO S 159 55.12 -16.38 22.10
C PRO S 159 53.74 -16.45 22.74
N ILE S 160 53.03 -15.34 22.67
CA ILE S 160 51.75 -15.17 23.33
C ILE S 160 50.77 -14.56 22.33
N PHE S 161 49.54 -15.07 22.33
CA PHE S 161 48.46 -14.50 21.55
C PHE S 161 47.30 -14.19 22.49
N GLU S 162 46.33 -13.45 21.98
CA GLU S 162 45.15 -13.08 22.75
C GLU S 162 44.39 -14.33 23.16
N LYS S 163 44.48 -14.69 24.44
CA LYS S 163 43.94 -15.92 25.02
C LYS S 163 44.57 -17.19 24.42
N ILE S 164 45.74 -17.08 23.79
CA ILE S 164 46.45 -18.23 23.27
C ILE S 164 47.91 -18.13 23.69
N SER S 165 48.49 -19.25 24.11
CA SER S 165 49.89 -19.29 24.57
C SER S 165 50.60 -20.44 23.87
N VAL S 166 51.17 -20.17 22.70
CA VAL S 166 51.92 -21.17 21.96
C VAL S 166 53.33 -21.30 22.53
N MET S 167 53.80 -22.53 22.65
CA MET S 167 55.11 -22.84 23.23
C MET S 167 55.95 -23.60 22.22
N PRO S 168 56.81 -22.92 21.46
CA PRO S 168 57.62 -23.60 20.45
C PRO S 168 58.86 -24.22 21.06
N LEU S 169 59.04 -25.52 20.86
CA LEU S 169 60.27 -26.22 21.21
C LEU S 169 60.81 -26.88 19.95
N ILE S 170 62.11 -26.73 19.72
CA ILE S 170 62.76 -27.27 18.52
C ILE S 170 63.90 -28.22 18.86
N GLY S 171 64.71 -27.89 19.87
CA GLY S 171 65.89 -28.67 20.15
C GLY S 171 65.57 -30.07 20.66
N THR S 172 66.55 -30.97 20.51
CA THR S 172 66.39 -32.33 20.96
C THR S 172 66.22 -32.36 22.48
N ILE S 173 65.29 -33.18 22.96
CA ILE S 173 64.90 -33.19 24.36
C ILE S 173 65.26 -34.54 24.97
N ASP S 174 65.80 -34.50 26.19
CA ASP S 174 66.09 -35.67 27.00
C ASP S 174 65.37 -35.52 28.35
N THR S 175 65.70 -36.41 29.28
CA THR S 175 64.99 -36.46 30.55
C THR S 175 65.06 -35.14 31.30
N GLU S 176 66.27 -34.61 31.49
CA GLU S 176 66.42 -33.33 32.17
C GLU S 176 65.73 -32.22 31.39
N ARG S 177 65.89 -32.21 30.08
CA ARG S 177 65.20 -31.21 29.27
C ARG S 177 63.70 -31.39 29.31
N ALA S 178 63.22 -32.63 29.37
CA ALA S 178 61.78 -32.84 29.49
C ALA S 178 61.24 -32.31 30.81
N LYS S 179 61.98 -32.52 31.90
CA LYS S 179 61.59 -31.93 33.19
C LYS S 179 61.58 -30.41 33.10
N LEU S 180 62.58 -29.86 32.41
CA LEU S 180 62.62 -28.41 32.20
C LEU S 180 61.36 -27.95 31.47
N ILE S 181 60.98 -28.67 30.41
CA ILE S 181 59.82 -28.30 29.61
C ILE S 181 58.56 -28.32 30.46
N ILE S 182 58.35 -29.41 31.21
CA ILE S 182 57.12 -29.51 32.00
C ILE S 182 57.07 -28.42 33.06
N GLU S 183 58.19 -28.19 33.77
CA GLU S 183 58.21 -27.17 34.80
C GLU S 183 57.92 -25.79 34.21
N ASN S 184 58.64 -25.43 33.14
CA ASN S 184 58.48 -24.10 32.57
C ASN S 184 57.08 -23.91 31.99
N LEU S 185 56.57 -24.92 31.30
CA LEU S 185 55.23 -24.81 30.72
C LEU S 185 54.18 -24.64 31.81
N LEU S 186 54.27 -25.42 32.88
CA LEU S 186 53.28 -25.30 33.95
C LEU S 186 53.35 -23.94 34.63
N ILE S 187 54.57 -23.48 34.96
CA ILE S 187 54.67 -22.20 35.66
C ILE S 187 54.21 -21.06 34.75
N GLY S 188 54.53 -21.15 33.45
CA GLY S 188 54.10 -20.11 32.54
C GLY S 188 52.58 -20.07 32.36
N VAL S 189 51.96 -21.24 32.18
CA VAL S 189 50.53 -21.29 32.02
C VAL S 189 49.81 -20.91 33.32
N VAL S 190 50.48 -21.06 34.46
CA VAL S 190 49.94 -20.51 35.70
C VAL S 190 50.04 -18.99 35.68
N LYS S 191 51.18 -18.47 35.23
CA LYS S 191 51.43 -17.02 35.30
C LYS S 191 50.44 -16.25 34.42
N ASN S 192 50.19 -16.73 33.21
CA ASN S 192 49.31 -16.04 32.28
C ASN S 192 48.00 -16.78 32.14
N ARG S 193 47.01 -16.09 31.59
CA ARG S 193 45.67 -16.64 31.41
C ARG S 193 45.49 -17.03 29.94
N SER S 194 45.16 -18.29 29.70
CA SER S 194 45.01 -18.79 28.34
C SER S 194 44.12 -20.02 28.36
N GLU S 195 43.55 -20.33 27.21
CA GLU S 195 42.66 -21.47 27.08
C GLU S 195 43.20 -22.57 26.18
N VAL S 196 44.07 -22.25 25.24
CA VAL S 196 44.71 -23.23 24.37
C VAL S 196 46.22 -23.00 24.42
N VAL S 197 46.97 -24.07 24.66
CA VAL S 197 48.42 -24.00 24.74
C VAL S 197 48.96 -24.85 23.60
N LEU S 198 49.33 -24.20 22.49
CA LEU S 198 49.85 -24.90 21.32
C LEU S 198 51.27 -25.34 21.61
N ILE S 199 51.48 -26.64 21.81
CA ILE S 199 52.83 -27.19 21.92
C ILE S 199 53.35 -27.46 20.52
N ASP S 200 54.41 -26.76 20.13
CA ASP S 200 54.98 -26.90 18.80
C ASP S 200 56.10 -27.93 18.87
N ILE S 201 55.71 -29.21 18.82
CA ILE S 201 56.68 -30.29 18.88
C ILE S 201 57.49 -30.41 17.60
N THR S 202 57.11 -29.72 16.54
CA THR S 202 57.86 -29.79 15.29
C THR S 202 59.27 -29.28 15.49
N GLY S 203 60.25 -30.01 14.94
CA GLY S 203 61.64 -29.66 15.05
C GLY S 203 62.46 -30.63 15.87
N VAL S 204 61.83 -31.40 16.74
CA VAL S 204 62.58 -32.39 17.52
C VAL S 204 62.95 -33.57 16.62
N PRO S 205 64.21 -33.96 16.54
CA PRO S 205 64.57 -35.07 15.65
C PRO S 205 63.94 -36.40 16.06
N VAL S 206 64.18 -36.83 17.30
CA VAL S 206 63.68 -38.12 17.78
C VAL S 206 63.35 -37.97 19.26
N VAL S 207 62.31 -38.68 19.68
CA VAL S 207 61.84 -38.65 21.05
C VAL S 207 61.85 -40.07 21.60
N ASP S 208 62.47 -40.25 22.75
CA ASP S 208 62.55 -41.58 23.37
C ASP S 208 61.25 -41.88 24.10
N THR S 209 61.23 -43.03 24.79
CA THR S 209 60.04 -43.45 25.51
C THR S 209 59.71 -42.51 26.66
N MET S 210 60.70 -42.24 27.51
CA MET S 210 60.45 -41.43 28.69
C MET S 210 60.12 -39.99 28.33
N VAL S 211 60.77 -39.45 27.30
CA VAL S 211 60.46 -38.09 26.86
C VAL S 211 59.04 -38.00 26.30
N ALA S 212 58.64 -39.02 25.53
CA ALA S 212 57.28 -39.04 25.00
C ALA S 212 56.26 -39.14 26.13
N HIS S 213 56.55 -39.98 27.14
CA HIS S 213 55.66 -40.07 28.29
C HIS S 213 55.57 -38.73 29.01
N HIS S 214 56.70 -38.03 29.15
CA HIS S 214 56.70 -36.74 29.82
C HIS S 214 55.90 -35.71 29.03
N ILE S 215 56.01 -35.71 27.70
CA ILE S 215 55.25 -34.73 26.93
C ILE S 215 53.75 -35.06 26.96
N ILE S 216 53.39 -36.33 26.99
CA ILE S 216 51.99 -36.69 27.12
C ILE S 216 51.44 -36.26 28.48
N GLN S 217 52.22 -36.47 29.55
CA GLN S 217 51.80 -35.97 30.85
C GLN S 217 51.76 -34.45 30.89
N ALA S 218 52.60 -33.79 30.10
CA ALA S 218 52.53 -32.34 29.99
C ALA S 218 51.20 -31.91 29.37
N SER S 219 50.78 -32.60 28.31
CA SER S 219 49.47 -32.32 27.73
C SER S 219 48.36 -32.57 28.74
N GLU S 220 48.48 -33.65 29.51
CA GLU S 220 47.49 -33.96 30.52
C GLU S 220 47.43 -32.86 31.59
N ALA S 221 48.60 -32.36 32.01
CA ALA S 221 48.63 -31.29 33.00
C ALA S 221 48.03 -30.00 32.46
N VAL S 222 48.32 -29.68 31.19
CA VAL S 222 47.73 -28.49 30.59
C VAL S 222 46.21 -28.62 30.56
N ARG S 223 45.71 -29.81 30.23
CA ARG S 223 44.27 -30.03 30.28
C ARG S 223 43.72 -29.91 31.70
N LEU S 224 44.48 -30.40 32.68
CA LEU S 224 44.01 -30.43 34.06
C LEU S 224 44.05 -29.04 34.71
N VAL S 225 44.85 -28.13 34.18
CA VAL S 225 44.92 -26.78 34.73
C VAL S 225 43.91 -25.95 33.94
N GLY S 226 43.14 -26.61 33.08
CA GLY S 226 42.02 -25.97 32.43
C GLY S 226 42.39 -25.25 31.15
N CYS S 227 43.25 -25.86 30.35
CA CYS S 227 43.66 -25.29 29.08
C CYS S 227 43.72 -26.41 28.04
N GLN S 228 43.16 -26.16 26.87
CA GLN S 228 43.26 -27.13 25.78
C GLN S 228 44.71 -27.27 25.34
N ALA S 229 45.13 -28.50 25.10
CA ALA S 229 46.50 -28.81 24.71
C ALA S 229 46.50 -29.34 23.29
N MET S 230 47.09 -28.59 22.37
CA MET S 230 47.18 -28.96 20.96
C MET S 230 48.63 -29.30 20.68
N LEU S 231 48.93 -30.59 20.52
CA LEU S 231 50.27 -31.04 20.19
C LEU S 231 50.43 -30.95 18.68
N VAL S 232 51.13 -29.92 18.22
CA VAL S 232 51.07 -29.49 16.82
C VAL S 232 52.27 -30.01 16.05
N GLY S 233 52.01 -30.55 14.86
CA GLY S 233 53.05 -30.87 13.92
C GLY S 233 54.02 -31.96 14.35
N ILE S 234 53.47 -33.07 14.86
CA ILE S 234 54.32 -34.18 15.30
C ILE S 234 54.90 -34.88 14.09
N ARG S 235 56.20 -35.13 14.13
CA ARG S 235 56.90 -35.75 13.02
C ARG S 235 56.64 -37.26 12.98
N PRO S 236 56.88 -37.92 11.82
CA PRO S 236 56.46 -39.33 11.66
C PRO S 236 56.91 -40.27 12.75
N GLU S 237 58.23 -40.38 12.96
CA GLU S 237 58.74 -41.39 13.90
C GLU S 237 58.28 -41.11 15.32
N ILE S 238 58.12 -39.84 15.69
CA ILE S 238 57.62 -39.53 17.02
C ILE S 238 56.19 -40.05 17.19
N ALA S 239 55.35 -39.85 16.17
CA ALA S 239 54.00 -40.39 16.22
C ALA S 239 54.02 -41.91 16.28
N GLN S 240 54.89 -42.53 15.50
CA GLN S 240 55.06 -43.98 15.47
C GLN S 240 55.41 -44.53 16.86
N TPO S 241 56.33 -43.86 17.53
N TPO S 241 56.32 -43.86 17.55
CA TPO S 241 56.80 -44.27 18.84
CA TPO S 241 56.77 -44.35 18.85
CB TPO S 241 58.09 -43.54 19.20
CB TPO S 241 58.17 -43.88 19.16
CG2 TPO S 241 58.20 -43.21 20.68
CG2 TPO S 241 58.21 -42.36 19.28
OG1 TPO S 241 59.20 -44.38 18.84
OG1 TPO S 241 58.56 -44.44 20.40
P TPO S 241 60.14 -43.50 17.87
P TPO S 241 59.01 -45.97 20.15
O1P TPO S 241 59.68 -43.72 16.34
O1P TPO S 241 59.27 -46.22 18.58
O2P TPO S 241 60.03 -42.08 18.21
O2P TPO S 241 60.27 -46.24 20.89
O3P TPO S 241 61.68 -43.97 18.04
O3P TPO S 241 57.85 -46.97 20.67
C TPO S 241 55.73 -44.04 19.91
C TPO S 241 55.82 -43.96 19.99
O TPO S 241 55.57 -44.85 20.82
O TPO S 241 55.84 -44.58 21.05
N ILE S 242 55.00 -42.94 19.77
CA ILE S 242 53.97 -42.59 20.75
C ILE S 242 52.84 -43.60 20.65
N VAL S 243 52.44 -43.94 19.43
CA VAL S 243 51.38 -44.94 19.27
C VAL S 243 51.85 -46.32 19.69
N ASN S 244 53.11 -46.66 19.42
CA ASN S 244 53.60 -47.93 19.94
C ASN S 244 53.89 -47.91 21.43
N LEU S 245 53.86 -46.74 22.07
CA LEU S 245 54.01 -46.70 23.52
C LEU S 245 52.80 -47.33 24.21
N GLY S 246 51.63 -47.29 23.57
CA GLY S 246 50.45 -47.93 24.10
C GLY S 246 49.68 -47.11 25.11
N ILE S 247 50.15 -45.91 25.45
CA ILE S 247 49.46 -45.06 26.41
C ILE S 247 48.20 -44.49 25.77
N GLU S 248 47.31 -43.94 26.60
CA GLU S 248 46.07 -43.37 26.08
C GLU S 248 46.36 -42.12 25.27
N LEU S 249 45.78 -42.06 24.06
CA LEU S 249 46.02 -40.95 23.15
C LEU S 249 44.73 -40.29 22.70
N ASP S 250 43.63 -40.50 23.43
CA ASP S 250 42.35 -39.90 23.05
C ASP S 250 42.27 -38.43 23.42
N GLN S 251 42.87 -38.04 24.54
CA GLN S 251 42.73 -36.68 25.04
C GLN S 251 43.56 -35.67 24.26
N ILE S 252 44.59 -36.13 23.54
CA ILE S 252 45.46 -35.23 22.79
C ILE S 252 44.88 -35.03 21.39
N ILE S 253 44.76 -33.77 20.99
CA ILE S 253 44.32 -33.41 19.65
C ILE S 253 45.51 -32.76 18.96
N THR S 254 45.90 -33.30 17.81
CA THR S 254 47.09 -32.86 17.12
C THR S 254 46.71 -32.16 15.82
N THR S 255 47.74 -31.68 15.12
CA THR S 255 47.53 -30.94 13.89
C THR S 255 48.79 -31.01 13.04
N ASN S 256 48.61 -31.05 11.71
CA ASN S 256 49.75 -31.21 10.81
C ASN S 256 50.71 -30.03 10.89
N THR S 257 50.19 -28.81 10.90
CA THR S 257 51.04 -27.62 10.87
C THR S 257 50.49 -26.58 11.84
N MET S 258 51.34 -25.63 12.20
CA MET S 258 51.00 -24.73 13.31
C MET S 258 49.97 -23.68 12.90
N LYS S 259 49.91 -23.33 11.61
CA LYS S 259 48.84 -22.44 11.17
C LYS S 259 47.47 -23.10 11.31
N LYS S 260 47.38 -24.38 10.96
CA LYS S 260 46.12 -25.10 11.11
C LYS S 260 45.76 -25.29 12.58
N GLY S 261 46.76 -25.58 13.41
CA GLY S 261 46.50 -25.68 14.84
C GLY S 261 46.04 -24.35 15.43
N MET S 262 46.66 -23.26 14.98
CA MET S 262 46.26 -21.94 15.46
C MET S 262 44.84 -21.61 15.06
N GLU S 263 44.46 -21.91 13.81
CA GLU S 263 43.10 -21.61 13.38
C GLU S 263 42.10 -22.52 14.08
N ARG S 264 42.47 -23.77 14.38
CA ARG S 264 41.60 -24.63 15.18
C ARG S 264 41.41 -24.07 16.58
N ALA S 265 42.49 -23.60 17.20
CA ALA S 265 42.39 -22.99 18.52
C ALA S 265 41.49 -21.77 18.50
N LEU S 266 41.65 -20.92 17.48
CA LEU S 266 40.76 -19.77 17.35
C LEU S 266 39.33 -20.20 17.04
N ALA S 267 39.15 -21.37 16.43
CA ALA S 267 37.81 -21.91 16.27
C ALA S 267 37.20 -22.32 17.61
N LEU S 268 38.02 -22.83 18.52
CA LEU S 268 37.51 -23.16 19.85
C LEU S 268 36.98 -21.93 20.57
N THR S 269 37.71 -20.82 20.50
CA THR S 269 37.25 -19.55 21.04
C THR S 269 36.50 -18.82 19.93
N ASN S 270 35.18 -19.03 19.89
CA ASN S 270 34.40 -18.76 18.68
C ASN S 270 34.54 -17.33 18.19
N ARG S 271 34.47 -16.34 19.08
CA ARG S 271 34.51 -14.96 18.65
C ARG S 271 35.91 -14.53 18.22
N GLU S 272 36.94 -15.24 18.65
CA GLU S 272 38.31 -14.82 18.35
C GLU S 272 38.62 -14.99 16.87
N ILE S 273 38.18 -16.10 16.27
CA ILE S 273 38.51 -16.38 14.88
C ILE S 273 37.83 -15.39 13.93
N VAL S 274 36.69 -14.85 14.33
CA VAL S 274 35.97 -13.89 13.50
C VAL S 274 35.61 -12.65 14.32
N MET T 1 43.68 -19.17 56.87
CA MET T 1 43.29 -19.96 58.02
C MET T 1 41.77 -19.96 58.20
N GLY T 2 41.21 -18.79 58.48
CA GLY T 2 39.78 -18.67 58.69
C GLY T 2 39.16 -17.43 58.06
N ILE T 3 39.82 -16.88 57.05
CA ILE T 3 39.31 -15.70 56.36
C ILE T 3 39.28 -16.01 54.87
N PRO T 4 38.23 -16.68 54.39
CA PRO T 4 38.22 -17.15 53.00
C PRO T 4 37.79 -16.12 51.97
N ILE T 5 38.71 -15.27 51.53
CA ILE T 5 38.42 -14.33 50.46
C ILE T 5 38.09 -15.08 49.18
N LEU T 6 36.95 -14.76 48.58
CA LEU T 6 36.53 -15.34 47.31
C LEU T 6 36.24 -14.21 46.33
N LYS T 7 36.74 -14.35 45.11
CA LYS T 7 36.58 -13.33 44.07
C LYS T 7 35.75 -13.90 42.94
N LEU T 8 34.67 -13.20 42.58
CA LEU T 8 33.83 -13.64 41.46
C LEU T 8 33.01 -12.47 40.97
N GLY T 9 32.84 -12.38 39.65
CA GLY T 9 31.95 -11.41 39.04
C GLY T 9 32.30 -9.98 39.43
N GLU T 10 33.58 -9.63 39.35
CA GLU T 10 34.10 -8.31 39.76
C GLU T 10 33.59 -7.88 41.13
N CYS T 11 33.23 -8.84 41.96
CA CYS T 11 32.81 -8.63 43.34
C CYS T 11 33.72 -9.44 44.26
N LEU T 12 33.38 -9.44 45.54
CA LEU T 12 34.16 -10.18 46.52
C LEU T 12 33.23 -10.74 47.59
N LEU T 13 33.40 -12.02 47.92
CA LEU T 13 32.63 -12.68 48.96
C LEU T 13 33.58 -13.07 50.09
N ILE T 14 33.15 -12.83 51.32
CA ILE T 14 33.92 -13.22 52.49
C ILE T 14 32.97 -13.90 53.46
N SER T 15 33.52 -14.79 54.28
CA SER T 15 32.70 -15.59 55.18
C SER T 15 33.37 -15.69 56.55
N ILE T 16 32.57 -15.75 57.59
CA ILE T 16 33.06 -15.87 58.96
C ILE T 16 32.63 -17.21 59.52
N GLN T 17 33.60 -17.98 60.04
CA GLN T 17 33.32 -19.27 60.67
C GLN T 17 34.08 -19.45 61.97
N SER T 18 34.63 -18.39 62.54
CA SER T 18 35.51 -18.49 63.71
C SER T 18 34.78 -18.27 65.04
N GLU T 19 33.92 -17.26 65.12
CA GLU T 19 33.07 -17.00 66.28
C GLU T 19 33.85 -16.64 67.54
N LEU T 20 35.06 -16.11 67.42
CA LEU T 20 35.79 -15.59 68.56
C LEU T 20 36.06 -14.10 68.34
N ASP T 21 36.55 -13.43 69.38
CA ASP T 21 36.63 -11.97 69.36
C ASP T 21 37.96 -11.45 68.81
N ASP T 22 39.07 -11.75 69.47
CA ASP T 22 40.28 -10.98 69.24
C ASP T 22 40.93 -11.23 67.88
N HIS T 23 41.43 -12.45 67.66
CA HIS T 23 42.16 -12.71 66.42
C HIS T 23 41.23 -12.60 65.23
N THR T 24 39.97 -13.01 65.39
CA THR T 24 38.99 -12.82 64.32
C THR T 24 38.90 -11.35 63.94
N ALA T 25 38.73 -10.47 64.94
CA ALA T 25 38.62 -9.05 64.65
C ALA T 25 39.85 -8.53 63.90
N VAL T 26 41.03 -8.71 64.49
CA VAL T 26 42.23 -8.07 63.93
C VAL T 26 42.56 -8.67 62.56
N GLU T 27 42.64 -10.01 62.49
CA GLU T 27 43.01 -10.65 61.23
C GLU T 27 41.96 -10.40 60.17
N PHE T 28 40.68 -10.44 60.53
CA PHE T 28 39.61 -10.21 59.58
C PHE T 28 39.72 -8.81 58.98
N GLN T 29 39.83 -7.79 59.83
CA GLN T 29 39.89 -6.43 59.31
C GLN T 29 41.12 -6.24 58.42
N GLU T 30 42.29 -6.69 58.89
CA GLU T 30 43.49 -6.46 58.11
C GLU T 30 43.44 -7.21 56.78
N ASP T 31 42.95 -8.45 56.79
CA ASP T 31 42.93 -9.25 55.57
C ASP T 31 41.91 -8.73 54.58
N LEU T 32 40.71 -8.40 55.05
CA LEU T 32 39.70 -7.87 54.14
C LEU T 32 40.15 -6.54 53.54
N LEU T 33 40.74 -5.67 54.35
CA LEU T 33 41.25 -4.40 53.82
C LEU T 33 42.37 -4.64 52.81
N ALA T 34 43.30 -5.56 53.13
CA ALA T 34 44.42 -5.81 52.24
C ALA T 34 43.93 -6.34 50.89
N LYS T 35 42.96 -7.26 50.91
CA LYS T 35 42.45 -7.79 49.65
C LYS T 35 41.65 -6.75 48.89
N ILE T 36 40.75 -6.03 49.56
CA ILE T 36 39.92 -5.06 48.85
C ILE T 36 40.78 -3.97 48.24
N HIS T 37 41.92 -3.65 48.85
CA HIS T 37 42.84 -2.74 48.19
C HIS T 37 43.60 -3.43 47.07
N GLU T 38 44.03 -4.68 47.29
CA GLU T 38 44.88 -5.36 46.31
C GLU T 38 44.09 -5.73 45.07
N THR T 39 42.90 -6.29 45.23
CA THR T 39 42.00 -6.55 44.11
C THR T 39 40.88 -5.52 44.15
N SER T 40 40.72 -4.80 43.04
CA SER T 40 39.74 -3.71 42.98
C SER T 40 38.36 -4.32 42.72
N ALA T 41 37.55 -4.43 43.78
CA ALA T 41 36.20 -4.95 43.69
C ALA T 41 35.24 -3.88 44.18
N ARG T 42 34.24 -3.57 43.35
CA ARG T 42 33.30 -2.51 43.72
C ARG T 42 32.43 -2.91 44.90
N GLY T 43 31.99 -4.17 44.94
CA GLY T 43 31.13 -4.62 46.02
C GLY T 43 31.67 -5.80 46.78
N VAL T 44 31.84 -5.65 48.09
CA VAL T 44 32.30 -6.72 48.96
C VAL T 44 31.13 -7.20 49.81
N VAL T 45 30.99 -8.51 49.94
CA VAL T 45 29.85 -9.14 50.60
C VAL T 45 30.38 -9.94 51.79
N ILE T 46 29.78 -9.72 52.96
CA ILE T 46 30.27 -10.31 54.21
C ILE T 46 29.24 -11.29 54.73
N ASP T 47 29.70 -12.19 55.61
CA ASP T 47 28.89 -13.27 56.17
C ASP T 47 28.88 -13.16 57.68
N ILE T 48 27.70 -13.23 58.29
CA ILE T 48 27.58 -13.28 59.75
C ILE T 48 26.70 -14.41 60.24
N THR T 49 26.16 -15.25 59.34
CA THR T 49 25.21 -16.28 59.74
C THR T 49 25.77 -17.19 60.82
N SER T 50 27.03 -17.61 60.67
CA SER T 50 27.61 -18.53 61.64
C SER T 50 27.74 -17.89 63.02
N ILE T 51 27.94 -16.58 63.07
CA ILE T 51 28.13 -15.90 64.36
C ILE T 51 26.83 -15.96 65.16
N ASP T 52 26.95 -16.35 66.43
CA ASP T 52 25.80 -16.39 67.33
C ASP T 52 26.07 -15.65 68.63
N PHE T 53 27.19 -14.96 68.75
CA PHE T 53 27.47 -14.15 69.92
C PHE T 53 28.34 -12.98 69.51
N ILE T 54 27.93 -11.77 69.90
CA ILE T 54 28.64 -10.54 69.54
C ILE T 54 28.69 -9.64 70.76
N ASP T 55 29.88 -9.10 71.03
CA ASP T 55 30.08 -8.09 72.06
C ASP T 55 30.38 -6.75 71.40
N SER T 56 30.71 -5.75 72.22
CA SER T 56 31.04 -4.44 71.67
C SER T 56 32.27 -4.48 70.78
N PHE T 57 33.22 -5.36 71.10
CA PHE T 57 34.46 -5.45 70.33
C PHE T 57 34.18 -5.78 68.87
N ILE T 58 33.58 -6.95 68.62
CA ILE T 58 33.34 -7.37 67.25
C ILE T 58 32.33 -6.45 66.57
N ALA T 59 31.41 -5.87 67.33
CA ALA T 59 30.44 -4.94 66.74
C ALA T 59 31.14 -3.71 66.17
N LYS T 60 31.99 -3.07 66.98
CA LYS T 60 32.70 -1.90 66.47
C LYS T 60 33.70 -2.27 65.39
N ILE T 61 34.27 -3.48 65.45
CA ILE T 61 35.18 -3.92 64.40
C ILE T 61 34.44 -4.05 63.08
N LEU T 62 33.24 -4.66 63.11
CA LEU T 62 32.44 -4.76 61.90
C LEU T 62 32.03 -3.39 61.39
N GLY T 63 31.68 -2.48 62.31
CA GLY T 63 31.35 -1.13 61.88
C GLY T 63 32.51 -0.45 61.17
N ASP T 64 33.71 -0.57 61.72
CA ASP T 64 34.89 0.02 61.10
C ASP T 64 35.19 -0.64 59.76
N VAL T 65 35.03 -1.96 59.67
CA VAL T 65 35.27 -2.65 58.41
C VAL T 65 34.30 -2.17 57.34
N VAL T 66 33.02 -2.03 57.70
CA VAL T 66 32.04 -1.53 56.75
C VAL T 66 32.37 -0.10 56.34
N SER T 67 32.79 0.72 57.30
CA SER T 67 33.14 2.11 56.98
C SER T 67 34.29 2.17 55.98
N MET T 68 35.34 1.37 56.21
CA MET T 68 36.49 1.38 55.33
C MET T 68 36.13 0.82 53.95
N SER T 69 35.36 -0.26 53.91
CA SER T 69 34.94 -0.80 52.62
C SER T 69 34.13 0.22 51.84
N LYS T 70 33.23 0.93 52.53
CA LYS T 70 32.51 2.03 51.90
C LYS T 70 33.47 3.11 51.43
N LEU T 71 34.57 3.31 52.16
CA LEU T 71 35.62 4.21 51.72
C LEU T 71 36.38 3.69 50.50
N MET T 72 36.19 2.43 50.12
CA MET T 72 36.75 1.96 48.87
C MET T 72 35.76 1.33 47.89
N GLY T 73 34.53 1.03 48.31
CA GLY T 73 33.57 0.45 47.39
C GLY T 73 32.25 0.18 48.08
N ALA T 74 31.30 -0.34 47.29
CA ALA T 74 30.00 -0.67 47.83
C ALA T 74 30.12 -1.80 48.86
N LYS T 75 29.34 -1.69 49.94
CA LYS T 75 29.42 -2.62 51.04
C LYS T 75 28.03 -3.11 51.41
N VAL T 76 27.95 -4.37 51.82
CA VAL T 76 26.68 -4.99 52.22
C VAL T 76 26.97 -6.07 53.26
N VAL T 77 26.10 -6.16 54.25
CA VAL T 77 26.10 -7.27 55.20
C VAL T 77 24.99 -8.20 54.72
N VAL T 78 25.35 -9.19 53.90
CA VAL T 78 24.35 -9.89 53.11
C VAL T 78 23.44 -10.72 54.01
N THR T 79 23.98 -11.30 55.07
CA THR T 79 23.22 -12.17 55.94
C THR T 79 22.76 -11.40 57.16
N GLY T 80 21.47 -11.56 57.50
CA GLY T 80 20.89 -10.87 58.62
C GLY T 80 21.61 -11.17 59.91
N ILE T 81 21.96 -10.11 60.64
CA ILE T 81 22.54 -10.26 61.97
C ILE T 81 21.51 -10.96 62.84
N GLN T 82 21.90 -12.08 63.45
CA GLN T 82 20.95 -12.89 64.19
C GLN T 82 20.35 -12.10 65.35
N PRO T 83 19.10 -12.40 65.73
CA PRO T 83 18.43 -11.59 66.76
C PRO T 83 19.22 -11.46 68.05
N ALA T 84 19.78 -12.58 68.54
CA ALA T 84 20.56 -12.53 69.77
C ALA T 84 21.75 -11.59 69.65
N VAL T 85 22.27 -11.43 68.44
CA VAL T 85 23.33 -10.46 68.20
C VAL T 85 22.82 -9.20 67.49
N ALA T 86 21.63 -9.25 66.88
CA ALA T 86 21.05 -8.03 66.35
C ALA T 86 20.73 -7.04 67.45
N ILE T 87 20.21 -7.53 68.58
CA ILE T 87 19.94 -6.64 69.71
C ILE T 87 21.22 -6.01 70.22
N THR T 88 22.28 -6.80 70.36
CA THR T 88 23.55 -6.27 70.82
C THR T 88 24.12 -5.25 69.85
N LEU T 89 24.00 -5.51 68.55
CA LEU T 89 24.49 -4.56 67.56
C LEU T 89 23.71 -3.25 67.63
N ILE T 90 22.39 -3.33 67.82
CA ILE T 90 21.59 -2.11 67.80
C ILE T 90 21.69 -1.34 69.11
N GLU T 91 22.02 -1.99 70.22
CA GLU T 91 22.17 -1.25 71.47
C GLU T 91 23.46 -0.42 71.48
N LEU T 92 24.55 -0.98 70.96
CA LEU T 92 25.86 -0.36 71.07
C LEU T 92 26.40 0.15 69.74
N GLY T 93 26.46 -0.70 68.72
CA GLY T 93 26.93 -0.27 67.41
C GLY T 93 25.81 0.29 66.57
N ILE T 94 25.32 1.47 66.93
CA ILE T 94 24.14 2.07 66.28
C ILE T 94 24.58 2.58 64.91
N THR T 95 24.36 1.77 63.89
CA THR T 95 24.70 2.15 62.52
C THR T 95 23.82 1.35 61.57
N PHE T 96 23.56 1.93 60.40
CA PHE T 96 22.79 1.23 59.38
C PHE T 96 23.60 0.11 58.73
N SER T 97 24.93 0.24 58.74
CA SER T 97 25.84 -0.80 58.25
C SER T 97 25.54 -1.18 56.81
N GLY T 98 25.57 -0.17 55.94
CA GLY T 98 25.36 -0.41 54.52
C GLY T 98 23.97 -0.94 54.25
N VAL T 99 23.85 -1.71 53.18
CA VAL T 99 22.59 -2.33 52.80
C VAL T 99 22.57 -3.76 53.35
N LEU T 100 21.39 -4.35 53.37
CA LEU T 100 21.17 -5.66 53.97
C LEU T 100 20.45 -6.55 52.97
N SER T 101 20.41 -7.86 53.24
CA SER T 101 19.81 -8.77 52.28
C SER T 101 18.99 -9.90 52.92
N ALA T 102 18.48 -9.68 54.14
CA ALA T 102 17.47 -10.57 54.74
C ALA T 102 17.94 -12.03 54.79
N MET T 103 19.16 -12.23 55.27
CA MET T 103 19.72 -13.55 55.53
C MET T 103 19.78 -14.42 54.28
N ASP T 104 19.80 -13.80 53.10
CA ASP T 104 19.88 -14.53 51.84
C ASP T 104 21.09 -14.02 51.08
N LEU T 105 22.14 -14.85 51.00
CA LEU T 105 23.36 -14.45 50.33
C LEU T 105 23.12 -14.23 48.83
N GLU T 106 22.32 -15.11 48.21
CA GLU T 106 21.99 -14.94 46.80
C GLU T 106 21.22 -13.63 46.58
N SER T 107 20.37 -13.24 47.53
CA SER T 107 19.67 -11.97 47.41
C SER T 107 20.65 -10.81 47.39
N GLY T 108 21.67 -10.86 48.24
CA GLY T 108 22.67 -9.80 48.23
C GLY T 108 23.50 -9.77 46.97
N LEU T 109 23.84 -10.94 46.42
CA LEU T 109 24.50 -10.95 45.12
C LEU T 109 23.61 -10.33 44.05
N GLU T 110 22.32 -10.64 44.06
CA GLU T 110 21.43 -10.02 43.08
C GLU T 110 21.38 -8.51 43.26
N LYS T 111 21.32 -8.05 44.51
CA LYS T 111 21.26 -6.62 44.78
C LYS T 111 22.52 -5.91 44.31
N LEU T 112 23.69 -6.49 44.58
CA LEU T 112 24.93 -5.87 44.12
C LEU T 112 25.07 -5.95 42.61
N LYS T 113 24.61 -7.04 42.00
CA LYS T 113 24.65 -7.14 40.55
C LYS T 113 23.80 -6.06 39.90
N GLN T 114 22.61 -5.82 40.43
CA GLN T 114 21.76 -4.79 39.84
C GLN T 114 22.28 -3.39 40.16
N GLU T 115 22.91 -3.20 41.33
CA GLU T 115 23.45 -1.89 41.67
C GLU T 115 24.73 -1.58 40.92
N LEU T 116 25.47 -2.59 40.48
CA LEU T 116 26.65 -2.38 39.66
C LEU T 116 26.36 -2.41 38.17
N GLY T 117 25.20 -2.93 37.77
CA GLY T 117 24.80 -2.87 36.39
C GLY T 117 24.40 -1.48 35.92
N GLU T 118 24.07 -0.59 36.85
CA GLU T 118 23.73 0.78 36.51
C GLU T 118 24.98 1.63 36.40
N MET U 1 34.40 -25.88 60.47
CA MET U 1 35.08 -24.80 61.17
C MET U 1 36.02 -24.05 60.24
N GLY U 2 36.47 -24.75 59.19
CA GLY U 2 37.35 -24.14 58.21
C GLY U 2 36.88 -24.36 56.79
N ILE U 3 35.61 -24.69 56.63
CA ILE U 3 35.05 -24.98 55.31
C ILE U 3 33.79 -24.15 55.13
N PRO U 4 33.91 -22.95 54.59
CA PRO U 4 32.75 -22.04 54.43
C PRO U 4 31.91 -22.36 53.19
N ILE U 5 31.00 -23.32 53.33
CA ILE U 5 30.12 -23.65 52.22
C ILE U 5 29.13 -22.52 52.02
N LEU U 6 29.03 -22.03 50.78
CA LEU U 6 28.20 -20.88 50.46
C LEU U 6 27.17 -21.25 49.41
N LYS U 7 26.05 -20.53 49.43
CA LYS U 7 24.96 -20.73 48.48
C LYS U 7 24.73 -19.45 47.70
N LEU U 8 24.52 -19.58 46.39
CA LEU U 8 24.18 -18.43 45.56
C LEU U 8 23.56 -18.93 44.26
N GLY U 9 22.36 -18.44 43.95
CA GLY U 9 21.65 -18.88 42.76
C GLY U 9 21.40 -20.37 42.71
N GLU U 10 21.13 -20.97 43.88
CA GLU U 10 20.92 -22.42 44.00
C GLU U 10 22.15 -23.18 43.46
N CYS U 11 23.31 -22.58 43.65
CA CYS U 11 24.60 -23.23 43.42
C CYS U 11 25.29 -23.40 44.77
N LEU U 12 26.51 -23.92 44.74
CA LEU U 12 27.23 -24.15 45.98
C LEU U 12 28.71 -23.85 45.78
N LEU U 13 29.32 -23.22 46.78
CA LEU U 13 30.71 -22.82 46.73
C LEU U 13 31.46 -23.42 47.90
N ILE U 14 32.71 -23.81 47.68
CA ILE U 14 33.56 -24.38 48.71
C ILE U 14 34.84 -23.57 48.76
N SER U 15 35.48 -23.56 49.92
CA SER U 15 36.76 -22.87 50.09
C SER U 15 37.63 -23.69 51.03
N ILE U 16 38.79 -24.11 50.54
CA ILE U 16 39.75 -24.90 51.30
C ILE U 16 41.00 -24.04 51.50
N GLN U 17 41.50 -23.99 52.73
CA GLN U 17 42.62 -23.13 53.07
C GLN U 17 43.83 -23.85 53.64
N SER U 18 43.64 -24.97 54.32
CA SER U 18 44.76 -25.69 54.93
C SER U 18 44.69 -27.16 54.57
N GLU U 19 45.85 -27.78 54.40
CA GLU U 19 45.95 -29.19 54.09
C GLU U 19 46.20 -29.98 55.36
N LEU U 20 45.59 -31.16 55.45
CA LEU U 20 45.73 -32.03 56.60
C LEU U 20 45.36 -33.44 56.21
N ASP U 21 45.76 -34.40 57.03
CA ASP U 21 45.57 -35.81 56.77
C ASP U 21 44.68 -36.43 57.85
N ASP U 22 43.77 -37.30 57.43
CA ASP U 22 43.00 -38.17 58.31
C ASP U 22 41.93 -37.42 59.10
N HIS U 23 41.97 -36.09 59.07
CA HIS U 23 40.91 -35.30 59.69
C HIS U 23 40.22 -34.37 58.70
N THR U 24 40.98 -33.52 58.02
CA THR U 24 40.36 -32.53 57.14
C THR U 24 39.70 -33.20 55.94
N ALA U 25 40.33 -34.22 55.36
CA ALA U 25 39.75 -34.86 54.19
C ALA U 25 38.42 -35.51 54.52
N VAL U 26 38.37 -36.29 55.59
CA VAL U 26 37.14 -37.00 55.93
C VAL U 26 36.06 -36.03 56.38
N GLU U 27 36.42 -35.06 57.25
CA GLU U 27 35.43 -34.09 57.69
C GLU U 27 34.92 -33.28 56.51
N PHE U 28 35.80 -32.97 55.55
CA PHE U 28 35.42 -32.18 54.39
C PHE U 28 34.44 -32.95 53.50
N GLN U 29 34.76 -34.21 53.20
CA GLN U 29 33.85 -34.98 52.36
C GLN U 29 32.50 -35.15 53.05
N GLU U 30 32.51 -35.44 54.35
CA GLU U 30 31.24 -35.61 55.05
C GLU U 30 30.42 -34.32 55.05
N ASP U 31 31.08 -33.19 55.35
CA ASP U 31 30.36 -31.92 55.39
C ASP U 31 29.83 -31.53 54.02
N LEU U 32 30.63 -31.70 52.97
CA LEU U 32 30.18 -31.36 51.63
C LEU U 32 28.99 -32.22 51.23
N LEU U 33 29.04 -33.52 51.51
CA LEU U 33 27.93 -34.39 51.17
C LEU U 33 26.67 -34.03 51.94
N ALA U 34 26.81 -33.81 53.26
CA ALA U 34 25.66 -33.43 54.06
C ALA U 34 25.03 -32.16 53.51
N LYS U 35 25.85 -31.16 53.21
CA LYS U 35 25.33 -29.89 52.70
C LYS U 35 24.63 -30.06 51.37
N ILE U 36 25.29 -30.71 50.41
CA ILE U 36 24.69 -30.86 49.09
C ILE U 36 23.44 -31.73 49.15
N HIS U 37 23.31 -32.57 50.18
CA HIS U 37 22.10 -33.36 50.32
C HIS U 37 20.96 -32.55 50.92
N GLU U 38 21.21 -31.82 52.00
CA GLU U 38 20.13 -31.10 52.67
C GLU U 38 19.58 -29.99 51.79
N THR U 39 20.46 -29.19 51.18
CA THR U 39 20.05 -28.17 50.24
C THR U 39 20.37 -28.64 48.82
N SER U 40 19.35 -28.70 47.98
CA SER U 40 19.48 -29.24 46.64
C SER U 40 20.13 -28.19 45.74
N ALA U 41 21.36 -28.46 45.31
CA ALA U 41 22.06 -27.60 44.37
C ALA U 41 22.50 -28.43 43.18
N ARG U 42 22.14 -27.99 41.98
CA ARG U 42 22.47 -28.71 40.76
C ARG U 42 23.88 -28.38 40.25
N GLY U 43 24.59 -27.46 40.90
CA GLY U 43 25.97 -27.21 40.57
C GLY U 43 26.78 -26.80 41.79
N VAL U 44 27.87 -27.51 42.06
CA VAL U 44 28.71 -27.25 43.23
C VAL U 44 30.13 -26.95 42.75
N VAL U 45 30.77 -26.00 43.41
CA VAL U 45 32.07 -25.47 42.99
C VAL U 45 33.06 -25.65 44.14
N ILE U 46 34.22 -26.20 43.85
CA ILE U 46 35.21 -26.54 44.87
C ILE U 46 36.49 -25.74 44.61
N ASP U 47 37.26 -25.52 45.68
CA ASP U 47 38.43 -24.66 45.63
C ASP U 47 39.67 -25.39 46.16
N ILE U 48 40.81 -25.17 45.49
CA ILE U 48 42.05 -25.83 45.88
C ILE U 48 43.21 -24.83 45.90
N THR U 49 42.97 -23.61 45.42
CA THR U 49 44.06 -22.65 45.19
C THR U 49 45.02 -22.55 46.37
N SER U 50 44.48 -22.50 47.59
CA SER U 50 45.32 -22.31 48.77
C SER U 50 46.33 -23.43 48.93
N ILE U 51 45.90 -24.68 48.71
CA ILE U 51 46.77 -25.82 48.95
C ILE U 51 47.90 -25.85 47.94
N ASP U 52 49.09 -26.29 48.40
CA ASP U 52 50.26 -26.35 47.53
C ASP U 52 50.97 -27.70 47.69
N PHE U 53 50.32 -28.69 48.32
CA PHE U 53 50.95 -30.00 48.48
C PHE U 53 49.88 -31.04 48.78
N ILE U 54 49.77 -32.05 47.92
CA ILE U 54 48.82 -33.15 48.08
C ILE U 54 49.55 -34.47 47.86
N ASP U 55 49.35 -35.40 48.79
CA ASP U 55 49.88 -36.75 48.69
C ASP U 55 48.84 -37.65 48.01
N SER U 56 49.07 -38.97 48.08
CA SER U 56 48.14 -39.90 47.46
C SER U 56 46.77 -39.88 48.14
N PHE U 57 46.76 -39.76 49.47
CA PHE U 57 45.52 -39.92 50.22
C PHE U 57 44.54 -38.79 49.93
N ILE U 58 45.00 -37.54 49.99
CA ILE U 58 44.14 -36.42 49.67
C ILE U 58 43.71 -36.45 48.21
N ALA U 59 44.61 -36.87 47.31
CA ALA U 59 44.25 -36.95 45.90
C ALA U 59 43.12 -37.94 45.68
N LYS U 60 43.22 -39.11 46.32
CA LYS U 60 42.16 -40.10 46.21
C LYS U 60 40.87 -39.59 46.84
N ILE U 61 40.98 -38.86 47.96
CA ILE U 61 39.79 -38.31 48.60
C ILE U 61 39.08 -37.34 47.67
N LEU U 62 39.84 -36.45 47.02
CA LEU U 62 39.24 -35.50 46.10
C LEU U 62 38.64 -36.19 44.87
N GLY U 63 39.32 -37.20 44.34
CA GLY U 63 38.73 -37.95 43.24
C GLY U 63 37.44 -38.62 43.62
N ASP U 64 37.42 -39.25 44.79
CA ASP U 64 36.20 -39.91 45.27
C ASP U 64 35.10 -38.89 45.51
N VAL U 65 35.43 -37.70 46.01
CA VAL U 65 34.43 -36.67 46.23
C VAL U 65 33.89 -36.16 44.91
N VAL U 66 34.75 -36.05 43.89
CA VAL U 66 34.30 -35.60 42.58
C VAL U 66 33.30 -36.58 42.01
N SER U 67 33.65 -37.87 42.01
CA SER U 67 32.70 -38.89 41.54
C SER U 67 31.46 -38.91 42.42
N MET U 68 31.64 -38.67 43.71
CA MET U 68 30.54 -38.68 44.67
C MET U 68 29.51 -37.64 44.31
N SER U 69 29.94 -36.39 44.13
CA SER U 69 29.02 -35.33 43.77
C SER U 69 28.44 -35.56 42.38
N LYS U 70 29.26 -36.06 41.45
CA LYS U 70 28.74 -36.36 40.13
C LYS U 70 27.63 -37.41 40.19
N LEU U 71 27.62 -38.24 41.24
CA LEU U 71 26.51 -39.17 41.41
C LEU U 71 25.20 -38.47 41.74
N MET U 72 25.21 -37.18 42.08
CA MET U 72 23.95 -36.48 42.31
C MET U 72 23.97 -35.02 41.84
N GLY U 73 25.01 -34.58 41.13
CA GLY U 73 25.04 -33.21 40.64
C GLY U 73 26.36 -32.81 40.00
N ALA U 74 26.29 -31.99 38.96
CA ALA U 74 27.50 -31.57 38.25
C ALA U 74 28.38 -30.72 39.15
N LYS U 75 29.70 -30.90 39.02
CA LYS U 75 30.65 -30.18 39.85
C LYS U 75 31.83 -29.73 39.00
N VAL U 76 32.68 -28.88 39.59
CA VAL U 76 33.83 -28.34 38.89
C VAL U 76 34.94 -28.08 39.90
N VAL U 77 36.16 -28.42 39.52
CA VAL U 77 37.36 -28.04 40.28
C VAL U 77 37.81 -26.71 39.67
N VAL U 78 37.25 -25.62 40.19
CA VAL U 78 37.36 -24.35 39.48
C VAL U 78 38.74 -23.74 39.65
N THR U 79 39.45 -24.05 40.72
CA THR U 79 40.66 -23.33 41.07
C THR U 79 41.89 -23.94 40.42
N GLY U 80 42.81 -23.05 40.06
CA GLY U 80 44.05 -23.47 39.43
C GLY U 80 44.71 -24.47 40.34
N ILE U 81 44.86 -25.70 39.85
CA ILE U 81 45.62 -26.72 40.55
C ILE U 81 47.09 -26.47 40.23
N GLN U 82 47.87 -26.13 41.25
CA GLN U 82 49.23 -25.68 41.06
C GLN U 82 50.08 -26.79 40.43
N PRO U 83 51.17 -26.41 39.75
CA PRO U 83 51.93 -27.42 38.98
C PRO U 83 52.38 -28.63 39.79
N ALA U 84 52.85 -28.45 41.03
CA ALA U 84 53.27 -29.59 41.83
C ALA U 84 52.09 -30.47 42.18
N VAL U 85 51.03 -29.88 42.71
CA VAL U 85 49.84 -30.66 43.05
C VAL U 85 49.17 -31.22 41.81
N ALA U 86 49.20 -30.47 40.70
CA ALA U 86 48.65 -31.00 39.46
C ALA U 86 49.42 -32.25 39.01
N ILE U 87 50.74 -32.19 39.06
CA ILE U 87 51.56 -33.33 38.66
C ILE U 87 51.31 -34.52 39.57
N THR U 88 51.19 -34.28 40.88
CA THR U 88 50.91 -35.38 41.79
C THR U 88 49.52 -35.96 41.56
N LEU U 89 48.54 -35.12 41.28
CA LEU U 89 47.18 -35.61 41.07
C LEU U 89 47.10 -36.44 39.79
N ILE U 90 47.84 -36.05 38.75
CA ILE U 90 47.94 -36.89 37.56
C ILE U 90 48.67 -38.19 37.89
N GLU U 91 49.77 -38.09 38.63
CA GLU U 91 50.70 -39.20 38.78
C GLU U 91 50.11 -40.33 39.59
N LEU U 92 49.28 -40.03 40.59
CA LEU U 92 48.70 -41.06 41.44
C LEU U 92 47.19 -41.19 41.28
N GLY U 93 46.45 -40.10 41.42
CA GLY U 93 45.00 -40.15 41.25
C GLY U 93 44.53 -39.91 39.83
N ILE U 94 44.68 -40.91 38.96
CA ILE U 94 44.40 -40.73 37.54
C ILE U 94 42.90 -40.60 37.34
N THR U 95 42.44 -39.37 37.12
CA THR U 95 41.04 -39.07 36.87
C THR U 95 40.96 -37.72 36.18
N PHE U 96 40.02 -37.59 35.23
CA PHE U 96 39.81 -36.32 34.55
C PHE U 96 39.14 -35.28 35.43
N SER U 97 38.64 -35.67 36.60
CA SER U 97 38.10 -34.74 37.60
C SER U 97 36.93 -33.92 37.07
N GLY U 98 36.14 -34.51 36.17
CA GLY U 98 34.96 -33.82 35.70
C GLY U 98 35.29 -32.53 34.95
N VAL U 99 34.27 -31.72 34.74
CA VAL U 99 34.46 -30.42 34.11
C VAL U 99 35.29 -29.55 35.04
N LEU U 100 36.29 -28.88 34.49
CA LEU U 100 37.19 -28.09 35.32
C LEU U 100 37.58 -26.81 34.60
N SER U 101 37.74 -25.75 35.38
CA SER U 101 38.21 -24.46 34.87
C SER U 101 39.66 -24.21 35.23
N ALA U 102 39.98 -24.26 36.52
CA ALA U 102 41.35 -24.20 37.03
C ALA U 102 42.08 -22.93 36.56
N MET U 103 41.35 -21.84 36.39
CA MET U 103 41.95 -20.52 36.22
C MET U 103 41.62 -19.62 37.39
N ASP U 104 40.33 -19.41 37.66
CA ASP U 104 39.88 -18.63 38.81
C ASP U 104 38.40 -18.95 39.03
N LEU U 105 37.90 -18.57 40.20
CA LEU U 105 36.54 -18.93 40.55
C LEU U 105 35.52 -18.30 39.60
N GLU U 106 35.81 -17.11 39.10
CA GLU U 106 34.86 -16.42 38.22
C GLU U 106 34.64 -17.20 36.93
N SER U 107 35.72 -17.72 36.33
CA SER U 107 35.59 -18.42 35.06
C SER U 107 34.74 -19.68 35.21
N GLY U 108 35.01 -20.47 36.25
CA GLY U 108 34.21 -21.67 36.45
C GLY U 108 32.77 -21.36 36.82
N LEU U 109 32.56 -20.31 37.60
CA LEU U 109 31.19 -19.92 37.92
C LEU U 109 30.43 -19.53 36.67
N GLU U 110 31.07 -18.77 35.78
CA GLU U 110 30.42 -18.41 34.52
C GLU U 110 30.16 -19.64 33.66
N LYS U 111 31.11 -20.58 33.62
CA LYS U 111 30.93 -21.80 32.84
C LYS U 111 29.75 -22.61 33.35
N LEU U 112 29.64 -22.77 34.67
CA LEU U 112 28.50 -23.49 35.23
C LEU U 112 27.20 -22.75 34.98
N LYS U 113 27.21 -21.41 35.08
CA LYS U 113 26.00 -20.65 34.77
C LYS U 113 25.55 -20.87 33.34
N GLN U 114 26.48 -20.84 32.39
CA GLN U 114 26.12 -21.02 30.99
C GLN U 114 25.79 -22.46 30.65
N GLU U 115 26.29 -23.42 31.43
CA GLU U 115 25.98 -24.82 31.18
C GLU U 115 24.71 -25.27 31.87
N LEU U 116 24.26 -24.58 32.92
CA LEU U 116 23.04 -24.93 33.62
C LEU U 116 21.84 -24.09 33.18
N GLY U 117 22.07 -22.87 32.72
CA GLY U 117 20.97 -22.08 32.19
C GLY U 117 20.35 -22.70 30.95
N GLU U 118 21.17 -23.33 30.12
CA GLU U 118 20.68 -24.01 28.92
C GLU U 118 20.00 -25.33 29.28
N MET V 1 73.93 -101.36 -3.00
CA MET V 1 74.90 -101.74 -1.97
C MET V 1 75.34 -100.51 -1.19
N TYR V 2 74.58 -100.14 -0.16
CA TYR V 2 74.88 -98.98 0.66
C TYR V 2 75.46 -99.36 2.02
N LYS V 3 75.53 -100.65 2.35
CA LYS V 3 76.04 -101.06 3.66
C LYS V 3 77.54 -100.80 3.76
N ASP V 4 78.33 -101.44 2.91
CA ASP V 4 79.76 -101.16 2.88
C ASP V 4 80.03 -99.74 2.41
N PHE V 5 79.15 -99.18 1.59
CA PHE V 5 79.24 -97.77 1.25
C PHE V 5 79.13 -96.90 2.49
N ALA V 6 78.18 -97.21 3.37
CA ALA V 6 78.06 -96.49 4.63
C ALA V 6 79.29 -96.71 5.52
N ASN V 7 79.81 -97.93 5.54
CA ASN V 7 81.00 -98.20 6.34
C ASN V 7 82.19 -97.38 5.86
N PHE V 8 82.35 -97.24 4.55
CA PHE V 8 83.46 -96.45 4.01
C PHE V 8 83.23 -94.95 4.17
N ILE V 9 81.97 -94.50 4.11
CA ILE V 9 81.68 -93.09 4.40
C ILE V 9 81.95 -92.78 5.87
N ARG V 10 81.76 -93.77 6.75
CA ARG V 10 82.08 -93.58 8.17
C ARG V 10 83.53 -93.19 8.37
N THR V 11 84.42 -93.65 7.48
CA THR V 11 85.82 -93.23 7.51
C THR V 11 86.08 -91.99 6.66
N ASN V 12 85.33 -91.83 5.55
CA ASN V 12 85.52 -90.68 4.67
C ASN V 12 84.96 -89.39 5.23
N LYS V 13 84.23 -89.44 6.34
CA LYS V 13 83.74 -88.19 6.94
C LYS V 13 84.88 -87.28 7.35
N LYS V 14 85.96 -87.85 7.91
CA LYS V 14 87.12 -87.05 8.28
C LYS V 14 87.78 -86.47 7.03
N ASP V 15 87.85 -87.25 5.95
CA ASP V 15 88.39 -86.74 4.70
C ASP V 15 87.56 -85.58 4.16
N LEU V 16 86.23 -85.69 4.27
CA LEU V 16 85.35 -84.60 3.85
C LEU V 16 85.57 -83.36 4.71
N LEU V 17 85.77 -83.54 6.01
CA LEU V 17 86.05 -82.40 6.88
C LEU V 17 87.36 -81.72 6.51
N ASN V 18 88.41 -82.52 6.25
CA ASN V 18 89.68 -81.96 5.81
C ASN V 18 89.54 -81.26 4.47
N ASN V 19 88.70 -81.81 3.58
CA ASN V 19 88.44 -81.17 2.31
C ASN V 19 87.75 -79.83 2.48
N TRP V 20 86.79 -79.76 3.42
CA TRP V 20 86.15 -78.48 3.73
C TRP V 20 87.17 -77.49 4.27
N MET V 21 88.08 -77.96 5.13
CA MET V 21 89.13 -77.09 5.64
C MET V 21 90.00 -76.54 4.50
N ASN V 22 90.34 -77.40 3.55
CA ASN V 22 91.11 -76.96 2.39
C ASN V 22 90.33 -75.96 1.55
N GLU V 23 89.03 -76.19 1.38
CA GLU V 23 88.24 -75.39 0.46
C GLU V 23 87.84 -74.03 1.04
N MET V 24 87.76 -73.90 2.37
CA MET V 24 87.44 -72.57 2.87
C MET V 24 88.60 -71.58 2.67
N GLU V 25 89.78 -72.06 2.29
CA GLU V 25 90.92 -71.16 2.11
C GLU V 25 90.83 -70.36 0.82
N LYS V 26 90.17 -70.88 -0.22
CA LYS V 26 90.21 -70.27 -1.54
C LYS V 26 89.12 -69.23 -1.75
N GLN V 27 87.85 -69.63 -1.60
CA GLN V 27 86.72 -68.77 -1.96
C GLN V 27 86.14 -68.12 -0.70
N SER V 28 86.21 -66.79 -0.65
CA SER V 28 85.58 -65.98 0.40
C SER V 28 85.91 -66.52 1.79
N ASP V 29 87.21 -66.66 2.06
CA ASP V 29 87.64 -67.22 3.34
C ASP V 29 87.11 -66.44 4.54
N PRO V 30 87.21 -65.11 4.61
CA PRO V 30 86.60 -64.40 5.75
C PRO V 30 85.09 -64.59 5.80
N LEU V 31 84.41 -64.56 4.65
CA LEU V 31 82.96 -64.74 4.65
C LEU V 31 82.58 -66.14 5.11
N ILE V 32 83.28 -67.16 4.61
CA ILE V 32 82.98 -68.53 5.01
C ILE V 32 83.23 -68.72 6.50
N ASN V 33 84.34 -68.16 7.00
CA ASN V 33 84.63 -68.26 8.44
C ASN V 33 83.56 -67.56 9.26
N ASP V 34 83.07 -66.41 8.81
CA ASP V 34 82.10 -65.66 9.59
C ASP V 34 80.72 -66.32 9.59
N ILE V 35 80.28 -66.81 8.43
CA ILE V 35 78.91 -67.32 8.33
C ILE V 35 78.75 -68.60 9.13
N ALA V 36 79.75 -69.47 9.14
CA ALA V 36 79.66 -70.75 9.83
C ALA V 36 80.99 -71.09 10.48
N LYS V 37 80.92 -71.56 11.73
CA LYS V 37 82.12 -72.00 12.43
C LYS V 37 82.48 -73.42 12.00
N GLU V 38 83.71 -73.83 12.35
CA GLU V 38 84.19 -75.15 11.95
C GLU V 38 83.36 -76.29 12.55
N PRO V 39 83.09 -76.34 13.86
CA PRO V 39 82.34 -77.50 14.38
C PRO V 39 80.92 -77.61 13.83
N MET V 40 80.21 -76.48 13.71
CA MET V 40 78.84 -76.53 13.19
C MET V 40 78.83 -76.98 11.73
N TYR V 41 79.74 -76.45 10.92
CA TYR V 41 79.80 -76.86 9.52
C TYR V 41 80.18 -78.32 9.40
N GLU V 42 81.11 -78.79 10.23
CA GLU V 42 81.51 -80.19 10.20
C GLU V 42 80.33 -81.10 10.55
N GLU V 43 79.61 -80.77 11.61
CA GLU V 43 78.48 -81.61 12.02
C GLU V 43 77.37 -81.58 10.97
N THR V 44 77.11 -80.41 10.38
CA THR V 44 76.10 -80.32 9.34
C THR V 44 76.50 -81.16 8.12
N SER V 45 77.77 -81.08 7.71
CA SER V 45 78.22 -81.84 6.55
C SER V 45 78.16 -83.34 6.82
N ILE V 46 78.60 -83.79 8.00
CA ILE V 46 78.58 -85.23 8.27
C ILE V 46 77.15 -85.73 8.39
N GLU V 47 76.26 -84.93 8.99
CA GLU V 47 74.85 -85.32 9.05
C GLU V 47 74.22 -85.35 7.67
N PHE V 48 74.67 -84.48 6.77
CA PHE V 48 74.14 -84.46 5.41
C PHE V 48 74.66 -85.64 4.58
N VAL V 49 75.86 -86.12 4.88
CA VAL V 49 76.47 -87.18 4.07
C VAL V 49 76.32 -88.58 4.66
N ASP V 50 75.88 -88.71 5.92
CA ASP V 50 75.80 -90.04 6.53
C ASP V 50 74.38 -90.61 6.57
N LEU V 51 73.35 -89.79 6.40
CA LEU V 51 71.99 -90.29 6.50
C LEU V 51 71.57 -91.07 5.26
N ILE V 52 72.02 -90.62 4.08
CA ILE V 52 71.60 -91.26 2.84
C ILE V 52 72.23 -92.64 2.69
N VAL V 53 73.50 -92.78 3.09
CA VAL V 53 74.18 -94.07 2.96
C VAL V 53 73.57 -95.13 3.87
N SER V 54 72.71 -94.75 4.82
CA SER V 54 71.99 -95.69 5.65
C SER V 54 70.68 -96.15 5.02
N ASN V 55 70.25 -95.53 3.93
CA ASN V 55 69.04 -95.96 3.25
C ASN V 55 69.32 -97.19 2.40
N ILE V 56 68.26 -97.93 2.09
CA ILE V 56 68.40 -99.19 1.34
C ILE V 56 68.31 -98.83 -0.14
N THR V 57 69.41 -98.31 -0.67
CA THR V 57 69.70 -98.22 -2.10
C THR V 57 68.71 -97.38 -2.90
N GLU V 58 67.68 -96.83 -2.25
CA GLU V 58 66.66 -96.09 -2.99
C GLU V 58 66.60 -94.62 -2.61
N ASN V 59 66.31 -94.29 -1.35
CA ASN V 59 66.13 -92.91 -0.91
C ASN V 59 65.80 -92.92 0.57
N GLY V 60 65.74 -91.72 1.14
CA GLY V 60 65.25 -91.54 2.50
C GLY V 60 64.30 -90.36 2.59
N SER V 61 63.06 -90.60 2.99
CA SER V 61 62.06 -89.54 3.07
C SER V 61 62.48 -88.48 4.09
N LYS V 62 62.86 -88.92 5.30
CA LYS V 62 63.41 -87.99 6.27
C LYS V 62 64.70 -87.37 5.75
N PHE V 63 65.55 -88.17 5.08
CA PHE V 63 66.74 -87.61 4.48
C PHE V 63 66.39 -86.65 3.35
N ASN V 64 65.31 -86.91 2.60
CA ASN V 64 64.92 -86.00 1.54
C ASN V 64 64.50 -84.65 2.11
N GLU V 65 63.72 -84.67 3.20
CA GLU V 65 63.34 -83.41 3.85
C GLU V 65 64.56 -82.69 4.40
N LYS V 66 65.47 -83.43 5.03
CA LYS V 66 66.69 -82.82 5.56
C LYS V 66 67.55 -82.26 4.42
N LEU V 67 67.55 -82.92 3.26
CA LEU V 67 68.33 -82.43 2.13
C LEU V 67 67.72 -81.16 1.57
N ASP V 68 66.39 -81.09 1.49
CA ASP V 68 65.75 -79.84 1.08
C ASP V 68 66.08 -78.72 2.06
N ASP V 69 66.03 -79.01 3.36
CA ASP V 69 66.35 -78.00 4.36
C ASP V 69 67.81 -77.56 4.25
N PHE V 70 68.72 -78.51 4.05
CA PHE V 70 70.13 -78.17 3.89
C PHE V 70 70.36 -77.32 2.65
N ALA V 71 69.69 -77.67 1.54
CA ALA V 71 69.84 -76.91 0.31
C ALA V 71 69.37 -75.47 0.49
N GLU V 72 68.18 -75.28 1.08
CA GLU V 72 67.69 -73.93 1.27
C GLU V 72 68.57 -73.16 2.27
N LYS V 73 69.06 -73.84 3.31
CA LYS V 73 69.91 -73.19 4.30
C LYS V 73 71.22 -72.72 3.68
N VAL V 74 71.85 -73.56 2.86
CA VAL V 74 73.11 -73.16 2.25
C VAL V 74 72.88 -72.09 1.18
N VAL V 75 71.75 -72.15 0.48
CA VAL V 75 71.46 -71.11 -0.51
C VAL V 75 71.26 -69.76 0.17
N HIS V 76 70.53 -69.74 1.29
CA HIS V 76 70.23 -68.49 1.98
C HIS V 76 71.30 -68.07 2.97
N LEU V 77 72.31 -68.91 3.21
CA LEU V 77 73.33 -68.63 4.20
C LEU V 77 74.63 -68.10 3.62
N GLY V 78 74.86 -68.29 2.32
CA GLY V 78 76.09 -67.84 1.71
C GLY V 78 76.83 -68.91 0.93
N TRP V 79 76.11 -69.97 0.55
CA TRP V 79 76.66 -71.06 -0.25
C TRP V 79 75.78 -71.25 -1.47
N PRO V 80 75.92 -70.39 -2.48
CA PRO V 80 75.08 -70.49 -3.68
C PRO V 80 75.41 -71.73 -4.50
N ILE V 81 74.73 -71.89 -5.65
CA ILE V 81 74.94 -73.06 -6.49
C ILE V 81 76.39 -73.13 -6.97
N HIS V 82 77.03 -71.97 -7.18
CA HIS V 82 78.44 -71.98 -7.52
C HIS V 82 79.29 -72.54 -6.39
N PHE V 83 78.99 -72.15 -5.16
CA PHE V 83 79.73 -72.67 -4.00
C PHE V 83 79.47 -74.16 -3.82
N VAL V 84 78.24 -74.61 -4.03
CA VAL V 84 77.94 -76.04 -3.91
C VAL V 84 78.65 -76.83 -5.00
N THR V 85 78.76 -76.27 -6.20
CA THR V 85 79.50 -76.94 -7.27
C THR V 85 80.99 -77.03 -6.96
N THR V 86 81.56 -75.95 -6.41
CA THR V 86 82.95 -76.02 -5.96
C THR V 86 83.12 -77.06 -4.86
N GLY V 87 82.14 -77.15 -3.96
CA GLY V 87 82.19 -78.15 -2.91
C GLY V 87 82.15 -79.57 -3.46
N LEU V 88 81.31 -79.79 -4.49
CA LEU V 88 81.28 -81.11 -5.14
C LEU V 88 82.62 -81.42 -5.81
N ARG V 89 83.21 -80.42 -6.47
CA ARG V 89 84.50 -80.63 -7.14
C ARG V 89 85.58 -81.01 -6.13
N VAL V 90 85.63 -80.29 -5.00
CA VAL V 90 86.66 -80.61 -4.01
C VAL V 90 86.34 -81.92 -3.28
N PHE V 91 85.05 -82.25 -3.12
CA PHE V 91 84.66 -83.58 -2.65
C PHE V 91 85.27 -84.66 -3.52
N GLY V 92 85.09 -84.53 -4.84
CA GLY V 92 85.65 -85.52 -5.75
C GLY V 92 87.15 -85.59 -5.67
N LEU V 93 87.81 -84.42 -5.63
CA LEU V 93 89.27 -84.38 -5.55
C LEU V 93 89.77 -85.10 -4.31
N LEU V 94 89.18 -84.80 -3.15
CA LEU V 94 89.70 -85.38 -1.92
C LEU V 94 89.29 -86.84 -1.75
N VAL V 95 88.16 -87.26 -2.32
CA VAL V 95 87.84 -88.68 -2.33
C VAL V 95 88.83 -89.42 -3.22
N TYR V 96 89.25 -88.79 -4.33
CA TYR V 96 90.26 -89.39 -5.20
C TYR V 96 91.58 -89.54 -4.47
N THR V 97 92.00 -88.50 -3.74
CA THR V 97 93.21 -88.63 -2.93
C THR V 97 93.04 -89.68 -1.83
N ALA V 98 91.84 -89.75 -1.25
CA ALA V 98 91.59 -90.72 -0.18
C ALA V 98 91.74 -92.15 -0.68
N MET V 99 91.15 -92.46 -1.84
CA MET V 99 91.36 -93.80 -2.39
C MET V 99 92.83 -94.02 -2.74
N ARG V 100 93.49 -93.01 -3.31
CA ARG V 100 94.91 -93.17 -3.60
C ARG V 100 95.73 -93.41 -2.34
N ASP V 101 95.19 -93.06 -1.17
CA ASP V 101 95.82 -93.39 0.10
C ASP V 101 95.14 -94.59 0.79
N GLU V 102 93.83 -94.53 0.96
CA GLU V 102 93.12 -95.56 1.71
C GLU V 102 92.91 -96.83 0.89
N ASP V 103 92.28 -96.70 -0.28
CA ASP V 103 92.01 -97.82 -1.19
C ASP V 103 91.13 -98.89 -0.53
N LEU V 104 89.93 -98.46 -0.11
CA LEU V 104 88.95 -99.35 0.51
C LEU V 104 87.62 -99.17 -0.20
N PHE V 105 87.18 -100.21 -0.92
CA PHE V 105 85.98 -100.13 -1.74
C PHE V 105 84.89 -101.08 -1.25
N LEU V 106 83.81 -101.15 -2.03
CA LEU V 106 82.66 -101.98 -1.71
C LEU V 106 83.04 -103.45 -1.65
N LYS V 107 83.50 -104.00 -2.79
CA LYS V 107 83.87 -105.40 -2.86
C LYS V 107 85.28 -105.58 -2.30
N ARG V 108 85.38 -106.35 -1.21
CA ARG V 108 86.68 -106.59 -0.59
C ARG V 108 87.51 -107.51 -1.47
N GLU V 109 88.73 -107.08 -1.78
CA GLU V 109 89.63 -107.84 -2.63
C GLU V 109 91.02 -107.25 -2.48
N GLU V 110 92.01 -107.92 -3.08
CA GLU V 110 93.38 -107.42 -3.03
C GLU V 110 93.49 -106.05 -3.68
N LYS V 111 92.85 -105.86 -4.84
CA LYS V 111 92.77 -104.55 -5.48
C LYS V 111 91.49 -104.51 -6.31
N PRO V 112 90.47 -103.81 -5.84
CA PRO V 112 89.22 -103.73 -6.60
C PRO V 112 89.40 -103.00 -7.92
N GLU V 113 88.60 -103.39 -8.91
CA GLU V 113 88.71 -102.83 -10.26
C GLU V 113 87.93 -101.52 -10.34
N ASP V 114 87.71 -101.04 -11.57
CA ASP V 114 87.13 -99.73 -11.79
C ASP V 114 85.60 -99.72 -11.75
N ASP V 115 84.95 -100.87 -11.61
CA ASP V 115 83.50 -100.90 -11.56
C ASP V 115 82.98 -100.16 -10.32
N ALA V 116 83.47 -100.54 -9.14
CA ALA V 116 83.12 -99.80 -7.93
C ALA V 116 83.71 -98.40 -7.95
N TYR V 117 84.87 -98.24 -8.60
CA TYR V 117 85.45 -96.92 -8.82
C TYR V 117 84.40 -95.95 -9.35
N TYR V 118 83.78 -96.30 -10.48
CA TYR V 118 82.81 -95.38 -11.06
C TYR V 118 81.42 -95.52 -10.43
N ARG V 119 81.14 -96.61 -9.72
CA ARG V 119 79.90 -96.65 -8.94
C ARG V 119 79.91 -95.58 -7.87
N PHE V 120 81.07 -95.35 -7.25
CA PHE V 120 81.22 -94.25 -6.30
C PHE V 120 80.85 -92.91 -6.95
N GLU V 121 81.36 -92.66 -8.16
CA GLU V 121 81.09 -91.40 -8.83
C GLU V 121 79.65 -91.28 -9.25
N THR V 122 79.02 -92.38 -9.68
CA THR V 122 77.60 -92.35 -10.00
C THR V 122 76.76 -92.03 -8.78
N TRP V 123 77.11 -92.61 -7.63
CA TRP V 123 76.37 -92.30 -6.41
C TRP V 123 76.56 -90.85 -6.01
N LEU V 124 77.79 -90.32 -6.14
CA LEU V 124 78.01 -88.90 -5.85
C LEU V 124 77.21 -88.01 -6.80
N SER V 125 77.15 -88.39 -8.07
CA SER V 125 76.36 -87.64 -9.05
C SER V 125 74.89 -87.67 -8.69
N SER V 126 74.39 -88.81 -8.22
CA SER V 126 73.00 -88.89 -7.78
C SER V 126 72.76 -88.00 -6.56
N MET V 127 73.71 -87.97 -5.63
CA MET V 127 73.59 -87.12 -4.46
C MET V 127 73.48 -85.66 -4.88
N TYR V 128 74.36 -85.23 -5.79
CA TYR V 128 74.33 -83.86 -6.26
C TYR V 128 73.09 -83.58 -7.09
N ASN V 129 72.57 -84.58 -7.80
CA ASN V 129 71.31 -84.42 -8.51
C ASN V 129 70.17 -84.15 -7.55
N LYS V 130 70.13 -84.89 -6.43
CA LYS V 130 69.12 -84.62 -5.41
C LYS V 130 69.30 -83.22 -4.83
N VAL V 131 70.55 -82.80 -4.61
CA VAL V 131 70.82 -81.48 -4.05
C VAL V 131 70.29 -80.39 -4.99
N VAL V 132 70.63 -80.49 -6.28
CA VAL V 132 70.20 -79.45 -7.22
C VAL V 132 68.70 -79.50 -7.45
N THR V 133 68.10 -80.69 -7.41
CA THR V 133 66.65 -80.79 -7.51
C THR V 133 65.98 -80.07 -6.33
N ALA V 134 66.50 -80.27 -5.12
CA ALA V 134 65.98 -79.54 -3.96
C ALA V 134 66.18 -78.04 -4.13
N TYR V 135 67.33 -77.63 -4.68
CA TYR V 135 67.61 -76.22 -4.89
C TYR V 135 66.61 -75.60 -5.87
N ALA V 136 66.24 -76.34 -6.91
CA ALA V 136 65.37 -75.81 -7.97
C ALA V 136 63.90 -76.15 -7.76
N ASP V 137 63.53 -76.83 -6.68
CA ASP V 137 62.13 -77.19 -6.47
C ASP V 137 61.26 -75.95 -6.24
N THR V 138 61.72 -75.04 -5.39
CA THR V 138 60.87 -73.96 -4.91
C THR V 138 61.25 -72.58 -5.43
N TRP V 139 62.45 -72.41 -5.99
CA TRP V 139 62.85 -71.09 -6.48
C TRP V 139 61.97 -70.66 -7.65
N GLU V 140 61.67 -71.56 -8.57
CA GLU V 140 60.75 -71.24 -9.65
C GLU V 140 59.35 -70.98 -9.12
N LYS V 141 58.96 -71.64 -8.02
CA LYS V 141 57.65 -71.38 -7.43
C LYS V 141 57.55 -69.96 -6.92
N THR V 142 58.56 -69.49 -6.19
CA THR V 142 58.51 -68.12 -5.68
C THR V 142 58.68 -67.12 -6.81
N VAL V 143 59.41 -67.48 -7.87
CA VAL V 143 59.45 -66.63 -9.06
C VAL V 143 58.05 -66.49 -9.66
N SER V 144 57.32 -67.61 -9.73
CA SER V 144 55.96 -67.56 -10.26
C SER V 144 55.05 -66.71 -9.39
N ILE V 145 55.16 -66.84 -8.06
CA ILE V 145 54.27 -66.08 -7.19
C ILE V 145 54.61 -64.59 -7.24
N GLN V 146 55.89 -64.24 -7.35
CA GLN V 146 56.23 -62.83 -7.46
C GLN V 146 55.82 -62.26 -8.82
N LYS V 147 55.88 -63.08 -9.88
CA LYS V 147 55.34 -62.64 -11.16
C LYS V 147 53.83 -62.42 -11.09
N SER V 148 53.12 -63.30 -10.39
CA SER V 148 51.69 -63.12 -10.20
C SER V 148 51.39 -61.85 -9.42
N ALA V 149 52.18 -61.58 -8.37
CA ALA V 149 52.00 -60.34 -7.61
C ALA V 149 52.28 -59.12 -8.48
N LEU V 150 53.31 -59.19 -9.33
CA LEU V 150 53.62 -58.09 -10.22
C LEU V 150 52.48 -57.84 -11.21
N GLN V 151 51.90 -58.90 -11.74
CA GLN V 151 50.85 -58.71 -12.75
C GLN V 151 49.53 -58.29 -12.13
N GLU V 152 49.25 -58.72 -10.89
CA GLU V 152 47.99 -58.33 -10.26
C GLU V 152 48.00 -56.90 -9.77
N LEU V 153 49.19 -56.35 -9.49
CA LEU V 153 49.34 -54.98 -9.03
C LEU V 153 49.53 -54.00 -10.19
N SER V 154 49.21 -54.42 -11.43
CA SER V 154 49.52 -53.60 -12.59
C SER V 154 48.53 -52.45 -12.74
N ALA V 155 47.25 -52.76 -12.94
CA ALA V 155 46.22 -51.77 -13.23
C ALA V 155 45.07 -51.93 -12.25
N PRO V 156 45.19 -51.40 -11.04
CA PRO V 156 44.07 -51.45 -10.10
C PRO V 156 43.06 -50.36 -10.43
N LEU V 157 41.95 -50.76 -11.04
CA LEU V 157 40.85 -49.84 -11.27
C LEU V 157 39.95 -49.70 -10.05
N LEU V 158 40.20 -50.49 -9.01
CA LEU V 158 39.41 -50.41 -7.79
C LEU V 158 39.24 -49.01 -7.26
N PRO V 159 40.20 -48.07 -7.38
CA PRO V 159 39.89 -46.68 -7.10
C PRO V 159 38.71 -46.21 -7.93
N ILE V 160 37.60 -45.91 -7.26
CA ILE V 160 36.34 -45.60 -7.91
C ILE V 160 35.66 -44.46 -7.16
N PHE V 161 35.09 -43.53 -7.91
CA PHE V 161 34.29 -42.44 -7.37
C PHE V 161 32.87 -42.55 -7.93
N GLU V 162 32.00 -41.63 -7.54
CA GLU V 162 30.62 -41.64 -8.03
C GLU V 162 30.60 -41.37 -9.53
N LYS V 163 30.31 -42.41 -10.30
CA LYS V 163 30.29 -42.35 -11.77
C LYS V 163 31.63 -41.93 -12.36
N ILE V 164 32.69 -42.03 -11.58
CA ILE V 164 34.04 -41.69 -12.02
C ILE V 164 34.94 -42.86 -11.71
N SER V 165 35.86 -43.17 -12.61
CA SER V 165 36.83 -44.22 -12.40
C SER V 165 38.23 -43.68 -12.65
N VAL V 166 39.20 -44.20 -11.91
CA VAL V 166 40.59 -43.79 -12.04
C VAL V 166 41.48 -45.00 -11.85
N MET V 167 42.50 -45.11 -12.69
CA MET V 167 43.42 -46.24 -12.65
C MET V 167 44.85 -45.72 -12.54
N PRO V 168 45.49 -45.84 -11.38
CA PRO V 168 46.87 -45.36 -11.25
C PRO V 168 47.89 -46.42 -11.62
N LEU V 169 48.83 -46.08 -12.47
CA LEU V 169 49.95 -46.96 -12.82
C LEU V 169 51.25 -46.22 -12.57
N ILE V 170 52.17 -46.86 -11.87
CA ILE V 170 53.41 -46.21 -11.45
C ILE V 170 54.68 -46.96 -11.84
N GLY V 171 54.63 -48.28 -12.01
CA GLY V 171 55.83 -49.01 -12.37
C GLY V 171 56.14 -48.93 -13.85
N THR V 172 57.42 -49.09 -14.17
CA THR V 172 57.84 -49.10 -15.57
C THR V 172 57.21 -50.27 -16.30
N ILE V 173 56.71 -50.02 -17.50
CA ILE V 173 55.91 -50.99 -18.24
C ILE V 173 56.59 -51.34 -19.55
N ASP V 174 56.40 -52.58 -19.98
CA ASP V 174 56.89 -53.09 -21.25
C ASP V 174 55.68 -53.56 -22.08
N THR V 175 55.97 -54.25 -23.19
CA THR V 175 54.90 -54.66 -24.08
C THR V 175 53.91 -55.59 -23.38
N GLU V 176 54.41 -56.56 -22.61
CA GLU V 176 53.51 -57.42 -21.85
C GLU V 176 52.76 -56.63 -20.79
N ARG V 177 53.46 -55.74 -20.09
CA ARG V 177 52.79 -54.89 -19.11
C ARG V 177 51.77 -53.98 -19.78
N ALA V 178 52.11 -53.44 -20.95
CA ALA V 178 51.15 -52.59 -21.66
C ALA V 178 49.91 -53.37 -22.05
N LYS V 179 50.08 -54.59 -22.56
CA LYS V 179 48.92 -55.42 -22.90
C LYS V 179 48.08 -55.70 -21.68
N LEU V 180 48.73 -56.04 -20.56
CA LEU V 180 47.99 -56.29 -19.33
C LEU V 180 47.23 -55.04 -18.88
N ILE V 181 47.86 -53.87 -18.99
CA ILE V 181 47.22 -52.63 -18.56
C ILE V 181 45.99 -52.35 -19.39
N ILE V 182 46.12 -52.44 -20.71
CA ILE V 182 44.98 -52.13 -21.57
C ILE V 182 43.86 -53.15 -21.35
N GLU V 183 44.21 -54.43 -21.22
CA GLU V 183 43.18 -55.44 -21.01
C GLU V 183 42.47 -55.25 -19.68
N ASN V 184 43.22 -54.96 -18.61
CA ASN V 184 42.61 -54.75 -17.31
C ASN V 184 41.73 -53.51 -17.30
N LEU V 185 42.20 -52.42 -17.91
CA LEU V 185 41.38 -51.22 -17.98
C LEU V 185 40.10 -51.47 -18.75
N LEU V 186 40.19 -52.19 -19.88
CA LEU V 186 39.00 -52.46 -20.67
C LEU V 186 38.02 -53.36 -19.93
N ILE V 187 38.52 -54.41 -19.28
CA ILE V 187 37.61 -55.32 -18.57
C ILE V 187 36.99 -54.62 -17.37
N GLY V 188 37.75 -53.74 -16.70
CA GLY V 188 37.17 -52.98 -15.61
C GLY V 188 36.08 -52.03 -16.09
N VAL V 189 36.35 -51.30 -17.18
CA VAL V 189 35.39 -50.31 -17.64
C VAL V 189 34.16 -50.98 -18.24
N VAL V 190 34.30 -52.21 -18.74
CA VAL V 190 33.11 -52.91 -19.20
C VAL V 190 32.38 -53.57 -18.03
N LYS V 191 33.08 -53.82 -16.91
CA LYS V 191 32.41 -54.41 -15.76
C LYS V 191 31.59 -53.37 -15.01
N ASN V 192 32.23 -52.34 -14.47
CA ASN V 192 31.53 -51.32 -13.71
C ASN V 192 31.22 -50.12 -14.60
N ARG V 193 30.20 -49.35 -14.20
CA ARG V 193 29.77 -48.21 -14.98
C ARG V 193 30.59 -46.97 -14.63
N SER V 194 30.87 -46.16 -15.64
CA SER V 194 31.66 -44.95 -15.45
C SER V 194 31.38 -44.00 -16.61
N GLU V 195 31.74 -42.73 -16.42
CA GLU V 195 31.66 -41.74 -17.48
C GLU V 195 33.03 -41.26 -17.95
N VAL V 196 34.00 -41.14 -17.04
CA VAL V 196 35.36 -40.78 -17.41
C VAL V 196 36.30 -41.77 -16.74
N VAL V 197 37.48 -41.91 -17.33
CA VAL V 197 38.52 -42.76 -16.79
C VAL V 197 39.82 -41.96 -16.78
N LEU V 198 40.43 -41.84 -15.62
CA LEU V 198 41.67 -41.09 -15.45
C LEU V 198 42.82 -42.07 -15.30
N ILE V 199 43.79 -41.99 -16.20
CA ILE V 199 44.98 -42.83 -16.15
C ILE V 199 46.12 -41.99 -15.61
N ASP V 200 46.62 -42.38 -14.44
CA ASP V 200 47.71 -41.65 -13.79
C ASP V 200 49.02 -42.15 -14.39
N ILE V 201 49.54 -41.42 -15.39
CA ILE V 201 50.83 -41.77 -15.98
C ILE V 201 52.00 -41.29 -15.14
N THR V 202 51.77 -40.38 -14.20
CA THR V 202 52.84 -39.92 -13.33
C THR V 202 53.39 -41.07 -12.51
N GLY V 203 54.71 -41.24 -12.55
CA GLY V 203 55.34 -42.32 -11.84
C GLY V 203 56.24 -43.15 -12.74
N VAL V 204 55.84 -43.28 -14.00
CA VAL V 204 56.60 -44.05 -14.98
C VAL V 204 57.64 -43.13 -15.59
N PRO V 205 58.94 -43.41 -15.42
CA PRO V 205 59.97 -42.49 -15.93
C PRO V 205 60.00 -42.37 -17.44
N VAL V 206 60.14 -43.49 -18.15
CA VAL V 206 60.26 -43.51 -19.60
C VAL V 206 59.46 -44.68 -20.15
N VAL V 207 58.80 -44.47 -21.29
CA VAL V 207 58.07 -45.52 -21.98
C VAL V 207 58.62 -45.64 -23.39
N ASP V 208 58.49 -46.84 -23.96
CA ASP V 208 58.88 -47.07 -25.33
C ASP V 208 57.83 -46.48 -26.29
N THR V 209 58.25 -46.26 -27.54
CA THR V 209 57.36 -45.66 -28.53
C THR V 209 56.13 -46.53 -28.76
N MET V 210 56.34 -47.84 -28.90
CA MET V 210 55.21 -48.75 -29.08
C MET V 210 54.33 -48.77 -27.84
N VAL V 211 54.91 -48.62 -26.65
CA VAL V 211 54.10 -48.57 -25.44
C VAL V 211 53.20 -47.35 -25.44
N ALA V 212 53.74 -46.19 -25.82
CA ALA V 212 52.93 -44.98 -25.89
C ALA V 212 51.86 -45.11 -26.96
N HIS V 213 52.19 -45.77 -28.07
CA HIS V 213 51.18 -46.01 -29.11
C HIS V 213 50.05 -46.86 -28.56
N HIS V 214 50.38 -47.91 -27.79
CA HIS V 214 49.32 -48.72 -27.19
C HIS V 214 48.51 -47.92 -26.17
N ILE V 215 49.15 -47.00 -25.45
CA ILE V 215 48.41 -46.18 -24.49
C ILE V 215 47.41 -45.28 -25.22
N ILE V 216 47.84 -44.68 -26.33
CA ILE V 216 46.93 -43.83 -27.11
C ILE V 216 45.80 -44.67 -27.69
N GLN V 217 46.12 -45.87 -28.17
CA GLN V 217 45.09 -46.76 -28.70
C GLN V 217 44.10 -47.14 -27.61
N ALA V 218 44.59 -47.40 -26.40
CA ALA V 218 43.70 -47.74 -25.30
C ALA V 218 42.80 -46.56 -24.95
N SER V 219 43.35 -45.34 -24.95
CA SER V 219 42.53 -44.17 -24.70
C SER V 219 41.43 -44.03 -25.74
N GLU V 220 41.78 -44.22 -27.01
CA GLU V 220 40.76 -44.14 -28.05
C GLU V 220 39.73 -45.25 -27.92
N ALA V 221 40.16 -46.46 -27.58
CA ALA V 221 39.23 -47.57 -27.43
C ALA V 221 38.27 -47.34 -26.28
N VAL V 222 38.76 -46.84 -25.14
CA VAL V 222 37.86 -46.61 -24.02
C VAL V 222 36.97 -45.41 -24.29
N ARG V 223 37.43 -44.46 -25.11
CA ARG V 223 36.52 -43.44 -25.62
C ARG V 223 35.41 -44.08 -26.45
N LEU V 224 35.79 -45.04 -27.29
CA LEU V 224 34.80 -45.74 -28.13
C LEU V 224 33.78 -46.45 -27.27
N VAL V 225 34.21 -47.12 -26.20
CA VAL V 225 33.27 -47.81 -25.33
C VAL V 225 32.27 -46.82 -24.75
N GLY V 226 32.67 -45.57 -24.57
CA GLY V 226 31.75 -44.54 -24.10
C GLY V 226 32.21 -43.83 -22.86
N CYS V 227 33.53 -43.82 -22.62
CA CYS V 227 34.12 -43.21 -21.44
C CYS V 227 35.31 -42.37 -21.86
N GLN V 228 35.29 -41.08 -21.52
CA GLN V 228 36.42 -40.21 -21.84
C GLN V 228 37.64 -40.62 -21.04
N ALA V 229 38.80 -40.56 -21.68
CA ALA V 229 40.07 -40.95 -21.06
C ALA V 229 40.92 -39.70 -20.89
N MET V 230 41.07 -39.26 -19.65
CA MET V 230 41.88 -38.09 -19.32
C MET V 230 43.24 -38.58 -18.83
N LEU V 231 44.23 -38.59 -19.72
CA LEU V 231 45.58 -38.94 -19.34
C LEU V 231 46.14 -37.87 -18.42
N VAL V 232 46.25 -38.18 -17.13
CA VAL V 232 46.57 -37.19 -16.11
C VAL V 232 48.03 -37.34 -15.72
N GLY V 233 48.77 -36.24 -15.82
CA GLY V 233 50.14 -36.19 -15.30
C GLY V 233 51.17 -36.89 -16.16
N ILE V 234 51.32 -36.43 -17.40
CA ILE V 234 52.31 -36.99 -18.30
C ILE V 234 53.64 -36.29 -18.09
N ARG V 235 54.70 -37.08 -17.94
CA ARG V 235 56.03 -36.51 -17.79
C ARG V 235 56.48 -35.87 -19.10
N PRO V 236 57.43 -34.93 -19.05
CA PRO V 236 57.90 -34.31 -20.30
C PRO V 236 58.50 -35.30 -21.29
N GLU V 237 59.18 -36.34 -20.81
CA GLU V 237 59.86 -37.25 -21.73
C GLU V 237 58.86 -38.16 -22.43
N ILE V 238 57.84 -38.64 -21.72
CA ILE V 238 56.77 -39.39 -22.40
C ILE V 238 56.04 -38.50 -23.38
N ALA V 239 55.89 -37.21 -23.05
CA ALA V 239 55.33 -36.27 -24.02
C ALA V 239 56.21 -36.20 -25.26
N GLN V 240 57.53 -36.19 -25.08
CA GLN V 240 58.45 -36.18 -26.21
C GLN V 240 58.25 -37.42 -27.07
N THR V 241 58.17 -38.60 -26.43
CA THR V 241 58.00 -39.83 -27.17
C THR V 241 56.68 -39.84 -27.93
N ILE V 242 55.61 -39.37 -27.29
CA ILE V 242 54.30 -39.34 -27.93
C ILE V 242 54.30 -38.41 -29.12
N VAL V 243 54.92 -37.23 -28.98
CA VAL V 243 54.95 -36.28 -30.10
C VAL V 243 55.77 -36.83 -31.25
N ASN V 244 56.96 -37.37 -30.96
CA ASN V 244 57.77 -37.98 -32.02
C ASN V 244 57.10 -39.19 -32.63
N LEU V 245 56.14 -39.81 -31.94
CA LEU V 245 55.36 -40.87 -32.55
C LEU V 245 54.58 -40.36 -33.76
N GLY V 246 54.10 -39.12 -33.70
CA GLY V 246 53.40 -38.52 -34.81
C GLY V 246 51.93 -38.85 -34.90
N ILE V 247 51.39 -39.67 -33.99
CA ILE V 247 49.97 -39.99 -34.03
C ILE V 247 49.15 -38.76 -33.69
N GLU V 248 47.87 -38.79 -34.08
CA GLU V 248 47.00 -37.64 -33.89
C GLU V 248 46.64 -37.49 -32.41
N LEU V 249 46.66 -36.25 -31.92
CA LEU V 249 46.60 -35.98 -30.48
C LEU V 249 45.63 -34.86 -30.15
N ASP V 250 44.40 -34.93 -30.67
CA ASP V 250 43.42 -33.91 -30.31
C ASP V 250 42.41 -34.38 -29.28
N GLN V 251 42.01 -35.66 -29.33
CA GLN V 251 40.96 -36.13 -28.43
C GLN V 251 41.46 -36.20 -26.99
N ILE V 252 42.70 -36.62 -26.80
CA ILE V 252 43.22 -36.88 -25.45
C ILE V 252 43.25 -35.59 -24.64
N ILE V 253 42.44 -35.54 -23.59
CA ILE V 253 42.44 -34.42 -22.66
C ILE V 253 43.40 -34.75 -21.53
N THR V 254 44.32 -33.83 -21.25
CA THR V 254 45.36 -34.09 -20.27
C THR V 254 45.42 -32.97 -19.25
N THR V 255 45.70 -33.33 -18.00
CA THR V 255 45.96 -32.39 -16.93
C THR V 255 47.19 -32.86 -16.15
N ASN V 256 47.95 -31.90 -15.65
CA ASN V 256 49.23 -32.24 -15.02
C ASN V 256 49.10 -32.74 -13.59
N THR V 257 47.95 -32.55 -12.94
CA THR V 257 47.76 -32.95 -11.57
C THR V 257 46.48 -33.75 -11.43
N MET V 258 46.50 -34.72 -10.51
CA MET V 258 45.30 -35.54 -10.29
C MET V 258 44.15 -34.73 -9.72
N LYS V 259 44.44 -33.71 -8.91
CA LYS V 259 43.38 -32.85 -8.42
C LYS V 259 42.70 -32.10 -9.56
N LYS V 260 43.49 -31.60 -10.51
CA LYS V 260 42.90 -30.93 -11.67
C LYS V 260 42.14 -31.92 -12.54
N GLY V 261 42.64 -33.16 -12.63
CA GLY V 261 41.88 -34.17 -13.34
C GLY V 261 40.53 -34.45 -12.70
N MET V 262 40.50 -34.54 -11.37
CA MET V 262 39.24 -34.75 -10.67
C MET V 262 38.28 -33.58 -10.88
N GLU V 263 38.77 -32.34 -10.79
CA GLU V 263 37.87 -31.22 -10.98
C GLU V 263 37.39 -31.14 -12.42
N ARG V 264 38.24 -31.49 -13.39
CA ARG V 264 37.80 -31.54 -14.78
C ARG V 264 36.74 -32.62 -14.99
N ALA V 265 36.91 -33.77 -14.34
CA ALA V 265 35.91 -34.83 -14.44
C ALA V 265 34.59 -34.39 -13.85
N LEU V 266 34.63 -33.72 -12.70
CA LEU V 266 33.42 -33.17 -12.11
C LEU V 266 32.85 -32.04 -12.96
N ALA V 267 33.66 -31.40 -13.79
CA ALA V 267 33.13 -30.42 -14.73
C ALA V 267 32.41 -31.10 -15.89
N LEU V 268 32.96 -32.21 -16.39
CA LEU V 268 32.31 -32.92 -17.50
C LEU V 268 30.95 -33.45 -17.07
N THR V 269 30.89 -34.13 -15.93
CA THR V 269 29.62 -34.52 -15.32
C THR V 269 29.10 -33.30 -14.57
N ASN V 270 28.28 -32.51 -15.27
CA ASN V 270 28.00 -31.13 -14.86
C ASN V 270 27.47 -31.06 -13.43
N ARG V 271 26.49 -31.89 -13.10
CA ARG V 271 25.87 -31.83 -11.78
C ARG V 271 26.63 -32.62 -10.72
N GLU V 272 27.72 -33.28 -11.07
CA GLU V 272 28.54 -33.96 -10.08
C GLU V 272 29.45 -33.01 -9.32
N ILE V 273 29.59 -31.76 -9.76
CA ILE V 273 30.44 -30.81 -9.06
C ILE V 273 29.82 -30.37 -7.74
N VAL V 274 28.52 -30.60 -7.55
CA VAL V 274 27.85 -30.24 -6.30
C VAL V 274 27.74 -31.45 -5.39
N MET W 1 97.61 -77.70 -19.97
CA MET W 1 97.59 -77.85 -21.43
C MET W 1 96.24 -78.37 -21.91
N TYR W 2 95.76 -77.80 -23.01
CA TYR W 2 94.46 -78.17 -23.56
C TYR W 2 94.53 -78.72 -24.98
N LYS W 3 95.73 -78.76 -25.58
CA LYS W 3 95.84 -79.24 -26.96
C LYS W 3 95.51 -80.73 -27.06
N ASP W 4 96.13 -81.55 -26.22
CA ASP W 4 95.83 -82.98 -26.22
C ASP W 4 94.41 -83.25 -25.75
N PHE W 5 93.87 -82.38 -24.90
CA PHE W 5 92.47 -82.49 -24.52
C PHE W 5 91.57 -82.35 -25.74
N ALA W 6 91.87 -81.37 -26.60
CA ALA W 6 91.10 -81.23 -27.84
C ALA W 6 91.34 -82.41 -28.77
N ASN W 7 92.57 -82.94 -28.79
CA ASN W 7 92.86 -84.10 -29.63
C ASN W 7 91.99 -85.29 -29.23
N PHE W 8 91.82 -85.50 -27.92
CA PHE W 8 90.94 -86.57 -27.45
C PHE W 8 89.46 -86.20 -27.60
N ILE W 9 89.14 -84.91 -27.54
CA ILE W 9 87.78 -84.45 -27.83
C ILE W 9 87.40 -84.75 -29.27
N ARG W 10 88.40 -84.86 -30.16
CA ARG W 10 88.12 -85.20 -31.55
C ARG W 10 87.35 -86.50 -31.69
N THR W 11 87.45 -87.42 -30.71
CA THR W 11 86.59 -88.58 -30.63
C THR W 11 85.55 -88.49 -29.51
N ASN W 12 85.82 -87.68 -28.48
CA ASN W 12 84.80 -87.44 -27.47
C ASN W 12 83.57 -86.77 -28.05
N LYS W 13 83.68 -86.14 -29.21
CA LYS W 13 82.49 -85.56 -29.84
C LYS W 13 81.49 -86.64 -30.23
N LYS W 14 81.96 -87.69 -30.89
CA LYS W 14 81.10 -88.83 -31.19
C LYS W 14 80.70 -89.57 -29.93
N ASP W 15 81.61 -89.66 -28.96
CA ASP W 15 81.26 -90.27 -27.68
C ASP W 15 80.10 -89.54 -27.01
N LEU W 16 80.13 -88.21 -27.03
CA LEU W 16 79.06 -87.41 -26.43
C LEU W 16 77.80 -87.42 -27.28
N LEU W 17 77.92 -87.60 -28.59
CA LEU W 17 76.73 -87.82 -29.41
C LEU W 17 76.01 -89.10 -28.97
N ASN W 18 76.77 -90.19 -28.81
CA ASN W 18 76.19 -91.41 -28.26
C ASN W 18 75.66 -91.20 -26.85
N ASN W 19 76.33 -90.35 -26.06
CA ASN W 19 75.87 -90.05 -24.71
C ASN W 19 74.50 -89.36 -24.74
N TRP W 20 74.36 -88.33 -25.57
CA TRP W 20 73.08 -87.63 -25.68
C TRP W 20 71.99 -88.56 -26.21
N MET W 21 72.35 -89.47 -27.10
CA MET W 21 71.39 -90.49 -27.52
C MET W 21 70.97 -91.36 -26.34
N ASN W 22 71.92 -91.72 -25.47
CA ASN W 22 71.59 -92.54 -24.30
C ASN W 22 70.75 -91.76 -23.30
N GLU W 23 71.07 -90.49 -23.07
CA GLU W 23 70.38 -89.70 -22.05
C GLU W 23 68.95 -89.36 -22.43
N MET W 24 68.57 -89.51 -23.71
CA MET W 24 67.22 -89.19 -24.15
C MET W 24 66.17 -90.16 -23.60
N GLU W 25 66.59 -91.30 -23.04
CA GLU W 25 65.62 -92.29 -22.57
C GLU W 25 64.94 -91.86 -21.29
N LYS W 26 65.70 -91.27 -20.36
CA LYS W 26 65.23 -91.12 -18.98
C LYS W 26 64.39 -89.85 -18.77
N GLN W 27 64.97 -88.69 -19.05
CA GLN W 27 64.37 -87.42 -18.64
C GLN W 27 63.85 -86.65 -19.84
N SER W 28 62.56 -86.29 -19.78
CA SER W 28 61.92 -85.34 -20.71
C SER W 28 62.16 -85.73 -22.16
N ASP W 29 61.88 -86.99 -22.48
CA ASP W 29 62.02 -87.45 -23.86
C ASP W 29 61.08 -86.72 -24.81
N PRO W 30 59.76 -86.65 -24.57
CA PRO W 30 58.89 -85.98 -25.56
C PRO W 30 59.11 -84.48 -25.64
N LEU W 31 59.29 -83.81 -24.50
CA LEU W 31 59.47 -82.36 -24.52
C LEU W 31 60.72 -81.97 -25.30
N ILE W 32 61.85 -82.61 -25.00
CA ILE W 32 63.09 -82.30 -25.70
C ILE W 32 63.00 -82.73 -27.17
N ASN W 33 62.35 -83.86 -27.44
CA ASN W 33 62.20 -84.32 -28.81
C ASN W 33 61.39 -83.33 -29.64
N ASP W 34 60.40 -82.69 -29.03
CA ASP W 34 59.54 -81.76 -29.78
C ASP W 34 60.17 -80.37 -29.89
N ILE W 35 60.55 -79.78 -28.76
CA ILE W 35 60.95 -78.36 -28.78
C ILE W 35 62.26 -78.18 -29.52
N ALA W 36 63.20 -79.13 -29.39
CA ALA W 36 64.52 -78.99 -29.97
C ALA W 36 64.83 -80.22 -30.81
N LYS W 37 65.08 -80.02 -32.10
CA LYS W 37 65.52 -81.11 -32.95
C LYS W 37 66.89 -81.61 -32.51
N GLU W 38 67.10 -82.91 -32.68
CA GLU W 38 68.37 -83.51 -32.26
C GLU W 38 69.60 -82.90 -32.92
N PRO W 39 69.63 -82.62 -34.24
CA PRO W 39 70.86 -82.07 -34.83
C PRO W 39 71.34 -80.77 -34.20
N MET W 40 70.43 -79.84 -33.90
CA MET W 40 70.86 -78.55 -33.36
C MET W 40 71.42 -78.70 -31.95
N TYR W 41 70.75 -79.51 -31.12
CA TYR W 41 71.28 -79.76 -29.78
C TYR W 41 72.62 -80.45 -29.84
N GLU W 42 72.77 -81.42 -30.74
CA GLU W 42 74.04 -82.13 -30.87
C GLU W 42 75.16 -81.19 -31.31
N GLU W 43 74.90 -80.35 -32.31
CA GLU W 43 75.94 -79.45 -32.79
C GLU W 43 76.30 -78.41 -31.72
N THR W 44 75.31 -77.88 -31.02
CA THR W 44 75.60 -76.93 -29.95
C THR W 44 76.43 -77.59 -28.86
N SER W 45 76.08 -78.83 -28.47
CA SER W 45 76.81 -79.52 -27.42
C SER W 45 78.25 -79.81 -27.85
N ILE W 46 78.45 -80.26 -29.09
CA ILE W 46 79.81 -80.59 -29.52
C ILE W 46 80.65 -79.33 -29.64
N GLU W 47 80.06 -78.23 -30.12
CA GLU W 47 80.79 -76.97 -30.17
C GLU W 47 81.17 -76.50 -28.77
N PHE W 48 80.24 -76.61 -27.81
CA PHE W 48 80.54 -76.20 -26.45
C PHE W 48 81.65 -77.04 -25.84
N VAL W 49 81.64 -78.35 -26.11
CA VAL W 49 82.62 -79.24 -25.48
C VAL W 49 83.95 -79.31 -26.23
N ASP W 50 84.03 -78.79 -27.46
CA ASP W 50 85.32 -78.77 -28.14
C ASP W 50 85.97 -77.40 -28.16
N LEU W 51 85.20 -76.31 -28.02
CA LEU W 51 85.78 -74.98 -27.97
C LEU W 51 86.25 -74.59 -26.57
N ILE W 52 85.99 -75.42 -25.57
CA ILE W 52 86.44 -75.15 -24.20
C ILE W 52 87.94 -75.30 -24.09
N VAL W 53 88.51 -76.31 -24.75
CA VAL W 53 89.93 -76.63 -24.60
C VAL W 53 90.66 -76.28 -25.88
N SER W 54 90.15 -75.28 -26.61
CA SER W 54 90.80 -74.81 -27.83
C SER W 54 91.77 -73.67 -27.58
N ASN W 55 91.96 -73.27 -26.34
CA ASN W 55 92.86 -72.18 -25.98
C ASN W 55 94.03 -72.73 -25.15
N ILE W 56 94.88 -71.81 -24.69
CA ILE W 56 96.08 -72.18 -23.93
C ILE W 56 95.71 -72.13 -22.44
N THR W 57 95.27 -73.28 -21.93
CA THR W 57 94.97 -73.47 -20.50
C THR W 57 93.93 -72.47 -19.99
N GLU W 58 93.09 -71.97 -20.90
CA GLU W 58 92.10 -70.95 -20.56
C GLU W 58 90.94 -71.06 -21.54
N ASN W 59 90.05 -70.07 -21.49
CA ASN W 59 88.96 -69.95 -22.44
C ASN W 59 88.91 -68.51 -22.95
N GLY W 60 88.65 -68.35 -24.24
CA GLY W 60 88.63 -67.03 -24.84
C GLY W 60 87.46 -66.20 -24.36
N SER W 61 87.63 -64.87 -24.47
CA SER W 61 86.56 -63.96 -24.11
C SER W 61 85.33 -64.17 -24.99
N LYS W 62 85.54 -64.35 -26.30
CA LYS W 62 84.43 -64.73 -27.16
C LYS W 62 83.82 -66.05 -26.72
N PHE W 63 84.66 -67.03 -26.38
CA PHE W 63 84.12 -68.28 -25.87
C PHE W 63 83.53 -68.11 -24.48
N ASN W 64 84.02 -67.15 -23.69
CA ASN W 64 83.37 -66.89 -22.41
C ASN W 64 81.95 -66.41 -22.61
N GLU W 65 81.75 -65.49 -23.57
CA GLU W 65 80.40 -65.03 -23.88
C GLU W 65 79.55 -66.17 -24.45
N LYS W 66 80.15 -67.02 -25.30
CA LYS W 66 79.42 -68.15 -25.84
C LYS W 66 79.02 -69.14 -24.74
N LEU W 67 79.90 -69.33 -23.75
CA LEU W 67 79.58 -70.21 -22.63
C LEU W 67 78.44 -69.64 -21.79
N ASP W 68 78.47 -68.33 -21.54
CA ASP W 68 77.36 -67.70 -20.83
C ASP W 68 76.06 -67.84 -21.61
N ASP W 69 76.11 -67.64 -22.93
CA ASP W 69 74.93 -67.79 -23.76
C ASP W 69 74.41 -69.22 -23.74
N PHE W 70 75.32 -70.20 -23.81
CA PHE W 70 74.92 -71.60 -23.74
C PHE W 70 74.27 -71.92 -22.40
N ALA W 71 74.85 -71.40 -21.32
CA ALA W 71 74.28 -71.65 -19.99
C ALA W 71 72.87 -71.08 -19.88
N GLU W 72 72.70 -69.81 -20.27
CA GLU W 72 71.36 -69.23 -20.17
C GLU W 72 70.38 -69.89 -21.13
N LYS W 73 70.85 -70.31 -22.31
CA LYS W 73 69.98 -70.99 -23.26
C LYS W 73 69.50 -72.33 -22.73
N VAL W 74 70.40 -73.12 -22.14
CA VAL W 74 69.96 -74.40 -21.59
C VAL W 74 69.10 -74.19 -20.35
N VAL W 75 69.35 -73.12 -19.60
CA VAL W 75 68.52 -72.85 -18.41
C VAL W 75 67.10 -72.50 -18.82
N HIS W 76 66.94 -71.64 -19.83
CA HIS W 76 65.63 -71.15 -20.22
C HIS W 76 65.01 -71.97 -21.35
N LEU W 77 65.67 -73.04 -21.79
CA LEU W 77 65.17 -73.85 -22.89
C LEU W 77 64.52 -75.15 -22.43
N GLY W 78 64.79 -75.59 -21.20
CA GLY W 78 64.23 -76.85 -20.73
C GLY W 78 65.26 -77.78 -20.15
N TRP W 79 66.41 -77.24 -19.75
CA TRP W 79 67.48 -78.01 -19.11
C TRP W 79 67.85 -77.32 -17.81
N PRO W 80 67.08 -77.55 -16.73
CA PRO W 80 67.39 -76.92 -15.44
C PRO W 80 68.66 -77.47 -14.82
N ILE W 81 68.99 -76.99 -13.62
CA ILE W 81 70.24 -77.39 -12.96
C ILE W 81 70.27 -78.89 -12.73
N HIS W 82 69.11 -79.50 -12.45
CA HIS W 82 69.05 -80.95 -12.33
C HIS W 82 69.39 -81.63 -13.65
N PHE W 83 68.90 -81.07 -14.76
CA PHE W 83 69.24 -81.62 -16.06
C PHE W 83 70.71 -81.44 -16.37
N VAL W 84 71.31 -80.32 -15.94
CA VAL W 84 72.74 -80.13 -16.14
C VAL W 84 73.54 -81.13 -15.31
N THR W 85 73.07 -81.44 -14.10
CA THR W 85 73.75 -82.44 -13.28
C THR W 85 73.62 -83.84 -13.89
N THR W 86 72.45 -84.16 -14.45
CA THR W 86 72.31 -85.43 -15.16
C THR W 86 73.22 -85.46 -16.38
N GLY W 87 73.37 -84.34 -17.07
CA GLY W 87 74.30 -84.26 -18.18
C GLY W 87 75.73 -84.49 -17.74
N LEU W 88 76.11 -83.94 -16.59
CA LEU W 88 77.44 -84.21 -16.05
C LEU W 88 77.61 -85.68 -15.71
N ARG W 89 76.59 -86.30 -15.13
CA ARG W 89 76.67 -87.72 -14.78
C ARG W 89 76.82 -88.59 -16.02
N VAL W 90 76.05 -88.31 -17.07
CA VAL W 90 76.17 -89.10 -18.29
C VAL W 90 77.46 -88.79 -19.03
N PHE W 91 77.96 -87.55 -18.91
CA PHE W 91 79.31 -87.24 -19.38
C PHE W 91 80.33 -88.14 -18.72
N GLY W 92 80.25 -88.26 -17.39
CA GLY W 92 81.15 -89.15 -16.69
C GLY W 92 81.01 -90.59 -17.15
N LEU W 93 79.77 -91.05 -17.32
CA LEU W 93 79.53 -92.41 -17.78
C LEU W 93 80.23 -92.69 -19.11
N LEU W 94 79.97 -91.84 -20.11
CA LEU W 94 80.47 -92.13 -21.44
C LEU W 94 81.97 -91.87 -21.57
N VAL W 95 82.48 -90.84 -20.87
CA VAL W 95 83.92 -90.60 -20.90
C VAL W 95 84.66 -91.72 -20.18
N TYR W 96 84.08 -92.24 -19.09
CA TYR W 96 84.66 -93.39 -18.40
C TYR W 96 84.69 -94.61 -19.30
N THR W 97 83.58 -94.89 -20.01
CA THR W 97 83.56 -96.03 -20.92
C THR W 97 84.58 -95.85 -22.04
N ALA W 98 84.68 -94.64 -22.60
CA ALA W 98 85.64 -94.40 -23.67
C ALA W 98 87.08 -94.56 -23.18
N MET W 99 87.37 -94.04 -21.99
CA MET W 99 88.72 -94.16 -21.44
C MET W 99 89.07 -95.62 -21.16
N ARG W 100 88.10 -96.41 -20.71
CA ARG W 100 88.33 -97.84 -20.56
C ARG W 100 88.54 -98.52 -21.91
N ASP W 101 87.89 -98.01 -22.96
CA ASP W 101 88.00 -98.61 -24.28
C ASP W 101 89.11 -97.96 -25.11
N GLU W 102 89.01 -96.64 -25.35
CA GLU W 102 89.96 -95.96 -26.21
C GLU W 102 91.34 -95.86 -25.56
N ASP W 103 91.38 -95.50 -24.28
CA ASP W 103 92.63 -95.35 -23.51
C ASP W 103 93.56 -94.34 -24.18
N LEU W 104 93.07 -93.10 -24.25
CA LEU W 104 93.84 -91.98 -24.79
C LEU W 104 93.75 -90.83 -23.79
N PHE W 105 94.84 -90.59 -23.05
CA PHE W 105 94.89 -89.60 -22.00
C PHE W 105 95.76 -88.42 -22.43
N LEU W 106 95.98 -87.49 -21.51
CA LEU W 106 96.72 -86.27 -21.82
C LEU W 106 98.16 -86.59 -22.21
N LYS W 107 98.93 -87.14 -21.27
CA LYS W 107 100.35 -87.39 -21.52
C LYS W 107 100.53 -88.56 -22.48
N ARG W 108 101.45 -88.39 -23.43
CA ARG W 108 101.77 -89.43 -24.41
C ARG W 108 102.61 -90.49 -23.72
N GLU W 109 101.97 -91.60 -23.36
CA GLU W 109 102.65 -92.69 -22.65
C GLU W 109 101.89 -93.98 -22.91
N GLU W 110 102.52 -95.09 -22.56
CA GLU W 110 101.88 -96.39 -22.73
C GLU W 110 100.60 -96.48 -21.91
N LYS W 111 100.64 -96.01 -20.67
CA LYS W 111 99.45 -95.96 -19.81
C LYS W 111 99.63 -94.83 -18.79
N PRO W 112 99.06 -93.66 -19.06
CA PRO W 112 99.10 -92.58 -18.07
C PRO W 112 98.36 -92.97 -16.80
N GLU W 113 98.86 -92.49 -15.68
CA GLU W 113 98.31 -92.84 -14.37
C GLU W 113 97.06 -92.00 -14.09
N ASP W 114 96.60 -92.05 -12.82
CA ASP W 114 95.36 -91.41 -12.42
C ASP W 114 95.40 -89.88 -12.49
N ASP W 115 96.59 -89.29 -12.65
CA ASP W 115 96.73 -87.84 -12.61
C ASP W 115 95.86 -87.17 -13.68
N ALA W 116 96.17 -87.40 -14.96
CA ALA W 116 95.34 -86.84 -16.02
C ALA W 116 93.96 -87.50 -16.06
N TYR W 117 93.90 -88.77 -15.66
CA TYR W 117 92.62 -89.48 -15.63
C TYR W 117 91.60 -88.78 -14.75
N TYR W 118 92.06 -88.04 -13.75
CA TYR W 118 91.15 -87.20 -12.98
C TYR W 118 91.29 -85.71 -13.28
N ARG W 119 92.37 -85.28 -13.94
CA ARG W 119 92.43 -83.90 -14.40
C ARG W 119 91.32 -83.63 -15.42
N PHE W 120 90.99 -84.65 -16.23
CA PHE W 120 89.81 -84.57 -17.09
C PHE W 120 88.57 -84.19 -16.28
N GLU W 121 88.32 -84.90 -15.19
CA GLU W 121 87.13 -84.66 -14.38
C GLU W 121 87.21 -83.34 -13.63
N THR W 122 88.41 -82.92 -13.21
CA THR W 122 88.54 -81.60 -12.58
C THR W 122 88.19 -80.49 -13.56
N TRP W 123 88.63 -80.61 -14.81
CA TRP W 123 88.27 -79.60 -15.81
C TRP W 123 86.78 -79.66 -16.13
N LEU W 124 86.18 -80.85 -16.13
CA LEU W 124 84.73 -80.93 -16.28
C LEU W 124 84.00 -80.25 -15.12
N SER W 125 84.51 -80.43 -13.90
CA SER W 125 83.90 -79.79 -12.74
C SER W 125 84.02 -78.27 -12.82
N SER W 126 85.16 -77.77 -13.31
CA SER W 126 85.31 -76.33 -13.51
C SER W 126 84.38 -75.82 -14.60
N MET W 127 84.16 -76.63 -15.64
CA MET W 127 83.16 -76.31 -16.66
C MET W 127 81.79 -76.14 -16.02
N TYR W 128 81.43 -77.09 -15.15
CA TYR W 128 80.16 -77.03 -14.44
C TYR W 128 80.09 -75.80 -13.53
N ASN W 129 81.21 -75.43 -12.92
CA ASN W 129 81.26 -74.24 -12.08
C ASN W 129 80.99 -72.98 -12.89
N LYS W 130 81.59 -72.88 -14.08
CA LYS W 130 81.31 -71.74 -14.95
C LYS W 130 79.83 -71.72 -15.34
N VAL W 131 79.28 -72.89 -15.66
CA VAL W 131 77.87 -72.99 -16.05
C VAL W 131 76.97 -72.48 -14.92
N VAL W 132 77.23 -72.93 -13.70
CA VAL W 132 76.38 -72.54 -12.58
C VAL W 132 76.57 -71.07 -12.20
N THR W 133 77.77 -70.53 -12.40
CA THR W 133 77.95 -69.08 -12.18
C THR W 133 77.11 -68.27 -13.16
N ALA W 134 77.13 -68.66 -14.44
CA ALA W 134 76.28 -67.98 -15.41
C ALA W 134 74.80 -68.20 -15.11
N TYR W 135 74.47 -69.35 -14.53
CA TYR W 135 73.12 -69.60 -14.03
C TYR W 135 72.74 -68.58 -12.96
N ALA W 136 73.62 -68.38 -11.98
CA ALA W 136 73.24 -67.64 -10.79
C ALA W 136 73.17 -66.13 -11.05
N ASP W 137 74.10 -65.60 -11.83
CA ASP W 137 74.27 -64.14 -11.90
C ASP W 137 73.00 -63.44 -12.37
N THR W 138 72.60 -63.69 -13.62
CA THR W 138 71.47 -62.97 -14.19
C THR W 138 70.16 -63.28 -13.49
N TRP W 139 70.01 -64.51 -12.99
CA TRP W 139 68.80 -64.88 -12.26
C TRP W 139 68.67 -64.07 -10.98
N GLU W 140 69.78 -63.91 -10.23
CA GLU W 140 69.73 -63.08 -9.05
C GLU W 140 69.49 -61.61 -9.41
N LYS W 141 70.05 -61.16 -10.53
CA LYS W 141 69.82 -59.78 -10.97
C LYS W 141 68.34 -59.53 -11.22
N THR W 142 67.68 -60.43 -11.96
CA THR W 142 66.27 -60.23 -12.27
C THR W 142 65.39 -60.42 -11.03
N VAL W 143 65.78 -61.30 -10.12
CA VAL W 143 65.03 -61.42 -8.86
C VAL W 143 65.12 -60.11 -8.08
N SER W 144 66.30 -59.50 -8.03
CA SER W 144 66.45 -58.24 -7.31
C SER W 144 65.63 -57.13 -7.96
N ILE W 145 65.63 -57.03 -9.28
CA ILE W 145 64.87 -55.97 -9.92
C ILE W 145 63.37 -56.19 -9.73
N GLN W 146 62.92 -57.45 -9.75
CA GLN W 146 61.52 -57.72 -9.49
C GLN W 146 61.14 -57.37 -8.05
N LYS W 147 62.02 -57.66 -7.09
CA LYS W 147 61.75 -57.27 -5.71
C LYS W 147 61.67 -55.76 -5.58
N SER W 148 62.54 -55.03 -6.27
CA SER W 148 62.46 -53.57 -6.24
C SER W 148 61.15 -53.08 -6.85
N ALA W 149 60.70 -53.72 -7.92
CA ALA W 149 59.43 -53.35 -8.54
C ALA W 149 58.26 -53.57 -7.57
N LEU W 150 58.28 -54.69 -6.85
CA LEU W 150 57.26 -54.91 -5.83
C LEU W 150 57.36 -53.88 -4.71
N GLN W 151 58.58 -53.47 -4.35
CA GLN W 151 58.75 -52.46 -3.31
C GLN W 151 58.14 -51.13 -3.74
N GLU W 152 58.35 -50.72 -4.99
CA GLU W 152 57.84 -49.43 -5.43
C GLU W 152 56.33 -49.46 -5.66
N LEU W 153 55.78 -50.63 -6.00
CA LEU W 153 54.38 -50.78 -6.36
C LEU W 153 53.52 -51.25 -5.19
N SER W 154 54.03 -51.15 -3.96
CA SER W 154 53.31 -51.69 -2.82
C SER W 154 52.16 -50.79 -2.39
N ALA W 155 52.47 -49.57 -1.95
CA ALA W 155 51.48 -48.64 -1.40
C ALA W 155 51.61 -47.29 -2.10
N PRO W 156 50.99 -47.14 -3.26
CA PRO W 156 51.08 -45.87 -4.00
C PRO W 156 50.11 -44.84 -3.49
N LEU W 157 50.63 -43.82 -2.79
CA LEU W 157 49.82 -42.70 -2.36
C LEU W 157 49.63 -41.66 -3.46
N LEU W 158 50.21 -41.90 -4.64
CA LEU W 158 50.09 -40.95 -5.74
C LEU W 158 48.66 -40.54 -6.06
N PRO W 159 47.66 -41.40 -6.02
CA PRO W 159 46.28 -40.91 -6.16
C PRO W 159 45.97 -39.85 -5.11
N ILE W 160 45.68 -38.65 -5.57
CA ILE W 160 45.49 -37.48 -4.70
C ILE W 160 44.30 -36.69 -5.20
N PHE W 161 43.50 -36.19 -4.26
CA PHE W 161 42.42 -35.25 -4.51
C PHE W 161 42.74 -33.95 -3.77
N GLU W 162 41.88 -32.95 -3.94
CA GLU W 162 42.10 -31.65 -3.30
C GLU W 162 42.05 -31.79 -1.78
N LYS W 163 43.21 -31.71 -1.14
CA LYS W 163 43.34 -31.82 0.31
C LYS W 163 42.85 -33.17 0.85
N ILE W 164 42.75 -34.18 -0.02
CA ILE W 164 42.31 -35.51 0.38
C ILE W 164 43.16 -36.54 -0.35
N SER W 165 43.84 -37.40 0.39
CA SER W 165 44.64 -38.45 -0.19
C SER W 165 43.86 -39.75 -0.23
N VAL W 166 44.40 -40.71 -0.98
CA VAL W 166 43.83 -42.05 -1.06
C VAL W 166 44.93 -43.02 -1.44
N MET W 167 44.99 -44.15 -0.74
CA MET W 167 46.12 -45.07 -0.81
C MET W 167 45.60 -46.47 -1.06
N PRO W 168 45.38 -46.84 -2.32
CA PRO W 168 44.81 -48.16 -2.62
C PRO W 168 45.89 -49.24 -2.63
N LEU W 169 45.68 -50.28 -1.85
CA LEU W 169 46.57 -51.43 -1.82
C LEU W 169 45.76 -52.70 -2.06
N ILE W 170 46.29 -53.59 -2.89
CA ILE W 170 45.65 -54.85 -3.22
C ILE W 170 46.71 -55.95 -3.18
N GLY W 171 46.27 -57.18 -3.39
CA GLY W 171 47.15 -58.33 -3.29
C GLY W 171 47.43 -58.71 -1.86
N THR W 172 48.18 -59.79 -1.69
CA THR W 172 48.50 -60.32 -0.37
C THR W 172 49.72 -59.59 0.18
N ILE W 173 49.62 -59.12 1.42
CA ILE W 173 50.66 -58.35 2.06
C ILE W 173 51.16 -59.10 3.28
N ASP W 174 52.48 -59.23 3.40
CA ASP W 174 53.12 -59.88 4.52
C ASP W 174 53.71 -58.83 5.46
N THR W 175 54.45 -59.29 6.47
CA THR W 175 54.96 -58.37 7.50
C THR W 175 55.91 -57.34 6.91
N GLU W 176 56.82 -57.77 6.04
CA GLU W 176 57.73 -56.83 5.38
C GLU W 176 56.94 -55.84 4.53
N ARG W 177 55.98 -56.33 3.76
CA ARG W 177 55.12 -55.42 3.00
C ARG W 177 54.34 -54.51 3.93
N ALA W 178 53.92 -55.02 5.08
CA ALA W 178 53.19 -54.17 6.03
C ALA W 178 54.05 -53.01 6.51
N LYS W 179 55.31 -53.30 6.86
CA LYS W 179 56.21 -52.23 7.29
C LYS W 179 56.46 -51.24 6.16
N LEU W 180 56.62 -51.76 4.93
CA LEU W 180 56.83 -50.87 3.80
C LEU W 180 55.61 -49.97 3.58
N ILE W 181 54.41 -50.54 3.72
CA ILE W 181 53.17 -49.78 3.55
C ILE W 181 53.07 -48.68 4.60
N ILE W 182 53.35 -49.01 5.86
CA ILE W 182 53.21 -47.99 6.91
C ILE W 182 54.26 -46.89 6.72
N GLU W 183 55.49 -47.26 6.37
CA GLU W 183 56.52 -46.26 6.14
C GLU W 183 56.14 -45.35 4.98
N ASN W 184 55.66 -45.94 3.88
CA ASN W 184 55.28 -45.13 2.72
C ASN W 184 54.11 -44.23 3.05
N LEU W 185 53.13 -44.73 3.78
CA LEU W 185 51.97 -43.92 4.15
C LEU W 185 52.38 -42.73 4.99
N LEU W 186 53.25 -42.96 5.98
CA LEU W 186 53.68 -41.87 6.85
C LEU W 186 54.48 -40.82 6.06
N ILE W 187 55.46 -41.29 5.26
CA ILE W 187 56.27 -40.33 4.52
C ILE W 187 55.44 -39.59 3.48
N GLY W 188 54.44 -40.25 2.89
CA GLY W 188 53.59 -39.58 1.93
C GLY W 188 52.68 -38.55 2.57
N VAL W 189 52.05 -38.90 3.68
CA VAL W 189 51.17 -37.95 4.35
C VAL W 189 51.97 -36.77 4.89
N VAL W 190 53.25 -36.98 5.21
CA VAL W 190 54.09 -35.84 5.56
C VAL W 190 54.44 -35.03 4.32
N LYS W 191 54.69 -35.71 3.19
CA LYS W 191 55.16 -35.02 1.99
C LYS W 191 54.13 -34.02 1.48
N ASN W 192 52.87 -34.39 1.46
CA ASN W 192 51.80 -33.50 1.02
C ASN W 192 50.73 -33.40 2.11
N ARG W 193 50.17 -32.20 2.25
CA ARG W 193 49.14 -31.98 3.25
C ARG W 193 47.84 -32.64 2.83
N SER W 194 47.18 -33.29 3.78
CA SER W 194 45.91 -33.97 3.51
C SER W 194 45.22 -34.24 4.83
N GLU W 195 43.98 -33.78 4.97
CA GLU W 195 43.24 -33.98 6.20
C GLU W 195 42.73 -35.41 6.35
N VAL W 196 42.39 -36.06 5.24
CA VAL W 196 41.81 -37.40 5.27
C VAL W 196 42.64 -38.31 4.39
N VAL W 197 42.98 -39.49 4.91
CA VAL W 197 43.70 -40.51 4.17
C VAL W 197 42.81 -41.75 4.11
N LEU W 198 42.43 -42.15 2.90
CA LEU W 198 41.61 -43.33 2.70
C LEU W 198 42.51 -44.44 2.19
N ILE W 199 42.78 -45.43 3.04
CA ILE W 199 43.55 -46.60 2.63
C ILE W 199 42.58 -47.73 2.30
N ASP W 200 42.71 -48.27 1.09
CA ASP W 200 41.80 -49.29 0.60
C ASP W 200 42.28 -50.66 1.06
N ILE W 201 41.39 -51.40 1.72
CA ILE W 201 41.70 -52.77 2.09
C ILE W 201 41.15 -53.77 1.07
N THR W 202 40.08 -53.39 0.35
CA THR W 202 39.49 -54.28 -0.64
C THR W 202 40.54 -54.67 -1.68
N GLY W 203 40.79 -55.97 -1.77
CA GLY W 203 41.79 -56.47 -2.69
C GLY W 203 42.66 -57.53 -2.04
N VAL W 204 42.86 -57.41 -0.72
CA VAL W 204 43.63 -58.39 0.04
C VAL W 204 42.65 -59.41 0.61
N PRO W 205 42.77 -60.69 0.27
CA PRO W 205 41.82 -61.69 0.75
C PRO W 205 41.89 -61.91 2.26
N VAL W 206 43.07 -62.26 2.75
CA VAL W 206 43.28 -62.61 4.15
C VAL W 206 44.45 -61.80 4.69
N VAL W 207 44.28 -61.23 5.87
CA VAL W 207 45.31 -60.45 6.54
C VAL W 207 45.67 -61.14 7.84
N ASP W 208 46.96 -61.36 8.07
CA ASP W 208 47.42 -61.99 9.29
C ASP W 208 47.15 -61.10 10.49
N THR W 209 47.18 -61.70 11.68
CA THR W 209 46.95 -60.92 12.89
C THR W 209 48.00 -59.85 13.07
N MET W 210 49.26 -60.18 12.81
CA MET W 210 50.32 -59.19 12.99
C MET W 210 50.20 -58.06 11.98
N VAL W 211 49.84 -58.39 10.74
CA VAL W 211 49.68 -57.36 9.71
C VAL W 211 48.48 -56.49 10.01
N ALA W 212 47.39 -57.08 10.50
CA ALA W 212 46.23 -56.28 10.90
C ALA W 212 46.59 -55.36 12.05
N HIS W 213 47.39 -55.85 12.99
CA HIS W 213 47.87 -54.99 14.08
C HIS W 213 48.68 -53.83 13.55
N HIS W 214 49.57 -54.10 12.58
CA HIS W 214 50.32 -53.00 11.96
C HIS W 214 49.40 -52.00 11.27
N ILE W 215 48.35 -52.49 10.60
CA ILE W 215 47.43 -51.59 9.92
C ILE W 215 46.73 -50.69 10.92
N ILE W 216 46.27 -51.26 12.04
CA ILE W 216 45.60 -50.46 13.07
C ILE W 216 46.58 -49.44 13.66
N GLN W 217 47.82 -49.87 13.91
CA GLN W 217 48.82 -48.93 14.42
C GLN W 217 49.06 -47.81 13.44
N ALA W 218 49.12 -48.12 12.15
CA ALA W 218 49.32 -47.08 11.14
C ALA W 218 48.16 -46.10 11.11
N SER W 219 46.93 -46.62 11.20
CA SER W 219 45.77 -45.73 11.22
C SER W 219 45.80 -44.80 12.43
N GLU W 220 46.13 -45.35 13.60
CA GLU W 220 46.17 -44.51 14.79
C GLU W 220 47.32 -43.50 14.71
N ALA W 221 48.45 -43.90 14.13
CA ALA W 221 49.57 -42.98 13.97
C ALA W 221 49.21 -41.84 13.02
N VAL W 222 48.49 -42.16 11.93
CA VAL W 222 48.07 -41.12 11.00
C VAL W 222 47.08 -40.18 11.67
N ARG W 223 46.21 -40.73 12.52
CA ARG W 223 45.35 -39.87 13.33
C ARG W 223 46.18 -38.96 14.21
N LEU W 224 47.24 -39.50 14.81
CA LEU W 224 48.09 -38.73 15.71
C LEU W 224 48.84 -37.63 14.98
N VAL W 225 49.24 -37.85 13.73
CA VAL W 225 49.89 -36.80 12.98
C VAL W 225 48.92 -35.65 12.71
N GLY W 226 47.63 -35.95 12.64
CA GLY W 226 46.63 -34.92 12.46
C GLY W 226 45.77 -35.12 11.22
N CYS W 227 45.66 -36.36 10.78
CA CYS W 227 44.91 -36.69 9.58
C CYS W 227 44.04 -37.90 9.87
N GLN W 228 42.72 -37.77 9.64
CA GLN W 228 41.83 -38.90 9.82
C GLN W 228 42.13 -39.97 8.77
N ALA W 229 42.13 -41.22 9.20
CA ALA W 229 42.41 -42.36 8.33
C ALA W 229 41.21 -43.28 8.32
N MET W 230 40.27 -43.03 7.42
CA MET W 230 39.06 -43.85 7.34
C MET W 230 39.38 -45.12 6.57
N LEU W 231 39.52 -46.22 7.31
CA LEU W 231 39.73 -47.53 6.70
C LEU W 231 38.51 -47.90 5.87
N VAL W 232 38.71 -48.12 4.58
CA VAL W 232 37.60 -48.28 3.64
C VAL W 232 37.63 -49.67 3.03
N GLY W 233 36.46 -50.22 2.79
CA GLY W 233 36.33 -51.48 2.06
C GLY W 233 36.90 -52.70 2.76
N ILE W 234 36.64 -52.86 4.05
CA ILE W 234 37.15 -54.02 4.77
C ILE W 234 36.41 -55.27 4.31
N ARG W 235 37.14 -56.36 4.20
CA ARG W 235 36.48 -57.62 3.87
C ARG W 235 36.00 -58.32 5.14
N PRO W 236 34.93 -59.12 5.05
CA PRO W 236 34.37 -59.72 6.27
C PRO W 236 35.35 -60.57 7.06
N GLU W 237 36.19 -61.35 6.39
CA GLU W 237 37.18 -62.16 7.10
C GLU W 237 38.21 -61.27 7.79
N ILE W 238 38.61 -60.19 7.13
CA ILE W 238 39.56 -59.25 7.73
C ILE W 238 38.95 -58.60 8.97
N ALA W 239 37.69 -58.18 8.88
CA ALA W 239 37.03 -57.59 10.04
C ALA W 239 36.89 -58.60 11.17
N GLN W 240 36.63 -59.86 10.83
CA GLN W 240 36.54 -60.93 11.81
C GLN W 240 37.88 -61.09 12.53
N TPO W 241 38.97 -61.09 11.77
CA TPO W 241 40.30 -61.20 12.36
CB TPO W 241 41.34 -61.42 11.25
CG2 TPO W 241 42.46 -60.36 11.24
OG1 TPO W 241 41.95 -62.70 11.44
P TPO W 241 41.54 -63.60 10.17
O1P TPO W 241 41.43 -62.74 8.98
O2P TPO W 241 40.13 -64.32 10.46
O3P TPO W 241 42.67 -64.71 9.92
C TPO W 241 40.65 -59.99 13.22
O TPO W 241 41.32 -60.12 14.25
N ILE W 242 40.16 -58.82 12.82
CA ILE W 242 40.44 -57.60 13.56
C ILE W 242 39.70 -57.60 14.89
N VAL W 243 38.43 -58.02 14.89
CA VAL W 243 37.70 -58.08 16.16
C VAL W 243 38.26 -59.17 17.05
N ASN W 244 38.68 -60.30 16.49
CA ASN W 244 39.35 -61.30 17.31
C ASN W 244 40.73 -60.85 17.77
N LEU W 245 41.31 -59.83 17.14
CA LEU W 245 42.56 -59.28 17.65
C LEU W 245 42.38 -58.70 19.04
N GLY W 246 41.18 -58.22 19.36
CA GLY W 246 40.84 -57.82 20.72
C GLY W 246 41.14 -56.38 21.08
N ILE W 247 41.74 -55.60 20.19
CA ILE W 247 42.05 -54.22 20.51
C ILE W 247 40.78 -53.38 20.44
N GLU W 248 40.81 -52.24 21.13
CA GLU W 248 39.71 -51.29 21.07
C GLU W 248 39.57 -50.75 19.65
N LEU W 249 38.34 -50.69 19.16
CA LEU W 249 38.06 -50.37 17.76
C LEU W 249 36.94 -49.34 17.65
N ASP W 250 37.04 -48.27 18.42
CA ASP W 250 36.07 -47.19 18.36
C ASP W 250 36.66 -45.89 17.80
N GLN W 251 37.96 -45.86 17.54
CA GLN W 251 38.61 -44.64 17.06
C GLN W 251 38.69 -44.56 15.55
N ILE W 252 38.64 -45.69 14.85
CA ILE W 252 38.76 -45.71 13.41
C ILE W 252 37.38 -45.53 12.78
N ILE W 253 37.37 -44.98 11.57
CA ILE W 253 36.15 -44.78 10.81
C ILE W 253 36.18 -45.73 9.62
N THR W 254 35.09 -46.43 9.40
CA THR W 254 35.03 -47.45 8.38
C THR W 254 33.99 -47.09 7.32
N THR W 255 34.18 -47.64 6.12
CA THR W 255 33.25 -47.43 5.02
C THR W 255 33.34 -48.65 4.10
N ASN W 256 32.19 -49.03 3.52
CA ASN W 256 32.14 -50.23 2.71
C ASN W 256 32.75 -50.04 1.32
N THR W 257 32.60 -48.86 0.73
CA THR W 257 33.05 -48.62 -0.64
C THR W 257 33.80 -47.31 -0.73
N MET W 258 34.62 -47.19 -1.78
CA MET W 258 35.43 -45.99 -1.97
C MET W 258 34.56 -44.76 -2.20
N LYS W 259 33.48 -44.89 -2.96
CA LYS W 259 32.66 -43.72 -3.25
C LYS W 259 32.03 -43.16 -1.98
N LYS W 260 31.53 -44.03 -1.11
CA LYS W 260 30.95 -43.56 0.14
C LYS W 260 32.03 -43.03 1.09
N GLY W 261 33.23 -43.61 1.04
CA GLY W 261 34.33 -43.05 1.81
C GLY W 261 34.69 -41.65 1.36
N MET W 262 34.71 -41.43 0.04
CA MET W 262 34.97 -40.10 -0.49
C MET W 262 33.86 -39.14 -0.10
N GLU W 263 32.61 -39.59 -0.11
CA GLU W 263 31.52 -38.75 0.35
C GLU W 263 31.71 -38.38 1.82
N ARG W 264 32.13 -39.33 2.65
CA ARG W 264 32.39 -39.03 4.05
C ARG W 264 33.54 -38.04 4.20
N ALA W 265 34.57 -38.19 3.38
CA ALA W 265 35.69 -37.25 3.43
C ALA W 265 35.25 -35.85 3.06
N LEU W 266 34.40 -35.73 2.04
CA LEU W 266 33.83 -34.43 1.72
C LEU W 266 32.95 -33.91 2.86
N ALA W 267 32.30 -34.82 3.59
CA ALA W 267 31.51 -34.41 4.75
C ALA W 267 32.39 -33.83 5.84
N LEU W 268 33.53 -34.46 6.12
CA LEU W 268 34.42 -33.96 7.17
C LEU W 268 34.95 -32.58 6.83
N THR W 269 35.38 -32.39 5.58
CA THR W 269 35.73 -31.06 5.09
C THR W 269 34.43 -30.33 4.80
N ASN W 270 33.88 -29.69 5.83
CA ASN W 270 32.48 -29.29 5.85
C ASN W 270 32.11 -28.36 4.70
N ARG W 271 33.07 -27.68 4.09
CA ARG W 271 32.79 -26.77 2.98
C ARG W 271 33.05 -27.41 1.62
N GLU W 272 33.77 -28.53 1.57
CA GLU W 272 34.28 -29.06 0.31
C GLU W 272 33.32 -30.07 -0.34
N ILE W 273 32.01 -29.93 -0.12
CA ILE W 273 31.06 -30.70 -0.91
C ILE W 273 31.11 -30.25 -2.37
N VAL W 274 31.29 -28.95 -2.60
CA VAL W 274 31.40 -28.41 -3.94
C VAL W 274 32.72 -28.82 -4.59
N MET X 1 70.35 -19.19 -19.36
CA MET X 1 71.18 -18.03 -19.63
C MET X 1 70.61 -17.17 -20.75
N GLY X 2 69.76 -17.76 -21.57
CA GLY X 2 69.14 -17.02 -22.65
C GLY X 2 67.65 -17.28 -22.74
N ILE X 3 67.12 -18.05 -21.80
CA ILE X 3 65.71 -18.46 -21.82
C ILE X 3 65.03 -17.90 -20.58
N PRO X 4 64.53 -16.67 -20.62
CA PRO X 4 63.97 -16.04 -19.41
C PRO X 4 62.53 -16.40 -19.13
N ILE X 5 62.30 -17.52 -18.44
CA ILE X 5 60.94 -17.90 -18.06
C ILE X 5 60.48 -17.04 -16.89
N LEU X 6 59.27 -16.51 -16.99
CA LEU X 6 58.67 -15.72 -15.93
C LEU X 6 57.40 -16.40 -15.42
N LYS X 7 57.05 -16.11 -14.17
CA LYS X 7 55.85 -16.67 -13.56
C LYS X 7 54.97 -15.54 -13.04
N LEU X 8 53.69 -15.59 -13.39
CA LEU X 8 52.73 -14.59 -12.92
C LEU X 8 51.32 -15.07 -13.23
N GLY X 9 50.42 -14.90 -12.27
CA GLY X 9 49.00 -15.16 -12.50
C GLY X 9 48.69 -16.57 -12.97
N GLU X 10 49.37 -17.57 -12.40
CA GLU X 10 49.20 -18.97 -12.78
C GLU X 10 49.53 -19.17 -14.25
N CYS X 11 50.38 -18.31 -14.81
CA CYS X 11 50.78 -18.37 -16.21
C CYS X 11 52.29 -18.29 -16.31
N LEU X 12 52.79 -18.56 -17.51
CA LEU X 12 54.21 -18.48 -17.83
C LEU X 12 54.42 -17.66 -19.08
N LEU X 13 55.43 -16.79 -19.06
CA LEU X 13 55.77 -15.95 -20.19
C LEU X 13 57.23 -16.17 -20.54
N ILE X 14 57.50 -16.40 -21.82
CA ILE X 14 58.84 -16.62 -22.33
C ILE X 14 59.10 -15.66 -23.47
N SER X 15 60.22 -14.95 -23.40
CA SER X 15 60.67 -14.08 -24.48
C SER X 15 61.90 -14.67 -25.12
N ILE X 16 61.88 -14.79 -26.45
CA ILE X 16 62.98 -15.37 -27.21
C ILE X 16 63.77 -14.24 -27.83
N GLN X 17 65.08 -14.19 -27.54
CA GLN X 17 65.94 -13.12 -28.02
C GLN X 17 67.27 -13.64 -28.53
N SER X 18 67.32 -14.89 -28.99
CA SER X 18 68.57 -15.54 -29.36
C SER X 18 68.76 -15.70 -30.86
N GLU X 19 67.72 -16.09 -31.59
CA GLU X 19 67.75 -16.21 -33.06
C GLU X 19 68.74 -17.26 -33.54
N LEU X 20 69.05 -18.25 -32.70
CA LEU X 20 69.98 -19.33 -33.04
C LEU X 20 69.19 -20.63 -33.22
N ASP X 21 69.82 -21.60 -33.88
CA ASP X 21 69.11 -22.82 -34.27
C ASP X 21 69.24 -23.95 -33.25
N ASP X 22 70.45 -24.44 -33.00
CA ASP X 22 70.61 -25.68 -32.25
C ASP X 22 70.44 -25.47 -30.75
N HIS X 23 71.35 -24.70 -30.15
CA HIS X 23 71.34 -24.52 -28.70
C HIS X 23 70.06 -23.83 -28.24
N THR X 24 69.64 -22.80 -28.96
CA THR X 24 68.38 -22.14 -28.62
C THR X 24 67.25 -23.14 -28.52
N ALA X 25 67.07 -23.93 -29.58
CA ALA X 25 65.96 -24.88 -29.59
C ALA X 25 66.05 -25.86 -28.44
N VAL X 26 67.19 -26.55 -28.33
CA VAL X 26 67.25 -27.65 -27.36
C VAL X 26 67.15 -27.12 -25.93
N GLU X 27 67.97 -26.12 -25.57
CA GLU X 27 67.93 -25.61 -24.21
C GLU X 27 66.58 -24.99 -23.88
N PHE X 28 66.06 -24.14 -24.78
CA PHE X 28 64.78 -23.50 -24.54
C PHE X 28 63.69 -24.53 -24.30
N GLN X 29 63.58 -25.53 -25.20
CA GLN X 29 62.49 -26.47 -25.09
C GLN X 29 62.63 -27.34 -23.85
N GLU X 30 63.84 -27.83 -23.55
CA GLU X 30 64.00 -28.67 -22.37
C GLU X 30 63.68 -27.89 -21.10
N ASP X 31 64.15 -26.64 -21.03
CA ASP X 31 63.92 -25.83 -19.83
C ASP X 31 62.44 -25.54 -19.65
N LEU X 32 61.74 -25.25 -20.75
CA LEU X 32 60.30 -25.05 -20.63
C LEU X 32 59.59 -26.32 -20.19
N LEU X 33 60.00 -27.48 -20.71
CA LEU X 33 59.39 -28.73 -20.27
C LEU X 33 59.58 -28.94 -18.78
N ALA X 34 60.82 -28.78 -18.29
CA ALA X 34 61.07 -28.94 -16.87
C ALA X 34 60.26 -27.95 -16.05
N LYS X 35 60.17 -26.70 -16.52
CA LYS X 35 59.49 -25.67 -15.75
C LYS X 35 57.99 -25.95 -15.67
N ILE X 36 57.37 -26.25 -16.81
CA ILE X 36 55.94 -26.54 -16.83
C ILE X 36 55.63 -27.84 -16.08
N HIS X 37 56.60 -28.75 -16.00
CA HIS X 37 56.39 -29.96 -15.22
C HIS X 37 56.40 -29.68 -13.73
N GLU X 38 57.54 -29.21 -13.21
CA GLU X 38 57.65 -29.05 -11.77
C GLU X 38 56.78 -27.92 -11.23
N THR X 39 56.40 -26.96 -12.07
CA THR X 39 55.48 -25.90 -11.68
C THR X 39 54.21 -26.04 -12.50
N SER X 40 53.09 -26.20 -11.82
CA SER X 40 51.80 -26.34 -12.50
C SER X 40 51.34 -24.96 -12.96
N ALA X 41 51.22 -24.78 -14.26
CA ALA X 41 50.71 -23.56 -14.85
C ALA X 41 49.66 -23.92 -15.91
N ARG X 42 48.49 -23.31 -15.81
CA ARG X 42 47.43 -23.62 -16.76
C ARG X 42 47.73 -23.07 -18.14
N GLY X 43 48.40 -21.94 -18.23
CA GLY X 43 48.68 -21.31 -19.51
C GLY X 43 50.13 -20.92 -19.65
N VAL X 44 50.65 -21.04 -20.87
CA VAL X 44 52.00 -20.63 -21.20
C VAL X 44 51.94 -19.62 -22.34
N VAL X 45 52.87 -18.68 -22.34
CA VAL X 45 52.92 -17.58 -23.30
C VAL X 45 54.33 -17.50 -23.87
N ILE X 46 54.44 -17.49 -25.21
CA ILE X 46 55.72 -17.56 -25.89
C ILE X 46 55.86 -16.36 -26.82
N ASP X 47 56.95 -15.61 -26.66
CA ASP X 47 57.20 -14.38 -27.41
C ASP X 47 58.19 -14.64 -28.53
N ILE X 48 57.86 -14.20 -29.75
CA ILE X 48 58.68 -14.45 -30.93
C ILE X 48 58.97 -13.14 -31.66
N THR X 49 58.79 -12.00 -31.00
CA THR X 49 58.96 -10.71 -31.68
C THR X 49 60.37 -10.54 -32.21
N SER X 50 61.39 -10.82 -31.39
CA SER X 50 62.76 -10.57 -31.80
C SER X 50 63.21 -11.48 -32.93
N ILE X 51 62.50 -12.58 -33.15
CA ILE X 51 62.92 -13.55 -34.16
C ILE X 51 62.54 -13.04 -35.55
N ASP X 52 63.50 -13.11 -36.48
CA ASP X 52 63.26 -12.66 -37.85
C ASP X 52 63.66 -13.70 -38.90
N PHE X 53 64.05 -14.90 -38.48
CA PHE X 53 64.46 -15.93 -39.43
C PHE X 53 64.29 -17.30 -38.78
N ILE X 54 63.59 -18.19 -39.46
CA ILE X 54 63.33 -19.55 -38.98
C ILE X 54 63.66 -20.54 -40.09
N ASP X 55 64.34 -21.62 -39.73
CA ASP X 55 64.61 -22.74 -40.62
C ASP X 55 63.70 -23.90 -40.25
N SER X 56 63.90 -25.04 -40.92
CA SER X 56 63.09 -26.22 -40.62
C SER X 56 63.31 -26.69 -39.19
N PHE X 57 64.54 -26.60 -38.69
CA PHE X 57 64.85 -27.11 -37.38
C PHE X 57 64.04 -26.40 -36.30
N ILE X 58 64.03 -25.07 -36.33
CA ILE X 58 63.34 -24.30 -35.31
C ILE X 58 61.83 -24.45 -35.44
N ALA X 59 61.32 -24.49 -36.68
CA ALA X 59 59.88 -24.67 -36.85
C ALA X 59 59.44 -26.02 -36.30
N LYS X 60 60.22 -27.08 -36.57
CA LYS X 60 59.94 -28.38 -35.98
C LYS X 60 59.98 -28.31 -34.46
N ILE X 61 60.97 -27.60 -33.91
CA ILE X 61 61.08 -27.52 -32.47
C ILE X 61 59.88 -26.82 -31.85
N LEU X 62 59.45 -25.71 -32.44
CA LEU X 62 58.28 -25.00 -31.92
C LEU X 62 57.01 -25.82 -32.06
N GLY X 63 56.86 -26.55 -33.16
CA GLY X 63 55.73 -27.47 -33.26
C GLY X 63 55.72 -28.51 -32.15
N ASP X 64 56.90 -29.09 -31.88
CA ASP X 64 57.00 -30.05 -30.80
C ASP X 64 56.67 -29.40 -29.46
N VAL X 65 57.17 -28.19 -29.23
CA VAL X 65 56.92 -27.48 -27.98
C VAL X 65 55.45 -27.22 -27.78
N VAL X 66 54.75 -26.76 -28.83
CA VAL X 66 53.34 -26.45 -28.66
C VAL X 66 52.53 -27.71 -28.45
N SER X 67 52.82 -28.78 -29.20
CA SER X 67 52.11 -30.05 -28.94
C SER X 67 52.35 -30.52 -27.51
N MET X 68 53.59 -30.37 -27.05
CA MET X 68 53.97 -30.83 -25.71
C MET X 68 53.22 -30.05 -24.63
N SER X 69 53.26 -28.72 -24.71
CA SER X 69 52.58 -27.91 -23.73
C SER X 69 51.09 -28.17 -23.74
N LYS X 70 50.48 -28.27 -24.93
CA LYS X 70 49.07 -28.61 -25.00
C LYS X 70 48.80 -29.95 -24.35
N LEU X 71 49.74 -30.89 -24.45
CA LEU X 71 49.64 -32.13 -23.70
C LEU X 71 49.77 -31.90 -22.20
N MET X 72 50.29 -30.74 -21.77
CA MET X 72 50.35 -30.45 -20.35
C MET X 72 49.57 -29.21 -19.92
N GLY X 73 49.22 -28.30 -20.81
CA GLY X 73 48.46 -27.11 -20.43
C GLY X 73 48.20 -26.21 -21.61
N ALA X 74 47.35 -25.22 -21.38
CA ALA X 74 46.96 -24.30 -22.45
C ALA X 74 48.17 -23.49 -22.91
N LYS X 75 48.14 -23.09 -24.18
CA LYS X 75 49.30 -22.47 -24.81
C LYS X 75 48.85 -21.42 -25.82
N VAL X 76 49.72 -20.45 -26.06
CA VAL X 76 49.56 -19.46 -27.12
C VAL X 76 50.93 -19.08 -27.62
N VAL X 77 51.05 -18.89 -28.93
CA VAL X 77 52.24 -18.24 -29.51
C VAL X 77 51.91 -16.76 -29.58
N VAL X 78 52.07 -16.09 -28.42
CA VAL X 78 51.38 -14.83 -28.19
C VAL X 78 51.74 -13.80 -29.24
N THR X 79 52.99 -13.78 -29.68
CA THR X 79 53.47 -12.77 -30.59
C THR X 79 53.44 -13.31 -32.01
N GLY X 80 52.66 -12.67 -32.87
CA GLY X 80 52.63 -12.98 -34.27
C GLY X 80 54.01 -12.91 -34.86
N ILE X 81 54.43 -14.02 -35.46
CA ILE X 81 55.75 -14.07 -36.05
C ILE X 81 55.83 -13.16 -37.27
N GLN X 82 57.07 -12.87 -37.68
CA GLN X 82 57.28 -11.94 -38.77
C GLN X 82 56.74 -12.52 -40.08
N PRO X 83 56.39 -11.65 -41.03
CA PRO X 83 55.86 -12.16 -42.31
C PRO X 83 56.75 -13.17 -43.01
N ALA X 84 58.05 -12.91 -43.06
CA ALA X 84 58.97 -13.91 -43.59
C ALA X 84 58.94 -15.17 -42.74
N VAL X 85 58.94 -14.99 -41.42
CA VAL X 85 58.83 -16.14 -40.52
C VAL X 85 57.50 -16.85 -40.73
N ALA X 86 56.43 -16.09 -40.92
CA ALA X 86 55.11 -16.70 -41.12
C ALA X 86 55.07 -17.56 -42.37
N ILE X 87 55.57 -17.03 -43.49
CA ILE X 87 55.54 -17.80 -44.73
C ILE X 87 56.47 -18.99 -44.65
N THR X 88 57.64 -18.82 -44.02
CA THR X 88 58.56 -19.95 -43.87
C THR X 88 57.94 -21.05 -43.01
N LEU X 89 57.23 -20.65 -41.96
CA LEU X 89 56.61 -21.64 -41.09
C LEU X 89 55.48 -22.37 -41.81
N ILE X 90 54.63 -21.65 -42.53
CA ILE X 90 53.52 -22.32 -43.19
C ILE X 90 53.99 -23.20 -44.33
N GLU X 91 55.09 -22.82 -45.00
CA GLU X 91 55.56 -23.61 -46.14
C GLU X 91 56.04 -24.99 -45.72
N LEU X 92 56.65 -25.12 -44.55
CA LEU X 92 57.18 -26.41 -44.12
C LEU X 92 56.51 -26.94 -42.85
N GLY X 93 56.36 -26.10 -41.83
CA GLY X 93 55.70 -26.52 -40.60
C GLY X 93 54.21 -26.29 -40.64
N ILE X 94 53.49 -27.12 -41.40
CA ILE X 94 52.07 -26.88 -41.62
C ILE X 94 51.31 -27.28 -40.37
N THR X 95 51.06 -26.29 -39.49
CA THR X 95 50.35 -26.48 -38.25
C THR X 95 49.57 -25.21 -37.95
N PHE X 96 48.41 -25.37 -37.30
CA PHE X 96 47.68 -24.21 -36.82
C PHE X 96 48.35 -23.61 -35.58
N SER X 97 49.20 -24.37 -34.91
CA SER X 97 50.02 -23.87 -33.81
C SER X 97 49.16 -23.24 -32.72
N GLY X 98 48.00 -23.84 -32.47
CA GLY X 98 47.12 -23.31 -31.45
C GLY X 98 46.57 -21.95 -31.84
N VAL X 99 46.28 -21.13 -30.83
CA VAL X 99 45.69 -19.82 -31.01
C VAL X 99 46.69 -18.78 -30.53
N LEU X 100 46.77 -17.66 -31.24
CA LEU X 100 47.63 -16.56 -30.85
C LEU X 100 46.79 -15.28 -30.76
N SER X 101 47.47 -14.18 -30.44
CA SER X 101 46.77 -12.94 -30.11
C SER X 101 47.35 -11.75 -30.86
N ALA X 102 47.83 -11.97 -32.08
CA ALA X 102 48.27 -10.90 -32.98
C ALA X 102 49.31 -10.01 -32.32
N MET X 103 50.40 -10.63 -31.90
CA MET X 103 51.67 -9.96 -31.56
C MET X 103 51.50 -8.77 -30.62
N ASP X 104 50.41 -8.76 -29.85
CA ASP X 104 50.30 -7.92 -28.67
C ASP X 104 50.36 -8.84 -27.45
N LEU X 105 51.42 -8.70 -26.66
CA LEU X 105 51.63 -9.64 -25.56
C LEU X 105 50.51 -9.56 -24.53
N GLU X 106 50.07 -8.34 -24.21
CA GLU X 106 48.97 -8.21 -23.26
C GLU X 106 47.67 -8.73 -23.85
N SER X 107 47.51 -8.70 -25.17
CA SER X 107 46.35 -9.33 -25.78
C SER X 107 46.32 -10.83 -25.49
N GLY X 108 47.46 -11.49 -25.61
CA GLY X 108 47.52 -12.90 -25.24
C GLY X 108 47.31 -13.10 -23.75
N LEU X 109 47.84 -12.20 -22.93
CA LEU X 109 47.64 -12.32 -21.49
C LEU X 109 46.16 -12.26 -21.14
N GLU X 110 45.44 -11.31 -21.73
CA GLU X 110 44.01 -11.19 -21.44
C GLU X 110 43.21 -12.32 -22.07
N LYS X 111 43.66 -12.85 -23.22
CA LYS X 111 42.99 -14.01 -23.77
C LYS X 111 43.10 -15.21 -22.84
N LEU X 112 44.29 -15.44 -22.28
CA LEU X 112 44.44 -16.49 -21.28
C LEU X 112 43.62 -16.20 -20.04
N LYS X 113 43.56 -14.94 -19.61
CA LYS X 113 42.75 -14.62 -18.43
C LYS X 113 41.29 -14.92 -18.68
N GLN X 114 40.78 -14.61 -19.86
CA GLN X 114 39.36 -14.85 -20.13
C GLN X 114 39.09 -16.33 -20.38
N GLU X 115 40.07 -17.08 -20.89
CA GLU X 115 39.86 -18.52 -21.06
C GLU X 115 39.97 -19.24 -19.72
N LEU X 116 40.78 -18.73 -18.80
CA LEU X 116 40.86 -19.24 -17.44
C LEU X 116 39.68 -18.81 -16.58
N GLY X 117 39.00 -17.71 -16.94
CA GLY X 117 37.89 -17.25 -16.13
C GLY X 117 36.72 -18.20 -16.14
N GLU X 118 36.46 -18.85 -17.28
CA GLU X 118 35.36 -19.79 -17.39
C GLU X 118 35.63 -21.06 -16.60
N MET Y 1 -3.89 -96.96 80.87
CA MET Y 1 -5.29 -96.58 80.86
C MET Y 1 -5.43 -95.09 81.21
N TYR Y 2 -6.59 -94.51 80.89
CA TYR Y 2 -6.85 -93.11 81.19
C TYR Y 2 -7.95 -92.87 82.21
N LYS Y 3 -8.86 -93.83 82.44
CA LYS Y 3 -9.97 -93.58 83.36
C LYS Y 3 -9.48 -93.38 84.79
N ASP Y 4 -8.66 -94.32 85.30
CA ASP Y 4 -8.09 -94.13 86.63
C ASP Y 4 -7.09 -92.99 86.63
N PHE Y 5 -6.46 -92.72 85.48
CA PHE Y 5 -5.60 -91.55 85.38
C PHE Y 5 -6.38 -90.28 85.67
N ALA Y 6 -7.58 -90.15 85.11
CA ALA Y 6 -8.43 -89.00 85.43
C ALA Y 6 -8.91 -89.06 86.87
N ASN Y 7 -9.18 -90.27 87.37
CA ASN Y 7 -9.62 -90.41 88.77
C ASN Y 7 -8.57 -89.90 89.74
N PHE Y 8 -7.29 -90.01 89.39
CA PHE Y 8 -6.22 -89.47 90.23
C PHE Y 8 -5.85 -88.03 89.86
N ILE Y 9 -6.11 -87.62 88.61
CA ILE Y 9 -6.02 -86.21 88.26
C ILE Y 9 -7.05 -85.40 89.03
N ARG Y 10 -8.12 -86.03 89.48
CA ARG Y 10 -9.11 -85.32 90.29
C ARG Y 10 -8.51 -84.72 91.56
N THR Y 11 -7.36 -85.24 92.02
CA THR Y 11 -6.59 -84.61 93.09
C THR Y 11 -5.30 -83.99 92.60
N ASN Y 12 -4.75 -84.48 91.48
CA ASN Y 12 -3.63 -83.80 90.87
C ASN Y 12 -3.97 -82.38 90.44
N LYS Y 13 -5.27 -82.07 90.28
CA LYS Y 13 -5.66 -80.69 89.99
C LYS Y 13 -5.42 -79.77 91.18
N LYS Y 14 -5.74 -80.23 92.39
CA LYS Y 14 -5.37 -79.48 93.59
C LYS Y 14 -3.86 -79.41 93.74
N ASP Y 15 -3.18 -80.52 93.42
CA ASP Y 15 -1.72 -80.50 93.43
C ASP Y 15 -1.17 -79.44 92.49
N LEU Y 16 -1.76 -79.31 91.30
CA LEU Y 16 -1.31 -78.31 90.34
C LEU Y 16 -1.72 -76.90 90.74
N LEU Y 17 -2.81 -76.75 91.49
CA LEU Y 17 -3.14 -75.45 92.05
C LEU Y 17 -2.06 -74.99 93.03
N ASN Y 18 -1.65 -75.90 93.92
CA ASN Y 18 -0.52 -75.60 94.80
C ASN Y 18 0.74 -75.34 93.98
N ASN Y 19 0.89 -76.06 92.86
CA ASN Y 19 2.04 -75.85 91.98
C ASN Y 19 2.03 -74.46 91.39
N TRP Y 20 0.88 -73.97 90.94
CA TRP Y 20 0.77 -72.61 90.44
C TRP Y 20 1.10 -71.60 91.53
N MET Y 21 0.58 -71.83 92.74
CA MET Y 21 0.88 -70.93 93.84
C MET Y 21 2.37 -70.86 94.12
N ASN Y 22 3.05 -72.01 94.06
CA ASN Y 22 4.51 -72.01 94.25
C ASN Y 22 5.24 -71.36 93.08
N GLU Y 23 4.83 -71.65 91.85
CA GLU Y 23 5.60 -71.26 90.67
C GLU Y 23 5.46 -69.79 90.34
N MET Y 24 4.25 -69.23 90.47
CA MET Y 24 3.99 -67.90 89.91
C MET Y 24 4.93 -66.84 90.46
N GLU Y 25 5.50 -67.07 91.64
CA GLU Y 25 6.35 -66.08 92.29
C GLU Y 25 7.61 -65.74 91.51
N LYS Y 26 8.04 -66.61 90.60
CA LYS Y 26 9.32 -66.42 89.91
C LYS Y 26 9.21 -65.65 88.61
N GLN Y 27 8.13 -65.83 87.85
CA GLN Y 27 8.04 -65.29 86.48
C GLN Y 27 6.96 -64.23 86.41
N SER Y 28 7.33 -62.98 86.72
CA SER Y 28 6.52 -61.80 86.48
C SER Y 28 5.10 -61.96 87.03
N ASP Y 29 5.01 -62.17 88.34
CA ASP Y 29 3.67 -62.36 88.90
C ASP Y 29 2.82 -61.08 88.99
N PRO Y 30 3.35 -59.84 89.00
CA PRO Y 30 2.42 -58.70 88.93
C PRO Y 30 1.69 -58.65 87.61
N LEU Y 31 2.41 -58.86 86.51
CA LEU Y 31 1.81 -58.79 85.19
C LEU Y 31 0.79 -59.89 84.98
N ILE Y 32 1.15 -61.13 85.34
CA ILE Y 32 0.24 -62.26 85.18
C ILE Y 32 -0.98 -62.09 86.08
N ASN Y 33 -0.77 -61.60 87.31
CA ASN Y 33 -1.88 -61.37 88.21
C ASN Y 33 -2.82 -60.30 87.65
N ASP Y 34 -2.26 -59.26 87.05
CA ASP Y 34 -3.08 -58.18 86.51
C ASP Y 34 -3.86 -58.61 85.27
N ILE Y 35 -3.20 -59.28 84.34
CA ILE Y 35 -3.85 -59.59 83.07
C ILE Y 35 -4.81 -60.76 83.21
N ALA Y 36 -4.54 -61.70 84.11
CA ALA Y 36 -5.38 -62.88 84.31
C ALA Y 36 -5.60 -63.06 85.80
N LYS Y 37 -6.86 -63.02 86.23
CA LYS Y 37 -7.17 -63.25 87.63
C LYS Y 37 -6.89 -64.70 88.00
N GLU Y 38 -6.53 -64.91 89.27
CA GLU Y 38 -6.13 -66.24 89.72
C GLU Y 38 -7.20 -67.30 89.53
N PRO Y 39 -8.48 -67.08 89.91
CA PRO Y 39 -9.47 -68.15 89.70
C PRO Y 39 -9.63 -68.55 88.24
N MET Y 40 -9.61 -67.59 87.31
CA MET Y 40 -9.76 -67.91 85.90
C MET Y 40 -8.60 -68.77 85.40
N TYR Y 41 -7.37 -68.37 85.74
CA TYR Y 41 -6.22 -69.15 85.30
C TYR Y 41 -6.23 -70.54 85.92
N GLU Y 42 -6.59 -70.63 87.20
CA GLU Y 42 -6.63 -71.94 87.87
C GLU Y 42 -7.67 -72.85 87.24
N GLU Y 43 -8.87 -72.33 86.97
CA GLU Y 43 -9.91 -73.16 86.38
C GLU Y 43 -9.56 -73.54 84.94
N THR Y 44 -8.93 -72.64 84.20
CA THR Y 44 -8.48 -72.98 82.86
C THR Y 44 -7.43 -74.09 82.90
N SER Y 45 -6.49 -74.00 83.84
CA SER Y 45 -5.45 -75.02 83.95
C SER Y 45 -6.04 -76.38 84.35
N ILE Y 46 -6.95 -76.39 85.32
CA ILE Y 46 -7.54 -77.67 85.72
C ILE Y 46 -8.40 -78.24 84.60
N GLU Y 47 -9.08 -77.39 83.83
CA GLU Y 47 -9.81 -77.87 82.66
C GLU Y 47 -8.87 -78.48 81.63
N PHE Y 48 -7.72 -77.85 81.42
CA PHE Y 48 -6.75 -78.39 80.47
C PHE Y 48 -6.18 -79.73 80.93
N VAL Y 49 -5.92 -79.87 82.23
CA VAL Y 49 -5.24 -81.07 82.72
C VAL Y 49 -6.18 -82.21 83.09
N ASP Y 50 -7.47 -81.95 83.28
CA ASP Y 50 -8.36 -82.98 83.79
C ASP Y 50 -9.13 -83.73 82.71
N LEU Y 51 -9.45 -83.08 81.59
CA LEU Y 51 -10.28 -83.69 80.56
C LEU Y 51 -9.45 -84.22 79.38
N ILE Y 52 -8.13 -84.25 79.50
CA ILE Y 52 -7.31 -84.82 78.44
C ILE Y 52 -7.41 -86.34 78.44
N VAL Y 53 -7.45 -86.94 79.63
CA VAL Y 53 -7.50 -88.39 79.76
C VAL Y 53 -8.92 -88.87 80.10
N SER Y 54 -9.93 -88.06 79.79
CA SER Y 54 -11.32 -88.48 79.99
C SER Y 54 -11.82 -89.36 78.85
N ASN Y 55 -11.09 -89.47 77.75
CA ASN Y 55 -11.48 -90.31 76.64
C ASN Y 55 -11.09 -91.76 76.93
N ILE Y 56 -11.45 -92.66 76.00
CA ILE Y 56 -11.25 -94.10 76.24
C ILE Y 56 -9.86 -94.45 75.72
N THR Y 57 -8.86 -94.14 76.54
CA THR Y 57 -7.53 -94.73 76.49
C THR Y 57 -6.73 -94.34 75.24
N GLU Y 58 -7.36 -93.67 74.27
CA GLU Y 58 -6.68 -93.41 73.01
C GLU Y 58 -6.44 -91.93 72.74
N ASN Y 59 -7.49 -91.12 72.63
CA ASN Y 59 -7.38 -89.70 72.27
C ASN Y 59 -8.78 -89.12 72.22
N GLY Y 60 -8.84 -87.81 72.02
CA GLY Y 60 -10.11 -87.12 71.81
C GLY Y 60 -9.99 -85.96 70.84
N SER Y 61 -10.79 -85.97 69.78
CA SER Y 61 -10.73 -84.90 68.78
C SER Y 61 -11.27 -83.59 69.34
N LYS Y 62 -12.38 -83.64 70.07
CA LYS Y 62 -12.93 -82.44 70.67
C LYS Y 62 -11.94 -81.82 71.65
N PHE Y 63 -11.31 -82.64 72.50
CA PHE Y 63 -10.31 -82.09 73.40
C PHE Y 63 -9.01 -81.79 72.67
N ASN Y 64 -8.76 -82.37 71.50
CA ASN Y 64 -7.63 -81.92 70.68
C ASN Y 64 -7.85 -80.47 70.24
N GLU Y 65 -9.06 -80.16 69.77
CA GLU Y 65 -9.40 -78.78 69.42
C GLU Y 65 -9.35 -77.89 70.66
N LYS Y 66 -9.82 -78.39 71.80
CA LYS Y 66 -9.76 -77.63 73.04
C LYS Y 66 -8.31 -77.33 73.45
N LEU Y 67 -7.42 -78.30 73.26
CA LEU Y 67 -6.01 -78.10 73.56
C LEU Y 67 -5.38 -77.08 72.62
N ASP Y 68 -5.76 -77.12 71.34
CA ASP Y 68 -5.29 -76.10 70.41
C ASP Y 68 -5.77 -74.72 70.84
N ASP Y 69 -7.03 -74.61 71.27
CA ASP Y 69 -7.56 -73.34 71.75
C ASP Y 69 -6.82 -72.88 73.00
N PHE Y 70 -6.52 -73.80 73.91
CA PHE Y 70 -5.78 -73.45 75.12
C PHE Y 70 -4.37 -72.98 74.78
N ALA Y 71 -3.72 -73.63 73.83
CA ALA Y 71 -2.39 -73.21 73.41
C ALA Y 71 -2.41 -71.83 72.79
N GLU Y 72 -3.40 -71.55 71.93
CA GLU Y 72 -3.47 -70.21 71.35
C GLU Y 72 -3.84 -69.16 72.40
N LYS Y 73 -4.64 -69.54 73.39
CA LYS Y 73 -4.98 -68.62 74.47
C LYS Y 73 -3.75 -68.26 75.29
N VAL Y 74 -2.92 -69.26 75.63
CA VAL Y 74 -1.71 -68.96 76.40
C VAL Y 74 -0.67 -68.26 75.54
N VAL Y 75 -0.73 -68.42 74.21
CA VAL Y 75 0.10 -67.62 73.32
C VAL Y 75 -0.32 -66.16 73.40
N HIS Y 76 -1.63 -65.90 73.29
CA HIS Y 76 -2.12 -64.53 73.29
C HIS Y 76 -1.98 -63.87 74.65
N LEU Y 77 -2.02 -64.65 75.72
CA LEU Y 77 -1.97 -64.09 77.07
C LEU Y 77 -0.58 -63.61 77.45
N GLY Y 78 0.45 -64.09 76.76
CA GLY Y 78 1.81 -63.68 77.08
C GLY Y 78 2.61 -64.75 77.78
N TRP Y 79 2.46 -66.00 77.35
CA TRP Y 79 3.19 -67.14 77.90
C TRP Y 79 3.98 -67.78 76.76
N PRO Y 80 5.24 -67.36 76.56
CA PRO Y 80 6.05 -67.95 75.49
C PRO Y 80 6.44 -69.39 75.79
N ILE Y 81 7.22 -70.00 74.90
CA ILE Y 81 7.59 -71.40 75.08
C ILE Y 81 8.41 -71.59 76.34
N HIS Y 82 9.23 -70.60 76.70
CA HIS Y 82 10.00 -70.70 77.93
C HIS Y 82 9.09 -70.74 79.16
N PHE Y 83 8.07 -69.90 79.19
CA PHE Y 83 7.16 -69.87 80.33
C PHE Y 83 6.37 -71.17 80.43
N VAL Y 84 5.87 -71.68 79.30
CA VAL Y 84 5.14 -72.94 79.31
C VAL Y 84 6.06 -74.10 79.70
N THR Y 85 7.34 -74.02 79.32
CA THR Y 85 8.27 -75.09 79.69
C THR Y 85 8.60 -75.05 81.17
N THR Y 86 8.74 -73.85 81.74
CA THR Y 86 8.87 -73.73 83.19
C THR Y 86 7.63 -74.26 83.90
N GLY Y 87 6.45 -73.98 83.33
CA GLY Y 87 5.23 -74.57 83.84
C GLY Y 87 5.26 -76.09 83.81
N LEU Y 88 5.79 -76.66 82.72
CA LEU Y 88 5.94 -78.11 82.64
C LEU Y 88 6.90 -78.62 83.71
N ARG Y 89 8.01 -77.92 83.93
CA ARG Y 89 8.97 -78.33 84.94
C ARG Y 89 8.33 -78.35 86.33
N VAL Y 90 7.59 -77.29 86.67
CA VAL Y 90 6.96 -77.25 87.98
C VAL Y 90 5.81 -78.26 88.06
N PHE Y 91 5.12 -78.51 86.95
CA PHE Y 91 4.16 -79.61 86.88
C PHE Y 91 4.81 -80.90 87.31
N GLY Y 92 5.93 -81.24 86.69
CA GLY Y 92 6.63 -82.47 87.04
C GLY Y 92 7.08 -82.48 88.49
N LEU Y 93 7.59 -81.34 88.97
CA LEU Y 93 8.06 -81.24 90.35
C LEU Y 93 6.94 -81.57 91.32
N LEU Y 94 5.79 -80.91 91.18
CA LEU Y 94 4.71 -81.13 92.13
C LEU Y 94 4.05 -82.49 91.95
N VAL Y 95 4.00 -83.01 90.72
CA VAL Y 95 3.48 -84.36 90.52
C VAL Y 95 4.38 -85.37 91.22
N TYR Y 96 5.70 -85.23 91.10
CA TYR Y 96 6.61 -86.14 91.78
C TYR Y 96 6.48 -86.03 93.29
N THR Y 97 6.38 -84.80 93.82
CA THR Y 97 6.24 -84.64 95.26
C THR Y 97 4.95 -85.26 95.77
N ALA Y 98 3.84 -85.03 95.06
CA ALA Y 98 2.57 -85.63 95.46
C ALA Y 98 2.61 -87.15 95.36
N MET Y 99 3.22 -87.68 94.30
CA MET Y 99 3.35 -89.11 94.14
C MET Y 99 4.19 -89.73 95.25
N ARG Y 100 5.20 -89.00 95.73
CA ARG Y 100 5.90 -89.42 96.95
C ARG Y 100 4.99 -89.36 98.16
N ASP Y 101 4.09 -88.37 98.19
CA ASP Y 101 3.24 -88.16 99.36
C ASP Y 101 1.89 -88.88 99.24
N GLU Y 102 1.13 -88.59 98.18
CA GLU Y 102 -0.22 -89.14 98.06
C GLU Y 102 -0.20 -90.65 97.93
N ASP Y 103 0.63 -91.17 97.02
CA ASP Y 103 0.82 -92.61 96.83
C ASP Y 103 -0.51 -93.32 96.53
N LEU Y 104 -1.10 -92.94 95.39
CA LEU Y 104 -2.32 -93.57 94.89
C LEU Y 104 -2.24 -93.58 93.36
N PHE Y 105 -1.79 -94.70 92.81
CA PHE Y 105 -1.47 -94.79 91.39
C PHE Y 105 -2.57 -95.53 90.64
N LEU Y 106 -2.30 -95.84 89.36
CA LEU Y 106 -3.34 -96.37 88.48
C LEU Y 106 -3.86 -97.72 88.97
N LYS Y 107 -3.00 -98.73 88.96
CA LYS Y 107 -3.44 -100.09 89.26
C LYS Y 107 -3.56 -100.30 90.77
N ARG Y 108 -4.52 -101.14 91.15
CA ARG Y 108 -4.75 -101.43 92.55
C ARG Y 108 -3.66 -102.37 93.06
N GLU Y 109 -2.85 -101.86 94.00
CA GLU Y 109 -1.75 -102.64 94.55
C GLU Y 109 -1.28 -101.99 95.85
N GLU Y 110 -0.96 -102.82 96.84
CA GLU Y 110 -0.45 -102.29 98.10
C GLU Y 110 0.93 -101.69 97.96
N LYS Y 111 1.67 -102.05 96.90
CA LYS Y 111 3.01 -101.51 96.67
C LYS Y 111 3.23 -101.42 95.16
N PRO Y 112 2.74 -100.37 94.52
CA PRO Y 112 2.87 -100.26 93.06
C PRO Y 112 4.32 -100.12 92.63
N GLU Y 113 4.59 -100.54 91.40
CA GLU Y 113 5.93 -100.56 90.83
C GLU Y 113 6.10 -99.41 89.85
N ASP Y 114 7.24 -99.41 89.15
CA ASP Y 114 7.66 -98.26 88.35
C ASP Y 114 6.83 -98.07 87.07
N ASP Y 115 5.97 -99.03 86.71
CA ASP Y 115 5.28 -98.98 85.42
C ASP Y 115 4.42 -97.73 85.30
N ALA Y 116 3.36 -97.63 86.09
CA ALA Y 116 2.55 -96.40 86.08
C ALA Y 116 3.32 -95.23 86.67
N TYR Y 117 4.25 -95.52 87.59
CA TYR Y 117 5.10 -94.49 88.19
C TYR Y 117 5.79 -93.65 87.13
N TYR Y 118 6.17 -94.26 86.01
CA TYR Y 118 6.72 -93.50 84.90
C TYR Y 118 5.73 -93.25 83.77
N ARG Y 119 4.70 -94.08 83.63
CA ARG Y 119 3.67 -93.79 82.63
C ARG Y 119 3.01 -92.45 82.88
N PHE Y 120 2.94 -92.03 84.14
CA PHE Y 120 2.48 -90.68 84.45
C PHE Y 120 3.31 -89.63 83.72
N GLU Y 121 4.64 -89.73 83.84
CA GLU Y 121 5.52 -88.77 83.18
C GLU Y 121 5.47 -88.90 81.67
N THR Y 122 5.31 -90.13 81.15
CA THR Y 122 5.18 -90.30 79.71
C THR Y 122 3.95 -89.58 79.18
N TRP Y 123 2.82 -89.72 79.88
CA TRP Y 123 1.60 -89.04 79.44
C TRP Y 123 1.72 -87.54 79.59
N LEU Y 124 2.39 -87.07 80.66
CA LEU Y 124 2.62 -85.63 80.80
C LEU Y 124 3.46 -85.10 79.65
N SER Y 125 4.49 -85.85 79.26
CA SER Y 125 5.32 -85.45 78.12
C SER Y 125 4.51 -85.46 76.82
N SER Y 126 3.58 -86.41 76.67
CA SER Y 126 2.73 -86.43 75.49
C SER Y 126 1.81 -85.21 75.45
N MET Y 127 1.23 -84.84 76.59
CA MET Y 127 0.40 -83.64 76.64
C MET Y 127 1.23 -82.39 76.32
N TYR Y 128 2.46 -82.32 76.81
CA TYR Y 128 3.29 -81.16 76.49
C TYR Y 128 3.70 -81.18 75.02
N ASN Y 129 3.87 -82.36 74.42
CA ASN Y 129 4.08 -82.47 72.99
C ASN Y 129 2.92 -81.87 72.22
N LYS Y 130 1.70 -82.23 72.62
CA LYS Y 130 0.51 -81.66 71.96
C LYS Y 130 0.45 -80.15 72.14
N VAL Y 131 0.78 -79.67 73.34
CA VAL Y 131 0.74 -78.24 73.61
C VAL Y 131 1.72 -77.48 72.73
N VAL Y 132 2.96 -77.98 72.65
CA VAL Y 132 3.95 -77.29 71.82
C VAL Y 132 3.62 -77.44 70.34
N THR Y 133 2.95 -78.54 69.96
CA THR Y 133 2.53 -78.69 68.57
C THR Y 133 1.50 -77.63 68.20
N ALA Y 134 0.51 -77.42 69.06
CA ALA Y 134 -0.48 -76.37 68.82
C ALA Y 134 0.07 -74.97 69.06
N TYR Y 135 1.24 -74.87 69.72
CA TYR Y 135 1.84 -73.57 69.99
C TYR Y 135 2.22 -72.84 68.71
N ALA Y 136 2.82 -73.54 67.76
CA ALA Y 136 3.54 -72.88 66.67
C ALA Y 136 2.74 -72.69 65.40
N ASP Y 137 1.51 -73.23 65.31
CA ASP Y 137 0.78 -73.24 64.05
C ASP Y 137 0.47 -71.81 63.58
N THR Y 138 -0.29 -71.07 64.38
CA THR Y 138 -0.67 -69.72 63.98
C THR Y 138 0.54 -68.80 63.88
N TRP Y 139 1.56 -69.03 64.70
CA TRP Y 139 2.75 -68.19 64.65
C TRP Y 139 3.51 -68.40 63.34
N GLU Y 140 3.64 -69.64 62.90
CA GLU Y 140 4.24 -69.90 61.60
C GLU Y 140 3.38 -69.35 60.47
N LYS Y 141 2.05 -69.41 60.64
CA LYS Y 141 1.16 -68.86 59.62
C LYS Y 141 1.38 -67.36 59.47
N THR Y 142 1.46 -66.63 60.58
CA THR Y 142 1.65 -65.18 60.49
C THR Y 142 3.06 -64.84 60.00
N VAL Y 143 4.06 -65.65 60.35
CA VAL Y 143 5.40 -65.44 59.80
C VAL Y 143 5.38 -65.61 58.28
N SER Y 144 4.68 -66.65 57.80
CA SER Y 144 4.60 -66.89 56.36
C SER Y 144 3.89 -65.77 55.63
N ILE Y 145 2.77 -65.28 56.19
CA ILE Y 145 2.07 -64.20 55.52
C ILE Y 145 2.89 -62.91 55.55
N GLN Y 146 3.67 -62.69 56.62
CA GLN Y 146 4.57 -61.55 56.65
C GLN Y 146 5.64 -61.68 55.57
N LYS Y 147 6.19 -62.88 55.39
CA LYS Y 147 7.20 -63.08 54.34
C LYS Y 147 6.59 -62.85 52.96
N SER Y 148 5.34 -63.27 52.76
CA SER Y 148 4.67 -62.99 51.50
C SER Y 148 4.48 -61.49 51.30
N ALA Y 149 4.17 -60.77 52.39
CA ALA Y 149 4.00 -59.33 52.31
C ALA Y 149 5.31 -58.64 51.89
N LEU Y 150 6.42 -59.02 52.51
CA LEU Y 150 7.71 -58.48 52.06
C LEU Y 150 8.01 -58.88 50.63
N GLN Y 151 7.63 -60.09 50.23
CA GLN Y 151 7.86 -60.54 48.86
C GLN Y 151 7.14 -59.63 47.87
N GLU Y 152 5.87 -59.32 48.14
CA GLU Y 152 5.08 -58.53 47.20
C GLU Y 152 5.47 -57.06 47.25
N LEU Y 153 5.65 -56.50 48.44
CA LEU Y 153 5.88 -55.07 48.61
C LEU Y 153 7.31 -54.66 48.29
N SER Y 154 8.17 -55.59 47.89
CA SER Y 154 9.58 -55.27 47.68
C SER Y 154 9.77 -54.31 46.51
N ALA Y 155 9.20 -54.62 45.36
CA ALA Y 155 9.46 -53.89 44.12
C ALA Y 155 8.14 -53.54 43.44
N PRO Y 156 7.42 -52.54 43.94
CA PRO Y 156 6.17 -52.12 43.30
C PRO Y 156 6.43 -51.20 42.13
N LEU Y 157 6.22 -51.70 40.91
CA LEU Y 157 6.30 -50.88 39.72
C LEU Y 157 4.95 -50.30 39.33
N LEU Y 158 3.92 -50.56 40.13
CA LEU Y 158 2.56 -50.10 39.82
C LEU Y 158 2.48 -48.61 39.49
N PRO Y 159 3.18 -47.69 40.20
CA PRO Y 159 3.19 -46.30 39.74
C PRO Y 159 3.66 -46.18 38.30
N ILE Y 160 2.77 -45.73 37.43
CA ILE Y 160 3.03 -45.70 35.99
C ILE Y 160 2.52 -44.37 35.42
N PHE Y 161 3.33 -43.77 34.56
CA PHE Y 161 2.92 -42.61 33.77
C PHE Y 161 3.17 -42.94 32.30
N GLU Y 162 2.73 -42.04 31.42
CA GLU Y 162 2.89 -42.25 29.99
C GLU Y 162 4.36 -42.40 29.62
N LYS Y 163 4.74 -43.59 29.15
CA LYS Y 163 6.10 -43.90 28.72
C LYS Y 163 7.12 -43.82 29.85
N ILE Y 164 6.67 -43.54 31.07
CA ILE Y 164 7.53 -43.48 32.24
C ILE Y 164 7.03 -44.48 33.25
N SER Y 165 7.91 -45.36 33.71
CA SER Y 165 7.57 -46.38 34.70
C SER Y 165 8.38 -46.08 35.95
N VAL Y 166 7.85 -45.20 36.80
CA VAL Y 166 8.52 -44.84 38.03
C VAL Y 166 8.42 -45.98 39.02
N MET Y 167 9.51 -46.26 39.72
CA MET Y 167 9.59 -47.41 40.63
C MET Y 167 10.04 -46.97 42.02
N PRO Y 168 9.14 -46.93 43.00
CA PRO Y 168 9.58 -46.65 44.38
C PRO Y 168 10.40 -47.81 44.95
N LEU Y 169 11.25 -47.46 45.92
CA LEU Y 169 12.10 -48.46 46.57
C LEU Y 169 12.49 -47.88 47.93
N ILE Y 170 11.84 -48.38 48.99
CA ILE Y 170 11.98 -47.77 50.31
C ILE Y 170 12.55 -48.75 51.32
N GLY Y 171 12.32 -50.04 51.12
CA GLY Y 171 12.74 -51.02 52.09
C GLY Y 171 14.25 -51.19 52.13
N THR Y 172 14.72 -51.72 53.26
CA THR Y 172 16.13 -52.06 53.39
C THR Y 172 16.43 -53.28 52.53
N ILE Y 173 17.38 -53.15 51.62
CA ILE Y 173 17.59 -54.11 50.55
C ILE Y 173 18.82 -54.97 50.86
N ASP Y 174 18.65 -56.28 50.77
CA ASP Y 174 19.72 -57.25 50.88
C ASP Y 174 19.86 -57.98 49.55
N THR Y 175 20.72 -59.00 49.52
CA THR Y 175 20.99 -59.72 48.28
C THR Y 175 19.73 -60.36 47.72
N GLU Y 176 18.97 -61.05 48.57
CA GLU Y 176 17.73 -61.68 48.10
C GLU Y 176 16.72 -60.64 47.66
N ARG Y 177 16.58 -59.56 48.43
CA ARG Y 177 15.71 -58.47 48.00
C ARG Y 177 16.22 -57.85 46.71
N ALA Y 178 17.55 -57.81 46.51
CA ALA Y 178 18.09 -57.33 45.25
C ALA Y 178 17.67 -58.22 44.09
N LYS Y 179 17.68 -59.54 44.30
CA LYS Y 179 17.20 -60.46 43.27
C LYS Y 179 15.73 -60.22 42.97
N LEU Y 180 14.93 -60.03 44.02
CA LEU Y 180 13.53 -59.68 43.83
C LEU Y 180 13.39 -58.43 42.98
N ILE Y 181 14.17 -57.39 43.30
CA ILE Y 181 14.07 -56.12 42.61
C ILE Y 181 14.43 -56.27 41.14
N ILE Y 182 15.55 -56.95 40.85
CA ILE Y 182 15.98 -57.08 39.46
C ILE Y 182 14.96 -57.90 38.67
N GLU Y 183 14.49 -59.00 39.23
CA GLU Y 183 13.50 -59.82 38.52
C GLU Y 183 12.24 -59.02 38.23
N ASN Y 184 11.67 -58.40 39.26
CA ASN Y 184 10.42 -57.67 39.07
C ASN Y 184 10.59 -56.50 38.13
N LEU Y 185 11.71 -55.78 38.24
CA LEU Y 185 11.96 -54.65 37.36
C LEU Y 185 12.08 -55.08 35.91
N LEU Y 186 12.81 -56.16 35.65
CA LEU Y 186 12.93 -56.64 34.27
C LEU Y 186 11.59 -57.10 33.72
N ILE Y 187 10.81 -57.84 34.52
CA ILE Y 187 9.51 -58.30 34.04
C ILE Y 187 8.60 -57.12 33.75
N GLY Y 188 8.59 -56.11 34.63
CA GLY Y 188 7.76 -54.96 34.39
C GLY Y 188 8.18 -54.16 33.17
N VAL Y 189 9.49 -53.95 33.01
CA VAL Y 189 9.95 -53.13 31.89
C VAL Y 189 9.74 -53.84 30.56
N VAL Y 190 9.82 -55.18 30.54
CA VAL Y 190 9.52 -55.87 29.30
C VAL Y 190 8.02 -55.93 29.06
N LYS Y 191 7.22 -55.93 30.13
CA LYS Y 191 5.77 -55.96 29.98
C LYS Y 191 5.21 -54.59 29.66
N ASN Y 192 5.56 -53.58 30.44
CA ASN Y 192 5.09 -52.23 30.23
C ASN Y 192 6.03 -51.50 29.29
N ARG Y 193 5.49 -50.99 28.18
CA ARG Y 193 6.29 -50.22 27.24
C ARG Y 193 6.75 -48.93 27.90
N SER Y 194 8.04 -48.82 28.18
CA SER Y 194 8.57 -47.72 28.95
C SER Y 194 9.74 -47.08 28.20
N GLU Y 195 10.08 -45.86 28.61
CA GLU Y 195 11.24 -45.15 28.08
C GLU Y 195 12.23 -44.76 29.16
N VAL Y 196 11.76 -44.35 30.33
CA VAL Y 196 12.61 -44.01 31.47
C VAL Y 196 12.04 -44.72 32.70
N VAL Y 197 12.90 -45.38 33.45
CA VAL Y 197 12.49 -46.10 34.65
C VAL Y 197 13.22 -45.47 35.83
N LEU Y 198 12.55 -44.55 36.52
CA LEU Y 198 13.17 -43.83 37.63
C LEU Y 198 13.15 -44.73 38.86
N ILE Y 199 14.29 -45.33 39.18
CA ILE Y 199 14.41 -46.16 40.38
C ILE Y 199 14.59 -45.23 41.57
N ASP Y 200 13.55 -45.12 42.41
CA ASP Y 200 13.59 -44.25 43.58
C ASP Y 200 14.37 -44.95 44.69
N ILE Y 201 15.70 -44.81 44.61
CA ILE Y 201 16.56 -45.44 45.59
C ILE Y 201 16.46 -44.77 46.96
N THR Y 202 15.93 -43.56 47.02
CA THR Y 202 15.78 -42.86 48.30
C THR Y 202 14.85 -43.65 49.21
N GLY Y 203 15.28 -43.81 50.46
CA GLY Y 203 14.48 -44.55 51.42
C GLY Y 203 15.27 -45.61 52.15
N VAL Y 204 16.21 -46.23 51.46
CA VAL Y 204 17.08 -47.25 52.05
C VAL Y 204 18.26 -46.54 52.71
N PRO Y 205 18.50 -46.74 54.00
CA PRO Y 205 19.60 -46.03 54.68
C PRO Y 205 20.97 -46.49 54.23
N VAL Y 206 21.20 -47.79 54.26
CA VAL Y 206 22.50 -48.37 53.95
C VAL Y 206 22.30 -49.52 52.97
N VAL Y 207 23.21 -49.63 52.00
CA VAL Y 207 23.18 -50.68 50.99
C VAL Y 207 24.52 -51.38 51.01
N ASP Y 208 24.50 -52.71 51.02
CA ASP Y 208 25.73 -53.48 50.99
C ASP Y 208 26.41 -53.34 49.63
N THR Y 209 27.71 -53.66 49.61
CA THR Y 209 28.49 -53.51 48.39
C THR Y 209 27.92 -54.38 47.27
N MET Y 210 27.64 -55.64 47.57
CA MET Y 210 27.14 -56.56 46.55
C MET Y 210 25.79 -56.12 46.04
N VAL Y 211 24.93 -55.63 46.93
CA VAL Y 211 23.60 -55.20 46.52
C VAL Y 211 23.68 -53.94 45.66
N ALA Y 212 24.58 -53.01 46.01
CA ALA Y 212 24.78 -51.85 45.15
C ALA Y 212 25.30 -52.25 43.78
N HIS Y 213 26.20 -53.24 43.74
CA HIS Y 213 26.68 -53.75 42.46
C HIS Y 213 25.53 -54.34 41.64
N HIS Y 214 24.64 -55.09 42.29
CA HIS Y 214 23.48 -55.63 41.59
C HIS Y 214 22.56 -54.52 41.10
N ILE Y 215 22.43 -53.44 41.87
CA ILE Y 215 21.58 -52.33 41.42
C ILE Y 215 22.17 -51.68 40.18
N ILE Y 216 23.49 -51.49 40.16
CA ILE Y 216 24.13 -50.90 38.98
C ILE Y 216 23.96 -51.82 37.78
N GLN Y 217 24.15 -53.12 37.97
CA GLN Y 217 23.93 -54.06 36.87
C GLN Y 217 22.48 -54.08 36.43
N ALA Y 218 21.54 -53.89 37.35
CA ALA Y 218 20.14 -53.79 36.99
C ALA Y 218 19.88 -52.59 36.09
N SER Y 219 20.48 -51.45 36.44
CA SER Y 219 20.35 -50.26 35.60
C SER Y 219 20.94 -50.52 34.22
N GLU Y 220 22.10 -51.18 34.17
CA GLU Y 220 22.71 -51.46 32.87
C GLU Y 220 21.85 -52.42 32.04
N ALA Y 221 21.24 -53.41 32.70
CA ALA Y 221 20.36 -54.32 31.98
C ALA Y 221 19.15 -53.59 31.42
N VAL Y 222 18.56 -52.69 32.21
CA VAL Y 222 17.43 -51.91 31.72
C VAL Y 222 17.84 -51.07 30.52
N ARG Y 223 19.02 -50.45 30.59
CA ARG Y 223 19.51 -49.68 29.45
C ARG Y 223 19.69 -50.58 28.23
N LEU Y 224 20.15 -51.82 28.46
CA LEU Y 224 20.35 -52.75 27.35
C LEU Y 224 19.04 -53.13 26.68
N VAL Y 225 17.98 -53.34 27.47
CA VAL Y 225 16.70 -53.73 26.89
C VAL Y 225 16.16 -52.64 25.97
N GLY Y 226 16.50 -51.39 26.24
CA GLY Y 226 16.05 -50.29 25.40
C GLY Y 226 15.30 -49.22 26.15
N CYS Y 227 15.58 -49.09 27.44
CA CYS Y 227 14.94 -48.09 28.29
C CYS Y 227 15.98 -47.48 29.21
N GLN Y 228 16.09 -46.16 29.19
CA GLN Y 228 17.02 -45.47 30.08
C GLN Y 228 16.60 -45.65 31.53
N ALA Y 229 17.57 -45.91 32.40
CA ALA Y 229 17.34 -46.10 33.82
C ALA Y 229 18.08 -45.00 34.58
N MET Y 230 17.32 -44.14 35.24
CA MET Y 230 17.86 -42.98 35.95
C MET Y 230 17.72 -43.22 37.45
N LEU Y 231 18.83 -43.46 38.13
CA LEU Y 231 18.79 -43.63 39.58
C LEU Y 231 18.61 -42.27 40.23
N VAL Y 232 17.57 -42.13 41.05
CA VAL Y 232 17.14 -40.83 41.56
C VAL Y 232 17.31 -40.79 43.06
N GLY Y 233 17.89 -39.70 43.56
CA GLY Y 233 17.95 -39.42 44.98
C GLY Y 233 18.82 -40.34 45.81
N ILE Y 234 20.03 -40.62 45.34
CA ILE Y 234 20.95 -41.44 46.11
C ILE Y 234 21.35 -40.72 47.39
N ARG Y 235 21.36 -41.46 48.50
CA ARG Y 235 21.85 -40.93 49.76
C ARG Y 235 23.38 -41.02 49.81
N PRO Y 236 24.03 -40.15 50.61
CA PRO Y 236 25.50 -40.15 50.63
C PRO Y 236 26.14 -41.48 51.00
N GLU Y 237 25.53 -42.27 51.90
CA GLU Y 237 26.16 -43.54 52.29
C GLU Y 237 26.17 -44.52 51.13
N ILE Y 238 25.05 -44.65 50.41
CA ILE Y 238 24.99 -45.55 49.26
C ILE Y 238 25.94 -45.06 48.18
N ALA Y 239 26.06 -43.75 48.01
CA ALA Y 239 27.01 -43.20 47.05
C ALA Y 239 28.44 -43.53 47.45
N GLN Y 240 28.74 -43.49 48.75
CA GLN Y 240 30.03 -43.91 49.27
C GLN Y 240 30.32 -45.34 48.87
N TPO Y 241 29.33 -46.20 49.10
CA TPO Y 241 29.44 -47.61 48.75
CB TPO Y 241 28.19 -48.37 49.18
CG2 TPO Y 241 28.38 -49.87 49.02
OG1 TPO Y 241 27.78 -47.97 50.51
P TPO Y 241 28.53 -48.74 51.72
O1P TPO Y 241 30.09 -49.06 51.41
O2P TPO Y 241 27.76 -50.10 52.08
O3P TPO Y 241 28.50 -47.86 52.90
C TPO Y 241 29.69 -47.82 47.26
O TPO Y 241 30.53 -48.63 46.86
N ILE Y 242 28.99 -47.04 46.46
CA ILE Y 242 29.07 -47.15 45.01
C ILE Y 242 30.43 -46.70 44.49
N VAL Y 243 30.94 -45.57 44.99
CA VAL Y 243 32.26 -45.13 44.56
C VAL Y 243 33.34 -46.07 45.07
N ASN Y 244 33.18 -46.63 46.27
CA ASN Y 244 34.13 -47.62 46.76
C ASN Y 244 34.04 -48.93 45.99
N LEU Y 245 32.93 -49.16 45.28
CA LEU Y 245 32.82 -50.36 44.45
C LEU Y 245 33.88 -50.35 43.35
N GLY Y 246 34.12 -49.20 42.73
CA GLY Y 246 35.15 -49.07 41.72
C GLY Y 246 34.69 -49.33 40.30
N ILE Y 247 33.45 -49.74 40.10
CA ILE Y 247 32.95 -49.96 38.75
C ILE Y 247 32.78 -48.63 38.03
N GLU Y 248 32.69 -48.69 36.70
CA GLU Y 248 32.49 -47.49 35.91
C GLU Y 248 31.12 -46.89 36.22
N LEU Y 249 31.09 -45.58 36.40
CA LEU Y 249 29.90 -44.87 36.85
C LEU Y 249 29.52 -43.73 35.91
N ASP Y 250 29.73 -43.93 34.61
CA ASP Y 250 29.19 -43.04 33.59
C ASP Y 250 27.87 -43.55 33.04
N GLN Y 251 27.45 -44.73 33.47
CA GLN Y 251 26.30 -45.41 32.87
C GLN Y 251 24.99 -44.77 33.33
N ILE Y 252 24.92 -44.36 34.60
CA ILE Y 252 23.68 -43.97 35.24
C ILE Y 252 23.54 -42.45 35.20
N ILE Y 253 22.33 -41.98 34.89
CA ILE Y 253 22.03 -40.56 34.81
C ILE Y 253 21.17 -40.22 36.02
N THR Y 254 21.75 -39.57 37.02
CA THR Y 254 21.10 -39.41 38.32
C THR Y 254 20.43 -38.05 38.47
N THR Y 255 19.68 -37.92 39.55
CA THR Y 255 18.96 -36.70 39.88
C THR Y 255 18.77 -36.62 41.38
N ASN Y 256 18.83 -35.41 41.92
CA ASN Y 256 18.73 -35.23 43.36
C ASN Y 256 17.33 -35.55 43.88
N THR Y 257 16.28 -35.11 43.18
CA THR Y 257 14.93 -35.25 43.66
C THR Y 257 14.03 -35.84 42.57
N MET Y 258 12.87 -36.33 43.00
CA MET Y 258 11.96 -36.99 42.08
C MET Y 258 11.35 -36.02 41.08
N LYS Y 259 11.08 -34.78 41.50
CA LYS Y 259 10.47 -33.81 40.61
C LYS Y 259 11.39 -33.48 39.44
N LYS Y 260 12.66 -33.21 39.74
CA LYS Y 260 13.61 -32.93 38.68
C LYS Y 260 13.82 -34.14 37.79
N GLY Y 261 13.80 -35.34 38.37
CA GLY Y 261 13.89 -36.54 37.56
C GLY Y 261 12.73 -36.68 36.60
N MET Y 262 11.50 -36.45 37.08
CA MET Y 262 10.34 -36.47 36.20
C MET Y 262 10.48 -35.46 35.08
N GLU Y 263 10.82 -34.21 35.41
CA GLU Y 263 10.86 -33.19 34.38
C GLU Y 263 11.96 -33.46 33.37
N ARG Y 264 13.11 -33.98 33.81
CA ARG Y 264 14.19 -34.24 32.87
C ARG Y 264 13.93 -35.49 32.03
N ALA Y 265 13.26 -36.50 32.60
CA ALA Y 265 12.83 -37.63 31.79
C ALA Y 265 11.83 -37.20 30.73
N LEU Y 266 10.90 -36.29 31.09
CA LEU Y 266 10.01 -35.73 30.09
C LEU Y 266 10.76 -34.87 29.09
N ALA Y 267 11.89 -34.29 29.50
CA ALA Y 267 12.75 -33.60 28.54
C ALA Y 267 13.39 -34.59 27.57
N LEU Y 268 13.70 -35.81 28.02
CA LEU Y 268 14.26 -36.81 27.12
C LEU Y 268 13.28 -37.13 26.00
N THR Y 269 12.00 -37.34 26.34
CA THR Y 269 10.94 -37.46 25.34
C THR Y 269 10.36 -36.06 25.15
N ASN Y 270 11.08 -35.26 24.35
CA ASN Y 270 10.91 -33.80 24.37
C ASN Y 270 9.46 -33.38 24.16
N ARG Y 271 8.80 -33.95 23.15
CA ARG Y 271 7.44 -33.53 22.84
C ARG Y 271 6.42 -34.04 23.85
N GLU Y 272 6.82 -34.89 24.79
CA GLU Y 272 5.93 -35.35 25.84
C GLU Y 272 5.85 -34.39 27.02
N ILE Y 273 6.60 -33.27 26.98
CA ILE Y 273 6.55 -32.31 28.08
C ILE Y 273 5.16 -31.70 28.21
N VAL Y 274 4.39 -31.68 27.13
CA VAL Y 274 3.04 -31.13 27.16
C VAL Y 274 2.06 -32.17 27.71
N MET Z 1 29.09 94.20 78.72
CA MET Z 1 28.78 95.33 77.87
C MET Z 1 29.63 95.29 76.60
N TYR Z 2 29.00 95.64 75.47
CA TYR Z 2 29.57 95.38 74.16
C TYR Z 2 30.08 96.62 73.42
N LYS Z 3 29.73 97.82 73.88
CA LYS Z 3 30.10 99.03 73.13
C LYS Z 3 31.58 99.32 73.26
N ASP Z 4 32.06 99.60 74.47
CA ASP Z 4 33.48 99.83 74.66
C ASP Z 4 34.29 98.56 74.43
N PHE Z 5 33.66 97.38 74.53
CA PHE Z 5 34.35 96.16 74.13
C PHE Z 5 34.73 96.22 72.66
N ALA Z 6 33.83 96.71 71.80
CA ALA Z 6 34.18 96.93 70.41
C ALA Z 6 35.14 98.11 70.25
N ASN Z 7 35.01 99.14 71.09
CA ASN Z 7 35.91 100.29 71.03
C ASN Z 7 37.33 99.93 71.42
N PHE Z 8 37.53 98.79 72.07
CA PHE Z 8 38.85 98.24 72.33
C PHE Z 8 39.19 97.10 71.37
N ILE Z 9 38.18 96.46 70.79
CA ILE Z 9 38.39 95.51 69.70
C ILE Z 9 38.94 96.22 68.47
N ARG Z 10 38.68 97.52 68.33
CA ARG Z 10 39.22 98.25 67.19
C ARG Z 10 40.75 98.24 67.17
N THR Z 11 41.39 97.95 68.30
CA THR Z 11 42.83 97.70 68.37
C THR Z 11 43.16 96.24 68.62
N ASN Z 12 42.27 95.50 69.28
CA ASN Z 12 42.47 94.06 69.40
C ASN Z 12 42.45 93.37 68.04
N LYS Z 13 41.88 94.00 67.02
CA LYS Z 13 41.95 93.44 65.67
C LYS Z 13 43.39 93.46 65.16
N LYS Z 14 44.10 94.57 65.35
CA LYS Z 14 45.52 94.60 65.03
C LYS Z 14 46.30 93.63 65.91
N ASP Z 15 45.91 93.52 67.18
CA ASP Z 15 46.54 92.55 68.07
C ASP Z 15 46.39 91.13 67.53
N LEU Z 16 45.19 90.77 67.06
CA LEU Z 16 44.97 89.44 66.51
C LEU Z 16 45.61 89.26 65.15
N LEU Z 17 45.80 90.36 64.40
CA LEU Z 17 46.58 90.25 63.17
C LEU Z 17 48.03 89.90 63.47
N ASN Z 18 48.62 90.56 64.48
CA ASN Z 18 49.95 90.16 64.94
C ASN Z 18 49.94 88.73 65.47
N ASN Z 19 48.83 88.33 66.09
CA ASN Z 19 48.69 86.96 66.57
C ASN Z 19 48.74 85.96 65.43
N TRP Z 20 48.03 86.24 64.34
CA TRP Z 20 48.08 85.38 63.17
C TRP Z 20 49.48 85.37 62.57
N MET Z 21 50.13 86.54 62.55
CA MET Z 21 51.51 86.63 62.09
C MET Z 21 52.42 85.69 62.87
N ASN Z 22 52.25 85.67 64.19
CA ASN Z 22 53.08 84.80 65.03
C ASN Z 22 52.71 83.33 64.86
N GLU Z 23 51.41 83.04 64.70
CA GLU Z 23 50.94 81.66 64.69
C GLU Z 23 51.13 80.97 63.34
N MET Z 24 51.28 81.72 62.25
CA MET Z 24 51.41 81.10 60.93
C MET Z 24 52.64 80.20 60.83
N GLU Z 25 53.65 80.42 61.68
CA GLU Z 25 54.91 79.70 61.57
C GLU Z 25 54.81 78.24 62.01
N LYS Z 26 53.91 77.94 62.94
CA LYS Z 26 53.92 76.63 63.59
C LYS Z 26 53.09 75.57 62.88
N GLN Z 27 51.96 75.94 62.27
CA GLN Z 27 51.03 74.97 61.72
C GLN Z 27 50.89 75.17 60.21
N SER Z 28 51.53 74.29 59.44
CA SER Z 28 51.33 74.15 58.01
C SER Z 28 51.32 75.49 57.29
N ASP Z 29 52.45 76.21 57.40
CA ASP Z 29 52.56 77.50 56.75
C ASP Z 29 52.42 77.41 55.23
N PRO Z 30 53.14 76.52 54.51
CA PRO Z 30 52.94 76.48 53.06
C PRO Z 30 51.53 76.12 52.64
N LEU Z 31 50.88 75.19 53.35
CA LEU Z 31 49.54 74.76 52.97
C LEU Z 31 48.54 75.90 53.10
N ILE Z 32 48.52 76.57 54.26
CA ILE Z 32 47.59 77.66 54.48
C ILE Z 32 47.90 78.82 53.55
N ASN Z 33 49.19 79.09 53.32
CA ASN Z 33 49.56 80.18 52.40
C ASN Z 33 49.07 79.89 50.98
N ASP Z 34 49.17 78.63 50.54
CA ASP Z 34 48.74 78.29 49.19
C ASP Z 34 47.23 78.32 49.06
N ILE Z 35 46.52 77.74 50.03
CA ILE Z 35 45.08 77.62 49.87
C ILE Z 35 44.35 78.93 50.14
N ALA Z 36 44.92 79.80 50.97
CA ALA Z 36 44.29 81.06 51.32
C ALA Z 36 45.34 82.15 51.42
N LYS Z 37 45.22 83.18 50.60
CA LYS Z 37 46.12 84.33 50.70
C LYS Z 37 45.90 85.05 52.03
N GLU Z 38 46.99 85.58 52.58
CA GLU Z 38 46.95 86.13 53.93
C GLU Z 38 45.99 87.32 54.10
N PRO Z 39 45.95 88.30 53.19
CA PRO Z 39 45.06 89.46 53.43
C PRO Z 39 43.59 89.09 53.59
N MET Z 40 43.07 88.16 52.77
CA MET Z 40 41.65 87.83 52.88
C MET Z 40 41.37 87.08 54.18
N TYR Z 41 42.28 86.20 54.60
CA TYR Z 41 42.10 85.51 55.87
C TYR Z 41 42.15 86.50 57.03
N GLU Z 42 43.06 87.48 56.97
CA GLU Z 42 43.14 88.48 58.04
C GLU Z 42 41.88 89.33 58.09
N GLU Z 43 41.36 89.76 56.94
CA GLU Z 43 40.15 90.57 56.96
C GLU Z 43 38.94 89.76 57.39
N THR Z 44 38.88 88.48 57.01
CA THR Z 44 37.79 87.62 57.49
C THR Z 44 37.86 87.45 59.00
N SER Z 45 39.07 87.28 59.54
CA SER Z 45 39.21 87.13 60.98
C SER Z 45 38.80 88.40 61.72
N ILE Z 46 39.21 89.57 61.22
CA ILE Z 46 38.83 90.80 61.89
C ILE Z 46 37.33 91.04 61.76
N GLU Z 47 36.74 90.65 60.63
CA GLU Z 47 35.29 90.74 60.48
C GLU Z 47 34.57 89.83 61.47
N PHE Z 48 35.11 88.64 61.69
CA PHE Z 48 34.51 87.71 62.65
C PHE Z 48 34.65 88.23 64.08
N VAL Z 49 35.76 88.88 64.41
CA VAL Z 49 36.00 89.27 65.79
C VAL Z 49 35.54 90.69 66.14
N ASP Z 50 35.19 91.50 65.14
CA ASP Z 50 34.88 92.91 65.42
C ASP Z 50 33.38 93.20 65.51
N LEU Z 51 32.55 92.57 64.69
CA LEU Z 51 31.12 92.85 64.69
C LEU Z 51 30.33 91.93 65.62
N ILE Z 52 31.00 91.05 66.36
CA ILE Z 52 30.29 90.17 67.30
C ILE Z 52 29.67 90.99 68.43
N VAL Z 53 30.39 92.02 68.89
CA VAL Z 53 29.92 92.87 69.97
C VAL Z 53 29.43 94.22 69.46
N SER Z 54 29.10 94.33 68.17
CA SER Z 54 28.54 95.56 67.63
C SER Z 54 27.07 95.72 67.96
N ASN Z 55 26.39 94.63 68.33
CA ASN Z 55 25.02 94.72 68.80
C ASN Z 55 24.97 95.24 70.23
N ILE Z 56 23.77 95.51 70.71
CA ILE Z 56 23.62 96.16 72.02
C ILE Z 56 23.56 95.06 73.07
N THR Z 57 24.75 94.55 73.41
CA THR Z 57 25.01 93.83 74.66
C THR Z 57 24.24 92.51 74.77
N GLU Z 58 23.39 92.19 73.81
CA GLU Z 58 22.51 91.04 73.96
C GLU Z 58 22.83 89.90 73.00
N ASN Z 59 22.74 90.12 71.70
CA ASN Z 59 22.94 89.07 70.70
C ASN Z 59 22.74 89.68 69.31
N GLY Z 60 23.01 88.86 68.30
CA GLY Z 60 22.72 89.21 66.92
C GLY Z 60 22.43 88.00 66.06
N SER Z 61 21.27 87.99 65.40
CA SER Z 61 20.91 86.86 64.55
C SER Z 61 21.66 86.89 63.22
N LYS Z 62 21.79 88.07 62.61
CA LYS Z 62 22.54 88.18 61.36
C LYS Z 62 24.00 87.80 61.57
N PHE Z 63 24.60 88.26 62.67
CA PHE Z 63 25.97 87.83 62.94
C PHE Z 63 26.04 86.39 63.41
N ASN Z 64 24.95 85.84 63.93
CA ASN Z 64 24.92 84.40 64.20
C ASN Z 64 25.02 83.60 62.91
N GLU Z 65 24.26 84.02 61.88
CA GLU Z 65 24.39 83.40 60.57
C GLU Z 65 25.77 83.61 59.99
N LYS Z 66 26.34 84.80 60.20
CA LYS Z 66 27.70 85.07 59.74
C LYS Z 66 28.71 84.16 60.42
N LEU Z 67 28.54 83.92 61.72
CA LEU Z 67 29.44 83.04 62.46
C LEU Z 67 29.30 81.60 61.98
N ASP Z 68 28.07 81.15 61.69
CA ASP Z 68 27.88 79.82 61.13
C ASP Z 68 28.54 79.70 59.77
N ASP Z 69 28.43 80.74 58.94
CA ASP Z 69 29.10 80.75 57.64
C ASP Z 69 30.62 80.71 57.82
N PHE Z 70 31.15 81.44 58.79
CA PHE Z 70 32.58 81.40 59.08
C PHE Z 70 33.01 80.00 59.52
N ALA Z 71 32.19 79.36 60.35
CA ALA Z 71 32.51 78.01 60.79
C ALA Z 71 32.55 77.03 59.62
N GLU Z 72 31.56 77.10 58.72
CA GLU Z 72 31.58 76.20 57.58
C GLU Z 72 32.73 76.53 56.63
N LYS Z 73 33.09 77.81 56.51
CA LYS Z 73 34.20 78.19 55.66
C LYS Z 73 35.52 77.66 56.20
N VAL Z 74 35.73 77.74 57.52
CA VAL Z 74 36.96 77.21 58.08
C VAL Z 74 36.94 75.69 58.12
N VAL Z 75 35.76 75.07 58.12
CA VAL Z 75 35.69 73.62 57.96
C VAL Z 75 36.14 73.22 56.56
N HIS Z 76 35.63 73.90 55.54
CA HIS Z 76 36.00 73.57 54.16
C HIS Z 76 37.44 73.93 53.85
N LEU Z 77 37.96 75.01 54.43
CA LEU Z 77 39.30 75.49 54.11
C LEU Z 77 40.38 74.56 54.65
N GLY Z 78 40.06 73.70 55.61
CA GLY Z 78 41.04 72.79 56.17
C GLY Z 78 41.51 73.19 57.55
N TRP Z 79 40.58 73.63 58.40
CA TRP Z 79 40.86 74.04 59.77
C TRP Z 79 39.98 73.23 60.70
N PRO Z 80 40.41 72.04 61.11
CA PRO Z 80 39.61 71.22 62.04
C PRO Z 80 39.61 71.80 63.45
N ILE Z 81 39.03 71.05 64.40
CA ILE Z 81 38.90 71.55 65.76
C ILE Z 81 40.26 71.80 66.39
N HIS Z 82 41.28 71.03 65.99
CA HIS Z 82 42.63 71.26 66.52
C HIS Z 82 43.14 72.64 66.11
N PHE Z 83 42.97 73.00 64.83
CA PHE Z 83 43.45 74.30 64.37
C PHE Z 83 42.68 75.43 65.01
N VAL Z 84 41.36 75.27 65.19
CA VAL Z 84 40.56 76.32 65.81
C VAL Z 84 40.93 76.46 67.29
N THR Z 85 41.24 75.35 67.95
CA THR Z 85 41.69 75.42 69.34
C THR Z 85 43.04 76.12 69.45
N THR Z 86 43.97 75.83 68.52
CA THR Z 86 45.23 76.57 68.50
C THR Z 86 44.98 78.06 68.27
N GLY Z 87 44.02 78.38 67.40
CA GLY Z 87 43.65 79.77 67.20
C GLY Z 87 43.14 80.43 68.46
N LEU Z 88 42.30 79.72 69.21
CA LEU Z 88 41.82 80.27 70.48
C LEU Z 88 42.94 80.46 71.48
N ARG Z 89 43.87 79.49 71.55
CA ARG Z 89 44.99 79.60 72.48
C ARG Z 89 45.87 80.81 72.15
N VAL Z 90 46.17 80.99 70.86
CA VAL Z 90 46.99 82.14 70.49
C VAL Z 90 46.22 83.44 70.62
N PHE Z 91 44.89 83.41 70.42
CA PHE Z 91 44.06 84.57 70.73
C PHE Z 91 44.26 84.99 72.17
N GLY Z 92 44.13 84.05 73.10
CA GLY Z 92 44.33 84.37 74.50
C GLY Z 92 45.73 84.88 74.79
N LEU Z 93 46.75 84.24 74.19
CA LEU Z 93 48.13 84.65 74.41
C LEU Z 93 48.35 86.10 73.98
N LEU Z 94 47.88 86.46 72.78
CA LEU Z 94 48.12 87.81 72.30
C LEU Z 94 47.21 88.83 72.98
N VAL Z 95 46.02 88.42 73.46
CA VAL Z 95 45.26 89.32 74.31
C VAL Z 95 46.03 89.61 75.60
N TYR Z 96 46.65 88.59 76.17
CA TYR Z 96 47.46 88.79 77.38
C TYR Z 96 48.59 89.77 77.10
N THR Z 97 49.30 89.58 75.97
CA THR Z 97 50.40 90.49 75.65
C THR Z 97 49.91 91.91 75.43
N ALA Z 98 48.79 92.06 74.71
CA ALA Z 98 48.25 93.38 74.42
C ALA Z 98 47.83 94.11 75.70
N MET Z 99 47.13 93.41 76.60
CA MET Z 99 46.73 94.04 77.85
C MET Z 99 47.93 94.33 78.75
N ARG Z 100 48.99 93.53 78.64
CA ARG Z 100 50.23 93.90 79.30
C ARG Z 100 50.84 95.15 78.68
N ASP Z 101 50.60 95.38 77.38
CA ASP Z 101 51.16 96.53 76.68
C ASP Z 101 50.17 97.68 76.55
N GLU Z 102 49.00 97.42 75.97
CA GLU Z 102 48.04 98.50 75.69
C GLU Z 102 47.47 99.07 76.99
N ASP Z 103 46.99 98.21 77.88
CA ASP Z 103 46.48 98.61 79.19
C ASP Z 103 45.31 99.60 79.06
N LEU Z 104 44.22 99.13 78.47
CA LEU Z 104 43.01 99.94 78.33
C LEU Z 104 41.81 98.99 78.36
N PHE Z 105 41.15 98.92 79.52
CA PHE Z 105 40.02 98.02 79.73
C PHE Z 105 38.70 98.78 79.52
N LEU Z 106 37.60 98.15 79.88
CA LEU Z 106 36.27 98.66 79.54
C LEU Z 106 35.96 99.95 80.30
N LYS Z 107 35.89 99.88 81.62
CA LYS Z 107 35.45 101.01 82.42
C LYS Z 107 36.57 102.00 82.64
N ARG Z 108 36.19 103.28 82.76
CA ARG Z 108 37.15 104.36 82.96
C ARG Z 108 37.62 104.35 84.41
N GLU Z 109 38.91 104.08 84.61
CA GLU Z 109 39.48 104.05 85.95
C GLU Z 109 41.00 104.10 85.82
N GLU Z 110 41.64 104.65 86.85
CA GLU Z 110 43.10 104.71 86.86
C GLU Z 110 43.72 103.32 86.91
N LYS Z 111 43.02 102.36 87.53
CA LYS Z 111 43.52 100.99 87.65
C LYS Z 111 42.31 100.05 87.67
N PRO Z 112 42.00 99.40 86.56
CA PRO Z 112 40.84 98.51 86.52
C PRO Z 112 41.04 97.29 87.41
N GLU Z 113 39.97 96.52 87.56
CA GLU Z 113 39.93 95.36 88.45
C GLU Z 113 39.68 94.08 87.65
N ASP Z 114 39.47 92.99 88.38
CA ASP Z 114 39.36 91.67 87.76
C ASP Z 114 38.07 91.49 86.96
N ASP Z 115 37.08 92.36 87.15
CA ASP Z 115 35.76 92.18 86.55
C ASP Z 115 35.86 92.10 85.02
N ALA Z 116 36.22 93.21 84.37
CA ALA Z 116 36.40 93.18 82.92
C ALA Z 116 37.58 92.30 82.54
N TYR Z 117 38.57 92.21 83.42
CA TYR Z 117 39.75 91.39 83.19
C TYR Z 117 39.37 89.98 82.78
N TYR Z 118 38.39 89.39 83.48
CA TYR Z 118 37.91 88.07 83.11
C TYR Z 118 36.64 88.08 82.27
N ARG Z 119 35.91 89.20 82.21
CA ARG Z 119 34.80 89.30 81.26
C ARG Z 119 35.32 89.13 79.85
N PHE Z 120 36.52 89.64 79.57
CA PHE Z 120 37.15 89.44 78.27
C PHE Z 120 37.26 87.95 77.94
N GLU Z 121 37.83 87.17 78.86
CA GLU Z 121 38.04 85.75 78.61
C GLU Z 121 36.72 84.99 78.55
N THR Z 122 35.73 85.39 79.36
CA THR Z 122 34.42 84.75 79.27
C THR Z 122 33.80 84.96 77.90
N TRP Z 123 33.90 86.17 77.35
CA TRP Z 123 33.36 86.43 76.02
C TRP Z 123 34.16 85.70 74.94
N LEU Z 124 35.48 85.59 75.12
CA LEU Z 124 36.28 84.80 74.19
C LEU Z 124 35.82 83.35 74.17
N SER Z 125 35.62 82.77 75.36
CA SER Z 125 35.15 81.39 75.45
C SER Z 125 33.74 81.25 74.88
N SER Z 126 32.90 82.28 75.05
CA SER Z 126 31.54 82.21 74.51
C SER Z 126 31.55 82.21 72.98
N MET Z 127 32.38 83.07 72.36
CA MET Z 127 32.42 83.06 70.90
C MET Z 127 33.01 81.75 70.40
N TYR Z 128 34.01 81.21 71.11
CA TYR Z 128 34.55 79.91 70.74
C TYR Z 128 33.50 78.82 70.87
N ASN Z 129 32.65 78.91 71.89
CA ASN Z 129 31.58 77.93 72.09
C ASN Z 129 30.60 77.98 70.93
N LYS Z 130 30.20 79.19 70.51
CA LYS Z 130 29.30 79.29 69.37
C LYS Z 130 29.96 78.79 68.09
N VAL Z 131 31.25 79.06 67.92
CA VAL Z 131 31.97 78.59 66.73
C VAL Z 131 31.99 77.08 66.68
N VAL Z 132 32.33 76.43 67.80
CA VAL Z 132 32.38 74.97 67.81
C VAL Z 132 30.98 74.38 67.70
N THR Z 133 29.96 75.09 68.19
CA THR Z 133 28.58 74.62 68.02
C THR Z 133 28.18 74.63 66.54
N ALA Z 134 28.55 75.68 65.81
CA ALA Z 134 28.27 75.73 64.38
C ALA Z 134 29.21 74.82 63.58
N TYR Z 135 30.34 74.41 64.18
CA TYR Z 135 31.33 73.61 63.46
C TYR Z 135 30.77 72.25 63.06
N ALA Z 136 30.08 71.57 63.96
CA ALA Z 136 29.78 70.16 63.80
C ALA Z 136 28.45 69.88 63.12
N ASP Z 137 27.66 70.91 62.79
CA ASP Z 137 26.33 70.66 62.22
C ASP Z 137 26.41 69.94 60.89
N THR Z 138 27.21 70.47 59.96
CA THR Z 138 27.32 69.86 58.64
C THR Z 138 27.96 68.48 58.74
N TRP Z 139 28.93 68.31 59.64
CA TRP Z 139 29.59 67.01 59.78
C TRP Z 139 28.60 65.96 60.27
N GLU Z 140 27.78 66.30 61.28
CA GLU Z 140 26.79 65.35 61.76
C GLU Z 140 25.75 65.05 60.68
N LYS Z 141 25.34 66.07 59.92
CA LYS Z 141 24.36 65.84 58.87
C LYS Z 141 24.91 64.92 57.79
N THR Z 142 26.16 65.13 57.36
CA THR Z 142 26.72 64.28 56.33
C THR Z 142 26.98 62.87 56.85
N VAL Z 143 27.36 62.73 58.13
CA VAL Z 143 27.51 61.39 58.71
C VAL Z 143 26.17 60.67 58.70
N SER Z 144 25.09 61.37 59.10
CA SER Z 144 23.77 60.75 59.13
C SER Z 144 23.31 60.34 57.73
N ILE Z 145 23.51 61.20 56.73
CA ILE Z 145 23.05 60.87 55.39
C ILE Z 145 23.88 59.73 54.81
N GLN Z 146 25.20 59.71 55.09
CA GLN Z 146 26.02 58.60 54.63
C GLN Z 146 25.61 57.29 55.28
N LYS Z 147 25.28 57.32 56.58
CA LYS Z 147 24.82 56.12 57.26
C LYS Z 147 23.50 55.63 56.67
N SER Z 148 22.57 56.56 56.40
CA SER Z 148 21.30 56.18 55.81
C SER Z 148 21.48 55.58 54.42
N ALA Z 149 22.35 56.18 53.60
CA ALA Z 149 22.60 55.64 52.27
C ALA Z 149 23.25 54.27 52.35
N LEU Z 150 24.19 54.09 53.28
CA LEU Z 150 24.82 52.79 53.46
C LEU Z 150 23.81 51.75 53.91
N GLN Z 151 22.87 52.15 54.76
CA GLN Z 151 21.82 51.23 55.21
C GLN Z 151 20.92 50.82 54.06
N GLU Z 152 20.50 51.78 53.23
CA GLU Z 152 19.59 51.43 52.14
C GLU Z 152 20.30 50.74 50.98
N LEU Z 153 21.62 50.84 50.90
CA LEU Z 153 22.39 50.19 49.84
C LEU Z 153 22.91 48.81 50.21
N SER Z 154 22.73 48.38 51.46
CA SER Z 154 23.41 47.18 51.93
C SER Z 154 22.81 45.91 51.35
N ALA Z 155 21.48 45.80 51.33
CA ALA Z 155 20.78 44.58 50.95
C ALA Z 155 19.77 44.89 49.86
N PRO Z 156 20.22 45.03 48.61
CA PRO Z 156 19.29 45.31 47.51
C PRO Z 156 18.60 44.04 47.02
N LEU Z 157 17.33 43.89 47.37
CA LEU Z 157 16.53 42.82 46.80
C LEU Z 157 15.89 43.23 45.47
N LEU Z 158 16.12 44.46 45.04
CA LEU Z 158 15.54 44.92 43.78
C LEU Z 158 15.90 44.05 42.58
N PRO Z 159 17.16 43.58 42.41
CA PRO Z 159 17.43 42.66 41.29
C PRO Z 159 16.56 41.41 41.40
N ILE Z 160 15.68 41.21 40.41
CA ILE Z 160 14.65 40.18 40.49
C ILE Z 160 14.56 39.46 39.15
N PHE Z 161 14.56 38.14 39.20
CA PHE Z 161 14.33 37.25 38.07
C PHE Z 161 12.84 36.91 38.02
N GLU Z 162 12.44 36.11 37.04
CA GLU Z 162 11.06 35.61 37.05
C GLU Z 162 10.93 34.54 38.13
N LYS Z 163 10.21 34.87 39.20
CA LYS Z 163 9.98 34.00 40.36
C LYS Z 163 11.26 33.68 41.11
N ILE Z 164 12.38 34.34 40.78
CA ILE Z 164 13.64 34.16 41.47
C ILE Z 164 14.12 35.54 41.91
N SER Z 165 14.68 35.62 43.11
CA SER Z 165 15.10 36.89 43.69
C SER Z 165 16.57 36.81 44.09
N VAL Z 166 17.44 37.40 43.29
CA VAL Z 166 18.87 37.39 43.57
C VAL Z 166 19.20 38.51 44.56
N MET Z 167 20.40 38.48 45.12
CA MET Z 167 20.82 39.48 46.10
C MET Z 167 22.30 39.74 45.98
N PRO Z 168 22.71 40.97 45.64
CA PRO Z 168 24.14 41.23 45.35
C PRO Z 168 25.07 41.02 46.53
N LEU Z 169 24.84 41.74 47.63
CA LEU Z 169 25.67 41.63 48.83
C LEU Z 169 27.16 41.71 48.49
N ILE Z 170 27.56 42.88 48.02
CA ILE Z 170 28.93 43.06 47.53
C ILE Z 170 29.85 43.60 48.61
N GLY Z 171 29.41 44.59 49.39
CA GLY Z 171 30.31 45.24 50.32
C GLY Z 171 30.54 44.43 51.58
N THR Z 172 31.60 44.79 52.30
CA THR Z 172 31.87 44.17 53.59
C THR Z 172 30.76 44.52 54.58
N ILE Z 173 30.48 43.57 55.46
CA ILE Z 173 29.35 43.68 56.38
C ILE Z 173 29.81 43.38 57.80
N ASP Z 174 29.15 44.02 58.76
CA ASP Z 174 29.40 43.76 60.17
C ASP Z 174 28.12 43.28 60.83
N TPO Z 175 28.04 43.37 62.16
CA TPO Z 175 26.89 42.84 62.89
CB TPO Z 175 27.21 42.77 64.41
CG2 TPO Z 175 26.16 43.44 65.32
OG1 TPO Z 175 27.46 41.43 64.86
P TPO Z 175 26.33 40.35 64.39
O1P TPO Z 175 24.85 40.94 64.23
O2P TPO Z 175 26.28 39.21 65.53
O3P TPO Z 175 26.74 39.72 63.12
C TPO Z 175 25.62 43.66 62.63
O TPO Z 175 24.54 43.10 62.44
N GLU Z 176 25.75 44.98 62.61
CA GLU Z 176 24.62 45.85 62.31
C GLU Z 176 24.16 45.60 60.89
N ARG Z 177 25.13 45.55 59.97
CA ARG Z 177 24.80 45.23 58.59
C ARG Z 177 24.23 43.83 58.45
N ALA Z 178 24.71 42.88 59.26
CA ALA Z 178 24.16 41.53 59.20
C ALA Z 178 22.69 41.51 59.61
N LYS Z 179 22.35 42.22 60.70
CA LYS Z 179 20.95 42.31 61.11
C LYS Z 179 20.12 42.99 60.02
N LEU Z 180 20.67 44.05 59.42
CA LEU Z 180 19.95 44.73 58.35
C LEU Z 180 19.70 43.79 57.18
N ILE Z 181 20.70 42.99 56.81
CA ILE Z 181 20.57 42.08 55.68
C ILE Z 181 19.52 41.02 55.97
N ILE Z 182 19.56 40.41 57.16
CA ILE Z 182 18.60 39.35 57.47
C ILE Z 182 17.18 39.92 57.46
N GLU Z 183 16.99 41.08 58.09
CA GLU Z 183 15.67 41.70 58.12
C GLU Z 183 15.19 42.04 56.71
N ASN Z 184 16.04 42.67 55.92
CA ASN Z 184 15.63 43.11 54.58
C ASN Z 184 15.34 41.92 53.68
N LEU Z 185 16.14 40.86 53.79
CA LEU Z 185 15.91 39.67 52.96
C LEU Z 185 14.57 39.03 53.30
N LEU Z 186 14.27 38.88 54.59
CA LEU Z 186 12.96 38.34 54.95
C LEU Z 186 11.83 39.24 54.49
N ILE Z 187 11.96 40.56 54.67
CA ILE Z 187 10.89 41.45 54.23
C ILE Z 187 10.68 41.35 52.73
N GLY Z 188 11.77 41.34 51.97
CA GLY Z 188 11.66 41.27 50.53
C GLY Z 188 11.05 39.97 50.05
N VAL Z 189 11.43 38.85 50.66
CA VAL Z 189 10.82 37.59 50.25
C VAL Z 189 9.37 37.50 50.70
N VAL Z 190 8.98 38.21 51.76
CA VAL Z 190 7.58 38.27 52.13
C VAL Z 190 6.77 39.04 51.09
N LYS Z 191 7.25 40.23 50.72
CA LYS Z 191 6.48 41.08 49.82
C LYS Z 191 6.37 40.45 48.43
N ASN Z 192 7.46 39.91 47.91
CA ASN Z 192 7.50 39.38 46.55
C ASN Z 192 7.46 37.86 46.58
N ARG Z 193 6.63 37.28 45.72
CA ARG Z 193 6.59 35.84 45.57
C ARG Z 193 7.81 35.36 44.78
N SER Z 194 8.51 34.37 45.32
CA SER Z 194 9.68 33.81 44.69
C SER Z 194 9.89 32.40 45.23
N GLU Z 195 10.85 31.69 44.66
CA GLU Z 195 11.13 30.32 45.11
C GLU Z 195 12.61 30.12 45.40
N VAL Z 196 13.47 30.87 44.72
CA VAL Z 196 14.91 30.74 44.87
C VAL Z 196 15.50 32.11 45.18
N VAL Z 197 16.38 32.15 46.17
CA VAL Z 197 17.09 33.37 46.55
C VAL Z 197 18.57 33.10 46.29
N LEU Z 198 19.15 33.84 45.35
CA LEU Z 198 20.56 33.71 44.99
C LEU Z 198 21.34 34.77 45.75
N ILE Z 199 22.01 34.36 46.81
CA ILE Z 199 22.84 35.26 47.60
C ILE Z 199 24.26 35.21 47.06
N ASP Z 200 24.82 36.38 46.74
CA ASP Z 200 26.19 36.48 46.24
C ASP Z 200 27.08 36.91 47.39
N ILE Z 201 27.76 35.95 48.02
CA ILE Z 201 28.73 36.31 49.03
C ILE Z 201 30.01 36.82 48.38
N THR Z 202 30.16 36.63 47.07
CA THR Z 202 31.30 37.19 46.36
C THR Z 202 31.31 38.70 46.52
N GLY Z 203 32.45 39.24 46.95
CA GLY Z 203 32.59 40.66 47.14
C GLY Z 203 33.07 41.04 48.52
N VAL Z 204 32.62 40.31 49.54
CA VAL Z 204 33.07 40.59 50.91
C VAL Z 204 34.50 40.06 51.06
N PRO Z 205 35.44 40.89 51.52
CA PRO Z 205 36.83 40.45 51.63
C PRO Z 205 37.03 39.34 52.65
N VAL Z 206 36.64 39.59 53.89
CA VAL Z 206 36.85 38.65 54.99
C VAL Z 206 35.57 38.59 55.82
N VAL Z 207 35.17 37.36 56.17
CA VAL Z 207 34.00 37.13 57.00
C VAL Z 207 34.46 36.38 58.25
N ASP Z 208 34.11 36.92 59.43
CA ASP Z 208 34.46 36.26 60.68
C ASP Z 208 33.44 35.16 60.96
N THR Z 209 33.47 34.61 62.16
CA THR Z 209 32.59 33.49 62.48
C THR Z 209 31.14 33.94 62.58
N MET Z 210 30.88 35.05 63.27
CA MET Z 210 29.50 35.37 63.63
C MET Z 210 28.71 35.84 62.43
N VAL Z 211 29.34 36.60 61.53
CA VAL Z 211 28.66 37.03 60.31
C VAL Z 211 28.32 35.83 59.45
N ALA Z 212 29.23 34.86 59.35
CA ALA Z 212 28.95 33.64 58.61
C ALA Z 212 27.79 32.88 59.25
N HIS Z 213 27.75 32.86 60.58
CA HIS Z 213 26.63 32.20 61.26
C HIS Z 213 25.31 32.90 60.93
N HIS Z 214 25.31 34.23 60.90
CA HIS Z 214 24.10 34.95 60.49
C HIS Z 214 23.74 34.67 59.03
N ILE Z 215 24.73 34.49 58.17
CA ILE Z 215 24.43 34.15 56.77
C ILE Z 215 23.76 32.78 56.70
N ILE Z 216 24.27 31.80 57.43
CA ILE Z 216 23.65 30.49 57.46
C ILE Z 216 22.24 30.58 58.04
N GLN Z 217 22.06 31.44 59.05
CA GLN Z 217 20.73 31.65 59.60
C GLN Z 217 19.79 32.25 58.57
N ALA Z 218 20.29 33.17 57.74
CA ALA Z 218 19.47 33.75 56.68
C ALA Z 218 19.05 32.69 55.68
N SER Z 219 19.99 31.80 55.31
CA SER Z 219 19.66 30.71 54.40
C SER Z 219 18.59 29.81 55.01
N GLU Z 220 18.77 29.42 56.27
CA GLU Z 220 17.79 28.57 56.92
C GLU Z 220 16.44 29.28 57.06
N ALA Z 221 16.46 30.60 57.25
CA ALA Z 221 15.22 31.35 57.42
C ALA Z 221 14.44 31.42 56.12
N VAL Z 222 15.13 31.68 55.00
CA VAL Z 222 14.41 31.71 53.73
C VAL Z 222 13.97 30.31 53.35
N ARG Z 223 14.67 29.27 53.79
CA ARG Z 223 14.18 27.92 53.58
C ARG Z 223 12.93 27.65 54.42
N LEU Z 224 12.92 28.13 55.66
CA LEU Z 224 11.79 27.91 56.56
C LEU Z 224 10.60 28.77 56.17
N VAL Z 225 10.81 29.84 55.42
CA VAL Z 225 9.68 30.47 54.74
C VAL Z 225 9.10 29.51 53.71
N GLY Z 226 9.96 28.86 52.95
CA GLY Z 226 9.54 27.94 51.91
C GLY Z 226 10.15 28.24 50.55
N CYS Z 227 11.30 28.90 50.54
CA CYS Z 227 12.03 29.22 49.33
C CYS Z 227 13.45 28.68 49.44
N GLN Z 228 13.90 27.97 48.41
CA GLN Z 228 15.23 27.39 48.43
C GLN Z 228 16.29 28.49 48.41
N ALA Z 229 17.36 28.28 49.18
CA ALA Z 229 18.45 29.24 49.30
C ALA Z 229 19.65 28.69 48.53
N MET Z 230 19.83 29.17 47.30
CA MET Z 230 20.93 28.72 46.47
C MET Z 230 22.07 29.74 46.56
N LEU Z 231 22.77 29.69 47.69
CA LEU Z 231 23.84 30.63 47.97
C LEU Z 231 24.99 30.40 47.00
N VAL Z 232 25.48 31.48 46.39
CA VAL Z 232 26.43 31.38 45.28
C VAL Z 232 27.56 32.37 45.48
N GLY Z 233 28.74 32.01 44.99
CA GLY Z 233 29.87 32.92 45.00
C GLY Z 233 30.66 32.90 46.29
N ILE Z 234 31.20 31.75 46.64
CA ILE Z 234 31.94 31.56 47.89
C ILE Z 234 33.43 31.66 47.58
N ARG Z 235 34.16 32.40 48.39
CA ARG Z 235 35.60 32.57 48.23
C ARG Z 235 36.35 31.64 49.17
N PRO Z 236 37.66 31.43 48.93
CA PRO Z 236 38.39 30.41 49.73
C PRO Z 236 38.41 30.68 51.23
N GLU Z 237 38.88 31.86 51.65
CA GLU Z 237 39.04 32.12 53.08
C GLU Z 237 37.70 32.07 53.80
N ILE Z 238 36.66 32.62 53.18
CA ILE Z 238 35.34 32.60 53.80
C ILE Z 238 34.83 31.16 53.92
N ALA Z 239 35.12 30.31 52.92
CA ALA Z 239 34.72 28.91 53.03
C ALA Z 239 35.47 28.22 54.16
N GLN Z 240 36.75 28.51 54.30
CA GLN Z 240 37.54 27.96 55.38
C GLN Z 240 36.93 28.35 56.72
N TPO Z 241 36.50 29.60 56.84
CA TPO Z 241 35.92 30.10 58.08
CB TPO Z 241 35.85 31.64 58.06
CG2 TPO Z 241 34.46 32.19 58.42
OG1 TPO Z 241 36.85 32.24 58.90
P TPO Z 241 37.03 31.54 60.35
O1P TPO Z 241 37.67 32.64 61.35
O2P TPO Z 241 38.00 30.42 60.28
O3P TPO Z 241 35.66 31.03 61.01
C TPO Z 241 34.56 29.47 58.37
O TPO Z 241 34.25 29.14 59.52
N ILE Z 242 33.75 29.31 57.33
CA ILE Z 242 32.44 28.70 57.50
C ILE Z 242 32.59 27.26 57.96
N VAL Z 243 33.48 26.52 57.31
CA VAL Z 243 33.67 25.11 57.68
C VAL Z 243 34.33 24.99 59.05
N ASN Z 244 35.18 25.95 59.41
CA ASN Z 244 35.76 25.94 60.75
C ASN Z 244 34.71 26.26 61.81
N LEU Z 245 33.67 27.01 61.44
CA LEU Z 245 32.60 27.30 62.38
C LEU Z 245 31.91 26.02 62.84
N GLY Z 246 31.93 24.98 62.02
CA GLY Z 246 31.31 23.72 62.38
C GLY Z 246 29.83 23.62 62.10
N ILE Z 247 29.21 24.68 61.57
CA ILE Z 247 27.80 24.64 61.24
C ILE Z 247 27.57 23.66 60.09
N GLU Z 248 26.45 22.94 60.13
CA GLU Z 248 26.15 21.98 59.08
C GLU Z 248 25.95 22.70 57.75
N LEU Z 249 26.50 22.10 56.69
CA LEU Z 249 26.48 22.72 55.37
C LEU Z 249 25.79 21.85 54.33
N ASP Z 250 25.07 20.82 54.73
CA ASP Z 250 24.38 19.97 53.77
C ASP Z 250 23.12 20.63 53.21
N GLN Z 251 22.43 21.43 54.02
CA GLN Z 251 21.17 22.02 53.58
C GLN Z 251 21.39 23.14 52.56
N ILE Z 252 22.55 23.77 52.56
CA ILE Z 252 22.82 24.89 51.66
C ILE Z 252 23.37 24.36 50.35
N ILE Z 253 22.78 24.75 49.25
CA ILE Z 253 23.22 24.38 47.91
C ILE Z 253 24.07 25.53 47.37
N THR Z 254 25.29 25.22 46.97
CA THR Z 254 26.26 26.24 46.62
C THR Z 254 26.62 26.17 45.14
N THR Z 255 27.20 27.26 44.65
CA THR Z 255 27.66 27.32 43.27
C THR Z 255 28.78 28.36 43.17
N ASN Z 256 29.67 28.16 42.20
CA ASN Z 256 30.81 29.04 42.05
C ASN Z 256 30.42 30.43 41.53
N THR Z 257 29.54 30.50 40.53
CA THR Z 257 29.21 31.78 39.91
C THR Z 257 27.73 31.89 39.63
N MET Z 258 27.27 33.13 39.42
CA MET Z 258 25.85 33.42 39.30
C MET Z 258 25.22 32.70 38.11
N LYS Z 259 25.90 32.67 36.97
CA LYS Z 259 25.31 32.05 35.78
C LYS Z 259 25.00 30.59 36.03
N LYS Z 260 25.97 29.85 36.57
CA LYS Z 260 25.75 28.43 36.82
C LYS Z 260 24.75 28.20 37.95
N GLY Z 261 24.80 29.02 39.00
CA GLY Z 261 23.88 28.84 40.10
C GLY Z 261 22.43 29.07 39.69
N MET Z 262 22.20 30.12 38.91
CA MET Z 262 20.86 30.38 38.42
C MET Z 262 20.44 29.34 37.38
N GLU Z 263 21.39 28.81 36.60
CA GLU Z 263 21.05 27.71 35.71
C GLU Z 263 20.57 26.50 36.51
N ARG Z 264 21.25 26.20 37.61
CA ARG Z 264 20.81 25.10 38.47
C ARG Z 264 19.45 25.41 39.09
N ALA Z 265 19.22 26.68 39.46
CA ALA Z 265 17.93 27.07 40.00
C ALA Z 265 16.81 26.88 38.98
N LEU Z 266 17.06 27.28 37.73
CA LEU Z 266 16.09 27.07 36.67
C LEU Z 266 15.90 25.58 36.39
N ALA Z 267 16.93 24.77 36.62
CA ALA Z 267 16.76 23.33 36.58
C ALA Z 267 15.82 22.86 37.69
N LEU Z 268 15.94 23.46 38.88
CA LEU Z 268 15.07 23.08 39.99
C LEU Z 268 13.61 23.41 39.68
N THR Z 269 13.35 24.61 39.15
CA THR Z 269 12.01 25.00 38.70
C THR Z 269 11.97 24.71 37.19
N ASN Z 270 11.62 23.47 36.85
CA ASN Z 270 11.82 22.96 35.49
C ASN Z 270 11.16 23.86 34.45
N ARG Z 271 9.94 24.31 34.71
CA ARG Z 271 9.18 25.06 33.72
C ARG Z 271 9.64 26.51 33.60
N GLU Z 272 10.79 26.87 34.15
CA GLU Z 272 11.37 28.19 33.96
C GLU Z 272 12.57 28.18 33.03
N ILE Z 273 12.74 27.11 32.26
CA ILE Z 273 13.88 27.04 31.34
C ILE Z 273 13.76 28.06 30.21
N VAL Z 274 12.55 28.56 29.95
CA VAL Z 274 12.36 29.56 28.90
C VAL Z 274 11.90 30.88 29.52
N MET AA 1 -11.15 36.96 63.84
CA MET AA 1 -10.98 36.28 65.13
C MET AA 1 -11.79 34.99 65.19
N GLY AA 2 -12.90 34.96 64.47
CA GLY AA 2 -13.75 33.79 64.44
C GLY AA 2 -14.34 33.52 63.07
N ILE AA 3 -13.82 34.20 62.05
CA ILE AA 3 -14.27 34.02 60.68
C ILE AA 3 -13.04 33.76 59.82
N PRO AA 4 -12.56 32.52 59.76
CA PRO AA 4 -11.30 32.23 59.08
C PRO AA 4 -11.41 32.07 57.57
N ILE AA 5 -11.36 33.16 56.82
CA ILE AA 5 -11.39 33.06 55.37
C ILE AA 5 -10.11 32.42 54.86
N LEU AA 6 -10.26 31.50 53.91
CA LEU AA 6 -9.13 30.91 53.19
C LEU AA 6 -9.19 31.33 51.72
N LYS AA 7 -8.08 31.13 51.02
CA LYS AA 7 -7.96 31.50 49.63
C LYS AA 7 -7.15 30.45 48.90
N LEU AA 8 -7.79 29.76 47.94
CA LEU AA 8 -7.11 28.69 47.22
C LEU AA 8 -7.68 28.55 45.82
N GLY AA 9 -6.80 28.42 44.84
CA GLY AA 9 -7.23 28.19 43.47
C GLY AA 9 -8.15 29.25 42.93
N GLU AA 10 -7.90 30.52 43.27
CA GLU AA 10 -8.73 31.66 42.90
C GLU AA 10 -10.11 31.61 43.54
N CYS AA 11 -10.42 30.54 44.26
CA CYS AA 11 -11.69 30.39 44.96
C CYS AA 11 -11.55 30.93 46.38
N LEU AA 12 -12.54 30.65 47.23
CA LEU AA 12 -12.49 31.14 48.60
C LEU AA 12 -13.32 30.22 49.48
N LEU AA 13 -12.92 30.08 50.74
CA LEU AA 13 -13.59 29.19 51.68
C LEU AA 13 -13.71 29.86 53.03
N ILE AA 14 -14.92 29.87 53.59
CA ILE AA 14 -15.16 30.30 54.95
C ILE AA 14 -15.56 29.08 55.77
N SER AA 15 -15.58 29.24 57.09
CA SER AA 15 -16.06 28.19 57.98
C SER AA 15 -16.57 28.84 59.25
N ILE AA 16 -17.83 28.55 59.61
CA ILE AA 16 -18.48 29.16 60.76
C ILE AA 16 -18.60 28.14 61.87
N GLN AA 17 -18.13 28.49 63.06
CA GLN AA 17 -18.25 27.63 64.23
C GLN AA 17 -18.70 28.39 65.48
N SER AA 18 -19.12 29.65 65.36
CA SER AA 18 -19.50 30.47 66.51
C SER AA 18 -20.98 30.37 66.83
N GLU AA 19 -21.82 30.31 65.78
CA GLU AA 19 -23.28 30.50 65.85
C GLU AA 19 -23.90 31.58 66.75
N LEU AA 20 -23.34 32.77 66.68
CA LEU AA 20 -23.83 33.90 67.46
C LEU AA 20 -24.76 34.70 66.54
N ASP AA 21 -25.40 35.73 67.08
CA ASP AA 21 -26.51 36.36 66.38
C ASP AA 21 -26.17 37.71 65.76
N ASP AA 22 -25.67 38.69 66.53
CA ASP AA 22 -25.51 40.05 66.00
C ASP AA 22 -24.08 40.34 65.55
N HIS AA 23 -23.11 40.21 66.45
CA HIS AA 23 -21.73 40.52 66.10
C HIS AA 23 -21.26 39.63 64.97
N THR AA 24 -21.53 38.33 65.05
CA THR AA 24 -21.12 37.42 63.99
C THR AA 24 -21.79 37.76 62.68
N ALA AA 25 -23.09 38.07 62.70
CA ALA AA 25 -23.78 38.40 61.46
C ALA AA 25 -23.17 39.62 60.79
N VAL AA 26 -23.01 40.71 61.54
CA VAL AA 26 -22.50 41.94 60.95
C VAL AA 26 -21.05 41.75 60.48
N GLU AA 27 -20.21 41.20 61.35
CA GLU AA 27 -18.80 41.03 61.01
C GLU AA 27 -18.65 40.08 59.83
N PHE AA 28 -19.41 38.98 59.82
CA PHE AA 28 -19.41 38.07 58.67
C PHE AA 28 -19.76 38.79 57.39
N GLN AA 29 -20.89 39.51 57.37
CA GLN AA 29 -21.32 40.10 56.11
C GLN AA 29 -20.28 41.08 55.61
N GLU AA 30 -19.86 42.03 56.44
CA GLU AA 30 -18.96 43.05 55.91
C GLU AA 30 -17.54 42.54 55.68
N ASP AA 31 -17.09 41.55 56.47
CA ASP AA 31 -15.76 41.00 56.25
C ASP AA 31 -15.72 40.17 54.97
N LEU AA 32 -16.75 39.37 54.72
CA LEU AA 32 -16.79 38.62 53.47
C LEU AA 32 -16.88 39.58 52.28
N LEU AA 33 -17.66 40.66 52.42
CA LEU AA 33 -17.68 41.67 51.36
C LEU AA 33 -16.29 42.25 51.12
N ALA AA 34 -15.59 42.64 52.19
CA ALA AA 34 -14.26 43.22 52.01
C ALA AA 34 -13.31 42.23 51.36
N LYS AA 35 -13.37 40.96 51.78
CA LYS AA 35 -12.43 39.97 51.29
C LYS AA 35 -12.69 39.68 49.81
N ILE AA 36 -13.96 39.49 49.45
CA ILE AA 36 -14.29 39.23 48.05
C ILE AA 36 -14.03 40.48 47.20
N HIS AA 37 -14.08 41.66 47.81
CA HIS AA 37 -13.80 42.88 47.06
C HIS AA 37 -12.31 43.02 46.76
N GLU AA 38 -11.46 42.75 47.77
CA GLU AA 38 -10.04 43.02 47.60
C GLU AA 38 -9.38 42.06 46.63
N THR AA 39 -9.91 40.85 46.49
CA THR AA 39 -9.38 39.88 45.54
C THR AA 39 -10.49 39.38 44.63
N SER AA 40 -10.17 39.21 43.36
CA SER AA 40 -11.13 38.70 42.38
C SER AA 40 -11.24 37.19 42.57
N ALA AA 41 -12.26 36.75 43.29
CA ALA AA 41 -12.50 35.34 43.53
C ALA AA 41 -13.82 34.94 42.88
N ARG AA 42 -13.76 33.94 42.00
CA ARG AA 42 -14.95 33.55 41.24
C ARG AA 42 -15.99 32.91 42.14
N GLY AA 43 -15.58 31.94 42.95
CA GLY AA 43 -16.54 31.20 43.76
C GLY AA 43 -16.23 31.19 45.23
N VAL AA 44 -17.10 31.80 46.03
CA VAL AA 44 -17.00 31.78 47.48
C VAL AA 44 -17.91 30.71 48.02
N VAL AA 45 -17.39 29.89 48.93
CA VAL AA 45 -18.10 28.73 49.45
C VAL AA 45 -18.22 28.87 50.96
N ILE AA 46 -19.44 28.96 51.45
CA ILE AA 46 -19.71 29.16 52.87
C ILE AA 46 -19.89 27.81 53.54
N ASP AA 47 -19.43 27.73 54.78
CA ASP AA 47 -19.48 26.49 55.58
C ASP AA 47 -20.38 26.73 56.78
N ILE AA 48 -21.52 26.04 56.83
CA ILE AA 48 -22.47 26.23 57.91
C ILE AA 48 -22.79 24.87 58.52
N THR AA 49 -21.84 23.93 58.42
CA THR AA 49 -22.05 22.62 59.01
C THR AA 49 -22.21 22.70 60.52
N SER AA 50 -21.37 23.50 61.18
CA SER AA 50 -21.34 23.53 62.64
C SER AA 50 -22.62 24.09 63.23
N ILE AA 51 -23.19 25.13 62.62
CA ILE AA 51 -24.30 25.85 63.22
C ILE AA 51 -25.51 24.93 63.36
N ASP AA 52 -26.13 24.96 64.53
CA ASP AA 52 -27.31 24.13 64.80
C ASP AA 52 -28.49 24.93 65.33
N PHE AA 53 -28.38 26.25 65.45
CA PHE AA 53 -29.49 27.09 65.88
C PHE AA 53 -29.56 28.32 64.99
N ILE AA 54 -30.72 28.57 64.40
CA ILE AA 54 -30.93 29.67 63.48
C ILE AA 54 -32.23 30.38 63.83
N ASP AA 55 -32.19 31.70 63.90
CA ASP AA 55 -33.37 32.54 64.05
C ASP AA 55 -33.60 33.32 62.77
N SER AA 56 -34.61 34.19 62.79
CA SER AA 56 -34.96 34.95 61.60
C SER AA 56 -33.84 35.90 61.19
N PHE AA 57 -33.18 36.53 62.17
CA PHE AA 57 -32.15 37.51 61.86
C PHE AA 57 -30.99 36.88 61.11
N ILE AA 58 -30.51 35.72 61.57
CA ILE AA 58 -29.39 35.07 60.90
C ILE AA 58 -29.79 34.60 59.52
N ALA AA 59 -31.01 34.10 59.38
CA ALA AA 59 -31.48 33.67 58.06
C ALA AA 59 -31.51 34.85 57.08
N LYS AA 60 -32.01 36.00 57.53
CA LYS AA 60 -32.03 37.18 56.67
C LYS AA 60 -30.62 37.62 56.32
N ILE AA 61 -29.71 37.60 57.29
CA ILE AA 61 -28.33 37.98 57.01
C ILE AA 61 -27.71 37.04 55.98
N LEU AA 62 -27.92 35.74 56.13
CA LEU AA 62 -27.35 34.79 55.19
C LEU AA 62 -27.94 34.98 53.80
N GLY AA 63 -29.25 35.21 53.70
CA GLY AA 63 -29.86 35.46 52.41
C GLY AA 63 -29.29 36.70 51.74
N ASP AA 64 -29.13 37.78 52.51
CA ASP AA 64 -28.54 39.00 51.97
C ASP AA 64 -27.12 38.76 51.50
N VAL AA 65 -26.34 37.99 52.26
CA VAL AA 65 -24.96 37.72 51.87
C VAL AA 65 -24.91 36.89 50.58
N VAL AA 66 -25.81 35.91 50.46
CA VAL AA 66 -25.84 35.10 49.23
C VAL AA 66 -26.18 35.96 48.03
N SER AA 67 -27.20 36.81 48.17
CA SER AA 67 -27.56 37.69 47.07
C SER AA 67 -26.43 38.64 46.73
N MET AA 68 -25.72 39.12 47.76
CA MET AA 68 -24.64 40.07 47.57
C MET AA 68 -23.49 39.44 46.79
N SER AA 69 -23.05 38.27 47.22
CA SER AA 69 -21.98 37.57 46.51
C SER AA 69 -22.41 37.23 45.09
N LYS AA 70 -23.66 36.79 44.90
CA LYS AA 70 -24.15 36.56 43.55
C LYS AA 70 -24.09 37.83 42.73
N LEU AA 71 -24.29 38.99 43.35
CA LEU AA 71 -24.07 40.26 42.67
C LEU AA 71 -22.60 40.51 42.40
N MET AA 72 -21.69 39.84 43.11
CA MET AA 72 -20.27 39.97 42.83
C MET AA 72 -19.63 38.76 42.18
N GLY AA 73 -20.09 37.54 42.50
CA GLY AA 73 -19.54 36.34 41.92
C GLY AA 73 -20.25 35.08 42.37
N ALA AA 74 -20.43 34.13 41.45
CA ALA AA 74 -21.25 32.95 41.73
C ALA AA 74 -20.72 32.20 42.95
N LYS AA 75 -21.64 31.76 43.80
CA LYS AA 75 -21.28 31.15 45.08
C LYS AA 75 -22.04 29.86 45.28
N VAL AA 76 -21.55 29.06 46.23
CA VAL AA 76 -22.16 27.80 46.63
C VAL AA 76 -22.02 27.67 48.14
N VAL AA 77 -23.13 27.83 48.86
CA VAL AA 77 -23.11 27.56 50.30
C VAL AA 77 -23.18 26.04 50.50
N VAL AA 78 -22.01 25.42 50.58
CA VAL AA 78 -21.90 23.97 50.36
C VAL AA 78 -22.67 23.20 51.43
N THR AA 79 -22.54 23.61 52.69
CA THR AA 79 -22.99 22.75 53.77
C THR AA 79 -24.51 22.71 53.83
N GLY AA 80 -25.05 21.51 53.85
CA GLY AA 80 -26.48 21.36 54.07
C GLY AA 80 -26.82 21.92 55.43
N ILE AA 81 -27.67 22.96 55.43
CA ILE AA 81 -28.15 23.52 56.68
C ILE AA 81 -28.92 22.44 57.42
N GLN AA 82 -28.63 22.28 58.71
CA GLN AA 82 -29.12 21.14 59.47
C GLN AA 82 -30.65 21.13 59.48
N PRO AA 83 -31.27 19.95 59.53
CA PRO AA 83 -32.71 19.85 59.25
C PRO AA 83 -33.58 20.78 60.06
N ALA AA 84 -33.34 20.91 61.37
CA ALA AA 84 -34.13 21.82 62.17
C ALA AA 84 -33.94 23.26 61.70
N VAL AA 85 -32.68 23.69 61.61
CA VAL AA 85 -32.43 25.03 61.09
C VAL AA 85 -32.68 25.12 59.59
N ALA AA 86 -32.68 23.99 58.88
CA ALA AA 86 -33.10 24.03 57.48
C ALA AA 86 -34.56 24.44 57.35
N ILE AA 87 -35.45 23.78 58.10
CA ILE AA 87 -36.85 24.17 58.03
C ILE AA 87 -37.07 25.54 58.63
N THR AA 88 -36.28 25.91 59.65
CA THR AA 88 -36.37 27.26 60.20
C THR AA 88 -36.03 28.30 59.14
N LEU AA 89 -35.01 28.02 58.32
CA LEU AA 89 -34.67 28.91 57.23
C LEU AA 89 -35.78 28.95 56.18
N ILE AA 90 -36.34 27.79 55.84
CA ILE AA 90 -37.27 27.76 54.72
C ILE AA 90 -38.64 28.34 55.08
N GLU AA 91 -39.03 28.32 56.36
CA GLU AA 91 -40.36 28.79 56.71
C GLU AA 91 -40.51 30.29 56.45
N LEU AA 92 -39.45 31.07 56.67
CA LEU AA 92 -39.50 32.52 56.51
C LEU AA 92 -38.57 33.05 55.45
N GLY AA 93 -37.39 32.45 55.29
CA GLY AA 93 -36.49 32.84 54.22
C GLY AA 93 -36.77 32.04 52.97
N ILE AA 94 -37.89 32.34 52.30
CA ILE AA 94 -38.32 31.54 51.17
C ILE AA 94 -37.57 31.98 49.93
N THR AA 95 -36.39 31.40 49.73
CA THR AA 95 -35.54 31.68 48.57
C THR AA 95 -34.81 30.40 48.20
N PHE AA 96 -34.34 30.34 46.95
CA PHE AA 96 -33.56 29.19 46.53
C PHE AA 96 -32.18 29.18 47.20
N SER AA 97 -31.65 30.36 47.52
CA SER AA 97 -30.42 30.52 48.29
C SER AA 97 -29.25 29.80 47.63
N GLY AA 98 -28.99 30.18 46.37
CA GLY AA 98 -27.82 29.66 45.68
C GLY AA 98 -27.88 28.16 45.43
N VAL AA 99 -26.71 27.55 45.36
CA VAL AA 99 -26.56 26.13 45.07
C VAL AA 99 -25.91 25.47 46.28
N LEU AA 100 -26.36 24.26 46.62
CA LEU AA 100 -25.85 23.57 47.79
C LEU AA 100 -25.38 22.17 47.37
N SER AA 101 -24.58 21.55 48.23
CA SER AA 101 -23.90 20.31 47.85
C SER AA 101 -23.94 19.27 48.96
N ALA AA 102 -25.11 19.12 49.59
CA ALA AA 102 -25.40 17.97 50.46
C ALA AA 102 -24.32 17.74 51.52
N MET AA 103 -23.92 18.84 52.16
CA MET AA 103 -23.03 18.82 53.32
C MET AA 103 -21.61 18.37 52.97
N ASP AA 104 -21.39 17.93 51.73
CA ASP AA 104 -20.10 17.41 51.32
C ASP AA 104 -19.30 18.57 50.75
N LEU AA 105 -18.42 19.14 51.58
CA LEU AA 105 -17.60 20.26 51.11
C LEU AA 105 -16.72 19.85 49.94
N GLU AA 106 -16.32 18.57 49.89
CA GLU AA 106 -15.66 18.06 48.69
C GLU AA 106 -16.59 18.15 47.48
N SER AA 107 -17.87 17.80 47.66
CA SER AA 107 -18.82 17.89 46.56
C SER AA 107 -19.01 19.34 46.13
N GLY AA 108 -19.06 20.26 47.09
CA GLY AA 108 -19.17 21.67 46.73
C GLY AA 108 -17.96 22.16 45.96
N LEU AA 109 -16.76 21.78 46.41
CA LEU AA 109 -15.56 22.19 45.68
C LEU AA 109 -15.54 21.61 44.28
N GLU AA 110 -15.93 20.34 44.11
CA GLU AA 110 -15.89 19.74 42.79
C GLU AA 110 -16.95 20.33 41.88
N LYS AA 111 -18.12 20.65 42.43
CA LYS AA 111 -19.15 21.34 41.64
C LYS AA 111 -18.67 22.73 41.21
N LEU AA 112 -18.00 23.45 42.12
CA LEU AA 112 -17.47 24.76 41.78
C LEU AA 112 -16.41 24.64 40.68
N LYS AA 113 -15.54 23.64 40.79
CA LYS AA 113 -14.52 23.43 39.77
C LYS AA 113 -15.14 23.07 38.42
N GLN AA 114 -16.19 22.24 38.43
CA GLN AA 114 -16.78 21.84 37.15
C GLN AA 114 -17.56 22.98 36.52
N GLU AA 115 -18.19 23.84 37.32
CA GLU AA 115 -18.89 24.98 36.73
C GLU AA 115 -17.92 26.08 36.31
N LEU AA 116 -16.72 26.14 36.90
CA LEU AA 116 -15.73 27.13 36.49
C LEU AA 116 -14.91 26.67 35.29
N GLY AA 117 -14.68 25.37 35.15
CA GLY AA 117 -13.87 24.88 34.05
C GLY AA 117 -14.50 25.13 32.69
N GLU AA 118 -15.83 25.04 32.62
CA GLU AA 118 -16.53 25.28 31.37
C GLU AA 118 -16.45 26.74 30.96
N MET BA 1 -13.88 26.09 68.94
CA MET BA 1 -14.25 27.49 68.81
C MET BA 1 -13.24 28.25 67.94
N GLY BA 2 -11.95 28.01 68.19
CA GLY BA 2 -10.89 28.60 67.41
C GLY BA 2 -10.15 27.65 66.50
N ILE BA 3 -10.67 26.46 66.27
CA ILE BA 3 -9.98 25.43 65.48
C ILE BA 3 -10.89 25.01 64.34
N PRO BA 4 -10.93 25.75 63.24
CA PRO BA 4 -11.80 25.39 62.12
C PRO BA 4 -11.21 24.28 61.26
N ILE BA 5 -11.45 23.03 61.64
CA ILE BA 5 -10.96 21.90 60.87
C ILE BA 5 -11.82 21.77 59.61
N LEU BA 6 -11.18 21.83 58.44
CA LEU BA 6 -11.86 21.66 57.17
C LEU BA 6 -11.28 20.46 56.43
N LYS BA 7 -12.17 19.65 55.86
CA LYS BA 7 -11.78 18.55 54.98
C LYS BA 7 -12.26 18.86 53.58
N LEU BA 8 -11.33 18.88 52.63
CA LEU BA 8 -11.65 19.11 51.23
C LEU BA 8 -10.78 18.20 50.38
N GLY BA 9 -11.39 17.57 49.38
CA GLY BA 9 -10.66 16.60 48.61
C GLY BA 9 -10.14 15.48 49.50
N GLU BA 10 -8.98 14.96 49.14
CA GLU BA 10 -8.28 13.98 49.98
C GLU BA 10 -7.25 14.66 50.87
N CYS BA 11 -7.63 15.71 51.58
CA CYS BA 11 -6.69 16.51 52.34
C CYS BA 11 -7.36 16.99 53.61
N LEU BA 12 -6.69 17.89 54.32
CA LEU BA 12 -7.22 18.54 55.51
C LEU BA 12 -6.61 19.92 55.61
N LEU BA 13 -7.44 20.92 55.92
CA LEU BA 13 -7.02 22.31 55.98
C LEU BA 13 -7.29 22.88 57.35
N ILE BA 14 -6.39 23.73 57.82
CA ILE BA 14 -6.50 24.38 59.12
C ILE BA 14 -6.07 25.83 58.97
N SER BA 15 -6.81 26.72 59.63
CA SER BA 15 -6.42 28.12 59.75
C SER BA 15 -6.34 28.50 61.22
N ILE BA 16 -5.28 29.21 61.59
CA ILE BA 16 -5.01 29.58 62.98
C ILE BA 16 -5.30 31.07 63.16
N GLN BA 17 -6.15 31.39 64.15
CA GLN BA 17 -6.51 32.78 64.41
C GLN BA 17 -6.58 33.11 65.89
N SER BA 18 -5.98 32.31 66.78
CA SER BA 18 -6.07 32.55 68.21
C SER BA 18 -4.85 33.29 68.78
N GLU BA 19 -3.64 32.90 68.35
CA GLU BA 19 -2.36 33.38 68.86
C GLU BA 19 -2.25 33.37 70.39
N LEU BA 20 -3.11 32.65 71.09
CA LEU BA 20 -2.93 32.56 72.53
C LEU BA 20 -1.86 31.52 72.85
N ASP BA 21 -1.38 31.53 74.11
CA ASP BA 21 -0.15 30.82 74.45
C ASP BA 21 -0.37 29.37 74.84
N ASP BA 22 -1.13 29.12 75.92
CA ASP BA 22 -1.24 27.78 76.47
C ASP BA 22 -2.55 27.10 76.10
N HIS BA 23 -3.69 27.72 76.44
CA HIS BA 23 -4.98 27.06 76.29
C HIS BA 23 -5.28 26.77 74.83
N THR BA 24 -5.13 27.77 73.95
CA THR BA 24 -5.39 27.55 72.54
C THR BA 24 -4.41 26.55 71.96
N ALA BA 25 -3.15 26.60 72.39
CA ALA BA 25 -2.16 25.65 71.89
C ALA BA 25 -2.57 24.22 72.21
N VAL BA 26 -2.93 23.94 73.47
CA VAL BA 26 -3.25 22.56 73.85
C VAL BA 26 -4.57 22.12 73.22
N GLU BA 27 -5.56 23.02 73.16
CA GLU BA 27 -6.84 22.61 72.57
C GLU BA 27 -6.68 22.35 71.08
N PHE BA 28 -5.87 23.16 70.39
CA PHE BA 28 -5.57 22.90 68.99
C PHE BA 28 -4.84 21.59 68.81
N GLN BA 29 -3.85 21.31 69.67
CA GLN BA 29 -3.17 20.01 69.63
C GLN BA 29 -4.18 18.89 69.68
N GLU BA 30 -5.05 18.91 70.71
CA GLU BA 30 -5.96 17.80 70.93
C GLU BA 30 -7.00 17.71 69.83
N ASP BA 31 -7.51 18.84 69.35
CA ASP BA 31 -8.50 18.81 68.29
C ASP BA 31 -7.90 18.29 66.99
N LEU BA 32 -6.69 18.73 66.65
CA LEU BA 32 -6.07 18.26 65.42
C LEU BA 32 -5.79 16.76 65.49
N LEU BA 33 -5.28 16.29 66.62
CA LEU BA 33 -5.03 14.86 66.76
C LEU BA 33 -6.32 14.07 66.65
N ALA BA 34 -7.38 14.52 67.33
CA ALA BA 34 -8.64 13.80 67.27
C ALA BA 34 -9.21 13.79 65.86
N LYS BA 35 -9.10 14.90 65.13
CA LYS BA 35 -9.63 14.95 63.78
C LYS BA 35 -8.85 14.05 62.84
N ILE BA 36 -7.51 14.08 62.93
CA ILE BA 36 -6.71 13.27 62.03
C ILE BA 36 -6.86 11.78 62.36
N HIS BA 37 -7.15 11.45 63.62
CA HIS BA 37 -7.44 10.06 63.95
C HIS BA 37 -8.83 9.66 63.48
N GLU BA 38 -9.78 10.58 63.54
CA GLU BA 38 -11.15 10.29 63.11
C GLU BA 38 -11.21 10.09 61.60
N THR BA 39 -10.87 11.13 60.84
CA THR BA 39 -10.86 11.04 59.39
C THR BA 39 -9.43 10.81 58.91
N SER BA 40 -9.27 9.90 57.96
CA SER BA 40 -7.95 9.52 57.46
C SER BA 40 -7.67 10.32 56.19
N ALA BA 41 -6.88 11.39 56.35
CA ALA BA 41 -6.43 12.20 55.23
C ALA BA 41 -4.91 12.17 55.17
N ARG BA 42 -4.37 11.85 53.99
CA ARG BA 42 -2.93 11.70 53.88
C ARG BA 42 -2.20 13.01 54.12
N GLY BA 43 -2.75 14.12 53.64
CA GLY BA 43 -2.10 15.40 53.83
C GLY BA 43 -2.90 16.38 54.66
N VAL BA 44 -2.25 17.00 55.64
CA VAL BA 44 -2.87 18.03 56.48
C VAL BA 44 -2.09 19.31 56.27
N VAL BA 45 -2.82 20.44 56.23
CA VAL BA 45 -2.26 21.73 55.90
C VAL BA 45 -2.58 22.70 57.03
N ILE BA 46 -1.59 23.46 57.46
CA ILE BA 46 -1.71 24.36 58.60
C ILE BA 46 -1.40 25.78 58.16
N ASP BA 47 -2.15 26.74 58.68
CA ASP BA 47 -1.99 28.15 58.35
C ASP BA 47 -1.47 28.92 59.55
N ILE BA 48 -0.46 29.77 59.32
CA ILE BA 48 0.12 30.59 60.38
C ILE BA 48 0.11 32.06 59.95
N THR BA 49 -0.76 32.40 58.99
CA THR BA 49 -0.76 33.77 58.47
C THR BA 49 -1.11 34.79 59.54
N SER BA 50 -2.15 34.52 60.34
CA SER BA 50 -2.64 35.51 61.28
C SER BA 50 -1.61 35.83 62.36
N ILE BA 51 -0.73 34.89 62.68
CA ILE BA 51 0.19 35.05 63.80
C ILE BA 51 1.38 35.91 63.37
N ASP BA 52 1.82 36.79 64.27
CA ASP BA 52 3.05 37.56 64.09
C ASP BA 52 3.94 37.55 65.33
N PHE BA 53 3.60 36.79 66.36
CA PHE BA 53 4.41 36.75 67.58
C PHE BA 53 4.23 35.39 68.23
N ILE BA 54 5.35 34.67 68.41
CA ILE BA 54 5.34 33.33 68.99
C ILE BA 54 6.49 33.20 69.97
N ASP BA 55 6.21 32.67 71.15
CA ASP BA 55 7.23 32.40 72.16
C ASP BA 55 7.73 30.97 72.01
N SER BA 56 8.49 30.49 73.01
CA SER BA 56 9.05 29.15 72.94
C SER BA 56 7.97 28.08 72.99
N PHE BA 57 6.94 28.29 73.82
CA PHE BA 57 5.94 27.25 74.03
C PHE BA 57 5.21 26.90 72.74
N ILE BA 58 4.77 27.93 72.01
CA ILE BA 58 4.01 27.66 70.78
C ILE BA 58 4.91 27.04 69.73
N ALA BA 59 6.17 27.48 69.64
CA ALA BA 59 7.08 26.90 68.66
C ALA BA 59 7.31 25.42 68.95
N LYS BA 60 7.53 25.08 70.21
CA LYS BA 60 7.70 23.68 70.58
C LYS BA 60 6.43 22.89 70.29
N ILE BA 61 5.26 23.46 70.59
CA ILE BA 61 4.01 22.76 70.35
C ILE BA 61 3.78 22.56 68.86
N LEU BA 62 4.18 23.53 68.04
CA LEU BA 62 4.01 23.41 66.59
C LEU BA 62 4.93 22.35 66.03
N GLY BA 63 6.20 22.32 66.45
CA GLY BA 63 7.06 21.21 66.06
C GLY BA 63 6.52 19.88 66.53
N ASP BA 64 5.92 19.87 67.72
CA ASP BA 64 5.29 18.64 68.22
C ASP BA 64 4.14 18.22 67.34
N VAL BA 65 3.34 19.19 66.85
CA VAL BA 65 2.26 18.88 65.91
C VAL BA 65 2.82 18.32 64.62
N VAL BA 66 3.91 18.90 64.14
CA VAL BA 66 4.54 18.40 62.92
C VAL BA 66 4.89 16.93 63.07
N SER BA 67 5.59 16.59 64.16
CA SER BA 67 5.92 15.18 64.41
C SER BA 67 4.65 14.35 64.59
N MET BA 68 3.68 14.90 65.33
CA MET BA 68 2.42 14.23 65.61
C MET BA 68 1.69 13.72 64.40
N SER BA 69 1.34 14.62 63.50
CA SER BA 69 0.60 14.21 62.32
C SER BA 69 1.51 13.77 61.18
N LYS BA 70 2.84 13.88 61.33
CA LYS BA 70 3.73 13.20 60.42
C LYS BA 70 3.79 11.72 60.73
N LEU BA 71 3.55 11.34 61.98
CA LEU BA 71 3.43 9.92 62.31
C LEU BA 71 2.17 9.28 61.74
N MET BA 72 1.35 10.00 60.95
CA MET BA 72 0.22 9.38 60.28
C MET BA 72 -0.01 9.91 58.86
N GLY BA 73 0.85 10.78 58.35
CA GLY BA 73 0.68 11.29 57.00
C GLY BA 73 1.50 12.53 56.75
N ALA BA 74 1.81 12.75 55.48
CA ALA BA 74 2.61 13.92 55.11
C ALA BA 74 1.83 15.20 55.37
N LYS BA 75 2.56 16.32 55.41
CA LYS BA 75 1.93 17.59 55.69
C LYS BA 75 2.76 18.72 55.11
N VAL BA 76 2.15 19.90 55.06
CA VAL BA 76 2.84 21.13 54.68
C VAL BA 76 2.39 22.25 55.62
N VAL BA 77 3.35 23.03 56.12
CA VAL BA 77 3.04 24.27 56.83
C VAL BA 77 2.99 25.35 55.76
N VAL BA 78 1.82 25.48 55.13
CA VAL BA 78 1.74 26.20 53.86
C VAL BA 78 2.08 27.66 54.03
N THR BA 79 1.57 28.30 55.08
CA THR BA 79 1.70 29.73 55.21
C THR BA 79 3.10 30.10 55.68
N GLY BA 80 3.71 31.06 54.99
CA GLY BA 80 5.04 31.49 55.34
C GLY BA 80 5.10 31.99 56.75
N ILE BA 81 5.82 31.26 57.60
CA ILE BA 81 6.07 31.71 58.95
C ILE BA 81 6.74 33.09 58.88
N GLN BA 82 6.08 34.09 59.44
CA GLN BA 82 6.50 35.48 59.31
C GLN BA 82 7.93 35.66 59.82
N PRO BA 83 8.63 36.68 59.32
CA PRO BA 83 10.06 36.82 59.65
C PRO BA 83 10.38 36.76 61.13
N ALA BA 84 9.63 37.47 61.97
CA ALA BA 84 9.90 37.44 63.41
C ALA BA 84 9.66 36.05 63.97
N VAL BA 85 8.48 35.47 63.68
CA VAL BA 85 8.19 34.13 64.17
C VAL BA 85 9.06 33.09 63.50
N ALA BA 86 9.45 33.29 62.24
CA ALA BA 86 10.39 32.36 61.62
C ALA BA 86 11.73 32.36 62.34
N ILE BA 87 12.25 33.54 62.67
CA ILE BA 87 13.52 33.64 63.39
C ILE BA 87 13.40 32.99 64.75
N THR BA 88 12.31 33.25 65.47
CA THR BA 88 12.11 32.63 66.77
C THR BA 88 12.04 31.12 66.66
N LEU BA 89 11.37 30.61 65.62
CA LEU BA 89 11.27 29.17 65.43
C LEU BA 89 12.64 28.56 65.17
N ILE BA 90 13.47 29.26 64.39
CA ILE BA 90 14.82 28.74 64.11
C ILE BA 90 15.65 28.70 65.38
N GLU BA 91 15.69 29.81 66.11
CA GLU BA 91 16.56 29.89 67.26
C GLU BA 91 16.14 28.97 68.40
N LEU BA 92 14.87 28.56 68.43
CA LEU BA 92 14.37 27.70 69.50
C LEU BA 92 13.93 26.33 68.99
N GLY BA 93 13.01 26.30 68.02
CA GLY BA 93 12.54 25.04 67.47
C GLY BA 93 13.38 24.56 66.31
N ILE BA 94 14.58 24.09 66.58
CA ILE BA 94 15.54 23.76 65.54
C ILE BA 94 15.10 22.49 64.83
N THR BA 95 14.48 22.63 63.66
CA THR BA 95 14.05 21.51 62.84
C THR BA 95 13.67 22.04 61.46
N PHE BA 96 13.52 21.12 60.52
CA PHE BA 96 13.09 21.48 59.17
C PHE BA 96 11.59 21.64 59.05
N SER BA 97 10.83 21.19 60.04
CA SER BA 97 9.39 21.44 60.13
C SER BA 97 8.63 20.91 58.91
N GLY BA 98 9.02 19.74 58.43
CA GLY BA 98 8.29 19.13 57.33
C GLY BA 98 8.44 19.87 56.02
N VAL BA 99 7.50 19.58 55.12
CA VAL BA 99 7.41 20.27 53.84
C VAL BA 99 6.73 21.62 54.04
N LEU BA 100 7.12 22.62 53.25
CA LEU BA 100 6.62 23.98 53.40
C LEU BA 100 6.21 24.54 52.04
N SER BA 101 5.37 25.59 52.07
CA SER BA 101 4.84 26.14 50.83
C SER BA 101 4.85 27.66 50.72
N ALA BA 102 5.25 28.41 51.76
CA ALA BA 102 5.61 29.83 51.64
C ALA BA 102 4.44 30.69 51.15
N MET BA 103 3.42 30.79 51.98
CA MET BA 103 2.38 31.81 52.00
C MET BA 103 1.32 31.66 50.91
N ASP BA 104 1.46 30.74 49.97
CA ASP BA 104 0.45 30.57 48.92
C ASP BA 104 -0.28 29.27 49.20
N LEU BA 105 -1.47 29.38 49.79
CA LEU BA 105 -2.20 28.16 50.16
C LEU BA 105 -2.62 27.40 48.90
N GLU BA 106 -2.83 28.11 47.79
CA GLU BA 106 -3.03 27.41 46.53
C GLU BA 106 -1.79 26.61 46.15
N SER BA 107 -0.61 27.19 46.35
CA SER BA 107 0.62 26.47 46.05
C SER BA 107 0.78 25.24 46.94
N GLY BA 108 0.47 25.38 48.23
CA GLY BA 108 0.55 24.24 49.12
C GLY BA 108 -0.43 23.15 48.76
N LEU BA 109 -1.67 23.53 48.45
CA LEU BA 109 -2.66 22.54 48.04
C LEU BA 109 -2.23 21.84 46.77
N GLU BA 110 -1.70 22.59 45.81
CA GLU BA 110 -1.23 21.99 44.56
C GLU BA 110 -0.07 21.03 44.81
N LYS BA 111 0.87 21.42 45.67
CA LYS BA 111 1.99 20.56 45.98
C LYS BA 111 1.53 19.27 46.64
N LEU BA 112 0.60 19.37 47.60
CA LEU BA 112 0.10 18.18 48.27
C LEU BA 112 -0.69 17.31 47.30
N LYS BA 113 -1.45 17.93 46.41
CA LYS BA 113 -2.20 17.18 45.40
C LYS BA 113 -1.27 16.40 44.49
N GLN BA 114 -0.18 17.04 44.04
CA GLN BA 114 0.72 16.34 43.13
C GLN BA 114 1.55 15.30 43.86
N GLU BA 115 1.80 15.51 45.15
CA GLU BA 115 2.51 14.50 45.93
C GLU BA 115 1.63 13.28 46.18
N LEU BA 116 0.33 13.49 46.40
CA LEU BA 116 -0.58 12.37 46.60
C LEU BA 116 -0.93 11.65 45.30
N GLY BA 117 -1.01 12.40 44.19
CA GLY BA 117 -1.36 11.77 42.92
C GLY BA 117 -0.32 10.76 42.46
N GLU BA 118 0.95 11.05 42.71
CA GLU BA 118 2.03 10.16 42.33
C GLU BA 118 2.25 9.08 43.40
N MET CA 1 -8.49 -2.79 125.12
CA MET CA 1 -7.42 -3.11 126.06
C MET CA 1 -6.24 -3.76 125.33
N TYR CA 2 -5.42 -2.93 124.70
CA TYR CA 2 -4.23 -3.39 123.98
C TYR CA 2 -2.92 -2.90 124.58
N LYS CA 3 -2.98 -2.16 125.70
CA LYS CA 3 -1.74 -1.68 126.32
C LYS CA 3 -0.96 -2.83 126.94
N ASP CA 4 -1.60 -3.59 127.84
CA ASP CA 4 -0.95 -4.75 128.41
C ASP CA 4 -0.71 -5.83 127.36
N PHE CA 5 -1.56 -5.88 126.33
CA PHE CA 5 -1.31 -6.77 125.21
C PHE CA 5 0.00 -6.43 124.51
N ALA CA 6 0.24 -5.14 124.27
CA ALA CA 6 1.51 -4.72 123.67
C ALA CA 6 2.68 -5.01 124.60
N ASN CA 7 2.49 -4.79 125.90
CA ASN CA 7 3.55 -5.08 126.86
C ASN CA 7 3.92 -6.56 126.84
N PHE CA 8 2.92 -7.44 126.75
CA PHE CA 8 3.19 -8.88 126.71
C PHE CA 8 3.78 -9.30 125.36
N ILE CA 9 3.36 -8.68 124.27
CA ILE CA 9 3.94 -8.99 122.97
C ILE CA 9 5.40 -8.56 122.91
N ARG CA 10 5.75 -7.47 123.59
CA ARG CA 10 7.14 -7.03 123.62
C ARG CA 10 8.07 -8.08 124.21
N THR CA 11 7.55 -9.01 125.01
CA THR CA 11 8.33 -10.14 125.50
C THR CA 11 8.09 -11.42 124.71
N ASN CA 12 6.89 -11.62 124.18
CA ASN CA 12 6.56 -12.80 123.40
C ASN CA 12 7.17 -12.77 121.99
N LYS CA 13 7.73 -11.62 121.57
CA LYS CA 13 8.40 -11.57 120.29
C LYS CA 13 9.57 -12.53 120.23
N LYS CA 14 10.31 -12.68 121.34
CA LYS CA 14 11.41 -13.63 121.37
C LYS CA 14 10.91 -15.06 121.24
N ASP CA 15 9.78 -15.38 121.87
CA ASP CA 15 9.19 -16.71 121.72
C ASP CA 15 8.74 -16.95 120.28
N LEU CA 16 8.18 -15.93 119.64
CA LEU CA 16 7.80 -16.06 118.24
C LEU CA 16 9.01 -16.29 117.35
N LEU CA 17 10.12 -15.60 117.63
CA LEU CA 17 11.35 -15.85 116.87
C LEU CA 17 11.88 -17.25 117.12
N ASN CA 18 11.82 -17.72 118.37
CA ASN CA 18 12.19 -19.09 118.68
C ASN CA 18 11.37 -20.06 117.85
N ASN CA 19 10.06 -19.82 117.76
CA ASN CA 19 9.20 -20.58 116.86
C ASN CA 19 9.72 -20.51 115.43
N TRP CA 20 10.17 -19.34 115.00
CA TRP CA 20 10.58 -19.15 113.62
C TRP CA 20 11.80 -20.01 113.27
N MET CA 21 12.85 -19.99 114.10
CA MET CA 21 13.92 -20.90 113.71
C MET CA 21 13.66 -22.34 114.16
N ASN CA 22 12.57 -22.59 114.91
CA ASN CA 22 12.12 -23.97 115.06
C ASN CA 22 11.49 -24.47 113.77
N GLU CA 23 10.84 -23.59 113.01
CA GLU CA 23 10.05 -23.99 111.85
C GLU CA 23 10.84 -24.03 110.55
N MET CA 24 11.98 -23.37 110.45
CA MET CA 24 12.71 -23.38 109.19
C MET CA 24 13.45 -24.69 108.94
N GLU CA 25 13.62 -25.52 109.97
CA GLU CA 25 14.34 -26.78 109.79
C GLU CA 25 13.50 -27.83 109.08
N LYS CA 26 12.19 -27.82 109.27
CA LYS CA 26 11.36 -28.93 108.79
C LYS CA 26 11.29 -28.97 107.27
N GLN CA 27 11.18 -27.82 106.61
CA GLN CA 27 10.96 -27.79 105.17
C GLN CA 27 11.86 -26.76 104.52
N SER CA 28 12.67 -27.21 103.56
CA SER CA 28 13.48 -26.35 102.68
C SER CA 28 14.27 -25.32 103.48
N ASP CA 29 15.07 -25.82 104.42
CA ASP CA 29 15.85 -24.93 105.28
C ASP CA 29 16.82 -24.05 104.50
N PRO CA 30 17.68 -24.57 103.61
CA PRO CA 30 18.58 -23.67 102.88
C PRO CA 30 17.86 -22.66 102.00
N LEU CA 31 16.80 -23.08 101.31
CA LEU CA 31 16.06 -22.15 100.45
C LEU CA 31 15.38 -21.07 101.27
N ILE CA 32 14.74 -21.44 102.38
CA ILE CA 32 14.08 -20.45 103.24
C ILE CA 32 15.11 -19.48 103.80
N ASN CA 33 16.26 -19.98 104.24
CA ASN CA 33 17.29 -19.10 104.78
C ASN CA 33 17.84 -18.16 103.71
N ASP CA 34 17.97 -18.65 102.47
CA ASP CA 34 18.56 -17.83 101.42
C ASP CA 34 17.59 -16.75 100.94
N ILE CA 35 16.31 -17.10 100.76
CA ILE CA 35 15.36 -16.13 100.24
C ILE CA 35 15.14 -14.99 101.23
N ALA CA 36 15.16 -15.29 102.53
CA ALA CA 36 15.02 -14.27 103.57
C ALA CA 36 15.97 -14.61 104.71
N LYS CA 37 16.92 -13.73 104.97
CA LYS CA 37 17.88 -13.97 106.03
C LYS CA 37 17.21 -13.87 107.39
N GLU CA 38 17.87 -14.44 108.40
CA GLU CA 38 17.29 -14.47 109.75
C GLU CA 38 17.03 -13.09 110.32
N PRO CA 39 17.96 -12.13 110.29
CA PRO CA 39 17.65 -10.82 110.90
C PRO CA 39 16.50 -10.09 110.21
N MET CA 40 16.47 -10.06 108.88
CA MET CA 40 15.39 -9.38 108.17
C MET CA 40 14.05 -10.03 108.45
N TYR CA 41 14.00 -11.36 108.40
CA TYR CA 41 12.76 -12.07 108.67
C TYR CA 41 12.29 -11.83 110.10
N GLU CA 42 13.22 -11.86 111.06
CA GLU CA 42 12.87 -11.63 112.46
C GLU CA 42 12.33 -10.24 112.68
N GLU CA 43 13.00 -9.23 112.11
CA GLU CA 43 12.54 -7.86 112.31
C GLU CA 43 11.20 -7.62 111.63
N THR CA 44 11.00 -8.17 110.43
CA THR CA 44 9.71 -8.03 109.77
C THR CA 44 8.60 -8.71 110.57
N SER CA 45 8.88 -9.91 111.10
CA SER CA 45 7.86 -10.62 111.88
C SER CA 45 7.51 -9.88 113.16
N ILE CA 46 8.53 -9.38 113.88
CA ILE CA 46 8.24 -8.69 115.14
C ILE CA 46 7.52 -7.37 114.87
N GLU CA 47 7.88 -6.66 113.80
CA GLU CA 47 7.17 -5.45 113.45
C GLU CA 47 5.71 -5.75 113.10
N PHE CA 48 5.48 -6.81 112.34
CA PHE CA 48 4.11 -7.17 111.97
C PHE CA 48 3.30 -7.54 113.21
N VAL CA 49 3.90 -8.25 114.16
CA VAL CA 49 3.13 -8.72 115.31
C VAL CA 49 3.00 -7.66 116.40
N ASP CA 50 3.83 -6.60 116.40
CA ASP CA 50 3.66 -5.56 117.41
C ASP CA 50 3.07 -4.27 116.87
N LEU CA 51 2.86 -4.15 115.55
CA LEU CA 51 2.11 -3.01 115.04
C LEU CA 51 0.60 -3.16 115.24
N ILE CA 52 0.10 -4.41 115.22
CA ILE CA 52 -1.32 -4.64 115.49
C ILE CA 52 -1.64 -4.29 116.94
N VAL CA 53 -0.70 -4.55 117.86
CA VAL CA 53 -0.96 -4.38 119.29
C VAL CA 53 -0.80 -2.93 119.75
N SER CA 54 -0.36 -2.04 118.86
CA SER CA 54 -0.19 -0.63 119.20
C SER CA 54 -1.40 0.23 118.83
N ASN CA 55 -2.44 -0.37 118.26
CA ASN CA 55 -3.66 0.35 117.91
C ASN CA 55 -4.66 0.28 119.07
N ILE CA 56 -5.58 1.23 119.08
CA ILE CA 56 -6.51 1.38 120.21
C ILE CA 56 -7.72 0.51 119.91
N THR CA 57 -7.56 -0.80 120.16
CA THR CA 57 -8.64 -1.75 120.38
C THR CA 57 -9.47 -2.00 119.12
N GLU CA 58 -9.26 -1.23 118.06
CA GLU CA 58 -10.10 -1.37 116.87
C GLU CA 58 -9.31 -1.82 115.63
N ASN CA 59 -8.32 -1.03 115.19
CA ASN CA 59 -7.61 -1.29 113.95
C ASN CA 59 -6.56 -0.20 113.76
N GLY CA 60 -5.74 -0.37 112.72
CA GLY CA 60 -4.80 0.66 112.32
C GLY CA 60 -4.69 0.77 110.81
N SER CA 61 -4.95 1.97 110.27
CA SER CA 61 -4.82 2.16 108.83
C SER CA 61 -3.38 1.99 108.37
N LYS CA 62 -2.44 2.54 109.14
CA LYS CA 62 -1.03 2.29 108.84
C LYS CA 62 -0.70 0.82 108.99
N PHE CA 63 -1.26 0.15 110.01
CA PHE CA 63 -1.10 -1.29 110.12
C PHE CA 63 -1.81 -2.01 108.99
N ASN CA 64 -2.91 -1.47 108.48
CA ASN CA 64 -3.58 -2.08 107.33
C ASN CA 64 -2.66 -2.06 106.11
N GLU CA 65 -2.03 -0.91 105.84
CA GLU CA 65 -1.09 -0.84 104.72
C GLU CA 65 0.11 -1.74 104.95
N LYS CA 66 0.62 -1.79 106.17
CA LYS CA 66 1.76 -2.65 106.47
C LYS CA 66 1.41 -4.13 106.33
N LEU CA 67 0.18 -4.51 106.71
CA LEU CA 67 -0.25 -5.90 106.56
C LEU CA 67 -0.42 -6.25 105.09
N ASP CA 68 -0.94 -5.32 104.29
CA ASP CA 68 -1.02 -5.57 102.85
C ASP CA 68 0.37 -5.74 102.24
N ASP CA 69 1.32 -4.89 102.67
CA ASP CA 69 2.70 -5.02 102.20
C ASP CA 69 3.30 -6.36 102.62
N PHE CA 70 3.04 -6.78 103.86
CA PHE CA 70 3.54 -8.07 104.35
C PHE CA 70 2.96 -9.21 103.54
N ALA CA 71 1.66 -9.15 103.24
CA ALA CA 71 1.01 -10.21 102.48
C ALA CA 71 1.59 -10.29 101.07
N GLU CA 72 1.75 -9.15 100.40
CA GLU CA 72 2.30 -9.19 99.05
C GLU CA 72 3.76 -9.63 99.06
N LYS CA 73 4.52 -9.23 100.09
CA LYS CA 73 5.91 -9.64 100.19
C LYS CA 73 6.04 -11.15 100.41
N VAL CA 74 5.19 -11.73 101.26
CA VAL CA 74 5.29 -13.17 101.48
C VAL CA 74 4.73 -13.93 100.28
N VAL CA 75 3.82 -13.33 99.52
CA VAL CA 75 3.35 -13.97 98.29
C VAL CA 75 4.47 -14.02 97.26
N HIS CA 76 5.16 -12.89 97.06
CA HIS CA 76 6.21 -12.84 96.05
C HIS CA 76 7.46 -13.60 96.47
N LEU CA 77 7.76 -13.63 97.77
CA LEU CA 77 9.02 -14.20 98.24
C LEU CA 77 9.02 -15.72 98.24
N GLY CA 78 7.85 -16.36 98.19
CA GLY CA 78 7.79 -17.81 98.14
C GLY CA 78 7.12 -18.44 99.35
N TRP CA 79 6.13 -17.75 99.92
CA TRP CA 79 5.38 -18.23 101.08
C TRP CA 79 3.89 -18.22 100.73
N PRO CA 80 3.40 -19.29 100.10
CA PRO CA 80 1.97 -19.35 99.76
C PRO CA 80 1.09 -19.58 100.97
N ILE CA 81 -0.22 -19.79 100.74
CA ILE CA 81 -1.17 -19.94 101.84
C ILE CA 81 -0.82 -21.15 102.70
N HIS CA 82 -0.23 -22.19 102.10
CA HIS CA 82 0.18 -23.35 102.89
C HIS CA 82 1.25 -22.97 103.91
N PHE CA 83 2.24 -22.19 103.48
CA PHE CA 83 3.30 -21.75 104.39
C PHE CA 83 2.74 -20.84 105.47
N VAL CA 84 1.81 -19.95 105.12
CA VAL CA 84 1.22 -19.05 106.11
C VAL CA 84 0.41 -19.85 107.13
N THR CA 85 -0.28 -20.91 106.68
CA THR CA 85 -1.05 -21.73 107.60
C THR CA 85 -0.14 -22.54 108.53
N THR CA 86 0.97 -23.06 107.99
CA THR CA 86 1.94 -23.73 108.86
C THR CA 86 2.52 -22.73 109.87
N GLY CA 87 2.76 -21.50 109.43
CA GLY CA 87 3.19 -20.46 110.36
C GLY CA 87 2.17 -20.20 111.44
N LEU CA 88 0.89 -20.17 111.09
CA LEU CA 88 -0.15 -20.00 112.09
C LEU CA 88 -0.16 -21.16 113.09
N ARG CA 89 -0.03 -22.38 112.59
CA ARG CA 89 -0.05 -23.54 113.48
C ARG CA 89 1.12 -23.52 114.46
N VAL CA 90 2.32 -23.21 113.95
CA VAL CA 90 3.48 -23.16 114.84
C VAL CA 90 3.41 -21.95 115.77
N PHE CA 91 2.82 -20.84 115.31
CA PHE CA 91 2.52 -19.72 116.19
C PHE CA 91 1.68 -20.17 117.36
N GLY CA 92 0.59 -20.90 117.08
CA GLY CA 92 -0.24 -21.39 118.16
C GLY CA 92 0.51 -22.33 119.09
N LEU CA 93 1.32 -23.22 118.53
CA LEU CA 93 2.10 -24.14 119.36
C LEU CA 93 2.99 -23.38 120.33
N LEU CA 94 3.78 -22.43 119.82
CA LEU CA 94 4.73 -21.74 120.69
C LEU CA 94 4.03 -20.75 121.62
N VAL CA 95 2.90 -20.17 121.20
CA VAL CA 95 2.12 -19.37 122.14
C VAL CA 95 1.64 -20.22 123.29
N TYR CA 96 1.18 -21.44 123.00
CA TYR CA 96 0.77 -22.34 124.08
C TYR CA 96 1.94 -22.68 125.00
N THR CA 97 3.11 -22.96 124.42
CA THR CA 97 4.27 -23.32 125.25
C THR CA 97 4.68 -22.17 126.16
N ALA CA 98 4.87 -20.98 125.59
CA ALA CA 98 5.23 -19.81 126.40
C ALA CA 98 4.13 -19.46 127.37
N MET CA 99 2.88 -19.74 127.02
CA MET CA 99 1.75 -19.46 127.89
C MET CA 99 1.77 -20.37 129.11
N ARG CA 100 2.15 -21.63 128.90
CA ARG CA 100 2.42 -22.54 130.01
C ARG CA 100 3.60 -22.03 130.84
N ASP CA 101 4.63 -21.49 130.18
CA ASP CA 101 5.84 -21.08 130.89
C ASP CA 101 5.64 -19.75 131.61
N GLU CA 102 5.23 -18.71 130.89
CA GLU CA 102 5.14 -17.38 131.49
C GLU CA 102 4.05 -17.31 132.56
N ASP CA 103 2.84 -17.77 132.21
CA ASP CA 103 1.71 -17.77 133.14
C ASP CA 103 1.43 -16.39 133.72
N LEU CA 104 1.39 -15.39 132.83
CA LEU CA 104 1.09 -14.01 133.21
C LEU CA 104 0.20 -13.42 132.12
N PHE CA 105 -1.09 -13.27 132.42
CA PHE CA 105 -2.05 -12.95 131.38
C PHE CA 105 -2.32 -11.44 131.36
N LEU CA 106 -3.34 -11.02 130.60
CA LEU CA 106 -3.76 -9.63 130.61
C LEU CA 106 -4.28 -9.21 131.98
N LYS CA 107 -5.37 -9.83 132.42
CA LYS CA 107 -6.07 -9.37 133.61
C LYS CA 107 -5.22 -9.56 134.85
N ARG CA 108 -5.24 -8.55 135.72
CA ARG CA 108 -4.48 -8.57 136.96
C ARG CA 108 -5.25 -9.38 137.99
N GLU CA 109 -4.72 -10.54 138.37
CA GLU CA 109 -5.37 -11.41 139.34
C GLU CA 109 -4.31 -12.26 140.03
N GLU CA 110 -4.69 -12.82 141.18
CA GLU CA 110 -3.76 -13.67 141.93
C GLU CA 110 -3.38 -14.90 141.12
N LYS CA 111 -4.36 -15.54 140.47
CA LYS CA 111 -4.08 -16.66 139.59
C LYS CA 111 -4.71 -16.38 138.23
N PRO CA 112 -3.94 -16.47 137.15
CA PRO CA 112 -4.50 -16.19 135.82
C PRO CA 112 -5.56 -17.21 135.42
N GLU CA 113 -6.55 -16.74 134.65
CA GLU CA 113 -7.66 -17.56 134.19
C GLU CA 113 -7.73 -17.60 132.67
N ASP CA 114 -8.44 -18.60 132.16
CA ASP CA 114 -8.45 -18.91 130.73
C ASP CA 114 -9.07 -17.81 129.88
N ASP CA 115 -9.76 -16.84 130.48
CA ASP CA 115 -10.42 -15.79 129.71
C ASP CA 115 -9.41 -15.00 128.88
N ALA CA 116 -8.32 -14.55 129.51
CA ALA CA 116 -7.34 -13.74 128.80
C ALA CA 116 -6.61 -14.56 127.74
N TYR CA 117 -6.29 -15.82 128.03
CA TYR CA 117 -5.69 -16.69 127.03
C TYR CA 117 -6.60 -16.87 125.82
N TYR CA 118 -7.90 -17.03 126.06
CA TYR CA 118 -8.77 -17.24 124.91
C TYR CA 118 -9.02 -15.94 124.16
N ARG CA 119 -8.96 -14.79 124.83
CA ARG CA 119 -8.97 -13.54 124.10
C ARG CA 119 -7.72 -13.40 123.24
N PHE CA 120 -6.58 -13.84 123.75
CA PHE CA 120 -5.36 -13.95 122.94
C PHE CA 120 -5.61 -14.76 121.69
N GLU CA 121 -6.20 -15.95 121.86
CA GLU CA 121 -6.44 -16.83 120.72
C GLU CA 121 -7.40 -16.21 119.72
N THR CA 122 -8.47 -15.58 120.21
CA THR CA 122 -9.45 -14.97 119.30
C THR CA 122 -8.83 -13.80 118.52
N TRP CA 123 -8.01 -12.99 119.18
CA TRP CA 123 -7.37 -11.88 118.47
C TRP CA 123 -6.32 -12.37 117.48
N LEU CA 124 -5.63 -13.48 117.80
CA LEU CA 124 -4.74 -14.09 116.82
C LEU CA 124 -5.53 -14.61 115.62
N SER CA 125 -6.70 -15.20 115.87
CA SER CA 125 -7.55 -15.63 114.77
C SER CA 125 -8.00 -14.45 113.92
N SER CA 126 -8.31 -13.32 114.57
CA SER CA 126 -8.72 -12.12 113.83
C SER CA 126 -7.60 -11.58 112.96
N MET CA 127 -6.37 -11.52 113.49
CA MET CA 127 -5.26 -11.03 112.69
C MET CA 127 -4.94 -11.99 111.54
N TYR CA 128 -5.08 -13.30 111.77
CA TYR CA 128 -4.94 -14.24 110.67
C TYR CA 128 -6.03 -14.04 109.62
N ASN CA 129 -7.25 -13.72 110.07
CA ASN CA 129 -8.33 -13.41 109.13
C ASN CA 129 -7.98 -12.21 108.26
N LYS CA 130 -7.43 -11.16 108.88
CA LYS CA 130 -7.02 -9.99 108.10
C LYS CA 130 -5.91 -10.34 107.13
N VAL CA 131 -4.95 -11.17 107.57
CA VAL CA 131 -3.84 -11.55 106.70
C VAL CA 131 -4.35 -12.32 105.49
N VAL CA 132 -5.21 -13.31 105.71
CA VAL CA 132 -5.71 -14.10 104.59
C VAL CA 132 -6.63 -13.27 103.71
N THR CA 133 -7.32 -12.28 104.29
CA THR CA 133 -8.15 -11.38 103.47
C THR CA 133 -7.28 -10.55 102.54
N ALA CA 134 -6.17 -10.02 103.04
CA ALA CA 134 -5.25 -9.26 102.19
C ALA CA 134 -4.47 -10.16 101.24
N TYR CA 135 -4.40 -11.46 101.54
CA TYR CA 135 -3.63 -12.37 100.70
C TYR CA 135 -4.20 -12.46 99.28
N ALA CA 136 -5.53 -12.53 99.15
CA ALA CA 136 -6.16 -12.93 97.90
C ALA CA 136 -6.72 -11.77 97.09
N ASP CA 137 -6.75 -10.54 97.63
CA ASP CA 137 -7.35 -9.43 96.89
C ASP CA 137 -6.57 -9.12 95.62
N THR CA 138 -5.25 -8.96 95.74
CA THR CA 138 -4.42 -8.67 94.57
C THR CA 138 -4.44 -9.83 93.59
N TRP CA 139 -4.47 -11.07 94.09
CA TRP CA 139 -4.55 -12.22 93.20
C TRP CA 139 -5.86 -12.22 92.41
N GLU CA 140 -6.98 -11.91 93.07
CA GLU CA 140 -8.25 -11.82 92.36
C GLU CA 140 -8.23 -10.71 91.33
N LYS CA 141 -7.65 -9.56 91.67
CA LYS CA 141 -7.58 -8.45 90.72
C LYS CA 141 -6.76 -8.82 89.49
N THR CA 142 -5.60 -9.47 89.70
CA THR CA 142 -4.77 -9.82 88.56
C THR CA 142 -5.38 -10.96 87.76
N VAL CA 143 -6.12 -11.86 88.39
CA VAL CA 143 -6.85 -12.88 87.65
C VAL CA 143 -7.91 -12.24 86.78
N SER CA 144 -8.63 -11.26 87.31
CA SER CA 144 -9.66 -10.57 86.53
C SER CA 144 -9.05 -9.83 85.34
N ILE CA 145 -7.94 -9.12 85.56
CA ILE CA 145 -7.32 -8.41 84.43
C ILE CA 145 -6.76 -9.39 83.41
N GLN CA 146 -6.22 -10.54 83.87
CA GLN CA 146 -5.74 -11.55 82.94
C GLN CA 146 -6.88 -12.12 82.11
N LYS CA 147 -8.03 -12.37 82.73
CA LYS CA 147 -9.18 -12.88 81.99
C LYS CA 147 -9.67 -11.83 80.99
N SER CA 148 -9.67 -10.56 81.37
CA SER CA 148 -10.05 -9.51 80.43
C SER CA 148 -9.10 -9.45 79.24
N ALA CA 149 -7.79 -9.56 79.50
CA ALA CA 149 -6.83 -9.58 78.42
C ALA CA 149 -7.03 -10.79 77.50
N LEU CA 150 -7.33 -11.95 78.10
CA LEU CA 150 -7.57 -13.14 77.29
C LEU CA 150 -8.81 -12.99 76.42
N GLN CA 151 -9.89 -12.42 76.99
CA GLN CA 151 -11.11 -12.30 76.22
C GLN CA 151 -11.00 -11.24 75.13
N GLU CA 152 -10.26 -10.16 75.37
CA GLU CA 152 -10.08 -9.16 74.32
C GLU CA 152 -9.11 -9.64 73.25
N LEU CA 153 -8.18 -10.53 73.60
CA LEU CA 153 -7.26 -11.11 72.63
C LEU CA 153 -7.76 -12.41 72.02
N SER CA 154 -8.94 -12.87 72.42
CA SER CA 154 -9.43 -14.16 71.95
C SER CA 154 -9.66 -14.15 70.44
N ALA CA 155 -10.32 -13.11 69.94
CA ALA CA 155 -10.73 -13.02 68.54
C ALA CA 155 -10.30 -11.69 67.95
N PRO CA 156 -9.02 -11.55 67.60
CA PRO CA 156 -8.60 -10.32 66.92
C PRO CA 156 -8.96 -10.35 65.44
N LEU CA 157 -10.02 -9.64 65.07
CA LEU CA 157 -10.40 -9.47 63.68
C LEU CA 157 -9.76 -8.22 63.08
N LEU CA 158 -9.05 -7.46 63.89
CA LEU CA 158 -8.46 -6.19 63.46
C LEU CA 158 -7.62 -6.31 62.19
N PRO CA 159 -6.85 -7.39 61.94
CA PRO CA 159 -6.21 -7.52 60.62
C PRO CA 159 -7.23 -7.47 59.51
N ILE CA 160 -7.18 -6.41 58.70
CA ILE CA 160 -8.14 -6.16 57.64
C ILE CA 160 -7.40 -5.69 56.39
N PHE CA 161 -7.77 -6.25 55.25
CA PHE CA 161 -7.39 -5.74 53.94
C PHE CA 161 -8.62 -5.13 53.28
N GLU CA 162 -8.39 -4.44 52.17
CA GLU CA 162 -9.49 -3.82 51.44
C GLU CA 162 -10.52 -4.86 51.02
N LYS CA 163 -11.70 -4.81 51.63
CA LYS CA 163 -12.86 -5.64 51.32
C LYS CA 163 -12.63 -7.11 51.65
N ILE CA 164 -11.48 -7.46 52.21
CA ILE CA 164 -11.20 -8.81 52.70
C ILE CA 164 -10.69 -8.72 54.12
N SER CA 165 -11.28 -9.48 55.02
CA SER CA 165 -10.85 -9.55 56.41
C SER CA 165 -10.11 -10.85 56.67
N VAL CA 166 -9.55 -10.97 57.87
CA VAL CA 166 -8.87 -12.18 58.29
C VAL CA 166 -8.90 -12.23 59.81
N MET CA 167 -9.14 -13.42 60.35
CA MET CA 167 -9.33 -13.63 61.78
C MET CA 167 -8.39 -14.71 62.27
N PRO CA 168 -7.19 -14.35 62.74
CA PRO CA 168 -6.22 -15.36 63.20
C PRO CA 168 -6.51 -15.78 64.64
N LEU CA 169 -6.73 -17.07 64.85
CA LEU CA 169 -6.82 -17.65 66.17
C LEU CA 169 -5.73 -18.71 66.31
N ILE CA 170 -4.92 -18.60 67.36
CA ILE CA 170 -3.75 -19.45 67.49
C ILE CA 170 -3.76 -20.20 68.82
N GLY CA 171 -4.39 -19.62 69.84
CA GLY CA 171 -4.44 -20.27 71.12
C GLY CA 171 -5.47 -21.38 71.16
N THR CA 172 -5.26 -22.32 72.08
CA THR CA 172 -6.26 -23.37 72.28
C THR CA 172 -7.57 -22.75 72.74
N ILE CA 173 -8.67 -23.27 72.22
CA ILE CA 173 -9.98 -22.66 72.40
C ILE CA 173 -10.92 -23.66 73.06
N ASP CA 174 -11.58 -23.23 74.13
CA ASP CA 174 -12.65 -23.99 74.75
C ASP CA 174 -13.97 -23.41 74.27
N TPO CA 175 -15.08 -23.81 74.89
CA TPO CA 175 -16.39 -23.39 74.39
CB TPO CA 175 -17.48 -24.30 74.93
CG2 TPO CA 175 -17.73 -24.10 76.43
OG1 TPO CA 175 -18.68 -24.02 74.20
P TPO CA 175 -18.88 -25.21 73.14
O1P TPO CA 175 -18.47 -24.71 71.67
O2P TPO CA 175 -20.29 -25.63 73.15
O3P TPO CA 175 -17.96 -26.47 73.54
C TPO CA 175 -16.70 -21.92 74.72
O TPO CA 175 -17.40 -21.25 73.96
N GLU CA 176 -16.15 -21.43 75.83
CA GLU CA 176 -16.29 -20.02 76.17
C GLU CA 176 -15.54 -19.17 75.16
N ARG CA 177 -14.29 -19.56 74.90
CA ARG CA 177 -13.53 -18.87 73.87
C ARG CA 177 -14.17 -19.04 72.50
N ALA CA 178 -14.83 -20.18 72.25
CA ALA CA 178 -15.53 -20.35 70.99
C ALA CA 178 -16.69 -19.37 70.86
N LYS CA 179 -17.44 -19.16 71.94
CA LYS CA 179 -18.50 -18.16 71.92
C LYS CA 179 -17.93 -16.77 71.68
N LEU CA 180 -16.80 -16.46 72.32
CA LEU CA 180 -16.15 -15.18 72.07
C LEU CA 180 -15.76 -15.05 70.60
N ILE CA 181 -15.20 -16.11 70.02
CA ILE CA 181 -14.82 -16.09 68.61
C ILE CA 181 -16.02 -15.79 67.74
N ILE CA 182 -17.12 -16.53 67.93
CA ILE CA 182 -18.26 -16.37 67.05
C ILE CA 182 -18.89 -14.99 67.20
N GLU CA 183 -19.04 -14.52 68.44
CA GLU CA 183 -19.66 -13.22 68.66
C GLU CA 183 -18.80 -12.10 68.07
N ASN CA 184 -17.50 -12.13 68.33
CA ASN CA 184 -16.62 -11.07 67.81
C ASN CA 184 -16.58 -11.11 66.29
N LEU CA 185 -16.47 -12.29 65.70
CA LEU CA 185 -16.44 -12.38 64.24
C LEU CA 185 -17.71 -11.85 63.63
N LEU CA 186 -18.87 -12.21 64.19
CA LEU CA 186 -20.13 -11.75 63.63
C LEU CA 186 -20.28 -10.24 63.76
N ILE CA 187 -20.02 -9.70 64.95
CA ILE CA 187 -20.20 -8.25 65.14
C ILE CA 187 -19.23 -7.48 64.26
N GLY CA 188 -18.01 -7.99 64.08
CA GLY CA 188 -17.08 -7.35 63.17
C GLY CA 188 -17.60 -7.38 61.75
N VAL CA 189 -17.89 -8.57 61.24
CA VAL CA 189 -18.24 -8.72 59.83
C VAL CA 189 -19.51 -7.94 59.51
N VAL CA 190 -20.37 -7.70 60.50
CA VAL CA 190 -21.53 -6.87 60.20
C VAL CA 190 -21.19 -5.39 60.34
N LYS CA 191 -20.28 -5.03 61.26
CA LYS CA 191 -19.98 -3.62 61.47
C LYS CA 191 -19.19 -3.04 60.30
N ASN CA 192 -18.14 -3.73 59.86
CA ASN CA 192 -17.36 -3.28 58.71
C ASN CA 192 -17.62 -4.20 57.54
N ARG CA 193 -17.72 -3.62 56.34
CA ARG CA 193 -18.15 -4.38 55.17
C ARG CA 193 -16.99 -5.21 54.64
N SER CA 194 -17.23 -6.50 54.47
CA SER CA 194 -16.26 -7.42 53.92
C SER CA 194 -17.02 -8.48 53.12
N GLU CA 195 -16.40 -8.94 52.04
CA GLU CA 195 -17.04 -9.95 51.21
C GLU CA 195 -16.58 -11.37 51.51
N VAL CA 196 -15.34 -11.55 51.95
CA VAL CA 196 -14.85 -12.86 52.38
C VAL CA 196 -14.15 -12.70 53.72
N VAL CA 197 -14.13 -13.79 54.48
CA VAL CA 197 -13.49 -13.82 55.78
C VAL CA 197 -12.57 -15.04 55.84
N LEU CA 198 -11.31 -14.81 56.20
CA LEU CA 198 -10.33 -15.87 56.30
C LEU CA 198 -10.15 -16.25 57.76
N ILE CA 199 -10.64 -17.42 58.14
CA ILE CA 199 -10.44 -17.94 59.48
C ILE CA 199 -9.19 -18.81 59.47
N ASP CA 200 -8.28 -18.54 60.40
CA ASP CA 200 -6.97 -19.18 60.45
C ASP CA 200 -6.98 -20.15 61.64
N ILE CA 201 -7.25 -21.42 61.35
CA ILE CA 201 -7.26 -22.44 62.39
C ILE CA 201 -5.86 -22.83 62.83
N THR CA 202 -4.86 -22.58 61.99
CA THR CA 202 -3.49 -22.98 62.32
C THR CA 202 -3.06 -22.39 63.66
N GLY CA 203 -2.60 -23.25 64.54
CA GLY CA 203 -2.22 -22.80 65.88
C GLY CA 203 -2.81 -23.67 66.97
N VAL CA 204 -4.02 -24.17 66.76
CA VAL CA 204 -4.70 -25.02 67.74
C VAL CA 204 -4.22 -26.46 67.52
N PRO CA 205 -3.68 -27.12 68.55
CA PRO CA 205 -3.24 -28.51 68.37
C PRO CA 205 -4.40 -29.48 68.14
N VAL CA 206 -5.36 -29.47 69.05
CA VAL CA 206 -6.51 -30.37 69.00
C VAL CA 206 -7.74 -29.59 69.45
N VAL CA 207 -8.87 -29.83 68.78
CA VAL CA 207 -10.12 -29.17 69.12
C VAL CA 207 -11.16 -30.23 69.47
N ASP CA 208 -12.08 -29.86 70.35
CA ASP CA 208 -13.17 -30.73 70.73
C ASP CA 208 -14.22 -30.80 69.62
N THR CA 209 -15.05 -31.84 69.68
CA THR CA 209 -16.13 -31.98 68.70
C THR CA 209 -17.09 -30.81 68.77
N MET CA 210 -17.45 -30.39 69.98
CA MET CA 210 -18.37 -29.26 70.13
C MET CA 210 -17.74 -27.98 69.60
N VAL CA 211 -16.44 -27.78 69.85
CA VAL CA 211 -15.76 -26.58 69.34
C VAL CA 211 -15.74 -26.59 67.82
N ALA CA 212 -15.46 -27.74 67.21
CA ALA CA 212 -15.47 -27.84 65.76
C ALA CA 212 -16.88 -27.56 65.22
N HIS CA 213 -17.90 -28.09 65.89
CA HIS CA 213 -19.27 -27.82 65.47
C HIS CA 213 -19.58 -26.34 65.53
N HIS CA 214 -19.15 -25.66 66.60
CA HIS CA 214 -19.37 -24.23 66.71
C HIS CA 214 -18.63 -23.46 65.63
N ILE CA 215 -17.42 -23.91 65.28
CA ILE CA 215 -16.69 -23.27 64.19
C ILE CA 215 -17.45 -23.40 62.87
N ILE CA 216 -17.97 -24.60 62.59
CA ILE CA 216 -18.72 -24.80 61.35
C ILE CA 216 -19.99 -23.96 61.35
N GLN CA 217 -20.66 -23.87 62.50
CA GLN CA 217 -21.85 -23.03 62.58
C GLN CA 217 -21.51 -21.56 62.38
N ALA CA 218 -20.37 -21.12 62.90
CA ALA CA 218 -19.94 -19.75 62.67
C ALA CA 218 -19.68 -19.50 61.19
N SER CA 219 -19.07 -20.48 60.52
CA SER CA 219 -18.83 -20.34 59.09
C SER CA 219 -20.15 -20.24 58.33
N GLU CA 220 -21.12 -21.08 58.67
CA GLU CA 220 -22.40 -21.03 57.99
C GLU CA 220 -23.12 -19.71 58.27
N ALA CA 221 -23.04 -19.21 59.51
CA ALA CA 221 -23.70 -17.97 59.85
C ALA CA 221 -23.09 -16.80 59.08
N VAL CA 222 -21.76 -16.72 59.04
CA VAL CA 222 -21.13 -15.63 58.31
C VAL CA 222 -21.36 -15.78 56.81
N ARG CA 223 -21.61 -17.01 56.34
CA ARG CA 223 -22.05 -17.18 54.96
C ARG CA 223 -23.44 -16.59 54.77
N LEU CA 224 -24.33 -16.79 55.74
CA LEU CA 224 -25.68 -16.23 55.62
C LEU CA 224 -25.69 -14.71 55.71
N VAL CA 225 -24.77 -14.12 56.47
CA VAL CA 225 -24.69 -12.65 56.48
C VAL CA 225 -24.31 -12.13 55.10
N GLY CA 226 -23.69 -12.96 54.27
CA GLY CA 226 -23.35 -12.57 52.92
C GLY CA 226 -21.86 -12.54 52.67
N CYS CA 227 -21.13 -13.41 53.36
CA CYS CA 227 -19.67 -13.40 53.31
C CYS CA 227 -19.16 -14.83 53.25
N GLN CA 228 -18.53 -15.19 52.13
CA GLN CA 228 -17.92 -16.51 52.02
C GLN CA 228 -16.81 -16.66 53.05
N ALA CA 229 -16.79 -17.81 53.72
CA ALA CA 229 -15.84 -18.08 54.79
C ALA CA 229 -14.85 -19.12 54.30
N MET CA 230 -13.62 -18.67 54.05
CA MET CA 230 -12.53 -19.58 53.71
C MET CA 230 -11.86 -20.04 55.00
N LEU CA 231 -11.79 -21.35 55.20
CA LEU CA 231 -11.30 -21.94 56.43
C LEU CA 231 -9.86 -22.38 56.18
N VAL CA 232 -8.91 -21.57 56.62
CA VAL CA 232 -7.53 -21.65 56.14
C VAL CA 232 -6.66 -22.40 57.14
N GLY CA 233 -5.79 -23.26 56.62
CA GLY CA 233 -4.74 -23.87 57.40
C GLY CA 233 -5.17 -24.85 58.48
N ILE CA 234 -6.10 -25.73 58.15
CA ILE CA 234 -6.49 -26.78 59.08
C ILE CA 234 -5.32 -27.75 59.26
N ARG CA 235 -5.22 -28.34 60.44
CA ARG CA 235 -4.22 -29.36 60.69
C ARG CA 235 -4.84 -30.75 60.61
N PRO CA 236 -4.04 -31.78 60.33
CA PRO CA 236 -4.63 -33.10 60.04
C PRO CA 236 -5.51 -33.67 61.12
N GLU CA 237 -5.14 -33.52 62.40
CA GLU CA 237 -5.97 -34.06 63.47
C GLU CA 237 -7.32 -33.36 63.53
N ILE CA 238 -7.31 -32.04 63.41
CA ILE CA 238 -8.57 -31.28 63.40
C ILE CA 238 -9.41 -31.68 62.20
N ALA CA 239 -8.79 -31.87 61.04
CA ALA CA 239 -9.53 -32.27 59.86
C ALA CA 239 -10.17 -33.64 60.05
N GLN CA 240 -9.43 -34.58 60.66
CA GLN CA 240 -9.99 -35.90 60.93
C GLN CA 240 -11.16 -35.82 61.91
N THR CA 241 -11.00 -35.05 62.98
CA THR CA 241 -12.09 -34.90 63.94
C THR CA 241 -13.32 -34.27 63.28
N ILE CA 242 -13.11 -33.26 62.44
CA ILE CA 242 -14.23 -32.59 61.78
C ILE CA 242 -14.94 -33.54 60.83
N VAL CA 243 -14.19 -34.29 60.02
CA VAL CA 243 -14.83 -35.18 59.04
C VAL CA 243 -15.57 -36.31 59.73
N ASN CA 244 -15.03 -36.86 60.81
CA ASN CA 244 -15.78 -37.91 61.51
C ASN CA 244 -16.74 -37.34 62.56
N LEU CA 245 -16.89 -36.01 62.63
CA LEU CA 245 -17.96 -35.45 63.45
C LEU CA 245 -19.34 -35.89 62.97
N GLY CA 246 -19.50 -36.11 61.66
CA GLY CA 246 -20.74 -36.55 61.08
C GLY CA 246 -21.54 -35.46 60.40
N ILE CA 247 -21.26 -34.20 60.70
CA ILE CA 247 -21.90 -33.10 59.99
C ILE CA 247 -21.32 -33.00 58.59
N GLU CA 248 -22.07 -32.37 57.69
CA GLU CA 248 -21.68 -32.33 56.29
C GLU CA 248 -20.70 -31.17 56.06
N LEU CA 249 -19.70 -31.42 55.22
CA LEU CA 249 -18.56 -30.52 55.03
C LEU CA 249 -18.30 -30.25 53.56
N ASP CA 250 -19.33 -29.80 52.82
CA ASP CA 250 -19.13 -29.42 51.42
C ASP CA 250 -19.37 -27.95 51.16
N GLN CA 251 -19.97 -27.20 52.08
CA GLN CA 251 -20.34 -25.83 51.82
C GLN CA 251 -19.24 -24.83 52.15
N ILE CA 252 -18.13 -25.29 52.74
CA ILE CA 252 -17.03 -24.44 53.15
C ILE CA 252 -15.82 -24.74 52.27
N ILE CA 253 -15.11 -23.69 51.89
CA ILE CA 253 -13.93 -23.80 51.04
C ILE CA 253 -12.69 -23.63 51.92
N THR CA 254 -11.74 -24.55 51.80
CA THR CA 254 -10.57 -24.55 52.65
C THR CA 254 -9.29 -24.53 51.81
N THR CA 255 -8.27 -23.89 52.36
CA THR CA 255 -6.94 -23.87 51.75
C THR CA 255 -5.90 -24.17 52.81
N ASN CA 256 -4.83 -24.86 52.40
CA ASN CA 256 -3.83 -25.32 53.34
C ASN CA 256 -2.89 -24.22 53.81
N THR CA 257 -2.76 -23.13 53.06
CA THR CA 257 -1.86 -22.05 53.44
C THR CA 257 -2.55 -20.71 53.25
N MET CA 258 -2.10 -19.72 54.01
CA MET CA 258 -2.76 -18.41 54.00
C MET CA 258 -2.57 -17.69 52.68
N LYS CA 259 -1.41 -17.86 52.04
CA LYS CA 259 -1.17 -17.21 50.75
C LYS CA 259 -2.16 -17.69 49.70
N LYS CA 260 -2.37 -19.01 49.63
CA LYS CA 260 -3.34 -19.56 48.69
C LYS CA 260 -4.74 -19.08 49.02
N GLY CA 261 -5.07 -19.03 50.30
CA GLY CA 261 -6.39 -18.54 50.69
C GLY CA 261 -6.63 -17.11 50.25
N MET CA 262 -5.63 -16.25 50.47
CA MET CA 262 -5.76 -14.85 50.09
C MET CA 262 -5.87 -14.69 48.58
N GLU CA 263 -5.04 -15.42 47.82
CA GLU CA 263 -5.09 -15.26 46.37
C GLU CA 263 -6.40 -15.82 45.81
N ARG CA 264 -6.93 -16.89 46.39
CA ARG CA 264 -8.21 -17.41 45.91
C ARG CA 264 -9.37 -16.50 46.30
N ALA CA 265 -9.29 -15.88 47.48
CA ALA CA 265 -10.30 -14.89 47.86
C ALA CA 265 -10.29 -13.72 46.91
N LEU CA 266 -9.10 -13.26 46.51
CA LEU CA 266 -9.02 -12.21 45.50
C LEU CA 266 -9.52 -12.72 44.14
N ALA CA 267 -9.34 -14.01 43.87
CA ALA CA 267 -9.86 -14.58 42.63
C ALA CA 267 -11.39 -14.55 42.61
N LEU CA 268 -12.03 -14.86 43.73
CA LEU CA 268 -13.48 -14.80 43.80
C LEU CA 268 -13.98 -13.39 43.50
N THR CA 269 -13.35 -12.38 44.11
CA THR CA 269 -13.63 -10.99 43.78
C THR CA 269 -12.59 -10.50 42.79
N ASN CA 270 -12.77 -10.95 41.54
CA ASN CA 270 -11.73 -10.81 40.52
C ASN CA 270 -11.31 -9.36 40.31
N ARG CA 271 -12.23 -8.41 40.53
CA ARG CA 271 -11.88 -7.00 40.37
C ARG CA 271 -10.93 -6.51 41.45
N GLU CA 272 -10.70 -7.29 42.51
CA GLU CA 272 -9.81 -6.91 43.60
C GLU CA 272 -8.45 -7.60 43.50
N ILE CA 273 -8.10 -8.14 42.34
CA ILE CA 273 -6.81 -8.81 42.19
C ILE CA 273 -5.67 -7.79 42.31
N VAL CA 274 -5.87 -6.58 41.83
CA VAL CA 274 -4.84 -5.54 41.91
C VAL CA 274 -4.89 -4.87 43.27
N MET DA 1 -4.12 -40.01 118.88
CA MET DA 1 -5.19 -40.98 118.67
C MET DA 1 -6.38 -40.37 117.94
N TYR DA 2 -7.06 -41.19 117.14
CA TYR DA 2 -8.18 -40.73 116.32
C TYR DA 2 -9.49 -41.44 116.62
N LYS DA 3 -9.49 -42.50 117.43
CA LYS DA 3 -10.74 -43.23 117.69
C LYS DA 3 -11.62 -42.46 118.66
N ASP DA 4 -11.12 -42.19 119.88
CA ASP DA 4 -11.89 -41.43 120.84
C ASP DA 4 -12.12 -40.00 120.36
N PHE DA 5 -11.23 -39.48 119.53
CA PHE DA 5 -11.47 -38.17 118.93
C PHE DA 5 -12.73 -38.21 118.05
N ALA DA 6 -12.91 -39.28 117.27
CA ALA DA 6 -14.14 -39.44 116.51
C ALA DA 6 -15.33 -39.65 117.43
N ASN DA 7 -15.13 -40.39 118.53
CA ASN DA 7 -16.22 -40.61 119.48
C ASN DA 7 -16.70 -39.30 120.09
N PHE DA 8 -15.81 -38.32 120.25
CA PHE DA 8 -16.22 -36.99 120.69
C PHE DA 8 -16.69 -36.10 119.54
N ILE DA 9 -16.19 -36.34 118.33
CA ILE DA 9 -16.71 -35.66 117.14
C ILE DA 9 -18.16 -36.02 116.91
N ARG DA 10 -18.60 -37.19 117.41
CA ARG DA 10 -20.01 -37.55 117.27
C ARG DA 10 -20.95 -36.54 117.91
N THR DA 11 -20.46 -35.72 118.85
CA THR DA 11 -21.21 -34.59 119.39
C THR DA 11 -20.65 -33.24 118.96
N ASN DA 12 -19.35 -33.18 118.67
CA ASN DA 12 -18.77 -31.97 118.09
C ASN DA 12 -19.43 -31.64 116.75
N LYS DA 13 -20.04 -32.62 116.08
CA LYS DA 13 -20.75 -32.32 114.84
C LYS DA 13 -21.99 -31.47 115.11
N LYS DA 14 -22.76 -31.80 116.15
CA LYS DA 14 -23.88 -30.95 116.54
C LYS DA 14 -23.38 -29.60 117.04
N ASP DA 15 -22.25 -29.60 117.76
CA ASP DA 15 -21.65 -28.33 118.18
C ASP DA 15 -21.31 -27.47 116.96
N LEU DA 16 -20.77 -28.09 115.90
CA LEU DA 16 -20.43 -27.34 114.70
C LEU DA 16 -21.67 -26.93 113.91
N LEU DA 17 -22.76 -27.69 114.01
CA LEU DA 17 -24.01 -27.25 113.40
C LEU DA 17 -24.53 -25.99 114.09
N ASN DA 18 -24.47 -25.96 115.42
CA ASN DA 18 -24.76 -24.72 116.14
C ASN DA 18 -23.81 -23.61 115.72
N ASN DA 19 -22.54 -23.95 115.50
CA ASN DA 19 -21.58 -22.97 115.02
C ASN DA 19 -21.96 -22.41 113.66
N TRP DA 20 -22.41 -23.29 112.76
CA TRP DA 20 -22.83 -22.85 111.43
C TRP DA 20 -24.03 -21.93 111.50
N MET DA 21 -25.03 -22.28 112.34
CA MET DA 21 -26.19 -21.40 112.44
C MET DA 21 -25.85 -20.09 113.13
N ASN DA 22 -24.79 -20.08 113.95
CA ASN DA 22 -24.33 -18.82 114.53
C ASN DA 22 -23.54 -17.98 113.53
N GLU DA 23 -22.77 -18.63 112.66
CA GLU DA 23 -21.87 -17.91 111.76
C GLU DA 23 -22.57 -17.44 110.49
N MET DA 24 -23.60 -18.15 110.03
CA MET DA 24 -24.26 -17.81 108.78
C MET DA 24 -24.85 -16.41 108.81
N GLU DA 25 -25.21 -15.92 110.00
CA GLU DA 25 -25.87 -14.62 110.10
C GLU DA 25 -24.93 -13.48 109.72
N LYS DA 26 -23.66 -13.56 110.11
CA LYS DA 26 -22.78 -12.40 110.03
C LYS DA 26 -22.34 -12.10 108.59
N GLN DA 27 -22.15 -13.14 107.76
CA GLN DA 27 -21.56 -12.95 106.44
C GLN DA 27 -22.48 -13.53 105.38
N SER DA 28 -22.89 -12.69 104.44
CA SER DA 28 -23.60 -13.08 103.22
C SER DA 28 -24.77 -14.02 103.51
N ASP DA 29 -25.70 -13.54 104.33
CA ASP DA 29 -26.88 -14.34 104.65
C ASP DA 29 -27.71 -14.67 103.41
N PRO DA 30 -28.13 -13.71 102.57
CA PRO DA 30 -28.92 -14.09 101.40
C PRO DA 30 -28.19 -14.99 100.42
N LEU DA 31 -26.89 -14.72 100.19
CA LEU DA 31 -26.13 -15.53 99.24
C LEU DA 31 -26.01 -16.97 99.72
N ILE DA 32 -25.64 -17.16 100.99
CA ILE DA 32 -25.50 -18.51 101.53
C ILE DA 32 -26.84 -19.23 101.52
N ASN DA 33 -27.91 -18.53 101.89
CA ASN DA 33 -29.22 -19.16 101.91
C ASN DA 33 -29.66 -19.56 100.50
N ASP DA 34 -29.37 -18.72 99.49
CA ASP DA 34 -29.82 -18.99 98.14
C ASP DA 34 -29.02 -20.09 97.47
N ILE DA 35 -27.70 -20.11 97.63
CA ILE DA 35 -26.87 -21.02 96.86
C ILE DA 35 -27.11 -22.47 97.28
N ALA DA 36 -27.24 -22.71 98.59
CA ALA DA 36 -27.43 -24.06 99.09
C ALA DA 36 -28.31 -24.01 100.33
N LYS DA 37 -29.18 -25.01 100.47
CA LYS DA 37 -30.06 -25.09 101.63
C LYS DA 37 -29.28 -25.48 102.88
N GLU DA 38 -29.83 -25.12 104.03
CA GLU DA 38 -29.16 -25.38 105.30
C GLU DA 38 -28.92 -26.86 105.57
N PRO DA 39 -29.90 -27.77 105.41
CA PRO DA 39 -29.62 -29.18 105.71
C PRO DA 39 -28.50 -29.78 104.87
N MET DA 40 -28.42 -29.42 103.59
CA MET DA 40 -27.37 -29.98 102.74
C MET DA 40 -25.99 -29.49 103.16
N TYR DA 41 -25.87 -28.19 103.46
CA TYR DA 41 -24.61 -27.66 103.96
C TYR DA 41 -24.23 -28.31 105.29
N GLU DA 42 -25.22 -28.51 106.17
CA GLU DA 42 -24.94 -29.14 107.45
C GLU DA 42 -24.44 -30.58 107.28
N GLU DA 43 -25.08 -31.34 106.39
CA GLU DA 43 -24.65 -32.72 106.20
C GLU DA 43 -23.29 -32.79 105.52
N THR DA 44 -23.00 -31.85 104.60
CA THR DA 44 -21.67 -31.78 104.03
C THR DA 44 -20.62 -31.47 105.09
N SER DA 45 -20.95 -30.55 106.00
CA SER DA 45 -20.00 -30.21 107.07
C SER DA 45 -19.76 -31.39 108.01
N ILE DA 46 -20.83 -32.10 108.38
CA ILE DA 46 -20.63 -33.24 109.29
C ILE DA 46 -19.86 -34.35 108.59
N GLU DA 47 -20.08 -34.54 107.28
CA GLU DA 47 -19.28 -35.52 106.54
C GLU DA 47 -17.82 -35.10 106.49
N PHE DA 48 -17.56 -33.80 106.34
CA PHE DA 48 -16.18 -33.31 106.31
C PHE DA 48 -15.49 -33.45 107.67
N VAL DA 49 -16.24 -33.31 108.76
CA VAL DA 49 -15.63 -33.30 110.09
C VAL DA 49 -15.68 -34.63 110.82
N ASP DA 50 -16.45 -35.60 110.33
CA ASP DA 50 -16.63 -36.84 111.08
C ASP DA 50 -15.69 -37.97 110.65
N LEU DA 51 -15.39 -38.08 109.35
CA LEU DA 51 -14.54 -39.15 108.85
C LEU DA 51 -13.09 -38.75 108.71
N ILE DA 52 -12.72 -37.55 109.18
CA ILE DA 52 -11.32 -37.13 109.12
C ILE DA 52 -10.45 -38.00 110.03
N VAL DA 53 -10.99 -38.41 111.17
CA VAL DA 53 -10.22 -39.16 112.16
C VAL DA 53 -10.73 -40.58 112.24
N SER DA 54 -11.31 -41.08 111.15
CA SER DA 54 -11.77 -42.47 111.10
C SER DA 54 -10.67 -43.45 110.73
N ASN DA 55 -9.47 -42.97 110.42
CA ASN DA 55 -8.34 -43.82 110.13
C ASN DA 55 -7.58 -44.16 111.41
N ILE DA 56 -6.60 -45.05 111.29
CA ILE DA 56 -5.84 -45.52 112.46
C ILE DA 56 -4.66 -44.56 112.63
N THR DA 57 -4.95 -43.40 113.22
CA THR DA 57 -3.97 -42.50 113.83
C THR DA 57 -2.89 -41.98 112.88
N GLU DA 58 -2.93 -42.34 111.60
CA GLU DA 58 -1.88 -41.92 110.69
C GLU DA 58 -2.37 -40.99 109.58
N ASN DA 59 -3.28 -41.45 108.72
CA ASN DA 59 -3.73 -40.70 107.57
C ASN DA 59 -4.78 -41.52 106.83
N GLY DA 60 -5.38 -40.90 105.81
CA GLY DA 60 -6.28 -41.59 104.92
C GLY DA 60 -6.26 -41.03 103.52
N SER DA 61 -6.03 -41.89 102.53
CA SER DA 61 -5.96 -41.42 101.14
C SER DA 61 -7.34 -41.10 100.60
N LYS DA 62 -8.34 -41.94 100.90
CA LYS DA 62 -9.69 -41.69 100.41
C LYS DA 62 -10.24 -40.40 100.99
N PHE DA 63 -10.03 -40.15 102.28
CA PHE DA 63 -10.48 -38.89 102.85
C PHE DA 63 -9.61 -37.73 102.40
N ASN DA 64 -8.36 -37.98 102.02
CA ASN DA 64 -7.57 -36.91 101.39
C ASN DA 64 -8.19 -36.48 100.07
N GLU DA 65 -8.62 -37.45 99.25
CA GLU DA 65 -9.29 -37.12 98.01
C GLU DA 65 -10.62 -36.43 98.27
N LYS DA 66 -11.35 -36.87 99.29
CA LYS DA 66 -12.60 -36.21 99.66
C LYS DA 66 -12.35 -34.79 100.13
N LEU DA 67 -11.24 -34.56 100.84
CA LEU DA 67 -10.91 -33.20 101.29
C LEU DA 67 -10.55 -32.31 100.10
N ASP DA 68 -9.83 -32.87 99.12
CA ASP DA 68 -9.57 -32.10 97.90
C ASP DA 68 -10.88 -31.75 97.18
N ASP DA 69 -11.80 -32.70 97.12
CA ASP DA 69 -13.11 -32.44 96.51
C ASP DA 69 -13.86 -31.37 97.28
N PHE DA 70 -13.81 -31.41 98.61
CA PHE DA 70 -14.46 -30.38 99.42
C PHE DA 70 -13.82 -29.01 99.18
N ALA DA 71 -12.49 -28.97 99.06
CA ALA DA 71 -11.80 -27.72 98.82
C ALA DA 71 -12.22 -27.11 97.47
N GLU DA 72 -12.26 -27.94 96.42
CA GLU DA 72 -12.68 -27.41 95.13
C GLU DA 72 -14.15 -27.03 95.13
N LYS DA 73 -14.99 -27.78 95.84
CA LYS DA 73 -16.41 -27.45 95.92
C LYS DA 73 -16.63 -26.12 96.63
N VAL DA 74 -15.89 -25.86 97.71
CA VAL DA 74 -16.06 -24.59 98.41
C VAL DA 74 -15.36 -23.44 97.68
N VAL DA 75 -14.37 -23.74 96.84
CA VAL DA 75 -13.80 -22.71 95.97
C VAL DA 75 -14.82 -22.28 94.92
N HIS DA 76 -15.47 -23.25 94.27
CA HIS DA 76 -16.49 -22.92 93.29
C HIS DA 76 -17.74 -22.32 93.93
N LEU DA 77 -18.02 -22.70 95.18
CA LEU DA 77 -19.25 -22.27 95.85
C LEU DA 77 -19.17 -20.81 96.29
N GLY DA 78 -17.97 -20.26 96.45
CA GLY DA 78 -17.83 -18.88 96.88
C GLY DA 78 -17.36 -18.74 98.31
N TRP DA 79 -16.42 -19.61 98.71
CA TRP DA 79 -15.83 -19.58 100.05
C TRP DA 79 -14.33 -19.53 99.91
N PRO DA 80 -13.75 -18.33 99.74
CA PRO DA 80 -12.30 -18.21 99.60
C PRO DA 80 -11.58 -18.44 100.93
N ILE DA 81 -10.27 -18.20 100.94
CA ILE DA 81 -9.48 -18.47 102.14
C ILE DA 81 -9.97 -17.64 103.32
N HIS DA 82 -10.48 -16.43 103.07
CA HIS DA 82 -10.99 -15.60 104.16
C HIS DA 82 -12.22 -16.23 104.81
N PHE DA 83 -13.14 -16.76 103.99
CA PHE DA 83 -14.33 -17.38 104.56
C PHE DA 83 -13.99 -18.65 105.32
N VAL DA 84 -13.06 -19.45 104.80
CA VAL DA 84 -12.64 -20.65 105.53
C VAL DA 84 -11.91 -20.27 106.82
N THR DA 85 -11.19 -19.15 106.81
CA THR DA 85 -10.53 -18.69 108.04
C THR DA 85 -11.55 -18.24 109.08
N THR DA 86 -12.60 -17.53 108.65
CA THR DA 86 -13.68 -17.20 109.56
C THR DA 86 -14.35 -18.47 110.09
N GLY DA 87 -14.50 -19.46 109.21
CA GLY DA 87 -15.04 -20.74 109.66
C GLY DA 87 -14.17 -21.41 110.70
N LEU DA 88 -12.85 -21.36 110.52
CA LEU DA 88 -11.94 -21.93 111.52
C LEU DA 88 -12.03 -21.17 112.83
N ARG DA 89 -12.12 -19.85 112.77
CA ARG DA 89 -12.24 -19.04 113.99
C ARG DA 89 -13.51 -19.39 114.76
N VAL DA 90 -14.63 -19.50 114.06
CA VAL DA 90 -15.87 -19.85 114.74
C VAL DA 90 -15.86 -21.31 115.19
N PHE DA 91 -15.15 -22.18 114.44
CA PHE DA 91 -14.93 -23.55 114.89
C PHE DA 91 -14.25 -23.55 116.26
N GLY DA 92 -13.17 -22.78 116.40
CA GLY DA 92 -12.48 -22.69 117.67
C GLY DA 92 -13.38 -22.12 118.76
N LEU DA 93 -14.16 -21.09 118.43
CA LEU DA 93 -15.06 -20.48 119.40
C LEU DA 93 -16.05 -21.51 119.95
N LEU DA 94 -16.73 -22.23 119.06
CA LEU DA 94 -17.74 -23.17 119.52
C LEU DA 94 -17.12 -24.41 120.14
N VAL DA 95 -15.90 -24.79 119.74
CA VAL DA 95 -15.21 -25.88 120.42
C VAL DA 95 -14.88 -25.48 121.86
N TYR DA 96 -14.46 -24.23 122.06
CA TYR DA 96 -14.21 -23.74 123.41
C TYR DA 96 -15.50 -23.73 124.23
N THR DA 97 -16.60 -23.28 123.64
CA THR DA 97 -17.88 -23.28 124.36
C THR DA 97 -18.30 -24.69 124.73
N ALA DA 98 -18.17 -25.63 123.80
CA ALA DA 98 -18.52 -27.02 124.09
C ALA DA 98 -17.63 -27.62 125.17
N MET DA 99 -16.33 -27.28 125.13
CA MET DA 99 -15.43 -27.71 126.19
C MET DA 99 -15.88 -27.19 127.54
N ARG DA 100 -16.31 -25.93 127.60
CA ARG DA 100 -16.85 -25.39 128.84
C ARG DA 100 -18.11 -26.14 129.28
N ASP DA 101 -18.97 -26.49 128.32
CA ASP DA 101 -20.24 -27.14 128.65
C ASP DA 101 -20.11 -28.66 128.75
N GLU DA 102 -19.68 -29.31 127.67
CA GLU DA 102 -19.68 -30.78 127.64
C GLU DA 102 -18.68 -31.35 128.64
N ASP DA 103 -17.43 -30.88 128.60
CA ASP DA 103 -16.38 -31.31 129.52
C ASP DA 103 -16.20 -32.82 129.49
N LEU DA 104 -15.99 -33.36 128.29
CA LEU DA 104 -15.74 -34.79 128.08
C LEU DA 104 -14.54 -34.92 127.15
N PHE DA 105 -13.36 -35.11 127.74
CA PHE DA 105 -12.12 -35.12 126.98
C PHE DA 105 -11.78 -36.54 126.54
N LEU DA 106 -10.59 -36.71 125.96
CA LEU DA 106 -10.22 -37.99 125.36
C LEU DA 106 -9.86 -39.02 126.42
N LYS DA 107 -8.81 -38.76 127.20
CA LYS DA 107 -8.34 -39.73 128.17
C LYS DA 107 -9.24 -39.73 129.40
N ARG DA 108 -9.50 -40.94 129.92
CA ARG DA 108 -10.36 -41.09 131.08
C ARG DA 108 -9.61 -40.68 132.34
N GLU DA 109 -10.12 -39.66 133.02
CA GLU DA 109 -9.51 -39.18 134.26
C GLU DA 109 -10.55 -38.35 135.00
N GLU DA 110 -10.44 -38.33 136.33
CA GLU DA 110 -11.36 -37.54 137.13
C GLU DA 110 -11.22 -36.05 136.83
N LYS DA 111 -10.04 -35.62 136.37
CA LYS DA 111 -9.82 -34.23 135.98
C LYS DA 111 -8.70 -34.20 134.95
N PRO DA 112 -9.05 -34.23 133.67
CA PRO DA 112 -8.02 -34.25 132.62
C PRO DA 112 -7.24 -32.94 132.61
N GLU DA 113 -6.12 -32.96 131.90
CA GLU DA 113 -5.15 -31.88 131.91
C GLU DA 113 -5.04 -31.26 130.51
N ASP DA 114 -4.08 -30.35 130.37
CA ASP DA 114 -3.94 -29.56 129.15
C ASP DA 114 -3.54 -30.37 127.93
N ASP DA 115 -3.12 -31.63 128.11
CA ASP DA 115 -2.63 -32.44 127.00
C ASP DA 115 -3.66 -32.55 125.89
N ALA DA 116 -4.80 -33.20 126.16
CA ALA DA 116 -5.86 -33.28 125.15
C ALA DA 116 -6.48 -31.92 124.89
N TYR DA 117 -6.52 -31.06 125.91
CA TYR DA 117 -7.08 -29.72 125.75
C TYR DA 117 -6.42 -28.97 124.60
N TYR DA 118 -5.12 -29.18 124.41
CA TYR DA 118 -4.45 -28.57 123.27
C TYR DA 118 -4.25 -29.51 122.09
N ARG DA 119 -4.31 -30.82 122.30
CA ARG DA 119 -4.30 -31.74 121.17
C ARG DA 119 -5.51 -31.53 120.28
N PHE DA 120 -6.64 -31.12 120.86
CA PHE DA 120 -7.80 -30.73 120.06
C PHE DA 120 -7.44 -29.61 119.09
N GLU DA 121 -6.80 -28.55 119.61
CA GLU DA 121 -6.43 -27.42 118.75
C GLU DA 121 -5.38 -27.81 117.73
N THR DA 122 -4.44 -28.68 118.10
CA THR DA 122 -3.44 -29.12 117.13
C THR DA 122 -4.09 -29.90 116.00
N TRP DA 123 -5.05 -30.78 116.30
CA TRP DA 123 -5.74 -31.50 115.25
C TRP DA 123 -6.58 -30.57 114.39
N LEU DA 124 -7.20 -29.55 115.01
CA LEU DA 124 -7.91 -28.54 114.23
C LEU DA 124 -6.99 -27.83 113.26
N SER DA 125 -5.80 -27.44 113.73
CA SER DA 125 -4.83 -26.77 112.87
C SER DA 125 -4.35 -27.69 111.76
N SER DA 126 -4.20 -28.99 112.06
CA SER DA 126 -3.79 -29.94 111.03
C SER DA 126 -4.85 -30.07 109.94
N MET DA 127 -6.13 -30.15 110.33
CA MET DA 127 -7.19 -30.21 109.35
C MET DA 127 -7.23 -28.94 108.50
N TYR DA 128 -7.06 -27.78 109.13
CA TYR DA 128 -7.06 -26.53 108.37
C TYR DA 128 -5.86 -26.46 107.44
N ASN DA 129 -4.70 -26.97 107.86
CA ASN DA 129 -3.54 -27.01 107.00
C ASN DA 129 -3.78 -27.90 105.78
N LYS DA 130 -4.39 -29.06 105.98
CA LYS DA 130 -4.73 -29.91 104.85
C LYS DA 130 -5.71 -29.23 103.91
N VAL DA 131 -6.71 -28.54 104.48
CA VAL DA 131 -7.71 -27.87 103.65
C VAL DA 131 -7.06 -26.78 102.81
N VAL DA 132 -6.20 -25.96 103.41
CA VAL DA 132 -5.57 -24.89 102.65
C VAL DA 132 -4.56 -25.45 101.66
N THR DA 133 -3.95 -26.61 101.96
CA THR DA 133 -3.06 -27.24 101.00
C THR DA 133 -3.83 -27.69 99.76
N ALA DA 134 -5.02 -28.26 99.96
CA ALA DA 134 -5.85 -28.63 98.82
C ALA DA 134 -6.54 -27.44 98.16
N TYR DA 135 -6.58 -26.30 98.85
CA TYR DA 135 -7.32 -25.14 98.36
C TYR DA 135 -6.70 -24.55 97.09
N ALA DA 136 -5.38 -24.34 97.10
CA ALA DA 136 -4.73 -23.50 96.10
C ALA DA 136 -4.26 -24.24 94.86
N ASP DA 137 -4.40 -25.57 94.81
CA ASP DA 137 -3.86 -26.32 93.68
C ASP DA 137 -4.54 -25.94 92.37
N THR DA 138 -5.88 -25.98 92.34
CA THR DA 138 -6.61 -25.65 91.12
C THR DA 138 -6.40 -24.21 90.72
N TRP DA 139 -6.37 -23.29 91.70
CA TRP DA 139 -6.15 -21.89 91.39
C TRP DA 139 -4.76 -21.67 90.77
N GLU DA 140 -3.73 -22.31 91.31
CA GLU DA 140 -2.41 -22.19 90.73
C GLU DA 140 -2.36 -22.79 89.33
N LYS DA 141 -3.02 -23.93 89.13
CA LYS DA 141 -3.04 -24.55 87.80
C LYS DA 141 -3.71 -23.65 86.78
N THR DA 142 -4.86 -23.06 87.13
CA THR DA 142 -5.55 -22.21 86.17
C THR DA 142 -4.79 -20.90 85.94
N VAL DA 143 -4.11 -20.39 86.96
CA VAL DA 143 -3.27 -19.21 86.76
C VAL DA 143 -2.14 -19.54 85.80
N SER DA 144 -1.52 -20.71 85.95
CA SER DA 144 -0.44 -21.11 85.06
C SER DA 144 -0.92 -21.26 83.62
N ILE DA 145 -2.08 -21.91 83.42
CA ILE DA 145 -2.55 -22.10 82.06
C ILE DA 145 -2.98 -20.78 81.43
N GLN DA 146 -3.56 -19.87 82.22
CA GLN DA 146 -3.91 -18.56 81.69
C GLN DA 146 -2.66 -17.76 81.34
N LYS DA 147 -1.61 -17.86 82.16
CA LYS DA 147 -0.35 -17.20 81.85
C LYS DA 147 0.25 -17.75 80.57
N SER DA 148 0.20 -19.06 80.38
CA SER DA 148 0.70 -19.65 79.14
C SER DA 148 -0.11 -19.18 77.94
N ALA DA 149 -1.44 -19.11 78.08
CA ALA DA 149 -2.28 -18.65 76.98
C ALA DA 149 -1.97 -17.20 76.61
N LEU DA 150 -1.80 -16.33 77.61
CA LEU DA 150 -1.46 -14.94 77.32
C LEU DA 150 -0.04 -14.82 76.77
N GLN DA 151 0.86 -15.71 77.19
CA GLN DA 151 2.21 -15.72 76.65
C GLN DA 151 2.20 -16.08 75.16
N GLU DA 152 1.36 -17.04 74.79
CA GLU DA 152 1.31 -17.47 73.39
C GLU DA 152 0.53 -16.49 72.52
N LEU DA 153 -0.52 -15.87 73.07
CA LEU DA 153 -1.44 -15.06 72.27
C LEU DA 153 -0.94 -13.65 71.99
N SER DA 154 0.13 -13.20 72.64
CA SER DA 154 0.49 -11.79 72.55
C SER DA 154 1.14 -11.45 71.21
N ALA DA 155 1.82 -12.40 70.58
CA ALA DA 155 2.61 -12.15 69.37
C ALA DA 155 2.23 -13.14 68.28
N PRO DA 156 1.06 -12.99 67.68
CA PRO DA 156 0.70 -13.85 66.54
C PRO DA 156 1.28 -13.30 65.25
N LEU DA 157 2.32 -13.96 64.75
CA LEU DA 157 2.89 -13.61 63.45
C LEU DA 157 2.31 -14.47 62.33
N LEU DA 158 1.46 -15.44 62.66
CA LEU DA 158 0.95 -16.36 61.66
C LEU DA 158 0.30 -15.69 60.46
N PRO DA 159 -0.48 -14.60 60.61
CA PRO DA 159 -0.97 -13.90 59.41
C PRO DA 159 0.17 -13.53 58.48
N ILE DA 160 0.19 -14.14 57.30
CA ILE DA 160 1.31 -14.02 56.38
C ILE DA 160 0.77 -13.91 54.97
N PHE DA 161 1.30 -12.96 54.20
CA PHE DA 161 1.03 -12.86 52.78
C PHE DA 161 2.32 -13.16 52.01
N GLU DA 162 2.21 -13.22 50.69
CA GLU DA 162 3.37 -13.43 49.85
C GLU DA 162 4.41 -12.34 50.09
N LYS DA 163 5.57 -12.70 50.64
CA LYS DA 163 6.66 -11.78 50.95
C LYS DA 163 6.26 -10.73 51.97
N ILE DA 164 5.17 -10.93 52.69
CA ILE DA 164 4.69 -9.99 53.70
C ILE DA 164 4.37 -10.78 54.96
N SER DA 165 4.71 -10.21 56.12
CA SER DA 165 4.43 -10.84 57.41
C SER DA 165 3.79 -9.80 58.30
N VAL DA 166 2.46 -9.76 58.30
CA VAL DA 166 1.73 -8.80 59.13
C VAL DA 166 1.64 -9.33 60.56
N MET DA 167 1.97 -8.49 61.52
CA MET DA 167 2.00 -8.88 62.93
C MET DA 167 1.07 -7.98 63.73
N PRO DA 168 -0.12 -8.45 64.07
CA PRO DA 168 -1.03 -7.63 64.89
C PRO DA 168 -0.85 -7.87 66.38
N LEU DA 169 -0.71 -6.78 67.15
CA LEU DA 169 -0.73 -6.84 68.60
C LEU DA 169 -1.82 -5.91 69.10
N ILE DA 170 -2.63 -6.40 70.04
CA ILE DA 170 -3.80 -5.65 70.50
C ILE DA 170 -3.86 -5.47 72.01
N GLY DA 171 -3.14 -6.28 72.80
CA GLY DA 171 -3.21 -6.14 74.24
C GLY DA 171 -2.37 -4.99 74.77
N THR DA 172 -2.57 -4.70 76.05
CA THR DA 172 -1.81 -3.66 76.73
C THR DA 172 -0.40 -4.17 76.96
N ILE DA 173 0.57 -3.59 76.26
CA ILE DA 173 1.94 -4.11 76.27
C ILE DA 173 2.66 -3.58 77.50
N ASP DA 174 3.09 -4.50 78.36
CA ASP DA 174 3.93 -4.20 79.50
C ASP DA 174 5.37 -4.64 79.21
N THR DA 175 6.22 -4.62 80.24
CA THR DA 175 7.61 -5.05 80.08
C THR DA 175 7.70 -6.45 79.50
N GLU DA 176 7.01 -7.41 80.14
CA GLU DA 176 7.10 -8.80 79.70
C GLU DA 176 6.53 -8.95 78.30
N ARG DA 177 5.40 -8.31 78.01
CA ARG DA 177 4.82 -8.39 76.68
C ARG DA 177 5.71 -7.74 75.64
N ALA DA 178 6.39 -6.64 76.00
CA ALA DA 178 7.30 -6.01 75.04
C ALA DA 178 8.47 -6.92 74.70
N LYS DA 179 9.07 -7.54 75.72
CA LYS DA 179 10.16 -8.47 75.46
C LYS DA 179 9.67 -9.66 74.63
N LEU DA 180 8.49 -10.16 74.95
CA LEU DA 180 7.92 -11.26 74.18
C LEU DA 180 7.69 -10.87 72.73
N ILE DA 181 7.19 -9.65 72.52
CA ILE DA 181 6.93 -9.17 71.16
C ILE DA 181 8.22 -9.11 70.36
N ILE DA 182 9.26 -8.50 70.92
CA ILE DA 182 10.50 -8.36 70.17
C ILE DA 182 11.10 -9.74 69.88
N GLU DA 183 11.10 -10.63 70.87
CA GLU DA 183 11.66 -11.96 70.67
C GLU DA 183 10.92 -12.70 69.56
N ASN DA 184 9.59 -12.77 69.67
CA ASN DA 184 8.81 -13.52 68.68
C ASN DA 184 8.94 -12.91 67.30
N LEU DA 185 8.91 -11.58 67.20
CA LEU DA 185 9.01 -10.95 65.90
C LEU DA 185 10.35 -11.27 65.24
N LEU DA 186 11.45 -11.18 66.00
CA LEU DA 186 12.75 -11.48 65.41
C LEU DA 186 12.84 -12.95 65.00
N ILE DA 187 12.41 -13.86 65.87
CA ILE DA 187 12.51 -15.28 65.54
C ILE DA 187 11.63 -15.61 64.34
N GLY DA 188 10.44 -15.02 64.26
CA GLY DA 188 9.58 -15.29 63.12
C GLY DA 188 10.12 -14.76 61.82
N VAL DA 189 10.66 -13.54 61.83
CA VAL DA 189 11.22 -13.01 60.59
C VAL DA 189 12.46 -13.81 60.19
N VAL DA 190 13.17 -14.38 61.18
CA VAL DA 190 14.26 -15.29 60.85
C VAL DA 190 13.73 -16.56 60.17
N LYS DA 191 12.73 -17.20 60.78
CA LYS DA 191 12.23 -18.45 60.24
C LYS DA 191 11.55 -18.24 58.90
N ASN DA 192 10.63 -17.29 58.84
CA ASN DA 192 9.88 -17.00 57.61
C ASN DA 192 10.51 -15.78 56.95
N ARG DA 193 11.03 -15.97 55.74
CA ARG DA 193 11.63 -14.86 55.01
C ARG DA 193 10.54 -13.89 54.57
N SER DA 194 10.86 -12.59 54.67
CA SER DA 194 9.90 -11.55 54.36
C SER DA 194 10.66 -10.29 53.95
N GLU DA 195 9.91 -9.28 53.53
CA GLU DA 195 10.51 -8.01 53.15
C GLU DA 195 9.86 -6.85 53.88
N VAL DA 196 8.56 -6.94 54.14
CA VAL DA 196 7.82 -5.93 54.87
C VAL DA 196 7.09 -6.59 56.03
N VAL DA 197 7.23 -6.02 57.22
CA VAL DA 197 6.55 -6.51 58.40
C VAL DA 197 5.66 -5.39 58.92
N LEU DA 198 4.36 -5.59 58.86
CA LEU DA 198 3.39 -4.62 59.36
C LEU DA 198 3.14 -4.90 60.84
N ILE DA 199 3.47 -3.95 61.69
CA ILE DA 199 3.16 -4.03 63.11
C ILE DA 199 1.88 -3.24 63.37
N ASP DA 200 0.82 -3.94 63.75
CA ASP DA 200 -0.49 -3.32 63.96
C ASP DA 200 -0.54 -2.84 65.40
N ILE DA 201 -0.29 -1.54 65.60
CA ILE DA 201 -0.36 -0.96 66.93
C ILE DA 201 -1.78 -0.62 67.34
N THR DA 202 -2.68 -0.46 66.38
CA THR DA 202 -4.07 -0.12 66.68
C THR DA 202 -4.67 -1.15 67.63
N GLY DA 203 -5.03 -0.70 68.83
CA GLY DA 203 -5.63 -1.59 69.81
C GLY DA 203 -5.08 -1.40 71.21
N VAL DA 204 -3.84 -0.97 71.33
CA VAL DA 204 -3.20 -0.83 72.64
C VAL DA 204 -3.70 0.45 73.30
N PRO DA 205 -4.23 0.37 74.52
CA PRO DA 205 -4.76 1.58 75.17
C PRO DA 205 -3.69 2.56 75.61
N VAL DA 206 -2.68 2.12 76.34
CA VAL DA 206 -1.63 3.02 76.82
C VAL DA 206 -0.28 2.36 76.61
N VAL DA 207 0.65 3.11 76.01
CA VAL DA 207 2.04 2.69 75.86
C VAL DA 207 2.89 3.70 76.61
N ASP DA 208 3.66 3.22 77.59
CA ASP DA 208 4.52 4.11 78.36
C ASP DA 208 5.81 4.36 77.56
N THR DA 209 6.80 4.96 78.21
CA THR DA 209 8.02 5.35 77.51
C THR DA 209 8.80 4.13 77.04
N MET DA 210 9.03 3.17 77.94
CA MET DA 210 9.95 2.08 77.62
C MET DA 210 9.35 1.13 76.59
N VAL DA 211 8.04 0.91 76.64
CA VAL DA 211 7.41 0.04 75.64
C VAL DA 211 7.52 0.67 74.26
N ALA DA 212 7.30 1.98 74.16
CA ALA DA 212 7.48 2.66 72.88
C ALA DA 212 8.93 2.58 72.42
N HIS DA 213 9.87 2.74 73.35
CA HIS DA 213 11.28 2.62 73.01
C HIS DA 213 11.61 1.24 72.46
N HIS DA 214 11.08 0.19 73.10
CA HIS DA 214 11.35 -1.15 72.62
C HIS DA 214 10.65 -1.43 71.30
N ILE DA 215 9.48 -0.83 71.06
CA ILE DA 215 8.83 -0.99 69.76
C ILE DA 215 9.65 -0.34 68.66
N ILE DA 216 10.18 0.86 68.91
CA ILE DA 216 11.03 1.51 67.92
C ILE DA 216 12.30 0.71 67.70
N GLN DA 217 12.87 0.16 68.77
CA GLN DA 217 14.04 -0.70 68.62
C GLN DA 217 13.72 -1.97 67.85
N ALA DA 218 12.50 -2.50 68.01
CA ALA DA 218 12.06 -3.63 67.21
C ALA DA 218 12.02 -3.27 65.74
N SER DA 219 11.47 -2.09 65.43
CA SER DA 219 11.44 -1.63 64.05
C SER DA 219 12.85 -1.49 63.49
N GLU DA 220 13.76 -0.90 64.27
CA GLU DA 220 15.13 -0.73 63.80
C GLU DA 220 15.83 -2.06 63.62
N ALA DA 221 15.61 -3.02 64.53
CA ALA DA 221 16.21 -4.33 64.39
C ALA DA 221 15.68 -5.07 63.17
N VAL DA 222 14.38 -4.97 62.91
CA VAL DA 222 13.81 -5.59 61.72
C VAL DA 222 14.41 -4.96 60.46
N ARG DA 223 14.60 -3.64 60.47
CA ARG DA 223 15.28 -2.99 59.36
C ARG DA 223 16.70 -3.52 59.21
N LEU DA 224 17.39 -3.73 60.33
CA LEU DA 224 18.76 -4.21 60.31
C LEU DA 224 18.86 -5.63 59.80
N VAL DA 225 17.83 -6.45 60.01
CA VAL DA 225 17.86 -7.79 59.42
C VAL DA 225 17.74 -7.71 57.91
N GLY DA 226 17.01 -6.72 57.41
CA GLY DA 226 16.88 -6.53 55.97
C GLY DA 226 15.44 -6.48 55.52
N CYS DA 227 14.54 -6.11 56.41
CA CYS DA 227 13.11 -6.04 56.11
C CYS DA 227 12.57 -4.69 56.58
N GLN DA 228 11.85 -4.00 55.69
CA GLN DA 228 11.23 -2.74 56.07
C GLN DA 228 10.14 -2.98 57.11
N ALA DA 229 10.12 -2.14 58.13
CA ALA DA 229 9.15 -2.24 59.22
C ALA DA 229 8.19 -1.07 59.10
N MET DA 230 6.95 -1.35 58.70
CA MET DA 230 5.90 -0.35 58.56
C MET DA 230 5.05 -0.39 59.82
N LEU DA 231 5.28 0.55 60.73
CA LEU DA 231 4.48 0.66 61.95
C LEU DA 231 3.13 1.26 61.57
N VAL DA 232 2.11 0.42 61.49
CA VAL DA 232 0.83 0.80 60.91
C VAL DA 232 -0.18 1.06 62.01
N GLY DA 233 -1.06 2.04 61.79
CA GLY DA 233 -2.18 2.30 62.66
C GLY DA 233 -1.85 2.79 64.05
N ILE DA 234 -0.90 3.72 64.16
CA ILE DA 234 -0.59 4.31 65.46
C ILE DA 234 -1.69 5.29 65.85
N ARG DA 235 -1.95 5.35 67.16
CA ARG DA 235 -3.03 6.18 67.74
C ARG DA 235 -2.45 7.45 68.42
N PRO DA 236 -3.07 8.66 68.40
CA PRO DA 236 -2.47 9.89 68.92
C PRO DA 236 -1.87 9.82 70.32
N GLU DA 237 -2.42 9.04 71.26
CA GLU DA 237 -1.77 8.93 72.57
C GLU DA 237 -0.40 8.26 72.45
N ILE DA 238 -0.32 7.20 71.65
CA ILE DA 238 0.95 6.53 71.44
C ILE DA 238 1.92 7.46 70.74
N ALA DA 239 1.41 8.29 69.82
CA ALA DA 239 2.26 9.30 69.21
C ALA DA 239 2.75 10.30 70.25
N GLN DA 240 1.88 10.69 71.17
CA GLN DA 240 2.28 11.55 72.28
C GLN DA 240 3.51 10.98 72.96
N THR DA 241 3.40 9.72 73.39
CA THR DA 241 4.49 9.09 74.13
C THR DA 241 5.73 8.94 73.27
N ILE DA 242 5.57 8.52 72.01
CA ILE DA 242 6.73 8.22 71.18
C ILE DA 242 7.54 9.48 70.91
N VAL DA 243 6.88 10.59 70.58
CA VAL DA 243 7.65 11.80 70.32
C VAL DA 243 8.20 12.37 71.63
N ASN DA 244 7.46 12.22 72.74
CA ASN DA 244 7.97 12.69 74.01
C ASN DA 244 9.18 11.87 74.47
N LEU DA 245 9.37 10.68 73.91
CA LEU DA 245 10.60 9.94 74.14
C LEU DA 245 11.81 10.70 73.60
N GLY DA 246 11.61 11.48 72.54
CA GLY DA 246 12.66 12.32 72.00
C GLY DA 246 13.61 11.66 71.03
N ILE DA 247 13.39 10.39 70.70
CA ILE DA 247 14.27 9.69 69.76
C ILE DA 247 14.01 10.19 68.35
N GLU DA 248 14.91 9.85 67.43
CA GLU DA 248 14.71 10.20 66.03
C GLU DA 248 13.52 9.41 65.46
N LEU DA 249 12.67 10.11 64.71
CA LEU DA 249 11.43 9.54 64.21
C LEU DA 249 11.27 9.79 62.72
N ASP DA 250 12.34 9.52 61.96
CA ASP DA 250 12.30 9.59 60.51
C ASP DA 250 12.54 8.26 59.83
N GLN DA 251 13.21 7.31 60.48
CA GLN DA 251 13.46 6.01 59.87
C GLN DA 251 12.21 5.15 59.83
N ILE DA 252 11.29 5.32 60.77
CA ILE DA 252 10.06 4.53 60.80
C ILE DA 252 9.08 5.11 59.79
N ILE DA 253 8.50 4.25 58.97
CA ILE DA 253 7.53 4.66 57.96
C ILE DA 253 6.17 4.18 58.42
N THR DA 254 5.33 5.12 58.85
CA THR DA 254 4.05 4.78 59.43
C THR DA 254 2.95 4.77 58.38
N THR DA 255 1.72 4.53 58.82
CA THR DA 255 0.58 4.40 57.93
C THR DA 255 -0.70 4.53 58.74
N ASN DA 256 -1.73 5.14 58.13
CA ASN DA 256 -2.99 5.35 58.83
C ASN DA 256 -3.62 4.03 59.24
N THR DA 257 -3.77 3.11 58.29
CA THR DA 257 -4.42 1.83 58.57
C THR DA 257 -3.90 0.79 57.59
N MET DA 258 -4.13 -0.48 57.96
CA MET DA 258 -3.63 -1.59 57.15
C MET DA 258 -4.19 -1.58 55.74
N LYS DA 259 -5.35 -0.98 55.54
CA LYS DA 259 -5.96 -0.91 54.21
C LYS DA 259 -4.98 -0.35 53.19
N LYS DA 260 -4.34 0.78 53.51
CA LYS DA 260 -3.36 1.36 52.60
C LYS DA 260 -1.93 0.94 52.94
N GLY DA 261 -1.68 0.43 54.15
CA GLY DA 261 -0.38 -0.12 54.46
C GLY DA 261 -0.05 -1.31 53.58
N MET DA 262 -1.03 -2.18 53.35
CA MET DA 262 -0.82 -3.33 52.46
C MET DA 262 -0.45 -2.88 51.06
N GLU DA 263 -1.19 -1.91 50.51
CA GLU DA 263 -0.91 -1.50 49.14
C GLU DA 263 0.42 -0.75 49.04
N ARG DA 264 0.80 -0.02 50.09
CA ARG DA 264 2.11 0.64 50.05
C ARG DA 264 3.24 -0.37 50.14
N ALA DA 265 3.08 -1.40 50.97
CA ALA DA 265 4.07 -2.48 51.01
C ALA DA 265 4.17 -3.16 49.66
N LEU DA 266 3.03 -3.41 49.01
CA LEU DA 266 3.05 -3.95 47.66
C LEU DA 266 3.73 -3.00 46.68
N ALA DA 267 3.58 -1.69 46.90
CA ALA DA 267 4.26 -0.72 46.07
C ALA DA 267 5.77 -0.81 46.22
N LEU DA 268 6.24 -1.10 47.44
CA LEU DA 268 7.68 -1.32 47.63
C LEU DA 268 8.16 -2.51 46.81
N THR DA 269 7.41 -3.60 46.81
CA THR DA 269 7.71 -4.75 45.94
C THR DA 269 7.05 -4.49 44.60
N ASN DA 270 7.75 -3.70 43.78
CA ASN DA 270 7.18 -3.03 42.60
C ASN DA 270 6.19 -3.89 41.81
N ARG DA 271 6.61 -5.09 41.42
CA ARG DA 271 5.80 -5.92 40.54
C ARG DA 271 4.89 -6.88 41.29
N GLU DA 272 4.86 -6.83 42.62
CA GLU DA 272 4.01 -7.70 43.41
C GLU DA 272 2.60 -7.14 43.60
N ILE DA 273 2.32 -5.94 43.09
CA ILE DA 273 0.99 -5.37 43.25
C ILE DA 273 -0.05 -6.17 42.48
N VAL DA 274 0.37 -6.86 41.41
CA VAL DA 274 -0.54 -7.67 40.62
C VAL DA 274 -0.71 -9.05 41.27
N MET EA 1 -96.21 -72.03 -34.49
CA MET EA 1 -97.56 -72.26 -34.00
C MET EA 1 -97.62 -72.04 -32.49
N TYR EA 2 -97.86 -70.79 -32.10
CA TYR EA 2 -97.92 -70.42 -30.69
C TYR EA 2 -99.28 -69.91 -30.25
N LYS EA 3 -100.28 -69.90 -31.14
CA LYS EA 3 -101.60 -69.39 -30.78
C LYS EA 3 -102.22 -70.20 -29.66
N ASP EA 4 -102.49 -71.49 -29.92
CA ASP EA 4 -103.02 -72.34 -28.87
C ASP EA 4 -102.03 -72.50 -27.73
N PHE EA 5 -100.73 -72.40 -28.02
CA PHE EA 5 -99.73 -72.36 -26.96
C PHE EA 5 -99.93 -71.16 -26.06
N ALA EA 6 -100.20 -69.99 -26.66
CA ALA EA 6 -100.48 -68.80 -25.86
C ALA EA 6 -101.76 -68.97 -25.05
N ASN EA 7 -102.79 -69.57 -25.66
CA ASN EA 7 -104.04 -69.79 -24.93
C ASN EA 7 -103.83 -70.73 -23.74
N PHE EA 8 -103.01 -71.76 -23.92
CA PHE EA 8 -102.75 -72.68 -22.82
C PHE EA 8 -101.89 -72.02 -21.74
N ILE EA 9 -100.95 -71.15 -22.14
CA ILE EA 9 -100.16 -70.43 -21.14
C ILE EA 9 -101.04 -69.45 -20.38
N ARG EA 10 -102.10 -68.93 -21.01
CA ARG EA 10 -103.04 -68.06 -20.30
C ARG EA 10 -103.63 -68.75 -19.08
N THR EA 11 -103.73 -70.07 -19.10
CA THR EA 11 -104.15 -70.84 -17.94
C THR EA 11 -102.98 -71.36 -17.11
N ASN EA 12 -101.84 -71.64 -17.75
CA ASN EA 12 -100.65 -72.12 -17.05
C ASN EA 12 -99.97 -71.04 -16.24
N LYS EA 13 -100.38 -69.78 -16.37
CA LYS EA 13 -99.79 -68.73 -15.55
C LYS EA 13 -100.03 -69.00 -14.06
N LYS EA 14 -101.23 -69.45 -13.71
CA LYS EA 14 -101.52 -69.80 -12.31
C LYS EA 14 -100.67 -70.97 -11.85
N ASP EA 15 -100.48 -71.96 -12.72
CA ASP EA 15 -99.62 -73.10 -12.38
C ASP EA 15 -98.18 -72.63 -12.14
N LEU EA 16 -97.70 -71.71 -12.97
CA LEU EA 16 -96.36 -71.16 -12.79
C LEU EA 16 -96.26 -70.39 -11.47
N LEU EA 17 -97.31 -69.64 -11.12
CA LEU EA 17 -97.30 -68.93 -9.84
C LEU EA 17 -97.26 -69.90 -8.66
N ASN EA 18 -98.07 -70.96 -8.72
CA ASN EA 18 -98.02 -71.98 -7.67
C ASN EA 18 -96.65 -72.65 -7.64
N ASN EA 19 -96.02 -72.81 -8.80
CA ASN EA 19 -94.67 -73.35 -8.86
C ASN EA 19 -93.68 -72.43 -8.16
N TRP EA 20 -93.83 -71.11 -8.36
CA TRP EA 20 -92.98 -70.15 -7.66
C TRP EA 20 -93.18 -70.26 -6.15
N MET EA 21 -94.43 -70.38 -5.70
CA MET EA 21 -94.68 -70.57 -4.27
C MET EA 21 -94.04 -71.87 -3.76
N ASN EA 22 -94.09 -72.94 -4.55
CA ASN EA 22 -93.46 -74.19 -4.14
C ASN EA 22 -91.94 -74.03 -4.04
N GLU EA 23 -91.33 -73.33 -5.01
CA GLU EA 23 -89.89 -73.12 -5.01
C GLU EA 23 -89.47 -72.12 -3.93
N MET EA 24 -90.41 -71.36 -3.38
CA MET EA 24 -90.12 -70.46 -2.28
C MET EA 24 -89.49 -71.17 -1.09
N GLU EA 25 -89.81 -72.45 -0.89
CA GLU EA 25 -89.53 -73.14 0.36
C GLU EA 25 -88.16 -73.82 0.40
N LYS EA 26 -87.50 -74.02 -0.74
CA LYS EA 26 -86.34 -74.90 -0.77
C LYS EA 26 -85.02 -74.17 -0.45
N GLN EA 27 -84.66 -73.17 -1.24
CA GLN EA 27 -83.35 -72.55 -1.15
C GLN EA 27 -83.48 -71.07 -0.84
N SER EA 28 -82.75 -70.63 0.19
CA SER EA 28 -82.61 -69.21 0.54
C SER EA 28 -83.97 -68.51 0.66
N ASP EA 29 -84.88 -69.15 1.40
CA ASP EA 29 -86.22 -68.60 1.54
C ASP EA 29 -86.24 -67.19 2.14
N PRO EA 30 -85.55 -66.91 3.26
CA PRO EA 30 -85.58 -65.53 3.78
C PRO EA 30 -84.98 -64.51 2.81
N LEU EA 31 -83.87 -64.86 2.14
CA LEU EA 31 -83.21 -63.91 1.25
C LEU EA 31 -84.12 -63.56 0.07
N ILE EA 32 -84.70 -64.57 -0.57
CA ILE EA 32 -85.56 -64.32 -1.72
C ILE EA 32 -86.83 -63.61 -1.28
N ASN EA 33 -87.38 -63.99 -0.13
CA ASN EA 33 -88.58 -63.32 0.37
C ASN EA 33 -88.31 -61.86 0.72
N ASP EA 34 -87.08 -61.53 1.08
CA ASP EA 34 -86.73 -60.15 1.40
C ASP EA 34 -86.48 -59.33 0.14
N ILE EA 35 -85.72 -59.87 -0.81
CA ILE EA 35 -85.36 -59.10 -2.00
C ILE EA 35 -86.58 -58.87 -2.89
N ALA EA 36 -87.47 -59.85 -2.99
CA ALA EA 36 -88.60 -59.77 -3.89
C ALA EA 36 -89.82 -60.42 -3.24
N LYS EA 37 -90.87 -59.65 -3.04
CA LYS EA 37 -92.09 -60.19 -2.45
C LYS EA 37 -92.90 -60.94 -3.50
N GLU EA 38 -93.96 -61.60 -3.05
CA GLU EA 38 -94.76 -62.44 -3.92
C GLU EA 38 -95.45 -61.69 -5.06
N PRO EA 39 -96.16 -60.58 -4.82
CA PRO EA 39 -96.98 -60.01 -5.92
C PRO EA 39 -96.16 -59.50 -7.11
N MET EA 40 -95.14 -58.66 -6.85
CA MET EA 40 -94.38 -58.10 -7.97
C MET EA 40 -93.55 -59.17 -8.66
N TYR EA 41 -93.04 -60.15 -7.92
CA TYR EA 41 -92.34 -61.27 -8.54
C TYR EA 41 -93.28 -62.07 -9.44
N GLU EA 42 -94.51 -62.32 -8.98
CA GLU EA 42 -95.48 -63.04 -9.78
C GLU EA 42 -95.83 -62.28 -11.05
N GLU EA 43 -96.04 -60.96 -10.94
CA GLU EA 43 -96.41 -60.18 -12.11
C GLU EA 43 -95.25 -60.09 -13.11
N THR EA 44 -94.02 -59.94 -12.61
CA THR EA 44 -92.86 -59.95 -13.50
C THR EA 44 -92.72 -61.30 -14.19
N SER EA 45 -92.94 -62.39 -13.46
CA SER EA 45 -92.82 -63.72 -14.05
C SER EA 45 -93.86 -63.93 -15.14
N ILE EA 46 -95.11 -63.55 -14.87
CA ILE EA 46 -96.16 -63.77 -15.87
C ILE EA 46 -95.93 -62.86 -17.08
N GLU EA 47 -95.44 -61.63 -16.85
CA GLU EA 47 -95.10 -60.76 -17.97
C GLU EA 47 -93.97 -61.35 -18.82
N PHE EA 48 -92.99 -61.98 -18.17
CA PHE EA 48 -91.88 -62.57 -18.90
C PHE EA 48 -92.32 -63.79 -19.68
N VAL EA 49 -93.22 -64.60 -19.11
CA VAL EA 49 -93.58 -65.86 -19.75
C VAL EA 49 -94.76 -65.77 -20.72
N ASP EA 50 -95.54 -64.69 -20.66
CA ASP EA 50 -96.70 -64.57 -21.53
C ASP EA 50 -96.42 -63.78 -22.79
N LEU EA 51 -95.20 -63.29 -22.99
CA LEU EA 51 -94.84 -62.53 -24.18
C LEU EA 51 -94.17 -63.38 -25.24
N ILE EA 52 -93.35 -64.36 -24.86
CA ILE EA 52 -92.75 -65.26 -25.84
C ILE EA 52 -93.82 -66.09 -26.53
N VAL EA 53 -94.86 -66.48 -25.79
CA VAL EA 53 -95.94 -67.28 -26.35
C VAL EA 53 -96.78 -66.50 -27.35
N SER EA 54 -96.67 -65.17 -27.35
CA SER EA 54 -97.41 -64.33 -28.28
C SER EA 54 -96.66 -64.07 -29.58
N ASN EA 55 -95.37 -64.35 -29.63
CA ASN EA 55 -94.61 -64.17 -30.86
C ASN EA 55 -94.95 -65.27 -31.86
N ILE EA 56 -94.80 -64.96 -33.14
CA ILE EA 56 -95.15 -65.91 -34.21
C ILE EA 56 -93.89 -66.73 -34.48
N THR EA 57 -93.66 -67.71 -33.60
CA THR EA 57 -92.78 -68.84 -33.85
C THR EA 57 -91.31 -68.45 -34.00
N GLU EA 58 -91.01 -67.14 -34.04
CA GLU EA 58 -89.64 -66.72 -34.33
C GLU EA 58 -88.98 -65.99 -33.15
N ASN EA 59 -89.51 -64.84 -32.73
CA ASN EA 59 -88.91 -64.03 -31.68
C ASN EA 59 -89.77 -62.80 -31.46
N GLY EA 60 -89.40 -62.03 -30.45
CA GLY EA 60 -89.95 -60.69 -30.25
C GLY EA 60 -88.85 -59.71 -29.90
N SER EA 61 -88.68 -58.67 -30.73
CA SER EA 61 -87.59 -57.72 -30.51
C SER EA 61 -87.76 -57.00 -29.17
N LYS EA 62 -88.93 -56.43 -28.93
CA LYS EA 62 -89.21 -55.85 -27.62
C LYS EA 62 -89.14 -56.92 -26.54
N PHE EA 63 -89.64 -58.12 -26.84
CA PHE EA 63 -89.48 -59.22 -25.90
C PHE EA 63 -88.03 -59.64 -25.75
N ASN EA 64 -87.22 -59.51 -26.81
CA ASN EA 64 -85.80 -59.82 -26.68
C ASN EA 64 -85.12 -58.86 -25.71
N GLU EA 65 -85.42 -57.57 -25.83
CA GLU EA 65 -84.85 -56.60 -24.90
C GLU EA 65 -85.35 -56.84 -23.48
N LYS EA 66 -86.64 -57.13 -23.32
CA LYS EA 66 -87.17 -57.44 -22.00
C LYS EA 66 -86.59 -58.72 -21.43
N LEU EA 67 -86.24 -59.68 -22.30
CA LEU EA 67 -85.63 -60.92 -21.82
C LEU EA 67 -84.20 -60.67 -21.35
N ASP EA 68 -83.45 -59.84 -22.09
CA ASP EA 68 -82.14 -59.43 -21.61
C ASP EA 68 -82.25 -58.73 -20.27
N ASP EA 69 -83.22 -57.83 -20.13
CA ASP EA 69 -83.42 -57.11 -18.88
C ASP EA 69 -83.79 -58.07 -17.74
N PHE EA 70 -84.66 -59.02 -18.01
CA PHE EA 70 -85.06 -59.99 -16.99
C PHE EA 70 -83.89 -60.86 -16.57
N ALA EA 71 -83.07 -61.30 -17.52
CA ALA EA 71 -81.91 -62.12 -17.19
C ALA EA 71 -80.93 -61.35 -16.32
N GLU EA 72 -80.59 -60.12 -16.72
CA GLU EA 72 -79.65 -59.33 -15.91
C GLU EA 72 -80.25 -59.00 -14.55
N LYS EA 73 -81.57 -58.73 -14.49
CA LYS EA 73 -82.21 -58.41 -13.22
C LYS EA 73 -82.20 -59.60 -12.27
N VAL EA 74 -82.48 -60.80 -12.77
CA VAL EA 74 -82.46 -61.96 -11.88
C VAL EA 74 -81.02 -62.28 -11.47
N VAL EA 75 -80.06 -62.10 -12.38
CA VAL EA 75 -78.66 -62.39 -12.05
C VAL EA 75 -78.17 -61.45 -10.95
N HIS EA 76 -78.47 -60.16 -11.07
CA HIS EA 76 -78.01 -59.18 -10.09
C HIS EA 76 -78.94 -59.02 -8.89
N LEU EA 77 -80.10 -59.69 -8.90
CA LEU EA 77 -81.08 -59.52 -7.84
C LEU EA 77 -80.97 -60.56 -6.74
N GLY EA 78 -80.40 -61.73 -7.03
CA GLY EA 78 -80.35 -62.81 -6.07
C GLY EA 78 -80.76 -64.13 -6.68
N TRP EA 79 -80.86 -64.17 -8.00
CA TRP EA 79 -81.23 -65.38 -8.75
C TRP EA 79 -80.16 -65.62 -9.82
N PRO EA 80 -79.00 -66.13 -9.43
CA PRO EA 80 -77.95 -66.42 -10.43
C PRO EA 80 -78.34 -67.58 -11.35
N ILE EA 81 -77.43 -67.96 -12.24
CA ILE EA 81 -77.73 -69.01 -13.21
C ILE EA 81 -78.12 -70.31 -12.53
N HIS EA 82 -77.59 -70.55 -11.32
CA HIS EA 82 -78.03 -71.71 -10.53
C HIS EA 82 -79.51 -71.58 -10.18
N PHE EA 83 -79.93 -70.40 -9.73
CA PHE EA 83 -81.32 -70.21 -9.34
C PHE EA 83 -82.24 -70.22 -10.56
N VAL EA 84 -81.78 -69.68 -11.69
CA VAL EA 84 -82.59 -69.74 -12.91
C VAL EA 84 -82.71 -71.19 -13.39
N THR EA 85 -81.66 -72.00 -13.21
CA THR EA 85 -81.74 -73.41 -13.56
C THR EA 85 -82.71 -74.16 -12.65
N THR EA 86 -82.68 -73.85 -11.34
CA THR EA 86 -83.68 -74.42 -10.44
C THR EA 86 -85.08 -74.02 -10.86
N GLY EA 87 -85.24 -72.76 -11.29
CA GLY EA 87 -86.52 -72.30 -11.81
C GLY EA 87 -86.95 -73.07 -13.04
N LEU EA 88 -86.01 -73.36 -13.94
CA LEU EA 88 -86.35 -74.17 -15.12
C LEU EA 88 -86.77 -75.58 -14.71
N ARG EA 89 -86.06 -76.17 -13.75
CA ARG EA 89 -86.42 -77.52 -13.30
C ARG EA 89 -87.81 -77.54 -12.67
N VAL EA 90 -88.11 -76.56 -11.83
CA VAL EA 90 -89.44 -76.55 -11.19
C VAL EA 90 -90.51 -76.18 -12.21
N PHE EA 91 -90.18 -75.37 -13.21
CA PHE EA 91 -91.09 -75.18 -14.35
C PHE EA 91 -91.44 -76.52 -14.98
N GLY EA 92 -90.42 -77.31 -15.31
CA GLY EA 92 -90.67 -78.61 -15.90
C GLY EA 92 -91.54 -79.48 -15.02
N LEU EA 93 -91.22 -79.53 -13.73
CA LEU EA 93 -91.98 -80.37 -12.80
C LEU EA 93 -93.44 -79.96 -12.73
N LEU EA 94 -93.71 -78.69 -12.47
CA LEU EA 94 -95.09 -78.26 -12.23
C LEU EA 94 -95.89 -78.22 -13.52
N VAL EA 95 -95.27 -77.84 -14.63
CA VAL EA 95 -95.97 -77.89 -15.91
C VAL EA 95 -96.30 -79.33 -16.27
N TYR EA 96 -95.37 -80.26 -16.01
CA TYR EA 96 -95.64 -81.68 -16.23
C TYR EA 96 -96.83 -82.16 -15.42
N THR EA 97 -96.85 -81.82 -14.13
CA THR EA 97 -97.96 -82.24 -13.28
C THR EA 97 -99.28 -81.63 -13.76
N ALA EA 98 -99.25 -80.35 -14.13
CA ALA EA 98 -100.47 -79.68 -14.58
C ALA EA 98 -101.01 -80.30 -15.86
N MET EA 99 -100.14 -80.54 -16.83
CA MET EA 99 -100.59 -81.11 -18.10
C MET EA 99 -100.94 -82.58 -17.98
N ARG EA 100 -100.44 -83.26 -16.94
CA ARG EA 100 -101.03 -84.55 -16.56
C ARG EA 100 -102.44 -84.35 -16.03
N ASP EA 101 -102.66 -83.27 -15.26
CA ASP EA 101 -103.97 -83.00 -14.69
C ASP EA 101 -104.89 -82.28 -15.67
N GLU EA 102 -104.46 -81.13 -16.17
CA GLU EA 102 -105.31 -80.33 -17.05
C GLU EA 102 -105.61 -81.05 -18.36
N ASP EA 103 -104.59 -81.68 -18.96
CA ASP EA 103 -104.73 -82.41 -20.22
C ASP EA 103 -105.31 -81.51 -21.32
N LEU EA 104 -104.75 -80.32 -21.44
CA LEU EA 104 -105.13 -79.36 -22.48
C LEU EA 104 -103.88 -79.08 -23.32
N PHE EA 105 -103.71 -79.86 -24.39
CA PHE EA 105 -102.51 -79.80 -25.19
C PHE EA 105 -102.75 -78.95 -26.44
N LEU EA 106 -101.77 -78.93 -27.35
CA LEU EA 106 -101.82 -78.04 -28.50
C LEU EA 106 -102.88 -78.49 -29.50
N LYS EA 107 -102.74 -79.69 -30.04
CA LYS EA 107 -103.67 -80.19 -31.04
C LYS EA 107 -104.91 -80.74 -30.33
N ARG EA 108 -106.05 -80.10 -30.56
CA ARG EA 108 -107.29 -80.49 -29.91
C ARG EA 108 -107.73 -81.87 -30.36
N GLU EA 109 -108.09 -82.72 -29.41
CA GLU EA 109 -108.53 -84.09 -29.69
C GLU EA 109 -109.12 -84.65 -28.41
N GLU EA 110 -109.75 -85.82 -28.54
CA GLU EA 110 -110.22 -86.53 -27.36
C GLU EA 110 -109.06 -86.91 -26.44
N LYS EA 111 -107.95 -87.33 -27.02
CA LYS EA 111 -106.72 -87.57 -26.28
C LYS EA 111 -105.52 -87.19 -27.16
N PRO EA 112 -104.90 -86.04 -26.89
CA PRO EA 112 -103.74 -85.63 -27.69
C PRO EA 112 -102.55 -86.56 -27.46
N GLU EA 113 -101.71 -86.66 -28.48
CA GLU EA 113 -100.56 -87.54 -28.45
C GLU EA 113 -99.37 -86.83 -27.80
N ASP EA 114 -98.20 -87.48 -27.84
CA ASP EA 114 -97.02 -86.99 -27.15
C ASP EA 114 -96.16 -86.04 -27.99
N ASP EA 115 -96.51 -85.83 -29.27
CA ASP EA 115 -95.72 -84.93 -30.11
C ASP EA 115 -95.75 -83.51 -29.55
N ALA EA 116 -96.95 -82.97 -29.31
CA ALA EA 116 -97.05 -81.67 -28.66
C ALA EA 116 -96.56 -81.73 -27.22
N TYR EA 117 -96.71 -82.90 -26.57
CA TYR EA 117 -96.23 -83.08 -25.21
C TYR EA 117 -94.74 -82.79 -25.10
N TYR EA 118 -93.97 -83.20 -26.09
CA TYR EA 118 -92.54 -82.87 -26.09
C TYR EA 118 -92.25 -81.55 -26.82
N ARG EA 119 -93.13 -81.09 -27.69
CA ARG EA 119 -92.96 -79.76 -28.27
C ARG EA 119 -92.99 -78.68 -27.19
N PHE EA 120 -93.81 -78.89 -26.15
CA PHE EA 120 -93.78 -77.99 -25.00
C PHE EA 120 -92.37 -77.91 -24.41
N GLU EA 121 -91.75 -79.06 -24.19
CA GLU EA 121 -90.40 -79.10 -23.60
C GLU EA 121 -89.38 -78.45 -24.53
N THR EA 122 -89.51 -78.68 -25.85
CA THR EA 122 -88.59 -78.05 -26.79
C THR EA 122 -88.70 -76.53 -26.74
N TRP EA 123 -89.94 -76.01 -26.68
CA TRP EA 123 -90.12 -74.57 -26.61
C TRP EA 123 -89.57 -74.01 -25.30
N LEU EA 124 -89.77 -74.73 -24.19
CA LEU EA 124 -89.20 -74.29 -22.91
C LEU EA 124 -87.67 -74.27 -22.96
N SER EA 125 -87.07 -75.29 -23.59
CA SER EA 125 -85.62 -75.32 -23.74
C SER EA 125 -85.12 -74.16 -24.60
N SER EA 126 -85.85 -73.84 -25.66
CA SER EA 126 -85.47 -72.68 -26.49
C SER EA 126 -85.56 -71.39 -25.71
N MET EA 127 -86.61 -71.24 -24.89
CA MET EA 127 -86.72 -70.05 -24.05
C MET EA 127 -85.56 -69.95 -23.07
N TYR EA 128 -85.18 -71.07 -22.44
CA TYR EA 128 -84.04 -71.04 -21.54
C TYR EA 128 -82.73 -70.76 -22.28
N ASN EA 129 -82.62 -71.24 -23.53
CA ASN EA 129 -81.47 -70.89 -24.36
C ASN EA 129 -81.39 -69.39 -24.58
N LYS EA 130 -82.53 -68.77 -24.89
CA LYS EA 130 -82.55 -67.32 -25.05
C LYS EA 130 -82.14 -66.61 -23.75
N VAL EA 131 -82.64 -67.10 -22.62
CA VAL EA 131 -82.32 -66.47 -21.34
C VAL EA 131 -80.83 -66.55 -21.05
N VAL EA 132 -80.23 -67.73 -21.24
CA VAL EA 132 -78.81 -67.88 -20.93
C VAL EA 132 -77.94 -67.12 -21.94
N THR EA 133 -78.39 -67.04 -23.20
CA THR EA 133 -77.68 -66.22 -24.17
C THR EA 133 -77.70 -64.75 -23.76
N ALA EA 134 -78.84 -64.29 -23.25
CA ALA EA 134 -78.91 -62.92 -22.73
C ALA EA 134 -77.98 -62.74 -21.54
N TYR EA 135 -77.89 -63.74 -20.67
CA TYR EA 135 -77.03 -63.63 -19.49
C TYR EA 135 -75.55 -63.56 -19.87
N ALA EA 136 -75.11 -64.41 -20.80
CA ALA EA 136 -73.68 -64.66 -20.95
C ALA EA 136 -72.95 -63.51 -21.64
N ASP EA 137 -73.59 -62.85 -22.59
CA ASP EA 137 -72.87 -61.93 -23.48
C ASP EA 137 -72.32 -60.73 -22.71
N THR EA 138 -73.16 -60.05 -21.94
CA THR EA 138 -72.71 -58.88 -21.21
C THR EA 138 -71.70 -59.25 -20.13
N TRP EA 139 -71.85 -60.43 -19.52
CA TRP EA 139 -70.89 -60.89 -18.54
C TRP EA 139 -69.51 -61.06 -19.17
N GLU EA 140 -69.46 -61.70 -20.35
CA GLU EA 140 -68.19 -61.85 -21.04
C GLU EA 140 -67.61 -60.50 -21.45
N LYS EA 141 -68.48 -59.58 -21.92
CA LYS EA 141 -67.99 -58.27 -22.32
C LYS EA 141 -67.37 -57.51 -21.15
N THR EA 142 -68.03 -57.54 -19.99
CA THR EA 142 -67.48 -56.82 -18.85
C THR EA 142 -66.21 -57.48 -18.34
N VAL EA 143 -66.13 -58.82 -18.40
CA VAL EA 143 -64.87 -59.49 -18.04
C VAL EA 143 -63.76 -59.06 -18.99
N SER EA 144 -64.05 -58.97 -20.28
CA SER EA 144 -63.03 -58.59 -21.26
C SER EA 144 -62.56 -57.16 -21.04
N ILE EA 145 -63.49 -56.22 -20.86
CA ILE EA 145 -63.09 -54.83 -20.67
C ILE EA 145 -62.34 -54.65 -19.35
N GLN EA 146 -62.72 -55.42 -18.32
CA GLN EA 146 -62.03 -55.31 -17.03
C GLN EA 146 -60.62 -55.90 -17.12
N LYS EA 147 -60.46 -56.99 -17.87
CA LYS EA 147 -59.13 -57.51 -18.14
C LYS EA 147 -58.30 -56.49 -18.93
N SER EA 148 -58.92 -55.79 -19.87
CA SER EA 148 -58.20 -54.73 -20.58
C SER EA 148 -57.76 -53.62 -19.64
N ALA EA 149 -58.62 -53.26 -18.69
CA ALA EA 149 -58.25 -52.25 -17.70
C ALA EA 149 -57.07 -52.70 -16.86
N LEU EA 150 -57.07 -53.96 -16.42
CA LEU EA 150 -55.90 -54.49 -15.71
C LEU EA 150 -54.68 -54.55 -16.60
N GLN EA 151 -54.86 -54.75 -17.91
CA GLN EA 151 -53.73 -54.73 -18.83
C GLN EA 151 -53.10 -53.35 -18.90
N GLU EA 152 -53.92 -52.31 -19.01
CA GLU EA 152 -53.38 -50.96 -19.16
C GLU EA 152 -52.84 -50.40 -17.85
N LEU EA 153 -53.33 -50.88 -16.71
CA LEU EA 153 -52.89 -50.43 -15.40
C LEU EA 153 -51.67 -51.20 -14.89
N SER EA 154 -50.94 -51.88 -15.77
CA SER EA 154 -49.88 -52.78 -15.32
C SER EA 154 -48.60 -52.03 -14.99
N ALA EA 155 -47.99 -51.40 -15.99
CA ALA EA 155 -46.68 -50.76 -15.86
C ALA EA 155 -46.77 -49.33 -16.38
N PRO EA 156 -47.27 -48.40 -15.58
CA PRO EA 156 -47.39 -47.01 -16.02
C PRO EA 156 -46.06 -46.29 -15.92
N LEU EA 157 -45.45 -46.01 -17.07
CA LEU EA 157 -44.23 -45.21 -17.12
C LEU EA 157 -44.51 -43.71 -17.13
N LEU EA 158 -45.78 -43.33 -17.05
CA LEU EA 158 -46.15 -41.91 -17.09
C LEU EA 158 -45.43 -41.06 -16.05
N PRO EA 159 -45.24 -41.47 -14.79
CA PRO EA 159 -44.46 -40.65 -13.86
C PRO EA 159 -43.07 -40.38 -14.41
N ILE EA 160 -42.78 -39.11 -14.68
CA ILE EA 160 -41.57 -38.71 -15.38
C ILE EA 160 -40.99 -37.47 -14.71
N PHE EA 161 -39.67 -37.45 -14.55
CA PHE EA 161 -38.92 -36.27 -14.11
C PHE EA 161 -38.03 -35.81 -15.25
N GLU EA 162 -37.28 -34.74 -15.01
CA GLU EA 162 -36.40 -34.18 -16.04
C GLU EA 162 -35.31 -35.19 -16.40
N LYS EA 163 -35.44 -35.81 -17.57
CA LYS EA 163 -34.53 -36.85 -18.06
C LYS EA 163 -34.48 -38.05 -17.13
N ILE EA 164 -35.47 -38.21 -16.26
CA ILE EA 164 -35.56 -39.33 -15.33
C ILE EA 164 -36.93 -39.96 -15.49
N SER EA 165 -37.00 -41.27 -15.34
CA SER EA 165 -38.26 -41.99 -15.43
C SER EA 165 -38.41 -42.92 -14.24
N VAL EA 166 -39.66 -43.25 -13.93
CA VAL EA 166 -39.97 -44.19 -12.85
C VAL EA 166 -41.22 -44.97 -13.24
N MET EA 167 -41.19 -46.28 -12.99
CA MET EA 167 -42.25 -47.20 -13.38
C MET EA 167 -42.78 -47.91 -12.14
N PRO EA 168 -43.79 -47.34 -11.47
CA PRO EA 168 -44.34 -47.99 -10.27
C PRO EA 168 -45.21 -49.18 -10.64
N LEU EA 169 -45.01 -50.29 -9.93
CA LEU EA 169 -45.89 -51.45 -10.05
C LEU EA 169 -46.15 -51.96 -8.65
N ILE EA 170 -47.42 -52.18 -8.32
CA ILE EA 170 -47.78 -52.57 -6.95
C ILE EA 170 -48.63 -53.81 -6.87
N GLY EA 171 -49.34 -54.22 -7.92
CA GLY EA 171 -50.11 -55.44 -7.85
C GLY EA 171 -49.26 -56.68 -8.07
N THR EA 172 -49.70 -57.79 -7.48
CA THR EA 172 -48.98 -59.05 -7.63
C THR EA 172 -48.92 -59.43 -9.11
N ILE EA 173 -47.73 -59.81 -9.57
CA ILE EA 173 -47.47 -59.99 -11.00
C ILE EA 173 -47.29 -61.46 -11.30
N ASP EA 174 -47.62 -61.83 -12.53
CA ASP EA 174 -47.49 -63.19 -13.04
C ASP EA 174 -46.64 -63.19 -14.30
N THR EA 175 -46.52 -64.37 -14.92
CA THR EA 175 -45.63 -64.52 -16.06
C THR EA 175 -46.05 -63.63 -17.23
N GLU EA 176 -47.33 -63.70 -17.62
CA GLU EA 176 -47.82 -62.85 -18.69
C GLU EA 176 -47.76 -61.38 -18.27
N ARG EA 177 -48.06 -61.10 -17.01
CA ARG EA 177 -47.92 -59.73 -16.51
C ARG EA 177 -46.47 -59.29 -16.52
N ALA EA 178 -45.54 -60.21 -16.21
CA ALA EA 178 -44.12 -59.88 -16.28
C ALA EA 178 -43.71 -59.55 -17.70
N LYS EA 179 -44.20 -60.32 -18.68
CA LYS EA 179 -43.90 -60.01 -20.07
C LYS EA 179 -44.47 -58.67 -20.48
N LEU EA 180 -45.69 -58.36 -20.03
CA LEU EA 180 -46.28 -57.06 -20.32
C LEU EA 180 -45.44 -55.94 -19.71
N ILE EA 181 -44.98 -56.14 -18.48
CA ILE EA 181 -44.18 -55.10 -17.81
C ILE EA 181 -42.86 -54.88 -18.55
N ILE EA 182 -42.18 -55.96 -18.91
CA ILE EA 182 -40.89 -55.79 -19.60
C ILE EA 182 -41.10 -55.12 -20.96
N GLU EA 183 -42.13 -55.52 -21.70
CA GLU EA 183 -42.39 -54.92 -22.99
C GLU EA 183 -42.70 -53.44 -22.86
N ASN EA 184 -43.60 -53.10 -21.93
CA ASN EA 184 -43.97 -51.70 -21.74
C ASN EA 184 -42.79 -50.87 -21.28
N LEU EA 185 -41.98 -51.40 -20.37
CA LEU EA 185 -40.82 -50.67 -19.88
C LEU EA 185 -39.86 -50.36 -21.02
N LEU EA 186 -39.52 -51.38 -21.82
CA LEU EA 186 -38.57 -51.17 -22.91
C LEU EA 186 -39.14 -50.18 -23.93
N ILE EA 187 -40.39 -50.38 -24.34
CA ILE EA 187 -40.98 -49.53 -25.37
C ILE EA 187 -41.05 -48.08 -24.88
N GLY EA 188 -41.49 -47.88 -23.64
CA GLY EA 188 -41.56 -46.52 -23.12
C GLY EA 188 -40.20 -45.88 -23.00
N VAL EA 189 -39.23 -46.59 -22.43
CA VAL EA 189 -37.91 -45.99 -22.23
C VAL EA 189 -37.27 -45.66 -23.56
N VAL EA 190 -37.58 -46.41 -24.61
CA VAL EA 190 -37.12 -46.00 -25.94
C VAL EA 190 -37.89 -44.78 -26.42
N LYS EA 191 -39.20 -44.73 -26.17
CA LYS EA 191 -40.03 -43.66 -26.71
C LYS EA 191 -39.73 -42.33 -26.04
N ASN EA 192 -39.51 -42.33 -24.73
CA ASN EA 192 -39.33 -41.09 -23.98
C ASN EA 192 -37.95 -41.05 -23.34
N ARG EA 193 -36.93 -41.29 -24.17
CA ARG EA 193 -35.56 -41.60 -23.75
C ARG EA 193 -35.14 -40.81 -22.52
N SER EA 194 -34.75 -41.53 -21.47
CA SER EA 194 -34.29 -40.94 -20.23
C SER EA 194 -33.09 -41.75 -19.73
N GLU EA 195 -32.24 -41.09 -18.95
CA GLU EA 195 -30.96 -41.69 -18.58
C GLU EA 195 -31.12 -42.85 -17.62
N VAL EA 196 -31.99 -42.72 -16.63
CA VAL EA 196 -32.16 -43.76 -15.62
C VAL EA 196 -33.64 -44.10 -15.49
N VAL EA 197 -33.91 -45.28 -14.95
CA VAL EA 197 -35.25 -45.79 -14.75
C VAL EA 197 -35.36 -46.37 -13.34
N LEU EA 198 -36.36 -45.95 -12.59
CA LEU EA 198 -36.61 -46.45 -11.25
C LEU EA 198 -37.78 -47.43 -11.30
N ILE EA 199 -37.57 -48.62 -10.75
CA ILE EA 199 -38.63 -49.63 -10.65
C ILE EA 199 -39.06 -49.70 -9.19
N ASP EA 200 -40.33 -49.41 -8.93
CA ASP EA 200 -40.87 -49.44 -7.57
C ASP EA 200 -41.40 -50.84 -7.31
N ILE EA 201 -40.49 -51.73 -6.92
CA ILE EA 201 -40.90 -53.09 -6.55
C ILE EA 201 -41.75 -53.08 -5.30
N THR EA 202 -41.58 -52.08 -4.44
CA THR EA 202 -42.39 -51.99 -3.23
C THR EA 202 -43.87 -51.97 -3.58
N GLY EA 203 -44.64 -52.84 -2.95
CA GLY EA 203 -46.04 -52.97 -3.26
C GLY EA 203 -46.45 -54.40 -3.53
N VAL EA 204 -45.60 -55.17 -4.17
CA VAL EA 204 -45.87 -56.57 -4.49
C VAL EA 204 -45.46 -57.40 -3.28
N PRO EA 205 -46.37 -58.20 -2.72
CA PRO EA 205 -46.01 -59.01 -1.54
C PRO EA 205 -44.96 -60.06 -1.84
N VAL EA 206 -45.24 -60.94 -2.80
CA VAL EA 206 -44.37 -62.06 -3.15
C VAL EA 206 -44.36 -62.19 -4.67
N VAL EA 207 -43.19 -62.51 -5.22
CA VAL EA 207 -43.06 -62.76 -6.65
C VAL EA 207 -42.45 -64.14 -6.84
N ASP EA 208 -42.78 -64.75 -7.98
CA ASP EA 208 -42.23 -66.07 -8.30
C ASP EA 208 -40.77 -65.94 -8.72
N THR EA 209 -40.05 -67.07 -8.61
CA THR EA 209 -38.63 -67.07 -8.96
C THR EA 209 -38.42 -66.75 -10.44
N MET EA 210 -39.28 -67.29 -11.31
CA MET EA 210 -39.17 -66.97 -12.73
C MET EA 210 -39.49 -65.51 -12.99
N VAL EA 211 -40.45 -64.95 -12.26
CA VAL EA 211 -40.78 -63.54 -12.41
C VAL EA 211 -39.59 -62.68 -11.98
N ALA EA 212 -38.94 -63.04 -10.88
CA ALA EA 212 -37.76 -62.31 -10.45
C ALA EA 212 -36.63 -62.42 -11.48
N HIS EA 213 -36.47 -63.60 -12.07
CA HIS EA 213 -35.48 -63.77 -13.12
C HIS EA 213 -35.78 -62.87 -14.30
N HIS EA 214 -37.06 -62.79 -14.70
CA HIS EA 214 -37.42 -61.90 -15.80
C HIS EA 214 -37.23 -60.44 -15.44
N ILE EA 215 -37.44 -60.07 -14.18
CA ILE EA 215 -37.17 -58.70 -13.75
C ILE EA 215 -35.68 -58.38 -13.88
N ILE EA 216 -34.83 -59.33 -13.47
CA ILE EA 216 -33.38 -59.14 -13.62
C ILE EA 216 -33.01 -59.03 -15.09
N GLN EA 217 -33.63 -59.85 -15.93
CA GLN EA 217 -33.37 -59.76 -17.37
C GLN EA 217 -33.81 -58.42 -17.92
N ALA EA 218 -34.93 -57.90 -17.44
CA ALA EA 218 -35.38 -56.57 -17.84
C ALA EA 218 -34.37 -55.51 -17.43
N SER EA 219 -33.82 -55.63 -16.22
CA SER EA 219 -32.79 -54.69 -15.78
C SER EA 219 -31.58 -54.76 -16.70
N GLU EA 220 -31.14 -55.97 -17.03
CA GLU EA 220 -30.00 -56.12 -17.93
C GLU EA 220 -30.29 -55.53 -19.29
N ALA EA 221 -31.48 -55.76 -19.83
CA ALA EA 221 -31.83 -55.26 -21.16
C ALA EA 221 -31.89 -53.74 -21.17
N VAL EA 222 -32.50 -53.14 -20.16
CA VAL EA 222 -32.60 -51.68 -20.16
C VAL EA 222 -31.23 -51.06 -19.88
N ARG EA 223 -30.34 -51.77 -19.18
CA ARG EA 223 -28.97 -51.31 -19.10
C ARG EA 223 -28.30 -51.38 -20.47
N LEU EA 224 -28.59 -52.44 -21.23
CA LEU EA 224 -28.01 -52.59 -22.55
C LEU EA 224 -28.48 -51.50 -23.50
N VAL EA 225 -29.73 -51.04 -23.33
CA VAL EA 225 -30.20 -49.91 -24.12
C VAL EA 225 -29.44 -48.65 -23.72
N GLY EA 226 -29.00 -48.56 -22.47
CA GLY EA 226 -28.26 -47.40 -22.00
C GLY EA 226 -28.95 -46.65 -20.88
N CYS EA 227 -29.70 -47.38 -20.06
CA CYS EA 227 -30.43 -46.80 -18.94
C CYS EA 227 -30.22 -47.66 -17.70
N GLN EA 228 -29.74 -47.05 -16.63
CA GLN EA 228 -29.53 -47.78 -15.39
C GLN EA 228 -30.87 -48.20 -14.78
N ALA EA 229 -30.97 -49.47 -14.41
CA ALA EA 229 -32.19 -50.01 -13.83
C ALA EA 229 -32.05 -49.99 -12.31
N MET EA 230 -32.20 -48.80 -11.75
CA MET EA 230 -32.02 -48.59 -10.32
C MET EA 230 -33.26 -49.10 -9.60
N LEU EA 231 -33.28 -50.40 -9.35
CA LEU EA 231 -34.39 -51.01 -8.62
C LEU EA 231 -34.54 -50.38 -7.25
N VAL EA 232 -35.78 -50.13 -6.83
CA VAL EA 232 -36.05 -49.37 -5.62
C VAL EA 232 -36.96 -50.17 -4.70
N GLY EA 233 -36.60 -50.22 -3.42
CA GLY EA 233 -37.48 -50.68 -2.37
C GLY EA 233 -37.89 -52.13 -2.46
N ILE EA 234 -36.93 -53.02 -2.69
CA ILE EA 234 -37.23 -54.45 -2.72
C ILE EA 234 -37.53 -54.94 -1.30
N ARG EA 235 -38.56 -55.77 -1.19
CA ARG EA 235 -38.96 -56.37 0.07
C ARG EA 235 -37.99 -57.50 0.46
N PRO EA 236 -37.84 -57.78 1.75
CA PRO EA 236 -36.94 -58.88 2.15
C PRO EA 236 -37.29 -60.23 1.55
N GLU EA 237 -38.58 -60.55 1.37
CA GLU EA 237 -38.94 -61.84 0.80
C GLU EA 237 -38.49 -61.96 -0.65
N ILE EA 238 -38.73 -60.91 -1.45
CA ILE EA 238 -38.28 -60.93 -2.83
C ILE EA 238 -36.76 -60.93 -2.89
N ALA EA 239 -36.10 -60.24 -1.96
CA ALA EA 239 -34.65 -60.29 -1.91
C ALA EA 239 -34.16 -61.70 -1.65
N GLN EA 240 -34.80 -62.41 -0.72
CA GLN EA 240 -34.41 -63.79 -0.45
C GLN EA 240 -34.65 -64.69 -1.65
N THR EA 241 -35.77 -64.49 -2.35
CA THR EA 241 -36.05 -65.29 -3.54
C THR EA 241 -35.01 -65.02 -4.62
N ILE EA 242 -34.63 -63.76 -4.83
CA ILE EA 242 -33.63 -63.43 -5.83
C ILE EA 242 -32.28 -64.04 -5.46
N VAL EA 243 -31.92 -63.98 -4.18
CA VAL EA 243 -30.66 -64.57 -3.74
C VAL EA 243 -30.66 -66.07 -3.98
N ASN EA 244 -31.76 -66.75 -3.63
CA ASN EA 244 -31.84 -68.19 -3.89
C ASN EA 244 -31.89 -68.50 -5.37
N LEU EA 245 -32.26 -67.53 -6.21
CA LEU EA 245 -32.22 -67.77 -7.66
C LEU EA 245 -30.82 -68.07 -8.14
N GLY EA 246 -29.80 -67.51 -7.49
CA GLY EA 246 -28.43 -67.78 -7.85
C GLY EA 246 -27.88 -66.96 -9.00
N ILE EA 247 -28.68 -66.06 -9.58
CA ILE EA 247 -28.16 -65.22 -10.64
C ILE EA 247 -27.25 -64.15 -10.07
N GLU EA 248 -26.38 -63.62 -10.92
CA GLU EA 248 -25.36 -62.68 -10.48
C GLU EA 248 -26.01 -61.32 -10.21
N LEU EA 249 -25.59 -60.67 -9.13
CA LEU EA 249 -26.35 -59.54 -8.58
C LEU EA 249 -25.45 -58.34 -8.25
N ASP EA 250 -24.62 -57.92 -9.20
CA ASP EA 250 -23.83 -56.71 -9.00
C ASP EA 250 -24.33 -55.53 -9.81
N GLN EA 251 -24.82 -55.76 -11.03
CA GLN EA 251 -25.19 -54.66 -11.92
C GLN EA 251 -26.45 -53.93 -11.45
N ILE EA 252 -27.29 -54.58 -10.66
CA ILE EA 252 -28.53 -53.97 -10.21
C ILE EA 252 -28.23 -53.04 -9.03
N ILE EA 253 -28.66 -51.79 -9.15
CA ILE EA 253 -28.46 -50.78 -8.11
C ILE EA 253 -29.75 -50.66 -7.32
N THR EA 254 -29.67 -50.79 -6.01
CA THR EA 254 -30.86 -50.86 -5.17
C THR EA 254 -30.82 -49.82 -4.06
N THR EA 255 -31.98 -49.24 -3.77
CA THR EA 255 -32.19 -48.36 -2.63
C THR EA 255 -33.50 -48.74 -1.97
N ASN EA 256 -33.56 -48.56 -0.64
CA ASN EA 256 -34.73 -49.01 0.10
C ASN EA 256 -35.90 -48.05 0.04
N THR EA 257 -35.70 -46.81 -0.38
CA THR EA 257 -36.77 -45.83 -0.47
C THR EA 257 -36.69 -45.09 -1.79
N MET EA 258 -37.84 -44.58 -2.24
CA MET EA 258 -37.87 -43.84 -3.49
C MET EA 258 -37.12 -42.53 -3.39
N LYS EA 259 -37.12 -41.88 -2.22
CA LYS EA 259 -36.35 -40.64 -2.07
C LYS EA 259 -34.85 -40.89 -2.24
N LYS EA 260 -34.34 -41.96 -1.63
CA LYS EA 260 -32.94 -42.30 -1.77
C LYS EA 260 -32.60 -42.65 -3.21
N GLY EA 261 -33.46 -43.44 -3.86
CA GLY EA 261 -33.23 -43.76 -5.26
C GLY EA 261 -33.21 -42.53 -6.14
N MET EA 262 -34.14 -41.61 -5.90
CA MET EA 262 -34.20 -40.38 -6.69
C MET EA 262 -32.96 -39.54 -6.49
N GLU EA 263 -32.51 -39.39 -5.24
CA GLU EA 263 -31.32 -38.57 -5.01
C GLU EA 263 -30.08 -39.22 -5.59
N ARG EA 264 -29.99 -40.55 -5.55
CA ARG EA 264 -28.84 -41.22 -6.15
C ARG EA 264 -28.87 -41.11 -7.67
N ALA EA 265 -30.06 -41.17 -8.27
CA ALA EA 265 -30.18 -40.95 -9.70
C ALA EA 265 -29.76 -39.55 -10.07
N LEU EA 266 -30.19 -38.56 -9.29
CA LEU EA 266 -29.73 -37.19 -9.52
C LEU EA 266 -28.22 -37.06 -9.33
N ALA EA 267 -27.65 -37.90 -8.46
CA ALA EA 267 -26.19 -37.93 -8.33
C ALA EA 267 -25.54 -38.47 -9.60
N LEU EA 268 -26.16 -39.49 -10.21
CA LEU EA 268 -25.59 -40.06 -11.44
C LEU EA 268 -25.54 -39.02 -12.55
N THR EA 269 -26.62 -38.26 -12.73
CA THR EA 269 -26.62 -37.12 -13.65
C THR EA 269 -26.16 -35.91 -12.87
N ASN EA 270 -24.84 -35.68 -12.88
CA ASN EA 270 -24.19 -34.85 -11.88
C ASN EA 270 -24.83 -33.47 -11.76
N ARG EA 271 -25.00 -32.78 -12.89
CA ARG EA 271 -25.51 -31.41 -12.86
C ARG EA 271 -27.03 -31.35 -12.84
N GLU EA 272 -27.72 -32.48 -12.85
CA GLU EA 272 -29.17 -32.49 -12.70
C GLU EA 272 -29.60 -32.24 -11.26
N ILE EA 273 -28.69 -32.41 -10.30
CA ILE EA 273 -29.04 -32.26 -8.88
C ILE EA 273 -29.46 -30.85 -8.53
N VAL EA 274 -29.03 -29.85 -9.31
CA VAL EA 274 -29.42 -28.47 -9.05
C VAL EA 274 -30.66 -28.10 -9.85
N MET FA 1 -83.62 -93.49 -7.59
CA MET FA 1 -82.77 -94.65 -7.81
C MET FA 1 -82.03 -94.55 -9.14
N TYR FA 2 -80.85 -95.18 -9.22
CA TYR FA 2 -79.98 -95.02 -10.37
C TYR FA 2 -79.54 -96.33 -11.03
N LYS FA 3 -79.81 -97.49 -10.43
CA LYS FA 3 -79.30 -98.74 -10.98
C LYS FA 3 -79.90 -99.02 -12.37
N ASP FA 4 -81.22 -98.99 -12.47
CA ASP FA 4 -81.86 -99.15 -13.78
C ASP FA 4 -81.62 -97.92 -14.65
N PHE FA 5 -81.43 -96.75 -14.03
CA PHE FA 5 -81.01 -95.58 -14.77
C PHE FA 5 -79.68 -95.85 -15.47
N ALA FA 6 -78.71 -96.42 -14.74
CA ALA FA 6 -77.42 -96.74 -15.34
C ALA FA 6 -77.57 -97.84 -16.38
N ASN FA 7 -78.46 -98.80 -16.15
CA ASN FA 7 -78.70 -99.85 -17.14
C ASN FA 7 -79.21 -99.26 -18.44
N PHE FA 8 -80.09 -98.25 -18.35
CA PHE FA 8 -80.54 -97.56 -19.56
C PHE FA 8 -79.43 -96.70 -20.15
N ILE FA 9 -78.59 -96.09 -19.32
CA ILE FA 9 -77.46 -95.31 -19.82
C ILE FA 9 -76.47 -96.20 -20.57
N ARG FA 10 -76.47 -97.51 -20.29
CA ARG FA 10 -75.60 -98.42 -21.03
C ARG FA 10 -75.85 -98.36 -22.53
N THR FA 11 -77.07 -97.97 -22.96
CA THR FA 11 -77.34 -97.67 -24.36
C THR FA 11 -77.54 -96.19 -24.62
N ASN FA 12 -77.90 -95.41 -23.60
CA ASN FA 12 -77.98 -93.97 -23.75
C ASN FA 12 -76.61 -93.36 -24.07
N LYS FA 13 -75.52 -94.07 -23.80
CA LYS FA 13 -74.21 -93.58 -24.22
C LYS FA 13 -74.13 -93.48 -25.74
N LYS FA 14 -74.50 -94.56 -26.43
CA LYS FA 14 -74.55 -94.51 -27.89
C LYS FA 14 -75.64 -93.57 -28.37
N ASP FA 15 -76.77 -93.52 -27.65
CA ASP FA 15 -77.83 -92.57 -28.02
C ASP FA 15 -77.32 -91.14 -27.98
N LEU FA 16 -76.56 -90.78 -26.94
CA LEU FA 16 -76.02 -89.44 -26.82
C LEU FA 16 -74.84 -89.20 -27.74
N LEU FA 17 -74.12 -90.23 -28.17
CA LEU FA 17 -73.13 -90.05 -29.22
C LEU FA 17 -73.80 -89.69 -30.54
N ASN FA 18 -74.89 -90.41 -30.88
CA ASN FA 18 -75.73 -90.01 -32.00
C ASN FA 18 -76.26 -88.59 -31.80
N ASN FA 19 -76.57 -88.22 -30.56
CA ASN FA 19 -77.03 -86.87 -30.27
C ASN FA 19 -75.94 -85.83 -30.54
N TRP FA 20 -74.71 -86.11 -30.10
CA TRP FA 20 -73.61 -85.18 -30.30
C TRP FA 20 -73.32 -84.98 -31.77
N MET FA 21 -73.33 -86.06 -32.55
CA MET FA 21 -73.15 -85.86 -34.00
C MET FA 21 -74.40 -85.28 -34.65
N ASN FA 22 -75.56 -85.34 -33.98
CA ASN FA 22 -76.73 -84.61 -34.45
C ASN FA 22 -76.59 -83.10 -34.23
N GLU FA 23 -76.16 -82.70 -33.04
CA GLU FA 23 -75.97 -81.29 -32.71
C GLU FA 23 -74.75 -80.70 -33.41
N MET FA 24 -73.93 -81.53 -34.05
CA MET FA 24 -72.70 -81.10 -34.70
C MET FA 24 -72.94 -80.15 -35.87
N GLU FA 25 -74.18 -80.04 -36.34
CA GLU FA 25 -74.49 -79.27 -37.53
C GLU FA 25 -74.87 -77.83 -37.23
N LYS FA 26 -75.59 -77.58 -36.14
CA LYS FA 26 -76.22 -76.28 -35.94
C LYS FA 26 -75.21 -75.21 -35.51
N GLN FA 27 -74.56 -75.41 -34.36
CA GLN FA 27 -73.80 -74.35 -33.71
C GLN FA 27 -72.30 -74.60 -33.86
N SER FA 28 -71.63 -73.69 -34.54
CA SER FA 28 -70.17 -73.63 -34.62
C SER FA 28 -69.55 -74.98 -34.97
N ASP FA 29 -69.88 -75.47 -36.16
CA ASP FA 29 -69.30 -76.72 -36.63
C ASP FA 29 -67.77 -76.67 -36.80
N PRO FA 30 -67.15 -75.64 -37.42
CA PRO FA 30 -65.71 -75.76 -37.74
C PRO FA 30 -64.83 -75.79 -36.51
N LEU FA 31 -65.08 -74.87 -35.56
CA LEU FA 31 -64.28 -74.81 -34.34
C LEU FA 31 -64.38 -76.11 -33.55
N ILE FA 32 -65.62 -76.57 -33.31
CA ILE FA 32 -65.82 -77.80 -32.54
C ILE FA 32 -65.18 -78.98 -33.25
N ASN FA 33 -65.26 -79.01 -34.58
CA ASN FA 33 -64.66 -80.11 -35.34
C ASN FA 33 -63.14 -80.09 -35.24
N ASP FA 34 -62.53 -78.90 -35.27
CA ASP FA 34 -61.08 -78.79 -35.37
C ASP FA 34 -60.39 -78.86 -34.01
N ILE FA 35 -60.73 -77.94 -33.10
CA ILE FA 35 -59.98 -77.88 -31.84
C ILE FA 35 -60.27 -79.10 -30.98
N ALA FA 36 -61.48 -79.65 -31.07
CA ALA FA 36 -61.88 -80.81 -30.28
C ALA FA 36 -62.09 -81.98 -31.23
N LYS FA 37 -61.15 -82.92 -31.22
CA LYS FA 37 -61.29 -84.12 -32.04
C LYS FA 37 -62.49 -84.94 -31.56
N GLU FA 38 -63.22 -85.52 -32.51
CA GLU FA 38 -64.47 -86.19 -32.18
C GLU FA 38 -64.30 -87.35 -31.21
N PRO FA 39 -63.35 -88.28 -31.38
CA PRO FA 39 -63.25 -89.39 -30.41
C PRO FA 39 -63.01 -88.94 -28.98
N MET FA 40 -62.18 -87.91 -28.78
CA MET FA 40 -61.90 -87.43 -27.42
C MET FA 40 -63.15 -86.85 -26.78
N TYR FA 41 -63.89 -86.02 -27.52
CA TYR FA 41 -65.13 -85.47 -26.99
C TYR FA 41 -66.14 -86.58 -26.70
N GLU FA 42 -66.23 -87.56 -27.59
CA GLU FA 42 -67.17 -88.66 -27.40
C GLU FA 42 -66.84 -89.45 -26.13
N GLU FA 43 -65.57 -89.78 -25.94
CA GLU FA 43 -65.20 -90.57 -24.76
C GLU FA 43 -65.37 -89.76 -23.48
N THR FA 44 -65.03 -88.47 -23.51
CA THR FA 44 -65.25 -87.64 -22.34
C THR FA 44 -66.73 -87.55 -22.00
N SER FA 45 -67.58 -87.37 -23.03
CA SER FA 45 -69.02 -87.27 -22.79
C SER FA 45 -69.58 -88.58 -22.26
N ILE FA 46 -69.15 -89.73 -22.80
CA ILE FA 46 -69.71 -90.98 -22.33
C ILE FA 46 -69.24 -91.27 -20.91
N GLU FA 47 -67.99 -90.94 -20.58
CA GLU FA 47 -67.56 -91.07 -19.18
C GLU FA 47 -68.39 -90.19 -18.27
N PHE FA 48 -68.64 -88.94 -18.69
CA PHE FA 48 -69.40 -88.00 -17.89
C PHE FA 48 -70.83 -88.49 -17.66
N VAL FA 49 -71.47 -89.04 -18.70
CA VAL FA 49 -72.86 -89.48 -18.58
C VAL FA 49 -73.00 -90.88 -18.01
N ASP FA 50 -71.92 -91.65 -17.93
CA ASP FA 50 -71.99 -92.98 -17.33
C ASP FA 50 -71.62 -92.96 -15.85
N LEU FA 51 -70.68 -92.13 -15.42
CA LEU FA 51 -70.24 -92.16 -14.03
C LEU FA 51 -71.15 -91.34 -13.10
N ILE FA 52 -72.16 -90.67 -13.64
CA ILE FA 52 -73.07 -89.90 -12.79
C ILE FA 52 -73.94 -90.81 -11.94
N VAL FA 53 -74.38 -91.94 -12.51
CA VAL FA 53 -75.35 -92.80 -11.85
C VAL FA 53 -74.71 -94.12 -11.46
N SER FA 54 -73.41 -94.09 -11.15
CA SER FA 54 -72.69 -95.27 -10.70
C SER FA 54 -72.77 -95.49 -9.19
N ASN FA 55 -73.44 -94.61 -8.47
CA ASN FA 55 -73.55 -94.67 -7.01
C ASN FA 55 -75.01 -94.70 -6.58
N ILE FA 56 -75.21 -94.81 -5.27
CA ILE FA 56 -76.57 -95.00 -4.72
C ILE FA 56 -77.13 -93.61 -4.45
N THR FA 57 -77.68 -93.00 -5.51
CA THR FA 57 -78.46 -91.76 -5.43
C THR FA 57 -77.71 -90.68 -4.65
N GLU FA 58 -76.42 -90.54 -4.97
CA GLU FA 58 -75.58 -89.54 -4.31
C GLU FA 58 -74.55 -89.04 -5.33
N ASN FA 59 -73.56 -88.30 -4.85
CA ASN FA 59 -72.45 -87.82 -5.65
C ASN FA 59 -71.16 -88.42 -5.09
N GLY FA 60 -70.40 -89.08 -5.96
CA GLY FA 60 -69.20 -89.75 -5.52
C GLY FA 60 -68.12 -88.78 -5.08
N SER FA 61 -67.23 -89.28 -4.22
CA SER FA 61 -66.12 -88.46 -3.74
C SER FA 61 -65.19 -88.09 -4.88
N LYS FA 62 -64.82 -89.05 -5.72
CA LYS FA 62 -64.03 -88.74 -6.91
C LYS FA 62 -64.89 -88.06 -7.96
N PHE FA 63 -66.16 -88.46 -8.08
CA PHE FA 63 -67.00 -87.91 -9.12
C PHE FA 63 -67.39 -86.46 -8.87
N ASN FA 64 -67.34 -85.98 -7.62
CA ASN FA 64 -67.55 -84.56 -7.38
C ASN FA 64 -66.45 -83.73 -8.05
N GLU FA 65 -65.19 -84.12 -7.82
CA GLU FA 65 -64.07 -83.44 -8.45
C GLU FA 65 -64.12 -83.59 -9.97
N LYS FA 66 -64.45 -84.79 -10.45
CA LYS FA 66 -64.56 -84.99 -11.90
C LYS FA 66 -65.68 -84.16 -12.49
N LEU FA 67 -66.79 -84.02 -11.77
CA LEU FA 67 -67.91 -83.19 -12.20
C LEU FA 67 -67.48 -81.74 -12.32
N ASP FA 68 -66.80 -81.22 -11.30
CA ASP FA 68 -66.34 -79.84 -11.36
C ASP FA 68 -65.34 -79.65 -12.50
N ASP FA 69 -64.43 -80.61 -12.69
CA ASP FA 69 -63.44 -80.51 -13.75
C ASP FA 69 -64.12 -80.49 -15.13
N PHE FA 70 -65.07 -81.39 -15.35
CA PHE FA 70 -65.77 -81.43 -16.63
C PHE FA 70 -66.58 -80.17 -16.85
N ALA FA 71 -67.24 -79.66 -15.79
CA ALA FA 71 -68.02 -78.44 -15.93
C ALA FA 71 -67.14 -77.26 -16.33
N GLU FA 72 -66.04 -77.06 -15.61
CA GLU FA 72 -65.15 -75.95 -15.97
C GLU FA 72 -64.50 -76.18 -17.33
N LYS FA 73 -64.25 -77.44 -17.71
CA LYS FA 73 -63.67 -77.74 -19.01
C LYS FA 73 -64.63 -77.34 -20.13
N VAL FA 74 -65.91 -77.70 -20.00
CA VAL FA 74 -66.86 -77.33 -21.04
C VAL FA 74 -67.15 -75.83 -21.01
N VAL FA 75 -67.04 -75.20 -19.84
CA VAL FA 75 -67.24 -73.75 -19.76
C VAL FA 75 -66.13 -73.01 -20.51
N HIS FA 76 -64.88 -73.42 -20.30
CA HIS FA 76 -63.73 -72.72 -20.85
C HIS FA 76 -63.16 -73.39 -22.09
N LEU FA 77 -63.89 -74.34 -22.69
CA LEU FA 77 -63.43 -75.03 -23.88
C LEU FA 77 -64.11 -74.54 -25.15
N GLY FA 78 -65.27 -73.90 -25.05
CA GLY FA 78 -66.01 -73.49 -26.22
C GLY FA 78 -67.45 -73.94 -26.19
N TRP FA 79 -67.94 -74.27 -25.00
CA TRP FA 79 -69.33 -74.67 -24.79
C TRP FA 79 -69.93 -73.76 -23.73
N PRO FA 80 -70.32 -72.54 -24.11
CA PRO FA 80 -70.92 -71.61 -23.13
C PRO FA 80 -72.26 -72.12 -22.63
N ILE FA 81 -72.88 -71.35 -21.72
CA ILE FA 81 -74.14 -71.78 -21.11
C ILE FA 81 -75.22 -71.97 -22.17
N HIS FA 82 -75.18 -71.18 -23.24
CA HIS FA 82 -76.09 -71.41 -24.36
C HIS FA 82 -75.83 -72.76 -25.01
N PHE FA 83 -74.55 -73.12 -25.17
CA PHE FA 83 -74.22 -74.43 -25.74
C PHE FA 83 -74.65 -75.56 -24.81
N VAL FA 84 -74.51 -75.37 -23.49
CA VAL FA 84 -74.93 -76.40 -22.55
C VAL FA 84 -76.45 -76.55 -22.57
N THR FA 85 -77.18 -75.44 -22.74
CA THR FA 85 -78.63 -75.52 -22.82
C THR FA 85 -79.08 -76.20 -24.13
N THR FA 86 -78.39 -75.90 -25.23
CA THR FA 86 -78.67 -76.64 -26.47
C THR FA 86 -78.36 -78.11 -26.30
N GLY FA 87 -77.28 -78.43 -25.56
CA GLY FA 87 -76.98 -79.82 -25.27
C GLY FA 87 -78.08 -80.49 -24.46
N LEU FA 88 -78.66 -79.77 -23.49
CA LEU FA 88 -79.79 -80.30 -22.74
C LEU FA 88 -80.99 -80.54 -23.65
N ARG FA 89 -81.25 -79.60 -24.56
CA ARG FA 89 -82.37 -79.76 -25.48
C ARG FA 89 -82.20 -80.97 -26.38
N VAL FA 90 -81.00 -81.15 -26.94
CA VAL FA 90 -80.77 -82.29 -27.82
C VAL FA 90 -80.69 -83.59 -27.02
N PHE FA 91 -80.22 -83.53 -25.78
CA PHE FA 91 -80.35 -84.67 -24.86
C PHE FA 91 -81.80 -85.10 -24.77
N GLY FA 92 -82.68 -84.13 -24.49
CA GLY FA 92 -84.10 -84.45 -24.41
C GLY FA 92 -84.61 -85.08 -25.70
N LEU FA 93 -84.26 -84.48 -26.84
CA LEU FA 93 -84.73 -84.99 -28.13
C LEU FA 93 -84.32 -86.44 -28.33
N LEU FA 94 -83.02 -86.73 -28.21
CA LEU FA 94 -82.54 -88.06 -28.56
C LEU FA 94 -82.93 -89.10 -27.52
N VAL FA 95 -82.85 -88.75 -26.23
CA VAL FA 95 -83.30 -89.68 -25.20
C VAL FA 95 -84.79 -89.97 -25.37
N TYR FA 96 -85.59 -88.95 -25.66
CA TYR FA 96 -87.02 -89.15 -25.86
C TYR FA 96 -87.29 -90.07 -27.03
N THR FA 97 -86.58 -89.89 -28.15
CA THR FA 97 -86.76 -90.79 -29.28
C THR FA 97 -86.38 -92.23 -28.91
N ALA FA 98 -85.24 -92.40 -28.23
CA ALA FA 98 -84.78 -93.74 -27.89
C ALA FA 98 -85.74 -94.44 -26.94
N MET FA 99 -86.22 -93.72 -25.92
CA MET FA 99 -87.11 -94.33 -24.93
C MET FA 99 -88.54 -94.44 -25.43
N ARG FA 100 -88.90 -93.73 -26.51
CA ARG FA 100 -90.06 -94.12 -27.29
C ARG FA 100 -89.82 -95.44 -27.99
N ASP FA 101 -88.62 -95.64 -28.55
CA ASP FA 101 -88.32 -96.88 -29.25
C ASP FA 101 -87.93 -98.00 -28.29
N GLU FA 102 -86.89 -97.78 -27.49
CA GLU FA 102 -86.37 -98.83 -26.62
C GLU FA 102 -87.29 -99.09 -25.44
N ASP FA 103 -87.84 -98.03 -24.85
CA ASP FA 103 -88.79 -98.13 -23.74
C ASP FA 103 -88.18 -98.87 -22.54
N LEU FA 104 -87.14 -98.26 -21.97
CA LEU FA 104 -86.50 -98.77 -20.76
C LEU FA 104 -86.46 -97.63 -19.75
N PHE FA 105 -87.27 -97.75 -18.69
CA PHE FA 105 -87.43 -96.70 -17.69
C PHE FA 105 -86.87 -97.15 -16.35
N LEU FA 106 -87.09 -96.33 -15.32
CA LEU FA 106 -86.51 -96.60 -14.00
C LEU FA 106 -87.04 -97.90 -13.42
N LYS FA 107 -88.34 -98.16 -13.58
CA LYS FA 107 -88.97 -99.36 -13.02
C LYS FA 107 -89.18 -100.39 -14.13
N ARG FA 108 -88.79 -101.62 -13.86
CA ARG FA 108 -89.00 -102.72 -14.80
C ARG FA 108 -90.48 -103.03 -14.86
N GLU FA 109 -91.13 -102.60 -15.94
CA GLU FA 109 -92.57 -102.79 -16.09
C GLU FA 109 -92.91 -102.85 -17.56
N GLU FA 110 -94.09 -103.40 -17.86
CA GLU FA 110 -94.53 -103.49 -19.24
C GLU FA 110 -94.70 -102.11 -19.86
N LYS FA 111 -95.28 -101.17 -19.12
CA LYS FA 111 -95.46 -99.80 -19.60
C LYS FA 111 -95.52 -98.85 -18.40
N PRO FA 112 -94.36 -98.44 -17.89
CA PRO FA 112 -94.35 -97.49 -16.77
C PRO FA 112 -94.96 -96.16 -17.15
N GLU FA 113 -95.57 -95.51 -16.15
CA GLU FA 113 -96.30 -94.28 -16.38
C GLU FA 113 -95.34 -93.09 -16.47
N ASP FA 114 -95.89 -91.88 -16.42
CA ASP FA 114 -95.10 -90.67 -16.62
C ASP FA 114 -94.21 -90.32 -15.43
N ASP FA 115 -94.38 -90.99 -14.29
CA ASP FA 115 -93.62 -90.66 -13.09
C ASP FA 115 -92.12 -90.78 -13.34
N ALA FA 116 -91.62 -92.00 -13.60
CA ALA FA 116 -90.20 -92.17 -13.92
C ALA FA 116 -89.87 -91.58 -15.29
N TYR FA 117 -90.84 -91.63 -16.21
CA TYR FA 117 -90.75 -91.01 -17.52
C TYR FA 117 -90.17 -89.60 -17.42
N TYR FA 118 -90.60 -88.83 -16.42
CA TYR FA 118 -90.04 -87.50 -16.18
C TYR FA 118 -89.08 -87.43 -15.02
N ARG FA 119 -89.01 -88.46 -14.16
CA ARG FA 119 -87.95 -88.49 -13.16
C ARG FA 119 -86.58 -88.57 -13.82
N PHE FA 120 -86.52 -89.19 -15.00
CA PHE FA 120 -85.31 -89.10 -15.82
C PHE FA 120 -84.90 -87.65 -16.01
N GLU FA 121 -85.84 -86.81 -16.44
CA GLU FA 121 -85.55 -85.40 -16.66
C GLU FA 121 -85.28 -84.67 -15.35
N THR FA 122 -85.88 -85.11 -14.24
CA THR FA 122 -85.58 -84.50 -12.95
C THR FA 122 -84.11 -84.69 -12.59
N TRP FA 123 -83.61 -85.92 -12.76
CA TRP FA 123 -82.20 -86.17 -12.48
C TRP FA 123 -81.30 -85.42 -13.47
N LEU FA 124 -81.70 -85.35 -14.73
CA LEU FA 124 -80.93 -84.58 -15.70
C LEU FA 124 -80.89 -83.09 -15.33
N SER FA 125 -82.01 -82.56 -14.83
CA SER FA 125 -82.07 -81.17 -14.43
C SER FA 125 -81.25 -80.91 -13.17
N SER FA 126 -81.20 -81.87 -12.25
CA SER FA 126 -80.32 -81.74 -11.10
C SER FA 126 -78.85 -81.72 -11.54
N MET FA 127 -78.51 -82.56 -12.52
CA MET FA 127 -77.17 -82.53 -13.08
C MET FA 127 -76.86 -81.17 -13.72
N TYR FA 128 -77.82 -80.63 -14.46
CA TYR FA 128 -77.63 -79.32 -15.08
C TYR FA 128 -77.53 -78.21 -14.04
N ASN FA 129 -78.25 -78.36 -12.91
CA ASN FA 129 -78.09 -77.44 -11.79
C ASN FA 129 -76.68 -77.48 -11.23
N LYS FA 130 -76.12 -78.68 -11.07
CA LYS FA 130 -74.74 -78.77 -10.62
C LYS FA 130 -73.79 -78.15 -11.63
N VAL FA 131 -74.07 -78.34 -12.92
CA VAL FA 131 -73.23 -77.77 -13.98
C VAL FA 131 -73.21 -76.26 -13.89
N VAL FA 132 -74.39 -75.64 -13.77
CA VAL FA 132 -74.44 -74.19 -13.70
C VAL FA 132 -73.87 -73.67 -12.39
N THR FA 133 -74.00 -74.45 -11.30
CA THR FA 133 -73.38 -74.05 -10.05
C THR FA 133 -71.86 -73.99 -10.18
N ALA FA 134 -71.26 -75.00 -10.83
CA ALA FA 134 -69.83 -74.96 -11.08
C ALA FA 134 -69.47 -73.85 -12.06
N TYR FA 135 -70.38 -73.54 -12.99
CA TYR FA 135 -70.18 -72.39 -13.87
C TYR FA 135 -70.06 -71.10 -13.08
N ALA FA 136 -70.94 -70.93 -12.08
CA ALA FA 136 -71.04 -69.64 -11.39
C ALA FA 136 -69.97 -69.47 -10.30
N ASP FA 137 -69.66 -70.54 -9.57
CA ASP FA 137 -68.84 -70.40 -8.35
C ASP FA 137 -67.46 -69.83 -8.65
N THR FA 138 -66.66 -70.58 -9.43
CA THR FA 138 -65.28 -70.15 -9.69
C THR FA 138 -65.23 -68.86 -10.48
N TRP FA 139 -66.19 -68.64 -11.38
CA TRP FA 139 -66.22 -67.40 -12.13
C TRP FA 139 -66.46 -66.20 -11.21
N GLU FA 140 -67.38 -66.34 -10.25
CA GLU FA 140 -67.59 -65.25 -9.29
C GLU FA 140 -66.35 -65.06 -8.42
N LYS FA 141 -65.69 -66.15 -8.04
CA LYS FA 141 -64.48 -66.02 -7.22
C LYS FA 141 -63.39 -65.25 -7.96
N THR FA 142 -63.14 -65.60 -9.22
CA THR FA 142 -62.11 -64.88 -9.97
C THR FA 142 -62.54 -63.45 -10.28
N VAL FA 143 -63.84 -63.21 -10.48
CA VAL FA 143 -64.31 -61.84 -10.67
C VAL FA 143 -64.05 -61.02 -9.41
N SER FA 144 -64.27 -61.62 -8.23
CA SER FA 144 -64.03 -60.90 -6.99
C SER FA 144 -62.55 -60.59 -6.79
N ILE FA 145 -61.68 -61.59 -7.00
CA ILE FA 145 -60.26 -61.34 -6.80
C ILE FA 145 -59.75 -60.33 -7.83
N GLN FA 146 -60.27 -60.36 -9.05
CA GLN FA 146 -59.83 -59.43 -10.08
C GLN FA 146 -60.38 -58.02 -9.86
N LYS FA 147 -61.58 -57.92 -9.26
CA LYS FA 147 -62.05 -56.63 -8.76
C LYS FA 147 -61.16 -56.10 -7.66
N SER FA 148 -60.69 -56.97 -6.77
CA SER FA 148 -59.75 -56.53 -5.74
C SER FA 148 -58.45 -56.03 -6.37
N ALA FA 149 -57.98 -56.73 -7.40
CA ALA FA 149 -56.78 -56.30 -8.12
C ALA FA 149 -56.99 -54.92 -8.75
N LEU FA 150 -58.17 -54.68 -9.33
CA LEU FA 150 -58.47 -53.34 -9.85
C LEU FA 150 -58.51 -52.33 -8.72
N GLN FA 151 -59.03 -52.72 -7.56
CA GLN FA 151 -59.13 -51.82 -6.42
C GLN FA 151 -57.75 -51.35 -5.96
N GLU FA 152 -56.80 -52.29 -5.84
CA GLU FA 152 -55.49 -51.92 -5.32
C GLU FA 152 -54.70 -51.08 -6.30
N LEU FA 153 -54.88 -51.29 -7.60
CA LEU FA 153 -54.17 -50.55 -8.64
C LEU FA 153 -54.87 -49.23 -9.00
N SER FA 154 -55.71 -48.70 -8.11
CA SER FA 154 -56.49 -47.52 -8.46
C SER FA 154 -55.68 -46.23 -8.26
N ALA FA 155 -55.27 -45.95 -7.03
CA ALA FA 155 -54.61 -44.69 -6.68
C ALA FA 155 -53.32 -44.98 -5.93
N PRO FA 156 -52.26 -45.36 -6.63
CA PRO FA 156 -50.98 -45.63 -5.97
C PRO FA 156 -50.24 -44.33 -5.68
N LEU FA 157 -50.22 -43.94 -4.41
CA LEU FA 157 -49.45 -42.77 -3.98
C LEU FA 157 -48.00 -43.13 -3.70
N LEU FA 158 -47.64 -44.41 -3.79
CA LEU FA 158 -46.29 -44.91 -3.55
C LEU FA 158 -45.22 -44.13 -4.28
N PRO FA 159 -45.48 -43.58 -5.48
CA PRO FA 159 -44.52 -42.61 -6.03
C PRO FA 159 -44.38 -41.40 -5.12
N ILE FA 160 -43.18 -41.22 -4.56
CA ILE FA 160 -42.92 -40.16 -3.61
C ILE FA 160 -41.60 -39.48 -3.97
N PHE FA 161 -41.45 -38.24 -3.51
CA PHE FA 161 -40.17 -37.54 -3.51
C PHE FA 161 -39.91 -37.08 -2.09
N GLU FA 162 -38.89 -36.25 -1.87
CA GLU FA 162 -38.64 -35.73 -0.53
C GLU FA 162 -39.72 -34.70 -0.21
N LYS FA 163 -40.67 -35.07 0.64
CA LYS FA 163 -41.78 -34.21 1.04
C LYS FA 163 -42.67 -33.80 -0.14
N ILE FA 164 -42.62 -34.55 -1.24
CA ILE FA 164 -43.45 -34.29 -2.41
C ILE FA 164 -44.01 -35.61 -2.90
N SER FA 165 -45.32 -35.73 -2.93
CA SER FA 165 -45.98 -36.94 -3.41
C SER FA 165 -46.52 -36.72 -4.82
N VAL FA 166 -46.87 -37.82 -5.48
CA VAL FA 166 -47.47 -37.76 -6.81
C VAL FA 166 -48.35 -38.99 -6.98
N MET FA 167 -49.56 -38.79 -7.51
CA MET FA 167 -50.58 -39.82 -7.58
C MET FA 167 -50.99 -40.04 -9.04
N PRO FA 168 -50.37 -40.99 -9.73
CA PRO FA 168 -50.73 -41.24 -11.12
C PRO FA 168 -52.02 -42.05 -11.23
N LEU FA 169 -52.89 -41.61 -12.13
CA LEU FA 169 -54.11 -42.34 -12.47
C LEU FA 169 -54.25 -42.37 -13.98
N ILE FA 170 -54.54 -43.56 -14.52
CA ILE FA 170 -54.59 -43.73 -15.97
C ILE FA 170 -55.87 -44.40 -16.45
N GLY FA 171 -56.57 -45.17 -15.64
CA GLY FA 171 -57.80 -45.79 -16.10
C GLY FA 171 -58.97 -44.83 -16.11
N THR FA 172 -59.97 -45.15 -16.94
CA THR FA 172 -61.18 -44.36 -16.97
C THR FA 172 -61.89 -44.42 -15.63
N ILE FA 173 -62.30 -43.27 -15.12
CA ILE FA 173 -62.76 -43.12 -13.74
C ILE FA 173 -64.27 -42.99 -13.73
N ASP FA 174 -64.92 -43.81 -12.92
CA ASP FA 174 -66.33 -43.69 -12.61
C ASP FA 174 -66.48 -43.20 -11.17
N THR FA 175 -67.72 -43.13 -10.69
CA THR FA 175 -67.95 -42.58 -9.36
C THR FA 175 -67.35 -43.48 -8.27
N GLU FA 176 -67.35 -44.79 -8.49
CA GLU FA 176 -66.72 -45.69 -7.53
C GLU FA 176 -65.21 -45.48 -7.50
N ARG FA 177 -64.58 -45.44 -8.68
CA ARG FA 177 -63.16 -45.14 -8.73
C ARG FA 177 -62.89 -43.72 -8.25
N ALA FA 178 -63.83 -42.80 -8.43
CA ALA FA 178 -63.66 -41.46 -7.89
C ALA FA 178 -63.59 -41.50 -6.37
N LYS FA 179 -64.50 -42.23 -5.73
CA LYS FA 179 -64.45 -42.36 -4.28
C LYS FA 179 -63.16 -43.04 -3.84
N LEU FA 180 -62.73 -44.06 -4.57
CA LEU FA 180 -61.45 -44.70 -4.29
C LEU FA 180 -60.32 -43.68 -4.31
N ILE FA 181 -60.31 -42.82 -5.34
CA ILE FA 181 -59.28 -41.80 -5.46
C ILE FA 181 -59.32 -40.87 -4.25
N ILE FA 182 -60.51 -40.44 -3.86
CA ILE FA 182 -60.62 -39.48 -2.76
C ILE FA 182 -60.07 -40.10 -1.48
N GLU FA 183 -60.55 -41.28 -1.11
CA GLU FA 183 -60.12 -41.89 0.14
C GLU FA 183 -58.62 -42.20 0.12
N ASN FA 184 -58.13 -42.79 -0.97
CA ASN FA 184 -56.72 -43.13 -1.03
C ASN FA 184 -55.84 -41.89 -0.96
N LEU FA 185 -56.22 -40.83 -1.68
CA LEU FA 185 -55.41 -39.62 -1.68
C LEU FA 185 -55.37 -38.98 -0.29
N LEU FA 186 -56.53 -38.88 0.37
CA LEU FA 186 -56.54 -38.27 1.70
C LEU FA 186 -55.76 -39.12 2.71
N ILE FA 187 -55.96 -40.44 2.68
CA ILE FA 187 -55.22 -41.29 3.62
C ILE FA 187 -53.73 -41.19 3.38
N GLY FA 188 -53.32 -41.19 2.11
CA GLY FA 188 -51.90 -41.11 1.80
C GLY FA 188 -51.29 -39.77 2.19
N VAL FA 189 -52.01 -38.67 1.94
CA VAL FA 189 -51.45 -37.37 2.32
C VAL FA 189 -51.40 -37.23 3.82
N VAL FA 190 -52.32 -37.88 4.55
CA VAL FA 190 -52.21 -37.88 6.01
C VAL FA 190 -51.01 -38.68 6.46
N LYS FA 191 -50.81 -39.87 5.88
CA LYS FA 191 -49.76 -40.77 6.37
C LYS FA 191 -48.37 -40.25 6.02
N ASN FA 192 -48.18 -39.81 4.78
CA ASN FA 192 -46.86 -39.42 4.30
C ASN FA 192 -46.43 -38.03 4.77
N ARG FA 193 -47.36 -37.25 5.33
CA ARG FA 193 -47.06 -35.90 5.81
C ARG FA 193 -46.39 -35.06 4.72
N SER FA 194 -46.90 -35.18 3.51
CA SER FA 194 -46.32 -34.52 2.35
C SER FA 194 -46.65 -33.03 2.37
N GLU FA 195 -46.12 -32.32 1.38
CA GLU FA 195 -46.36 -30.88 1.23
C GLU FA 195 -47.06 -30.53 -0.06
N VAL FA 196 -46.72 -31.20 -1.16
CA VAL FA 196 -47.33 -30.95 -2.46
C VAL FA 196 -47.72 -32.29 -3.06
N VAL FA 197 -48.95 -32.38 -3.56
CA VAL FA 197 -49.46 -33.59 -4.20
C VAL FA 197 -49.76 -33.26 -5.65
N LEU FA 198 -49.18 -34.02 -6.57
CA LEU FA 198 -49.38 -33.82 -8.00
C LEU FA 198 -50.30 -34.93 -8.52
N ILE FA 199 -51.56 -34.58 -8.73
CA ILE FA 199 -52.49 -35.52 -9.34
C ILE FA 199 -52.20 -35.57 -10.84
N ASP FA 200 -52.01 -36.78 -11.35
CA ASP FA 200 -51.67 -36.98 -12.76
C ASP FA 200 -52.96 -37.34 -13.50
N ILE FA 201 -53.61 -36.32 -14.06
CA ILE FA 201 -54.82 -36.55 -14.84
C ILE FA 201 -54.50 -37.26 -16.15
N THR FA 202 -53.31 -37.03 -16.69
CA THR FA 202 -52.93 -37.66 -17.95
C THR FA 202 -53.03 -39.17 -17.83
N GLY FA 203 -53.69 -39.79 -18.81
CA GLY FA 203 -53.91 -41.22 -18.80
C GLY FA 203 -55.37 -41.56 -19.02
N VAL FA 204 -56.26 -40.75 -18.45
CA VAL FA 204 -57.70 -40.95 -18.60
C VAL FA 204 -58.17 -40.17 -19.83
N PRO FA 205 -58.82 -40.80 -20.80
CA PRO FA 205 -59.25 -40.08 -22.00
C PRO FA 205 -60.34 -39.06 -21.74
N VAL FA 206 -61.45 -39.52 -21.14
CA VAL FA 206 -62.62 -38.68 -20.90
C VAL FA 206 -63.05 -38.86 -19.46
N VAL FA 207 -63.36 -37.76 -18.80
CA VAL FA 207 -63.79 -37.75 -17.40
C VAL FA 207 -65.24 -37.28 -17.35
N ASP FA 208 -66.08 -38.04 -16.67
CA ASP FA 208 -67.47 -37.64 -16.50
C ASP FA 208 -67.56 -36.37 -15.68
N THR FA 209 -68.62 -35.60 -15.90
CA THR FA 209 -68.77 -34.31 -15.23
C THR FA 209 -68.78 -34.47 -13.72
N MET FA 210 -69.51 -35.45 -13.22
CA MET FA 210 -69.54 -35.70 -11.78
C MET FA 210 -68.16 -36.10 -11.27
N VAL FA 211 -67.42 -36.88 -12.06
CA VAL FA 211 -66.07 -37.27 -11.68
C VAL FA 211 -65.17 -36.05 -11.61
N ALA FA 212 -65.31 -35.13 -12.57
CA ALA FA 212 -64.53 -33.89 -12.51
C ALA FA 212 -64.90 -33.06 -11.29
N HIS FA 213 -66.18 -33.06 -10.93
CA HIS FA 213 -66.60 -32.37 -9.70
C HIS FA 213 -65.90 -32.95 -8.49
N HIS FA 214 -65.89 -34.28 -8.38
CA HIS FA 214 -65.19 -34.90 -7.26
C HIS FA 214 -63.69 -34.62 -7.29
N ILE FA 215 -63.10 -34.55 -8.48
CA ILE FA 215 -61.68 -34.20 -8.56
C ILE FA 215 -61.45 -32.79 -8.04
N ILE FA 216 -62.33 -31.86 -8.38
CA ILE FA 216 -62.21 -30.49 -7.90
C ILE FA 216 -62.32 -30.44 -6.38
N GLN FA 217 -63.32 -31.13 -5.83
CA GLN FA 217 -63.42 -31.16 -4.37
C GLN FA 217 -62.22 -31.88 -3.74
N ALA FA 218 -61.63 -32.85 -4.43
CA ALA FA 218 -60.43 -33.49 -3.92
C ALA FA 218 -59.29 -32.48 -3.83
N SER FA 219 -59.10 -31.68 -4.86
CA SER FA 219 -58.07 -30.65 -4.83
C SER FA 219 -58.33 -29.67 -3.71
N GLU FA 220 -59.59 -29.24 -3.55
CA GLU FA 220 -59.91 -28.29 -2.50
C GLU FA 220 -59.67 -28.87 -1.12
N ALA FA 221 -60.06 -30.14 -0.90
CA ALA FA 221 -59.84 -30.76 0.40
C ALA FA 221 -58.35 -30.95 0.68
N VAL FA 222 -57.57 -31.32 -0.33
CA VAL FA 222 -56.13 -31.46 -0.13
C VAL FA 222 -55.51 -30.13 0.24
N ARG FA 223 -55.96 -29.05 -0.41
CA ARG FA 223 -55.51 -27.72 -0.01
C ARG FA 223 -55.93 -27.41 1.41
N LEU FA 224 -57.13 -27.84 1.80
CA LEU FA 224 -57.63 -27.55 3.14
C LEU FA 224 -56.85 -28.29 4.21
N VAL FA 225 -56.38 -29.50 3.92
CA VAL FA 225 -55.55 -30.23 4.87
C VAL FA 225 -54.22 -29.52 5.08
N GLY FA 226 -53.73 -28.81 4.07
CA GLY FA 226 -52.49 -28.08 4.19
C GLY FA 226 -51.43 -28.49 3.20
N CYS FA 227 -51.86 -28.96 2.02
CA CYS FA 227 -50.93 -29.34 0.97
C CYS FA 227 -51.48 -28.85 -0.37
N GLN FA 228 -50.64 -28.20 -1.16
CA GLN FA 228 -51.05 -27.75 -2.48
C GLN FA 228 -51.28 -28.93 -3.40
N ALA FA 229 -52.23 -28.78 -4.31
CA ALA FA 229 -52.60 -29.83 -5.25
C ALA FA 229 -52.30 -29.36 -6.67
N MET FA 230 -51.20 -29.85 -7.24
CA MET FA 230 -50.83 -29.55 -8.62
C MET FA 230 -51.52 -30.55 -9.53
N LEU FA 231 -52.69 -30.16 -10.06
CA LEU FA 231 -53.38 -31.00 -11.02
C LEU FA 231 -52.63 -30.94 -12.34
N VAL FA 232 -51.76 -31.91 -12.58
CA VAL FA 232 -50.78 -31.85 -13.66
C VAL FA 232 -51.19 -32.80 -14.77
N GLY FA 233 -51.20 -32.30 -16.00
CA GLY FA 233 -51.41 -33.15 -17.16
C GLY FA 233 -52.84 -33.22 -17.64
N ILE FA 234 -53.52 -32.07 -17.61
CA ILE FA 234 -54.92 -32.02 -18.03
C ILE FA 234 -55.02 -32.22 -19.54
N ARG FA 235 -56.13 -32.81 -19.98
CA ARG FA 235 -56.39 -33.01 -21.40
C ARG FA 235 -57.46 -32.05 -21.90
N PRO FA 236 -57.46 -31.72 -23.20
CA PRO FA 236 -58.44 -30.75 -23.71
C PRO FA 236 -59.90 -31.11 -23.47
N GLU FA 237 -60.29 -32.38 -23.63
CA GLU FA 237 -61.68 -32.74 -23.39
C GLU FA 237 -62.04 -32.63 -21.92
N ILE FA 238 -61.12 -33.04 -21.04
CA ILE FA 238 -61.36 -32.91 -19.61
C ILE FA 238 -61.45 -31.44 -19.22
N ALA FA 239 -60.63 -30.59 -19.86
CA ALA FA 239 -60.75 -29.15 -19.65
C ALA FA 239 -62.10 -28.62 -20.11
N GLN FA 240 -62.57 -29.10 -21.26
CA GLN FA 240 -63.92 -28.82 -21.73
C GLN FA 240 -64.94 -29.06 -20.65
N TPO FA 241 -64.92 -30.28 -20.13
CA TPO FA 241 -65.92 -30.69 -19.14
CB TPO FA 241 -65.81 -32.21 -18.90
CG2 TPO FA 241 -66.04 -32.60 -17.44
OG1 TPO FA 241 -66.78 -32.85 -19.72
P TPO FA 241 -66.05 -34.03 -20.50
O1P TPO FA 241 -66.52 -34.06 -21.91
O2P TPO FA 241 -66.40 -35.43 -19.79
O3P TPO FA 241 -64.45 -33.79 -20.47
C TPO FA 241 -65.79 -29.92 -17.82
O TPO FA 241 -66.80 -29.56 -17.21
N ILE FA 242 -64.56 -29.63 -17.41
CA ILE FA 242 -64.33 -28.92 -16.16
C ILE FA 242 -64.84 -27.49 -16.25
N VAL FA 243 -64.50 -26.78 -17.33
CA VAL FA 243 -64.99 -25.41 -17.47
C VAL FA 243 -66.49 -25.41 -17.75
N ASN FA 244 -67.02 -26.48 -18.34
CA ASN FA 244 -68.47 -26.60 -18.51
C ASN FA 244 -69.15 -26.75 -17.17
N LEU FA 245 -68.51 -27.41 -16.21
CA LEU FA 245 -69.05 -27.50 -14.85
C LEU FA 245 -69.30 -26.12 -14.27
N GLY FA 246 -68.41 -25.16 -14.57
CA GLY FA 246 -68.62 -23.79 -14.16
C GLY FA 246 -68.22 -23.46 -12.76
N ILE FA 247 -67.60 -24.40 -12.02
CA ILE FA 247 -67.15 -24.09 -10.68
C ILE FA 247 -65.97 -23.12 -10.74
N GLU FA 248 -65.74 -22.43 -9.63
CA GLU FA 248 -64.61 -21.50 -9.54
C GLU FA 248 -63.29 -22.25 -9.71
N LEU FA 249 -62.41 -21.69 -10.53
CA LEU FA 249 -61.16 -22.33 -10.88
C LEU FA 249 -60.00 -21.35 -10.73
N ASP FA 250 -60.03 -20.59 -9.63
CA ASP FA 250 -58.96 -19.64 -9.32
C ASP FA 250 -58.09 -20.13 -8.16
N GLN FA 251 -58.24 -21.37 -7.74
CA GLN FA 251 -57.49 -21.89 -6.60
C GLN FA 251 -56.54 -23.03 -6.95
N ILE FA 252 -56.80 -23.77 -8.03
CA ILE FA 252 -55.97 -24.91 -8.40
C ILE FA 252 -54.88 -24.44 -9.35
N ILE FA 253 -53.70 -25.03 -9.21
CA ILE FA 253 -52.55 -24.72 -10.06
C ILE FA 253 -52.25 -25.95 -10.89
N THR FA 254 -52.26 -25.79 -12.21
CA THR FA 254 -52.06 -26.91 -13.12
C THR FA 254 -50.75 -26.75 -13.87
N THR FA 255 -50.34 -27.83 -14.52
CA THR FA 255 -49.13 -27.85 -15.33
C THR FA 255 -49.29 -28.90 -16.42
N ASN FA 256 -48.83 -28.58 -17.62
CA ASN FA 256 -49.07 -29.44 -18.77
C ASN FA 256 -48.28 -30.75 -18.68
N THR FA 257 -47.03 -30.69 -18.24
CA THR FA 257 -46.19 -31.88 -18.20
C THR FA 257 -45.72 -32.15 -16.77
N MET FA 258 -45.38 -33.41 -16.52
CA MET FA 258 -45.02 -33.84 -15.17
C MET FA 258 -43.72 -33.19 -14.70
N LYS FA 259 -42.74 -33.03 -15.59
CA LYS FA 259 -41.47 -32.46 -15.18
C LYS FA 259 -41.61 -31.00 -14.78
N LYS FA 260 -42.39 -30.24 -15.55
CA LYS FA 260 -42.63 -28.84 -15.19
C LYS FA 260 -43.45 -28.75 -13.90
N GLY FA 261 -44.39 -29.67 -13.70
CA GLY FA 261 -45.08 -29.71 -12.42
C GLY FA 261 -44.15 -29.98 -11.26
N MET FA 262 -43.19 -30.89 -11.48
CA MET FA 262 -42.23 -31.21 -10.42
C MET FA 262 -41.36 -30.00 -10.09
N GLU FA 263 -40.89 -29.30 -11.12
CA GLU FA 263 -40.05 -28.13 -10.83
C GLU FA 263 -40.88 -27.01 -10.19
N ARG FA 264 -42.16 -26.89 -10.55
CA ARG FA 264 -43.02 -25.93 -9.86
C ARG FA 264 -43.20 -26.30 -8.39
N ALA FA 265 -43.42 -27.58 -8.10
CA ALA FA 265 -43.55 -28.02 -6.72
C ALA FA 265 -42.27 -27.75 -5.94
N LEU FA 266 -41.11 -28.02 -6.56
CA LEU FA 266 -39.85 -27.67 -5.93
C LEU FA 266 -39.72 -26.16 -5.74
N ALA FA 267 -40.32 -25.37 -6.63
CA ALA FA 267 -40.31 -23.92 -6.46
C ALA FA 267 -41.13 -23.51 -5.25
N LEU FA 268 -42.24 -24.20 -5.00
CA LEU FA 268 -43.04 -23.89 -3.81
C LEU FA 268 -42.23 -24.07 -2.54
N THR FA 269 -41.50 -25.17 -2.44
CA THR FA 269 -40.52 -25.37 -1.36
C THR FA 269 -39.23 -24.68 -1.78
N ASN FA 270 -39.22 -23.35 -1.59
CA ASN FA 270 -38.25 -22.49 -2.25
C ASN FA 270 -36.82 -22.95 -2.08
N ARG FA 271 -36.46 -23.42 -0.88
CA ARG FA 271 -35.10 -23.89 -0.65
C ARG FA 271 -34.83 -25.24 -1.30
N GLU FA 272 -35.87 -26.00 -1.65
CA GLU FA 272 -35.71 -27.35 -2.16
C GLU FA 272 -35.53 -27.40 -3.67
N ILE FA 273 -35.03 -26.33 -4.28
CA ILE FA 273 -34.67 -26.38 -5.69
C ILE FA 273 -33.41 -27.20 -5.94
N VAL FA 274 -32.67 -27.53 -4.88
CA VAL FA 274 -31.45 -28.31 -5.01
C VAL FA 274 -31.70 -29.77 -4.62
N MET GA 1 -98.53 -43.24 65.89
CA MET GA 1 -98.58 -44.46 66.70
C MET GA 1 -97.46 -45.42 66.31
N TYR GA 2 -96.25 -44.87 66.13
CA TYR GA 2 -95.12 -45.67 65.71
C TYR GA 2 -94.60 -46.62 66.79
N LYS GA 3 -95.13 -46.55 68.02
CA LYS GA 3 -94.70 -47.47 69.05
C LYS GA 3 -95.09 -48.91 68.69
N ASP GA 4 -96.39 -49.16 68.53
CA ASP GA 4 -96.83 -50.49 68.11
C ASP GA 4 -96.34 -50.82 66.71
N PHE GA 5 -96.12 -49.80 65.88
CA PHE GA 5 -95.55 -50.04 64.56
C PHE GA 5 -94.15 -50.63 64.66
N ALA GA 6 -93.33 -50.09 65.56
CA ALA GA 6 -92.01 -50.67 65.80
C ALA GA 6 -92.11 -52.04 66.45
N ASN GA 7 -93.08 -52.21 67.36
CA ASN GA 7 -93.29 -53.51 67.98
C ASN GA 7 -93.59 -54.59 66.94
N PHE GA 8 -94.35 -54.24 65.91
CA PHE GA 8 -94.68 -55.21 64.86
C PHE GA 8 -93.57 -55.30 63.81
N ILE GA 9 -92.80 -54.24 63.60
CA ILE GA 9 -91.64 -54.33 62.71
C ILE GA 9 -90.59 -55.24 63.32
N ARG GA 10 -90.51 -55.30 64.65
CA ARG GA 10 -89.59 -56.22 65.31
C ARG GA 10 -89.85 -57.67 64.91
N THR GA 11 -91.07 -58.00 64.49
CA THR GA 11 -91.37 -59.32 63.94
C THR GA 11 -91.35 -59.35 62.42
N ASN GA 12 -91.74 -58.26 61.77
CA ASN GA 12 -91.72 -58.18 60.30
C ASN GA 12 -90.31 -58.12 59.73
N LYS GA 13 -89.30 -57.91 60.57
CA LYS GA 13 -87.92 -57.97 60.08
C LYS GA 13 -87.60 -59.36 59.54
N LYS GA 14 -88.08 -60.41 60.22
CA LYS GA 14 -87.86 -61.76 59.73
C LYS GA 14 -88.59 -62.00 58.41
N ASP GA 15 -89.80 -61.45 58.27
CA ASP GA 15 -90.52 -61.56 57.00
C ASP GA 15 -89.76 -60.86 55.87
N LEU GA 16 -89.21 -59.67 56.15
CA LEU GA 16 -88.43 -58.97 55.14
C LEU GA 16 -87.13 -59.70 54.81
N LEU GA 17 -86.51 -60.34 55.81
CA LEU GA 17 -85.32 -61.13 55.53
C LEU GA 17 -85.65 -62.36 54.69
N ASN GA 18 -86.81 -62.98 54.94
CA ASN GA 18 -87.28 -64.06 54.07
C ASN GA 18 -87.51 -63.54 52.66
N ASN GA 19 -88.05 -62.34 52.54
CA ASN GA 19 -88.25 -61.73 51.23
C ASN GA 19 -86.92 -61.52 50.51
N TRP GA 20 -85.90 -61.04 51.22
CA TRP GA 20 -84.57 -60.89 50.64
C TRP GA 20 -83.98 -62.22 50.24
N MET GA 21 -84.19 -63.25 51.08
CA MET GA 21 -83.78 -64.61 50.73
C MET GA 21 -84.43 -65.07 49.43
N ASN GA 22 -85.70 -64.72 49.24
CA ASN GA 22 -86.41 -65.10 48.03
C ASN GA 22 -85.91 -64.33 46.81
N GLU GA 23 -85.60 -63.04 46.99
CA GLU GA 23 -85.32 -62.16 45.86
C GLU GA 23 -83.95 -62.38 45.23
N MET GA 24 -83.03 -63.07 45.89
CA MET GA 24 -81.71 -63.27 45.29
C MET GA 24 -81.72 -64.35 44.21
N GLU GA 25 -82.57 -65.37 44.36
CA GLU GA 25 -82.55 -66.50 43.43
C GLU GA 25 -83.10 -66.14 42.06
N LYS GA 26 -83.90 -65.08 41.94
CA LYS GA 26 -84.48 -64.75 40.65
C LYS GA 26 -83.44 -64.24 39.67
N GLN GA 27 -82.45 -63.48 40.16
CA GLN GA 27 -81.46 -62.89 39.26
C GLN GA 27 -80.18 -62.59 40.03
N SER GA 28 -79.04 -63.04 39.48
CA SER GA 28 -77.70 -62.68 39.97
C SER GA 28 -77.54 -63.00 41.45
N ASP GA 29 -77.90 -64.22 41.83
CA ASP GA 29 -77.71 -64.64 43.22
C ASP GA 29 -76.24 -64.66 43.64
N PRO GA 30 -75.32 -65.29 42.91
CA PRO GA 30 -73.91 -65.23 43.33
C PRO GA 30 -73.35 -63.82 43.35
N LEU GA 31 -73.75 -62.98 42.39
CA LEU GA 31 -73.23 -61.61 42.35
C LEU GA 31 -73.67 -60.83 43.57
N ILE GA 32 -74.96 -60.89 43.92
CA ILE GA 32 -75.46 -60.18 45.08
C ILE GA 32 -74.84 -60.73 46.36
N ASN GA 33 -74.75 -62.06 46.48
CA ASN GA 33 -74.15 -62.65 47.67
C ASN GA 33 -72.66 -62.32 47.79
N ASP GA 34 -72.00 -62.01 46.67
CA ASP GA 34 -70.60 -61.62 46.72
C ASP GA 34 -70.44 -60.15 47.11
N ILE GA 35 -71.15 -59.26 46.43
CA ILE GA 35 -71.00 -57.82 46.70
C ILE GA 35 -71.56 -57.49 48.08
N ALA GA 36 -72.64 -58.16 48.49
CA ALA GA 36 -73.26 -57.91 49.79
C ALA GA 36 -73.61 -59.26 50.41
N LYS GA 37 -72.81 -59.68 51.38
CA LYS GA 37 -73.03 -60.97 52.03
C LYS GA 37 -74.31 -60.94 52.86
N GLU GA 38 -74.79 -62.15 53.20
CA GLU GA 38 -76.07 -62.26 53.89
C GLU GA 38 -76.11 -61.55 55.24
N PRO GA 39 -75.14 -61.73 56.15
CA PRO GA 39 -75.28 -61.06 57.47
C PRO GA 39 -75.27 -59.55 57.38
N MET GA 40 -74.32 -58.96 56.65
CA MET GA 40 -74.22 -57.51 56.57
C MET GA 40 -75.46 -56.91 55.92
N TYR GA 41 -75.91 -57.50 54.81
CA TYR GA 41 -77.09 -56.97 54.13
C TYR GA 41 -78.34 -57.13 55.00
N GLU GA 42 -78.45 -58.25 55.70
CA GLU GA 42 -79.61 -58.46 56.57
C GLU GA 42 -79.65 -57.45 57.69
N GLU GA 43 -78.51 -57.22 58.36
CA GLU GA 43 -78.49 -56.26 59.45
C GLU GA 43 -78.72 -54.84 58.95
N THR GA 44 -78.15 -54.49 57.79
CA THR GA 44 -78.41 -53.17 57.22
C THR GA 44 -79.88 -52.98 56.90
N SER GA 45 -80.51 -54.00 56.30
CA SER GA 45 -81.93 -53.90 55.96
C SER GA 45 -82.80 -53.78 57.19
N ILE GA 46 -82.53 -54.57 58.23
CA ILE GA 46 -83.37 -54.52 59.42
C ILE GA 46 -83.18 -53.19 60.14
N GLU GA 47 -81.95 -52.67 60.19
CA GLU GA 47 -81.74 -51.35 60.77
C GLU GA 47 -82.46 -50.27 59.98
N PHE GA 48 -82.41 -50.36 58.65
CA PHE GA 48 -83.07 -49.36 57.81
C PHE GA 48 -84.58 -49.39 57.99
N VAL GA 49 -85.16 -50.58 58.12
CA VAL GA 49 -86.61 -50.66 58.28
C VAL GA 49 -87.06 -50.44 59.72
N ASP GA 50 -86.15 -50.50 60.69
CA ASP GA 50 -86.52 -50.34 62.09
C ASP GA 50 -86.24 -48.94 62.62
N LEU GA 51 -85.31 -48.19 62.03
CA LEU GA 51 -85.01 -46.87 62.56
C LEU GA 51 -86.17 -45.89 62.36
N ILE GA 52 -86.82 -45.94 61.20
CA ILE GA 52 -87.94 -45.04 60.93
C ILE GA 52 -89.10 -45.30 61.88
N VAL GA 53 -89.42 -46.57 62.11
CA VAL GA 53 -90.60 -46.94 62.88
C VAL GA 53 -90.37 -46.65 64.36
N SER GA 54 -89.15 -46.24 64.70
CA SER GA 54 -88.81 -45.86 66.07
C SER GA 54 -88.98 -44.37 66.34
N ASN GA 55 -89.25 -43.56 65.32
CA ASN GA 55 -89.46 -42.14 65.51
C ASN GA 55 -90.85 -41.88 66.08
N ILE GA 56 -91.06 -40.68 66.60
CA ILE GA 56 -92.35 -40.30 67.21
C ILE GA 56 -93.20 -39.73 66.09
N THR GA 57 -93.80 -40.64 65.30
CA THR GA 57 -94.79 -40.31 64.27
C THR GA 57 -94.29 -39.18 63.36
N GLU GA 58 -92.98 -39.02 63.25
CA GLU GA 58 -92.39 -37.92 62.49
C GLU GA 58 -91.10 -38.40 61.85
N ASN GA 59 -90.35 -37.46 61.28
CA ASN GA 59 -89.07 -37.76 60.64
C ASN GA 59 -87.93 -37.66 61.65
N GLY GA 60 -86.83 -38.33 61.33
CA GLY GA 60 -85.66 -38.30 62.17
C GLY GA 60 -84.41 -37.84 61.43
N SER GA 61 -83.73 -36.82 61.98
CA SER GA 61 -82.53 -36.31 61.34
C SER GA 61 -81.44 -37.37 61.31
N LYS GA 62 -81.24 -38.09 62.43
CA LYS GA 62 -80.30 -39.20 62.42
C LYS GA 62 -80.75 -40.28 61.45
N PHE GA 63 -82.05 -40.56 61.40
CA PHE GA 63 -82.55 -41.51 60.40
C PHE GA 63 -82.45 -40.93 58.99
N ASN GA 64 -82.55 -39.62 58.83
CA ASN GA 64 -82.35 -39.03 57.51
C ASN GA 64 -80.91 -39.27 57.03
N GLU GA 65 -79.94 -39.06 57.91
CA GLU GA 65 -78.55 -39.36 57.55
C GLU GA 65 -78.35 -40.85 57.29
N LYS GA 66 -78.98 -41.70 58.09
CA LYS GA 66 -78.87 -43.14 57.88
C LYS GA 66 -79.48 -43.55 56.54
N LEU GA 67 -80.60 -42.93 56.17
CA LEU GA 67 -81.24 -43.25 54.89
C LEU GA 67 -80.40 -42.77 53.72
N ASP GA 68 -79.80 -41.58 53.85
CA ASP GA 68 -78.87 -41.13 52.80
C ASP GA 68 -77.69 -42.09 52.67
N ASP GA 69 -77.15 -42.54 53.80
CA ASP GA 69 -76.05 -43.50 53.77
C ASP GA 69 -76.48 -44.80 53.11
N PHE GA 70 -77.67 -45.31 53.44
CA PHE GA 70 -78.17 -46.53 52.82
C PHE GA 70 -78.35 -46.36 51.31
N ALA GA 71 -78.90 -45.21 50.90
CA ALA GA 71 -79.12 -44.97 49.48
C ALA GA 71 -77.81 -44.92 48.72
N GLU GA 72 -76.81 -44.21 49.26
CA GLU GA 72 -75.53 -44.13 48.56
C GLU GA 72 -74.82 -45.47 48.58
N LYS GA 73 -74.96 -46.24 49.66
CA LYS GA 73 -74.35 -47.57 49.72
C LYS GA 73 -74.96 -48.51 48.69
N VAL GA 74 -76.29 -48.48 48.54
CA VAL GA 74 -76.92 -49.37 47.55
C VAL GA 74 -76.65 -48.88 46.14
N VAL GA 75 -76.47 -47.57 45.94
CA VAL GA 75 -76.11 -47.06 44.62
C VAL GA 75 -74.72 -47.53 44.23
N HIS GA 76 -73.76 -47.41 45.16
CA HIS GA 76 -72.39 -47.80 44.84
C HIS GA 76 -72.21 -49.31 44.78
N LEU GA 77 -72.96 -50.05 45.60
CA LEU GA 77 -72.76 -51.50 45.72
C LEU GA 77 -73.29 -52.28 44.52
N GLY GA 78 -74.22 -51.70 43.75
CA GLY GA 78 -74.75 -52.39 42.60
C GLY GA 78 -76.26 -52.55 42.62
N TRP GA 79 -76.94 -51.64 43.31
CA TRP GA 79 -78.41 -51.65 43.42
C TRP GA 79 -78.93 -50.31 42.92
N PRO GA 80 -79.12 -50.15 41.61
CA PRO GA 80 -79.71 -48.91 41.09
C PRO GA 80 -81.19 -48.79 41.38
N ILE GA 81 -81.83 -47.77 40.83
CA ILE GA 81 -83.24 -47.50 41.13
C ILE GA 81 -84.13 -48.66 40.69
N HIS GA 82 -83.74 -49.36 39.62
CA HIS GA 82 -84.52 -50.53 39.20
C HIS GA 82 -84.49 -51.63 40.26
N PHE GA 83 -83.31 -51.91 40.82
CA PHE GA 83 -83.22 -52.93 41.86
C PHE GA 83 -83.95 -52.50 43.13
N VAL GA 84 -83.87 -51.21 43.48
CA VAL GA 84 -84.58 -50.71 44.65
C VAL GA 84 -86.09 -50.84 44.44
N THR GA 85 -86.55 -50.60 43.21
CA THR GA 85 -87.98 -50.73 42.93
C THR GA 85 -88.43 -52.18 42.97
N THR GA 86 -87.61 -53.10 42.46
CA THR GA 86 -87.92 -54.52 42.59
C THR GA 86 -87.95 -54.93 44.05
N GLY GA 87 -87.04 -54.36 44.86
CA GLY GA 87 -87.07 -54.60 46.29
C GLY GA 87 -88.35 -54.10 46.93
N LEU GA 88 -88.83 -52.93 46.50
CA LEU GA 88 -90.10 -52.43 47.01
C LEU GA 88 -91.26 -53.35 46.61
N ARG GA 89 -91.24 -53.83 45.37
CA ARG GA 89 -92.28 -54.73 44.90
C ARG GA 89 -92.33 -56.01 45.73
N VAL GA 90 -91.17 -56.62 45.96
CA VAL GA 90 -91.14 -57.85 46.76
C VAL GA 90 -91.43 -57.54 48.23
N PHE GA 91 -91.08 -56.35 48.71
CA PHE GA 91 -91.50 -55.90 50.03
C PHE GA 91 -93.02 -55.95 50.14
N GLY GA 92 -93.71 -55.36 49.18
CA GLY GA 92 -95.17 -55.39 49.19
C GLY GA 92 -95.71 -56.80 49.13
N LEU GA 93 -95.13 -57.64 48.27
CA LEU GA 93 -95.57 -59.02 48.15
C LEU GA 93 -95.49 -59.75 49.49
N LEU GA 94 -94.32 -59.71 50.13
CA LEU GA 94 -94.15 -60.46 51.37
C LEU GA 94 -94.87 -59.81 52.54
N VAL GA 95 -95.07 -58.48 52.50
CA VAL GA 95 -95.88 -57.84 53.52
C VAL GA 95 -97.33 -58.31 53.42
N TYR GA 96 -97.84 -58.45 52.19
CA TYR GA 96 -99.19 -58.97 52.03
C TYR GA 96 -99.26 -60.42 52.50
N THR GA 97 -98.25 -61.23 52.18
CA THR GA 97 -98.25 -62.60 52.69
C THR GA 97 -98.25 -62.62 54.21
N ALA GA 98 -97.47 -61.72 54.83
CA ALA GA 98 -97.39 -61.67 56.28
C ALA GA 98 -98.72 -61.27 56.90
N MET GA 99 -99.38 -60.25 56.34
CA MET GA 99 -100.63 -59.81 56.96
C MET GA 99 -101.75 -60.79 56.68
N ARG GA 100 -101.64 -61.59 55.62
CA ARG GA 100 -102.50 -62.77 55.49
C ARG GA 100 -102.21 -63.77 56.59
N ASP GA 101 -100.93 -63.98 56.91
CA ASP GA 101 -100.55 -64.95 57.93
C ASP GA 101 -100.72 -64.40 59.34
N GLU GA 102 -100.00 -63.31 59.65
CA GLU GA 102 -99.97 -62.80 61.02
C GLU GA 102 -101.35 -62.28 61.45
N ASP GA 103 -101.95 -61.42 60.64
CA ASP GA 103 -103.29 -60.87 60.90
C ASP GA 103 -103.36 -60.20 62.27
N LEU GA 104 -102.34 -59.41 62.60
CA LEU GA 104 -102.30 -58.63 63.85
C LEU GA 104 -101.82 -57.22 63.49
N PHE GA 105 -102.77 -56.30 63.35
CA PHE GA 105 -102.49 -54.97 62.83
C PHE GA 105 -102.27 -53.97 63.97
N LEU GA 106 -102.16 -52.70 63.61
CA LEU GA 106 -101.82 -51.65 64.59
C LEU GA 106 -102.91 -51.51 65.66
N LYS GA 107 -104.10 -51.10 65.25
CA LYS GA 107 -105.15 -50.75 66.20
C LYS GA 107 -105.70 -52.01 66.88
N ARG GA 108 -105.82 -51.94 68.21
CA ARG GA 108 -106.33 -53.08 68.98
C ARG GA 108 -107.83 -53.19 68.78
N GLU GA 109 -108.28 -54.34 68.27
CA GLU GA 109 -109.69 -54.56 68.00
C GLU GA 109 -109.95 -56.05 68.03
N GLU GA 110 -111.23 -56.41 68.13
CA GLU GA 110 -111.62 -57.82 68.13
C GLU GA 110 -111.22 -58.48 66.81
N LYS GA 111 -111.43 -57.78 65.69
CA LYS GA 111 -111.02 -58.27 64.37
C LYS GA 111 -110.30 -57.13 63.66
N PRO GA 112 -109.04 -57.32 63.27
CA PRO GA 112 -108.33 -56.26 62.55
C PRO GA 112 -109.00 -55.93 61.22
N GLU GA 113 -108.96 -54.64 60.86
CA GLU GA 113 -109.56 -54.15 59.64
C GLU GA 113 -108.47 -53.63 58.69
N ASP GA 114 -108.92 -53.16 57.52
CA ASP GA 114 -108.01 -52.74 56.47
C ASP GA 114 -107.37 -51.38 56.73
N ASP GA 115 -107.85 -50.64 57.73
CA ASP GA 115 -107.30 -49.31 57.99
C ASP GA 115 -105.82 -49.38 58.37
N ALA GA 116 -105.48 -50.23 59.33
CA ALA GA 116 -104.09 -50.31 59.78
C ALA GA 116 -103.20 -50.92 58.69
N TYR GA 117 -103.71 -51.88 57.93
CA TYR GA 117 -102.94 -52.43 56.83
C TYR GA 117 -102.66 -51.36 55.78
N TYR GA 118 -103.63 -50.52 55.48
CA TYR GA 118 -103.39 -49.49 54.48
C TYR GA 118 -102.50 -48.39 55.02
N ARG GA 119 -102.53 -48.13 56.32
CA ARG GA 119 -101.55 -47.20 56.89
C ARG GA 119 -100.14 -47.78 56.82
N PHE GA 120 -100.01 -49.10 57.03
CA PHE GA 120 -98.75 -49.79 56.76
C PHE GA 120 -98.29 -49.51 55.33
N GLU GA 121 -99.19 -49.71 54.37
CA GLU GA 121 -98.84 -49.54 52.96
C GLU GA 121 -98.44 -48.10 52.66
N THR GA 122 -99.19 -47.13 53.18
CA THR GA 122 -98.88 -45.72 52.91
C THR GA 122 -97.56 -45.32 53.54
N TRP GA 123 -97.26 -45.81 54.74
CA TRP GA 123 -95.97 -45.51 55.36
C TRP GA 123 -94.83 -46.17 54.61
N LEU GA 124 -95.04 -47.37 54.07
CA LEU GA 124 -94.02 -47.98 53.21
C LEU GA 124 -93.81 -47.14 51.94
N SER GA 125 -94.90 -46.62 51.37
CA SER GA 125 -94.78 -45.76 50.20
C SER GA 125 -94.00 -44.48 50.52
N SER GA 126 -94.27 -43.89 51.69
CA SER GA 126 -93.53 -42.71 52.10
C SER GA 126 -92.06 -43.04 52.33
N MET GA 127 -91.77 -44.23 52.87
CA MET GA 127 -90.39 -44.67 53.01
C MET GA 127 -89.70 -44.77 51.66
N TYR GA 128 -90.39 -45.34 50.66
CA TYR GA 128 -89.80 -45.41 49.33
C TYR GA 128 -89.64 -44.02 48.73
N ASN GA 129 -90.55 -43.09 49.04
CA ASN GA 129 -90.41 -41.72 48.60
C ASN GA 129 -89.14 -41.10 49.16
N LYS GA 130 -88.89 -41.28 50.45
CA LYS GA 130 -87.67 -40.75 51.06
C LYS GA 130 -86.43 -41.41 50.46
N VAL GA 131 -86.49 -42.72 50.22
CA VAL GA 131 -85.34 -43.43 49.67
C VAL GA 131 -85.00 -42.90 48.27
N VAL GA 132 -86.02 -42.74 47.43
CA VAL GA 132 -85.76 -42.24 46.08
C VAL GA 132 -85.36 -40.77 46.12
N THR GA 133 -85.83 -40.01 47.11
CA THR GA 133 -85.41 -38.63 47.25
C THR GA 133 -83.92 -38.54 47.56
N ALA GA 134 -83.43 -39.41 48.46
CA ALA GA 134 -82.01 -39.44 48.75
C ALA GA 134 -81.20 -40.19 47.70
N TYR GA 135 -81.87 -40.90 46.79
CA TYR GA 135 -81.17 -41.65 45.75
C TYR GA 135 -80.35 -40.75 44.84
N ALA GA 136 -81.01 -39.83 44.15
CA ALA GA 136 -80.40 -39.12 43.02
C ALA GA 136 -79.78 -37.78 43.39
N ASP GA 137 -79.75 -37.40 44.67
CA ASP GA 137 -79.17 -36.12 45.04
C ASP GA 137 -77.69 -36.06 44.68
N THR GA 138 -76.93 -37.06 45.11
CA THR GA 138 -75.50 -37.10 44.82
C THR GA 138 -75.25 -37.23 43.32
N TRP GA 139 -76.11 -37.98 42.63
CA TRP GA 139 -75.97 -38.11 41.18
C TRP GA 139 -76.15 -36.78 40.48
N GLU GA 140 -77.17 -36.00 40.89
CA GLU GA 140 -77.36 -34.68 40.31
C GLU GA 140 -76.19 -33.76 40.64
N LYS GA 141 -75.69 -33.83 41.87
CA LYS GA 141 -74.56 -32.98 42.24
C LYS GA 141 -73.31 -33.29 41.41
N THR GA 142 -73.01 -34.58 41.23
CA THR GA 142 -71.83 -34.94 40.45
C THR GA 142 -72.03 -34.63 38.97
N VAL GA 143 -73.26 -34.76 38.45
CA VAL GA 143 -73.53 -34.36 37.08
C VAL GA 143 -73.31 -32.86 36.91
N SER GA 144 -73.77 -32.06 37.88
CA SER GA 144 -73.59 -30.62 37.80
C SER GA 144 -72.11 -30.23 37.85
N ILE GA 145 -71.34 -30.84 38.76
CA ILE GA 145 -69.93 -30.49 38.83
C ILE GA 145 -69.18 -30.98 37.58
N GLN GA 146 -69.58 -32.11 37.02
CA GLN GA 146 -68.97 -32.58 35.78
C GLN GA 146 -69.30 -31.64 34.63
N LYS GA 147 -70.52 -31.11 34.60
CA LYS GA 147 -70.88 -30.14 33.58
C LYS GA 147 -70.07 -28.86 33.73
N SER GA 148 -69.85 -28.41 34.97
CA SER GA 148 -68.99 -27.25 35.19
C SER GA 148 -67.57 -27.51 34.71
N ALA GA 149 -67.04 -28.71 35.00
CA ALA GA 149 -65.70 -29.06 34.54
C ALA GA 149 -65.63 -29.09 33.02
N LEU GA 150 -66.66 -29.63 32.37
CA LEU GA 150 -66.71 -29.61 30.91
C LEU GA 150 -66.76 -28.18 30.39
N GLN GA 151 -67.48 -27.30 31.09
CA GLN GA 151 -67.53 -25.90 30.69
C GLN GA 151 -66.16 -25.25 30.77
N GLU GA 152 -65.43 -25.50 31.85
CA GLU GA 152 -64.11 -24.88 31.98
C GLU GA 152 -63.08 -25.53 31.07
N LEU GA 153 -63.22 -26.83 30.80
CA LEU GA 153 -62.26 -27.57 29.98
C LEU GA 153 -62.51 -27.44 28.49
N SER GA 154 -63.52 -26.70 28.07
CA SER GA 154 -63.93 -26.66 26.67
C SER GA 154 -62.82 -26.12 25.75
N ALA GA 155 -62.47 -24.84 25.92
CA ALA GA 155 -61.51 -24.18 25.05
C ALA GA 155 -60.47 -23.46 25.88
N PRO GA 156 -59.41 -24.14 26.29
CA PRO GA 156 -58.36 -23.46 27.05
C PRO GA 156 -57.46 -22.64 26.15
N LEU GA 157 -57.65 -21.32 26.15
CA LEU GA 157 -56.77 -20.41 25.44
C LEU GA 157 -55.55 -20.03 26.27
N LEU GA 158 -55.49 -20.52 27.51
CA LEU GA 158 -54.37 -20.21 28.40
C LEU GA 158 -53.00 -20.42 27.77
N PRO GA 159 -52.77 -21.42 26.90
CA PRO GA 159 -51.49 -21.45 26.17
C PRO GA 159 -51.26 -20.16 25.42
N ILE GA 160 -50.24 -19.41 25.81
CA ILE GA 160 -49.96 -18.09 25.26
C ILE GA 160 -48.48 -17.99 24.96
N PHE GA 161 -48.14 -17.65 23.73
CA PHE GA 161 -46.79 -17.29 23.34
C PHE GA 161 -46.72 -15.79 23.10
N GLU GA 162 -45.52 -15.30 22.79
CA GLU GA 162 -45.33 -13.87 22.56
C GLU GA 162 -46.02 -13.48 21.27
N LYS GA 163 -47.23 -12.91 21.38
CA LYS GA 163 -48.09 -12.49 20.29
C LYS GA 163 -48.67 -13.66 19.51
N ILE GA 164 -48.52 -14.89 20.00
CA ILE GA 164 -49.15 -16.07 19.40
C ILE GA 164 -49.94 -16.79 20.47
N SER GA 165 -51.17 -17.16 20.16
CA SER GA 165 -52.02 -17.93 21.05
C SER GA 165 -52.48 -19.19 20.35
N VAL GA 166 -52.47 -20.31 21.07
CA VAL GA 166 -52.91 -21.60 20.55
C VAL GA 166 -54.05 -22.11 21.43
N MET GA 167 -55.11 -22.57 20.78
CA MET GA 167 -56.33 -22.98 21.48
C MET GA 167 -56.63 -24.44 21.13
N PRO GA 168 -56.26 -25.38 22.00
CA PRO GA 168 -56.48 -26.80 21.68
C PRO GA 168 -57.85 -27.28 22.10
N LEU GA 169 -58.66 -27.71 21.12
CA LEU GA 169 -59.94 -28.36 21.38
C LEU GA 169 -59.85 -29.79 20.88
N ILE GA 170 -60.19 -30.75 21.74
CA ILE GA 170 -59.96 -32.15 21.43
C ILE GA 170 -61.24 -32.95 21.57
N GLY GA 171 -62.14 -32.50 22.44
CA GLY GA 171 -63.37 -33.23 22.66
C GLY GA 171 -64.33 -33.10 21.49
N THR GA 172 -65.19 -34.11 21.35
CA THR GA 172 -66.20 -34.08 20.30
C THR GA 172 -67.21 -32.97 20.60
N ILE GA 173 -67.35 -32.03 19.67
CA ILE GA 173 -68.10 -30.80 19.90
C ILE GA 173 -69.40 -30.85 19.11
N ASP GA 174 -70.46 -30.32 19.71
CA ASP GA 174 -71.75 -30.13 19.07
C ASP GA 174 -72.07 -28.63 19.05
N THR GA 175 -73.28 -28.30 18.60
CA THR GA 175 -73.61 -26.89 18.38
C THR GA 175 -73.55 -26.07 19.66
N GLU GA 176 -74.04 -26.62 20.77
CA GLU GA 176 -73.94 -25.92 22.05
C GLU GA 176 -72.48 -25.79 22.48
N ARG GA 177 -71.74 -26.89 22.41
CA ARG GA 177 -70.32 -26.82 22.75
C ARG GA 177 -69.57 -25.92 21.77
N ALA GA 178 -69.98 -25.90 20.50
CA ALA GA 178 -69.35 -25.01 19.54
C ALA GA 178 -69.59 -23.54 19.90
N LYS GA 179 -70.81 -23.22 20.34
CA LYS GA 179 -71.08 -21.86 20.79
C LYS GA 179 -70.23 -21.50 22.00
N LEU GA 180 -70.10 -22.45 22.94
CA LEU GA 180 -69.22 -22.22 24.08
C LEU GA 180 -67.78 -21.98 23.62
N ILE GA 181 -67.31 -22.77 22.65
CA ILE GA 181 -65.95 -22.65 22.14
C ILE GA 181 -65.73 -21.28 21.54
N ILE GA 182 -66.65 -20.83 20.69
CA ILE GA 182 -66.45 -19.55 20.00
C ILE GA 182 -66.54 -18.40 21.00
N GLU GA 183 -67.46 -18.48 21.97
CA GLU GA 183 -67.54 -17.44 22.99
C GLU GA 183 -66.24 -17.36 23.78
N ASN GA 184 -65.71 -18.51 24.21
CA ASN GA 184 -64.47 -18.50 24.98
C ASN GA 184 -63.31 -17.97 24.15
N LEU GA 185 -63.22 -18.38 22.90
CA LEU GA 185 -62.14 -17.90 22.04
C LEU GA 185 -62.21 -16.40 21.85
N LEU GA 186 -63.41 -15.88 21.59
CA LEU GA 186 -63.56 -14.45 21.37
C LEU GA 186 -63.22 -13.66 22.63
N ILE GA 187 -63.76 -14.06 23.78
CA ILE GA 187 -63.49 -13.30 25.00
C ILE GA 187 -62.01 -13.40 25.36
N GLY GA 188 -61.38 -14.56 25.13
CA GLY GA 188 -59.97 -14.68 25.41
C GLY GA 188 -59.12 -13.78 24.52
N VAL GA 189 -59.39 -13.80 23.21
CA VAL GA 189 -58.59 -12.97 22.31
C VAL GA 189 -58.85 -11.50 22.57
N VAL GA 190 -60.01 -11.16 23.12
CA VAL GA 190 -60.23 -9.78 23.57
C VAL GA 190 -59.40 -9.48 24.81
N LYS GA 191 -59.32 -10.43 25.74
CA LYS GA 191 -58.66 -10.17 27.02
C LYS GA 191 -57.16 -9.97 26.85
N ASN GA 192 -56.50 -10.87 26.12
CA ASN GA 192 -55.05 -10.84 25.99
C ASN GA 192 -54.65 -10.47 24.57
N ARG GA 193 -53.46 -9.91 24.43
CA ARG GA 193 -53.00 -9.46 23.12
C ARG GA 193 -52.44 -10.64 22.36
N SER GA 194 -52.90 -10.83 21.13
CA SER GA 194 -52.45 -11.97 20.33
C SER GA 194 -52.65 -11.66 18.87
N GLU GA 195 -51.57 -11.62 18.10
CA GLU GA 195 -51.69 -11.29 16.68
C GLU GA 195 -52.27 -12.43 15.87
N VAL GA 196 -51.99 -13.67 16.24
CA VAL GA 196 -52.51 -14.83 15.53
C VAL GA 196 -53.12 -15.81 16.52
N VAL GA 197 -54.02 -16.65 16.02
CA VAL GA 197 -54.67 -17.68 16.83
C VAL GA 197 -54.48 -19.02 16.12
N LEU GA 198 -53.96 -19.99 16.85
CA LEU GA 198 -53.66 -21.32 16.33
C LEU GA 198 -54.72 -22.28 16.86
N ILE GA 199 -55.79 -22.48 16.08
CA ILE GA 199 -56.84 -23.41 16.46
C ILE GA 199 -56.35 -24.83 16.19
N ASP GA 200 -56.31 -25.65 17.24
CA ASP GA 200 -55.87 -27.04 17.12
C ASP GA 200 -57.11 -27.92 16.96
N ILE GA 201 -57.63 -27.97 15.74
CA ILE GA 201 -58.81 -28.77 15.46
C ILE GA 201 -58.53 -30.25 15.48
N THR GA 202 -57.25 -30.66 15.43
CA THR GA 202 -56.91 -32.07 15.49
C THR GA 202 -57.44 -32.69 16.79
N GLY GA 203 -58.10 -33.84 16.66
CA GLY GA 203 -58.64 -34.51 17.82
C GLY GA 203 -60.10 -34.87 17.68
N VAL GA 204 -60.87 -34.01 17.03
CA VAL GA 204 -62.30 -34.29 16.82
C VAL GA 204 -62.42 -35.32 15.70
N PRO GA 205 -63.00 -36.48 15.97
CA PRO GA 205 -63.10 -37.50 14.91
C PRO GA 205 -63.97 -37.07 13.75
N VAL GA 206 -65.23 -36.74 14.03
CA VAL GA 206 -66.18 -36.31 13.01
C VAL GA 206 -66.97 -35.13 13.58
N VAL GA 207 -67.17 -34.11 12.75
CA VAL GA 207 -67.97 -32.95 13.11
C VAL GA 207 -69.09 -32.81 12.08
N ASP GA 208 -70.27 -32.45 12.56
CA ASP GA 208 -71.41 -32.28 11.67
C ASP GA 208 -71.28 -30.98 10.89
N THR GA 209 -72.24 -30.73 10.00
CA THR GA 209 -72.19 -29.52 9.18
C THR GA 209 -72.34 -28.26 10.02
N MET GA 210 -73.19 -28.29 11.04
CA MET GA 210 -73.46 -27.10 11.83
C MET GA 210 -72.21 -26.70 12.61
N VAL GA 211 -71.50 -27.68 13.14
CA VAL GA 211 -70.26 -27.43 13.88
C VAL GA 211 -69.21 -26.83 12.96
N ALA GA 212 -69.09 -27.37 11.74
CA ALA GA 212 -68.13 -26.82 10.79
C ALA GA 212 -68.48 -25.38 10.43
N HIS GA 213 -69.76 -25.09 10.28
CA HIS GA 213 -70.19 -23.72 10.02
C HIS GA 213 -69.78 -22.80 11.17
N HIS GA 214 -70.02 -23.24 12.40
CA HIS GA 214 -69.59 -22.45 13.56
C HIS GA 214 -68.07 -22.25 13.59
N ILE GA 215 -67.31 -23.28 13.26
CA ILE GA 215 -65.85 -23.16 13.28
C ILE GA 215 -65.39 -22.14 12.25
N ILE GA 216 -65.96 -22.20 11.05
CA ILE GA 216 -65.56 -21.25 10.01
C ILE GA 216 -65.93 -19.82 10.41
N GLN GA 217 -67.14 -19.61 10.94
CA GLN GA 217 -67.51 -18.27 11.38
C GLN GA 217 -66.65 -17.81 12.55
N ALA GA 218 -66.26 -18.72 13.44
CA ALA GA 218 -65.36 -18.33 14.53
C ALA GA 218 -64.02 -17.88 14.01
N SER GA 219 -63.46 -18.61 13.04
CA SER GA 219 -62.18 -18.21 12.46
C SER GA 219 -62.30 -16.86 11.75
N GLU GA 220 -63.37 -16.67 10.98
CA GLU GA 220 -63.50 -15.41 10.25
C GLU GA 220 -63.77 -14.25 11.20
N ALA GA 221 -64.48 -14.49 12.30
CA ALA GA 221 -64.70 -13.44 13.29
C ALA GA 221 -63.41 -13.08 14.02
N VAL GA 222 -62.57 -14.09 14.29
CA VAL GA 222 -61.25 -13.81 14.85
C VAL GA 222 -60.44 -12.96 13.88
N ARG GA 223 -60.55 -13.24 12.59
CA ARG GA 223 -59.92 -12.37 11.59
C ARG GA 223 -60.50 -10.96 11.66
N LEU GA 224 -61.81 -10.85 11.82
CA LEU GA 224 -62.47 -9.55 11.87
C LEU GA 224 -62.15 -8.77 13.13
N VAL GA 225 -61.68 -9.45 14.18
CA VAL GA 225 -61.22 -8.73 15.37
C VAL GA 225 -59.82 -8.17 15.16
N GLY GA 226 -59.05 -8.74 14.22
CA GLY GA 226 -57.72 -8.25 13.94
C GLY GA 226 -56.66 -9.28 14.22
N CYS GA 227 -57.01 -10.55 14.07
CA CYS GA 227 -56.13 -11.65 14.46
C CYS GA 227 -56.26 -12.75 13.42
N GLN GA 228 -55.14 -13.08 12.76
CA GLN GA 228 -55.15 -14.18 11.80
C GLN GA 228 -55.49 -15.49 12.52
N ALA GA 229 -56.42 -16.25 11.94
CA ALA GA 229 -56.94 -17.46 12.56
C ALA GA 229 -56.45 -18.67 11.78
N MET GA 230 -55.36 -19.26 12.24
CA MET GA 230 -54.83 -20.47 11.64
C MET GA 230 -55.68 -21.68 12.03
N LEU GA 231 -55.80 -22.62 11.11
CA LEU GA 231 -56.55 -23.87 11.33
C LEU GA 231 -55.57 -25.02 11.15
N VAL GA 232 -55.24 -25.68 12.26
CA VAL GA 232 -54.10 -26.59 12.32
C VAL GA 232 -54.57 -28.03 12.32
N GLY GA 233 -54.03 -28.83 11.39
CA GLY GA 233 -54.19 -30.27 11.42
C GLY GA 233 -55.61 -30.77 11.27
N ILE GA 234 -56.35 -30.25 10.30
CA ILE GA 234 -57.71 -30.70 10.07
C ILE GA 234 -57.69 -32.10 9.48
N ARG GA 235 -58.47 -33.00 10.05
CA ARG GA 235 -58.48 -34.38 9.60
C ARG GA 235 -59.19 -34.51 8.26
N PRO GA 236 -58.88 -35.56 7.48
CA PRO GA 236 -59.47 -35.65 6.12
C PRO GA 236 -60.99 -35.66 6.08
N GLU GA 237 -61.63 -36.35 7.03
N GLU GA 237 -61.63 -36.34 7.02
CA GLU GA 237 -63.09 -36.36 7.06
CA GLU GA 237 -63.09 -36.36 7.04
C GLU GA 237 -63.65 -34.98 7.35
C GLU GA 237 -63.66 -34.97 7.35
N ILE GA 238 -63.03 -34.25 8.27
CA ILE GA 238 -63.46 -32.90 8.57
C ILE GA 238 -63.30 -32.02 7.33
N ALA GA 239 -62.18 -32.16 6.62
CA ALA GA 239 -61.96 -31.38 5.42
C ALA GA 239 -63.00 -31.67 4.36
N GLN GA 240 -63.32 -32.95 4.13
CA GLN GA 240 -64.29 -33.28 3.11
C GLN GA 240 -65.69 -32.80 3.50
N THR GA 241 -66.03 -32.88 4.79
CA THR GA 241 -67.30 -32.33 5.24
C THR GA 241 -67.37 -30.82 5.02
N ILE GA 242 -66.28 -30.12 5.34
CA ILE GA 242 -66.25 -28.67 5.20
C ILE GA 242 -66.39 -28.28 3.73
N VAL GA 243 -65.69 -28.97 2.84
CA VAL GA 243 -65.81 -28.61 1.42
C VAL GA 243 -67.18 -29.01 0.89
N ASN GA 244 -67.79 -30.07 1.42
CA ASN GA 244 -69.14 -30.41 1.04
C ASN GA 244 -70.16 -29.40 1.55
N LEU GA 245 -69.81 -28.63 2.60
CA LEU GA 245 -70.67 -27.54 3.03
C LEU GA 245 -70.93 -26.53 1.92
N GLY GA 246 -69.93 -26.30 1.06
CA GLY GA 246 -70.09 -25.38 -0.04
C GLY GA 246 -69.85 -23.93 0.29
N ILE GA 247 -69.51 -23.60 1.53
CA ILE GA 247 -69.20 -22.23 1.91
C ILE GA 247 -67.80 -21.91 1.41
N GLU GA 248 -67.42 -20.64 1.43
CA GLU GA 248 -66.12 -20.24 0.93
C GLU GA 248 -65.00 -20.69 1.87
N LEU GA 249 -63.95 -21.26 1.29
CA LEU GA 249 -62.78 -21.73 2.02
C LEU GA 249 -61.50 -21.20 1.37
N ASP GA 250 -61.46 -19.90 1.10
CA ASP GA 250 -60.31 -19.29 0.45
C ASP GA 250 -59.63 -18.21 1.30
N GLN GA 251 -60.11 -17.94 2.51
CA GLN GA 251 -59.55 -16.88 3.33
C GLN GA 251 -58.80 -17.38 4.55
N ILE GA 252 -58.96 -18.65 4.93
CA ILE GA 252 -58.32 -19.19 6.13
C ILE GA 252 -57.06 -19.94 5.74
N ILE GA 253 -56.00 -19.77 6.53
CA ILE GA 253 -54.73 -20.43 6.29
C ILE GA 253 -54.69 -21.71 7.12
N THR GA 254 -54.34 -22.81 6.48
CA THR GA 254 -54.34 -24.12 7.11
C THR GA 254 -52.93 -24.71 7.10
N THR GA 255 -52.70 -25.66 8.01
CA THR GA 255 -51.39 -26.29 8.14
C THR GA 255 -51.58 -27.79 8.38
N ASN GA 256 -50.53 -28.55 8.05
CA ASN GA 256 -50.58 -29.99 8.24
C ASN GA 256 -50.49 -30.36 9.72
N THR GA 257 -49.60 -29.71 10.46
CA THR GA 257 -49.35 -30.06 11.85
C THR GA 257 -49.10 -28.81 12.66
N MET GA 258 -48.98 -29.00 13.98
CA MET GA 258 -48.80 -27.87 14.89
C MET GA 258 -47.49 -27.14 14.62
N LYS GA 259 -46.41 -27.88 14.35
CA LYS GA 259 -45.13 -27.24 14.12
C LYS GA 259 -45.17 -26.33 12.90
N LYS GA 260 -45.78 -26.80 11.82
CA LYS GA 260 -45.90 -25.97 10.63
C LYS GA 260 -46.78 -24.75 10.89
N GLY GA 261 -47.85 -24.93 11.65
CA GLY GA 261 -48.68 -23.79 12.03
C GLY GA 261 -47.90 -22.75 12.79
N MET GA 262 -47.11 -23.20 13.76
CA MET GA 262 -46.33 -22.24 14.56
C MET GA 262 -45.27 -21.55 13.72
N GLU GA 263 -44.60 -22.28 12.83
CA GLU GA 263 -43.55 -21.65 12.04
C GLU GA 263 -44.13 -20.65 11.05
N ARG GA 264 -45.30 -20.96 10.45
CA ARG GA 264 -45.91 -19.97 9.57
C ARG GA 264 -46.44 -18.79 10.36
N ALA GA 265 -46.94 -19.02 11.58
CA ALA GA 265 -47.37 -17.90 12.42
C ALA GA 265 -46.20 -16.98 12.73
N LEU GA 266 -45.04 -17.55 13.04
CA LEU GA 266 -43.85 -16.74 13.21
C LEU GA 266 -43.43 -16.08 11.89
N ALA GA 267 -43.76 -16.69 10.76
CA ALA GA 267 -43.46 -16.07 9.47
C ALA GA 267 -44.30 -14.81 9.26
N LEU GA 268 -45.58 -14.84 9.64
CA LEU GA 268 -46.41 -13.65 9.49
C LEU GA 268 -45.87 -12.50 10.33
N THR GA 269 -45.48 -12.77 11.57
CA THR GA 269 -44.80 -11.79 12.40
C THR GA 269 -43.30 -12.07 12.28
N ASN GA 270 -42.73 -11.67 11.14
CA ASN GA 270 -41.42 -12.14 10.73
C ASN GA 270 -40.36 -11.85 11.79
N ARG GA 271 -40.45 -10.70 12.45
CA ARG GA 271 -39.45 -10.35 13.46
C ARG GA 271 -39.51 -11.26 14.67
N GLU GA 272 -40.62 -11.96 14.89
CA GLU GA 272 -40.78 -12.89 16.00
C GLU GA 272 -40.25 -14.28 15.68
N ILE GA 273 -39.41 -14.41 14.64
CA ILE GA 273 -38.84 -15.72 14.33
C ILE GA 273 -37.88 -16.17 15.44
N VAL GA 274 -37.21 -15.23 16.09
CA VAL GA 274 -36.29 -15.56 17.18
C VAL GA 274 -37.03 -15.59 18.51
N MET HA 1 -104.36 -61.91 34.23
CA MET HA 1 -105.25 -61.55 33.14
C MET HA 1 -105.17 -60.04 32.91
N TYR HA 2 -105.33 -59.62 31.65
CA TYR HA 2 -105.15 -58.23 31.27
C TYR HA 2 -106.39 -57.59 30.66
N LYS HA 3 -107.31 -58.37 30.08
CA LYS HA 3 -108.41 -57.77 29.31
C LYS HA 3 -109.44 -57.11 30.23
N ASP HA 4 -110.01 -57.89 31.15
CA ASP HA 4 -110.94 -57.30 32.11
C ASP HA 4 -110.25 -56.29 33.02
N PHE HA 5 -108.94 -56.42 33.20
CA PHE HA 5 -108.19 -55.37 33.88
C PHE HA 5 -108.29 -54.06 33.13
N ALA HA 6 -108.19 -54.10 31.80
CA ALA HA 6 -108.41 -52.89 31.01
C ALA HA 6 -109.87 -52.45 31.04
N ASN HA 7 -110.81 -53.41 31.08
CA ASN HA 7 -112.22 -53.05 31.16
C ASN HA 7 -112.52 -52.27 32.45
N PHE HA 8 -111.80 -52.56 33.53
CA PHE HA 8 -111.95 -51.77 34.75
C PHE HA 8 -111.02 -50.56 34.79
N ILE HA 9 -109.93 -50.58 34.02
CA ILE HA 9 -109.13 -49.39 33.78
C ILE HA 9 -109.94 -48.33 33.06
N ARG HA 10 -110.99 -48.74 32.33
CA ARG HA 10 -111.85 -47.78 31.65
C ARG HA 10 -112.49 -46.80 32.63
N THR HA 11 -112.58 -47.16 33.92
CA THR HA 11 -112.98 -46.23 34.97
C THR HA 11 -111.82 -45.84 35.89
N ASN HA 12 -110.82 -46.71 36.02
CA ASN HA 12 -109.61 -46.32 36.73
C ASN HA 12 -108.94 -45.11 36.09
N LYS HA 13 -109.17 -44.87 34.80
CA LYS HA 13 -108.60 -43.69 34.15
C LYS HA 13 -109.22 -42.40 34.71
N LYS HA 14 -110.55 -42.38 34.88
CA LYS HA 14 -111.18 -41.23 35.53
C LYS HA 14 -110.75 -41.13 36.98
N ASP HA 15 -110.61 -42.27 37.66
CA ASP HA 15 -110.12 -42.27 39.03
C ASP HA 15 -108.72 -41.63 39.10
N LEU HA 16 -107.86 -41.98 38.15
CA LEU HA 16 -106.50 -41.44 38.15
C LEU HA 16 -106.47 -39.99 37.69
N LEU HA 17 -107.43 -39.55 36.88
CA LEU HA 17 -107.53 -38.12 36.58
C LEU HA 17 -107.88 -37.32 37.82
N ASN HA 18 -108.86 -37.80 38.59
CA ASN HA 18 -109.13 -37.18 39.89
C ASN HA 18 -107.90 -37.25 40.79
N ASN HA 19 -107.15 -38.35 40.70
CA ASN HA 19 -105.92 -38.50 41.46
C ASN HA 19 -104.90 -37.43 41.07
N TRP HA 20 -104.76 -37.18 39.77
CA TRP HA 20 -103.84 -36.14 39.30
C TRP HA 20 -104.25 -34.78 39.84
N MET HA 21 -105.55 -34.48 39.76
CA MET HA 21 -106.03 -33.18 40.22
C MET HA 21 -105.80 -33.02 41.72
N ASN HA 22 -105.97 -34.10 42.49
CA ASN HA 22 -105.73 -34.05 43.93
C ASN HA 22 -104.24 -33.95 44.24
N GLU HA 23 -103.40 -34.70 43.52
CA GLU HA 23 -101.99 -34.78 43.82
C GLU HA 23 -101.24 -33.51 43.46
N MET HA 24 -101.63 -32.85 42.36
CA MET HA 24 -100.78 -31.81 41.79
C MET HA 24 -100.60 -30.62 42.73
N GLU HA 25 -101.44 -30.50 43.75
CA GLU HA 25 -101.35 -29.38 44.68
C GLU HA 25 -100.04 -29.38 45.45
N LYS HA 26 -99.49 -30.55 45.75
CA LYS HA 26 -98.37 -30.62 46.69
C LYS HA 26 -97.04 -30.23 46.07
N GLN HA 27 -96.80 -30.58 44.81
CA GLN HA 27 -95.47 -30.49 44.22
C GLN HA 27 -95.50 -29.65 42.95
N SER HA 28 -94.85 -28.48 43.01
CA SER HA 28 -94.49 -27.67 41.84
C SER HA 28 -95.66 -27.48 40.87
N ASP HA 29 -96.78 -27.00 41.41
CA ASP HA 29 -97.94 -26.73 40.56
C ASP HA 29 -97.67 -25.67 39.51
N PRO HA 30 -97.12 -24.49 39.84
CA PRO HA 30 -96.89 -23.49 38.78
C PRO HA 30 -95.96 -23.96 37.67
N LEU HA 31 -94.91 -24.72 38.00
CA LEU HA 31 -93.94 -25.13 36.99
C LEU HA 31 -94.58 -26.02 35.93
N ILE HA 32 -95.24 -27.09 36.36
CA ILE HA 32 -95.86 -28.01 35.42
C ILE HA 32 -97.04 -27.34 34.72
N ASN HA 33 -97.80 -26.52 35.45
CA ASN HA 33 -98.88 -25.76 34.82
C ASN HA 33 -98.36 -24.85 33.72
N ASP HA 34 -97.15 -24.30 33.89
CA ASP HA 34 -96.58 -23.45 32.86
C ASP HA 34 -96.10 -24.27 31.66
N ILE HA 35 -95.42 -25.39 31.91
CA ILE HA 35 -94.79 -26.09 30.80
C ILE HA 35 -95.78 -26.99 30.07
N ALA HA 36 -96.69 -27.64 30.79
CA ALA HA 36 -97.62 -28.59 30.19
C ALA HA 36 -99.04 -28.31 30.67
N LYS HA 37 -99.97 -28.19 29.71
CA LYS HA 37 -101.35 -27.94 30.07
C LYS HA 37 -102.01 -29.22 30.60
N GLU HA 38 -103.08 -29.02 31.39
CA GLU HA 38 -103.73 -30.15 32.05
C GLU HA 38 -104.31 -31.17 31.08
N PRO HA 39 -105.08 -30.79 30.05
CA PRO HA 39 -105.68 -31.84 29.20
C PRO HA 39 -104.67 -32.73 28.48
N MET HA 40 -103.56 -32.16 27.99
CA MET HA 40 -102.55 -32.98 27.33
C MET HA 40 -101.90 -33.95 28.31
N TYR HA 41 -101.56 -33.49 29.51
CA TYR HA 41 -100.98 -34.38 30.51
C TYR HA 41 -101.96 -35.49 30.88
N GLU HA 42 -103.24 -35.14 31.00
CA GLU HA 42 -104.24 -36.13 31.36
C GLU HA 42 -104.39 -37.19 30.26
N GLU HA 43 -104.42 -36.75 29.00
CA GLU HA 43 -104.55 -37.72 27.91
C GLU HA 43 -103.31 -38.59 27.79
N THR HA 44 -102.13 -38.02 28.01
CA THR HA 44 -100.91 -38.83 28.04
C THR HA 44 -100.96 -39.86 29.16
N SER HA 45 -101.43 -39.46 30.33
CA SER HA 45 -101.51 -40.39 31.46
C SER HA 45 -102.52 -41.50 31.19
N ILE HA 46 -103.68 -41.17 30.64
CA ILE HA 46 -104.66 -42.22 30.37
C ILE HA 46 -104.17 -43.14 29.26
N GLU HA 47 -103.44 -42.61 28.27
CA GLU HA 47 -102.81 -43.47 27.27
C GLU HA 47 -101.80 -44.40 27.90
N PHE HA 48 -101.04 -43.90 28.88
CA PHE HA 48 -100.02 -44.70 29.55
C PHE HA 48 -100.65 -45.78 30.45
N VAL HA 49 -101.82 -45.50 31.03
CA VAL HA 49 -102.42 -46.44 31.96
C VAL HA 49 -103.45 -47.39 31.33
N ASP HA 50 -103.95 -47.08 30.13
CA ASP HA 50 -105.02 -47.88 29.57
C ASP HA 50 -104.55 -48.96 28.60
N LEU HA 51 -103.45 -48.75 27.88
CA LEU HA 51 -102.95 -49.70 26.91
C LEU HA 51 -101.85 -50.61 27.47
N ILE HA 52 -101.56 -50.51 28.76
CA ILE HA 52 -100.59 -51.41 29.37
C ILE HA 52 -101.10 -52.84 29.37
N VAL HA 53 -102.40 -53.03 29.53
CA VAL HA 53 -102.96 -54.38 29.65
C VAL HA 53 -103.88 -54.68 28.48
N SER HA 54 -103.65 -54.02 27.35
CA SER HA 54 -104.43 -54.31 26.15
C SER HA 54 -103.91 -55.55 25.42
N ASN HA 55 -102.70 -56.01 25.74
CA ASN HA 55 -102.17 -57.23 25.15
C ASN HA 55 -102.77 -58.45 25.83
N ILE HA 56 -102.50 -59.63 25.26
CA ILE HA 56 -103.14 -60.87 25.73
C ILE HA 56 -102.24 -61.44 26.82
N THR HA 57 -102.37 -60.86 28.02
CA THR HA 57 -102.02 -61.51 29.28
C THR HA 57 -100.52 -61.74 29.44
N GLU HA 58 -99.72 -61.51 28.39
CA GLU HA 58 -98.32 -61.91 28.42
C GLU HA 58 -97.36 -60.72 28.39
N ASN HA 59 -97.39 -59.91 27.33
CA ASN HA 59 -96.45 -58.80 27.18
C ASN HA 59 -96.80 -58.04 25.90
N GLY HA 60 -96.12 -56.92 25.70
CA GLY HA 60 -96.21 -56.16 24.47
C GLY HA 60 -94.96 -55.34 24.21
N SER HA 61 -94.35 -55.51 23.04
CA SER HA 61 -93.14 -54.76 22.72
C SER HA 61 -93.44 -53.31 22.37
N LYS HA 62 -94.52 -53.08 21.61
CA LYS HA 62 -94.86 -51.72 21.20
C LYS HA 62 -95.14 -50.83 22.40
N PHE HA 63 -95.92 -51.33 23.37
CA PHE HA 63 -96.17 -50.52 24.55
C PHE HA 63 -94.96 -50.46 25.47
N ASN HA 64 -94.06 -51.44 25.41
CA ASN HA 64 -92.80 -51.31 26.15
C ASN HA 64 -91.99 -50.13 25.61
N GLU HA 65 -91.90 -50.00 24.28
CA GLU HA 65 -91.22 -48.85 23.70
C GLU HA 65 -91.95 -47.55 24.02
N LYS HA 66 -93.29 -47.58 23.99
CA LYS HA 66 -94.06 -46.38 24.34
C LYS HA 66 -93.84 -45.99 25.79
N LEU HA 67 -93.70 -46.98 26.68
CA LEU HA 67 -93.42 -46.69 28.09
C LEU HA 67 -92.03 -46.11 28.26
N ASP HA 68 -91.05 -46.61 27.50
CA ASP HA 68 -89.73 -46.00 27.52
C ASP HA 68 -89.78 -44.56 27.04
N ASP HA 69 -90.56 -44.30 25.99
CA ASP HA 69 -90.73 -42.94 25.49
C ASP HA 69 -91.39 -42.06 26.54
N PHE HA 70 -92.39 -42.59 27.25
CA PHE HA 70 -93.04 -41.83 28.32
C PHE HA 70 -92.06 -41.52 29.43
N ALA HA 71 -91.21 -42.48 29.79
CA ALA HA 71 -90.22 -42.26 30.83
C ALA HA 71 -89.23 -41.17 30.42
N GLU HA 72 -88.75 -41.20 29.18
CA GLU HA 72 -87.83 -40.15 28.74
C GLU HA 72 -88.54 -38.81 28.63
N LYS HA 73 -89.83 -38.80 28.26
CA LYS HA 73 -90.58 -37.56 28.20
C LYS HA 73 -90.75 -36.94 29.58
N VAL HA 74 -91.05 -37.75 30.60
CA VAL HA 74 -91.18 -37.20 31.94
C VAL HA 74 -89.81 -36.86 32.54
N VAL HA 75 -88.74 -37.49 32.06
CA VAL HA 75 -87.40 -37.07 32.46
C VAL HA 75 -87.10 -35.68 31.91
N HIS HA 76 -87.38 -35.46 30.63
CA HIS HA 76 -87.13 -34.17 30.02
C HIS HA 76 -88.07 -33.08 30.57
N LEU HA 77 -89.30 -33.45 30.91
CA LEU HA 77 -90.29 -32.49 31.37
C LEU HA 77 -90.05 -32.03 32.80
N GLY HA 78 -89.24 -32.77 33.57
CA GLY HA 78 -88.97 -32.38 34.94
C GLY HA 78 -89.65 -33.24 35.98
N TRP HA 79 -89.65 -34.55 35.77
CA TRP HA 79 -90.23 -35.51 36.71
C TRP HA 79 -89.19 -36.56 37.04
N PRO HA 80 -88.29 -36.27 37.99
CA PRO HA 80 -87.32 -37.28 38.43
C PRO HA 80 -87.95 -38.38 39.25
N ILE HA 81 -87.12 -39.26 39.82
CA ILE HA 81 -87.61 -40.47 40.48
C ILE HA 81 -88.50 -40.12 41.68
N HIS HA 82 -88.17 -39.04 42.40
CA HIS HA 82 -88.98 -38.66 43.56
C HIS HA 82 -90.40 -38.28 43.15
N PHE HA 83 -90.54 -37.52 42.06
CA PHE HA 83 -91.87 -37.12 41.61
C PHE HA 83 -92.66 -38.31 41.10
N VAL HA 84 -92.00 -39.23 40.39
CA VAL HA 84 -92.67 -40.43 39.91
C VAL HA 84 -93.11 -41.30 41.09
N THR HA 85 -92.30 -41.34 42.16
CA THR HA 85 -92.67 -42.11 43.34
C THR HA 85 -93.87 -41.48 44.06
N THR HA 86 -93.90 -40.15 44.14
CA THR HA 86 -95.09 -39.49 44.69
C THR HA 86 -96.31 -39.79 43.84
N GLY HA 87 -96.14 -39.81 42.52
CA GLY HA 87 -97.22 -40.20 41.64
C GLY HA 87 -97.70 -41.61 41.90
N LEU HA 88 -96.76 -42.54 42.13
CA LEU HA 88 -97.14 -43.91 42.46
C LEU HA 88 -97.90 -43.97 43.78
N ARG HA 89 -97.46 -43.19 44.77
CA ARG HA 89 -98.13 -43.18 46.07
C ARG HA 89 -99.57 -42.69 45.93
N VAL HA 90 -99.77 -41.60 45.18
CA VAL HA 90 -101.15 -41.11 44.99
C VAL HA 90 -101.95 -42.06 44.11
N PHE HA 91 -101.28 -42.74 43.16
CA PHE HA 91 -101.94 -43.81 42.41
C PHE HA 91 -102.53 -44.85 43.35
N GLY HA 92 -101.70 -45.33 44.28
CA GLY HA 92 -102.18 -46.31 45.24
C GLY HA 92 -103.31 -45.77 46.10
N LEU HA 93 -103.18 -44.51 46.56
CA LEU HA 93 -104.22 -43.91 47.38
C LEU HA 93 -105.57 -43.91 46.66
N LEU HA 94 -105.60 -43.39 45.43
CA LEU HA 94 -106.86 -43.28 44.72
C LEU HA 94 -107.35 -44.62 44.19
N VAL HA 95 -106.46 -45.58 43.95
CA VAL HA 95 -106.88 -46.93 43.61
C VAL HA 95 -107.59 -47.58 44.79
N TYR HA 96 -107.04 -47.40 45.99
CA TYR HA 96 -107.71 -47.89 47.20
C TYR HA 96 -109.08 -47.23 47.38
N THR HA 97 -109.15 -45.91 47.19
CA THR HA 97 -110.44 -45.23 47.33
C THR HA 97 -111.44 -45.73 46.28
N ALA HA 98 -110.99 -45.93 45.04
CA ALA HA 98 -111.89 -46.39 43.99
C ALA HA 98 -112.41 -47.79 44.30
N MET HA 99 -111.51 -48.71 44.72
CA MET HA 99 -111.97 -50.06 45.05
C MET HA 99 -112.87 -50.05 46.28
N ARG HA 100 -112.72 -49.06 47.17
CA ARG HA 100 -113.73 -48.85 48.20
C ARG HA 100 -115.06 -48.43 47.58
N ASP HA 101 -115.02 -47.56 46.57
CA ASP HA 101 -116.24 -47.01 45.99
C ASP HA 101 -116.74 -47.83 44.80
N GLU HA 102 -115.91 -48.01 43.78
CA GLU HA 102 -116.36 -48.66 42.55
C GLU HA 102 -116.75 -50.11 42.81
N ASP HA 103 -115.87 -50.87 43.44
CA ASP HA 103 -116.15 -52.26 43.85
C ASP HA 103 -116.63 -53.10 42.68
N LEU HA 104 -115.90 -53.01 41.56
CA LEU HA 104 -116.16 -53.80 40.36
C LEU HA 104 -114.87 -54.55 40.02
N PHE HA 105 -114.69 -55.73 40.60
CA PHE HA 105 -113.42 -56.41 40.56
C PHE HA 105 -113.33 -57.30 39.31
N LEU HA 106 -112.29 -58.13 39.24
CA LEU HA 106 -111.95 -58.82 37.99
C LEU HA 106 -112.90 -59.97 37.69
N LYS HA 107 -112.92 -60.99 38.55
CA LYS HA 107 -113.72 -62.17 38.31
C LYS HA 107 -115.16 -61.96 38.77
N ARG HA 108 -116.09 -62.61 38.08
CA ARG HA 108 -117.50 -62.48 38.39
C ARG HA 108 -117.81 -63.20 39.69
N GLU HA 109 -118.25 -62.45 40.70
CA GLU HA 109 -118.52 -63.01 42.02
C GLU HA 109 -119.36 -62.01 42.81
N GLU HA 110 -120.25 -62.54 43.65
CA GLU HA 110 -121.05 -61.69 44.51
C GLU HA 110 -120.22 -60.97 45.56
N LYS HA 111 -119.02 -61.50 45.88
CA LYS HA 111 -118.13 -60.88 46.83
C LYS HA 111 -116.69 -61.36 46.59
N PRO HA 112 -115.96 -60.71 45.69
CA PRO HA 112 -114.58 -61.13 45.41
C PRO HA 112 -113.69 -60.93 46.64
N GLU HA 113 -112.49 -61.47 46.55
CA GLU HA 113 -111.60 -61.61 47.70
C GLU HA 113 -110.25 -60.94 47.40
N ASP HA 114 -109.29 -61.20 48.29
CA ASP HA 114 -108.00 -60.51 48.28
C ASP HA 114 -107.15 -60.81 47.06
N ASP HA 115 -107.47 -61.85 46.28
CA ASP HA 115 -106.65 -62.26 45.16
C ASP HA 115 -106.46 -61.11 44.17
N ALA HA 116 -107.53 -60.69 43.51
CA ALA HA 116 -107.43 -59.54 42.61
C ALA HA 116 -107.20 -58.25 43.39
N TYR HA 117 -107.70 -58.18 44.62
CA TYR HA 117 -107.53 -57.01 45.47
C TYR HA 117 -106.07 -56.63 45.64
N TYR HA 118 -105.17 -57.61 45.63
CA TYR HA 118 -103.75 -57.32 45.65
C TYR HA 118 -103.04 -57.58 44.33
N ARG HA 119 -103.65 -58.34 43.41
CA ARG HA 119 -103.10 -58.42 42.07
C ARG HA 119 -103.08 -57.05 41.40
N PHE HA 120 -104.07 -56.21 41.70
CA PHE HA 120 -104.04 -54.82 41.25
C PHE HA 120 -102.75 -54.13 41.68
N GLU HA 121 -102.44 -54.20 42.99
CA GLU HA 121 -101.26 -53.53 43.51
C GLU HA 121 -99.98 -54.14 42.93
N THR HA 122 -99.94 -55.47 42.77
CA THR HA 122 -98.75 -56.10 42.20
C THR HA 122 -98.51 -55.64 40.77
N TRP HA 123 -99.58 -55.55 39.96
CA TRP HA 123 -99.40 -55.11 38.58
C TRP HA 123 -99.06 -53.62 38.51
N LEU HA 124 -99.59 -52.83 39.44
CA LEU HA 124 -99.17 -51.43 39.54
C LEU HA 124 -97.68 -51.34 39.88
N SER HA 125 -97.22 -52.19 40.79
CA SER HA 125 -95.80 -52.23 41.11
C SER HA 125 -94.98 -52.63 39.89
N SER HA 126 -95.48 -53.58 39.10
CA SER HA 126 -94.75 -54.00 37.90
C SER HA 126 -94.64 -52.87 36.89
N MET HA 127 -95.73 -52.15 36.65
CA MET HA 127 -95.67 -51.04 35.70
C MET HA 127 -94.75 -49.93 36.22
N TYR HA 128 -94.78 -49.67 37.52
CA TYR HA 128 -93.85 -48.69 38.09
C TYR HA 128 -92.41 -49.16 37.94
N ASN HA 129 -92.16 -50.46 38.11
CA ASN HA 129 -90.83 -51.01 37.91
C ASN HA 129 -90.36 -50.80 36.48
N LYS HA 130 -91.23 -51.06 35.51
CA LYS HA 130 -90.87 -50.83 34.12
C LYS HA 130 -90.54 -49.37 33.86
N VAL HA 131 -91.36 -48.46 34.42
CA VAL HA 131 -91.14 -47.04 34.21
C VAL HA 131 -89.79 -46.62 34.79
N VAL HA 132 -89.49 -47.04 36.01
CA VAL HA 132 -88.23 -46.62 36.64
C VAL HA 132 -87.03 -47.29 35.96
N THR HA 133 -87.21 -48.50 35.43
CA THR HA 133 -86.13 -49.13 34.68
C THR HA 133 -85.83 -48.35 33.40
N ALA HA 134 -86.87 -47.90 32.70
CA ALA HA 134 -86.65 -47.06 31.52
C ALA HA 134 -86.17 -45.67 31.89
N TYR HA 135 -86.36 -45.24 33.14
CA TYR HA 135 -85.98 -43.90 33.56
C TYR HA 135 -84.48 -43.67 33.45
N ALA HA 136 -83.68 -44.64 33.88
CA ALA HA 136 -82.24 -44.42 34.11
C ALA HA 136 -81.37 -44.67 32.89
N ASP HA 137 -81.94 -45.15 31.77
CA ASP HA 137 -81.13 -45.54 30.63
C ASP HA 137 -80.34 -44.35 30.07
N THR HA 138 -81.06 -43.33 29.60
CA THR HA 138 -80.40 -42.16 29.02
C THR HA 138 -79.54 -41.43 30.05
N TRP HA 139 -79.96 -41.42 31.31
CA TRP HA 139 -79.17 -40.76 32.35
C TRP HA 139 -77.81 -41.44 32.50
N GLU HA 140 -77.80 -42.77 32.60
CA GLU HA 140 -76.54 -43.49 32.70
C GLU HA 140 -75.71 -43.33 31.44
N LYS HA 141 -76.35 -43.34 30.27
CA LYS HA 141 -75.60 -43.19 29.02
C LYS HA 141 -74.91 -41.83 28.94
N THR HA 142 -75.63 -40.76 29.29
CA THR HA 142 -75.03 -39.44 29.23
C THR HA 142 -73.98 -39.25 30.32
N VAL HA 143 -74.17 -39.85 31.49
CA VAL HA 143 -73.13 -39.82 32.51
C VAL HA 143 -71.87 -40.52 32.01
N SER HA 144 -72.04 -41.67 31.35
CA SER HA 144 -70.89 -42.40 30.83
C SER HA 144 -70.15 -41.60 29.76
N ILE HA 145 -70.89 -40.98 28.83
CA ILE HA 145 -70.22 -40.24 27.78
C ILE HA 145 -69.55 -38.98 28.35
N GLN HA 146 -70.17 -38.35 29.34
CA GLN HA 146 -69.55 -37.21 29.99
C GLN HA 146 -68.28 -37.62 30.71
N LYS HA 147 -68.30 -38.78 31.38
CA LYS HA 147 -67.10 -39.29 32.04
C LYS HA 147 -66.00 -39.56 31.02
N SER HA 148 -66.36 -40.14 29.88
CA SER HA 148 -65.36 -40.39 28.84
C SER HA 148 -64.76 -39.08 28.31
N ALA HA 149 -65.60 -38.07 28.10
CA ALA HA 149 -65.10 -36.77 27.65
C ALA HA 149 -64.16 -36.15 28.67
N LEU HA 150 -64.53 -36.20 29.96
CA LEU HA 150 -63.65 -35.68 31.01
C LEU HA 150 -62.34 -36.45 31.07
N GLN HA 151 -62.40 -37.76 30.89
CA GLN HA 151 -61.19 -38.58 30.86
C GLN HA 151 -60.29 -38.19 29.70
N GLU HA 152 -60.89 -37.94 28.53
CA GLU HA 152 -60.09 -37.64 27.34
C GLU HA 152 -59.49 -36.24 27.40
N LEU HA 153 -60.25 -35.26 27.91
CA LEU HA 153 -59.83 -33.87 27.85
C LEU HA 153 -58.87 -33.48 28.95
N SER HA 154 -58.63 -34.35 29.94
CA SER HA 154 -57.86 -33.94 31.11
C SER HA 154 -56.40 -33.65 30.78
N ALA HA 155 -55.77 -34.46 29.94
CA ALA HA 155 -54.34 -34.38 29.68
C ALA HA 155 -54.08 -34.29 28.18
N PRO HA 156 -54.33 -33.14 27.58
CA PRO HA 156 -54.02 -32.95 26.16
C PRO HA 156 -52.55 -32.58 25.96
N LEU HA 157 -51.78 -33.53 25.45
CA LEU HA 157 -50.41 -33.25 25.02
C LEU HA 157 -50.36 -32.77 23.58
N LEU HA 158 -51.51 -32.64 22.93
CA LEU HA 158 -51.56 -32.24 21.53
C LEU HA 158 -50.79 -30.96 21.23
N PRO HA 159 -50.80 -29.93 22.06
CA PRO HA 159 -49.90 -28.80 21.82
C PRO HA 159 -48.45 -29.28 21.70
N ILE HA 160 -47.90 -29.10 20.51
CA ILE HA 160 -46.56 -29.60 20.17
C ILE HA 160 -45.79 -28.48 19.50
N PHE HA 161 -44.52 -28.35 19.86
CA PHE HA 161 -43.61 -27.43 19.20
C PHE HA 161 -42.39 -28.21 18.74
N GLU HA 162 -41.58 -27.58 17.88
CA GLU HA 162 -40.37 -28.21 17.37
C GLU HA 162 -39.43 -28.54 18.51
N LYS HA 163 -39.33 -29.84 18.83
CA LYS HA 163 -38.59 -30.38 19.97
C LYS HA 163 -39.13 -29.89 21.32
N ILE HA 164 -40.37 -29.39 21.37
CA ILE HA 164 -40.99 -28.98 22.62
C ILE HA 164 -42.40 -29.56 22.66
N SER HA 165 -42.79 -30.08 23.83
CA SER HA 165 -44.11 -30.69 24.01
C SER HA 165 -44.75 -30.12 25.26
N VAL HA 166 -45.49 -29.01 25.09
CA VAL HA 166 -46.19 -28.38 26.20
C VAL HA 166 -47.49 -29.12 26.47
N MET HA 167 -47.80 -29.32 27.76
CA MET HA 167 -48.99 -30.06 28.18
C MET HA 167 -49.85 -29.17 29.06
N PRO HA 168 -50.87 -28.50 28.52
CA PRO HA 168 -51.70 -27.61 29.32
C PRO HA 168 -52.78 -28.38 30.06
N LEU HA 169 -52.82 -28.24 31.38
CA LEU HA 169 -53.92 -28.74 32.20
C LEU HA 169 -54.51 -27.56 32.96
N ILE HA 170 -55.85 -27.48 32.97
CA ILE HA 170 -56.56 -26.39 33.62
C ILE HA 170 -57.52 -26.89 34.69
N GLY HA 171 -58.25 -27.97 34.41
CA GLY HA 171 -59.29 -28.40 35.31
C GLY HA 171 -58.75 -28.89 36.65
N THR HA 172 -59.63 -28.88 37.65
CA THR HA 172 -59.26 -29.35 38.99
C THR HA 172 -58.92 -30.83 38.93
N ILE HA 173 -57.85 -31.21 39.62
CA ILE HA 173 -57.30 -32.56 39.55
C ILE HA 173 -57.43 -33.23 40.90
N ASP HA 174 -57.82 -34.51 40.88
CA ASP HA 174 -57.87 -35.37 42.06
C ASP HA 174 -57.03 -36.63 41.77
N THR HA 175 -57.14 -37.61 42.66
CA THR HA 175 -56.29 -38.79 42.59
C THR HA 175 -56.43 -39.51 41.25
N GLU HA 176 -57.67 -39.82 40.86
CA GLU HA 176 -57.89 -40.49 39.58
C GLU HA 176 -57.43 -39.62 38.42
N ARG HA 177 -57.73 -38.33 38.48
CA ARG HA 177 -57.28 -37.42 37.44
C ARG HA 177 -55.76 -37.29 37.44
N ALA HA 178 -55.13 -37.32 38.61
CA ALA HA 178 -53.67 -37.28 38.67
C ALA HA 178 -53.05 -38.51 38.02
N LYS HA 179 -53.63 -39.69 38.27
CA LYS HA 179 -53.17 -40.90 37.60
C LYS HA 179 -53.36 -40.79 36.10
N LEU HA 180 -54.48 -40.21 35.68
CA LEU HA 180 -54.71 -39.97 34.25
C LEU HA 180 -53.61 -39.08 33.68
N ILE HA 181 -53.27 -38.00 34.39
CA ILE HA 181 -52.26 -37.06 33.91
C ILE HA 181 -50.92 -37.77 33.77
N ILE HA 182 -50.50 -38.50 34.80
CA ILE HA 182 -49.18 -39.15 34.73
C ILE HA 182 -49.15 -40.17 33.60
N GLU HA 183 -50.19 -41.00 33.48
CA GLU HA 183 -50.21 -42.00 32.43
C GLU HA 183 -50.16 -41.36 31.05
N ASN HA 184 -51.03 -40.37 30.81
CA ASN HA 184 -51.10 -39.75 29.50
C ASN HA 184 -49.81 -39.02 29.17
N LEU HA 185 -49.26 -38.28 30.13
CA LEU HA 185 -48.02 -37.56 29.89
C LEU HA 185 -46.88 -38.51 29.55
N LEU HA 186 -46.76 -39.60 30.31
CA LEU HA 186 -45.67 -40.54 30.04
C LEU HA 186 -45.82 -41.19 28.67
N ILE HA 187 -47.03 -41.65 28.35
CA ILE HA 187 -47.21 -42.33 27.06
C ILE HA 187 -47.00 -41.35 25.91
N GLY HA 188 -47.45 -40.10 26.08
CA GLY HA 188 -47.24 -39.12 25.03
C GLY HA 188 -45.78 -38.78 24.83
N VAL HA 189 -45.05 -38.55 25.93
CA VAL HA 189 -43.64 -38.21 25.80
C VAL HA 189 -42.84 -39.41 25.30
N VAL HA 190 -43.34 -40.63 25.49
CA VAL HA 190 -42.74 -41.77 24.84
C VAL HA 190 -43.02 -41.75 23.34
N LYS HA 191 -44.26 -41.42 22.97
CA LYS HA 191 -44.66 -41.49 21.56
C LYS HA 191 -43.88 -40.49 20.72
N ASN HA 192 -43.72 -39.26 21.20
CA ASN HA 192 -43.04 -38.22 20.44
C ASN HA 192 -41.67 -37.94 21.04
N ARG HA 193 -40.84 -37.26 20.26
CA ARG HA 193 -39.48 -36.93 20.66
C ARG HA 193 -39.42 -35.47 21.07
N SER HA 194 -38.98 -35.22 22.30
CA SER HA 194 -38.93 -33.86 22.83
C SER HA 194 -37.90 -33.80 23.94
N GLU HA 195 -37.43 -32.59 24.22
CA GLU HA 195 -36.43 -32.39 25.26
C GLU HA 195 -36.93 -31.58 26.44
N VAL HA 196 -37.95 -30.74 26.25
CA VAL HA 196 -38.56 -29.98 27.34
C VAL HA 196 -40.07 -30.20 27.28
N VAL HA 197 -40.66 -30.54 28.42
CA VAL HA 197 -42.08 -30.79 28.52
C VAL HA 197 -42.66 -29.75 29.46
N LEU HA 198 -43.21 -28.68 28.89
CA LEU HA 198 -43.78 -27.59 29.69
C LEU HA 198 -45.10 -28.05 30.28
N ILE HA 199 -45.13 -28.30 31.59
CA ILE HA 199 -46.37 -28.59 32.28
C ILE HA 199 -47.03 -27.26 32.66
N ASP HA 200 -48.20 -26.99 32.10
CA ASP HA 200 -48.90 -25.73 32.35
C ASP HA 200 -49.87 -25.95 33.50
N ILE HA 201 -49.34 -25.89 34.72
CA ILE HA 201 -50.15 -26.09 35.92
C ILE HA 201 -51.10 -24.92 36.18
N THR HA 202 -50.92 -23.80 35.48
CA THR HA 202 -51.79 -22.65 35.68
C THR HA 202 -53.23 -23.01 35.32
N GLY HA 203 -54.17 -22.60 36.18
CA GLY HA 203 -55.57 -22.85 35.99
C GLY HA 203 -56.17 -23.79 37.01
N VAL HA 204 -55.36 -24.60 37.68
CA VAL HA 204 -55.89 -25.48 38.72
C VAL HA 204 -56.22 -24.65 39.96
N PRO HA 205 -57.43 -24.73 40.51
CA PRO HA 205 -57.75 -23.91 41.69
C PRO HA 205 -56.93 -24.28 42.90
N VAL HA 206 -56.97 -25.54 43.32
CA VAL HA 206 -56.27 -25.99 44.52
C VAL HA 206 -55.78 -27.41 44.29
N VAL HA 207 -54.63 -27.72 44.86
CA VAL HA 207 -54.01 -29.04 44.73
C VAL HA 207 -53.79 -29.61 46.12
N ASP HA 208 -54.25 -30.83 46.34
CA ASP HA 208 -54.10 -31.47 47.63
C ASP HA 208 -52.70 -32.06 47.76
N THR HA 209 -52.48 -32.76 48.87
CA THR HA 209 -51.17 -33.34 49.13
C THR HA 209 -50.83 -34.43 48.12
N MET HA 210 -51.73 -35.39 47.93
CA MET HA 210 -51.44 -36.51 47.05
C MET HA 210 -51.32 -36.07 45.60
N VAL HA 211 -52.15 -35.12 45.17
CA VAL HA 211 -52.05 -34.62 43.80
C VAL HA 211 -50.74 -33.89 43.59
N ALA HA 212 -50.30 -33.10 44.57
CA ALA HA 212 -49.02 -32.42 44.45
C ALA HA 212 -47.87 -33.43 44.40
N HIS HA 213 -47.95 -34.48 45.22
CA HIS HA 213 -46.93 -35.51 45.17
C HIS HA 213 -46.91 -36.19 43.81
N HIS HA 214 -48.09 -36.45 43.25
CA HIS HA 214 -48.17 -37.08 41.93
C HIS HA 214 -47.58 -36.19 40.85
N ILE HA 215 -47.85 -34.88 40.90
CA ILE HA 215 -47.30 -34.00 39.87
C ILE HA 215 -45.79 -33.86 40.02
N ILE HA 216 -45.28 -33.88 41.25
CA ILE HA 216 -43.83 -33.84 41.44
C ILE HA 216 -43.20 -35.12 40.89
N GLN HA 217 -43.81 -36.28 41.16
CA GLN HA 217 -43.30 -37.51 40.58
C GLN HA 217 -43.44 -37.52 39.06
N ALA HA 218 -44.44 -36.81 38.52
CA ALA HA 218 -44.55 -36.67 37.08
C ALA HA 218 -43.37 -35.88 36.52
N SER HA 219 -42.99 -34.80 37.20
CA SER HA 219 -41.80 -34.07 36.79
C SER HA 219 -40.57 -34.94 36.88
N GLU HA 220 -40.46 -35.74 37.94
CA GLU HA 220 -39.32 -36.64 38.08
C GLU HA 220 -39.28 -37.66 36.95
N ALA HA 221 -40.44 -38.21 36.58
CA ALA HA 221 -40.49 -39.17 35.48
C ALA HA 221 -40.11 -38.53 34.15
N VAL HA 222 -40.57 -37.31 33.91
CA VAL HA 222 -40.20 -36.61 32.69
C VAL HA 222 -38.69 -36.41 32.64
N ARG HA 223 -38.09 -36.06 33.78
CA ARG HA 223 -36.64 -35.93 33.83
C ARG HA 223 -35.96 -37.28 33.60
N LEU HA 224 -36.53 -38.36 34.14
CA LEU HA 224 -35.90 -39.67 34.07
C LEU HA 224 -36.03 -40.28 32.67
N VAL HA 225 -36.99 -39.83 31.87
CA VAL HA 225 -37.16 -40.35 30.52
C VAL HA 225 -36.35 -39.44 29.61
N GLY HA 226 -35.61 -38.51 30.21
CA GLY HA 226 -34.66 -37.71 29.46
C GLY HA 226 -35.26 -36.48 28.84
N CYS HA 227 -36.13 -35.80 29.57
CA CYS HA 227 -36.74 -34.56 29.10
C CYS HA 227 -36.78 -33.57 30.25
N GLN HA 228 -36.40 -32.33 29.97
CA GLN HA 228 -36.50 -31.29 30.99
C GLN HA 228 -37.96 -31.02 31.31
N ALA HA 229 -38.27 -30.86 32.59
CA ALA HA 229 -39.63 -30.65 33.07
C ALA HA 229 -39.72 -29.24 33.64
N MET HA 230 -40.50 -28.38 32.99
CA MET HA 230 -40.71 -27.01 33.43
C MET HA 230 -42.14 -26.90 33.94
N LEU HA 231 -42.28 -26.79 35.26
CA LEU HA 231 -43.60 -26.65 35.88
C LEU HA 231 -43.94 -25.16 35.85
N VAL HA 232 -44.81 -24.76 34.93
CA VAL HA 232 -44.96 -23.36 34.54
C VAL HA 232 -46.17 -22.76 35.22
N GLY HA 233 -45.99 -21.56 35.77
CA GLY HA 233 -47.09 -20.74 36.26
C GLY HA 233 -47.86 -21.31 37.43
N ILE HA 234 -47.13 -21.78 38.44
CA ILE HA 234 -47.78 -22.34 39.62
C ILE HA 234 -48.41 -21.22 40.44
N ARG HA 235 -49.66 -21.41 40.82
CA ARG HA 235 -50.41 -20.41 41.56
C ARG HA 235 -49.97 -20.37 43.03
N PRO HA 236 -50.27 -19.27 43.75
CA PRO HA 236 -49.71 -19.09 45.11
C PRO HA 236 -49.92 -20.25 46.07
N GLU HA 237 -51.18 -20.60 46.31
CA GLU HA 237 -51.45 -21.62 47.33
C GLU HA 237 -50.87 -22.97 46.95
N ILE HA 238 -50.81 -23.29 45.67
CA ILE HA 238 -50.21 -24.54 45.25
C ILE HA 238 -48.72 -24.55 45.60
N ALA HA 239 -48.03 -23.44 45.34
CA ALA HA 239 -46.63 -23.34 45.72
C ALA HA 239 -46.46 -23.44 47.23
N GLN HA 240 -47.34 -22.78 47.97
CA GLN HA 240 -47.34 -22.80 49.43
C GLN HA 240 -47.47 -24.23 49.97
N TPO HA 241 -48.37 -24.99 49.38
N TPO HA 241 -48.35 -25.01 49.39
CA TPO HA 241 -48.63 -26.36 49.81
CA TPO HA 241 -48.59 -26.37 49.88
CB TPO HA 241 -49.97 -26.85 49.22
CB TPO HA 241 -50.00 -26.82 49.57
CG2 TPO HA 241 -49.93 -28.33 48.84
CG2 TPO HA 241 -50.20 -26.92 48.06
OG1 TPO HA 241 -50.99 -26.64 50.19
OG1 TPO HA 241 -50.18 -28.13 50.13
P TPO HA 241 -52.13 -25.77 49.46
P TPO HA 241 -50.47 -27.95 51.69
O1P TPO HA 241 -51.83 -24.20 49.67
O1P TPO HA 241 -50.88 -26.43 52.04
O2P TPO HA 241 -52.15 -26.07 48.02
O2P TPO HA 241 -51.59 -28.84 52.08
O3P TPO HA 241 -53.57 -26.13 50.11
O3P TPO HA 241 -49.14 -28.36 52.53
C TPO HA 241 -47.49 -27.28 49.41
C TPO HA 241 -47.57 -27.37 49.34
O TPO HA 241 -47.13 -28.19 50.17
O TPO HA 241 -47.40 -28.45 49.92
N ILE HA 242 -46.91 -27.04 48.24
CA ILE HA 242 -45.83 -27.88 47.75
C ILE HA 242 -44.60 -27.68 48.63
N VAL HA 243 -44.30 -26.42 48.97
CA VAL HA 243 -43.16 -26.15 49.83
C VAL HA 243 -43.41 -26.67 51.24
N ASN HA 244 -44.64 -26.55 51.74
CA ASN HA 244 -44.93 -27.15 53.03
C ASN HA 244 -45.04 -28.66 52.99
N LEU HA 245 -45.08 -29.27 51.80
CA LEU HA 245 -45.06 -30.73 51.74
C LEU HA 245 -43.71 -31.28 52.19
N GLY HA 246 -42.64 -30.51 52.05
CA GLY HA 246 -41.34 -30.91 52.52
C GLY HA 246 -40.56 -31.81 51.59
N ILE HA 247 -41.12 -32.17 50.44
CA ILE HA 247 -40.43 -33.03 49.48
C ILE HA 247 -39.33 -32.24 48.80
N GLU HA 248 -38.43 -32.94 48.12
CA GLU HA 248 -37.33 -32.26 47.43
C GLU HA 248 -37.85 -31.46 46.24
N LEU HA 249 -37.43 -30.19 46.15
CA LEU HA 249 -37.90 -29.29 45.11
C LEU HA 249 -36.76 -28.68 44.32
N ASP HA 250 -35.56 -29.28 44.38
CA ASP HA 250 -34.42 -28.74 43.67
C ASP HA 250 -34.47 -29.06 42.17
N GLN HA 251 -34.97 -30.24 41.82
CA GLN HA 251 -34.94 -30.69 40.43
C GLN HA 251 -35.98 -29.98 39.56
N ILE HA 252 -37.01 -29.41 40.15
CA ILE HA 252 -38.07 -28.74 39.39
C ILE HA 252 -37.68 -27.29 39.17
N ILE HA 253 -37.75 -26.84 37.92
CA ILE HA 253 -37.52 -25.46 37.56
C ILE HA 253 -38.84 -24.89 37.08
N THR HA 254 -39.30 -23.82 37.70
CA THR HA 254 -40.60 -23.25 37.42
C THR HA 254 -40.46 -21.91 36.73
N THR HA 255 -41.61 -21.32 36.39
CA THR HA 255 -41.63 -20.05 35.68
C THR HA 255 -42.96 -19.37 35.94
N ASN HA 256 -42.94 -18.03 35.98
CA ASN HA 256 -44.14 -17.27 36.30
C ASN HA 256 -45.22 -17.44 35.25
N THR HA 257 -44.86 -17.36 33.97
CA THR HA 257 -45.82 -17.41 32.88
C THR HA 257 -45.30 -18.28 31.77
N MET HA 258 -46.21 -18.72 30.90
CA MET HA 258 -45.86 -19.76 29.93
C MET HA 258 -45.02 -19.22 28.79
N LYS HA 259 -45.13 -17.93 28.47
CA LYS HA 259 -44.24 -17.34 27.48
C LYS HA 259 -42.80 -17.34 27.99
N LYS HA 260 -42.59 -16.99 29.26
CA LYS HA 260 -41.25 -17.02 29.82
C LYS HA 260 -40.71 -18.44 29.92
N GLY HA 261 -41.57 -19.39 30.29
CA GLY HA 261 -41.13 -20.77 30.30
C GLY HA 261 -40.77 -21.28 28.92
N MET HA 262 -41.56 -20.89 27.92
CA MET HA 262 -41.27 -21.28 26.54
C MET HA 262 -39.94 -20.70 26.07
N GLU HA 263 -39.68 -19.43 26.36
CA GLU HA 263 -38.42 -18.85 25.93
C GLU HA 263 -37.24 -19.44 26.69
N ARG HA 264 -37.44 -19.81 27.96
CA ARG HA 264 -36.38 -20.51 28.68
C ARG HA 264 -36.09 -21.86 28.06
N ALA HA 265 -37.15 -22.60 27.69
CA ALA HA 265 -36.97 -23.89 27.05
C ALA HA 265 -36.23 -23.73 25.72
N LEU HA 266 -36.60 -22.72 24.94
CA LEU HA 266 -35.88 -22.46 23.70
C LEU HA 266 -34.45 -22.00 23.97
N ALA HA 267 -34.21 -21.40 25.13
CA ALA HA 267 -32.83 -21.09 25.52
C ALA HA 267 -32.04 -22.35 25.81
N LEU HA 268 -32.68 -23.37 26.38
CA LEU HA 268 -31.98 -24.63 26.61
C LEU HA 268 -31.52 -25.25 25.30
N THR HA 269 -32.39 -25.25 24.28
CA THR HA 269 -32.02 -25.71 22.94
C THR HA 269 -31.50 -24.51 22.17
N ASN HA 270 -30.17 -24.30 22.24
CA ASN HA 270 -29.57 -23.01 21.91
C ASN HA 270 -29.94 -22.50 20.52
N ARG HA 271 -29.88 -23.37 19.51
CA ARG HA 271 -30.13 -22.91 18.15
C ARG HA 271 -31.61 -22.64 17.90
N GLU HA 272 -32.50 -23.21 18.71
CA GLU HA 272 -33.93 -23.06 18.46
C GLU HA 272 -34.39 -21.63 18.71
N ILE HA 273 -33.88 -21.00 19.79
CA ILE HA 273 -34.34 -19.67 20.15
C ILE HA 273 -33.89 -18.64 19.13
N VAL HA 274 -32.78 -18.88 18.44
CA VAL HA 274 -32.29 -17.95 17.44
C VAL HA 274 -31.99 -18.70 16.15
N MET IA 1 -34.29 -61.93 22.07
CA MET IA 1 -33.67 -63.04 22.78
C MET IA 1 -32.16 -63.04 22.60
N GLY IA 2 -31.71 -63.24 21.36
CA GLY IA 2 -30.29 -63.28 21.07
C GLY IA 2 -29.90 -62.57 19.80
N ILE IA 3 -30.73 -61.64 19.34
CA ILE IA 3 -30.44 -60.87 18.13
C ILE IA 3 -30.55 -59.39 18.49
N PRO IA 4 -29.50 -58.80 19.05
CA PRO IA 4 -29.58 -57.43 19.55
C PRO IA 4 -29.39 -56.34 18.50
N ILE IA 5 -30.46 -55.99 17.78
CA ILE IA 5 -30.39 -54.88 16.84
C ILE IA 5 -30.13 -53.59 17.59
N LEU IA 6 -29.10 -52.86 17.15
CA LEU IA 6 -28.77 -51.55 17.71
C LEU IA 6 -28.73 -50.53 16.59
N LYS IA 7 -29.35 -49.38 16.82
CA LYS IA 7 -29.43 -48.31 15.82
C LYS IA 7 -28.66 -47.09 16.32
N LEU IA 8 -27.74 -46.60 15.51
CA LEU IA 8 -26.98 -45.41 15.88
C LEU IA 8 -26.35 -44.81 14.63
N GLY IA 9 -26.35 -43.48 14.57
CA GLY IA 9 -25.67 -42.76 13.52
C GLY IA 9 -26.12 -43.16 12.14
N GLU IA 10 -27.44 -43.22 11.93
CA GLU IA 10 -28.07 -43.66 10.67
C GLU IA 10 -27.45 -44.96 10.14
N CYS IA 11 -26.89 -45.75 11.04
CA CYS IA 11 -26.35 -47.07 10.73
C CYS IA 11 -27.04 -48.11 11.62
N LEU IA 12 -26.57 -49.35 11.54
CA LEU IA 12 -27.13 -50.42 12.35
C LEU IA 12 -26.02 -51.37 12.76
N LEU IA 13 -26.02 -51.75 14.03
CA LEU IA 13 -25.06 -52.70 14.58
C LEU IA 13 -25.81 -53.94 15.04
N ILE IA 14 -25.29 -55.11 14.72
CA ILE IA 14 -25.86 -56.36 15.17
C ILE IA 14 -24.74 -57.23 15.70
N SER IA 15 -25.07 -58.12 16.61
CA SER IA 15 -24.07 -58.94 17.28
C SER IA 15 -24.57 -60.37 17.43
N ILE IA 16 -23.64 -61.32 17.38
CA ILE IA 16 -23.97 -62.73 17.50
C ILE IA 16 -23.32 -63.25 18.77
N GLN IA 17 -24.12 -63.90 19.63
CA GLN IA 17 -23.62 -64.50 20.85
C GLN IA 17 -24.20 -65.90 21.10
N SER IA 18 -24.81 -66.51 20.09
CA SER IA 18 -25.53 -67.77 20.25
C SER IA 18 -24.69 -69.00 19.92
N GLU IA 19 -23.95 -68.97 18.81
CA GLU IA 19 -23.01 -70.01 18.42
C GLU IA 19 -23.68 -71.36 18.11
N LEU IA 20 -24.95 -71.36 17.74
CA LEU IA 20 -25.61 -72.58 17.27
C LEU IA 20 -26.06 -72.37 15.83
N ASP IA 21 -26.52 -73.44 15.20
CA ASP IA 21 -26.77 -73.41 13.76
C ASP IA 21 -28.20 -73.01 13.40
N ASP IA 22 -29.19 -73.80 13.82
CA ASP IA 22 -30.51 -73.70 13.20
C ASP IA 22 -31.27 -72.43 13.56
N HIS IA 23 -31.65 -72.29 14.83
CA HIS IA 23 -32.47 -71.15 15.21
C HIS IA 23 -31.70 -69.85 15.02
N THR IA 24 -30.39 -69.87 15.29
CA THR IA 24 -29.58 -68.70 15.01
C THR IA 24 -29.71 -68.28 13.55
N ALA IA 25 -29.53 -69.24 12.64
CA ALA IA 25 -29.62 -68.92 11.22
C ALA IA 25 -30.97 -68.31 10.86
N VAL IA 26 -32.06 -69.04 11.16
CA VAL IA 26 -33.36 -68.60 10.68
C VAL IA 26 -33.79 -67.30 11.36
N GLU IA 27 -33.71 -67.26 12.70
CA GLU IA 27 -34.14 -66.06 13.42
C GLU IA 27 -33.26 -64.88 13.08
N PHE IA 28 -31.95 -65.09 12.96
CA PHE IA 28 -31.03 -64.02 12.62
C PHE IA 28 -31.36 -63.41 11.27
N GLN IA 29 -31.51 -64.26 10.25
CA GLN IA 29 -31.78 -63.72 8.92
C GLN IA 29 -33.11 -62.99 8.89
N GLU IA 30 -34.16 -63.59 9.46
CA GLU IA 30 -35.47 -62.95 9.40
C GLU IA 30 -35.48 -61.64 10.18
N ASP IA 31 -34.84 -61.62 11.35
CA ASP IA 31 -34.87 -60.42 12.18
C ASP IA 31 -34.04 -59.30 11.56
N LEU IA 32 -32.84 -59.62 11.09
CA LEU IA 32 -32.01 -58.60 10.46
C LEU IA 32 -32.68 -58.03 9.22
N LEU IA 33 -33.28 -58.89 8.40
CA LEU IA 33 -33.99 -58.40 7.23
C LEU IA 33 -35.17 -57.54 7.62
N ALA IA 34 -35.95 -57.97 8.62
CA ALA IA 34 -37.13 -57.22 9.03
C ALA IA 34 -36.73 -55.84 9.54
N LYS IA 35 -35.67 -55.75 10.34
CA LYS IA 35 -35.24 -54.45 10.83
C LYS IA 35 -34.66 -53.58 9.73
N ILE IA 36 -33.77 -54.14 8.90
CA ILE IA 36 -33.15 -53.32 7.86
C ILE IA 36 -34.21 -52.79 6.89
N HIS IA 37 -35.30 -53.53 6.70
CA HIS IA 37 -36.40 -52.97 5.92
C HIS IA 37 -37.18 -51.95 6.73
N GLU IA 38 -37.44 -52.24 8.00
CA GLU IA 38 -38.30 -51.38 8.80
C GLU IA 38 -37.62 -50.06 9.12
N THR IA 39 -36.36 -50.09 9.54
CA THR IA 39 -35.57 -48.88 9.72
C THR IA 39 -34.59 -48.77 8.57
N SER IA 40 -34.63 -47.64 7.86
CA SER IA 40 -33.80 -47.45 6.67
C SER IA 40 -32.41 -47.04 7.12
N ALA IA 41 -31.48 -48.00 7.11
CA ALA IA 41 -30.09 -47.76 7.46
C ALA IA 41 -29.21 -48.12 6.28
N ARG IA 42 -28.36 -47.18 5.88
CA ARG IA 42 -27.51 -47.41 4.71
C ARG IA 42 -26.47 -48.50 4.98
N GLY IA 43 -25.89 -48.51 6.17
CA GLY IA 43 -24.87 -49.48 6.48
C GLY IA 43 -25.17 -50.32 7.71
N VAL IA 44 -25.21 -51.64 7.53
CA VAL IA 44 -25.44 -52.58 8.63
C VAL IA 44 -24.12 -53.29 8.94
N VAL IA 45 -23.82 -53.42 10.22
CA VAL IA 45 -22.56 -53.95 10.70
C VAL IA 45 -22.83 -55.21 11.51
N ILE IA 46 -22.15 -56.30 11.18
CA ILE IA 46 -22.41 -57.60 11.79
C ILE IA 46 -21.22 -58.02 12.63
N ASP IA 47 -21.47 -58.96 13.55
CA ASP IA 47 -20.47 -59.43 14.52
C ASP IA 47 -20.31 -60.94 14.36
N ILE IA 48 -19.06 -61.41 14.28
CA ILE IA 48 -18.78 -62.84 14.27
C ILE IA 48 -17.73 -63.24 15.29
N THR IA 49 -17.19 -62.29 16.07
CA THR IA 49 -16.08 -62.60 16.98
C THR IA 49 -16.42 -63.75 17.91
N SER IA 50 -17.62 -63.76 18.48
CA SER IA 50 -17.97 -64.80 19.44
C SER IA 50 -18.02 -66.17 18.78
N ILE IA 51 -18.36 -66.24 17.50
CA ILE IA 51 -18.48 -67.52 16.82
C ILE IA 51 -17.11 -68.16 16.70
N ASP IA 52 -17.03 -69.45 17.05
CA ASP IA 52 -15.80 -70.20 16.94
C ASP IA 52 -15.99 -71.52 16.20
N PHE IA 53 -17.18 -71.76 15.63
CA PHE IA 53 -17.41 -72.95 14.83
C PHE IA 53 -18.46 -72.62 13.78
N ILE IA 54 -18.15 -72.94 12.52
CA ILE IA 54 -19.03 -72.64 11.40
C ILE IA 54 -19.07 -73.85 10.47
N ASP IA 55 -20.26 -74.25 10.06
CA ASP IA 55 -20.47 -75.28 9.05
C ASP IA 55 -20.99 -74.64 7.78
N SER IA 56 -21.34 -75.47 6.80
CA SER IA 56 -21.89 -74.95 5.55
C SER IA 56 -23.20 -74.20 5.77
N PHE IA 57 -24.00 -74.65 6.74
CA PHE IA 57 -25.30 -74.03 6.99
C PHE IA 57 -25.14 -72.54 7.33
N ILE IA 58 -24.44 -72.25 8.43
CA ILE IA 58 -24.31 -70.87 8.86
C ILE IA 58 -23.51 -70.06 7.85
N ALA IA 59 -22.57 -70.70 7.14
CA ALA IA 59 -21.79 -69.98 6.13
C ALA IA 59 -22.70 -69.48 5.01
N LYS IA 60 -23.52 -70.38 4.44
CA LYS IA 60 -24.41 -69.94 3.37
C LYS IA 60 -25.48 -68.98 3.89
N ILE IA 61 -25.89 -69.13 5.16
CA ILE IA 61 -26.86 -68.20 5.73
C ILE IA 61 -26.26 -66.80 5.82
N LEU IA 62 -25.02 -66.70 6.27
CA LEU IA 62 -24.34 -65.41 6.32
C LEU IA 62 -24.15 -64.83 4.93
N GLY IA 63 -23.82 -65.69 3.96
CA GLY IA 63 -23.70 -65.21 2.58
C GLY IA 63 -25.00 -64.63 2.07
N ASP IA 64 -26.11 -65.33 2.32
CA ASP IA 64 -27.41 -64.82 1.88
C ASP IA 64 -27.78 -63.54 2.60
N VAL IA 65 -27.48 -63.45 3.90
CA VAL IA 65 -27.78 -62.24 4.66
C VAL IA 65 -27.00 -61.05 4.10
N VAL IA 66 -25.71 -61.27 3.80
CA VAL IA 66 -24.91 -60.20 3.21
C VAL IA 66 -25.46 -59.81 1.84
N SER IA 67 -25.86 -60.80 1.05
CA SER IA 67 -26.40 -60.50 -0.28
C SER IA 67 -27.67 -59.65 -0.18
N MET IA 68 -28.57 -60.01 0.74
CA MET IA 68 -29.81 -59.26 0.88
C MET IA 68 -29.55 -57.85 1.44
N SER IA 69 -28.65 -57.74 2.42
CA SER IA 69 -28.32 -56.42 2.95
C SER IA 69 -27.73 -55.54 1.86
N LYS IA 70 -26.85 -56.11 1.03
CA LYS IA 70 -26.35 -55.38 -0.13
C LYS IA 70 -27.48 -55.01 -1.08
N LEU IA 71 -28.51 -55.86 -1.16
CA LEU IA 71 -29.70 -55.52 -1.93
C LEU IA 71 -30.52 -54.42 -1.29
N MET IA 72 -30.23 -54.04 -0.05
CA MET IA 72 -30.87 -52.86 0.53
C MET IA 72 -29.92 -51.79 1.06
N GLY IA 73 -28.63 -52.07 1.20
CA GLY IA 73 -27.72 -51.05 1.70
C GLY IA 73 -26.30 -51.58 1.80
N ALA IA 74 -25.40 -50.70 2.22
CA ALA IA 74 -24.00 -51.09 2.38
C ALA IA 74 -23.88 -52.14 3.48
N LYS IA 75 -23.01 -53.12 3.26
CA LYS IA 75 -22.85 -54.24 4.16
C LYS IA 75 -21.38 -54.45 4.47
N VAL IA 76 -21.09 -54.87 5.71
CA VAL IA 76 -19.74 -55.13 6.16
C VAL IA 76 -19.77 -56.21 7.22
N VAL IA 77 -18.78 -57.10 7.18
CA VAL IA 77 -18.55 -58.05 8.27
C VAL IA 77 -17.39 -57.46 9.07
N VAL IA 78 -17.73 -56.71 10.11
CA VAL IA 78 -16.74 -55.83 10.72
C VAL IA 78 -15.65 -56.62 11.41
N THR IA 79 -16.00 -57.75 12.02
CA THR IA 79 -15.04 -58.54 12.78
C THR IA 79 -14.53 -59.69 11.92
N GLY IA 80 -13.22 -59.87 11.92
CA GLY IA 80 -12.60 -60.90 11.14
C GLY IA 80 -13.12 -62.28 11.48
N ILE IA 81 -13.51 -63.02 10.45
CA ILE IA 81 -13.91 -64.41 10.63
C ILE IA 81 -12.71 -65.17 11.18
N GLN IA 82 -12.90 -65.83 12.31
CA GLN IA 82 -11.78 -66.47 13.00
C GLN IA 82 -11.14 -67.54 12.10
N PRO IA 83 -9.84 -67.78 12.24
CA PRO IA 83 -9.17 -68.72 11.33
C PRO IA 83 -9.81 -70.09 11.26
N ALA IA 84 -10.17 -70.66 12.41
CA ALA IA 84 -10.81 -71.97 12.43
C ALA IA 84 -12.11 -71.97 11.64
N VAL IA 85 -12.78 -70.82 11.57
CA VAL IA 85 -13.97 -70.70 10.74
C VAL IA 85 -13.69 -69.92 9.45
N ALA IA 86 -12.59 -69.17 9.38
CA ALA IA 86 -12.21 -68.55 8.11
C ALA IA 86 -11.89 -69.61 7.06
N ILE IA 87 -11.19 -70.67 7.46
CA ILE IA 87 -10.89 -71.74 6.51
C ILE IA 87 -12.19 -72.39 6.01
N THR IA 88 -13.12 -72.65 6.92
CA THR IA 88 -14.39 -73.27 6.53
C THR IA 88 -15.17 -72.35 5.61
N LEU IA 89 -15.17 -71.05 5.90
CA LEU IA 89 -15.88 -70.11 5.04
C LEU IA 89 -15.26 -70.07 3.65
N ILE IA 90 -13.92 -70.11 3.57
CA ILE IA 90 -13.28 -69.97 2.26
C ILE IA 90 -13.32 -71.27 1.46
N GLU IA 91 -13.46 -72.42 2.12
CA GLU IA 91 -13.55 -73.67 1.36
C GLU IA 91 -14.91 -73.81 0.69
N LEU IA 92 -15.98 -73.44 1.39
CA LEU IA 92 -17.34 -73.68 0.93
C LEU IA 92 -18.07 -72.42 0.51
N GLY IA 93 -18.15 -71.43 1.40
CA GLY IA 93 -18.81 -70.18 1.06
C GLY IA 93 -17.86 -69.19 0.39
N ILE IA 94 -17.49 -69.49 -0.85
CA ILE IA 94 -16.47 -68.70 -1.55
C ILE IA 94 -17.12 -67.38 -1.96
N THR IA 95 -16.92 -66.35 -1.16
CA THR IA 95 -17.45 -65.02 -1.46
C THR IA 95 -16.60 -63.98 -0.74
N PHE IA 96 -16.54 -62.79 -1.32
CA PHE IA 96 -15.82 -61.69 -0.67
C PHE IA 96 -16.56 -61.16 0.55
N SER IA 97 -17.89 -61.32 0.58
CA SER IA 97 -18.72 -60.96 1.72
C SER IA 97 -18.54 -59.49 2.11
N GLY IA 98 -18.78 -58.62 1.13
CA GLY IA 98 -18.72 -57.19 1.39
C GLY IA 98 -17.31 -56.77 1.76
N VAL IA 99 -17.22 -55.71 2.55
CA VAL IA 99 -15.95 -55.20 3.03
C VAL IA 99 -15.69 -55.76 4.43
N LEU IA 100 -14.45 -55.66 4.87
CA LEU IA 100 -14.01 -56.24 6.13
C LEU IA 100 -13.30 -55.17 6.95
N SER IA 101 -13.09 -55.46 8.25
CA SER IA 101 -12.49 -54.45 9.12
C SER IA 101 -11.48 -55.01 10.11
N ALA IA 102 -10.86 -56.15 9.81
CA ALA IA 102 -9.69 -56.66 10.55
C ALA IA 102 -9.97 -56.77 12.05
N MET IA 103 -11.11 -57.39 12.38
CA MET IA 103 -11.47 -57.74 13.75
C MET IA 103 -11.57 -56.51 14.66
N ASP IA 104 -11.79 -55.34 14.08
CA ASP IA 104 -11.93 -54.11 14.85
C ASP IA 104 -13.28 -53.48 14.50
N LEU IA 105 -14.21 -53.54 15.46
CA LEU IA 105 -15.54 -53.01 15.21
C LEU IA 105 -15.50 -51.49 15.01
N GLU IA 106 -14.69 -50.80 15.82
CA GLU IA 106 -14.54 -49.36 15.64
C GLU IA 106 -13.96 -49.02 14.27
N SER IA 107 -13.06 -49.87 13.76
CA SER IA 107 -12.53 -49.64 12.42
C SER IA 107 -13.63 -49.73 11.37
N GLY IA 108 -14.55 -50.69 11.51
CA GLY IA 108 -15.65 -50.78 10.58
C GLY IA 108 -16.61 -49.62 10.68
N LEU IA 109 -16.87 -49.14 11.90
CA LEU IA 109 -17.67 -47.91 12.03
C LEU IA 109 -17.00 -46.74 11.34
N GLU IA 110 -15.67 -46.61 11.49
CA GLU IA 110 -14.98 -45.52 10.81
C GLU IA 110 -15.09 -45.67 9.29
N LYS IA 111 -14.95 -46.91 8.80
CA LYS IA 111 -15.03 -47.14 7.35
C LYS IA 111 -16.41 -46.80 6.82
N LEU IA 112 -17.47 -47.22 7.52
CA LEU IA 112 -18.81 -46.90 7.05
C LEU IA 112 -19.12 -45.42 7.19
N LYS IA 113 -18.60 -44.77 8.24
CA LYS IA 113 -18.80 -43.34 8.39
C LYS IA 113 -18.16 -42.58 7.24
N GLN IA 114 -16.95 -42.96 6.84
CA GLN IA 114 -16.30 -42.27 5.74
C GLN IA 114 -16.94 -42.62 4.40
N GLU IA 115 -17.46 -43.84 4.25
CA GLU IA 115 -18.10 -44.23 3.01
C GLU IA 115 -19.49 -43.63 2.86
N LEU IA 116 -20.15 -43.30 3.97
CA LEU IA 116 -21.43 -42.61 3.92
C LEU IA 116 -21.31 -41.11 3.96
N GLY IA 117 -20.15 -40.57 4.35
CA GLY IA 117 -19.92 -39.14 4.29
C GLY IA 117 -19.74 -38.62 2.88
N GLU IA 118 -19.42 -39.50 1.93
CA GLU IA 118 -19.28 -39.09 0.53
C GLU IA 118 -20.64 -39.12 -0.17
N MET JA 1 -23.88 -64.66 27.56
CA MET JA 1 -24.59 -65.40 26.53
C MET JA 1 -25.72 -64.58 25.93
N GLY JA 2 -26.20 -63.60 26.71
CA GLY JA 2 -27.26 -62.72 26.24
C GLY JA 2 -26.93 -61.26 26.45
N ILE JA 3 -25.66 -60.95 26.64
CA ILE JA 3 -25.22 -59.60 26.92
C ILE JA 3 -24.09 -59.24 25.96
N PRO JA 4 -24.41 -58.69 24.79
CA PRO JA 4 -23.38 -58.38 23.77
C PRO JA 4 -22.65 -57.06 24.03
N ILE JA 5 -21.64 -57.12 24.89
CA ILE JA 5 -20.85 -55.92 25.15
C ILE JA 5 -20.03 -55.57 23.92
N LEU JA 6 -20.14 -54.32 23.46
CA LEU JA 6 -19.48 -53.88 22.24
C LEU JA 6 -18.54 -52.72 22.53
N LYS JA 7 -17.51 -52.60 21.70
CA LYS JA 7 -16.53 -51.53 21.81
C LYS JA 7 -16.53 -50.70 20.53
N LEU JA 8 -16.46 -49.37 20.69
CA LEU JA 8 -16.35 -48.48 19.53
C LEU JA 8 -15.83 -47.14 20.01
N GLY JA 9 -14.74 -46.68 19.39
CA GLY JA 9 -14.13 -45.42 19.80
C GLY JA 9 -13.70 -45.39 21.25
N GLU JA 10 -13.24 -46.52 21.78
CA GLU JA 10 -12.85 -46.66 23.18
C GLU JA 10 -14.03 -46.27 24.09
N CYS JA 11 -15.24 -46.59 23.63
CA CYS JA 11 -16.46 -46.53 24.42
C CYS JA 11 -16.97 -47.94 24.62
N LEU JA 12 -18.12 -48.07 25.28
CA LEU JA 12 -18.66 -49.39 25.55
C LEU JA 12 -20.18 -49.35 25.42
N LEU JA 13 -20.74 -50.41 24.83
CA LEU JA 13 -22.17 -50.51 24.58
C LEU JA 13 -22.70 -51.78 25.22
N ILE JA 14 -23.91 -51.71 25.75
CA ILE JA 14 -24.56 -52.84 26.38
C ILE JA 14 -25.93 -53.03 25.71
N SER JA 15 -26.42 -54.25 25.74
CA SER JA 15 -27.73 -54.56 25.19
C SER JA 15 -28.40 -55.61 26.06
N ILE JA 16 -29.55 -55.27 26.64
CA ILE JA 16 -30.32 -56.16 27.49
C ILE JA 16 -31.63 -56.48 26.78
N GLN JA 17 -31.99 -57.76 26.74
CA GLN JA 17 -33.15 -58.21 26.00
C GLN JA 17 -34.20 -58.93 26.82
N SER JA 18 -33.82 -59.61 27.90
CA SER JA 18 -34.75 -60.36 28.71
C SER JA 18 -34.57 -60.03 30.18
N GLU JA 19 -35.67 -60.00 30.93
CA GLU JA 19 -35.63 -59.74 32.36
C GLU JA 19 -35.64 -61.06 33.12
N LEU JA 20 -34.89 -61.09 34.23
CA LEU JA 20 -34.81 -62.27 35.06
C LEU JA 20 -34.31 -61.86 36.44
N ASP JA 21 -34.51 -62.75 37.40
CA ASP JA 21 -34.18 -62.49 38.80
C ASP JA 21 -33.13 -63.48 39.27
N ASP JA 22 -32.17 -62.98 40.05
CA ASP JA 22 -31.20 -63.77 40.80
C ASP JA 22 -30.15 -64.42 39.91
N HIS JA 23 -30.34 -64.36 38.59
CA HIS JA 23 -29.32 -64.85 37.67
C HIS JA 23 -28.86 -63.75 36.71
N THR JA 24 -29.79 -63.15 35.96
CA THR JA 24 -29.39 -62.18 34.95
C THR JA 24 -28.79 -60.94 35.57
N ALA JA 25 -29.37 -60.45 36.67
CA ALA JA 25 -28.85 -59.23 37.29
C ALA JA 25 -27.42 -59.42 37.78
N VAL JA 26 -27.17 -60.50 38.52
CA VAL JA 26 -25.83 -60.70 39.07
C VAL JA 26 -24.83 -61.02 37.97
N GLU JA 27 -25.19 -61.89 37.02
CA GLU JA 27 -24.27 -62.18 35.92
C GLU JA 27 -24.00 -60.93 35.10
N PHE JA 28 -25.01 -60.09 34.93
CA PHE JA 28 -24.85 -58.87 34.15
C PHE JA 28 -23.92 -57.88 34.83
N GLN JA 29 -24.12 -57.66 36.13
CA GLN JA 29 -23.22 -56.73 36.82
C GLN JA 29 -21.80 -57.25 36.82
N GLU JA 30 -21.61 -58.55 37.05
CA GLU JA 30 -20.27 -59.11 37.06
C GLU JA 30 -19.62 -58.99 35.69
N ASP JA 31 -20.36 -59.33 34.62
CA ASP JA 31 -19.79 -59.26 33.28
C ASP JA 31 -19.46 -57.84 32.88
N LEU JA 32 -20.35 -56.90 33.18
CA LEU JA 32 -20.10 -55.50 32.83
C LEU JA 32 -18.87 -54.97 33.57
N LEU JA 33 -18.75 -55.29 34.86
CA LEU JA 33 -17.58 -54.83 35.61
C LEU JA 33 -16.29 -55.45 35.09
N ALA JA 34 -16.31 -56.77 34.84
CA ALA JA 34 -15.12 -57.42 34.31
C ALA JA 34 -14.71 -56.78 32.99
N LYS JA 35 -15.67 -56.55 32.10
CA LYS JA 35 -15.37 -55.97 30.80
C LYS JA 35 -14.80 -54.56 30.95
N ILE JA 36 -15.49 -53.70 31.69
CA ILE JA 36 -15.02 -52.32 31.83
C ILE JA 36 -13.69 -52.25 32.54
N HIS JA 37 -13.35 -53.29 33.32
CA HIS JA 37 -12.05 -53.29 33.97
C HIS JA 37 -10.95 -53.73 33.01
N GLU JA 38 -11.16 -54.83 32.28
CA GLU JA 38 -10.10 -55.35 31.42
C GLU JA 38 -9.78 -54.38 30.29
N THR JA 39 -10.80 -53.87 29.62
CA THR JA 39 -10.63 -52.86 28.59
C THR JA 39 -11.06 -51.50 29.14
N SER JA 40 -10.13 -50.55 29.11
CA SER JA 40 -10.35 -49.24 29.71
C SER JA 40 -11.22 -48.41 28.77
N ALA JA 41 -12.45 -48.12 29.19
CA ALA JA 41 -13.35 -47.25 28.45
C ALA JA 41 -13.83 -46.15 29.37
N ARG JA 42 -13.65 -44.90 28.93
CA ARG JA 42 -14.04 -43.74 29.72
C ARG JA 42 -15.52 -43.39 29.57
N GLY JA 43 -16.25 -44.10 28.71
CA GLY JA 43 -17.69 -43.94 28.62
C GLY JA 43 -18.38 -45.23 28.27
N VAL JA 44 -19.36 -45.64 29.09
CA VAL JA 44 -20.08 -46.89 28.87
C VAL JA 44 -21.56 -46.57 28.75
N VAL JA 45 -22.23 -47.29 27.86
CA VAL JA 45 -23.63 -47.02 27.49
C VAL JA 45 -24.45 -48.28 27.73
N ILE JA 46 -25.57 -48.13 28.43
CA ILE JA 46 -26.39 -49.27 28.84
C ILE JA 46 -27.77 -49.15 28.20
N ASP JA 47 -28.44 -50.29 28.03
CA ASP JA 47 -29.70 -50.37 27.30
C ASP JA 47 -30.77 -51.05 28.14
N ILE JA 48 -31.99 -50.52 28.08
CA ILE JA 48 -33.10 -51.06 28.87
C ILE JA 48 -34.36 -51.21 28.00
N THR JA 49 -34.32 -50.67 26.77
CA THR JA 49 -35.54 -50.55 25.95
C THR JA 49 -36.35 -51.82 25.92
N SER JA 50 -35.69 -52.98 25.77
CA SER JA 50 -36.41 -54.24 25.63
C SER JA 50 -37.26 -54.54 26.86
N ILE JA 51 -36.72 -54.29 28.05
CA ILE JA 51 -37.41 -54.67 29.28
C ILE JA 51 -38.65 -53.79 29.46
N ASP JA 52 -39.71 -54.39 30.02
CA ASP JA 52 -40.96 -53.68 30.24
C ASP JA 52 -41.48 -53.94 31.65
N PHE JA 53 -40.66 -54.51 32.53
CA PHE JA 53 -41.12 -54.77 33.91
C PHE JA 53 -39.91 -54.96 34.80
N ILE JA 54 -39.77 -54.12 35.83
CA ILE JA 54 -38.70 -54.19 36.81
C ILE JA 54 -39.29 -54.10 38.21
N ASP JA 55 -38.87 -55.01 39.08
CA ASP JA 55 -39.26 -55.00 40.49
C ASP JA 55 -38.22 -54.23 41.29
N SER JA 56 -38.28 -54.34 42.62
CA SER JA 56 -37.32 -53.64 43.47
C SER JA 56 -35.90 -54.17 43.26
N PHE JA 57 -35.75 -55.47 43.10
CA PHE JA 57 -34.41 -56.08 43.10
C PHE JA 57 -33.61 -55.65 41.87
N ILE JA 58 -34.21 -55.74 40.68
CA ILE JA 58 -33.52 -55.29 39.48
C ILE JA 58 -33.26 -53.79 39.52
N ALA JA 59 -34.21 -53.02 40.06
CA ALA JA 59 -34.00 -51.58 40.15
C ALA JA 59 -32.80 -51.25 41.01
N LYS JA 60 -32.69 -51.92 42.17
CA LYS JA 60 -31.54 -51.70 43.04
C LYS JA 60 -30.26 -52.17 42.36
N ILE JA 61 -30.32 -53.27 41.62
CA ILE JA 61 -29.13 -53.76 40.92
C ILE JA 61 -28.65 -52.74 39.90
N LEU JA 62 -29.58 -52.17 39.12
CA LEU JA 62 -29.20 -51.15 38.15
C LEU JA 62 -28.67 -49.88 38.81
N GLY JA 63 -29.28 -49.45 39.91
CA GLY JA 63 -28.74 -48.30 40.61
C GLY JA 63 -27.34 -48.54 41.14
N ASP JA 64 -27.11 -49.72 41.71
CA ASP JA 64 -25.79 -50.07 42.20
C ASP JA 64 -24.78 -50.15 41.07
N VAL JA 65 -25.20 -50.67 39.92
CA VAL JA 65 -24.30 -50.75 38.76
C VAL JA 65 -23.98 -49.36 38.24
N VAL JA 66 -24.96 -48.45 38.27
CA VAL JA 66 -24.71 -47.09 37.81
C VAL JA 66 -23.67 -46.41 38.70
N SER JA 67 -23.88 -46.49 40.01
CA SER JA 67 -22.88 -45.93 40.93
C SER JA 67 -21.54 -46.66 40.79
N MET JA 68 -21.61 -47.96 40.53
CA MET JA 68 -20.42 -48.79 40.38
C MET JA 68 -19.55 -48.28 39.24
N SER JA 69 -20.14 -48.13 38.07
CA SER JA 69 -19.39 -47.64 36.91
C SER JA 69 -18.95 -46.20 37.13
N LYS JA 70 -19.81 -45.38 37.75
CA LYS JA 70 -19.42 -44.02 38.04
C LYS JA 70 -18.19 -43.97 38.96
N LEU JA 71 -17.97 -45.02 39.74
CA LEU JA 71 -16.75 -45.08 40.53
C LEU JA 71 -15.49 -45.25 39.69
N MET JA 72 -15.61 -45.56 38.39
CA MET JA 72 -14.43 -45.62 37.54
C MET JA 72 -14.68 -45.13 36.12
N GLY JA 73 -15.82 -44.52 35.82
CA GLY JA 73 -16.08 -44.03 34.48
C GLY JA 73 -17.49 -43.53 34.25
N ALA JA 74 -17.64 -42.47 33.46
CA ALA JA 74 -18.95 -41.91 33.20
C ALA JA 74 -19.82 -42.88 32.43
N LYS JA 75 -21.11 -42.91 32.76
CA LYS JA 75 -22.04 -43.84 32.12
C LYS JA 75 -23.35 -43.12 31.83
N VAL JA 76 -24.22 -43.79 31.07
CA VAL JA 76 -25.50 -43.22 30.68
C VAL JA 76 -26.51 -44.34 30.52
N VAL JA 77 -27.73 -44.12 31.00
CA VAL JA 77 -28.86 -45.00 30.72
C VAL JA 77 -29.53 -44.43 29.48
N VAL JA 78 -29.05 -44.85 28.31
CA VAL JA 78 -29.38 -44.14 27.08
C VAL JA 78 -30.79 -44.44 26.62
N THR JA 79 -31.32 -45.60 26.99
CA THR JA 79 -32.56 -46.07 26.39
C THR JA 79 -33.79 -45.58 27.15
N GLY JA 80 -34.84 -45.31 26.39
CA GLY JA 80 -36.08 -44.83 26.96
C GLY JA 80 -36.51 -45.85 28.00
N ILE JA 81 -36.57 -45.41 29.25
CA ILE JA 81 -37.13 -46.21 30.32
C ILE JA 81 -38.64 -46.06 30.25
N GLN JA 82 -39.34 -47.16 29.97
CA GLN JA 82 -40.76 -47.11 29.68
C GLN JA 82 -41.54 -46.61 30.89
N PRO JA 83 -42.74 -46.05 30.67
CA PRO JA 83 -43.46 -45.40 31.79
C PRO JA 83 -43.67 -46.29 33.01
N ALA JA 84 -44.01 -47.57 32.82
CA ALA JA 84 -44.22 -48.43 33.98
C ALA JA 84 -42.90 -48.67 34.73
N VAL JA 85 -41.86 -49.05 33.99
CA VAL JA 85 -40.56 -49.27 34.63
C VAL JA 85 -39.98 -47.96 35.14
N ALA JA 86 -40.22 -46.85 34.45
CA ALA JA 86 -39.76 -45.56 34.96
C ALA JA 86 -40.42 -45.24 36.29
N ILE JA 87 -41.74 -45.45 36.38
CA ILE JA 87 -42.46 -45.17 37.61
C ILE JA 87 -41.96 -46.06 38.74
N THR JA 88 -41.73 -47.34 38.44
CA THR JA 88 -41.22 -48.24 39.47
C THR JA 88 -39.81 -47.87 39.90
N LEU JA 89 -38.96 -47.45 38.96
CA LEU JA 89 -37.60 -47.08 39.32
C LEU JA 89 -37.57 -45.83 40.17
N ILE JA 90 -38.46 -44.88 39.90
CA ILE JA 90 -38.60 -43.73 40.79
C ILE JA 90 -39.13 -44.17 42.15
N GLU JA 91 -40.15 -45.02 42.14
CA GLU JA 91 -40.92 -45.31 43.35
C GLU JA 91 -40.11 -46.07 44.38
N LEU JA 92 -39.22 -46.96 43.95
CA LEU JA 92 -38.42 -47.76 44.87
C LEU JA 92 -36.94 -47.42 44.85
N GLY JA 93 -36.31 -47.45 43.68
CA GLY JA 93 -34.90 -47.12 43.57
C GLY JA 93 -34.63 -45.64 43.33
N ILE JA 94 -34.77 -44.82 44.37
CA ILE JA 94 -34.66 -43.37 44.22
C ILE JA 94 -33.22 -42.99 43.92
N THR JA 95 -32.94 -42.70 42.65
CA THR JA 95 -31.61 -42.27 42.21
C THR JA 95 -31.76 -41.55 40.88
N PHE JA 96 -30.97 -40.51 40.68
CA PHE JA 96 -30.98 -39.77 39.42
C PHE JA 96 -30.34 -40.54 38.28
N SER JA 97 -29.66 -41.66 38.57
CA SER JA 97 -29.13 -42.57 37.56
C SER JA 97 -28.13 -41.88 36.63
N GLY JA 98 -27.39 -40.91 37.16
CA GLY JA 98 -26.36 -40.29 36.35
C GLY JA 98 -26.92 -39.56 35.14
N VAL JA 99 -26.01 -39.21 34.23
CA VAL JA 99 -26.42 -38.58 32.98
C VAL JA 99 -27.24 -39.58 32.18
N LEU JA 100 -28.37 -39.14 31.64
CA LEU JA 100 -29.25 -40.05 30.92
C LEU JA 100 -29.86 -39.35 29.73
N SER JA 101 -30.07 -40.12 28.66
CA SER JA 101 -30.72 -39.66 27.44
C SER JA 101 -32.15 -40.18 27.36
N ALA JA 102 -32.32 -41.50 27.40
CA ALA JA 102 -33.62 -42.15 27.47
C ALA JA 102 -34.53 -41.75 26.31
N MET JA 103 -33.95 -41.47 25.15
CA MET JA 103 -34.72 -41.35 23.92
C MET JA 103 -34.35 -42.46 22.94
N ASP JA 104 -33.08 -42.56 22.58
CA ASP JA 104 -32.60 -43.64 21.72
C ASP JA 104 -31.08 -43.68 21.86
N LEU JA 105 -30.49 -44.78 21.38
CA LEU JA 105 -29.06 -44.99 21.58
C LEU JA 105 -28.24 -43.90 20.88
N GLU JA 106 -28.71 -43.41 19.73
CA GLU JA 106 -27.96 -42.42 18.98
C GLU JA 106 -27.80 -41.13 19.78
N SER JA 107 -28.87 -40.68 20.43
CA SER JA 107 -28.81 -39.41 21.15
C SER JA 107 -27.82 -39.48 22.30
N GLY JA 108 -27.86 -40.55 23.09
CA GLY JA 108 -26.92 -40.70 24.18
C GLY JA 108 -25.49 -40.88 23.70
N LEU JA 109 -25.31 -41.62 22.61
CA LEU JA 109 -23.98 -41.76 22.06
C LEU JA 109 -23.41 -40.41 21.63
N GLU JA 110 -24.22 -39.59 20.98
CA GLU JA 110 -23.78 -38.26 20.60
C GLU JA 110 -23.47 -37.40 21.82
N LYS JA 111 -24.31 -37.50 22.85
CA LYS JA 111 -24.08 -36.72 24.06
C LYS JA 111 -22.77 -37.11 24.73
N LEU JA 112 -22.49 -38.41 24.82
CA LEU JA 112 -21.22 -38.85 25.39
C LEU JA 112 -20.04 -38.44 24.52
N LYS JA 113 -20.20 -38.50 23.19
CA LYS JA 113 -19.13 -38.04 22.31
C LYS JA 113 -18.82 -36.57 22.54
N GLN JA 114 -19.85 -35.74 22.64
CA GLN JA 114 -19.63 -34.31 22.82
C GLN JA 114 -19.18 -33.97 24.23
N GLU JA 115 -19.47 -34.82 25.21
CA GLU JA 115 -19.03 -34.56 26.57
C GLU JA 115 -17.65 -35.11 26.86
N LEU JA 116 -17.18 -36.08 26.09
CA LEU JA 116 -15.84 -36.64 26.27
C LEU JA 116 -14.81 -36.05 25.33
N GLY JA 117 -15.23 -35.59 24.14
CA GLY JA 117 -14.29 -34.91 23.26
C GLY JA 117 -13.75 -33.63 23.85
N GLU JA 118 -14.58 -32.91 24.60
CA GLU JA 118 -14.16 -31.68 25.26
C GLU JA 118 -13.31 -31.99 26.48
N MET KA 1 -61.31 -7.92 109.21
CA MET KA 1 -62.08 -9.06 109.66
C MET KA 1 -62.59 -9.86 108.47
N TYR KA 2 -61.76 -10.78 107.97
CA TYR KA 2 -62.10 -11.61 106.84
C TYR KA 2 -62.48 -13.04 107.22
N LYS KA 3 -62.35 -13.40 108.51
CA LYS KA 3 -62.65 -14.77 108.92
C LYS KA 3 -64.15 -15.05 108.83
N ASP KA 4 -64.95 -14.30 109.59
CA ASP KA 4 -66.39 -14.43 109.48
C ASP KA 4 -66.89 -13.97 108.11
N PHE KA 5 -66.17 -13.04 107.48
CA PHE KA 5 -66.48 -12.68 106.11
C PHE KA 5 -66.33 -13.88 105.19
N ALA KA 6 -65.25 -14.66 105.36
CA ALA KA 6 -65.07 -15.88 104.58
C ALA KA 6 -66.15 -16.90 104.91
N ASN KA 7 -66.53 -17.01 106.18
CA ASN KA 7 -67.58 -17.95 106.56
C ASN KA 7 -68.91 -17.60 105.90
N PHE KA 8 -69.22 -16.31 105.82
CA PHE KA 8 -70.47 -15.91 105.18
C PHE KA 8 -70.40 -16.00 103.67
N ILE KA 9 -69.22 -15.78 103.07
CA ILE KA 9 -69.07 -16.00 101.64
C ILE KA 9 -69.21 -17.49 101.30
N ARG KA 10 -68.79 -18.36 102.23
CA ARG KA 10 -68.97 -19.80 102.03
C ARG KA 10 -70.44 -20.16 101.81
N THR KA 11 -71.36 -19.38 102.38
CA THR KA 11 -72.79 -19.58 102.12
C THR KA 11 -73.28 -18.74 100.96
N ASN KA 12 -72.70 -17.56 100.76
CA ASN KA 12 -73.12 -16.67 99.67
C ASN KA 12 -72.66 -17.13 98.31
N LYS KA 13 -71.80 -18.16 98.23
CA LYS KA 13 -71.39 -18.66 96.92
C LYS KA 13 -72.58 -19.18 96.13
N LYS KA 14 -73.50 -19.88 96.80
CA LYS KA 14 -74.71 -20.35 96.11
C LYS KA 14 -75.58 -19.19 95.66
N ASP KA 15 -75.67 -18.14 96.49
CA ASP KA 15 -76.41 -16.96 96.08
C ASP KA 15 -75.78 -16.30 94.86
N LEU KA 16 -74.45 -16.25 94.81
CA LEU KA 16 -73.77 -15.70 93.65
C LEU KA 16 -74.03 -16.55 92.40
N LEU KA 17 -74.05 -17.88 92.57
CA LEU KA 17 -74.35 -18.75 91.43
C LEU KA 17 -75.77 -18.52 90.93
N ASN KA 18 -76.74 -18.40 91.84
CA ASN KA 18 -78.11 -18.11 91.45
C ASN KA 18 -78.22 -16.75 90.78
N ASN KA 19 -77.42 -15.78 91.27
CA ASN KA 19 -77.38 -14.47 90.64
C ASN KA 19 -76.84 -14.53 89.23
N TRP KA 20 -75.80 -15.34 89.01
CA TRP KA 20 -75.29 -15.55 87.66
C TRP KA 20 -76.34 -16.19 86.77
N MET KA 21 -77.08 -17.15 87.31
CA MET KA 21 -78.17 -17.77 86.56
C MET KA 21 -79.21 -16.73 86.15
N ASN KA 22 -79.56 -15.84 87.08
CA ASN KA 22 -80.51 -14.77 86.77
C ASN KA 22 -79.95 -13.83 85.71
N GLU KA 23 -78.66 -13.51 85.80
CA GLU KA 23 -78.08 -12.48 84.94
C GLU KA 23 -77.79 -12.98 83.53
N MET KA 24 -77.56 -14.29 83.34
CA MET KA 24 -77.36 -14.73 81.96
C MET KA 24 -78.63 -14.64 81.13
N GLU KA 25 -79.79 -14.40 81.75
CA GLU KA 25 -81.04 -14.34 81.00
C GLU KA 25 -81.19 -13.02 80.24
N LYS KA 26 -80.59 -11.94 80.72
CA LYS KA 26 -80.87 -10.62 80.16
C LYS KA 26 -79.93 -10.27 79.01
N GLN KA 27 -78.62 -10.27 79.26
CA GLN KA 27 -77.64 -9.77 78.29
C GLN KA 27 -77.00 -10.92 77.54
N SER KA 28 -77.22 -10.96 76.22
CA SER KA 28 -76.58 -11.91 75.31
C SER KA 28 -76.68 -13.34 75.82
N ASP KA 29 -77.91 -13.77 76.10
CA ASP KA 29 -78.12 -15.10 76.67
C ASP KA 29 -77.56 -16.21 75.79
N PRO KA 30 -77.82 -16.26 74.48
CA PRO KA 30 -77.15 -17.31 73.67
C PRO KA 30 -75.64 -17.19 73.68
N LEU KA 31 -75.10 -15.97 73.61
CA LEU KA 31 -73.65 -15.80 73.62
C LEU KA 31 -73.05 -16.23 74.95
N ILE KA 32 -73.69 -15.85 76.07
CA ILE KA 32 -73.18 -16.24 77.38
C ILE KA 32 -73.25 -17.75 77.54
N ASN KA 33 -74.33 -18.37 77.09
CA ASN KA 33 -74.46 -19.82 77.17
C ASN KA 33 -73.39 -20.51 76.33
N ASP KA 34 -73.08 -19.97 75.15
CA ASP KA 34 -72.13 -20.62 74.27
C ASP KA 34 -70.69 -20.46 74.75
N ILE KA 35 -70.33 -19.27 75.24
CA ILE KA 35 -68.94 -19.02 75.59
C ILE KA 35 -68.52 -19.83 76.82
N ALA KA 36 -69.42 -19.97 77.80
CA ALA KA 36 -69.09 -20.68 79.03
C ALA KA 36 -70.29 -21.49 79.49
N LYS KA 37 -70.03 -22.72 79.91
CA LYS KA 37 -71.07 -23.57 80.46
C LYS KA 37 -71.32 -23.22 81.93
N GLU KA 38 -72.43 -23.72 82.46
CA GLU KA 38 -72.79 -23.41 83.85
C GLU KA 38 -71.79 -23.93 84.86
N PRO KA 39 -71.36 -25.20 84.84
CA PRO KA 39 -70.41 -25.65 85.88
C PRO KA 39 -69.07 -24.93 85.84
N MET KA 40 -68.52 -24.72 84.65
CA MET KA 40 -67.23 -24.04 84.55
C MET KA 40 -67.32 -22.60 85.05
N TYR KA 41 -68.37 -21.89 84.66
CA TYR KA 41 -68.55 -20.52 85.12
C TYR KA 41 -68.76 -20.47 86.62
N GLU KA 42 -69.53 -21.42 87.16
CA GLU KA 42 -69.76 -21.46 88.60
C GLU KA 42 -68.46 -21.69 89.36
N GLU KA 43 -67.65 -22.65 88.91
CA GLU KA 43 -66.40 -22.94 89.60
C GLU KA 43 -65.43 -21.77 89.48
N THR KA 44 -65.38 -21.12 88.31
CA THR KA 44 -64.51 -19.97 88.14
C THR KA 44 -64.94 -18.83 89.06
N SER KA 45 -66.26 -18.57 89.14
CA SER KA 45 -66.74 -17.49 90.00
C SER KA 45 -66.46 -17.78 91.47
N ILE KA 46 -66.71 -19.01 91.92
CA ILE KA 46 -66.50 -19.30 93.34
C ILE KA 46 -65.01 -19.27 93.67
N GLU KA 47 -64.15 -19.75 92.75
CA GLU KA 47 -62.71 -19.65 92.98
C GLU KA 47 -62.26 -18.20 92.98
N PHE KA 48 -62.91 -17.34 92.19
CA PHE KA 48 -62.53 -15.93 92.16
C PHE KA 48 -63.00 -15.20 93.42
N VAL KA 49 -64.10 -15.65 94.02
CA VAL KA 49 -64.66 -14.93 95.17
C VAL KA 49 -64.28 -15.53 96.52
N ASP KA 50 -63.70 -16.72 96.57
CA ASP KA 50 -63.39 -17.36 97.85
C ASP KA 50 -61.92 -17.24 98.26
N LEU KA 51 -61.02 -16.94 97.32
CA LEU KA 51 -59.60 -16.89 97.68
C LEU KA 51 -59.25 -15.61 98.43
N ILE KA 52 -59.88 -14.49 98.08
CA ILE KA 52 -59.53 -13.22 98.71
C ILE KA 52 -60.00 -13.18 100.16
N VAL KA 53 -61.19 -13.73 100.43
CA VAL KA 53 -61.72 -13.71 101.79
C VAL KA 53 -60.90 -14.56 102.75
N SER KA 54 -59.99 -15.39 102.24
CA SER KA 54 -59.07 -16.15 103.07
C SER KA 54 -57.79 -15.40 103.39
N ASN KA 55 -57.55 -14.24 102.76
CA ASN KA 55 -56.40 -13.42 103.07
C ASN KA 55 -56.63 -12.64 104.36
N ILE KA 56 -55.53 -12.23 104.99
CA ILE KA 56 -55.61 -11.52 106.27
C ILE KA 56 -55.72 -10.04 105.95
N THR KA 57 -56.94 -9.63 105.59
CA THR KA 57 -57.40 -8.24 105.58
C THR KA 57 -56.61 -7.31 104.65
N GLU KA 58 -55.58 -7.83 103.96
CA GLU KA 58 -54.74 -6.96 103.14
C GLU KA 58 -54.82 -7.29 101.66
N ASN KA 59 -54.42 -8.50 101.26
CA ASN KA 59 -54.37 -8.88 99.85
C ASN KA 59 -53.87 -10.32 99.78
N GLY KA 60 -53.89 -10.86 98.55
CA GLY KA 60 -53.27 -12.14 98.27
C GLY KA 60 -52.46 -12.09 96.99
N SER KA 61 -51.15 -12.35 97.08
CA SER KA 61 -50.30 -12.29 95.89
C SER KA 61 -50.72 -13.33 94.86
N LYS KA 62 -50.90 -14.58 95.30
CA LYS KA 62 -51.44 -15.59 94.40
C LYS KA 62 -52.85 -15.21 93.96
N PHE KA 63 -53.66 -14.68 94.87
CA PHE KA 63 -54.97 -14.20 94.47
C PHE KA 63 -54.87 -13.01 93.52
N ASN KA 64 -53.87 -12.15 93.69
CA ASN KA 64 -53.71 -11.03 92.77
C ASN KA 64 -53.38 -11.52 91.36
N GLU KA 65 -52.48 -12.51 91.25
CA GLU KA 65 -52.18 -13.08 89.94
C GLU KA 65 -53.41 -13.76 89.34
N LYS KA 66 -54.15 -14.51 90.17
CA LYS KA 66 -55.37 -15.16 89.67
C LYS KA 66 -56.41 -14.13 89.27
N LEU KA 67 -56.47 -12.99 89.96
CA LEU KA 67 -57.42 -11.94 89.60
C LEU KA 67 -57.04 -11.28 88.29
N ASP KA 68 -55.74 -11.05 88.06
CA ASP KA 68 -55.30 -10.54 86.77
C ASP KA 68 -55.66 -11.52 85.66
N ASP KA 69 -55.42 -12.82 85.89
CA ASP KA 69 -55.73 -13.83 84.89
C ASP KA 69 -57.23 -13.89 84.62
N PHE KA 70 -58.05 -13.81 85.68
CA PHE KA 70 -59.50 -13.82 85.51
C PHE KA 70 -59.97 -12.59 84.74
N ALA KA 71 -59.39 -11.42 85.04
CA ALA KA 71 -59.78 -10.20 84.36
C ALA KA 71 -59.46 -10.30 82.87
N GLU KA 72 -58.25 -10.73 82.53
CA GLU KA 72 -57.90 -10.83 81.12
C GLU KA 72 -58.73 -11.92 80.42
N LYS KA 73 -59.01 -13.02 81.12
CA LYS KA 73 -59.82 -14.08 80.52
C LYS KA 73 -61.24 -13.62 80.24
N VAL KA 74 -61.86 -12.89 81.17
CA VAL KA 74 -63.22 -12.43 80.93
C VAL KA 74 -63.24 -11.32 79.89
N VAL KA 75 -62.19 -10.49 79.84
CA VAL KA 75 -62.14 -9.45 78.81
C VAL KA 75 -62.03 -10.08 77.42
N HIS KA 76 -61.18 -11.10 77.28
CA HIS KA 76 -60.95 -11.72 75.98
C HIS KA 76 -61.96 -12.82 75.66
N LEU KA 77 -62.82 -13.20 76.59
CA LEU KA 77 -63.74 -14.31 76.40
C LEU KA 77 -65.16 -13.86 76.04
N GLY KA 78 -65.51 -12.60 76.30
CA GLY KA 78 -66.85 -12.13 76.01
C GLY KA 78 -67.53 -11.46 77.20
N TRP KA 79 -66.75 -11.03 78.17
CA TRP KA 79 -67.26 -10.32 79.35
C TRP KA 79 -66.50 -9.01 79.47
N PRO KA 80 -66.86 -8.00 78.67
CA PRO KA 80 -66.16 -6.72 78.74
C PRO KA 80 -66.43 -5.97 80.02
N ILE KA 81 -65.87 -4.76 80.14
CA ILE KA 81 -66.04 -3.96 81.35
C ILE KA 81 -67.51 -3.67 81.60
N HIS KA 82 -68.30 -3.51 80.54
CA HIS KA 82 -69.74 -3.33 80.72
C HIS KA 82 -70.37 -4.57 81.33
N PHE KA 83 -69.99 -5.75 80.86
CA PHE KA 83 -70.52 -6.99 81.43
C PHE KA 83 -70.08 -7.18 82.88
N VAL KA 84 -68.83 -6.83 83.19
CA VAL KA 84 -68.35 -6.95 84.56
C VAL KA 84 -69.08 -5.96 85.47
N THR KA 85 -69.40 -4.77 84.97
CA THR KA 85 -70.17 -3.81 85.75
C THR KA 85 -71.58 -4.30 86.00
N THR KA 86 -72.22 -4.88 84.98
CA THR KA 86 -73.53 -5.50 85.19
C THR KA 86 -73.44 -6.63 86.21
N GLY KA 87 -72.37 -7.42 86.15
CA GLY KA 87 -72.18 -8.49 87.12
C GLY KA 87 -72.04 -7.96 88.54
N LEU KA 88 -71.30 -6.85 88.70
CA LEU KA 88 -71.19 -6.22 90.02
C LEU KA 88 -72.54 -5.73 90.51
N ARG KA 89 -73.32 -5.12 89.61
CA ARG KA 89 -74.64 -4.61 89.98
C ARG KA 89 -75.55 -5.75 90.45
N VAL KA 90 -75.57 -6.86 89.71
CA VAL KA 90 -76.42 -7.98 90.11
C VAL KA 90 -75.86 -8.68 91.33
N PHE KA 91 -74.54 -8.70 91.51
CA PHE KA 91 -73.94 -9.15 92.77
C PHE KA 91 -74.52 -8.38 93.94
N GLY KA 92 -74.50 -7.05 93.85
CA GLY KA 92 -75.04 -6.24 94.93
C GLY KA 92 -76.51 -6.49 95.16
N LEU KA 93 -77.29 -6.58 94.08
CA LEU KA 93 -78.72 -6.83 94.20
C LEU KA 93 -79.00 -8.14 94.94
N LEU KA 94 -78.32 -9.22 94.53
CA LEU KA 94 -78.61 -10.51 95.11
C LEU KA 94 -78.02 -10.66 96.50
N VAL KA 95 -76.92 -9.97 96.82
CA VAL KA 95 -76.45 -9.95 98.20
C VAL KA 95 -77.44 -9.20 99.08
N TYR KA 96 -78.05 -8.14 98.54
CA TYR KA 96 -79.08 -7.39 99.27
C TYR KA 96 -80.28 -8.29 99.56
N THR KA 97 -80.72 -9.04 98.55
CA THR KA 97 -81.82 -9.99 98.78
C THR KA 97 -81.40 -11.08 99.76
N ALA KA 98 -80.14 -11.52 99.68
CA ALA KA 98 -79.65 -12.57 100.57
C ALA KA 98 -79.69 -12.12 102.02
N MET KA 99 -79.20 -10.92 102.31
CA MET KA 99 -79.31 -10.42 103.68
C MET KA 99 -80.77 -10.24 104.08
N ARG KA 100 -81.61 -9.74 103.18
CA ARG KA 100 -83.03 -9.62 103.51
C ARG KA 100 -83.67 -10.97 103.80
N ASP KA 101 -83.04 -12.06 103.34
CA ASP KA 101 -83.48 -13.41 103.71
C ASP KA 101 -82.59 -14.03 104.78
N GLU KA 102 -81.28 -14.04 104.57
CA GLU KA 102 -80.37 -14.73 105.49
C GLU KA 102 -80.11 -13.92 106.75
N ASP KA 103 -79.63 -12.68 106.60
CA ASP KA 103 -79.35 -11.77 107.71
C ASP KA 103 -78.27 -12.35 108.65
N LEU KA 104 -77.10 -12.61 108.07
CA LEU KA 104 -75.95 -13.13 108.80
C LEU KA 104 -74.74 -12.26 108.51
N PHE KA 105 -74.27 -11.51 109.51
CA PHE KA 105 -73.18 -10.56 109.33
C PHE KA 105 -71.94 -10.94 110.13
N LEU KA 106 -70.96 -10.03 110.10
CA LEU KA 106 -69.69 -10.24 110.78
C LEU KA 106 -69.89 -10.37 112.29
N LYS KA 107 -70.40 -9.31 112.92
CA LYS KA 107 -70.61 -9.31 114.36
C LYS KA 107 -71.92 -10.04 114.68
N ARG KA 108 -71.80 -11.15 115.41
CA ARG KA 108 -72.98 -11.93 115.78
C ARG KA 108 -73.79 -11.17 116.82
N GLU KA 109 -75.08 -10.99 116.54
CA GLU KA 109 -75.98 -10.27 117.44
C GLU KA 109 -77.41 -10.58 117.00
N GLU KA 110 -78.37 -10.10 117.80
CA GLU KA 110 -79.77 -10.31 117.46
C GLU KA 110 -80.12 -9.65 116.12
N LYS KA 111 -79.65 -8.43 115.91
CA LYS KA 111 -79.79 -7.74 114.63
C LYS KA 111 -78.63 -6.76 114.47
N PRO KA 112 -77.65 -7.09 113.63
CA PRO KA 112 -76.51 -6.20 113.44
C PRO KA 112 -76.94 -4.89 112.79
N GLU KA 113 -76.22 -3.82 113.12
CA GLU KA 113 -76.54 -2.49 112.63
C GLU KA 113 -75.93 -2.29 111.23
N ASP KA 114 -75.91 -1.03 110.78
CA ASP KA 114 -75.51 -0.71 109.42
C ASP KA 114 -74.01 -0.57 109.23
N ASP KA 115 -73.22 -0.66 110.30
CA ASP KA 115 -71.77 -0.54 110.15
C ASP KA 115 -71.22 -1.69 109.31
N ALA KA 116 -71.52 -2.92 109.71
CA ALA KA 116 -71.12 -4.07 108.89
C ALA KA 116 -71.86 -4.10 107.56
N TYR KA 117 -73.09 -3.58 107.56
CA TYR KA 117 -73.85 -3.40 106.33
C TYR KA 117 -73.00 -2.73 105.26
N TYR KA 118 -72.47 -1.54 105.58
CA TYR KA 118 -71.68 -0.83 104.58
C TYR KA 118 -70.23 -1.30 104.53
N ARG KA 119 -69.74 -1.99 105.56
CA ARG KA 119 -68.43 -2.62 105.43
C ARG KA 119 -68.43 -3.67 104.33
N PHE KA 120 -69.55 -4.41 104.21
CA PHE KA 120 -69.70 -5.34 103.10
C PHE KA 120 -69.58 -4.63 101.76
N GLU KA 121 -70.25 -3.48 101.61
CA GLU KA 121 -70.22 -2.77 100.34
C GLU KA 121 -68.84 -2.17 100.07
N THR KA 122 -68.16 -1.69 101.12
CA THR KA 122 -66.79 -1.20 100.94
C THR KA 122 -65.86 -2.31 100.48
N TRP KA 123 -66.00 -3.51 101.06
CA TRP KA 123 -65.17 -4.63 100.62
C TRP KA 123 -65.48 -5.01 99.18
N LEU KA 124 -66.77 -5.01 98.80
CA LEU KA 124 -67.12 -5.30 97.41
C LEU KA 124 -66.55 -4.25 96.47
N SER KA 125 -66.60 -2.98 96.88
CA SER KA 125 -66.01 -1.90 96.08
C SER KA 125 -64.51 -2.09 95.92
N SER KA 126 -63.83 -2.52 96.99
CA SER KA 126 -62.40 -2.79 96.89
C SER KA 126 -62.12 -3.95 95.94
N MET KA 127 -62.97 -4.99 95.99
CA MET KA 127 -62.81 -6.13 95.08
C MET KA 127 -62.93 -5.66 93.63
N TYR KA 128 -63.95 -4.86 93.34
CA TYR KA 128 -64.13 -4.36 91.99
C TYR KA 128 -63.03 -3.38 91.60
N ASN KA 129 -62.49 -2.63 92.56
CA ASN KA 129 -61.35 -1.77 92.29
C ASN KA 129 -60.14 -2.59 91.85
N LYS KA 130 -59.89 -3.71 92.54
CA LYS KA 130 -58.81 -4.59 92.12
C LYS KA 130 -59.09 -5.17 90.73
N VAL KA 131 -60.35 -5.52 90.46
CA VAL KA 131 -60.70 -6.08 89.15
C VAL KA 131 -60.42 -5.06 88.05
N VAL KA 132 -60.88 -3.83 88.22
CA VAL KA 132 -60.69 -2.82 87.18
C VAL KA 132 -59.23 -2.41 87.07
N THR KA 133 -58.49 -2.40 88.18
CA THR KA 133 -57.06 -2.14 88.10
C THR KA 133 -56.35 -3.21 87.28
N ALA KA 134 -56.70 -4.49 87.49
CA ALA KA 134 -56.15 -5.56 86.67
C ALA KA 134 -56.55 -5.38 85.21
N TYR KA 135 -57.78 -4.97 84.96
CA TYR KA 135 -58.25 -4.76 83.59
C TYR KA 135 -57.44 -3.66 82.89
N ALA KA 136 -57.12 -2.59 83.62
CA ALA KA 136 -56.44 -1.43 83.04
C ALA KA 136 -54.92 -1.46 83.20
N ASP KA 137 -54.36 -2.51 83.80
CA ASP KA 137 -52.91 -2.56 83.98
C ASP KA 137 -52.18 -2.66 82.65
N THR KA 138 -52.63 -3.55 81.77
CA THR KA 138 -51.87 -3.89 80.57
C THR KA 138 -52.46 -3.38 79.27
N TRP KA 139 -53.74 -2.97 79.26
CA TRP KA 139 -54.34 -2.51 78.01
C TRP KA 139 -53.66 -1.23 77.52
N GLU KA 140 -53.37 -0.31 78.42
CA GLU KA 140 -52.62 0.89 78.02
C GLU KA 140 -51.21 0.53 77.59
N LYS KA 141 -50.62 -0.53 78.16
CA LYS KA 141 -49.29 -0.95 77.75
C LYS KA 141 -49.29 -1.43 76.30
N THR KA 142 -50.26 -2.26 75.92
CA THR KA 142 -50.32 -2.73 74.53
C THR KA 142 -50.74 -1.60 73.60
N VAL KA 143 -51.53 -0.64 74.08
CA VAL KA 143 -51.81 0.55 73.28
C VAL KA 143 -50.51 1.32 73.02
N SER KA 144 -49.67 1.45 74.03
CA SER KA 144 -48.39 2.14 73.85
C SER KA 144 -47.50 1.40 72.87
N ILE KA 145 -47.44 0.06 72.97
CA ILE KA 145 -46.55 -0.68 72.07
C ILE KA 145 -47.07 -0.64 70.63
N GLN KA 146 -48.39 -0.68 70.44
CA GLN KA 146 -48.90 -0.58 69.08
C GLN KA 146 -48.72 0.83 68.52
N LYS KA 147 -48.80 1.86 69.37
CA LYS KA 147 -48.48 3.21 68.92
C LYS KA 147 -47.00 3.32 68.52
N SER KA 148 -46.12 2.69 69.30
CA SER KA 148 -44.70 2.68 68.94
C SER KA 148 -44.47 1.96 67.62
N ALA KA 149 -45.15 0.84 67.41
CA ALA KA 149 -45.04 0.13 66.13
C ALA KA 149 -45.55 0.98 64.98
N LEU KA 150 -46.67 1.70 65.20
CA LEU KA 150 -47.20 2.57 64.17
C LEU KA 150 -46.22 3.70 63.82
N GLN KA 151 -45.58 4.27 64.83
CA GLN KA 151 -44.69 5.39 64.57
C GLN KA 151 -43.37 4.94 63.98
N GLU KA 152 -42.88 3.75 64.33
CA GLU KA 152 -41.62 3.28 63.78
C GLU KA 152 -41.75 2.81 62.33
N LEU KA 153 -42.94 2.41 61.92
CA LEU KA 153 -43.21 1.97 60.55
C LEU KA 153 -43.65 3.12 59.66
N SER KA 154 -43.42 4.36 60.07
CA SER KA 154 -43.96 5.50 59.33
C SER KA 154 -43.14 5.80 58.08
N ALA KA 155 -41.86 6.13 58.25
CA ALA KA 155 -41.00 6.56 57.16
C ALA KA 155 -39.73 5.74 57.15
N PRO KA 156 -39.77 4.53 56.59
CA PRO KA 156 -38.56 3.72 56.48
C PRO KA 156 -37.72 4.19 55.30
N LEU KA 157 -36.64 4.92 55.59
CA LEU KA 157 -35.69 5.30 54.56
C LEU KA 157 -34.69 4.20 54.27
N LEU KA 158 -34.72 3.12 55.05
CA LEU KA 158 -33.81 2.00 54.84
C LEU KA 158 -33.75 1.52 53.40
N PRO KA 159 -34.83 1.54 52.60
CA PRO KA 159 -34.65 1.34 51.15
C PRO KA 159 -33.63 2.31 50.59
N ILE KA 160 -32.49 1.78 50.14
CA ILE KA 160 -31.36 2.59 49.71
C ILE KA 160 -30.75 1.95 48.48
N PHE KA 161 -30.37 2.77 47.51
CA PHE KA 161 -29.65 2.36 46.31
C PHE KA 161 -28.31 3.08 46.29
N GLU KA 162 -27.51 2.82 45.26
CA GLU KA 162 -26.21 3.46 45.13
C GLU KA 162 -26.39 4.96 44.91
N LYS KA 163 -26.07 5.74 45.94
CA LYS KA 163 -26.21 7.20 45.93
C LYS KA 163 -27.65 7.63 45.68
N ILE KA 164 -28.61 6.74 45.88
CA ILE KA 164 -30.03 7.02 45.71
C ILE KA 164 -30.75 6.57 46.96
N SER KA 165 -31.71 7.36 47.42
CA SER KA 165 -32.53 7.01 48.56
C SER KA 165 -34.00 7.12 48.20
N VAL KA 166 -34.80 6.24 48.79
CA VAL KA 166 -36.25 6.22 48.54
C VAL KA 166 -36.96 5.90 49.84
N MET KA 167 -38.05 6.61 50.11
CA MET KA 167 -38.82 6.44 51.32
C MET KA 167 -40.27 6.17 50.97
N PRO KA 168 -40.76 4.95 51.12
CA PRO KA 168 -42.16 4.66 50.80
C PRO KA 168 -43.09 4.88 51.99
N LEU KA 169 -44.16 5.64 51.78
CA LEU KA 169 -45.20 5.82 52.79
C LEU KA 169 -46.53 5.44 52.19
N ILE KA 170 -47.29 4.62 52.92
CA ILE KA 170 -48.54 4.07 52.39
C ILE KA 170 -49.73 4.29 53.31
N GLY KA 171 -49.56 4.44 54.61
CA GLY KA 171 -50.70 4.64 55.48
C GLY KA 171 -51.18 6.07 55.50
N THR KA 172 -52.46 6.24 55.83
CA THR KA 172 -53.03 7.57 55.93
C THR KA 172 -52.36 8.35 57.05
N ILE KA 173 -52.04 9.61 56.78
CA ILE KA 173 -51.22 10.41 57.68
C ILE KA 173 -51.99 11.63 58.14
N ASP KA 174 -51.72 12.05 59.37
CA ASP KA 174 -52.28 13.25 59.98
C ASP KA 174 -51.14 14.20 60.33
N THR KA 175 -51.47 15.26 61.08
CA THR KA 175 -50.45 16.26 61.40
C THR KA 175 -49.29 15.66 62.19
N GLU KA 176 -49.59 14.81 63.18
CA GLU KA 176 -48.51 14.15 63.91
C GLU KA 176 -47.74 13.21 63.00
N ARG KA 177 -48.46 12.43 62.17
CA ARG KA 177 -47.78 11.56 61.22
C ARG KA 177 -46.96 12.36 60.22
N ALA KA 178 -47.48 13.50 59.76
CA ALA KA 178 -46.73 14.34 58.83
C ALA KA 178 -45.45 14.86 59.47
N LYS KA 179 -45.53 15.31 60.72
CA LYS KA 179 -44.34 15.77 61.43
C LYS KA 179 -43.33 14.65 61.58
N LEU KA 180 -43.80 13.46 61.93
CA LEU KA 180 -42.90 12.32 62.05
C LEU KA 180 -42.25 11.98 60.72
N ILE KA 181 -43.02 12.04 59.63
CA ILE KA 181 -42.50 11.71 58.31
C ILE KA 181 -41.40 12.69 57.92
N ILE KA 182 -41.67 14.00 58.08
CA ILE KA 182 -40.68 14.99 57.67
C ILE KA 182 -39.44 14.88 58.54
N GLU KA 183 -39.61 14.67 59.85
CA GLU KA 183 -38.45 14.57 60.73
C GLU KA 183 -37.62 13.34 60.40
N ASN KA 184 -38.28 12.20 60.17
CA ASN KA 184 -37.55 10.98 59.85
C ASN KA 184 -36.82 11.10 58.52
N LEU KA 185 -37.48 11.67 57.50
CA LEU KA 185 -36.83 11.87 56.23
C LEU KA 185 -35.61 12.78 56.36
N LEU KA 186 -35.76 13.87 57.11
CA LEU KA 186 -34.65 14.79 57.28
C LEU KA 186 -33.49 14.15 58.04
N ILE KA 187 -33.78 13.42 59.11
CA ILE KA 187 -32.70 12.81 59.88
C ILE KA 187 -32.03 11.70 59.07
N GLY KA 188 -32.80 10.98 58.27
CA GLY KA 188 -32.19 9.99 57.40
C GLY KA 188 -31.29 10.61 56.36
N VAL KA 189 -31.76 11.66 55.69
CA VAL KA 189 -30.99 12.25 54.62
C VAL KA 189 -29.77 12.98 55.17
N VAL KA 190 -29.81 13.44 56.42
CA VAL KA 190 -28.61 14.02 57.00
C VAL KA 190 -27.69 12.93 57.52
N LYS KA 191 -28.21 11.74 57.82
CA LYS KA 191 -27.35 10.65 58.29
C LYS KA 191 -26.57 10.03 57.13
N ASN KA 192 -27.27 9.45 56.17
CA ASN KA 192 -26.62 8.79 55.05
C ASN KA 192 -26.55 9.74 53.85
N ARG KA 193 -25.59 9.48 52.96
CA ARG KA 193 -25.39 10.32 51.80
C ARG KA 193 -26.30 9.91 50.66
N SER KA 194 -26.79 10.89 49.91
CA SER KA 194 -27.69 10.64 48.79
C SER KA 194 -27.66 11.84 47.87
N GLU KA 195 -28.15 11.65 46.65
CA GLU KA 195 -28.30 12.73 45.69
C GLU KA 195 -29.76 13.03 45.37
N VAL KA 196 -30.62 12.02 45.34
CA VAL KA 196 -32.05 12.23 45.15
C VAL KA 196 -32.78 11.43 46.21
N VAL KA 197 -34.00 11.87 46.51
CA VAL KA 197 -34.87 11.20 47.47
C VAL KA 197 -36.23 11.06 46.82
N LEU KA 198 -36.73 9.83 46.72
CA LEU KA 198 -38.02 9.54 46.12
C LEU KA 198 -39.02 9.23 47.21
N ILE KA 199 -40.08 10.01 47.28
CA ILE KA 199 -41.15 9.81 48.25
C ILE KA 199 -42.32 9.15 47.52
N ASP KA 200 -42.64 7.93 47.92
CA ASP KA 200 -43.73 7.16 47.30
C ASP KA 200 -45.02 7.59 47.97
N ILE KA 201 -45.73 8.53 47.34
CA ILE KA 201 -47.03 8.96 47.86
C ILE KA 201 -48.15 8.01 47.49
N THR KA 202 -47.92 7.12 46.52
CA THR KA 202 -48.94 6.14 46.15
C THR KA 202 -49.25 5.24 47.33
N GLY KA 203 -50.53 5.12 47.64
CA GLY KA 203 -50.95 4.31 48.78
C GLY KA 203 -51.83 5.08 49.72
N VAL KA 204 -51.58 6.38 49.86
CA VAL KA 204 -52.34 7.25 50.74
C VAL KA 204 -53.56 7.75 49.98
N PRO KA 205 -54.78 7.42 50.39
CA PRO KA 205 -55.96 7.83 49.63
C PRO KA 205 -56.17 9.33 49.56
N VAL KA 206 -56.25 9.99 50.71
CA VAL KA 206 -56.55 11.42 50.78
C VAL KA 206 -55.68 12.03 51.89
N VAL KA 207 -55.18 13.24 51.63
CA VAL KA 207 -54.43 13.99 52.62
C VAL KA 207 -55.10 15.33 52.85
N ASP KA 208 -54.91 15.88 54.04
CA ASP KA 208 -55.41 17.20 54.37
C ASP KA 208 -54.57 18.27 53.68
N THR KA 209 -55.15 19.46 53.57
CA THR KA 209 -54.45 20.57 52.91
C THR KA 209 -53.17 20.92 53.64
N MET KA 210 -53.23 21.02 54.97
CA MET KA 210 -52.03 21.30 55.75
C MET KA 210 -51.01 20.18 55.63
N VAL KA 211 -51.47 18.94 55.50
CA VAL KA 211 -50.54 17.82 55.32
C VAL KA 211 -49.81 17.96 53.99
N ALA KA 212 -50.52 18.29 52.92
CA ALA KA 212 -49.87 18.49 51.64
C ALA KA 212 -48.92 19.68 51.68
N HIS KA 213 -49.29 20.73 52.40
CA HIS KA 213 -48.39 21.87 52.57
C HIS KA 213 -47.10 21.44 53.27
N HIS KA 214 -47.21 20.63 54.31
CA HIS KA 214 -46.02 20.13 54.98
C HIS KA 214 -45.19 19.24 54.05
N ILE KA 215 -45.85 18.45 53.19
CA ILE KA 215 -45.10 17.61 52.26
C ILE KA 215 -44.31 18.47 51.28
N ILE KA 216 -44.94 19.53 50.76
CA ILE KA 216 -44.22 20.43 49.85
C ILE KA 216 -43.08 21.12 50.57
N GLN KA 217 -43.31 21.54 51.82
CA GLN KA 217 -42.24 22.16 52.59
C GLN KA 217 -41.10 21.20 52.83
N ALA KA 218 -41.41 19.93 53.10
CA ALA KA 218 -40.36 18.92 53.28
C ALA KA 218 -39.58 18.71 52.01
N SER KA 219 -40.26 18.68 50.86
CA SER KA 219 -39.56 18.55 49.59
C SER KA 219 -38.61 19.72 49.37
N GLU KA 220 -39.08 20.93 49.64
CA GLU KA 220 -38.21 22.09 49.48
C GLU KA 220 -37.04 22.06 50.46
N ALA KA 221 -37.30 21.63 51.69
CA ALA KA 221 -36.23 21.58 52.69
C ALA KA 221 -35.16 20.55 52.31
N VAL KA 222 -35.58 19.38 51.83
CA VAL KA 222 -34.59 18.37 51.45
C VAL KA 222 -33.88 18.78 50.17
N ARG KA 223 -34.55 19.55 49.31
CA ARG KA 223 -33.83 20.19 48.21
C ARG KA 223 -32.76 21.13 48.75
N LEU KA 224 -33.11 21.91 49.78
CA LEU KA 224 -32.15 22.83 50.38
C LEU KA 224 -30.95 22.09 50.94
N VAL KA 225 -31.19 20.96 51.62
CA VAL KA 225 -30.08 20.19 52.17
C VAL KA 225 -29.13 19.75 51.05
N GLY KA 226 -29.65 19.56 49.84
CA GLY KA 226 -28.82 19.22 48.71
C GLY KA 226 -29.23 17.95 48.00
N CYS KA 227 -30.49 17.56 48.14
CA CYS KA 227 -31.00 16.32 47.55
C CYS KA 227 -32.34 16.63 46.88
N GLN KA 228 -32.43 16.32 45.58
CA GLN KA 228 -33.67 16.51 44.85
C GLN KA 228 -34.74 15.56 45.37
N ALA KA 229 -35.97 16.07 45.48
CA ALA KA 229 -37.10 15.30 45.99
C ALA KA 229 -38.06 15.05 44.83
N MET KA 230 -38.12 13.81 44.38
CA MET KA 230 -39.03 13.42 43.30
C MET KA 230 -40.25 12.75 43.91
N LEU KA 231 -41.32 13.53 44.07
CA LEU KA 231 -42.58 12.99 44.57
C LEU KA 231 -43.15 12.02 43.54
N VAL KA 232 -43.07 10.73 43.81
CA VAL KA 232 -43.40 9.70 42.82
C VAL KA 232 -44.76 9.14 43.12
N GLY KA 233 -45.65 9.16 42.13
CA GLY KA 233 -46.93 8.50 42.22
C GLY KA 233 -47.96 9.22 43.05
N ILE KA 234 -48.32 10.43 42.66
CA ILE KA 234 -49.32 11.21 43.36
C ILE KA 234 -50.70 10.85 42.81
N ARG KA 235 -51.63 10.56 43.70
CA ARG KA 235 -52.99 10.26 43.28
C ARG KA 235 -53.66 11.53 42.75
N PRO KA 236 -54.70 11.38 41.92
CA PRO KA 236 -55.38 12.59 41.41
C PRO KA 236 -55.97 13.47 42.49
N GLU KA 237 -56.47 12.89 43.58
CA GLU KA 237 -57.13 13.71 44.61
C GLU KA 237 -56.12 14.51 45.42
N ILE KA 238 -54.97 13.91 45.75
CA ILE KA 238 -53.92 14.68 46.40
C ILE KA 238 -53.42 15.77 45.46
N ALA KA 239 -53.38 15.49 44.16
CA ALA KA 239 -53.06 16.53 43.19
C ALA KA 239 -54.06 17.66 43.26
N GLN KA 240 -55.35 17.32 43.40
CA GLN KA 240 -56.38 18.34 43.55
C GLN KA 240 -56.13 19.19 44.79
N THR KA 241 -55.85 18.54 45.91
CA THR KA 241 -55.61 19.28 47.15
C THR KA 241 -54.40 20.19 47.03
N ILE KA 242 -53.33 19.67 46.41
CA ILE KA 242 -52.11 20.47 46.25
C ILE KA 242 -52.36 21.68 45.37
N VAL KA 243 -53.09 21.49 44.27
CA VAL KA 243 -53.36 22.61 43.38
C VAL KA 243 -54.25 23.65 44.05
N ASN KA 244 -55.31 23.20 44.72
CA ASN KA 244 -56.17 24.14 45.45
C ASN KA 244 -55.44 24.82 46.60
N LEU KA 245 -54.33 24.23 47.07
CA LEU KA 245 -53.51 24.91 48.06
C LEU KA 245 -52.94 26.20 47.51
N GLY KA 246 -52.60 26.23 46.22
CA GLY KA 246 -52.11 27.43 45.58
C GLY KA 246 -50.63 27.69 45.75
N ILE KA 247 -49.90 26.83 46.46
CA ILE KA 247 -48.47 27.03 46.63
C ILE KA 247 -47.76 26.81 45.29
N GLU KA 248 -46.54 27.36 45.19
CA GLU KA 248 -45.79 27.29 43.95
C GLU KA 248 -45.29 25.86 43.70
N LEU KA 249 -45.40 25.40 42.46
CA LEU KA 249 -45.22 23.99 42.13
C LEU KA 249 -44.34 23.79 40.90
N ASP KA 250 -43.19 24.45 40.84
CA ASP KA 250 -42.30 24.25 39.70
C ASP KA 250 -41.12 23.32 40.02
N GLN KA 251 -40.59 23.38 41.24
CA GLN KA 251 -39.39 22.61 41.56
C GLN KA 251 -39.71 21.13 41.64
N ILE KA 252 -40.87 20.77 42.18
CA ILE KA 252 -41.19 19.38 42.46
C ILE KA 252 -41.28 18.59 41.15
N ILE KA 253 -40.37 17.65 40.97
CA ILE KA 253 -40.38 16.74 39.83
C ILE KA 253 -41.16 15.50 40.22
N THR KA 254 -42.16 15.14 39.42
CA THR KA 254 -43.04 14.03 39.76
C THR KA 254 -43.11 13.03 38.61
N THR KA 255 -43.21 11.76 38.96
CA THR KA 255 -43.45 10.68 38.02
C THR KA 255 -44.51 9.76 38.59
N ASN KA 256 -45.33 9.18 37.72
CA ASN KA 256 -46.48 8.42 38.18
C ASN KA 256 -46.12 6.99 38.61
N THR KA 257 -44.94 6.50 38.26
CA THR KA 257 -44.54 5.13 38.60
C THR KA 257 -43.16 5.13 39.24
N MET KA 258 -42.96 4.20 40.17
CA MET KA 258 -41.67 4.10 40.84
C MET KA 258 -40.56 3.70 39.89
N LYS KA 259 -40.88 2.87 38.88
CA LYS KA 259 -39.87 2.53 37.88
C LYS KA 259 -39.42 3.76 37.11
N LYS KA 260 -40.36 4.61 36.72
CA LYS KA 260 -40.00 5.85 36.03
C LYS KA 260 -39.24 6.79 36.96
N GLY KA 261 -39.58 6.80 38.24
CA GLY KA 261 -38.80 7.57 39.20
C GLY KA 261 -37.36 7.08 39.29
N MET KA 262 -37.17 5.76 39.32
CA MET KA 262 -35.81 5.21 39.37
C MET KA 262 -35.04 5.56 38.11
N GLU KA 263 -35.66 5.44 36.94
CA GLU KA 263 -34.92 5.75 35.72
C GLU KA 263 -34.62 7.25 35.64
N ARG KA 264 -35.53 8.10 36.12
CA ARG KA 264 -35.25 9.53 36.16
C ARG KA 264 -34.10 9.84 37.11
N ALA KA 265 -34.06 9.16 38.27
CA ALA KA 265 -32.97 9.36 39.21
C ALA KA 265 -31.64 8.92 38.59
N LEU KA 266 -31.64 7.79 37.89
CA LEU KA 266 -30.43 7.36 37.18
C LEU KA 266 -30.09 8.30 36.03
N ALA KA 267 -31.07 9.04 35.52
CA ALA KA 267 -30.78 10.06 34.51
C ALA KA 267 -30.11 11.28 35.14
N LEU KA 268 -30.58 11.69 36.33
CA LEU KA 268 -29.99 12.84 37.00
C LEU KA 268 -28.53 12.57 37.35
N THR KA 269 -28.26 11.43 37.97
CA THR KA 269 -26.89 10.97 38.20
C THR KA 269 -26.43 10.32 36.91
N ASN KA 270 -25.80 11.12 36.05
CA ASN KA 270 -25.65 10.77 34.64
C ASN KA 270 -24.97 9.42 34.45
N ARG KA 271 -23.87 9.19 35.16
CA ARG KA 271 -23.11 7.96 34.98
C ARG KA 271 -23.64 6.79 35.81
N GLU KA 272 -24.69 7.01 36.61
CA GLU KA 272 -25.30 5.91 37.34
C GLU KA 272 -26.22 5.06 36.47
N ILE KA 273 -26.55 5.52 35.27
CA ILE KA 273 -27.42 4.73 34.39
C ILE KA 273 -26.70 3.51 33.84
N VAL KA 274 -25.38 3.47 33.91
CA VAL KA 274 -24.62 2.32 33.44
C VAL KA 274 -24.27 1.40 34.59
N MET LA 1 -89.39 6.64 89.03
CA MET LA 1 -89.53 8.08 89.23
C MET LA 1 -88.19 8.71 89.61
N TYR LA 2 -87.90 9.88 89.03
CA TYR LA 2 -86.64 10.57 89.27
C TYR LA 2 -86.82 11.96 89.86
N LYS LA 3 -88.06 12.42 90.07
CA LYS LA 3 -88.27 13.76 90.60
C LYS LA 3 -87.78 13.87 92.05
N ASP LA 4 -88.20 12.94 92.90
CA ASP LA 4 -87.73 12.95 94.28
C ASP LA 4 -86.25 12.65 94.37
N PHE LA 5 -85.72 11.87 93.42
CA PHE LA 5 -84.28 11.66 93.36
C PHE LA 5 -83.56 12.98 93.16
N ALA LA 6 -84.06 13.83 92.25
CA ALA LA 6 -83.46 15.15 92.06
C ALA LA 6 -83.66 16.02 93.30
N ASN LA 7 -84.81 15.88 93.96
CA ASN LA 7 -85.06 16.65 95.18
C ASN LA 7 -84.02 16.33 96.25
N PHE LA 8 -83.67 15.05 96.39
CA PHE LA 8 -82.62 14.66 97.33
C PHE LA 8 -81.23 15.00 96.80
N ILE LA 9 -81.06 15.01 95.47
CA ILE LA 9 -79.80 15.46 94.88
C ILE LA 9 -79.56 16.94 95.18
N ARG LA 10 -80.64 17.69 95.44
CA ARG LA 10 -80.48 19.10 95.78
C ARG LA 10 -79.58 19.30 97.00
N THR LA 11 -79.46 18.30 97.89
CA THR LA 11 -78.46 18.29 98.94
C THR LA 11 -77.33 17.31 98.68
N ASN LA 12 -77.57 16.26 97.89
CA ASN LA 12 -76.47 15.39 97.50
C ASN LA 12 -75.41 16.13 96.71
N LYS LA 13 -75.72 17.29 96.13
CA LYS LA 13 -74.69 18.05 95.44
C LYS LA 13 -73.61 18.54 96.42
N LYS LA 14 -74.04 19.12 97.54
CA LYS LA 14 -73.08 19.50 98.59
C LYS LA 14 -72.46 18.27 99.22
N ASP LA 15 -73.24 17.20 99.38
CA ASP LA 15 -72.67 15.95 99.91
C ASP LA 15 -71.54 15.45 99.02
N LEU LA 16 -71.72 15.49 97.70
CA LEU LA 16 -70.70 15.04 96.77
C LEU LA 16 -69.55 16.03 96.66
N LEU LA 17 -69.80 17.31 96.91
CA LEU LA 17 -68.69 18.27 97.02
C LEU LA 17 -67.78 17.88 98.18
N ASN LA 18 -68.38 17.61 99.34
CA ASN LA 18 -67.60 17.11 100.48
C ASN LA 18 -66.94 15.78 100.16
N ASN LA 19 -67.61 14.93 99.36
CA ASN LA 19 -67.04 13.65 98.96
C ASN LA 19 -65.78 13.85 98.13
N TRP LA 20 -65.85 14.72 97.11
CA TRP LA 20 -64.69 15.00 96.28
C TRP LA 20 -63.56 15.62 97.10
N MET LA 21 -63.92 16.45 98.07
CA MET LA 21 -62.89 16.96 98.99
C MET LA 21 -62.24 15.82 99.76
N ASN LA 22 -63.03 14.84 100.19
CA ASN LA 22 -62.48 13.70 100.93
C ASN LA 22 -61.62 12.82 100.02
N GLU LA 23 -62.07 12.58 98.79
CA GLU LA 23 -61.36 11.66 97.89
C GLU LA 23 -60.03 12.21 97.41
N MET LA 24 -59.79 13.53 97.55
CA MET LA 24 -58.54 14.13 97.10
C MET LA 24 -57.33 13.69 97.91
N GLU LA 25 -57.54 13.06 99.07
CA GLU LA 25 -56.43 12.69 99.94
C GLU LA 25 -55.65 11.50 99.39
N LYS LA 26 -56.36 10.50 98.86
CA LYS LA 26 -55.77 9.20 98.61
C LYS LA 26 -55.07 9.11 97.24
N GLN LA 27 -55.80 9.35 96.16
CA GLN LA 27 -55.32 9.04 94.82
C GLN LA 27 -55.02 10.31 94.04
N SER LA 28 -53.79 10.41 93.52
CA SER LA 28 -53.38 11.42 92.55
C SER LA 28 -53.74 12.83 93.02
N ASP LA 29 -53.36 13.15 94.25
CA ASP LA 29 -53.59 14.50 94.76
C ASP LA 29 -52.86 15.57 93.96
N PRO LA 30 -51.53 15.49 93.73
CA PRO LA 30 -50.88 16.58 93.01
C PRO LA 30 -51.27 16.67 91.55
N LEU LA 31 -51.40 15.53 90.87
CA LEU LA 31 -51.75 15.55 89.45
C LEU LA 31 -53.11 16.19 89.23
N ILE LA 32 -54.12 15.75 89.98
CA ILE LA 32 -55.46 16.32 89.84
C ILE LA 32 -55.48 17.76 90.31
N ASN LA 33 -54.75 18.08 91.37
CA ASN LA 33 -54.70 19.46 91.85
C ASN LA 33 -54.12 20.40 90.80
N ASP LA 34 -53.15 19.93 90.03
CA ASP LA 34 -52.49 20.78 89.04
C ASP LA 34 -53.28 20.85 87.74
N ILE LA 35 -53.60 19.70 87.15
CA ILE LA 35 -54.17 19.70 85.79
C ILE LA 35 -55.57 20.28 85.79
N ALA LA 36 -56.36 20.02 86.82
CA ALA LA 36 -57.76 20.45 86.87
C ALA LA 36 -58.01 21.21 88.16
N LYS LA 37 -58.43 22.48 88.02
CA LYS LA 37 -58.82 23.24 89.19
C LYS LA 37 -60.07 22.64 89.82
N GLU LA 38 -60.15 22.75 91.16
CA GLU LA 38 -61.28 22.17 91.87
C GLU LA 38 -62.64 22.70 91.43
N PRO LA 39 -62.86 24.00 91.20
CA PRO LA 39 -64.20 24.45 90.82
C PRO LA 39 -64.75 23.81 89.56
N MET LA 40 -63.93 23.64 88.52
CA MET LA 40 -64.45 23.08 87.27
C MET LA 40 -64.82 21.60 87.44
N TYR LA 41 -63.97 20.84 88.14
CA TYR LA 41 -64.30 19.45 88.40
C TYR LA 41 -65.56 19.33 89.24
N GLU LA 42 -65.69 20.20 90.26
CA GLU LA 42 -66.87 20.16 91.11
C GLU LA 42 -68.14 20.48 90.32
N GLU LA 43 -68.09 21.52 89.49
CA GLU LA 43 -69.28 21.89 88.73
C GLU LA 43 -69.64 20.82 87.70
N THR LA 44 -68.64 20.23 87.03
CA THR LA 44 -68.92 19.16 86.09
C THR LA 44 -69.54 17.96 86.81
N SER LA 45 -69.00 17.60 87.98
CA SER LA 45 -69.52 16.46 88.72
C SER LA 45 -70.96 16.70 89.18
N ILE LA 46 -71.24 17.91 89.70
CA ILE LA 46 -72.59 18.17 90.20
C ILE LA 46 -73.58 18.22 89.05
N GLU LA 47 -73.18 18.78 87.91
CA GLU LA 47 -74.07 18.77 86.73
C GLU LA 47 -74.34 17.34 86.26
N PHE LA 48 -73.29 16.50 86.24
CA PHE LA 48 -73.48 15.12 85.81
C PHE LA 48 -74.40 14.37 86.75
N VAL LA 49 -74.28 14.61 88.06
CA VAL LA 49 -75.06 13.85 89.04
C VAL LA 49 -76.45 14.45 89.28
N ASP LA 50 -76.73 15.66 88.82
CA ASP LA 50 -78.09 16.18 88.97
C ASP LA 50 -78.89 16.16 87.67
N LEU LA 51 -78.25 16.13 86.51
CA LEU LA 51 -78.97 16.04 85.25
C LEU LA 51 -79.31 14.60 84.87
N ILE LA 52 -78.84 13.62 85.63
CA ILE LA 52 -79.15 12.22 85.36
C ILE LA 52 -80.61 11.92 85.68
N VAL LA 53 -81.13 12.50 86.77
CA VAL LA 53 -82.47 12.17 87.24
C VAL LA 53 -83.39 13.36 87.03
N SER LA 54 -83.09 14.17 86.01
CA SER LA 54 -83.92 15.31 85.66
C SER LA 54 -84.99 14.99 84.63
N ASN LA 55 -85.07 13.72 84.21
CA ASN LA 55 -86.05 13.28 83.22
C ASN LA 55 -87.04 12.31 83.87
N ILE LA 56 -87.93 11.77 83.04
CA ILE LA 56 -88.99 10.87 83.51
C ILE LA 56 -88.46 9.45 83.37
N THR LA 57 -87.84 8.95 84.45
CA THR LA 57 -87.35 7.57 84.54
C THR LA 57 -86.38 7.22 83.42
N GLU LA 58 -85.73 8.23 82.85
CA GLU LA 58 -84.83 8.02 81.72
C GLU LA 58 -83.78 9.13 81.72
N ASN LA 59 -83.01 9.21 80.64
CA ASN LA 59 -82.05 10.28 80.42
C ASN LA 59 -82.24 10.82 79.01
N GLY LA 60 -82.15 12.14 78.87
CA GLY LA 60 -82.36 12.76 77.58
C GLY LA 60 -81.24 12.45 76.59
N SER LA 61 -81.58 12.56 75.31
CA SER LA 61 -80.59 12.34 74.26
C SER LA 61 -79.45 13.36 74.36
N LYS LA 62 -79.79 14.63 74.62
CA LYS LA 62 -78.75 15.62 74.89
C LYS LA 62 -77.94 15.22 76.12
N PHE LA 63 -78.61 14.76 77.18
CA PHE LA 63 -77.88 14.30 78.34
C PHE LA 63 -77.16 12.99 78.06
N ASN LA 64 -77.65 12.17 77.13
CA ASN LA 64 -76.91 10.97 76.75
C ASN LA 64 -75.57 11.36 76.11
N GLU LA 65 -75.60 12.34 75.21
CA GLU LA 65 -74.36 12.83 74.62
C GLU LA 65 -73.46 13.47 75.67
N LYS LA 66 -74.05 14.22 76.61
CA LYS LA 66 -73.26 14.82 77.67
C LYS LA 66 -72.62 13.76 78.57
N LEU LA 67 -73.34 12.67 78.83
CA LEU LA 67 -72.80 11.57 79.62
C LEU LA 67 -71.65 10.88 78.90
N ASP LA 68 -71.80 10.67 77.60
CA ASP LA 68 -70.70 10.10 76.81
C ASP LA 68 -69.49 11.02 76.82
N ASP LA 69 -69.72 12.33 76.68
CA ASP LA 69 -68.63 13.29 76.72
C ASP LA 69 -67.95 13.31 78.08
N PHE LA 70 -68.74 13.24 79.16
CA PHE LA 70 -68.17 13.19 80.50
C PHE LA 70 -67.34 11.93 80.70
N ALA LA 71 -67.83 10.79 80.22
CA ALA LA 71 -67.10 9.54 80.34
C ALA LA 71 -65.77 9.62 79.61
N GLU LA 72 -65.79 10.05 78.35
CA GLU LA 72 -64.53 10.12 77.61
C GLU LA 72 -63.59 11.17 78.19
N LYS LA 73 -64.14 12.29 78.71
CA LYS LA 73 -63.31 13.32 79.32
C LYS LA 73 -62.62 12.81 80.57
N VAL LA 74 -63.34 12.10 81.43
CA VAL LA 74 -62.70 11.59 82.64
C VAL LA 74 -61.73 10.45 82.29
N VAL LA 75 -62.01 9.69 81.23
CA VAL LA 75 -61.10 8.63 80.82
C VAL LA 75 -59.78 9.22 80.33
N HIS LA 76 -59.85 10.25 79.49
CA HIS LA 76 -58.66 10.81 78.87
C HIS LA 76 -58.08 11.98 79.65
N LEU LA 77 -58.66 12.32 80.80
CA LEU LA 77 -58.19 13.45 81.59
C LEU LA 77 -57.34 13.05 82.79
N GLY LA 78 -57.41 11.79 83.21
CA GLY LA 78 -56.66 11.36 84.38
C GLY LA 78 -57.50 10.63 85.41
N TRP LA 79 -58.65 10.11 84.99
CA TRP LA 79 -59.54 9.33 85.85
C TRP LA 79 -59.83 8.01 85.16
N PRO LA 80 -58.92 7.03 85.27
CA PRO LA 80 -59.16 5.73 84.63
C PRO LA 80 -60.28 4.95 85.30
N ILE LA 81 -60.53 3.73 84.83
CA ILE LA 81 -61.64 2.92 85.34
C ILE LA 81 -61.46 2.65 86.83
N HIS LA 82 -60.21 2.51 87.29
CA HIS LA 82 -59.96 2.36 88.72
C HIS LA 82 -60.37 3.62 89.47
N PHE LA 83 -60.08 4.79 88.90
CA PHE LA 83 -60.50 6.03 89.53
C PHE LA 83 -62.01 6.16 89.53
N VAL LA 84 -62.68 5.68 88.48
CA VAL LA 84 -64.14 5.72 88.46
C VAL LA 84 -64.71 4.78 89.52
N THR LA 85 -64.07 3.63 89.73
CA THR LA 85 -64.54 2.71 90.76
C THR LA 85 -64.31 3.30 92.16
N THR LA 86 -63.19 3.99 92.37
CA THR LA 86 -62.98 4.69 93.63
C THR LA 86 -64.01 5.80 93.82
N GLY LA 87 -64.37 6.48 92.74
CA GLY LA 87 -65.42 7.48 92.80
C GLY LA 87 -66.77 6.87 93.19
N LEU LA 88 -67.08 5.69 92.65
CA LEU LA 88 -68.29 4.99 93.05
C LEU LA 88 -68.25 4.60 94.51
N ARG LA 89 -67.09 4.13 94.99
CA ARG LA 89 -66.96 3.75 96.40
C ARG LA 89 -67.16 4.95 97.32
N VAL LA 90 -66.54 6.08 96.99
CA VAL LA 90 -66.70 7.27 97.83
C VAL LA 90 -68.11 7.85 97.69
N PHE LA 91 -68.74 7.70 96.52
CA PHE LA 91 -70.15 8.01 96.38
C PHE LA 91 -70.97 7.22 97.37
N GLY LA 92 -70.74 5.90 97.43
CA GLY LA 92 -71.44 5.08 98.40
C GLY LA 92 -71.18 5.53 99.82
N LEU LA 93 -69.93 5.84 100.15
CA LEU LA 93 -69.58 6.29 101.49
C LEU LA 93 -70.38 7.52 101.89
N LEU LA 94 -70.34 8.56 101.05
CA LEU LA 94 -70.96 9.82 101.44
C LEU LA 94 -72.48 9.77 101.36
N VAL LA 95 -73.03 9.05 100.38
CA VAL LA 95 -74.48 8.90 100.30
C VAL LA 95 -75.00 8.08 101.47
N TYR LA 96 -74.24 7.06 101.88
CA TYR LA 96 -74.58 6.28 103.07
C TYR LA 96 -74.58 7.14 104.32
N THR LA 97 -73.54 7.96 104.49
CA THR LA 97 -73.49 8.86 105.65
C THR LA 97 -74.65 9.84 105.64
N ALA LA 98 -74.95 10.42 104.46
CA ALA LA 98 -76.05 11.38 104.37
C ALA LA 98 -77.39 10.72 104.67
N MET LA 99 -77.61 9.50 104.16
CA MET LA 99 -78.86 8.80 104.41
C MET LA 99 -78.99 8.45 105.88
N ARG LA 100 -77.89 8.09 106.54
CA ARG LA 100 -77.93 7.89 107.98
C ARG LA 100 -78.21 9.19 108.73
N ASP LA 101 -77.76 10.32 108.18
CA ASP LA 101 -77.95 11.62 108.84
C ASP LA 101 -79.21 12.33 108.34
N GLU LA 102 -79.29 12.59 107.04
CA GLU LA 102 -80.42 13.35 106.51
C GLU LA 102 -81.71 12.55 106.53
N ASP LA 103 -81.64 11.28 106.14
CA ASP LA 103 -82.80 10.38 106.10
C ASP LA 103 -83.92 10.95 105.23
N LEU LA 104 -83.60 11.11 103.94
CA LEU LA 104 -84.55 11.57 102.94
C LEU LA 104 -84.48 10.61 101.76
N PHE LA 105 -85.50 9.76 101.63
CA PHE LA 105 -85.54 8.73 100.61
C PHE LA 105 -86.60 9.07 99.56
N LEU LA 106 -86.81 8.16 98.61
CA LEU LA 106 -87.72 8.40 97.50
C LEU LA 106 -89.15 8.61 98.01
N LYS LA 107 -89.73 7.58 98.60
CA LYS LA 107 -91.14 7.65 99.01
C LYS LA 107 -91.29 8.57 100.23
N ARG LA 108 -92.32 9.40 100.20
CA ARG LA 108 -92.62 10.31 101.30
C ARG LA 108 -93.25 9.50 102.43
N GLU LA 109 -92.45 9.20 103.45
CA GLU LA 109 -92.91 8.40 104.58
C GLU LA 109 -92.03 8.71 105.78
N GLU LA 110 -92.49 8.27 106.96
CA GLU LA 110 -91.71 8.49 108.17
C GLU LA 110 -90.35 7.82 108.08
N LYS LA 111 -90.30 6.59 107.59
CA LYS LA 111 -89.04 5.88 107.37
C LYS LA 111 -89.23 4.86 106.24
N PRO LA 112 -88.85 5.23 105.01
CA PRO LA 112 -88.90 4.26 103.91
C PRO LA 112 -87.96 3.09 104.16
N GLU LA 113 -88.39 1.92 103.69
CA GLU LA 113 -87.65 0.68 103.94
C GLU LA 113 -86.49 0.56 102.97
N ASP LA 114 -85.89 -0.63 102.91
CA ASP LA 114 -84.69 -0.87 102.11
C ASP LA 114 -84.93 -0.78 100.61
N ASP LA 115 -86.18 -0.75 100.16
CA ASP LA 115 -86.49 -0.77 98.74
C ASP LA 115 -85.84 0.41 98.01
N ALA LA 116 -86.26 1.63 98.32
CA ALA LA 116 -85.62 2.80 97.70
C ALA LA 116 -84.19 2.98 98.20
N TYR LA 117 -83.93 2.57 99.44
CA TYR LA 117 -82.59 2.67 100.01
C TYR LA 117 -81.56 1.93 99.16
N TYR LA 118 -81.98 0.90 98.44
CA TYR LA 118 -81.10 0.26 97.47
C TYR LA 118 -81.45 0.57 96.02
N ARG LA 119 -82.64 1.11 95.75
CA ARG LA 119 -82.91 1.60 94.40
C ARG LA 119 -81.98 2.75 94.04
N PHE LA 120 -81.61 3.56 95.04
CA PHE LA 120 -80.56 4.56 94.85
C PHE LA 120 -79.29 3.91 94.30
N GLU LA 121 -78.85 2.83 94.95
CA GLU LA 121 -77.60 2.19 94.54
C GLU LA 121 -77.74 1.45 93.21
N THR LA 122 -78.93 0.91 92.91
CA THR LA 122 -79.15 0.30 91.60
C THR LA 122 -79.03 1.33 90.49
N TRP LA 123 -79.61 2.52 90.72
CA TRP LA 123 -79.48 3.57 89.71
C TRP LA 123 -78.04 4.06 89.60
N LEU LA 124 -77.31 4.11 90.71
CA LEU LA 124 -75.88 4.43 90.63
C LEU LA 124 -75.12 3.38 89.83
N SER LA 125 -75.45 2.10 90.02
CA SER LA 125 -74.79 1.04 89.27
C SER LA 125 -75.10 1.13 87.79
N SER LA 126 -76.34 1.50 87.44
CA SER LA 126 -76.69 1.71 86.03
C SER LA 126 -75.95 2.91 85.46
N MET LA 127 -75.76 3.95 86.27
CA MET LA 127 -74.93 5.08 85.87
C MET LA 127 -73.52 4.62 85.53
N TYR LA 128 -72.96 3.78 86.40
CA TYR LA 128 -71.63 3.22 86.17
C TYR LA 128 -71.60 2.37 84.91
N ASN LA 129 -72.68 1.63 84.65
CA ASN LA 129 -72.77 0.81 83.45
C ASN LA 129 -72.75 1.67 82.19
N LYS LA 130 -73.48 2.79 82.20
CA LYS LA 130 -73.44 3.71 81.07
C LYS LA 130 -72.03 4.27 80.89
N VAL LA 131 -71.39 4.63 82.01
CA VAL LA 131 -70.04 5.18 81.95
C VAL LA 131 -69.07 4.18 81.31
N VAL LA 132 -69.15 2.92 81.74
CA VAL LA 132 -68.21 1.92 81.22
C VAL LA 132 -68.54 1.55 79.77
N THR LA 133 -69.81 1.63 79.36
CA THR LA 133 -70.12 1.41 77.95
C THR LA 133 -69.50 2.50 77.08
N ALA LA 134 -69.63 3.76 77.51
CA ALA LA 134 -68.98 4.84 76.77
C ALA LA 134 -67.46 4.71 76.81
N TYR LA 135 -66.94 4.14 77.91
CA TYR LA 135 -65.52 3.81 77.97
C TYR LA 135 -65.13 2.82 76.88
N ALA LA 136 -65.91 1.74 76.75
CA ALA LA 136 -65.49 0.62 75.92
C ALA LA 136 -65.63 0.92 74.43
N ASP LA 137 -66.71 1.60 74.04
CA ASP LA 137 -67.05 1.67 72.61
C ASP LA 137 -65.93 2.30 71.78
N THR LA 138 -65.66 3.58 72.03
CA THR LA 138 -64.69 4.31 71.20
C THR LA 138 -63.28 3.75 71.34
N TRP LA 139 -62.93 3.26 72.54
CA TRP LA 139 -61.61 2.66 72.72
C TRP LA 139 -61.43 1.42 71.86
N GLU LA 140 -62.45 0.55 71.81
CA GLU LA 140 -62.36 -0.60 70.93
C GLU LA 140 -62.35 -0.18 69.46
N LYS LA 141 -63.09 0.87 69.12
CA LYS LA 141 -63.07 1.37 67.74
C LYS LA 141 -61.66 1.80 67.33
N THR LA 142 -61.00 2.59 68.18
CA THR LA 142 -59.66 3.07 67.82
C THR LA 142 -58.63 1.94 67.86
N VAL LA 143 -58.80 0.96 68.75
CA VAL LA 143 -57.91 -0.19 68.74
C VAL LA 143 -58.06 -0.96 67.43
N SER LA 144 -59.29 -1.13 66.96
CA SER LA 144 -59.50 -1.83 65.70
C SER LA 144 -58.89 -1.07 64.52
N ILE LA 145 -59.07 0.25 64.47
CA ILE LA 145 -58.52 1.00 63.35
C ILE LA 145 -56.99 0.98 63.39
N GLN LA 146 -56.40 1.02 64.59
CA GLN LA 146 -54.96 0.92 64.70
C GLN LA 146 -54.45 -0.45 64.24
N LYS LA 147 -55.18 -1.51 64.60
CA LYS LA 147 -54.79 -2.84 64.14
C LYS LA 147 -54.88 -2.94 62.62
N SER LA 148 -55.91 -2.34 62.02
CA SER LA 148 -56.00 -2.32 60.57
C SER LA 148 -54.83 -1.57 59.96
N ALA LA 149 -54.44 -0.45 60.57
CA ALA LA 149 -53.29 0.32 60.07
C ALA LA 149 -52.01 -0.51 60.13
N LEU LA 150 -51.81 -1.25 61.21
CA LEU LA 150 -50.66 -2.15 61.28
C LEU LA 150 -50.76 -3.25 60.23
N GLN LA 151 -51.97 -3.74 59.96
CA GLN LA 151 -52.14 -4.77 58.93
C GLN LA 151 -51.74 -4.25 57.56
N GLU LA 152 -52.14 -3.02 57.22
CA GLU LA 152 -51.83 -2.50 55.89
C GLU LA 152 -50.37 -2.09 55.77
N LEU LA 153 -49.73 -1.72 56.87
CA LEU LA 153 -48.37 -1.20 56.87
C LEU LA 153 -47.34 -2.27 57.20
N SER LA 154 -47.71 -3.54 57.11
CA SER LA 154 -46.80 -4.60 57.53
C SER LA 154 -45.72 -4.87 56.48
N ALA LA 155 -46.12 -5.31 55.29
CA ALA LA 155 -45.20 -5.73 54.24
C ALA LA 155 -45.56 -5.03 52.94
N PRO LA 156 -45.09 -3.80 52.76
CA PRO LA 156 -45.43 -3.04 51.54
C PRO LA 156 -44.52 -3.42 50.38
N LEU LA 157 -45.08 -4.14 49.41
CA LEU LA 157 -44.36 -4.45 48.18
C LEU LA 157 -44.43 -3.32 47.18
N LEU LA 158 -45.10 -2.22 47.52
CA LEU LA 158 -45.24 -1.10 46.60
C LEU LA 158 -43.91 -0.60 46.03
N PRO LA 159 -42.80 -0.54 46.78
CA PRO LA 159 -41.52 -0.23 46.14
C PRO LA 159 -41.23 -1.22 45.02
N ILE LA 160 -41.13 -0.70 43.80
CA ILE LA 160 -40.98 -1.51 42.60
C ILE LA 160 -39.95 -0.86 41.68
N PHE LA 161 -39.11 -1.69 41.07
CA PHE LA 161 -38.20 -1.29 40.02
C PHE LA 161 -38.58 -2.04 38.73
N GLU LA 162 -37.86 -1.75 37.65
CA GLU LA 162 -38.15 -2.37 36.37
C GLU LA 162 -37.92 -3.88 36.45
N LYS LA 163 -39.01 -4.65 36.47
CA LYS LA 163 -38.96 -6.12 36.55
C LYS LA 163 -38.26 -6.62 37.82
N ILE LA 164 -38.13 -5.77 38.83
CA ILE LA 164 -37.49 -6.14 40.09
C ILE LA 164 -38.29 -5.53 41.23
N SER LA 165 -38.78 -6.37 42.13
CA SER LA 165 -39.52 -5.90 43.29
C SER LA 165 -38.60 -5.81 44.50
N VAL LA 166 -39.09 -5.14 45.54
CA VAL LA 166 -38.38 -5.02 46.81
C VAL LA 166 -39.41 -4.80 47.91
N MET LA 167 -39.25 -5.53 49.01
CA MET LA 167 -40.26 -5.60 50.06
C MET LA 167 -39.61 -5.33 51.40
N PRO LA 168 -39.50 -4.06 51.79
CA PRO LA 168 -38.82 -3.72 53.04
C PRO LA 168 -39.76 -3.86 54.23
N LEU LA 169 -39.32 -4.64 55.22
CA LEU LA 169 -40.06 -4.79 56.47
C LEU LA 169 -39.15 -4.49 57.63
N ILE LA 170 -39.66 -3.74 58.60
CA ILE LA 170 -38.93 -3.37 59.81
C ILE LA 170 -39.84 -3.56 61.01
N GLY LA 171 -39.27 -3.33 62.19
CA GLY LA 171 -40.00 -3.54 63.43
C GLY LA 171 -40.05 -5.02 63.79
N THR LA 172 -40.65 -5.29 64.95
CA THR LA 172 -40.76 -6.64 65.45
C THR LA 172 -41.98 -7.32 64.85
N ILE LA 173 -41.80 -8.53 64.34
CA ILE LA 173 -42.84 -9.28 63.67
C ILE LA 173 -43.11 -10.57 64.43
N ASP LA 174 -44.38 -10.84 64.70
CA ASP LA 174 -44.80 -12.05 65.38
C ASP LA 174 -45.41 -13.02 64.37
N THR LA 175 -45.97 -14.12 64.87
CA THR LA 175 -46.46 -15.18 63.99
C THR LA 175 -47.59 -14.69 63.10
N GLU LA 176 -48.53 -13.94 63.66
CA GLU LA 176 -49.61 -13.38 62.85
C GLU LA 176 -49.05 -12.42 61.81
N ARG LA 177 -48.13 -11.55 62.20
CA ARG LA 177 -47.49 -10.68 61.24
C ARG LA 177 -46.71 -11.48 60.21
N ALA LA 178 -46.10 -12.59 60.62
CA ALA LA 178 -45.38 -13.42 59.66
C ALA LA 178 -46.31 -13.98 58.60
N LYS LA 179 -47.47 -14.49 59.02
CA LYS LA 179 -48.44 -14.99 58.04
C LYS LA 179 -48.93 -13.87 57.13
N LEU LA 180 -49.17 -12.69 57.70
CA LEU LA 180 -49.61 -11.57 56.88
C LEU LA 180 -48.53 -11.19 55.85
N ILE LA 181 -47.28 -11.19 56.28
CA ILE LA 181 -46.16 -10.87 55.39
C ILE LA 181 -46.07 -11.88 54.25
N ILE LA 182 -46.16 -13.17 54.57
CA ILE LA 182 -46.03 -14.17 53.50
C ILE LA 182 -47.21 -14.08 52.54
N GLU LA 183 -48.42 -13.88 53.06
CA GLU LA 183 -49.59 -13.75 52.19
C GLU LA 183 -49.45 -12.54 51.28
N ASN LA 184 -49.03 -11.41 51.85
CA ASN LA 184 -48.89 -10.20 51.05
C ASN LA 184 -47.80 -10.35 50.01
N LEU LA 185 -46.68 -10.98 50.38
CA LEU LA 185 -45.60 -11.20 49.42
C LEU LA 185 -46.05 -12.06 48.25
N LEU LA 186 -46.77 -13.15 48.55
CA LEU LA 186 -47.22 -14.03 47.48
C LEU LA 186 -48.22 -13.33 46.57
N ILE LA 187 -49.21 -12.66 47.16
CA ILE LA 187 -50.22 -11.99 46.33
C ILE LA 187 -49.60 -10.85 45.54
N GLY LA 188 -48.61 -10.16 46.10
CA GLY LA 188 -47.97 -9.09 45.36
C GLY LA 188 -47.12 -9.60 44.22
N VAL LA 189 -46.32 -10.64 44.46
CA VAL LA 189 -45.49 -11.18 43.39
C VAL LA 189 -46.35 -11.79 42.30
N VAL LA 190 -47.55 -12.26 42.63
CA VAL LA 190 -48.48 -12.68 41.59
C VAL LA 190 -49.06 -11.46 40.87
N LYS LA 191 -49.36 -10.40 41.61
CA LYS LA 191 -50.04 -9.24 41.02
C LYS LA 191 -49.21 -8.60 39.93
N ASN LA 192 -47.91 -8.43 40.17
CA ASN LA 192 -47.02 -7.85 39.17
C ASN LA 192 -45.85 -8.79 38.90
N ARG LA 193 -45.43 -8.85 37.64
CA ARG LA 193 -44.32 -9.72 37.27
C ARG LA 193 -43.00 -9.15 37.78
N SER LA 194 -42.18 -10.04 38.33
CA SER LA 194 -40.88 -9.63 38.87
C SER LA 194 -40.00 -10.87 39.01
N GLU LA 195 -38.81 -10.84 38.40
CA GLU LA 195 -37.93 -11.99 38.48
C GLU LA 195 -37.24 -12.10 39.82
N VAL LA 196 -36.96 -10.98 40.48
CA VAL LA 196 -36.22 -10.96 41.74
C VAL LA 196 -37.03 -10.22 42.77
N VAL LA 197 -37.17 -10.80 43.96
CA VAL LA 197 -37.84 -10.16 45.09
C VAL LA 197 -36.83 -10.03 46.21
N LEU LA 198 -36.54 -8.80 46.61
CA LEU LA 198 -35.61 -8.52 47.70
C LEU LA 198 -36.43 -8.14 48.93
N ILE LA 199 -36.47 -9.03 49.90
CA ILE LA 199 -37.15 -8.75 51.17
C ILE LA 199 -36.09 -8.33 52.18
N ASP LA 200 -36.30 -7.16 52.78
CA ASP LA 200 -35.33 -6.59 53.70
C ASP LA 200 -35.60 -7.13 55.11
N ILE LA 201 -34.56 -7.69 55.72
CA ILE LA 201 -34.66 -8.12 57.10
C ILE LA 201 -34.11 -7.07 58.06
N THR LA 202 -33.18 -6.23 57.59
CA THR LA 202 -32.62 -5.18 58.43
C THR LA 202 -33.71 -4.29 58.98
N GLY LA 203 -33.83 -4.26 60.30
CA GLY LA 203 -34.86 -3.48 60.95
C GLY LA 203 -35.51 -4.25 62.08
N VAL LA 204 -35.57 -5.57 61.94
CA VAL LA 204 -36.13 -6.44 62.97
C VAL LA 204 -34.98 -6.92 63.85
N PRO LA 205 -34.99 -6.62 65.15
CA PRO LA 205 -33.87 -7.01 66.01
C PRO LA 205 -33.75 -8.51 66.18
N VAL LA 206 -34.82 -9.15 66.65
CA VAL LA 206 -34.82 -10.58 66.98
C VAL LA 206 -36.00 -11.22 66.29
N VAL LA 207 -35.77 -12.37 65.66
CA VAL LA 207 -36.81 -13.13 64.98
C VAL LA 207 -36.92 -14.49 65.66
N ASP LA 208 -38.14 -14.86 66.02
CA ASP LA 208 -38.38 -16.15 66.66
C ASP LA 208 -38.09 -17.29 65.69
N THR LA 209 -37.91 -18.48 66.25
CA THR LA 209 -37.63 -19.65 65.42
C THR LA 209 -38.78 -19.92 64.46
N MET LA 210 -40.01 -19.82 64.94
CA MET LA 210 -41.17 -20.11 64.08
C MET LA 210 -41.28 -19.07 62.98
N VAL LA 211 -41.03 -17.80 63.31
CA VAL LA 211 -41.12 -16.74 62.31
C VAL LA 211 -40.00 -16.87 61.29
N ALA LA 212 -38.79 -17.25 61.74
CA ALA LA 212 -37.70 -17.49 60.80
C ALA LA 212 -38.03 -18.66 59.88
N HIS LA 213 -38.66 -19.69 60.42
CA HIS LA 213 -39.10 -20.81 59.59
C HIS LA 213 -40.11 -20.35 58.54
N HIS LA 214 -41.06 -19.50 58.94
CA HIS LA 214 -42.01 -18.95 57.97
C HIS LA 214 -41.29 -18.14 56.90
N ILE LA 215 -40.28 -17.36 57.29
CA ILE LA 215 -39.56 -16.55 56.31
C ILE LA 215 -38.85 -17.44 55.29
N ILE LA 216 -38.20 -18.52 55.77
CA ILE LA 216 -37.52 -19.43 54.86
C ILE LA 216 -38.54 -20.11 53.95
N GLN LA 217 -39.68 -20.53 54.51
CA GLN LA 217 -40.72 -21.14 53.68
C GLN LA 217 -41.21 -20.16 52.62
N ALA LA 218 -41.37 -18.88 52.98
CA ALA LA 218 -41.81 -17.89 52.00
C ALA LA 218 -40.78 -17.70 50.91
N SER LA 219 -39.50 -17.66 51.27
CA SER LA 219 -38.46 -17.52 50.26
C SER LA 219 -38.46 -18.71 49.30
N GLU LA 220 -38.58 -19.92 49.83
CA GLU LA 220 -38.59 -21.09 48.96
C GLU LA 220 -39.85 -21.13 48.10
N ALA LA 221 -40.99 -20.70 48.65
CA ALA LA 221 -42.21 -20.64 47.86
C ALA LA 221 -42.10 -19.63 46.72
N VAL LA 222 -41.49 -18.47 46.99
CA VAL LA 222 -41.30 -17.48 45.95
C VAL LA 222 -40.34 -18.01 44.88
N ARG LA 223 -39.32 -18.77 45.29
CA ARG LA 223 -38.49 -19.44 44.31
C ARG LA 223 -39.32 -20.40 43.48
N LEU LA 224 -40.23 -21.12 44.12
CA LEU LA 224 -41.06 -22.11 43.41
C LEU LA 224 -42.01 -21.45 42.44
N VAL LA 225 -42.52 -20.25 42.75
CA VAL LA 225 -43.37 -19.56 41.79
C VAL LA 225 -42.58 -19.16 40.55
N GLY LA 226 -41.28 -18.95 40.71
CA GLY LA 226 -40.43 -18.63 39.57
C GLY LA 226 -39.72 -17.30 39.72
N CYS LA 227 -39.51 -16.87 40.96
CA CYS LA 227 -38.86 -15.61 41.24
C CYS LA 227 -37.82 -15.80 42.33
N GLN LA 228 -36.58 -15.43 42.06
CA GLN LA 228 -35.54 -15.52 43.08
C GLN LA 228 -35.83 -14.54 44.20
N ALA LA 229 -35.63 -14.99 45.44
CA ALA LA 229 -35.88 -14.18 46.62
C ALA LA 229 -34.58 -14.06 47.40
N MET LA 230 -33.79 -13.04 47.08
CA MET LA 230 -32.50 -12.83 47.75
C MET LA 230 -32.75 -12.14 49.08
N LEU LA 231 -32.68 -12.91 50.16
CA LEU LA 231 -32.80 -12.37 51.50
C LEU LA 231 -31.65 -11.41 51.77
N VAL LA 232 -31.97 -10.14 52.05
CA VAL LA 232 -30.97 -9.09 52.11
C VAL LA 232 -30.91 -8.51 53.52
N GLY LA 233 -29.71 -8.15 53.95
CA GLY LA 233 -29.52 -7.44 55.20
C GLY LA 233 -29.85 -8.21 56.45
N ILE LA 234 -29.44 -9.48 56.53
CA ILE LA 234 -29.71 -10.28 57.72
C ILE LA 234 -28.89 -9.75 58.88
N ARG LA 235 -29.50 -9.76 60.07
CA ARG LA 235 -28.73 -9.39 61.25
C ARG LA 235 -28.04 -10.61 61.84
N PRO LA 236 -26.89 -10.41 62.52
CA PRO LA 236 -26.13 -11.57 63.01
C PRO LA 236 -26.91 -12.49 63.94
N GLU LA 237 -27.72 -11.93 64.84
CA GLU LA 237 -28.52 -12.77 65.72
C GLU LA 237 -29.57 -13.56 64.94
N ILE LA 238 -30.16 -12.93 63.93
CA ILE LA 238 -31.13 -13.62 63.09
C ILE LA 238 -30.47 -14.76 62.34
N ALA LA 239 -29.29 -14.52 61.78
CA ALA LA 239 -28.57 -15.57 61.06
C ALA LA 239 -28.20 -16.70 62.02
N GLN LA 240 -27.82 -16.36 63.25
CA GLN LA 240 -27.49 -17.35 64.26
C GLN LA 240 -28.71 -18.23 64.55
N TPO LA 241 -29.88 -17.61 64.70
CA TPO LA 241 -31.11 -18.34 64.95
CB TPO LA 241 -32.24 -17.37 65.32
CG2 TPO LA 241 -33.46 -17.47 64.40
OG1 TPO LA 241 -32.66 -17.65 66.65
P TPO LA 241 -32.30 -16.37 67.54
O1P TPO LA 241 -32.43 -15.15 66.72
O2P TPO LA 241 -30.79 -16.50 68.09
O3P TPO LA 241 -33.32 -16.27 68.80
C TPO LA 241 -31.50 -19.21 63.76
O TPO LA 241 -32.03 -20.31 63.92
N ILE LA 242 -31.20 -18.73 62.56
CA ILE LA 242 -31.53 -19.48 61.34
C ILE LA 242 -30.64 -20.71 61.21
N VAL LA 243 -29.35 -20.57 61.49
CA VAL LA 243 -28.47 -21.73 61.41
C VAL LA 243 -28.80 -22.72 62.53
N ASN LA 244 -29.14 -22.23 63.73
CA ASN LA 244 -29.59 -23.14 64.77
C ASN LA 244 -30.96 -23.75 64.46
N LEU LA 245 -31.71 -23.18 63.53
CA LEU LA 245 -32.95 -23.81 63.11
C LEU LA 245 -32.69 -25.16 62.47
N GLY LA 246 -31.53 -25.34 61.84
CA GLY LA 246 -31.09 -26.63 61.36
C GLY LA 246 -31.51 -26.99 59.96
N ILE LA 247 -32.30 -26.16 59.28
CA ILE LA 247 -32.73 -26.49 57.93
C ILE LA 247 -31.58 -26.25 56.95
N GLU LA 248 -31.66 -26.92 55.80
CA GLU LA 248 -30.70 -26.70 54.73
C GLU LA 248 -30.78 -25.27 54.23
N LEU LA 249 -29.63 -24.63 54.04
CA LEU LA 249 -29.55 -23.21 53.75
C LEU LA 249 -28.58 -22.94 52.60
N ASP LA 250 -28.72 -23.70 51.52
CA ASP LA 250 -27.90 -23.50 50.34
C ASP LA 250 -28.70 -22.98 49.15
N GLN LA 251 -30.02 -22.88 49.27
CA GLN LA 251 -30.85 -22.46 48.15
C GLN LA 251 -31.12 -20.96 48.13
N ILE LA 252 -31.01 -20.29 49.27
CA ILE LA 252 -31.29 -18.86 49.36
C ILE LA 252 -30.03 -18.08 49.04
N ILE LA 253 -30.22 -16.87 48.54
CA ILE LA 253 -29.13 -15.96 48.22
C ILE LA 253 -29.18 -14.81 49.21
N THR LA 254 -28.05 -14.48 49.79
CA THR LA 254 -27.98 -13.47 50.84
C THR LA 254 -27.12 -12.29 50.39
N THR LA 255 -27.38 -11.14 51.00
CA THR LA 255 -26.62 -9.92 50.74
C THR LA 255 -26.67 -9.06 51.98
N ASN LA 256 -25.56 -8.35 52.24
CA ASN LA 256 -25.45 -7.56 53.46
C ASN LA 256 -26.23 -6.25 53.39
N THR LA 257 -26.30 -5.61 52.22
CA THR LA 257 -26.93 -4.31 52.09
C THR LA 257 -27.84 -4.28 50.87
N MET LA 258 -28.78 -3.33 50.89
CA MET LA 258 -29.74 -3.21 49.79
C MET LA 258 -29.05 -2.86 48.48
N LYS LA 259 -28.05 -1.98 48.51
CA LYS LA 259 -27.43 -1.57 47.26
C LYS LA 259 -26.72 -2.74 46.59
N LYS LA 260 -26.03 -3.57 47.37
CA LYS LA 260 -25.37 -4.73 46.79
C LYS LA 260 -26.38 -5.78 46.35
N GLY LA 261 -27.51 -5.89 47.07
CA GLY LA 261 -28.57 -6.78 46.61
C GLY LA 261 -29.14 -6.34 45.28
N MET LA 262 -29.33 -5.03 45.11
CA MET LA 262 -29.81 -4.51 43.83
C MET LA 262 -28.78 -4.74 42.74
N GLU LA 263 -27.50 -4.59 43.05
CA GLU LA 263 -26.46 -4.91 42.07
C GLU LA 263 -26.53 -6.37 41.66
N ARG LA 264 -26.74 -7.27 42.64
CA ARG LA 264 -26.87 -8.68 42.33
C ARG LA 264 -28.10 -8.94 41.47
N ALA LA 265 -29.20 -8.26 41.76
CA ALA LA 265 -30.41 -8.42 40.95
C ALA LA 265 -30.18 -7.97 39.52
N LEU LA 266 -29.47 -6.86 39.34
CA LEU LA 266 -29.09 -6.45 37.99
C LEU LA 266 -28.16 -7.45 37.35
N ALA LA 267 -27.33 -8.13 38.14
CA ALA LA 267 -26.47 -9.17 37.60
C ALA LA 267 -27.28 -10.35 37.09
N LEU LA 268 -28.30 -10.78 37.84
CA LEU LA 268 -29.11 -11.91 37.41
C LEU LA 268 -29.84 -11.60 36.12
N THR LA 269 -30.43 -10.42 36.01
CA THR LA 269 -31.00 -9.94 34.75
C THR LA 269 -29.82 -9.48 33.89
N ASN LA 270 -29.24 -10.43 33.15
CA ASN LA 270 -27.91 -10.27 32.59
C ASN LA 270 -27.77 -9.06 31.67
N ARG LA 271 -28.88 -8.56 31.12
CA ARG LA 271 -28.84 -7.41 30.23
C ARG LA 271 -29.18 -6.10 30.94
N GLU LA 272 -29.76 -6.16 32.14
CA GLU LA 272 -30.34 -4.97 32.78
C GLU LA 272 -29.35 -4.25 33.68
N ILE LA 273 -28.05 -4.30 33.39
CA ILE LA 273 -27.12 -3.42 34.07
C ILE LA 273 -27.37 -1.97 33.69
N VAL LA 274 -27.75 -1.74 32.42
CA VAL LA 274 -28.07 -0.41 31.93
C VAL LA 274 -29.39 0.07 32.52
N MET MA 1 -69.51 10.49 27.71
CA MET MA 1 -70.49 10.68 26.65
C MET MA 1 -70.14 11.88 25.76
N GLY MA 2 -69.33 12.78 26.29
CA GLY MA 2 -68.92 13.94 25.54
C GLY MA 2 -67.42 14.20 25.63
N ILE MA 3 -66.71 13.31 26.31
CA ILE MA 3 -65.29 13.48 26.57
C ILE MA 3 -64.53 12.34 25.91
N PRO MA 4 -64.18 12.47 24.63
CA PRO MA 4 -63.55 11.34 23.90
C PRO MA 4 -62.05 11.23 24.11
N ILE MA 5 -61.63 10.55 25.18
CA ILE MA 5 -60.21 10.32 25.39
C ILE MA 5 -59.71 9.23 24.45
N LEU MA 6 -58.57 9.49 23.80
CA LEU MA 6 -57.95 8.52 22.91
C LEU MA 6 -56.58 8.14 23.45
N LYS MA 7 -56.11 6.95 23.08
CA LYS MA 7 -54.80 6.47 23.49
C LYS MA 7 -53.99 6.08 22.26
N LEU MA 8 -52.75 6.58 22.18
CA LEU MA 8 -51.86 6.25 21.08
C LEU MA 8 -50.46 6.71 21.42
N GLY MA 9 -49.47 5.87 21.12
CA GLY MA 9 -48.07 6.25 21.24
C GLY MA 9 -47.67 6.72 22.63
N GLU MA 10 -48.17 6.06 23.67
CA GLU MA 10 -47.89 6.43 25.06
C GLU MA 10 -48.36 7.86 25.34
N CYS MA 11 -49.36 8.32 24.59
CA CYS MA 11 -49.90 9.65 24.74
C CYS MA 11 -51.42 9.59 24.82
N LEU MA 12 -52.03 10.71 25.19
CA LEU MA 12 -53.47 10.87 25.26
C LEU MA 12 -53.91 12.11 24.51
N LEU MA 13 -55.00 11.97 23.76
CA LEU MA 13 -55.55 13.08 22.99
C LEU MA 13 -57.01 13.25 23.37
N ILE MA 14 -57.38 14.49 23.67
CA ILE MA 14 -58.76 14.82 24.05
C ILE MA 14 -59.24 15.95 23.15
N SER MA 15 -60.42 15.78 22.58
CA SER MA 15 -61.08 16.80 21.77
C SER MA 15 -62.31 17.29 22.52
N ILE MA 16 -62.42 18.61 22.69
CA ILE MA 16 -63.53 19.22 23.41
C ILE MA 16 -64.51 19.77 22.37
N GLN MA 17 -65.77 19.33 22.46
CA GLN MA 17 -66.79 19.73 21.50
C GLN MA 17 -68.11 20.07 22.18
N SER MA 18 -68.07 20.49 23.43
CA SER MA 18 -69.28 20.70 24.22
C SER MA 18 -69.62 22.17 24.45
N GLU MA 19 -68.64 23.01 24.76
CA GLU MA 19 -68.83 24.45 24.93
C GLU MA 19 -69.74 24.79 26.10
N LEU MA 20 -69.86 23.90 27.08
CA LEU MA 20 -70.69 24.11 28.26
C LEU MA 20 -69.79 24.35 29.47
N ASP MA 21 -70.38 24.91 30.52
CA ASP MA 21 -69.59 25.36 31.67
C ASP MA 21 -69.48 24.31 32.78
N ASP MA 22 -70.61 23.91 33.38
CA ASP MA 22 -70.54 23.12 34.61
C ASP MA 22 -70.21 21.65 34.33
N HIS MA 23 -71.14 20.97 33.64
CA HIS MA 23 -70.98 19.53 33.42
C HIS MA 23 -69.74 19.24 32.59
N THR MA 24 -69.51 20.03 31.53
CA THR MA 24 -68.31 19.84 30.73
C THR MA 24 -67.07 19.86 31.61
N ALA MA 25 -66.93 20.91 32.41
CA ALA MA 25 -65.73 21.04 33.24
C ALA MA 25 -65.59 19.87 34.19
N VAL MA 26 -66.62 19.60 34.99
CA VAL MA 26 -66.45 18.62 36.06
C VAL MA 26 -66.25 17.21 35.48
N GLU MA 27 -67.11 16.79 34.55
CA GLU MA 27 -66.98 15.44 34.00
C GLU MA 27 -65.68 15.29 33.23
N PHE MA 28 -65.36 16.25 32.36
CA PHE MA 28 -64.13 16.18 31.58
C PHE MA 28 -62.91 16.06 32.48
N GLN MA 29 -62.81 16.94 33.48
CA GLN MA 29 -61.62 16.94 34.31
C GLN MA 29 -61.52 15.67 35.15
N GLU MA 30 -62.62 15.23 35.75
CA GLU MA 30 -62.56 14.01 36.56
C GLU MA 30 -62.19 12.81 35.71
N ASP MA 31 -62.77 12.70 34.52
CA ASP MA 31 -62.49 11.55 33.65
C ASP MA 31 -61.04 11.56 33.20
N LEU MA 32 -60.51 12.74 32.87
CA LEU MA 32 -59.09 12.79 32.52
C LEU MA 32 -58.22 12.41 33.69
N LEU MA 33 -58.55 12.85 34.91
CA LEU MA 33 -57.76 12.47 36.07
C LEU MA 33 -57.75 10.95 36.26
N ALA MA 34 -58.94 10.34 36.20
CA ALA MA 34 -59.01 8.88 36.35
C ALA MA 34 -58.21 8.19 35.25
N LYS MA 35 -58.32 8.69 34.01
CA LYS MA 35 -57.67 8.03 32.89
C LYS MA 35 -56.16 8.13 33.01
N ILE MA 36 -55.63 9.32 33.28
CA ILE MA 36 -54.19 9.50 33.43
C ILE MA 36 -53.67 8.77 34.66
N HIS MA 37 -54.53 8.55 35.66
CA HIS MA 37 -54.09 7.78 36.82
C HIS MA 37 -53.97 6.30 36.49
N GLU MA 38 -55.09 5.66 36.13
CA GLU MA 38 -55.04 4.22 35.93
C GLU MA 38 -54.24 3.81 34.70
N THR MA 39 -54.08 4.71 33.73
CA THR MA 39 -53.24 4.45 32.57
C THR MA 39 -52.06 5.41 32.60
N SER MA 40 -50.85 4.86 32.62
CA SER MA 40 -49.64 5.68 32.65
C SER MA 40 -49.38 6.21 31.25
N ALA MA 41 -49.44 7.54 31.10
CA ALA MA 41 -49.12 8.22 29.85
C ALA MA 41 -48.17 9.37 30.14
N ARG MA 42 -47.07 9.43 29.40
CA ARG MA 42 -46.09 10.48 29.63
C ARG MA 42 -46.62 11.84 29.16
N GLY MA 43 -47.40 11.87 28.10
CA GLY MA 43 -47.90 13.12 27.56
C GLY MA 43 -49.39 13.10 27.32
N VAL MA 44 -50.02 14.25 27.54
CA VAL MA 44 -51.44 14.43 27.27
C VAL MA 44 -51.61 15.58 26.31
N VAL MA 45 -52.64 15.49 25.47
CA VAL MA 45 -52.92 16.47 24.42
C VAL MA 45 -54.38 16.88 24.50
N ILE MA 46 -54.65 18.18 24.55
CA ILE MA 46 -55.98 18.71 24.78
C ILE MA 46 -56.35 19.64 23.62
N ASP MA 47 -57.49 19.37 22.99
CA ASP MA 47 -57.95 20.11 21.82
C ASP MA 47 -59.04 21.11 22.22
N ILE MA 48 -58.89 22.37 21.79
CA ILE MA 48 -59.81 23.44 22.16
C ILE MA 48 -60.32 24.16 20.91
N THR MA 49 -60.18 23.54 19.74
CA THR MA 49 -60.57 24.23 18.50
C THR MA 49 -62.05 24.60 18.50
N SER MA 50 -62.91 23.65 18.85
CA SER MA 50 -64.35 23.90 18.76
C SER MA 50 -64.83 24.95 19.74
N ILE MA 51 -64.04 25.24 20.78
CA ILE MA 51 -64.46 26.17 21.81
C ILE MA 51 -64.30 27.59 21.32
N ASP MA 52 -65.34 28.42 21.51
CA ASP MA 52 -65.32 29.81 21.09
C ASP MA 52 -65.71 30.78 22.20
N PHE MA 53 -65.93 30.29 23.42
CA PHE MA 53 -66.32 31.16 24.52
C PHE MA 53 -65.94 30.51 25.84
N ILE MA 54 -65.22 31.26 26.68
CA ILE MA 54 -64.77 30.79 27.98
C ILE MA 54 -65.11 31.82 29.03
N ASP MA 55 -65.63 31.36 30.17
CA ASP MA 55 -65.89 32.18 31.33
C ASP MA 55 -64.81 31.90 32.39
N SER MA 56 -64.96 32.52 33.56
CA SER MA 56 -64.01 32.29 34.64
C SER MA 56 -64.00 30.84 35.08
N PHE MA 57 -65.18 30.20 35.10
CA PHE MA 57 -65.29 28.84 35.60
C PHE MA 57 -64.42 27.89 34.78
N ILE MA 58 -64.57 27.95 33.46
CA ILE MA 58 -63.85 27.03 32.59
C ILE MA 58 -62.36 27.35 32.58
N ALA MA 59 -61.99 28.62 32.61
CA ALA MA 59 -60.57 28.96 32.65
C ALA MA 59 -59.92 28.43 33.93
N LYS MA 60 -60.62 28.59 35.06
CA LYS MA 60 -60.14 28.01 36.32
C LYS MA 60 -60.01 26.50 36.20
N ILE MA 61 -60.99 25.85 35.57
CA ILE MA 61 -60.96 24.40 35.46
C ILE MA 61 -59.77 23.94 34.61
N LEU MA 62 -59.53 24.60 33.48
CA LEU MA 62 -58.40 24.24 32.64
C LEU MA 62 -57.06 24.51 33.32
N GLY MA 63 -56.97 25.60 34.09
CA GLY MA 63 -55.76 25.82 34.87
C GLY MA 63 -55.53 24.70 35.86
N ASP MA 64 -56.58 24.28 36.55
CA ASP MA 64 -56.46 23.16 37.49
C ASP MA 64 -56.04 21.89 36.77
N VAL MA 65 -56.65 21.64 35.60
CA VAL MA 65 -56.34 20.43 34.84
C VAL MA 65 -54.88 20.42 34.40
N VAL MA 66 -54.38 21.54 33.92
CA VAL MA 66 -52.99 21.56 33.45
C VAL MA 66 -52.02 21.40 34.62
N SER MA 67 -52.28 22.10 35.74
CA SER MA 67 -51.42 21.90 36.90
C SER MA 67 -51.45 20.44 37.35
N MET MA 68 -52.63 19.83 37.32
CA MET MA 68 -52.81 18.46 37.77
C MET MA 68 -52.02 17.49 36.89
N SER MA 69 -52.22 17.60 35.58
CA SER MA 69 -51.52 16.71 34.66
C SER MA 69 -50.02 16.89 34.77
N LYS MA 70 -49.55 18.14 34.84
CA LYS MA 70 -48.12 18.37 35.04
C LYS MA 70 -47.63 17.73 36.32
N LEU MA 71 -48.48 17.71 37.36
CA LEU MA 71 -48.15 16.94 38.55
C LEU MA 71 -48.14 15.44 38.29
N MET MA 72 -48.73 14.98 37.18
CA MET MA 72 -48.66 13.56 36.84
C MET MA 72 -47.97 13.25 35.51
N GLY MA 73 -47.83 14.21 34.61
CA GLY MA 73 -47.16 13.93 33.33
C GLY MA 73 -47.13 15.16 32.45
N ALA MA 74 -46.37 15.04 31.36
CA ALA MA 74 -46.22 16.17 30.45
C ALA MA 74 -47.55 16.51 29.79
N LYS MA 75 -47.70 17.78 29.43
CA LYS MA 75 -48.99 18.29 28.95
C LYS MA 75 -48.77 19.36 27.90
N VAL MA 76 -49.77 19.52 27.03
CA VAL MA 76 -49.82 20.61 26.07
C VAL MA 76 -51.28 20.95 25.84
N VAL MA 77 -51.57 22.25 25.72
CA VAL MA 77 -52.88 22.70 25.21
C VAL MA 77 -52.71 22.83 23.70
N VAL MA 78 -52.81 21.69 23.02
CA VAL MA 78 -52.24 21.56 21.68
C VAL MA 78 -52.83 22.59 20.74
N THR MA 79 -54.12 22.87 20.86
CA THR MA 79 -54.81 23.75 19.93
C THR MA 79 -54.87 25.15 20.53
N GLY MA 80 -54.27 26.10 19.83
CA GLY MA 80 -54.36 27.49 20.18
C GLY MA 80 -55.81 27.91 20.28
N ILE MA 81 -56.17 28.44 21.44
CA ILE MA 81 -57.54 28.86 21.66
C ILE MA 81 -57.86 30.08 20.79
N GLN MA 82 -59.15 30.36 20.65
CA GLN MA 82 -59.59 31.44 19.79
C GLN MA 82 -59.14 32.79 20.34
N PRO MA 83 -59.00 33.80 19.48
CA PRO MA 83 -58.55 35.12 19.97
C PRO MA 83 -59.41 35.67 21.08
N ALA MA 84 -60.74 35.59 20.97
CA ALA MA 84 -61.59 35.98 22.08
C ALA MA 84 -61.34 35.11 23.30
N VAL MA 85 -61.20 33.81 23.08
CA VAL MA 85 -60.86 32.90 24.18
C VAL MA 85 -59.50 33.25 24.75
N ALA MA 86 -58.54 33.59 23.89
CA ALA MA 86 -57.20 33.92 24.36
C ALA MA 86 -57.22 35.15 25.27
N ILE MA 87 -57.90 36.21 24.83
CA ILE MA 87 -57.91 37.43 25.63
C ILE MA 87 -58.71 37.22 26.91
N THR MA 88 -59.81 36.47 26.84
CA THR MA 88 -60.57 36.19 28.04
C THR MA 88 -59.74 35.37 29.04
N LEU MA 89 -58.96 34.41 28.55
CA LEU MA 89 -58.14 33.61 29.43
C LEU MA 89 -57.03 34.44 30.07
N ILE MA 90 -56.36 35.28 29.29
CA ILE MA 90 -55.25 36.05 29.86
C ILE MA 90 -55.77 37.11 30.82
N GLU MA 91 -56.97 37.66 30.58
CA GLU MA 91 -57.48 38.71 31.45
C GLU MA 91 -57.75 38.21 32.87
N LEU MA 92 -58.20 36.96 33.02
CA LEU MA 92 -58.54 36.45 34.34
C LEU MA 92 -57.68 35.26 34.75
N GLY MA 93 -57.50 34.28 33.87
CA GLY MA 93 -56.67 33.14 34.17
C GLY MA 93 -55.23 33.35 33.79
N ILE MA 94 -54.52 34.17 34.56
CA ILE MA 94 -53.16 34.56 34.18
C ILE MA 94 -52.23 33.39 34.45
N THR MA 95 -51.99 32.58 33.42
CA THR MA 95 -51.13 31.42 33.50
C THR MA 95 -50.45 31.24 32.15
N PHE MA 96 -49.22 30.73 32.16
CA PHE MA 96 -48.57 30.36 30.92
C PHE MA 96 -49.14 29.07 30.35
N SER MA 97 -49.84 28.29 31.17
CA SER MA 97 -50.57 27.10 30.72
C SER MA 97 -49.66 26.13 29.96
N GLY MA 98 -48.42 26.01 30.44
CA GLY MA 98 -47.49 25.12 29.78
C GLY MA 98 -47.14 25.60 28.38
N VAL MA 99 -46.84 24.64 27.52
CA VAL MA 99 -46.40 24.91 26.15
C VAL MA 99 -47.45 24.35 25.20
N LEU MA 100 -47.73 25.07 24.12
CA LEU MA 100 -48.65 24.60 23.11
C LEU MA 100 -47.96 24.64 21.74
N SER MA 101 -48.70 24.26 20.70
CA SER MA 101 -48.12 24.04 19.39
C SER MA 101 -48.90 24.75 18.29
N ALA MA 102 -49.49 25.90 18.61
CA ALA MA 102 -50.14 26.77 17.63
C ALA MA 102 -51.19 26.01 16.82
N MET MA 103 -52.15 25.45 17.54
CA MET MA 103 -53.43 24.98 16.99
C MET MA 103 -53.28 24.09 15.75
N ASP MA 104 -52.13 23.45 15.61
CA ASP MA 104 -51.98 22.30 14.72
C ASP MA 104 -51.80 21.09 15.61
N LEU MA 105 -52.76 20.16 15.54
CA LEU MA 105 -52.75 19.03 16.47
C LEU MA 105 -51.53 18.14 16.23
N GLU MA 106 -51.20 17.90 14.96
CA GLU MA 106 -50.01 17.08 14.69
C GLU MA 106 -48.74 17.81 15.09
N SER MA 107 -48.74 19.14 15.10
CA SER MA 107 -47.59 19.87 15.62
C SER MA 107 -47.37 19.55 17.09
N GLY MA 108 -48.44 19.53 17.87
CA GLY MA 108 -48.30 19.12 19.26
C GLY MA 108 -47.90 17.67 19.39
N LEU MA 109 -48.44 16.81 18.53
CA LEU MA 109 -48.06 15.40 18.59
C LEU MA 109 -46.56 15.23 18.36
N GLU MA 110 -46.02 15.92 17.35
CA GLU MA 110 -44.59 15.79 17.08
C GLU MA 110 -43.75 16.49 18.13
N LYS MA 111 -44.27 17.56 18.74
CA LYS MA 111 -43.54 18.18 19.85
C LYS MA 111 -43.42 17.21 21.02
N LEU MA 112 -44.51 16.51 21.35
CA LEU MA 112 -44.43 15.48 22.38
C LEU MA 112 -43.50 14.34 21.97
N LYS MA 113 -43.54 13.95 20.70
CA LYS MA 113 -42.64 12.89 20.25
C LYS MA 113 -41.18 13.29 20.42
N GLN MA 114 -40.84 14.54 20.08
CA GLN MA 114 -39.45 14.97 20.18
C GLN MA 114 -39.06 15.21 21.64
N GLU MA 115 -40.00 15.59 22.50
CA GLU MA 115 -39.66 15.75 23.92
C GLU MA 115 -39.54 14.39 24.60
N LEU MA 116 -40.29 13.40 24.14
CA LEU MA 116 -40.16 12.03 24.61
C LEU MA 116 -38.95 11.31 24.03
N GLY MA 117 -38.43 11.77 22.89
CA GLY MA 117 -37.29 11.11 22.28
C GLY MA 117 -36.03 11.23 23.11
N GLU MA 118 -35.84 12.38 23.76
CA GLU MA 118 -34.66 12.61 24.58
C GLU MA 118 -34.70 11.76 25.85
N MET NA 1 24.55 -81.91 92.99
CA MET NA 1 25.89 -81.72 92.44
C MET NA 1 25.89 -82.01 90.95
N TYR NA 2 26.93 -81.57 90.25
CA TYR NA 2 27.06 -81.79 88.81
C TYR NA 2 28.23 -82.68 88.41
N LYS NA 3 29.26 -82.82 89.25
CA LYS NA 3 30.43 -83.59 88.85
C LYS NA 3 30.09 -85.06 88.65
N ASP NA 4 29.47 -85.68 89.66
CA ASP NA 4 29.04 -87.06 89.50
C ASP NA 4 27.90 -87.16 88.48
N PHE NA 5 27.13 -86.09 88.32
CA PHE NA 5 26.12 -86.06 87.26
C PHE NA 5 26.77 -86.23 85.90
N ALA NA 6 27.88 -85.53 85.66
CA ALA NA 6 28.62 -85.72 84.41
C ALA NA 6 29.26 -87.11 84.36
N ASN NA 7 29.73 -87.60 85.51
CA ASN NA 7 30.34 -88.93 85.55
C ASN NA 7 29.35 -90.01 85.13
N PHE NA 8 28.07 -89.82 85.40
CA PHE NA 8 27.05 -90.76 84.95
C PHE NA 8 26.47 -90.41 83.59
N ILE NA 9 26.54 -89.14 83.19
CA ILE NA 9 26.23 -88.76 81.81
C ILE NA 9 27.25 -89.39 80.86
N ARG NA 10 28.44 -89.73 81.34
CA ARG NA 10 29.42 -90.40 80.49
C ARG NA 10 28.89 -91.72 79.93
N THR NA 11 27.88 -92.32 80.55
CA THR NA 11 27.17 -93.46 79.99
C THR NA 11 25.76 -93.11 79.53
N ASN NA 12 25.16 -92.08 80.12
CA ASN NA 12 23.88 -91.58 79.59
C ASN NA 12 24.03 -91.09 78.16
N LYS NA 13 25.24 -90.77 77.72
CA LYS NA 13 25.43 -90.40 76.32
C LYS NA 13 25.21 -91.59 75.39
N LYS NA 14 25.73 -92.77 75.76
CA LYS NA 14 25.42 -93.98 75.02
C LYS NA 14 23.93 -94.31 75.12
N ASP NA 15 23.35 -94.10 76.30
CA ASP NA 15 21.91 -94.28 76.45
C ASP NA 15 21.13 -93.39 75.49
N LEU NA 16 21.57 -92.14 75.33
CA LEU NA 16 20.89 -91.21 74.44
C LEU NA 16 21.18 -91.53 72.98
N LEU NA 17 22.33 -92.14 72.67
CA LEU NA 17 22.56 -92.64 71.32
C LEU NA 17 21.56 -93.72 70.97
N ASN NA 18 21.36 -94.68 71.88
CA ASN NA 18 20.31 -95.67 71.69
C ASN NA 18 18.94 -95.01 71.60
N ASN NA 19 18.75 -93.93 72.37
CA ASN NA 19 17.50 -93.18 72.32
C ASN NA 19 17.26 -92.57 70.96
N TRP NA 20 18.31 -91.98 70.36
CA TRP NA 20 18.18 -91.44 69.01
C TRP NA 20 17.86 -92.53 68.01
N MET NA 21 18.54 -93.68 68.14
CA MET NA 21 18.27 -94.80 67.23
C MET NA 21 16.82 -95.25 67.33
N ASN NA 22 16.27 -95.28 68.54
CA ASN NA 22 14.86 -95.65 68.71
C ASN NA 22 13.93 -94.57 68.19
N GLU NA 23 14.23 -93.30 68.48
CA GLU NA 23 13.29 -92.21 68.22
C GLU NA 23 13.21 -91.83 66.74
N MET NA 24 14.36 -91.81 66.05
CA MET NA 24 14.40 -91.19 64.73
C MET NA 24 13.39 -91.82 63.76
N GLU NA 25 13.00 -93.07 64.01
CA GLU NA 25 12.13 -93.80 63.10
C GLU NA 25 10.75 -93.17 62.93
N LYS NA 26 10.32 -92.32 63.87
CA LYS NA 26 8.96 -91.78 63.87
C LYS NA 26 8.82 -90.46 63.13
N GLN NA 27 9.82 -89.58 63.21
CA GLN NA 27 9.69 -88.21 62.72
C GLN NA 27 10.63 -87.98 61.54
N SER NA 28 10.14 -88.32 60.34
CA SER NA 28 10.79 -87.95 59.07
C SER NA 28 12.27 -88.34 59.06
N ASP NA 29 12.53 -89.63 59.20
CA ASP NA 29 13.94 -90.03 59.21
C ASP NA 29 14.64 -89.99 57.85
N PRO NA 30 13.97 -90.04 56.68
CA PRO NA 30 14.74 -89.84 55.44
C PRO NA 30 15.31 -88.44 55.35
N LEU NA 31 14.49 -87.44 55.68
CA LEU NA 31 14.92 -86.04 55.59
C LEU NA 31 16.04 -85.75 56.58
N ILE NA 32 15.87 -86.18 57.83
CA ILE NA 32 16.88 -85.93 58.84
C ILE NA 32 18.16 -86.68 58.52
N ASN NA 33 18.03 -87.91 58.01
CA ASN NA 33 19.22 -88.67 57.62
C ASN NA 33 19.95 -87.99 56.47
N ASP NA 34 19.21 -87.42 55.52
CA ASP NA 34 19.83 -86.78 54.37
C ASP NA 34 20.50 -85.47 54.76
N ILE NA 35 19.82 -84.62 55.54
CA ILE NA 35 20.36 -83.29 55.81
C ILE NA 35 21.46 -83.34 56.87
N ALA NA 36 21.40 -84.30 57.79
CA ALA NA 36 22.40 -84.42 58.85
C ALA NA 36 22.81 -85.88 58.96
N LYS NA 37 24.09 -86.16 58.76
CA LYS NA 37 24.60 -87.51 58.91
C LYS NA 37 24.52 -87.94 60.37
N GLU NA 38 24.34 -89.25 60.57
CA GLU NA 38 24.15 -89.78 61.92
C GLU NA 38 25.32 -89.47 62.86
N PRO NA 39 26.59 -89.70 62.49
CA PRO NA 39 27.67 -89.39 63.44
C PRO NA 39 27.71 -87.93 63.87
N MET NA 40 27.47 -87.00 62.94
CA MET NA 40 27.50 -85.59 63.30
C MET NA 40 26.39 -85.25 64.30
N TYR NA 41 25.18 -85.72 64.03
CA TYR NA 41 24.07 -85.44 64.95
C TYR NA 41 24.32 -86.08 66.31
N GLU NA 42 24.84 -87.31 66.32
CA GLU NA 42 25.11 -87.99 67.59
C GLU NA 42 26.18 -87.27 68.39
N GLU NA 43 27.26 -86.84 67.75
CA GLU NA 43 28.32 -86.15 68.48
C GLU NA 43 27.86 -84.77 68.94
N THR NA 44 27.04 -84.10 68.14
CA THR NA 44 26.47 -82.83 68.58
C THR NA 44 25.59 -83.01 69.80
N SER NA 45 24.75 -84.06 69.79
CA SER NA 45 23.86 -84.31 70.92
C SER NA 45 24.64 -84.67 72.18
N ILE NA 46 25.66 -85.52 72.06
CA ILE NA 46 26.43 -85.88 73.25
C ILE NA 46 27.22 -84.68 73.76
N GLU NA 47 27.70 -83.82 72.86
CA GLU NA 47 28.35 -82.58 73.29
C GLU NA 47 27.37 -81.68 74.04
N PHE NA 48 26.13 -81.59 73.56
CA PHE NA 48 25.14 -80.77 74.24
C PHE NA 48 24.79 -81.33 75.61
N VAL NA 49 24.70 -82.65 75.74
CA VAL NA 49 24.22 -83.24 76.99
C VAL NA 49 25.33 -83.52 78.01
N ASP NA 50 26.59 -83.56 77.58
CA ASP NA 50 27.65 -83.98 78.50
C ASP NA 50 28.37 -82.83 79.19
N LEU NA 51 28.49 -81.67 78.54
CA LEU NA 51 29.25 -80.56 79.10
C LEU NA 51 28.37 -79.50 79.76
N ILE NA 52 27.08 -79.77 79.92
CA ILE NA 52 26.22 -78.82 80.63
C ILE NA 52 26.49 -78.85 82.12
N VAL NA 53 26.74 -80.03 82.68
CA VAL NA 53 26.99 -80.20 84.09
C VAL NA 53 28.47 -80.37 84.40
N SER NA 54 29.35 -79.93 83.50
CA SER NA 54 30.78 -79.97 83.74
C SER NA 54 31.26 -78.81 84.60
N ASN NA 55 30.42 -77.81 84.83
CA ASN NA 55 30.77 -76.66 85.67
C ASN NA 55 30.59 -77.03 87.14
N ILE NA 56 30.95 -76.10 88.02
CA ILE NA 56 30.95 -76.37 89.47
C ILE NA 56 29.56 -76.03 89.98
N THR NA 57 28.62 -76.96 89.76
CA THR NA 57 27.38 -77.08 90.51
C THR NA 57 26.40 -75.92 90.25
N GLU NA 58 26.83 -74.87 89.55
CA GLU NA 58 25.98 -73.70 89.42
C GLU NA 58 25.54 -73.42 87.98
N ASN NA 59 26.47 -73.17 87.06
CA ASN NA 59 26.16 -72.80 85.69
C ASN NA 59 27.47 -72.57 84.95
N GLY NA 60 27.35 -72.34 83.64
CA GLY NA 60 28.49 -71.96 82.82
C GLY NA 60 28.12 -71.00 81.72
N SER NA 61 28.80 -69.85 81.67
CA SER NA 61 28.49 -68.84 80.65
C SER NA 61 28.94 -69.30 79.27
N LYS NA 62 30.13 -69.90 79.18
CA LYS NA 62 30.60 -70.40 77.89
C LYS NA 62 29.66 -71.48 77.35
N PHE NA 63 29.24 -72.41 78.21
CA PHE NA 63 28.27 -73.41 77.75
C PHE NA 63 26.87 -72.84 77.61
N ASN NA 64 26.56 -71.72 78.27
CA ASN NA 64 25.31 -71.03 77.97
C ASN NA 64 25.29 -70.53 76.53
N GLU NA 65 26.40 -69.91 76.10
CA GLU NA 65 26.53 -69.51 74.70
C GLU NA 65 26.52 -70.72 73.79
N LYS NA 66 27.16 -71.81 74.20
CA LYS NA 66 27.16 -73.03 73.39
C LYS NA 66 25.75 -73.59 73.25
N LEU NA 67 24.95 -73.54 74.32
CA LEU NA 67 23.57 -74.00 74.27
C LEU NA 67 22.73 -73.12 73.37
N ASP NA 68 22.96 -71.80 73.42
CA ASP NA 68 22.28 -70.91 72.48
C ASP NA 68 22.64 -71.25 71.04
N ASP NA 69 23.91 -71.52 70.78
CA ASP NA 69 24.34 -71.92 69.43
C ASP NA 69 23.70 -73.23 69.02
N PHE NA 70 23.62 -74.19 69.94
CA PHE NA 70 22.99 -75.48 69.63
C PHE NA 70 21.50 -75.29 69.32
N ALA NA 71 20.83 -74.43 70.10
CA ALA NA 71 19.41 -74.17 69.85
C ALA NA 71 19.21 -73.52 68.48
N GLU NA 72 20.04 -72.55 68.12
CA GLU NA 72 19.89 -71.93 66.81
C GLU NA 72 20.26 -72.90 65.69
N LYS NA 73 21.21 -73.81 65.94
CA LYS NA 73 21.55 -74.82 64.95
C LYS NA 73 20.39 -75.78 64.70
N VAL NA 74 19.73 -76.23 65.78
CA VAL NA 74 18.59 -77.13 65.59
C VAL NA 74 17.38 -76.37 65.04
N VAL NA 75 17.30 -75.05 65.26
CA VAL NA 75 16.29 -74.26 64.58
C VAL NA 75 16.54 -74.24 63.07
N HIS NA 76 17.78 -73.98 62.67
CA HIS NA 76 18.11 -73.89 61.26
C HIS NA 76 18.05 -75.25 60.56
N LEU NA 77 18.31 -76.33 61.30
CA LEU NA 77 18.35 -77.66 60.71
C LEU NA 77 16.97 -78.19 60.37
N GLY NA 78 15.92 -77.64 60.99
CA GLY NA 78 14.58 -78.10 60.73
C GLY NA 78 13.99 -78.92 61.86
N TRP NA 79 14.24 -78.50 63.10
CA TRP NA 79 13.72 -79.15 64.29
C TRP NA 79 12.87 -78.14 65.06
N PRO NA 80 11.57 -78.07 64.80
CA PRO NA 80 10.72 -77.12 65.52
C PRO NA 80 10.54 -77.49 66.98
N ILE NA 81 9.74 -76.71 67.71
CA ILE NA 81 9.56 -76.96 69.13
C ILE NA 81 8.91 -78.32 69.37
N HIS NA 82 8.03 -78.76 68.47
CA HIS NA 82 7.41 -80.08 68.61
C HIS NA 82 8.45 -81.18 68.50
N PHE NA 83 9.37 -81.07 67.54
CA PHE NA 83 10.40 -82.10 67.38
C PHE NA 83 11.35 -82.13 68.58
N VAL NA 84 11.76 -80.96 69.06
CA VAL NA 84 12.63 -80.92 70.23
C VAL NA 84 11.90 -81.43 71.46
N THR NA 85 10.60 -81.20 71.56
CA THR NA 85 9.84 -81.70 72.71
C THR NA 85 9.68 -83.22 72.65
N THR NA 86 9.48 -83.77 71.46
CA THR NA 86 9.49 -85.23 71.31
C THR NA 86 10.86 -85.79 71.66
N GLY NA 87 11.92 -85.08 71.27
CA GLY NA 87 13.26 -85.46 71.70
C GLY NA 87 13.41 -85.45 73.20
N LEU NA 88 12.83 -84.45 73.87
CA LEU NA 88 12.83 -84.42 75.33
C LEU NA 88 12.08 -85.61 75.92
N ARG NA 89 10.92 -85.94 75.33
CA ARG NA 89 10.14 -87.07 75.83
C ARG NA 89 10.93 -88.38 75.72
N VAL NA 90 11.58 -88.60 74.58
CA VAL NA 90 12.34 -89.82 74.42
C VAL NA 90 13.61 -89.78 75.28
N PHE NA 91 14.19 -88.60 75.49
CA PHE NA 91 15.26 -88.44 76.47
C PHE NA 91 14.83 -88.99 77.82
N GLY NA 92 13.68 -88.51 78.30
CA GLY NA 92 13.18 -88.97 79.59
C GLY NA 92 12.90 -90.45 79.60
N LEU NA 93 12.32 -90.96 78.50
CA LEU NA 93 12.00 -92.38 78.42
C LEU NA 93 13.25 -93.24 78.59
N LEU NA 94 14.30 -92.95 77.80
CA LEU NA 94 15.49 -93.77 77.86
C LEU NA 94 16.28 -93.54 79.14
N VAL NA 95 16.25 -92.31 79.70
CA VAL NA 95 16.90 -92.09 80.99
C VAL NA 95 16.22 -92.91 82.08
N TYR NA 96 14.88 -92.94 82.08
CA TYR NA 96 14.17 -93.74 83.07
C TYR NA 96 14.46 -95.23 82.89
N THR NA 97 14.48 -95.71 81.64
CA THR NA 97 14.76 -97.13 81.42
C THR NA 97 16.17 -97.50 81.86
N ALA NA 98 17.15 -96.65 81.54
CA ALA NA 98 18.52 -96.91 81.97
C ALA NA 98 18.65 -96.85 83.48
N MET NA 99 17.98 -95.88 84.11
CA MET NA 99 18.01 -95.77 85.56
C MET NA 99 17.38 -96.99 86.23
N ARG NA 100 16.35 -97.56 85.61
CA ARG NA 100 15.86 -98.85 86.06
C ARG NA 100 16.89 -99.94 85.85
N ASP NA 101 17.67 -99.86 84.77
CA ASP NA 101 18.61 -100.92 84.41
C ASP NA 101 20.01 -100.65 84.98
N GLU NA 102 20.60 -99.50 84.64
CA GLU NA 102 21.99 -99.23 85.03
C GLU NA 102 22.13 -99.14 86.54
N ASP NA 103 21.28 -98.35 87.19
CA ASP NA 103 21.23 -98.22 88.65
C ASP NA 103 22.58 -97.77 89.21
N LEU NA 104 22.99 -96.57 88.80
CA LEU NA 104 24.22 -95.94 89.30
C LEU NA 104 23.96 -94.44 89.38
N PHE NA 105 23.59 -93.96 90.57
CA PHE NA 105 23.11 -92.60 90.74
C PHE NA 105 24.20 -91.73 91.38
N LEU NA 106 23.84 -90.51 91.76
CA LEU NA 106 24.82 -89.52 92.20
C LEU NA 106 25.54 -89.97 93.46
N LYS NA 107 24.81 -90.09 94.56
CA LYS NA 107 25.44 -90.36 95.85
C LYS NA 107 25.76 -91.84 95.98
N ARG NA 108 26.85 -92.13 96.70
CA ARG NA 108 27.28 -93.50 96.93
C ARG NA 108 26.36 -94.16 97.95
N GLU NA 109 25.62 -95.17 97.52
CA GLU NA 109 24.68 -95.87 98.39
C GLU NA 109 24.29 -97.19 97.75
N GLU NA 110 24.19 -98.24 98.58
CA GLU NA 110 23.77 -99.53 98.07
C GLU NA 110 22.31 -99.54 97.64
N LYS NA 111 21.51 -98.59 98.11
CA LYS NA 111 20.10 -98.49 97.74
C LYS NA 111 19.69 -97.03 97.73
N PRO NA 112 19.99 -96.31 96.65
CA PRO NA 112 19.68 -94.87 96.61
C PRO NA 112 18.18 -94.62 96.65
N GLU NA 113 17.83 -93.44 97.14
CA GLU NA 113 16.44 -93.03 97.33
C GLU NA 113 16.02 -92.05 96.25
N ASP NA 114 14.81 -91.49 96.39
CA ASP NA 114 14.18 -90.71 95.34
C ASP NA 114 14.82 -89.36 95.11
N ASP NA 115 15.74 -88.91 95.97
CA ASP NA 115 16.27 -87.55 95.88
C ASP NA 115 16.96 -87.29 94.54
N ALA NA 116 18.09 -87.96 94.29
CA ALA NA 116 18.74 -87.83 92.99
C ALA NA 116 17.90 -88.48 91.90
N TYR NA 117 17.12 -89.51 92.26
CA TYR NA 117 16.24 -90.18 91.31
C TYR NA 117 15.35 -89.19 90.59
N TYR NA 118 14.91 -88.13 91.28
CA TYR NA 118 14.15 -87.09 90.62
C TYR NA 118 14.96 -85.85 90.31
N ARG NA 119 16.07 -85.60 91.01
CA ARG NA 119 16.93 -84.47 90.65
C ARG NA 119 17.44 -84.62 89.23
N PHE NA 120 17.62 -85.85 88.76
CA PHE NA 120 17.95 -86.08 87.35
C PHE NA 120 16.92 -85.44 86.44
N GLU NA 121 15.63 -85.71 86.69
CA GLU NA 121 14.58 -85.14 85.86
C GLU NA 121 14.47 -83.64 86.03
N THR NA 122 14.71 -83.13 87.25
CA THR NA 122 14.69 -81.68 87.46
C THR NA 122 15.76 -81.01 86.61
N TRP NA 123 16.97 -81.56 86.60
CA TRP NA 123 18.03 -80.97 85.81
C TRP NA 123 17.76 -81.10 84.32
N LEU NA 124 17.18 -82.23 83.89
CA LEU NA 124 16.79 -82.36 82.49
C LEU NA 124 15.77 -81.31 82.10
N SER NA 125 14.79 -81.05 82.98
CA SER NA 125 13.81 -80.01 82.71
C SER NA 125 14.45 -78.64 82.67
N SER NA 126 15.45 -78.40 83.52
CA SER NA 126 16.17 -77.12 83.47
C SER NA 126 16.93 -76.94 82.16
N MET NA 127 17.59 -78.00 81.69
CA MET NA 127 18.26 -77.94 80.40
C MET NA 127 17.28 -77.68 79.27
N TYR NA 128 16.10 -78.32 79.31
CA TYR NA 128 15.12 -78.06 78.28
C TYR NA 128 14.54 -76.65 78.39
N ASN NA 129 14.44 -76.11 79.61
CA ASN NA 129 14.08 -74.72 79.79
C ASN NA 129 15.07 -73.80 79.09
N LYS NA 130 16.37 -74.07 79.28
CA LYS NA 130 17.39 -73.26 78.61
C LYS NA 130 17.29 -73.39 77.10
N VAL NA 131 17.05 -74.62 76.62
CA VAL NA 131 16.95 -74.85 75.18
C VAL NA 131 15.79 -74.07 74.58
N VAL NA 132 14.61 -74.15 75.21
CA VAL NA 132 13.46 -73.43 74.67
C VAL NA 132 13.64 -71.92 74.84
N THR NA 133 14.38 -71.49 75.86
CA THR NA 133 14.66 -70.07 76.02
C THR NA 133 15.51 -69.55 74.86
N ALA NA 134 16.56 -70.29 74.50
CA ALA NA 134 17.37 -69.91 73.36
C ALA NA 134 16.69 -70.18 72.03
N TYR NA 135 15.61 -70.97 72.03
CA TYR NA 135 14.90 -71.29 70.80
C TYR NA 135 14.29 -70.04 70.15
N ALA NA 136 13.67 -69.18 70.95
CA ALA NA 136 12.76 -68.17 70.43
C ALA NA 136 13.39 -66.81 70.20
N ASP NA 137 14.65 -66.60 70.59
CA ASP NA 137 15.22 -65.25 70.55
C ASP NA 137 15.30 -64.72 69.13
N THR NA 138 16.06 -65.40 68.27
CA THR NA 138 16.23 -64.94 66.89
C THR NA 138 14.91 -64.96 66.12
N TRP NA 139 14.03 -65.90 66.46
CA TRP NA 139 12.75 -65.97 65.75
C TRP NA 139 11.88 -64.77 66.09
N GLU NA 140 11.83 -64.37 67.36
CA GLU NA 140 11.13 -63.16 67.73
C GLU NA 140 11.80 -61.93 67.12
N LYS NA 141 13.13 -61.93 67.03
CA LYS NA 141 13.82 -60.81 66.41
C LYS NA 141 13.42 -60.64 64.94
N THR NA 142 13.37 -61.75 64.20
CA THR NA 142 13.00 -61.65 62.79
C THR NA 142 11.52 -61.32 62.62
N VAL NA 143 10.67 -61.81 63.53
CA VAL NA 143 9.26 -61.41 63.49
C VAL NA 143 9.12 -59.91 63.72
N SER NA 144 9.88 -59.37 64.67
CA SER NA 144 9.82 -57.94 64.96
C SER NA 144 10.31 -57.10 63.79
N ILE NA 145 11.42 -57.52 63.17
CA ILE NA 145 11.91 -56.74 62.03
C ILE NA 145 10.94 -56.84 60.85
N GLN NA 146 10.29 -58.00 60.68
CA GLN NA 146 9.25 -58.10 59.66
C GLN NA 146 8.09 -57.16 59.93
N LYS NA 147 7.66 -57.08 61.20
CA LYS NA 147 6.59 -56.15 61.55
C LYS NA 147 7.00 -54.72 61.29
N SER NA 148 8.25 -54.37 61.59
CA SER NA 148 8.74 -53.03 61.27
C SER NA 148 8.73 -52.78 59.76
N ALA NA 149 9.07 -53.81 58.98
CA ALA NA 149 9.06 -53.67 57.53
C ALA NA 149 7.65 -53.40 57.01
N LEU NA 150 6.65 -54.15 57.49
CA LEU NA 150 5.27 -53.86 57.12
C LEU NA 150 4.85 -52.47 57.61
N GLN NA 151 5.34 -52.06 58.78
CA GLN NA 151 5.00 -50.73 59.29
C GLN NA 151 5.49 -49.64 58.34
N GLU NA 152 6.74 -49.76 57.89
CA GLU NA 152 7.31 -48.72 57.04
C GLU NA 152 6.77 -48.77 55.61
N LEU NA 153 6.66 -49.97 55.04
CA LEU NA 153 6.27 -50.14 53.65
C LEU NA 153 4.78 -49.97 53.41
N SER NA 154 4.00 -49.69 54.45
CA SER NA 154 2.55 -49.66 54.30
C SER NA 154 2.10 -48.50 53.41
N ALA NA 155 2.57 -47.29 53.69
CA ALA NA 155 2.10 -46.08 53.04
C ALA NA 155 3.28 -45.24 52.57
N PRO NA 156 3.92 -45.63 51.47
CA PRO NA 156 5.03 -44.84 50.94
C PRO NA 156 4.53 -43.68 50.09
N LEU NA 157 4.67 -42.47 50.62
CA LEU NA 157 4.35 -41.27 49.84
C LEU NA 157 5.57 -40.72 49.13
N LEU NA 158 6.72 -41.40 49.24
CA LEU NA 158 7.95 -40.91 48.63
C LEU NA 158 7.82 -40.55 47.16
N PRO NA 159 7.11 -41.31 46.30
CA PRO NA 159 6.88 -40.84 44.93
C PRO NA 159 6.25 -39.46 44.93
N ILE NA 160 6.97 -38.47 44.41
CA ILE NA 160 6.54 -37.07 44.46
C ILE NA 160 6.81 -36.42 43.11
N PHE NA 161 5.85 -35.64 42.63
CA PHE NA 161 6.02 -34.79 41.46
C PHE NA 161 5.66 -33.37 41.86
N GLU NA 162 5.88 -32.42 40.95
CA GLU NA 162 5.58 -31.03 41.23
C GLU NA 162 4.10 -30.83 41.56
N LYS NA 163 3.82 -30.44 42.80
CA LYS NA 163 2.47 -30.18 43.28
C LYS NA 163 1.58 -31.42 43.28
N ILE NA 164 2.13 -32.57 42.90
CA ILE NA 164 1.40 -33.82 42.90
C ILE NA 164 2.14 -34.81 43.80
N SER NA 165 1.42 -35.38 44.77
CA SER NA 165 1.99 -36.34 45.69
C SER NA 165 1.30 -37.67 45.44
N VAL NA 166 1.82 -38.43 44.48
CA VAL NA 166 1.25 -39.73 44.16
C VAL NA 166 1.61 -40.73 45.25
N MET NA 167 0.64 -41.55 45.63
CA MET NA 167 0.80 -42.49 46.74
C MET NA 167 0.47 -43.91 46.31
N PRO NA 168 1.45 -44.78 46.14
CA PRO NA 168 1.15 -46.20 45.86
C PRO NA 168 0.54 -46.88 47.07
N LEU NA 169 -0.23 -47.93 46.80
CA LEU NA 169 -0.87 -48.70 47.87
C LEU NA 169 -1.16 -50.09 47.30
N ILE NA 170 -0.34 -51.07 47.67
CA ILE NA 170 -0.41 -52.38 47.04
C ILE NA 170 -0.73 -53.49 48.04
N GLY NA 171 -0.38 -53.29 49.30
CA GLY NA 171 -0.57 -54.32 50.29
C GLY NA 171 -2.02 -54.54 50.64
N THR NA 172 -2.30 -55.73 51.18
CA THR NA 172 -3.65 -56.02 51.67
C THR NA 172 -3.89 -55.24 52.95
N ILE NA 173 -4.95 -54.44 52.95
CA ILE NA 173 -5.16 -53.42 53.97
C ILE NA 173 -6.23 -53.89 54.94
N ASP NA 174 -5.93 -53.81 56.23
CA ASP NA 174 -6.86 -54.08 57.32
C ASP NA 174 -7.06 -52.78 58.10
N THR NA 175 -7.79 -52.88 59.22
CA THR NA 175 -8.12 -51.68 60.00
C THR NA 175 -6.86 -51.00 60.52
N GLU NA 176 -5.93 -51.77 61.09
CA GLU NA 176 -4.70 -51.18 61.59
C GLU NA 176 -3.86 -50.60 60.46
N ARG NA 177 -3.77 -51.32 59.33
CA ARG NA 177 -3.09 -50.77 58.18
C ARG NA 177 -3.82 -49.53 57.66
N ALA NA 178 -5.15 -49.49 57.79
CA ALA NA 178 -5.89 -48.29 57.41
C ALA NA 178 -5.50 -47.12 58.29
N LYS NA 179 -5.33 -47.35 59.59
CA LYS NA 179 -4.87 -46.28 60.48
C LYS NA 179 -3.48 -45.81 60.08
N LEU NA 180 -2.59 -46.75 59.77
CA LEU NA 180 -1.26 -46.39 59.26
C LEU NA 180 -1.38 -45.50 58.04
N ILE NA 181 -2.23 -45.90 57.09
CA ILE NA 181 -2.37 -45.16 55.84
C ILE NA 181 -2.88 -43.76 56.09
N ILE NA 182 -3.92 -43.62 56.90
CA ILE NA 182 -4.49 -42.29 57.12
C ILE NA 182 -3.49 -41.39 57.85
N GLU NA 183 -2.82 -41.93 58.87
CA GLU NA 183 -1.84 -41.13 59.59
C GLU NA 183 -0.72 -40.67 58.67
N ASN NA 184 -0.10 -41.61 57.94
CA ASN NA 184 1.02 -41.26 57.08
C ASN NA 184 0.60 -40.31 55.97
N LEU NA 185 -0.58 -40.54 55.38
CA LEU NA 185 -1.06 -39.67 54.32
C LEU NA 185 -1.30 -38.25 54.81
N LEU NA 186 -1.92 -38.11 55.98
CA LEU NA 186 -2.13 -36.77 56.52
C LEU NA 186 -0.81 -36.07 56.83
N ILE NA 187 0.13 -36.79 57.45
CA ILE NA 187 1.40 -36.17 57.78
C ILE NA 187 2.14 -35.75 56.51
N GLY NA 188 2.13 -36.60 55.48
CA GLY NA 188 2.79 -36.24 54.24
C GLY NA 188 2.13 -35.06 53.54
N VAL NA 189 0.79 -35.05 53.50
CA VAL NA 189 0.11 -33.98 52.78
C VAL NA 189 0.26 -32.65 53.50
N VAL NA 190 0.34 -32.67 54.84
CA VAL NA 190 0.56 -31.41 55.53
C VAL NA 190 2.03 -31.01 55.44
N LYS NA 191 2.94 -31.97 55.30
CA LYS NA 191 4.35 -31.65 55.17
C LYS NA 191 4.71 -31.23 53.75
N ASN NA 192 4.33 -32.03 52.77
CA ASN NA 192 4.62 -31.74 51.37
C ASN NA 192 3.50 -30.89 50.79
N ARG NA 193 3.84 -29.72 50.27
CA ARG NA 193 2.85 -28.86 49.62
C ARG NA 193 2.32 -29.54 48.37
N SER NA 194 1.06 -29.98 48.41
CA SER NA 194 0.50 -30.77 47.34
C SER NA 194 -0.81 -30.16 46.87
N GLU NA 195 -1.24 -30.59 45.69
CA GLU NA 195 -2.53 -30.18 45.13
C GLU NA 195 -3.43 -31.36 44.81
N VAL NA 196 -2.88 -32.45 44.31
CA VAL NA 196 -3.62 -33.68 44.04
C VAL NA 196 -2.84 -34.84 44.63
N VAL NA 197 -3.52 -35.71 45.36
CA VAL NA 197 -2.90 -36.87 45.99
C VAL NA 197 -3.55 -38.11 45.41
N LEU NA 198 -2.94 -38.69 44.39
CA LEU NA 198 -3.49 -39.86 43.71
C LEU NA 198 -3.23 -41.09 44.55
N ILE NA 199 -4.25 -41.56 45.27
CA ILE NA 199 -4.12 -42.78 46.06
C ILE NA 199 -4.28 -43.96 45.12
N ASP NA 200 -3.18 -44.67 44.88
CA ASP NA 200 -3.17 -45.82 43.96
C ASP NA 200 -3.75 -47.03 44.71
N ILE NA 201 -5.08 -47.12 44.72
CA ILE NA 201 -5.74 -48.20 45.42
C ILE NA 201 -5.57 -49.52 44.69
N THR NA 202 -5.17 -49.50 43.42
CA THR NA 202 -4.97 -50.74 42.68
C THR NA 202 -3.85 -51.56 43.31
N GLY NA 203 -4.10 -52.85 43.49
CA GLY NA 203 -3.12 -53.72 44.09
C GLY NA 203 -3.69 -54.56 45.21
N VAL NA 204 -4.63 -53.99 45.96
CA VAL NA 204 -5.30 -54.71 47.04
C VAL NA 204 -6.47 -55.48 46.46
N PRO NA 205 -6.53 -56.80 46.63
CA PRO NA 205 -7.61 -57.58 46.03
C PRO NA 205 -8.98 -57.32 46.65
N VAL NA 206 -9.05 -57.39 47.98
CA VAL NA 206 -10.30 -57.25 48.72
C VAL NA 206 -10.08 -56.28 49.86
N VAL NA 207 -11.06 -55.43 50.10
CA VAL NA 207 -11.03 -54.45 51.18
C VAL NA 207 -12.27 -54.63 52.04
N ASP NA 208 -12.09 -54.68 53.35
CA ASP NA 208 -13.22 -54.81 54.26
C ASP NA 208 -14.06 -53.54 54.25
N THR NA 209 -15.30 -53.68 54.72
CA THR NA 209 -16.23 -52.55 54.70
C THR NA 209 -15.70 -51.39 55.54
N MET NA 210 -15.23 -51.69 56.75
CA MET NA 210 -14.76 -50.64 57.64
C MET NA 210 -13.53 -49.95 57.06
N VAL NA 211 -12.64 -50.73 56.44
CA VAL NA 211 -11.42 -50.16 55.88
C VAL NA 211 -11.75 -49.29 54.67
N ALA NA 212 -12.71 -49.71 53.84
CA ALA NA 212 -13.15 -48.86 52.74
C ALA NA 212 -13.77 -47.57 53.24
N HIS NA 213 -14.54 -47.66 54.32
CA HIS NA 213 -15.10 -46.46 54.94
C HIS NA 213 -13.99 -45.53 55.42
N HIS NA 214 -12.95 -46.07 56.04
CA HIS NA 214 -11.82 -45.25 56.47
C HIS NA 214 -11.10 -44.64 55.27
N ILE NA 215 -11.01 -45.36 54.15
CA ILE NA 215 -10.35 -44.79 52.98
C ILE NA 215 -11.16 -43.62 52.44
N ILE NA 216 -12.49 -43.76 52.40
CA ILE NA 216 -13.31 -42.65 51.94
C ILE NA 216 -13.17 -41.45 52.87
N GLN NA 217 -13.18 -41.70 54.18
CA GLN NA 217 -12.99 -40.59 55.13
C GLN NA 217 -11.60 -39.98 54.99
N ALA NA 218 -10.60 -40.78 54.65
CA ALA NA 218 -9.27 -40.25 54.41
C ALA NA 218 -9.27 -39.31 53.23
N SER NA 219 -9.94 -39.71 52.14
CA SER NA 219 -10.05 -38.83 50.99
C SER NA 219 -10.76 -37.53 51.36
N GLU NA 220 -11.83 -37.63 52.15
CA GLU NA 220 -12.55 -36.42 52.55
C GLU NA 220 -11.69 -35.52 53.42
N ALA NA 221 -10.89 -36.11 54.31
CA ALA NA 221 -9.99 -35.32 55.15
C ALA NA 221 -8.95 -34.60 54.29
N VAL NA 222 -8.39 -35.30 53.31
CA VAL NA 222 -7.42 -34.67 52.42
C VAL NA 222 -8.07 -33.50 51.68
N ARG NA 223 -9.29 -33.70 51.19
CA ARG NA 223 -10.00 -32.60 50.53
C ARG NA 223 -10.20 -31.44 51.49
N LEU NA 224 -10.48 -31.74 52.76
CA LEU NA 224 -10.71 -30.69 53.75
C LEU NA 224 -9.44 -29.88 53.99
N VAL NA 225 -8.28 -30.54 54.05
CA VAL NA 225 -7.05 -29.81 54.32
C VAL NA 225 -6.74 -28.82 53.20
N GLY NA 226 -7.21 -29.10 51.99
CA GLY NA 226 -6.99 -28.19 50.88
C GLY NA 226 -6.28 -28.84 49.70
N CYS NA 227 -6.42 -30.14 49.56
CA CYS NA 227 -5.81 -30.89 48.47
C CYS NA 227 -6.81 -31.91 47.95
N GLN NA 228 -7.07 -31.87 46.64
CA GLN NA 228 -7.97 -32.85 46.05
C GLN NA 228 -7.37 -34.24 46.13
N ALA NA 229 -8.20 -35.22 46.46
CA ALA NA 229 -7.78 -36.61 46.57
C ALA NA 229 -8.55 -37.43 45.54
N MET NA 230 -7.84 -37.98 44.57
CA MET NA 230 -8.42 -38.73 43.47
C MET NA 230 -8.07 -40.20 43.64
N LEU NA 231 -9.06 -41.01 43.97
CA LEU NA 231 -8.84 -42.46 44.09
C LEU NA 231 -8.75 -43.05 42.69
N VAL NA 232 -7.64 -43.74 42.41
CA VAL NA 232 -7.31 -44.16 41.05
C VAL NA 232 -7.31 -45.68 40.98
N GLY NA 233 -7.96 -46.21 39.94
CA GLY NA 233 -7.89 -47.62 39.61
C GLY NA 233 -8.54 -48.57 40.60
N ILE NA 234 -9.76 -48.26 41.04
CA ILE NA 234 -10.48 -49.14 41.94
C ILE NA 234 -10.82 -50.44 41.22
N ARG NA 235 -10.61 -51.57 41.91
CA ARG NA 235 -11.01 -52.87 41.41
C ARG NA 235 -12.51 -53.09 41.66
N PRO NA 236 -13.15 -53.94 40.84
CA PRO NA 236 -14.60 -54.14 41.01
C PRO NA 236 -15.03 -54.61 42.40
N GLU NA 237 -14.25 -55.44 43.07
CA GLU NA 237 -14.66 -55.93 44.39
C GLU NA 237 -14.69 -54.80 45.42
N ILE NA 238 -13.65 -53.97 45.44
CA ILE NA 238 -13.63 -52.83 46.36
C ILE NA 238 -14.74 -51.87 46.02
N ALA NA 239 -15.02 -51.68 44.74
CA ALA NA 239 -16.14 -50.83 44.33
C ALA NA 239 -17.47 -51.40 44.81
N GLN NA 240 -17.61 -52.73 44.76
CA GLN NA 240 -18.79 -53.40 45.31
C GLN NA 240 -18.95 -53.08 46.78
N TPO NA 241 -17.85 -53.20 47.51
CA TPO NA 241 -17.83 -52.91 48.95
CB TPO NA 241 -16.45 -53.20 49.52
CG2 TPO NA 241 -16.48 -53.08 51.05
OG1 TPO NA 241 -15.94 -54.45 49.05
P TPO NA 241 -16.46 -55.76 49.85
O1P TPO NA 241 -17.98 -55.64 50.35
O2P TPO NA 241 -15.48 -56.05 51.10
O3P TPO NA 241 -16.39 -56.91 48.93
C TPO NA 241 -18.23 -51.46 49.22
O TPO NA 241 -19.00 -51.17 50.14
N ILE NA 242 -17.71 -50.56 48.40
CA ILE NA 242 -17.95 -49.13 48.57
C ILE NA 242 -19.41 -48.77 48.30
N VAL NA 243 -19.98 -49.30 47.22
CA VAL NA 243 -21.39 -49.01 46.94
C VAL NA 243 -22.28 -49.67 47.99
N ASN NA 244 -21.91 -50.85 48.48
CA ASN NA 244 -22.68 -51.48 49.56
C ASN NA 244 -22.52 -50.72 50.87
N LEU NA 245 -21.48 -49.89 51.00
CA LEU NA 245 -21.34 -49.09 52.20
C LEU NA 245 -22.49 -48.12 52.36
N GLY NA 246 -22.94 -47.51 51.26
CA GLY NA 246 -24.08 -46.63 51.29
C GLY NA 246 -23.78 -45.17 51.54
N ILE NA 247 -22.52 -44.82 51.82
CA ILE NA 247 -22.16 -43.43 52.03
C ILE NA 247 -22.24 -42.66 50.71
N GLU NA 248 -22.29 -41.34 50.81
CA GLU NA 248 -22.31 -40.50 49.62
C GLU NA 248 -21.00 -40.64 48.86
N LEU NA 249 -21.10 -40.78 47.54
CA LEU NA 249 -19.96 -41.08 46.68
C LEU NA 249 -19.84 -40.07 45.55
N ASP NA 250 -20.16 -38.82 45.81
CA ASP NA 250 -19.85 -37.72 44.90
C ASP NA 250 -18.57 -37.02 45.28
N GLN NA 251 -17.96 -37.43 46.40
CA GLN NA 251 -16.81 -36.71 46.94
C GLN NA 251 -15.54 -37.00 46.15
N ILE NA 252 -15.37 -38.24 45.69
CA ILE NA 252 -14.12 -38.72 45.13
C ILE NA 252 -14.17 -38.64 43.61
N ILE NA 253 -13.08 -38.17 43.02
CA ILE NA 253 -12.95 -38.03 41.57
C ILE NA 253 -12.00 -39.12 41.10
N THR NA 254 -12.53 -40.17 40.48
CA THR NA 254 -11.77 -41.38 40.21
C THR NA 254 -11.25 -41.42 38.78
N THR NA 255 -10.40 -42.42 38.53
CA THR NA 255 -9.80 -42.62 37.21
C THR NA 255 -9.44 -44.09 37.06
N ASN NA 256 -9.58 -44.60 35.84
CA ASN NA 256 -9.33 -46.02 35.60
C ASN NA 256 -7.86 -46.38 35.75
N THR NA 257 -6.97 -45.55 35.22
CA THR NA 257 -5.55 -45.87 35.17
C THR NA 257 -4.73 -44.70 35.71
N MET NA 258 -3.47 -44.99 36.03
CA MET NA 258 -2.60 -43.98 36.62
C MET NA 258 -2.22 -42.90 35.63
N LYS NA 259 -2.05 -43.27 34.35
CA LYS NA 259 -1.67 -42.28 33.35
C LYS NA 259 -2.76 -41.23 33.17
N LYS NA 260 -4.00 -41.67 33.04
CA LYS NA 260 -5.11 -40.72 32.90
C LYS NA 260 -5.28 -39.88 34.16
N GLY NA 261 -5.03 -40.49 35.32
CA GLY NA 261 -5.08 -39.72 36.56
C GLY NA 261 -4.03 -38.63 36.60
N MET NA 262 -2.79 -38.96 36.21
CA MET NA 262 -1.74 -37.95 36.13
C MET NA 262 -2.12 -36.82 35.17
N GLU NA 263 -2.57 -37.18 33.97
CA GLU NA 263 -2.85 -36.13 32.99
C GLU NA 263 -4.01 -35.26 33.42
N ARG NA 264 -5.04 -35.85 34.06
CA ARG NA 264 -6.18 -35.04 34.47
C ARG NA 264 -5.87 -34.21 35.71
N ALA NA 265 -5.03 -34.71 36.61
CA ALA NA 265 -4.56 -33.89 37.72
C ALA NA 265 -3.75 -32.70 37.20
N LEU NA 266 -2.90 -32.94 36.20
CA LEU NA 266 -2.20 -31.83 35.58
C LEU NA 266 -3.16 -30.90 34.84
N ALA NA 267 -4.29 -31.43 34.37
CA ALA NA 267 -5.33 -30.57 33.83
C ALA NA 267 -5.95 -29.69 34.91
N LEU NA 268 -6.07 -30.21 36.13
CA LEU NA 268 -6.60 -29.40 37.23
C LEU NA 268 -5.73 -28.17 37.48
N THR NA 269 -4.41 -28.37 37.52
CA THR NA 269 -3.46 -27.26 37.55
C THR NA 269 -3.08 -26.97 36.10
N ASN NA 270 -3.97 -26.24 35.42
CA ASN NA 270 -3.97 -26.22 33.96
C ASN NA 270 -2.62 -25.82 33.38
N ARG NA 271 -2.02 -24.76 33.90
CA ARG NA 271 -0.75 -24.28 33.35
C ARG NA 271 0.43 -25.17 33.69
N GLU NA 272 0.23 -26.17 34.55
CA GLU NA 272 1.29 -27.12 34.87
C GLU NA 272 1.39 -28.26 33.87
N ILE NA 273 0.52 -28.28 32.85
CA ILE NA 273 0.58 -29.35 31.85
C ILE NA 273 1.90 -29.31 31.07
N VAL NA 274 2.53 -28.14 31.00
CA VAL NA 274 3.80 -28.00 30.30
C VAL NA 274 4.95 -28.44 31.19
N MET OA 1 -30.77 -79.58 -92.94
CA MET OA 1 -30.70 -78.67 -94.07
C MET OA 1 -31.68 -77.51 -93.89
N TYR OA 2 -31.23 -76.31 -94.27
CA TYR OA 2 -31.91 -75.08 -93.89
C TYR OA 2 -32.64 -74.38 -95.04
N LYS OA 3 -32.39 -74.77 -96.29
CA LYS OA 3 -32.98 -74.04 -97.42
C LYS OA 3 -34.46 -74.34 -97.55
N ASP OA 4 -34.82 -75.60 -97.82
CA ASP OA 4 -36.24 -75.94 -97.88
C ASP OA 4 -36.91 -75.83 -96.52
N PHE OA 5 -36.14 -75.89 -95.43
CA PHE OA 5 -36.72 -75.60 -94.13
C PHE OA 5 -37.28 -74.18 -94.09
N ALA OA 6 -36.54 -73.22 -94.64
CA ALA OA 6 -37.08 -71.87 -94.78
C ALA OA 6 -38.18 -71.80 -95.83
N ASN OA 7 -38.07 -72.60 -96.90
CA ASN OA 7 -39.10 -72.62 -97.93
C ASN OA 7 -40.42 -73.18 -97.42
N PHE OA 8 -40.40 -73.88 -96.30
CA PHE OA 8 -41.61 -74.30 -95.61
C PHE OA 8 -41.93 -73.41 -94.40
N ILE OA 9 -40.91 -72.73 -93.86
CA ILE OA 9 -41.14 -71.70 -92.85
C ILE OA 9 -41.91 -70.52 -93.45
N ARG OA 10 -41.81 -70.32 -94.77
CA ARG OA 10 -42.57 -69.24 -95.39
C ARG OA 10 -44.08 -69.40 -95.21
N THR OA 11 -44.54 -70.61 -94.88
CA THR OA 11 -45.92 -70.85 -94.47
C THR OA 11 -46.06 -71.17 -92.99
N ASN OA 12 -45.01 -71.74 -92.38
CA ASN OA 12 -45.02 -71.90 -90.94
C ASN OA 12 -45.07 -70.58 -90.20
N LYS OA 13 -44.71 -69.47 -90.86
CA LYS OA 13 -44.87 -68.16 -90.24
C LYS OA 13 -46.35 -67.81 -90.08
N LYS OA 14 -47.16 -68.08 -91.11
CA LYS OA 14 -48.60 -67.92 -90.96
C LYS OA 14 -49.16 -68.92 -89.95
N ASP OA 15 -48.61 -70.14 -89.93
CA ASP OA 15 -49.01 -71.10 -88.92
C ASP OA 15 -48.75 -70.59 -87.51
N LEU OA 16 -47.59 -69.98 -87.29
CA LEU OA 16 -47.27 -69.44 -85.96
C LEU OA 16 -48.05 -68.17 -85.67
N LEU OA 17 -48.45 -67.42 -86.70
CA LEU OA 17 -49.35 -66.30 -86.47
C LEU OA 17 -50.70 -66.78 -85.97
N ASN OA 18 -51.25 -67.82 -86.59
CA ASN OA 18 -52.46 -68.45 -86.05
C ASN OA 18 -52.21 -69.00 -84.65
N ASN OA 19 -51.00 -69.50 -84.40
CA ASN OA 19 -50.64 -69.99 -83.08
C ASN OA 19 -50.71 -68.89 -82.03
N TRP OA 20 -50.16 -67.71 -82.36
CA TRP OA 20 -50.25 -66.58 -81.45
C TRP OA 20 -51.70 -66.15 -81.27
N MET OA 21 -52.48 -66.19 -82.35
CA MET OA 21 -53.91 -65.88 -82.26
C MET OA 21 -54.60 -66.79 -81.26
N ASN OA 22 -54.28 -68.08 -81.30
CA ASN OA 22 -54.90 -69.03 -80.37
C ASN OA 22 -54.38 -68.85 -78.95
N GLU OA 23 -53.09 -68.54 -78.80
CA GLU OA 23 -52.46 -68.51 -77.49
C GLU OA 23 -52.72 -67.21 -76.73
N MET OA 24 -53.07 -66.12 -77.42
CA MET OA 24 -53.29 -64.85 -76.75
C MET OA 24 -54.40 -64.91 -75.71
N GLU OA 25 -55.33 -65.88 -75.84
CA GLU OA 25 -56.50 -65.91 -74.97
C GLU OA 25 -56.17 -66.38 -73.56
N LYS OA 26 -55.14 -67.20 -73.39
CA LYS OA 26 -54.93 -67.88 -72.11
C LYS OA 26 -54.06 -67.10 -71.14
N GLN OA 27 -53.07 -66.35 -71.61
CA GLN OA 27 -52.09 -65.71 -70.73
C GLN OA 27 -52.15 -64.19 -70.88
N SER OA 28 -52.77 -63.53 -69.91
CA SER OA 28 -52.72 -62.08 -69.75
C SER OA 28 -52.95 -61.34 -71.07
N ASP OA 29 -54.13 -61.57 -71.64
CA ASP OA 29 -54.48 -60.90 -72.89
C ASP OA 29 -54.50 -59.38 -72.77
N PRO OA 30 -55.19 -58.77 -71.78
CA PRO OA 30 -55.16 -57.30 -71.70
C PRO OA 30 -53.77 -56.73 -71.50
N LEU OA 31 -52.94 -57.39 -70.67
CA LEU OA 31 -51.61 -56.85 -70.38
C LEU OA 31 -50.74 -56.84 -71.63
N ILE OA 32 -50.68 -57.97 -72.33
CA ILE OA 32 -49.85 -58.05 -73.54
C ILE OA 32 -50.40 -57.16 -74.63
N ASN OA 33 -51.73 -57.06 -74.74
CA ASN OA 33 -52.33 -56.18 -75.73
C ASN OA 33 -51.98 -54.72 -75.47
N ASP OA 34 -51.99 -54.32 -74.19
CA ASP OA 34 -51.68 -52.93 -73.85
C ASP OA 34 -50.20 -52.62 -74.04
N ILE OA 35 -49.32 -53.51 -73.59
CA ILE OA 35 -47.89 -53.19 -73.62
C ILE OA 35 -47.32 -53.34 -75.02
N ALA OA 36 -47.88 -54.22 -75.85
CA ALA OA 36 -47.36 -54.46 -77.19
C ALA OA 36 -48.53 -54.66 -78.15
N LYS OA 37 -48.61 -53.81 -79.17
CA LYS OA 37 -49.63 -54.00 -80.19
C LYS OA 37 -49.34 -55.26 -80.99
N GLU OA 38 -50.41 -55.93 -81.40
CA GLU OA 38 -50.29 -57.26 -82.01
C GLU OA 38 -49.47 -57.28 -83.29
N PRO OA 39 -49.64 -56.35 -84.25
CA PRO OA 39 -48.87 -56.46 -85.51
C PRO OA 39 -47.36 -56.45 -85.31
N MET OA 40 -46.83 -55.60 -84.43
CA MET OA 40 -45.38 -55.55 -84.26
C MET OA 40 -44.87 -56.82 -83.60
N TYR OA 41 -45.61 -57.37 -82.64
CA TYR OA 41 -45.21 -58.63 -82.02
C TYR OA 41 -45.23 -59.75 -83.03
N GLU OA 42 -46.25 -59.78 -83.89
CA GLU OA 42 -46.34 -60.83 -84.91
C GLU OA 42 -45.18 -60.72 -85.90
N GLU OA 43 -44.85 -59.51 -86.35
CA GLU OA 43 -43.76 -59.37 -87.30
C GLU OA 43 -42.41 -59.66 -86.64
N THR OA 44 -42.25 -59.31 -85.36
CA THR OA 44 -41.03 -59.67 -84.66
C THR OA 44 -40.90 -61.19 -84.53
N SER OA 45 -42.00 -61.87 -84.24
CA SER OA 45 -41.96 -63.32 -84.13
C SER OA 45 -41.62 -63.98 -85.46
N ILE OA 46 -42.22 -63.50 -86.57
CA ILE OA 46 -41.91 -64.10 -87.85
C ILE OA 46 -40.47 -63.77 -88.27
N GLU OA 47 -39.97 -62.60 -87.89
CA GLU OA 47 -38.57 -62.27 -88.16
C GLU OA 47 -37.64 -63.19 -87.37
N PHE OA 48 -38.01 -63.51 -86.13
CA PHE OA 48 -37.20 -64.40 -85.31
C PHE OA 48 -37.23 -65.84 -85.85
N VAL OA 49 -38.36 -66.28 -86.39
CA VAL OA 49 -38.49 -67.67 -86.80
C VAL OA 49 -38.17 -67.92 -88.27
N ASP OA 50 -38.03 -66.88 -89.09
CA ASP OA 50 -37.86 -67.08 -90.52
C ASP OA 50 -36.41 -67.00 -90.99
N LEU OA 51 -35.61 -66.10 -90.43
CA LEU OA 51 -34.23 -65.92 -90.87
C LEU OA 51 -33.23 -66.77 -90.08
N ILE OA 52 -33.70 -67.60 -89.15
CA ILE OA 52 -32.79 -68.46 -88.41
C ILE OA 52 -32.16 -69.49 -89.33
N VAL OA 53 -32.92 -70.01 -90.29
CA VAL OA 53 -32.44 -71.02 -91.21
C VAL OA 53 -32.18 -70.42 -92.60
N SER OA 54 -32.02 -69.10 -92.68
CA SER OA 54 -31.67 -68.48 -93.95
C SER OA 54 -30.20 -68.61 -94.30
N ASN OA 55 -29.36 -68.94 -93.31
CA ASN OA 55 -27.96 -69.23 -93.57
C ASN OA 55 -27.82 -70.64 -94.14
N ILE OA 56 -26.60 -70.97 -94.57
CA ILE OA 56 -26.37 -72.24 -95.29
C ILE OA 56 -26.06 -73.30 -94.23
N THR OA 57 -27.15 -73.78 -93.60
CA THR OA 57 -27.17 -75.07 -92.90
C THR OA 57 -26.25 -75.12 -91.69
N GLU OA 58 -25.48 -74.07 -91.43
CA GLU OA 58 -24.45 -74.14 -90.39
C GLU OA 58 -24.74 -73.25 -89.19
N ASN OA 59 -24.84 -71.94 -89.37
CA ASN OA 59 -25.02 -71.00 -88.27
C ASN OA 59 -25.07 -69.59 -88.84
N GLY OA 60 -25.34 -68.63 -87.97
CA GLY OA 60 -25.25 -67.22 -88.31
C GLY OA 60 -24.93 -66.35 -87.11
N SER OA 61 -23.85 -65.56 -87.20
CA SER OA 61 -23.47 -64.69 -86.10
C SER OA 61 -24.37 -63.46 -85.99
N LYS OA 62 -24.70 -62.85 -87.13
CA LYS OA 62 -25.60 -61.70 -87.11
C LYS OA 62 -26.96 -62.09 -86.56
N PHE OA 63 -27.50 -63.24 -86.99
CA PHE OA 63 -28.76 -63.68 -86.42
C PHE OA 63 -28.60 -64.19 -85.00
N ASN OA 64 -27.40 -64.59 -84.59
CA ASN OA 64 -27.17 -64.88 -83.18
C ASN OA 64 -27.32 -63.62 -82.33
N GLU OA 65 -26.74 -62.51 -82.80
CA GLU OA 65 -26.95 -61.24 -82.12
C GLU OA 65 -28.41 -60.82 -82.15
N LYS OA 66 -29.08 -61.06 -83.28
CA LYS OA 66 -30.51 -60.76 -83.37
C LYS OA 66 -31.32 -61.59 -82.37
N LEU OA 67 -30.97 -62.86 -82.20
CA LEU OA 67 -31.66 -63.71 -81.25
C LEU OA 67 -31.41 -63.26 -79.82
N ASP OA 68 -30.18 -62.83 -79.51
CA ASP OA 68 -29.91 -62.28 -78.19
C ASP OA 68 -30.71 -61.01 -77.93
N ASP OA 69 -30.80 -60.16 -78.96
CA ASP OA 69 -31.62 -58.95 -78.84
C ASP OA 69 -33.09 -59.30 -78.63
N PHE OA 70 -33.59 -60.32 -79.34
CA PHE OA 70 -34.96 -60.77 -79.14
C PHE OA 70 -35.17 -61.29 -77.72
N ALA OA 71 -34.20 -62.02 -77.19
CA ALA OA 71 -34.30 -62.53 -75.84
C ALA OA 71 -34.35 -61.40 -74.82
N GLU OA 72 -33.48 -60.39 -74.98
CA GLU OA 72 -33.53 -59.27 -74.04
C GLU OA 72 -34.81 -58.46 -74.20
N LYS OA 73 -35.33 -58.35 -75.43
CA LYS OA 73 -36.57 -57.63 -75.65
C LYS OA 73 -37.76 -58.34 -75.00
N VAL OA 74 -37.81 -59.67 -75.09
CA VAL OA 74 -38.90 -60.38 -74.44
C VAL OA 74 -38.69 -60.46 -72.93
N VAL OA 75 -37.46 -60.33 -72.46
CA VAL OA 75 -37.24 -60.19 -71.02
C VAL OA 75 -37.81 -58.87 -70.52
N HIS OA 76 -37.50 -57.77 -71.22
CA HIS OA 76 -37.97 -56.46 -70.80
C HIS OA 76 -39.48 -56.31 -70.98
N LEU OA 77 -40.05 -56.94 -72.02
CA LEU OA 77 -41.47 -56.75 -72.32
C LEU OA 77 -42.36 -57.45 -71.30
N GLY OA 78 -41.82 -58.37 -70.52
CA GLY OA 78 -42.62 -59.07 -69.52
C GLY OA 78 -42.98 -60.49 -69.91
N TRP OA 79 -42.01 -61.20 -70.48
CA TRP OA 79 -42.18 -62.59 -70.90
C TRP OA 79 -41.11 -63.44 -70.24
N PRO OA 80 -41.35 -63.92 -69.01
CA PRO OA 80 -40.35 -64.76 -68.34
C PRO OA 80 -40.25 -66.14 -68.95
N ILE OA 81 -39.49 -67.03 -68.31
CA ILE OA 81 -39.27 -68.36 -68.87
C ILE OA 81 -40.57 -69.14 -68.98
N HIS OA 82 -41.52 -68.89 -68.10
CA HIS OA 82 -42.82 -69.56 -68.18
C HIS OA 82 -43.54 -69.19 -69.48
N PHE OA 83 -43.56 -67.90 -69.81
CA PHE OA 83 -44.24 -67.46 -71.02
C PHE OA 83 -43.53 -67.99 -72.27
N VAL OA 84 -42.20 -68.01 -72.26
CA VAL OA 84 -41.46 -68.50 -73.41
C VAL OA 84 -41.67 -70.01 -73.57
N THR OA 85 -41.76 -70.74 -72.46
CA THR OA 85 -42.06 -72.16 -72.52
C THR OA 85 -43.46 -72.41 -73.06
N THR OA 86 -44.44 -71.61 -72.64
CA THR OA 86 -45.78 -71.72 -73.22
C THR OA 86 -45.74 -71.43 -74.72
N GLY OA 87 -44.94 -70.45 -75.13
CA GLY OA 87 -44.76 -70.18 -76.54
C GLY OA 87 -44.19 -71.35 -77.30
N LEU OA 88 -43.19 -72.02 -76.72
CA LEU OA 88 -42.62 -73.20 -77.36
C LEU OA 88 -43.65 -74.33 -77.46
N ARG OA 89 -44.43 -74.53 -76.40
CA ARG OA 89 -45.45 -75.58 -76.40
C ARG OA 89 -46.48 -75.33 -77.48
N VAL OA 90 -46.96 -74.09 -77.59
CA VAL OA 90 -47.95 -73.78 -78.61
C VAL OA 90 -47.32 -73.79 -80.01
N PHE OA 91 -46.04 -73.44 -80.12
CA PHE OA 91 -45.31 -73.62 -81.37
C PHE OA 91 -45.39 -75.07 -81.83
N GLY OA 92 -45.05 -76.00 -80.94
CA GLY OA 92 -45.13 -77.41 -81.28
C GLY OA 92 -46.54 -77.84 -81.64
N LEU OA 93 -47.53 -77.38 -80.87
CA LEU OA 93 -48.91 -77.76 -81.12
C LEU OA 93 -49.35 -77.33 -82.53
N LEU OA 94 -49.08 -76.08 -82.89
CA LEU OA 94 -49.51 -75.59 -84.19
C LEU OA 94 -48.66 -76.14 -85.33
N VAL OA 95 -47.40 -76.49 -85.08
CA VAL OA 95 -46.64 -77.22 -86.08
C VAL OA 95 -47.29 -78.58 -86.33
N TYR OA 96 -47.73 -79.25 -85.26
CA TYR OA 96 -48.41 -80.53 -85.42
C TYR OA 96 -49.68 -80.38 -86.25
N THR OA 97 -50.47 -79.35 -85.94
CA THR OA 97 -51.70 -79.13 -86.70
C THR OA 97 -51.41 -78.82 -88.16
N ALA OA 98 -50.40 -77.98 -88.42
CA ALA OA 98 -50.07 -77.60 -89.78
C ALA OA 98 -49.60 -78.80 -90.59
N MET OA 99 -48.72 -79.62 -90.01
CA MET OA 99 -48.25 -80.81 -90.73
C MET OA 99 -49.37 -81.83 -90.91
N ARG OA 100 -50.33 -81.88 -89.99
CA ARG OA 100 -51.52 -82.66 -90.23
C ARG OA 100 -52.35 -82.08 -91.38
N ASP OA 101 -52.27 -80.77 -91.59
CA ASP OA 101 -53.05 -80.12 -92.66
C ASP OA 101 -52.21 -79.84 -93.90
N GLU OA 102 -51.10 -79.13 -93.76
CA GLU OA 102 -50.31 -78.72 -94.92
C GLU OA 102 -49.68 -79.92 -95.61
N ASP OA 103 -49.00 -80.77 -94.84
CA ASP OA 103 -48.38 -82.01 -95.34
C ASP OA 103 -47.37 -81.71 -96.45
N LEU OA 104 -46.31 -81.01 -96.09
CA LEU OA 104 -45.22 -80.71 -97.02
C LEU OA 104 -43.93 -80.63 -96.23
N PHE OA 105 -43.13 -81.69 -96.27
CA PHE OA 105 -41.89 -81.79 -95.52
C PHE OA 105 -40.71 -81.40 -96.41
N LEU OA 106 -39.49 -81.66 -95.92
CA LEU OA 106 -38.29 -81.14 -96.58
C LEU OA 106 -38.05 -81.83 -97.92
N LYS OA 107 -37.82 -83.14 -97.90
CA LYS OA 107 -37.42 -83.86 -99.10
C LYS OA 107 -38.63 -84.19 -99.97
N ARG OA 108 -38.38 -84.22 -101.28
CA ARG OA 108 -39.44 -84.52 -102.25
C ARG OA 108 -39.73 -86.01 -102.24
N GLU OA 109 -40.94 -86.37 -101.83
CA GLU OA 109 -41.35 -87.77 -101.78
C GLU OA 109 -42.87 -87.83 -101.66
N GLU OA 110 -43.45 -88.91 -102.16
CA GLU OA 110 -44.90 -89.09 -102.05
C GLU OA 110 -45.33 -89.24 -100.60
N LYS OA 111 -44.46 -89.80 -99.75
CA LYS OA 111 -44.77 -90.00 -98.34
C LYS OA 111 -43.47 -89.91 -97.55
N PRO OA 112 -43.22 -88.78 -96.89
CA PRO OA 112 -41.96 -88.62 -96.14
C PRO OA 112 -41.92 -89.56 -94.95
N GLU OA 113 -40.75 -89.59 -94.30
CA GLU OA 113 -40.48 -90.50 -93.20
C GLU OA 113 -40.18 -89.70 -91.92
N ASP OA 114 -39.76 -90.42 -90.89
CA ASP OA 114 -39.56 -89.83 -89.57
C ASP OA 114 -38.37 -88.88 -89.51
N ASP OA 115 -37.46 -88.93 -90.49
CA ASP OA 115 -36.22 -88.18 -90.44
C ASP OA 115 -36.47 -86.69 -90.30
N ALA OA 116 -37.04 -86.05 -91.34
CA ALA OA 116 -37.37 -84.63 -91.24
C ALA OA 116 -38.48 -84.41 -90.21
N TYR OA 117 -39.35 -85.41 -90.04
CA TYR OA 117 -40.44 -85.33 -89.09
C TYR OA 117 -39.94 -84.92 -87.71
N TYR OA 118 -38.82 -85.51 -87.27
CA TYR OA 118 -38.24 -85.11 -86.00
C TYR OA 118 -37.08 -84.13 -86.12
N ARG OA 119 -36.50 -83.97 -87.31
CA ARG OA 119 -35.54 -82.88 -87.51
C ARG OA 119 -36.19 -81.54 -87.23
N PHE OA 120 -37.47 -81.40 -87.60
CA PHE OA 120 -38.21 -80.19 -87.27
C PHE OA 120 -38.18 -79.91 -85.78
N GLU OA 121 -38.55 -80.91 -84.96
CA GLU OA 121 -38.61 -80.71 -83.53
C GLU OA 121 -37.23 -80.51 -82.91
N THR OA 122 -36.20 -81.19 -83.46
CA THR OA 122 -34.84 -80.96 -82.96
C THR OA 122 -34.42 -79.51 -83.20
N TRP OA 123 -34.73 -78.96 -84.38
CA TRP OA 123 -34.37 -77.57 -84.64
C TRP OA 123 -35.20 -76.61 -83.79
N LEU OA 124 -36.47 -76.94 -83.53
CA LEU OA 124 -37.28 -76.14 -82.62
C LEU OA 124 -36.65 -76.09 -81.24
N SER OA 125 -36.25 -77.26 -80.73
CA SER OA 125 -35.61 -77.33 -79.43
C SER OA 125 -34.27 -76.59 -79.42
N SER OA 126 -33.54 -76.64 -80.53
CA SER OA 126 -32.26 -75.94 -80.61
C SER OA 126 -32.45 -74.43 -80.55
N MET OA 127 -33.43 -73.89 -81.29
CA MET OA 127 -33.63 -72.45 -81.22
C MET OA 127 -34.12 -72.05 -79.83
N TYR OA 128 -34.96 -72.88 -79.22
CA TYR OA 128 -35.39 -72.61 -77.85
C TYR OA 128 -34.21 -72.64 -76.88
N ASN OA 129 -33.27 -73.56 -77.11
CA ASN OA 129 -32.07 -73.64 -76.28
C ASN OA 129 -31.24 -72.36 -76.39
N LYS OA 130 -31.04 -71.88 -77.62
CA LYS OA 130 -30.29 -70.64 -77.80
C LYS OA 130 -31.03 -69.46 -77.16
N VAL OA 131 -32.36 -69.43 -77.29
CA VAL OA 131 -33.15 -68.35 -76.70
C VAL OA 131 -33.00 -68.34 -75.19
N VAL OA 132 -33.12 -69.51 -74.54
CA VAL OA 132 -33.00 -69.55 -73.08
C VAL OA 132 -31.56 -69.29 -72.66
N THR OA 133 -30.58 -69.64 -73.49
CA THR OA 133 -29.19 -69.31 -73.20
C THR OA 133 -28.97 -67.81 -73.19
N ALA OA 134 -29.54 -67.10 -74.16
CA ALA OA 134 -29.44 -65.64 -74.18
C ALA OA 134 -30.35 -64.98 -73.15
N TYR OA 135 -31.34 -65.71 -72.64
CA TYR OA 135 -32.31 -65.14 -71.70
C TYR OA 135 -31.64 -64.70 -70.40
N ALA OA 136 -30.77 -65.53 -69.85
CA ALA OA 136 -30.33 -65.36 -68.46
C ALA OA 136 -29.06 -64.54 -68.31
N ASP OA 137 -28.44 -64.10 -69.42
CA ASP OA 137 -27.16 -63.39 -69.31
C ASP OA 137 -27.31 -62.09 -68.53
N THR OA 138 -28.27 -61.25 -68.94
CA THR OA 138 -28.47 -59.97 -68.27
C THR OA 138 -28.92 -60.16 -66.83
N TRP OA 139 -29.76 -61.17 -66.58
CA TRP OA 139 -30.23 -61.43 -65.23
C TRP OA 139 -29.07 -61.82 -64.31
N GLU OA 140 -28.20 -62.71 -64.78
CA GLU OA 140 -27.05 -63.09 -63.97
C GLU OA 140 -26.12 -61.90 -63.75
N LYS OA 141 -25.91 -61.09 -64.79
CA LYS OA 141 -25.04 -59.92 -64.63
C LYS OA 141 -25.60 -58.93 -63.61
N THR OA 142 -26.91 -58.66 -63.66
CA THR OA 142 -27.48 -57.71 -62.71
C THR OA 142 -27.52 -58.30 -61.30
N VAL OA 143 -27.72 -59.60 -61.16
CA VAL OA 143 -27.63 -60.23 -59.85
C VAL OA 143 -26.23 -60.08 -59.28
N SER OA 144 -25.21 -60.33 -60.11
CA SER OA 144 -23.83 -60.22 -59.64
C SER OA 144 -23.49 -58.79 -59.25
N ILE OA 145 -23.90 -57.81 -60.05
CA ILE OA 145 -23.56 -56.42 -59.71
C ILE OA 145 -24.32 -55.96 -58.47
N GLN OA 146 -25.57 -56.40 -58.31
CA GLN OA 146 -26.31 -56.06 -57.10
C GLN OA 146 -25.67 -56.69 -55.87
N LYS OA 147 -25.22 -57.95 -55.99
CA LYS OA 147 -24.53 -58.59 -54.87
C LYS OA 147 -23.23 -57.86 -54.53
N SER OA 148 -22.47 -57.46 -55.54
CA SER OA 148 -21.22 -56.73 -55.28
C SER OA 148 -21.49 -55.39 -54.61
N ALA OA 149 -22.52 -54.66 -55.09
CA ALA OA 149 -22.86 -53.39 -54.47
C ALA OA 149 -23.33 -53.57 -53.03
N LEU OA 150 -24.14 -54.61 -52.78
CA LEU OA 150 -24.58 -54.89 -51.42
C LEU OA 150 -23.40 -55.23 -50.53
N GLN OA 151 -22.42 -55.96 -51.07
CA GLN OA 151 -21.24 -56.31 -50.30
C GLN OA 151 -20.42 -55.07 -49.95
N GLU OA 152 -20.21 -54.17 -50.91
CA GLU OA 152 -19.41 -52.99 -50.64
C GLU OA 152 -20.16 -51.94 -49.83
N LEU OA 153 -21.49 -52.00 -49.77
CA LEU OA 153 -22.29 -51.06 -49.01
C LEU OA 153 -22.58 -51.52 -47.58
N SER OA 154 -22.23 -52.76 -47.22
CA SER OA 154 -22.71 -53.32 -45.96
C SER OA 154 -22.02 -52.69 -44.76
N ALA OA 155 -20.70 -52.54 -44.80
CA ALA OA 155 -19.91 -52.10 -43.65
C ALA OA 155 -19.07 -50.89 -44.03
N PRO OA 156 -19.67 -49.71 -44.08
CA PRO OA 156 -18.92 -48.50 -44.42
C PRO OA 156 -18.15 -47.96 -43.23
N LEU OA 157 -16.84 -48.15 -43.23
CA LEU OA 157 -15.99 -47.51 -42.24
C LEU OA 157 -15.55 -46.12 -42.68
N LEU OA 158 -15.97 -45.68 -43.86
CA LEU OA 158 -15.61 -44.35 -44.34
C LEU OA 158 -16.00 -43.23 -43.39
N PRO OA 159 -17.20 -43.21 -42.77
CA PRO OA 159 -17.49 -42.16 -41.79
C PRO OA 159 -16.48 -42.19 -40.66
N ILE OA 160 -15.70 -41.11 -40.52
CA ILE OA 160 -14.55 -41.08 -39.62
C ILE OA 160 -14.53 -39.76 -38.86
N PHE OA 161 -14.37 -39.83 -37.55
CA PHE OA 161 -14.17 -38.71 -36.66
C PHE OA 161 -12.66 -38.49 -36.50
N GLU OA 162 -12.29 -37.48 -35.71
CA GLU OA 162 -10.86 -37.34 -35.37
C GLU OA 162 -10.49 -38.41 -34.37
N LYS OA 163 -9.69 -39.39 -34.82
CA LYS OA 163 -9.23 -40.53 -34.01
C LYS OA 163 -10.37 -41.44 -33.57
N ILE OA 164 -11.57 -41.23 -34.09
CA ILE OA 164 -12.73 -42.07 -33.79
C ILE OA 164 -13.31 -42.53 -35.12
N SER OA 165 -13.74 -43.79 -35.19
CA SER OA 165 -14.24 -44.39 -36.42
C SER OA 165 -15.63 -44.95 -36.18
N VAL OA 166 -16.65 -44.25 -36.64
CA VAL OA 166 -18.03 -44.70 -36.48
C VAL OA 166 -18.36 -45.70 -37.58
N MET OA 167 -19.49 -46.40 -37.43
CA MET OA 167 -19.89 -47.40 -38.41
C MET OA 167 -21.42 -47.45 -38.50
N PRO OA 168 -22.00 -47.13 -39.66
CA PRO OA 168 -23.47 -47.00 -39.74
C PRO OA 168 -24.23 -48.30 -39.47
N LEU OA 169 -23.97 -49.34 -40.25
CA LEU OA 169 -24.63 -50.64 -40.09
C LEU OA 169 -26.15 -50.47 -39.98
N ILE OA 170 -26.73 -50.02 -41.09
CA ILE OA 170 -28.15 -49.70 -41.09
C ILE OA 170 -29.01 -50.88 -41.56
N GLY OA 171 -28.61 -51.57 -42.62
CA GLY OA 171 -29.45 -52.59 -43.19
C GLY OA 171 -29.44 -53.88 -42.40
N THR OA 172 -30.45 -54.71 -42.67
CA THR OA 172 -30.50 -56.04 -42.07
C THR OA 172 -29.33 -56.88 -42.57
N ILE OA 173 -28.83 -57.75 -41.69
CA ILE OA 173 -27.63 -58.52 -41.96
C ILE OA 173 -27.89 -59.99 -41.67
N ASP OA 174 -27.20 -60.85 -42.41
CA ASP OA 174 -27.25 -62.29 -42.18
C ASP OA 174 -25.85 -62.80 -41.86
N TPO OA 175 -25.63 -64.10 -42.02
CA TPO OA 175 -24.35 -64.71 -41.64
CB TPO OA 175 -24.48 -66.26 -41.60
CG2 TPO OA 175 -23.43 -67.02 -42.41
OG1 TPO OA 175 -24.51 -66.76 -40.26
P TPO OA 175 -23.34 -66.19 -39.29
O1P TPO OA 175 -21.97 -65.85 -40.04
O2P TPO OA 175 -23.02 -67.34 -38.21
O3P TPO OA 175 -23.81 -64.98 -38.57
C TPO OA 175 -23.23 -64.29 -42.60
O TPO OA 175 -22.12 -63.97 -42.16
N GLU OA 176 -23.52 -64.25 -43.90
CA GLU OA 176 -22.54 -63.80 -44.88
C GLU OA 176 -22.22 -62.34 -44.63
N ARG OA 177 -23.27 -61.54 -44.44
CA ARG OA 177 -23.07 -60.14 -44.12
C ARG OA 177 -22.36 -59.97 -42.78
N ALA OA 178 -22.63 -60.85 -41.81
CA ALA OA 178 -21.93 -60.76 -40.53
C ALA OA 178 -20.44 -60.99 -40.69
N LYS OA 179 -20.06 -62.01 -41.47
CA LYS OA 179 -18.64 -62.24 -41.74
C LYS OA 179 -18.02 -61.06 -42.48
N LEU OA 180 -18.76 -60.51 -43.44
CA LEU OA 180 -18.26 -59.34 -44.16
C LEU OA 180 -18.03 -58.17 -43.21
N ILE OA 181 -18.97 -57.95 -42.29
CA ILE OA 181 -18.86 -56.83 -41.36
C ILE OA 181 -17.67 -57.01 -40.43
N ILE OA 182 -17.50 -58.21 -39.87
CA ILE OA 182 -16.39 -58.41 -38.94
C ILE OA 182 -15.06 -58.23 -39.67
N GLU OA 183 -14.94 -58.81 -40.87
CA GLU OA 183 -13.70 -58.68 -41.64
C GLU OA 183 -13.42 -57.21 -41.97
N ASN OA 184 -14.44 -56.51 -42.49
CA ASN OA 184 -14.25 -55.13 -42.91
C ASN OA 184 -13.92 -54.23 -41.73
N LEU OA 185 -14.57 -54.44 -40.59
CA LEU OA 185 -14.29 -53.63 -39.41
C LEU OA 185 -12.86 -53.82 -38.94
N LEU OA 186 -12.39 -55.06 -38.88
CA LEU OA 186 -11.00 -55.28 -38.50
C LEU OA 186 -10.04 -54.66 -39.50
N ILE OA 187 -10.30 -54.83 -40.80
CA ILE OA 187 -9.40 -54.26 -41.80
C ILE OA 187 -9.36 -52.75 -41.67
N GLY OA 188 -10.53 -52.11 -41.51
CA GLY OA 188 -10.58 -50.67 -41.40
C GLY OA 188 -9.86 -50.15 -40.17
N VAL OA 189 -10.04 -50.83 -39.03
CA VAL OA 189 -9.35 -50.38 -37.83
C VAL OA 189 -7.85 -50.64 -37.93
N VAL OA 190 -7.43 -51.65 -38.71
CA VAL OA 190 -6.00 -51.84 -38.94
C VAL OA 190 -5.43 -50.70 -39.77
N LYS OA 191 -6.08 -50.36 -40.88
CA LYS OA 191 -5.52 -49.35 -41.77
C LYS OA 191 -5.50 -47.98 -41.12
N ASN OA 192 -6.56 -47.60 -40.44
CA ASN OA 192 -6.70 -46.28 -39.87
C ASN OA 192 -6.49 -46.33 -38.36
N ARG OA 193 -5.70 -45.38 -37.85
CA ARG OA 193 -5.51 -45.27 -36.41
C ARG OA 193 -6.73 -44.63 -35.78
N SER OA 194 -7.24 -45.27 -34.74
CA SER OA 194 -8.41 -44.79 -34.01
C SER OA 194 -8.38 -45.39 -32.61
N GLU OA 195 -9.31 -44.95 -31.77
CA GLU OA 195 -9.37 -45.47 -30.41
C GLU OA 195 -10.78 -45.93 -30.04
N VAL OA 196 -11.79 -45.34 -30.67
CA VAL OA 196 -13.18 -45.66 -30.37
C VAL OA 196 -13.90 -46.02 -31.67
N VAL OA 197 -14.65 -47.10 -31.65
CA VAL OA 197 -15.46 -47.53 -32.78
C VAL OA 197 -16.91 -47.46 -32.35
N LEU OA 198 -17.67 -46.56 -32.98
CA LEU OA 198 -19.09 -46.39 -32.68
C LEU OA 198 -19.89 -47.21 -33.67
N ILE OA 199 -20.39 -48.36 -33.22
CA ILE OA 199 -21.23 -49.21 -34.04
C ILE OA 199 -22.69 -48.85 -33.82
N ASP OA 200 -23.41 -48.57 -34.89
CA ASP OA 200 -24.83 -48.24 -34.83
C ASP OA 200 -25.63 -49.48 -35.19
N ILE OA 201 -26.11 -50.20 -34.18
CA ILE OA 201 -26.99 -51.31 -34.47
C ILE OA 201 -28.39 -50.80 -34.80
N THR OA 202 -28.67 -49.53 -34.54
CA THR OA 202 -29.93 -48.95 -34.95
C THR OA 202 -30.11 -49.07 -36.46
N GLY OA 203 -31.25 -49.63 -36.86
CA GLY OA 203 -31.53 -49.80 -38.27
C GLY OA 203 -31.89 -51.22 -38.64
N VAL OA 204 -31.24 -52.19 -38.00
CA VAL OA 204 -31.56 -53.60 -38.28
C VAL OA 204 -32.89 -53.93 -37.60
N PRO OA 205 -33.86 -54.47 -38.34
CA PRO OA 205 -35.18 -54.76 -37.73
C PRO OA 205 -35.12 -55.83 -36.65
N VAL OA 206 -34.62 -57.00 -36.98
CA VAL OA 206 -34.59 -58.14 -36.07
C VAL OA 206 -33.23 -58.81 -36.18
N VAL OA 207 -32.64 -59.13 -35.02
CA VAL OA 207 -31.37 -59.83 -34.95
C VAL OA 207 -31.59 -61.14 -34.21
N ASP OA 208 -31.17 -62.25 -34.82
CA ASP OA 208 -31.29 -63.55 -34.18
C ASP OA 208 -30.13 -63.73 -33.20
N THR OA 209 -29.95 -64.95 -32.70
CA THR OA 209 -28.92 -65.18 -31.69
C THR OA 209 -27.53 -65.09 -32.31
N MET OA 210 -27.33 -65.73 -33.46
CA MET OA 210 -25.97 -65.92 -33.96
C MET OA 210 -25.37 -64.61 -34.48
N VAL OA 211 -26.19 -63.78 -35.13
CA VAL OA 211 -25.72 -62.48 -35.58
C VAL OA 211 -25.34 -61.61 -34.40
N ALA OA 212 -26.13 -61.64 -33.34
CA ALA OA 212 -25.79 -60.90 -32.13
C ALA OA 212 -24.49 -61.42 -31.52
N HIS OA 213 -24.29 -62.73 -31.56
CA HIS OA 213 -23.02 -63.29 -31.07
C HIS OA 213 -21.85 -62.79 -31.89
N HIS OA 214 -22.00 -62.74 -33.21
CA HIS OA 214 -20.95 -62.17 -34.05
C HIS OA 214 -20.73 -60.69 -33.76
N ILE OA 215 -21.78 -59.95 -33.44
CA ILE OA 215 -21.60 -58.54 -33.09
C ILE OA 215 -20.79 -58.40 -31.80
N ILE OA 216 -21.10 -59.22 -30.80
CA ILE OA 216 -20.32 -59.21 -29.56
C ILE OA 216 -18.88 -59.62 -29.84
N GLN OA 217 -18.69 -60.57 -30.75
CA GLN OA 217 -17.34 -60.96 -31.13
C GLN OA 217 -16.60 -59.81 -31.80
N ALA OA 218 -17.30 -59.02 -32.63
CA ALA OA 218 -16.67 -57.86 -33.25
C ALA OA 218 -16.26 -56.84 -32.20
N SER OA 219 -17.12 -56.61 -31.21
CA SER OA 219 -16.77 -55.69 -30.14
C SER OA 219 -15.54 -56.18 -29.39
N GLU OA 220 -15.52 -57.46 -29.03
CA GLU OA 220 -14.38 -58.01 -28.32
C GLU OA 220 -13.12 -57.98 -29.18
N ALA OA 221 -13.27 -58.15 -30.49
CA ALA OA 221 -12.12 -58.14 -31.39
C ALA OA 221 -11.51 -56.76 -31.49
N VAL OA 222 -12.35 -55.73 -31.64
CA VAL OA 222 -11.78 -54.39 -31.71
C VAL OA 222 -11.22 -53.98 -30.35
N ARG OA 223 -11.76 -54.53 -29.25
CA ARG OA 223 -11.13 -54.29 -27.96
C ARG OA 223 -9.77 -54.97 -27.88
N LEU OA 224 -9.67 -56.20 -28.40
CA LEU OA 224 -8.43 -56.96 -28.34
C LEU OA 224 -7.39 -56.42 -29.31
N VAL OA 225 -7.82 -55.66 -30.33
CA VAL OA 225 -6.86 -54.86 -31.06
C VAL OA 225 -6.29 -53.78 -30.14
N GLY OA 226 -7.16 -53.14 -29.35
CA GLY OA 226 -6.75 -52.08 -28.46
C GLY OA 226 -7.53 -50.80 -28.64
N CYS OA 227 -8.75 -50.91 -29.16
CA CYS OA 227 -9.65 -49.78 -29.36
C CYS OA 227 -10.98 -50.08 -28.66
N GLN OA 228 -11.46 -49.12 -27.87
CA GLN OA 228 -12.70 -49.31 -27.14
C GLN OA 228 -13.88 -49.39 -28.10
N ALA OA 229 -14.81 -50.29 -27.81
CA ALA OA 229 -15.99 -50.51 -28.64
C ALA OA 229 -17.19 -49.91 -27.93
N MET OA 230 -17.57 -48.70 -28.34
CA MET OA 230 -18.71 -48.01 -27.73
C MET OA 230 -19.94 -48.22 -28.61
N LEU OA 231 -20.48 -49.42 -28.52
CA LEU OA 231 -21.62 -49.80 -29.35
C LEU OA 231 -22.85 -48.98 -28.95
N VAL OA 232 -23.52 -48.40 -29.94
CA VAL OA 232 -24.57 -47.43 -29.70
C VAL OA 232 -25.78 -47.74 -30.56
N GLY OA 233 -26.96 -47.39 -30.05
CA GLY OA 233 -28.18 -47.52 -30.83
C GLY OA 233 -28.82 -48.89 -30.76
N ILE OA 234 -29.17 -49.34 -29.56
CA ILE OA 234 -29.74 -50.67 -29.34
C ILE OA 234 -31.25 -50.53 -29.26
N ARG OA 235 -31.97 -51.41 -29.95
CA ARG OA 235 -33.42 -51.41 -29.93
C ARG OA 235 -33.95 -52.45 -28.95
N PRO OA 236 -35.24 -52.38 -28.58
CA PRO OA 236 -35.75 -53.28 -27.53
C PRO OA 236 -35.62 -54.76 -27.85
N GLU OA 237 -36.19 -55.21 -28.96
CA GLU OA 237 -36.20 -56.64 -29.27
C GLU OA 237 -34.79 -57.20 -29.39
N ILE OA 238 -33.90 -56.46 -30.04
CA ILE OA 238 -32.52 -56.91 -30.19
C ILE OA 238 -31.83 -56.99 -28.83
N ALA OA 239 -32.14 -56.06 -27.92
CA ALA OA 239 -31.57 -56.15 -26.58
C ALA OA 239 -32.09 -57.37 -25.84
N GLN OA 240 -33.37 -57.66 -25.99
CA GLN OA 240 -33.97 -58.85 -25.39
C GLN OA 240 -33.25 -60.09 -25.89
N TPO OA 241 -32.97 -60.12 -27.19
CA TPO OA 241 -32.31 -61.28 -27.79
CB TPO OA 241 -32.42 -61.22 -29.33
CG2 TPO OA 241 -31.07 -61.40 -30.05
OG1 TPO OA 241 -33.38 -62.16 -29.84
P TPO OA 241 -33.32 -63.64 -29.18
O1P TPO OA 241 -33.96 -64.67 -30.24
O2P TPO OA 241 -34.14 -63.70 -27.95
O3P TPO OA 241 -31.82 -64.13 -28.86
C TPO OA 241 -30.86 -61.43 -27.34
O TPO OA 241 -30.39 -62.53 -27.08
N ILE OA 242 -30.16 -60.30 -27.22
CA ILE OA 242 -28.78 -60.32 -26.78
C ILE OA 242 -28.70 -60.82 -25.35
N VAL OA 243 -29.58 -60.30 -24.50
CA VAL OA 243 -29.54 -60.72 -23.09
C VAL OA 243 -30.03 -62.16 -22.94
N ASN OA 244 -30.94 -62.61 -23.80
CA ASN OA 244 -31.36 -64.02 -23.77
C ASN OA 244 -30.24 -64.93 -24.25
N LEU OA 245 -29.34 -64.42 -25.11
CA LEU OA 245 -28.21 -65.22 -25.54
C LEU OA 245 -27.33 -65.62 -24.38
N GLY OA 246 -27.31 -64.83 -23.31
CA GLY OA 246 -26.52 -65.14 -22.13
C GLY OA 246 -25.08 -64.69 -22.20
N ILE OA 247 -24.65 -64.06 -23.30
CA ILE OA 247 -23.29 -63.57 -23.41
C ILE OA 247 -23.09 -62.43 -22.43
N GLU OA 248 -21.89 -62.36 -21.85
CA GLU OA 248 -21.60 -61.30 -20.89
C GLU OA 248 -21.64 -59.93 -21.58
N LEU OA 249 -22.23 -58.96 -20.89
CA LEU OA 249 -22.45 -57.63 -21.44
C LEU OA 249 -21.78 -56.53 -20.64
N ASP OA 250 -20.90 -56.87 -19.71
CA ASP OA 250 -20.23 -55.85 -18.91
C ASP OA 250 -19.13 -55.14 -19.69
N GLN OA 251 -18.44 -55.85 -20.59
CA GLN OA 251 -17.33 -55.24 -21.31
C GLN OA 251 -17.79 -54.23 -22.36
N ILE OA 252 -19.01 -54.35 -22.86
CA ILE OA 252 -19.51 -53.46 -23.90
C ILE OA 252 -20.15 -52.25 -23.25
N ILE OA 253 -19.73 -51.07 -23.68
CA ILE OA 253 -20.28 -49.81 -23.21
C ILE OA 253 -21.31 -49.35 -24.23
N THR OA 254 -22.53 -49.10 -23.77
CA THR OA 254 -23.65 -48.84 -24.66
C THR OA 254 -24.16 -47.41 -24.51
N THR OA 255 -24.92 -46.97 -25.50
CA THR OA 255 -25.54 -45.66 -25.46
C THR OA 255 -26.77 -45.68 -26.35
N ASN OA 256 -27.74 -44.82 -26.02
CA ASN OA 256 -28.99 -44.78 -26.77
C ASN OA 256 -28.83 -44.18 -28.16
N THR OA 257 -28.08 -43.09 -28.30
CA THR OA 257 -27.99 -42.41 -29.59
C THR OA 257 -26.56 -41.96 -29.86
N MET OA 258 -26.28 -41.68 -31.14
CA MET OA 258 -24.92 -41.37 -31.57
C MET OA 258 -24.36 -40.14 -30.89
N LYS OA 259 -25.16 -39.08 -30.74
CA LYS OA 259 -24.65 -37.85 -30.17
C LYS OA 259 -24.13 -38.09 -28.75
N LYS OA 260 -24.94 -38.75 -27.93
CA LYS OA 260 -24.53 -39.01 -26.54
C LYS OA 260 -23.38 -40.01 -26.48
N GLY OA 261 -23.41 -41.04 -27.33
CA GLY OA 261 -22.35 -42.04 -27.29
C GLY OA 261 -21.01 -41.45 -27.67
N MET OA 262 -20.99 -40.63 -28.71
CA MET OA 262 -19.76 -39.97 -29.10
C MET OA 262 -19.34 -38.92 -28.08
N GLU OA 263 -20.30 -38.27 -27.42
CA GLU OA 263 -19.94 -37.36 -26.34
C GLU OA 263 -19.23 -38.12 -25.22
N ARG OA 264 -19.73 -39.30 -24.88
CA ARG OA 264 -19.07 -40.13 -23.88
C ARG OA 264 -17.70 -40.58 -24.36
N ALA OA 265 -17.58 -40.89 -25.65
CA ALA OA 265 -16.28 -41.27 -26.22
C ALA OA 265 -15.29 -40.13 -26.11
N LEU OA 266 -15.72 -38.90 -26.44
CA LEU OA 266 -14.85 -37.74 -26.30
C LEU OA 266 -14.52 -37.48 -24.84
N ALA OA 267 -15.42 -37.85 -23.93
CA ALA OA 267 -15.09 -37.81 -22.52
C ALA OA 267 -13.98 -38.82 -22.20
N LEU OA 268 -14.03 -40.00 -22.82
CA LEU OA 268 -13.00 -41.01 -22.58
C LEU OA 268 -11.64 -40.52 -23.06
N THR OA 269 -11.58 -39.93 -24.27
CA THR OA 269 -10.36 -39.31 -24.78
C THR OA 269 -10.45 -37.83 -24.45
N ASN OA 270 -10.01 -37.48 -23.25
CA ASN OA 270 -10.30 -36.16 -22.68
C ASN OA 270 -9.87 -35.02 -23.61
N ARG OA 271 -8.68 -35.13 -24.19
CA ARG OA 271 -8.14 -34.05 -25.00
C ARG OA 271 -8.78 -33.94 -26.38
N GLU OA 272 -9.90 -34.61 -26.62
CA GLU OA 272 -10.65 -34.47 -27.87
C GLU OA 272 -11.94 -33.68 -27.68
N ILE OA 273 -12.07 -32.96 -26.57
CA ILE OA 273 -13.28 -32.19 -26.33
C ILE OA 273 -13.42 -31.04 -27.33
N VAL OA 274 -12.33 -30.61 -27.95
CA VAL OA 274 -12.37 -29.54 -28.93
C VAL OA 274 -12.00 -30.06 -30.30
N MET PA 1 13.91 -61.32 -40.15
CA MET PA 1 13.97 -62.62 -39.52
C MET PA 1 14.92 -62.62 -38.33
N GLY PA 2 15.94 -61.77 -38.41
CA GLY PA 2 16.92 -61.67 -37.34
C GLY PA 2 17.37 -60.25 -37.09
N ILE PA 3 16.66 -59.28 -37.67
CA ILE PA 3 16.98 -57.87 -37.51
C ILE PA 3 15.70 -57.17 -37.07
N PRO PA 4 15.38 -57.19 -35.78
CA PRO PA 4 14.08 -56.66 -35.33
C PRO PA 4 14.05 -55.15 -35.13
N ILE PA 5 13.77 -54.39 -36.18
CA ILE PA 5 13.66 -52.95 -36.05
C ILE PA 5 12.42 -52.61 -35.24
N LEU PA 6 12.56 -51.67 -34.30
CA LEU PA 6 11.45 -51.09 -33.58
C LEU PA 6 11.29 -49.62 -33.94
N LYS PA 7 10.13 -49.06 -33.59
CA LYS PA 7 9.81 -47.68 -33.90
C LYS PA 7 9.07 -47.06 -32.73
N LEU PA 8 9.67 -46.05 -32.10
CA LEU PA 8 9.04 -45.44 -30.93
C LEU PA 8 9.47 -43.98 -30.82
N GLY PA 9 8.50 -43.12 -30.55
CA GLY PA 9 8.79 -41.71 -30.33
C GLY PA 9 9.53 -41.04 -31.47
N GLU PA 10 9.16 -41.38 -32.70
CA GLU PA 10 9.79 -40.90 -33.93
C GLU PA 10 11.24 -41.38 -34.06
N CYS PA 11 11.76 -42.08 -33.06
CA CYS PA 11 13.10 -42.62 -33.08
C CYS PA 11 13.05 -44.04 -33.64
N LEU PA 12 14.15 -44.78 -33.51
CA LEU PA 12 14.21 -46.13 -34.04
C LEU PA 12 15.24 -46.92 -33.25
N LEU PA 13 15.00 -48.23 -33.11
CA LEU PA 13 15.88 -49.10 -32.34
C LEU PA 13 16.07 -50.42 -33.06
N ILE PA 14 17.33 -50.83 -33.23
CA ILE PA 14 17.65 -52.15 -33.74
C ILE PA 14 18.30 -52.94 -32.59
N SER PA 15 18.45 -54.25 -32.80
CA SER PA 15 19.15 -55.10 -31.83
C SER PA 15 19.72 -56.29 -32.58
N ILE PA 16 21.02 -56.50 -32.45
CA ILE PA 16 21.74 -57.55 -33.18
C ILE PA 16 22.10 -58.66 -32.21
N GLN PA 17 21.72 -59.90 -32.56
CA GLN PA 17 22.08 -61.06 -31.75
C GLN PA 17 22.56 -62.23 -32.60
N SER PA 18 22.82 -62.04 -33.89
CA SER PA 18 23.22 -63.12 -34.79
C SER PA 18 24.74 -63.27 -34.87
N GLU PA 19 25.45 -62.13 -34.87
CA GLU PA 19 26.87 -62.03 -35.23
C GLU PA 19 27.46 -62.82 -36.41
N LEU PA 20 26.75 -62.80 -37.52
CA LEU PA 20 27.19 -63.49 -38.74
C LEU PA 20 27.90 -62.47 -39.61
N ASP PA 21 28.49 -62.90 -40.72
CA ASP PA 21 29.42 -62.06 -41.46
C ASP PA 21 28.84 -61.46 -42.73
N ASP PA 22 28.33 -62.26 -43.67
CA ASP PA 22 27.94 -61.74 -44.98
C ASP PA 22 26.45 -61.44 -45.09
N HIS PA 23 25.61 -62.46 -44.88
CA HIS PA 23 24.17 -62.26 -45.01
C HIS PA 23 23.68 -61.20 -44.04
N THR PA 24 24.12 -61.29 -42.78
CA THR PA 24 23.69 -60.30 -41.80
C THR PA 24 24.18 -58.91 -42.17
N ALA PA 25 25.42 -58.78 -42.63
CA ALA PA 25 25.93 -57.46 -42.99
C ALA PA 25 25.09 -56.84 -44.11
N VAL PA 26 24.89 -57.58 -45.20
CA VAL PA 26 24.17 -57.02 -46.35
C VAL PA 26 22.72 -56.74 -45.97
N GLU PA 27 22.05 -57.71 -45.35
CA GLU PA 27 20.65 -57.53 -45.01
C GLU PA 27 20.47 -56.40 -44.00
N PHE PA 28 21.35 -56.32 -43.00
CA PHE PA 28 21.34 -55.21 -42.07
C PHE PA 28 21.46 -53.88 -42.77
N GLN PA 29 22.48 -53.71 -43.62
CA GLN PA 29 22.69 -52.41 -44.21
C GLN PA 29 21.48 -52.00 -45.06
N GLU PA 30 21.05 -52.86 -45.97
CA GLU PA 30 19.98 -52.42 -46.87
C GLU PA 30 18.62 -52.37 -46.18
N ASP PA 31 18.38 -53.22 -45.17
CA ASP PA 31 17.12 -53.16 -44.46
C ASP PA 31 17.02 -51.92 -43.59
N LEU PA 32 18.11 -51.56 -42.91
CA LEU PA 32 18.10 -50.33 -42.13
C LEU PA 32 17.93 -49.13 -43.05
N LEU PA 33 18.59 -49.14 -44.23
CA LEU PA 33 18.37 -48.08 -45.19
C LEU PA 33 16.90 -47.98 -45.59
N ALA PA 34 16.29 -49.11 -45.94
CA ALA PA 34 14.89 -49.09 -46.35
C ALA PA 34 14.00 -48.57 -45.24
N LYS PA 35 14.25 -49.01 -44.00
CA LYS PA 35 13.39 -48.65 -42.89
C LYS PA 35 13.51 -47.16 -42.59
N ILE PA 36 14.75 -46.65 -42.53
CA ILE PA 36 14.95 -45.23 -42.27
C ILE PA 36 14.46 -44.39 -43.44
N HIS PA 37 14.41 -44.97 -44.65
CA HIS PA 37 13.91 -44.23 -45.80
C HIS PA 37 12.40 -44.11 -45.76
N GLU PA 38 11.71 -45.21 -45.42
CA GLU PA 38 10.25 -45.21 -45.52
C GLU PA 38 9.61 -44.33 -44.45
N THR PA 39 10.25 -44.16 -43.30
CA THR PA 39 9.74 -43.29 -42.25
C THR PA 39 10.80 -42.28 -41.85
N SER PA 40 10.36 -41.05 -41.61
CA SER PA 40 11.25 -39.98 -41.18
C SER PA 40 11.56 -40.17 -39.70
N ALA PA 41 12.71 -40.78 -39.41
CA ALA PA 41 13.14 -41.02 -38.04
C ALA PA 41 14.41 -40.23 -37.78
N ARG PA 42 14.39 -39.38 -36.75
CA ARG PA 42 15.51 -38.50 -36.49
C ARG PA 42 16.73 -39.28 -35.99
N GLY PA 43 16.52 -40.16 -35.01
CA GLY PA 43 17.65 -40.86 -34.41
C GLY PA 43 17.51 -42.36 -34.41
N VAL PA 44 18.38 -43.03 -35.15
CA VAL PA 44 18.45 -44.49 -35.18
C VAL PA 44 19.55 -44.94 -34.23
N VAL PA 45 19.23 -45.92 -33.38
CA VAL PA 45 20.13 -46.38 -32.34
C VAL PA 45 20.40 -47.86 -32.54
N ILE PA 46 21.65 -48.20 -32.80
CA ILE PA 46 22.05 -49.57 -33.07
C ILE PA 46 22.46 -50.25 -31.77
N ASP PA 47 22.17 -51.54 -31.67
CA ASP PA 47 22.46 -52.34 -30.48
C ASP PA 47 23.44 -53.43 -30.86
N ILE PA 48 24.66 -53.35 -30.32
CA ILE PA 48 25.71 -54.32 -30.65
C ILE PA 48 26.24 -54.91 -29.35
N THR PA 49 25.41 -54.94 -28.31
CA THR PA 49 25.85 -55.53 -27.04
C THR PA 49 26.16 -57.01 -27.20
N SER PA 50 25.32 -57.74 -27.92
CA SER PA 50 25.44 -59.19 -27.98
C SER PA 50 26.71 -59.63 -28.72
N ILE PA 51 27.06 -58.93 -29.79
CA ILE PA 51 28.15 -59.40 -30.66
C ILE PA 51 29.46 -59.40 -29.89
N ASP PA 52 30.21 -60.50 -30.02
CA ASP PA 52 31.49 -60.64 -29.36
C ASP PA 52 32.63 -61.02 -30.30
N PHE PA 53 32.38 -61.11 -31.60
CA PHE PA 53 33.42 -61.40 -32.59
C PHE PA 53 33.23 -60.48 -33.77
N ILE PA 54 34.28 -59.76 -34.15
CA ILE PA 54 34.25 -58.79 -35.24
C ILE PA 54 35.49 -58.98 -36.10
N ASP PA 55 35.29 -59.04 -37.42
CA ASP PA 55 36.38 -59.03 -38.38
C ASP PA 55 36.37 -57.71 -39.15
N SER PA 56 37.26 -57.60 -40.13
CA SER PA 56 37.38 -56.36 -40.89
C SER PA 56 36.11 -56.07 -41.69
N PHE PA 57 35.50 -57.10 -42.26
CA PHE PA 57 34.33 -56.90 -43.11
C PHE PA 57 33.17 -56.30 -42.33
N ILE PA 58 32.90 -56.84 -41.14
CA ILE PA 58 31.80 -56.33 -40.34
C ILE PA 58 32.09 -54.91 -39.86
N ALA PA 59 33.35 -54.63 -39.51
CA ALA PA 59 33.70 -53.27 -39.10
C ALA PA 59 33.48 -52.28 -40.23
N LYS PA 60 33.89 -52.65 -41.45
CA LYS PA 60 33.68 -51.78 -42.60
C LYS PA 60 32.19 -51.57 -42.86
N ILE PA 61 31.39 -52.64 -42.75
CA ILE PA 61 29.96 -52.52 -42.97
C ILE PA 61 29.34 -51.58 -41.94
N LEU PA 62 29.73 -51.74 -40.67
CA LEU PA 62 29.17 -50.88 -39.63
C LEU PA 62 29.57 -49.43 -39.84
N GLY PA 63 30.83 -49.19 -40.21
CA GLY PA 63 31.24 -47.81 -40.49
C GLY PA 63 30.46 -47.19 -41.63
N ASP PA 64 30.26 -47.97 -42.71
CA ASP PA 64 29.48 -47.47 -43.83
C ASP PA 64 28.05 -47.17 -43.41
N VAL PA 65 27.45 -48.04 -42.59
CA VAL PA 65 26.08 -47.81 -42.14
C VAL PA 65 25.99 -46.55 -41.28
N VAL PA 66 26.98 -46.34 -40.40
CA VAL PA 66 26.97 -45.15 -39.56
C VAL PA 66 27.07 -43.90 -40.41
N SER PA 67 27.99 -43.89 -41.38
CA SER PA 67 28.12 -42.73 -42.26
C SER PA 67 26.84 -42.52 -43.06
N MET PA 68 26.21 -43.61 -43.49
CA MET PA 68 25.00 -43.53 -44.29
C MET PA 68 23.85 -42.90 -43.51
N SER PA 69 23.61 -43.40 -42.30
CA SER PA 69 22.57 -42.84 -41.47
C SER PA 69 22.87 -41.38 -41.14
N LYS PA 70 24.13 -41.07 -40.84
CA LYS PA 70 24.49 -39.67 -40.62
C LYS PA 70 24.18 -38.83 -41.85
N LEU PA 71 24.32 -39.41 -43.05
CA LEU PA 71 23.86 -38.74 -44.25
C LEU PA 71 22.35 -38.64 -44.33
N MET PA 72 21.62 -39.46 -43.57
CA MET PA 72 20.17 -39.33 -43.54
C MET PA 72 19.61 -38.80 -42.23
N GLY PA 73 20.24 -39.07 -41.09
CA GLY PA 73 19.77 -38.58 -39.81
C GLY PA 73 20.68 -38.97 -38.66
N ALA PA 74 20.88 -38.06 -37.71
CA ALA PA 74 21.86 -38.26 -36.64
C ALA PA 74 21.56 -39.55 -35.87
N LYS PA 75 22.61 -40.30 -35.57
CA LYS PA 75 22.48 -41.61 -34.97
C LYS PA 75 23.40 -41.76 -33.78
N VAL PA 76 23.13 -42.78 -32.97
CA VAL PA 76 23.93 -43.12 -31.80
C VAL PA 76 23.97 -44.63 -31.71
N VAL PA 77 25.13 -45.23 -32.01
CA VAL PA 77 25.31 -46.66 -31.79
C VAL PA 77 25.58 -46.88 -30.31
N VAL PA 78 24.51 -47.11 -29.55
CA VAL PA 78 24.56 -46.93 -28.09
C VAL PA 78 25.52 -47.92 -27.44
N THR PA 79 25.50 -49.17 -27.88
CA THR PA 79 26.17 -50.21 -27.12
C THR PA 79 27.67 -50.10 -27.26
N GLY PA 80 28.36 -50.07 -26.13
CA GLY PA 80 29.79 -50.14 -26.15
C GLY PA 80 30.23 -51.43 -26.80
N ILE PA 81 30.94 -51.32 -27.92
CA ILE PA 81 31.48 -52.49 -28.57
C ILE PA 81 32.46 -53.15 -27.62
N GLN PA 82 32.33 -54.47 -27.48
CA GLN PA 82 33.04 -55.19 -26.43
C GLN PA 82 34.56 -55.03 -26.60
N PRO PA 83 35.31 -55.03 -25.49
CA PRO PA 83 36.71 -54.58 -25.56
C PRO PA 83 37.56 -55.27 -26.61
N ALA PA 84 37.45 -56.60 -26.74
CA ALA PA 84 38.21 -57.28 -27.78
C ALA PA 84 37.79 -56.81 -29.17
N VAL PA 85 36.49 -56.84 -29.44
CA VAL PA 85 36.02 -56.35 -30.72
C VAL PA 85 36.09 -54.83 -30.79
N ALA PA 86 36.15 -54.14 -29.66
CA ALA PA 86 36.39 -52.70 -29.69
C ALA PA 86 37.77 -52.39 -30.27
N ILE PA 87 38.82 -53.05 -29.75
CA ILE PA 87 40.15 -52.80 -30.29
C ILE PA 87 40.27 -53.36 -31.70
N THR PA 88 39.56 -54.46 -32.00
CA THR PA 88 39.54 -54.96 -33.37
C THR PA 88 38.95 -53.93 -34.33
N LEU PA 89 37.89 -53.24 -33.91
CA LEU PA 89 37.33 -52.16 -34.72
C LEU PA 89 38.30 -51.00 -34.85
N ILE PA 90 38.96 -50.62 -33.76
CA ILE PA 90 39.75 -49.40 -33.79
C ILE PA 90 41.07 -49.60 -34.54
N GLU PA 91 41.61 -50.82 -34.61
CA GLU PA 91 42.90 -51.00 -35.26
C GLU PA 91 42.83 -50.70 -36.75
N LEU PA 92 41.71 -51.03 -37.40
CA LEU PA 92 41.58 -50.83 -38.84
C LEU PA 92 40.47 -49.88 -39.22
N GLY PA 93 39.36 -49.87 -38.48
CA GLY PA 93 38.31 -48.90 -38.72
C GLY PA 93 38.54 -47.64 -37.93
N ILE PA 94 39.53 -46.85 -38.33
CA ILE PA 94 39.93 -45.69 -37.55
C ILE PA 94 38.99 -44.54 -37.87
N THR PA 95 37.87 -44.48 -37.14
CA THR PA 95 36.88 -43.42 -37.28
C THR PA 95 36.27 -43.17 -35.91
N PHE PA 96 35.68 -41.98 -35.75
CA PHE PA 96 34.98 -41.68 -34.50
C PHE PA 96 33.71 -42.50 -34.37
N SER PA 97 33.08 -42.85 -35.49
CA SER PA 97 31.93 -43.76 -35.53
C SER PA 97 30.78 -43.25 -34.65
N GLY PA 98 30.35 -42.04 -34.95
CA GLY PA 98 29.18 -41.48 -34.28
C GLY PA 98 29.40 -41.25 -32.80
N VAL PA 99 28.30 -41.33 -32.05
CA VAL PA 99 28.28 -41.10 -30.61
C VAL PA 99 27.87 -42.39 -29.92
N LEU PA 100 28.48 -42.69 -28.78
CA LEU PA 100 28.20 -43.92 -28.06
C LEU PA 100 27.86 -43.59 -26.62
N SER PA 101 27.25 -44.56 -25.93
CA SER PA 101 26.68 -44.27 -24.60
C SER PA 101 26.98 -45.40 -23.62
N ALA PA 102 28.21 -45.89 -23.61
CA ALA PA 102 28.74 -46.74 -22.55
C ALA PA 102 27.82 -47.92 -22.24
N MET PA 103 27.36 -48.58 -23.30
CA MET PA 103 26.61 -49.83 -23.20
C MET PA 103 25.23 -49.67 -22.58
N ASP PA 104 24.93 -48.46 -22.08
CA ASP PA 104 23.67 -48.22 -21.40
C ASP PA 104 22.68 -47.72 -22.43
N LEU PA 105 21.83 -48.64 -22.93
CA LEU PA 105 20.84 -48.25 -23.92
C LEU PA 105 19.89 -47.20 -23.38
N GLU PA 106 19.65 -47.21 -22.06
CA GLU PA 106 18.93 -46.11 -21.44
C GLU PA 106 19.69 -44.80 -21.59
N SER PA 107 21.01 -44.84 -21.40
CA SER PA 107 21.82 -43.63 -21.57
C SER PA 107 21.78 -43.16 -23.02
N GLY PA 108 21.82 -44.08 -23.97
CA GLY PA 108 21.72 -43.69 -25.37
C GLY PA 108 20.39 -43.05 -25.69
N LEU PA 109 19.31 -43.64 -25.19
CA LEU PA 109 17.99 -43.05 -25.42
C LEU PA 109 17.88 -41.67 -24.80
N GLU PA 110 18.40 -41.49 -23.58
CA GLU PA 110 18.27 -40.20 -22.94
C GLU PA 110 19.15 -39.15 -23.62
N LYS PA 111 20.34 -39.56 -24.09
CA LYS PA 111 21.16 -38.64 -24.87
C LYS PA 111 20.48 -38.24 -26.17
N LEU PA 112 19.84 -39.21 -26.84
CA LEU PA 112 19.11 -38.91 -28.06
C LEU PA 112 17.97 -37.94 -27.79
N LYS PA 113 17.24 -38.16 -26.70
CA LYS PA 113 16.14 -37.27 -26.34
C LYS PA 113 16.64 -35.87 -26.01
N GLN PA 114 17.78 -35.77 -25.30
CA GLN PA 114 18.27 -34.45 -24.94
C GLN PA 114 18.83 -33.70 -26.14
N GLU PA 115 19.44 -34.41 -27.10
CA GLU PA 115 19.92 -33.73 -28.29
C GLU PA 115 18.78 -33.39 -29.25
N LEU PA 116 17.66 -34.13 -29.19
CA LEU PA 116 16.53 -33.82 -30.04
C LEU PA 116 15.64 -32.73 -29.45
N GLY PA 117 15.55 -32.64 -28.13
CA GLY PA 117 14.68 -31.65 -27.52
C GLY PA 117 15.12 -30.23 -27.79
N GLU PA 118 16.43 -29.99 -27.85
CA GLU PA 118 16.96 -28.67 -28.14
C GLU PA 118 16.66 -28.24 -29.56
N MET QA 1 18.49 -66.35 -29.75
CA MET QA 1 18.66 -66.16 -31.20
C MET QA 1 17.48 -65.41 -31.80
N GLY QA 2 16.27 -65.81 -31.41
CA GLY QA 2 15.06 -65.14 -31.86
C GLY QA 2 14.34 -64.33 -30.80
N ILE QA 3 14.98 -64.05 -29.67
CA ILE QA 3 14.34 -63.36 -28.56
C ILE QA 3 15.16 -62.13 -28.22
N PRO QA 4 14.98 -61.03 -28.93
CA PRO QA 4 15.77 -59.82 -28.66
C PRO QA 4 15.22 -59.04 -27.46
N ILE QA 5 15.65 -59.41 -26.26
CA ILE QA 5 15.23 -58.70 -25.06
C ILE QA 5 15.95 -57.35 -25.01
N LEU QA 6 15.18 -56.27 -24.96
CA LEU QA 6 15.73 -54.93 -24.84
C LEU QA 6 15.23 -54.27 -23.58
N LYS QA 7 16.14 -53.60 -22.86
CA LYS QA 7 15.79 -52.80 -21.70
C LYS QA 7 16.07 -51.34 -22.03
N LEU QA 8 15.05 -50.50 -21.91
CA LEU QA 8 15.18 -49.07 -22.15
C LEU QA 8 14.34 -48.32 -21.14
N GLY QA 9 14.92 -47.28 -20.55
CA GLY QA 9 14.22 -46.60 -19.49
C GLY QA 9 13.96 -47.56 -18.33
N GLU QA 10 12.83 -47.34 -17.66
CA GLU QA 10 12.36 -48.26 -16.63
C GLU QA 10 11.35 -49.26 -17.19
N CYS QA 11 11.69 -49.90 -18.30
CA CYS QA 11 10.73 -50.76 -18.99
C CYS QA 11 11.48 -51.94 -19.59
N LEU QA 12 10.77 -52.71 -20.42
CA LEU QA 12 11.37 -53.83 -21.15
C LEU QA 12 10.60 -53.98 -22.45
N LEU QA 13 11.33 -54.19 -23.54
CA LEU QA 13 10.74 -54.29 -24.87
C LEU QA 13 11.11 -55.61 -25.52
N ILE QA 14 10.15 -56.18 -26.25
CA ILE QA 14 10.34 -57.44 -26.95
C ILE QA 14 9.71 -57.34 -28.33
N SER QA 15 10.39 -57.90 -29.32
CA SER QA 15 9.86 -58.04 -30.66
C SER QA 15 9.89 -59.52 -31.06
N ILE QA 16 8.81 -59.99 -31.65
CA ILE QA 16 8.65 -61.40 -32.01
C ILE QA 16 8.78 -61.52 -33.53
N GLN QA 17 9.68 -62.41 -33.97
CA GLN QA 17 9.89 -62.62 -35.40
C GLN QA 17 10.08 -64.09 -35.77
N SER QA 18 9.69 -65.03 -34.93
CA SER QA 18 9.90 -66.45 -35.20
C SER QA 18 8.67 -67.14 -35.79
N GLU QA 19 7.49 -66.85 -35.27
CA GLU QA 19 6.22 -67.51 -35.59
C GLU QA 19 6.28 -69.04 -35.62
N LEU QA 20 7.30 -69.65 -35.01
CA LEU QA 20 7.28 -71.10 -34.94
C LEU QA 20 6.40 -71.55 -33.77
N ASP QA 21 6.07 -72.84 -33.76
CA ASP QA 21 4.97 -73.32 -32.92
C ASP QA 21 5.42 -73.71 -31.51
N ASP QA 22 6.32 -74.70 -31.39
CA ASP QA 22 6.65 -75.24 -30.08
C ASP QA 22 7.99 -74.73 -29.55
N HIS QA 23 9.06 -74.93 -30.31
CA HIS QA 23 10.41 -74.65 -29.81
C HIS QA 23 10.58 -73.17 -29.52
N THR QA 24 10.20 -72.31 -30.48
CA THR QA 24 10.34 -70.87 -30.26
C THR QA 24 9.42 -70.41 -29.14
N ALA QA 25 8.23 -70.99 -29.05
CA ALA QA 25 7.31 -70.62 -27.97
C ALA QA 25 7.93 -70.89 -26.61
N VAL QA 26 8.45 -72.11 -26.40
CA VAL QA 26 8.99 -72.45 -25.09
C VAL QA 26 10.27 -71.69 -24.80
N GLU QA 27 11.14 -71.51 -25.80
CA GLU QA 27 12.37 -70.78 -25.54
C GLU QA 27 12.08 -69.32 -25.23
N PHE QA 28 11.11 -68.72 -25.92
CA PHE QA 28 10.69 -67.37 -25.59
C PHE QA 28 10.11 -67.28 -24.19
N GLN QA 29 9.26 -68.25 -23.82
CA GLN QA 29 8.75 -68.29 -22.45
C GLN QA 29 9.89 -68.26 -21.45
N GLU QA 30 10.86 -69.18 -21.60
CA GLU QA 30 11.92 -69.30 -20.61
C GLU QA 30 12.83 -68.08 -20.62
N ASP QA 31 13.15 -67.55 -21.80
CA ASP QA 31 14.01 -66.38 -21.86
C ASP QA 31 13.34 -65.16 -21.24
N LEU QA 32 12.06 -64.95 -21.53
CA LEU QA 32 11.36 -63.80 -20.96
C LEU QA 32 11.27 -63.92 -19.44
N LEU QA 33 10.96 -65.11 -18.93
CA LEU QA 33 10.90 -65.28 -17.49
C LEU QA 33 12.26 -65.04 -16.85
N ALA QA 34 13.32 -65.58 -17.45
CA ALA QA 34 14.65 -65.39 -16.88
C ALA QA 34 15.06 -63.93 -16.91
N LYS QA 35 14.72 -63.21 -17.99
CA LYS QA 35 15.10 -61.81 -18.08
C LYS QA 35 14.33 -60.98 -17.05
N ILE QA 36 13.02 -61.21 -16.93
CA ILE QA 36 12.23 -60.41 -16.01
C ILE QA 36 12.60 -60.74 -14.56
N HIS QA 37 13.07 -61.96 -14.30
CA HIS QA 37 13.55 -62.28 -12.96
C HIS QA 37 14.92 -61.65 -12.72
N GLU QA 38 15.75 -61.59 -13.75
CA GLU QA 38 17.08 -61.02 -13.62
C GLU QA 38 17.02 -59.51 -13.39
N THR QA 39 16.46 -58.78 -14.36
CA THR QA 39 16.30 -57.34 -14.25
C THR QA 39 14.86 -57.03 -13.83
N SER QA 40 14.72 -56.11 -12.88
CA SER QA 40 13.41 -55.77 -12.33
C SER QA 40 12.88 -54.54 -13.07
N ALA QA 41 12.00 -54.76 -14.03
CA ALA QA 41 11.33 -53.69 -14.76
C ALA QA 41 9.84 -53.81 -14.53
N ARG QA 42 9.21 -52.71 -14.13
CA ARG QA 42 7.79 -52.75 -13.80
C ARG QA 42 6.94 -53.06 -15.02
N GLY QA 43 7.29 -52.52 -16.18
CA GLY QA 43 6.51 -52.76 -17.37
C GLY QA 43 7.27 -53.49 -18.46
N VAL QA 44 6.66 -54.53 -19.02
CA VAL QA 44 7.23 -55.28 -20.12
C VAL QA 44 6.29 -55.16 -21.32
N VAL QA 45 6.87 -55.02 -22.51
CA VAL QA 45 6.11 -54.75 -23.72
C VAL QA 45 6.44 -55.82 -24.75
N ILE QA 46 5.41 -56.36 -25.40
CA ILE QA 46 5.54 -57.47 -26.32
C ILE QA 46 5.02 -57.06 -27.69
N ASP QA 47 5.70 -57.47 -28.75
CA ASP QA 47 5.34 -57.15 -30.11
C ASP QA 47 4.85 -58.41 -30.84
N ILE QA 48 3.74 -58.28 -31.57
CA ILE QA 48 3.17 -59.39 -32.33
C ILE QA 48 2.95 -58.94 -33.78
N THR QA 49 3.66 -57.89 -34.21
CA THR QA 49 3.44 -57.36 -35.55
C THR QA 49 3.78 -58.38 -36.63
N SER QA 50 4.93 -59.06 -36.50
CA SER QA 50 5.39 -59.93 -37.57
C SER QA 50 4.45 -61.11 -37.79
N ILE QA 51 3.74 -61.54 -36.76
CA ILE QA 51 2.93 -62.74 -36.83
C ILE QA 51 1.61 -62.45 -37.51
N ASP QA 52 1.16 -63.39 -38.36
CA ASP QA 52 -0.16 -63.34 -38.98
C ASP QA 52 -0.90 -64.67 -38.89
N PHE QA 53 -0.35 -65.67 -38.21
CA PHE QA 53 -1.02 -66.97 -38.09
C PHE QA 53 -0.60 -67.60 -36.77
N ILE QA 54 -1.59 -67.92 -35.94
CA ILE QA 54 -1.35 -68.51 -34.62
C ILE QA 54 -2.36 -69.61 -34.37
N ASP QA 55 -1.89 -70.76 -33.89
CA ASP QA 55 -2.75 -71.87 -33.54
C ASP QA 55 -3.08 -71.80 -32.04
N SER QA 56 -3.67 -72.87 -31.51
CA SER QA 56 -4.06 -72.89 -30.10
C SER QA 56 -2.86 -72.83 -29.18
N PHE QA 57 -1.78 -73.53 -29.52
CA PHE QA 57 -0.63 -73.64 -28.62
C PHE QA 57 -0.02 -72.28 -28.34
N ILE QA 58 0.21 -71.49 -29.39
CA ILE QA 58 0.85 -70.19 -29.19
C ILE QA 58 -0.08 -69.25 -28.44
N ALA QA 59 -1.38 -69.30 -28.72
CA ALA QA 59 -2.32 -68.44 -28.01
C ALA QA 59 -2.33 -68.76 -26.53
N LYS QA 60 -2.36 -70.05 -26.19
CA LYS QA 60 -2.32 -70.44 -24.78
C LYS QA 60 -1.00 -70.02 -24.14
N ILE QA 61 0.11 -70.19 -24.86
CA ILE QA 61 1.42 -69.80 -24.32
C ILE QA 61 1.49 -68.30 -24.11
N LEU QA 62 0.89 -67.52 -25.01
CA LEU QA 62 0.92 -66.07 -24.87
C LEU QA 62 0.07 -65.61 -23.69
N GLY QA 63 -1.12 -66.18 -23.52
CA GLY QA 63 -1.88 -65.91 -22.31
C GLY QA 63 -1.13 -66.32 -21.06
N ASP QA 64 -0.41 -67.43 -21.15
CA ASP QA 64 0.42 -67.87 -20.03
C ASP QA 64 1.51 -66.86 -19.73
N VAL QA 65 2.12 -66.29 -20.76
CA VAL QA 65 3.13 -65.24 -20.58
C VAL QA 65 2.50 -64.01 -19.92
N VAL QA 66 1.29 -63.66 -20.35
CA VAL QA 66 0.60 -62.51 -19.75
C VAL QA 66 0.45 -62.73 -18.25
N SER QA 67 -0.08 -63.89 -17.86
CA SER QA 67 -0.20 -64.19 -16.43
C SER QA 67 1.17 -64.24 -15.76
N MET QA 68 2.15 -64.86 -16.44
CA MET QA 68 3.50 -64.99 -15.94
C MET QA 68 4.16 -63.71 -15.48
N SER QA 69 4.28 -62.77 -16.40
CA SER QA 69 4.94 -61.51 -16.07
C SER QA 69 3.96 -60.49 -15.49
N LYS QA 70 2.66 -60.80 -15.44
CA LYS QA 70 1.76 -59.98 -14.63
C LYS QA 70 1.93 -60.32 -13.16
N LEU QA 71 2.34 -61.55 -12.84
CA LEU QA 71 2.67 -61.86 -11.46
C LEU QA 71 3.93 -61.16 -10.96
N MET QA 72 4.55 -60.28 -11.76
CA MET QA 72 5.68 -59.49 -11.28
C MET QA 72 5.68 -58.05 -11.79
N GLY QA 73 4.68 -57.62 -12.54
CA GLY QA 73 4.64 -56.26 -13.04
C GLY QA 73 3.63 -56.11 -14.15
N ALA QA 74 3.16 -54.87 -14.31
CA ALA QA 74 2.19 -54.58 -15.36
C ALA QA 74 2.83 -54.75 -16.74
N LYS QA 75 1.98 -54.86 -17.76
CA LYS QA 75 2.48 -55.06 -19.11
C LYS QA 75 1.45 -54.56 -20.11
N VAL QA 76 1.89 -54.43 -21.36
CA VAL QA 76 1.03 -54.12 -22.48
C VAL QA 76 1.44 -54.98 -23.66
N VAL QA 77 0.45 -55.58 -24.33
CA VAL QA 77 0.68 -56.25 -25.62
C VAL QA 77 0.48 -55.17 -26.67
N VAL QA 78 1.55 -54.41 -26.93
CA VAL QA 78 1.40 -53.13 -27.62
C VAL QA 78 0.90 -53.32 -29.05
N THR QA 79 1.44 -54.30 -29.76
CA THR QA 79 1.15 -54.44 -31.17
C THR QA 79 -0.22 -55.05 -31.37
N GLY QA 80 -1.02 -54.43 -32.23
CA GLY QA 80 -2.35 -54.93 -32.51
C GLY QA 80 -2.32 -56.34 -33.04
N ILE QA 81 -2.84 -57.26 -32.25
CA ILE QA 81 -2.99 -58.63 -32.69
C ILE QA 81 -3.83 -58.62 -33.96
N GLN QA 82 -3.23 -59.10 -35.06
CA GLN QA 82 -3.84 -59.00 -36.38
C GLN QA 82 -5.22 -59.67 -36.40
N PRO QA 83 -6.09 -59.23 -37.32
CA PRO QA 83 -7.48 -59.73 -37.29
C PRO QA 83 -7.62 -61.24 -37.23
N ALA QA 84 -6.87 -61.98 -38.05
CA ALA QA 84 -6.98 -63.43 -38.01
C ALA QA 84 -6.50 -63.98 -36.67
N VAL QA 85 -5.31 -63.56 -36.24
CA VAL QA 85 -4.79 -64.03 -34.95
C VAL QA 85 -5.60 -63.47 -33.79
N ALA QA 86 -6.15 -62.27 -33.92
CA ALA QA 86 -7.03 -61.76 -32.86
C ALA QA 86 -8.27 -62.63 -32.72
N ILE QA 87 -8.90 -63.01 -33.84
CA ILE QA 87 -10.08 -63.86 -33.80
C ILE QA 87 -9.73 -65.22 -33.19
N THR QA 88 -8.60 -65.79 -33.60
CA THR QA 88 -8.19 -67.08 -33.05
C THR QA 88 -7.94 -66.97 -31.55
N LEU QA 89 -7.34 -65.86 -31.10
CA LEU QA 89 -7.08 -65.67 -29.69
C LEU QA 89 -8.39 -65.58 -28.91
N ILE QA 90 -9.39 -64.89 -29.47
CA ILE QA 90 -10.68 -64.77 -28.79
C ILE QA 90 -11.35 -66.13 -28.68
N GLU QA 91 -11.44 -66.85 -29.79
CA GLU QA 91 -12.19 -68.09 -29.80
C GLU QA 91 -11.54 -69.18 -28.96
N LEU QA 92 -10.22 -69.07 -28.71
CA LEU QA 92 -9.51 -70.09 -27.94
C LEU QA 92 -8.96 -69.54 -26.63
N GLY QA 93 -8.16 -68.48 -26.68
CA GLY QA 93 -7.59 -67.89 -25.47
C GLY QA 93 -8.50 -66.83 -24.87
N ILE QA 94 -9.60 -67.24 -24.26
CA ILE QA 94 -10.62 -66.32 -23.80
C ILE QA 94 -10.11 -65.58 -22.56
N THR QA 95 -9.64 -64.35 -22.76
CA THR QA 95 -9.16 -63.49 -21.68
C THR QA 95 -9.01 -62.07 -22.23
N PHE QA 96 -8.86 -61.12 -21.31
CA PHE QA 96 -8.64 -59.73 -21.68
C PHE QA 96 -7.18 -59.44 -22.02
N SER QA 97 -6.26 -60.35 -21.69
CA SER QA 97 -4.86 -60.28 -22.11
C SER QA 97 -4.17 -58.98 -21.65
N GLY QA 98 -4.48 -58.55 -20.44
CA GLY QA 98 -3.81 -57.39 -19.89
C GLY QA 98 -4.20 -56.09 -20.57
N VAL QA 99 -3.33 -55.10 -20.40
CA VAL QA 99 -3.48 -53.81 -21.06
C VAL QA 99 -2.94 -53.91 -22.49
N LEU QA 100 -3.54 -53.15 -23.40
CA LEU QA 100 -3.20 -53.24 -24.82
C LEU QA 100 -3.01 -51.84 -25.40
N SER QA 101 -2.31 -51.77 -26.53
CA SER QA 101 -1.99 -50.46 -27.13
C SER QA 101 -2.21 -50.35 -28.63
N ALA QA 102 -2.56 -51.42 -29.34
CA ALA QA 102 -3.11 -51.34 -30.70
C ALA QA 102 -2.13 -50.70 -31.70
N MET QA 103 -1.03 -51.41 -31.93
CA MET QA 103 -0.14 -51.31 -33.08
C MET QA 103 0.81 -50.11 -33.02
N ASP QA 104 0.68 -49.20 -32.08
CA ASP QA 104 1.58 -48.05 -32.00
C ASP QA 104 2.49 -48.25 -30.81
N LEU QA 105 3.72 -48.70 -31.08
CA LEU QA 105 4.62 -48.98 -29.97
C LEU QA 105 5.00 -47.71 -29.24
N GLU QA 106 4.99 -46.57 -29.94
CA GLU QA 106 5.14 -45.29 -29.23
C GLU QA 106 3.98 -45.07 -28.29
N SER QA 107 2.75 -45.39 -28.72
CA SER QA 107 1.59 -45.24 -27.85
C SER QA 107 1.69 -46.16 -26.63
N GLY QA 108 2.12 -47.41 -26.85
CA GLY QA 108 2.27 -48.31 -25.72
C GLY QA 108 3.35 -47.85 -24.75
N LEU QA 109 4.49 -47.40 -25.28
CA LEU QA 109 5.54 -46.89 -24.41
C LEU QA 109 5.07 -45.67 -23.63
N GLU QA 110 4.33 -44.77 -24.28
CA GLU QA 110 3.81 -43.60 -23.59
C GLU QA 110 2.82 -43.99 -22.51
N LYS QA 111 1.93 -44.94 -22.80
CA LYS QA 111 0.96 -45.39 -21.81
C LYS QA 111 1.65 -46.00 -20.61
N LEU QA 112 2.66 -46.85 -20.85
CA LEU QA 112 3.38 -47.47 -19.74
C LEU QA 112 4.16 -46.43 -18.94
N LYS QA 113 4.74 -45.44 -19.64
CA LYS QA 113 5.46 -44.38 -18.96
C LYS QA 113 4.52 -43.58 -18.06
N GLN QA 114 3.33 -43.24 -18.55
CA GLN QA 114 2.42 -42.45 -17.72
C GLN QA 114 1.81 -43.28 -16.60
N GLU QA 115 1.68 -44.59 -16.81
CA GLU QA 115 1.20 -45.45 -15.74
C GLU QA 115 2.24 -45.60 -14.64
N LEU QA 116 3.52 -45.67 -15.02
CA LEU QA 116 4.58 -45.79 -14.01
C LEU QA 116 4.87 -44.45 -13.32
N GLY QA 117 4.73 -43.34 -14.03
CA GLY QA 117 5.01 -42.05 -13.43
C GLY QA 117 4.06 -41.71 -12.31
N GLU QA 118 2.79 -42.11 -12.44
CA GLU QA 118 1.80 -41.86 -11.41
C GLU QA 118 1.84 -42.95 -10.34
N MET RA 1 23.06 -123.28 -2.58
CA MET RA 1 22.15 -124.35 -2.17
C MET RA 1 20.98 -123.77 -1.37
N TYR RA 2 19.99 -123.23 -2.08
CA TYR RA 2 18.80 -122.67 -1.45
C TYR RA 2 17.52 -123.41 -1.82
N LYS RA 3 17.61 -124.49 -2.59
CA LYS RA 3 16.41 -125.25 -2.95
C LYS RA 3 15.84 -125.97 -1.74
N ASP RA 4 16.66 -126.81 -1.10
CA ASP RA 4 16.23 -127.49 0.11
C ASP RA 4 15.99 -126.49 1.24
N PHE RA 5 16.71 -125.37 1.23
CA PHE RA 5 16.45 -124.30 2.20
C PHE RA 5 15.03 -123.76 2.03
N ALA RA 6 14.61 -123.52 0.78
CA ALA RA 6 13.26 -123.06 0.53
C ALA RA 6 12.24 -124.13 0.92
N ASN RA 7 12.55 -125.40 0.64
CA ASN RA 7 11.66 -126.48 1.01
C ASN RA 7 11.46 -126.54 2.52
N PHE RA 8 12.54 -126.34 3.28
CA PHE RA 8 12.44 -126.37 4.74
C PHE RA 8 11.75 -125.12 5.28
N ILE RA 9 11.97 -123.96 4.66
CA ILE RA 9 11.28 -122.74 5.07
C ILE RA 9 9.78 -122.85 4.83
N ARG RA 10 9.39 -123.55 3.75
CA ARG RA 10 7.97 -123.73 3.47
C ARG RA 10 7.24 -124.44 4.61
N THR RA 11 7.96 -125.20 5.44
CA THR RA 11 7.38 -125.80 6.63
C THR RA 11 7.66 -125.01 7.90
N ASN RA 12 8.82 -124.36 7.97
CA ASN RA 12 9.18 -123.55 9.14
C ASN RA 12 8.43 -122.24 9.22
N LYS RA 13 7.70 -121.87 8.17
CA LYS RA 13 6.88 -120.66 8.24
C LYS RA 13 5.83 -120.77 9.34
N LYS RA 14 5.25 -121.96 9.53
CA LYS RA 14 4.28 -122.15 10.60
C LYS RA 14 4.93 -121.99 11.97
N ASP RA 15 6.15 -122.48 12.12
CA ASP RA 15 6.87 -122.29 13.38
C ASP RA 15 7.18 -120.82 13.63
N LEU RA 16 7.54 -120.09 12.56
CA LEU RA 16 7.77 -118.65 12.70
C LEU RA 16 6.49 -117.92 13.11
N LEU RA 17 5.35 -118.31 12.53
CA LEU RA 17 4.09 -117.71 12.94
C LEU RA 17 3.75 -118.05 14.39
N ASN RA 18 4.02 -119.30 14.80
CA ASN RA 18 3.85 -119.68 16.20
C ASN RA 18 4.68 -118.78 17.10
N ASN RA 19 5.93 -118.53 16.71
CA ASN RA 19 6.75 -117.55 17.41
C ASN RA 19 6.08 -116.19 17.45
N TRP RA 20 5.44 -115.80 16.34
CA TRP RA 20 4.86 -114.47 16.26
C TRP RA 20 3.72 -114.28 17.25
N MET RA 21 2.78 -115.23 17.33
CA MET RA 21 1.79 -114.98 18.37
C MET RA 21 2.27 -115.43 19.75
N ASN RA 22 3.44 -116.05 19.85
CA ASN RA 22 4.07 -116.17 21.16
C ASN RA 22 4.61 -114.83 21.64
N GLU RA 23 5.06 -113.98 20.71
CA GLU RA 23 5.75 -112.76 21.07
C GLU RA 23 4.83 -111.56 21.24
N MET RA 24 3.61 -111.58 20.70
CA MET RA 24 2.76 -110.41 20.86
C MET RA 24 2.15 -110.28 22.25
N GLU RA 25 2.19 -111.35 23.05
CA GLU RA 25 1.61 -111.28 24.39
C GLU RA 25 2.47 -110.49 25.37
N LYS RA 26 3.80 -110.53 25.20
CA LYS RA 26 4.69 -109.98 26.22
C LYS RA 26 4.59 -108.46 26.31
N GLN RA 27 4.48 -107.76 25.17
CA GLN RA 27 4.54 -106.30 25.17
C GLN RA 27 3.45 -105.74 24.26
N SER RA 28 2.59 -104.90 24.85
CA SER RA 28 1.60 -104.10 24.12
C SER RA 28 0.78 -104.96 23.16
N ASP RA 29 0.16 -106.01 23.71
CA ASP RA 29 -0.61 -106.93 22.88
C ASP RA 29 -1.76 -106.26 22.15
N PRO RA 30 -2.65 -105.48 22.80
CA PRO RA 30 -3.73 -104.85 22.02
C PRO RA 30 -3.23 -103.87 20.97
N LEU RA 31 -2.22 -103.06 21.29
CA LEU RA 31 -1.70 -102.10 20.33
C LEU RA 31 -1.07 -102.81 19.13
N ILE RA 32 -0.27 -103.85 19.39
CA ILE RA 32 0.36 -104.60 18.30
C ILE RA 32 -0.70 -105.26 17.43
N ASN RA 33 -1.72 -105.85 18.06
CA ASN RA 33 -2.78 -106.48 17.29
C ASN RA 33 -3.55 -105.46 16.45
N ASP RA 34 -3.77 -104.26 16.99
CA ASP RA 34 -4.56 -103.26 16.28
C ASP RA 34 -3.79 -102.65 15.12
N ILE RA 35 -2.51 -102.33 15.32
CA ILE RA 35 -1.75 -101.68 14.26
C ILE RA 35 -1.54 -102.62 13.08
N ALA RA 36 -1.39 -103.92 13.33
CA ALA RA 36 -1.25 -104.91 12.28
C ALA RA 36 -2.02 -106.16 12.68
N LYS RA 37 -3.03 -106.51 11.89
CA LYS RA 37 -3.83 -107.69 12.20
C LYS RA 37 -3.02 -108.96 11.98
N GLU RA 38 -3.48 -110.04 12.59
CA GLU RA 38 -2.75 -111.31 12.51
C GLU RA 38 -2.60 -111.82 11.09
N PRO RA 39 -3.63 -111.88 10.24
CA PRO RA 39 -3.41 -112.42 8.89
C PRO RA 39 -2.44 -111.59 8.05
N MET RA 40 -2.57 -110.26 8.07
CA MET RA 40 -1.67 -109.42 7.28
C MET RA 40 -0.23 -109.55 7.78
N TYR RA 41 -0.04 -109.52 9.10
CA TYR RA 41 1.31 -109.66 9.64
C TYR RA 41 1.90 -111.02 9.30
N GLU RA 42 1.10 -112.08 9.40
CA GLU RA 42 1.58 -113.42 9.10
C GLU RA 42 1.97 -113.54 7.64
N GLU RA 43 1.13 -113.04 6.72
CA GLU RA 43 1.44 -113.16 5.31
C GLU RA 43 2.66 -112.32 4.94
N THR RA 44 2.78 -111.12 5.51
CA THR RA 44 3.97 -110.31 5.25
C THR RA 44 5.23 -111.00 5.76
N SER RA 45 5.16 -111.57 6.97
CA SER RA 45 6.33 -112.24 7.54
C SER RA 45 6.74 -113.45 6.71
N ILE RA 46 5.76 -114.27 6.30
CA ILE RA 46 6.10 -115.47 5.55
C ILE RA 46 6.63 -115.10 4.17
N GLU RA 47 6.07 -114.06 3.55
CA GLU RA 47 6.59 -113.61 2.25
C GLU RA 47 8.02 -113.10 2.40
N PHE RA 48 8.29 -112.32 3.46
CA PHE RA 48 9.64 -111.82 3.67
C PHE RA 48 10.63 -112.95 3.91
N VAL RA 49 10.22 -113.98 4.65
CA VAL RA 49 11.17 -115.05 4.98
C VAL RA 49 11.30 -116.09 3.87
N ASP RA 50 10.37 -116.16 2.92
CA ASP RA 50 10.52 -117.11 1.84
C ASP RA 50 10.90 -116.48 0.50
N LEU RA 51 10.93 -115.15 0.41
CA LEU RA 51 11.47 -114.54 -0.80
C LEU RA 51 13.00 -114.56 -0.82
N ILE RA 52 13.63 -114.50 0.35
CA ILE RA 52 15.09 -114.62 0.41
C ILE RA 52 15.54 -116.01 -0.02
N VAL RA 53 14.75 -117.04 0.32
CA VAL RA 53 15.15 -118.42 0.05
C VAL RA 53 14.87 -118.86 -1.37
N SER RA 54 14.24 -118.02 -2.19
CA SER RA 54 13.94 -118.33 -3.57
C SER RA 54 14.99 -117.81 -4.54
N ASN RA 55 16.02 -117.14 -4.04
CA ASN RA 55 17.09 -116.64 -4.89
C ASN RA 55 18.22 -117.66 -4.98
N ILE RA 56 19.03 -117.54 -6.03
CA ILE RA 56 20.05 -118.55 -6.32
C ILE RA 56 21.31 -118.13 -5.58
N THR RA 57 21.33 -118.43 -4.29
CA THR RA 57 22.54 -118.53 -3.46
C THR RA 57 23.25 -117.19 -3.26
N GLU RA 58 22.82 -116.14 -3.97
CA GLU RA 58 23.53 -114.87 -3.88
C GLU RA 58 22.66 -113.75 -3.31
N ASN RA 59 21.56 -113.41 -3.96
CA ASN RA 59 20.73 -112.26 -3.57
C ASN RA 59 19.54 -112.18 -4.53
N GLY RA 60 18.64 -111.26 -4.24
CA GLY RA 60 17.54 -110.93 -5.13
C GLY RA 60 17.24 -109.45 -5.18
N SER RA 61 17.30 -108.86 -6.38
CA SER RA 61 17.00 -107.44 -6.50
C SER RA 61 15.54 -107.16 -6.15
N LYS RA 62 14.62 -108.02 -6.62
CA LYS RA 62 13.23 -107.90 -6.20
C LYS RA 62 13.11 -108.11 -4.70
N PHE RA 63 13.85 -109.08 -4.16
CA PHE RA 63 13.87 -109.23 -2.71
C PHE RA 63 14.53 -108.04 -2.02
N ASN RA 64 15.50 -107.40 -2.68
CA ASN RA 64 16.09 -106.19 -2.10
C ASN RA 64 15.04 -105.09 -1.97
N GLU RA 65 14.26 -104.87 -3.03
CA GLU RA 65 13.20 -103.87 -2.97
C GLU RA 65 12.14 -104.25 -1.92
N LYS RA 66 11.78 -105.53 -1.86
CA LYS RA 66 10.79 -105.97 -0.89
C LYS RA 66 11.30 -105.82 0.54
N LEU RA 67 12.59 -106.07 0.76
CA LEU RA 67 13.16 -105.89 2.10
C LEU RA 67 13.20 -104.42 2.48
N ASP RA 68 13.52 -103.55 1.53
CA ASP RA 68 13.46 -102.12 1.81
C ASP RA 68 12.03 -101.69 2.16
N ASP RA 69 11.05 -102.20 1.42
CA ASP RA 69 9.66 -101.90 1.72
C ASP RA 69 9.27 -102.43 3.10
N PHE RA 70 9.71 -103.64 3.44
CA PHE RA 70 9.43 -104.19 4.76
C PHE RA 70 10.06 -103.35 5.87
N ALA RA 71 11.29 -102.91 5.66
CA ALA RA 71 11.96 -102.08 6.66
C ALA RA 71 11.24 -100.76 6.87
N GLU RA 72 10.87 -100.08 5.78
CA GLU RA 72 10.18 -98.81 5.92
C GLU RA 72 8.78 -99.00 6.52
N LYS RA 73 8.11 -100.11 6.18
CA LYS RA 73 6.80 -100.38 6.75
C LYS RA 73 6.88 -100.64 8.25
N VAL RA 74 7.88 -101.40 8.70
CA VAL RA 74 7.99 -101.66 10.13
C VAL RA 74 8.48 -100.42 10.87
N VAL RA 75 9.23 -99.55 10.19
CA VAL RA 75 9.63 -98.29 10.81
C VAL RA 75 8.41 -97.39 11.03
N HIS RA 76 7.57 -97.26 10.00
CA HIS RA 76 6.41 -96.37 10.10
C HIS RA 76 5.32 -96.95 10.99
N LEU RA 77 5.17 -98.28 11.01
CA LEU RA 77 4.06 -98.91 11.70
C LEU RA 77 4.23 -98.94 13.21
N GLY RA 78 5.45 -98.77 13.71
CA GLY RA 78 5.67 -98.75 15.14
C GLY RA 78 6.55 -99.87 15.64
N TRP RA 79 7.51 -100.31 14.82
CA TRP RA 79 8.44 -101.38 15.18
C TRP RA 79 9.86 -100.87 15.01
N PRO RA 80 10.41 -100.20 16.03
CA PRO RA 80 11.78 -99.69 15.95
C PRO RA 80 12.82 -100.81 16.03
N ILE RA 81 14.10 -100.42 16.09
CA ILE RA 81 15.19 -101.40 16.11
C ILE RA 81 15.08 -102.32 17.31
N HIS RA 82 14.57 -101.83 18.43
CA HIS RA 82 14.38 -102.68 19.61
C HIS RA 82 13.40 -103.81 19.31
N PHE RA 83 12.28 -103.48 18.66
CA PHE RA 83 11.29 -104.50 18.32
C PHE RA 83 11.86 -105.50 17.31
N VAL RA 84 12.63 -105.01 16.34
CA VAL RA 84 13.22 -105.90 15.35
C VAL RA 84 14.23 -106.84 16.01
N THR RA 85 14.98 -106.33 16.99
CA THR RA 85 15.95 -107.17 17.69
C THR RA 85 15.25 -108.21 18.56
N THR RA 86 14.16 -107.83 19.23
CA THR RA 86 13.37 -108.82 19.96
C THR RA 86 12.81 -109.87 19.02
N GLY RA 87 12.37 -109.44 17.83
CA GLY RA 87 11.93 -110.38 16.83
C GLY RA 87 13.02 -111.34 16.40
N LEU RA 88 14.25 -110.83 16.24
CA LEU RA 88 15.37 -111.71 15.91
C LEU RA 88 15.63 -112.72 17.03
N ARG RA 89 15.59 -112.26 18.29
CA ARG RA 89 15.84 -113.16 19.40
C ARG RA 89 14.80 -114.27 19.47
N VAL RA 90 13.52 -113.91 19.33
CA VAL RA 90 12.48 -114.93 19.38
C VAL RA 90 12.51 -115.81 18.13
N PHE RA 91 12.91 -115.25 16.98
CA PHE RA 91 13.17 -116.08 15.80
C PHE RA 91 14.19 -117.15 16.11
N GLY RA 92 15.31 -116.76 16.71
CA GLY RA 92 16.32 -117.74 17.08
C GLY RA 92 15.80 -118.78 18.05
N LEU RA 93 15.03 -118.34 19.05
CA LEU RA 93 14.47 -119.27 20.02
C LEU RA 93 13.60 -120.32 19.34
N LEU RA 94 12.67 -119.89 18.50
CA LEU RA 94 11.75 -120.86 17.90
C LEU RA 94 12.42 -121.68 16.80
N VAL RA 95 13.42 -121.12 16.11
CA VAL RA 95 14.21 -121.93 15.19
C VAL RA 95 14.92 -123.04 15.95
N TYR RA 96 15.48 -122.73 17.12
CA TYR RA 96 16.12 -123.76 17.93
C TYR RA 96 15.11 -124.82 18.37
N THR RA 97 13.91 -124.39 18.81
CA THR RA 97 12.92 -125.36 19.27
C THR RA 97 12.48 -126.29 18.13
N ALA RA 98 12.08 -125.71 16.99
CA ALA RA 98 11.68 -126.54 15.86
C ALA RA 98 12.84 -127.37 15.33
N MET RA 99 14.07 -126.87 15.49
CA MET RA 99 15.24 -127.60 15.03
C MET RA 99 15.46 -128.83 15.90
N ARG RA 100 15.22 -128.69 17.20
CA ARG RA 100 15.18 -129.85 18.09
C ARG RA 100 14.06 -130.80 17.71
N ASP RA 101 12.91 -130.26 17.31
CA ASP RA 101 11.75 -131.09 17.02
C ASP RA 101 11.86 -131.77 15.65
N GLU RA 102 12.06 -130.97 14.59
CA GLU RA 102 12.06 -131.53 13.24
C GLU RA 102 13.25 -132.45 13.01
N ASP RA 103 14.46 -131.98 13.33
CA ASP RA 103 15.69 -132.77 13.19
C ASP RA 103 15.86 -133.28 11.76
N LEU RA 104 15.68 -132.37 10.79
CA LEU RA 104 15.86 -132.69 9.36
C LEU RA 104 16.54 -131.48 8.72
N PHE RA 105 17.83 -131.63 8.42
CA PHE RA 105 18.63 -130.47 8.03
C PHE RA 105 18.71 -130.40 6.50
N LEU RA 106 19.58 -129.51 6.00
CA LEU RA 106 19.82 -129.44 4.56
C LEU RA 106 20.45 -130.73 4.04
N LYS RA 107 21.64 -131.05 4.51
CA LYS RA 107 22.43 -132.14 3.94
C LYS RA 107 21.75 -133.48 4.17
N ARG RA 108 21.75 -134.31 3.13
CA ARG RA 108 21.14 -135.64 3.21
C ARG RA 108 22.12 -136.59 3.89
N GLU RA 109 21.76 -137.06 5.09
CA GLU RA 109 22.62 -137.95 5.83
C GLU RA 109 21.77 -138.79 6.78
N GLU RA 110 22.33 -139.90 7.25
CA GLU RA 110 21.61 -140.76 8.18
C GLU RA 110 21.27 -140.03 9.47
N LYS RA 111 22.24 -139.28 10.01
CA LYS RA 111 22.00 -138.47 11.19
C LYS RA 111 22.44 -137.03 10.89
N PRO RA 112 21.57 -136.05 11.11
CA PRO RA 112 21.93 -134.66 10.82
C PRO RA 112 23.06 -134.16 11.71
N GLU RA 113 23.88 -133.27 11.16
CA GLU RA 113 25.02 -132.71 11.86
C GLU RA 113 24.92 -131.19 11.94
N ASP RA 114 25.69 -130.62 12.87
CA ASP RA 114 25.57 -129.20 13.23
C ASP RA 114 25.96 -128.26 12.10
N ASP RA 115 26.58 -128.76 11.03
CA ASP RA 115 27.01 -127.89 9.94
C ASP RA 115 25.84 -127.17 9.30
N ALA RA 116 24.79 -127.92 8.96
CA ALA RA 116 23.63 -127.31 8.30
C ALA RA 116 22.90 -126.35 9.23
N TYR RA 117 22.77 -126.71 10.51
CA TYR RA 117 22.15 -125.81 11.47
C TYR RA 117 22.93 -124.51 11.59
N TYR RA 118 24.26 -124.59 11.60
CA TYR RA 118 25.02 -123.36 11.74
C TYR RA 118 25.01 -122.54 10.46
N ARG RA 119 24.91 -123.20 9.29
CA ARG RA 119 24.68 -122.45 8.07
C ARG RA 119 23.34 -121.73 8.11
N PHE RA 120 22.32 -122.39 8.67
CA PHE RA 120 21.04 -121.74 8.93
C PHE RA 120 21.24 -120.47 9.75
N GLU RA 121 21.98 -120.60 10.85
CA GLU RA 121 22.19 -119.46 11.75
C GLU RA 121 22.95 -118.34 11.06
N THR RA 122 23.99 -118.67 10.29
CA THR RA 122 24.77 -117.66 9.60
C THR RA 122 23.93 -116.93 8.55
N TRP RA 123 23.10 -117.67 7.80
CA TRP RA 123 22.26 -117.01 6.81
C TRP RA 123 21.17 -116.16 7.45
N LEU RA 124 20.66 -116.59 8.61
CA LEU RA 124 19.74 -115.72 9.36
C LEU RA 124 20.44 -114.45 9.83
N SER RA 125 21.69 -114.57 10.27
CA SER RA 125 22.45 -113.38 10.63
C SER RA 125 22.66 -112.47 9.43
N SER RA 126 22.92 -113.05 8.26
CA SER RA 126 23.09 -112.24 7.05
C SER RA 126 21.81 -111.50 6.67
N MET RA 127 20.67 -112.17 6.74
CA MET RA 127 19.42 -111.50 6.41
C MET RA 127 19.09 -110.43 7.44
N TYR RA 128 19.41 -110.66 8.71
CA TYR RA 128 19.25 -109.60 9.71
C TYR RA 128 20.18 -108.43 9.41
N ASN RA 129 21.40 -108.72 8.93
CA ASN RA 129 22.32 -107.66 8.54
C ASN RA 129 21.73 -106.82 7.42
N LYS RA 130 21.15 -107.47 6.42
CA LYS RA 130 20.51 -106.72 5.33
C LYS RA 130 19.34 -105.89 5.84
N VAL RA 131 18.54 -106.46 6.76
CA VAL RA 131 17.39 -105.74 7.29
C VAL RA 131 17.84 -104.48 8.04
N VAL RA 132 18.84 -104.62 8.92
CA VAL RA 132 19.30 -103.47 9.68
C VAL RA 132 20.02 -102.47 8.79
N THR RA 133 20.65 -102.94 7.71
CA THR RA 133 21.24 -102.02 6.74
C THR RA 133 20.19 -101.17 6.06
N ALA RA 134 19.08 -101.80 5.63
CA ALA RA 134 18.00 -101.04 5.02
C ALA RA 134 17.22 -100.22 6.03
N TYR RA 135 17.34 -100.54 7.32
CA TYR RA 135 16.59 -99.81 8.34
C TYR RA 135 17.00 -98.35 8.42
N ALA RA 136 18.31 -98.07 8.33
CA ALA RA 136 18.83 -96.76 8.70
C ALA RA 136 19.16 -95.86 7.52
N ASP RA 137 19.10 -96.36 6.28
CA ASP RA 137 19.48 -95.54 5.13
C ASP RA 137 18.52 -94.37 4.95
N THR RA 138 17.22 -94.63 4.95
CA THR RA 138 16.25 -93.56 4.79
C THR RA 138 16.29 -92.60 5.97
N TRP RA 139 16.52 -93.12 7.18
CA TRP RA 139 16.63 -92.26 8.35
C TRP RA 139 17.82 -91.32 8.23
N GLU RA 140 18.96 -91.84 7.77
CA GLU RA 140 20.13 -90.98 7.56
C GLU RA 140 19.86 -89.94 6.50
N LYS RA 141 19.19 -90.33 5.40
CA LYS RA 141 18.89 -89.36 4.35
C LYS RA 141 17.97 -88.25 4.86
N THR RA 142 16.93 -88.61 5.61
CA THR RA 142 16.02 -87.58 6.11
C THR RA 142 16.67 -86.73 7.19
N VAL RA 143 17.58 -87.30 7.98
CA VAL RA 143 18.33 -86.50 8.94
C VAL RA 143 19.21 -85.49 8.21
N SER RA 144 19.87 -85.92 7.13
CA SER RA 144 20.70 -85.00 6.36
C SER RA 144 19.88 -83.88 5.74
N ILE RA 145 18.73 -84.21 5.16
CA ILE RA 145 17.91 -83.15 4.55
C ILE RA 145 17.35 -82.22 5.63
N GLN RA 146 17.01 -82.76 6.81
CA GLN RA 146 16.54 -81.92 7.90
C GLN RA 146 17.63 -80.97 8.37
N LYS RA 147 18.87 -81.46 8.47
CA LYS RA 147 19.98 -80.59 8.86
C LYS RA 147 20.23 -79.52 7.81
N SER RA 148 20.12 -79.87 6.53
CA SER RA 148 20.26 -78.88 5.47
C SER RA 148 19.18 -77.81 5.57
N ALA RA 149 17.94 -78.22 5.82
CA ALA RA 149 16.86 -77.26 5.99
C ALA RA 149 17.10 -76.36 7.19
N LEU RA 150 17.60 -76.93 8.29
CA LEU RA 150 17.88 -76.13 9.47
C LEU RA 150 19.00 -75.13 9.21
N GLN RA 151 20.05 -75.54 8.50
CA GLN RA 151 21.16 -74.63 8.27
C GLN RA 151 20.80 -73.54 7.26
N GLU RA 152 19.96 -73.84 6.27
CA GLU RA 152 19.55 -72.80 5.34
C GLU RA 152 18.52 -71.86 5.96
N LEU RA 153 17.76 -72.33 6.94
CA LEU RA 153 16.80 -71.50 7.66
C LEU RA 153 17.38 -70.87 8.91
N SER RA 154 18.65 -71.13 9.21
CA SER RA 154 19.23 -70.63 10.46
C SER RA 154 19.28 -69.11 10.47
N ALA RA 155 19.76 -68.51 9.38
CA ALA RA 155 19.99 -67.07 9.30
C ALA RA 155 19.34 -66.50 8.05
N PRO RA 156 18.02 -66.31 8.06
CA PRO RA 156 17.38 -65.66 6.92
C PRO RA 156 17.57 -64.14 6.96
N LEU RA 157 18.49 -63.64 6.15
CA LEU RA 157 18.68 -62.21 5.98
C LEU RA 157 17.84 -61.66 4.83
N LEU RA 158 17.13 -62.54 4.12
CA LEU RA 158 16.36 -62.14 2.96
C LEU RA 158 15.40 -60.98 3.21
N PRO RA 159 14.74 -60.86 4.39
CA PRO RA 159 13.97 -59.62 4.64
C PRO RA 159 14.84 -58.39 4.49
N ILE RA 160 14.57 -57.57 3.48
CA ILE RA 160 15.37 -56.40 3.16
C ILE RA 160 14.45 -55.24 2.83
N PHE RA 161 14.75 -54.08 3.38
CA PHE RA 161 14.16 -52.81 2.97
C PHE RA 161 15.22 -52.00 2.24
N GLU RA 162 14.78 -50.90 1.61
CA GLU RA 162 15.72 -50.04 0.90
C GLU RA 162 16.80 -49.52 1.84
N LYS RA 163 18.04 -49.98 1.62
CA LYS RA 163 19.24 -49.56 2.33
C LYS RA 163 19.22 -49.94 3.81
N ILE RA 164 18.20 -50.65 4.26
CA ILE RA 164 18.14 -51.19 5.62
C ILE RA 164 17.78 -52.67 5.54
N SER RA 165 18.57 -53.50 6.20
CA SER RA 165 18.31 -54.93 6.27
C SER RA 165 17.75 -55.31 7.64
N VAL RA 166 17.36 -56.57 7.77
CA VAL RA 166 16.88 -57.09 9.04
C VAL RA 166 17.08 -58.59 9.03
N MET RA 167 17.52 -59.13 10.16
CA MET RA 167 17.90 -60.54 10.30
C MET RA 167 17.16 -61.16 11.46
N PRO RA 168 15.99 -61.76 11.23
CA PRO RA 168 15.21 -62.35 12.33
C PRO RA 168 15.70 -63.75 12.66
N LEU RA 169 16.09 -63.96 13.91
CA LEU RA 169 16.41 -65.27 14.43
C LEU RA 169 15.47 -65.56 15.58
N ILE RA 170 14.78 -66.69 15.54
CA ILE RA 170 13.74 -66.99 16.53
C ILE RA 170 14.00 -68.32 17.21
N GLY RA 171 14.67 -69.24 16.53
CA GLY RA 171 14.93 -70.53 17.13
C GLY RA 171 16.09 -70.47 18.11
N THR RA 172 16.10 -71.43 19.03
CA THR RA 172 17.22 -71.53 19.96
C THR RA 172 18.49 -71.82 19.18
N ILE RA 173 19.58 -71.18 19.58
CA ILE RA 173 20.82 -71.20 18.82
C ILE RA 173 21.94 -71.75 19.69
N ASP RA 174 22.66 -72.73 19.14
CA ASP RA 174 23.89 -73.24 19.75
C ASP RA 174 25.06 -72.59 19.05
N TPO RA 175 26.28 -73.08 19.28
CA TPO RA 175 27.46 -72.43 18.74
CB TPO RA 175 28.71 -72.85 19.50
CG2 TPO RA 175 29.10 -74.30 19.22
OG1 TPO RA 175 29.77 -71.99 19.11
P TPO RA 175 29.99 -70.93 20.30
O1P TPO RA 175 29.36 -69.51 19.90
O2P TPO RA 175 31.44 -70.79 20.56
O3P TPO RA 175 29.27 -71.47 21.65
C TPO RA 175 27.63 -72.69 17.24
O TPO RA 175 28.16 -71.85 16.52
N GLU RA 176 27.16 -73.84 16.77
CA GLU RA 176 27.17 -74.14 15.35
C GLU RA 176 26.22 -73.20 14.62
N ARG RA 177 25.01 -73.10 15.16
CA ARG RA 177 24.05 -72.16 14.60
C ARG RA 177 24.54 -70.72 14.74
N ALA RA 178 25.29 -70.42 15.81
CA ALA RA 178 25.87 -69.09 15.94
C ALA RA 178 26.88 -68.80 14.84
N LYS RA 179 27.71 -69.79 14.50
CA LYS RA 179 28.64 -69.61 13.39
C LYS RA 179 27.90 -69.42 12.09
N LEU RA 180 26.81 -70.18 11.89
CA LEU RA 180 25.99 -69.98 10.69
C LEU RA 180 25.43 -68.57 10.66
N ILE RA 181 24.93 -68.08 11.79
CA ILE RA 181 24.40 -66.72 11.88
C ILE RA 181 25.44 -65.71 11.47
N ILE RA 182 26.63 -65.79 12.06
CA ILE RA 182 27.65 -64.77 11.81
C ILE RA 182 28.12 -64.83 10.37
N GLU RA 183 28.34 -66.03 9.83
CA GLU RA 183 28.83 -66.14 8.46
C GLU RA 183 27.79 -65.63 7.47
N ASN RA 184 26.53 -66.05 7.63
CA ASN RA 184 25.49 -65.61 6.71
C ASN RA 184 25.28 -64.10 6.80
N LEU RA 185 25.24 -63.55 8.01
CA LEU RA 185 25.05 -62.11 8.16
C LEU RA 185 26.17 -61.34 7.51
N LEU RA 186 27.43 -61.77 7.71
CA LEU RA 186 28.55 -61.06 7.13
C LEU RA 186 28.53 -61.14 5.61
N ILE RA 187 28.33 -62.34 5.06
CA ILE RA 187 28.37 -62.48 3.60
C ILE RA 187 27.22 -61.70 2.97
N GLY RA 188 26.06 -61.67 3.62
CA GLY RA 188 24.97 -60.87 3.14
C GLY RA 188 25.32 -59.40 3.15
N VAL RA 189 25.69 -58.88 4.32
CA VAL RA 189 25.89 -57.44 4.47
C VAL RA 189 27.01 -56.95 3.56
N VAL RA 190 27.95 -57.83 3.19
CA VAL RA 190 28.96 -57.39 2.25
C VAL RA 190 28.46 -57.53 0.81
N LYS RA 191 27.63 -58.54 0.53
CA LYS RA 191 27.19 -58.76 -0.85
C LYS RA 191 26.20 -57.68 -1.30
N ASN RA 192 25.20 -57.37 -0.47
CA ASN RA 192 24.25 -56.32 -0.79
C ASN RA 192 24.48 -55.14 0.14
N ARG RA 193 24.37 -53.93 -0.41
CA ARG RA 193 24.75 -52.74 0.33
C ARG RA 193 23.64 -52.36 1.31
N SER RA 194 24.02 -52.20 2.58
CA SER RA 194 23.10 -51.78 3.62
C SER RA 194 23.88 -50.92 4.60
N GLU RA 195 23.21 -49.93 5.18
CA GLU RA 195 23.86 -49.05 6.13
C GLU RA 195 23.61 -49.43 7.58
N VAL RA 196 22.46 -50.03 7.89
CA VAL RA 196 22.18 -50.53 9.23
C VAL RA 196 21.63 -51.94 9.11
N VAL RA 197 21.82 -52.72 10.16
CA VAL RA 197 21.34 -54.09 10.23
C VAL RA 197 20.59 -54.28 11.53
N LEU RA 198 19.36 -54.78 11.44
CA LEU RA 198 18.52 -55.02 12.60
C LEU RA 198 18.56 -56.50 12.94
N ILE RA 199 19.22 -56.85 14.04
CA ILE RA 199 19.24 -58.21 14.54
C ILE RA 199 18.11 -58.37 15.54
N ASP RA 200 17.29 -59.40 15.35
CA ASP RA 200 16.08 -59.61 16.13
C ASP RA 200 16.34 -60.81 17.04
N ILE RA 201 16.72 -60.52 18.29
CA ILE RA 201 16.98 -61.57 19.26
C ILE RA 201 15.68 -62.18 19.80
N THR RA 202 14.56 -61.46 19.69
CA THR RA 202 13.31 -61.96 20.23
C THR RA 202 12.97 -63.32 19.65
N GLY RA 203 12.71 -64.28 20.53
CA GLY RA 203 12.44 -65.64 20.09
C GLY RA 203 13.25 -66.67 20.83
N VAL RA 204 14.48 -66.33 21.20
CA VAL RA 204 15.35 -67.24 21.93
C VAL RA 204 15.03 -67.11 23.43
N PRO RA 205 14.69 -68.20 24.11
CA PRO RA 205 14.41 -68.12 25.55
C PRO RA 205 15.63 -67.77 26.38
N VAL RA 206 16.69 -68.56 26.23
CA VAL RA 206 17.93 -68.40 26.99
C VAL RA 206 19.10 -68.67 26.06
N VAL RA 207 20.16 -67.89 26.19
CA VAL RA 207 21.36 -68.06 25.39
C VAL RA 207 22.54 -68.30 26.30
N ASP RA 208 23.51 -69.06 25.80
CA ASP RA 208 24.74 -69.34 26.53
C ASP RA 208 25.65 -68.11 26.51
N THR RA 209 26.60 -68.09 27.45
CA THR RA 209 27.56 -66.99 27.50
C THR RA 209 28.39 -66.92 26.22
N MET RA 210 28.84 -68.07 25.72
CA MET RA 210 29.61 -68.09 24.49
C MET RA 210 28.78 -67.62 23.30
N VAL RA 211 27.51 -68.01 23.25
CA VAL RA 211 26.65 -67.56 22.16
C VAL RA 211 26.44 -66.05 22.22
N ALA RA 212 26.23 -65.51 23.43
CA ALA RA 212 26.10 -64.06 23.56
C ALA RA 212 27.38 -63.35 23.15
N HIS RA 213 28.53 -63.91 23.52
CA HIS RA 213 29.80 -63.33 23.11
C HIS RA 213 29.94 -63.33 21.60
N HIS RA 214 29.55 -64.42 20.96
CA HIS RA 214 29.63 -64.48 19.49
C HIS RA 214 28.68 -63.48 18.86
N ILE RA 215 27.50 -63.27 19.46
CA ILE RA 215 26.57 -62.26 18.94
C ILE RA 215 27.19 -60.88 19.02
N ILE RA 216 27.80 -60.56 20.17
CA ILE RA 216 28.43 -59.24 20.33
C ILE RA 216 29.58 -59.07 19.34
N GLN RA 217 30.37 -60.13 19.14
CA GLN RA 217 31.46 -60.05 18.17
C GLN RA 217 30.93 -59.86 16.75
N ALA RA 218 29.81 -60.51 16.43
CA ALA RA 218 29.19 -60.29 15.12
C ALA RA 218 28.74 -58.85 14.96
N SER RA 219 28.17 -58.28 16.02
CA SER RA 219 27.75 -56.88 15.97
C SER RA 219 28.95 -55.97 15.74
N GLU RA 220 30.05 -56.21 16.45
CA GLU RA 220 31.24 -55.38 16.28
C GLU RA 220 31.82 -55.55 14.88
N ALA RA 221 31.82 -56.78 14.35
CA ALA RA 221 32.36 -57.01 13.02
C ALA RA 221 31.54 -56.29 11.96
N VAL RA 222 30.22 -56.42 12.04
CA VAL RA 222 29.38 -55.74 11.05
C VAL RA 222 29.46 -54.23 11.23
N ARG RA 223 29.79 -53.76 12.44
CA ARG RA 223 30.09 -52.35 12.61
C ARG RA 223 31.37 -51.97 11.86
N LEU RA 224 32.38 -52.83 11.92
CA LEU RA 224 33.63 -52.55 11.22
C LEU RA 224 33.47 -52.60 9.70
N VAL RA 225 32.58 -53.45 9.20
CA VAL RA 225 32.33 -53.44 7.76
C VAL RA 225 31.74 -52.11 7.32
N GLY RA 226 31.12 -51.37 8.25
CA GLY RA 226 30.59 -50.06 7.95
C GLY RA 226 29.09 -49.99 8.10
N CYS RA 227 28.54 -50.77 9.03
CA CYS RA 227 27.10 -50.90 9.18
C CYS RA 227 26.76 -50.93 10.66
N GLN RA 228 26.06 -49.90 11.13
CA GLN RA 228 25.59 -49.89 12.52
C GLN RA 228 24.64 -51.05 12.75
N ALA RA 229 24.83 -51.74 13.87
CA ALA RA 229 24.05 -52.92 14.22
C ALA RA 229 23.13 -52.57 15.38
N MET RA 230 21.84 -52.46 15.08
CA MET RA 230 20.83 -52.27 16.12
C MET RA 230 20.38 -53.64 16.61
N LEU RA 231 20.49 -53.87 17.91
CA LEU RA 231 20.21 -55.17 18.51
C LEU RA 231 18.82 -55.10 19.12
N VAL RA 232 17.82 -55.62 18.41
CA VAL RA 232 16.42 -55.32 18.66
C VAL RA 232 15.77 -56.43 19.47
N GLY RA 233 14.95 -56.04 20.45
CA GLY RA 233 14.08 -56.95 21.15
C GLY RA 233 14.75 -57.99 22.02
N ILE RA 234 15.73 -57.57 22.81
CA ILE RA 234 16.34 -58.47 23.78
C ILE RA 234 15.33 -58.80 24.87
N ARG RA 235 15.43 -60.00 25.42
CA ARG RA 235 14.59 -60.40 26.54
C ARG RA 235 15.36 -60.27 27.85
N PRO RA 236 14.65 -60.11 28.98
CA PRO RA 236 15.36 -59.76 30.23
C PRO RA 236 16.43 -60.75 30.65
N GLU RA 237 16.19 -62.06 30.51
CA GLU RA 237 17.19 -63.04 30.92
C GLU RA 237 18.45 -62.93 30.05
N ILE RA 238 18.27 -62.77 28.74
CA ILE RA 238 19.41 -62.60 27.86
C ILE RA 238 20.17 -61.32 28.19
N ALA RA 239 19.43 -60.25 28.50
CA ALA RA 239 20.08 -59.00 28.85
C ALA RA 239 20.89 -59.15 30.13
N GLN RA 240 20.35 -59.85 31.12
CA GLN RA 240 21.08 -60.09 32.36
C GLN RA 240 22.34 -60.92 32.11
N THR RA 241 22.22 -61.99 31.32
CA THR RA 241 23.39 -62.81 31.02
C THR RA 241 24.45 -61.99 30.28
N ILE RA 242 24.02 -61.16 29.33
CA ILE RA 242 24.97 -60.36 28.56
C ILE RA 242 25.68 -59.35 29.45
N VAL RA 243 24.93 -58.66 30.32
CA VAL RA 243 25.55 -57.62 31.16
C VAL RA 243 26.50 -58.25 32.18
N ASN RA 244 26.15 -59.40 32.74
CA ASN RA 244 27.10 -60.03 33.68
C ASN RA 244 28.10 -60.94 32.97
N LEU RA 245 28.11 -60.97 31.63
CA LEU RA 245 29.18 -61.64 30.91
C LEU RA 245 30.54 -61.00 31.20
N GLY RA 246 30.57 -59.69 31.46
CA GLY RA 246 31.79 -58.98 31.77
C GLY RA 246 32.36 -58.18 30.62
N ILE RA 247 31.98 -58.49 29.39
CA ILE RA 247 32.40 -57.70 28.25
C ILE RA 247 31.65 -56.37 28.27
N GLU RA 248 32.20 -55.37 27.59
CA GLU RA 248 31.66 -54.02 27.64
C GLU RA 248 30.54 -53.89 26.61
N LEU RA 249 29.48 -53.18 27.00
CA LEU RA 249 28.21 -53.10 26.25
C LEU RA 249 27.77 -51.66 26.06
N ASP RA 250 28.65 -50.81 25.52
CA ASP RA 250 28.25 -49.44 25.22
C ASP RA 250 28.28 -49.11 23.73
N GLN RA 251 28.89 -49.94 22.90
CA GLN RA 251 29.06 -49.61 21.49
C GLN RA 251 27.89 -50.06 20.63
N ILE RA 252 26.93 -50.77 21.19
CA ILE RA 252 25.78 -51.28 20.45
C ILE RA 252 24.53 -50.57 20.92
N ILE RA 253 23.65 -50.24 19.97
CA ILE RA 253 22.41 -49.55 20.24
C ILE RA 253 21.27 -50.56 20.19
N THR RA 254 20.42 -50.57 21.21
CA THR RA 254 19.36 -51.56 21.32
C THR RA 254 18.01 -50.88 21.47
N THR RA 255 16.97 -51.53 20.94
CA THR RA 255 15.60 -51.08 21.09
C THR RA 255 14.73 -52.26 21.47
N ASN RA 256 13.71 -51.98 22.29
CA ASN RA 256 12.88 -53.05 22.83
C ASN RA 256 11.89 -53.61 21.83
N THR RA 257 11.54 -52.85 20.79
CA THR RA 257 10.57 -53.32 19.81
C THR RA 257 11.08 -53.02 18.40
N MET RA 258 10.60 -53.81 17.44
CA MET RA 258 11.09 -53.69 16.08
C MET RA 258 10.66 -52.38 15.42
N LYS RA 259 9.47 -51.89 15.75
CA LYS RA 259 9.01 -50.62 15.17
C LYS RA 259 9.93 -49.47 15.58
N LYS RA 260 10.27 -49.41 16.87
CA LYS RA 260 11.19 -48.37 17.34
C LYS RA 260 12.55 -48.52 16.69
N GLY RA 261 13.03 -49.76 16.55
CA GLY RA 261 14.31 -49.98 15.90
C GLY RA 261 14.32 -49.48 14.47
N MET RA 262 13.26 -49.80 13.72
CA MET RA 262 13.18 -49.37 12.32
C MET RA 262 13.10 -47.87 12.22
N GLU RA 263 12.28 -47.23 13.06
CA GLU RA 263 12.15 -45.77 12.94
C GLU RA 263 13.44 -45.07 13.37
N ARG RA 264 14.15 -45.61 14.36
CA ARG RA 264 15.42 -44.99 14.74
C ARG RA 264 16.50 -45.23 13.69
N ALA RA 265 16.49 -46.40 13.04
CA ALA RA 265 17.41 -46.62 11.93
C ALA RA 265 17.15 -45.66 10.79
N LEU RA 266 15.88 -45.40 10.49
CA LEU RA 266 15.56 -44.37 9.50
C LEU RA 266 15.96 -42.98 9.99
N ALA RA 267 15.90 -42.76 11.31
CA ALA RA 267 16.35 -41.47 11.85
C ALA RA 267 17.84 -41.28 11.65
N LEU RA 268 18.64 -42.33 11.84
CA LEU RA 268 20.07 -42.21 11.61
C LEU RA 268 20.37 -41.84 10.17
N THR RA 269 19.70 -42.48 9.22
CA THR RA 269 19.77 -42.11 7.82
C THR RA 269 18.57 -41.22 7.47
N ASN RA 270 18.65 -39.98 7.95
CA ASN RA 270 17.50 -39.08 7.96
C ASN RA 270 16.89 -38.90 6.58
N ARG RA 271 17.70 -38.99 5.53
CA ARG RA 271 17.18 -38.83 4.18
C ARG RA 271 16.31 -40.02 3.76
N GLU RA 272 16.30 -41.11 4.52
CA GLU RA 272 15.50 -42.28 4.21
C GLU RA 272 14.23 -42.36 5.06
N ILE RA 273 13.81 -41.25 5.67
CA ILE RA 273 12.60 -41.27 6.48
C ILE RA 273 11.36 -41.52 5.61
N VAL RA 274 11.37 -40.98 4.39
CA VAL RA 274 10.25 -41.17 3.48
C VAL RA 274 10.36 -42.50 2.76
N MET SA 1 22.47 -118.30 35.24
CA MET SA 1 23.61 -117.97 36.07
C MET SA 1 24.62 -117.11 35.33
N TYR SA 2 25.32 -116.25 36.09
CA TYR SA 2 26.27 -115.30 35.54
C TYR SA 2 27.69 -115.46 36.06
N LYS SA 3 27.92 -116.28 37.09
CA LYS SA 3 29.26 -116.42 37.65
C LYS SA 3 30.15 -117.27 36.75
N ASP SA 4 29.74 -118.52 36.51
CA ASP SA 4 30.51 -119.38 35.63
C ASP SA 4 30.52 -118.86 34.20
N PHE SA 5 29.47 -118.12 33.82
CA PHE SA 5 29.49 -117.47 32.51
C PHE SA 5 30.62 -116.46 32.42
N ALA SA 6 30.85 -115.69 33.48
CA ALA SA 6 32.01 -114.79 33.51
C ALA SA 6 33.31 -115.58 33.56
N ASN SA 7 33.33 -116.70 34.27
CA ASN SA 7 34.53 -117.52 34.33
C ASN SA 7 34.91 -118.05 32.95
N PHE SA 8 33.93 -118.29 32.09
CA PHE SA 8 34.22 -118.67 30.70
C PHE SA 8 34.44 -117.46 29.80
N ILE SA 9 33.84 -116.31 30.13
CA ILE SA 9 34.13 -115.07 29.43
C ILE SA 9 35.59 -114.68 29.61
N ARG SA 10 36.23 -115.15 30.70
CA ARG SA 10 37.64 -114.85 30.90
C ARG SA 10 38.51 -115.37 29.75
N THR SA 11 38.04 -116.35 28.98
CA THR SA 11 38.69 -116.76 27.75
C THR SA 11 37.91 -116.38 26.49
N ASN SA 12 36.60 -116.25 26.60
CA ASN SA 12 35.82 -115.71 25.49
C ASN SA 12 36.27 -114.31 25.12
N LYS SA 13 36.92 -113.58 26.04
CA LYS SA 13 37.46 -112.27 25.70
C LYS SA 13 38.60 -112.38 24.68
N LYS SA 14 39.52 -113.33 24.89
CA LYS SA 14 40.55 -113.59 23.89
C LYS SA 14 39.94 -114.12 22.60
N ASP SA 15 38.91 -114.95 22.72
CA ASP SA 15 38.21 -115.41 21.53
C ASP SA 15 37.63 -114.23 20.75
N LEU SA 16 37.06 -113.26 21.46
CA LEU SA 16 36.50 -112.10 20.79
C LEU SA 16 37.58 -111.16 20.26
N LEU SA 17 38.75 -111.14 20.88
CA LEU SA 17 39.87 -110.39 20.30
C LEU SA 17 40.30 -110.99 18.97
N ASN SA 18 40.39 -112.33 18.91
CA ASN SA 18 40.60 -112.98 17.62
C ASN SA 18 39.48 -112.66 16.65
N ASN SA 19 38.24 -112.59 17.15
CA ASN SA 19 37.12 -112.21 16.31
C ASN SA 19 37.28 -110.80 15.75
N TRP SA 20 37.73 -109.87 16.59
CA TRP SA 20 37.93 -108.49 16.13
C TRP SA 20 39.02 -108.42 15.07
N MET SA 21 40.13 -109.13 15.27
CA MET SA 21 41.19 -109.10 14.27
C MET SA 21 40.75 -109.79 12.98
N ASN SA 22 39.81 -110.74 13.07
CA ASN SA 22 39.26 -111.35 11.86
C ASN SA 22 38.27 -110.43 11.16
N GLU SA 23 37.49 -109.66 11.92
CA GLU SA 23 36.41 -108.85 11.36
C GLU SA 23 36.90 -107.50 10.83
N MET SA 24 37.96 -106.95 11.43
CA MET SA 24 38.42 -105.61 11.05
C MET SA 24 38.84 -105.56 9.58
N GLU SA 25 39.27 -106.70 9.02
CA GLU SA 25 39.75 -106.70 7.64
C GLU SA 25 38.64 -106.41 6.64
N LYS SA 26 37.45 -106.95 6.87
CA LYS SA 26 36.43 -106.94 5.82
C LYS SA 26 35.80 -105.56 5.63
N GLN SA 27 35.65 -104.78 6.70
CA GLN SA 27 34.90 -103.53 6.63
C GLN SA 27 35.76 -102.37 7.13
N SER SA 28 35.96 -101.38 6.25
CA SER SA 28 36.57 -100.09 6.60
C SER SA 28 37.87 -100.26 7.38
N ASP SA 29 38.82 -100.97 6.76
CA ASP SA 29 40.13 -101.15 7.40
C ASP SA 29 40.85 -99.84 7.67
N PRO SA 30 41.04 -98.94 6.69
CA PRO SA 30 41.75 -97.70 7.01
C PRO SA 30 41.03 -96.82 8.01
N LEU SA 31 39.68 -96.75 7.92
CA LEU SA 31 38.93 -95.90 8.83
C LEU SA 31 39.05 -96.41 10.27
N ILE SA 32 38.84 -97.71 10.47
CA ILE SA 32 38.93 -98.28 11.81
C ILE SA 32 40.34 -98.15 12.35
N ASN SA 33 41.35 -98.38 11.51
CA ASN SA 33 42.74 -98.25 11.98
C ASN SA 33 43.06 -96.81 12.37
N ASP SA 34 42.55 -95.84 11.60
CA ASP SA 34 42.89 -94.44 11.85
C ASP SA 34 42.16 -93.88 13.06
N ILE SA 35 40.87 -94.19 13.23
CA ILE SA 35 40.09 -93.53 14.27
C ILE SA 35 40.55 -93.96 15.66
N ALA SA 36 40.85 -95.24 15.85
CA ALA SA 36 41.27 -95.75 17.15
C ALA SA 36 42.27 -96.87 16.95
N LYS SA 37 43.26 -96.92 17.84
CA LYS SA 37 44.27 -97.97 17.77
C LYS SA 37 43.68 -99.31 18.22
N GLU SA 38 44.31 -100.39 17.76
CA GLU SA 38 43.81 -101.73 18.06
C GLU SA 38 43.79 -102.05 19.55
N PRO SA 39 44.86 -101.80 20.33
CA PRO SA 39 44.79 -102.15 21.76
C PRO SA 39 43.67 -101.45 22.53
N MET SA 40 43.41 -100.18 22.22
CA MET SA 40 42.34 -99.47 22.92
C MET SA 40 40.97 -100.03 22.58
N TYR SA 41 40.73 -100.32 21.30
CA TYR SA 41 39.48 -100.96 20.91
C TYR SA 41 39.33 -102.33 21.56
N GLU SA 42 40.42 -103.08 21.62
CA GLU SA 42 40.37 -104.40 22.24
C GLU SA 42 40.04 -104.31 23.73
N GLU SA 43 40.66 -103.37 24.44
CA GLU SA 43 40.39 -103.24 25.87
C GLU SA 43 38.97 -102.73 26.12
N THR SA 44 38.48 -101.83 25.25
CA THR SA 44 37.09 -101.41 25.37
C THR SA 44 36.15 -102.59 25.16
N SER SA 45 36.44 -103.44 24.17
CA SER SA 45 35.59 -104.60 23.92
C SER SA 45 35.61 -105.57 25.09
N ILE SA 46 36.78 -105.84 25.66
CA ILE SA 46 36.83 -106.78 26.78
C ILE SA 46 36.14 -106.19 28.00
N GLU SA 47 36.23 -104.87 28.20
CA GLU SA 47 35.48 -104.24 29.28
C GLU SA 47 33.99 -104.36 29.05
N PHE SA 48 33.55 -104.21 27.80
CA PHE SA 48 32.12 -104.33 27.49
C PHE SA 48 31.62 -105.75 27.67
N VAL SA 49 32.46 -106.76 27.41
CA VAL SA 49 32.00 -108.14 27.42
C VAL SA 49 32.29 -108.89 28.73
N ASP SA 50 33.12 -108.33 29.62
CA ASP SA 50 33.54 -109.07 30.80
C ASP SA 50 32.71 -108.77 32.04
N LEU SA 51 32.28 -107.52 32.22
CA LEU SA 51 31.53 -107.13 33.40
C LEU SA 51 30.02 -107.15 33.20
N ILE SA 52 29.56 -107.64 32.03
CA ILE SA 52 28.13 -107.74 31.78
C ILE SA 52 27.48 -108.74 32.73
N VAL SA 53 28.18 -109.83 33.04
CA VAL SA 53 27.62 -110.90 33.84
C VAL SA 53 28.32 -110.96 35.20
N SER SA 54 28.82 -109.82 35.65
CA SER SA 54 29.45 -109.73 36.96
C SER SA 54 28.45 -109.51 38.09
N ASN SA 55 27.17 -109.33 37.76
CA ASN SA 55 26.13 -109.17 38.77
C ASN SA 55 25.56 -110.54 39.15
N ILE SA 56 24.70 -110.55 40.15
CA ILE SA 56 24.14 -111.80 40.67
C ILE SA 56 22.87 -112.09 39.87
N THR SA 57 23.08 -112.63 38.67
CA THR SA 57 22.07 -113.33 37.87
C THR SA 57 20.84 -112.50 37.52
N GLU SA 58 20.78 -111.23 37.91
CA GLU SA 58 19.57 -110.43 37.64
C GLU SA 58 19.83 -109.27 36.70
N ASN SA 59 20.70 -108.32 37.08
CA ASN SA 59 20.91 -107.10 36.30
C ASN SA 59 21.97 -106.27 37.01
N GLY SA 60 22.37 -105.18 36.35
CA GLY SA 60 23.25 -104.21 36.96
C GLY SA 60 23.01 -102.80 36.44
N SER SA 61 22.77 -101.85 37.35
CA SER SA 61 22.49 -100.48 36.94
C SER SA 61 23.76 -99.77 36.47
N LYS SA 62 24.87 -99.98 37.18
CA LYS SA 62 26.13 -99.34 36.77
C LYS SA 62 26.57 -99.83 35.40
N PHE SA 63 26.48 -101.14 35.14
CA PHE SA 63 26.82 -101.61 33.82
C PHE SA 63 25.76 -101.26 32.79
N ASN SA 64 24.52 -101.02 33.19
CA ASN SA 64 23.54 -100.47 32.27
C ASN SA 64 23.96 -99.09 31.80
N GLU SA 65 24.40 -98.24 32.73
CA GLU SA 65 24.89 -96.91 32.35
C GLU SA 65 26.15 -97.02 31.50
N LYS SA 66 27.04 -97.96 31.82
CA LYS SA 66 28.22 -98.17 31.00
C LYS SA 66 27.86 -98.66 29.60
N LEU SA 67 26.81 -99.47 29.49
CA LEU SA 67 26.37 -99.93 28.18
C LEU SA 67 25.77 -98.79 27.37
N ASP SA 68 25.02 -97.89 28.03
CA ASP SA 68 24.53 -96.70 27.35
C ASP SA 68 25.69 -95.84 26.86
N ASP SA 69 26.72 -95.69 27.69
CA ASP SA 69 27.90 -94.93 27.29
C ASP SA 69 28.60 -95.59 26.10
N PHE SA 70 28.69 -96.92 26.12
CA PHE SA 70 29.29 -97.63 25.00
C PHE SA 70 28.47 -97.44 23.73
N ALA SA 71 27.15 -97.48 23.85
CA ALA SA 71 26.28 -97.29 22.70
C ALA SA 71 26.47 -95.90 22.09
N GLU SA 72 26.50 -94.87 22.93
CA GLU SA 72 26.70 -93.52 22.39
C GLU SA 72 28.11 -93.34 21.83
N LYS SA 73 29.11 -93.98 22.46
CA LYS SA 73 30.47 -93.89 21.95
C LYS SA 73 30.61 -94.55 20.58
N VAL SA 74 29.96 -95.70 20.38
CA VAL SA 74 30.04 -96.36 19.08
C VAL SA 74 29.13 -95.68 18.05
N VAL SA 75 28.09 -94.97 18.49
CA VAL SA 75 27.31 -94.16 17.57
C VAL SA 75 28.15 -93.00 17.05
N HIS SA 76 28.84 -92.29 17.95
CA HIS SA 76 29.70 -91.19 17.52
C HIS SA 76 30.92 -91.68 16.76
N LEU SA 77 31.38 -92.90 17.07
CA LEU SA 77 32.60 -93.42 16.46
C LEU SA 77 32.41 -93.85 15.02
N GLY SA 78 31.17 -94.12 14.60
CA GLY SA 78 30.91 -94.54 13.24
C GLY SA 78 30.58 -96.02 13.13
N TRP SA 79 29.82 -96.53 14.09
CA TRP SA 79 29.37 -97.93 14.10
C TRP SA 79 27.86 -97.96 14.23
N PRO SA 80 27.13 -97.83 13.12
CA PRO SA 80 25.67 -97.86 13.18
C PRO SA 80 25.14 -99.27 13.46
N ILE SA 81 23.82 -99.43 13.38
CA ILE SA 81 23.20 -100.71 13.70
C ILE SA 81 23.71 -101.82 12.79
N HIS SA 82 24.03 -101.49 11.53
CA HIS SA 82 24.55 -102.50 10.62
C HIS SA 82 25.91 -103.01 11.07
N PHE SA 83 26.80 -102.11 11.51
CA PHE SA 83 28.12 -102.53 11.96
C PHE SA 83 28.03 -103.36 13.23
N VAL SA 84 27.15 -102.96 14.17
CA VAL SA 84 26.97 -103.76 15.39
C VAL SA 84 26.35 -105.11 15.06
N THR SA 85 25.49 -105.18 14.03
CA THR SA 85 24.92 -106.45 13.63
C THR SA 85 25.98 -107.36 13.02
N THR SA 86 26.87 -106.81 12.20
CA THR SA 86 28.01 -107.59 11.71
C THR SA 86 28.88 -108.05 12.87
N GLY SA 87 29.06 -107.19 13.87
CA GLY SA 87 29.79 -107.58 15.06
C GLY SA 87 29.14 -108.74 15.80
N LEU SA 88 27.81 -108.70 15.92
CA LEU SA 88 27.10 -109.80 16.56
C LEU SA 88 27.23 -111.09 15.76
N ARG SA 89 27.15 -111.00 14.43
CA ARG SA 89 27.30 -112.18 13.58
C ARG SA 89 28.67 -112.80 13.75
N VAL SA 90 29.73 -111.98 13.74
CA VAL SA 90 31.07 -112.53 13.92
C VAL SA 90 31.28 -112.99 15.36
N PHE SA 91 30.62 -112.36 16.33
CA PHE SA 91 30.62 -112.85 17.69
C PHE SA 91 30.10 -114.29 17.74
N GLY SA 92 28.95 -114.52 17.12
CA GLY SA 92 28.41 -115.87 17.07
C GLY SA 92 29.34 -116.84 16.36
N LEU SA 93 29.94 -116.40 15.25
CA LEU SA 93 30.86 -117.26 14.51
C LEU SA 93 32.03 -117.70 15.38
N LEU SA 94 32.69 -116.76 16.05
CA LEU SA 94 33.85 -117.11 16.84
C LEU SA 94 33.47 -117.83 18.14
N VAL SA 95 32.27 -117.56 18.66
CA VAL SA 95 31.80 -118.34 19.81
C VAL SA 95 31.59 -119.80 19.41
N TYR SA 96 31.03 -120.03 18.22
CA TYR SA 96 30.88 -121.39 17.73
C TYR SA 96 32.24 -122.06 17.54
N THR SA 97 33.20 -121.33 16.97
CA THR SA 97 34.54 -121.91 16.79
C THR SA 97 35.18 -122.26 18.13
N ALA SA 98 35.06 -121.36 19.11
CA ALA SA 98 35.61 -121.63 20.43
C ALA SA 98 34.92 -122.81 21.10
N MET SA 99 33.60 -122.92 20.92
CA MET SA 99 32.88 -124.07 21.42
C MET SA 99 33.41 -125.36 20.82
N ARG SA 100 33.69 -125.35 19.51
CA ARG SA 100 34.29 -126.52 18.87
C ARG SA 100 35.67 -126.81 19.45
N ASP SA 101 36.45 -125.77 19.73
CA ASP SA 101 37.82 -125.96 20.20
C ASP SA 101 37.89 -126.11 21.72
N GLU SA 102 37.43 -125.09 22.46
CA GLU SA 102 37.61 -125.09 23.91
C GLU SA 102 36.81 -126.20 24.57
N ASP SA 103 35.52 -126.30 24.25
CA ASP SA 103 34.64 -127.33 24.78
C ASP SA 103 34.65 -127.35 26.31
N LEU SA 104 34.37 -126.19 26.91
CA LEU SA 104 34.28 -126.03 28.36
C LEU SA 104 33.01 -125.25 28.66
N PHE SA 105 31.94 -125.97 28.97
CA PHE SA 105 30.63 -125.35 29.15
C PHE SA 105 30.42 -124.97 30.62
N LEU SA 106 29.21 -124.54 30.96
CA LEU SA 106 28.95 -124.00 32.29
C LEU SA 106 28.84 -125.12 33.33
N LYS SA 107 27.85 -126.00 33.17
CA LYS SA 107 27.61 -127.04 34.16
C LYS SA 107 28.63 -128.16 34.02
N ARG SA 108 29.10 -128.65 35.16
CA ARG SA 108 30.11 -129.72 35.18
C ARG SA 108 29.45 -131.04 34.83
N GLU SA 109 29.89 -131.66 33.73
CA GLU SA 109 29.38 -132.94 33.29
C GLU SA 109 30.37 -133.54 32.31
N GLU SA 110 30.41 -134.88 32.27
CA GLU SA 110 31.30 -135.56 31.34
C GLU SA 110 30.95 -135.26 29.90
N LYS SA 111 29.69 -134.94 29.63
CA LYS SA 111 29.25 -134.54 28.29
C LYS SA 111 28.03 -133.64 28.43
N PRO SA 112 28.24 -132.32 28.46
CA PRO SA 112 27.10 -131.40 28.63
C PRO SA 112 26.17 -131.46 27.43
N GLU SA 113 24.99 -130.89 27.62
CA GLU SA 113 23.90 -130.99 26.65
C GLU SA 113 23.56 -129.61 26.09
N ASP SA 114 22.48 -129.55 25.32
CA ASP SA 114 22.11 -128.35 24.58
C ASP SA 114 21.68 -127.20 25.48
N ASP SA 115 21.45 -127.44 26.77
CA ASP SA 115 20.95 -126.40 27.67
C ASP SA 115 21.86 -125.18 27.68
N ALA SA 116 23.09 -125.34 28.17
CA ALA SA 116 24.03 -124.22 28.16
C ALA SA 116 24.43 -123.86 26.74
N TYR SA 117 24.49 -124.85 25.85
CA TYR SA 117 24.85 -124.62 24.45
C TYR SA 117 23.98 -123.54 23.83
N TYR SA 118 22.71 -123.49 24.20
CA TYR SA 118 21.84 -122.43 23.71
C TYR SA 118 21.63 -121.29 24.70
N ARG SA 119 21.88 -121.53 25.99
CA ARG SA 119 21.85 -120.42 26.94
C ARG SA 119 22.92 -119.38 26.60
N PHE SA 120 24.05 -119.83 26.05
CA PHE SA 120 25.05 -118.89 25.55
C PHE SA 120 24.46 -117.96 24.50
N GLU SA 121 23.75 -118.52 23.52
CA GLU SA 121 23.16 -117.71 22.46
C GLU SA 121 22.05 -116.80 23.01
N THR SA 122 21.27 -117.30 23.98
CA THR SA 122 20.23 -116.46 24.57
C THR SA 122 20.84 -115.26 25.30
N TRP SA 123 21.94 -115.48 26.03
CA TRP SA 123 22.60 -114.36 26.71
C TRP SA 123 23.22 -113.39 25.70
N LEU SA 124 23.76 -113.92 24.60
CA LEU SA 124 24.25 -113.06 23.53
C LEU SA 124 23.14 -112.19 22.96
N SER SA 125 21.98 -112.78 22.72
CA SER SA 125 20.85 -112.02 22.20
C SER SA 125 20.37 -110.99 23.20
N SER SA 126 20.41 -111.33 24.49
CA SER SA 126 20.01 -110.37 25.52
C SER SA 126 20.95 -109.17 25.55
N MET SA 127 22.26 -109.42 25.47
CA MET SA 127 23.22 -108.31 25.41
C MET SA 127 22.99 -107.45 24.18
N TYR SA 128 22.76 -108.08 23.03
CA TYR SA 128 22.52 -107.30 21.81
C TYR SA 128 21.22 -106.50 21.91
N ASN SA 129 20.19 -107.08 22.56
CA ASN SA 129 18.94 -106.35 22.77
C ASN SA 129 19.17 -105.12 23.65
N LYS SA 130 19.94 -105.28 24.72
CA LYS SA 130 20.25 -104.12 25.56
C LYS SA 130 21.03 -103.06 24.78
N VAL SA 131 21.99 -103.51 23.97
CA VAL SA 131 22.81 -102.57 23.20
C VAL SA 131 21.93 -101.78 22.23
N VAL SA 132 21.05 -102.47 21.49
CA VAL SA 132 20.21 -101.76 20.54
C VAL SA 132 19.17 -100.89 21.25
N THR SA 133 18.75 -101.29 22.46
CA THR SA 133 17.85 -100.45 23.23
C THR SA 133 18.52 -99.14 23.62
N ALA SA 134 19.79 -99.21 24.03
CA ALA SA 134 20.53 -97.99 24.33
C ALA SA 134 20.97 -97.24 23.08
N TYR SA 135 20.96 -97.89 21.92
CA TYR SA 135 21.49 -97.30 20.70
C TYR SA 135 20.65 -96.11 20.23
N ALA SA 136 19.34 -96.26 20.19
CA ALA SA 136 18.48 -95.33 19.45
C ALA SA 136 17.98 -94.16 20.28
N ASP SA 137 18.27 -94.12 21.59
CA ASP SA 137 17.71 -93.08 22.44
C ASP SA 137 18.19 -91.69 22.01
N THR SA 138 19.50 -91.51 21.88
CA THR SA 138 20.05 -90.20 21.52
C THR SA 138 19.62 -89.80 20.11
N TRP SA 139 19.59 -90.76 19.19
CA TRP SA 139 19.16 -90.46 17.83
C TRP SA 139 17.70 -89.99 17.79
N GLU SA 140 16.82 -90.66 18.55
CA GLU SA 140 15.43 -90.23 18.60
C GLU SA 140 15.31 -88.86 19.24
N LYS SA 141 16.09 -88.60 20.30
CA LYS SA 141 16.03 -87.30 20.95
C LYS SA 141 16.47 -86.18 20.01
N THR SA 142 17.56 -86.39 19.27
CA THR SA 142 18.03 -85.35 18.38
C THR SA 142 17.09 -85.18 17.19
N VAL SA 143 16.48 -86.28 16.71
CA VAL SA 143 15.47 -86.14 15.66
C VAL SA 143 14.28 -85.32 16.15
N SER SA 144 13.85 -85.57 17.39
CA SER SA 144 12.73 -84.81 17.94
C SER SA 144 13.06 -83.32 18.08
N ILE SA 145 14.27 -83.01 18.58
CA ILE SA 145 14.61 -81.60 18.77
C ILE SA 145 14.79 -80.91 17.41
N GLN SA 146 15.34 -81.61 16.42
CA GLN SA 146 15.46 -81.03 15.09
C GLN SA 146 14.08 -80.81 14.46
N LYS SA 147 13.16 -81.75 14.66
CA LYS SA 147 11.80 -81.58 14.17
C LYS SA 147 11.13 -80.37 14.82
N SER SA 148 11.33 -80.20 16.13
CA SER SA 148 10.78 -79.04 16.82
C SER SA 148 11.38 -77.74 16.28
N ALA SA 149 12.69 -77.73 16.03
CA ALA SA 149 13.34 -76.54 15.52
C ALA SA 149 12.81 -76.18 14.13
N LEU SA 150 12.66 -77.18 13.25
CA LEU SA 150 12.10 -76.91 11.93
C LEU SA 150 10.64 -76.52 12.00
N GLN SA 151 9.90 -77.05 12.97
CA GLN SA 151 8.51 -76.66 13.17
C GLN SA 151 8.41 -75.20 13.58
N GLU SA 152 9.31 -74.75 14.44
CA GLU SA 152 9.27 -73.36 14.89
C GLU SA 152 9.82 -72.39 13.85
N LEU SA 153 10.83 -72.80 13.10
CA LEU SA 153 11.54 -71.89 12.20
C LEU SA 153 10.85 -71.65 10.86
N SER SA 154 9.81 -72.42 10.53
CA SER SA 154 9.27 -72.34 9.19
C SER SA 154 8.44 -71.08 8.97
N ALA SA 155 7.81 -70.55 10.01
CA ALA SA 155 6.88 -69.42 9.88
C ALA SA 155 7.24 -68.32 10.86
N PRO SA 156 8.32 -67.58 10.58
CA PRO SA 156 8.66 -66.42 11.43
C PRO SA 156 7.88 -65.20 11.00
N LEU SA 157 6.87 -64.83 11.79
CA LEU SA 157 6.13 -63.60 11.56
C LEU SA 157 6.68 -62.43 12.36
N LEU SA 158 7.68 -62.69 13.22
CA LEU SA 158 8.19 -61.64 14.10
C LEU SA 158 8.61 -60.38 13.38
N PRO SA 159 9.26 -60.42 12.20
CA PRO SA 159 9.53 -59.16 11.49
C PRO SA 159 8.25 -58.35 11.29
N ILE SA 160 8.17 -57.19 11.93
CA ILE SA 160 6.95 -56.40 11.99
C ILE SA 160 7.32 -54.93 11.84
N PHE SA 161 6.59 -54.22 11.00
CA PHE SA 161 6.68 -52.78 10.89
C PHE SA 161 5.37 -52.16 11.38
N GLU SA 162 5.34 -50.84 11.46
CA GLU SA 162 4.12 -50.14 11.84
C GLU SA 162 2.99 -50.48 10.87
N LYS SA 163 1.96 -51.16 11.37
CA LYS SA 163 0.80 -51.58 10.58
C LYS SA 163 1.17 -52.54 9.45
N ILE SA 164 2.36 -53.13 9.50
CA ILE SA 164 2.82 -54.06 8.48
C ILE SA 164 3.38 -55.29 9.18
N SER SA 165 3.09 -56.47 8.62
CA SER SA 165 3.59 -57.73 9.17
C SER SA 165 4.20 -58.53 8.03
N VAL SA 166 5.50 -58.38 7.83
CA VAL SA 166 6.19 -59.10 6.77
C VAL SA 166 6.49 -60.51 7.25
N MET SA 167 6.18 -61.50 6.41
CA MET SA 167 6.35 -62.90 6.76
C MET SA 167 7.24 -63.58 5.74
N PRO SA 168 8.52 -63.80 6.04
CA PRO SA 168 9.39 -64.49 5.10
C PRO SA 168 9.42 -66.00 5.30
N LEU SA 169 9.22 -66.76 4.23
CA LEU SA 169 9.41 -68.20 4.24
C LEU SA 169 10.43 -68.55 3.17
N ILE SA 170 11.39 -69.41 3.52
CA ILE SA 170 12.50 -69.72 2.62
C ILE SA 170 12.71 -71.21 2.40
N GLY SA 171 12.19 -72.08 3.26
CA GLY SA 171 12.40 -73.51 3.08
C GLY SA 171 11.49 -74.11 2.01
N THR SA 172 11.78 -75.35 1.67
CA THR SA 172 10.98 -76.10 0.71
C THR SA 172 9.67 -76.50 1.38
N ILE SA 173 8.57 -75.90 0.95
CA ILE SA 173 7.29 -76.07 1.63
C ILE SA 173 6.65 -77.37 1.16
N ASP SA 174 6.44 -78.29 2.10
CA ASP SA 174 5.69 -79.52 1.87
C ASP SA 174 4.30 -79.39 2.49
N THR SA 175 3.57 -80.51 2.54
CA THR SA 175 2.24 -80.52 3.14
C THR SA 175 2.26 -79.98 4.57
N GLU SA 176 3.12 -80.55 5.41
CA GLU SA 176 3.17 -80.15 6.80
C GLU SA 176 3.59 -78.68 6.94
N ARG SA 177 4.59 -78.28 6.16
CA ARG SA 177 5.03 -76.89 6.23
C ARG SA 177 3.96 -75.95 5.71
N ALA SA 178 3.19 -76.35 4.69
CA ALA SA 178 2.11 -75.49 4.21
C ALA SA 178 1.03 -75.30 5.26
N LYS SA 179 0.63 -76.39 5.92
CA LYS SA 179 -0.36 -76.27 6.99
C LYS SA 179 0.17 -75.41 8.14
N LEU SA 180 1.44 -75.59 8.48
CA LEU SA 180 2.05 -74.79 9.53
C LEU SA 180 2.07 -73.32 9.14
N ILE SA 181 2.40 -73.02 7.88
CA ILE SA 181 2.44 -71.65 7.40
C ILE SA 181 1.07 -71.00 7.54
N ILE SA 182 0.03 -71.67 7.04
CA ILE SA 182 -1.30 -71.05 7.08
C ILE SA 182 -1.75 -70.86 8.53
N GLU SA 183 -1.53 -71.86 9.39
CA GLU SA 183 -1.93 -71.74 10.78
C GLU SA 183 -1.23 -70.57 11.45
N ASN SA 184 0.10 -70.52 11.36
CA ASN SA 184 0.85 -69.47 12.03
C ASN SA 184 0.50 -68.10 11.48
N LEU SA 185 0.34 -67.98 10.16
CA LEU SA 185 0.01 -66.69 9.58
C LEU SA 185 -1.33 -66.18 10.09
N LEU SA 186 -2.34 -67.06 10.12
CA LEU SA 186 -3.65 -66.63 10.59
C LEU SA 186 -3.59 -66.25 12.07
N ILE SA 187 -2.96 -67.09 12.89
CA ILE SA 187 -2.93 -66.79 14.32
C ILE SA 187 -2.15 -65.51 14.58
N GLY SA 188 -1.06 -65.28 13.85
CA GLY SA 188 -0.29 -64.06 14.05
C GLY SA 188 -1.04 -62.82 13.63
N VAL SA 189 -1.72 -62.86 12.49
CA VAL SA 189 -2.48 -61.69 12.07
C VAL SA 189 -3.64 -61.46 13.02
N VAL SA 190 -4.16 -62.51 13.65
CA VAL SA 190 -5.17 -62.33 14.70
C VAL SA 190 -4.56 -61.62 15.90
N LYS SA 191 -3.43 -62.12 16.39
CA LYS SA 191 -2.83 -61.55 17.59
C LYS SA 191 -2.33 -60.13 17.34
N ASN SA 192 -1.55 -59.95 16.29
CA ASN SA 192 -0.99 -58.64 15.95
C ASN SA 192 -1.83 -58.04 14.83
N ARG SA 193 -2.47 -56.90 15.12
CA ARG SA 193 -3.27 -56.23 14.11
C ARG SA 193 -2.37 -55.66 13.02
N SER SA 194 -2.84 -55.77 11.79
CA SER SA 194 -2.05 -55.34 10.64
C SER SA 194 -3.00 -54.99 9.49
N GLU SA 195 -2.44 -54.47 8.40
CA GLU SA 195 -3.23 -54.14 7.23
C GLU SA 195 -2.65 -54.79 5.99
N VAL SA 196 -1.32 -54.89 5.91
CA VAL SA 196 -0.65 -55.51 4.78
C VAL SA 196 0.28 -56.58 5.32
N VAL SA 197 0.20 -57.77 4.74
CA VAL SA 197 1.07 -58.88 5.10
C VAL SA 197 1.86 -59.28 3.87
N LEU SA 198 3.17 -59.08 3.92
CA LEU SA 198 4.06 -59.46 2.82
C LEU SA 198 4.50 -60.89 3.02
N ILE SA 199 4.15 -61.77 2.09
CA ILE SA 199 4.62 -63.15 2.09
C ILE SA 199 5.81 -63.24 1.14
N ASP SA 200 6.99 -63.51 1.71
CA ASP SA 200 8.22 -63.57 0.92
C ASP SA 200 8.37 -64.98 0.39
N ILE SA 201 7.99 -65.19 -0.88
CA ILE SA 201 8.13 -66.50 -1.49
C ILE SA 201 9.54 -66.73 -2.02
N THR SA 202 10.30 -65.67 -2.27
CA THR SA 202 11.66 -65.81 -2.77
C THR SA 202 12.48 -66.70 -1.86
N GLY SA 203 12.92 -67.85 -2.39
CA GLY SA 203 13.72 -68.77 -1.61
C GLY SA 203 13.32 -70.21 -1.78
N VAL SA 204 12.04 -70.47 -2.04
CA VAL SA 204 11.55 -71.83 -2.15
C VAL SA 204 11.94 -72.42 -3.50
N PRO SA 205 12.62 -73.58 -3.52
CA PRO SA 205 13.07 -74.14 -4.80
C PRO SA 205 11.93 -74.68 -5.67
N VAL SA 206 11.08 -75.52 -5.11
CA VAL SA 206 9.98 -76.11 -5.89
C VAL SA 206 8.71 -76.05 -5.07
N VAL SA 207 7.64 -75.56 -5.68
CA VAL SA 207 6.31 -75.58 -5.09
C VAL SA 207 5.41 -76.39 -6.01
N ASP SA 208 4.83 -77.46 -5.47
CA ASP SA 208 3.94 -78.31 -6.27
C ASP SA 208 2.56 -77.67 -6.34
N THR SA 209 1.58 -78.42 -6.83
CA THR SA 209 0.26 -77.84 -7.05
C THR SA 209 -0.42 -77.49 -5.72
N MET SA 210 -0.43 -78.43 -4.78
CA MET SA 210 -1.23 -78.23 -3.57
C MET SA 210 -0.65 -77.15 -2.67
N VAL SA 211 0.69 -77.06 -2.60
CA VAL SA 211 1.30 -76.01 -1.80
C VAL SA 211 0.96 -74.64 -2.37
N ALA SA 212 1.02 -74.49 -3.69
CA ALA SA 212 0.61 -73.23 -4.30
C ALA SA 212 -0.86 -72.94 -4.04
N HIS SA 213 -1.71 -73.97 -4.10
CA HIS SA 213 -3.13 -73.79 -3.81
C HIS SA 213 -3.33 -73.30 -2.39
N HIS SA 214 -2.62 -73.89 -1.43
CA HIS SA 214 -2.76 -73.47 -0.04
C HIS SA 214 -2.18 -72.08 0.19
N ILE SA 215 -1.13 -71.70 -0.55
CA ILE SA 215 -0.61 -70.34 -0.44
C ILE SA 215 -1.63 -69.33 -0.95
N ILE SA 216 -2.27 -69.63 -2.08
CA ILE SA 216 -3.29 -68.72 -2.58
C ILE SA 216 -4.48 -68.66 -1.63
N GLN SA 217 -4.85 -69.80 -1.04
CA GLN SA 217 -5.92 -69.80 -0.05
C GLN SA 217 -5.51 -69.02 1.20
N ALA SA 218 -4.24 -69.05 1.57
CA ALA SA 218 -3.75 -68.22 2.67
C ALA SA 218 -3.91 -66.75 2.34
N SER SA 219 -3.55 -66.36 1.11
CA SER SA 219 -3.75 -64.97 0.70
C SER SA 219 -5.21 -64.58 0.76
N GLU SA 220 -6.09 -65.45 0.26
CA GLU SA 220 -7.52 -65.13 0.27
C GLU SA 220 -8.06 -65.05 1.68
N ALA SA 221 -7.62 -65.95 2.57
CA ALA SA 221 -8.07 -65.90 3.96
C ALA SA 221 -7.59 -64.64 4.65
N VAL SA 222 -6.34 -64.22 4.39
CA VAL SA 222 -5.85 -62.98 4.98
C VAL SA 222 -6.64 -61.80 4.46
N ARG SA 223 -7.00 -61.81 3.18
CA ARG SA 223 -7.87 -60.78 2.65
C ARG SA 223 -9.22 -60.80 3.35
N LEU SA 224 -9.74 -62.00 3.62
CA LEU SA 224 -11.05 -62.13 4.26
C LEU SA 224 -11.03 -61.66 5.70
N VAL SA 225 -9.89 -61.76 6.39
CA VAL SA 225 -9.80 -61.21 7.74
C VAL SA 225 -9.87 -59.69 7.68
N GLY SA 226 -9.34 -59.09 6.62
CA GLY SA 226 -9.38 -57.65 6.47
C GLY SA 226 -8.01 -57.03 6.25
N CYS SA 227 -7.07 -57.81 5.74
CA CYS SA 227 -5.71 -57.35 5.50
C CYS SA 227 -5.29 -57.73 4.10
N GLN SA 228 -4.78 -56.76 3.35
CA GLN SA 228 -4.27 -57.04 2.01
C GLN SA 228 -3.06 -57.96 2.09
N ALA SA 229 -3.03 -58.96 1.21
CA ALA SA 229 -1.94 -59.93 1.17
C ALA SA 229 -1.14 -59.68 -0.12
N MET SA 230 0.06 -59.14 0.04
CA MET SA 230 0.95 -58.87 -1.09
C MET SA 230 1.94 -60.03 -1.19
N LEU SA 231 1.70 -60.94 -2.13
CA LEU SA 231 2.61 -62.06 -2.37
C LEU SA 231 3.82 -61.53 -3.11
N VAL SA 232 4.92 -61.34 -2.40
CA VAL SA 232 6.07 -60.61 -2.92
C VAL SA 232 7.17 -61.59 -3.34
N GLY SA 233 7.87 -61.25 -4.40
CA GLY SA 233 9.06 -61.98 -4.82
C GLY SA 233 8.81 -63.40 -5.31
N ILE SA 234 7.78 -63.60 -6.12
CA ILE SA 234 7.53 -64.91 -6.71
C ILE SA 234 8.53 -65.16 -7.83
N ARG SA 235 8.95 -66.43 -7.94
CA ARG SA 235 9.97 -66.83 -8.96
C ARG SA 235 9.31 -67.59 -10.13
N PRO SA 236 9.76 -67.49 -11.42
CA PRO SA 236 9.07 -68.06 -12.59
C PRO SA 236 8.64 -69.52 -12.48
N GLU SA 237 9.39 -70.40 -11.81
CA GLU SA 237 8.91 -71.78 -11.65
C GLU SA 237 7.63 -71.82 -10.81
N ILE SA 238 7.60 -71.06 -9.72
CA ILE SA 238 6.40 -71.00 -8.90
C ILE SA 238 5.25 -70.39 -9.69
N ALA SA 239 5.55 -69.41 -10.54
CA ALA SA 239 4.52 -68.88 -11.43
C ALA SA 239 4.02 -69.96 -12.38
N GLN SA 240 4.93 -70.77 -12.91
CA GLN SA 240 4.56 -71.91 -13.75
C GLN SA 240 3.49 -72.72 -13.05
N THR SA 241 3.80 -73.17 -11.83
CA THR SA 241 2.90 -74.04 -11.09
C THR SA 241 1.58 -73.32 -10.76
N ILE SA 242 1.66 -72.07 -10.33
CA ILE SA 242 0.46 -71.36 -9.86
C ILE SA 242 -0.53 -71.17 -11.00
N VAL SA 243 -0.04 -70.75 -12.17
CA VAL SA 243 -0.98 -70.57 -13.28
C VAL SA 243 -1.45 -71.92 -13.81
N ASN SA 244 -0.58 -72.93 -13.79
CA ASN SA 244 -1.01 -74.26 -14.22
C ASN SA 244 -2.04 -74.85 -13.28
N LEU SA 245 -2.15 -74.34 -12.06
CA LEU SA 245 -3.24 -74.72 -11.18
C LEU SA 245 -4.58 -74.31 -11.78
N GLY SA 246 -4.61 -73.21 -12.54
CA GLY SA 246 -5.80 -72.79 -13.24
C GLY SA 246 -6.76 -71.95 -12.43
N ILE SA 247 -6.43 -71.62 -11.19
CA ILE SA 247 -7.30 -70.79 -10.35
C ILE SA 247 -7.27 -69.35 -10.85
N GLU SA 248 -8.21 -68.54 -10.38
CA GLU SA 248 -8.21 -67.12 -10.70
C GLU SA 248 -7.02 -66.44 -10.05
N LEU SA 249 -6.34 -65.59 -10.82
CA LEU SA 249 -5.11 -64.96 -10.39
C LEU SA 249 -5.15 -63.45 -10.62
N ASP SA 250 -6.25 -62.83 -10.19
CA ASP SA 250 -6.38 -61.38 -10.22
C ASP SA 250 -6.53 -60.75 -8.85
N GLN SA 251 -6.99 -61.49 -7.85
CA GLN SA 251 -7.15 -60.94 -6.51
C GLN SA 251 -5.81 -60.76 -5.80
N ILE SA 252 -4.82 -61.58 -6.13
CA ILE SA 252 -3.51 -61.49 -5.48
C ILE SA 252 -2.72 -60.37 -6.15
N ILE SA 253 -2.13 -59.50 -5.34
CA ILE SA 253 -1.35 -58.37 -5.83
C ILE SA 253 0.11 -58.70 -5.54
N THR SA 254 0.87 -59.01 -6.59
CA THR SA 254 2.24 -59.45 -6.42
C THR SA 254 3.20 -58.27 -6.52
N THR SA 255 4.50 -58.58 -6.45
CA THR SA 255 5.54 -57.56 -6.43
C THR SA 255 6.88 -58.22 -6.74
N ASN SA 256 7.74 -57.50 -7.47
CA ASN SA 256 9.04 -58.04 -7.85
C ASN SA 256 9.88 -58.41 -6.62
N THR SA 257 10.02 -57.46 -5.69
CA THR SA 257 10.86 -57.69 -4.51
C THR SA 257 10.38 -56.79 -3.38
N MET SA 258 10.80 -57.14 -2.17
CA MET SA 258 10.35 -56.42 -0.98
C MET SA 258 10.75 -54.95 -1.01
N LYS SA 259 11.80 -54.60 -1.75
CA LYS SA 259 12.23 -53.21 -1.85
C LYS SA 259 11.08 -52.30 -2.27
N LYS SA 260 10.35 -52.67 -3.32
CA LYS SA 260 9.21 -51.88 -3.73
C LYS SA 260 7.89 -52.38 -3.16
N GLY SA 261 7.85 -53.63 -2.66
CA GLY SA 261 6.66 -54.08 -1.96
C GLY SA 261 6.39 -53.27 -0.72
N MET SA 262 7.44 -52.94 0.04
CA MET SA 262 7.28 -52.11 1.23
C MET SA 262 6.71 -50.75 0.87
N GLU SA 263 7.25 -50.10 -0.17
CA GLU SA 263 6.77 -48.77 -0.50
C GLU SA 263 5.36 -48.81 -1.08
N ARG SA 264 5.00 -49.88 -1.79
CA ARG SA 264 3.63 -49.98 -2.29
C ARG SA 264 2.65 -50.21 -1.15
N ALA SA 265 3.03 -51.03 -0.16
CA ALA SA 265 2.19 -51.20 1.02
C ALA SA 265 2.03 -49.88 1.76
N LEU SA 266 3.11 -49.11 1.88
CA LEU SA 266 3.01 -47.77 2.47
C LEU SA 266 2.11 -46.88 1.63
N ALA SA 267 2.12 -47.05 0.31
CA ALA SA 267 1.24 -46.28 -0.55
C ALA SA 267 -0.22 -46.61 -0.27
N LEU SA 268 -0.51 -47.88 0.03
CA LEU SA 268 -1.87 -48.23 0.42
C LEU SA 268 -2.31 -47.49 1.68
N THR SA 269 -1.43 -47.41 2.68
CA THR SA 269 -1.66 -46.61 3.87
C THR SA 269 -1.20 -45.19 3.58
N ASN SA 270 -2.08 -44.44 2.91
CA ASN SA 270 -1.72 -43.21 2.21
C ASN SA 270 -0.74 -42.32 2.97
N ARG SA 271 -1.05 -41.99 4.21
CA ARG SA 271 -0.24 -41.04 4.96
C ARG SA 271 0.86 -41.70 5.79
N GLU SA 272 1.03 -43.02 5.68
CA GLU SA 272 2.07 -43.72 6.42
C GLU SA 272 3.40 -43.74 5.69
N ILE SA 273 3.47 -43.19 4.48
CA ILE SA 273 4.73 -43.19 3.74
C ILE SA 273 5.77 -42.32 4.44
N VAL SA 274 5.33 -41.31 5.20
CA VAL SA 274 6.24 -40.44 5.93
C VAL SA 274 6.65 -41.09 7.24
N MET TA 1 -27.99 96.49 74.42
CA MET TA 1 -29.20 97.22 74.75
C MET TA 1 -30.17 97.20 73.58
N TYR TA 2 -31.01 96.17 73.52
CA TYR TA 2 -31.97 95.99 72.45
C TYR TA 2 -33.42 96.04 72.91
N LYS TA 3 -33.67 96.29 74.20
CA LYS TA 3 -35.04 96.30 74.71
C LYS TA 3 -35.87 97.40 74.05
N ASP TA 4 -35.47 98.65 74.26
CA ASP TA 4 -36.17 99.75 73.62
C ASP TA 4 -36.01 99.69 72.10
N PHE TA 5 -34.90 99.11 71.62
CA PHE TA 5 -34.76 98.85 70.20
C PHE TA 5 -35.84 97.89 69.70
N ALA TA 6 -36.11 96.83 70.47
CA ALA TA 6 -37.17 95.91 70.11
C ALA TA 6 -38.53 96.59 70.15
N ASN TA 7 -38.76 97.44 71.16
CA ASN TA 7 -40.03 98.16 71.24
C ASN TA 7 -40.22 99.09 70.06
N PHE TA 8 -39.15 99.76 69.62
CA PHE TA 8 -39.25 100.64 68.47
C PHE TA 8 -39.44 99.86 67.17
N ILE TA 9 -38.81 98.68 67.07
CA ILE TA 9 -39.03 97.84 65.89
C ILE TA 9 -40.46 97.31 65.86
N ARG TA 10 -41.08 97.12 67.03
CA ARG TA 10 -42.48 96.72 67.08
C ARG TA 10 -43.38 97.70 66.34
N THR TA 11 -42.98 98.96 66.26
CA THR TA 11 -43.69 99.95 65.45
C THR TA 11 -43.10 100.13 64.06
N ASN TA 12 -41.78 99.93 63.92
CA ASN TA 12 -41.12 100.04 62.63
C ASN TA 12 -41.43 98.89 61.69
N LYS TA 13 -42.10 97.84 62.18
CA LYS TA 13 -42.49 96.75 61.27
C LYS TA 13 -43.41 97.25 60.17
N LYS TA 14 -44.36 98.13 60.51
CA LYS TA 14 -45.24 98.69 59.48
C LYS TA 14 -44.45 99.55 58.50
N ASP TA 15 -43.48 100.31 59.00
CA ASP TA 15 -42.64 101.11 58.10
C ASP TA 15 -41.85 100.21 57.16
N LEU TA 16 -41.34 99.09 57.67
CA LEU TA 16 -40.62 98.14 56.82
C LEU TA 16 -41.56 97.53 55.77
N LEU TA 17 -42.80 97.24 56.16
CA LEU TA 17 -43.76 96.71 55.19
C LEU TA 17 -44.06 97.73 54.09
N ASN TA 18 -44.27 98.99 54.47
CA ASN TA 18 -44.47 100.04 53.48
C ASN TA 18 -43.22 100.20 52.60
N ASN TA 19 -42.05 100.00 53.18
CA ASN TA 19 -40.81 100.03 52.41
C ASN TA 19 -40.78 98.90 51.39
N TRP TA 20 -41.23 97.71 51.77
CA TRP TA 20 -41.32 96.60 50.83
C TRP TA 20 -42.29 96.94 49.69
N MET TA 21 -43.43 97.53 50.01
CA MET TA 21 -44.36 97.96 48.96
C MET TA 21 -43.73 98.99 48.04
N ASN TA 22 -42.95 99.91 48.60
CA ASN TA 22 -42.27 100.91 47.77
C ASN TA 22 -41.24 100.26 46.86
N GLU TA 23 -40.48 99.29 47.38
CA GLU TA 23 -39.47 98.60 46.59
C GLU TA 23 -40.10 97.64 45.58
N MET TA 24 -41.38 97.32 45.75
CA MET TA 24 -42.10 96.49 44.78
C MET TA 24 -42.04 97.08 43.38
N GLU TA 25 -41.96 98.40 43.26
CA GLU TA 25 -42.21 99.07 41.98
C GLU TA 25 -40.97 99.26 41.11
N LYS TA 26 -39.77 99.08 41.65
CA LYS TA 26 -38.57 99.50 40.92
C LYS TA 26 -38.02 98.40 40.00
N GLN TA 27 -37.65 97.26 40.56
CA GLN TA 27 -36.92 96.23 39.82
C GLN TA 27 -37.71 94.93 39.79
N SER TA 28 -37.90 94.37 38.59
CA SER TA 28 -38.48 93.05 38.38
C SER TA 28 -39.80 92.89 39.13
N ASP TA 29 -40.69 93.87 38.96
CA ASP TA 29 -41.96 93.84 39.66
C ASP TA 29 -42.79 92.61 39.34
N PRO TA 30 -43.01 92.23 38.07
CA PRO TA 30 -43.80 91.00 37.82
C PRO TA 30 -43.15 89.75 38.38
N LEU TA 31 -41.83 89.61 38.26
CA LEU TA 31 -41.15 88.41 38.73
C LEU TA 31 -41.30 88.25 40.24
N ILE TA 32 -41.02 89.33 40.98
CA ILE TA 32 -41.11 89.26 42.43
C ILE TA 32 -42.55 89.09 42.88
N ASN TA 33 -43.49 89.76 42.20
CA ASN TA 33 -44.90 89.61 42.54
C ASN TA 33 -45.39 88.19 42.26
N ASP TA 34 -44.78 87.50 41.30
CA ASP TA 34 -45.18 86.12 41.02
C ASP TA 34 -44.57 85.13 42.00
N ILE TA 35 -43.27 85.28 42.28
CA ILE TA 35 -42.60 84.29 43.13
C ILE TA 35 -43.09 84.40 44.58
N ALA TA 36 -43.36 85.61 45.05
CA ALA TA 36 -43.74 85.83 46.44
C ALA TA 36 -44.79 86.93 46.51
N LYS TA 37 -45.97 86.60 47.03
CA LYS TA 37 -47.02 87.58 47.18
C LYS TA 37 -46.78 88.45 48.41
N GLU TA 38 -47.61 89.48 48.56
CA GLU TA 38 -47.42 90.45 49.63
C GLU TA 38 -47.56 89.86 51.03
N PRO TA 39 -48.61 89.10 51.36
CA PRO TA 39 -48.80 88.72 52.78
C PRO TA 39 -47.69 87.83 53.35
N MET TA 40 -47.37 86.73 52.67
CA MET TA 40 -46.36 85.82 53.21
C MET TA 40 -44.98 86.45 53.19
N TYR TA 41 -44.68 87.27 52.19
CA TYR TA 41 -43.42 88.00 52.18
C TYR TA 41 -43.34 88.97 53.36
N GLU TA 42 -44.43 89.68 53.64
CA GLU TA 42 -44.45 90.61 54.77
C GLU TA 42 -44.26 89.87 56.09
N GLU TA 43 -44.94 88.73 56.26
CA GLU TA 43 -44.83 87.99 57.53
C GLU TA 43 -43.43 87.40 57.69
N THR TA 44 -42.84 86.90 56.61
CA THR TA 44 -41.47 86.40 56.68
C THR TA 44 -40.50 87.53 57.02
N SER TA 45 -40.70 88.71 56.41
CA SER TA 45 -39.82 89.84 56.69
C SER TA 45 -39.92 90.28 58.14
N ILE TA 46 -41.15 90.39 58.67
CA ILE TA 46 -41.29 90.82 60.06
C ILE TA 46 -40.75 89.77 61.01
N GLU TA 47 -40.93 88.49 60.69
CA GLU TA 47 -40.34 87.44 61.52
C GLU TA 47 -38.83 87.50 61.51
N PHE TA 48 -38.24 87.81 60.36
CA PHE TA 48 -36.79 87.90 60.26
C PHE TA 48 -36.24 89.12 61.01
N VAL TA 49 -36.97 90.24 60.97
CA VAL TA 49 -36.44 91.47 61.54
C VAL TA 49 -36.82 91.68 63.01
N ASP TA 50 -37.81 90.96 63.53
CA ASP TA 50 -38.24 91.15 64.91
C ASP TA 50 -37.58 90.17 65.87
N LEU TA 51 -36.73 89.27 65.39
CA LEU TA 51 -36.04 88.30 66.24
C LEU TA 51 -34.65 88.75 66.66
N ILE TA 52 -33.91 89.42 65.77
CA ILE TA 52 -32.61 89.94 66.13
C ILE TA 52 -32.73 91.02 67.21
N VAL TA 53 -33.79 91.81 67.15
CA VAL TA 53 -34.01 92.87 68.12
C VAL TA 53 -34.35 92.32 69.51
N SER TA 54 -34.73 91.04 69.59
CA SER TA 54 -35.05 90.42 70.86
C SER TA 54 -33.85 89.77 71.54
N ASN TA 55 -32.75 89.57 70.81
CA ASN TA 55 -31.55 89.01 71.42
C ASN TA 55 -30.87 90.04 72.31
N ILE TA 56 -30.13 89.55 73.30
CA ILE TA 56 -29.47 90.45 74.26
C ILE TA 56 -28.09 90.76 73.69
N THR TA 57 -28.07 91.67 72.73
CA THR TA 57 -26.87 92.41 72.31
C THR TA 57 -25.82 91.50 71.66
N GLU TA 58 -26.03 90.19 71.65
CA GLU TA 58 -24.98 89.29 71.16
C GLU TA 58 -25.40 88.51 69.93
N ASN TA 59 -26.43 87.68 70.00
CA ASN TA 59 -26.85 86.83 68.89
C ASN TA 59 -28.05 86.01 69.34
N GLY TA 60 -28.61 85.26 68.39
CA GLY TA 60 -29.59 84.23 68.67
C GLY TA 60 -29.30 82.97 67.89
N SER TA 61 -29.06 81.85 68.58
CA SER TA 61 -28.70 80.62 67.90
C SER TA 61 -29.82 80.14 66.97
N LYS TA 62 -31.04 80.06 67.50
CA LYS TA 62 -32.18 79.76 66.63
C LYS TA 62 -32.37 80.85 65.60
N PHE TA 63 -32.17 82.11 65.99
CA PHE TA 63 -32.20 83.18 65.01
C PHE TA 63 -31.04 83.08 64.03
N ASN TA 64 -29.88 82.56 64.46
CA ASN TA 64 -28.79 82.39 63.51
C ASN TA 64 -29.15 81.37 62.45
N GLU TA 65 -29.75 80.24 62.85
CA GLU TA 65 -30.19 79.24 61.88
C GLU TA 65 -31.27 79.81 60.96
N LYS TA 66 -32.24 80.54 61.54
CA LYS TA 66 -33.28 81.15 60.72
C LYS TA 66 -32.71 82.21 59.78
N LEU TA 67 -31.64 82.90 60.18
CA LEU TA 67 -31.01 83.89 59.32
C LEU TA 67 -30.28 83.21 58.16
N ASP TA 68 -29.60 82.10 58.43
CA ASP TA 68 -29.02 81.32 57.34
C ASP TA 68 -30.11 80.85 56.37
N ASP TA 69 -31.22 80.36 56.92
CA ASP TA 69 -32.32 79.90 56.08
C ASP TA 69 -32.91 81.04 55.25
N PHE TA 70 -33.09 82.21 55.87
CA PHE TA 70 -33.63 83.36 55.14
C PHE TA 70 -32.68 83.81 54.03
N ALA TA 71 -31.38 83.83 54.32
CA ALA TA 71 -30.41 84.23 53.31
C ALA TA 71 -30.43 83.27 52.12
N GLU TA 72 -30.39 81.96 52.39
CA GLU TA 72 -30.41 81.01 51.29
C GLU TA 72 -31.74 81.06 50.55
N LYS TA 73 -32.84 81.26 51.27
CA LYS TA 73 -34.15 81.32 50.63
C LYS TA 73 -34.27 82.52 49.71
N VAL TA 74 -33.79 83.69 50.15
CA VAL TA 74 -33.86 84.87 49.27
C VAL TA 74 -32.90 84.72 48.10
N VAL TA 75 -31.73 84.12 48.32
CA VAL TA 75 -30.78 83.93 47.23
C VAL TA 75 -31.35 83.01 46.16
N HIS TA 76 -31.96 81.90 46.56
CA HIS TA 76 -32.49 80.94 45.62
C HIS TA 76 -33.92 81.25 45.17
N LEU TA 77 -34.56 82.26 45.75
CA LEU TA 77 -35.95 82.57 45.46
C LEU TA 77 -36.12 83.62 44.37
N GLY TA 78 -35.13 84.48 44.17
CA GLY TA 78 -35.26 85.58 43.23
C GLY TA 78 -34.77 86.88 43.81
N TRP TA 79 -34.09 86.80 44.96
CA TRP TA 79 -33.53 87.97 45.63
C TRP TA 79 -32.04 87.71 45.89
N PRO TA 80 -31.21 87.82 44.86
CA PRO TA 80 -29.76 87.63 45.06
C PRO TA 80 -29.14 88.74 45.89
N ILE TA 81 -27.81 88.69 46.07
CA ILE TA 81 -27.13 89.66 46.93
C ILE TA 81 -27.37 91.08 46.43
N HIS TA 82 -27.56 91.26 45.12
CA HIS TA 82 -27.94 92.56 44.60
C HIS TA 82 -29.29 93.00 45.15
N PHE TA 83 -30.27 92.09 45.15
CA PHE TA 83 -31.60 92.44 45.64
C PHE TA 83 -31.60 92.63 47.15
N VAL TA 84 -30.81 91.85 47.89
CA VAL TA 84 -30.70 92.05 49.32
C VAL TA 84 -30.02 93.38 49.62
N THR TA 85 -29.06 93.79 48.80
CA THR TA 85 -28.44 95.10 48.98
C THR TA 85 -29.42 96.23 48.69
N THR TA 86 -30.23 96.09 47.64
CA THR TA 86 -31.29 97.07 47.40
C THR TA 86 -32.25 97.11 48.58
N GLY TA 87 -32.56 95.95 49.16
CA GLY TA 87 -33.39 95.92 50.35
C GLY TA 87 -32.76 96.65 51.52
N LEU TA 88 -31.45 96.49 51.70
CA LEU TA 88 -30.76 97.23 52.75
C LEU TA 88 -30.82 98.74 52.51
N ARG TA 89 -30.62 99.15 51.26
CA ARG TA 89 -30.67 100.57 50.94
C ARG TA 89 -32.07 101.15 51.21
N VAL TA 90 -33.11 100.44 50.79
CA VAL TA 90 -34.47 100.94 51.02
C VAL TA 90 -34.83 100.87 52.51
N PHE TA 91 -34.29 99.88 53.24
CA PHE TA 91 -34.39 99.89 54.69
C PHE TA 91 -33.85 101.19 55.26
N GLY TA 92 -32.62 101.53 54.86
CA GLY TA 92 -32.03 102.78 55.34
C GLY TA 92 -32.88 103.98 55.02
N LEU TA 93 -33.35 104.06 53.77
CA LEU TA 93 -34.15 105.21 53.34
C LEU TA 93 -35.42 105.34 54.15
N LEU TA 94 -36.22 104.28 54.23
CA LEU TA 94 -37.52 104.38 54.86
C LEU TA 94 -37.42 104.48 56.37
N VAL TA 95 -36.47 103.78 56.98
CA VAL TA 95 -36.26 103.92 58.41
C VAL TA 95 -35.80 105.35 58.74
N TYR TA 96 -34.93 105.92 57.89
CA TYR TA 96 -34.50 107.30 58.08
C TYR TA 96 -35.70 108.25 58.03
N THR TA 97 -36.56 108.09 57.02
CA THR TA 97 -37.73 108.96 56.90
C THR TA 97 -38.66 108.79 58.10
N ALA TA 98 -38.87 107.54 58.53
CA ALA TA 98 -39.77 107.29 59.66
C ALA TA 98 -39.23 107.91 60.94
N MET TA 99 -37.94 107.73 61.22
CA MET TA 99 -37.38 108.28 62.45
C MET TA 99 -37.20 109.79 62.38
N ARG TA 100 -37.18 110.37 61.18
CA ARG TA 100 -37.39 111.81 61.06
C ARG TA 100 -38.82 112.17 61.44
N ASP TA 101 -39.79 111.32 61.06
CA ASP TA 101 -41.19 111.59 61.35
C ASP TA 101 -41.56 111.13 62.76
N GLU TA 102 -41.36 109.85 63.05
CA GLU TA 102 -41.79 109.30 64.34
C GLU TA 102 -41.02 109.93 65.50
N ASP TA 103 -39.71 110.10 65.34
CA ASP TA 103 -38.85 110.69 66.38
C ASP TA 103 -38.97 109.93 67.70
N LEU TA 104 -38.89 108.60 67.62
CA LEU TA 104 -38.93 107.72 68.78
C LEU TA 104 -37.61 106.95 68.81
N PHE TA 105 -36.62 107.49 69.50
CA PHE TA 105 -35.28 106.94 69.49
C PHE TA 105 -35.05 106.09 70.74
N LEU TA 106 -33.81 105.63 70.93
CA LEU TA 106 -33.51 104.69 72.00
C LEU TA 106 -33.59 105.37 73.37
N LYS TA 107 -32.76 106.38 73.60
CA LYS TA 107 -32.73 107.06 74.89
C LYS TA 107 -33.87 108.07 74.94
N ARG TA 108 -34.82 107.84 75.85
CA ARG TA 108 -35.98 108.70 75.96
C ARG TA 108 -35.58 110.09 76.43
N GLU TA 109 -36.09 111.12 75.77
CA GLU TA 109 -35.79 112.51 76.08
C GLU TA 109 -36.76 113.38 75.31
N GLU TA 110 -36.75 114.67 75.63
CA GLU TA 110 -37.53 115.63 74.86
C GLU TA 110 -37.05 115.69 73.41
N LYS TA 111 -35.73 115.63 73.21
CA LYS TA 111 -35.15 115.51 71.88
C LYS TA 111 -33.89 114.64 71.97
N PRO TA 112 -33.96 113.38 71.53
CA PRO TA 112 -32.78 112.52 71.57
C PRO TA 112 -31.70 112.99 70.61
N GLU TA 113 -30.46 112.69 70.97
CA GLU TA 113 -29.31 113.12 70.20
C GLU TA 113 -29.02 112.12 69.08
N ASP TA 114 -27.91 112.31 68.37
CA ASP TA 114 -27.58 111.51 67.20
C ASP TA 114 -26.79 110.24 67.51
N ASP TA 115 -26.40 110.03 68.77
CA ASP TA 115 -25.65 108.83 69.12
C ASP TA 115 -26.47 107.57 68.83
N ALA TA 116 -27.70 107.51 69.37
CA ALA TA 116 -28.59 106.40 69.04
C ALA TA 116 -29.01 106.46 67.58
N TYR TA 117 -29.08 107.66 67.01
CA TYR TA 117 -29.43 107.82 65.61
C TYR TA 117 -28.47 107.06 64.71
N TYR TA 118 -27.17 107.06 65.03
CA TYR TA 118 -26.23 106.25 64.28
C TYR TA 118 -26.06 104.85 64.84
N ARG TA 119 -26.40 104.62 66.12
CA ARG TA 119 -26.39 103.26 66.63
C ARG TA 119 -27.39 102.39 65.89
N PHE TA 120 -28.52 102.97 65.48
CA PHE TA 120 -29.46 102.26 64.61
C PHE TA 120 -28.76 101.76 63.34
N GLU TA 121 -28.02 102.64 62.68
CA GLU TA 121 -27.32 102.28 61.45
C GLU TA 121 -26.26 101.22 61.71
N THR TA 122 -25.54 101.33 62.83
CA THR TA 122 -24.53 100.32 63.16
C THR TA 122 -25.16 98.96 63.35
N TRP TA 123 -26.31 98.90 64.05
CA TRP TA 123 -26.99 97.62 64.24
C TRP TA 123 -27.50 97.06 62.92
N LEU TA 124 -28.03 97.93 62.05
CA LEU TA 124 -28.47 97.46 60.74
C LEU TA 124 -27.30 96.91 59.93
N SER TA 125 -26.14 97.58 59.99
CA SER TA 125 -24.96 97.09 59.28
C SER TA 125 -24.50 95.75 59.84
N SER TA 126 -24.56 95.57 61.16
CA SER TA 126 -24.20 94.29 61.75
C SER TA 126 -25.16 93.19 61.30
N MET TA 127 -26.46 93.51 61.23
CA MET TA 127 -27.44 92.53 60.74
C MET TA 127 -27.15 92.14 59.30
N TYR TA 128 -26.83 93.12 58.45
CA TYR TA 128 -26.48 92.79 57.07
C TYR TA 128 -25.18 92.00 56.98
N ASN TA 129 -24.24 92.28 57.89
CA ASN TA 129 -23.02 91.47 57.95
C ASN TA 129 -23.35 90.02 58.25
N LYS TA 130 -24.25 89.79 59.22
CA LYS TA 130 -24.67 88.43 59.52
C LYS TA 130 -25.33 87.78 58.31
N VAL TA 131 -26.18 88.53 57.60
CA VAL TA 131 -26.89 87.98 56.44
C VAL TA 131 -25.90 87.56 55.35
N VAL TA 132 -24.94 88.44 55.04
CA VAL TA 132 -23.99 88.13 53.98
C VAL TA 132 -23.04 87.01 54.40
N THR TA 133 -22.69 86.94 55.70
CA THR TA 133 -21.89 85.82 56.18
C THR TA 133 -22.64 84.50 56.02
N ALA TA 134 -23.95 84.52 56.29
CA ALA TA 134 -24.77 83.34 56.05
C ALA TA 134 -24.79 82.98 54.57
N TYR TA 135 -24.87 83.98 53.70
CA TYR TA 135 -24.93 83.71 52.27
C TYR TA 135 -23.63 83.09 51.75
N ALA TA 136 -22.48 83.63 52.17
CA ALA TA 136 -21.24 83.35 51.45
C ALA TA 136 -20.69 81.95 51.74
N ASP TA 137 -20.87 81.45 52.96
CA ASP TA 137 -20.15 80.25 53.38
C ASP TA 137 -20.57 79.02 52.58
N THR TA 138 -21.88 78.76 52.49
CA THR TA 138 -22.36 77.59 51.76
C THR TA 138 -22.07 77.71 50.27
N TRP TA 139 -22.12 78.93 49.73
CA TRP TA 139 -21.80 79.14 48.32
C TRP TA 139 -20.35 78.76 48.05
N GLU TA 140 -19.44 79.20 48.92
CA GLU TA 140 -18.04 78.83 48.75
C GLU TA 140 -17.84 77.33 48.93
N LYS TA 141 -18.54 76.72 49.88
CA LYS TA 141 -18.40 75.28 50.10
C LYS TA 141 -18.86 74.49 48.88
N THR TA 142 -20.00 74.86 48.29
CA THR TA 142 -20.48 74.13 47.12
C THR TA 142 -19.57 74.37 45.91
N VAL TA 143 -19.03 75.58 45.77
CA VAL TA 143 -18.05 75.81 44.70
C VAL TA 143 -16.83 74.92 44.89
N SER TA 144 -16.35 74.80 46.13
CA SER TA 144 -15.16 73.99 46.39
C SER TA 144 -15.42 72.51 46.10
N ILE TA 145 -16.55 71.98 46.58
CA ILE TA 145 -16.84 70.57 46.36
C ILE TA 145 -17.08 70.29 44.88
N GLN TA 146 -17.67 71.24 44.15
CA GLN TA 146 -17.92 71.05 42.74
C GLN TA 146 -16.62 71.10 41.94
N LYS TA 147 -15.69 71.98 42.35
CA LYS TA 147 -14.35 71.98 41.77
C LYS TA 147 -13.63 70.66 42.05
N SER TA 148 -13.82 70.11 43.25
CA SER TA 148 -13.24 68.80 43.55
C SER TA 148 -13.83 67.72 42.65
N ALA TA 149 -15.14 67.78 42.40
CA ALA TA 149 -15.77 66.82 41.49
C ALA TA 149 -15.18 66.92 40.08
N LEU TA 150 -15.01 68.14 39.59
CA LEU TA 150 -14.35 68.31 38.29
C LEU TA 150 -12.90 67.85 38.32
N GLN TA 151 -12.24 67.96 39.47
CA GLN TA 151 -10.87 67.45 39.60
C GLN TA 151 -10.84 65.93 39.45
N GLU TA 152 -11.75 65.23 40.12
CA GLU TA 152 -11.73 63.78 40.09
C GLU TA 152 -12.24 63.22 38.77
N LEU TA 153 -13.09 63.96 38.06
CA LEU TA 153 -13.65 63.52 36.79
C LEU TA 153 -12.77 63.87 35.60
N SER TA 154 -11.48 64.16 35.83
CA SER TA 154 -10.64 64.69 34.77
C SER TA 154 -10.11 63.58 33.85
N ALA TA 155 -9.32 62.67 34.42
CA ALA TA 155 -8.63 61.64 33.63
C ALA TA 155 -8.88 60.28 34.27
N PRO TA 156 -10.03 59.68 34.01
CA PRO TA 156 -10.35 58.38 34.59
C PRO TA 156 -9.67 57.25 33.83
N LEU TA 157 -8.66 56.65 34.46
CA LEU TA 157 -7.99 55.48 33.90
C LEU TA 157 -8.71 54.19 34.24
N LEU TA 158 -9.84 54.28 34.93
CA LEU TA 158 -10.59 53.08 35.33
C LEU TA 158 -10.92 52.14 34.17
N PRO TA 159 -11.35 52.61 32.98
CA PRO TA 159 -11.57 51.67 31.88
C PRO TA 159 -10.31 50.88 31.56
N ILE TA 160 -10.37 49.56 31.77
CA ILE TA 160 -9.21 48.69 31.70
C ILE TA 160 -9.58 47.42 30.96
N PHE TA 161 -8.69 46.96 30.09
CA PHE TA 161 -8.78 45.67 29.44
C PHE TA 161 -7.62 44.79 29.93
N GLU TA 162 -7.57 43.55 29.43
CA GLU TA 162 -6.52 42.64 29.84
C GLU TA 162 -5.15 43.15 29.40
N LYS TA 163 -4.37 43.64 30.36
CA LYS TA 163 -3.06 44.23 30.14
C LYS TA 163 -3.13 45.45 29.21
N ILE TA 164 -4.30 46.03 29.05
CA ILE TA 164 -4.51 47.21 28.21
C ILE TA 164 -5.23 48.25 29.05
N SER TA 165 -4.92 49.52 28.81
CA SER TA 165 -5.57 50.61 29.52
C SER TA 165 -6.02 51.67 28.53
N VAL TA 166 -7.02 52.44 28.93
CA VAL TA 166 -7.54 53.54 28.13
C VAL TA 166 -7.99 54.65 29.05
N MET TA 167 -7.66 55.89 28.69
CA MET TA 167 -7.92 57.07 29.52
C MET TA 167 -8.78 58.04 28.72
N PRO TA 168 -10.09 57.95 28.80
CA PRO TA 168 -10.97 58.87 28.05
C PRO TA 168 -11.01 60.24 28.71
N LEU TA 169 -10.86 61.28 27.90
CA LEU TA 169 -11.05 62.66 28.35
C LEU TA 169 -11.86 63.39 27.30
N ILE TA 170 -12.94 64.06 27.72
CA ILE TA 170 -13.84 64.69 26.76
C ILE TA 170 -14.09 66.17 27.04
N GLY TA 171 -13.90 66.67 28.25
CA GLY TA 171 -14.10 68.08 28.49
C GLY TA 171 -12.90 68.91 28.05
N THR TA 172 -13.18 70.17 27.69
CA THR TA 172 -12.11 71.07 27.28
C THR TA 172 -11.11 71.24 28.40
N ILE TA 173 -9.83 71.13 28.08
CA ILE TA 173 -8.76 71.05 29.07
C ILE TA 173 -7.95 72.34 29.05
N ASP TA 174 -7.37 72.66 30.21
CA ASP TA 174 -6.54 73.82 30.41
C ASP TA 174 -5.18 73.38 30.96
N THR TA 175 -4.34 74.37 31.27
CA THR TA 175 -2.96 74.09 31.69
C THR TA 175 -2.94 73.28 32.98
N GLU TA 176 -3.66 73.74 34.00
CA GLU TA 176 -3.71 72.99 35.25
C GLU TA 176 -4.42 71.64 35.05
N ARG TA 177 -5.45 71.63 34.20
CA ARG TA 177 -6.09 70.36 33.87
C ARG TA 177 -5.14 69.46 33.11
N ALA TA 178 -4.31 70.02 32.23
CA ALA TA 178 -3.32 69.22 31.53
C ALA TA 178 -2.32 68.60 32.50
N LYS TA 179 -1.88 69.39 33.49
CA LYS TA 179 -0.96 68.85 34.50
C LYS TA 179 -1.63 67.74 35.29
N LEU TA 180 -2.91 67.93 35.66
CA LEU TA 180 -3.63 66.88 36.37
C LEU TA 180 -3.74 65.62 35.52
N ILE TA 181 -4.01 65.77 34.23
CA ILE TA 181 -4.15 64.62 33.35
C ILE TA 181 -2.82 63.86 33.23
N ILE TA 182 -1.72 64.60 33.02
CA ILE TA 182 -0.43 63.92 32.88
C ILE TA 182 -0.05 63.21 34.18
N GLU TA 183 -0.27 63.87 35.33
CA GLU TA 183 0.06 63.24 36.60
C GLU TA 183 -0.77 61.99 36.83
N ASN TA 184 -2.09 62.09 36.61
CA ASN TA 184 -2.95 60.93 36.83
C ASN TA 184 -2.60 59.80 35.88
N LEU TA 185 -2.34 60.12 34.61
CA LEU TA 185 -1.98 59.10 33.64
C LEU TA 185 -0.72 58.35 34.06
N LEU TA 186 0.32 59.09 34.41
CA LEU TA 186 1.57 58.45 34.81
C LEU TA 186 1.39 57.61 36.07
N ILE TA 187 0.75 58.19 37.08
CA ILE TA 187 0.59 57.47 38.35
C ILE TA 187 -0.24 56.21 38.15
N GLY TA 188 -1.33 56.30 37.41
CA GLY TA 188 -2.15 55.13 37.18
C GLY TA 188 -1.42 54.06 36.38
N VAL TA 189 -0.76 54.46 35.29
CA VAL TA 189 -0.10 53.47 34.44
C VAL TA 189 1.02 52.78 35.21
N VAL TA 190 1.64 53.47 36.16
CA VAL TA 190 2.59 52.79 37.03
C VAL TA 190 1.86 51.86 38.00
N LYS TA 191 0.72 52.30 38.54
CA LYS TA 191 0.03 51.52 39.57
C LYS TA 191 -0.58 50.25 39.00
N ASN TA 192 -1.16 50.33 37.80
CA ASN TA 192 -1.87 49.19 37.22
C ASN TA 192 -1.19 48.76 35.93
N ARG TA 193 0.11 48.53 36.00
CA ARG TA 193 1.01 48.40 34.84
C ARG TA 193 0.36 47.65 33.69
N SER TA 194 0.31 48.30 32.54
CA SER TA 194 -0.24 47.74 31.32
C SER TA 194 0.65 48.12 30.16
N GLU TA 195 0.63 47.31 29.10
CA GLU TA 195 1.59 47.46 28.02
C GLU TA 195 1.32 48.71 27.20
N VAL TA 196 0.06 49.00 26.88
CA VAL TA 196 -0.27 50.13 26.04
C VAL TA 196 -1.34 50.98 26.74
N VAL TA 197 -1.43 52.24 26.31
CA VAL TA 197 -2.38 53.19 26.84
C VAL TA 197 -3.04 53.93 25.69
N LEU TA 198 -4.37 53.96 25.68
CA LEU TA 198 -5.14 54.67 24.68
C LEU TA 198 -5.66 55.97 25.26
N ILE TA 199 -5.40 57.07 24.56
CA ILE TA 199 -5.90 58.39 24.96
C ILE TA 199 -7.01 58.76 23.99
N ASP TA 200 -8.22 58.96 24.53
CA ASP TA 200 -9.38 59.33 23.72
C ASP TA 200 -9.45 60.85 23.65
N ILE TA 201 -8.66 61.41 22.72
CA ILE TA 201 -8.71 62.85 22.51
C ILE TA 201 -10.07 63.28 21.96
N THR TA 202 -10.77 62.38 21.26
CA THR TA 202 -12.08 62.71 20.74
C THR TA 202 -13.01 63.16 21.87
N GLY TA 203 -13.63 64.31 21.67
CA GLY TA 203 -14.48 64.88 22.71
C GLY TA 203 -14.14 66.33 23.01
N VAL TA 204 -12.86 66.66 22.97
CA VAL TA 204 -12.42 68.03 23.22
C VAL TA 204 -12.50 68.81 21.91
N PRO TA 205 -13.21 69.93 21.86
CA PRO TA 205 -13.33 70.69 20.62
C PRO TA 205 -12.00 71.28 20.16
N VAL TA 206 -11.38 72.09 21.00
CA VAL TA 206 -10.15 72.79 20.68
C VAL TA 206 -9.23 72.74 21.89
N VAL TA 207 -7.93 72.57 21.66
CA VAL TA 207 -6.94 72.59 22.72
C VAL TA 207 -5.90 73.66 22.38
N ASP TA 208 -5.30 74.21 23.43
CA ASP TA 208 -4.26 75.22 23.24
C ASP TA 208 -2.96 74.55 22.77
N THR TA 209 -2.10 75.36 22.16
CA THR TA 209 -0.84 74.84 21.65
C THR TA 209 0.05 74.31 22.77
N MET TA 210 0.08 75.00 23.91
CA MET TA 210 0.85 74.51 25.04
C MET TA 210 0.25 73.22 25.61
N VAL TA 211 -1.08 73.12 25.60
CA VAL TA 211 -1.72 71.89 26.07
C VAL TA 211 -1.37 70.73 25.15
N ALA TA 212 -1.37 70.97 23.83
CA ALA TA 212 -0.98 69.92 22.90
C ALA TA 212 0.47 69.52 23.10
N HIS TA 213 1.34 70.51 23.35
CA HIS TA 213 2.74 70.21 23.64
C HIS TA 213 2.86 69.34 24.89
N HIS TA 214 2.10 69.66 25.93
CA HIS TA 214 2.14 68.84 27.14
C HIS TA 214 1.58 67.45 26.89
N ILE TA 215 0.59 67.32 26.02
CA ILE TA 215 0.08 65.99 25.67
C ILE TA 215 1.16 65.18 24.97
N ILE TA 216 1.90 65.80 24.05
CA ILE TA 216 2.99 65.11 23.39
C ILE TA 216 4.07 64.72 24.39
N GLN TA 217 4.36 65.61 25.33
CA GLN TA 217 5.33 65.28 26.38
C GLN TA 217 4.85 64.11 27.23
N ALA TA 218 3.54 64.07 27.52
CA ALA TA 218 2.99 62.93 28.25
C ALA TA 218 3.15 61.65 27.46
N SER TA 219 2.92 61.71 26.16
CA SER TA 219 3.12 60.53 25.31
C SER TA 219 4.57 60.07 25.38
N GLU TA 220 5.51 61.01 25.27
CA GLU TA 220 6.92 60.65 25.34
C GLU TA 220 7.27 60.04 26.69
N ALA TA 221 6.76 60.63 27.78
CA ALA TA 221 7.06 60.13 29.11
C ALA TA 221 6.51 58.73 29.33
N VAL TA 222 5.27 58.49 28.91
CA VAL TA 222 4.69 57.17 29.12
C VAL TA 222 5.34 56.14 28.20
N ARG TA 223 5.86 56.58 27.05
CA ARG TA 223 6.70 55.68 26.25
C ARG TA 223 7.99 55.37 26.99
N LEU TA 224 8.56 56.37 27.67
CA LEU TA 224 9.81 56.17 28.40
C LEU TA 224 9.60 55.21 29.56
N VAL TA 225 8.42 55.23 30.18
CA VAL TA 225 8.11 54.25 31.21
C VAL TA 225 8.02 52.85 30.60
N GLY TA 226 7.62 52.76 29.33
CA GLY TA 226 7.51 51.47 28.67
C GLY TA 226 6.11 51.15 28.23
N CYS TA 227 5.33 52.17 27.89
CA CYS TA 227 3.95 52.00 27.45
C CYS TA 227 3.71 52.88 26.23
N GLN TA 228 3.25 52.25 25.14
CA GLN TA 228 2.97 53.00 23.93
C GLN TA 228 1.77 53.92 24.14
N ALA TA 229 1.92 55.19 23.74
CA ALA TA 229 0.86 56.18 23.89
C ALA TA 229 0.10 56.26 22.58
N MET TA 230 -0.74 55.27 22.34
CA MET TA 230 -1.48 55.18 21.08
C MET TA 230 -2.64 56.16 21.14
N LEU TA 231 -2.35 57.41 20.79
CA LEU TA 231 -3.38 58.45 20.77
C LEU TA 231 -4.47 58.06 19.78
N VAL TA 232 -5.72 58.31 20.17
CA VAL TA 232 -6.88 57.81 19.43
C VAL TA 232 -7.80 58.97 19.09
N GLY TA 233 -8.23 59.03 17.83
CA GLY TA 233 -9.33 59.89 17.43
C GLY TA 233 -9.09 61.38 17.56
N ILE TA 234 -7.92 61.85 17.11
CA ILE TA 234 -7.65 63.28 17.14
C ILE TA 234 -8.51 64.00 16.11
N ARG TA 235 -9.05 65.15 16.49
CA ARG TA 235 -9.85 65.98 15.62
C ARG TA 235 -8.95 66.73 14.64
N PRO TA 236 -9.47 67.09 13.46
CA PRO TA 236 -8.65 67.85 12.50
C PRO TA 236 -8.11 69.17 13.04
N GLU TA 237 -8.87 69.89 13.87
CA GLU TA 237 -8.36 71.15 14.40
C GLU TA 237 -7.17 70.94 15.32
N ILE TA 238 -7.27 69.97 16.23
CA ILE TA 238 -6.14 69.66 17.11
C ILE TA 238 -4.96 69.14 16.30
N ALA TA 239 -5.23 68.37 15.24
CA ALA TA 239 -4.15 67.92 14.38
C ALA TA 239 -3.44 69.10 13.73
N GLN TA 240 -4.20 70.08 13.26
CA GLN TA 240 -3.60 71.27 12.66
C GLN TA 240 -2.79 72.04 13.68
N THR TA 241 -3.30 72.18 14.90
CA THR TA 241 -2.57 72.88 15.95
C THR TA 241 -1.25 72.16 16.28
N ILE TA 242 -1.30 70.83 16.38
CA ILE TA 242 -0.09 70.07 16.67
C ILE TA 242 0.92 70.20 15.54
N VAL TA 243 0.45 70.17 14.28
CA VAL TA 243 1.36 70.34 13.15
C VAL TA 243 2.01 71.71 13.19
N ASN TA 244 1.22 72.75 13.44
CA ASN TA 244 1.78 74.09 13.55
C ASN TA 244 2.70 74.24 14.75
N LEU TA 245 2.56 73.37 15.75
CA LEU TA 245 3.49 73.41 16.89
C LEU TA 245 4.92 73.16 16.46
N GLY TA 246 5.12 72.36 15.42
CA GLY TA 246 6.45 72.09 14.91
C GLY TA 246 7.22 71.01 15.63
N ILE TA 247 6.64 70.39 16.66
CA ILE TA 247 7.34 69.31 17.34
C ILE TA 247 7.34 68.06 16.46
N GLU TA 248 8.29 67.17 16.74
CA GLU TA 248 8.48 66.00 15.90
C GLU TA 248 7.37 64.98 16.20
N LEU TA 249 6.85 64.35 15.16
CA LEU TA 249 5.58 63.62 15.25
C LEU TA 249 5.65 62.24 14.63
N ASP TA 250 6.68 61.46 14.97
CA ASP TA 250 6.73 60.06 14.49
C ASP TA 250 6.40 59.05 15.58
N GLN TA 251 6.80 59.30 16.83
CA GLN TA 251 6.64 58.30 17.88
C GLN TA 251 5.19 58.11 18.28
N ILE TA 252 4.33 59.09 18.04
CA ILE TA 252 2.93 58.99 18.44
C ILE TA 252 2.17 58.16 17.41
N ILE TA 253 1.49 57.12 17.88
CA ILE TA 253 0.71 56.23 17.03
C ILE TA 253 -0.74 56.65 17.13
N THR TA 254 -1.38 56.89 15.99
CA THR TA 254 -2.72 57.46 15.96
C THR TA 254 -3.68 56.61 15.14
N THR TA 255 -4.91 56.49 15.63
CA THR TA 255 -6.01 55.88 14.90
C THR TA 255 -7.24 56.75 15.06
N ASN TA 256 -8.09 56.75 14.03
CA ASN TA 256 -9.24 57.66 14.02
C ASN TA 256 -10.42 57.16 14.85
N THR TA 257 -10.45 55.89 15.22
CA THR TA 257 -11.55 55.34 16.00
C THR TA 257 -11.00 54.48 17.12
N MET TA 258 -11.78 54.34 18.19
CA MET TA 258 -11.35 53.52 19.32
C MET TA 258 -11.29 52.04 18.96
N LYS TA 259 -12.18 51.58 18.07
CA LYS TA 259 -12.12 50.18 17.66
C LYS TA 259 -10.81 49.89 16.92
N LYS TA 260 -10.40 50.77 16.01
CA LYS TA 260 -9.15 50.57 15.30
C LYS TA 260 -7.96 50.63 16.25
N GLY TA 261 -7.97 51.59 17.17
CA GLY TA 261 -6.90 51.66 18.15
C GLY TA 261 -6.82 50.40 19.01
N MET TA 262 -7.97 49.90 19.43
CA MET TA 262 -7.99 48.69 20.25
C MET TA 262 -7.47 47.49 19.48
N GLU TA 263 -7.88 47.33 18.22
CA GLU TA 263 -7.40 46.18 17.46
C GLU TA 263 -5.91 46.30 17.16
N ARG TA 264 -5.42 47.52 16.93
CA ARG TA 264 -3.99 47.67 16.70
C ARG TA 264 -3.19 47.41 17.97
N ALA TA 265 -3.72 47.82 19.12
CA ALA TA 265 -3.07 47.50 20.39
C ALA TA 265 -3.04 45.99 20.61
N LEU TA 266 -4.14 45.30 20.33
CA LEU TA 266 -4.14 43.85 20.41
C LEU TA 266 -3.16 43.24 19.42
N ALA TA 267 -2.93 43.91 18.29
CA ALA TA 267 -1.90 43.45 17.36
C ALA TA 267 -0.51 43.59 17.97
N LEU TA 268 -0.27 44.68 18.71
CA LEU TA 268 1.04 44.88 19.33
C LEU TA 268 1.35 43.77 20.33
N THR TA 269 0.37 43.42 21.16
CA THR TA 269 0.50 42.26 22.05
C THR TA 269 -0.02 41.06 21.28
N ASN TA 270 0.90 40.38 20.58
CA ASN TA 270 0.53 39.50 19.47
C ASN TA 270 -0.48 38.44 19.90
N ARG TA 271 -0.21 37.74 20.99
CA ARG TA 271 -1.08 36.65 21.41
C ARG TA 271 -2.26 37.11 22.25
N GLU TA 272 -2.38 38.40 22.52
CA GLU TA 272 -3.55 38.92 23.22
C GLU TA 272 -4.77 39.00 22.30
N ILE TA 273 -4.57 38.94 20.99
CA ILE TA 273 -5.68 39.10 20.04
C ILE TA 273 -6.68 37.95 20.15
N VAL TA 274 -6.27 36.79 20.65
CA VAL TA 274 -7.19 35.67 20.81
C VAL TA 274 -7.79 35.66 22.20
N MET UA 1 -26.28 115.13 42.92
CA MET UA 1 -25.12 115.90 42.49
C MET UA 1 -23.85 115.40 43.17
N TYR UA 2 -22.70 115.57 42.51
CA TYR UA 2 -21.45 115.00 42.98
C TYR UA 2 -20.30 115.98 43.12
N LYS UA 3 -20.44 117.23 42.66
CA LYS UA 3 -19.31 118.15 42.69
C LYS UA 3 -18.89 118.46 44.12
N ASP UA 4 -19.84 118.90 44.95
CA ASP UA 4 -19.52 119.11 46.36
C ASP UA 4 -19.27 117.79 47.07
N PHE UA 5 -19.89 116.70 46.59
CA PHE UA 5 -19.56 115.38 47.10
C PHE UA 5 -18.07 115.09 46.89
N ALA UA 6 -17.57 115.37 45.69
CA ALA UA 6 -16.14 115.17 45.42
C ALA UA 6 -15.28 116.13 46.23
N ASN UA 7 -15.75 117.36 46.43
CA ASN UA 7 -15.01 118.30 47.26
C ASN UA 7 -14.87 117.78 48.68
N PHE UA 8 -15.92 117.16 49.22
CA PHE UA 8 -15.82 116.54 50.53
C PHE UA 8 -14.96 115.28 50.50
N ILE UA 9 -15.00 114.52 49.40
CA ILE UA 9 -14.14 113.35 49.27
C ILE UA 9 -12.67 113.75 49.23
N ARG UA 10 -12.38 114.99 48.85
CA ARG UA 10 -10.99 115.47 48.87
C ARG UA 10 -10.36 115.34 50.24
N THR UA 11 -11.15 115.34 51.32
CA THR UA 11 -10.68 115.01 52.65
C THR UA 11 -11.19 113.65 53.14
N ASN UA 12 -12.31 113.17 52.59
CA ASN UA 12 -12.77 111.83 52.93
C ASN UA 12 -11.79 110.77 52.49
N LYS UA 13 -10.88 111.08 51.57
CA LYS UA 13 -9.83 110.12 51.23
C LYS UA 13 -8.94 109.83 52.44
N LYS UA 14 -8.45 110.89 53.09
CA LYS UA 14 -7.69 110.71 54.33
C LYS UA 14 -8.56 110.14 55.43
N ASP UA 15 -9.82 110.57 55.49
CA ASP UA 15 -10.73 110.01 56.50
C ASP UA 15 -10.88 108.50 56.33
N LEU UA 16 -11.02 108.03 55.10
CA LEU UA 16 -11.15 106.60 54.83
C LEU UA 16 -9.82 105.86 54.96
N LEU UA 17 -8.68 106.54 54.78
CA LEU UA 17 -7.41 105.91 55.12
C LEU UA 17 -7.30 105.66 56.62
N ASN UA 18 -7.67 106.66 57.42
CA ASN UA 18 -7.82 106.45 58.85
C ASN UA 18 -8.80 105.34 59.15
N ASN UA 19 -9.87 105.24 58.35
CA ASN UA 19 -10.84 104.17 58.52
C ASN UA 19 -10.23 102.79 58.24
N TRP UA 20 -9.46 102.68 57.15
CA TRP UA 20 -8.84 101.41 56.80
C TRP UA 20 -7.87 100.96 57.87
N MET UA 21 -7.06 101.89 58.40
CA MET UA 21 -6.19 101.48 59.49
C MET UA 21 -6.96 101.29 60.80
N ASN UA 22 -8.18 101.82 60.89
CA ASN UA 22 -9.05 101.50 62.03
C ASN UA 22 -9.58 100.07 61.94
N GLU UA 23 -10.07 99.68 60.76
CA GLU UA 23 -10.60 98.34 60.54
C GLU UA 23 -9.50 97.28 60.49
N MET UA 24 -8.23 97.71 60.47
CA MET UA 24 -7.09 96.81 60.35
C MET UA 24 -6.94 95.88 61.55
N GLU UA 25 -7.65 96.15 62.64
CA GLU UA 25 -7.47 95.40 63.88
C GLU UA 25 -8.42 94.22 64.00
N LYS UA 26 -9.67 94.37 63.54
CA LYS UA 26 -10.70 93.39 63.88
C LYS UA 26 -10.55 92.10 63.08
N GLN UA 27 -10.65 92.19 61.76
CA GLN UA 27 -10.81 91.02 60.91
C GLN UA 27 -9.52 90.72 60.16
N SER UA 28 -8.93 89.55 60.44
CA SER UA 28 -7.81 88.97 59.69
C SER UA 28 -6.68 89.99 59.48
N ASP UA 29 -6.10 90.43 60.59
CA ASP UA 29 -4.96 91.34 60.49
C ASP UA 29 -3.73 90.75 59.79
N PRO UA 30 -3.27 89.50 60.05
CA PRO UA 30 -1.97 89.08 59.49
C PRO UA 30 -1.99 88.94 57.98
N LEU UA 31 -3.04 88.29 57.46
CA LEU UA 31 -3.14 88.09 56.02
C LEU UA 31 -3.22 89.42 55.28
N ILE UA 32 -4.12 90.30 55.73
CA ILE UA 32 -4.28 91.59 55.07
C ILE UA 32 -3.00 92.40 55.17
N ASN UA 33 -2.29 92.31 56.30
CA ASN UA 33 -1.04 93.04 56.45
C ASN UA 33 0.04 92.50 55.52
N ASP UA 34 0.11 91.18 55.34
CA ASP UA 34 1.22 90.58 54.62
C ASP UA 34 0.99 90.56 53.11
N ILE UA 35 -0.09 89.91 52.65
CA ILE UA 35 -0.26 89.73 51.21
C ILE UA 35 -0.54 91.06 50.53
N ALA UA 36 -1.20 91.98 51.23
CA ALA UA 36 -1.56 93.30 50.68
C ALA UA 36 -0.77 94.36 51.44
N LYS UA 37 0.26 94.91 50.79
CA LYS UA 37 1.02 95.98 51.41
C LYS UA 37 0.14 97.21 51.60
N GLU UA 38 0.32 97.90 52.72
CA GLU UA 38 -0.57 98.99 53.09
C GLU UA 38 -0.59 100.12 52.07
N PRO UA 39 0.53 100.64 51.56
CA PRO UA 39 0.45 101.75 50.59
C PRO UA 39 -0.33 101.40 49.34
N MET UA 40 -0.17 100.18 48.82
CA MET UA 40 -0.90 99.79 47.61
C MET UA 40 -2.40 99.76 47.85
N TYR UA 41 -2.81 99.15 48.96
CA TYR UA 41 -4.24 99.12 49.29
C TYR UA 41 -4.77 100.53 49.49
N GLU UA 42 -4.00 101.39 50.16
CA GLU UA 42 -4.43 102.76 50.41
C GLU UA 42 -4.63 103.52 49.11
N GLU UA 43 -3.66 103.41 48.19
CA GLU UA 43 -3.78 104.15 46.93
C GLU UA 43 -4.92 103.60 46.07
N THR UA 44 -5.09 102.27 46.05
CA THR UA 44 -6.20 101.70 45.30
C THR UA 44 -7.53 102.17 45.88
N SER UA 45 -7.65 102.18 47.20
CA SER UA 45 -8.89 102.61 47.84
C SER UA 45 -9.18 104.09 47.58
N ILE UA 46 -8.15 104.94 47.65
CA ILE UA 46 -8.39 106.36 47.44
C ILE UA 46 -8.75 106.62 45.98
N GLU UA 47 -8.11 105.92 45.04
CA GLU UA 47 -8.53 106.05 43.64
C GLU UA 47 -9.97 105.62 43.46
N PHE UA 48 -10.35 104.49 44.08
CA PHE UA 48 -11.70 103.97 43.96
C PHE UA 48 -12.74 104.94 44.52
N VAL UA 49 -12.44 105.55 45.67
CA VAL UA 49 -13.39 106.46 46.30
C VAL UA 49 -13.34 107.88 45.76
N ASP UA 50 -12.30 108.23 45.00
CA ASP UA 50 -12.24 109.56 44.39
C ASP UA 50 -12.81 109.60 42.98
N LEU UA 51 -12.63 108.53 42.20
CA LEU UA 51 -13.07 108.56 40.81
C LEU UA 51 -14.54 108.22 40.65
N ILE UA 52 -15.25 107.87 41.73
CA ILE UA 52 -16.67 107.56 41.64
C ILE UA 52 -17.48 108.82 41.33
N VAL UA 53 -17.11 109.95 41.91
CA VAL UA 53 -17.91 111.16 41.83
C VAL UA 53 -17.20 112.22 40.99
N SER UA 54 -16.41 111.77 40.02
CA SER UA 54 -15.71 112.67 39.13
C SER UA 54 -16.54 113.07 37.91
N ASN UA 55 -17.76 112.56 37.79
CA ASN UA 55 -18.63 112.82 36.64
C ASN UA 55 -19.96 113.40 37.11
N ILE UA 56 -20.82 113.72 36.15
CA ILE UA 56 -22.08 114.43 36.44
C ILE UA 56 -23.14 113.34 36.68
N THR UA 57 -23.16 112.86 37.93
CA THR UA 57 -24.21 111.97 38.44
C THR UA 57 -24.46 110.80 37.49
N GLU UA 58 -23.37 110.18 37.04
CA GLU UA 58 -23.44 109.04 36.15
C GLU UA 58 -22.28 108.10 36.46
N ASN UA 59 -22.06 107.13 35.58
CA ASN UA 59 -20.93 106.22 35.67
C ASN UA 59 -20.07 106.38 34.43
N GLY UA 60 -18.79 106.64 34.64
CA GLY UA 60 -17.90 106.90 33.52
C GLY UA 60 -17.67 105.67 32.65
N SER UA 61 -17.32 105.92 31.39
CA SER UA 61 -17.03 104.83 30.47
C SER UA 61 -15.82 104.03 30.93
N LYS UA 62 -14.74 104.72 31.29
CA LYS UA 62 -13.59 104.03 31.87
C LYS UA 62 -13.88 103.56 33.28
N PHE UA 63 -14.63 104.36 34.04
CA PHE UA 63 -14.86 104.02 35.43
C PHE UA 63 -15.80 102.84 35.60
N ASN UA 64 -16.62 102.51 34.61
CA ASN UA 64 -17.41 101.28 34.69
C ASN UA 64 -16.49 100.06 34.71
N GLU UA 65 -15.54 100.01 33.77
CA GLU UA 65 -14.58 98.92 33.73
C GLU UA 65 -13.71 98.91 34.98
N LYS UA 66 -13.28 100.10 35.44
CA LYS UA 66 -12.47 100.16 36.65
C LYS UA 66 -13.27 99.70 37.87
N LEU UA 67 -14.55 100.04 37.91
CA LEU UA 67 -15.43 99.60 38.99
C LEU UA 67 -15.55 98.09 39.02
N ASP UA 68 -15.78 97.49 37.85
CA ASP UA 68 -15.89 96.03 37.79
C ASP UA 68 -14.56 95.37 38.18
N ASP UA 69 -13.45 95.94 37.72
CA ASP UA 69 -12.13 95.39 38.05
C ASP UA 69 -11.87 95.45 39.55
N PHE UA 70 -12.16 96.59 40.17
CA PHE UA 70 -11.94 96.73 41.61
C PHE UA 70 -12.87 95.81 42.39
N ALA UA 71 -14.13 95.68 41.95
CA ALA UA 71 -15.06 94.80 42.64
C ALA UA 71 -14.58 93.36 42.60
N GLU UA 72 -14.22 92.86 41.41
CA GLU UA 72 -13.74 91.49 41.33
C GLU UA 72 -12.41 91.32 42.06
N LYS UA 73 -11.58 92.37 42.07
CA LYS UA 73 -10.30 92.30 42.79
C LYS UA 73 -10.52 92.14 44.29
N VAL UA 74 -11.45 92.92 44.86
CA VAL UA 74 -11.70 92.80 46.29
C VAL UA 74 -12.44 91.50 46.59
N VAL UA 75 -13.24 91.00 45.64
CA VAL UA 75 -13.93 89.73 45.86
C VAL UA 75 -12.94 88.58 45.93
N HIS UA 76 -11.97 88.55 45.00
CA HIS UA 76 -11.04 87.44 44.89
C HIS UA 76 -9.68 87.73 45.52
N LEU UA 77 -9.57 88.80 46.30
CA LEU UA 77 -8.31 89.15 46.94
C LEU UA 77 -8.27 88.79 48.42
N GLY UA 78 -9.43 88.60 49.06
CA GLY UA 78 -9.46 88.34 50.48
C GLY UA 78 -10.41 89.26 51.22
N TRP UA 79 -11.33 89.88 50.48
CA TRP UA 79 -12.35 90.76 51.05
C TRP UA 79 -13.72 90.22 50.62
N PRO UA 80 -14.22 89.18 51.29
CA PRO UA 80 -15.53 88.64 50.93
C PRO UA 80 -16.66 89.62 51.21
N ILE UA 81 -17.89 89.22 50.90
CA ILE UA 81 -19.03 90.12 51.06
C ILE UA 81 -19.19 90.55 52.52
N HIS UA 82 -18.82 89.69 53.46
CA HIS UA 82 -18.80 90.10 54.87
C HIS UA 82 -17.77 91.19 55.09
N PHE UA 83 -16.60 91.08 54.47
CA PHE UA 83 -15.58 92.11 54.61
C PHE UA 83 -16.03 93.41 53.96
N VAL UA 84 -16.74 93.33 52.82
CA VAL UA 84 -17.23 94.55 52.18
C VAL UA 84 -18.31 95.21 53.04
N THR UA 85 -19.14 94.40 53.70
CA THR UA 85 -20.15 94.97 54.58
C THR UA 85 -19.53 95.61 55.81
N THR UA 86 -18.49 94.99 56.37
CA THR UA 86 -17.74 95.62 57.45
C THR UA 86 -17.10 96.92 56.98
N GLY UA 87 -16.60 96.92 55.74
CA GLY UA 87 -16.06 98.14 55.17
C GLY UA 87 -17.11 99.24 55.05
N LEU UA 88 -18.32 98.86 54.67
CA LEU UA 88 -19.41 99.84 54.63
C LEU UA 88 -19.73 100.37 56.03
N ARG UA 89 -19.74 99.49 57.03
CA ARG UA 89 -20.01 99.91 58.40
C ARG UA 89 -18.95 100.90 58.89
N VAL UA 90 -17.68 100.57 58.66
CA VAL UA 90 -16.61 101.46 59.12
C VAL UA 90 -16.56 102.74 58.29
N PHE UA 91 -16.92 102.66 57.00
CA PHE UA 91 -17.14 103.86 56.20
C PHE UA 91 -18.14 104.77 56.88
N GLY UA 92 -19.29 104.22 57.27
CA GLY UA 92 -20.28 105.01 57.97
C GLY UA 92 -19.73 105.62 59.24
N LEU UA 93 -19.04 104.81 60.04
CA LEU UA 93 -18.49 105.31 61.31
C LEU UA 93 -17.56 106.50 61.08
N LEU UA 94 -16.55 106.34 60.22
CA LEU UA 94 -15.53 107.37 60.08
C LEU UA 94 -16.05 108.59 59.34
N VAL UA 95 -16.85 108.38 58.28
CA VAL UA 95 -17.44 109.52 57.59
C VAL UA 95 -18.36 110.28 58.52
N TYR UA 96 -19.16 109.57 59.32
CA TYR UA 96 -20.05 110.23 60.28
C TYR UA 96 -19.28 111.06 61.29
N THR UA 97 -18.17 110.52 61.82
CA THR UA 97 -17.36 111.29 62.75
C THR UA 97 -16.79 112.54 62.07
N ALA UA 98 -16.25 112.38 60.86
CA ALA UA 98 -15.64 113.51 60.17
C ALA UA 98 -16.66 114.60 59.85
N MET UA 99 -17.83 114.21 59.36
CA MET UA 99 -18.85 115.19 58.99
C MET UA 99 -19.60 115.73 60.20
N ARG UA 100 -19.50 115.07 61.35
CA ARG UA 100 -19.81 115.75 62.62
C ARG UA 100 -18.77 116.83 62.90
N ASP UA 101 -17.50 116.53 62.67
CA ASP UA 101 -16.45 117.51 62.94
C ASP UA 101 -16.32 118.52 61.80
N GLU UA 102 -16.06 118.04 60.58
CA GLU UA 102 -15.79 118.94 59.46
C GLU UA 102 -17.06 119.64 58.98
N ASP UA 103 -18.17 118.90 58.93
CA ASP UA 103 -19.48 119.45 58.54
C ASP UA 103 -19.44 120.06 57.13
N LEU UA 104 -19.18 119.20 56.15
CA LEU UA 104 -19.21 119.58 54.74
C LEU UA 104 -20.14 118.62 54.01
N PHE UA 105 -21.30 119.13 53.59
CA PHE UA 105 -22.34 118.31 52.99
C PHE UA 105 -22.52 118.69 51.51
N LEU UA 106 -23.55 118.11 50.88
CA LEU UA 106 -23.78 118.31 49.46
C LEU UA 106 -24.05 119.78 49.13
N LYS UA 107 -24.84 120.46 49.96
CA LYS UA 107 -25.21 121.84 49.72
C LYS UA 107 -24.41 122.75 50.64
N ARG UA 108 -23.82 123.80 50.06
CA ARG UA 108 -23.07 124.79 50.83
C ARG UA 108 -24.05 125.59 51.68
N GLU UA 109 -24.08 125.29 52.97
CA GLU UA 109 -25.01 125.94 53.88
C GLU UA 109 -24.41 125.94 55.28
N GLU UA 110 -24.95 126.83 56.12
CA GLU UA 110 -24.47 126.93 57.50
C GLU UA 110 -24.71 125.62 58.26
N LYS UA 111 -25.89 125.03 58.08
CA LYS UA 111 -26.24 123.77 58.72
C LYS UA 111 -27.28 123.03 57.88
N PRO UA 112 -26.84 122.31 56.86
CA PRO UA 112 -27.78 121.55 56.03
C PRO UA 112 -28.49 120.47 56.83
N GLU UA 113 -29.74 120.18 56.44
CA GLU UA 113 -30.59 119.26 57.18
C GLU UA 113 -30.22 117.83 56.83
N ASP UA 114 -31.08 116.88 57.23
CA ASP UA 114 -30.79 115.46 57.09
C ASP UA 114 -30.91 114.96 55.65
N ASP UA 115 -31.44 115.77 54.73
CA ASP UA 115 -31.66 115.33 53.36
C ASP UA 115 -30.35 114.90 52.70
N ALA UA 116 -29.42 115.83 52.50
CA ALA UA 116 -28.12 115.47 51.95
C ALA UA 116 -27.30 114.66 52.95
N TYR UA 117 -27.50 114.94 54.25
CA TYR UA 117 -26.90 114.18 55.34
C TYR UA 117 -27.01 112.67 55.08
N TYR UA 118 -28.16 112.22 54.59
CA TYR UA 118 -28.32 110.81 54.24
C TYR UA 118 -28.28 110.54 52.74
N ARG UA 119 -28.37 111.57 51.89
CA ARG UA 119 -28.12 111.34 50.46
C ARG UA 119 -26.70 110.87 50.23
N PHE UA 120 -25.77 111.30 51.09
CA PHE UA 120 -24.44 110.71 51.10
C PHE UA 120 -24.52 109.19 51.17
N GLU UA 121 -25.28 108.68 52.15
CA GLU UA 121 -25.42 107.25 52.32
C GLU UA 121 -26.21 106.62 51.18
N THR UA 122 -27.13 107.37 50.56
CA THR UA 122 -27.84 106.84 49.41
C THR UA 122 -26.87 106.55 48.26
N TRP UA 123 -25.97 107.50 47.99
CA TRP UA 123 -24.98 107.27 46.94
C TRP UA 123 -24.02 106.15 47.31
N LEU UA 124 -23.62 106.09 48.60
CA LEU UA 124 -22.76 104.99 49.03
C LEU UA 124 -23.46 103.65 48.87
N SER UA 125 -24.75 103.59 49.15
CA SER UA 125 -25.52 102.35 49.01
C SER UA 125 -25.70 101.98 47.55
N SER UA 126 -25.85 102.96 46.66
CA SER UA 126 -25.87 102.65 45.23
C SER UA 126 -24.53 102.08 44.78
N MET UA 127 -23.44 102.64 45.28
CA MET UA 127 -22.12 102.07 44.99
C MET UA 127 -22.00 100.65 45.50
N TYR UA 128 -22.49 100.38 46.70
CA TYR UA 128 -22.45 99.03 47.25
C TYR UA 128 -23.35 98.08 46.46
N ASN UA 129 -24.47 98.59 45.93
CA ASN UA 129 -25.30 97.80 45.03
C ASN UA 129 -24.54 97.41 43.78
N LYS UA 130 -23.80 98.35 43.19
CA LYS UA 130 -22.97 98.01 42.03
C LYS UA 130 -21.91 96.98 42.39
N VAL UA 131 -21.33 97.13 43.59
CA VAL UA 131 -20.30 96.20 44.04
C VAL UA 131 -20.86 94.78 44.13
N VAL UA 132 -22.02 94.63 44.76
CA VAL UA 132 -22.60 93.29 44.90
C VAL UA 132 -23.10 92.76 43.55
N THR UA 133 -23.53 93.65 42.65
CA THR UA 133 -23.91 93.21 41.31
C THR UA 133 -22.72 92.61 40.58
N ALA UA 134 -21.55 93.27 40.67
CA ALA UA 134 -20.35 92.72 40.07
C ALA UA 134 -19.90 91.45 40.80
N TYR UA 135 -20.18 91.37 42.10
CA TYR UA 135 -19.93 90.13 42.84
C TYR UA 135 -20.73 88.97 42.26
N ALA UA 136 -22.01 89.22 41.95
CA ALA UA 136 -22.92 88.14 41.58
C ALA UA 136 -22.79 87.74 40.12
N ASP UA 137 -22.60 88.71 39.21
CA ASP UA 137 -22.72 88.42 37.78
C ASP UA 137 -21.69 87.39 37.32
N THR UA 138 -20.41 87.72 37.42
CA THR UA 138 -19.37 86.83 36.90
C THR UA 138 -19.33 85.51 37.67
N TRP UA 139 -19.63 85.54 38.96
CA TRP UA 139 -19.66 84.30 39.73
C TRP UA 139 -20.76 83.37 39.25
N GLU UA 140 -21.95 83.92 38.97
CA GLU UA 140 -23.02 83.10 38.42
C GLU UA 140 -22.65 82.58 37.03
N LYS UA 141 -21.99 83.41 36.22
CA LYS UA 141 -21.58 82.97 34.89
C LYS UA 141 -20.62 81.79 34.96
N THR UA 142 -19.60 81.89 35.82
CA THR UA 142 -18.65 80.79 35.94
C THR UA 142 -19.29 79.57 36.59
N VAL UA 143 -20.24 79.76 37.51
CA VAL UA 143 -20.96 78.63 38.08
C VAL UA 143 -21.76 77.92 36.99
N SER UA 144 -22.38 78.68 36.08
CA SER UA 144 -23.16 78.06 35.01
C SER UA 144 -22.26 77.30 34.05
N ILE UA 145 -21.15 77.90 33.62
CA ILE UA 145 -20.27 77.19 32.69
C ILE UA 145 -19.65 75.95 33.35
N GLN UA 146 -19.35 76.03 34.64
CA GLN UA 146 -18.76 74.90 35.34
C GLN UA 146 -19.79 73.80 35.63
N LYS UA 147 -21.06 74.18 35.82
CA LYS UA 147 -22.15 73.20 35.82
C LYS UA 147 -22.27 72.52 34.47
N SER UA 148 -22.12 73.27 33.39
CA SER UA 148 -22.14 72.65 32.06
C SER UA 148 -20.98 71.67 31.90
N ALA UA 149 -19.81 72.05 32.41
CA ALA UA 149 -18.66 71.15 32.37
C ALA UA 149 -18.93 69.87 33.16
N LEU UA 150 -19.56 69.98 34.32
CA LEU UA 150 -19.97 68.79 35.06
C LEU UA 150 -20.98 67.97 34.27
N GLN UA 151 -21.90 68.65 33.57
CA GLN UA 151 -22.92 67.97 32.79
C GLN UA 151 -22.30 67.12 31.70
N GLU UA 152 -21.33 67.68 30.96
CA GLU UA 152 -20.77 66.94 29.84
C GLU UA 152 -19.91 65.77 30.29
N LEU UA 153 -19.24 65.89 31.43
CA LEU UA 153 -18.39 64.83 31.96
C LEU UA 153 -19.15 63.81 32.80
N SER UA 154 -20.48 63.71 32.61
CA SER UA 154 -21.28 62.82 33.45
C SER UA 154 -21.21 61.37 32.98
N ALA UA 155 -21.69 61.10 31.77
CA ALA UA 155 -21.83 59.74 31.26
C ALA UA 155 -21.19 59.64 29.88
N PRO UA 156 -19.87 59.55 29.82
CA PRO UA 156 -19.19 59.44 28.52
C PRO UA 156 -19.24 58.00 28.01
N LEU UA 157 -20.09 57.77 27.01
CA LEU UA 157 -20.14 56.48 26.35
C LEU UA 157 -19.09 56.33 25.26
N LEU UA 158 -18.33 57.40 25.00
CA LEU UA 158 -17.28 57.43 23.98
C LEU UA 158 -16.33 56.23 24.07
N PRO UA 159 -16.04 55.68 25.25
CA PRO UA 159 -15.35 54.39 25.28
C PRO UA 159 -16.16 53.32 24.59
N ILE UA 160 -15.65 52.79 23.47
CA ILE UA 160 -16.35 51.82 22.65
C ILE UA 160 -15.39 50.69 22.29
N PHE UA 161 -15.97 49.54 21.96
CA PHE UA 161 -15.24 48.44 21.34
C PHE UA 161 -16.00 48.08 20.06
N GLU UA 162 -15.65 46.99 19.40
CA GLU UA 162 -16.40 46.56 18.23
C GLU UA 162 -17.74 46.00 18.68
N LYS UA 163 -18.81 46.77 18.49
CA LYS UA 163 -20.16 46.41 18.88
C LYS UA 163 -20.31 46.20 20.38
N ILE UA 164 -19.40 46.76 21.17
CA ILE UA 164 -19.45 46.66 22.63
C ILE UA 164 -19.14 48.03 23.21
N SER UA 165 -20.07 48.60 23.95
CA SER UA 165 -19.87 49.90 24.58
C SER UA 165 -19.56 49.72 26.07
N VAL UA 166 -19.07 50.79 26.68
CA VAL UA 166 -18.80 50.81 28.11
C VAL UA 166 -18.93 52.24 28.61
N MET UA 167 -19.60 52.40 29.74
CA MET UA 167 -19.99 53.72 30.27
C MET UA 167 -19.40 53.90 31.66
N PRO UA 168 -18.22 54.49 31.77
CA PRO UA 168 -17.62 54.70 33.09
C PRO UA 168 -18.24 55.87 33.81
N LEU UA 169 -18.55 55.67 35.09
CA LEU UA 169 -19.02 56.73 35.97
C LEU UA 169 -18.25 56.64 37.28
N ILE UA 170 -17.77 57.79 37.76
CA ILE UA 170 -16.93 57.81 38.96
C ILE UA 170 -17.38 58.83 40.00
N GLY UA 171 -18.10 59.88 39.64
CA GLY UA 171 -18.54 60.83 40.64
C GLY UA 171 -19.76 60.34 41.42
N THR UA 172 -19.93 60.88 42.62
CA THR UA 172 -21.09 60.56 43.42
C THR UA 172 -22.36 61.01 42.70
N ILE UA 173 -23.35 60.13 42.66
CA ILE UA 173 -24.52 60.31 41.80
C ILE UA 173 -25.71 60.70 42.65
N ASP UA 174 -26.37 61.79 42.27
CA ASP UA 174 -27.65 62.19 42.82
C ASP UA 174 -28.74 61.94 41.78
N THR UA 175 -29.97 62.36 42.10
CA THR UA 175 -31.08 62.08 41.20
C THR UA 175 -30.92 62.83 39.87
N GLU UA 176 -30.35 64.02 39.90
CA GLU UA 176 -30.11 64.75 38.66
C GLU UA 176 -29.06 64.04 37.81
N ARG UA 177 -27.95 63.65 38.42
CA ARG UA 177 -26.96 62.88 37.69
C ARG UA 177 -27.50 61.51 37.30
N ALA UA 178 -28.43 60.97 38.09
CA ALA UA 178 -29.07 59.72 37.70
C ALA UA 178 -29.86 59.89 36.41
N LYS UA 179 -30.65 60.96 36.32
CA LYS UA 179 -31.38 61.23 35.09
C LYS UA 179 -30.42 61.46 33.92
N LEU UA 180 -29.33 62.19 34.17
CA LEU UA 180 -28.31 62.37 33.14
C LEU UA 180 -27.81 61.03 32.64
N ILE UA 181 -27.52 60.12 33.57
CA ILE UA 181 -27.03 58.80 33.20
C ILE UA 181 -28.05 58.08 32.34
N ILE UA 182 -29.32 58.12 32.74
CA ILE UA 182 -30.36 57.40 32.00
C ILE UA 182 -30.46 57.92 30.57
N GLU UA 183 -30.60 59.23 30.42
CA GLU UA 183 -30.78 59.78 29.08
C GLU UA 183 -29.54 59.56 28.23
N ASN UA 184 -28.35 59.81 28.78
CA ASN UA 184 -27.14 59.64 28.00
C ASN UA 184 -26.95 58.19 27.58
N LEU UA 185 -27.20 57.25 28.49
CA LEU UA 185 -27.01 55.84 28.17
C LEU UA 185 -27.98 55.39 27.09
N LEU UA 186 -29.26 55.78 27.21
CA LEU UA 186 -30.22 55.35 26.19
C LEU UA 186 -29.91 55.98 24.83
N ILE UA 187 -29.59 57.27 24.81
CA ILE UA 187 -29.27 57.92 23.55
C ILE UA 187 -28.04 57.29 22.91
N GLY UA 188 -27.02 57.01 23.72
CA GLY UA 188 -25.82 56.40 23.18
C GLY UA 188 -26.04 55.00 22.67
N VAL UA 189 -26.82 54.19 23.39
CA VAL UA 189 -27.06 52.83 22.92
C VAL UA 189 -27.92 52.84 21.67
N VAL UA 190 -28.78 53.84 21.52
CA VAL UA 190 -29.53 53.97 20.28
C VAL UA 190 -28.59 54.36 19.13
N LYS UA 191 -27.72 55.33 19.37
CA LYS UA 191 -26.90 55.85 18.27
C LYS UA 191 -25.84 54.84 17.84
N ASN UA 192 -25.13 54.24 18.79
CA ASN UA 192 -24.02 53.36 18.49
C ASN UA 192 -24.44 51.99 18.02
N ARG UA 193 -25.72 51.64 18.17
CA ARG UA 193 -26.22 50.32 17.74
C ARG UA 193 -25.41 49.19 18.35
N SER UA 194 -25.06 49.35 19.63
CA SER UA 194 -24.20 48.41 20.32
C SER UA 194 -24.98 47.13 20.65
N GLU UA 195 -24.27 46.17 21.24
CA GLU UA 195 -24.86 44.91 21.67
C GLU UA 195 -24.77 44.67 23.15
N VAL UA 196 -23.67 45.05 23.79
CA VAL UA 196 -23.49 44.89 25.23
C VAL UA 196 -22.98 46.21 25.79
N VAL UA 197 -23.59 46.66 26.89
CA VAL UA 197 -23.20 47.89 27.55
C VAL UA 197 -22.72 47.54 28.95
N LEU UA 198 -21.49 47.94 29.29
CA LEU UA 198 -20.91 47.66 30.60
C LEU UA 198 -20.93 48.94 31.42
N ILE UA 199 -21.88 49.03 32.34
CA ILE UA 199 -21.92 50.16 33.26
C ILE UA 199 -20.84 49.95 34.32
N ASP UA 200 -19.99 50.95 34.49
CA ASP UA 200 -18.87 50.87 35.44
C ASP UA 200 -19.29 51.56 36.73
N ILE UA 201 -19.82 50.77 37.67
CA ILE UA 201 -20.22 51.32 38.96
C ILE UA 201 -18.99 51.72 39.77
N THR UA 202 -17.87 51.04 39.57
CA THR UA 202 -16.65 51.36 40.32
C THR UA 202 -16.27 52.82 40.11
N GLY UA 203 -16.00 53.51 41.21
CA GLY UA 203 -15.69 54.92 41.17
C GLY UA 203 -16.55 55.72 42.13
N VAL UA 204 -17.81 55.34 42.27
CA VAL UA 204 -18.74 56.00 43.18
C VAL UA 204 -18.67 55.29 44.53
N PRO UA 205 -18.39 56.00 45.62
CA PRO UA 205 -18.29 55.35 46.93
C PRO UA 205 -19.61 54.80 47.44
N VAL UA 206 -20.62 55.67 47.52
CA VAL UA 206 -21.92 55.32 48.08
C VAL UA 206 -22.99 55.80 47.13
N VAL UA 207 -23.98 54.95 46.88
CA VAL UA 207 -25.09 55.25 45.98
C VAL UA 207 -26.37 55.31 46.80
N ASP UA 208 -27.12 56.39 46.63
CA ASP UA 208 -28.41 56.52 47.31
C ASP UA 208 -29.37 55.45 46.83
N THR UA 209 -30.31 55.08 47.70
CA THR UA 209 -31.24 54.00 47.38
C THR UA 209 -32.04 54.31 46.13
N MET UA 210 -32.54 55.55 46.02
CA MET UA 210 -33.28 55.95 44.83
C MET UA 210 -32.39 55.91 43.59
N VAL UA 211 -31.13 56.29 43.75
CA VAL UA 211 -30.19 56.22 42.63
C VAL UA 211 -29.98 54.78 42.19
N ALA UA 212 -29.86 53.86 43.16
CA ALA UA 212 -29.73 52.45 42.82
C ALA UA 212 -30.98 51.94 42.11
N HIS UA 213 -32.15 52.41 42.53
CA HIS UA 213 -33.39 52.06 41.85
C HIS UA 213 -33.35 52.49 40.39
N HIS UA 214 -32.94 53.74 40.15
CA HIS UA 214 -32.84 54.21 38.77
C HIS UA 214 -31.79 53.43 37.99
N ILE UA 215 -30.70 53.01 38.63
CA ILE UA 215 -29.71 52.19 37.94
C ILE UA 215 -30.31 50.85 37.54
N ILE UA 216 -31.12 50.26 38.43
CA ILE UA 216 -31.75 48.99 38.12
C ILE UA 216 -32.71 49.15 36.94
N GLN UA 217 -33.53 50.20 36.96
CA GLN UA 217 -34.42 50.43 35.82
C GLN UA 217 -33.63 50.75 34.55
N ALA UA 218 -32.47 51.37 34.68
CA ALA UA 218 -31.63 51.61 33.51
C ALA UA 218 -31.18 50.30 32.90
N SER UA 219 -30.72 49.37 33.74
CA SER UA 219 -30.32 48.06 33.24
C SER UA 219 -31.50 47.35 32.58
N GLU UA 220 -32.67 47.40 33.21
CA GLU UA 220 -33.84 46.74 32.64
C GLU UA 220 -34.22 47.36 31.30
N ALA UA 221 -34.21 48.69 31.20
CA ALA UA 221 -34.55 49.35 29.95
C ALA UA 221 -33.53 49.05 28.86
N VAL UA 222 -32.24 49.00 29.21
CA VAL UA 222 -31.23 48.66 28.21
C VAL UA 222 -31.45 47.24 27.71
N ARG UA 223 -31.78 46.32 28.62
CA ARG UA 223 -32.12 44.97 28.18
C ARG UA 223 -33.34 44.98 27.28
N LEU UA 224 -34.32 45.84 27.59
CA LEU UA 224 -35.55 45.90 26.82
C LEU UA 224 -35.31 46.44 25.42
N VAL UA 225 -34.37 47.37 25.26
CA VAL UA 225 -34.04 47.87 23.93
C VAL UA 225 -33.40 46.77 23.09
N GLY UA 226 -32.71 45.83 23.72
CA GLY UA 226 -32.10 44.74 23.00
C GLY UA 226 -30.60 44.64 23.17
N CYS UA 227 -30.10 45.09 24.32
CA CYS UA 227 -28.68 45.01 24.62
C CYS UA 227 -28.50 44.60 26.08
N GLN UA 228 -27.65 43.61 26.32
CA GLN UA 228 -27.37 43.18 27.69
C GLN UA 228 -26.61 44.26 28.45
N ALA UA 229 -26.88 44.35 29.74
CA ALA UA 229 -26.26 45.36 30.61
C ALA UA 229 -25.40 44.66 31.65
N MET UA 230 -24.09 44.67 31.44
CA MET UA 230 -23.13 44.10 32.39
C MET UA 230 -22.79 45.18 33.42
N LEU UA 231 -23.50 45.16 34.54
CA LEU UA 231 -23.20 46.08 35.64
C LEU UA 231 -21.91 45.61 36.30
N VAL UA 232 -20.78 46.18 35.90
CA VAL UA 232 -19.46 45.67 36.25
C VAL UA 232 -18.82 46.58 37.28
N GLY UA 233 -18.30 45.99 38.35
CA GLY UA 233 -17.52 46.72 39.32
C GLY UA 233 -18.30 47.22 40.51
N ILE UA 234 -19.22 46.40 40.99
CA ILE UA 234 -20.05 46.78 42.12
C ILE UA 234 -19.22 46.83 43.40
N ARG UA 235 -19.60 47.71 44.32
CA ARG UA 235 -18.92 47.84 45.61
C ARG UA 235 -19.77 47.26 46.73
N PRO UA 236 -19.16 46.80 47.83
CA PRO UA 236 -19.94 46.18 48.91
C PRO UA 236 -21.04 47.04 49.49
N GLU UA 237 -20.81 48.34 49.69
CA GLU UA 237 -21.86 49.19 50.25
C GLU UA 237 -23.00 49.37 49.26
N ILE UA 238 -22.66 49.54 47.98
CA ILE UA 238 -23.70 49.65 46.95
C ILE UA 238 -24.49 48.36 46.85
N ALA UA 239 -23.81 47.22 47.01
CA ALA UA 239 -24.51 45.93 47.05
C ALA UA 239 -25.45 45.87 48.25
N GLN UA 240 -24.98 46.34 49.41
CA GLN UA 240 -25.83 46.49 50.59
C GLN UA 240 -27.13 47.19 50.24
N TPO UA 241 -26.99 48.38 49.67
CA TPO UA 241 -28.14 49.22 49.37
CB TPO UA 241 -27.68 50.61 48.94
CG2 TPO UA 241 -28.54 51.22 47.85
OG1 TPO UA 241 -27.73 51.45 50.10
P TPO UA 241 -26.32 52.22 50.20
O1P TPO UA 241 -26.49 53.72 49.66
O2P TPO UA 241 -25.87 52.25 51.61
O3P TPO UA 241 -25.23 51.45 49.30
C TPO UA 241 -29.06 48.59 48.31
O TPO UA 241 -30.29 48.68 48.42
N ILE UA 242 -28.47 47.95 47.32
CA ILE UA 242 -29.24 47.34 46.24
C ILE UA 242 -30.07 46.17 46.76
N VAL UA 243 -29.45 45.27 47.54
CA VAL UA 243 -30.22 44.15 48.07
C VAL UA 243 -31.18 44.64 49.15
N ASN UA 244 -30.87 45.76 49.82
CA ASN UA 244 -31.83 46.34 50.75
C ASN UA 244 -33.06 46.87 50.02
N LEU UA 245 -32.87 47.37 48.79
CA LEU UA 245 -34.01 47.79 47.99
C LEU UA 245 -35.00 46.65 47.80
N GLY UA 246 -34.51 45.43 47.65
CA GLY UA 246 -35.36 44.27 47.59
C GLY UA 246 -35.97 43.98 46.24
N ILE UA 247 -35.60 44.72 45.20
CA ILE UA 247 -36.12 44.41 43.87
C ILE UA 247 -35.53 43.11 43.37
N GLU UA 248 -36.22 42.50 42.40
CA GLU UA 248 -35.74 41.26 41.81
C GLU UA 248 -34.41 41.48 41.11
N LEU UA 249 -33.46 40.57 41.35
CA LEU UA 249 -32.10 40.69 40.86
C LEU UA 249 -31.66 39.39 40.19
N ASP UA 250 -32.56 38.81 39.39
CA ASP UA 250 -32.26 37.61 38.64
C ASP UA 250 -32.09 37.88 37.15
N GLN UA 251 -32.00 39.14 36.75
CA GLN UA 251 -31.91 39.49 35.35
C GLN UA 251 -30.62 40.19 34.97
N ILE UA 252 -29.94 40.84 35.91
CA ILE UA 252 -28.72 41.58 35.62
C ILE UA 252 -27.52 40.67 35.84
N ILE UA 253 -26.51 40.83 34.99
CA ILE UA 253 -25.29 40.05 35.08
C ILE UA 253 -24.16 41.00 35.45
N THR UA 254 -23.48 40.71 36.56
CA THR UA 254 -22.43 41.58 37.07
C THR UA 254 -21.08 40.89 36.96
N THR UA 255 -20.03 41.69 37.14
CA THR UA 255 -18.67 41.20 37.12
C THR UA 255 -17.81 42.10 37.98
N ASN UA 256 -16.90 41.51 38.75
CA ASN UA 256 -16.14 42.28 39.73
C ASN UA 256 -15.14 43.24 39.07
N THR UA 257 -14.47 42.80 38.01
CA THR UA 257 -13.45 43.62 37.36
C THR UA 257 -13.81 43.86 35.90
N MET UA 258 -13.26 44.95 35.37
CA MET UA 258 -13.60 45.37 34.01
C MET UA 258 -13.11 44.38 32.97
N LYS UA 259 -11.93 43.80 33.16
CA LYS UA 259 -11.40 42.86 32.17
C LYS UA 259 -12.24 41.59 32.10
N LYS UA 260 -12.66 41.07 33.25
CA LYS UA 260 -13.52 39.90 33.24
C LYS UA 260 -14.89 40.23 32.65
N GLY UA 261 -15.39 41.43 32.91
CA GLY UA 261 -16.62 41.86 32.26
C GLY UA 261 -16.47 41.92 30.75
N MET UA 262 -15.32 42.40 30.28
CA MET UA 262 -15.08 42.49 28.84
C MET UA 262 -15.03 41.10 28.21
N GLU UA 263 -14.34 40.16 28.87
CA GLU UA 263 -14.29 38.81 28.30
C GLU UA 263 -15.65 38.13 28.35
N ARG UA 264 -16.45 38.43 29.39
CA ARG UA 264 -17.82 37.91 29.42
C ARG UA 264 -18.65 38.47 28.27
N ALA UA 265 -18.53 39.78 28.02
CA ALA UA 265 -19.26 40.38 26.91
C ALA UA 265 -18.83 39.78 25.58
N LEU UA 266 -17.52 39.56 25.41
CA LEU UA 266 -17.05 38.86 24.22
C LEU UA 266 -17.58 37.44 24.15
N ALA UA 267 -17.79 36.80 25.31
CA ALA UA 267 -18.38 35.48 25.33
C ALA UA 267 -19.83 35.51 24.84
N LEU UA 268 -20.57 36.56 25.18
CA LEU UA 268 -21.94 36.68 24.70
C LEU UA 268 -21.98 36.71 23.18
N THR UA 269 -21.11 37.49 22.56
CA THR UA 269 -20.92 37.47 21.11
C THR UA 269 -19.95 36.33 20.80
N ASN UA 270 -20.50 35.11 20.79
CA ASN UA 270 -19.71 33.89 20.88
C ASN UA 270 -18.56 33.85 19.88
N ARG UA 271 -18.81 34.31 18.65
CA ARG UA 271 -17.76 34.29 17.64
C ARG UA 271 -16.72 35.38 17.86
N GLU UA 272 -17.05 36.41 18.66
CA GLU UA 272 -16.17 37.57 18.84
C GLU UA 272 -15.17 37.38 19.96
N ILE UA 273 -14.82 36.13 20.30
CA ILE UA 273 -13.73 35.91 21.25
C ILE UA 273 -12.37 36.21 20.65
N VAL UA 274 -12.29 36.37 19.33
CA VAL UA 274 -11.04 36.67 18.66
C VAL UA 274 -10.94 38.15 18.33
N MET VA 1 -96.18 81.59 -3.29
CA MET VA 1 -96.25 82.82 -4.07
C MET VA 1 -94.86 83.29 -4.48
N TYR VA 2 -94.05 82.35 -4.96
CA TYR VA 2 -92.67 82.66 -5.34
C TYR VA 2 -92.57 83.48 -6.62
N LYS VA 3 -93.68 83.73 -7.32
CA LYS VA 3 -93.63 84.57 -8.52
C LYS VA 3 -93.22 86.00 -8.16
N ASP VA 4 -94.02 86.66 -7.32
CA ASP VA 4 -93.65 88.00 -6.88
C ASP VA 4 -92.37 87.98 -6.04
N PHE VA 5 -92.10 86.87 -5.37
CA PHE VA 5 -90.84 86.74 -4.64
C PHE VA 5 -89.65 86.83 -5.58
N ALA VA 6 -89.73 86.14 -6.73
CA ALA VA 6 -88.67 86.25 -7.72
C ALA VA 6 -88.64 87.64 -8.35
N ASN VA 7 -89.82 88.23 -8.56
CA ASN VA 7 -89.88 89.58 -9.10
C ASN VA 7 -89.14 90.57 -8.20
N PHE VA 8 -89.26 90.40 -6.88
CA PHE VA 8 -88.58 91.29 -5.96
C PHE VA 8 -87.12 90.89 -5.73
N ILE VA 9 -86.79 89.61 -5.87
CA ILE VA 9 -85.39 89.19 -5.80
C ILE VA 9 -84.62 89.74 -7.00
N ARG VA 10 -85.30 89.92 -8.13
CA ARG VA 10 -84.67 90.54 -9.30
C ARG VA 10 -84.13 91.93 -8.98
N THR VA 11 -84.69 92.61 -7.98
CA THR VA 11 -84.16 93.89 -7.51
C THR VA 11 -83.27 93.74 -6.28
N ASN VA 12 -83.57 92.78 -5.41
CA ASN VA 12 -82.77 92.55 -4.22
C ASN VA 12 -81.41 91.94 -4.53
N LYS VA 13 -81.19 91.48 -5.76
CA LYS VA 13 -79.86 91.01 -6.14
C LYS VA 13 -78.84 92.13 -6.04
N LYS VA 14 -79.21 93.34 -6.44
CA LYS VA 14 -78.30 94.49 -6.31
C LYS VA 14 -78.02 94.81 -4.85
N ASP VA 15 -79.04 94.69 -3.99
CA ASP VA 15 -78.83 94.91 -2.56
C ASP VA 15 -77.88 93.87 -1.98
N LEU VA 16 -78.03 92.62 -2.39
CA LEU VA 16 -77.11 91.57 -1.92
C LEU VA 16 -75.71 91.77 -2.46
N LEU VA 17 -75.57 92.26 -3.70
CA LEU VA 17 -74.25 92.56 -4.23
C LEU VA 17 -73.60 93.73 -3.49
N ASN VA 18 -74.40 94.74 -3.12
CA ASN VA 18 -73.89 95.80 -2.27
C ASN VA 18 -73.45 95.24 -0.92
N ASN VA 19 -74.20 94.28 -0.39
CA ASN VA 19 -73.83 93.65 0.87
C ASN VA 19 -72.49 92.92 0.74
N TRP VA 20 -72.30 92.19 -0.37
CA TRP VA 20 -71.03 91.52 -0.62
C TRP VA 20 -69.90 92.53 -0.77
N MET VA 21 -70.17 93.65 -1.45
CA MET VA 21 -69.20 94.74 -1.55
C MET VA 21 -68.80 95.24 -0.17
N ASN VA 22 -69.77 95.34 0.74
CA ASN VA 22 -69.48 95.80 2.08
C ASN VA 22 -68.68 94.76 2.88
N GLU VA 23 -68.99 93.48 2.70
CA GLU VA 23 -68.45 92.44 3.57
C GLU VA 23 -66.99 92.11 3.30
N MET VA 24 -66.44 92.51 2.16
CA MET VA 24 -65.04 92.17 1.89
C MET VA 24 -64.07 93.06 2.65
N GLU VA 25 -64.44 94.31 2.89
CA GLU VA 25 -63.50 95.25 3.51
C GLU VA 25 -63.27 94.96 4.99
N LYS VA 26 -64.18 94.24 5.66
CA LYS VA 26 -64.01 93.99 7.08
C LYS VA 26 -62.83 93.04 7.35
N GLN VA 27 -62.63 92.05 6.49
CA GLN VA 27 -61.59 91.05 6.72
C GLN VA 27 -61.16 90.42 5.41
N SER VA 28 -59.85 90.39 5.17
CA SER VA 28 -59.24 89.65 4.05
C SER VA 28 -59.84 90.06 2.71
N ASP VA 29 -59.91 91.36 2.46
CA ASP VA 29 -60.40 91.84 1.17
C ASP VA 29 -59.52 91.39 0.01
N PRO VA 30 -58.19 91.58 0.01
CA PRO VA 30 -57.40 91.09 -1.12
C PRO VA 30 -57.48 89.58 -1.30
N LEU VA 31 -57.52 88.82 -0.20
CA LEU VA 31 -57.58 87.37 -0.29
C LEU VA 31 -58.88 86.93 -0.97
N ILE VA 32 -60.01 87.47 -0.53
CA ILE VA 32 -61.30 87.11 -1.12
C ILE VA 32 -61.36 87.55 -2.58
N ASN VA 33 -60.90 88.77 -2.87
CA ASN VA 33 -60.91 89.25 -4.26
C ASN VA 33 -59.98 88.45 -5.15
N ASP VA 34 -58.96 87.79 -4.57
CA ASP VA 34 -58.06 86.96 -5.36
C ASP VA 34 -58.67 85.58 -5.61
N ILE VA 35 -59.13 84.91 -4.54
CA ILE VA 35 -59.67 83.56 -4.70
C ILE VA 35 -60.99 83.59 -5.48
N ALA VA 36 -61.79 84.63 -5.27
CA ALA VA 36 -63.08 84.76 -5.96
C ALA VA 36 -63.22 86.21 -6.43
N LYS VA 37 -63.02 86.44 -7.72
CA LYS VA 37 -63.11 87.78 -8.26
C LYS VA 37 -64.54 88.29 -8.22
N GLU VA 38 -64.69 89.60 -8.37
CA GLU VA 38 -66.00 90.24 -8.21
C GLU VA 38 -67.03 89.74 -9.22
N PRO VA 39 -66.76 89.67 -10.54
CA PRO VA 39 -67.82 89.25 -11.46
C PRO VA 39 -68.30 87.82 -11.24
N MET VA 40 -67.36 86.87 -11.10
CA MET VA 40 -67.74 85.47 -10.93
C MET VA 40 -68.52 85.27 -9.63
N TYR VA 41 -68.03 85.85 -8.53
CA TYR VA 41 -68.72 85.69 -7.26
C TYR VA 41 -70.08 86.36 -7.28
N GLU VA 42 -70.19 87.53 -7.91
CA GLU VA 42 -71.47 88.22 -8.00
C GLU VA 42 -72.48 87.40 -8.80
N GLU VA 43 -72.08 86.87 -9.95
CA GLU VA 43 -73.01 86.10 -10.75
C GLU VA 43 -73.39 84.80 -10.05
N THR VA 44 -72.43 84.15 -9.38
CA THR VA 44 -72.76 82.94 -8.62
C THR VA 44 -73.75 83.24 -7.51
N SER VA 45 -73.54 84.34 -6.78
CA SER VA 45 -74.44 84.69 -5.68
C SER VA 45 -75.83 85.02 -6.20
N ILE VA 46 -75.94 85.78 -7.28
CA ILE VA 46 -77.25 86.15 -7.79
C ILE VA 46 -77.98 84.93 -8.33
N GLU VA 47 -77.26 84.03 -9.00
CA GLU VA 47 -77.89 82.79 -9.46
C GLU VA 47 -78.36 81.94 -8.28
N PHE VA 48 -77.54 81.85 -7.22
CA PHE VA 48 -77.90 81.06 -6.06
C PHE VA 48 -79.13 81.63 -5.36
N VAL VA 49 -79.23 82.95 -5.27
CA VAL VA 49 -80.38 83.55 -4.59
C VAL VA 49 -81.61 83.66 -5.50
N ASP VA 50 -81.45 83.52 -6.81
CA ASP VA 50 -82.56 83.64 -7.73
C ASP VA 50 -83.15 82.31 -8.17
N LEU VA 51 -82.38 81.21 -8.12
CA LEU VA 51 -82.91 79.93 -8.59
C LEU VA 51 -83.98 79.40 -7.66
N ILE VA 52 -83.81 79.55 -6.34
CA ILE VA 52 -84.81 79.06 -5.40
C ILE VA 52 -86.13 79.81 -5.55
N VAL VA 53 -86.06 81.13 -5.70
CA VAL VA 53 -87.25 81.97 -5.70
C VAL VA 53 -88.01 81.79 -7.02
N SER VA 54 -87.43 81.01 -7.94
CA SER VA 54 -88.07 80.69 -9.20
C SER VA 54 -88.87 79.40 -9.17
N ASN VA 55 -88.77 78.63 -8.09
CA ASN VA 55 -89.53 77.40 -7.97
C ASN VA 55 -90.99 77.70 -7.63
N ILE VA 56 -91.85 76.70 -7.80
CA ILE VA 56 -93.29 76.87 -7.54
C ILE VA 56 -93.50 76.50 -6.06
N THR VA 57 -93.19 77.47 -5.19
CA THR VA 57 -93.47 77.38 -3.75
C THR VA 57 -92.97 76.05 -3.16
N GLU VA 58 -91.98 75.45 -3.79
CA GLU VA 58 -91.49 74.14 -3.38
C GLU VA 58 -89.99 74.06 -3.63
N ASN VA 59 -89.43 72.87 -3.49
CA ASN VA 59 -88.01 72.63 -3.72
C ASN VA 59 -87.75 72.26 -5.18
N GLY VA 60 -86.51 72.47 -5.60
CA GLY VA 60 -86.11 72.14 -6.95
C GLY VA 60 -84.93 71.18 -7.00
N SER VA 61 -85.09 70.07 -7.71
CA SER VA 61 -83.99 69.09 -7.82
C SER VA 61 -82.79 69.71 -8.52
N LYS VA 62 -83.02 70.44 -9.62
CA LYS VA 62 -81.93 71.15 -10.27
C LYS VA 62 -81.34 72.20 -9.34
N PHE VA 63 -82.20 72.91 -8.60
CA PHE VA 63 -81.68 73.84 -7.61
C PHE VA 63 -81.01 73.13 -6.44
N ASN VA 64 -81.46 71.91 -6.11
CA ASN VA 64 -80.76 71.15 -5.08
C ASN VA 64 -79.33 70.83 -5.52
N GLU VA 65 -79.16 70.39 -6.76
CA GLU VA 65 -77.82 70.15 -7.29
C GLU VA 65 -77.00 71.44 -7.34
N LYS VA 66 -77.63 72.54 -7.75
CA LYS VA 66 -76.94 73.83 -7.79
C LYS VA 66 -76.50 74.26 -6.40
N LEU VA 67 -77.34 74.04 -5.39
CA LEU VA 67 -77.00 74.41 -4.03
C LEU VA 67 -75.87 73.55 -3.48
N ASP VA 68 -75.90 72.25 -3.79
CA ASP VA 68 -74.78 71.39 -3.41
C ASP VA 68 -73.48 71.86 -4.08
N ASP VA 69 -73.55 72.22 -5.35
CA ASP VA 69 -72.38 72.74 -6.05
C ASP VA 69 -71.88 74.02 -5.41
N PHE VA 70 -72.79 74.94 -5.07
CA PHE VA 70 -72.39 76.18 -4.41
C PHE VA 70 -71.75 75.91 -3.07
N ALA VA 71 -72.32 75.00 -2.28
CA ALA VA 71 -71.78 74.68 -0.97
C ALA VA 71 -70.37 74.10 -1.09
N GLU VA 72 -70.18 73.15 -2.01
CA GLU VA 72 -68.84 72.56 -2.16
C GLU VA 72 -67.85 73.57 -2.71
N LYS VA 73 -68.31 74.46 -3.60
CA LYS VA 73 -67.42 75.48 -4.14
C LYS VA 73 -66.98 76.46 -3.07
N VAL VA 74 -67.90 76.88 -2.19
CA VAL VA 74 -67.51 77.81 -1.13
C VAL VA 74 -66.68 77.10 -0.06
N VAL VA 75 -66.89 75.80 0.14
CA VAL VA 75 -66.05 75.06 1.08
C VAL VA 75 -64.62 74.96 0.56
N HIS VA 76 -64.46 74.63 -0.73
CA HIS VA 76 -63.12 74.49 -1.28
C HIS VA 76 -62.43 75.83 -1.49
N LEU VA 77 -63.20 76.87 -1.83
CA LEU VA 77 -62.62 78.15 -2.21
C LEU VA 77 -62.08 78.93 -1.01
N GLY VA 78 -62.53 78.63 0.20
CA GLY VA 78 -62.05 79.33 1.38
C GLY VA 78 -63.14 80.00 2.19
N TRP VA 79 -64.36 79.46 2.11
CA TRP VA 79 -65.52 79.99 2.84
C TRP VA 79 -66.10 78.87 3.69
N PRO VA 80 -65.55 78.65 4.90
CA PRO VA 80 -66.11 77.63 5.79
C PRO VA 80 -67.44 78.07 6.40
N ILE VA 81 -67.97 77.27 7.32
CA ILE VA 81 -69.29 77.54 7.90
C ILE VA 81 -69.30 78.88 8.64
N HIS VA 82 -68.17 79.28 9.22
CA HIS VA 82 -68.11 80.58 9.87
C HIS VA 82 -68.31 81.72 8.86
N PHE VA 83 -67.64 81.64 7.71
CA PHE VA 83 -67.81 82.67 6.69
C PHE VA 83 -69.22 82.66 6.11
N VAL VA 84 -69.80 81.47 5.92
CA VAL VA 84 -71.17 81.39 5.42
C VAL VA 84 -72.13 82.00 6.42
N THR VA 85 -71.88 81.80 7.72
CA THR VA 85 -72.75 82.38 8.74
C THR VA 85 -72.60 83.89 8.80
N THR VA 86 -71.38 84.41 8.65
CA THR VA 86 -71.20 85.85 8.57
C THR VA 86 -71.91 86.40 7.33
N GLY VA 87 -71.86 85.66 6.22
CA GLY VA 87 -72.62 86.04 5.04
C GLY VA 87 -74.11 86.09 5.30
N LEU VA 88 -74.64 85.13 6.04
CA LEU VA 88 -76.05 85.15 6.40
C LEU VA 88 -76.38 86.35 7.28
N ARG VA 89 -75.49 86.68 8.22
CA ARG VA 89 -75.71 87.81 9.10
C ARG VA 89 -75.77 89.12 8.31
N VAL VA 90 -74.82 89.31 7.40
CA VAL VA 90 -74.83 90.53 6.59
C VAL VA 90 -75.98 90.51 5.59
N PHE VA 91 -76.39 89.32 5.12
CA PHE VA 91 -77.61 89.20 4.34
C PHE VA 91 -78.79 89.78 5.09
N GLY VA 92 -78.97 89.37 6.34
CA GLY VA 92 -80.06 89.90 7.14
C GLY VA 92 -79.95 91.39 7.34
N LEU VA 93 -78.73 91.88 7.63
CA LEU VA 93 -78.52 93.31 7.82
C LEU VA 93 -78.97 94.11 6.60
N LEU VA 94 -78.46 93.73 5.42
CA LEU VA 94 -78.77 94.51 4.22
C LEU VA 94 -80.19 94.28 3.74
N VAL VA 95 -80.78 93.12 4.02
CA VAL VA 95 -82.19 92.92 3.72
C VAL VA 95 -83.06 93.83 4.56
N TYR VA 96 -82.71 94.00 5.85
CA TYR VA 96 -83.44 94.94 6.67
C TYR VA 96 -83.27 96.37 6.18
N THR VA 97 -82.05 96.74 5.78
CA THR VA 97 -81.86 98.07 5.22
C THR VA 97 -82.70 98.26 3.95
N ALA VA 98 -82.77 97.22 3.11
CA ALA VA 98 -83.55 97.30 1.89
C ALA VA 98 -85.04 97.46 2.18
N MET VA 99 -85.58 96.67 3.12
CA MET VA 99 -87.01 96.76 3.37
C MET VA 99 -87.36 98.04 4.11
N ARG VA 100 -86.40 98.63 4.83
CA ARG VA 100 -86.57 100.00 5.30
C ARG VA 100 -86.62 100.97 4.11
N ASP VA 101 -85.78 100.74 3.10
CA ASP VA 101 -85.73 101.64 1.96
C ASP VA 101 -86.83 101.33 0.95
N GLU VA 102 -86.85 100.11 0.42
CA GLU VA 102 -87.78 99.78 -0.67
C GLU VA 102 -89.22 99.82 -0.19
N ASP VA 103 -89.51 99.13 0.92
CA ASP VA 103 -90.86 99.10 1.51
C ASP VA 103 -91.91 98.66 0.50
N LEU VA 104 -91.61 97.61 -0.25
CA LEU VA 104 -92.54 97.00 -1.21
C LEU VA 104 -92.48 95.49 -1.03
N PHE VA 105 -93.43 94.94 -0.29
CA PHE VA 105 -93.38 93.55 0.14
C PHE VA 105 -94.20 92.68 -0.81
N LEU VA 106 -94.37 91.40 -0.44
CA LEU VA 106 -95.02 90.43 -1.31
C LEU VA 106 -96.48 90.78 -1.56
N LYS VA 107 -97.29 90.77 -0.51
CA LYS VA 107 -98.74 90.91 -0.66
C LYS VA 107 -99.10 92.34 -1.04
N ARG VA 108 -99.96 92.47 -2.06
CA ARG VA 108 -100.37 93.78 -2.52
C ARG VA 108 -101.36 94.39 -1.54
N GLU VA 109 -101.01 95.56 -0.99
CA GLU VA 109 -101.84 96.22 0.00
C GLU VA 109 -101.54 97.70 -0.04
N GLU VA 110 -102.44 98.49 0.55
CA GLU VA 110 -102.23 99.94 0.62
C GLU VA 110 -100.97 100.27 1.41
N LYS VA 111 -100.74 99.56 2.52
CA LYS VA 111 -99.53 99.73 3.31
C LYS VA 111 -98.96 98.34 3.61
N PRO VA 112 -97.73 98.04 3.21
CA PRO VA 112 -97.17 96.72 3.52
C PRO VA 112 -97.04 96.50 5.01
N GLU VA 113 -97.24 95.25 5.42
CA GLU VA 113 -97.19 94.86 6.83
C GLU VA 113 -96.01 93.91 7.05
N ASP VA 114 -95.85 93.49 8.30
CA ASP VA 114 -94.71 92.67 8.70
C ASP VA 114 -94.85 91.20 8.28
N ASP VA 115 -96.03 90.78 7.81
CA ASP VA 115 -96.23 89.39 7.44
C ASP VA 115 -95.31 88.99 6.29
N ALA VA 116 -95.30 89.77 5.21
CA ALA VA 116 -94.48 89.43 4.05
C ALA VA 116 -92.99 89.55 4.38
N TYR VA 117 -92.61 90.55 5.18
CA TYR VA 117 -91.22 90.67 5.59
C TYR VA 117 -90.77 89.46 6.40
N TYR VA 118 -91.64 88.98 7.31
CA TYR VA 118 -91.25 87.82 8.10
C TYR VA 118 -91.25 86.54 7.27
N ARG VA 119 -92.11 86.46 6.24
CA ARG VA 119 -92.01 85.32 5.33
C ARG VA 119 -90.72 85.37 4.54
N PHE VA 120 -90.29 86.57 4.13
CA PHE VA 120 -88.95 86.75 3.58
C PHE VA 120 -87.89 86.18 4.51
N GLU VA 121 -87.96 86.57 5.79
CA GLU VA 121 -86.96 86.13 6.77
C GLU VA 121 -86.98 84.62 6.95
N THR VA 122 -88.17 84.03 7.05
CA THR VA 122 -88.28 82.59 7.25
C THR VA 122 -87.78 81.82 6.04
N TRP VA 123 -88.06 82.32 4.83
CA TRP VA 123 -87.55 81.65 3.64
C TRP VA 123 -86.03 81.79 3.53
N LEU VA 124 -85.47 82.93 3.96
CA LEU VA 124 -84.02 83.04 4.03
C LEU VA 124 -83.44 82.05 5.03
N SER VA 125 -84.11 81.88 6.18
CA SER VA 125 -83.66 80.90 7.17
C SER VA 125 -83.71 79.48 6.61
N SER VA 126 -84.76 79.15 5.86
CA SER VA 126 -84.85 77.84 5.23
C SER VA 126 -83.75 77.67 4.19
N MET VA 127 -83.43 78.73 3.45
CA MET VA 127 -82.32 78.68 2.51
C MET VA 127 -81.00 78.39 3.22
N TYR VA 128 -80.76 79.05 4.36
CA TYR VA 128 -79.55 78.76 5.11
C TYR VA 128 -79.57 77.34 5.67
N ASN VA 129 -80.75 76.84 6.03
CA ASN VA 129 -80.87 75.44 6.46
C ASN VA 129 -80.45 74.49 5.36
N LYS VA 130 -80.93 74.73 4.14
CA LYS VA 130 -80.53 73.88 3.01
C LYS VA 130 -79.03 73.99 2.74
N VAL VA 131 -78.49 75.21 2.82
CA VAL VA 131 -77.07 75.42 2.54
C VAL VA 131 -76.23 74.65 3.55
N VAL VA 132 -76.56 74.76 4.84
CA VAL VA 132 -75.78 74.05 5.85
C VAL VA 132 -76.00 72.55 5.76
N THR VA 133 -77.19 72.12 5.30
CA THR VA 133 -77.42 70.69 5.10
C THR VA 133 -76.51 70.14 4.01
N ALA VA 134 -76.34 70.87 2.91
CA ALA VA 134 -75.43 70.45 1.86
C ALA VA 134 -73.97 70.75 2.18
N TYR VA 135 -73.71 71.53 3.23
CA TYR VA 135 -72.35 71.89 3.61
C TYR VA 135 -71.53 70.65 3.98
N ALA VA 136 -71.95 69.95 5.03
CA ALA VA 136 -71.10 68.96 5.68
C ALA VA 136 -71.31 67.54 5.18
N ASP VA 137 -72.14 67.32 4.16
CA ASP VA 137 -72.36 65.95 3.68
C ASP VA 137 -71.06 65.35 3.13
N THR VA 138 -70.38 66.07 2.24
CA THR VA 138 -69.13 65.59 1.68
C THR VA 138 -68.06 65.45 2.75
N TRP VA 139 -68.06 66.37 3.72
CA TRP VA 139 -67.09 66.29 4.81
C TRP VA 139 -67.30 65.02 5.63
N GLU VA 140 -68.56 64.70 5.95
CA GLU VA 140 -68.83 63.47 6.69
C GLU VA 140 -68.46 62.24 5.86
N LYS VA 141 -68.74 62.27 4.56
CA LYS VA 141 -68.40 61.12 3.71
C LYS VA 141 -66.89 60.91 3.67
N THR VA 142 -66.12 61.98 3.50
CA THR VA 142 -64.66 61.81 3.43
C THR VA 142 -64.09 61.44 4.80
N VAL VA 143 -64.68 61.93 5.89
CA VAL VA 143 -64.25 61.49 7.22
C VAL VA 143 -64.51 59.99 7.40
N SER VA 144 -65.66 59.52 6.95
CA SER VA 144 -65.99 58.10 7.07
C SER VA 144 -65.03 57.24 6.25
N ILE VA 145 -64.76 57.64 5.00
CA ILE VA 145 -63.85 56.84 4.17
C ILE VA 145 -62.44 56.89 4.72
N GLN VA 146 -62.01 58.03 5.28
CA GLN VA 146 -60.70 58.11 5.90
C GLN VA 146 -60.62 57.23 7.14
N LYS VA 147 -61.71 57.15 7.91
CA LYS VA 147 -61.75 56.25 9.06
C LYS VA 147 -61.65 54.80 8.61
N SER VA 148 -62.34 54.45 7.52
CA SER VA 148 -62.23 53.09 7.00
C SER VA 148 -60.81 52.79 6.56
N ALA VA 149 -60.16 53.75 5.90
CA ALA VA 149 -58.77 53.57 5.47
C ALA VA 149 -57.84 53.40 6.67
N LEU VA 150 -58.07 54.19 7.73
CA LEU VA 150 -57.29 54.02 8.94
C LEU VA 150 -57.53 52.65 9.57
N GLN VA 151 -58.77 52.17 9.50
CA GLN VA 151 -59.07 50.83 10.01
C GLN VA 151 -58.31 49.76 9.25
N GLU VA 152 -58.27 49.86 7.92
CA GLU VA 152 -57.57 48.83 7.14
C GLU VA 152 -56.06 48.99 7.24
N LEU VA 153 -55.56 50.22 7.39
CA LEU VA 153 -54.13 50.49 7.44
C LEU VA 153 -53.51 50.29 8.81
N SER VA 154 -54.30 49.91 9.81
CA SER VA 154 -53.83 49.84 11.19
C SER VA 154 -52.67 48.86 11.36
N ALA VA 155 -52.94 47.58 11.18
CA ALA VA 155 -51.96 46.52 11.43
C ALA VA 155 -51.90 45.57 10.24
N PRO VA 156 -51.10 45.90 9.24
CA PRO VA 156 -50.97 44.98 8.09
C PRO VA 156 -50.07 43.81 8.42
N LEU VA 157 -50.67 42.65 8.66
CA LEU VA 157 -49.92 41.41 8.86
C LEU VA 157 -49.61 40.73 7.53
N LEU VA 158 -50.08 41.31 6.42
CA LEU VA 158 -49.85 40.73 5.11
C LEU VA 158 -48.40 40.39 4.82
N PRO VA 159 -47.38 41.13 5.29
CA PRO VA 159 -46.01 40.64 5.17
C PRO VA 159 -45.85 39.28 5.80
N ILE VA 160 -45.57 38.27 4.99
CA ILE VA 160 -45.51 36.88 5.42
C ILE VA 160 -44.26 36.24 4.85
N PHE VA 161 -43.43 35.68 5.71
CA PHE VA 161 -42.31 34.84 5.31
C PHE VA 161 -42.64 33.38 5.63
N GLU VA 162 -41.74 32.48 5.26
CA GLU VA 162 -41.97 31.05 5.50
C GLU VA 162 -41.88 30.79 6.99
N LYS VA 163 -43.06 30.68 7.64
CA LYS VA 163 -43.23 30.47 9.07
C LYS VA 163 -42.82 31.68 9.91
N ILE VA 164 -42.57 32.83 9.29
CA ILE VA 164 -42.29 34.07 9.99
C ILE VA 164 -43.24 35.14 9.48
N SER VA 165 -43.87 35.87 10.40
CA SER VA 165 -44.74 36.97 10.05
C SER VA 165 -44.25 38.23 10.74
N VAL VA 166 -44.27 39.35 10.02
CA VAL VA 166 -43.86 40.65 10.56
C VAL VA 166 -45.03 41.62 10.43
N MET VA 167 -45.31 42.34 11.50
CA MET VA 167 -46.47 43.22 11.58
C MET VA 167 -45.99 44.64 11.85
N PRO VA 168 -45.88 45.49 10.84
CA PRO VA 168 -45.39 46.85 11.05
C PRO VA 168 -46.48 47.83 11.45
N LEU VA 169 -46.39 48.39 12.65
CA LEU VA 169 -47.28 49.46 13.08
C LEU VA 169 -46.43 50.72 13.28
N ILE VA 170 -46.84 51.82 12.66
CA ILE VA 170 -46.01 53.01 12.64
C ILE VA 170 -46.78 54.22 13.16
N GLY VA 171 -48.09 54.20 13.00
CA GLY VA 171 -48.89 55.33 13.42
C GLY VA 171 -49.00 55.42 14.94
N THR VA 172 -49.21 56.63 15.43
CA THR VA 172 -49.40 56.84 16.86
C THR VA 172 -50.70 56.18 17.31
N ILE VA 173 -50.61 55.26 18.25
CA ILE VA 173 -51.73 54.41 18.62
C ILE VA 173 -52.24 54.81 19.99
N ASP VA 174 -53.56 54.74 20.16
CA ASP VA 174 -54.23 54.94 21.44
C ASP VA 174 -54.97 53.65 21.79
N THR VA 175 -55.76 53.70 22.87
CA THR VA 175 -56.36 52.48 23.41
C THR VA 175 -57.32 51.84 22.41
N GLU VA 176 -58.12 52.65 21.71
CA GLU VA 176 -59.00 52.09 20.68
C GLU VA 176 -58.20 51.52 19.52
N ARG VA 177 -57.22 52.28 19.03
CA ARG VA 177 -56.37 51.76 17.98
C ARG VA 177 -55.57 50.57 18.46
N ALA VA 178 -55.16 50.55 19.73
CA ALA VA 178 -54.46 49.39 20.27
C ALA VA 178 -55.35 48.15 20.27
N LYS VA 179 -56.62 48.31 20.63
CA LYS VA 179 -57.55 47.18 20.57
C LYS VA 179 -57.72 46.71 19.13
N LEU VA 180 -57.81 47.64 18.19
CA LEU VA 180 -57.88 47.24 16.78
C LEU VA 180 -56.62 46.48 16.37
N ILE VA 181 -55.45 46.95 16.82
CA ILE VA 181 -54.18 46.30 16.47
C ILE VA 181 -54.16 44.87 17.00
N ILE VA 182 -54.52 44.69 18.26
CA ILE VA 182 -54.43 43.35 18.85
C ILE VA 182 -55.45 42.43 18.22
N GLU VA 183 -56.66 42.93 17.93
CA GLU VA 183 -57.65 42.10 17.26
C GLU VA 183 -57.15 41.66 15.89
N ASN VA 184 -56.60 42.59 15.11
CA ASN VA 184 -56.10 42.25 13.78
C ASN VA 184 -54.95 41.26 13.86
N LEU VA 185 -54.03 41.47 14.80
CA LEU VA 185 -52.90 40.55 14.94
C LEU VA 185 -53.37 39.16 15.31
N LEU VA 186 -54.31 39.06 16.26
CA LEU VA 186 -54.79 37.75 16.68
C LEU VA 186 -55.51 37.03 15.54
N ILE VA 187 -56.42 37.73 14.85
CA ILE VA 187 -57.17 37.07 13.79
C ILE VA 187 -56.23 36.68 12.65
N GLY VA 188 -55.23 37.52 12.36
CA GLY VA 188 -54.28 37.17 11.32
C GLY VA 188 -53.46 35.96 11.67
N VAL VA 189 -52.92 35.91 12.88
CA VAL VA 189 -52.09 34.77 13.28
C VAL VA 189 -52.94 33.50 13.36
N VAL VA 190 -54.24 33.65 13.60
CA VAL VA 190 -55.13 32.49 13.52
C VAL VA 190 -55.30 32.07 12.06
N LYS VA 191 -55.44 33.03 11.16
CA LYS VA 191 -55.76 32.70 9.77
C LYS VA 191 -54.60 31.98 9.08
N ASN VA 192 -53.39 32.50 9.20
CA ASN VA 192 -52.24 31.96 8.50
C ASN VA 192 -51.27 31.33 9.48
N ARG VA 193 -50.48 30.37 8.99
CA ARG VA 193 -49.57 29.65 9.85
C ARG VA 193 -48.30 30.48 10.03
N SER VA 194 -47.88 30.68 11.27
CA SER VA 194 -46.70 31.50 11.54
C SER VA 194 -46.14 31.11 12.90
N GLU VA 195 -44.90 30.62 12.92
CA GLU VA 195 -44.32 30.19 14.18
C GLU VA 195 -43.90 31.36 15.05
N VAL VA 196 -43.47 32.48 14.44
CA VAL VA 196 -43.06 33.65 15.20
C VAL VA 196 -43.75 34.88 14.62
N VAL VA 197 -43.84 35.92 15.44
CA VAL VA 197 -44.43 37.19 15.03
C VAL VA 197 -43.43 38.30 15.35
N LEU VA 198 -43.11 39.11 14.36
CA LEU VA 198 -42.14 40.19 14.47
C LEU VA 198 -42.91 41.51 14.53
N ILE VA 199 -43.19 41.97 15.74
CA ILE VA 199 -43.88 43.24 15.91
C ILE VA 199 -42.87 44.36 15.70
N ASP VA 200 -43.15 45.24 14.74
CA ASP VA 200 -42.27 46.36 14.43
C ASP VA 200 -42.81 47.59 15.16
N ILE VA 201 -42.50 47.68 16.45
CA ILE VA 201 -42.94 48.80 17.26
C ILE VA 201 -42.23 50.10 16.91
N THR VA 202 -41.11 50.03 16.18
CA THR VA 202 -40.40 51.24 15.80
C THR VA 202 -41.30 52.14 14.96
N GLY VA 203 -41.34 53.41 15.30
CA GLY VA 203 -42.17 54.35 14.58
C GLY VA 203 -43.06 55.19 15.48
N VAL VA 204 -43.57 54.59 16.55
CA VAL VA 204 -44.43 55.32 17.48
C VAL VA 204 -43.54 56.18 18.36
N PRO VA 205 -43.71 57.50 18.35
CA PRO VA 205 -42.85 58.37 19.14
C PRO VA 205 -42.99 58.13 20.64
N VAL VA 206 -44.22 58.29 21.15
CA VAL VA 206 -44.51 58.10 22.56
C VAL VA 206 -45.82 57.34 22.69
N VAL VA 207 -45.87 56.36 23.58
CA VAL VA 207 -47.07 55.60 23.87
C VAL VA 207 -47.37 55.74 25.35
N ASP VA 208 -48.66 55.87 25.68
CA ASP VA 208 -49.07 56.01 27.07
C ASP VA 208 -48.98 54.66 27.77
N THR VA 209 -49.29 54.66 29.06
CA THR VA 209 -49.20 53.43 29.84
C THR VA 209 -50.22 52.39 29.39
N MET VA 210 -51.43 52.84 29.02
CA MET VA 210 -52.48 51.89 28.65
C MET VA 210 -52.13 51.18 27.36
N VAL VA 211 -51.55 51.91 26.40
CA VAL VA 211 -51.12 51.33 25.15
C VAL VA 211 -50.01 50.30 25.37
N ALA VA 212 -49.06 50.63 26.25
CA ALA VA 212 -47.98 49.69 26.54
C ALA VA 212 -48.55 48.42 27.19
N HIS VA 213 -49.52 48.58 28.08
CA HIS VA 213 -50.18 47.43 28.68
C HIS VA 213 -50.83 46.55 27.61
N HIS VA 214 -51.55 47.18 26.67
CA HIS VA 214 -52.15 46.42 25.58
C HIS VA 214 -51.10 45.72 24.73
N ILE VA 215 -49.99 46.38 24.46
CA ILE VA 215 -48.95 45.77 23.63
C ILE VA 215 -48.37 44.55 24.32
N ILE VA 216 -48.10 44.65 25.62
CA ILE VA 216 -47.55 43.52 26.36
C ILE VA 216 -48.54 42.37 26.39
N GLN VA 217 -49.82 42.65 26.66
CA GLN VA 217 -50.80 41.57 26.66
C GLN VA 217 -50.97 40.97 25.27
N ALA VA 218 -50.88 41.77 24.21
CA ALA VA 218 -50.96 41.24 22.87
C ALA VA 218 -49.80 40.29 22.59
N SER VA 219 -48.58 40.67 22.98
CA SER VA 219 -47.43 39.79 22.77
C SER VA 219 -47.59 38.50 23.56
N GLU VA 220 -48.03 38.60 24.83
CA GLU VA 220 -48.15 37.40 25.64
C GLU VA 220 -49.28 36.51 25.14
N ALA VA 221 -50.36 37.10 24.61
CA ALA VA 221 -51.44 36.30 24.04
C ALA VA 221 -51.00 35.61 22.76
N VAL VA 222 -50.18 36.29 21.96
CA VAL VA 222 -49.60 35.63 20.78
C VAL VA 222 -48.74 34.46 21.21
N ARG VA 223 -47.99 34.61 22.31
CA ARG VA 223 -47.27 33.47 22.86
C ARG VA 223 -48.22 32.36 23.28
N LEU VA 224 -49.34 32.73 23.92
CA LEU VA 224 -50.30 31.75 24.39
C LEU VA 224 -51.04 31.06 23.25
N VAL VA 225 -51.04 31.64 22.05
CA VAL VA 225 -51.61 30.95 20.90
C VAL VA 225 -50.64 29.92 20.36
N GLY VA 226 -49.35 30.08 20.62
CA GLY VA 226 -48.35 29.13 20.16
C GLY VA 226 -47.36 29.75 19.22
N CYS VA 227 -47.10 31.05 19.40
CA CYS VA 227 -46.27 31.81 18.47
C CYS VA 227 -45.40 32.76 19.26
N GLN VA 228 -44.09 32.63 19.14
CA GLN VA 228 -43.17 33.55 19.80
C GLN VA 228 -43.38 34.95 19.27
N ALA VA 229 -43.49 35.92 20.17
CA ALA VA 229 -43.82 37.29 19.83
C ALA VA 229 -42.59 38.16 20.06
N MET VA 230 -41.82 38.41 19.00
CA MET VA 230 -40.67 39.28 19.06
C MET VA 230 -41.11 40.74 19.09
N LEU VA 231 -40.36 41.56 19.80
CA LEU VA 231 -40.62 42.99 19.90
C LEU VA 231 -39.39 43.72 19.36
N VAL VA 232 -39.52 44.35 18.20
CA VAL VA 232 -38.38 44.80 17.41
C VAL VA 232 -38.25 46.31 17.52
N GLY VA 233 -37.05 46.76 17.89
CA GLY VA 233 -36.69 48.16 17.79
C GLY VA 233 -37.50 49.11 18.65
N ILE VA 234 -37.69 48.76 19.92
CA ILE VA 234 -38.43 49.63 20.83
C ILE VA 234 -37.59 50.86 21.16
N ARG VA 235 -38.19 52.03 21.02
CA ARG VA 235 -37.47 53.27 21.25
C ARG VA 235 -37.20 53.49 22.74
N PRO VA 236 -36.17 54.27 23.08
CA PRO VA 236 -35.81 54.41 24.50
C PRO VA 236 -36.92 54.93 25.38
N GLU VA 237 -37.71 55.90 24.90
N GLU VA 237 -37.71 55.90 24.90
CA GLU VA 237 -38.81 56.43 25.70
CA GLU VA 237 -38.81 56.42 25.72
C GLU VA 237 -39.87 55.37 25.93
C GLU VA 237 -39.88 55.37 25.94
N ILE VA 238 -40.17 54.58 24.90
CA ILE VA 238 -41.14 53.49 25.06
C ILE VA 238 -40.62 52.48 26.08
N ALA VA 239 -39.33 52.16 26.01
CA ALA VA 239 -38.76 51.20 26.96
C ALA VA 239 -38.84 51.73 28.39
N GLN VA 240 -38.51 53.00 28.60
CA GLN VA 240 -38.56 53.53 29.96
C GLN VA 240 -39.99 53.61 30.47
N THR VA 241 -40.94 53.95 29.60
CA THR VA 241 -42.35 53.92 30.01
C THR VA 241 -42.79 52.52 30.39
N ILE VA 242 -42.40 51.52 29.59
CA ILE VA 242 -42.79 50.14 29.86
C ILE VA 242 -42.21 49.66 31.18
N VAL VA 243 -40.95 49.96 31.44
CA VAL VA 243 -40.36 49.51 32.70
C VAL VA 243 -40.95 50.29 33.87
N ASN VA 244 -41.34 51.55 33.66
CA ASN VA 244 -42.03 52.30 34.71
C ASN VA 244 -43.43 51.76 34.95
N LEU VA 245 -44.01 51.05 33.99
CA LEU VA 245 -45.29 50.37 34.24
C LEU VA 245 -45.19 49.40 35.40
N GLY VA 246 -44.05 48.75 35.57
CA GLY VA 246 -43.86 47.83 36.67
C GLY VA 246 -44.37 46.42 36.43
N ILE VA 247 -44.93 46.14 35.25
CA ILE VA 247 -45.38 44.79 34.93
C ILE VA 247 -44.15 43.96 34.57
N GLU VA 248 -44.32 42.64 34.49
CA GLU VA 248 -43.20 41.76 34.21
C GLU VA 248 -42.73 41.91 32.77
N LEU VA 249 -41.43 42.01 32.59
CA LEU VA 249 -40.79 42.12 31.27
C LEU VA 249 -39.65 41.11 31.14
N ASP VA 250 -39.91 39.86 31.49
CA ASP VA 250 -38.90 38.82 31.44
C ASP VA 250 -39.23 37.68 30.49
N GLN VA 251 -40.37 37.73 29.80
CA GLN VA 251 -40.78 36.64 28.92
C GLN VA 251 -40.73 36.97 27.44
N ILE VA 252 -40.62 38.25 27.08
CA ILE VA 252 -40.64 38.67 25.68
C ILE VA 252 -39.21 38.90 25.20
N ILE VA 253 -38.92 38.45 23.98
CA ILE VA 253 -37.60 38.62 23.39
C ILE VA 253 -37.60 39.88 22.54
N THR VA 254 -36.59 40.72 22.75
CA THR VA 254 -36.50 42.01 22.09
C THR VA 254 -35.23 42.07 21.24
N THR VA 255 -35.24 42.97 20.26
CA THR VA 255 -34.11 43.12 19.35
C THR VA 255 -33.87 44.60 19.09
N ASN VA 256 -32.64 44.92 18.68
CA ASN VA 256 -32.29 46.30 18.40
C ASN VA 256 -32.92 46.79 17.10
N THR VA 257 -32.90 45.94 16.06
CA THR VA 257 -33.37 46.35 14.74
C THR VA 257 -34.07 45.18 14.07
N MET VA 258 -34.66 45.46 12.90
CA MET VA 258 -35.42 44.45 12.18
C MET VA 258 -34.54 43.28 11.74
N LYS VA 259 -33.32 43.57 11.28
CA LYS VA 259 -32.44 42.51 10.81
C LYS VA 259 -32.10 41.54 11.94
N LYS VA 260 -31.79 42.07 13.12
CA LYS VA 260 -31.50 41.20 14.27
C LYS VA 260 -32.72 40.40 14.67
N GLY VA 261 -33.91 41.02 14.63
CA GLY VA 261 -35.12 40.30 14.92
C GLY VA 261 -35.33 39.13 13.96
N MET VA 262 -35.13 39.38 12.67
CA MET VA 262 -35.32 38.32 11.69
C MET VA 262 -34.29 37.21 11.86
N GLU VA 263 -33.03 37.56 12.13
CA GLU VA 263 -32.02 36.52 12.25
C GLU VA 263 -32.24 35.69 13.51
N ARG VA 264 -32.67 36.31 14.61
CA ARG VA 264 -32.98 35.50 15.79
C ARG VA 264 -34.24 34.67 15.58
N ALA VA 265 -35.22 35.20 14.84
CA ALA VA 265 -36.40 34.39 14.51
C ALA VA 265 -36.01 33.16 13.70
N LEU VA 266 -35.11 33.33 12.73
CA LEU VA 266 -34.59 32.17 12.01
C LEU VA 266 -33.77 31.27 12.92
N ALA VA 267 -33.17 31.83 13.97
CA ALA VA 267 -32.44 31.01 14.92
C ALA VA 267 -33.37 30.10 15.71
N LEU VA 268 -34.54 30.61 16.12
CA LEU VA 268 -35.50 29.78 16.84
C LEU VA 268 -35.96 28.61 15.98
N THR VA 269 -36.26 28.87 14.71
CA THR VA 269 -36.56 27.80 13.75
C THR VA 269 -35.27 27.53 12.98
N ASN VA 270 -34.34 26.85 13.64
CA ASN VA 270 -32.96 26.78 13.17
C ASN VA 270 -32.87 26.26 11.74
N ARG VA 271 -33.70 25.29 11.38
CA ARG VA 271 -33.64 24.74 10.04
C ARG VA 271 -34.04 25.74 8.97
N GLU VA 272 -34.76 26.81 9.35
CA GLU VA 272 -35.19 27.84 8.41
C GLU VA 272 -34.13 28.91 8.23
N ILE VA 273 -32.88 28.64 8.59
CA ILE VA 273 -31.81 29.62 8.38
C ILE VA 273 -31.56 29.84 6.89
N VAL VA 274 -31.75 28.80 6.07
CA VAL VA 274 -31.55 28.92 4.63
C VAL VA 274 -32.85 29.34 3.95
N MET WA 1 -76.30 97.49 23.85
CA MET WA 1 -76.47 97.34 25.29
C MET WA 1 -76.80 95.89 25.58
N TYR WA 2 -76.36 95.41 26.75
CA TYR WA 2 -76.50 94.00 27.12
C TYR WA 2 -77.30 93.76 28.39
N LYS WA 3 -77.39 94.74 29.30
CA LYS WA 3 -77.99 94.49 30.61
C LYS WA 3 -79.51 94.33 30.51
N ASP WA 4 -80.19 95.35 29.99
CA ASP WA 4 -81.64 95.23 29.79
C ASP WA 4 -81.97 94.14 28.78
N PHE WA 5 -81.04 93.84 27.87
CA PHE WA 5 -81.23 92.68 27.01
C PHE WA 5 -81.33 91.40 27.83
N ALA WA 6 -80.50 91.26 28.86
CA ALA WA 6 -80.63 90.12 29.77
C ALA WA 6 -81.90 90.23 30.60
N ASN WA 7 -82.30 91.44 30.99
CA ASN WA 7 -83.53 91.61 31.76
C ASN WA 7 -84.74 91.13 30.98
N PHE WA 8 -84.71 91.26 29.65
CA PHE WA 8 -85.78 90.71 28.82
C PHE WA 8 -85.53 89.26 28.40
N ILE WA 9 -84.26 88.83 28.41
CA ILE WA 9 -83.94 87.41 28.29
C ILE WA 9 -84.51 86.63 29.45
N ARG WA 10 -84.74 87.29 30.59
CA ARG WA 10 -85.34 86.62 31.74
C ARG WA 10 -86.71 86.04 31.41
N THR WA 11 -87.38 86.54 30.37
CA THR WA 11 -88.59 85.93 29.83
C THR WA 11 -88.37 85.27 28.47
N ASN WA 12 -87.39 85.75 27.70
CA ASN WA 12 -87.01 85.04 26.49
C ASN WA 12 -86.58 83.62 26.77
N LYS WA 13 -86.10 83.33 27.98
CA LYS WA 13 -85.73 81.96 28.31
C LYS WA 13 -86.94 81.04 28.35
N LYS WA 14 -88.04 81.49 28.97
CA LYS WA 14 -89.28 80.72 28.91
C LYS WA 14 -89.81 80.63 27.49
N ASP WA 15 -89.69 81.73 26.74
CA ASP WA 15 -90.10 81.69 25.34
C ASP WA 15 -89.31 80.64 24.56
N LEU WA 16 -88.00 80.55 24.82
CA LEU WA 16 -87.17 79.58 24.11
C LEU WA 16 -87.39 78.16 24.62
N LEU WA 17 -87.81 78.01 25.88
CA LEU WA 17 -88.19 76.67 26.35
C LEU WA 17 -89.44 76.18 25.60
N ASN WA 18 -90.44 77.05 25.48
CA ASN WA 18 -91.59 76.71 24.64
C ASN WA 18 -91.15 76.46 23.20
N ASN WA 19 -90.16 77.22 22.74
CA ASN WA 19 -89.61 77.00 21.40
C ASN WA 19 -88.99 75.62 21.26
N TRP WA 20 -88.23 75.19 22.28
CA TRP WA 20 -87.65 73.85 22.26
C TRP WA 20 -88.73 72.79 22.20
N MET WA 21 -89.76 72.94 23.03
CA MET WA 21 -90.83 71.95 23.06
C MET WA 21 -91.56 71.89 21.73
N ASN WA 22 -91.75 73.04 21.08
CA ASN WA 22 -92.39 73.06 19.77
C ASN WA 22 -91.48 72.49 18.68
N GLU WA 23 -90.19 72.83 18.71
CA GLU WA 23 -89.27 72.45 17.66
C GLU WA 23 -88.94 70.97 17.67
N MET WA 24 -88.84 70.36 18.87
CA MET WA 24 -88.24 69.04 18.97
C MET WA 24 -89.04 67.97 18.23
N GLU WA 25 -90.30 68.27 17.88
CA GLU WA 25 -91.13 67.29 17.20
C GLU WA 25 -90.59 66.92 15.83
N LYS WA 26 -89.93 67.86 15.14
CA LYS WA 26 -89.60 67.65 13.73
C LYS WA 26 -88.39 66.74 13.54
N GLN WA 27 -87.38 66.85 14.40
CA GLN WA 27 -86.07 66.24 14.14
C GLN WA 27 -85.68 65.32 15.30
N SER WA 28 -85.62 64.02 15.01
CA SER WA 28 -84.97 63.01 15.86
C SER WA 28 -85.38 63.13 17.33
N ASP WA 29 -86.69 63.13 17.57
CA ASP WA 29 -87.18 63.19 18.94
C ASP WA 29 -86.74 61.99 19.78
N PRO WA 30 -86.92 60.73 19.33
CA PRO WA 30 -86.50 59.61 20.18
C PRO WA 30 -85.01 59.60 20.50
N LEU WA 31 -84.15 59.99 19.56
CA LEU WA 31 -82.71 59.91 19.80
C LEU WA 31 -82.29 60.85 20.93
N ILE WA 32 -82.66 62.12 20.83
CA ILE WA 32 -82.28 63.10 21.86
C ILE WA 32 -83.00 62.80 23.16
N ASN WA 33 -84.26 62.37 23.08
CA ASN WA 33 -84.99 61.98 24.28
C ASN WA 33 -84.28 60.82 25.00
N ASP WA 34 -83.67 59.92 24.24
CA ASP WA 34 -82.94 58.80 24.85
C ASP WA 34 -81.63 59.27 25.47
N ILE WA 35 -80.87 60.11 24.76
CA ILE WA 35 -79.52 60.42 25.24
C ILE WA 35 -79.56 61.52 26.30
N ALA WA 36 -80.42 62.52 26.15
CA ALA WA 36 -80.45 63.66 27.05
C ALA WA 36 -81.88 63.94 27.50
N LYS WA 37 -82.09 64.04 28.81
CA LYS WA 37 -83.42 64.33 29.32
C LYS WA 37 -83.77 65.80 29.12
N GLU WA 38 -85.07 66.07 29.10
CA GLU WA 38 -85.54 67.43 28.79
C GLU WA 38 -85.08 68.48 29.80
N PRO WA 39 -85.22 68.28 31.12
CA PRO WA 39 -84.82 69.36 32.04
C PRO WA 39 -83.36 69.76 31.97
N MET WA 40 -82.44 68.79 31.81
CA MET WA 40 -81.02 69.14 31.69
C MET WA 40 -80.75 69.92 30.41
N TYR WA 41 -81.33 69.51 29.28
CA TYR WA 41 -81.15 70.26 28.04
C TYR WA 41 -81.72 71.67 28.17
N GLU WA 42 -82.87 71.79 28.83
CA GLU WA 42 -83.48 73.11 28.99
C GLU WA 42 -82.61 74.01 29.86
N GLU WA 43 -82.06 73.47 30.95
CA GLU WA 43 -81.23 74.31 31.81
C GLU WA 43 -79.92 74.67 31.11
N THR WA 44 -79.36 73.76 30.32
CA THR WA 44 -78.17 74.10 29.54
C THR WA 44 -78.49 75.20 28.54
N SER WA 45 -79.64 75.12 27.87
CA SER WA 45 -80.01 76.14 26.89
C SER WA 45 -80.24 77.50 27.55
N ILE WA 46 -80.91 77.52 28.71
CA ILE WA 46 -81.13 78.81 29.36
C ILE WA 46 -79.82 79.38 29.89
N GLU WA 47 -78.90 78.52 30.34
CA GLU WA 47 -77.57 78.99 30.72
C GLU WA 47 -76.84 79.59 29.52
N PHE WA 48 -77.00 78.96 28.35
CA PHE WA 48 -76.34 79.44 27.15
C PHE WA 48 -76.94 80.75 26.64
N VAL WA 49 -78.24 80.96 26.86
CA VAL WA 49 -78.89 82.16 26.32
C VAL WA 49 -78.99 83.32 27.31
N ASP WA 50 -78.79 83.08 28.61
CA ASP WA 50 -79.00 84.12 29.60
C ASP WA 50 -77.73 84.86 30.00
N LEU WA 51 -76.57 84.20 29.99
CA LEU WA 51 -75.32 84.82 30.41
C LEU WA 51 -74.50 85.34 29.23
N ILE WA 52 -75.05 85.29 28.01
CA ILE WA 52 -74.35 85.86 26.86
C ILE WA 52 -74.23 87.37 27.00
N VAL WA 53 -75.23 88.02 27.57
CA VAL WA 53 -75.26 89.48 27.64
C VAL WA 53 -75.19 89.94 29.08
N SER WA 54 -74.61 89.13 29.96
CA SER WA 54 -74.41 89.54 31.34
C SER WA 54 -73.19 90.43 31.52
N ASN WA 55 -72.30 90.48 30.52
CA ASN WA 55 -71.15 91.36 30.57
C ASN WA 55 -71.56 92.78 30.22
N ILE WA 56 -70.64 93.72 30.40
CA ILE WA 56 -70.95 95.15 30.24
C ILE WA 56 -70.69 95.49 28.77
N THR WA 57 -71.66 95.14 27.93
CA THR WA 57 -71.89 95.76 26.63
C THR WA 57 -70.77 95.48 25.63
N GLU WA 58 -69.65 94.87 26.06
CA GLU WA 58 -68.49 94.76 25.20
C GLU WA 58 -68.16 93.32 24.82
N ASN WA 59 -67.87 92.45 25.79
CA ASN WA 59 -67.46 91.08 25.52
C ASN WA 59 -67.26 90.35 26.84
N GLY WA 60 -67.03 89.04 26.74
CA GLY WA 60 -66.66 88.23 27.89
C GLY WA 60 -65.86 87.01 27.48
N SER WA 61 -64.68 86.82 28.08
CA SER WA 61 -63.85 85.68 27.75
C SER WA 61 -64.38 84.39 28.36
N LYS WA 62 -64.84 84.47 29.62
CA LYS WA 62 -65.34 83.28 30.30
C LYS WA 62 -66.53 82.67 29.57
N PHE WA 63 -67.49 83.51 29.16
CA PHE WA 63 -68.62 82.97 28.43
C PHE WA 63 -68.25 82.60 27.00
N ASN WA 64 -67.21 83.20 26.43
CA ASN WA 64 -66.71 82.72 25.13
C ASN WA 64 -66.21 81.28 25.25
N GLU WA 65 -65.45 80.99 26.30
CA GLU WA 65 -65.00 79.62 26.52
C GLU WA 65 -66.17 78.70 26.82
N LYS WA 66 -67.16 79.18 27.59
CA LYS WA 66 -68.34 78.36 27.87
C LYS WA 66 -69.13 78.08 26.60
N LEU WA 67 -69.19 79.06 25.68
CA LEU WA 67 -69.87 78.85 24.41
C LEU WA 67 -69.12 77.85 23.55
N ASP WA 68 -67.78 77.89 23.56
CA ASP WA 68 -67.01 76.87 22.87
C ASP WA 68 -67.28 75.49 23.45
N ASP WA 69 -67.36 75.40 24.78
CA ASP WA 69 -67.68 74.14 25.43
C ASP WA 69 -69.08 73.66 25.05
N PHE WA 70 -70.05 74.58 24.97
CA PHE WA 70 -71.39 74.21 24.54
C PHE WA 70 -71.39 73.71 23.10
N ALA WA 71 -70.62 74.35 22.23
CA ALA WA 71 -70.53 73.91 20.84
C ALA WA 71 -69.94 72.51 20.75
N GLU WA 72 -68.87 72.24 21.49
CA GLU WA 72 -68.30 70.90 21.45
C GLU WA 72 -69.24 69.88 22.09
N LYS WA 73 -69.99 70.28 23.12
CA LYS WA 73 -70.96 69.37 23.73
C LYS WA 73 -72.07 69.00 22.76
N VAL WA 74 -72.58 69.97 22.00
CA VAL WA 74 -73.63 69.65 21.03
C VAL WA 74 -73.06 68.94 19.82
N VAL WA 75 -71.76 69.10 19.53
CA VAL WA 75 -71.13 68.29 18.50
C VAL WA 75 -71.08 66.83 18.94
N HIS WA 76 -70.64 66.58 20.17
CA HIS WA 76 -70.56 65.21 20.68
C HIS WA 76 -71.94 64.59 20.87
N LEU WA 77 -72.93 65.40 21.25
CA LEU WA 77 -74.27 64.90 21.53
C LEU WA 77 -75.05 64.55 20.27
N GLY WA 78 -74.62 65.04 19.11
CA GLY WA 78 -75.32 64.73 17.87
C GLY WA 78 -76.12 65.88 17.31
N TRP WA 79 -75.56 67.09 17.35
CA TRP WA 79 -76.18 68.28 16.79
C TRP WA 79 -75.22 68.94 15.81
N PRO WA 80 -75.19 68.47 14.57
CA PRO WA 80 -74.35 69.12 13.55
C PRO WA 80 -74.91 70.45 13.10
N ILE WA 81 -74.30 71.05 12.07
CA ILE WA 81 -74.64 72.42 11.68
C ILE WA 81 -76.09 72.53 11.24
N HIS WA 82 -76.63 71.50 10.58
CA HIS WA 82 -78.01 71.55 10.12
C HIS WA 82 -78.98 71.64 11.30
N PHE WA 83 -78.74 70.85 12.35
CA PHE WA 83 -79.62 70.89 13.52
C PHE WA 83 -79.52 72.22 14.25
N VAL WA 84 -78.30 72.77 14.36
CA VAL WA 84 -78.13 74.06 15.00
C VAL WA 84 -78.81 75.16 14.18
N THR WA 85 -78.79 75.03 12.85
CA THR WA 85 -79.47 76.01 12.01
C THR WA 85 -80.99 75.92 12.15
N THR WA 86 -81.52 74.70 12.25
CA THR WA 86 -82.95 74.55 12.54
C THR WA 86 -83.29 75.16 13.90
N GLY WA 87 -82.41 74.97 14.88
CA GLY WA 87 -82.59 75.61 16.17
C GLY WA 87 -82.60 77.12 16.07
N LEU WA 88 -81.72 77.69 15.25
CA LEU WA 88 -81.71 79.13 15.04
C LEU WA 88 -83.00 79.60 14.38
N ARG WA 89 -83.50 78.82 13.41
CA ARG WA 89 -84.74 79.19 12.72
C ARG WA 89 -85.91 79.22 13.70
N VAL WA 90 -86.01 78.20 14.54
CA VAL WA 90 -87.11 78.19 15.52
C VAL WA 90 -86.89 79.25 16.60
N PHE WA 91 -85.63 79.56 16.92
CA PHE WA 91 -85.32 80.69 17.79
C PHE WA 91 -85.94 81.97 17.23
N GLY WA 92 -85.68 82.24 15.95
CA GLY WA 92 -86.24 83.42 15.33
C GLY WA 92 -87.76 83.40 15.31
N LEU WA 93 -88.35 82.24 15.02
CA LEU WA 93 -89.80 82.12 15.00
C LEU WA 93 -90.40 82.51 16.35
N LEU WA 94 -89.92 81.89 17.43
CA LEU WA 94 -90.51 82.16 18.72
C LEU WA 94 -90.11 83.52 19.28
N VAL WA 95 -88.97 84.07 18.88
CA VAL WA 95 -88.63 85.43 19.25
C VAL WA 95 -89.61 86.42 18.61
N TYR WA 96 -89.94 86.20 17.32
CA TYR WA 96 -90.95 87.02 16.66
C TYR WA 96 -92.30 86.90 17.36
N THR WA 97 -92.71 85.67 17.70
CA THR WA 97 -93.99 85.49 18.39
C THR WA 97 -93.99 86.18 19.76
N ALA WA 98 -92.87 86.07 20.50
CA ALA WA 98 -92.80 86.71 21.80
C ALA WA 98 -92.88 88.23 21.70
N MET WA 99 -92.13 88.81 20.75
CA MET WA 99 -92.19 90.26 20.58
C MET WA 99 -93.56 90.71 20.08
N ARG WA 100 -94.29 89.82 19.38
CA ARG WA 100 -95.70 90.09 19.13
C ARG WA 100 -96.50 90.10 20.43
N ASP WA 101 -96.20 89.16 21.33
CA ASP WA 101 -96.98 89.00 22.56
C ASP WA 101 -96.40 89.82 23.72
N GLU WA 102 -95.14 89.57 24.07
CA GLU WA 102 -94.56 90.21 25.25
C GLU WA 102 -94.50 91.72 25.10
N ASP WA 103 -93.93 92.20 24.00
CA ASP WA 103 -93.89 93.63 23.67
C ASP WA 103 -93.30 94.46 24.81
N LEU WA 104 -92.16 93.99 25.32
CA LEU WA 104 -91.41 94.69 26.36
C LEU WA 104 -89.99 94.89 25.83
N PHE WA 105 -89.77 96.00 25.13
CA PHE WA 105 -88.56 96.20 24.36
C PHE WA 105 -87.48 96.84 25.25
N LEU WA 106 -86.37 97.26 24.63
CA LEU WA 106 -85.18 97.64 25.38
C LEU WA 106 -85.32 99.01 26.03
N LYS WA 107 -85.47 100.06 25.22
CA LYS WA 107 -85.53 101.42 25.74
C LYS WA 107 -86.95 101.77 26.19
N ARG WA 108 -87.02 102.61 27.22
CA ARG WA 108 -88.31 103.01 27.77
C ARG WA 108 -89.03 103.94 26.80
N GLU WA 109 -90.17 103.50 26.30
CA GLU WA 109 -90.94 104.26 25.32
C GLU WA 109 -92.35 103.70 25.26
N GLU WA 110 -93.31 104.60 25.00
CA GLU WA 110 -94.70 104.18 24.85
C GLU WA 110 -94.90 103.34 23.59
N LYS WA 111 -94.01 103.46 22.61
CA LYS WA 111 -94.09 102.68 21.38
C LYS WA 111 -92.71 102.60 20.74
N PRO WA 112 -91.87 101.64 21.14
CA PRO WA 112 -90.54 101.53 20.53
C PRO WA 112 -90.63 101.17 19.04
N GLU WA 113 -89.48 101.25 18.37
CA GLU WA 113 -89.41 101.19 16.93
C GLU WA 113 -88.46 100.08 16.47
N ASP WA 114 -88.15 100.09 15.17
CA ASP WA 114 -87.41 98.99 14.54
C ASP WA 114 -85.98 98.85 15.03
N ASP WA 115 -85.44 99.85 15.73
CA ASP WA 115 -84.04 99.81 16.15
C ASP WA 115 -83.74 98.57 16.96
N ALA WA 116 -84.32 98.47 18.17
CA ALA WA 116 -84.14 97.27 18.97
C ALA WA 116 -84.84 96.07 18.35
N TYR WA 117 -85.94 96.33 17.64
CA TYR WA 117 -86.69 95.26 16.98
C TYR WA 117 -85.82 94.42 16.05
N TYR WA 118 -84.80 95.03 15.44
CA TYR WA 118 -83.84 94.26 14.66
C TYR WA 118 -82.48 94.12 15.32
N ARG WA 119 -82.16 94.93 16.33
CA ARG WA 119 -80.96 94.67 17.11
C ARG WA 119 -81.05 93.31 17.78
N PHE WA 120 -82.26 92.91 18.19
CA PHE WA 120 -82.45 91.55 18.70
C PHE WA 120 -81.97 90.52 17.70
N GLU WA 121 -82.44 90.62 16.45
CA GLU WA 121 -82.08 89.64 15.43
C GLU WA 121 -80.58 89.71 15.11
N THR WA 122 -80.00 90.91 15.08
CA THR WA 122 -78.58 91.02 14.80
C THR WA 122 -77.75 90.36 15.89
N TRP WA 123 -78.12 90.54 17.17
CA TRP WA 123 -77.37 89.92 18.24
C TRP WA 123 -77.58 88.41 18.27
N LEU WA 124 -78.78 87.95 17.90
CA LEU WA 124 -79.00 86.51 17.73
C LEU WA 124 -78.11 85.96 16.63
N SER WA 125 -77.97 86.70 15.53
CA SER WA 125 -77.06 86.28 14.46
C SER WA 125 -75.63 86.24 14.95
N SER WA 126 -75.24 87.20 15.79
CA SER WA 126 -73.87 87.22 16.30
C SER WA 126 -73.61 86.01 17.20
N MET WA 127 -74.54 85.68 18.09
CA MET WA 127 -74.35 84.52 18.96
C MET WA 127 -74.33 83.23 18.14
N TYR WA 128 -75.17 83.14 17.11
CA TYR WA 128 -75.13 81.97 16.23
C TYR WA 128 -73.80 81.89 15.49
N ASN WA 129 -73.27 83.04 15.07
CA ASN WA 129 -71.96 83.07 14.43
C ASN WA 129 -70.88 82.55 15.35
N LYS WA 130 -70.90 82.99 16.61
CA LYS WA 130 -69.92 82.50 17.57
C LYS WA 130 -70.03 80.99 17.76
N VAL WA 131 -71.28 80.49 17.87
CA VAL WA 131 -71.48 79.06 18.07
C VAL WA 131 -70.94 78.27 16.89
N VAL WA 132 -71.26 78.70 15.66
CA VAL WA 132 -70.81 77.95 14.49
C VAL WA 132 -69.31 78.08 14.30
N THR WA 133 -68.71 79.20 14.70
CA THR WA 133 -67.26 79.34 14.64
C THR WA 133 -66.59 78.37 15.60
N ALA WA 134 -67.12 78.23 16.81
CA ALA WA 134 -66.59 77.24 17.74
C ALA WA 134 -66.91 75.81 17.32
N TYR WA 135 -67.91 75.63 16.45
CA TYR WA 135 -68.33 74.29 16.05
C TYR WA 135 -67.22 73.54 15.30
N ALA WA 136 -66.52 74.22 14.40
CA ALA WA 136 -65.66 73.55 13.43
C ALA WA 136 -64.23 73.35 13.92
N ASP WA 137 -63.85 73.86 15.09
CA ASP WA 137 -62.46 73.81 15.54
C ASP WA 137 -61.98 72.38 15.69
N THR WA 138 -62.61 71.61 16.58
CA THR WA 138 -62.17 70.24 16.81
C THR WA 138 -62.36 69.37 15.58
N TRP WA 139 -63.40 69.65 14.78
CA TRP WA 139 -63.61 68.88 13.55
C TRP WA 139 -62.44 69.06 12.59
N GLU WA 140 -62.03 70.31 12.36
CA GLU WA 140 -60.89 70.56 11.48
C GLU WA 140 -59.61 69.98 12.06
N LYS WA 141 -59.43 70.07 13.38
CA LYS WA 141 -58.23 69.54 14.00
C LYS WA 141 -58.13 68.03 13.82
N THR WA 142 -59.23 67.32 14.06
CA THR WA 142 -59.20 65.86 13.93
C THR WA 142 -59.09 65.45 12.46
N VAL WA 143 -59.68 66.22 11.54
CA VAL WA 143 -59.49 65.94 10.12
C VAL WA 143 -58.03 66.10 9.74
N SER WA 144 -57.38 67.16 10.25
CA SER WA 144 -55.97 67.38 9.95
C SER WA 144 -55.09 66.27 10.50
N ILE WA 145 -55.33 65.84 11.74
CA ILE WA 145 -54.49 64.79 12.32
C ILE WA 145 -54.74 63.46 11.61
N GLN WA 146 -55.99 63.19 11.22
CA GLN WA 146 -56.28 61.98 10.46
C GLN WA 146 -55.60 62.01 9.10
N LYS WA 147 -55.58 63.17 8.45
CA LYS WA 147 -54.88 63.31 7.18
C LYS WA 147 -53.38 63.08 7.36
N SER WA 148 -52.81 63.60 8.44
CA SER WA 148 -51.39 63.38 8.69
C SER WA 148 -51.10 61.90 8.93
N ALA WA 149 -51.97 61.22 9.68
CA ALA WA 149 -51.78 59.79 9.92
C ALA WA 149 -51.87 58.99 8.62
N LEU WA 150 -52.85 59.32 7.77
CA LEU WA 150 -52.96 58.64 6.48
C LEU WA 150 -51.74 58.91 5.61
N GLN WA 151 -51.22 60.14 5.64
CA GLN WA 151 -50.02 60.48 4.89
C GLN WA 151 -48.82 59.67 5.39
N GLU WA 152 -48.70 59.51 6.70
CA GLU WA 152 -47.54 58.83 7.26
C GLU WA 152 -47.60 57.33 7.03
N LEU WA 153 -48.80 56.73 7.15
CA LEU WA 153 -48.94 55.28 7.12
C LEU WA 153 -48.96 54.71 5.71
N SER WA 154 -49.03 55.54 4.67
CA SER WA 154 -49.26 55.03 3.33
C SER WA 154 -48.08 54.22 2.81
N ALA WA 155 -46.86 54.67 3.06
CA ALA WA 155 -45.66 54.08 2.46
C ALA WA 155 -44.65 53.73 3.55
N PRO WA 156 -44.90 52.67 4.31
CA PRO WA 156 -43.93 52.24 5.33
C PRO WA 156 -42.85 51.37 4.71
N LEU WA 157 -41.65 51.91 4.58
CA LEU WA 157 -40.49 51.14 4.19
C LEU WA 157 -39.80 50.51 5.40
N LEU WA 158 -40.34 50.73 6.59
CA LEU WA 158 -39.73 50.21 7.81
C LEU WA 158 -39.41 48.72 7.77
N PRO WA 159 -40.25 47.85 7.20
CA PRO WA 159 -39.82 46.46 7.02
C PRO WA 159 -38.51 46.40 6.26
N ILE WA 160 -37.47 45.91 6.94
CA ILE WA 160 -36.12 45.88 6.41
C ILE WA 160 -35.55 44.49 6.64
N PHE WA 161 -34.83 43.97 5.66
CA PHE WA 161 -34.10 42.73 5.78
C PHE WA 161 -32.64 42.99 5.39
N GLU WA 162 -31.78 42.02 5.70
CA GLU WA 162 -30.37 42.12 5.38
C GLU WA 162 -30.18 42.25 3.87
N LYS WA 163 -29.84 43.46 3.40
CA LYS WA 163 -29.75 43.83 1.99
C LYS WA 163 -31.08 43.70 1.25
N ILE WA 164 -32.20 43.68 1.97
CA ILE WA 164 -33.53 43.65 1.34
C ILE WA 164 -34.41 44.68 2.02
N SER WA 165 -35.18 45.43 1.23
CA SER WA 165 -36.05 46.47 1.76
C SER WA 165 -37.45 46.30 1.16
N VAL WA 166 -38.28 45.51 1.84
CA VAL WA 166 -39.65 45.29 1.40
C VAL WA 166 -40.52 46.45 1.83
N MET WA 167 -41.40 46.89 0.92
CA MET WA 167 -42.28 48.03 1.17
C MET WA 167 -43.73 47.59 1.02
N PRO WA 168 -44.42 47.26 2.12
CA PRO WA 168 -45.81 46.80 2.02
C PRO WA 168 -46.78 47.99 1.95
N LEU WA 169 -47.59 48.01 0.90
CA LEU WA 169 -48.70 48.94 0.79
C LEU WA 169 -49.99 48.14 0.64
N ILE WA 170 -51.02 48.52 1.38
CA ILE WA 170 -52.30 47.82 1.36
C ILE WA 170 -53.46 48.74 0.99
N GLY WA 171 -53.48 49.97 1.51
CA GLY WA 171 -54.62 50.83 1.30
C GLY WA 171 -54.79 51.25 -0.15
N THR WA 172 -56.01 51.65 -0.47
CA THR WA 172 -56.34 52.11 -1.82
C THR WA 172 -55.54 53.37 -2.14
N ILE WA 173 -54.98 53.42 -3.35
CA ILE WA 173 -54.06 54.48 -3.75
C ILE WA 173 -54.69 55.31 -4.85
N ASP WA 174 -54.54 56.62 -4.76
CA ASP WA 174 -54.93 57.58 -5.79
C ASP WA 174 -53.72 58.43 -6.17
N THR WA 175 -53.97 59.49 -6.95
CA THR WA 175 -52.87 60.28 -7.50
C THR WA 175 -51.97 60.86 -6.41
N GLU WA 176 -52.58 61.53 -5.42
CA GLU WA 176 -51.79 62.09 -4.33
C GLU WA 176 -51.09 60.99 -3.55
N ARG WA 177 -51.81 59.89 -3.26
CA ARG WA 177 -51.18 58.78 -2.57
C ARG WA 177 -50.10 58.12 -3.41
N ALA WA 178 -50.26 58.07 -4.74
CA ALA WA 178 -49.21 57.54 -5.59
C ALA WA 178 -47.96 58.40 -5.55
N LYS WA 179 -48.13 59.73 -5.56
CA LYS WA 179 -46.99 60.61 -5.41
C LYS WA 179 -46.33 60.41 -4.06
N LEU WA 180 -47.13 60.22 -3.01
CA LEU WA 180 -46.58 59.91 -1.70
C LEU WA 180 -45.75 58.64 -1.74
N ILE WA 181 -46.26 57.60 -2.40
CA ILE WA 181 -45.55 56.33 -2.47
C ILE WA 181 -44.23 56.49 -3.18
N ILE WA 182 -44.24 57.16 -4.34
CA ILE WA 182 -42.99 57.29 -5.10
C ILE WA 182 -41.97 58.11 -4.31
N GLU WA 183 -42.40 59.22 -3.72
CA GLU WA 183 -41.48 60.06 -2.95
C GLU WA 183 -40.89 59.28 -1.78
N ASN WA 184 -41.74 58.64 -0.98
CA ASN WA 184 -41.28 57.94 0.20
C ASN WA 184 -40.37 56.77 -0.17
N LEU WA 185 -40.75 56.01 -1.20
CA LEU WA 185 -39.93 54.87 -1.62
C LEU WA 185 -38.56 55.33 -2.09
N LEU WA 186 -38.51 56.40 -2.90
CA LEU WA 186 -37.24 56.86 -3.39
C LEU WA 186 -36.35 57.37 -2.25
N ILE WA 187 -36.91 58.18 -1.36
CA ILE WA 187 -36.08 58.72 -0.29
C ILE WA 187 -35.63 57.61 0.65
N GLY WA 188 -36.48 56.62 0.90
CA GLY WA 188 -36.08 55.52 1.76
C GLY WA 188 -34.99 54.67 1.13
N VAL WA 189 -35.14 54.33 -0.15
CA VAL WA 189 -34.12 53.52 -0.81
C VAL WA 189 -32.83 54.30 -0.98
N VAL WA 190 -32.89 55.64 -0.99
CA VAL WA 190 -31.66 56.42 -0.92
C VAL WA 190 -31.06 56.33 0.46
N LYS WA 191 -31.89 56.41 1.52
CA LYS WA 191 -31.37 56.45 2.87
C LYS WA 191 -30.66 55.16 3.24
N ASN WA 192 -31.23 54.01 2.89
CA ASN WA 192 -30.66 52.72 3.24
C ASN WA 192 -30.05 52.06 2.01
N ARG WA 193 -29.22 51.05 2.26
CA ARG WA 193 -28.54 50.32 1.21
C ARG WA 193 -29.24 48.99 1.00
N SER WA 194 -29.69 48.73 -0.23
CA SER WA 194 -30.40 47.50 -0.54
C SER WA 194 -30.27 47.22 -2.02
N GLU WA 195 -30.51 45.96 -2.39
CA GLU WA 195 -30.41 45.54 -3.78
C GLU WA 195 -31.73 45.09 -4.36
N VAL WA 196 -32.68 44.64 -3.55
CA VAL WA 196 -34.01 44.26 -4.01
C VAL WA 196 -35.03 44.98 -3.14
N VAL WA 197 -35.99 45.63 -3.78
CA VAL WA 197 -37.04 46.37 -3.08
C VAL WA 197 -38.36 45.69 -3.42
N LEU WA 198 -38.83 44.83 -2.52
CA LEU WA 198 -40.07 44.10 -2.73
C LEU WA 198 -41.24 45.05 -2.53
N ILE WA 199 -41.91 45.43 -3.61
CA ILE WA 199 -43.14 46.21 -3.50
C ILE WA 199 -44.30 45.24 -3.31
N ASP WA 200 -44.97 45.33 -2.16
CA ASP WA 200 -46.06 44.42 -1.82
C ASP WA 200 -47.37 45.10 -2.24
N ILE WA 201 -47.67 44.99 -3.53
CA ILE WA 201 -48.89 45.59 -4.07
C ILE WA 201 -50.14 44.85 -3.63
N THR WA 202 -50.01 43.67 -3.03
CA THR WA 202 -51.17 42.92 -2.57
C THR WA 202 -51.93 43.71 -1.52
N GLY WA 203 -53.25 43.74 -1.65
CA GLY WA 203 -54.12 44.45 -0.73
C GLY WA 203 -54.81 45.65 -1.33
N VAL WA 204 -54.31 46.20 -2.43
CA VAL WA 204 -54.99 47.31 -3.07
C VAL WA 204 -56.21 46.79 -3.83
N PRO WA 205 -57.40 47.34 -3.59
CA PRO WA 205 -58.60 46.82 -4.28
C PRO WA 205 -58.54 47.01 -5.79
N VAL WA 206 -58.36 48.25 -6.24
CA VAL WA 206 -58.36 48.56 -7.66
C VAL WA 206 -57.38 49.69 -7.91
N VAL WA 207 -56.71 49.65 -9.06
CA VAL WA 207 -55.72 50.64 -9.44
C VAL WA 207 -56.15 51.25 -10.77
N ASP WA 208 -56.20 52.58 -10.82
CA ASP WA 208 -56.59 53.27 -12.04
C ASP WA 208 -55.41 53.35 -13.01
N THR WA 209 -55.62 54.05 -14.12
CA THR WA 209 -54.58 54.16 -15.14
C THR WA 209 -53.39 54.95 -14.62
N MET WA 210 -53.63 56.13 -14.05
CA MET WA 210 -52.53 56.98 -13.63
C MET WA 210 -51.77 56.37 -12.46
N VAL WA 211 -52.48 55.72 -11.54
CA VAL WA 211 -51.80 55.08 -10.42
C VAL WA 211 -50.95 53.91 -10.90
N ALA WA 212 -51.45 53.13 -11.85
CA ALA WA 212 -50.65 52.05 -12.41
C ALA WA 212 -49.41 52.58 -13.12
N HIS WA 213 -49.57 53.67 -13.87
CA HIS WA 213 -48.42 54.28 -14.52
C HIS WA 213 -47.40 54.76 -13.49
N HIS WA 214 -47.89 55.34 -12.39
CA HIS WA 214 -47.00 55.81 -11.34
C HIS WA 214 -46.24 54.66 -10.69
N ILE WA 215 -46.93 53.54 -10.44
CA ILE WA 215 -46.24 52.42 -9.80
C ILE WA 215 -45.24 51.79 -10.75
N ILE WA 216 -45.55 51.76 -12.06
CA ILE WA 216 -44.57 51.25 -13.02
C ILE WA 216 -43.35 52.16 -13.07
N GLN WA 217 -43.56 53.48 -13.08
CA GLN WA 217 -42.42 54.39 -13.02
C GLN WA 217 -41.68 54.27 -11.70
N ALA WA 218 -42.37 53.90 -10.62
CA ALA WA 218 -41.68 53.64 -9.35
C ALA WA 218 -40.75 52.45 -9.47
N SER WA 219 -41.23 51.38 -10.13
CA SER WA 219 -40.36 50.24 -10.38
C SER WA 219 -39.17 50.64 -11.24
N GLU WA 220 -39.42 51.46 -12.25
CA GLU WA 220 -38.33 51.93 -13.12
C GLU WA 220 -37.31 52.74 -12.33
N ALA WA 221 -37.78 53.61 -11.44
CA ALA WA 221 -36.87 54.40 -10.62
C ALA WA 221 -36.06 53.53 -9.67
N VAL WA 222 -36.70 52.53 -9.07
CA VAL WA 222 -35.96 51.61 -8.20
C VAL WA 222 -34.88 50.90 -8.99
N ARG WA 223 -35.18 50.49 -10.22
CA ARG WA 223 -34.16 49.87 -11.07
C ARG WA 223 -33.07 50.86 -11.41
N LEU WA 224 -33.43 52.12 -11.65
CA LEU WA 224 -32.46 53.12 -12.08
C LEU WA 224 -31.56 53.59 -10.95
N VAL WA 225 -31.98 53.41 -9.70
CA VAL WA 225 -31.17 53.80 -8.56
C VAL WA 225 -30.37 52.58 -8.16
N GLY WA 226 -30.46 51.52 -8.97
CA GLY WA 226 -29.61 50.36 -8.80
C GLY WA 226 -30.13 49.34 -7.82
N CYS WA 227 -31.44 49.09 -7.86
CA CYS WA 227 -32.06 48.10 -6.98
C CYS WA 227 -33.07 47.32 -7.80
N GLN WA 228 -33.07 46.00 -7.65
CA GLN WA 228 -34.06 45.18 -8.31
C GLN WA 228 -35.44 45.46 -7.71
N ALA WA 229 -36.45 45.57 -8.58
CA ALA WA 229 -37.80 45.89 -8.18
C ALA WA 229 -38.69 44.68 -8.44
N MET WA 230 -39.20 44.08 -7.37
CA MET WA 230 -40.07 42.91 -7.46
C MET WA 230 -41.48 43.35 -7.06
N LEU WA 231 -42.36 43.46 -8.04
CA LEU WA 231 -43.76 43.85 -7.79
C LEU WA 231 -44.51 42.57 -7.42
N VAL WA 232 -44.78 42.40 -6.13
CA VAL WA 232 -45.14 41.10 -5.57
C VAL WA 232 -46.66 41.03 -5.39
N GLY WA 233 -47.25 39.91 -5.80
CA GLY WA 233 -48.62 39.59 -5.49
C GLY WA 233 -49.65 40.51 -6.08
N ILE WA 234 -49.53 40.82 -7.37
CA ILE WA 234 -50.48 41.68 -8.03
C ILE WA 234 -51.80 40.95 -8.22
N ARG WA 235 -52.90 41.60 -7.86
CA ARG WA 235 -54.22 41.01 -7.93
C ARG WA 235 -54.72 40.99 -9.38
N PRO WA 236 -55.75 40.14 -9.68
CA PRO WA 236 -56.14 39.92 -11.08
C PRO WA 236 -56.44 41.18 -11.88
N GLU WA 237 -57.41 41.98 -11.42
CA GLU WA 237 -57.84 43.14 -12.20
C GLU WA 237 -56.72 44.15 -12.38
N ILE WA 238 -55.84 44.29 -11.38
CA ILE WA 238 -54.72 45.20 -11.53
C ILE WA 238 -53.80 44.73 -12.64
N ALA WA 239 -53.52 43.43 -12.70
CA ALA WA 239 -52.70 42.90 -13.79
C ALA WA 239 -53.39 43.10 -15.14
N GLN WA 240 -54.70 42.88 -15.17
CA GLN WA 240 -55.52 43.05 -16.36
C GLN WA 240 -55.43 44.48 -16.90
N TPO WA 241 -55.51 45.44 -15.98
N TPO WA 241 -55.50 45.46 -16.00
CA TPO WA 241 -55.48 46.85 -16.34
CA TPO WA 241 -55.48 46.86 -16.44
CB TPO WA 241 -55.97 47.70 -15.16
CB TPO WA 241 -56.21 47.73 -15.42
CG2 TPO WA 241 -55.22 49.03 -15.04
CG2 TPO WA 241 -55.48 47.73 -14.09
OG1 TPO WA 241 -57.35 47.98 -15.35
OG1 TPO WA 241 -56.20 49.07 -15.93
P TPO WA 241 -58.11 47.47 -14.02
P TPO WA 241 -57.37 49.19 -17.04
O1P TPO WA 241 -59.42 48.38 -13.78
O1P TPO WA 241 -56.70 49.20 -18.50
O2P TPO WA 241 -58.55 45.94 -14.19
O2P TPO WA 241 -58.38 47.95 -16.91
O3P TPO WA 241 -57.21 47.61 -12.85
O3P TPO WA 241 -58.12 50.44 -16.82
C TPO WA 241 -54.07 47.27 -16.76
C TPO WA 241 -54.07 47.39 -16.67
O TPO WA 241 -53.90 48.08 -17.68
O TPO WA 241 -53.89 48.38 -17.36
N ILE WA 242 -53.06 46.72 -16.11
CA ILE WA 242 -51.68 47.08 -16.41
C ILE WA 242 -51.32 46.56 -17.79
N VAL WA 243 -51.73 45.33 -18.10
CA VAL WA 243 -51.43 44.78 -19.41
C VAL WA 243 -52.25 45.51 -20.49
N ASN WA 244 -53.50 45.88 -20.18
CA ASN WA 244 -54.23 46.67 -21.17
C ASN WA 244 -53.76 48.12 -21.23
N LEU WA 245 -52.92 48.56 -20.30
CA LEU WA 245 -52.36 49.91 -20.42
C LEU WA 245 -51.42 50.02 -21.61
N GLY WA 246 -50.81 48.90 -22.01
CA GLY WA 246 -49.94 48.88 -23.17
C GLY WA 246 -48.53 49.35 -22.95
N ILE WA 247 -48.18 49.74 -21.73
CA ILE WA 247 -46.84 50.21 -21.43
C ILE WA 247 -45.89 49.02 -21.40
N GLU WA 248 -44.58 49.28 -21.43
CA GLU WA 248 -43.61 48.20 -21.40
C GLU WA 248 -43.61 47.50 -20.05
N LEU WA 249 -43.68 46.17 -20.08
CA LEU WA 249 -43.76 45.37 -18.86
C LEU WA 249 -42.66 44.31 -18.79
N ASP WA 250 -41.60 44.47 -19.58
CA ASP WA 250 -40.52 43.49 -19.58
C ASP WA 250 -39.61 43.64 -18.37
N GLN WA 251 -39.38 44.88 -17.93
CA GLN WA 251 -38.42 45.13 -16.85
C GLN WA 251 -38.94 44.74 -15.47
N ILE WA 252 -40.26 44.62 -15.31
CA ILE WA 252 -40.85 44.28 -14.02
C ILE WA 252 -40.93 42.76 -13.90
N ILE WA 253 -40.43 42.24 -12.78
CA ILE WA 253 -40.53 40.82 -12.47
C ILE WA 253 -41.45 40.71 -11.26
N THR WA 254 -42.51 39.93 -11.40
CA THR WA 254 -43.54 39.82 -10.37
C THR WA 254 -43.51 38.44 -9.74
N THR WA 255 -44.38 38.25 -8.75
CA THR WA 255 -44.44 37.00 -8.01
C THR WA 255 -45.82 36.85 -7.39
N ASN WA 256 -46.28 35.60 -7.30
CA ASN WA 256 -47.64 35.34 -6.80
C ASN WA 256 -47.79 35.76 -5.35
N THR WA 257 -46.83 35.41 -4.50
CA THR WA 257 -46.93 35.66 -3.07
C THR WA 257 -45.60 36.18 -2.54
N MET WA 258 -45.64 36.81 -1.37
CA MET WA 258 -44.48 37.54 -0.90
C MET WA 258 -43.39 36.62 -0.38
N LYS WA 259 -43.74 35.43 0.09
CA LYS WA 259 -42.72 34.46 0.46
C LYS WA 259 -41.91 34.01 -0.76
N LYS WA 260 -42.60 33.76 -1.87
CA LYS WA 260 -41.90 33.38 -3.09
C LYS WA 260 -41.06 34.53 -3.64
N GLY WA 261 -41.58 35.76 -3.56
CA GLY WA 261 -40.78 36.90 -3.97
C GLY WA 261 -39.56 37.09 -3.10
N MET WA 262 -39.72 36.89 -1.79
CA MET WA 262 -38.59 37.00 -0.87
C MET WA 262 -37.52 35.95 -1.16
N GLU WA 263 -37.94 34.71 -1.40
CA GLU WA 263 -36.95 33.69 -1.70
C GLU WA 263 -36.29 33.91 -3.06
N ARG WA 264 -37.03 34.46 -4.03
CA ARG WA 264 -36.40 34.83 -5.29
C ARG WA 264 -35.36 35.93 -5.09
N ALA WA 265 -35.69 36.93 -4.28
CA ALA WA 265 -34.75 38.01 -3.99
C ALA WA 265 -33.51 37.46 -3.31
N LEU WA 266 -33.69 36.56 -2.34
CA LEU WA 266 -32.54 35.93 -1.70
C LEU WA 266 -31.78 35.03 -2.67
N ALA WA 267 -32.46 34.52 -3.70
CA ALA WA 267 -31.75 33.80 -4.75
C ALA WA 267 -30.88 34.73 -5.58
N LEU WA 268 -31.33 35.96 -5.80
CA LEU WA 268 -30.49 36.94 -6.52
C LEU WA 268 -29.20 37.21 -5.78
N THR WA 269 -29.27 37.39 -4.46
CA THR WA 269 -28.09 37.54 -3.61
C THR WA 269 -27.68 36.15 -3.15
N ASN WA 270 -26.80 35.52 -3.93
CA ASN WA 270 -26.61 34.07 -3.86
C ASN WA 270 -26.28 33.57 -2.46
N ARG WA 271 -25.36 34.24 -1.76
CA ARG WA 271 -24.95 33.75 -0.45
C ARG WA 271 -26.01 33.98 0.62
N GLU WA 272 -26.94 34.91 0.39
CA GLU WA 272 -27.92 35.23 1.42
C GLU WA 272 -28.90 34.09 1.63
N ILE WA 273 -29.34 33.45 0.54
CA ILE WA 273 -30.36 32.40 0.64
C ILE WA 273 -29.79 31.17 1.34
N VAL WA 274 -28.49 30.94 1.25
CA VAL WA 274 -27.88 29.79 1.90
C VAL WA 274 -26.66 30.24 2.71
N MET XA 1 -16.81 71.99 -5.65
CA MET XA 1 -16.37 72.89 -6.70
C MET XA 1 -15.13 72.35 -7.41
N GLY XA 2 -14.02 72.24 -6.66
CA GLY XA 2 -12.78 71.76 -7.23
C GLY XA 2 -12.01 70.82 -6.32
N ILE XA 3 -12.70 70.18 -5.38
CA ILE XA 3 -12.08 69.24 -4.46
C ILE XA 3 -12.86 67.93 -4.54
N PRO XA 4 -12.59 67.08 -5.52
CA PRO XA 4 -13.42 65.88 -5.73
C PRO XA 4 -13.06 64.70 -4.85
N ILE XA 5 -13.57 64.66 -3.63
CA ILE XA 5 -13.37 63.50 -2.77
C ILE XA 5 -14.05 62.28 -3.39
N LEU XA 6 -13.29 61.19 -3.53
CA LEU XA 6 -13.80 59.93 -4.03
C LEU XA 6 -13.48 58.83 -3.02
N LYS XA 7 -14.48 57.99 -2.73
CA LYS XA 7 -14.34 56.92 -1.76
C LYS XA 7 -14.48 55.58 -2.46
N LEU XA 8 -13.49 54.70 -2.26
CA LEU XA 8 -13.53 53.39 -2.86
C LEU XA 8 -12.58 52.47 -2.12
N GLY XA 9 -13.01 51.21 -1.92
CA GLY XA 9 -12.14 50.20 -1.37
C GLY XA 9 -11.56 50.57 -0.02
N GLU XA 10 -12.41 51.06 0.88
CA GLU XA 10 -12.03 51.54 2.22
C GLU XA 10 -10.82 52.48 2.16
N CYS XA 11 -10.62 53.13 1.02
CA CYS XA 11 -9.59 54.15 0.82
C CYS XA 11 -10.26 55.44 0.38
N LEU XA 12 -9.43 56.43 0.03
CA LEU XA 12 -9.93 57.71 -0.42
C LEU XA 12 -9.01 58.26 -1.49
N LEU XA 13 -9.59 58.74 -2.59
CA LEU XA 13 -8.84 59.36 -3.68
C LEU XA 13 -9.24 60.82 -3.77
N ILE XA 14 -8.26 61.70 -3.93
CA ILE XA 14 -8.52 63.12 -4.11
C ILE XA 14 -7.67 63.59 -5.28
N SER XA 15 -8.14 64.66 -5.95
CA SER XA 15 -7.48 65.14 -7.15
C SER XA 15 -7.44 66.66 -7.15
N ILE XA 16 -6.38 67.23 -7.72
CA ILE XA 16 -6.21 68.67 -7.81
C ILE XA 16 -6.26 69.07 -9.27
N GLN XA 17 -7.12 70.04 -9.58
CA GLN XA 17 -7.23 70.57 -10.94
C GLN XA 17 -7.32 72.09 -10.96
N SER XA 18 -7.00 72.77 -9.86
CA SER XA 18 -7.20 74.21 -9.74
C SER XA 18 -5.96 75.02 -10.07
N GLU XA 19 -4.79 74.62 -9.57
CA GLU XA 19 -3.49 75.23 -9.91
C GLU XA 19 -3.36 76.67 -9.42
N LEU XA 20 -4.11 77.07 -8.40
CA LEU XA 20 -3.92 78.38 -7.78
C LEU XA 20 -3.52 78.18 -6.32
N ASP XA 21 -3.13 79.27 -5.66
CA ASP XA 21 -2.52 79.17 -4.34
C ASP XA 21 -3.54 79.25 -3.20
N ASP XA 22 -4.24 80.38 -3.06
CA ASP XA 22 -4.91 80.68 -1.81
C ASP XA 22 -6.13 79.79 -1.54
N HIS XA 23 -7.17 79.93 -2.36
CA HIS XA 23 -8.40 79.19 -2.07
C HIS XA 23 -8.16 77.69 -2.21
N THR XA 24 -7.32 77.29 -3.16
CA THR XA 24 -6.97 75.88 -3.26
C THR XA 24 -6.39 75.39 -1.96
N ALA XA 25 -5.41 76.10 -1.41
CA ALA XA 25 -4.79 75.69 -0.15
C ALA XA 25 -5.81 75.55 0.95
N VAL XA 26 -6.54 76.63 1.25
CA VAL XA 26 -7.41 76.63 2.42
C VAL XA 26 -8.56 75.63 2.25
N GLU XA 27 -9.27 75.71 1.12
CA GLU XA 27 -10.41 74.83 0.90
C GLU XA 27 -9.96 73.37 0.82
N PHE XA 28 -8.84 73.12 0.15
CA PHE XA 28 -8.32 71.76 0.03
C PHE XA 28 -8.03 71.16 1.38
N GLN XA 29 -7.26 71.88 2.22
CA GLN XA 29 -6.91 71.33 3.51
C GLN XA 29 -8.15 71.10 4.37
N GLU XA 30 -9.06 72.09 4.42
CA GLU XA 30 -10.22 71.94 5.29
C GLU XA 30 -11.11 70.81 4.79
N ASP XA 31 -11.30 70.69 3.49
CA ASP XA 31 -12.21 69.68 2.95
C ASP XA 31 -11.62 68.28 3.11
N LEU XA 32 -10.33 68.11 2.79
CA LEU XA 32 -9.72 66.81 2.95
C LEU XA 32 -9.73 66.38 4.40
N LEU XA 33 -9.41 67.29 5.33
CA LEU XA 33 -9.44 66.94 6.74
C LEU XA 33 -10.87 66.59 7.18
N ALA XA 34 -11.85 67.38 6.75
CA ALA XA 34 -13.23 67.13 7.15
C ALA XA 34 -13.70 65.75 6.67
N LYS XA 35 -13.37 65.40 5.43
CA LYS XA 35 -13.79 64.10 4.92
C LYS XA 35 -13.03 62.96 5.59
N ILE XA 36 -11.71 63.09 5.72
CA ILE XA 36 -10.94 61.99 6.31
C ILE XA 36 -11.36 61.76 7.75
N HIS XA 37 -11.81 62.81 8.45
CA HIS XA 37 -12.40 62.57 9.76
C HIS XA 37 -13.80 61.98 9.66
N GLU XA 38 -14.61 62.48 8.72
CA GLU XA 38 -16.00 62.06 8.65
C GLU XA 38 -16.13 60.63 8.16
N THR XA 39 -15.40 60.27 7.11
CA THR XA 39 -15.33 58.89 6.64
C THR XA 39 -13.98 58.33 7.05
N SER XA 40 -14.00 57.22 7.78
CA SER XA 40 -12.78 56.61 8.30
C SER XA 40 -12.12 55.81 7.19
N ALA XA 41 -11.10 56.38 6.57
CA ALA XA 41 -10.33 55.71 5.53
C ALA XA 41 -8.88 55.61 5.96
N ARG XA 42 -8.33 54.39 5.92
CA ARG XA 42 -6.96 54.19 6.37
C ARG XA 42 -5.95 54.87 5.45
N GLY XA 43 -6.19 54.82 4.14
CA GLY XA 43 -5.26 55.40 3.20
C GLY XA 43 -5.89 56.42 2.27
N VAL XA 44 -5.36 57.65 2.29
CA VAL XA 44 -5.83 58.72 1.42
C VAL XA 44 -4.77 58.97 0.36
N VAL XA 45 -5.22 59.13 -0.89
CA VAL XA 45 -4.35 59.24 -2.05
C VAL XA 45 -4.59 60.60 -2.70
N ILE XA 46 -3.50 61.34 -2.94
CA ILE XA 46 -3.61 62.72 -3.43
C ILE XA 46 -3.03 62.80 -4.84
N ASP XA 47 -3.41 63.85 -5.56
CA ASP XA 47 -3.04 64.05 -6.96
C ASP XA 47 -2.31 65.38 -7.09
N ILE XA 48 -1.17 65.38 -7.78
CA ILE XA 48 -0.47 66.62 -8.08
C ILE XA 48 -0.10 66.74 -9.56
N THR XA 49 -0.47 65.76 -10.39
CA THR XA 49 -0.04 65.76 -11.79
C THR XA 49 -0.42 67.05 -12.50
N SER XA 50 -1.65 67.54 -12.29
CA SER XA 50 -2.08 68.74 -12.99
C SER XA 50 -1.28 69.96 -12.58
N ILE XA 51 -0.79 70.00 -11.34
CA ILE XA 51 -0.06 71.16 -10.86
C ILE XA 51 1.26 71.27 -11.61
N ASP XA 52 1.56 72.48 -12.08
CA ASP XA 52 2.81 72.75 -12.77
C ASP XA 52 3.55 73.96 -12.20
N PHE XA 53 3.06 74.53 -11.10
CA PHE XA 53 3.74 75.63 -10.43
C PHE XA 53 3.43 75.57 -8.95
N ILE XA 54 4.48 75.62 -8.13
CA ILE XA 54 4.35 75.52 -6.68
C ILE XA 54 5.26 76.56 -6.04
N ASP XA 55 4.73 77.31 -5.08
CA ASP XA 55 5.50 78.22 -4.25
C ASP XA 55 5.61 77.65 -2.83
N SER XA 56 6.17 78.45 -1.93
CA SER XA 56 6.30 78.00 -0.54
C SER XA 56 4.93 77.79 0.10
N PHE XA 57 3.93 78.59 -0.29
CA PHE XA 57 2.60 78.48 0.30
C PHE XA 57 2.02 77.09 0.11
N ILE XA 58 1.82 76.69 -1.16
CA ILE XA 58 1.20 75.40 -1.43
C ILE XA 58 2.09 74.27 -0.96
N ALA XA 59 3.41 74.46 -0.99
CA ALA XA 59 4.32 73.42 -0.52
C ALA XA 59 4.10 73.13 0.97
N LYS XA 60 4.11 74.19 1.80
CA LYS XA 60 3.89 73.97 3.21
C LYS XA 60 2.47 73.50 3.50
N ILE XA 61 1.50 73.93 2.68
CA ILE XA 61 0.13 73.45 2.87
C ILE XA 61 0.05 71.95 2.60
N LEU XA 62 0.69 71.49 1.54
CA LEU XA 62 0.73 70.05 1.26
C LEU XA 62 1.45 69.29 2.36
N GLY XA 63 2.55 69.87 2.88
CA GLY XA 63 3.25 69.23 3.98
C GLY XA 63 2.36 69.07 5.21
N ASP XA 64 1.62 70.14 5.55
CA ASP XA 64 0.71 70.07 6.70
C ASP XA 64 -0.41 69.08 6.46
N VAL XA 65 -0.94 69.04 5.23
CA VAL XA 65 -2.01 68.09 4.92
C VAL XA 65 -1.52 66.66 5.07
N VAL XA 66 -0.31 66.38 4.57
CA VAL XA 66 0.25 65.05 4.72
C VAL XA 66 0.48 64.72 6.18
N SER XA 67 0.96 65.69 6.96
CA SER XA 67 1.19 65.46 8.38
C SER XA 67 -0.10 65.11 9.09
N MET XA 68 -1.17 65.85 8.82
CA MET XA 68 -2.45 65.59 9.49
C MET XA 68 -3.05 64.26 9.03
N SER XA 69 -2.97 63.96 7.75
CA SER XA 69 -3.48 62.68 7.27
C SER XA 69 -2.72 61.53 7.92
N LYS XA 70 -1.40 61.66 8.04
CA LYS XA 70 -0.62 60.68 8.79
C LYS XA 70 -1.06 60.62 10.25
N LEU XA 71 -1.48 61.76 10.80
CA LEU XA 71 -2.07 61.78 12.14
C LEU XA 71 -3.42 61.09 12.20
N MET XA 72 -4.03 60.78 11.05
CA MET XA 72 -5.24 59.96 11.08
C MET XA 72 -5.20 58.70 10.22
N GLY XA 73 -4.21 58.53 9.35
CA GLY XA 73 -4.16 57.32 8.54
C GLY XA 73 -2.97 57.33 7.61
N ALA XA 74 -2.84 56.25 6.86
CA ALA XA 74 -1.75 56.15 5.89
C ALA XA 74 -1.90 57.21 4.81
N LYS XA 75 -0.79 57.80 4.39
CA LYS XA 75 -0.79 58.89 3.43
C LYS XA 75 0.21 58.61 2.33
N VAL XA 76 -0.13 59.04 1.11
CA VAL XA 76 0.73 58.86 -0.05
C VAL XA 76 0.47 60.00 -1.02
N VAL XA 77 1.54 60.49 -1.64
CA VAL XA 77 1.45 61.41 -2.77
C VAL XA 77 1.66 60.55 -4.01
N VAL XA 78 0.56 60.09 -4.60
CA VAL XA 78 0.65 58.98 -5.55
C VAL XA 78 1.36 59.42 -6.82
N THR XA 79 1.14 60.66 -7.25
CA THR XA 79 1.70 61.15 -8.49
C THR XA 79 2.96 61.96 -8.20
N GLY XA 80 4.02 61.67 -8.97
CA GLY XA 80 5.27 62.33 -8.78
C GLY XA 80 5.17 63.83 -8.93
N ILE XA 81 5.71 64.54 -7.94
CA ILE XA 81 5.79 65.99 -8.03
C ILE XA 81 6.65 66.35 -9.23
N GLN XA 82 6.09 67.16 -10.13
CA GLN XA 82 6.77 67.44 -11.39
C GLN XA 82 8.11 68.13 -11.13
N PRO XA 83 9.10 67.91 -12.01
CA PRO XA 83 10.44 68.45 -11.74
C PRO XA 83 10.47 69.94 -11.47
N ALA XA 84 9.75 70.73 -12.28
CA ALA XA 84 9.71 72.18 -12.08
C ALA XA 84 9.18 72.53 -10.70
N VAL XA 85 8.31 71.69 -10.14
CA VAL XA 85 7.86 71.89 -8.78
C VAL XA 85 8.51 70.92 -7.79
N ALA XA 86 9.13 69.84 -8.27
CA ALA XA 86 9.91 68.98 -7.37
C ALA XA 86 11.11 69.75 -6.81
N ILE XA 87 11.78 70.54 -7.65
CA ILE XA 87 12.90 71.33 -7.16
C ILE XA 87 12.44 72.33 -6.11
N THR XA 88 11.31 73.00 -6.35
CA THR XA 88 10.80 73.96 -5.38
C THR XA 88 10.41 73.28 -4.08
N LEU XA 89 9.80 72.09 -4.17
CA LEU XA 89 9.43 71.36 -2.96
C LEU XA 89 10.66 70.96 -2.18
N ILE XA 90 11.72 70.53 -2.86
CA ILE XA 90 12.89 70.03 -2.14
C ILE XA 90 13.76 71.17 -1.61
N GLU XA 91 13.69 72.37 -2.20
CA GLU XA 91 14.47 73.48 -1.66
C GLU XA 91 13.87 74.01 -0.37
N LEU XA 92 12.54 74.10 -0.29
CA LEU XA 92 11.88 74.75 0.83
C LEU XA 92 11.12 73.78 1.72
N GLY XA 93 10.22 72.98 1.15
CA GLY XA 93 9.48 72.00 1.93
C GLY XA 93 10.23 70.69 2.05
N ILE XA 94 11.32 70.69 2.83
CA ILE XA 94 12.20 69.53 2.92
C ILE XA 94 11.49 68.48 3.77
N THR XA 95 10.84 67.52 3.11
CA THR XA 95 10.14 66.45 3.80
C THR XA 95 10.02 65.26 2.85
N PHE XA 96 9.98 64.07 3.43
CA PHE XA 96 9.78 62.87 2.61
C PHE XA 96 8.35 62.77 2.08
N SER XA 97 7.40 63.39 2.79
CA SER XA 97 6.00 63.46 2.36
C SER XA 97 5.41 62.06 2.11
N GLY XA 98 5.47 61.23 3.15
CA GLY XA 98 4.89 59.90 3.05
C GLY XA 98 5.60 59.07 2.00
N VAL XA 99 4.84 58.13 1.43
CA VAL XA 99 5.35 57.27 0.37
C VAL XA 99 4.95 57.86 -0.98
N LEU XA 100 5.61 57.39 -2.03
CA LEU XA 100 5.43 57.92 -3.37
C LEU XA 100 5.12 56.77 -4.32
N SER XA 101 4.66 57.11 -5.54
CA SER XA 101 4.27 56.06 -6.48
C SER XA 101 4.67 56.34 -7.92
N ALA XA 102 5.70 57.15 -8.16
CA ALA XA 102 6.32 57.31 -9.47
C ALA XA 102 5.31 57.67 -10.55
N MET XA 103 4.49 58.69 -10.25
CA MET XA 103 3.56 59.28 -11.21
C MET XA 103 2.55 58.28 -11.77
N ASP XA 104 2.30 57.19 -11.04
CA ASP XA 104 1.34 56.18 -11.44
C ASP XA 104 0.31 56.02 -10.34
N LEU XA 105 -0.90 56.50 -10.60
CA LEU XA 105 -1.96 56.44 -9.59
C LEU XA 105 -2.34 55.00 -9.29
N GLU XA 106 -2.41 54.16 -10.31
CA GLU XA 106 -2.69 52.75 -10.11
C GLU XA 106 -1.60 52.08 -9.27
N SER XA 107 -0.35 52.50 -9.45
CA SER XA 107 0.73 51.95 -8.62
C SER XA 107 0.51 52.30 -7.15
N GLY XA 108 0.09 53.52 -6.86
CA GLY XA 108 -0.19 53.89 -5.49
C GLY XA 108 -1.38 53.15 -4.90
N LEU XA 109 -2.42 52.93 -5.69
CA LEU XA 109 -3.51 52.07 -5.22
C LEU XA 109 -3.02 50.67 -4.90
N GLU XA 110 -2.16 50.11 -5.76
CA GLU XA 110 -1.64 48.78 -5.46
C GLU XA 110 -0.82 48.79 -4.18
N LYS XA 111 0.00 49.84 -3.99
CA LYS XA 111 0.82 49.92 -2.79
C LYS XA 111 -0.02 50.02 -1.54
N LEU XA 112 -1.07 50.86 -1.56
CA LEU XA 112 -1.93 50.97 -0.38
C LEU XA 112 -2.75 49.71 -0.17
N LYS XA 113 -3.17 49.05 -1.25
CA LYS XA 113 -3.89 47.80 -1.09
C LYS XA 113 -3.03 46.74 -0.43
N GLN XA 114 -1.76 46.63 -0.83
CA GLN XA 114 -0.90 45.64 -0.21
C GLN XA 114 -0.50 46.05 1.21
N GLU XA 115 -0.38 47.34 1.48
CA GLU XA 115 -0.03 47.79 2.82
C GLU XA 115 -1.20 47.69 3.79
N LEU XA 116 -2.44 47.73 3.29
CA LEU XA 116 -3.61 47.54 4.13
C LEU XA 116 -4.05 46.09 4.20
N GLY XA 117 -3.59 45.25 3.27
CA GLY XA 117 -3.87 43.83 3.36
C GLY XA 117 -3.13 43.12 4.47
N GLU XA 118 -2.05 43.72 4.97
CA GLU XA 118 -1.29 43.13 6.08
C GLU XA 118 -1.91 43.55 7.40
N MET YA 1 -11.18 71.56 -16.30
CA MET YA 1 -10.87 72.39 -15.14
C MET YA 1 -11.67 71.94 -13.93
N GLY YA 2 -12.80 71.29 -14.18
CA GLY YA 2 -13.64 70.78 -13.10
C GLY YA 2 -14.02 69.32 -13.30
N ILE YA 3 -13.26 68.63 -14.14
CA ILE YA 3 -13.56 67.22 -14.47
C ILE YA 3 -12.29 66.41 -14.26
N PRO YA 4 -12.07 65.89 -13.07
CA PRO YA 4 -10.83 65.13 -12.77
C PRO YA 4 -10.88 63.68 -13.25
N ILE YA 5 -10.57 63.47 -14.52
CA ILE YA 5 -10.54 62.11 -15.05
C ILE YA 5 -9.34 61.38 -14.46
N LEU YA 6 -9.61 60.19 -13.89
CA LEU YA 6 -8.57 59.43 -13.20
C LEU YA 6 -8.43 58.06 -13.84
N LYS YA 7 -7.23 57.48 -13.72
CA LYS YA 7 -6.92 56.17 -14.25
C LYS YA 7 -6.49 55.25 -13.11
N LEU YA 8 -6.97 54.01 -13.12
CA LEU YA 8 -6.55 53.03 -12.14
C LEU YA 8 -6.88 51.64 -12.68
N GLY YA 9 -5.88 50.77 -12.73
CA GLY YA 9 -6.07 49.43 -13.27
C GLY YA 9 -6.59 49.40 -14.68
N GLU YA 10 -6.14 50.36 -15.51
CA GLU YA 10 -6.60 50.50 -16.89
C GLU YA 10 -8.13 50.66 -16.93
N CYS YA 11 -8.67 51.31 -15.91
CA CYS YA 11 -10.05 51.76 -15.88
C CYS YA 11 -10.07 53.28 -15.91
N LEU YA 12 -11.25 53.86 -15.82
CA LEU YA 12 -11.35 55.31 -15.88
C LEU YA 12 -12.44 55.79 -14.92
N LEU YA 13 -12.16 56.89 -14.23
CA LEU YA 13 -13.07 57.45 -13.25
C LEU YA 13 -13.38 58.89 -13.62
N ILE YA 14 -14.63 59.30 -13.35
CA ILE YA 14 -15.08 60.65 -13.63
C ILE YA 14 -15.66 61.22 -12.35
N SER YA 15 -15.64 62.54 -12.22
CA SER YA 15 -16.21 63.22 -11.06
C SER YA 15 -16.84 64.52 -11.53
N ILE YA 16 -18.15 64.65 -11.31
CA ILE YA 16 -18.89 65.85 -11.68
C ILE YA 16 -19.36 66.52 -10.40
N GLN YA 17 -19.18 67.83 -10.30
CA GLN YA 17 -19.48 68.56 -9.09
C GLN YA 17 -20.49 69.70 -9.26
N SER YA 18 -20.58 70.31 -10.44
CA SER YA 18 -21.47 71.43 -10.66
C SER YA 18 -22.27 71.21 -11.94
N GLU YA 19 -23.53 71.64 -11.93
CA GLU YA 19 -24.39 71.54 -13.08
C GLU YA 19 -24.38 72.85 -13.86
N LEU YA 20 -24.44 72.75 -15.19
CA LEU YA 20 -24.43 73.91 -16.05
C LEU YA 20 -24.98 73.51 -17.41
N ASP YA 21 -25.36 74.51 -18.19
CA ASP YA 21 -25.98 74.31 -19.49
C ASP YA 21 -25.11 74.93 -20.58
N ASP YA 22 -25.00 74.21 -21.70
CA ASP YA 22 -24.43 74.70 -22.95
C ASP YA 22 -22.91 74.85 -22.88
N HIS YA 23 -22.33 74.72 -21.69
CA HIS YA 23 -20.88 74.71 -21.55
C HIS YA 23 -20.37 73.43 -20.91
N THR YA 24 -20.85 73.11 -19.71
CA THR YA 24 -20.31 71.95 -18.99
C THR YA 24 -20.64 70.65 -19.70
N ALA YA 25 -21.87 70.52 -20.22
CA ALA YA 25 -22.25 69.27 -20.88
C ALA YA 25 -21.38 69.01 -22.11
N VAL YA 26 -21.22 70.01 -22.97
CA VAL YA 26 -20.46 69.81 -24.20
C VAL YA 26 -18.98 69.62 -23.89
N GLU YA 27 -18.42 70.46 -23.01
CA GLU YA 27 -17.02 70.30 -22.66
C GLU YA 27 -16.78 68.96 -22.00
N PHE YA 28 -17.74 68.48 -21.19
CA PHE YA 28 -17.59 67.21 -20.50
C PHE YA 28 -17.60 66.05 -21.49
N GLN YA 29 -18.57 66.04 -22.41
CA GLN YA 29 -18.60 64.95 -23.38
C GLN YA 29 -17.35 64.95 -24.23
N GLU YA 30 -16.89 66.12 -24.67
CA GLU YA 30 -15.69 66.19 -25.50
C GLU YA 30 -14.47 65.70 -24.72
N ASP YA 31 -14.32 66.15 -23.48
CA ASP YA 31 -13.16 65.75 -22.68
C ASP YA 31 -13.18 64.26 -22.39
N LEU YA 32 -14.34 63.72 -22.02
CA LEU YA 32 -14.43 62.30 -21.73
C LEU YA 32 -14.11 61.47 -22.95
N LEU YA 33 -14.62 61.85 -24.12
CA LEU YA 33 -14.32 61.11 -25.34
C LEU YA 33 -12.85 61.20 -25.70
N ALA YA 34 -12.27 62.39 -25.63
CA ALA YA 34 -10.86 62.54 -25.94
C ALA YA 34 -10.02 61.65 -25.03
N LYS YA 35 -10.34 61.68 -23.72
CA LYS YA 35 -9.57 60.88 -22.77
C LYS YA 35 -9.70 59.40 -23.05
N ILE YA 36 -10.94 58.90 -23.18
CA ILE YA 36 -11.14 57.47 -23.39
C ILE YA 36 -10.56 57.04 -24.73
N HIS YA 37 -10.38 57.96 -25.67
CA HIS YA 37 -9.77 57.59 -26.94
C HIS YA 37 -8.25 57.52 -26.82
N GLU YA 38 -7.62 58.53 -26.22
CA GLU YA 38 -6.17 58.56 -26.17
C GLU YA 38 -5.62 57.43 -25.30
N THR YA 39 -6.19 57.23 -24.13
CA THR YA 39 -5.82 56.11 -23.27
C THR YA 39 -6.92 55.05 -23.33
N SER YA 40 -6.53 53.85 -23.72
CA SER YA 40 -7.49 52.77 -23.94
C SER YA 40 -7.90 52.18 -22.59
N ALA YA 41 -9.16 52.39 -22.22
CA ALA YA 41 -9.72 51.81 -21.01
C ALA YA 41 -10.98 51.03 -21.36
N ARG YA 42 -11.02 49.77 -20.96
CA ARG YA 42 -12.16 48.91 -21.26
C ARG YA 42 -13.31 49.07 -20.27
N GLY YA 43 -13.14 49.90 -19.24
CA GLY YA 43 -14.22 50.23 -18.34
C GLY YA 43 -14.11 51.63 -17.80
N VAL YA 44 -15.15 52.45 -17.97
CA VAL YA 44 -15.15 53.83 -17.53
C VAL YA 44 -16.30 54.03 -16.57
N VAL YA 45 -16.07 54.84 -15.53
CA VAL YA 45 -16.99 55.02 -14.42
C VAL YA 45 -17.31 56.50 -14.31
N ILE YA 46 -18.60 56.83 -14.22
CA ILE YA 46 -19.07 58.22 -14.22
C ILE YA 46 -19.79 58.50 -12.91
N ASP YA 47 -19.79 59.79 -12.52
CA ASP YA 47 -20.31 60.21 -11.23
C ASP YA 47 -21.35 61.31 -11.39
N ILE YA 48 -22.43 61.22 -10.60
CA ILE YA 48 -23.51 62.20 -10.68
C ILE YA 48 -23.93 62.67 -9.28
N THR YA 49 -23.39 62.03 -8.23
CA THR YA 49 -23.88 62.24 -6.86
C THR YA 49 -24.04 63.71 -6.53
N SER YA 50 -23.07 64.53 -6.90
CA SER YA 50 -23.10 65.94 -6.53
C SER YA 50 -24.31 66.66 -7.09
N ILE YA 51 -24.67 66.36 -8.34
CA ILE YA 51 -25.75 67.09 -8.99
C ILE YA 51 -27.08 66.72 -8.36
N ASP YA 52 -27.99 67.70 -8.29
CA ASP YA 52 -29.30 67.50 -7.69
C ASP YA 52 -30.40 68.07 -8.59
N PHE YA 53 -30.09 68.41 -9.83
CA PHE YA 53 -31.10 68.97 -10.73
C PHE YA 53 -30.63 68.83 -12.17
N ILE YA 54 -31.40 68.11 -12.98
CA ILE YA 54 -31.12 67.90 -14.40
C ILE YA 54 -32.37 68.17 -15.21
N ASP YA 55 -32.24 68.98 -16.25
CA ASP YA 55 -33.32 69.26 -17.19
C ASP YA 55 -33.26 68.27 -18.35
N SER YA 56 -34.00 68.54 -19.42
CA SER YA 56 -34.00 67.64 -20.57
C SER YA 56 -32.64 67.62 -21.26
N PHE YA 57 -31.98 68.78 -21.35
CA PHE YA 57 -30.78 68.88 -22.18
C PHE YA 57 -29.63 68.07 -21.57
N ILE YA 58 -29.38 68.23 -20.27
CA ILE YA 58 -28.34 67.44 -19.62
C ILE YA 58 -28.69 65.96 -19.64
N ALA YA 59 -29.97 65.62 -19.46
CA ALA YA 59 -30.36 64.22 -19.49
C ALA YA 59 -30.05 63.60 -20.84
N LYS YA 60 -30.39 64.31 -21.91
CA LYS YA 60 -30.08 63.81 -23.24
C LYS YA 60 -28.58 63.72 -23.47
N ILE YA 61 -27.82 64.69 -22.94
CA ILE YA 61 -26.37 64.66 -23.09
C ILE YA 61 -25.79 63.43 -22.41
N LEU YA 62 -26.25 63.13 -21.19
CA LEU YA 62 -25.75 61.95 -20.49
C LEU YA 62 -26.17 60.66 -21.19
N GLY YA 63 -27.39 60.59 -21.70
CA GLY YA 63 -27.79 59.40 -22.46
C GLY YA 63 -26.93 59.21 -23.70
N ASP YA 64 -26.68 60.29 -24.43
CA ASP YA 64 -25.84 60.21 -25.62
C ASP YA 64 -24.42 59.82 -25.25
N VAL YA 65 -23.91 60.33 -24.13
CA VAL YA 65 -22.56 59.96 -23.70
C VAL YA 65 -22.50 58.49 -23.31
N VAL YA 66 -23.56 57.99 -22.68
CA VAL YA 66 -23.59 56.59 -22.28
C VAL YA 66 -23.54 55.70 -23.52
N SER YA 67 -24.40 55.97 -24.49
CA SER YA 67 -24.36 55.21 -25.74
C SER YA 67 -23.03 55.41 -26.45
N MET YA 68 -22.48 56.62 -26.35
CA MET YA 68 -21.22 56.97 -26.99
C MET YA 68 -20.10 56.07 -26.48
N SER YA 69 -19.94 56.01 -25.17
CA SER YA 69 -18.90 55.18 -24.60
C SER YA 69 -19.18 53.71 -24.85
N LYS YA 70 -20.45 53.30 -24.80
CA LYS YA 70 -20.79 51.92 -25.10
C LYS YA 70 -20.40 51.55 -26.53
N LEU YA 71 -20.31 52.54 -27.42
CA LEU YA 71 -19.81 52.27 -28.76
C LEU YA 71 -18.33 51.90 -28.79
N MET YA 72 -17.59 52.09 -27.69
CA MET YA 72 -16.21 51.65 -27.67
C MET YA 72 -15.76 51.11 -26.31
N GLY YA 73 -16.66 50.92 -25.35
CA GLY YA 73 -16.27 50.39 -24.06
C GLY YA 73 -17.38 50.39 -23.02
N ALA YA 74 -17.41 49.37 -22.17
CA ALA YA 74 -18.45 49.27 -21.16
C ALA YA 74 -18.33 50.40 -20.15
N LYS YA 75 -19.47 50.90 -19.69
CA LYS YA 75 -19.50 52.01 -18.76
C LYS YA 75 -20.57 51.75 -17.70
N VAL YA 76 -20.56 52.59 -16.66
CA VAL YA 76 -21.50 52.47 -15.56
C VAL YA 76 -21.79 53.85 -14.98
N VAL YA 77 -23.06 54.11 -14.68
CA VAL YA 77 -23.44 55.29 -13.91
C VAL YA 77 -23.45 54.84 -12.45
N VAL YA 78 -22.28 54.94 -11.81
CA VAL YA 78 -22.08 54.26 -10.54
C VAL YA 78 -22.79 54.98 -9.40
N THR YA 79 -23.00 56.28 -9.53
CA THR YA 79 -23.43 57.09 -8.40
C THR YA 79 -24.94 57.13 -8.27
N GLY YA 80 -25.41 57.16 -7.04
CA GLY YA 80 -26.82 57.21 -6.75
C GLY YA 80 -27.38 58.41 -7.47
N ILE YA 81 -28.28 58.16 -8.42
CA ILE YA 81 -29.03 59.22 -9.07
C ILE YA 81 -30.19 59.59 -8.15
N GLN YA 82 -30.17 60.82 -7.64
CA GLN YA 82 -31.09 61.24 -6.61
C GLN YA 82 -32.54 61.17 -7.11
N PRO YA 83 -33.50 61.04 -6.19
CA PRO YA 83 -34.89 60.80 -6.63
C PRO YA 83 -35.43 61.83 -7.61
N ALA YA 84 -35.15 63.12 -7.41
CA ALA YA 84 -35.65 64.13 -8.34
C ALA YA 84 -35.01 63.97 -9.72
N VAL YA 85 -33.67 63.90 -9.75
CA VAL YA 85 -32.98 63.73 -11.02
C VAL YA 85 -33.27 62.36 -11.62
N ALA YA 86 -33.45 61.33 -10.79
CA ALA YA 86 -33.83 60.03 -11.32
C ALA YA 86 -35.19 60.09 -12.01
N ILE YA 87 -36.16 60.75 -11.37
CA ILE YA 87 -37.50 60.87 -11.94
C ILE YA 87 -37.44 61.66 -13.25
N THR YA 88 -36.66 62.74 -13.27
CA THR YA 88 -36.55 63.51 -14.51
C THR YA 88 -35.86 62.73 -15.61
N LEU YA 89 -34.84 61.95 -15.27
CA LEU YA 89 -34.13 61.18 -16.29
C LEU YA 89 -35.03 60.09 -16.86
N ILE YA 90 -35.87 59.48 -16.03
CA ILE YA 90 -36.87 58.55 -16.56
C ILE YA 90 -37.88 59.29 -17.42
N GLU YA 91 -38.35 60.44 -16.94
CA GLU YA 91 -39.51 61.11 -17.53
C GLU YA 91 -39.21 61.65 -18.92
N LEU YA 92 -37.99 62.12 -19.16
CA LEU YA 92 -37.65 62.69 -20.46
C LEU YA 92 -36.63 61.87 -21.23
N GLY YA 93 -35.50 61.55 -20.63
CA GLY YA 93 -34.49 60.75 -21.29
C GLY YA 93 -34.65 59.25 -21.08
N ILE YA 94 -35.62 58.64 -21.76
CA ILE YA 94 -35.95 57.23 -21.53
C ILE YA 94 -34.83 56.35 -22.05
N THR YA 95 -34.00 55.85 -21.14
CA THR YA 95 -32.91 54.95 -21.48
C THR YA 95 -32.52 54.18 -20.22
N PHE YA 96 -32.17 52.90 -20.39
CA PHE YA 96 -31.73 52.08 -19.27
C PHE YA 96 -30.34 52.46 -18.77
N SER YA 97 -29.61 53.31 -19.52
CA SER YA 97 -28.32 53.85 -19.09
C SER YA 97 -27.28 52.77 -18.82
N GLY YA 98 -27.36 51.67 -19.56
CA GLY YA 98 -26.35 50.65 -19.41
C GLY YA 98 -26.33 50.03 -18.02
N VAL YA 99 -25.26 49.30 -17.74
CA VAL YA 99 -25.08 48.71 -16.42
C VAL YA 99 -24.90 49.84 -15.41
N LEU YA 100 -25.60 49.76 -14.28
CA LEU YA 100 -25.55 50.83 -13.31
C LEU YA 100 -25.58 50.26 -11.90
N SER YA 101 -24.86 50.93 -11.00
CA SER YA 101 -24.84 50.58 -9.58
C SER YA 101 -25.69 51.56 -8.77
N ALA YA 102 -25.38 52.85 -8.86
CA ALA YA 102 -26.18 53.92 -8.25
C ALA YA 102 -26.35 53.72 -6.75
N MET YA 103 -25.36 53.14 -6.09
CA MET YA 103 -25.28 53.16 -4.63
C MET YA 103 -24.08 53.96 -4.16
N ASP YA 104 -22.88 53.58 -4.59
CA ASP YA 104 -21.66 54.32 -4.28
C ASP YA 104 -20.59 53.86 -5.25
N LEU YA 105 -19.50 54.63 -5.31
CA LEU YA 105 -18.47 54.34 -6.30
C LEU YA 105 -17.83 52.98 -6.07
N GLU YA 106 -17.70 52.56 -4.80
CA GLU YA 106 -17.06 51.29 -4.50
C GLU YA 106 -17.82 50.12 -5.11
N SER YA 107 -19.16 50.14 -4.98
CA SER YA 107 -19.95 49.02 -5.47
C SER YA 107 -19.82 48.86 -6.98
N GLY YA 108 -19.93 49.97 -7.72
CA GLY YA 108 -19.79 49.90 -9.16
C GLY YA 108 -18.39 49.53 -9.59
N LEU YA 109 -17.38 50.03 -8.87
CA LEU YA 109 -16.00 49.64 -9.18
C LEU YA 109 -15.81 48.15 -9.00
N GLU YA 110 -16.34 47.59 -7.92
CA GLU YA 110 -16.25 46.15 -7.71
C GLU YA 110 -16.99 45.38 -8.79
N LYS YA 111 -18.17 45.88 -9.17
CA LYS YA 111 -18.95 45.20 -10.21
C LYS YA 111 -18.19 45.19 -11.54
N LEU YA 112 -17.59 46.31 -11.92
CA LEU YA 112 -16.80 46.35 -13.14
C LEU YA 112 -15.58 45.46 -13.04
N LYS YA 113 -14.93 45.42 -11.87
CA LYS YA 113 -13.79 44.53 -11.69
C LYS YA 113 -14.18 43.08 -11.89
N GLN YA 114 -15.30 42.67 -11.30
CA GLN YA 114 -15.73 41.28 -11.41
C GLN YA 114 -16.30 40.96 -12.79
N GLU YA 115 -16.77 41.96 -13.53
CA GLU YA 115 -17.30 41.72 -14.86
C GLU YA 115 -16.23 41.79 -15.94
N LEU YA 116 -15.10 42.45 -15.67
CA LEU YA 116 -14.02 42.53 -16.64
C LEU YA 116 -12.91 41.53 -16.38
N GLY YA 117 -12.72 41.10 -15.12
CA GLY YA 117 -11.75 40.06 -14.84
C GLY YA 117 -12.12 38.73 -15.48
N GLU YA 118 -13.41 38.43 -15.55
CA GLU YA 118 -13.88 37.22 -16.19
C GLU YA 118 -13.82 37.33 -17.72
N MET ZA 1 -104.80 40.61 -55.82
CA MET ZA 1 -105.24 42.01 -55.86
C MET ZA 1 -104.67 42.80 -54.69
N TYR ZA 2 -103.46 43.31 -54.87
CA TYR ZA 2 -102.78 44.09 -53.84
C TYR ZA 2 -102.79 45.58 -54.10
N LYS ZA 3 -103.28 46.02 -55.26
CA LYS ZA 3 -103.28 47.44 -55.58
C LYS ZA 3 -104.26 48.21 -54.69
N ASP ZA 4 -105.54 47.87 -54.78
CA ASP ZA 4 -106.53 48.49 -53.89
C ASP ZA 4 -106.28 48.07 -52.44
N PHE ZA 5 -105.72 46.90 -52.22
CA PHE ZA 5 -105.29 46.51 -50.89
C PHE ZA 5 -104.24 47.47 -50.35
N ALA ZA 6 -103.26 47.85 -51.19
CA ALA ZA 6 -102.27 48.83 -50.79
C ALA ZA 6 -102.91 50.19 -50.55
N ASN ZA 7 -103.87 50.57 -51.40
CA ASN ZA 7 -104.55 51.85 -51.22
C ASN ZA 7 -105.29 51.91 -49.90
N PHE ZA 8 -105.93 50.81 -49.51
CA PHE ZA 8 -106.66 50.79 -48.24
C PHE ZA 8 -105.71 50.68 -47.05
N ILE ZA 9 -104.57 50.01 -47.20
CA ILE ZA 9 -103.57 50.00 -46.13
C ILE ZA 9 -102.98 51.39 -45.95
N ARG ZA 10 -102.89 52.17 -47.03
CA ARG ZA 10 -102.42 53.55 -46.94
C ARG ZA 10 -103.26 54.36 -45.97
N THR ZA 11 -104.55 54.03 -45.84
CA THR ZA 11 -105.41 54.66 -44.85
C THR ZA 11 -105.41 53.93 -43.52
N ASN ZA 12 -105.27 52.60 -43.55
CA ASN ZA 12 -105.28 51.80 -42.32
C ASN ZA 12 -104.00 51.92 -41.51
N LYS ZA 13 -102.96 52.57 -42.05
CA LYS ZA 13 -101.74 52.75 -41.26
C LYS ZA 13 -102.01 53.57 -40.00
N LYS ZA 14 -102.84 54.61 -40.11
CA LYS ZA 14 -103.20 55.40 -38.93
C LYS ZA 14 -103.99 54.56 -37.94
N ASP ZA 15 -104.89 53.70 -38.44
CA ASP ZA 15 -105.63 52.81 -37.56
C ASP ZA 15 -104.69 51.84 -36.84
N LEU ZA 16 -103.68 51.33 -37.54
CA LEU ZA 16 -102.70 50.45 -36.91
C LEU ZA 16 -101.90 51.20 -35.84
N LEU ZA 17 -101.56 52.46 -36.11
CA LEU ZA 17 -100.84 53.25 -35.11
C LEU ZA 17 -101.71 53.48 -33.87
N ASN ZA 18 -102.99 53.80 -34.06
CA ASN ZA 18 -103.91 53.95 -32.93
C ASN ZA 18 -104.07 52.64 -32.18
N ASN ZA 19 -104.09 51.52 -32.91
CA ASN ZA 19 -104.17 50.21 -32.28
C ASN ZA 19 -102.93 49.93 -31.43
N TRP ZA 20 -101.75 50.30 -31.93
CA TRP ZA 20 -100.53 50.17 -31.15
C TRP ZA 20 -100.60 51.03 -29.89
N MET ZA 21 -101.12 52.26 -30.02
CA MET ZA 21 -101.31 53.12 -28.86
C MET ZA 21 -102.22 52.46 -27.82
N ASN ZA 22 -103.32 51.86 -28.29
CA ASN ZA 22 -104.22 51.15 -27.38
C ASN ZA 22 -103.53 49.96 -26.73
N GLU ZA 23 -102.71 49.23 -27.50
CA GLU ZA 23 -102.16 47.97 -27.00
C GLU ZA 23 -100.96 48.18 -26.07
N MET ZA 24 -100.25 49.31 -26.18
CA MET ZA 24 -99.16 49.48 -25.22
C MET ZA 24 -99.68 49.75 -23.80
N GLU ZA 25 -100.98 50.01 -23.64
CA GLU ZA 25 -101.51 50.30 -22.32
C GLU ZA 25 -101.65 49.03 -21.46
N LYS ZA 26 -101.85 47.87 -22.07
CA LYS ZA 26 -102.19 46.67 -21.31
C LYS ZA 26 -100.96 45.89 -20.86
N GLN ZA 27 -100.11 45.47 -21.80
CA GLN ZA 27 -99.02 44.56 -21.49
C GLN ZA 27 -97.72 45.33 -21.37
N SER ZA 28 -97.13 45.29 -20.17
CA SER ZA 28 -95.80 45.85 -19.90
C SER ZA 28 -95.67 47.28 -20.42
N ASP ZA 29 -96.61 48.13 -20.01
CA ASP ZA 29 -96.63 49.52 -20.49
C ASP ZA 29 -95.32 50.26 -20.22
N PRO ZA 30 -94.76 50.25 -19.00
CA PRO ZA 30 -93.45 50.90 -18.83
C PRO ZA 30 -92.36 50.27 -19.67
N LEU ZA 31 -92.34 48.94 -19.78
CA LEU ZA 31 -91.32 48.29 -20.59
C LEU ZA 31 -91.46 48.63 -22.06
N ILE ZA 32 -92.69 48.62 -22.58
CA ILE ZA 32 -92.93 48.95 -23.98
C ILE ZA 32 -92.54 50.39 -24.25
N ASN ZA 33 -92.90 51.30 -23.33
CA ASN ZA 33 -92.52 52.70 -23.49
C ASN ZA 33 -91.01 52.88 -23.49
N ASP ZA 34 -90.31 52.14 -22.63
CA ASP ZA 34 -88.86 52.33 -22.51
C ASP ZA 34 -88.12 51.74 -23.70
N ILE ZA 35 -88.53 50.55 -24.18
CA ILE ZA 35 -87.77 49.88 -25.22
C ILE ZA 35 -87.86 50.62 -26.54
N ALA ZA 36 -89.04 51.18 -26.85
CA ALA ZA 36 -89.25 51.85 -28.12
C ALA ZA 36 -90.14 53.07 -27.93
N LYS ZA 37 -89.74 54.18 -28.55
CA LYS ZA 37 -90.54 55.40 -28.51
C LYS ZA 37 -91.67 55.32 -29.53
N GLU ZA 38 -92.64 56.23 -29.40
CA GLU ZA 38 -93.79 56.22 -30.29
C GLU ZA 38 -93.43 56.46 -31.75
N PRO ZA 39 -92.66 57.50 -32.11
CA PRO ZA 39 -92.38 57.71 -33.54
C PRO ZA 39 -91.60 56.57 -34.19
N MET ZA 40 -90.58 56.04 -33.50
CA MET ZA 40 -89.80 54.96 -34.08
C MET ZA 40 -90.64 53.71 -34.27
N TYR ZA 41 -91.47 53.37 -33.27
CA TYR ZA 41 -92.32 52.19 -33.40
C TYR ZA 41 -93.35 52.39 -34.51
N GLU ZA 42 -93.91 53.60 -34.62
CA GLU ZA 42 -94.87 53.88 -35.67
C GLU ZA 42 -94.24 53.73 -37.06
N GLU ZA 43 -93.04 54.30 -37.25
CA GLU ZA 43 -92.40 54.21 -38.55
C GLU ZA 43 -92.00 52.78 -38.87
N THR ZA 44 -91.53 52.03 -37.87
CA THR ZA 44 -91.19 50.62 -38.10
C THR ZA 44 -92.42 49.81 -38.48
N SER ZA 45 -93.54 50.03 -37.78
CA SER ZA 45 -94.75 49.29 -38.08
C SER ZA 45 -95.28 49.63 -39.47
N ILE ZA 46 -95.30 50.92 -39.84
CA ILE ZA 46 -95.82 51.27 -41.15
C ILE ZA 46 -94.91 50.76 -42.25
N GLU ZA 47 -93.59 50.81 -42.04
CA GLU ZA 47 -92.67 50.24 -43.02
C GLU ZA 47 -92.82 48.74 -43.13
N PHE ZA 48 -93.17 48.07 -42.03
CA PHE ZA 48 -93.36 46.63 -42.05
C PHE ZA 48 -94.67 46.24 -42.73
N VAL ZA 49 -95.69 47.11 -42.66
CA VAL ZA 49 -96.99 46.77 -43.20
C VAL ZA 49 -97.26 47.34 -44.59
N ASP ZA 50 -96.43 48.26 -45.09
CA ASP ZA 50 -96.70 48.88 -46.38
C ASP ZA 50 -95.87 48.31 -47.53
N LEU ZA 51 -94.77 47.61 -47.25
CA LEU ZA 51 -93.92 47.12 -48.32
C LEU ZA 51 -94.52 45.89 -49.00
N ILE ZA 52 -95.18 45.03 -48.23
CA ILE ZA 52 -95.72 43.79 -48.80
C ILE ZA 52 -96.90 44.08 -49.72
N VAL ZA 53 -97.76 45.02 -49.34
CA VAL ZA 53 -98.93 45.35 -50.15
C VAL ZA 53 -98.56 45.96 -51.49
N SER ZA 54 -97.30 46.36 -51.67
CA SER ZA 54 -96.81 46.85 -52.95
C SER ZA 54 -96.30 45.73 -53.85
N ASN ZA 55 -96.17 44.51 -53.34
CA ASN ZA 55 -95.75 43.39 -54.15
C ASN ZA 55 -96.91 42.88 -55.00
N ILE ZA 56 -96.59 42.18 -56.08
CA ILE ZA 56 -97.61 41.69 -57.01
C ILE ZA 56 -98.04 40.32 -56.52
N THR ZA 57 -98.88 40.31 -55.49
CA THR ZA 57 -99.70 39.18 -55.08
C THR ZA 57 -98.91 37.94 -54.66
N GLU ZA 58 -97.58 37.98 -54.73
CA GLU ZA 58 -96.79 36.80 -54.43
C GLU ZA 58 -95.89 36.97 -53.21
N ASN ZA 59 -94.95 37.92 -53.24
CA ASN ZA 59 -93.97 38.10 -52.16
C ASN ZA 59 -93.06 39.25 -52.54
N GLY ZA 60 -92.21 39.63 -51.59
CA GLY ZA 60 -91.14 40.58 -51.85
C GLY ZA 60 -89.83 40.11 -51.25
N SER ZA 61 -88.81 39.90 -52.09
CA SER ZA 61 -87.52 39.42 -51.59
C SER ZA 61 -86.90 40.42 -50.62
N LYS ZA 62 -86.85 41.69 -51.01
CA LYS ZA 62 -86.40 42.73 -50.09
C LYS ZA 62 -87.33 42.82 -48.89
N PHE ZA 63 -88.65 42.70 -49.12
CA PHE ZA 63 -89.58 42.66 -47.99
C PHE ZA 63 -89.37 41.42 -47.15
N ASN ZA 64 -89.01 40.28 -47.76
CA ASN ZA 64 -88.75 39.08 -46.97
C ASN ZA 64 -87.56 39.28 -46.05
N GLU ZA 65 -86.48 39.87 -46.59
CA GLU ZA 65 -85.32 40.15 -45.74
C GLU ZA 65 -85.67 41.14 -44.64
N LYS ZA 66 -86.42 42.19 -44.97
CA LYS ZA 66 -86.84 43.16 -43.96
C LYS ZA 66 -87.75 42.52 -42.92
N LEU ZA 67 -88.57 41.55 -43.32
CA LEU ZA 67 -89.44 40.86 -42.39
C LEU ZA 67 -88.64 39.96 -41.45
N ASP ZA 68 -87.63 39.28 -41.97
CA ASP ZA 68 -86.74 38.52 -41.10
C ASP ZA 68 -86.04 39.43 -40.10
N ASP ZA 69 -85.55 40.58 -40.58
CA ASP ZA 69 -84.89 41.52 -39.69
C ASP ZA 69 -85.84 42.06 -38.62
N PHE ZA 70 -87.07 42.39 -39.03
CA PHE ZA 70 -88.06 42.88 -38.07
C PHE ZA 70 -88.40 41.81 -37.05
N ALA ZA 71 -88.54 40.55 -37.49
CA ALA ZA 71 -88.86 39.47 -36.57
C ALA ZA 71 -87.76 39.27 -35.54
N GLU ZA 72 -86.50 39.23 -36.00
CA GLU ZA 72 -85.41 39.05 -35.04
C GLU ZA 72 -85.27 40.26 -34.13
N LYS ZA 73 -85.50 41.47 -34.66
CA LYS ZA 73 -85.41 42.68 -33.84
C LYS ZA 73 -86.47 42.70 -32.76
N VAL ZA 74 -87.71 42.35 -33.09
CA VAL ZA 74 -88.76 42.36 -32.08
C VAL ZA 74 -88.57 41.22 -31.09
N VAL ZA 75 -88.05 40.07 -31.54
CA VAL ZA 75 -87.78 38.98 -30.61
C VAL ZA 75 -86.70 39.36 -29.62
N HIS ZA 76 -85.62 40.01 -30.09
CA HIS ZA 76 -84.51 40.37 -29.22
C HIS ZA 76 -84.70 41.70 -28.51
N LEU ZA 77 -85.75 42.45 -28.84
CA LEU ZA 77 -85.95 43.78 -28.27
C LEU ZA 77 -86.96 43.81 -27.14
N GLY ZA 78 -87.82 42.79 -27.02
CA GLY ZA 78 -88.82 42.79 -25.97
C GLY ZA 78 -90.23 42.53 -26.48
N TRP ZA 79 -90.34 41.96 -27.67
CA TRP ZA 79 -91.62 41.60 -28.28
C TRP ZA 79 -91.58 40.14 -28.65
N PRO ZA 80 -91.74 39.23 -27.68
CA PRO ZA 80 -91.69 37.80 -27.98
C PRO ZA 80 -92.89 37.33 -28.81
N ILE ZA 81 -92.94 36.03 -29.08
CA ILE ZA 81 -94.03 35.49 -29.89
C ILE ZA 81 -95.38 35.74 -29.24
N HIS ZA 82 -95.43 35.75 -27.90
CA HIS ZA 82 -96.67 36.10 -27.22
C HIS ZA 82 -97.07 37.54 -27.51
N PHE ZA 83 -96.10 38.46 -27.47
CA PHE ZA 83 -96.40 39.86 -27.77
C PHE ZA 83 -96.81 40.04 -29.23
N VAL ZA 84 -96.17 39.31 -30.15
CA VAL ZA 84 -96.54 39.42 -31.55
C VAL ZA 84 -97.95 38.86 -31.78
N THR ZA 85 -98.30 37.80 -31.05
CA THR ZA 85 -99.66 37.25 -31.17
C THR ZA 85 -100.70 38.23 -30.62
N THR ZA 86 -100.39 38.88 -29.49
CA THR ZA 86 -101.28 39.93 -28.99
C THR ZA 86 -101.41 41.07 -30.00
N GLY ZA 87 -100.29 41.42 -30.64
CA GLY ZA 87 -100.32 42.45 -31.67
C GLY ZA 87 -101.19 42.07 -32.85
N LEU ZA 88 -101.12 40.80 -33.27
CA LEU ZA 88 -102.00 40.34 -34.35
C LEU ZA 88 -103.46 40.39 -33.92
N ARG ZA 89 -103.75 39.99 -32.69
CA ARG ZA 89 -105.13 40.01 -32.20
C ARG ZA 89 -105.68 41.44 -32.19
N VAL ZA 90 -104.89 42.40 -31.70
CA VAL ZA 90 -105.36 43.78 -31.66
C VAL ZA 90 -105.41 44.38 -33.07
N PHE ZA 91 -104.50 43.96 -33.96
CA PHE ZA 91 -104.61 44.31 -35.37
C PHE ZA 91 -105.97 43.92 -35.92
N GLY ZA 92 -106.35 42.67 -35.71
CA GLY ZA 92 -107.64 42.21 -36.20
C GLY ZA 92 -108.80 42.98 -35.59
N LEU ZA 93 -108.74 43.21 -34.27
CA LEU ZA 93 -109.81 43.96 -33.59
C LEU ZA 93 -109.97 45.35 -34.19
N LEU ZA 94 -108.86 46.07 -34.36
CA LEU ZA 94 -108.95 47.45 -34.81
C LEU ZA 94 -109.25 47.54 -36.30
N VAL ZA 95 -108.83 46.55 -37.10
CA VAL ZA 95 -109.26 46.52 -38.50
C VAL ZA 95 -110.76 46.26 -38.57
N TYR ZA 96 -111.28 45.42 -37.67
CA TYR ZA 96 -112.72 45.16 -37.61
C TYR ZA 96 -113.48 46.45 -37.27
N THR ZA 97 -112.99 47.19 -36.27
CA THR ZA 97 -113.61 48.47 -35.96
C THR ZA 97 -113.47 49.46 -37.12
N ALA ZA 98 -112.33 49.42 -37.81
CA ALA ZA 98 -112.10 50.34 -38.93
C ALA ZA 98 -113.11 50.09 -40.05
N MET ZA 99 -113.32 48.83 -40.42
CA MET ZA 99 -114.35 48.56 -41.42
C MET ZA 99 -115.72 48.94 -40.91
N ARG ZA 100 -116.02 48.66 -39.64
CA ARG ZA 100 -117.31 49.08 -39.10
C ARG ZA 100 -117.48 50.59 -39.13
N ASP ZA 101 -116.38 51.34 -39.23
CA ASP ZA 101 -116.45 52.78 -39.43
C ASP ZA 101 -116.18 53.18 -40.89
N GLU ZA 102 -115.06 52.72 -41.45
CA GLU ZA 102 -114.67 53.14 -42.79
C GLU ZA 102 -115.46 52.43 -43.87
N ASP ZA 103 -115.44 51.09 -43.88
CA ASP ZA 103 -116.17 50.27 -44.86
C ASP ZA 103 -115.69 50.54 -46.29
N LEU ZA 104 -114.39 50.32 -46.51
CA LEU ZA 104 -113.78 50.49 -47.82
C LEU ZA 104 -112.99 49.23 -48.16
N PHE ZA 105 -113.46 48.49 -49.16
CA PHE ZA 105 -112.88 47.20 -49.52
C PHE ZA 105 -112.25 47.22 -50.91
N LEU ZA 106 -111.81 46.03 -51.34
CA LEU ZA 106 -111.17 45.86 -52.64
C LEU ZA 106 -112.12 46.21 -53.78
N LYS ZA 107 -113.23 45.48 -53.88
CA LYS ZA 107 -114.20 45.70 -54.94
C LYS ZA 107 -115.11 46.87 -54.56
N ARG ZA 108 -115.05 47.95 -55.34
CA ARG ZA 108 -115.87 49.12 -55.06
C ARG ZA 108 -117.34 48.81 -55.37
N GLU ZA 109 -118.21 49.06 -54.41
CA GLU ZA 109 -119.63 48.79 -54.55
C GLU ZA 109 -120.35 49.53 -53.42
N GLU ZA 110 -121.69 49.51 -53.48
CA GLU ZA 110 -122.49 50.14 -52.43
C GLU ZA 110 -122.22 49.50 -51.08
N LYS ZA 111 -122.16 48.17 -51.03
CA LYS ZA 111 -121.79 47.44 -49.83
C LYS ZA 111 -121.17 46.11 -50.24
N PRO ZA 112 -119.85 45.99 -50.15
CA PRO ZA 112 -119.19 44.73 -50.53
C PRO ZA 112 -119.59 43.59 -49.61
N GLU ZA 113 -119.60 42.39 -50.17
CA GLU ZA 113 -120.03 41.20 -49.44
C GLU ZA 113 -118.85 40.65 -48.61
N ASP ZA 114 -119.02 39.42 -48.11
CA ASP ZA 114 -118.07 38.84 -47.18
C ASP ZA 114 -116.88 38.16 -47.86
N ASP ZA 115 -116.85 38.09 -49.19
CA ASP ZA 115 -115.73 37.46 -49.87
C ASP ZA 115 -114.44 38.25 -49.63
N ALA ZA 116 -114.46 39.55 -49.92
CA ALA ZA 116 -113.30 40.39 -49.60
C ALA ZA 116 -113.11 40.52 -48.10
N TYR ZA 117 -114.22 40.47 -47.34
CA TYR ZA 117 -114.15 40.42 -45.89
C TYR ZA 117 -113.15 39.39 -45.42
N TYR ZA 118 -113.33 38.13 -45.85
CA TYR ZA 118 -112.43 37.09 -45.39
C TYR ZA 118 -111.15 37.01 -46.22
N ARG ZA 119 -111.12 37.61 -47.42
CA ARG ZA 119 -109.84 37.73 -48.12
C ARG ZA 119 -108.87 38.58 -47.33
N PHE ZA 120 -109.37 39.65 -46.69
CA PHE ZA 120 -108.55 40.45 -45.79
C PHE ZA 120 -107.94 39.59 -44.69
N GLU ZA 121 -108.76 38.73 -44.06
CA GLU ZA 121 -108.27 37.91 -42.97
C GLU ZA 121 -107.29 36.86 -43.45
N THR ZA 122 -107.52 36.29 -44.64
CA THR ZA 122 -106.57 35.34 -45.20
C THR ZA 122 -105.23 36.01 -45.47
N TRP ZA 123 -105.25 37.22 -46.00
CA TRP ZA 123 -103.99 37.94 -46.24
C TRP ZA 123 -103.29 38.25 -44.92
N LEU ZA 124 -104.04 38.65 -43.89
CA LEU ZA 124 -103.42 38.89 -42.58
C LEU ZA 124 -102.82 37.60 -42.02
N SER ZA 125 -103.53 36.48 -42.19
CA SER ZA 125 -103.00 35.19 -41.74
C SER ZA 125 -101.73 34.83 -42.48
N SER ZA 126 -101.68 35.11 -43.78
CA SER ZA 126 -100.45 34.87 -44.54
C SER ZA 126 -99.31 35.75 -44.04
N MET ZA 127 -99.61 37.01 -43.72
CA MET ZA 127 -98.59 37.91 -43.20
C MET ZA 127 -98.02 37.35 -41.89
N TYR ZA 128 -98.90 36.93 -40.99
CA TYR ZA 128 -98.46 36.38 -39.72
C TYR ZA 128 -97.74 35.04 -39.91
N ASN ZA 129 -98.14 34.27 -40.93
CA ASN ZA 129 -97.42 33.03 -41.26
C ASN ZA 129 -95.98 33.34 -41.66
N LYS ZA 130 -95.80 34.36 -42.50
CA LYS ZA 130 -94.45 34.78 -42.85
C LYS ZA 130 -93.67 35.25 -41.62
N VAL ZA 131 -94.34 35.98 -40.74
CA VAL ZA 131 -93.68 36.47 -39.53
C VAL ZA 131 -93.19 35.31 -38.66
N VAL ZA 132 -94.07 34.33 -38.42
CA VAL ZA 132 -93.69 33.22 -37.55
C VAL ZA 132 -92.66 32.32 -38.24
N THR ZA 133 -92.74 32.19 -39.56
CA THR ZA 133 -91.72 31.44 -40.28
C THR ZA 133 -90.35 32.10 -40.12
N ALA ZA 134 -90.30 33.44 -40.24
CA ALA ZA 134 -89.05 34.14 -39.99
C ALA ZA 134 -88.58 33.96 -38.56
N TYR ZA 135 -89.52 33.97 -37.61
CA TYR ZA 135 -89.17 33.78 -36.20
C TYR ZA 135 -88.55 32.40 -35.97
N ALA ZA 136 -89.08 31.38 -36.62
CA ALA ZA 136 -88.65 30.00 -36.39
C ALA ZA 136 -87.59 29.52 -37.39
N ASP ZA 137 -87.14 30.37 -38.31
CA ASP ZA 137 -86.14 29.94 -39.29
C ASP ZA 137 -84.80 29.63 -38.61
N THR ZA 138 -84.34 30.52 -37.73
CA THR ZA 138 -82.97 30.45 -37.23
C THR ZA 138 -82.86 30.03 -35.77
N TRP ZA 139 -83.95 30.09 -34.99
CA TRP ZA 139 -83.87 29.72 -33.58
C TRP ZA 139 -83.52 28.24 -33.41
N GLU ZA 140 -84.13 27.38 -34.22
CA GLU ZA 140 -83.75 25.97 -34.18
C GLU ZA 140 -82.32 25.76 -34.67
N LYS ZA 141 -81.84 26.61 -35.58
CA LYS ZA 141 -80.46 26.50 -36.03
C LYS ZA 141 -79.48 26.78 -34.89
N THR ZA 142 -79.71 27.86 -34.14
CA THR ZA 142 -78.81 28.15 -33.02
C THR ZA 142 -78.99 27.14 -31.89
N VAL ZA 143 -80.18 26.58 -31.74
CA VAL ZA 143 -80.35 25.48 -30.79
C VAL ZA 143 -79.50 24.28 -31.22
N SER ZA 144 -79.48 23.97 -32.51
CA SER ZA 144 -78.66 22.88 -33.01
C SER ZA 144 -77.18 23.16 -32.79
N ILE ZA 145 -76.73 24.39 -33.05
CA ILE ZA 145 -75.30 24.68 -32.91
C ILE ZA 145 -74.90 24.66 -31.43
N GLN ZA 146 -75.76 25.13 -30.53
CA GLN ZA 146 -75.42 25.06 -29.12
C GLN ZA 146 -75.45 23.62 -28.61
N LYS ZA 147 -76.35 22.78 -29.15
CA LYS ZA 147 -76.32 21.36 -28.81
C LYS ZA 147 -75.02 20.71 -29.30
N SER ZA 148 -74.58 21.08 -30.50
CA SER ZA 148 -73.31 20.57 -31.01
C SER ZA 148 -72.14 21.01 -30.13
N ALA ZA 149 -72.15 22.27 -29.70
CA ALA ZA 149 -71.10 22.75 -28.80
C ALA ZA 149 -71.13 22.00 -27.48
N LEU ZA 150 -72.34 21.74 -26.94
CA LEU ZA 150 -72.46 20.99 -25.69
C LEU ZA 150 -71.92 19.57 -25.85
N GLN ZA 151 -72.21 18.92 -26.98
CA GLN ZA 151 -71.77 17.54 -27.13
C GLN ZA 151 -70.29 17.44 -27.43
N GLU ZA 152 -69.72 18.42 -28.13
CA GLU ZA 152 -68.29 18.36 -28.44
C GLU ZA 152 -67.42 18.68 -27.24
N LEU ZA 153 -67.95 19.43 -26.27
CA LEU ZA 153 -67.22 19.77 -25.05
C LEU ZA 153 -67.44 18.76 -23.94
N SER ZA 154 -67.94 17.57 -24.27
CA SER ZA 154 -68.31 16.60 -23.25
C SER ZA 154 -67.09 15.91 -22.65
N ALA ZA 155 -66.35 15.17 -23.47
CA ALA ZA 155 -65.23 14.35 -23.01
C ALA ZA 155 -63.99 14.68 -23.81
N PRO ZA 156 -63.29 15.76 -23.47
CA PRO ZA 156 -62.04 16.08 -24.14
C PRO ZA 156 -60.91 15.22 -23.60
N LEU ZA 157 -60.51 14.21 -24.36
CA LEU ZA 157 -59.36 13.41 -24.01
C LEU ZA 157 -58.06 14.06 -24.46
N LEU ZA 158 -58.15 15.16 -25.20
CA LEU ZA 158 -56.96 15.87 -25.67
C LEU ZA 158 -55.93 16.14 -24.57
N PRO ZA 159 -56.30 16.39 -23.31
CA PRO ZA 159 -55.29 16.36 -22.25
C PRO ZA 159 -54.53 15.05 -22.25
N ILE ZA 160 -53.25 15.10 -22.58
CA ILE ZA 160 -52.44 13.91 -22.77
C ILE ZA 160 -51.06 14.15 -22.19
N PHE ZA 161 -50.52 13.15 -21.51
CA PHE ZA 161 -49.17 13.15 -20.98
C PHE ZA 161 -48.38 12.02 -21.64
N GLU ZA 162 -47.12 11.88 -21.27
CA GLU ZA 162 -46.28 10.80 -21.83
C GLU ZA 162 -46.82 9.45 -21.38
N LYS ZA 163 -47.42 8.73 -22.31
CA LYS ZA 163 -48.04 7.42 -22.06
C LYS ZA 163 -49.13 7.48 -21.00
N ILE ZA 164 -49.64 8.67 -20.73
CA ILE ZA 164 -50.70 8.88 -19.75
C ILE ZA 164 -51.80 9.68 -20.42
N SER ZA 165 -53.05 9.33 -20.16
CA SER ZA 165 -54.19 10.06 -20.69
C SER ZA 165 -55.12 10.43 -19.54
N VAL ZA 166 -55.77 11.59 -19.68
CA VAL ZA 166 -56.69 12.07 -18.67
C VAL ZA 166 -57.85 12.77 -19.36
N MET ZA 167 -59.06 12.50 -18.89
CA MET ZA 167 -60.27 13.07 -19.47
C MET ZA 167 -61.08 13.78 -18.39
N PRO ZA 168 -61.10 15.11 -18.38
CA PRO ZA 168 -61.87 15.82 -17.36
C PRO ZA 168 -63.31 16.06 -17.79
N LEU ZA 169 -64.26 15.71 -16.92
CA LEU ZA 169 -65.67 16.01 -17.16
C LEU ZA 169 -66.21 16.76 -15.94
N ILE ZA 170 -66.90 17.86 -16.21
CA ILE ZA 170 -67.36 18.74 -15.14
C ILE ZA 170 -68.84 19.05 -15.19
N GLY ZA 171 -69.50 19.00 -16.35
CA GLY ZA 171 -70.92 19.31 -16.39
C GLY ZA 171 -71.78 18.14 -15.97
N THR ZA 172 -72.98 18.46 -15.49
CA THR ZA 172 -73.93 17.43 -15.10
C THR ZA 172 -74.32 16.59 -16.32
N ILE ZA 173 -74.36 15.28 -16.14
CA ILE ZA 173 -74.52 14.35 -17.25
C ILE ZA 173 -75.80 13.54 -17.06
N ASP ZA 174 -76.42 13.19 -18.18
CA ASP ZA 174 -77.60 12.32 -18.22
C ASP ZA 174 -77.26 11.09 -19.05
N THR ZA 175 -78.30 10.30 -19.37
CA THR ZA 175 -78.07 9.05 -20.09
C THR ZA 175 -77.44 9.29 -21.46
N GLU ZA 176 -77.92 10.29 -22.20
CA GLU ZA 176 -77.29 10.63 -23.47
C GLU ZA 176 -75.87 11.14 -23.26
N ARG ZA 177 -75.68 12.00 -22.26
CA ARG ZA 177 -74.33 12.48 -21.96
C ARG ZA 177 -73.44 11.34 -21.51
N ALA ZA 178 -73.97 10.41 -20.72
CA ALA ZA 178 -73.16 9.27 -20.29
C ALA ZA 178 -72.74 8.41 -21.47
N LYS ZA 179 -73.67 8.15 -22.40
CA LYS ZA 179 -73.33 7.40 -23.60
C LYS ZA 179 -72.26 8.11 -24.41
N LEU ZA 180 -72.41 9.43 -24.58
CA LEU ZA 180 -71.41 10.19 -25.31
C LEU ZA 180 -70.05 10.13 -24.62
N ILE ZA 181 -70.04 10.22 -23.28
CA ILE ZA 181 -68.78 10.20 -22.54
C ILE ZA 181 -68.09 8.86 -22.73
N ILE ZA 182 -68.82 7.76 -22.56
CA ILE ZA 182 -68.19 6.45 -22.67
C ILE ZA 182 -67.71 6.21 -24.10
N GLU ZA 183 -68.51 6.61 -25.09
CA GLU ZA 183 -68.10 6.40 -26.48
C GLU ZA 183 -66.86 7.23 -26.82
N ASN ZA 184 -66.82 8.49 -26.38
CA ASN ZA 184 -65.68 9.34 -26.66
C ASN ZA 184 -64.43 8.84 -25.96
N LEU ZA 185 -64.56 8.41 -24.70
CA LEU ZA 185 -63.40 7.87 -24.00
C LEU ZA 185 -62.89 6.62 -24.69
N LEU ZA 186 -63.79 5.73 -25.10
CA LEU ZA 186 -63.37 4.50 -25.77
C LEU ZA 186 -62.70 4.79 -27.11
N ILE ZA 187 -63.27 5.68 -27.91
CA ILE ZA 187 -62.69 5.97 -29.22
C ILE ZA 187 -61.35 6.68 -29.05
N GLY ZA 188 -61.22 7.53 -28.04
CA GLY ZA 188 -59.94 8.15 -27.78
C GLY ZA 188 -58.88 7.15 -27.37
N VAL ZA 189 -59.23 6.26 -26.43
CA VAL ZA 189 -58.24 5.31 -25.93
C VAL ZA 189 -57.89 4.27 -26.98
N VAL ZA 190 -58.79 4.00 -27.94
CA VAL ZA 190 -58.42 3.12 -29.02
C VAL ZA 190 -57.64 3.87 -30.10
N LYS ZA 191 -57.78 5.20 -30.17
CA LYS ZA 191 -57.03 5.96 -31.16
C LYS ZA 191 -55.58 6.14 -30.73
N ASN ZA 192 -55.36 6.82 -29.61
CA ASN ZA 192 -54.01 7.07 -29.12
C ASN ZA 192 -53.61 6.04 -28.07
N ARG ZA 193 -52.31 5.86 -27.91
CA ARG ZA 193 -51.79 4.87 -26.99
C ARG ZA 193 -51.68 5.45 -25.58
N SER ZA 194 -51.97 4.62 -24.59
CA SER ZA 194 -51.94 5.03 -23.20
C SER ZA 194 -51.80 3.80 -22.32
N GLU ZA 195 -51.41 4.02 -21.07
CA GLU ZA 195 -51.36 2.96 -20.08
C GLU ZA 195 -52.39 3.14 -18.97
N VAL ZA 196 -52.67 4.37 -18.55
CA VAL ZA 196 -53.71 4.66 -17.58
C VAL ZA 196 -54.59 5.77 -18.13
N VAL ZA 197 -55.82 5.81 -17.64
CA VAL ZA 197 -56.77 6.84 -18.00
C VAL ZA 197 -57.39 7.38 -16.72
N LEU ZA 198 -57.27 8.68 -16.50
CA LEU ZA 198 -57.81 9.33 -15.31
C LEU ZA 198 -59.07 10.08 -15.68
N ILE ZA 199 -60.18 9.73 -15.04
CA ILE ZA 199 -61.45 10.39 -15.26
C ILE ZA 199 -61.70 11.32 -14.09
N ASP ZA 200 -61.73 12.62 -14.36
CA ASP ZA 200 -61.94 13.63 -13.34
C ASP ZA 200 -63.44 13.76 -13.10
N ILE ZA 201 -63.95 13.06 -12.08
CA ILE ZA 201 -65.36 13.17 -11.73
C ILE ZA 201 -65.65 14.40 -10.90
N THR ZA 202 -64.64 15.04 -10.34
CA THR ZA 202 -64.85 16.26 -9.57
C THR ZA 202 -65.44 17.35 -10.47
N GLY ZA 203 -66.54 17.94 -10.01
CA GLY ZA 203 -67.21 18.95 -10.79
C GLY ZA 203 -68.68 18.65 -10.99
N VAL ZA 204 -69.00 17.36 -11.11
CA VAL ZA 204 -70.38 16.92 -11.30
C VAL ZA 204 -71.03 16.78 -9.92
N PRO ZA 205 -72.07 17.56 -9.61
CA PRO ZA 205 -72.66 17.50 -8.27
C PRO ZA 205 -73.31 16.16 -7.93
N VAL ZA 206 -74.25 15.71 -8.76
CA VAL ZA 206 -75.00 14.48 -8.50
C VAL ZA 206 -75.18 13.74 -9.81
N VAL ZA 207 -75.08 12.42 -9.76
CA VAL ZA 207 -75.32 11.56 -10.91
C VAL ZA 207 -76.43 10.57 -10.56
N ASP ZA 208 -77.14 10.12 -11.60
CA ASP ZA 208 -78.16 9.10 -11.42
C ASP ZA 208 -77.51 7.74 -11.23
N THR ZA 209 -78.29 6.81 -10.66
CA THR ZA 209 -77.78 5.46 -10.40
C THR ZA 209 -77.35 4.77 -11.68
N MET ZA 210 -78.18 4.86 -12.73
CA MET ZA 210 -77.82 4.26 -14.01
C MET ZA 210 -76.59 4.94 -14.60
N VAL ZA 211 -76.44 6.25 -14.38
CA VAL ZA 211 -75.25 6.94 -14.88
C VAL ZA 211 -73.99 6.42 -14.20
N ALA ZA 212 -74.05 6.23 -12.87
CA ALA ZA 212 -72.90 5.68 -12.17
C ALA ZA 212 -72.62 4.25 -12.61
N HIS ZA 213 -73.67 3.49 -12.87
CA HIS ZA 213 -73.49 2.13 -13.39
C HIS ZA 213 -72.76 2.15 -14.73
N HIS ZA 214 -73.15 3.08 -15.62
CA HIS ZA 214 -72.45 3.20 -16.89
C HIS ZA 214 -71.00 3.65 -16.70
N ILE ZA 215 -70.74 4.50 -15.71
CA ILE ZA 215 -69.37 4.92 -15.45
C ILE ZA 215 -68.52 3.75 -15.01
N ILE ZA 216 -69.05 2.92 -14.11
CA ILE ZA 216 -68.32 1.73 -13.67
C ILE ZA 216 -68.11 0.76 -14.83
N GLN ZA 217 -69.13 0.60 -15.67
CA GLN ZA 217 -68.99 -0.27 -16.84
C GLN ZA 217 -67.91 0.26 -17.78
N ALA ZA 218 -67.87 1.59 -17.97
CA ALA ZA 218 -66.85 2.18 -18.82
C ALA ZA 218 -65.46 1.97 -18.24
N SER ZA 219 -65.32 2.11 -16.92
CA SER ZA 219 -64.03 1.85 -16.29
C SER ZA 219 -63.60 0.41 -16.51
N GLU ZA 220 -64.52 -0.54 -16.34
CA GLU ZA 220 -64.17 -1.93 -16.56
C GLU ZA 220 -63.84 -2.20 -18.02
N ALA ZA 221 -64.58 -1.58 -18.94
CA ALA ZA 221 -64.31 -1.78 -20.36
C ALA ZA 221 -62.95 -1.24 -20.77
N VAL ZA 222 -62.59 -0.05 -20.27
CA VAL ZA 222 -61.28 0.50 -20.64
C VAL ZA 222 -60.17 -0.26 -19.93
N ARG ZA 223 -60.45 -0.85 -18.77
CA ARG ZA 223 -59.51 -1.81 -18.20
C ARG ZA 223 -59.34 -3.00 -19.14
N LEU ZA 224 -60.44 -3.49 -19.70
CA LEU ZA 224 -60.38 -4.61 -20.63
C LEU ZA 224 -59.54 -4.27 -21.85
N VAL ZA 225 -59.72 -3.06 -22.40
CA VAL ZA 225 -58.92 -2.66 -23.55
C VAL ZA 225 -57.44 -2.72 -23.22
N GLY ZA 226 -57.08 -2.49 -21.96
CA GLY ZA 226 -55.70 -2.59 -21.53
C GLY ZA 226 -55.17 -1.34 -20.88
N CYS ZA 227 -56.06 -0.52 -20.32
CA CYS ZA 227 -55.69 0.73 -19.68
C CYS ZA 227 -56.41 0.84 -18.34
N GLN ZA 228 -55.64 1.02 -17.28
CA GLN ZA 228 -56.24 1.18 -15.95
C GLN ZA 228 -57.01 2.50 -15.88
N ALA ZA 229 -58.16 2.46 -15.21
CA ALA ZA 229 -59.03 3.62 -15.08
C ALA ZA 229 -59.02 4.05 -13.62
N MET ZA 230 -58.38 5.19 -13.35
CA MET ZA 230 -58.31 5.75 -12.01
C MET ZA 230 -59.36 6.85 -11.89
N LEU ZA 231 -60.51 6.53 -11.33
CA LEU ZA 231 -61.56 7.52 -11.09
C LEU ZA 231 -61.07 8.50 -10.03
N VAL ZA 232 -60.71 9.71 -10.44
CA VAL ZA 232 -60.04 10.66 -9.57
C VAL ZA 232 -61.06 11.70 -9.11
N GLY ZA 233 -61.16 11.87 -7.79
CA GLY ZA 233 -61.94 12.94 -7.21
C GLY ZA 233 -63.44 12.72 -7.24
N ILE ZA 234 -63.90 11.66 -6.60
CA ILE ZA 234 -65.32 11.37 -6.51
C ILE ZA 234 -65.92 12.11 -5.33
N ARG ZA 235 -67.03 12.81 -5.56
CA ARG ZA 235 -67.71 13.51 -4.48
C ARG ZA 235 -68.35 12.50 -3.53
N PRO ZA 236 -68.62 12.90 -2.29
CA PRO ZA 236 -69.25 11.95 -1.34
C PRO ZA 236 -70.61 11.46 -1.81
N GLU ZA 237 -71.40 12.29 -2.48
CA GLU ZA 237 -72.75 11.87 -2.85
C GLU ZA 237 -72.72 10.86 -4.00
N ILE ZA 238 -71.85 11.05 -4.98
CA ILE ZA 238 -71.67 10.05 -6.02
C ILE ZA 238 -71.15 8.75 -5.42
N ALA ZA 239 -70.30 8.86 -4.40
CA ALA ZA 239 -69.86 7.68 -3.68
C ALA ZA 239 -71.06 6.97 -3.04
N GLN ZA 240 -71.98 7.74 -2.47
CA GLN ZA 240 -73.19 7.17 -1.89
C GLN ZA 240 -74.00 6.43 -2.95
N THR ZA 241 -74.19 7.06 -4.10
CA THR ZA 241 -74.97 6.44 -5.17
C THR ZA 241 -74.29 5.16 -5.66
N ILE ZA 242 -72.97 5.19 -5.81
CA ILE ZA 242 -72.24 4.01 -6.29
C ILE ZA 242 -72.35 2.87 -5.28
N VAL ZA 243 -72.21 3.18 -3.99
CA VAL ZA 243 -72.30 2.13 -2.98
C VAL ZA 243 -73.70 1.55 -2.92
N ASN ZA 244 -74.73 2.40 -2.92
CA ASN ZA 244 -76.10 1.90 -2.92
C ASN ZA 244 -76.42 1.15 -4.21
N LEU ZA 245 -75.67 1.37 -5.28
CA LEU ZA 245 -75.84 0.57 -6.48
C LEU ZA 245 -75.55 -0.91 -6.20
N GLY ZA 246 -74.58 -1.18 -5.34
CA GLY ZA 246 -74.26 -2.55 -4.95
C GLY ZA 246 -73.33 -3.28 -5.89
N ILE ZA 247 -72.89 -2.64 -6.98
CA ILE ZA 247 -71.98 -3.32 -7.90
C ILE ZA 247 -70.62 -3.49 -7.24
N GLU ZA 248 -69.83 -4.43 -7.78
CA GLU ZA 248 -68.54 -4.77 -7.19
C GLU ZA 248 -67.55 -3.65 -7.43
N LEU ZA 249 -66.76 -3.31 -6.40
CA LEU ZA 249 -65.96 -2.10 -6.40
C LEU ZA 249 -64.53 -2.36 -5.90
N ASP ZA 250 -63.86 -3.38 -6.43
CA ASP ZA 250 -62.48 -3.62 -6.01
C ASP ZA 250 -61.46 -3.12 -7.04
N GLN ZA 251 -61.77 -3.23 -8.34
CA GLN ZA 251 -60.78 -2.89 -9.35
C GLN ZA 251 -60.55 -1.38 -9.40
N ILE ZA 252 -61.61 -0.60 -9.25
CA ILE ZA 252 -61.52 0.85 -9.44
C ILE ZA 252 -60.59 1.46 -8.40
N ILE ZA 253 -59.47 2.01 -8.88
CA ILE ZA 253 -58.53 2.73 -8.03
C ILE ZA 253 -58.91 4.20 -8.06
N THR ZA 254 -59.07 4.80 -6.88
CA THR ZA 254 -59.55 6.17 -6.77
C THR ZA 254 -58.61 6.99 -5.91
N THR ZA 255 -58.43 8.26 -6.29
CA THR ZA 255 -57.72 9.23 -5.50
C THR ZA 255 -58.53 10.52 -5.47
N ASN ZA 256 -58.44 11.25 -4.36
CA ASN ZA 256 -59.30 12.42 -4.18
C ASN ZA 256 -58.79 13.67 -4.88
N THR ZA 257 -57.53 13.68 -5.32
CA THR ZA 257 -56.96 14.85 -5.97
C THR ZA 257 -56.28 14.45 -7.27
N MET ZA 258 -56.32 15.35 -8.25
CA MET ZA 258 -55.70 15.07 -9.54
C MET ZA 258 -54.19 14.96 -9.42
N LYS ZA 259 -53.58 15.72 -8.52
CA LYS ZA 259 -52.15 15.58 -8.31
C LYS ZA 259 -51.79 14.20 -7.78
N LYS ZA 260 -52.59 13.68 -6.84
CA LYS ZA 260 -52.35 12.33 -6.35
C LYS ZA 260 -52.61 11.30 -7.43
N GLY ZA 261 -53.61 11.55 -8.28
CA GLY ZA 261 -53.82 10.67 -9.42
C GLY ZA 261 -52.63 10.63 -10.36
N MET ZA 262 -52.04 11.80 -10.65
CA MET ZA 262 -50.86 11.85 -11.51
C MET ZA 262 -49.68 11.12 -10.88
N GLU ZA 263 -49.45 11.32 -9.57
CA GLU ZA 263 -48.32 10.63 -8.96
C GLU ZA 263 -48.57 9.13 -8.88
N ARG ZA 264 -49.82 8.70 -8.68
CA ARG ZA 264 -50.12 7.28 -8.72
C ARG ZA 264 -49.90 6.70 -10.11
N ALA ZA 265 -50.28 7.44 -11.15
CA ALA ZA 265 -50.05 6.99 -12.51
C ALA ZA 265 -48.56 6.86 -12.80
N LEU ZA 266 -47.77 7.84 -12.36
CA LEU ZA 266 -46.33 7.74 -12.50
C LEU ZA 266 -45.74 6.63 -11.65
N ALA ZA 267 -46.44 6.22 -10.60
CA ALA ZA 267 -46.01 5.05 -9.83
C ALA ZA 267 -46.29 3.76 -10.58
N LEU ZA 268 -47.45 3.67 -11.24
CA LEU ZA 268 -47.78 2.47 -12.00
C LEU ZA 268 -46.79 2.25 -13.14
N THR ZA 269 -46.55 3.29 -13.93
CA THR ZA 269 -45.49 3.28 -14.93
C THR ZA 269 -44.19 3.58 -14.20
N ASN ZA 270 -43.51 2.52 -13.76
CA ASN ZA 270 -42.48 2.64 -12.74
C ASN ZA 270 -41.39 3.64 -13.12
N ARG ZA 271 -40.89 3.56 -14.35
CA ARG ZA 271 -39.79 4.43 -14.76
C ARG ZA 271 -40.26 5.78 -15.27
N GLU ZA 272 -41.56 6.03 -15.31
CA GLU ZA 272 -42.06 7.35 -15.69
C GLU ZA 272 -41.97 8.36 -14.56
N ILE ZA 273 -41.70 7.92 -13.33
CA ILE ZA 273 -41.59 8.85 -12.21
C ILE ZA 273 -40.32 9.69 -12.29
N VAL ZA 274 -39.35 9.27 -13.10
CA VAL ZA 274 -38.11 10.02 -13.27
C VAL ZA 274 -38.18 10.89 -14.52
N MET AB 1 -119.55 34.51 -21.86
CA MET AB 1 -120.26 33.23 -21.78
C MET AB 1 -119.69 32.23 -22.78
N TYR AB 2 -119.55 30.98 -22.34
CA TYR AB 2 -118.97 29.92 -23.16
C TYR AB 2 -119.92 28.75 -23.40
N LYS AB 3 -121.13 28.78 -22.82
CA LYS AB 3 -122.05 27.66 -22.99
C LYS AB 3 -122.53 27.55 -24.43
N ASP AB 4 -123.01 28.66 -25.00
CA ASP AB 4 -123.44 28.64 -26.40
C ASP AB 4 -122.27 28.42 -27.34
N PHE AB 5 -121.07 28.85 -26.94
CA PHE AB 5 -119.88 28.55 -27.72
C PHE AB 5 -119.68 27.04 -27.82
N ALA AB 6 -119.84 26.32 -26.70
CA ALA AB 6 -119.74 24.87 -26.74
C ALA AB 6 -120.88 24.26 -27.53
N ASN AB 7 -122.07 24.86 -27.45
CA ASN AB 7 -123.21 24.36 -28.22
C ASN AB 7 -122.92 24.42 -29.72
N PHE AB 8 -122.30 25.51 -30.17
CA PHE AB 8 -121.91 25.62 -31.57
C PHE AB 8 -120.68 24.77 -31.90
N ILE AB 9 -119.80 24.55 -30.91
CA ILE AB 9 -118.68 23.63 -31.07
C ILE AB 9 -119.18 22.21 -31.29
N ARG AB 10 -120.39 21.90 -30.81
CA ARG AB 10 -120.96 20.58 -31.03
C ARG AB 10 -121.05 20.22 -32.51
N THR AB 11 -121.10 21.20 -33.41
CA THR AB 11 -120.94 20.98 -34.84
C THR AB 11 -119.60 21.47 -35.38
N ASN AB 12 -118.97 22.44 -34.70
CA ASN AB 12 -117.63 22.84 -35.10
C ASN AB 12 -116.64 21.69 -34.97
N LYS AB 13 -116.95 20.66 -34.20
CA LYS AB 13 -116.05 19.51 -34.12
C LYS AB 13 -115.96 18.80 -35.48
N LYS AB 14 -117.12 18.52 -36.09
CA LYS AB 14 -117.12 17.95 -37.44
C LYS AB 14 -116.58 18.95 -38.45
N ASP AB 15 -116.88 20.25 -38.26
CA ASP AB 15 -116.33 21.27 -39.15
C ASP AB 15 -114.80 21.25 -39.12
N LEU AB 16 -114.22 21.13 -37.93
CA LEU AB 16 -112.76 21.09 -37.79
C LEU AB 16 -112.18 19.76 -38.24
N LEU AB 17 -112.95 18.68 -38.16
CA LEU AB 17 -112.51 17.42 -38.77
C LEU AB 17 -112.35 17.59 -40.28
N ASN AB 18 -113.36 18.18 -40.92
CA ASN AB 18 -113.25 18.51 -42.34
C ASN AB 18 -112.10 19.48 -42.60
N ASN AB 19 -111.87 20.42 -41.66
CA ASN AB 19 -110.77 21.36 -41.80
C ASN AB 19 -109.41 20.66 -41.81
N TRP AB 20 -109.21 19.75 -40.84
CA TRP AB 20 -107.95 19.00 -40.78
C TRP AB 20 -107.79 18.12 -42.00
N MET AB 21 -108.89 17.58 -42.52
CA MET AB 21 -108.81 16.86 -43.79
C MET AB 21 -108.36 17.78 -44.91
N ASN AB 22 -108.86 19.01 -44.93
CA ASN AB 22 -108.47 19.97 -45.97
C ASN AB 22 -107.01 20.39 -45.81
N GLU AB 23 -106.57 20.63 -44.58
CA GLU AB 23 -105.22 21.14 -44.34
C GLU AB 23 -104.14 20.10 -44.63
N MET AB 24 -104.49 18.83 -44.74
CA MET AB 24 -103.51 17.78 -45.01
C MET AB 24 -102.90 17.87 -46.40
N GLU AB 25 -103.50 18.65 -47.31
CA GLU AB 25 -103.01 18.70 -48.68
C GLU AB 25 -101.72 19.49 -48.79
N LYS AB 26 -101.61 20.60 -48.07
CA LYS AB 26 -100.56 21.59 -48.35
C LYS AB 26 -99.25 21.27 -47.64
N GLN AB 27 -99.27 21.19 -46.31
CA GLN AB 27 -98.04 21.16 -45.52
C GLN AB 27 -97.82 19.79 -44.90
N SER AB 28 -96.64 19.22 -45.17
CA SER AB 28 -96.13 18.02 -44.49
C SER AB 28 -97.15 16.88 -44.50
N ASP AB 29 -97.66 16.58 -45.70
CA ASP AB 29 -98.60 15.47 -45.84
C ASP AB 29 -97.97 14.13 -45.48
N PRO AB 30 -96.81 13.73 -46.04
CA PRO AB 30 -96.29 12.39 -45.70
C PRO AB 30 -95.79 12.29 -44.27
N LEU AB 31 -95.11 13.32 -43.76
CA LEU AB 31 -94.58 13.26 -42.40
C LEU AB 31 -95.70 13.11 -41.38
N ILE AB 32 -96.74 13.95 -41.49
CA ILE AB 32 -97.85 13.88 -40.56
C ILE AB 32 -98.64 12.59 -40.75
N ASN AB 33 -98.79 12.15 -42.01
CA ASN AB 33 -99.51 10.90 -42.28
C ASN AB 33 -98.80 9.72 -41.64
N ASP AB 34 -97.47 9.74 -41.61
CA ASP AB 34 -96.72 8.60 -41.08
C ASP AB 34 -96.61 8.66 -39.55
N ILE AB 35 -96.11 9.78 -39.02
CA ILE AB 35 -95.78 9.82 -37.59
C ILE AB 35 -97.03 9.76 -36.72
N ALA AB 36 -98.12 10.40 -37.16
CA ALA AB 36 -99.33 10.49 -36.37
C ALA AB 36 -100.52 10.01 -37.20
N LYS AB 37 -101.19 8.96 -36.71
CA LYS AB 37 -102.41 8.50 -37.35
C LYS AB 37 -103.49 9.57 -37.25
N GLU AB 38 -104.34 9.64 -38.27
CA GLU AB 38 -105.39 10.66 -38.29
C GLU AB 38 -106.35 10.58 -37.10
N PRO AB 39 -106.83 9.41 -36.65
CA PRO AB 39 -107.78 9.41 -35.53
C PRO AB 39 -107.27 10.06 -34.26
N MET AB 40 -106.00 9.83 -33.89
CA MET AB 40 -105.50 10.39 -32.63
C MET AB 40 -105.36 11.91 -32.73
N TYR AB 41 -104.85 12.41 -33.86
CA TYR AB 41 -104.77 13.85 -34.05
C TYR AB 41 -106.14 14.48 -34.04
N GLU AB 42 -107.11 13.84 -34.70
CA GLU AB 42 -108.47 14.37 -34.74
C GLU AB 42 -109.09 14.42 -33.35
N GLU AB 43 -108.94 13.34 -32.57
CA GLU AB 43 -109.53 13.33 -31.24
C GLU AB 43 -108.86 14.34 -30.32
N THR AB 44 -107.53 14.46 -30.40
CA THR AB 44 -106.84 15.46 -29.59
C THR AB 44 -107.29 16.86 -29.96
N SER AB 45 -107.42 17.15 -31.26
CA SER AB 45 -107.83 18.46 -31.70
C SER AB 45 -109.26 18.79 -31.24
N ILE AB 46 -110.18 17.82 -31.38
CA ILE AB 46 -111.56 18.10 -30.99
C ILE AB 46 -111.67 18.27 -29.48
N GLU AB 47 -110.93 17.48 -28.72
CA GLU AB 47 -110.93 17.66 -27.26
C GLU AB 47 -110.37 19.03 -26.88
N PHE AB 48 -109.28 19.46 -27.54
CA PHE AB 48 -108.71 20.75 -27.24
C PHE AB 48 -109.67 21.88 -27.57
N VAL AB 49 -110.40 21.76 -28.69
CA VAL AB 49 -111.28 22.84 -29.13
C VAL AB 49 -112.66 22.81 -28.48
N ASP AB 50 -113.03 21.71 -27.82
CA ASP AB 50 -114.31 21.71 -27.12
C ASP AB 50 -114.18 21.87 -25.61
N LEU AB 51 -113.03 21.54 -25.02
CA LEU AB 51 -112.83 21.74 -23.59
C LEU AB 51 -112.39 23.15 -23.24
N ILE AB 52 -112.12 23.99 -24.24
CA ILE AB 52 -111.72 25.37 -24.00
C ILE AB 52 -112.89 26.18 -23.47
N VAL AB 53 -114.09 25.95 -24.01
CA VAL AB 53 -115.26 26.77 -23.68
C VAL AB 53 -116.23 25.95 -22.85
N SER AB 54 -115.71 24.98 -22.10
CA SER AB 54 -116.53 24.16 -21.22
C SER AB 54 -116.64 24.73 -19.81
N ASN AB 55 -116.04 25.88 -19.55
CA ASN AB 55 -116.06 26.52 -18.24
C ASN AB 55 -116.83 27.84 -18.32
N ILE AB 56 -116.84 28.56 -17.21
CA ILE AB 56 -117.60 29.82 -17.10
C ILE AB 56 -116.63 30.95 -17.43
N THR AB 57 -116.60 31.31 -18.72
CA THR AB 57 -115.81 32.44 -19.23
C THR AB 57 -114.33 32.30 -18.89
N GLU AB 58 -113.86 31.08 -18.69
CA GLU AB 58 -112.48 30.84 -18.29
C GLU AB 58 -112.08 29.45 -18.76
N ASN AB 59 -110.92 28.98 -18.29
CA ASN AB 59 -110.44 27.63 -18.53
C ASN AB 59 -109.98 27.03 -17.22
N GLY AB 60 -110.29 25.76 -17.01
CA GLY AB 60 -109.93 25.11 -15.76
C GLY AB 60 -108.44 24.91 -15.62
N SER AB 61 -108.00 24.77 -14.36
CA SER AB 61 -106.59 24.52 -14.09
C SER AB 61 -106.15 23.19 -14.69
N LYS AB 62 -106.98 22.15 -14.58
CA LYS AB 62 -106.69 20.90 -15.27
C LYS AB 62 -106.64 21.13 -16.78
N PHE AB 63 -107.59 21.90 -17.32
CA PHE AB 63 -107.52 22.22 -18.73
C PHE AB 63 -106.38 23.15 -19.06
N ASN AB 64 -105.94 23.99 -18.10
CA ASN AB 64 -104.75 24.80 -18.35
C ASN AB 64 -103.53 23.92 -18.53
N GLU AB 65 -103.38 22.90 -17.67
CA GLU AB 65 -102.28 21.96 -17.84
C GLU AB 65 -102.41 21.17 -19.12
N LYS AB 66 -103.64 20.78 -19.48
CA LYS AB 66 -103.86 20.05 -20.73
C LYS AB 66 -103.52 20.93 -21.94
N LEU AB 67 -103.83 22.22 -21.87
CA LEU AB 67 -103.49 23.14 -22.95
C LEU AB 67 -101.98 23.31 -23.08
N ASP AB 68 -101.28 23.42 -21.94
CA ASP AB 68 -99.82 23.48 -21.99
C ASP AB 68 -99.24 22.21 -22.58
N ASP AB 69 -99.78 21.05 -22.19
CA ASP AB 69 -99.32 19.78 -22.72
C ASP AB 69 -99.58 19.69 -24.22
N PHE AB 70 -100.76 20.13 -24.68
CA PHE AB 70 -101.07 20.13 -26.09
C PHE AB 70 -100.12 21.05 -26.86
N ALA AB 71 -99.84 22.22 -26.31
CA ALA AB 71 -98.92 23.15 -26.97
C ALA AB 71 -97.53 22.54 -27.12
N GLU AB 72 -96.99 22.01 -26.02
CA GLU AB 72 -95.65 21.42 -26.12
C GLU AB 72 -95.63 20.18 -27.01
N LYS AB 73 -96.71 19.39 -27.00
CA LYS AB 73 -96.79 18.21 -27.85
C LYS AB 73 -96.81 18.58 -29.32
N VAL AB 74 -97.60 19.59 -29.70
CA VAL AB 74 -97.61 19.98 -31.11
C VAL AB 74 -96.30 20.66 -31.49
N VAL AB 75 -95.65 21.35 -30.54
CA VAL AB 75 -94.36 21.98 -30.85
C VAL AB 75 -93.30 20.93 -31.12
N HIS AB 76 -93.24 19.90 -30.28
CA HIS AB 76 -92.18 18.90 -30.38
C HIS AB 76 -92.59 17.69 -31.21
N LEU AB 77 -93.79 17.70 -31.80
CA LEU AB 77 -94.28 16.57 -32.58
C LEU AB 77 -94.17 16.79 -34.08
N GLY AB 78 -94.03 18.03 -34.53
CA GLY AB 78 -93.97 18.31 -35.95
C GLY AB 78 -94.93 19.38 -36.40
N TRP AB 79 -95.39 20.21 -35.47
CA TRP AB 79 -96.27 21.35 -35.77
C TRP AB 79 -95.65 22.61 -35.18
N PRO AB 80 -94.68 23.22 -35.89
CA PRO AB 80 -94.06 24.44 -35.38
C PRO AB 80 -95.00 25.63 -35.38
N ILE AB 81 -94.49 26.80 -34.99
CA ILE AB 81 -95.34 27.98 -34.87
C ILE AB 81 -95.95 28.35 -36.22
N HIS AB 82 -95.22 28.10 -37.32
CA HIS AB 82 -95.79 28.32 -38.64
C HIS AB 82 -96.96 27.37 -38.89
N PHE AB 83 -96.82 26.11 -38.46
CA PHE AB 83 -97.92 25.17 -38.61
C PHE AB 83 -99.11 25.56 -37.75
N VAL AB 84 -98.85 26.12 -36.56
CA VAL AB 84 -99.95 26.59 -35.71
C VAL AB 84 -100.65 27.78 -36.36
N THR AB 85 -99.89 28.66 -37.01
CA THR AB 85 -100.51 29.78 -37.71
C THR AB 85 -101.33 29.31 -38.91
N THR AB 86 -100.83 28.31 -39.64
CA THR AB 86 -101.63 27.73 -40.71
C THR AB 86 -102.89 27.07 -40.16
N GLY AB 87 -102.79 26.44 -39.00
CA GLY AB 87 -103.96 25.88 -38.35
C GLY AB 87 -104.98 26.95 -37.98
N LEU AB 88 -104.49 28.09 -37.49
CA LEU AB 88 -105.39 29.21 -37.21
C LEU AB 88 -106.05 29.72 -38.48
N ARG AB 89 -105.29 29.82 -39.57
CA ARG AB 89 -105.85 30.28 -40.84
C ARG AB 89 -106.93 29.34 -41.35
N VAL AB 90 -106.68 28.03 -41.30
CA VAL AB 90 -107.68 27.08 -41.77
C VAL AB 90 -108.86 27.00 -40.80
N PHE AB 91 -108.62 27.23 -39.51
CA PHE AB 91 -109.71 27.41 -38.56
C PHE AB 91 -110.61 28.54 -38.99
N GLY AB 92 -110.01 29.69 -39.32
CA GLY AB 92 -110.79 30.80 -39.81
C GLY AB 92 -111.56 30.46 -41.07
N LEU AB 93 -110.90 29.77 -42.01
CA LEU AB 93 -111.56 29.38 -43.26
C LEU AB 93 -112.81 28.56 -42.99
N LEU AB 94 -112.67 27.48 -42.22
CA LEU AB 94 -113.79 26.56 -42.05
C LEU AB 94 -114.87 27.12 -41.13
N VAL AB 95 -114.47 27.88 -40.09
CA VAL AB 95 -115.47 28.50 -39.23
C VAL AB 95 -116.23 29.58 -39.99
N TYR AB 96 -115.55 30.32 -40.87
CA TYR AB 96 -116.21 31.29 -41.73
C TYR AB 96 -117.21 30.63 -42.67
N THR AB 97 -116.81 29.52 -43.30
CA THR AB 97 -117.72 28.80 -44.18
C THR AB 97 -118.92 28.28 -43.40
N ALA AB 98 -118.69 27.71 -42.21
CA ALA AB 98 -119.79 27.19 -41.41
C ALA AB 98 -120.74 28.31 -40.98
N MET AB 99 -120.19 29.45 -40.56
CA MET AB 99 -121.04 30.57 -40.15
C MET AB 99 -121.85 31.10 -41.31
N ARG AB 100 -121.27 31.13 -42.51
CA ARG AB 100 -122.05 31.49 -43.69
C ARG AB 100 -123.12 30.46 -44.00
N ASP AB 101 -122.86 29.19 -43.68
CA ASP AB 101 -123.83 28.12 -43.97
C ASP AB 101 -124.74 27.84 -42.78
N GLU AB 102 -124.15 27.47 -41.63
CA GLU AB 102 -124.97 27.09 -40.48
C GLU AB 102 -125.67 28.29 -39.86
N ASP AB 103 -124.96 29.42 -39.71
CA ASP AB 103 -125.50 30.65 -39.14
C ASP AB 103 -126.04 30.40 -37.73
N LEU AB 104 -125.13 30.00 -36.85
CA LEU AB 104 -125.44 29.79 -35.43
C LEU AB 104 -124.39 30.53 -34.61
N PHE AB 105 -124.78 31.65 -34.02
CA PHE AB 105 -123.89 32.52 -33.28
C PHE AB 105 -124.21 32.44 -31.78
N LEU AB 106 -123.52 33.27 -31.00
CA LEU AB 106 -123.67 33.23 -29.54
C LEU AB 106 -125.09 33.58 -29.12
N LYS AB 107 -125.52 34.81 -29.40
CA LYS AB 107 -126.83 35.28 -28.94
C LYS AB 107 -127.93 34.62 -29.75
N ARG AB 108 -128.99 34.19 -29.05
CA ARG AB 108 -130.14 33.56 -29.69
C ARG AB 108 -130.97 34.66 -30.35
N GLU AB 109 -130.85 34.78 -31.66
CA GLU AB 109 -131.55 35.81 -32.42
C GLU AB 109 -131.68 35.35 -33.86
N GLU AB 110 -132.52 36.05 -34.62
CA GLU AB 110 -132.71 35.71 -36.03
C GLU AB 110 -131.40 35.86 -36.80
N LYS AB 111 -130.66 36.93 -36.56
CA LYS AB 111 -129.34 37.13 -37.16
C LYS AB 111 -128.50 38.01 -36.24
N PRO AB 112 -127.65 37.40 -35.41
CA PRO AB 112 -126.73 38.20 -34.58
C PRO AB 112 -125.77 39.01 -35.45
N GLU AB 113 -125.42 40.20 -34.96
CA GLU AB 113 -124.59 41.12 -35.71
C GLU AB 113 -123.11 40.72 -35.57
N ASP AB 114 -122.23 41.62 -36.00
CA ASP AB 114 -120.79 41.35 -36.06
C ASP AB 114 -120.15 41.17 -34.68
N ASP AB 115 -120.86 41.52 -33.60
CA ASP AB 115 -120.27 41.49 -32.27
C ASP AB 115 -119.78 40.09 -31.91
N ALA AB 116 -120.69 39.12 -31.79
CA ALA AB 116 -120.27 37.76 -31.50
C ALA AB 116 -119.55 37.15 -32.69
N TYR AB 117 -119.90 37.57 -33.91
CA TYR AB 117 -119.25 37.08 -35.12
C TYR AB 117 -117.75 37.31 -35.08
N TYR AB 118 -117.31 38.35 -34.37
CA TYR AB 118 -115.87 38.53 -34.15
C TYR AB 118 -115.43 38.20 -32.73
N ARG AB 119 -116.35 38.07 -31.78
CA ARG AB 119 -115.97 37.57 -30.47
C ARG AB 119 -115.45 36.13 -30.58
N PHE AB 120 -116.03 35.36 -31.50
CA PHE AB 120 -115.47 34.05 -31.83
C PHE AB 120 -113.99 34.15 -32.16
N GLU AB 121 -113.64 35.07 -33.07
CA GLU AB 121 -112.26 35.21 -33.51
C GLU AB 121 -111.37 35.79 -32.42
N THR AB 122 -111.90 36.68 -31.57
CA THR AB 122 -111.11 37.17 -30.44
C THR AB 122 -110.77 36.04 -29.47
N TRP AB 123 -111.72 35.16 -29.21
CA TRP AB 123 -111.43 34.03 -28.33
C TRP AB 123 -110.45 33.06 -29.00
N LEU AB 124 -110.55 32.88 -30.32
CA LEU AB 124 -109.54 32.08 -31.03
C LEU AB 124 -108.15 32.71 -30.91
N SER AB 125 -108.08 34.04 -31.02
CA SER AB 125 -106.79 34.72 -30.90
C SER AB 125 -106.22 34.57 -29.50
N SER AB 126 -107.08 34.63 -28.48
CA SER AB 126 -106.62 34.39 -27.11
C SER AB 126 -106.15 32.95 -26.91
N MET AB 127 -106.83 32.01 -27.57
CA MET AB 127 -106.37 30.62 -27.59
C MET AB 127 -104.96 30.53 -28.15
N TYR AB 128 -104.74 31.21 -29.27
CA TYR AB 128 -103.41 31.25 -29.90
C TYR AB 128 -102.39 31.90 -28.98
N ASN AB 129 -102.80 32.93 -28.24
CA ASN AB 129 -101.91 33.59 -27.29
C ASN AB 129 -101.48 32.64 -26.18
N LYS AB 130 -102.43 31.85 -25.65
CA LYS AB 130 -102.07 30.86 -24.64
C LYS AB 130 -101.11 29.82 -25.22
N VAL AB 131 -101.38 29.39 -26.46
CA VAL AB 131 -100.52 28.41 -27.12
C VAL AB 131 -99.10 28.94 -27.25
N VAL AB 132 -98.96 30.18 -27.69
CA VAL AB 132 -97.62 30.73 -27.91
C VAL AB 132 -96.92 31.03 -26.58
N THR AB 133 -97.67 31.35 -25.52
CA THR AB 133 -97.03 31.51 -24.21
C THR AB 133 -96.46 30.19 -23.73
N ALA AB 134 -97.23 29.10 -23.87
CA ALA AB 134 -96.70 27.78 -23.51
C ALA AB 134 -95.54 27.39 -24.41
N TYR AB 135 -95.56 27.85 -25.66
CA TYR AB 135 -94.41 27.69 -26.55
C TYR AB 135 -93.17 28.35 -25.98
N ALA AB 136 -93.31 29.61 -25.56
CA ALA AB 136 -92.14 30.43 -25.25
C ALA AB 136 -91.51 30.03 -23.91
N ASP AB 137 -92.33 29.72 -22.90
CA ASP AB 137 -91.81 29.62 -21.54
C ASP AB 137 -90.72 28.55 -21.42
N THR AB 138 -91.09 27.28 -21.64
CA THR AB 138 -90.15 26.19 -21.42
C THR AB 138 -88.98 26.23 -22.39
N TRP AB 139 -89.22 26.70 -23.62
CA TRP AB 139 -88.13 26.82 -24.59
C TRP AB 139 -87.08 27.83 -24.12
N GLU AB 140 -87.53 28.97 -23.59
CA GLU AB 140 -86.56 29.93 -23.05
C GLU AB 140 -85.87 29.37 -21.81
N LYS AB 141 -86.59 28.61 -21.00
CA LYS AB 141 -85.97 27.99 -19.83
C LYS AB 141 -84.84 27.05 -20.24
N THR AB 142 -85.09 26.18 -21.21
CA THR AB 142 -84.05 25.23 -21.62
C THR AB 142 -82.91 25.92 -22.35
N VAL AB 143 -83.20 26.99 -23.10
CA VAL AB 143 -82.13 27.77 -23.72
C VAL AB 143 -81.23 28.38 -22.65
N SER AB 144 -81.83 28.92 -21.59
CA SER AB 144 -81.04 29.51 -20.51
C SER AB 144 -80.18 28.46 -19.81
N ILE AB 145 -80.74 27.29 -19.52
CA ILE AB 145 -79.95 26.27 -18.83
C ILE AB 145 -78.82 25.76 -19.72
N GLN AB 146 -79.07 25.66 -21.04
CA GLN AB 146 -78.01 25.26 -21.95
C GLN AB 146 -76.91 26.32 -22.02
N LYS AB 147 -77.29 27.60 -22.02
CA LYS AB 147 -76.28 28.65 -22.01
C LYS AB 147 -75.45 28.61 -20.73
N SER AB 148 -76.10 28.34 -19.59
CA SER AB 148 -75.36 28.19 -18.34
C SER AB 148 -74.39 27.01 -18.41
N ALA AB 149 -74.83 25.91 -19.02
CA ALA AB 149 -73.95 24.74 -19.16
C ALA AB 149 -72.74 25.07 -20.03
N LEU AB 150 -72.94 25.82 -21.12
CA LEU AB 150 -71.80 26.27 -21.91
C LEU AB 150 -70.91 27.21 -21.12
N GLN AB 151 -71.49 28.05 -20.27
CA GLN AB 151 -70.69 28.95 -19.45
C GLN AB 151 -69.80 28.18 -18.49
N GLU AB 152 -70.33 27.14 -17.85
CA GLU AB 152 -69.53 26.40 -16.87
C GLU AB 152 -68.49 25.50 -17.55
N LEU AB 153 -68.77 25.05 -18.77
CA LEU AB 153 -67.93 24.10 -19.48
C LEU AB 153 -66.97 24.77 -20.45
N SER AB 154 -66.77 26.08 -20.32
CA SER AB 154 -65.95 26.80 -21.28
C SER AB 154 -64.46 26.56 -21.06
N ALA AB 155 -63.93 26.98 -19.91
CA ALA AB 155 -62.50 26.93 -19.61
C ALA AB 155 -62.29 26.26 -18.27
N PRO AB 156 -62.26 24.94 -18.24
CA PRO AB 156 -62.09 24.21 -16.98
C PRO AB 156 -60.63 24.12 -16.58
N LEU AB 157 -60.25 24.88 -15.56
CA LEU AB 157 -58.91 24.79 -14.99
C LEU AB 157 -58.78 23.64 -14.00
N LEU AB 158 -59.85 22.89 -13.78
CA LEU AB 158 -59.83 21.78 -12.83
C LEU AB 158 -58.68 20.80 -13.05
N PRO AB 159 -58.30 20.45 -14.28
CA PRO AB 159 -57.08 19.64 -14.44
C PRO AB 159 -55.89 20.33 -13.80
N ILE AB 160 -55.31 19.68 -12.80
CA ILE AB 160 -54.24 20.26 -11.99
C ILE AB 160 -53.17 19.19 -11.74
N PHE AB 161 -51.91 19.61 -11.81
CA PHE AB 161 -50.77 18.80 -11.41
C PHE AB 161 -50.09 19.49 -10.24
N GLU AB 162 -49.04 18.85 -9.71
CA GLU AB 162 -48.31 19.40 -8.57
C GLU AB 162 -47.66 20.73 -8.93
N LYS AB 163 -48.22 21.83 -8.43
CA LYS AB 163 -47.73 23.18 -8.69
C LYS AB 163 -47.74 23.54 -10.18
N ILE AB 164 -48.51 22.82 -10.99
CA ILE AB 164 -48.61 23.08 -12.41
C ILE AB 164 -50.07 22.93 -12.82
N SER AB 165 -50.65 23.97 -13.39
CA SER AB 165 -52.01 23.92 -13.87
C SER AB 165 -52.04 23.65 -15.37
N VAL AB 166 -53.22 23.31 -15.86
CA VAL AB 166 -53.45 23.10 -17.29
C VAL AB 166 -54.91 23.37 -17.59
N MET AB 167 -55.16 24.12 -18.66
CA MET AB 167 -56.49 24.65 -18.95
C MET AB 167 -56.85 24.31 -20.39
N PRO AB 168 -57.42 23.14 -20.64
CA PRO AB 168 -57.73 22.72 -22.01
C PRO AB 168 -59.06 23.32 -22.46
N LEU AB 169 -59.02 24.00 -23.61
CA LEU AB 169 -60.23 24.54 -24.22
C LEU AB 169 -60.30 24.06 -25.67
N ILE AB 170 -61.49 23.65 -26.09
CA ILE AB 170 -61.74 23.18 -27.45
C ILE AB 170 -63.04 23.81 -27.95
N GLY AB 171 -63.36 23.53 -29.20
CA GLY AB 171 -64.52 24.13 -29.83
C GLY AB 171 -64.26 25.56 -30.25
N THR AB 172 -65.27 26.15 -30.89
CA THR AB 172 -65.17 27.51 -31.40
C THR AB 172 -65.52 28.48 -30.30
N ILE AB 173 -64.66 29.49 -30.12
CA ILE AB 173 -64.82 30.48 -29.05
C ILE AB 173 -65.00 31.85 -29.67
N ASP AB 174 -66.02 32.57 -29.22
CA ASP AB 174 -66.31 33.92 -29.67
C ASP AB 174 -65.85 34.92 -28.60
N THR AB 175 -66.17 36.20 -28.82
CA THR AB 175 -65.68 37.26 -27.95
C THR AB 175 -66.19 37.09 -26.52
N GLU AB 176 -67.48 36.78 -26.37
CA GLU AB 176 -68.02 36.54 -25.04
C GLU AB 176 -67.35 35.34 -24.38
N ARG AB 177 -67.18 34.25 -25.14
CA ARG AB 177 -66.46 33.10 -24.61
C ARG AB 177 -65.02 33.47 -24.29
N ALA AB 178 -64.41 34.35 -25.10
CA ALA AB 178 -63.04 34.76 -24.81
C ALA AB 178 -62.95 35.50 -23.48
N LYS AB 179 -63.88 36.41 -23.22
CA LYS AB 179 -63.89 37.10 -21.93
C LYS AB 179 -64.13 36.13 -20.79
N LEU AB 180 -65.04 35.18 -20.98
CA LEU AB 180 -65.28 34.19 -19.94
C LEU AB 180 -64.04 33.36 -19.67
N ILE AB 181 -63.33 32.97 -20.73
CA ILE AB 181 -62.10 32.19 -20.59
C ILE AB 181 -61.05 32.97 -19.81
N ILE AB 182 -60.85 34.24 -20.16
CA ILE AB 182 -59.80 35.00 -19.48
C ILE AB 182 -60.18 35.23 -18.02
N GLU AB 183 -61.45 35.52 -17.74
CA GLU AB 183 -61.87 35.70 -16.36
C GLU AB 183 -61.68 34.42 -15.56
N ASN AB 184 -62.08 33.29 -16.13
CA ASN AB 184 -61.94 32.03 -15.42
C ASN AB 184 -60.48 31.67 -15.19
N LEU AB 185 -59.63 31.92 -16.19
CA LEU AB 185 -58.21 31.63 -16.05
C LEU AB 185 -57.59 32.46 -14.94
N LEU AB 186 -57.92 33.76 -14.89
CA LEU AB 186 -57.36 34.62 -13.86
C LEU AB 186 -57.84 34.20 -12.47
N ILE AB 187 -59.15 33.98 -12.33
CA ILE AB 187 -59.67 33.63 -11.01
C ILE AB 187 -59.15 32.27 -10.58
N GLY AB 188 -58.96 31.34 -11.53
CA GLY AB 188 -58.43 30.03 -11.16
C GLY AB 188 -56.97 30.09 -10.76
N VAL AB 189 -56.14 30.82 -11.52
CA VAL AB 189 -54.73 30.91 -11.18
C VAL AB 189 -54.56 31.66 -9.85
N VAL AB 190 -55.49 32.54 -9.51
CA VAL AB 190 -55.46 33.14 -8.18
C VAL AB 190 -55.90 32.13 -7.12
N LYS AB 191 -56.91 31.32 -7.44
CA LYS AB 191 -57.49 30.41 -6.46
C LYS AB 191 -56.47 29.40 -5.95
N ASN AB 192 -55.69 28.83 -6.86
CA ASN AB 192 -54.66 27.87 -6.48
C ASN AB 192 -53.30 28.31 -7.02
N ARG AB 193 -52.26 28.07 -6.24
CA ARG AB 193 -50.92 28.47 -6.66
C ARG AB 193 -50.41 27.55 -7.75
N SER AB 194 -49.79 28.14 -8.77
CA SER AB 194 -49.25 27.38 -9.89
C SER AB 194 -48.25 28.25 -10.64
N GLU AB 195 -47.04 27.75 -10.80
CA GLU AB 195 -46.01 28.52 -11.49
C GLU AB 195 -46.21 28.53 -13.00
N VAL AB 196 -46.76 27.46 -13.57
CA VAL AB 196 -46.91 27.33 -15.01
C VAL AB 196 -48.37 27.03 -15.33
N VAL AB 197 -48.94 27.76 -16.28
CA VAL AB 197 -50.29 27.52 -16.75
C VAL AB 197 -50.21 27.17 -18.23
N LEU AB 198 -50.65 25.97 -18.58
CA LEU AB 198 -50.66 25.50 -19.96
C LEU AB 198 -52.09 25.57 -20.47
N ILE AB 199 -52.37 26.52 -21.34
CA ILE AB 199 -53.69 26.64 -21.96
C ILE AB 199 -53.62 25.99 -23.34
N ASP AB 200 -54.50 25.04 -23.59
CA ASP AB 200 -54.50 24.27 -24.83
C ASP AB 200 -55.30 25.02 -25.89
N ILE AB 201 -54.67 25.26 -27.03
CA ILE AB 201 -55.38 25.85 -28.16
C ILE AB 201 -55.87 24.78 -29.14
N THR AB 202 -55.19 23.63 -29.18
CA THR AB 202 -55.60 22.55 -30.07
C THR AB 202 -57.05 22.16 -29.81
N GLY AB 203 -57.89 22.31 -30.82
CA GLY AB 203 -59.30 22.01 -30.69
C GLY AB 203 -60.16 23.08 -31.33
N VAL AB 204 -59.66 24.32 -31.32
CA VAL AB 204 -60.35 25.43 -31.95
C VAL AB 204 -59.83 25.58 -33.37
N PRO AB 205 -60.68 25.46 -34.39
CA PRO AB 205 -60.19 25.52 -35.78
C PRO AB 205 -59.67 26.91 -36.14
N VAL AB 206 -60.51 27.93 -36.00
CA VAL AB 206 -60.21 29.28 -36.43
C VAL AB 206 -60.49 30.22 -35.27
N VAL AB 207 -59.56 31.14 -35.01
CA VAL AB 207 -59.69 32.14 -33.96
C VAL AB 207 -59.70 33.51 -34.60
N ASP AB 208 -60.69 34.33 -34.25
CA ASP AB 208 -60.78 35.67 -34.79
C ASP AB 208 -59.62 36.52 -34.27
N THR AB 209 -59.39 37.64 -34.97
CA THR AB 209 -58.31 38.54 -34.58
C THR AB 209 -58.54 39.08 -33.17
N MET AB 210 -59.77 39.47 -32.86
CA MET AB 210 -60.05 40.03 -31.55
C MET AB 210 -59.89 38.98 -30.46
N VAL AB 211 -60.32 37.75 -30.72
CA VAL AB 211 -60.19 36.68 -29.74
C VAL AB 211 -58.71 36.31 -29.55
N ALA AB 212 -57.94 36.29 -30.64
CA ALA AB 212 -56.51 36.04 -30.51
C ALA AB 212 -55.84 37.14 -29.70
N HIS AB 213 -56.26 38.38 -29.90
CA HIS AB 213 -55.73 39.48 -29.11
C HIS AB 213 -56.07 39.28 -27.63
N HIS AB 214 -57.30 38.87 -27.32
CA HIS AB 214 -57.64 38.57 -25.94
C HIS AB 214 -56.78 37.44 -25.37
N ILE AB 215 -56.51 36.42 -26.17
CA ILE AB 215 -55.69 35.30 -25.69
C ILE AB 215 -54.28 35.79 -25.36
N ILE AB 216 -53.71 36.61 -26.23
CA ILE AB 216 -52.37 37.12 -25.97
C ILE AB 216 -52.37 38.01 -24.73
N GLN AB 217 -53.41 38.86 -24.58
CA GLN AB 217 -53.51 39.68 -23.39
C GLN AB 217 -53.61 38.83 -22.14
N ALA AB 218 -54.38 37.74 -22.19
CA ALA AB 218 -54.51 36.85 -21.04
C ALA AB 218 -53.18 36.20 -20.70
N SER AB 219 -52.44 35.77 -21.71
CA SER AB 219 -51.13 35.16 -21.46
C SER AB 219 -50.19 36.16 -20.80
N GLU AB 220 -50.16 37.39 -21.31
CA GLU AB 220 -49.28 38.39 -20.72
C GLU AB 220 -49.72 38.76 -19.31
N ALA AB 221 -51.03 38.81 -19.06
CA ALA AB 221 -51.52 39.10 -17.72
C ALA AB 221 -51.16 37.98 -16.75
N VAL AB 222 -51.24 36.73 -17.18
CA VAL AB 222 -50.85 35.62 -16.32
C VAL AB 222 -49.35 35.67 -16.04
N ARG AB 223 -48.56 36.07 -17.05
CA ARG AB 223 -47.15 36.30 -16.78
C ARG AB 223 -46.96 37.39 -15.73
N LEU AB 224 -47.76 38.45 -15.83
CA LEU AB 224 -47.65 39.57 -14.90
C LEU AB 224 -48.04 39.18 -13.48
N VAL AB 225 -49.01 38.28 -13.32
CA VAL AB 225 -49.36 37.82 -11.98
C VAL AB 225 -48.20 37.04 -11.37
N GLY AB 226 -47.38 36.40 -12.21
CA GLY AB 226 -46.22 35.68 -11.71
C GLY AB 226 -46.22 34.23 -12.09
N CYS AB 227 -46.90 33.89 -13.18
CA CYS AB 227 -47.02 32.51 -13.63
C CYS AB 227 -46.79 32.46 -15.13
N GLN AB 228 -45.82 31.66 -15.57
CA GLN AB 228 -45.59 31.49 -16.99
C GLN AB 228 -46.77 30.80 -17.65
N ALA AB 229 -47.17 31.30 -18.82
CA ALA AB 229 -48.30 30.75 -19.56
C ALA AB 229 -47.81 30.27 -20.92
N MET AB 230 -47.38 29.02 -20.98
CA MET AB 230 -46.87 28.46 -22.23
C MET AB 230 -48.04 28.04 -23.11
N LEU AB 231 -48.33 28.85 -24.12
CA LEU AB 231 -49.36 28.54 -25.09
C LEU AB 231 -48.98 27.27 -25.85
N VAL AB 232 -49.81 26.25 -25.76
CA VAL AB 232 -49.46 24.91 -26.25
C VAL AB 232 -50.41 24.52 -27.38
N GLY AB 233 -49.87 23.82 -28.37
CA GLY AB 233 -50.68 23.23 -29.43
C GLY AB 233 -51.37 24.21 -30.34
N ILE AB 234 -50.66 25.25 -30.77
CA ILE AB 234 -51.26 26.23 -31.68
C ILE AB 234 -51.48 25.58 -33.04
N ARG AB 235 -52.61 25.92 -33.68
CA ARG AB 235 -52.82 25.44 -35.03
C ARG AB 235 -52.22 26.40 -36.05
N PRO AB 236 -51.80 25.90 -37.22
CA PRO AB 236 -51.11 26.77 -38.18
C PRO AB 236 -51.89 27.99 -38.61
N GLU AB 237 -53.21 27.86 -38.83
CA GLU AB 237 -54.02 29.02 -39.20
C GLU AB 237 -54.08 30.02 -38.05
N ILE AB 238 -54.19 29.53 -36.82
CA ILE AB 238 -54.21 30.42 -35.66
C ILE AB 238 -52.89 31.17 -35.54
N ALA AB 239 -51.77 30.47 -35.72
CA ALA AB 239 -50.47 31.13 -35.66
C ALA AB 239 -50.32 32.15 -36.78
N GLN AB 240 -50.85 31.84 -37.96
CA GLN AB 240 -50.84 32.77 -39.07
C GLN AB 240 -51.62 34.04 -38.73
N TPO AB 241 -52.78 33.87 -38.12
CA TPO AB 241 -53.60 35.01 -37.72
CB TPO AB 241 -54.99 34.55 -37.28
CG2 TPO AB 241 -55.36 34.96 -35.84
OG1 TPO AB 241 -55.97 35.10 -38.16
P TPO AB 241 -56.64 33.88 -38.95
O1P TPO AB 241 -58.13 34.28 -39.40
O2P TPO AB 241 -55.77 33.54 -40.27
O3P TPO AB 241 -56.69 32.68 -38.07
C TPO AB 241 -52.92 35.83 -36.63
O TPO AB 241 -53.03 37.05 -36.58
N ILE AB 242 -52.18 35.15 -35.75
CA ILE AB 242 -51.50 35.82 -34.65
C ILE AB 242 -50.33 36.65 -35.18
N VAL AB 243 -49.56 36.10 -36.13
CA VAL AB 243 -48.46 36.88 -36.68
C VAL AB 243 -48.99 38.04 -37.53
N ASN AB 244 -50.10 37.83 -38.26
CA ASN AB 244 -50.70 38.95 -38.96
C ASN AB 244 -51.34 39.95 -38.01
N LEU AB 245 -51.59 39.57 -36.76
CA LEU AB 245 -52.07 40.55 -35.78
C LEU AB 245 -51.03 41.65 -35.55
N GLY AB 246 -49.75 41.33 -35.71
CA GLY AB 246 -48.70 42.33 -35.72
C GLY AB 246 -48.10 42.66 -34.37
N ILE AB 247 -48.60 42.08 -33.28
CA ILE AB 247 -48.05 42.39 -31.97
C ILE AB 247 -46.73 41.66 -31.78
N GLU AB 248 -45.91 42.19 -30.87
CA GLU AB 248 -44.66 41.53 -30.51
C GLU AB 248 -44.93 40.18 -29.89
N LEU AB 249 -44.18 39.16 -30.32
CA LEU AB 249 -44.45 37.78 -29.97
C LEU AB 249 -43.17 37.07 -29.54
N ASP AB 250 -42.40 37.70 -28.66
CA ASP AB 250 -41.18 37.09 -28.13
C ASP AB 250 -41.30 36.77 -26.65
N GLN AB 251 -42.39 37.13 -25.99
CA GLN AB 251 -42.53 36.91 -24.56
C GLN AB 251 -43.24 35.60 -24.23
N ILE AB 252 -44.03 35.06 -25.15
CA ILE AB 252 -44.78 33.84 -24.91
C ILE AB 252 -43.93 32.64 -25.26
N ILE AB 253 -44.21 31.52 -24.62
CA ILE AB 253 -43.52 30.25 -24.86
C ILE AB 253 -44.51 29.32 -25.52
N THR AB 254 -44.09 28.68 -26.60
CA THR AB 254 -44.99 27.83 -27.37
C THR AB 254 -44.50 26.38 -27.36
N THR AB 255 -45.44 25.46 -27.59
CA THR AB 255 -45.13 24.05 -27.67
C THR AB 255 -46.17 23.39 -28.57
N ASN AB 256 -45.72 22.39 -29.32
CA ASN AB 256 -46.60 21.75 -30.30
C ASN AB 256 -47.60 20.79 -29.65
N THR AB 257 -47.21 20.09 -28.59
CA THR AB 257 -48.06 19.07 -27.98
C THR AB 257 -48.07 19.23 -26.47
N MET AB 258 -49.11 18.67 -25.85
CA MET AB 258 -49.26 18.76 -24.40
C MET AB 258 -48.12 18.05 -23.66
N LYS AB 259 -47.69 16.89 -24.16
CA LYS AB 259 -46.66 16.15 -23.45
C LYS AB 259 -45.35 16.92 -23.42
N LYS AB 260 -44.98 17.55 -24.55
CA LYS AB 260 -43.76 18.34 -24.57
C LYS AB 260 -43.92 19.62 -23.75
N GLY AB 261 -45.13 20.19 -23.72
CA GLY AB 261 -45.36 21.33 -22.85
C GLY AB 261 -45.19 20.97 -21.39
N MET AB 262 -45.69 19.80 -20.99
CA MET AB 262 -45.51 19.33 -19.62
C MET AB 262 -44.05 19.07 -19.31
N GLU AB 263 -43.31 18.53 -20.29
CA GLU AB 263 -41.87 18.36 -20.10
C GLU AB 263 -41.18 19.70 -19.90
N ARG AB 264 -41.58 20.71 -20.67
CA ARG AB 264 -41.01 22.05 -20.50
C ARG AB 264 -41.37 22.62 -19.14
N ALA AB 265 -42.59 22.39 -18.68
CA ALA AB 265 -42.99 22.87 -17.36
C ALA AB 265 -42.17 22.22 -16.26
N LEU AB 266 -41.92 20.91 -16.39
CA LEU AB 266 -41.02 20.25 -15.46
C LEU AB 266 -39.60 20.80 -15.56
N ALA AB 267 -39.20 21.22 -16.76
CA ALA AB 267 -37.89 21.83 -16.92
C ALA AB 267 -37.79 23.16 -16.17
N LEU AB 268 -38.84 24.00 -16.27
CA LEU AB 268 -38.82 25.28 -15.58
C LEU AB 268 -38.74 25.10 -14.06
N THR AB 269 -39.53 24.19 -13.52
CA THR AB 269 -39.41 23.80 -12.12
C THR AB 269 -38.21 22.87 -12.03
N ASN AB 270 -37.03 23.47 -11.85
CA ASN AB 270 -35.76 22.79 -12.12
C ASN AB 270 -35.57 21.53 -11.30
N ARG AB 271 -36.26 21.38 -10.18
CA ARG AB 271 -36.12 20.19 -9.36
C ARG AB 271 -37.23 19.16 -9.60
N GLU AB 272 -38.32 19.55 -10.25
CA GLU AB 272 -39.52 18.73 -10.32
C GLU AB 272 -39.55 17.80 -11.53
N ILE AB 273 -38.38 17.38 -12.03
CA ILE AB 273 -38.37 16.31 -13.03
C ILE AB 273 -38.85 15.01 -12.40
N VAL AB 274 -38.49 14.78 -11.14
CA VAL AB 274 -38.92 13.59 -10.41
C VAL AB 274 -40.41 13.67 -10.09
N MET BB 1 -71.51 17.21 17.41
CA MET BB 1 -71.74 17.25 18.85
C MET BB 1 -71.39 15.93 19.51
N GLY BB 2 -71.37 14.86 18.73
CA GLY BB 2 -71.03 13.56 19.25
C GLY BB 2 -70.05 12.81 18.37
N ILE BB 3 -69.59 13.48 17.32
CA ILE BB 3 -68.71 12.85 16.33
C ILE BB 3 -67.38 13.59 16.33
N PRO BB 4 -66.44 13.21 17.20
CA PRO BB 4 -65.19 13.98 17.32
C PRO BB 4 -64.12 13.59 16.30
N ILE BB 5 -64.16 14.18 15.12
CA ILE BB 5 -63.13 13.95 14.12
C ILE BB 5 -61.86 14.69 14.50
N LEU BB 6 -60.73 14.00 14.44
CA LEU BB 6 -59.43 14.59 14.71
C LEU BB 6 -58.56 14.52 13.47
N LYS BB 7 -57.59 15.44 13.37
CA LYS BB 7 -56.67 15.49 12.25
C LYS BB 7 -55.24 15.44 12.77
N LEU BB 8 -54.42 14.55 12.20
CA LEU BB 8 -53.02 14.44 12.57
C LEU BB 8 -52.30 13.56 11.57
N GLY BB 9 -51.11 13.98 11.17
CA GLY BB 9 -50.24 13.15 10.33
C GLY BB 9 -50.88 12.72 9.03
N GLU BB 10 -51.61 13.62 8.36
CA GLU BB 10 -52.29 13.33 7.11
C GLU BB 10 -53.30 12.19 7.30
N CYS BB 11 -53.78 12.01 8.53
CA CYS BB 11 -54.74 10.97 8.86
C CYS BB 11 -55.91 11.56 9.63
N LEU BB 12 -56.95 10.75 9.78
CA LEU BB 12 -58.15 11.11 10.54
C LEU BB 12 -58.47 10.02 11.55
N LEU BB 13 -58.84 10.45 12.76
CA LEU BB 13 -59.20 9.52 13.82
C LEU BB 13 -60.59 9.89 14.34
N ILE BB 14 -61.45 8.90 14.44
CA ILE BB 14 -62.82 9.10 14.92
C ILE BB 14 -63.07 8.12 16.06
N SER BB 15 -63.57 8.63 17.18
CA SER BB 15 -63.98 7.82 18.31
C SER BB 15 -65.50 7.85 18.43
N ILE BB 16 -66.12 6.68 18.50
CA ILE BB 16 -67.57 6.55 18.60
C ILE BB 16 -67.92 6.27 20.06
N GLN BB 17 -68.78 7.12 20.64
CA GLN BB 17 -69.14 7.00 22.04
C GLN BB 17 -70.63 7.21 22.26
N SER BB 18 -71.45 6.93 21.25
CA SER BB 18 -72.87 7.22 21.29
C SER BB 18 -73.77 6.00 21.46
N GLU BB 19 -73.48 4.91 20.76
CA GLU BB 19 -74.20 3.65 20.88
C GLU BB 19 -75.67 3.77 20.46
N LEU BB 20 -76.00 4.74 19.62
CA LEU BB 20 -77.35 4.95 19.14
C LEU BB 20 -77.43 4.55 17.67
N ASP BB 21 -78.66 4.34 17.18
CA ASP BB 21 -78.85 3.76 15.85
C ASP BB 21 -79.03 4.82 14.76
N ASP BB 22 -80.08 5.64 14.83
CA ASP BB 22 -80.45 6.49 13.71
C ASP BB 22 -79.55 7.72 13.60
N HIS BB 23 -79.62 8.61 14.59
CA HIS BB 23 -78.89 9.86 14.53
C HIS BB 23 -77.40 9.63 14.50
N THR BB 24 -76.90 8.71 15.32
CA THR BB 24 -75.48 8.38 15.30
C THR BB 24 -75.04 8.04 13.88
N ALA BB 25 -75.73 7.09 13.26
CA ALA BB 25 -75.34 6.64 11.93
C ALA BB 25 -75.36 7.79 10.94
N VAL BB 26 -76.49 8.48 10.82
CA VAL BB 26 -76.62 9.46 9.74
C VAL BB 26 -75.67 10.62 9.95
N GLU BB 27 -75.67 11.23 11.14
CA GLU BB 27 -74.80 12.38 11.38
C GLU BB 27 -73.33 11.99 11.27
N PHE BB 28 -72.93 10.89 11.92
CA PHE BB 28 -71.55 10.45 11.86
C PHE BB 28 -71.08 10.24 10.42
N GLN BB 29 -71.86 9.50 9.65
CA GLN BB 29 -71.42 9.17 8.31
C GLN BB 29 -71.37 10.41 7.42
N GLU BB 30 -72.40 11.27 7.49
CA GLU BB 30 -72.39 12.47 6.64
C GLU BB 30 -71.23 13.38 7.00
N ASP BB 31 -70.96 13.55 8.31
CA ASP BB 31 -69.89 14.43 8.73
C ASP BB 31 -68.54 13.89 8.30
N LEU BB 32 -68.35 12.57 8.40
CA LEU BB 32 -67.10 11.99 7.91
C LEU BB 32 -66.96 12.17 6.40
N LEU BB 33 -68.05 12.00 5.65
CA LEU BB 33 -67.96 12.22 4.21
C LEU BB 33 -67.54 13.65 3.89
N ALA BB 34 -68.21 14.62 4.52
CA ALA BB 34 -67.84 16.01 4.28
C ALA BB 34 -66.39 16.28 4.66
N LYS BB 35 -65.96 15.73 5.79
CA LYS BB 35 -64.61 15.99 6.28
C LYS BB 35 -63.57 15.40 5.35
N ILE BB 36 -63.73 14.13 4.97
CA ILE BB 36 -62.77 13.49 4.07
C ILE BB 36 -62.82 14.12 2.69
N HIS BB 37 -63.95 14.73 2.31
CA HIS BB 37 -64.01 15.42 1.03
C HIS BB 37 -63.23 16.72 1.06
N GLU BB 38 -63.65 17.66 1.91
CA GLU BB 38 -63.02 18.98 1.89
C GLU BB 38 -61.59 18.95 2.41
N THR BB 39 -61.23 17.95 3.21
CA THR BB 39 -59.86 17.78 3.68
C THR BB 39 -59.31 16.49 3.11
N SER BB 40 -58.22 16.59 2.35
CA SER BB 40 -57.59 15.41 1.75
C SER BB 40 -56.81 14.67 2.83
N ALA BB 41 -57.21 13.45 3.12
CA ALA BB 41 -56.50 12.58 4.05
C ALA BB 41 -56.34 11.21 3.41
N ARG BB 42 -55.11 10.70 3.42
CA ARG BB 42 -54.86 9.40 2.80
C ARG BB 42 -55.46 8.27 3.62
N GLY BB 43 -55.47 8.40 4.93
CA GLY BB 43 -55.97 7.33 5.80
C GLY BB 43 -56.96 7.84 6.83
N VAL BB 44 -57.95 7.01 7.13
CA VAL BB 44 -58.94 7.30 8.15
C VAL BB 44 -58.93 6.17 9.18
N VAL BB 45 -59.21 6.53 10.43
CA VAL BB 45 -59.16 5.60 11.55
C VAL BB 45 -60.45 5.73 12.35
N ILE BB 46 -61.11 4.61 12.60
CA ILE BB 46 -62.44 4.60 13.22
C ILE BB 46 -62.40 3.73 14.48
N ASP BB 47 -62.81 4.30 15.60
CA ASP BB 47 -62.75 3.64 16.91
C ASP BB 47 -64.14 3.14 17.29
N ILE BB 48 -64.21 1.87 17.70
CA ILE BB 48 -65.49 1.22 18.03
C ILE BB 48 -65.43 0.59 19.42
N THR BB 49 -64.46 1.00 20.25
CA THR BB 49 -64.29 0.36 21.55
C THR BB 49 -65.54 0.52 22.42
N SER BB 50 -66.07 1.74 22.51
CA SER BB 50 -67.19 1.99 23.41
C SER BB 50 -68.45 1.27 22.98
N ILE BB 51 -68.53 0.84 21.72
CA ILE BB 51 -69.75 0.22 21.20
C ILE BB 51 -69.84 -1.22 21.69
N ASP BB 52 -71.01 -1.60 22.19
CA ASP BB 52 -71.23 -2.96 22.68
C ASP BB 52 -72.48 -3.61 22.10
N PHE BB 53 -73.16 -2.95 21.16
CA PHE BB 53 -74.37 -3.51 20.57
C PHE BB 53 -74.59 -2.90 19.20
N ILE BB 54 -74.77 -3.76 18.19
CA ILE BB 54 -74.99 -3.34 16.81
C ILE BB 54 -76.20 -4.08 16.25
N ASP BB 55 -77.06 -3.35 15.55
CA ASP BB 55 -78.18 -3.91 14.82
C ASP BB 55 -77.86 -3.91 13.33
N SER BB 56 -78.84 -4.30 12.52
CA SER BB 56 -78.63 -4.31 11.07
C SER BB 56 -78.39 -2.91 10.55
N PHE BB 57 -79.08 -1.91 11.12
CA PHE BB 57 -78.97 -0.55 10.61
C PHE BB 57 -77.54 -0.04 10.70
N ILE BB 58 -76.93 -0.18 11.88
CA ILE BB 58 -75.59 0.33 12.09
C ILE BB 58 -74.56 -0.47 11.30
N ALA BB 59 -74.72 -1.79 11.22
CA ALA BB 59 -73.79 -2.58 10.43
C ALA BB 59 -73.84 -2.17 8.96
N LYS BB 60 -75.05 -1.97 8.42
CA LYS BB 60 -75.18 -1.46 7.06
C LYS BB 60 -74.50 -0.10 6.92
N ILE BB 61 -74.69 0.77 7.91
CA ILE BB 61 -74.10 2.11 7.83
C ILE BB 61 -72.58 2.03 7.81
N LEU BB 62 -71.99 1.22 8.68
CA LEU BB 62 -70.53 1.08 8.70
C LEU BB 62 -70.00 0.44 7.43
N GLY BB 63 -70.72 -0.53 6.87
CA GLY BB 63 -70.31 -1.06 5.58
C GLY BB 63 -70.31 0.01 4.51
N ASP BB 64 -71.36 0.84 4.48
CA ASP BB 64 -71.41 1.92 3.51
C ASP BB 64 -70.25 2.90 3.74
N VAL BB 65 -69.98 3.23 5.00
CA VAL BB 65 -68.91 4.17 5.32
C VAL BB 65 -67.56 3.64 4.86
N VAL BB 66 -67.28 2.35 5.10
CA VAL BB 66 -65.98 1.82 4.72
C VAL BB 66 -65.85 1.75 3.21
N SER BB 67 -66.90 1.32 2.51
CA SER BB 67 -66.84 1.33 1.05
C SER BB 67 -66.61 2.74 0.53
N MET BB 68 -67.28 3.72 1.15
CA MET BB 68 -67.19 5.10 0.71
C MET BB 68 -65.78 5.64 0.90
N SER BB 69 -65.24 5.48 2.10
CA SER BB 69 -63.89 5.97 2.37
C SER BB 69 -62.88 5.29 1.47
N LYS BB 70 -62.99 3.97 1.28
CA LYS BB 70 -62.09 3.30 0.36
C LYS BB 70 -62.23 3.86 -1.04
N LEU BB 71 -63.43 4.29 -1.43
CA LEU BB 71 -63.59 5.01 -2.68
C LEU BB 71 -62.92 6.38 -2.63
N MET BB 72 -62.60 6.89 -1.45
CA MET BB 72 -61.87 8.15 -1.36
C MET BB 72 -60.51 8.07 -0.69
N GLY BB 73 -60.21 7.04 0.09
CA GLY BB 73 -58.91 6.93 0.73
C GLY BB 73 -58.81 5.69 1.58
N ALA BB 74 -57.58 5.42 2.04
CA ALA BB 74 -57.34 4.22 2.84
C ALA BB 74 -58.10 4.29 4.16
N LYS BB 75 -58.45 3.12 4.68
CA LYS BB 75 -59.32 3.03 5.84
C LYS BB 75 -58.95 1.85 6.71
N VAL BB 76 -59.26 1.95 8.00
CA VAL BB 76 -59.14 0.85 8.94
C VAL BB 76 -60.24 1.00 9.98
N VAL BB 77 -60.82 -0.12 10.39
CA VAL BB 77 -61.70 -0.14 11.57
C VAL BB 77 -60.77 -0.49 12.74
N VAL BB 78 -60.08 0.55 13.23
CA VAL BB 78 -58.85 0.33 14.00
C VAL BB 78 -59.12 -0.53 15.23
N THR BB 79 -60.26 -0.34 15.87
CA THR BB 79 -60.56 -1.02 17.12
C THR BB 79 -61.42 -2.24 16.82
N GLY BB 80 -60.89 -3.41 17.17
CA GLY BB 80 -61.65 -4.64 17.08
C GLY BB 80 -62.94 -4.53 17.85
N ILE BB 81 -64.03 -4.78 17.16
CA ILE BB 81 -65.34 -4.68 17.79
C ILE BB 81 -65.51 -5.80 18.80
N GLN BB 82 -66.50 -5.63 19.68
CA GLN BB 82 -66.72 -6.57 20.75
C GLN BB 82 -67.15 -7.93 20.19
N PRO BB 83 -66.91 -9.01 20.94
CA PRO BB 83 -67.29 -10.34 20.45
C PRO BB 83 -68.75 -10.46 20.06
N ALA BB 84 -69.66 -9.93 20.88
CA ALA BB 84 -71.06 -9.90 20.49
C ALA BB 84 -71.25 -9.05 19.25
N VAL BB 85 -70.58 -7.89 19.20
CA VAL BB 85 -70.64 -7.05 18.01
C VAL BB 85 -70.04 -7.78 16.82
N ALA BB 86 -68.95 -8.52 17.04
CA ALA BB 86 -68.31 -9.23 15.94
C ALA BB 86 -69.24 -10.29 15.34
N ILE BB 87 -69.87 -11.09 16.20
CA ILE BB 87 -70.74 -12.14 15.69
C ILE BB 87 -71.99 -11.54 15.05
N THR BB 88 -72.52 -10.45 15.63
CA THR BB 88 -73.68 -9.82 15.03
C THR BB 88 -73.34 -9.23 13.66
N LEU BB 89 -72.14 -8.66 13.53
CA LEU BB 89 -71.74 -8.10 12.25
C LEU BB 89 -71.53 -9.17 11.20
N ILE BB 90 -70.88 -10.28 11.57
CA ILE BB 90 -70.62 -11.31 10.58
C ILE BB 90 -71.91 -12.03 10.18
N GLU BB 91 -72.87 -12.15 11.10
CA GLU BB 91 -74.09 -12.87 10.79
C GLU BB 91 -74.92 -12.15 9.72
N LEU BB 92 -74.92 -10.83 9.70
CA LEU BB 92 -75.74 -10.09 8.76
C LEU BB 92 -74.92 -9.23 7.80
N GLY BB 93 -73.95 -8.48 8.32
CA GLY BB 93 -73.11 -7.66 7.48
C GLY BB 93 -71.87 -8.40 7.01
N ILE BB 94 -72.05 -9.32 6.07
CA ILE BB 94 -70.95 -10.19 5.67
C ILE BB 94 -69.99 -9.39 4.80
N THR BB 95 -68.96 -8.82 5.43
CA THR BB 95 -67.94 -8.02 4.76
C THR BB 95 -66.62 -8.23 5.47
N PHE BB 96 -65.53 -8.17 4.71
CA PHE BB 96 -64.22 -8.18 5.34
C PHE BB 96 -63.89 -6.84 5.99
N SER BB 97 -64.62 -5.78 5.61
CA SER BB 97 -64.51 -4.47 6.25
C SER BB 97 -63.08 -3.96 6.26
N GLY BB 98 -62.36 -4.21 5.16
CA GLY BB 98 -60.98 -3.77 5.09
C GLY BB 98 -60.10 -4.49 6.10
N VAL BB 99 -59.06 -3.78 6.54
CA VAL BB 99 -58.06 -4.33 7.45
C VAL BB 99 -58.13 -3.54 8.75
N LEU BB 100 -57.99 -4.24 9.88
CA LEU BB 100 -57.96 -3.58 11.18
C LEU BB 100 -56.69 -3.99 11.91
N SER BB 101 -56.54 -3.50 13.14
CA SER BB 101 -55.30 -3.64 13.87
C SER BB 101 -55.52 -4.14 15.29
N ALA BB 102 -56.53 -4.98 15.48
CA ALA BB 102 -56.76 -5.68 16.75
C ALA BB 102 -56.85 -4.69 17.92
N MET BB 103 -57.80 -3.76 17.80
CA MET BB 103 -58.30 -2.95 18.91
C MET BB 103 -57.20 -2.29 19.74
N ASP BB 104 -56.02 -2.11 19.16
CA ASP BB 104 -55.02 -1.18 19.67
C ASP BB 104 -54.97 -0.01 18.71
N LEU BB 105 -55.36 1.17 19.19
CA LEU BB 105 -55.47 2.32 18.29
C LEU BB 105 -54.12 2.71 17.71
N GLU BB 106 -53.07 2.69 18.55
CA GLU BB 106 -51.75 3.01 18.03
C GLU BB 106 -51.25 1.95 17.06
N SER BB 107 -51.71 0.70 17.21
CA SER BB 107 -51.38 -0.32 16.23
C SER BB 107 -51.92 0.06 14.85
N GLY BB 108 -53.16 0.53 14.80
CA GLY BB 108 -53.69 1.01 13.54
C GLY BB 108 -52.97 2.24 13.03
N LEU BB 109 -52.59 3.14 13.95
CA LEU BB 109 -51.87 4.33 13.54
C LEU BB 109 -50.54 3.95 12.88
N GLU BB 110 -49.81 3.02 13.48
CA GLU BB 110 -48.53 2.62 12.91
C GLU BB 110 -48.72 1.79 11.64
N LYS BB 111 -49.82 1.03 11.54
CA LYS BB 111 -50.10 0.32 10.30
C LYS BB 111 -50.33 1.31 9.15
N LEU BB 112 -51.09 2.37 9.41
CA LEU BB 112 -51.25 3.41 8.40
C LEU BB 112 -49.94 4.11 8.10
N LYS BB 113 -49.12 4.36 9.12
CA LYS BB 113 -47.83 4.99 8.88
C LYS BB 113 -46.95 4.13 7.97
N GLN BB 114 -46.94 2.82 8.20
CA GLN BB 114 -46.10 1.95 7.39
C GLN BB 114 -46.68 1.74 6.00
N GLU BB 115 -48.01 1.80 5.86
CA GLU BB 115 -48.59 1.69 4.52
C GLU BB 115 -48.42 2.98 3.73
N LEU BB 116 -48.40 4.13 4.42
CA LEU BB 116 -48.10 5.41 3.81
C LEU BB 116 -46.61 5.59 3.53
N GLY BB 117 -45.75 4.87 4.24
CA GLY BB 117 -44.31 5.03 4.04
C GLY BB 117 -43.87 4.57 2.66
N GLU BB 118 -44.46 3.50 2.15
CA GLU BB 118 -44.11 2.98 0.83
C GLU BB 118 -44.56 3.92 -0.28
N MET CB 1 -5.65 78.17 -99.06
CA MET CB 1 -4.40 77.48 -99.36
C MET CB 1 -3.46 77.58 -98.16
N TYR CB 2 -2.43 76.72 -98.13
CA TYR CB 2 -1.46 76.73 -97.05
C TYR CB 2 -0.05 77.11 -97.48
N LYS CB 3 0.30 76.97 -98.76
CA LYS CB 3 1.67 77.25 -99.18
C LYS CB 3 2.03 78.71 -98.99
N ASP CB 4 1.22 79.62 -99.52
CA ASP CB 4 1.46 81.04 -99.30
C ASP CB 4 1.21 81.42 -97.85
N PHE CB 5 0.35 80.66 -97.16
CA PHE CB 5 0.18 80.87 -95.73
C PHE CB 5 1.50 80.64 -94.99
N ALA CB 6 2.23 79.58 -95.33
CA ALA CB 6 3.55 79.37 -94.76
C ALA CB 6 4.53 80.43 -95.24
N ASN CB 7 4.41 80.86 -96.50
CA ASN CB 7 5.30 81.89 -97.01
C ASN CB 7 5.18 83.19 -96.23
N PHE CB 8 3.99 83.49 -95.70
CA PHE CB 8 3.80 84.68 -94.87
C PHE CB 8 4.02 84.38 -93.39
N ILE CB 9 3.85 83.13 -92.95
CA ILE CB 9 4.26 82.73 -91.62
C ILE CB 9 5.78 82.87 -91.47
N ARG CB 10 6.52 82.83 -92.59
CA ARG CB 10 7.96 83.02 -92.52
C ARG CB 10 8.34 84.37 -91.91
N THR CB 11 7.44 85.35 -91.92
CA THR CB 11 7.62 86.59 -91.17
C THR CB 11 6.69 86.70 -89.97
N ASN CB 12 5.55 86.01 -89.99
CA ASN CB 12 4.72 85.93 -88.80
C ASN CB 12 5.46 85.26 -87.64
N LYS CB 13 6.52 84.50 -87.92
CA LYS CB 13 7.32 83.93 -86.84
C LYS CB 13 8.09 85.02 -86.11
N LYS CB 14 8.67 85.97 -86.83
CA LYS CB 14 9.28 87.13 -86.17
C LYS CB 14 8.21 87.96 -85.46
N ASP CB 15 7.04 88.09 -86.08
CA ASP CB 15 5.94 88.79 -85.41
C ASP CB 15 5.58 88.10 -84.09
N LEU CB 16 5.57 86.77 -84.07
CA LEU CB 16 5.26 86.05 -82.85
C LEU CB 16 6.40 86.08 -81.85
N LEU CB 17 7.64 86.23 -82.32
CA LEU CB 17 8.75 86.45 -81.38
C LEU CB 17 8.57 87.77 -80.65
N ASN CB 18 8.24 88.83 -81.40
CA ASN CB 18 7.90 90.11 -80.76
C ASN CB 18 6.69 89.94 -79.85
N ASN CB 19 5.74 89.09 -80.25
CA ASN CB 19 4.58 88.83 -79.42
C ASN CB 19 4.95 88.17 -78.10
N TRP CB 20 5.87 87.20 -78.14
CA TRP CB 20 6.34 86.58 -76.90
C TRP CB 20 7.04 87.61 -76.03
N MET CB 21 7.89 88.46 -76.64
CA MET CB 21 8.58 89.50 -75.87
C MET CB 21 7.58 90.42 -75.18
N ASN CB 22 6.50 90.79 -75.86
CA ASN CB 22 5.49 91.63 -75.25
C ASN CB 22 4.70 90.88 -74.17
N GLU CB 23 4.33 89.62 -74.44
CA GLU CB 23 3.38 88.91 -73.58
C GLU CB 23 4.02 88.41 -72.29
N MET CB 24 5.27 87.92 -72.36
CA MET CB 24 5.83 87.19 -71.23
C MET CB 24 5.84 88.02 -69.95
N GLU CB 25 5.84 89.35 -70.07
CA GLU CB 25 5.95 90.23 -68.90
C GLU CB 25 4.78 90.09 -67.93
N LYS CB 26 3.64 89.56 -68.36
CA LYS CB 26 2.44 89.53 -67.54
C LYS CB 26 2.29 88.26 -66.71
N GLN CB 27 2.70 87.11 -67.23
CA GLN CB 27 2.39 85.81 -66.61
C GLN CB 27 3.70 85.14 -66.15
N SER CB 28 4.11 85.49 -64.93
CA SER CB 28 5.19 84.79 -64.21
C SER CB 28 6.44 84.63 -65.07
N ASP CB 29 7.00 85.76 -65.49
CA ASP CB 29 8.19 85.66 -66.33
C ASP CB 29 9.48 85.22 -65.60
N PRO CB 30 9.64 85.38 -64.28
CA PRO CB 30 10.85 84.79 -63.68
C PRO CB 30 10.85 83.28 -63.76
N LEU CB 31 9.70 82.65 -63.47
CA LEU CB 31 9.59 81.20 -63.47
C LEU CB 31 9.77 80.65 -64.88
N ILE CB 32 9.08 81.24 -65.86
CA ILE CB 32 9.19 80.77 -67.24
C ILE CB 32 10.60 81.00 -67.77
N ASN CB 33 11.21 82.14 -67.43
CA ASN CB 33 12.59 82.39 -67.86
C ASN CB 33 13.54 81.37 -67.25
N ASP CB 34 13.33 81.00 -65.99
CA ASP CB 34 14.22 80.05 -65.33
C ASP CB 34 14.06 78.63 -65.87
N ILE CB 35 12.81 78.18 -66.03
CA ILE CB 35 12.60 76.79 -66.42
C ILE CB 35 12.86 76.57 -67.90
N ALA CB 36 12.62 77.57 -68.73
CA ALA CB 36 12.81 77.47 -70.18
C ALA CB 36 13.56 78.69 -70.66
N LYS CB 37 14.73 78.49 -71.25
CA LYS CB 37 15.50 79.60 -71.80
C LYS CB 37 14.77 80.19 -73.01
N GLU CB 38 14.97 81.49 -73.21
CA GLU CB 38 14.25 82.19 -74.27
C GLU CB 38 14.50 81.62 -75.66
N PRO CB 39 15.74 81.35 -76.09
CA PRO CB 39 15.91 80.79 -77.45
C PRO CB 39 15.20 79.47 -77.66
N MET CB 40 15.21 78.59 -76.67
CA MET CB 40 14.54 77.29 -76.81
C MET CB 40 13.04 77.47 -76.97
N TYR CB 41 12.43 78.30 -76.13
CA TYR CB 41 10.99 78.53 -76.23
C TYR CB 41 10.63 79.18 -77.56
N GLU CB 42 11.44 80.15 -77.99
CA GLU CB 42 11.17 80.83 -79.25
C GLU CB 42 11.26 79.88 -80.44
N GLU CB 43 12.30 79.04 -80.47
CA GLU CB 43 12.44 78.11 -81.59
C GLU CB 43 11.36 77.04 -81.56
N THR CB 44 10.96 76.59 -80.36
CA THR CB 44 9.85 75.65 -80.26
C THR CB 44 8.55 76.28 -80.78
N SER CB 45 8.30 77.53 -80.41
CA SER CB 45 7.09 78.21 -80.87
C SER CB 45 7.08 78.40 -82.38
N ILE CB 46 8.21 78.84 -82.95
CA ILE CB 46 8.24 79.03 -84.39
C ILE CB 46 8.13 77.71 -85.12
N GLU CB 47 8.71 76.62 -84.57
CA GLU CB 47 8.53 75.31 -85.15
C GLU CB 47 7.05 74.88 -85.12
N PHE CB 48 6.36 75.17 -84.01
CA PHE CB 48 4.95 74.83 -83.91
C PHE CB 48 4.11 75.61 -84.91
N VAL CB 49 4.43 76.90 -85.10
CA VAL CB 49 3.57 77.75 -85.92
C VAL CB 49 3.92 77.74 -87.41
N ASP CB 50 5.12 77.29 -87.78
CA ASP CB 50 5.55 77.42 -89.17
C ASP CB 50 5.31 76.18 -90.01
N LEU CB 51 5.36 74.99 -89.43
CA LEU CB 51 5.23 73.75 -90.19
C LEU CB 51 3.83 73.14 -90.11
N ILE CB 52 2.86 73.85 -89.55
CA ILE CB 52 1.49 73.35 -89.54
C ILE CB 52 0.87 73.45 -90.92
N VAL CB 53 1.15 74.53 -91.65
CA VAL CB 53 0.59 74.75 -92.97
C VAL CB 53 1.59 74.43 -94.08
N SER CB 54 2.61 73.62 -93.77
CA SER CB 54 3.56 73.19 -94.79
C SER CB 54 3.04 72.04 -95.63
N ASN CB 55 1.93 71.41 -95.24
CA ASN CB 55 1.34 70.33 -95.99
C ASN CB 55 0.49 70.89 -97.13
N ILE CB 56 -0.05 70.00 -97.95
CA ILE CB 56 -0.77 70.42 -99.18
C ILE CB 56 -2.23 70.63 -98.78
N THR CB 57 -2.48 71.79 -98.16
CA THR CB 57 -3.80 72.42 -98.09
C THR CB 57 -4.79 71.64 -97.21
N GLU CB 58 -4.43 70.44 -96.76
CA GLU CB 58 -5.40 69.62 -96.04
C GLU CB 58 -5.02 69.37 -94.59
N ASN CB 59 -3.89 68.72 -94.33
CA ASN CB 59 -3.48 68.32 -92.98
C ASN CB 59 -2.15 67.57 -93.09
N GLY CB 60 -1.59 67.24 -91.93
CA GLY CB 60 -0.40 66.42 -91.85
C GLY CB 60 -0.39 65.51 -90.63
N SER CB 61 -0.25 64.21 -90.86
CA SER CB 61 -0.25 63.27 -89.74
C SER CB 61 1.02 63.39 -88.90
N LYS CB 62 2.17 63.53 -89.56
CA LYS CB 62 3.42 63.69 -88.83
C LYS CB 62 3.39 64.96 -87.98
N PHE CB 63 2.91 66.07 -88.55
CA PHE CB 63 2.79 67.27 -87.74
C PHE CB 63 1.61 67.21 -86.78
N ASN CB 64 0.63 66.34 -87.01
CA ASN CB 64 -0.38 66.11 -85.99
C ASN CB 64 0.24 65.48 -84.75
N GLU CB 65 1.11 64.48 -84.95
CA GLU CB 65 1.84 63.91 -83.83
C GLU CB 65 2.77 64.93 -83.20
N LYS CB 66 3.41 65.77 -84.03
CA LYS CB 66 4.28 66.82 -83.50
C LYS CB 66 3.49 67.82 -82.66
N LEU CB 67 2.27 68.16 -83.09
CA LEU CB 67 1.42 69.07 -82.31
C LEU CB 67 0.99 68.42 -81.00
N ASP CB 68 0.69 67.12 -81.02
CA ASP CB 68 0.39 66.43 -79.77
C ASP CB 68 1.58 66.47 -78.83
N ASP CB 69 2.79 66.25 -79.36
CA ASP CB 69 3.99 66.32 -78.55
C ASP CB 69 4.22 67.72 -77.99
N PHE CB 70 3.96 68.75 -78.81
CA PHE CB 70 4.10 70.12 -78.34
C PHE CB 70 3.09 70.43 -77.24
N ALA CB 71 1.86 69.96 -77.39
CA ALA CB 71 0.85 70.17 -76.36
C ALA CB 71 1.24 69.48 -75.06
N GLU CB 72 1.73 68.25 -75.13
CA GLU CB 72 2.14 67.58 -73.90
C GLU CB 72 3.39 68.24 -73.30
N LYS CB 73 4.27 68.77 -74.13
CA LYS CB 73 5.43 69.48 -73.63
C LYS CB 73 5.03 70.75 -72.89
N VAL CB 74 4.09 71.52 -73.43
CA VAL CB 74 3.65 72.72 -72.74
C VAL CB 74 2.79 72.39 -71.53
N VAL CB 75 2.15 71.21 -71.52
CA VAL CB 75 1.50 70.74 -70.30
C VAL CB 75 2.53 70.48 -69.21
N HIS CB 76 3.60 69.75 -69.56
CA HIS CB 76 4.61 69.40 -68.56
C HIS CB 76 5.41 70.61 -68.12
N LEU CB 77 5.58 71.61 -68.99
CA LEU CB 77 6.40 72.77 -68.66
C LEU CB 77 5.73 73.71 -67.68
N GLY CB 78 4.41 73.62 -67.52
CA GLY CB 78 3.70 74.49 -66.60
C GLY CB 78 2.91 75.58 -67.30
N TRP CB 79 2.26 75.24 -68.41
CA TRP CB 79 1.42 76.16 -69.16
C TRP CB 79 0.00 75.58 -69.21
N PRO CB 80 -0.85 75.95 -68.25
CA PRO CB 80 -2.23 75.43 -68.24
C PRO CB 80 -3.06 76.01 -69.39
N ILE CB 81 -4.34 75.63 -69.45
CA ILE CB 81 -5.19 76.09 -70.54
C ILE CB 81 -5.35 77.60 -70.52
N HIS CB 82 -5.35 78.21 -69.33
CA HIS CB 82 -5.44 79.67 -69.26
C HIS CB 82 -4.21 80.33 -69.87
N PHE CB 83 -3.02 79.80 -69.59
CA PHE CB 83 -1.80 80.38 -70.15
C PHE CB 83 -1.75 80.23 -71.66
N VAL CB 84 -2.11 79.04 -72.16
CA VAL CB 84 -2.14 78.83 -73.62
C VAL CB 84 -3.20 79.70 -74.26
N THR CB 85 -4.31 79.95 -73.59
CA THR CB 85 -5.36 80.80 -74.16
C THR CB 85 -4.93 82.27 -74.18
N THR CB 86 -4.21 82.72 -73.16
CA THR CB 86 -3.62 84.05 -73.21
C THR CB 86 -2.59 84.15 -74.32
N GLY CB 87 -1.82 83.08 -74.53
CA GLY CB 87 -0.93 83.02 -75.67
C GLY CB 87 -1.66 83.12 -76.99
N LEU CB 88 -2.82 82.47 -77.09
CA LEU CB 88 -3.65 82.60 -78.29
C LEU CB 88 -4.13 84.03 -78.48
N ARG CB 89 -4.56 84.67 -77.39
CA ARG CB 89 -5.04 86.04 -77.47
C ARG CB 89 -3.94 86.97 -77.97
N VAL CB 90 -2.73 86.83 -77.42
CA VAL CB 90 -1.63 87.70 -77.87
C VAL CB 90 -1.18 87.32 -79.28
N PHE CB 91 -1.28 86.04 -79.65
CA PHE CB 91 -1.08 85.64 -81.03
C PHE CB 91 -1.98 86.44 -81.96
N GLY CB 92 -3.28 86.45 -81.66
CA GLY CB 92 -4.21 87.18 -82.48
C GLY CB 92 -3.92 88.67 -82.49
N LEU CB 93 -3.56 89.23 -81.32
CA LEU CB 93 -3.26 90.65 -81.24
C LEU CB 93 -2.11 91.03 -82.17
N LEU CB 94 -1.00 90.31 -82.07
CA LEU CB 94 0.16 90.67 -82.89
C LEU CB 94 -0.06 90.32 -84.36
N VAL CB 95 -0.81 89.25 -84.66
CA VAL CB 95 -1.13 88.96 -86.06
C VAL CB 95 -1.97 90.09 -86.66
N TYR CB 96 -2.97 90.58 -85.91
CA TYR CB 96 -3.78 91.68 -86.41
C TYR CB 96 -2.95 92.94 -86.60
N THR CB 97 -2.07 93.26 -85.64
CA THR CB 97 -1.25 94.46 -85.76
C THR CB 97 -0.31 94.35 -86.96
N ALA CB 98 0.32 93.19 -87.16
CA ALA CB 98 1.21 93.01 -88.31
C ALA CB 98 0.42 93.09 -89.62
N MET CB 99 -0.77 92.47 -89.66
CA MET CB 99 -1.61 92.52 -90.84
C MET CB 99 -2.03 93.95 -91.16
N ARG CB 100 -2.26 94.77 -90.15
CA ARG CB 100 -2.44 96.20 -90.38
C ARG CB 100 -1.16 96.84 -90.91
N ASP CB 101 0.00 96.37 -90.45
CA ASP CB 101 1.27 96.98 -90.81
C ASP CB 101 1.91 96.32 -92.03
N GLU CB 102 2.15 95.01 -91.96
CA GLU CB 102 2.88 94.33 -93.03
C GLU CB 102 2.10 94.35 -94.35
N ASP CB 103 0.82 93.98 -94.29
CA ASP CB 103 -0.07 94.04 -95.45
C ASP CB 103 0.46 93.21 -96.62
N LEU CB 104 0.59 91.90 -96.39
CA LEU CB 104 1.01 90.95 -97.43
C LEU CB 104 0.25 89.65 -97.17
N PHE CB 105 -0.86 89.46 -97.87
CA PHE CB 105 -1.78 88.38 -97.61
C PHE CB 105 -1.61 87.26 -98.64
N LEU CB 106 -2.53 86.29 -98.60
CA LEU CB 106 -2.38 85.09 -99.41
C LEU CB 106 -2.40 85.40 -100.91
N LYS CB 107 -3.53 85.88 -101.42
CA LYS CB 107 -3.68 86.06 -102.85
C LYS CB 107 -3.00 87.34 -103.31
N ARG CB 108 -2.48 87.31 -104.53
CA ARG CB 108 -1.82 88.47 -105.11
C ARG CB 108 -2.86 89.51 -105.50
N GLU CB 109 -2.83 90.67 -104.85
CA GLU CB 109 -3.78 91.73 -105.11
C GLU CB 109 -3.25 93.02 -104.52
N GLU CB 110 -3.44 94.12 -105.25
CA GLU CB 110 -3.02 95.44 -104.74
C GLU CB 110 -3.87 95.90 -103.57
N LYS CB 111 -5.06 95.33 -103.40
CA LYS CB 111 -5.95 95.69 -102.29
C LYS CB 111 -6.76 94.46 -101.90
N PRO CB 112 -6.17 93.58 -101.10
CA PRO CB 112 -6.88 92.34 -100.73
C PRO CB 112 -8.12 92.62 -99.89
N GLU CB 113 -9.07 91.69 -99.97
CA GLU CB 113 -10.35 91.82 -99.30
C GLU CB 113 -10.39 90.93 -98.05
N ASP CB 114 -11.57 90.83 -97.45
CA ASP CB 114 -11.73 90.22 -96.13
C ASP CB 114 -11.59 88.69 -96.15
N ASP CB 115 -11.53 88.07 -97.32
CA ASP CB 115 -11.56 86.61 -97.40
C ASP CB 115 -10.38 85.98 -96.66
N ALA CB 116 -9.15 86.19 -97.17
CA ALA CB 116 -7.98 85.70 -96.45
C ALA CB 116 -7.76 86.47 -95.15
N TYR CB 117 -8.20 87.73 -95.12
CA TYR CB 117 -8.10 88.56 -93.94
C TYR CB 117 -8.71 87.87 -92.72
N TYR CB 118 -9.79 87.11 -92.94
CA TYR CB 118 -10.35 86.33 -91.85
C TYR CB 118 -9.99 84.85 -91.90
N ARG CB 119 -9.64 84.32 -93.08
CA ARG CB 119 -9.18 82.94 -93.15
C ARG CB 119 -7.94 82.72 -92.29
N PHE CB 120 -7.12 83.77 -92.14
CA PHE CB 120 -6.00 83.71 -91.20
C PHE CB 120 -6.48 83.36 -89.79
N GLU CB 121 -7.49 84.09 -89.31
CA GLU CB 121 -8.01 83.83 -87.97
C GLU CB 121 -8.71 82.48 -87.89
N THR CB 122 -9.40 82.07 -88.96
CA THR CB 122 -10.02 80.75 -88.96
C THR CB 122 -8.98 79.65 -88.80
N TRP CB 123 -7.87 79.74 -89.53
CA TRP CB 123 -6.83 78.74 -89.42
C TRP CB 123 -6.15 78.80 -88.05
N LEU CB 124 -5.96 80.00 -87.51
CA LEU CB 124 -5.42 80.11 -86.15
C LEU CB 124 -6.32 79.43 -85.14
N SER CB 125 -7.63 79.63 -85.28
CA SER CB 125 -8.59 78.97 -84.39
C SER CB 125 -8.56 77.46 -84.56
N SER CB 126 -8.36 76.99 -85.80
CA SER CB 126 -8.24 75.55 -86.03
C SER CB 126 -6.99 74.98 -85.36
N MET CB 127 -5.87 75.68 -85.47
CA MET CB 127 -4.66 75.24 -84.77
C MET CB 127 -4.86 75.21 -83.26
N TYR CB 128 -5.54 76.23 -82.72
CA TYR CB 128 -5.78 76.21 -81.28
C TYR CB 128 -6.76 75.10 -80.89
N ASN CB 129 -7.71 74.77 -81.78
CA ASN CB 129 -8.57 73.61 -81.56
C ASN CB 129 -7.74 72.35 -81.45
N LYS CB 130 -6.79 72.16 -82.37
CA LYS CB 130 -5.93 70.98 -82.31
C LYS CB 130 -5.10 70.98 -81.03
N VAL CB 131 -4.60 72.14 -80.62
CA VAL CB 131 -3.77 72.23 -79.42
C VAL CB 131 -4.57 71.85 -78.19
N VAL CB 132 -5.78 72.40 -78.05
CA VAL CB 132 -6.59 72.07 -76.88
C VAL CB 132 -7.07 70.61 -76.95
N THR CB 133 -7.25 70.06 -78.16
CA THR CB 133 -7.61 68.66 -78.29
C THR CB 133 -6.51 67.76 -77.76
N ALA CB 134 -5.26 68.06 -78.14
CA ALA CB 134 -4.13 67.29 -77.62
C ALA CB 134 -3.80 67.63 -76.18
N TYR CB 135 -4.33 68.74 -75.66
CA TYR CB 135 -4.07 69.14 -74.28
C TYR CB 135 -4.60 68.12 -73.27
N ALA CB 136 -5.82 67.62 -73.48
CA ALA CB 136 -6.56 66.94 -72.43
C ALA CB 136 -6.41 65.42 -72.44
N ASP CB 137 -5.77 64.84 -73.45
CA ASP CB 137 -5.78 63.38 -73.59
C ASP CB 137 -5.09 62.69 -72.41
N THR CB 138 -3.81 62.97 -72.21
CA THR CB 138 -3.07 62.33 -71.14
C THR CB 138 -3.62 62.71 -69.77
N TRP CB 139 -4.14 63.94 -69.64
CA TRP CB 139 -4.68 64.37 -68.35
C TRP CB 139 -5.94 63.58 -68.00
N GLU CB 140 -6.82 63.37 -68.98
CA GLU CB 140 -7.98 62.52 -68.74
C GLU CB 140 -7.57 61.08 -68.49
N LYS CB 141 -6.51 60.61 -69.15
CA LYS CB 141 -6.03 59.26 -68.91
C LYS CB 141 -5.57 59.08 -67.47
N THR CB 142 -4.80 60.05 -66.96
CA THR CB 142 -4.32 59.93 -65.59
C THR CB 142 -5.45 60.12 -64.58
N VAL CB 143 -6.43 60.95 -64.89
CA VAL CB 143 -7.61 61.06 -64.02
C VAL CB 143 -8.34 59.74 -63.97
N SER CB 144 -8.50 59.08 -65.12
CA SER CB 144 -9.21 57.81 -65.16
C SER CB 144 -8.46 56.72 -64.39
N ILE CB 145 -7.14 56.66 -64.54
CA ILE CB 145 -6.40 55.64 -63.80
C ILE CB 145 -6.43 55.94 -62.31
N GLN CB 146 -6.43 57.22 -61.93
CA GLN CB 146 -6.59 57.56 -60.51
C GLN CB 146 -7.95 57.12 -59.98
N LYS CB 147 -9.01 57.32 -60.77
CA LYS CB 147 -10.33 56.87 -60.35
C LYS CB 147 -10.38 55.36 -60.20
N SER CB 148 -9.72 54.64 -61.12
CA SER CB 148 -9.63 53.19 -60.98
C SER CB 148 -8.88 52.80 -59.72
N ALA CB 149 -7.83 53.56 -59.38
CA ALA CB 149 -7.07 53.27 -58.17
C ALA CB 149 -7.93 53.45 -56.92
N LEU CB 150 -8.69 54.54 -56.84
CA LEU CB 150 -9.63 54.69 -55.73
C LEU CB 150 -10.69 53.61 -55.73
N GLN CB 151 -11.12 53.18 -56.92
CA GLN CB 151 -12.12 52.12 -57.01
C GLN CB 151 -11.60 50.83 -56.38
N GLU CB 152 -10.36 50.46 -56.72
CA GLU CB 152 -9.80 49.19 -56.24
C GLU CB 152 -9.40 49.28 -54.77
N LEU CB 153 -8.76 50.37 -54.37
CA LEU CB 153 -8.20 50.49 -53.03
C LEU CB 153 -9.23 50.84 -51.98
N SER CB 154 -10.51 50.96 -52.36
CA SER CB 154 -11.53 51.41 -51.42
C SER CB 154 -11.75 50.39 -50.31
N ALA CB 155 -11.98 49.13 -50.67
CA ALA CB 155 -12.39 48.09 -49.74
C ALA CB 155 -11.53 46.85 -49.92
N PRO CB 156 -10.29 46.87 -49.42
CA PRO CB 156 -9.43 45.69 -49.53
C PRO CB 156 -9.73 44.69 -48.42
N LEU CB 157 -10.33 43.57 -48.78
CA LEU CB 157 -10.56 42.48 -47.85
C LEU CB 157 -9.42 41.46 -47.89
N LEU CB 158 -8.39 41.71 -48.70
CA LEU CB 158 -7.29 40.77 -48.85
C LEU CB 158 -6.69 40.31 -47.53
N PRO CB 159 -6.48 41.18 -46.51
CA PRO CB 159 -6.04 40.65 -45.22
C PRO CB 159 -7.00 39.59 -44.69
N ILE CB 160 -6.50 38.36 -44.55
CA ILE CB 160 -7.32 37.21 -44.21
C ILE CB 160 -6.58 36.36 -43.18
N PHE CB 161 -7.30 35.92 -42.16
CA PHE CB 161 -6.82 34.94 -41.21
C PHE CB 161 -7.81 33.78 -41.17
N GLU CB 162 -7.46 32.72 -40.45
CA GLU CB 162 -8.32 31.54 -40.35
C GLU CB 162 -9.67 31.91 -39.77
N LYS CB 163 -10.73 31.79 -40.59
CA LYS CB 163 -12.10 32.06 -40.17
C LYS CB 163 -12.34 33.53 -39.82
N ILE CB 164 -11.32 34.37 -39.95
CA ILE CB 164 -11.43 35.78 -39.68
C ILE CB 164 -11.05 36.55 -40.94
N SER CB 165 -11.93 37.43 -41.38
CA SER CB 165 -11.69 38.24 -42.58
C SER CB 165 -11.62 39.69 -42.13
N VAL CB 166 -10.43 40.11 -41.72
CA VAL CB 166 -10.21 41.48 -41.29
C VAL CB 166 -10.21 42.41 -42.49
N MET CB 167 -10.87 43.55 -42.34
CA MET CB 167 -11.05 44.49 -43.45
C MET CB 167 -10.58 45.89 -43.06
N PRO CB 168 -9.44 46.34 -43.58
CA PRO CB 168 -9.02 47.73 -43.33
C PRO CB 168 -9.91 48.72 -44.06
N LEU CB 169 -9.98 49.93 -43.52
CA LEU CB 169 -10.80 50.99 -44.12
C LEU CB 169 -10.22 52.32 -43.64
N ILE CB 170 -9.48 53.00 -44.52
CA ILE CB 170 -8.72 54.17 -44.11
C ILE CB 170 -9.14 55.42 -44.87
N GLY CB 171 -9.66 55.25 -46.08
CA GLY CB 171 -9.99 56.39 -46.90
C GLY CB 171 -11.21 57.14 -46.39
N THR CB 172 -11.32 58.40 -46.80
CA THR CB 172 -12.50 59.19 -46.48
C THR CB 172 -13.67 58.69 -47.31
N ILE CB 173 -14.75 58.30 -46.62
CA ILE CB 173 -15.83 57.55 -47.23
C ILE CB 173 -17.02 58.46 -47.47
N ASP CB 174 -17.55 58.42 -48.68
CA ASP CB 174 -18.77 59.11 -49.08
C ASP CB 174 -19.81 58.06 -49.48
N THR CB 175 -20.95 58.53 -49.98
CA THR CB 175 -22.05 57.61 -50.31
C THR CB 175 -21.63 56.60 -51.36
N GLU CB 176 -20.99 57.06 -52.44
CA GLU CB 176 -20.54 56.13 -53.47
C GLU CB 176 -19.48 55.18 -52.96
N ARG CB 177 -18.53 55.70 -52.16
CA ARG CB 177 -17.56 54.82 -51.54
C ARG CB 177 -18.24 53.86 -50.57
N ALA CB 178 -19.33 54.30 -49.92
CA ALA CB 178 -20.08 53.39 -49.06
C ALA CB 178 -20.69 52.26 -49.87
N LYS CB 179 -21.22 52.57 -51.06
CA LYS CB 179 -21.74 51.51 -51.93
C LYS CB 179 -20.63 50.55 -52.33
N LEU CB 180 -19.47 51.08 -52.68
CA LEU CB 180 -18.31 50.23 -52.97
C LEU CB 180 -18.02 49.31 -51.80
N ILE CB 181 -17.99 49.87 -50.59
CA ILE CB 181 -17.63 49.09 -49.41
C ILE CB 181 -18.64 47.98 -49.17
N ILE CB 182 -19.93 48.31 -49.23
CA ILE CB 182 -20.94 47.28 -48.94
C ILE CB 182 -20.91 46.19 -50.00
N GLU CB 183 -20.79 46.57 -51.28
CA GLU CB 183 -20.74 45.56 -52.34
C GLU CB 183 -19.54 44.64 -52.16
N ASN CB 184 -18.34 45.23 -52.01
CA ASN CB 184 -17.14 44.42 -51.90
C ASN CB 184 -17.15 43.56 -50.65
N LEU CB 185 -17.63 44.11 -49.53
CA LEU CB 185 -17.69 43.35 -48.29
C LEU CB 185 -18.63 42.17 -48.41
N LEU CB 186 -19.81 42.38 -49.00
CA LEU CB 186 -20.74 41.26 -49.17
C LEU CB 186 -20.17 40.19 -50.09
N ILE CB 187 -19.56 40.60 -51.20
CA ILE CB 187 -18.99 39.63 -52.13
C ILE CB 187 -17.88 38.83 -51.45
N GLY CB 188 -17.01 39.52 -50.70
CA GLY CB 188 -15.94 38.81 -50.02
C GLY CB 188 -16.44 37.87 -48.94
N VAL CB 189 -17.43 38.31 -48.15
CA VAL CB 189 -17.90 37.47 -47.06
C VAL CB 189 -18.66 36.27 -47.59
N VAL CB 190 -19.35 36.40 -48.74
CA VAL CB 190 -20.00 35.22 -49.28
C VAL CB 190 -18.98 34.33 -49.99
N LYS CB 191 -17.89 34.90 -50.50
CA LYS CB 191 -16.87 34.10 -51.15
C LYS CB 191 -15.95 33.43 -50.14
N ASN CB 192 -15.40 34.20 -49.21
CA ASN CB 192 -14.50 33.67 -48.20
C ASN CB 192 -15.31 33.21 -46.99
N ARG CB 193 -15.17 31.94 -46.63
CA ARG CB 193 -15.84 31.41 -45.45
C ARG CB 193 -15.30 32.09 -44.20
N SER CB 194 -16.11 32.93 -43.57
CA SER CB 194 -15.66 33.75 -42.46
C SER CB 194 -16.59 33.57 -41.28
N GLU CB 195 -16.11 33.99 -40.11
CA GLU CB 195 -16.90 34.00 -38.89
C GLU CB 195 -16.99 35.37 -38.25
N VAL CB 196 -15.91 36.14 -38.27
CA VAL CB 196 -15.90 37.51 -37.77
C VAL CB 196 -15.23 38.39 -38.82
N VAL CB 197 -15.86 39.51 -39.13
CA VAL CB 197 -15.35 40.45 -40.12
C VAL CB 197 -15.09 41.77 -39.42
N LEU CB 198 -13.84 41.99 -39.00
CA LEU CB 198 -13.49 43.19 -38.25
C LEU CB 198 -13.34 44.34 -39.23
N ILE CB 199 -14.34 45.21 -39.29
CA ILE CB 199 -14.28 46.39 -40.15
C ILE CB 199 -13.44 47.44 -39.42
N ASP CB 200 -12.24 47.70 -39.92
CA ASP CB 200 -11.32 48.67 -39.31
C ASP CB 200 -11.76 50.07 -39.73
N ILE CB 201 -12.73 50.61 -39.00
CA ILE CB 201 -13.26 51.93 -39.32
C ILE CB 201 -12.26 53.02 -38.96
N THR CB 202 -11.25 52.72 -38.14
CA THR CB 202 -10.26 53.72 -37.79
C THR CB 202 -9.49 54.17 -39.03
N GLY CB 203 -9.33 55.48 -39.17
CA GLY CB 203 -8.63 56.02 -40.31
C GLY CB 203 -9.40 57.12 -41.00
N VAL CB 204 -10.73 57.01 -41.03
CA VAL CB 204 -11.59 58.02 -41.62
C VAL CB 204 -11.87 59.08 -40.56
N PRO CB 205 -11.56 60.35 -40.82
CA PRO CB 205 -11.77 61.39 -39.80
C PRO CB 205 -13.23 61.68 -39.51
N VAL CB 206 -14.01 61.93 -40.58
CA VAL CB 206 -15.40 62.30 -40.46
C VAL CB 206 -16.22 61.45 -41.41
N VAL CB 207 -17.39 61.03 -40.96
CA VAL CB 207 -18.31 60.22 -41.76
C VAL CB 207 -19.67 60.91 -41.77
N ASP CB 208 -20.26 61.04 -42.95
CA ASP CB 208 -21.57 61.65 -43.08
C ASP CB 208 -22.63 60.75 -42.46
N THR CB 209 -23.78 61.36 -42.16
CA THR CB 209 -24.85 60.62 -41.49
C THR CB 209 -25.33 59.46 -42.35
N MET CB 210 -25.56 59.71 -43.64
CA MET CB 210 -26.07 58.67 -44.51
C MET CB 210 -25.04 57.54 -44.67
N VAL CB 211 -23.76 57.89 -44.74
CA VAL CB 211 -22.73 56.87 -44.90
C VAL CB 211 -22.60 56.04 -43.62
N ALA CB 212 -22.71 56.67 -42.46
CA ALA CB 212 -22.70 55.91 -41.21
C ALA CB 212 -23.90 54.98 -41.14
N HIS CB 213 -25.06 55.45 -41.60
CA HIS CB 213 -26.24 54.59 -41.66
C HIS CB 213 -26.01 53.39 -42.56
N HIS CB 214 -25.39 53.62 -43.73
CA HIS CB 214 -25.06 52.50 -44.61
C HIS CB 214 -24.06 51.55 -43.98
N ILE CB 215 -23.10 52.08 -43.19
CA ILE CB 215 -22.14 51.20 -42.53
C ILE CB 215 -22.86 50.30 -41.51
N ILE CB 216 -23.78 50.89 -40.74
CA ILE CB 216 -24.53 50.08 -39.77
C ILE CB 216 -25.36 49.02 -40.48
N GLN CB 217 -26.03 49.40 -41.58
CA GLN CB 217 -26.79 48.41 -42.34
C GLN CB 217 -25.89 47.35 -42.94
N ALA CB 218 -24.66 47.72 -43.33
CA ALA CB 218 -23.70 46.73 -43.81
C ALA CB 218 -23.36 45.72 -42.74
N SER CB 219 -23.13 46.21 -41.51
CA SER CB 219 -22.87 45.30 -40.40
C SER CB 219 -24.05 44.37 -40.17
N GLU CB 220 -25.27 44.92 -40.22
CA GLU CB 220 -26.44 44.09 -40.02
C GLU CB 220 -26.60 43.05 -41.12
N ALA CB 221 -26.30 43.42 -42.36
CA ALA CB 221 -26.36 42.47 -43.46
C ALA CB 221 -25.35 41.35 -43.27
N VAL CB 222 -24.14 41.69 -42.85
CA VAL CB 222 -23.13 40.67 -42.60
C VAL CB 222 -23.59 39.72 -41.50
N ARG CB 223 -24.18 40.28 -40.44
CA ARG CB 223 -24.71 39.43 -39.38
C ARG CB 223 -25.81 38.52 -39.91
N LEU CB 224 -26.63 39.05 -40.83
CA LEU CB 224 -27.71 38.24 -41.40
C LEU CB 224 -27.18 37.08 -42.22
N VAL CB 225 -26.12 37.31 -43.00
CA VAL CB 225 -25.58 36.23 -43.83
C VAL CB 225 -25.08 35.08 -42.98
N GLY CB 226 -24.64 35.36 -41.76
CA GLY CB 226 -24.16 34.31 -40.87
C GLY CB 226 -22.76 34.53 -40.38
N CYS CB 227 -22.33 35.80 -40.32
CA CYS CB 227 -21.00 36.15 -39.86
C CYS CB 227 -21.10 37.39 -38.98
N GLN CB 228 -20.57 37.30 -37.76
CA GLN CB 228 -20.58 38.46 -36.87
C GLN CB 228 -19.69 39.56 -37.43
N ALA CB 229 -20.16 40.79 -37.34
CA ALA CB 229 -19.43 41.96 -37.83
C ALA CB 229 -19.14 42.88 -36.64
N MET CB 230 -17.87 43.03 -36.31
CA MET CB 230 -17.43 43.81 -35.15
C MET CB 230 -16.77 45.08 -35.65
N LEU CB 231 -17.42 46.22 -35.46
CA LEU CB 231 -16.82 47.50 -35.84
C LEU CB 231 -15.76 47.86 -34.82
N VAL CB 232 -14.54 48.09 -35.28
CA VAL CB 232 -13.36 48.22 -34.41
C VAL CB 232 -12.81 49.63 -34.51
N GLY CB 233 -12.52 50.23 -33.36
CA GLY CB 233 -11.80 51.48 -33.29
C GLY CB 233 -12.51 52.70 -33.83
N ILE CB 234 -13.78 52.88 -33.47
CA ILE CB 234 -14.53 54.06 -33.90
C ILE CB 234 -13.93 55.30 -33.27
N ARG CB 235 -13.78 56.36 -34.07
CA ARG CB 235 -13.35 57.65 -33.58
C ARG CB 235 -14.53 58.42 -32.97
N PRO CB 236 -14.26 59.34 -32.04
CA PRO CB 236 -15.38 60.03 -31.38
C PRO CB 236 -16.31 60.77 -32.32
N GLU CB 237 -15.82 61.35 -33.41
CA GLU CB 237 -16.70 62.09 -34.31
C GLU CB 237 -17.70 61.17 -35.00
N ILE CB 238 -17.21 60.04 -35.52
CA ILE CB 238 -18.11 59.08 -36.17
C ILE CB 238 -19.09 58.51 -35.15
N ALA CB 239 -18.64 58.30 -33.91
CA ALA CB 239 -19.55 57.85 -32.87
C ALA CB 239 -20.61 58.89 -32.58
N GLN CB 240 -20.24 60.17 -32.59
CA GLN CB 240 -21.19 61.26 -32.46
C GLN CB 240 -22.25 61.18 -33.54
N TPO CB 241 -21.80 60.99 -34.77
CA TPO CB 241 -22.70 60.87 -35.92
CB TPO CB 241 -21.89 60.74 -37.20
CG2 TPO CB 241 -22.81 60.81 -38.43
OG1 TPO CB 241 -20.80 61.67 -37.24
P TPO CB 241 -21.19 63.16 -37.76
O1P TPO CB 241 -21.06 63.24 -39.36
O2P TPO CB 241 -20.22 64.11 -37.17
O3P TPO CB 241 -22.66 63.64 -37.30
C TPO CB 241 -23.65 59.70 -35.76
O TPO CB 241 -24.84 59.80 -36.05
N ILE CB 242 -23.11 58.59 -35.29
CA ILE CB 242 -23.87 57.35 -35.13
C ILE CB 242 -24.94 57.48 -34.04
N VAL CB 243 -24.58 58.07 -32.89
CA VAL CB 243 -25.58 58.25 -31.85
C VAL CB 243 -26.61 59.29 -32.27
N ASN CB 244 -26.20 60.32 -33.02
CA ASN CB 244 -27.17 61.28 -33.53
C ASN CB 244 -28.06 60.67 -34.61
N LEU CB 245 -27.64 59.56 -35.21
CA LEU CB 245 -28.48 58.88 -36.19
C LEU CB 245 -29.77 58.39 -35.55
N GLY CB 246 -29.71 57.86 -34.34
CA GLY CB 246 -30.87 57.44 -33.62
C GLY CB 246 -31.29 56.00 -33.85
N ILE CB 247 -30.62 55.28 -34.74
CA ILE CB 247 -30.95 53.88 -34.96
C ILE CB 247 -30.53 53.06 -33.74
N GLU CB 248 -31.08 51.84 -33.66
CA GLU CB 248 -30.73 50.94 -32.57
C GLU CB 248 -29.26 50.52 -32.70
N LEU CB 249 -28.55 50.55 -31.57
CA LEU CB 249 -27.10 50.34 -31.56
C LEU CB 249 -26.72 49.23 -30.59
N ASP CB 250 -27.55 48.20 -30.48
CA ASP CB 250 -27.18 46.98 -29.79
C ASP CB 250 -26.66 45.92 -30.75
N GLN CB 251 -26.69 46.21 -32.04
CA GLN CB 251 -26.39 45.21 -33.05
C GLN CB 251 -24.89 44.96 -33.16
N ILE CB 252 -24.08 46.00 -33.01
CA ILE CB 252 -22.65 45.95 -33.31
C ILE CB 252 -21.87 45.72 -32.03
N ILE CB 253 -20.86 44.85 -32.10
CA ILE CB 253 -20.01 44.52 -30.98
C ILE CB 253 -18.65 45.15 -31.25
N THR CB 254 -18.35 46.24 -30.56
CA THR CB 254 -17.20 47.07 -30.90
C THR CB 254 -15.99 46.78 -30.03
N THR CB 255 -14.86 47.38 -30.41
CA THR CB 255 -13.61 47.22 -29.70
C THR CB 255 -12.75 48.45 -29.93
N ASN CB 256 -11.99 48.83 -28.91
CA ASN CB 256 -11.18 50.05 -29.01
C ASN CB 256 -10.03 49.89 -30.00
N THR CB 257 -9.34 48.75 -29.97
CA THR CB 257 -8.14 48.55 -30.77
C THR CB 257 -8.23 47.24 -31.54
N MET CB 258 -7.37 47.11 -32.55
CA MET CB 258 -7.40 45.94 -33.41
C MET CB 258 -6.92 44.68 -32.68
N LYS CB 259 -5.96 44.83 -31.77
CA LYS CB 259 -5.44 43.66 -31.06
C LYS CB 259 -6.52 43.03 -30.18
N LYS CB 260 -7.23 43.87 -29.43
CA LYS CB 260 -8.31 43.35 -28.59
C LYS CB 260 -9.43 42.77 -29.43
N GLY CB 261 -9.70 43.37 -30.59
CA GLY CB 261 -10.69 42.81 -31.50
C GLY CB 261 -10.30 41.44 -31.99
N MET CB 262 -9.04 41.27 -32.40
CA MET CB 262 -8.55 39.96 -32.83
C MET CB 262 -8.70 38.94 -31.70
N GLU CB 263 -8.23 39.29 -30.50
CA GLU CB 263 -8.24 38.31 -29.43
C GLU CB 263 -9.67 37.95 -29.03
N ARG CB 264 -10.58 38.92 -29.04
CA ARG CB 264 -11.95 38.60 -28.64
C ARG CB 264 -12.72 37.85 -29.74
N ALA CB 265 -12.41 38.13 -31.01
CA ALA CB 265 -12.97 37.33 -32.09
C ALA CB 265 -12.48 35.89 -32.00
N LEU CB 266 -11.20 35.71 -31.67
CA LEU CB 266 -10.70 34.36 -31.42
C LEU CB 266 -11.33 33.75 -30.18
N ALA CB 267 -11.73 34.58 -29.22
CA ALA CB 267 -12.51 34.07 -28.10
C ALA CB 267 -13.88 33.59 -28.53
N LEU CB 268 -14.48 34.25 -29.54
CA LEU CB 268 -15.77 33.79 -30.04
C LEU CB 268 -15.68 32.38 -30.59
N THR CB 269 -14.65 32.11 -31.39
CA THR CB 269 -14.34 30.75 -31.83
C THR CB 269 -13.33 30.19 -30.83
N ASN CB 270 -13.86 29.74 -29.69
CA ASN CB 270 -13.06 29.56 -28.48
C ASN CB 270 -11.85 28.66 -28.73
N ARG CB 271 -12.06 27.52 -29.38
CA ARG CB 271 -10.96 26.57 -29.58
C ARG CB 271 -9.96 27.03 -30.63
N GLU CB 272 -10.25 28.13 -31.33
CA GLU CB 272 -9.31 28.68 -32.29
C GLU CB 272 -8.27 29.59 -31.65
N ILE CB 273 -8.34 29.81 -30.34
CA ILE CB 273 -7.38 30.67 -29.67
C ILE CB 273 -5.96 30.10 -29.77
N VAL CB 274 -5.85 28.78 -29.94
CA VAL CB 274 -4.55 28.14 -30.06
C VAL CB 274 -4.04 28.25 -31.49
N MET DB 1 56.66 74.47 84.61
CA MET DB 1 57.04 73.47 85.60
C MET DB 1 55.81 72.75 86.13
N TYR DB 2 55.94 71.44 86.33
CA TYR DB 2 54.79 70.56 86.53
C TYR DB 2 54.65 70.04 87.97
N LYS DB 3 55.67 70.17 88.80
CA LYS DB 3 55.62 69.57 90.14
C LYS DB 3 54.67 70.35 91.05
N ASP DB 4 54.99 71.61 91.33
CA ASP DB 4 54.08 72.42 92.14
C ASP DB 4 52.77 72.70 91.42
N PHE DB 5 52.76 72.61 90.09
CA PHE DB 5 51.48 72.68 89.38
C PHE DB 5 50.56 71.56 89.81
N ALA DB 6 51.09 70.34 89.96
CA ALA DB 6 50.30 69.25 90.52
C ALA DB 6 50.04 69.45 92.01
N ASN DB 7 51.00 70.04 92.74
CA ASN DB 7 50.81 70.30 94.16
C ASN DB 7 49.73 71.34 94.42
N PHE DB 8 49.36 72.11 93.41
CA PHE DB 8 48.20 72.99 93.49
C PHE DB 8 46.98 72.41 92.77
N ILE DB 9 47.20 71.48 91.84
CA ILE DB 9 46.11 70.70 91.25
C ILE DB 9 45.46 69.81 92.31
N ARG DB 10 46.21 69.45 93.36
CA ARG DB 10 45.61 68.63 94.41
C ARG DB 10 44.43 69.33 95.09
N THR DB 11 44.32 70.65 94.95
CA THR DB 11 43.13 71.39 95.37
C THR DB 11 42.31 71.90 94.19
N ASN DB 12 42.95 72.13 93.04
CA ASN DB 12 42.19 72.46 91.84
C ASN DB 12 41.27 71.31 91.42
N LYS DB 13 41.54 70.09 91.87
CA LYS DB 13 40.62 68.99 91.61
C LYS DB 13 39.29 69.20 92.34
N LYS DB 14 39.36 69.61 93.62
CA LYS DB 14 38.14 69.97 94.33
C LYS DB 14 37.49 71.20 93.70
N ASP DB 15 38.31 72.15 93.24
CA ASP DB 15 37.78 73.31 92.53
C ASP DB 15 37.00 72.89 91.29
N LEU DB 16 37.54 71.96 90.51
CA LEU DB 16 36.85 71.50 89.31
C LEU DB 16 35.66 70.61 89.65
N LEU DB 17 35.68 69.92 90.80
CA LEU DB 17 34.48 69.21 91.24
C LEU DB 17 33.35 70.19 91.53
N ASN DB 18 33.65 71.28 92.24
CA ASN DB 18 32.66 72.35 92.41
C ASN DB 18 32.25 72.94 91.06
N ASN DB 19 33.19 73.00 90.12
CA ASN DB 19 32.89 73.48 88.79
C ASN DB 19 31.86 72.59 88.09
N TRP DB 20 32.04 71.28 88.17
CA TRP DB 20 31.08 70.34 87.61
C TRP DB 20 29.74 70.46 88.33
N MET DB 21 29.78 70.64 89.65
CA MET DB 21 28.54 70.86 90.41
C MET DB 21 27.78 72.06 89.88
N ASN DB 22 28.49 73.16 89.58
CA ASN DB 22 27.82 74.35 89.08
C ASN DB 22 27.35 74.17 87.63
N GLU DB 23 28.13 73.45 86.82
CA GLU DB 23 27.85 73.35 85.39
C GLU DB 23 26.78 72.31 85.07
N MET DB 24 26.54 71.34 85.96
CA MET DB 24 25.55 70.30 85.66
C MET DB 24 24.15 70.86 85.43
N GLU DB 25 23.87 72.06 85.95
CA GLU DB 25 22.51 72.60 85.90
C GLU DB 25 22.12 73.07 84.50
N LYS DB 26 23.08 73.51 83.70
CA LYS DB 26 22.76 74.21 82.45
C LYS DB 26 22.59 73.29 81.25
N GLN DB 27 23.34 72.19 81.16
CA GLN DB 27 23.36 71.36 79.97
C GLN DB 27 22.89 69.95 80.30
N SER DB 28 21.64 69.65 79.92
CA SER DB 28 21.09 68.31 79.91
C SER DB 28 21.40 67.54 81.21
N ASP DB 29 20.91 68.11 82.32
CA ASP DB 29 21.13 67.46 83.61
C ASP DB 29 20.51 66.07 83.69
N PRO DB 30 19.23 65.85 83.33
CA PRO DB 30 18.70 64.48 83.42
C PRO DB 30 19.44 63.49 82.52
N LEU DB 31 19.82 63.90 81.32
CA LEU DB 31 20.47 62.98 80.40
C LEU DB 31 21.82 62.53 80.92
N ILE DB 32 22.66 63.48 81.34
CA ILE DB 32 23.98 63.14 81.84
C ILE DB 32 23.87 62.37 83.16
N ASN DB 33 22.91 62.73 84.00
CA ASN DB 33 22.72 62.00 85.26
C ASN DB 33 22.32 60.55 84.99
N ASP DB 34 21.46 60.32 84.00
CA ASP DB 34 21.02 58.96 83.71
C ASP DB 34 22.13 58.14 83.07
N ILE DB 35 22.85 58.72 82.09
CA ILE DB 35 23.82 57.92 81.35
C ILE DB 35 25.10 57.70 82.16
N ALA DB 36 25.44 58.63 83.06
CA ALA DB 36 26.67 58.53 83.83
C ALA DB 36 26.40 59.01 85.25
N LYS DB 37 26.62 58.13 86.23
CA LYS DB 37 26.49 58.54 87.62
C LYS DB 37 27.60 59.53 87.98
N GLU DB 38 27.26 60.48 88.84
CA GLU DB 38 28.15 61.61 89.13
C GLU DB 38 29.50 61.20 89.71
N PRO DB 39 29.58 60.30 90.70
CA PRO DB 39 30.91 59.99 91.27
C PRO DB 39 31.93 59.48 90.27
N MET DB 40 31.54 58.60 89.35
CA MET DB 40 32.51 58.08 88.40
C MET DB 40 32.97 59.16 87.43
N TYR DB 41 32.05 60.03 87.00
CA TYR DB 41 32.44 61.13 86.12
C TYR DB 41 33.39 62.09 86.84
N GLU DB 42 33.12 62.37 88.12
CA GLU DB 42 33.98 63.25 88.88
C GLU DB 42 35.38 62.65 89.06
N GLU DB 43 35.45 61.35 89.38
CA GLU DB 43 36.76 60.73 89.55
C GLU DB 43 37.51 60.62 88.22
N THR DB 44 36.78 60.37 87.12
CA THR DB 44 37.43 60.37 85.81
C THR DB 44 37.98 61.75 85.47
N SER DB 45 37.21 62.80 85.78
CA SER DB 45 37.69 64.16 85.50
C SER DB 45 38.92 64.50 86.33
N ILE DB 46 38.92 64.14 87.62
CA ILE DB 46 40.09 64.44 88.44
C ILE DB 46 41.28 63.60 88.00
N GLU DB 47 41.05 62.37 87.54
CA GLU DB 47 42.14 61.56 87.01
C GLU DB 47 42.71 62.18 85.74
N PHE DB 48 41.85 62.74 84.89
CA PHE DB 48 42.30 63.39 83.66
C PHE DB 48 43.08 64.67 83.97
N VAL DB 49 42.68 65.42 85.00
CA VAL DB 49 43.30 66.72 85.26
C VAL DB 49 44.45 66.68 86.24
N ASP DB 50 44.65 65.56 86.95
CA ASP DB 50 45.66 65.53 88.01
C ASP DB 50 46.98 64.90 87.59
N LEU DB 51 46.96 63.85 86.77
CA LEU DB 51 48.19 63.17 86.38
C LEU DB 51 48.78 63.69 85.08
N ILE DB 52 48.20 64.74 84.49
CA ILE DB 52 48.75 65.31 83.27
C ILE DB 52 50.10 65.95 83.55
N VAL DB 53 50.25 66.59 84.71
CA VAL DB 53 51.48 67.26 85.08
C VAL DB 53 52.25 66.46 86.14
N SER DB 54 51.97 65.17 86.27
CA SER DB 54 52.72 64.31 87.19
C SER DB 54 54.07 63.90 86.62
N ASN DB 55 54.26 64.02 85.31
CA ASN DB 55 55.56 63.78 84.69
C ASN DB 55 56.47 64.98 84.93
N ILE DB 56 57.74 64.83 84.56
CA ILE DB 56 58.76 65.85 84.87
C ILE DB 56 58.75 66.85 83.72
N THR DB 57 57.77 67.74 83.75
CA THR DB 57 57.80 69.03 83.05
C THR DB 57 57.81 68.89 81.53
N GLU DB 58 57.88 67.67 81.00
CA GLU DB 58 58.10 67.50 79.58
C GLU DB 58 56.89 66.91 78.85
N ASN DB 59 56.47 65.68 79.20
CA ASN DB 59 55.39 65.00 78.51
C ASN DB 59 55.19 63.64 79.15
N GLY DB 60 54.16 62.94 78.70
CA GLY DB 60 53.94 61.56 79.08
C GLY DB 60 53.20 60.77 78.02
N SER DB 61 53.79 59.65 77.57
CA SER DB 61 53.16 58.84 76.55
C SER DB 61 52.00 58.01 77.10
N LYS DB 62 52.18 57.42 78.29
CA LYS DB 62 51.10 56.66 78.91
C LYS DB 62 49.90 57.55 79.19
N PHE DB 63 50.13 58.77 79.70
CA PHE DB 63 49.02 59.67 79.90
C PHE DB 63 48.51 60.26 78.59
N ASN DB 64 49.32 60.26 77.53
CA ASN DB 64 48.80 60.61 76.22
C ASN DB 64 47.78 59.58 75.76
N GLU DB 65 48.08 58.29 75.93
CA GLU DB 65 47.12 57.26 75.63
C GLU DB 65 45.89 57.36 76.53
N LYS DB 66 46.10 57.70 77.80
CA LYS DB 66 44.98 57.90 78.72
C LYS DB 66 44.10 59.06 78.26
N LEU DB 67 44.70 60.15 77.78
CA LEU DB 67 43.94 61.28 77.30
C LEU DB 67 43.16 60.93 76.04
N ASP DB 68 43.76 60.14 75.14
CA ASP DB 68 43.04 59.68 73.96
C ASP DB 68 41.86 58.80 74.34
N ASP DB 69 42.07 57.93 75.34
CA ASP DB 69 40.96 57.10 75.84
C ASP DB 69 39.86 57.96 76.45
N PHE DB 70 40.25 58.99 77.20
CA PHE DB 70 39.26 59.91 77.76
C PHE DB 70 38.48 60.62 76.66
N ALA DB 71 39.17 61.03 75.59
CA ALA DB 71 38.50 61.69 74.48
C ALA DB 71 37.51 60.77 73.80
N GLU DB 72 37.90 59.51 73.56
CA GLU DB 72 36.95 58.58 72.94
C GLU DB 72 35.80 58.25 73.88
N LYS DB 73 36.06 58.20 75.19
CA LYS DB 73 35.00 57.93 76.15
C LYS DB 73 33.99 59.07 76.21
N VAL DB 74 34.46 60.32 76.17
CA VAL DB 74 33.52 61.44 76.16
C VAL DB 74 32.85 61.60 74.81
N VAL DB 75 33.47 61.10 73.74
CA VAL DB 75 32.78 61.06 72.45
C VAL DB 75 31.61 60.08 72.51
N HIS DB 76 31.86 58.87 73.03
CA HIS DB 76 30.82 57.86 73.09
C HIS DB 76 29.73 58.22 74.11
N LEU DB 77 30.11 58.88 75.21
CA LEU DB 77 29.15 59.17 76.27
C LEU DB 77 28.14 60.24 75.87
N GLY DB 78 28.42 61.01 74.82
CA GLY DB 78 27.50 62.04 74.39
C GLY DB 78 27.95 63.44 74.74
N TRP DB 79 29.24 63.70 74.59
CA TRP DB 79 29.83 65.02 74.88
C TRP DB 79 30.55 65.51 73.62
N PRO DB 80 29.85 66.18 72.71
CA PRO DB 80 30.50 66.69 71.50
C PRO DB 80 31.40 67.87 71.79
N ILE DB 81 31.92 68.51 70.74
CA ILE DB 81 32.87 69.61 70.93
C ILE DB 81 32.22 70.78 71.67
N HIS DB 82 30.91 70.97 71.50
CA HIS DB 82 30.22 72.03 72.24
C HIS DB 82 30.28 71.79 73.74
N PHE DB 83 30.00 70.56 74.16
CA PHE DB 83 30.03 70.24 75.59
C PHE DB 83 31.44 70.36 76.16
N VAL DB 84 32.44 69.92 75.40
CA VAL DB 84 33.83 69.99 75.86
C VAL DB 84 34.27 71.46 75.95
N THR DB 85 33.82 72.29 75.01
CA THR DB 85 34.12 73.72 75.06
C THR DB 85 33.47 74.37 76.27
N THR DB 86 32.22 74.01 76.57
CA THR DB 86 31.59 74.51 77.79
C THR DB 86 32.35 74.06 79.01
N GLY DB 87 32.85 72.83 79.00
CA GLY DB 87 33.68 72.35 80.10
C GLY DB 87 34.94 73.16 80.27
N LEU DB 88 35.60 73.50 79.16
CA LEU DB 88 36.79 74.34 79.23
C LEU DB 88 36.46 75.73 79.77
N ARG DB 89 35.35 76.31 79.31
CA ARG DB 89 34.95 77.64 79.77
C ARG DB 89 34.69 77.64 81.27
N VAL DB 90 33.97 76.63 81.77
CA VAL DB 90 33.69 76.58 83.20
C VAL DB 90 34.95 76.23 83.98
N PHE DB 91 35.86 75.44 83.39
CA PHE DB 91 37.17 75.22 83.99
C PHE DB 91 37.87 76.55 84.25
N GLY DB 92 37.94 77.39 83.22
CA GLY DB 92 38.56 78.69 83.39
C GLY DB 92 37.85 79.54 84.42
N LEU DB 93 36.52 79.55 84.40
CA LEU DB 93 35.75 80.34 85.36
C LEU DB 93 36.06 79.94 86.79
N LEU DB 94 36.05 78.63 87.07
CA LEU DB 94 36.28 78.19 88.43
C LEU DB 94 37.75 78.29 88.83
N VAL DB 95 38.68 78.19 87.88
CA VAL DB 95 40.07 78.51 88.20
C VAL DB 95 40.19 79.97 88.62
N TYR DB 96 39.50 80.86 87.91
CA TYR DB 96 39.51 82.28 88.27
C TYR DB 96 38.97 82.48 89.69
N THR DB 97 37.85 81.82 90.00
CA THR DB 97 37.27 81.96 91.33
C THR DB 97 38.21 81.42 92.40
N ALA DB 98 38.82 80.25 92.14
CA ALA DB 98 39.71 79.62 93.11
C ALA DB 98 40.93 80.50 93.38
N MET DB 99 41.55 81.02 92.32
CA MET DB 99 42.71 81.89 92.51
C MET DB 99 42.34 83.20 93.17
N ARG DB 100 41.11 83.68 92.95
CA ARG DB 100 40.62 84.80 93.74
C ARG DB 100 40.45 84.42 95.21
N ASP DB 101 40.17 83.15 95.49
CA ASP DB 101 39.95 82.69 96.86
C ASP DB 101 41.19 82.01 97.45
N GLU DB 102 41.70 80.97 96.78
CA GLU DB 102 42.80 80.19 97.33
C GLU DB 102 44.09 81.01 97.40
N ASP DB 103 44.45 81.67 96.30
CA ASP DB 103 45.62 82.54 96.22
C ASP DB 103 46.91 81.80 96.61
N LEU DB 104 47.26 80.82 95.77
CA LEU DB 104 48.50 80.05 95.96
C LEU DB 104 48.99 79.62 94.60
N PHE DB 105 49.98 80.33 94.06
CA PHE DB 105 50.53 80.08 92.74
C PHE DB 105 51.78 79.21 92.85
N LEU DB 106 52.51 79.08 91.73
CA LEU DB 106 53.61 78.11 91.65
C LEU DB 106 54.78 78.52 92.53
N LYS DB 107 55.39 79.67 92.24
CA LYS DB 107 56.61 80.06 92.92
C LYS DB 107 56.31 80.69 94.27
N ARG DB 108 57.24 80.50 95.21
CA ARG DB 108 57.11 81.03 96.56
C ARG DB 108 57.39 82.52 96.56
N GLU DB 109 56.37 83.33 96.87
CA GLU DB 109 56.51 84.77 96.90
C GLU DB 109 55.33 85.36 97.65
N GLU DB 110 55.55 86.52 98.26
CA GLU DB 110 54.47 87.20 98.97
C GLU DB 110 53.37 87.65 98.01
N LYS DB 111 53.74 87.96 96.76
CA LYS DB 111 52.78 88.41 95.76
C LYS DB 111 53.28 87.96 94.39
N PRO DB 112 52.71 86.90 93.84
CA PRO DB 112 53.17 86.40 92.53
C PRO DB 112 52.86 87.39 91.42
N GLU DB 113 53.38 87.09 90.24
CA GLU DB 113 53.28 87.97 89.08
C GLU DB 113 52.52 87.26 87.95
N ASP DB 114 52.50 87.90 86.79
CA ASP DB 114 51.70 87.43 85.66
C ASP DB 114 52.24 86.13 85.05
N ASP DB 115 53.49 85.76 85.34
CA ASP DB 115 54.13 84.64 84.68
C ASP DB 115 53.35 83.35 84.87
N ALA DB 116 53.29 82.84 86.11
CA ALA DB 116 52.49 81.64 86.37
C ALA DB 116 51.01 81.93 86.18
N TYR DB 117 50.60 83.18 86.42
CA TYR DB 117 49.21 83.59 86.26
C TYR DB 117 48.67 83.19 84.90
N TYR DB 118 49.47 83.40 83.85
CA TYR DB 118 49.05 82.97 82.52
C TYR DB 118 49.65 81.64 82.07
N ARG DB 119 50.70 81.16 82.74
CA ARG DB 119 51.16 79.80 82.48
C ARG DB 119 50.05 78.80 82.77
N PHE DB 120 49.25 79.07 83.81
CA PHE DB 120 48.10 78.23 84.09
C PHE DB 120 47.18 78.13 82.88
N GLU DB 121 46.78 79.28 82.32
CA GLU DB 121 45.86 79.27 81.19
C GLU DB 121 46.49 78.67 79.93
N THR DB 122 47.80 78.89 79.72
CA THR DB 122 48.46 78.27 78.58
C THR DB 122 48.41 76.75 78.69
N TRP DB 123 48.65 76.21 79.90
CA TRP DB 123 48.59 74.76 80.07
C TRP DB 123 47.16 74.24 79.93
N LEU DB 124 46.18 75.02 80.41
CA LEU DB 124 44.78 74.65 80.21
C LEU DB 124 44.45 74.54 78.73
N SER DB 125 44.88 75.55 77.96
CA SER DB 125 44.64 75.54 76.52
C SER DB 125 45.39 74.39 75.84
N SER DB 126 46.58 74.06 76.34
CA SER DB 126 47.34 72.96 75.76
C SER DB 126 46.65 71.62 75.98
N MET DB 127 46.15 71.37 77.20
CA MET DB 127 45.45 70.11 77.41
C MET DB 127 44.17 70.05 76.60
N TYR DB 128 43.47 71.19 76.48
CA TYR DB 128 42.29 71.24 75.63
C TYR DB 128 42.65 70.96 74.16
N ASN DB 129 43.80 71.47 73.72
CA ASN DB 129 44.26 71.22 72.36
C ASN DB 129 44.51 69.74 72.12
N LYS DB 130 45.18 69.09 73.07
CA LYS DB 130 45.41 67.65 72.93
C LYS DB 130 44.09 66.88 72.96
N VAL DB 131 43.15 67.29 73.81
CA VAL DB 131 41.86 66.62 73.90
C VAL DB 131 41.12 66.73 72.57
N VAL DB 132 41.07 67.93 71.98
CA VAL DB 132 40.35 68.09 70.72
C VAL DB 132 41.10 67.40 69.59
N THR DB 133 42.43 67.29 69.68
CA THR DB 133 43.19 66.55 68.69
C THR DB 133 42.83 65.07 68.72
N ALA DB 134 42.71 64.50 69.93
CA ALA DB 134 42.29 63.10 70.05
C ALA DB 134 40.80 62.91 69.78
N TYR DB 135 40.02 63.99 69.85
CA TYR DB 135 38.57 63.90 69.69
C TYR DB 135 38.19 63.40 68.29
N ALA DB 136 38.81 63.93 67.26
CA ALA DB 136 38.31 63.78 65.89
C ALA DB 136 38.91 62.59 65.14
N ASP DB 137 39.83 61.84 65.75
CA ASP DB 137 40.48 60.75 65.02
C ASP DB 137 39.49 59.68 64.61
N THR DB 138 38.71 59.18 65.58
CA THR DB 138 37.73 58.13 65.29
C THR DB 138 36.65 58.62 64.34
N TRP DB 139 36.24 59.88 64.50
CA TRP DB 139 35.20 60.44 63.62
C TRP DB 139 35.69 60.51 62.18
N GLU DB 140 36.92 60.98 61.97
CA GLU DB 140 37.46 61.03 60.62
C GLU DB 140 37.62 59.62 60.05
N LYS DB 141 38.08 58.67 60.87
CA LYS DB 141 38.25 57.31 60.38
C LYS DB 141 36.91 56.69 59.97
N THR DB 142 35.87 56.89 60.78
CA THR DB 142 34.58 56.30 60.43
C THR DB 142 33.95 57.01 59.24
N VAL DB 143 34.18 58.32 59.08
CA VAL DB 143 33.71 59.02 57.89
C VAL DB 143 34.40 58.46 56.65
N SER DB 144 35.72 58.25 56.73
CA SER DB 144 36.45 57.72 55.58
C SER DB 144 35.99 56.32 55.23
N ILE DB 145 35.80 55.45 56.22
CA ILE DB 145 35.38 54.08 55.91
C ILE DB 145 33.96 54.05 55.37
N GLN DB 146 33.07 54.91 55.90
CA GLN DB 146 31.72 54.99 55.36
C GLN DB 146 31.73 55.49 53.91
N LYS DB 147 32.57 56.49 53.62
CA LYS DB 147 32.67 56.97 52.25
C LYS DB 147 33.20 55.89 51.32
N SER DB 148 34.21 55.13 51.75
CA SER DB 148 34.75 54.05 50.93
C SER DB 148 33.71 52.97 50.69
N ALA DB 149 32.95 52.60 51.72
CA ALA DB 149 31.91 51.59 51.57
C ALA DB 149 30.81 52.08 50.62
N LEU DB 150 30.43 53.35 50.75
CA LEU DB 150 29.42 53.93 49.86
C LEU DB 150 29.92 53.94 48.42
N GLN DB 151 31.21 54.22 48.24
CA GLN DB 151 31.80 54.21 46.90
C GLN DB 151 31.78 52.82 46.30
N GLU DB 152 32.17 51.80 47.07
CA GLU DB 152 32.21 50.46 46.52
C GLU DB 152 30.83 49.83 46.40
N LEU DB 153 29.82 50.36 47.10
CA LEU DB 153 28.46 49.83 47.02
C LEU DB 153 27.60 50.52 45.97
N SER DB 154 28.09 51.60 45.34
CA SER DB 154 27.21 52.43 44.51
C SER DB 154 26.83 51.73 43.21
N ALA DB 155 27.80 51.12 42.52
CA ALA DB 155 27.58 50.57 41.18
C ALA DB 155 28.02 49.12 41.15
N PRO DB 156 27.19 48.21 41.66
CA PRO DB 156 27.53 46.79 41.65
C PRO DB 156 27.24 46.16 40.30
N LEU DB 157 28.30 45.87 39.55
CA LEU DB 157 28.16 45.10 38.32
C LEU DB 157 28.26 43.61 38.59
N LEU DB 158 28.45 43.21 39.85
CA LEU DB 158 28.54 41.79 40.19
C LEU DB 158 27.32 40.99 39.75
N PRO DB 159 26.07 41.45 39.92
CA PRO DB 159 24.93 40.68 39.39
C PRO DB 159 25.06 40.48 37.89
N ILE DB 160 25.20 39.23 37.46
CA ILE DB 160 25.55 38.91 36.08
C ILE DB 160 24.68 37.74 35.59
N PHE DB 161 24.09 37.91 34.42
CA PHE DB 161 23.35 36.89 33.70
C PHE DB 161 24.32 36.17 32.76
N GLU DB 162 23.81 35.20 32.00
CA GLU DB 162 24.64 34.61 30.95
C GLU DB 162 24.72 35.60 29.78
N LYS DB 163 25.91 36.18 29.60
CA LYS DB 163 26.20 37.17 28.56
C LYS DB 163 25.41 38.46 28.73
N ILE DB 164 24.72 38.62 29.86
CA ILE DB 164 23.97 39.84 30.18
C ILE DB 164 24.44 40.32 31.54
N SER DB 165 24.59 41.64 31.69
CA SER DB 165 25.12 42.22 32.92
C SER DB 165 24.14 43.27 33.44
N VAL DB 166 23.39 42.91 34.47
CA VAL DB 166 22.41 43.82 35.07
C VAL DB 166 23.13 44.75 36.05
N MET DB 167 22.44 45.81 36.48
CA MET DB 167 23.03 46.77 37.40
C MET DB 167 21.96 47.33 38.33
N PRO DB 168 22.06 47.11 39.64
CA PRO DB 168 20.96 47.49 40.55
C PRO DB 168 20.69 48.98 40.61
N LEU DB 169 21.68 49.78 40.98
CA LEU DB 169 21.54 51.24 41.08
C LEU DB 169 20.28 51.62 41.87
N ILE DB 170 20.31 51.28 43.15
CA ILE DB 170 19.13 51.46 43.99
C ILE DB 170 19.16 52.81 44.71
N GLY DB 171 20.30 53.20 45.29
CA GLY DB 171 20.34 54.37 46.12
C GLY DB 171 20.35 55.67 45.33
N THR DB 172 20.02 56.75 46.02
CA THR DB 172 20.11 58.07 45.41
C THR DB 172 21.56 58.40 45.07
N ILE DB 173 21.74 59.14 43.97
CA ILE DB 173 23.06 59.41 43.44
C ILE DB 173 23.20 60.90 43.18
N ASP DB 174 24.44 61.39 43.29
CA ASP DB 174 24.77 62.77 42.97
C ASP DB 174 25.82 62.79 41.86
N TPO DB 175 26.52 63.92 41.72
CA TPO DB 175 27.48 64.09 40.63
CB TPO DB 175 27.88 65.57 40.51
CG2 TPO DB 175 29.39 65.83 40.49
OG1 TPO DB 175 27.28 66.20 39.37
P TPO DB 175 27.42 65.37 37.98
O1P TPO DB 175 27.45 66.45 36.78
O2P TPO DB 175 26.24 64.49 37.79
O3P TPO DB 175 28.76 64.50 37.85
C TPO DB 175 28.71 63.19 40.84
O TPO DB 175 29.19 62.57 39.88
N GLU DB 176 29.21 63.11 42.07
CA GLU DB 176 30.34 62.26 42.37
C GLU DB 176 29.94 60.80 42.15
N ARG DB 177 28.77 60.45 42.66
CA ARG DB 177 28.25 59.11 42.45
C ARG DB 177 27.97 58.86 40.97
N ALA DB 178 27.53 59.88 40.23
CA ALA DB 178 27.30 59.69 38.80
C ALA DB 178 28.60 59.37 38.07
N LYS DB 179 29.67 60.10 38.38
CA LYS DB 179 30.97 59.80 37.77
C LYS DB 179 31.44 58.41 38.17
N LEU DB 180 31.25 58.04 39.42
CA LEU DB 180 31.62 56.70 39.86
C LEU DB 180 30.85 55.64 39.09
N ILE DB 181 29.54 55.85 38.89
CA ILE DB 181 28.72 54.88 38.19
C ILE DB 181 29.17 54.74 36.73
N ILE DB 182 29.38 55.86 36.05
CA ILE DB 182 29.76 55.76 34.64
C ILE DB 182 31.11 55.06 34.51
N GLU DB 183 32.07 55.43 35.35
CA GLU DB 183 33.39 54.79 35.31
C GLU DB 183 33.28 53.28 35.59
N ASN DB 184 32.57 52.92 36.65
CA ASN DB 184 32.48 51.53 37.04
C ASN DB 184 31.75 50.70 36.00
N LEU DB 185 30.68 51.25 35.40
CA LEU DB 185 29.95 50.53 34.38
C LEU DB 185 30.83 50.26 33.17
N LEU DB 186 31.57 51.27 32.71
CA LEU DB 186 32.48 51.03 31.60
C LEU DB 186 33.56 50.02 31.94
N ILE DB 187 34.14 50.12 33.14
CA ILE DB 187 35.19 49.17 33.51
C ILE DB 187 34.62 47.75 33.55
N GLY DB 188 33.43 47.59 34.14
CA GLY DB 188 32.84 46.27 34.23
C GLY DB 188 32.50 45.67 32.88
N VAL DB 189 31.97 46.50 31.97
CA VAL DB 189 31.65 45.97 30.66
C VAL DB 189 32.92 45.69 29.86
N VAL DB 190 34.03 46.39 30.16
CA VAL DB 190 35.30 46.06 29.51
C VAL DB 190 35.80 44.71 30.00
N LYS DB 191 35.82 44.49 31.32
CA LYS DB 191 36.40 43.26 31.84
C LYS DB 191 35.57 42.04 31.45
N ASN DB 192 34.26 42.14 31.53
CA ASN DB 192 33.38 41.00 31.29
C ASN DB 192 32.70 41.15 29.94
N ARG DB 193 32.68 40.06 29.18
CA ARG DB 193 31.98 40.04 27.90
C ARG DB 193 30.48 39.94 28.14
N SER DB 194 29.73 40.83 27.50
CA SER DB 194 28.28 40.86 27.62
C SER DB 194 27.73 41.57 26.39
N GLU DB 195 26.40 41.58 26.28
CA GLU DB 195 25.76 42.22 25.14
C GLU DB 195 24.66 43.18 25.57
N VAL DB 196 24.05 42.92 26.73
CA VAL DB 196 22.95 43.73 27.23
C VAL DB 196 23.27 44.16 28.66
N VAL DB 197 23.07 45.44 28.94
CA VAL DB 197 23.24 45.98 30.28
C VAL DB 197 21.88 46.47 30.75
N LEU DB 198 21.36 45.83 31.80
CA LEU DB 198 20.06 46.19 32.36
C LEU DB 198 20.30 47.12 33.54
N ILE DB 199 20.07 48.41 33.32
CA ILE DB 199 20.20 49.41 34.38
C ILE DB 199 18.85 49.60 35.05
N ASP DB 200 18.82 49.47 36.37
CA ASP DB 200 17.60 49.65 37.15
C ASP DB 200 17.63 51.04 37.76
N ILE DB 201 16.95 51.99 37.12
CA ILE DB 201 16.83 53.31 37.72
C ILE DB 201 15.79 53.27 38.85
N THR DB 202 15.00 52.21 38.93
CA THR DB 202 14.08 52.06 40.05
C THR DB 202 14.84 52.07 41.37
N GLY DB 203 14.40 52.93 42.28
CA GLY DB 203 15.04 53.03 43.57
C GLY DB 203 15.47 54.45 43.91
N VAL DB 204 15.93 55.19 42.92
CA VAL DB 204 16.33 56.58 43.17
C VAL DB 204 15.07 57.43 43.33
N PRO DB 205 14.94 58.19 44.41
CA PRO DB 205 13.72 58.97 44.63
C PRO DB 205 13.51 60.07 43.59
N VAL DB 206 14.49 60.96 43.46
CA VAL DB 206 14.38 62.11 42.56
C VAL DB 206 15.69 62.26 41.80
N VAL DB 207 15.60 62.48 40.50
CA VAL DB 207 16.76 62.70 39.65
C VAL DB 207 16.62 64.08 39.01
N ASP DB 208 17.66 64.90 39.16
CA ASP DB 208 17.66 66.23 38.55
C ASP DB 208 18.05 66.10 37.08
N THR DB 209 18.31 67.23 36.44
CA THR DB 209 18.61 67.20 35.00
C THR DB 209 19.97 66.57 34.74
N MET DB 210 20.99 66.96 35.50
CA MET DB 210 22.35 66.62 35.12
C MET DB 210 22.65 65.14 35.35
N VAL DB 211 22.11 64.58 36.44
CA VAL DB 211 22.27 63.15 36.70
C VAL DB 211 21.59 62.33 35.61
N ALA DB 212 20.40 62.76 35.18
CA ALA DB 212 19.73 62.08 34.07
C ALA DB 212 20.54 62.19 32.79
N HIS DB 213 21.17 63.34 32.56
CA HIS DB 213 22.03 63.47 31.38
C HIS DB 213 23.20 62.51 31.45
N HIS DB 214 23.81 62.37 32.63
CA HIS DB 214 24.87 61.38 32.78
C HIS DB 214 24.37 59.96 32.59
N ILE DB 215 23.14 59.67 33.00
CA ILE DB 215 22.59 58.33 32.76
C ILE DB 215 22.44 58.07 31.27
N ILE DB 216 21.92 59.05 30.53
CA ILE DB 216 21.80 58.91 29.09
C ILE DB 216 23.18 58.76 28.45
N GLN DB 217 24.17 59.48 28.98
CA GLN DB 217 25.54 59.33 28.49
C GLN DB 217 26.06 57.93 28.76
N ALA DB 218 25.73 57.35 29.91
CA ALA DB 218 26.16 55.99 30.20
C ALA DB 218 25.53 55.00 29.22
N SER DB 219 24.24 55.19 28.92
CA SER DB 219 23.59 54.33 27.94
C SER DB 219 24.25 54.45 26.59
N GLU DB 220 24.51 55.68 26.13
CA GLU DB 220 25.16 55.88 24.85
C GLU DB 220 26.57 55.32 24.86
N ALA DB 221 27.26 55.38 25.99
CA ALA DB 221 28.62 54.88 26.08
C ALA DB 221 28.66 53.36 25.98
N VAL DB 222 27.76 52.68 26.68
CA VAL DB 222 27.76 51.23 26.57
C VAL DB 222 27.28 50.80 25.19
N ARG DB 223 26.45 51.62 24.53
CA ARG DB 223 26.11 51.33 23.14
C ARG DB 223 27.32 51.51 22.23
N LEU DB 224 28.10 52.56 22.47
CA LEU DB 224 29.27 52.84 21.63
C LEU DB 224 30.41 51.88 21.91
N VAL DB 225 30.40 51.21 23.07
CA VAL DB 225 31.25 50.03 23.21
C VAL DB 225 30.80 48.94 22.26
N GLY DB 226 29.48 48.73 22.18
CA GLY DB 226 28.92 47.70 21.33
C GLY DB 226 27.98 46.76 22.06
N CYS DB 227 27.41 47.22 23.17
CA CYS DB 227 26.45 46.46 23.95
C CYS DB 227 25.17 47.27 24.08
N GLN DB 228 24.03 46.63 23.82
CA GLN DB 228 22.75 47.32 23.91
C GLN DB 228 22.43 47.69 25.35
N ALA DB 229 21.88 48.88 25.53
CA ALA DB 229 21.54 49.41 26.85
C ALA DB 229 20.03 49.34 27.01
N MET DB 230 19.55 48.30 27.70
CA MET DB 230 18.12 48.12 27.91
C MET DB 230 17.77 48.63 29.32
N LEU DB 231 17.72 49.96 29.41
CA LEU DB 231 17.46 50.61 30.69
C LEU DB 231 16.04 50.31 31.13
N VAL DB 232 15.89 49.91 32.40
CA VAL DB 232 14.63 49.37 32.89
C VAL DB 232 14.31 49.98 34.25
N GLY DB 233 13.01 50.13 34.53
CA GLY DB 233 12.58 50.58 35.83
C GLY DB 233 12.55 52.09 35.99
N ILE DB 234 11.75 52.76 35.16
CA ILE DB 234 11.67 54.21 35.15
C ILE DB 234 10.43 54.62 35.94
N ARG DB 235 10.59 55.61 36.82
CA ARG DB 235 9.48 56.12 37.62
C ARG DB 235 8.90 57.38 37.00
N PRO DB 236 7.70 57.79 37.43
CA PRO DB 236 7.03 58.92 36.76
C PRO DB 236 7.81 60.22 36.79
N GLU DB 237 8.18 60.72 37.97
CA GLU DB 237 8.82 62.03 38.06
C GLU DB 237 10.14 62.05 37.30
N ILE DB 238 10.92 60.97 37.43
CA ILE DB 238 12.20 60.90 36.72
C ILE DB 238 11.98 60.89 35.20
N ALA DB 239 10.92 60.23 34.73
CA ALA DB 239 10.62 60.26 33.31
C ALA DB 239 10.24 61.67 32.86
N GLN DB 240 9.45 62.36 33.67
CA GLN DB 240 9.09 63.74 33.39
C GLN DB 240 10.33 64.60 33.25
N TPO DB 241 11.29 64.38 34.16
CA TPO DB 241 12.51 65.18 34.16
CB TPO DB 241 13.28 64.97 35.48
CG2 TPO DB 241 14.76 64.61 35.29
OG1 TPO DB 241 13.18 66.13 36.33
P TPO DB 241 13.35 67.56 35.59
O1P TPO DB 241 12.07 68.03 35.04
O2P TPO DB 241 13.82 68.63 36.70
O3P TPO DB 241 14.47 67.55 34.43
C TPO DB 241 13.41 64.85 32.95
O TPO DB 241 13.99 65.75 32.35
N ILE DB 242 13.48 63.58 32.58
CA ILE DB 242 14.28 63.16 31.44
C ILE DB 242 13.70 63.77 30.17
N VAL DB 243 12.37 63.69 30.02
CA VAL DB 243 11.76 64.21 28.80
C VAL DB 243 11.81 65.74 28.79
N ASN DB 244 11.76 66.38 29.97
CA ASN DB 244 11.92 67.83 30.02
C ASN DB 244 13.34 68.25 29.68
N LEU DB 245 14.31 67.37 29.94
CA LEU DB 245 15.69 67.67 29.56
C LEU DB 245 15.84 67.87 28.07
N GLY DB 246 14.97 67.25 27.27
CA GLY DB 246 15.02 67.39 25.83
C GLY DB 246 15.99 66.47 25.12
N ILE DB 247 16.70 65.62 25.85
CA ILE DB 247 17.61 64.68 25.23
C ILE DB 247 16.83 63.65 24.44
N GLU DB 248 17.37 63.23 23.30
CA GLU DB 248 16.68 62.26 22.46
C GLU DB 248 16.56 60.93 23.20
N LEU DB 249 15.40 60.29 23.09
CA LEU DB 249 15.10 59.07 23.80
C LEU DB 249 14.76 57.90 22.89
N ASP DB 250 15.03 58.02 21.59
CA ASP DB 250 14.72 56.92 20.68
C ASP DB 250 15.74 55.79 20.77
N GLN DB 251 17.01 56.12 21.05
CA GLN DB 251 18.03 55.09 21.08
C GLN DB 251 17.94 54.19 22.30
N ILE DB 252 17.34 54.67 23.39
CA ILE DB 252 17.25 53.90 24.62
C ILE DB 252 15.98 53.06 24.59
N ILE DB 253 16.13 51.77 24.84
CA ILE DB 253 15.02 50.83 24.90
C ILE DB 253 14.66 50.65 26.37
N THR DB 254 13.39 50.89 26.71
CA THR DB 254 12.97 50.93 28.09
C THR DB 254 12.01 49.80 28.40
N THR DB 255 11.85 49.53 29.70
CA THR DB 255 10.90 48.53 30.16
C THR DB 255 10.48 48.87 31.59
N ASN DB 256 9.28 48.45 31.95
CA ASN DB 256 8.74 48.77 33.28
C ASN DB 256 9.44 48.00 34.40
N THR DB 257 9.71 46.70 34.21
CA THR DB 257 10.26 45.89 35.28
C THR DB 257 11.34 44.94 34.75
N MET DB 258 12.17 44.45 35.67
CA MET DB 258 13.33 43.65 35.30
C MET DB 258 12.94 42.38 34.56
N LYS DB 259 11.89 41.69 35.01
CA LYS DB 259 11.53 40.42 34.38
C LYS DB 259 11.20 40.63 32.91
N LYS DB 260 10.36 41.61 32.61
CA LYS DB 260 9.98 41.87 31.22
C LYS DB 260 11.15 42.41 30.41
N GLY DB 261 11.96 43.29 31.01
CA GLY DB 261 13.08 43.86 30.26
C GLY DB 261 14.10 42.80 29.88
N MET DB 262 14.41 41.91 30.82
CA MET DB 262 15.33 40.83 30.52
C MET DB 262 14.71 39.82 29.57
N GLU DB 263 13.39 39.62 29.64
CA GLU DB 263 12.74 38.78 28.65
C GLU DB 263 12.90 39.36 27.25
N ARG DB 264 12.75 40.67 27.13
CA ARG DB 264 12.96 41.32 25.84
C ARG DB 264 14.42 41.21 25.41
N ALA DB 265 15.35 41.33 26.37
CA ALA DB 265 16.76 41.17 26.05
C ALA DB 265 17.06 39.77 25.54
N LEU DB 266 16.50 38.74 26.19
CA LEU DB 266 16.68 37.37 25.71
C LEU DB 266 16.01 37.17 24.36
N ALA DB 267 14.95 37.92 24.08
CA ALA DB 267 14.39 37.94 22.74
C ALA DB 267 15.38 38.53 21.74
N LEU DB 268 16.10 39.58 22.15
CA LEU DB 268 17.09 40.19 21.26
C LEU DB 268 18.22 39.21 20.94
N THR DB 269 18.73 38.51 21.96
CA THR DB 269 19.73 37.46 21.76
C THR DB 269 18.97 36.14 21.72
N ASN DB 270 18.50 35.78 20.52
CA ASN DB 270 17.50 34.73 20.36
C ASN DB 270 17.95 33.42 21.00
N ARG DB 271 19.22 33.04 20.81
CA ARG DB 271 19.70 31.76 21.28
C ARG DB 271 19.97 31.73 22.78
N GLU DB 272 19.48 32.71 23.53
CA GLU DB 272 19.59 32.70 24.99
C GLU DB 272 18.24 32.43 25.65
N ILE DB 273 17.26 31.92 24.90
CA ILE DB 273 15.96 31.64 25.48
C ILE DB 273 16.02 30.51 26.49
N VAL DB 274 17.04 29.67 26.43
CA VAL DB 274 17.19 28.58 27.37
C VAL DB 274 18.42 28.80 28.24
N MET EB 1 54.22 47.86 18.21
CA MET EB 1 54.35 49.13 17.52
C MET EB 1 54.39 48.92 16.00
N GLY EB 2 54.91 47.77 15.58
CA GLY EB 2 55.01 47.46 14.18
C GLY EB 2 54.72 46.00 13.88
N ILE EB 3 54.18 45.28 14.86
CA ILE EB 3 53.84 43.88 14.71
C ILE EB 3 52.39 43.71 15.14
N PRO EB 4 51.43 43.98 14.27
CA PRO EB 4 50.03 43.99 14.69
C PRO EB 4 49.37 42.62 14.71
N ILE EB 5 49.49 41.89 15.82
CA ILE EB 5 48.83 40.60 15.93
C ILE EB 5 47.32 40.80 16.01
N LEU EB 6 46.58 39.98 15.26
CA LEU EB 6 45.13 39.91 15.37
C LEU EB 6 44.71 38.55 15.92
N LYS EB 7 43.45 38.47 16.34
CA LYS EB 7 42.91 37.25 16.94
C LYS EB 7 41.48 37.08 16.47
N LEU EB 8 41.22 36.00 15.72
CA LEU EB 8 39.89 35.77 15.19
C LEU EB 8 39.64 34.28 15.02
N GLY EB 9 38.46 33.83 15.45
CA GLY EB 9 38.07 32.44 15.26
C GLY EB 9 39.03 31.45 15.86
N GLU EB 10 39.57 31.76 17.04
CA GLU EB 10 40.56 30.96 17.74
C GLU EB 10 41.90 30.89 16.98
N CYS EB 11 41.96 31.47 15.78
CA CYS EB 11 43.17 31.50 14.98
C CYS EB 11 43.93 32.78 15.31
N LEU EB 12 44.95 33.11 14.50
CA LEU EB 12 45.75 34.28 14.75
C LEU EB 12 46.36 34.75 13.44
N LEU EB 13 46.54 36.06 13.31
CA LEU EB 13 47.08 36.65 12.08
C LEU EB 13 48.09 37.74 12.42
N ILE EB 14 49.25 37.67 11.80
CA ILE EB 14 50.25 38.73 11.89
C ILE EB 14 50.36 39.36 10.49
N SER EB 15 51.04 40.50 10.43
CA SER EB 15 51.31 41.17 9.16
C SER EB 15 52.57 42.00 9.31
N ILE EB 16 53.56 41.76 8.44
CA ILE EB 16 54.86 42.41 8.53
C ILE EB 16 54.98 43.43 7.40
N GLN EB 17 55.31 44.66 7.75
CA GLN EB 17 55.53 45.71 6.76
C GLN EB 17 56.77 46.55 7.06
N SER EB 18 57.62 46.14 7.99
CA SER EB 18 58.81 46.91 8.37
C SER EB 18 60.04 46.50 7.58
N GLU EB 19 60.19 45.21 7.30
CA GLU EB 19 61.42 44.57 6.81
C GLU EB 19 62.80 44.98 7.35
N LEU EB 20 62.89 45.09 8.67
CA LEU EB 20 64.14 45.44 9.34
C LEU EB 20 64.81 44.14 9.76
N ASP EB 21 66.03 44.23 10.30
CA ASP EB 21 66.85 43.04 10.47
C ASP EB 21 66.93 42.54 11.91
N ASP EB 22 67.35 43.37 12.87
CA ASP EB 22 67.62 42.87 14.22
C ASP EB 22 66.45 43.10 15.18
N HIS EB 23 66.06 44.36 15.37
CA HIS EB 23 64.98 44.67 16.31
C HIS EB 23 63.69 43.94 15.91
N THR EB 24 63.36 44.01 14.62
CA THR EB 24 62.14 43.35 14.17
C THR EB 24 62.22 41.84 14.35
N ALA EB 25 63.37 41.24 14.05
CA ALA EB 25 63.51 39.80 14.21
C ALA EB 25 63.29 39.38 15.67
N VAL EB 26 64.01 40.02 16.59
CA VAL EB 26 63.92 39.63 17.99
C VAL EB 26 62.52 39.90 18.54
N GLU EB 27 62.01 41.11 18.29
CA GLU EB 27 60.70 41.47 18.83
C GLU EB 27 59.62 40.58 18.23
N PHE EB 28 59.68 40.32 16.92
CA PHE EB 28 58.76 39.39 16.29
C PHE EB 28 58.79 38.03 16.96
N GLN EB 29 59.98 37.43 17.08
CA GLN EB 29 60.01 36.07 17.60
C GLN EB 29 59.44 36.02 19.01
N GLU EB 30 59.93 36.88 19.91
CA GLU EB 30 59.48 36.73 21.30
C GLU EB 30 58.05 37.24 21.50
N ASP EB 31 57.60 38.22 20.72
CA ASP EB 31 56.23 38.69 20.85
C ASP EB 31 55.24 37.66 20.33
N LEU EB 32 55.55 37.01 19.20
CA LEU EB 32 54.68 35.95 18.72
C LEU EB 32 54.66 34.79 19.70
N LEU EB 33 55.82 34.46 20.29
CA LEU EB 33 55.83 33.43 21.33
C LEU EB 33 54.92 33.81 22.49
N ALA EB 34 55.05 35.04 22.99
CA ALA EB 34 54.23 35.45 24.11
C ALA EB 34 52.75 35.40 23.76
N LYS EB 35 52.40 35.85 22.56
CA LYS EB 35 51.00 35.94 22.18
C LYS EB 35 50.40 34.54 22.02
N ILE EB 36 51.12 33.64 21.35
CA ILE EB 36 50.63 32.28 21.17
C ILE EB 36 50.63 31.54 22.51
N HIS EB 37 51.48 31.96 23.45
CA HIS EB 37 51.49 31.32 24.76
C HIS EB 37 50.29 31.74 25.59
N GLU EB 38 49.97 33.03 25.58
CA GLU EB 38 48.93 33.54 26.48
C GLU EB 38 47.55 33.06 26.07
N THR EB 39 47.32 32.79 24.78
CA THR EB 39 46.05 32.28 24.31
C THR EB 39 46.26 31.01 23.51
N SER EB 40 45.36 30.05 23.69
CA SER EB 40 45.43 28.78 22.95
C SER EB 40 44.90 29.02 21.55
N ALA EB 41 45.81 29.23 20.59
CA ALA EB 41 45.44 29.45 19.20
C ALA EB 41 45.98 28.30 18.36
N ARG EB 42 45.08 27.64 17.63
CA ARG EB 42 45.47 26.45 16.88
C ARG EB 42 46.37 26.82 15.71
N GLY EB 43 45.97 27.80 14.92
CA GLY EB 43 46.72 28.14 13.72
C GLY EB 43 47.14 29.58 13.63
N VAL EB 44 48.45 29.83 13.67
CA VAL EB 44 49.01 31.16 13.48
C VAL EB 44 49.45 31.30 12.04
N VAL EB 45 49.08 32.41 11.42
CA VAL EB 45 49.32 32.64 10.00
C VAL EB 45 50.15 33.91 9.85
N ILE EB 46 51.35 33.77 9.31
CA ILE EB 46 52.28 34.87 9.15
C ILE EB 46 52.09 35.51 7.79
N ASP EB 47 52.26 36.82 7.72
CA ASP EB 47 52.08 37.60 6.50
C ASP EB 47 53.42 38.23 6.13
N ILE EB 48 53.99 37.79 5.01
CA ILE EB 48 55.29 38.30 4.58
C ILE EB 48 55.18 38.80 3.15
N THR EB 49 53.97 39.24 2.76
CA THR EB 49 53.80 39.77 1.42
C THR EB 49 54.62 41.03 1.19
N SER EB 50 54.65 41.93 2.18
CA SER EB 50 55.28 43.23 1.99
C SER EB 50 56.79 43.11 1.83
N ILE EB 51 57.43 42.22 2.59
CA ILE EB 51 58.89 42.18 2.64
C ILE EB 51 59.45 41.82 1.28
N ASP EB 52 60.46 42.56 0.83
CA ASP EB 52 61.10 42.33 -0.45
C ASP EB 52 62.61 42.18 -0.36
N PHE EB 53 63.19 42.22 0.85
CA PHE EB 53 64.63 42.01 1.02
C PHE EB 53 64.84 41.09 2.22
N ILE EB 54 65.59 40.01 2.00
CA ILE EB 54 65.85 39.01 3.03
C ILE EB 54 67.32 38.66 3.01
N ASP EB 55 67.94 38.63 4.19
CA ASP EB 55 69.29 38.14 4.38
C ASP EB 55 69.27 36.83 5.16
N SER EB 56 70.45 36.32 5.47
CA SER EB 56 70.54 35.03 6.17
C SER EB 56 69.94 35.11 7.56
N PHE EB 57 70.16 36.23 8.27
CA PHE EB 57 69.68 36.35 9.64
C PHE EB 57 68.16 36.27 9.72
N ILE EB 58 67.48 37.00 8.83
CA ILE EB 58 66.02 36.99 8.86
C ILE EB 58 65.49 35.63 8.47
N ALA EB 59 66.13 34.97 7.51
CA ALA EB 59 65.69 33.63 7.12
C ALA EB 59 65.83 32.65 8.28
N LYS EB 60 66.95 32.73 9.01
CA LYS EB 60 67.13 31.86 10.16
C LYS EB 60 66.09 32.15 11.24
N ILE EB 61 65.81 33.43 11.48
CA ILE EB 61 64.81 33.80 12.48
C ILE EB 61 63.45 33.26 12.09
N LEU EB 62 63.07 33.40 10.82
CA LEU EB 62 61.77 32.91 10.37
C LEU EB 62 61.69 31.40 10.48
N GLY EB 63 62.75 30.68 10.11
CA GLY EB 63 62.75 29.24 10.25
C GLY EB 63 62.60 28.81 11.70
N ASP EB 64 63.32 29.47 12.61
CA ASP EB 64 63.19 29.16 14.02
C ASP EB 64 61.78 29.43 14.52
N VAL EB 65 61.17 30.53 14.08
CA VAL EB 65 59.80 30.84 14.51
C VAL EB 65 58.83 29.79 13.99
N VAL EB 66 58.99 29.36 12.75
CA VAL EB 66 58.10 28.34 12.20
C VAL EB 66 58.23 27.04 12.99
N SER EB 67 59.46 26.62 13.26
CA SER EB 67 59.64 25.40 14.04
C SER EB 67 59.06 25.55 15.44
N MET EB 68 59.21 26.74 16.02
CA MET EB 68 58.73 27.00 17.38
C MET EB 68 57.21 26.89 17.44
N SER EB 69 56.53 27.58 16.54
CA SER EB 69 55.08 27.50 16.50
C SER EB 69 54.61 26.08 16.23
N LYS EB 70 55.28 25.37 15.31
CA LYS EB 70 54.95 23.98 15.08
C LYS EB 70 55.12 23.17 16.36
N LEU EB 71 56.09 23.53 17.20
CA LEU EB 71 56.19 22.93 18.52
C LEU EB 71 55.07 23.35 19.44
N MET EB 72 54.37 24.45 19.14
CA MET EB 72 53.22 24.85 19.94
C MET EB 72 51.88 24.67 19.24
N GLY EB 73 51.82 24.84 17.92
CA GLY EB 73 50.57 24.69 17.20
C GLY EB 73 50.74 24.86 15.70
N ALA EB 74 50.04 24.05 14.91
CA ALA EB 74 50.24 24.02 13.47
C ALA EB 74 50.03 25.41 12.86
N LYS EB 75 50.91 25.77 11.93
CA LYS EB 75 50.92 27.11 11.37
C LYS EB 75 51.00 27.05 9.86
N VAL EB 76 50.68 28.18 9.23
CA VAL EB 76 50.74 28.35 7.79
C VAL EB 76 51.25 29.77 7.51
N VAL EB 77 52.49 29.87 7.04
CA VAL EB 77 53.00 31.17 6.60
C VAL EB 77 52.45 31.45 5.20
N VAL EB 78 51.29 32.12 5.16
CA VAL EB 78 50.45 32.09 3.97
C VAL EB 78 51.14 32.76 2.78
N THR EB 79 51.80 33.88 3.01
CA THR EB 79 52.24 34.70 1.90
C THR EB 79 53.41 34.06 1.18
N GLY EB 80 53.28 33.92 -0.13
CA GLY EB 80 54.40 33.48 -0.92
C GLY EB 80 55.54 34.46 -0.79
N ILE EB 81 56.65 33.99 -0.25
CA ILE EB 81 57.84 34.83 -0.16
C ILE EB 81 58.26 35.21 -1.57
N GLN EB 82 58.54 36.50 -1.76
CA GLN EB 82 58.73 37.03 -3.11
C GLN EB 82 59.91 36.33 -3.80
N PRO EB 83 59.85 36.20 -5.12
CA PRO EB 83 60.79 35.29 -5.81
C PRO EB 83 62.25 35.52 -5.51
N ALA EB 84 62.70 36.78 -5.48
CA ALA EB 84 64.09 37.05 -5.14
C ALA EB 84 64.40 36.59 -3.71
N VAL EB 85 63.59 37.05 -2.76
CA VAL EB 85 63.78 36.61 -1.39
C VAL EB 85 63.35 35.17 -1.20
N ALA EB 86 62.51 34.62 -2.09
CA ALA EB 86 62.23 33.19 -2.04
C ALA EB 86 63.47 32.36 -2.30
N ILE EB 87 64.19 32.68 -3.39
CA ILE EB 87 65.41 31.92 -3.68
C ILE EB 87 66.48 32.24 -2.64
N THR EB 88 66.50 33.48 -2.12
CA THR EB 88 67.43 33.80 -1.05
C THR EB 88 67.18 32.94 0.19
N LEU EB 89 65.90 32.71 0.52
CA LEU EB 89 65.57 31.83 1.62
C LEU EB 89 65.97 30.38 1.31
N ILE EB 90 65.72 29.92 0.09
CA ILE EB 90 65.91 28.50 -0.20
C ILE EB 90 67.40 28.14 -0.34
N GLU EB 91 68.25 29.09 -0.73
CA GLU EB 91 69.66 28.75 -0.95
C GLU EB 91 70.34 28.33 0.35
N LEU EB 92 69.98 28.94 1.47
CA LEU EB 92 70.63 28.66 2.74
C LEU EB 92 69.67 28.10 3.79
N GLY EB 93 68.42 28.56 3.81
CA GLY EB 93 67.44 28.01 4.71
C GLY EB 93 66.72 26.83 4.08
N ILE EB 94 67.43 25.71 3.93
CA ILE EB 94 66.89 24.57 3.20
C ILE EB 94 65.96 23.79 4.12
N THR EB 95 64.69 24.20 4.16
CA THR EB 95 63.66 23.55 4.96
C THR EB 95 62.34 23.68 4.20
N PHE EB 96 61.40 22.79 4.54
CA PHE EB 96 60.08 22.89 3.94
C PHE EB 96 59.32 24.11 4.46
N SER EB 97 59.60 24.54 5.69
CA SER EB 97 59.07 25.77 6.26
C SER EB 97 57.55 25.79 6.25
N GLY EB 98 56.96 24.77 6.88
CA GLY EB 98 55.51 24.75 7.05
C GLY EB 98 54.76 24.61 5.73
N VAL EB 99 53.55 25.15 5.73
CA VAL EB 99 52.64 25.09 4.59
C VAL EB 99 52.38 26.51 4.11
N LEU EB 100 52.32 26.71 2.80
CA LEU EB 100 52.13 28.03 2.24
C LEU EB 100 50.94 28.00 1.28
N SER EB 101 50.42 29.19 0.96
CA SER EB 101 49.16 29.27 0.22
C SER EB 101 49.21 30.32 -0.88
N ALA EB 102 50.31 30.35 -1.64
CA ALA EB 102 50.39 31.07 -2.90
C ALA EB 102 49.93 32.53 -2.78
N MET EB 103 50.42 33.19 -1.72
CA MET EB 103 50.24 34.62 -1.53
C MET EB 103 48.79 35.01 -1.24
N ASP EB 104 47.87 34.05 -1.34
CA ASP EB 104 46.46 34.33 -1.16
C ASP EB 104 46.12 34.11 0.31
N LEU EB 105 46.07 35.20 1.07
CA LEU EB 105 45.77 35.07 2.49
C LEU EB 105 44.37 34.48 2.70
N GLU EB 106 43.46 34.72 1.76
CA GLU EB 106 42.19 34.02 1.78
C GLU EB 106 42.40 32.50 1.62
N SER EB 107 43.29 32.11 0.72
CA SER EB 107 43.57 30.68 0.54
C SER EB 107 44.20 30.10 1.80
N GLY EB 108 45.09 30.84 2.45
CA GLY EB 108 45.66 30.35 3.69
C GLY EB 108 44.62 30.19 4.77
N LEU EB 109 43.73 31.17 4.92
CA LEU EB 109 42.67 31.05 5.91
C LEU EB 109 41.75 29.86 5.62
N GLU EB 110 41.40 29.66 4.35
CA GLU EB 110 40.49 28.56 4.03
C GLU EB 110 41.18 27.21 4.22
N LYS EB 111 42.48 27.12 3.91
CA LYS EB 111 43.22 25.90 4.17
C LYS EB 111 43.31 25.63 5.67
N LEU EB 112 43.53 26.67 6.47
CA LEU EB 112 43.57 26.51 7.91
C LEU EB 112 42.22 26.03 8.44
N LYS EB 113 41.14 26.62 7.93
CA LYS EB 113 39.81 26.20 8.36
C LYS EB 113 39.51 24.76 7.96
N GLN EB 114 39.93 24.35 6.76
CA GLN EB 114 39.63 22.99 6.33
C GLN EB 114 40.47 21.97 7.08
N GLU EB 115 41.72 22.31 7.44
CA GLU EB 115 42.51 21.38 8.23
C GLU EB 115 42.09 21.36 9.70
N LEU EB 116 41.47 22.43 10.19
CA LEU EB 116 40.98 22.45 11.56
C LEU EB 116 39.61 21.80 11.70
N GLY EB 117 38.76 21.90 10.67
CA GLY EB 117 37.42 21.34 10.78
C GLY EB 117 37.42 19.84 10.92
N GLU EB 118 38.36 19.16 10.26
CA GLU EB 118 38.46 17.71 10.34
C GLU EB 118 38.88 17.26 11.72
N MET FB 1 53.52 52.16 6.61
CA MET FB 1 54.40 51.78 7.71
C MET FB 1 53.59 51.41 8.95
N GLY FB 2 52.60 52.24 9.28
CA GLY FB 2 51.71 51.98 10.40
C GLY FB 2 50.30 51.60 10.02
N ILE FB 3 50.05 51.24 8.77
CA ILE FB 3 48.70 50.93 8.30
C ILE FB 3 48.70 49.54 7.68
N PRO FB 4 48.59 48.50 8.50
CA PRO FB 4 48.61 47.13 7.97
C PRO FB 4 47.27 46.72 7.38
N ILE FB 5 47.04 47.05 6.11
CA ILE FB 5 45.81 46.67 5.45
C ILE FB 5 45.85 45.17 5.14
N LEU FB 6 44.88 44.43 5.66
CA LEU FB 6 44.76 43.00 5.40
C LEU FB 6 43.44 42.70 4.71
N LYS FB 7 43.49 41.85 3.69
CA LYS FB 7 42.30 41.34 3.02
C LYS FB 7 42.20 39.85 3.30
N LEU FB 8 41.08 39.44 3.87
CA LEU FB 8 40.81 38.03 4.15
C LEU FB 8 39.35 37.73 3.88
N GLY FB 9 39.10 36.63 3.19
CA GLY FB 9 37.74 36.36 2.78
C GLY FB 9 37.22 37.46 1.89
N GLU FB 10 35.92 37.72 1.99
CA GLU FB 10 35.30 38.86 1.31
C GLU FB 10 35.20 40.07 2.23
N CYS FB 11 36.30 40.43 2.87
CA CYS FB 11 36.27 41.49 3.89
C CYS FB 11 37.58 42.27 3.82
N LEU FB 12 37.78 43.14 4.80
CA LEU FB 12 39.02 43.89 4.95
C LEU FB 12 39.23 44.15 6.44
N LEU FB 13 40.46 43.98 6.90
CA LEU FB 13 40.80 44.12 8.30
C LEU FB 13 41.89 45.16 8.48
N ILE FB 14 41.79 45.94 9.55
CA ILE FB 14 42.75 46.98 9.87
C ILE FB 14 43.03 46.94 11.37
N SER FB 15 44.28 47.12 11.74
CA SER FB 15 44.69 47.29 13.13
C SER FB 15 45.45 48.60 13.27
N ILE FB 16 45.12 49.36 14.31
CA ILE FB 16 45.69 50.68 14.54
C ILE FB 16 46.69 50.59 15.69
N GLN FB 17 47.91 51.07 15.46
CA GLN FB 17 48.95 51.02 16.48
C GLN FB 17 49.82 52.28 16.51
N SER FB 18 49.36 53.40 15.94
CA SER FB 18 50.17 54.61 15.89
C SER FB 18 49.83 55.62 16.99
N GLU FB 19 48.53 55.81 17.26
CA GLU FB 19 48.00 56.83 18.17
C GLU FB 19 48.57 58.22 17.97
N LEU FB 20 49.20 58.51 16.84
CA LEU FB 20 49.66 59.88 16.63
C LEU FB 20 48.49 60.73 16.12
N ASP FB 21 48.68 62.05 16.15
CA ASP FB 21 47.56 62.98 16.03
C ASP FB 21 47.23 63.33 14.58
N ASP FB 22 48.17 63.96 13.87
CA ASP FB 22 47.87 64.49 12.54
C ASP FB 22 48.41 63.61 11.41
N HIS FB 23 49.72 63.36 11.41
CA HIS FB 23 50.34 62.67 10.29
C HIS FB 23 49.80 61.27 10.12
N THR FB 24 49.76 60.49 11.20
CA THR FB 24 49.24 59.13 11.10
C THR FB 24 47.76 59.14 10.75
N ALA FB 25 47.01 60.10 11.29
CA ALA FB 25 45.59 60.19 10.96
C ALA FB 25 45.38 60.38 9.46
N VAL FB 26 46.08 61.36 8.87
CA VAL FB 26 45.86 61.64 7.45
C VAL FB 26 46.40 60.52 6.58
N GLU FB 27 47.55 59.94 6.94
CA GLU FB 27 48.08 58.87 6.10
C GLU FB 27 47.19 57.64 6.17
N PHE FB 28 46.64 57.34 7.35
CA PHE FB 28 45.67 56.25 7.47
C PHE FB 28 44.42 56.53 6.66
N GLN FB 29 43.91 57.77 6.72
CA GLN FB 29 42.76 58.13 5.89
C GLN FB 29 43.05 57.82 4.42
N GLU FB 30 44.18 58.32 3.91
CA GLU FB 30 44.46 58.18 2.48
C GLU FB 30 44.73 56.73 2.11
N ASP FB 31 45.45 56.00 2.97
CA ASP FB 31 45.73 54.60 2.65
C ASP FB 31 44.46 53.77 2.66
N LEU FB 32 43.58 53.98 3.65
CA LEU FB 32 42.34 53.22 3.69
C LEU FB 32 41.47 53.52 2.49
N LEU FB 33 41.35 54.79 2.12
CA LEU FB 33 40.55 55.13 0.95
C LEU FB 33 41.14 54.50 -0.31
N ALA FB 34 42.46 54.59 -0.48
CA ALA FB 34 43.07 54.02 -1.67
C ALA FB 34 42.89 52.51 -1.71
N LYS FB 35 43.00 51.83 -0.57
CA LYS FB 35 42.84 50.38 -0.55
C LYS FB 35 41.40 49.98 -0.87
N ILE FB 36 40.43 50.67 -0.25
CA ILE FB 36 39.04 50.30 -0.47
C ILE FB 36 38.62 50.64 -1.90
N HIS FB 37 39.24 51.65 -2.52
CA HIS FB 37 38.96 51.92 -3.93
C HIS FB 37 39.64 50.89 -4.82
N GLU FB 38 40.83 50.43 -4.44
CA GLU FB 38 41.56 49.45 -5.23
C GLU FB 38 40.85 48.10 -5.21
N THR FB 39 40.73 47.50 -4.03
CA THR FB 39 40.05 46.22 -3.87
C THR FB 39 38.64 46.48 -3.37
N SER FB 40 37.68 45.77 -3.96
CA SER FB 40 36.26 45.97 -3.63
C SER FB 40 35.86 44.92 -2.60
N ALA FB 41 35.81 45.33 -1.34
CA ALA FB 41 35.36 44.48 -0.25
C ALA FB 41 34.14 45.13 0.39
N ARG FB 42 33.06 44.37 0.54
CA ARG FB 42 31.82 44.93 1.07
C ARG FB 42 31.98 45.38 2.52
N GLY FB 43 32.70 44.62 3.32
CA GLY FB 43 32.88 44.99 4.71
C GLY FB 43 34.31 45.28 5.09
N VAL FB 44 34.53 46.40 5.78
CA VAL FB 44 35.84 46.78 6.28
C VAL FB 44 35.76 46.86 7.80
N VAL FB 45 36.82 46.40 8.47
CA VAL FB 45 36.84 46.28 9.92
C VAL FB 45 38.03 47.05 10.45
N ILE FB 46 37.81 47.83 11.51
CA ILE FB 46 38.82 48.72 12.06
C ILE FB 46 39.03 48.36 13.53
N ASP FB 47 40.30 48.41 13.95
CA ASP FB 47 40.68 48.08 15.33
C ASP FB 47 41.15 49.33 16.06
N ILE FB 48 40.68 49.51 17.29
CA ILE FB 48 41.07 50.67 18.10
C ILE FB 48 41.55 50.16 19.46
N THR FB 49 41.98 48.90 19.53
CA THR FB 49 42.38 48.33 20.81
C THR FB 49 43.60 49.04 21.39
N SER FB 50 44.61 49.29 20.57
CA SER FB 50 45.87 49.82 21.09
C SER FB 50 45.70 51.22 21.66
N ILE FB 51 44.72 51.98 21.18
CA ILE FB 51 44.58 53.38 21.55
C ILE FB 51 43.87 53.48 22.90
N ASP FB 52 44.33 54.42 23.73
CA ASP FB 52 43.67 54.76 24.98
C ASP FB 52 43.52 56.27 25.19
N PHE FB 53 43.88 57.09 24.20
CA PHE FB 53 43.76 58.54 24.34
C PHE FB 53 43.56 59.13 22.96
N ILE FB 54 42.46 59.86 22.79
CA ILE FB 54 42.10 60.47 21.51
C ILE FB 54 41.57 61.87 21.75
N ASP FB 55 42.07 62.83 20.98
CA ASP FB 55 41.59 64.21 21.04
C ASP FB 55 40.48 64.42 20.01
N SER FB 56 40.11 65.69 19.79
CA SER FB 56 39.02 65.98 18.86
C SER FB 56 39.39 65.61 17.43
N PHE FB 57 40.64 65.86 17.02
CA PHE FB 57 41.02 65.68 15.63
C PHE FB 57 40.87 64.22 15.20
N ILE FB 58 41.35 63.28 16.02
CA ILE FB 58 41.27 61.88 15.65
C ILE FB 58 39.83 61.40 15.66
N ALA FB 59 39.03 61.87 16.61
CA ALA FB 59 37.63 61.47 16.65
C ALA FB 59 36.89 61.93 15.41
N LYS FB 60 37.12 63.18 15.01
CA LYS FB 60 36.50 63.69 13.79
C LYS FB 60 36.98 62.92 12.56
N ILE FB 61 38.28 62.60 12.52
CA ILE FB 61 38.82 61.87 11.38
C ILE FB 61 38.25 60.46 11.34
N LEU FB 62 38.03 59.84 12.50
CA LEU FB 62 37.48 58.50 12.52
C LEU FB 62 36.02 58.49 12.08
N GLY FB 63 35.23 59.45 12.56
CA GLY FB 63 33.88 59.58 12.02
C GLY FB 63 33.87 59.85 10.53
N ASP FB 64 34.85 60.63 10.06
CA ASP FB 64 35.00 60.88 8.64
C ASP FB 64 35.30 59.59 7.89
N VAL FB 65 36.15 58.73 8.45
CA VAL FB 65 36.43 57.43 7.86
C VAL FB 65 35.17 56.58 7.80
N VAL FB 66 34.37 56.61 8.88
CA VAL FB 66 33.13 55.86 8.90
C VAL FB 66 32.25 56.27 7.73
N SER FB 67 32.03 57.58 7.58
CA SER FB 67 31.25 58.05 6.44
C SER FB 67 31.91 57.70 5.12
N MET FB 68 33.23 57.86 5.06
CA MET FB 68 34.02 57.59 3.86
C MET FB 68 33.82 56.21 3.28
N SER FB 69 34.10 55.18 4.06
CA SER FB 69 33.96 53.83 3.55
C SER FB 69 32.57 53.28 3.73
N LYS FB 70 31.66 54.02 4.40
CA LYS FB 70 30.26 53.66 4.33
C LYS FB 70 29.67 54.07 3.00
N LEU FB 71 30.22 55.11 2.37
CA LEU FB 71 29.81 55.44 1.02
C LEU FB 71 30.22 54.41 -0.02
N MET FB 72 30.85 53.29 0.38
CA MET FB 72 31.13 52.22 -0.57
C MET FB 72 30.94 50.82 0.01
N GLY FB 73 30.45 50.69 1.24
CA GLY FB 73 30.23 49.38 1.81
C GLY FB 73 30.05 49.45 3.32
N ALA FB 74 29.36 48.44 3.85
CA ALA FB 74 29.12 48.40 5.29
C ALA FB 74 30.43 48.18 6.04
N LYS FB 75 30.41 48.46 7.33
CA LYS FB 75 31.62 48.33 8.14
C LYS FB 75 31.23 48.10 9.60
N VAL FB 76 32.23 47.70 10.38
CA VAL FB 76 32.09 47.58 11.83
C VAL FB 76 33.37 48.12 12.47
N VAL FB 77 33.21 48.93 13.51
CA VAL FB 77 34.33 49.33 14.35
C VAL FB 77 34.40 48.28 15.45
N VAL FB 78 35.09 47.18 15.15
CA VAL FB 78 34.93 45.96 15.95
C VAL FB 78 35.42 46.16 17.36
N THR FB 79 36.56 46.80 17.54
CA THR FB 79 37.19 46.87 18.85
C THR FB 79 36.47 47.90 19.72
N GLY FB 80 36.16 47.50 20.93
CA GLY FB 80 35.48 48.38 21.85
C GLY FB 80 36.29 49.63 22.11
N ILE FB 81 35.77 50.76 21.65
CA ILE FB 81 36.38 52.05 21.95
C ILE FB 81 36.46 52.18 23.47
N GLN FB 82 37.69 52.31 23.98
CA GLN FB 82 37.94 52.28 25.41
C GLN FB 82 37.15 53.36 26.13
N PRO FB 83 36.86 53.16 27.42
CA PRO FB 83 35.97 54.10 28.13
C PRO FB 83 36.35 55.56 27.98
N ALA FB 84 37.62 55.91 28.15
CA ALA FB 84 38.03 57.31 28.02
C ALA FB 84 37.81 57.80 26.59
N VAL FB 85 38.32 57.05 25.61
CA VAL FB 85 38.16 57.45 24.23
C VAL FB 85 36.70 57.33 23.78
N ALA FB 86 35.94 56.38 24.33
CA ALA FB 86 34.52 56.34 24.02
C ALA FB 86 33.80 57.59 24.51
N ILE FB 87 34.10 58.02 25.73
CA ILE FB 87 33.47 59.23 26.27
C ILE FB 87 33.86 60.44 25.43
N THR FB 88 35.14 60.54 25.07
CA THR FB 88 35.58 61.67 24.24
C THR FB 88 34.89 61.65 22.88
N LEU FB 89 34.71 60.45 22.30
CA LEU FB 89 34.03 60.35 21.01
C LEU FB 89 32.58 60.79 21.12
N ILE FB 90 31.91 60.43 22.22
CA ILE FB 90 30.52 60.84 22.39
C ILE FB 90 30.42 62.35 22.54
N GLU FB 91 31.23 62.94 23.42
CA GLU FB 91 31.10 64.35 23.71
C GLU FB 91 31.50 65.23 22.53
N LEU FB 92 32.29 64.71 21.60
CA LEU FB 92 32.75 65.49 20.45
C LEU FB 92 32.24 64.94 19.14
N GLY FB 93 32.50 63.66 18.85
CA GLY FB 93 32.04 63.06 17.60
C GLY FB 93 30.67 62.44 17.74
N ILE FB 94 29.64 63.28 17.81
CA ILE FB 94 28.28 62.81 18.10
C ILE FB 94 27.72 62.08 16.88
N THR FB 95 27.76 60.76 16.93
CA THR FB 95 27.22 59.91 15.87
C THR FB 95 27.15 58.48 16.38
N PHE FB 96 26.42 57.64 15.65
CA PHE FB 96 26.32 56.22 15.99
C PHE FB 96 27.51 55.42 15.48
N SER FB 97 28.32 55.99 14.58
CA SER FB 97 29.59 55.38 14.16
C SER FB 97 29.39 53.99 13.54
N GLY FB 98 28.33 53.84 12.76
CA GLY FB 98 28.14 52.58 12.06
C GLY FB 98 27.78 51.43 12.98
N VAL FB 99 28.00 50.22 12.46
CA VAL FB 99 27.81 49.00 13.23
C VAL FB 99 29.05 48.75 14.08
N LEU FB 100 28.86 48.15 15.26
CA LEU FB 100 29.93 47.95 16.22
C LEU FB 100 29.92 46.53 16.74
N SER FB 101 31.06 46.09 17.29
CA SER FB 101 31.18 44.71 17.74
C SER FB 101 31.83 44.49 19.10
N ALA FB 102 32.33 45.54 19.77
CA ALA FB 102 32.65 45.50 21.20
C ALA FB 102 33.73 44.46 21.53
N MET FB 103 34.94 44.73 21.03
CA MET FB 103 36.21 44.18 21.47
C MET FB 103 36.48 42.75 21.04
N ASP FB 104 35.54 42.05 20.43
CA ASP FB 104 35.78 40.67 20.00
C ASP FB 104 35.86 40.68 18.48
N LEU FB 105 37.09 40.64 17.95
CA LEU FB 105 37.25 40.73 16.51
C LEU FB 105 36.68 39.47 15.83
N GLU FB 106 36.67 38.34 16.54
CA GLU FB 106 35.95 37.18 16.03
C GLU FB 106 34.46 37.47 15.93
N SER FB 107 33.90 38.16 16.93
CA SER FB 107 32.49 38.51 16.88
C SER FB 107 32.19 39.47 15.74
N GLY FB 108 33.06 40.47 15.53
CA GLY FB 108 32.86 41.38 14.42
C GLY FB 108 32.95 40.69 13.08
N LEU FB 109 33.95 39.81 12.92
CA LEU FB 109 34.09 39.07 11.67
C LEU FB 109 32.87 38.19 11.43
N GLU FB 110 32.38 37.53 12.48
CA GLU FB 110 31.19 36.68 12.34
C GLU FB 110 29.97 37.51 11.97
N LYS FB 111 29.80 38.67 12.61
CA LYS FB 111 28.67 39.53 12.28
C LYS FB 111 28.72 40.00 10.83
N LEU FB 112 29.91 40.42 10.38
CA LEU FB 112 30.03 40.88 9.00
C LEU FB 112 29.81 39.72 8.02
N LYS FB 113 30.30 38.53 8.38
CA LYS FB 113 30.08 37.35 7.53
C LYS FB 113 28.60 37.04 7.39
N GLN FB 114 27.87 37.07 8.51
CA GLN FB 114 26.45 36.74 8.43
C GLN FB 114 25.65 37.85 7.77
N GLU FB 115 26.12 39.10 7.87
CA GLU FB 115 25.45 40.18 7.16
C GLU FB 115 25.67 40.09 5.66
N LEU FB 116 26.86 39.67 5.24
CA LEU FB 116 27.14 39.52 3.81
C LEU FB 116 26.51 38.26 3.23
N GLY FB 117 26.42 37.18 4.01
CA GLY FB 117 25.84 35.95 3.51
C GLY FB 117 24.38 36.08 3.16
N GLU FB 118 23.64 36.88 3.93
CA GLU FB 118 22.22 37.11 3.67
C GLU FB 118 22.02 38.22 2.66
N MET GB 1 61.30 106.65 -24.55
CA MET GB 1 60.75 108.01 -24.48
C MET GB 1 59.22 107.96 -24.42
N TYR GB 2 58.69 107.71 -23.22
CA TYR GB 2 57.26 107.67 -23.01
C TYR GB 2 56.76 108.76 -22.07
N LYS GB 3 57.63 109.66 -21.60
CA LYS GB 3 57.19 110.74 -20.72
C LYS GB 3 56.34 111.74 -21.47
N ASP GB 4 56.89 112.31 -22.55
CA ASP GB 4 56.10 113.22 -23.37
C ASP GB 4 54.94 112.50 -24.05
N PHE GB 5 55.11 111.21 -24.34
CA PHE GB 5 54.00 110.41 -24.85
C PHE GB 5 52.85 110.38 -23.85
N ALA GB 6 53.15 110.16 -22.58
CA ALA GB 6 52.12 110.17 -21.55
C ALA GB 6 51.49 111.56 -21.41
N ASN GB 7 52.33 112.60 -21.50
CA ASN GB 7 51.82 113.97 -21.42
C ASN GB 7 50.83 114.25 -22.56
N PHE GB 8 51.15 113.78 -23.77
CA PHE GB 8 50.26 114.00 -24.91
C PHE GB 8 49.01 113.13 -24.82
N ILE GB 9 49.13 111.92 -24.30
CA ILE GB 9 47.97 111.06 -24.13
C ILE GB 9 47.02 111.65 -23.09
N ARG GB 10 47.55 112.31 -22.07
CA ARG GB 10 46.71 112.95 -21.05
C ARG GB 10 45.77 113.98 -21.65
N THR GB 11 46.10 114.54 -22.82
CA THR GB 11 45.21 115.42 -23.54
C THR GB 11 44.44 114.73 -24.65
N ASN GB 12 45.04 113.73 -25.30
CA ASN GB 12 44.38 113.00 -26.37
C ASN GB 12 43.31 112.03 -25.86
N LYS GB 13 43.22 111.82 -24.55
CA LYS GB 13 42.15 110.99 -24.00
C LYS GB 13 40.78 111.57 -24.33
N LYS GB 14 40.65 112.90 -24.28
CA LYS GB 14 39.38 113.53 -24.63
C LYS GB 14 39.04 113.31 -26.11
N ASP GB 15 40.05 113.36 -26.99
CA ASP GB 15 39.81 113.08 -28.39
C ASP GB 15 39.40 111.63 -28.60
N LEU GB 16 40.01 110.71 -27.85
CA LEU GB 16 39.62 109.30 -27.94
C LEU GB 16 38.18 109.11 -27.47
N LEU GB 17 37.78 109.81 -26.41
CA LEU GB 17 36.40 109.72 -25.96
C LEU GB 17 35.44 110.32 -27.00
N ASN GB 18 35.84 111.43 -27.61
CA ASN GB 18 35.05 112.00 -28.71
C ASN GB 18 34.86 110.97 -29.81
N ASN GB 19 35.93 110.27 -30.17
CA ASN GB 19 35.83 109.15 -31.10
C ASN GB 19 34.83 108.12 -30.60
N TRP GB 20 34.84 107.85 -29.30
CA TRP GB 20 33.99 106.80 -28.75
C TRP GB 20 32.50 107.13 -28.91
N MET GB 21 32.09 108.35 -28.54
CA MET GB 21 30.66 108.58 -28.81
C MET GB 21 30.40 108.99 -30.26
N ASN GB 22 31.44 109.17 -31.07
CA ASN GB 22 31.23 109.21 -32.51
C ASN GB 22 30.90 107.82 -33.05
N GLU GB 23 31.46 106.78 -32.45
CA GLU GB 23 31.36 105.43 -32.99
C GLU GB 23 30.16 104.65 -32.49
N MET GB 24 29.54 105.03 -31.37
CA MET GB 24 28.42 104.25 -30.88
C MET GB 24 27.13 104.50 -31.66
N GLU GB 25 27.07 105.56 -32.47
CA GLU GB 25 25.86 105.85 -33.22
C GLU GB 25 25.70 104.92 -34.43
N LYS GB 26 26.80 104.48 -35.04
CA LYS GB 26 26.70 103.78 -36.31
C LYS GB 26 26.05 102.41 -36.16
N GLN GB 27 26.37 101.67 -35.10
CA GLN GB 27 25.91 100.30 -34.96
C GLN GB 27 25.40 100.04 -33.55
N SER GB 28 24.15 99.61 -33.44
CA SER GB 28 23.53 99.14 -32.20
C SER GB 28 23.75 100.12 -31.05
N ASP GB 29 23.34 101.36 -31.27
CA ASP GB 29 23.55 102.40 -30.26
C ASP GB 29 22.86 102.08 -28.93
N PRO GB 30 21.56 101.74 -28.88
CA PRO GB 30 20.97 101.44 -27.57
C PRO GB 30 21.59 100.24 -26.87
N LEU GB 31 21.90 99.17 -27.63
CA LEU GB 31 22.51 97.99 -27.01
C LEU GB 31 23.90 98.30 -26.47
N ILE GB 32 24.71 99.02 -27.25
CA ILE GB 32 26.05 99.38 -26.81
C ILE GB 32 25.97 100.27 -25.57
N ASN GB 33 25.05 101.23 -25.56
CA ASN GB 33 24.91 102.11 -24.40
C ASN GB 33 24.45 101.33 -23.17
N ASP GB 34 23.57 100.35 -23.36
CA ASP GB 34 23.03 99.62 -22.22
C ASP GB 34 24.05 98.65 -21.64
N ILE GB 35 24.79 97.93 -22.49
CA ILE GB 35 25.73 96.94 -21.98
C ILE GB 35 26.88 97.62 -21.22
N ALA GB 36 27.30 98.80 -21.67
CA ALA GB 36 28.34 99.56 -20.98
C ALA GB 36 27.97 101.03 -21.02
N LYS GB 37 27.77 101.62 -19.86
CA LYS GB 37 27.40 103.02 -19.78
C LYS GB 37 28.57 103.91 -20.21
N GLU GB 38 28.26 105.15 -20.56
CA GLU GB 38 29.29 106.07 -21.05
C GLU GB 38 30.39 106.33 -20.03
N PRO GB 39 30.11 106.66 -18.76
CA PRO GB 39 31.22 106.92 -17.82
C PRO GB 39 32.13 105.73 -17.61
N MET GB 40 31.57 104.54 -17.40
CA MET GB 40 32.39 103.35 -17.17
C MET GB 40 33.24 103.04 -18.39
N TYR GB 41 32.63 103.09 -19.58
CA TYR GB 41 33.38 102.81 -20.80
C TYR GB 41 34.49 103.83 -21.00
N GLU GB 42 34.19 105.11 -20.76
CA GLU GB 42 35.19 106.16 -20.92
C GLU GB 42 36.36 105.97 -19.96
N GLU GB 43 36.05 105.70 -18.69
CA GLU GB 43 37.14 105.54 -17.72
C GLU GB 43 37.96 104.31 -18.01
N THR GB 44 37.32 103.20 -18.41
CA THR GB 44 38.08 102.01 -18.77
C THR GB 44 38.97 102.27 -19.98
N SER GB 45 38.44 102.97 -20.99
CA SER GB 45 39.23 103.25 -22.18
C SER GB 45 40.42 104.15 -21.87
N ILE GB 46 40.20 105.21 -21.09
CA ILE GB 46 41.30 106.12 -20.79
C ILE GB 46 42.35 105.44 -19.91
N GLU GB 47 41.91 104.60 -18.97
CA GLU GB 47 42.87 103.85 -18.17
C GLU GB 47 43.68 102.90 -19.03
N PHE GB 48 43.02 102.21 -19.96
CA PHE GB 48 43.75 101.28 -20.84
C PHE GB 48 44.75 102.03 -21.71
N VAL GB 49 44.38 103.21 -22.21
CA VAL GB 49 45.27 103.91 -23.13
C VAL GB 49 46.35 104.71 -22.42
N ASP GB 50 46.22 105.00 -21.11
CA ASP GB 50 47.27 105.72 -20.41
C ASP GB 50 48.08 104.84 -19.46
N LEU GB 51 47.70 103.58 -19.26
CA LEU GB 51 48.58 102.69 -18.51
C LEU GB 51 49.74 102.18 -19.36
N ILE GB 52 49.55 102.04 -20.68
CA ILE GB 52 50.64 101.65 -21.55
C ILE GB 52 51.70 102.75 -21.60
N VAL GB 53 51.27 104.02 -21.54
CA VAL GB 53 52.20 105.14 -21.71
C VAL GB 53 52.94 105.48 -20.44
N SER GB 54 52.64 104.82 -19.32
CA SER GB 54 53.30 105.07 -18.05
C SER GB 54 54.45 104.12 -17.79
N ASN GB 55 54.72 103.19 -18.70
CA ASN GB 55 55.83 102.25 -18.56
C ASN GB 55 57.08 102.81 -19.23
N ILE GB 56 58.23 102.30 -18.81
CA ILE GB 56 59.52 102.87 -19.26
C ILE GB 56 59.90 102.12 -20.54
N THR GB 57 59.28 102.53 -21.64
CA THR GB 57 59.77 102.31 -23.00
C THR GB 57 59.73 100.84 -23.41
N GLU GB 58 59.44 99.92 -22.48
CA GLU GB 58 59.48 98.50 -22.81
C GLU GB 58 58.12 97.82 -22.66
N ASN GB 59 57.54 97.82 -21.47
CA ASN GB 59 56.31 97.08 -21.19
C ASN GB 59 55.93 97.30 -19.74
N GLY GB 60 54.77 96.78 -19.37
CA GLY GB 60 54.33 96.76 -17.98
C GLY GB 60 53.62 95.48 -17.61
N SER GB 61 54.14 94.77 -16.60
CA SER GB 61 53.49 93.54 -16.16
C SER GB 61 52.10 93.82 -15.59
N LYS GB 62 51.97 94.88 -14.80
CA LYS GB 62 50.65 95.30 -14.34
C LYS GB 62 49.79 95.70 -15.52
N PHE GB 63 50.36 96.42 -16.50
CA PHE GB 63 49.62 96.70 -17.71
C PHE GB 63 49.32 95.45 -18.51
N ASN GB 64 50.19 94.44 -18.44
CA ASN GB 64 49.90 93.18 -19.11
C ASN GB 64 48.66 92.52 -18.52
N GLU GB 65 48.58 92.47 -17.18
CA GLU GB 65 47.40 91.92 -16.53
C GLU GB 65 46.17 92.74 -16.83
N LYS GB 66 46.30 94.07 -16.82
CA LYS GB 66 45.16 94.94 -17.10
C LYS GB 66 44.69 94.78 -18.54
N LEU GB 67 45.62 94.59 -19.49
CA LEU GB 67 45.24 94.38 -20.88
C LEU GB 67 44.54 93.04 -21.05
N ASP GB 68 45.01 92.00 -20.35
CA ASP GB 68 44.32 90.72 -20.39
C ASP GB 68 42.90 90.85 -19.83
N ASP GB 69 42.76 91.58 -18.72
CA ASP GB 69 41.43 91.82 -18.15
C ASP GB 69 40.55 92.59 -19.12
N PHE GB 70 41.11 93.60 -19.79
CA PHE GB 70 40.35 94.37 -20.77
C PHE GB 70 39.90 93.50 -21.93
N ALA GB 71 40.79 92.63 -22.41
CA ALA GB 71 40.45 91.74 -23.52
C ALA GB 71 39.33 90.79 -23.12
N GLU GB 72 39.44 90.16 -21.95
CA GLU GB 72 38.40 89.23 -21.55
C GLU GB 72 37.08 89.95 -21.28
N LYS GB 73 37.15 91.17 -20.74
CA LYS GB 73 35.93 91.95 -20.49
C LYS GB 73 35.24 92.33 -21.80
N VAL GB 74 36.00 92.75 -22.81
CA VAL GB 74 35.36 93.11 -24.07
C VAL GB 74 34.89 91.87 -24.82
N VAL GB 75 35.54 90.72 -24.58
CA VAL GB 75 35.04 89.47 -25.18
C VAL GB 75 33.70 89.08 -24.56
N HIS GB 76 33.60 89.13 -23.23
CA HIS GB 76 32.38 88.71 -22.57
C HIS GB 76 31.25 89.73 -22.74
N LEU GB 77 31.59 91.02 -22.82
CA LEU GB 77 30.58 92.07 -22.83
C LEU GB 77 29.88 92.21 -24.18
N GLY GB 78 30.45 91.68 -25.25
CA GLY GB 78 29.80 91.74 -26.55
C GLY GB 78 30.57 92.55 -27.58
N TRP GB 79 31.90 92.53 -27.50
CA TRP GB 79 32.77 93.25 -28.43
C TRP GB 79 33.74 92.26 -29.05
N PRO GB 80 33.36 91.57 -30.12
CA PRO GB 80 34.27 90.61 -30.75
C PRO GB 80 35.38 91.29 -31.53
N ILE GB 81 36.16 90.50 -32.27
CA ILE GB 81 37.32 91.04 -32.99
C ILE GB 81 36.88 92.07 -34.02
N HIS GB 82 35.68 91.91 -34.59
CA HIS GB 82 35.19 92.90 -35.54
C HIS GB 82 35.00 94.26 -34.87
N PHE GB 83 34.41 94.27 -33.68
CA PHE GB 83 34.22 95.53 -32.96
C PHE GB 83 35.55 96.14 -32.56
N VAL GB 84 36.51 95.31 -32.14
CA VAL GB 84 37.83 95.83 -31.76
C VAL GB 84 38.54 96.43 -32.97
N THR GB 85 38.36 95.81 -34.15
CA THR GB 85 38.99 96.34 -35.35
C THR GB 85 38.34 97.64 -35.79
N THR GB 86 37.00 97.74 -35.68
CA THR GB 86 36.34 99.00 -35.95
C THR GB 86 36.82 100.08 -34.97
N GLY GB 87 37.01 99.69 -33.71
CA GLY GB 87 37.57 100.62 -32.74
C GLY GB 87 38.96 101.08 -33.12
N LEU GB 88 39.79 100.18 -33.62
CA LEU GB 88 41.12 100.56 -34.08
C LEU GB 88 41.03 101.54 -35.25
N ARG GB 89 40.14 101.27 -36.20
CA ARG GB 89 40.02 102.14 -37.36
C ARG GB 89 39.58 103.55 -36.96
N VAL GB 90 38.57 103.63 -36.07
CA VAL GB 90 38.11 104.95 -35.65
C VAL GB 90 39.14 105.63 -34.74
N PHE GB 91 39.90 104.84 -33.96
CA PHE GB 91 41.04 105.39 -33.24
C PHE GB 91 42.00 106.07 -34.18
N GLY GB 92 42.37 105.39 -35.27
CA GLY GB 92 43.26 105.99 -36.24
C GLY GB 92 42.68 107.24 -36.85
N LEU GB 93 41.38 107.21 -37.20
CA LEU GB 93 40.73 108.38 -37.78
C LEU GB 93 40.84 109.59 -36.86
N LEU GB 94 40.45 109.41 -35.59
CA LEU GB 94 40.44 110.56 -34.68
C LEU GB 94 41.84 110.97 -34.26
N VAL GB 95 42.79 110.03 -34.19
CA VAL GB 95 44.17 110.41 -33.97
C VAL GB 95 44.66 111.28 -35.11
N TYR GB 96 44.32 110.93 -36.35
CA TYR GB 96 44.70 111.77 -37.48
C TYR GB 96 44.06 113.15 -37.39
N THR GB 97 42.78 113.21 -37.03
CA THR GB 97 42.10 114.51 -36.95
C THR GB 97 42.72 115.39 -35.89
N ALA GB 98 42.87 114.88 -34.67
CA ALA GB 98 43.50 115.65 -33.60
C ALA GB 98 44.95 115.97 -33.92
N MET GB 99 45.61 115.10 -34.67
CA MET GB 99 47.00 115.32 -35.06
C MET GB 99 47.10 116.49 -36.03
N ARG GB 100 46.14 116.59 -36.94
CA ARG GB 100 46.00 117.77 -37.77
C ARG GB 100 45.72 119.01 -36.93
N ASP GB 101 44.89 118.85 -35.90
CA ASP GB 101 44.47 120.00 -35.09
C ASP GB 101 45.56 120.44 -34.12
N GLU GB 102 46.02 119.52 -33.28
CA GLU GB 102 46.97 119.88 -32.22
C GLU GB 102 48.32 120.31 -32.81
N ASP GB 103 48.88 119.49 -33.70
CA ASP GB 103 50.16 119.78 -34.36
C ASP GB 103 51.27 120.04 -33.35
N LEU GB 104 51.36 119.15 -32.36
CA LEU GB 104 52.40 119.23 -31.32
C LEU GB 104 52.87 117.80 -31.05
N PHE GB 105 54.06 117.45 -31.54
CA PHE GB 105 54.49 116.06 -31.53
C PHE GB 105 55.37 115.79 -30.32
N LEU GB 106 56.00 114.61 -30.30
CA LEU GB 106 56.98 114.29 -29.26
C LEU GB 106 58.18 115.23 -29.32
N LYS GB 107 58.92 115.16 -30.42
CA LYS GB 107 60.21 115.85 -30.51
C LYS GB 107 60.04 117.36 -30.47
N ARG GB 108 60.90 118.01 -29.71
CA ARG GB 108 60.87 119.47 -29.58
C ARG GB 108 61.55 120.09 -30.79
N GLU GB 109 60.77 120.78 -31.62
CA GLU GB 109 61.30 121.40 -32.82
C GLU GB 109 60.40 122.58 -33.20
N GLU GB 110 60.95 123.48 -34.03
CA GLU GB 110 60.18 124.64 -34.47
C GLU GB 110 58.96 124.21 -35.27
N LYS GB 111 59.12 123.24 -36.17
CA LYS GB 111 57.99 122.69 -36.92
C LYS GB 111 58.00 121.17 -36.76
N PRO GB 112 56.88 120.59 -36.33
CA PRO GB 112 56.84 119.13 -36.14
C PRO GB 112 57.00 118.38 -37.45
N GLU GB 113 57.63 117.20 -37.37
CA GLU GB 113 57.89 116.36 -38.53
C GLU GB 113 57.25 114.99 -38.36
N ASP GB 114 57.10 114.29 -39.49
CA ASP GB 114 56.33 113.06 -39.56
C ASP GB 114 56.93 111.92 -38.75
N ASP GB 115 58.17 112.05 -38.29
CA ASP GB 115 58.81 110.97 -37.54
C ASP GB 115 58.03 110.63 -36.27
N ALA GB 116 57.70 111.66 -35.48
CA ALA GB 116 56.99 111.41 -34.23
C ALA GB 116 55.58 110.87 -34.47
N TYR GB 117 54.90 111.40 -35.49
CA TYR GB 117 53.58 110.88 -35.82
C TYR GB 117 53.65 109.41 -36.22
N TYR GB 118 54.67 109.03 -36.98
CA TYR GB 118 54.73 107.63 -37.39
C TYR GB 118 55.18 106.74 -36.24
N ARG GB 119 55.97 107.25 -35.30
CA ARG GB 119 56.23 106.49 -34.09
C ARG GB 119 54.96 106.30 -33.28
N PHE GB 120 54.10 107.32 -33.24
CA PHE GB 120 52.77 107.18 -32.66
C PHE GB 120 52.02 106.02 -33.31
N GLU GB 121 51.99 106.01 -34.64
CA GLU GB 121 51.26 104.98 -35.37
C GLU GB 121 51.83 103.59 -35.10
N THR GB 122 53.16 103.46 -35.11
CA THR GB 122 53.79 102.17 -34.86
C THR GB 122 53.50 101.66 -33.44
N TRP GB 123 53.55 102.55 -32.45
CA TRP GB 123 53.26 102.12 -31.09
C TRP GB 123 51.78 101.77 -30.91
N LEU GB 124 50.88 102.48 -31.62
CA LEU GB 124 49.48 102.08 -31.62
C LEU GB 124 49.30 100.70 -32.25
N SER GB 125 50.03 100.42 -33.33
CA SER GB 125 49.99 99.09 -33.93
C SER GB 125 50.51 98.04 -32.96
N SER GB 126 51.56 98.36 -32.21
CA SER GB 126 52.09 97.42 -31.24
C SER GB 126 51.09 97.12 -30.11
N MET GB 127 50.42 98.16 -29.60
CA MET GB 127 49.44 97.92 -28.55
C MET GB 127 48.24 97.14 -29.09
N TYR GB 128 47.85 97.40 -30.34
CA TYR GB 128 46.80 96.57 -30.94
C TYR GB 128 47.26 95.13 -31.10
N ASN GB 129 48.55 94.92 -31.42
CA ASN GB 129 49.09 93.58 -31.50
C ASN GB 129 48.99 92.87 -30.16
N LYS GB 130 49.34 93.57 -29.08
CA LYS GB 130 49.22 92.97 -27.75
C LYS GB 130 47.77 92.65 -27.42
N VAL GB 131 46.84 93.57 -27.78
CA VAL GB 131 45.43 93.35 -27.49
C VAL GB 131 44.92 92.11 -28.22
N VAL GB 132 45.22 92.00 -29.52
CA VAL GB 132 44.74 90.84 -30.27
C VAL GB 132 45.43 89.57 -29.83
N THR GB 133 46.68 89.67 -29.35
CA THR GB 133 47.35 88.49 -28.80
C THR GB 133 46.65 87.99 -27.55
N ALA GB 134 46.28 88.90 -26.65
CA ALA GB 134 45.55 88.51 -25.45
C ALA GB 134 44.11 88.11 -25.75
N TYR GB 135 43.59 88.52 -26.91
CA TYR GB 135 42.20 88.22 -27.26
C TYR GB 135 41.96 86.71 -27.38
N ALA GB 136 42.88 85.99 -28.02
CA ALA GB 136 42.62 84.63 -28.46
C ALA GB 136 43.23 83.55 -27.57
N ASP GB 137 44.06 83.91 -26.58
CA ASP GB 137 44.69 82.89 -25.77
C ASP GB 137 43.68 82.09 -24.95
N THR GB 138 42.79 82.79 -24.25
CA THR GB 138 41.77 82.12 -23.45
C THR GB 138 40.81 81.34 -24.34
N TRP GB 139 40.49 81.88 -25.51
CA TRP GB 139 39.61 81.17 -26.43
C TRP GB 139 40.26 79.87 -26.91
N GLU GB 140 41.55 79.90 -27.23
CA GLU GB 140 42.24 78.68 -27.62
C GLU GB 140 42.28 77.67 -26.48
N LYS GB 141 42.53 78.15 -25.26
CA LYS GB 141 42.56 77.25 -24.11
C LYS GB 141 41.20 76.57 -23.89
N THR GB 142 40.13 77.35 -23.96
CA THR GB 142 38.81 76.77 -23.74
C THR GB 142 38.39 75.87 -24.90
N VAL GB 143 38.83 76.17 -26.12
CA VAL GB 143 38.58 75.27 -27.24
C VAL GB 143 39.29 73.95 -27.02
N SER GB 144 40.54 74.00 -26.55
CA SER GB 144 41.30 72.78 -26.29
C SER GB 144 40.63 71.94 -25.20
N ILE GB 145 40.21 72.58 -24.11
CA ILE GB 145 39.56 71.82 -23.05
C ILE GB 145 38.22 71.26 -23.50
N GLN GB 146 37.49 72.01 -24.34
CA GLN GB 146 36.23 71.51 -24.87
C GLN GB 146 36.46 70.30 -25.76
N LYS GB 147 37.50 70.34 -26.59
CA LYS GB 147 37.82 69.20 -27.44
C LYS GB 147 38.23 67.99 -26.61
N SER GB 148 38.99 68.22 -25.53
CA SER GB 148 39.36 67.12 -24.64
C SER GB 148 38.12 66.50 -23.99
N ALA GB 149 37.18 67.35 -23.54
CA ALA GB 149 35.94 66.85 -22.96
C ALA GB 149 35.14 66.06 -23.99
N LEU GB 150 35.09 66.54 -25.23
CA LEU GB 150 34.37 65.83 -26.28
C LEU GB 150 34.99 64.48 -26.58
N GLN GB 151 36.33 64.42 -26.63
CA GLN GB 151 36.98 63.16 -26.97
C GLN GB 151 36.90 62.16 -25.83
N GLU GB 152 36.93 62.62 -24.56
CA GLU GB 152 36.80 61.69 -23.46
C GLU GB 152 35.34 61.24 -23.28
N LEU GB 153 34.38 62.05 -23.71
CA LEU GB 153 32.97 61.68 -23.66
C LEU GB 153 32.49 61.02 -24.94
N SER GB 154 33.36 60.87 -25.94
CA SER GB 154 32.91 60.34 -27.23
C SER GB 154 32.43 58.90 -27.10
N ALA GB 155 33.19 58.06 -26.40
CA ALA GB 155 32.91 56.63 -26.32
C ALA GB 155 32.94 56.19 -24.86
N PRO GB 156 31.87 56.46 -24.11
CA PRO GB 156 31.80 55.95 -22.74
C PRO GB 156 31.41 54.48 -22.70
N LEU GB 157 32.38 53.60 -22.50
CA LEU GB 157 32.12 52.19 -22.31
C LEU GB 157 31.94 51.84 -20.85
N LEU GB 158 32.12 52.82 -19.97
CA LEU GB 158 32.06 52.58 -18.53
C LEU GB 158 30.80 51.87 -18.06
N PRO GB 159 29.60 52.11 -18.64
CA PRO GB 159 28.46 51.25 -18.28
C PRO GB 159 28.76 49.78 -18.53
N ILE GB 160 28.84 49.01 -17.45
CA ILE GB 160 29.22 47.60 -17.50
C ILE GB 160 28.31 46.81 -16.58
N PHE GB 161 27.83 45.67 -17.08
CA PHE GB 161 27.18 44.66 -16.26
C PHE GB 161 28.10 43.45 -16.17
N GLU GB 162 27.76 42.51 -15.29
CA GLU GB 162 28.55 41.30 -15.14
C GLU GB 162 28.68 40.56 -16.46
N LYS GB 163 29.88 40.54 -17.03
CA LYS GB 163 30.23 39.79 -18.24
C LYS GB 163 29.53 40.32 -19.49
N ILE GB 164 28.74 41.40 -19.36
CA ILE GB 164 28.11 42.06 -20.49
C ILE GB 164 28.40 43.55 -20.39
N SER GB 165 28.92 44.14 -21.47
CA SER GB 165 29.18 45.57 -21.53
C SER GB 165 28.12 46.25 -22.39
N VAL GB 166 28.18 47.58 -22.41
CA VAL GB 166 27.28 48.37 -23.24
C VAL GB 166 27.96 49.71 -23.51
N MET GB 167 27.84 50.17 -24.75
CA MET GB 167 28.53 51.38 -25.22
C MET GB 167 27.53 52.34 -25.83
N PRO GB 168 26.99 53.28 -25.04
CA PRO GB 168 25.99 54.22 -25.57
C PRO GB 168 26.66 55.39 -26.27
N LEU GB 169 26.32 55.58 -27.55
CA LEU GB 169 26.72 56.76 -28.29
C LEU GB 169 25.46 57.48 -28.75
N ILE GB 170 25.36 58.78 -28.45
CA ILE GB 170 24.13 59.51 -28.71
C ILE GB 170 24.39 60.75 -29.56
N GLY GB 171 25.59 61.30 -29.48
CA GLY GB 171 25.90 62.47 -30.26
C GLY GB 171 26.20 62.13 -31.71
N THR GB 172 26.01 63.12 -32.58
CA THR GB 172 26.37 62.93 -33.97
C THR GB 172 27.87 62.68 -34.09
N ILE GB 173 28.24 61.75 -34.96
CA ILE GB 173 29.61 61.25 -35.04
C ILE GB 173 30.16 61.49 -36.44
N ASP GB 174 31.33 62.08 -36.50
CA ASP GB 174 32.09 62.20 -37.75
C ASP GB 174 33.15 61.11 -37.76
N TPO GB 175 34.09 61.18 -38.69
CA TPO GB 175 35.06 60.10 -38.84
CB TPO GB 175 35.71 60.15 -40.22
CG2 TPO GB 175 36.67 61.34 -40.36
OG1 TPO GB 175 36.43 58.93 -40.39
P TPO GB 175 35.56 58.00 -41.39
O1P TPO GB 175 34.45 58.91 -42.14
O2P TPO GB 175 34.83 56.85 -40.54
O3P TPO GB 175 36.46 57.39 -42.39
C TPO GB 175 36.12 60.11 -37.74
O TPO GB 175 36.63 59.06 -37.35
N GLU GB 176 36.43 61.30 -37.22
CA GLU GB 176 37.35 61.41 -36.09
C GLU GB 176 36.71 60.79 -34.86
N ARG GB 177 35.46 61.17 -34.60
CA ARG GB 177 34.73 60.56 -33.51
C ARG GB 177 34.52 59.06 -33.74
N ALA GB 178 34.39 58.65 -35.00
CA ALA GB 178 34.28 57.22 -35.29
C ALA GB 178 35.57 56.49 -34.91
N LYS GB 179 36.72 57.07 -35.22
CA LYS GB 179 37.99 56.48 -34.81
C LYS GB 179 38.10 56.41 -33.30
N LEU GB 180 37.66 57.47 -32.61
CA LEU GB 180 37.64 57.43 -31.16
C LEU GB 180 36.75 56.31 -30.65
N ILE GB 181 35.57 56.14 -31.25
CA ILE GB 181 34.65 55.08 -30.87
C ILE GB 181 35.32 53.72 -31.01
N ILE GB 182 35.91 53.46 -32.18
CA ILE GB 182 36.46 52.13 -32.42
C ILE GB 182 37.65 51.86 -31.51
N GLU GB 183 38.53 52.84 -31.34
CA GLU GB 183 39.70 52.63 -30.49
C GLU GB 183 39.31 52.40 -29.05
N ASN GB 184 38.41 53.24 -28.52
CA ASN GB 184 37.99 53.08 -27.13
C ASN GB 184 37.27 51.77 -26.91
N LEU GB 185 36.37 51.41 -27.82
CA LEU GB 185 35.65 50.14 -27.67
C LEU GB 185 36.59 48.96 -27.69
N LEU GB 186 37.56 48.96 -28.60
CA LEU GB 186 38.49 47.83 -28.69
C LEU GB 186 39.37 47.75 -27.44
N ILE GB 187 39.94 48.87 -27.01
CA ILE GB 187 40.83 48.82 -25.86
C ILE GB 187 40.06 48.43 -24.60
N GLY GB 188 38.81 48.88 -24.48
CA GLY GB 188 37.99 48.46 -23.38
C GLY GB 188 37.73 46.97 -23.41
N VAL GB 189 37.18 46.48 -24.54
CA VAL GB 189 36.75 45.09 -24.61
C VAL GB 189 37.93 44.14 -24.44
N VAL GB 190 39.14 44.59 -24.77
CA VAL GB 190 40.29 43.73 -24.51
C VAL GB 190 40.77 43.88 -23.06
N LYS GB 191 40.65 45.08 -22.48
CA LYS GB 191 41.16 45.27 -21.13
C LYS GB 191 40.31 44.57 -20.09
N ASN GB 192 38.99 44.72 -20.16
CA ASN GB 192 38.09 44.03 -19.25
C ASN GB 192 37.32 42.95 -20.01
N ARG GB 193 37.15 41.80 -19.37
CA ARG GB 193 36.59 40.64 -20.05
C ARG GB 193 35.09 40.78 -20.20
N SER GB 194 34.60 40.64 -21.43
CA SER GB 194 33.18 40.67 -21.72
C SER GB 194 32.91 39.72 -22.86
N GLU GB 195 31.74 39.09 -22.85
CA GLU GB 195 31.39 38.15 -23.90
C GLU GB 195 30.51 38.76 -24.98
N VAL GB 196 29.68 39.74 -24.65
CA VAL GB 196 28.90 40.46 -25.65
C VAL GB 196 29.03 41.95 -25.39
N VAL GB 197 28.85 42.73 -26.46
CA VAL GB 197 28.93 44.18 -26.39
C VAL GB 197 27.70 44.76 -27.06
N LEU GB 198 27.00 45.64 -26.35
CA LEU GB 198 25.79 46.28 -26.85
C LEU GB 198 26.14 47.68 -27.32
N ILE GB 199 26.13 47.89 -28.63
CA ILE GB 199 26.35 49.21 -29.20
C ILE GB 199 24.99 49.87 -29.40
N ASP GB 200 24.84 51.08 -28.89
CA ASP GB 200 23.56 51.79 -28.87
C ASP GB 200 23.65 52.91 -29.91
N ILE GB 201 23.14 52.64 -31.11
CA ILE GB 201 23.15 53.65 -32.16
C ILE GB 201 22.08 54.72 -31.95
N THR GB 202 21.06 54.43 -31.14
CA THR GB 202 19.98 55.39 -30.94
C THR GB 202 20.53 56.70 -30.42
N GLY GB 203 20.16 57.79 -31.10
CA GLY GB 203 20.67 59.10 -30.74
C GLY GB 203 21.23 59.87 -31.92
N VAL GB 204 21.83 59.16 -32.87
CA VAL GB 204 22.38 59.78 -34.07
C VAL GB 204 21.26 59.95 -35.09
N PRO GB 205 20.99 61.16 -35.58
CA PRO GB 205 19.94 61.34 -36.59
C PRO GB 205 20.27 60.68 -37.92
N VAL GB 206 21.42 61.05 -38.49
CA VAL GB 206 21.86 60.54 -39.78
C VAL GB 206 23.37 60.29 -39.71
N VAL GB 207 23.82 59.20 -40.34
CA VAL GB 207 25.23 58.87 -40.37
C VAL GB 207 25.69 58.80 -41.81
N ASP GB 208 26.96 59.11 -42.03
CA ASP GB 208 27.57 59.02 -43.34
C ASP GB 208 27.84 57.57 -43.71
N THR GB 209 28.01 57.31 -45.01
CA THR GB 209 28.33 55.97 -45.47
C THR GB 209 29.65 55.47 -44.88
N MET GB 210 30.66 56.34 -44.84
CA MET GB 210 31.94 55.95 -44.28
C MET GB 210 31.83 55.66 -42.79
N VAL GB 211 31.03 56.46 -42.07
CA VAL GB 211 30.85 56.22 -40.64
C VAL GB 211 30.14 54.89 -40.41
N ALA GB 212 29.12 54.59 -41.22
CA ALA GB 212 28.44 53.31 -41.09
C ALA GB 212 29.38 52.15 -41.40
N HIS GB 213 30.23 52.32 -42.42
CA HIS GB 213 31.21 51.29 -42.73
C HIS GB 213 32.17 51.07 -41.57
N HIS GB 214 32.62 52.16 -40.94
CA HIS GB 214 33.52 52.03 -39.81
C HIS GB 214 32.82 51.35 -38.63
N ILE GB 215 31.53 51.63 -38.44
CA ILE GB 215 30.77 50.96 -37.38
C ILE GB 215 30.70 49.45 -37.64
N ILE GB 216 30.42 49.07 -38.89
CA ILE GB 216 30.34 47.65 -39.22
C ILE GB 216 31.70 46.98 -39.05
N GLN GB 217 32.78 47.68 -39.44
CA GLN GB 217 34.12 47.11 -39.26
C GLN GB 217 34.45 46.97 -37.78
N ALA GB 218 34.01 47.92 -36.95
CA ALA GB 218 34.22 47.79 -35.51
C ALA GB 218 33.47 46.59 -34.97
N SER GB 219 32.23 46.36 -35.44
CA SER GB 219 31.48 45.19 -35.02
C SER GB 219 32.19 43.91 -35.40
N GLU GB 220 32.69 43.84 -36.63
CA GLU GB 220 33.41 42.63 -37.06
C GLU GB 220 34.69 42.43 -36.27
N ALA GB 221 35.40 43.52 -35.97
CA ALA GB 221 36.64 43.41 -35.21
C ALA GB 221 36.38 42.90 -33.80
N VAL GB 222 35.38 43.48 -33.12
CA VAL GB 222 35.08 43.03 -31.77
C VAL GB 222 34.51 41.61 -31.81
N ARG GB 223 33.91 41.20 -32.92
CA ARG GB 223 33.55 39.80 -33.07
C ARG GB 223 34.80 38.93 -33.14
N LEU GB 224 35.84 39.38 -33.86
CA LEU GB 224 37.07 38.61 -33.95
C LEU GB 224 37.81 38.54 -32.63
N VAL GB 225 37.73 39.59 -31.80
CA VAL GB 225 38.35 39.50 -30.48
C VAL GB 225 37.68 38.41 -29.65
N GLY GB 226 36.45 38.04 -29.98
CA GLY GB 226 35.77 36.97 -29.29
C GLY GB 226 34.53 37.44 -28.56
N CYS GB 227 33.87 38.46 -29.10
CA CYS GB 227 32.75 39.10 -28.42
C CYS GB 227 31.67 39.40 -29.45
N GLN GB 228 30.52 38.74 -29.32
CA GLN GB 228 29.39 39.05 -30.19
C GLN GB 228 28.93 40.49 -29.98
N ALA GB 229 28.69 41.19 -31.08
CA ALA GB 229 28.32 42.59 -31.05
C ALA GB 229 26.85 42.71 -31.45
N MET GB 230 26.01 43.02 -30.47
CA MET GB 230 24.60 43.31 -30.73
C MET GB 230 24.46 44.79 -31.03
N LEU GB 231 23.88 45.12 -32.17
CA LEU GB 231 23.79 46.49 -32.66
C LEU GB 231 22.38 46.96 -32.37
N VAL GB 232 22.21 47.72 -31.28
CA VAL GB 232 20.91 47.95 -30.66
C VAL GB 232 20.35 49.30 -31.09
N GLY GB 233 19.05 49.32 -31.38
CA GLY GB 233 18.31 50.56 -31.56
C GLY GB 233 18.67 51.39 -32.78
N ILE GB 234 18.84 50.75 -33.93
CA ILE GB 234 19.06 51.48 -35.16
C ILE GB 234 17.79 52.26 -35.52
N ARG GB 235 17.98 53.40 -36.16
CA ARG GB 235 16.85 54.18 -36.65
C ARG GB 235 16.65 53.95 -38.14
N PRO GB 236 15.43 54.17 -38.66
CA PRO GB 236 15.13 53.74 -40.04
C PRO GB 236 16.04 54.35 -41.10
N GLU GB 237 16.39 55.63 -40.98
CA GLU GB 237 17.25 56.23 -41.99
C GLU GB 237 18.64 55.60 -41.98
N ILE GB 238 19.20 55.38 -40.79
CA ILE GB 238 20.49 54.73 -40.69
C ILE GB 238 20.42 53.32 -41.25
N ALA GB 239 19.33 52.60 -40.96
CA ALA GB 239 19.19 51.25 -41.48
C ALA GB 239 19.14 51.24 -43.00
N GLN GB 240 18.41 52.20 -43.58
CA GLN GB 240 18.34 52.31 -45.03
C GLN GB 240 19.70 52.61 -45.63
N THR GB 241 20.43 53.57 -45.05
CA THR GB 241 21.77 53.89 -45.54
C THR GB 241 22.70 52.68 -45.44
N ILE GB 242 22.62 51.95 -44.33
CA ILE GB 242 23.50 50.80 -44.15
C ILE GB 242 23.18 49.71 -45.16
N VAL GB 243 21.89 49.42 -45.38
CA VAL GB 243 21.53 48.34 -46.29
C VAL GB 243 21.88 48.70 -47.73
N ASN GB 244 21.70 49.96 -48.14
CA ASN GB 244 22.11 50.33 -49.49
C ASN GB 244 23.57 50.74 -49.59
N LEU GB 245 24.34 50.62 -48.49
CA LEU GB 245 25.78 50.80 -48.59
C LEU GB 245 26.41 49.77 -49.51
N GLY GB 246 25.84 48.57 -49.59
CA GLY GB 246 26.34 47.52 -50.45
C GLY GB 246 27.14 46.45 -49.75
N ILE GB 247 27.65 46.73 -48.55
CA ILE GB 247 28.33 45.71 -47.78
C ILE GB 247 27.30 44.74 -47.23
N GLU GB 248 27.76 43.54 -46.87
CA GLU GB 248 26.86 42.48 -46.46
C GLU GB 248 26.53 42.63 -44.97
N LEU GB 249 25.28 42.38 -44.60
CA LEU GB 249 24.73 42.66 -43.27
C LEU GB 249 24.00 41.44 -42.71
N ASP GB 250 24.68 40.29 -42.66
CA ASP GB 250 24.08 39.12 -42.04
C ASP GB 250 24.81 38.64 -40.80
N GLN GB 251 26.03 39.11 -40.56
CA GLN GB 251 26.84 38.58 -39.47
C GLN GB 251 26.60 39.30 -38.15
N ILE GB 252 25.81 40.36 -38.15
CA ILE GB 252 25.54 41.16 -36.95
C ILE GB 252 24.09 40.98 -36.55
N ILE GB 253 23.85 40.87 -35.24
CA ILE GB 253 22.52 40.69 -34.69
C ILE GB 253 22.06 42.02 -34.12
N THR GB 254 20.85 42.44 -34.49
CA THR GB 254 20.33 43.73 -34.08
C THR GB 254 18.99 43.58 -33.38
N THR GB 255 18.74 44.48 -32.42
CA THR GB 255 17.47 44.55 -31.72
C THR GB 255 17.00 46.00 -31.67
N ASN GB 256 15.69 46.18 -31.74
CA ASN GB 256 15.12 47.53 -31.84
C ASN GB 256 15.13 48.28 -30.52
N THR GB 257 15.19 47.58 -29.39
CA THR GB 257 15.19 48.23 -28.08
C THR GB 257 16.25 47.62 -27.20
N MET GB 258 16.70 48.41 -26.22
CA MET GB 258 17.80 47.98 -25.37
C MET GB 258 17.40 46.84 -24.45
N LYS GB 259 16.14 46.83 -23.98
CA LYS GB 259 15.69 45.74 -23.12
C LYS GB 259 15.75 44.40 -23.84
N LYS GB 260 15.26 44.36 -25.08
CA LYS GB 260 15.32 43.13 -25.86
C LYS GB 260 16.78 42.73 -26.11
N GLY GB 261 17.63 43.70 -26.41
CA GLY GB 261 19.03 43.39 -26.62
C GLY GB 261 19.68 42.77 -25.40
N MET GB 262 19.42 43.35 -24.23
CA MET GB 262 19.99 42.83 -22.99
C MET GB 262 19.47 41.43 -22.69
N GLU GB 263 18.17 41.21 -22.85
CA GLU GB 263 17.63 39.90 -22.52
C GLU GB 263 18.11 38.84 -23.51
N ARG GB 264 18.29 39.20 -24.78
CA ARG GB 264 18.80 38.24 -25.74
C ARG GB 264 20.28 37.97 -25.52
N ALA GB 265 21.05 38.99 -25.10
CA ALA GB 265 22.44 38.76 -24.75
C ALA GB 265 22.55 37.81 -23.56
N LEU GB 266 21.69 37.98 -22.57
CA LEU GB 266 21.65 37.03 -21.47
C LEU GB 266 21.19 35.66 -21.94
N ALA GB 267 20.33 35.60 -22.96
CA ALA GB 267 19.91 34.32 -23.52
C ALA GB 267 21.08 33.59 -24.17
N LEU GB 268 21.93 34.32 -24.88
CA LEU GB 268 23.11 33.69 -25.49
C LEU GB 268 24.01 33.08 -24.43
N THR GB 269 24.26 33.81 -23.35
CA THR GB 269 24.97 33.28 -22.20
C THR GB 269 23.96 32.83 -21.16
N ASN GB 270 23.33 31.69 -21.45
CA ASN GB 270 22.14 31.26 -20.71
C ASN GB 270 22.40 31.15 -19.22
N ARG GB 271 23.63 30.82 -18.82
CA ARG GB 271 23.95 30.73 -17.41
C ARG GB 271 23.94 32.07 -16.70
N GLU GB 272 23.88 33.18 -17.44
CA GLU GB 272 23.85 34.52 -16.86
C GLU GB 272 22.45 35.12 -16.85
N ILE GB 273 21.42 34.30 -17.00
CA ILE GB 273 20.05 34.83 -16.98
C ILE GB 273 19.70 35.37 -15.60
N VAL GB 274 20.20 34.75 -14.55
CA VAL GB 274 19.94 35.21 -13.18
C VAL GB 274 20.90 36.33 -12.81
N MET HB 1 37.93 106.50 -54.50
CA MET HB 1 38.21 105.90 -55.81
C MET HB 1 39.07 104.65 -55.69
N TYR HB 2 38.86 103.71 -56.60
CA TYR HB 2 39.55 102.43 -56.58
C TYR HB 2 40.37 102.14 -57.83
N LYS HB 3 40.24 102.95 -58.89
CA LYS HB 3 40.96 102.67 -60.13
C LYS HB 3 42.44 103.05 -60.00
N ASP HB 4 42.72 104.33 -59.71
CA ASP HB 4 44.09 104.76 -59.52
C ASP HB 4 44.73 104.10 -58.30
N PHE HB 5 43.90 103.73 -57.32
CA PHE HB 5 44.43 102.97 -56.18
C PHE HB 5 44.97 101.62 -56.65
N ALA HB 6 44.26 100.95 -57.55
CA ALA HB 6 44.79 99.71 -58.14
C ALA HB 6 46.02 100.00 -59.00
N ASN HB 7 46.02 101.12 -59.71
CA ASN HB 7 47.18 101.48 -60.54
C ASN HB 7 48.42 101.68 -59.69
N PHE HB 8 48.27 102.14 -58.44
CA PHE HB 8 49.39 102.22 -57.52
C PHE HB 8 49.64 100.91 -56.78
N ILE HB 9 48.61 100.09 -56.59
CA ILE HB 9 48.79 98.75 -56.05
C ILE HB 9 49.64 97.90 -56.99
N ARG HB 10 49.65 98.25 -58.28
CA ARG HB 10 50.50 97.51 -59.22
C ARG HB 10 51.97 97.54 -58.84
N THR HB 11 52.40 98.52 -58.04
CA THR HB 11 53.74 98.55 -57.45
C THR HB 11 53.74 98.31 -55.95
N ASN HB 12 52.64 98.65 -55.27
CA ASN HB 12 52.50 98.29 -53.87
C ASN HB 12 52.55 96.78 -53.67
N LYS HB 13 52.27 95.99 -54.71
CA LYS HB 13 52.40 94.54 -54.59
C LYS HB 13 53.86 94.14 -54.43
N LYS HB 14 54.76 94.72 -55.22
CA LYS HB 14 56.19 94.48 -55.02
C LYS HB 14 56.65 95.03 -53.68
N ASP HB 15 56.11 96.18 -53.28
CA ASP HB 15 56.42 96.71 -51.96
C ASP HB 15 56.02 95.73 -50.86
N LEU HB 16 54.85 95.10 -51.01
CA LEU HB 16 54.39 94.13 -50.02
C LEU HB 16 55.17 92.83 -50.10
N LEU HB 17 55.69 92.48 -51.27
CA LEU HB 17 56.59 91.32 -51.36
C LEU HB 17 57.88 91.57 -50.58
N ASN HB 18 58.44 92.77 -50.72
CA ASN HB 18 59.56 93.15 -49.87
C ASN HB 18 59.16 93.12 -48.40
N ASN HB 19 57.93 93.55 -48.11
CA ASN HB 19 57.44 93.49 -46.74
C ASN HB 19 57.38 92.06 -46.22
N TRP HB 20 56.92 91.14 -47.06
CA TRP HB 20 56.84 89.73 -46.65
C TRP HB 20 58.22 89.15 -46.40
N MET HB 21 59.19 89.47 -47.27
CA MET HB 21 60.54 88.94 -47.04
C MET HB 21 61.18 89.59 -45.83
N ASN HB 22 60.76 90.79 -45.46
CA ASN HB 22 61.25 91.42 -44.23
C ASN HB 22 60.59 90.82 -42.99
N GLU HB 23 59.30 90.47 -43.09
CA GLU HB 23 58.54 90.02 -41.93
C GLU HB 23 58.72 88.54 -41.64
N MET HB 24 58.98 87.73 -42.66
CA MET HB 24 59.08 86.28 -42.47
C MET HB 24 60.19 85.91 -41.51
N GLU HB 25 61.23 86.75 -41.41
CA GLU HB 25 62.38 86.42 -40.57
C GLU HB 25 62.02 86.41 -39.09
N LYS HB 26 61.18 87.36 -38.65
CA LYS HB 26 61.02 87.59 -37.22
C LYS HB 26 60.17 86.50 -36.55
N GLN HB 27 59.17 85.95 -37.25
CA GLN HB 27 58.22 85.04 -36.64
C GLN HB 27 58.17 83.72 -37.41
N SER HB 28 58.47 82.62 -36.71
CA SER HB 28 58.27 81.26 -37.19
C SER HB 28 58.86 81.06 -38.59
N ASP HB 29 60.17 81.31 -38.71
CA ASP HB 29 60.84 81.11 -39.98
C ASP HB 29 60.76 79.66 -40.47
N PRO HB 30 61.15 78.64 -39.68
CA PRO HB 30 61.06 77.27 -40.20
C PRO HB 30 59.64 76.84 -40.52
N LEU HB 31 58.67 77.22 -39.68
CA LEU HB 31 57.29 76.80 -39.90
C LEU HB 31 56.75 77.40 -41.20
N ILE HB 32 56.93 78.71 -41.38
CA ILE HB 32 56.44 79.37 -42.59
C ILE HB 32 57.14 78.82 -43.82
N ASN HB 33 58.45 78.59 -43.73
CA ASN HB 33 59.17 78.04 -44.89
C ASN HB 33 58.69 76.64 -45.22
N ASP HB 34 58.40 75.81 -44.21
CA ASP HB 34 58.02 74.43 -44.45
C ASP HB 34 56.59 74.30 -44.97
N ILE HB 35 55.65 75.06 -44.41
CA ILE HB 35 54.24 74.84 -44.74
C ILE HB 35 53.95 75.24 -46.18
N ALA HB 36 54.52 76.36 -46.64
CA ALA HB 36 54.27 76.84 -47.99
C ALA HB 36 55.52 77.51 -48.52
N LYS HB 37 55.78 77.32 -49.82
CA LYS HB 37 56.95 77.94 -50.44
C LYS HB 37 56.73 79.43 -50.62
N GLU HB 38 57.83 80.17 -50.72
CA GLU HB 38 57.76 81.62 -50.84
C GLU HB 38 57.02 82.10 -52.07
N PRO HB 39 57.28 81.59 -53.29
CA PRO HB 39 56.54 82.11 -54.45
C PRO HB 39 55.03 81.94 -54.36
N MET HB 40 54.55 80.81 -53.83
CA MET HB 40 53.12 80.61 -53.72
C MET HB 40 52.48 81.57 -52.73
N TYR HB 41 53.13 81.78 -51.58
CA TYR HB 41 52.64 82.75 -50.61
C TYR HB 41 52.64 84.16 -51.21
N GLU HB 42 53.69 84.49 -51.97
CA GLU HB 42 53.76 85.81 -52.58
C GLU HB 42 52.64 86.02 -53.59
N GLU HB 43 52.37 85.00 -54.42
CA GLU HB 43 51.32 85.16 -55.42
C GLU HB 43 49.94 85.20 -54.77
N THR HB 44 49.75 84.44 -53.68
CA THR HB 44 48.50 84.53 -52.94
C THR HB 44 48.32 85.94 -52.36
N SER HB 45 49.40 86.51 -51.81
CA SER HB 45 49.32 87.85 -51.25
C SER HB 45 49.01 88.89 -52.33
N ILE HB 46 49.66 88.81 -53.48
CA ILE HB 46 49.39 89.79 -54.52
C ILE HB 46 47.97 89.62 -55.06
N GLU HB 47 47.47 88.39 -55.13
CA GLU HB 47 46.08 88.19 -55.53
C GLU HB 47 45.13 88.79 -54.50
N PHE HB 48 45.46 88.67 -53.21
CA PHE HB 48 44.61 89.23 -52.17
C PHE HB 48 44.64 90.76 -52.17
N VAL HB 49 45.77 91.36 -52.55
CA VAL HB 49 45.90 92.82 -52.45
C VAL HB 49 45.65 93.55 -53.77
N ASP HB 50 45.57 92.86 -54.89
CA ASP HB 50 45.47 93.54 -56.17
C ASP HB 50 44.03 93.70 -56.68
N LEU HB 51 43.17 92.70 -56.46
CA LEU HB 51 41.80 92.74 -56.95
C LEU HB 51 40.81 93.26 -55.92
N ILE HB 52 41.29 93.74 -54.77
CA ILE HB 52 40.40 94.30 -53.76
C ILE HB 52 39.74 95.57 -54.27
N VAL HB 53 40.47 96.38 -55.04
CA VAL HB 53 39.97 97.67 -55.50
C VAL HB 53 39.75 97.63 -57.00
N SER HB 54 39.47 96.45 -57.55
CA SER HB 54 39.15 96.31 -58.96
C SER HB 54 37.70 96.58 -59.28
N ASN HB 55 36.86 96.82 -58.27
CA ASN HB 55 35.46 97.17 -58.48
C ASN HB 55 35.31 98.68 -58.62
N ILE HB 56 34.09 99.10 -58.94
CA ILE HB 56 33.82 100.53 -59.19
C ILE HB 56 33.43 101.14 -57.84
N THR HB 57 34.46 101.42 -57.04
CA THR HB 57 34.40 102.33 -55.89
C THR HB 57 33.39 101.95 -54.81
N GLU HB 58 32.68 100.83 -54.95
CA GLU HB 58 31.66 100.48 -53.98
C GLU HB 58 31.97 99.19 -53.22
N ASN HB 59 32.07 98.06 -53.92
CA ASN HB 59 32.24 96.76 -53.28
C ASN HB 59 32.34 95.70 -54.37
N GLY HB 60 32.63 94.47 -53.94
CA GLY HB 60 32.60 93.33 -54.83
C GLY HB 60 32.21 92.05 -54.12
N SER HB 61 31.19 91.36 -54.62
CA SER HB 61 30.73 90.13 -53.97
C SER HB 61 31.70 88.98 -54.24
N LYS HB 62 32.20 88.86 -55.47
CA LYS HB 62 33.13 87.78 -55.78
C LYS HB 62 34.41 87.92 -54.97
N PHE HB 63 34.95 89.13 -54.85
CA PHE HB 63 36.13 89.31 -54.02
C PHE HB 63 35.79 89.22 -52.54
N ASN HB 64 34.55 89.48 -52.14
CA ASN HB 64 34.16 89.20 -50.76
C ASN HB 64 34.24 87.71 -50.46
N GLU HB 65 33.76 86.87 -51.39
CA GLU HB 65 33.86 85.44 -51.21
C GLU HB 65 35.32 84.99 -51.24
N LYS HB 66 36.14 85.59 -52.11
CA LYS HB 66 37.56 85.28 -52.14
C LYS HB 66 38.24 85.68 -50.84
N LEU HB 67 37.82 86.80 -50.25
CA LEU HB 67 38.39 87.22 -48.98
C LEU HB 67 37.99 86.27 -47.85
N ASP HB 68 36.75 85.79 -47.87
CA ASP HB 68 36.36 84.76 -46.90
C ASP HB 68 37.20 83.49 -47.07
N ASP HB 69 37.43 83.10 -48.31
CA ASP HB 69 38.27 81.94 -48.58
C ASP HB 69 39.70 82.17 -48.08
N PHE HB 70 40.23 83.37 -48.29
CA PHE HB 70 41.57 83.69 -47.79
C PHE HB 70 41.61 83.66 -46.28
N ALA HB 71 40.56 84.15 -45.63
CA ALA HB 71 40.50 84.15 -44.17
C ALA HB 71 40.50 82.72 -43.63
N GLU HB 72 39.68 81.85 -44.22
CA GLU HB 72 39.66 80.46 -43.75
C GLU HB 72 40.97 79.75 -44.08
N LYS HB 73 41.58 80.06 -45.23
CA LYS HB 73 42.85 79.44 -45.58
C LYS HB 73 43.96 79.85 -44.60
N VAL HB 74 44.00 81.12 -44.21
CA VAL HB 74 45.02 81.54 -43.26
C VAL HB 74 44.69 81.11 -41.84
N VAL HB 75 43.42 80.86 -41.52
CA VAL HB 75 43.07 80.26 -40.24
C VAL HB 75 43.59 78.83 -40.16
N HIS HB 76 43.34 78.05 -41.21
CA HIS HB 76 43.83 76.67 -41.23
C HIS HB 76 45.35 76.61 -41.36
N LEU HB 77 45.95 77.61 -42.01
CA LEU HB 77 47.38 77.60 -42.26
C LEU HB 77 48.21 77.90 -41.01
N GLY HB 78 47.61 78.54 -40.02
CA GLY HB 78 48.34 78.86 -38.80
C GLY HB 78 48.68 80.33 -38.67
N TRP HB 79 47.75 81.19 -39.08
CA TRP HB 79 47.90 82.64 -38.98
C TRP HB 79 46.70 83.21 -38.24
N PRO HB 80 46.75 83.22 -36.91
CA PRO HB 80 45.63 83.76 -36.12
C PRO HB 80 45.58 85.28 -36.19
N ILE HB 81 44.69 85.88 -35.40
CA ILE HB 81 44.50 87.33 -35.46
C ILE HB 81 45.78 88.07 -35.12
N HIS HB 82 46.62 87.51 -34.25
CA HIS HB 82 47.88 88.16 -33.90
C HIS HB 82 48.82 88.21 -35.10
N PHE HB 83 48.92 87.11 -35.86
CA PHE HB 83 49.79 87.10 -37.03
C PHE HB 83 49.29 88.06 -38.11
N VAL HB 84 47.97 88.11 -38.32
CA VAL HB 84 47.43 89.05 -39.29
C VAL HB 84 47.61 90.49 -38.83
N THR HB 85 47.58 90.72 -37.50
CA THR HB 85 47.84 92.06 -36.99
C THR HB 85 49.29 92.47 -37.21
N THR HB 86 50.23 91.54 -36.97
CA THR HB 86 51.63 91.82 -37.30
C THR HB 86 51.79 92.09 -38.80
N GLY HB 87 51.05 91.33 -39.62
CA GLY HB 87 51.06 91.59 -41.05
C GLY HB 87 50.56 92.97 -41.40
N LEU HB 88 49.49 93.42 -40.74
CA LEU HB 88 48.98 94.77 -40.98
C LEU HB 88 49.99 95.82 -40.55
N ARG HB 89 50.65 95.60 -39.41
CA ARG HB 89 51.65 96.55 -38.93
C ARG HB 89 52.80 96.67 -39.92
N VAL HB 90 53.30 95.54 -40.42
CA VAL HB 90 54.39 95.61 -41.38
C VAL HB 90 53.90 96.13 -42.74
N PHE HB 91 52.62 95.89 -43.07
CA PHE HB 91 52.03 96.51 -44.24
C PHE HB 91 52.12 98.03 -44.14
N GLY HB 92 51.71 98.57 -43.00
CA GLY HB 92 51.81 100.01 -42.80
C GLY HB 92 53.24 100.51 -42.85
N LEU HB 93 54.16 99.76 -42.25
CA LEU HB 93 55.57 100.15 -42.26
C LEU HB 93 56.10 100.26 -43.69
N LEU HB 94 55.88 99.23 -44.49
CA LEU HB 94 56.42 99.25 -45.85
C LEU HB 94 55.65 100.20 -46.75
N VAL HB 95 54.37 100.44 -46.48
CA VAL HB 95 53.64 101.46 -47.23
C VAL HB 95 54.22 102.84 -46.94
N TYR HB 96 54.56 103.10 -45.68
CA TYR HB 96 55.21 104.37 -45.33
C TYR HB 96 56.57 104.49 -46.03
N THR HB 97 57.35 103.42 -46.03
CA THR HB 97 58.65 103.47 -46.71
C THR HB 97 58.49 103.73 -48.20
N ALA HB 98 57.53 103.05 -48.84
CA ALA HB 98 57.29 103.26 -50.26
C ALA HB 98 56.82 104.68 -50.54
N MET HB 99 55.97 105.22 -49.66
CA MET HB 99 55.55 106.61 -49.79
C MET HB 99 56.74 107.55 -49.73
N ARG HB 100 57.69 107.28 -48.83
CA ARG HB 100 58.90 108.08 -48.76
C ARG HB 100 59.71 107.95 -50.05
N ASP HB 101 59.77 106.75 -50.61
CA ASP HB 101 60.59 106.50 -51.80
C ASP HB 101 59.84 106.79 -53.10
N GLU HB 102 58.72 106.09 -53.32
CA GLU HB 102 58.03 106.20 -54.61
C GLU HB 102 57.45 107.59 -54.81
N ASP HB 103 56.70 108.09 -53.83
CA ASP HB 103 56.10 109.43 -53.88
C ASP HB 103 55.26 109.62 -55.13
N LEU HB 104 54.31 108.71 -55.33
CA LEU HB 104 53.36 108.76 -56.44
C LEU HB 104 51.96 108.51 -55.88
N PHE HB 105 51.24 109.59 -55.61
CA PHE HB 105 49.94 109.49 -54.95
C PHE HB 105 48.83 109.39 -55.99
N LEU HB 106 47.58 109.45 -55.53
CA LEU HB 106 46.44 109.21 -56.40
C LEU HB 106 46.16 110.40 -57.30
N LYS HB 107 45.83 111.55 -56.71
CA LYS HB 107 45.45 112.72 -57.50
C LYS HB 107 46.69 113.38 -58.08
N ARG HB 108 46.56 113.82 -59.34
CA ARG HB 108 47.67 114.46 -60.04
C ARG HB 108 47.85 115.88 -59.52
N GLU HB 109 49.02 116.16 -58.94
CA GLU HB 109 49.33 117.49 -58.43
C GLU HB 109 50.84 117.58 -58.27
N GLU HB 110 51.36 118.81 -58.40
CA GLU HB 110 52.79 119.02 -58.23
C GLU HB 110 53.24 118.69 -56.81
N LYS HB 111 52.33 118.79 -55.84
CA LYS HB 111 52.63 118.42 -54.45
C LYS HB 111 51.33 118.03 -53.78
N PRO HB 112 51.00 116.74 -53.77
CA PRO HB 112 49.74 116.29 -53.17
C PRO HB 112 49.74 116.52 -51.67
N GLU HB 113 48.56 116.43 -51.08
CA GLU HB 113 48.32 116.78 -49.69
C GLU HB 113 47.90 115.55 -48.90
N ASP HB 114 47.52 115.79 -47.64
CA ASP HB 114 47.23 114.71 -46.70
C ASP HB 114 46.00 113.89 -47.06
N ASP HB 115 45.18 114.35 -48.01
CA ASP HB 115 43.93 113.67 -48.35
C ASP HB 115 44.17 112.22 -48.74
N ALA HB 116 44.87 111.99 -49.86
CA ALA HB 116 45.19 110.62 -50.26
C ALA HB 116 46.17 109.98 -49.29
N TYR HB 117 47.06 110.78 -48.71
CA TYR HB 117 48.04 110.27 -47.75
C TYR HB 117 47.37 109.49 -46.63
N TYR HB 118 46.19 109.94 -46.20
CA TYR HB 118 45.45 109.19 -45.19
C TYR HB 118 44.33 108.33 -45.77
N ARG HB 119 43.88 108.60 -46.99
CA ARG HB 119 42.93 107.69 -47.62
C ARG HB 119 43.55 106.32 -47.84
N PHE HB 120 44.86 106.28 -48.08
CA PHE HB 120 45.57 105.00 -48.14
C PHE HB 120 45.38 104.21 -46.84
N GLU HB 121 45.60 104.88 -45.70
CA GLU HB 121 45.47 104.19 -44.41
C GLU HB 121 44.03 103.80 -44.14
N THR HB 122 43.07 104.65 -44.53
CA THR HB 122 41.67 104.30 -44.34
C THR HB 122 41.29 103.06 -45.15
N TRP HB 123 41.76 102.97 -46.39
CA TRP HB 123 41.48 101.78 -47.20
C TRP HB 123 42.17 100.55 -46.63
N LEU HB 124 43.39 100.72 -46.09
CA LEU HB 124 44.06 99.62 -45.41
C LEU HB 124 43.24 99.12 -44.22
N SER HB 125 42.72 100.06 -43.42
CA SER HB 125 41.91 99.68 -42.26
C SER HB 125 40.61 99.00 -42.71
N SER HB 126 40.03 99.46 -43.82
CA SER HB 126 38.82 98.83 -44.33
C SER HB 126 39.08 97.39 -44.75
N MET HB 127 40.20 97.15 -45.46
CA MET HB 127 40.55 95.79 -45.84
C MET HB 127 40.78 94.91 -44.62
N TYR HB 128 41.48 95.45 -43.60
CA TYR HB 128 41.71 94.66 -42.40
C TYR HB 128 40.41 94.39 -41.66
N ASN HB 129 39.47 95.35 -41.65
CA ASN HB 129 38.18 95.13 -41.04
C ASN HB 129 37.41 94.02 -41.75
N LYS HB 130 37.43 94.02 -43.08
CA LYS HB 130 36.77 92.94 -43.83
C LYS HB 130 37.43 91.59 -43.52
N VAL HB 131 38.77 91.57 -43.44
CA VAL HB 131 39.47 90.32 -43.17
C VAL HB 131 39.10 89.78 -41.80
N VAL HB 132 39.09 90.64 -40.78
CA VAL HB 132 38.76 90.16 -39.45
C VAL HB 132 37.29 89.80 -39.34
N THR HB 133 36.43 90.46 -40.13
CA THR HB 133 35.02 90.07 -40.16
C THR HB 133 34.84 88.67 -40.71
N ALA HB 134 35.58 88.34 -41.77
CA ALA HB 134 35.53 86.99 -42.31
C ALA HB 134 36.30 85.99 -41.46
N TYR HB 135 37.18 86.47 -40.58
CA TYR HB 135 38.06 85.59 -39.82
C TYR HB 135 37.29 84.71 -38.84
N ALA HB 136 36.39 85.31 -38.07
CA ALA HB 136 35.83 84.66 -36.89
C ALA HB 136 34.57 83.83 -37.15
N ASP HB 137 34.04 83.85 -38.37
CA ASP HB 137 32.77 83.18 -38.64
C ASP HB 137 32.89 81.66 -38.41
N THR HB 138 33.88 81.03 -39.03
CA THR HB 138 34.03 79.59 -38.90
C THR HB 138 34.37 79.19 -37.47
N TRP HB 139 35.20 79.99 -36.79
CA TRP HB 139 35.54 79.70 -35.41
C TRP HB 139 34.31 79.76 -34.51
N GLU HB 140 33.47 80.78 -34.69
CA GLU HB 140 32.25 80.87 -33.90
C GLU HB 140 31.31 79.72 -34.20
N LYS HB 141 31.20 79.33 -35.48
CA LYS HB 141 30.33 78.21 -35.84
C LYS HB 141 30.80 76.91 -35.20
N THR HB 142 32.11 76.64 -35.25
CA THR HB 142 32.60 75.40 -34.66
C THR HB 142 32.52 75.43 -33.13
N VAL HB 143 32.70 76.60 -32.53
CA VAL HB 143 32.50 76.71 -31.08
C VAL HB 143 31.06 76.41 -30.72
N SER HB 144 30.11 76.93 -31.51
CA SER HB 144 28.70 76.69 -31.24
C SER HB 144 28.36 75.21 -31.38
N ILE HB 145 28.85 74.56 -32.44
CA ILE HB 145 28.52 73.15 -32.63
C ILE HB 145 29.16 72.28 -31.55
N GLN HB 146 30.39 72.62 -31.13
CA GLN HB 146 31.03 71.88 -30.05
C GLN HB 146 30.29 72.08 -28.74
N LYS HB 147 29.80 73.30 -28.48
CA LYS HB 147 29.01 73.55 -27.29
C LYS HB 147 27.72 72.75 -27.31
N SER HB 148 27.06 72.66 -28.47
CA SER HB 148 25.86 71.86 -28.58
C SER HB 148 26.15 70.39 -28.35
N ALA HB 149 27.27 69.89 -28.90
CA ALA HB 149 27.63 68.49 -28.71
C ALA HB 149 27.89 68.18 -27.24
N LEU HB 150 28.62 69.06 -26.55
CA LEU HB 150 28.87 68.84 -25.13
C LEU HB 150 27.60 69.00 -24.31
N GLN HB 151 26.68 69.87 -24.74
CA GLN HB 151 25.40 70.01 -24.06
C GLN HB 151 24.57 68.73 -24.17
N GLU HB 152 24.59 68.10 -25.35
CA GLU HB 152 23.82 66.88 -25.54
C GLU HB 152 24.48 65.66 -24.90
N LEU HB 153 25.82 65.61 -24.90
CA LEU HB 153 26.53 64.40 -24.49
C LEU HB 153 26.69 64.26 -22.98
N SER HB 154 26.37 65.30 -22.20
CA SER HB 154 26.70 65.25 -20.78
C SER HB 154 25.76 64.34 -19.99
N ALA HB 155 24.52 64.19 -20.43
CA ALA HB 155 23.49 63.46 -19.68
C ALA HB 155 22.82 62.42 -20.56
N PRO HB 156 23.52 61.33 -20.87
CA PRO HB 156 22.89 60.23 -21.63
C PRO HB 156 22.12 59.30 -20.70
N LEU HB 157 20.80 59.41 -20.73
CA LEU HB 157 19.94 58.50 -19.99
C LEU HB 157 19.49 57.32 -20.83
N LEU HB 158 19.83 57.31 -22.12
CA LEU HB 158 19.35 56.27 -23.03
C LEU HB 158 19.62 54.85 -22.53
N PRO HB 159 20.79 54.52 -21.95
CA PRO HB 159 20.96 53.18 -21.38
C PRO HB 159 19.84 52.85 -20.40
N ILE HB 160 19.01 51.88 -20.76
CA ILE HB 160 17.79 51.57 -20.02
C ILE HB 160 17.62 50.06 -19.96
N PHE HB 161 17.31 49.55 -18.77
CA PHE HB 161 16.93 48.16 -18.59
C PHE HB 161 15.46 48.10 -18.17
N GLU HB 162 14.92 46.89 -18.08
CA GLU HB 162 13.55 46.72 -17.61
C GLU HB 162 13.38 47.31 -16.22
N LYS HB 163 12.57 48.35 -16.11
CA LYS HB 163 12.30 49.05 -14.86
C LYS HB 163 13.55 49.69 -14.25
N ILE HB 164 14.62 49.82 -15.03
CA ILE HB 164 15.87 50.41 -14.56
C ILE HB 164 16.32 51.45 -15.58
N SER HB 165 16.84 52.57 -15.10
CA SER HB 165 17.34 53.64 -15.96
C SER HB 165 18.72 54.04 -15.47
N VAL HB 166 19.75 53.42 -16.02
CA VAL HB 166 21.12 53.72 -15.63
C VAL HB 166 21.57 54.99 -16.35
N MET HB 167 22.16 55.92 -15.59
CA MET HB 167 22.57 57.21 -16.12
C MET HB 167 24.06 57.40 -15.87
N PRO HB 168 24.92 57.20 -16.86
CA PRO HB 168 26.35 57.42 -16.67
C PRO HB 168 26.78 58.84 -17.02
N LEU HB 169 27.51 59.49 -16.11
CA LEU HB 169 28.15 60.77 -16.38
C LEU HB 169 29.64 60.61 -16.13
N ILE HB 170 30.46 61.11 -17.05
CA ILE HB 170 31.91 60.91 -16.98
C ILE HB 170 32.71 62.20 -17.08
N GLY HB 171 32.14 63.30 -17.58
CA GLY HB 171 32.90 64.53 -17.70
C GLY HB 171 33.03 65.27 -16.39
N THR HB 172 33.89 66.29 -16.41
CA THR HB 172 34.10 67.15 -15.25
C THR HB 172 32.88 68.05 -15.10
N ILE HB 173 32.10 67.83 -14.05
CA ILE HB 173 30.82 68.51 -13.90
C ILE HB 173 31.05 69.89 -13.28
N ASP HB 174 30.69 70.93 -14.03
CA ASP HB 174 30.70 72.30 -13.56
C ASP HB 174 29.27 72.75 -13.26
N THR HB 175 29.08 74.05 -13.01
CA THR HB 175 27.76 74.58 -12.74
C THR HB 175 26.78 74.25 -13.85
N GLU HB 176 27.15 74.58 -15.10
CA GLU HB 176 26.24 74.35 -16.22
C GLU HB 176 25.97 72.86 -16.41
N ARG HB 177 27.01 72.04 -16.30
CA ARG HB 177 26.82 70.60 -16.45
C ARG HB 177 25.97 70.04 -15.31
N ALA HB 178 26.12 70.56 -14.10
CA ALA HB 178 25.29 70.09 -12.99
C ALA HB 178 23.82 70.41 -13.22
N LYS HB 179 23.53 71.64 -13.65
CA LYS HB 179 22.14 71.99 -13.95
C LYS HB 179 21.59 71.15 -15.08
N LEU HB 180 22.41 70.92 -16.12
CA LEU HB 180 21.99 70.08 -17.22
C LEU HB 180 21.70 68.66 -16.76
N ILE HB 181 22.56 68.13 -15.89
CA ILE HB 181 22.37 66.77 -15.38
C ILE HB 181 21.05 66.66 -14.63
N ILE HB 182 20.79 67.59 -13.70
CA ILE HB 182 19.56 67.48 -12.92
C ILE HB 182 18.33 67.62 -13.82
N GLU HB 183 18.37 68.58 -14.75
CA GLU HB 183 17.24 68.78 -15.65
C GLU HB 183 16.96 67.53 -16.47
N ASN HB 184 18.00 67.01 -17.15
CA ASN HB 184 17.80 65.85 -18.01
C ASN HB 184 17.37 64.63 -17.21
N LEU HB 185 17.96 64.42 -16.03
CA LEU HB 185 17.58 63.26 -15.24
C LEU HB 185 16.13 63.32 -14.83
N LEU HB 186 15.67 64.49 -14.37
CA LEU HB 186 14.27 64.61 -13.97
C LEU HB 186 13.34 64.41 -15.16
N ILE HB 187 13.63 65.06 -16.30
CA ILE HB 187 12.75 64.95 -17.44
C ILE HB 187 12.72 63.52 -17.95
N GLY HB 188 13.87 62.83 -17.96
CA GLY HB 188 13.91 61.46 -18.42
C GLY HB 188 13.15 60.52 -17.52
N VAL HB 189 13.31 60.66 -16.20
CA VAL HB 189 12.56 59.78 -15.30
C VAL HB 189 11.07 60.08 -15.39
N VAL HB 190 10.70 61.33 -15.72
CA VAL HB 190 9.31 61.63 -15.99
C VAL HB 190 8.82 60.89 -17.24
N LYS HB 191 9.56 61.02 -18.34
CA LYS HB 191 9.13 60.43 -19.60
C LYS HB 191 9.14 58.91 -19.52
N ASN HB 192 10.26 58.34 -19.09
CA ASN HB 192 10.41 56.89 -18.97
C ASN HB 192 10.20 56.48 -17.53
N ARG HB 193 9.17 55.68 -17.29
CA ARG HB 193 8.90 55.22 -15.93
C ARG HB 193 9.98 54.24 -15.49
N SER HB 194 10.38 54.36 -14.24
CA SER HB 194 11.46 53.55 -13.69
C SER HB 194 11.27 53.42 -12.19
N GLU HB 195 12.13 52.62 -11.56
CA GLU HB 195 12.09 52.44 -10.12
C GLU HB 195 13.46 52.69 -9.50
N VAL HB 196 14.51 52.32 -10.21
CA VAL HB 196 15.88 52.53 -9.74
C VAL HB 196 16.65 53.28 -10.81
N VAL HB 197 17.34 54.34 -10.42
CA VAL HB 197 18.16 55.11 -11.34
C VAL HB 197 19.59 55.06 -10.82
N LEU HB 198 20.48 54.42 -11.58
CA LEU HB 198 21.89 54.33 -11.23
C LEU HB 198 22.62 55.53 -11.81
N ILE HB 199 23.19 56.36 -10.94
CA ILE HB 199 24.02 57.48 -11.36
C ILE HB 199 25.48 57.03 -11.28
N ASP HB 200 26.13 56.94 -12.42
CA ASP HB 200 27.51 56.47 -12.49
C ASP HB 200 28.43 57.67 -12.30
N ILE HB 201 28.93 57.85 -11.07
CA ILE HB 201 29.84 58.95 -10.78
C ILE HB 201 31.27 58.61 -11.18
N THR HB 202 31.61 57.33 -11.30
CA THR HB 202 32.96 56.92 -11.68
C THR HB 202 33.37 57.58 -12.99
N GLY HB 203 34.39 58.42 -12.93
CA GLY HB 203 34.87 59.10 -14.12
C GLY HB 203 35.17 60.56 -13.92
N VAL HB 204 34.47 61.21 -13.00
CA VAL HB 204 34.64 62.64 -12.78
C VAL HB 204 35.90 62.89 -11.97
N PRO HB 205 36.82 63.73 -12.46
CA PRO HB 205 38.08 63.94 -11.73
C PRO HB 205 37.92 64.73 -10.44
N VAL HB 206 37.26 65.88 -10.49
CA VAL HB 206 37.09 66.71 -9.30
C VAL HB 206 35.66 67.21 -9.24
N VAL HB 207 35.03 67.05 -8.08
CA VAL HB 207 33.71 67.60 -7.80
C VAL HB 207 33.86 68.56 -6.64
N ASP HB 208 33.49 69.82 -6.85
CA ASP HB 208 33.58 70.81 -5.80
C ASP HB 208 32.36 70.70 -4.88
N THR HB 209 32.17 71.67 -4.00
CA THR HB 209 31.10 71.58 -3.02
C THR HB 209 29.73 71.64 -3.67
N MET HB 210 29.51 72.63 -4.54
CA MET HB 210 28.16 72.87 -5.05
C MET HB 210 27.72 71.76 -6.00
N VAL HB 211 28.64 71.22 -6.80
CA VAL HB 211 28.28 70.12 -7.69
C VAL HB 211 27.86 68.90 -6.88
N ALA HB 212 28.59 68.60 -5.82
CA ALA HB 212 28.19 67.49 -4.95
C ALA HB 212 26.84 67.77 -4.30
N HIS HB 213 26.61 69.01 -3.89
CA HIS HB 213 25.32 69.36 -3.29
C HIS HB 213 24.19 69.15 -4.29
N HIS HB 214 24.39 69.57 -5.54
CA HIS HB 214 23.35 69.38 -6.54
C HIS HB 214 23.17 67.92 -6.92
N ILE HB 215 24.22 67.12 -6.86
CA ILE HB 215 24.08 65.69 -7.10
C ILE HB 215 23.25 65.04 -6.00
N ILE HB 216 23.52 65.41 -4.75
CA ILE HB 216 22.73 64.86 -3.65
C ILE HB 216 21.28 65.33 -3.75
N GLN HB 217 21.07 66.59 -4.14
CA GLN HB 217 19.71 67.07 -4.34
C GLN HB 217 19.03 66.36 -5.50
N ALA HB 218 19.79 65.98 -6.54
CA ALA HB 218 19.24 65.18 -7.62
C ALA HB 218 18.78 63.82 -7.10
N SER HB 219 19.60 63.19 -6.26
CA SER HB 219 19.22 61.92 -5.67
C SER HB 219 17.95 62.07 -4.83
N GLU HB 220 17.88 63.12 -4.02
CA GLU HB 220 16.71 63.33 -3.19
C GLU HB 220 15.46 63.60 -4.02
N ALA HB 221 15.61 64.39 -5.10
CA ALA HB 221 14.46 64.67 -5.96
C ALA HB 221 13.99 63.41 -6.67
N VAL HB 222 14.92 62.57 -7.12
CA VAL HB 222 14.52 61.31 -7.75
C VAL HB 222 13.80 60.43 -6.75
N ARG HB 223 14.27 60.41 -5.50
CA ARG HB 223 13.55 59.69 -4.46
C ARG HB 223 12.15 60.26 -4.26
N LEU HB 224 12.03 61.58 -4.31
CA LEU HB 224 10.75 62.24 -4.11
C LEU HB 224 9.78 61.96 -5.25
N VAL HB 225 10.29 61.75 -6.46
CA VAL HB 225 9.39 61.36 -7.55
C VAL HB 225 8.84 59.97 -7.31
N GLY HB 226 9.62 59.10 -6.68
CA GLY HB 226 9.18 57.75 -6.37
C GLY HB 226 10.09 56.68 -6.91
N CYS HB 227 11.36 57.02 -7.11
CA CYS HB 227 12.34 56.08 -7.64
C CYS HB 227 13.59 56.13 -6.78
N GLN HB 228 14.06 54.96 -6.36
CA GLN HB 228 15.29 54.89 -5.58
C GLN HB 228 16.47 55.32 -6.43
N ALA HB 229 17.34 56.14 -5.84
CA ALA HB 229 18.53 56.65 -6.53
C ALA HB 229 19.75 56.00 -5.91
N MET HB 230 20.38 55.10 -6.66
CA MET HB 230 21.58 54.41 -6.22
C MET HB 230 22.79 55.12 -6.83
N LEU HB 231 23.46 55.94 -6.02
CA LEU HB 231 24.66 56.64 -6.47
C LEU HB 231 25.80 55.63 -6.48
N VAL HB 232 26.16 55.16 -7.67
CA VAL HB 232 27.05 54.01 -7.82
C VAL HB 232 28.44 54.50 -8.21
N GLY HB 233 29.45 53.80 -7.71
CA GLY HB 233 30.83 54.03 -8.11
C GLY HB 233 31.43 55.37 -7.73
N ILE HB 234 31.18 55.83 -6.49
CA ILE HB 234 31.79 57.06 -6.04
C ILE HB 234 33.26 56.81 -5.71
N ARG HB 235 34.08 57.85 -5.97
CA ARG HB 235 35.55 57.76 -5.79
C ARG HB 235 36.00 58.53 -4.53
N PRO HB 236 37.03 58.12 -3.74
CA PRO HB 236 37.37 58.75 -2.45
C PRO HB 236 37.51 60.27 -2.45
N GLU HB 237 37.99 60.91 -3.52
CA GLU HB 237 38.03 62.38 -3.52
C GLU HB 237 36.62 62.96 -3.49
N ILE HB 238 35.71 62.39 -4.27
CA ILE HB 238 34.33 62.85 -4.26
C ILE HB 238 33.70 62.59 -2.90
N ALA HB 239 34.06 61.48 -2.26
CA ALA HB 239 33.61 61.24 -0.88
C ALA HB 239 34.15 62.30 0.06
N GLN HB 240 35.43 62.68 -0.13
CA GLN HB 240 36.02 63.76 0.65
C GLN HB 240 35.11 64.97 0.59
N THR HB 241 34.82 65.42 -0.62
CA THR HB 241 34.01 66.63 -0.81
C THR HB 241 32.61 66.47 -0.25
N ILE HB 242 31.97 65.32 -0.51
CA ILE HB 242 30.58 65.15 -0.13
C ILE HB 242 30.41 65.17 1.38
N VAL HB 243 31.29 64.48 2.10
CA VAL HB 243 31.15 64.50 3.56
C VAL HB 243 31.57 65.86 4.11
N ASN HB 244 32.57 66.50 3.49
CA ASN HB 244 32.97 67.83 3.94
C ASN HB 244 31.87 68.85 3.70
N LEU HB 245 30.92 68.55 2.81
CA LEU HB 245 29.74 69.40 2.68
C LEU HB 245 28.93 69.41 3.97
N GLY HB 246 28.96 68.31 4.73
CA GLY HB 246 28.31 68.25 6.02
C GLY HB 246 26.85 67.90 6.01
N ILE HB 247 26.27 67.61 4.83
CA ILE HB 247 24.86 67.25 4.75
C ILE HB 247 24.66 65.85 5.28
N GLU HB 248 23.40 65.48 5.51
CA GLU HB 248 23.09 64.12 5.94
C GLU HB 248 23.37 63.14 4.81
N LEU HB 249 24.01 62.02 5.14
CA LEU HB 249 24.47 61.05 4.15
C LEU HB 249 24.03 59.65 4.53
N ASP HB 250 22.76 59.50 4.88
CA ASP HB 250 22.17 58.19 5.13
C ASP HB 250 21.06 57.82 4.16
N GLN HB 251 20.41 58.80 3.53
CA GLN HB 251 19.34 58.49 2.59
C GLN HB 251 19.87 57.95 1.27
N ILE HB 252 21.08 58.33 0.87
CA ILE HB 252 21.66 57.86 -0.37
C ILE HB 252 22.24 56.47 -0.16
N ILE HB 253 21.91 55.55 -1.07
CA ILE HB 253 22.37 54.18 -0.99
C ILE HB 253 23.42 53.99 -2.09
N THR HB 254 24.68 53.90 -1.70
CA THR HB 254 25.77 53.85 -2.66
C THR HB 254 26.13 52.41 -3.00
N THR HB 255 27.16 52.25 -3.83
CA THR HB 255 27.57 50.95 -4.33
C THR HB 255 28.98 51.06 -4.91
N ASN HB 256 29.77 50.00 -4.73
CA ASN HB 256 31.15 50.01 -5.22
C ASN HB 256 31.21 50.20 -6.73
N THR HB 257 30.45 49.38 -7.46
CA THR HB 257 30.49 49.44 -8.92
C THR HB 257 29.18 48.92 -9.48
N MET HB 258 28.92 49.24 -10.74
CA MET HB 258 27.67 48.86 -11.38
C MET HB 258 27.47 47.36 -11.42
N LYS HB 259 28.55 46.58 -11.37
CA LYS HB 259 28.44 45.13 -11.39
C LYS HB 259 27.49 44.62 -10.31
N LYS HB 260 27.67 45.10 -9.08
CA LYS HB 260 26.78 44.71 -7.99
C LYS HB 260 25.64 45.71 -7.78
N GLY HB 261 25.77 46.93 -8.28
CA GLY HB 261 24.66 47.85 -8.24
C GLY HB 261 23.45 47.34 -9.01
N MET HB 262 23.70 46.76 -10.18
CA MET HB 262 22.62 46.19 -10.97
C MET HB 262 21.91 45.07 -10.20
N GLU HB 263 22.67 44.16 -9.60
CA GLU HB 263 22.03 43.05 -8.91
C GLU HB 263 21.33 43.51 -7.64
N ARG HB 264 21.84 44.55 -6.98
CA ARG HB 264 21.14 45.05 -5.80
C ARG HB 264 19.83 45.75 -6.20
N ALA HB 265 19.86 46.49 -7.30
CA ALA HB 265 18.61 47.09 -7.81
C ALA HB 265 17.62 46.00 -8.18
N LEU HB 266 18.08 44.93 -8.81
CA LEU HB 266 17.20 43.79 -9.08
C LEU HB 266 16.70 43.16 -7.80
N ALA HB 267 17.51 43.17 -6.75
CA ALA HB 267 17.07 42.65 -5.45
C ALA HB 267 15.94 43.50 -4.89
N LEU HB 268 15.99 44.82 -5.12
CA LEU HB 268 14.89 45.67 -4.68
C LEU HB 268 13.59 45.28 -5.39
N THR HB 269 13.66 45.02 -6.70
CA THR HB 269 12.52 44.50 -7.45
C THR HB 269 12.52 42.98 -7.32
N ASN HB 270 11.99 42.51 -6.19
CA ASN HB 270 12.22 41.16 -5.69
C ASN HB 270 12.21 40.08 -6.76
N ARG HB 271 11.16 40.03 -7.57
CA ARG HB 271 11.01 38.95 -8.55
C ARG HB 271 11.58 39.29 -9.92
N GLU HB 272 12.23 40.44 -10.07
CA GLU HB 272 12.84 40.82 -11.34
C GLU HB 272 14.25 40.28 -11.50
N ILE HB 273 14.80 39.60 -10.50
CA ILE HB 273 16.15 39.07 -10.61
C ILE HB 273 16.22 37.99 -11.68
N VAL HB 274 15.12 37.29 -11.93
CA VAL HB 274 15.08 36.25 -12.95
C VAL HB 274 14.87 36.86 -14.33
#